data_6J0N
#
_entry.id   6J0N
#
loop_
_entity.id
_entity.type
_entity.pdbx_description
1 polymer Pvc9
2 polymer Pvc11
3 polymer Pvc12
4 polymer Pvc4
5 polymer Pvc7
6 polymer Pvc2
7 polymer Pvc5
8 polymer Pvc1
9 polymer Pvc3
#
loop_
_entity_poly.entity_id
_entity_poly.type
_entity_poly.pdbx_seq_one_letter_code
_entity_poly.pdbx_strand_id
1 'polypeptide(L)'
;MENQILTQLYGRGWAFPPVFSLEKGVEMAEGAEDVRQSLQILFSTEPGERLMRENYGCGLNDFMFENIRNELIAEIESHI
HDNVLRYEPRADMTDIQVRQSPGMGNTLQVQVMYRLRGSDINQQIQGVLALSEGRVTEVV
;
D,E,F,G,H,I
2 'polypeptide(L)'
;MELNELTNKLSNLVPMTDFKLDNRASLQLLKYIEAYTKIIPFNSGDKYWNDFFFMSGNTPEKLAKLYQKEIEPNGELLPQ
QAFLLAVLRLLETPISLLNVLPAAHRELYYRELLGLSSHAAQPDQVALSMELNSTVMEQLLPEGTLFEAGQDEQGNALQY
ALDASLLANRGYISDLRWLRNDGEKQWVTSAPWDLQAQVSLPSDGIRLFGKTNSDQQVFGGVLITSSLLAMEAGIRKIIV
TFEQEMNTQELVAQVSSGNQWLTLTSEVNKKEVTLTLSDKEPAISAPEDLDNLFFTQPVLRLQGKDSQALPEVTGISVSE
KDDTKDTSFEMYHLTPFGYSSDIEPLEENPALYLGFTDVKPGQTLALYWKLKSPQQPTVSWYYLDQHNQWAELDSWVSDG
TQNLYQDGTWHVELPVDASNQAEQMPVGRYWLRAVVEVPAHEGALGKAPWLYGLIYNAMTATLVNVDSISDSHFLTPLPA
SSIQRPVEPIIVLASVNQPWASWGGRIPESYSAFFERIAQNLSHRNRSLTWGNMVTLLKERYVSIFDVKYPGNDELTRVP
ALEQQQLTVIPANRYNDSDDSLRPVLNPARLQEMADWLQQKDSPWASIEVRNPEYLDVKIHYEVIFKPDVNEDFGYRQLQ
QQLCEVYMPWSIDEQRPVVLNNSINYFQLLATIQQQPLVERVTRLTLHRADSSDESDGTASVEAKDNEVLILVWEEDDNL
QYRGNDYE
;
J,K,L,M,N,O
3 'polypeptide(L)'
;MSNQDALFHSVKDDIHFDTLLEQAHQVIEKQAEKLWSDTAEHDPGITFLQGISYGVSDLAYRHTLPLKDLLTPAPDEQQQ
EGIFPAEFGPHNTLTCGPVTADDYRKALLDLHSSDSLDGTQQDEGDFLFRSVQLVREPEKQRYTYWYDATKREYSFVNSE
GAKEFTLRGNYWLYLEPTRWTQGNIAAATRQLTEFLTKNRNIGESVSNIIWLQPVDLPLLLDVELDDDVGAQDVPGIFAA
VYSTAEQYLMPGAQRYRTEVLQNAGMSNDQIFEGPLLEHGWIPELPAARDYTQRLTLNLSRLVNSLLEIEGIKHVNRLRL
DDSFDKTAIEPVKGDTWSWSIKEGYYPRLWGEDPLNQLAQQNGPLRVIAKGGISVSVSKEQIQASLPSQSLIQNEPVILA
YGQHRDVGSYYPVSDTLPPCYGLQHSLSESEHLLPLHQFMLPFEQLLACGCQQIAMLPRLLAFQREGYEVWGDQWPFKSG
SVNDDAHQDYAPALKDLLGQIALDSDHELDIINYLLGYFGTQRAPRTFTTQLDDFRAVQQGYLAQQPTLTYHRSNIRIDQ
VSSLQKRIAARMGLGGELFKPQPDLSQLPFYLIEHRALLPVKPNSQFDKEQKPASVTEEGGSQTGQHYVVIEQKGIDGKL
TQGQVINLILYEGEQGETQFTIRGQMVFKTEGDKFWLDVNNSAQLEYNLARVMTAAKASKLFWQNSPVWMEDMGYRLAYA
SDQSSLPVNQRRLTRTVQTPFPPMVVVGSEITLLKQVGIVNLKKAESEKLYAKVVSFDRIEGTLIIERLGNSTLAFPTSE
EAWRYSWYFSGEKYERTDRFSFVISVVVNSDLIKLPGVDPYKLEEWVKETILTEFPAHISMIIHWMDREAFLNFANTYQR
WQNNGTPLGDAAYSILESLTLGKLPSALKGVGTMRIATSSQREEVVGSNGDQWNTDGITQNELFYVPKES
;
P,Q,R,S,T,U
4 'polypeptide(L)'
;MERLQPGVTLTESIITMGQQEIPSAVPVFIGYTVRYPEQSEASVRIDSLAEYTSLFGDDHVMMFAVRHYFDNGGQQAFVL
PLKDNMPSVEMTTAEAENLIAALRSATVSEAIGGHSQITLILVPDMARLNDSDIDDSSTQVSLWSQGWEALLQLSQVRPN
LFVLLDAPDNVEQAQKCMTTLSSDYRQWGAAYWPRLETTYQKEISGKDNESQGIFQGTVLSPTAAVAAVIQRTDNDAGVW
KAPANIALSQVIRPVKSYLQGSVLFNSSGTSLNVIRSFPGKGIRVWGCRTLENTDNTQWRYLQTRRLVSYVTAHLTQLAR
MYVFEPNNELTWMKLKGQSYNWLRQLWLQGGLYGSQEDEAFNILLGVNETMTEDDVRAGKMIMKVELAVLFPAEFIEISL
VFNTQTEALS
;
V,W,X,Y,Z,a
5 'polypeptide(L)'
;MSLIERGLAKLTINAYKDREGKIRAGTLQAMYNPDSLQLDYQTDYQQSQAINSEKQSSIYVQAKPAGLSLELIFDATMPG
NKTPIEEQLMQLKQLCSVDATSNETRFLQVKWGKMRWESRGYFAGRAKSLSVNYTLFDRDATPLRVRVILALVADESLVL
QETEQNLQSPAKIALRIQDGVSLALMAASTASTLSGGVDYLTLAWQNGLDNLNGFVPGEILQATRGDES
;
b,c,d,e,f,g
6 'polypeptide(L)'
;MTTVTSYPGVYIEELNSLALSVSNSATAVPVFAVDEQNQYISEDNAIRINSWMDYLNLIGNFNNEDKLDVSVRAYFANGG
GYCYLVKTTSLEKIIPTLDDVTLLVAAGEDIKTTVDVLCQPGKGLFAVFDGPETELTINGAEEAKQAYTATPFAAVYYPW
LKADWANIDIPPSAVMAGVYASVDLSRGVWKAPANVALKGGLEPKFLVTDELQGEYNTGRAINMIRNFSNTGTTVWGART
LEDKDNWRYVPVRRLFNSVERDIKRAMSFAMFEPNNQPTWERVRAAISNYLYSLWQQGGLAGSKEEDAYFVQIGKGITMT
QEQIDAGQMIVKVGLAAVRPAEFIILQFTQDVEQR
;
h,i,j,k,l,m
7 'polypeptide(L)'
;MNDYYTPVVSHRFMASFIFNRIPDPLDIRFQRISGLSRELQVTQYSEGGENARNNYLAEKIQHGTLTLERGVMTVSPLTW
MFDRVLSGEKIAYADVVVMLLNENSLPLSSWTLSNALPVRWQTSDFDANSNAILVNTLELRYQDMRWLGVKI
;
n,o,p,q,r,s
8 'polypeptide(L)'
;MSTSTSQIAVEYPIPVYRFIVSVGDEKIPFNSVSGLDISYDTIEYRDGVGNWFKMPGQSQSTNITLRKGVFPGKTELFDW
INSIQLNQVEKKDITISLTNDAGTELLMTWNVSNAFPTSLTSPSFDATSNDIAVQEITLMADRVIMQAV
;
1,2,3,4,5,z
9 'polypeptide(L)'
;MSAILKAPGVYIEEDASLALSVSNSATAVPVFIGKFTPTVVDSIQVCTRISNWLEFTSSFSLAPTVEIVVQSNTESESES
ETYHYIETINLSPAVEALRLYFQNGGGACYIYPLNDAEDELVLAAIPEVIEQKGDITLLVCPELDLDYKTKIYGAVSSLL
NDNKVGYFLIADSNDGESVSGVWNSAKAAAYYPQLETNLKFSTLPGDKDIRISGYQDDDETHKPKNLDELRTINEALAQD
IDARLLEEKQRAVIIPPSAAIAGIYCQTDNRRGVWKAPANVALTGIGSLLDKVDDERQGEMNDKGINVIRSFTDRGFMVW
GARTCVDAANISWRYIPVRRLFNSVERDIRQALRAVLFETNSQPTWVRAKAAVDQYLYTLWQKNALMGARPEEAYFVQIG
QDITMSEADIKQGKMIMTVGLAAVRPAEFIILQFTQDVVQ
;
t,u,v,w,x,y
#
# COMPACT_ATOMS: atom_id res chain seq x y z
N GLU A 2 18.76 -64.35 -1.77
CA GLU A 2 19.83 -64.15 -2.73
C GLU A 2 19.29 -64.40 -4.13
N ASN A 3 18.33 -63.58 -4.54
CA ASN A 3 17.50 -63.88 -5.70
C ASN A 3 17.88 -63.05 -6.92
N GLN A 4 17.19 -63.34 -8.02
CA GLN A 4 17.39 -62.66 -9.28
C GLN A 4 16.56 -61.39 -9.40
N ILE A 5 15.68 -61.13 -8.43
CA ILE A 5 14.77 -59.99 -8.56
C ILE A 5 15.49 -58.69 -8.24
N LEU A 6 16.32 -58.70 -7.19
CA LEU A 6 17.02 -57.48 -6.78
C LEU A 6 18.14 -57.11 -7.75
N THR A 7 18.62 -58.06 -8.55
CA THR A 7 19.53 -57.75 -9.64
C THR A 7 18.87 -56.85 -10.67
N GLN A 8 17.57 -57.02 -10.90
CA GLN A 8 16.85 -56.21 -11.87
C GLN A 8 16.64 -54.77 -11.42
N LEU A 9 16.80 -54.49 -10.13
CA LEU A 9 16.64 -53.11 -9.67
C LEU A 9 17.97 -52.37 -9.62
N TYR A 10 19.07 -53.06 -9.35
CA TYR A 10 20.35 -52.41 -9.10
C TYR A 10 21.46 -52.83 -10.03
N GLY A 11 21.31 -53.91 -10.79
CA GLY A 11 22.29 -54.28 -11.78
C GLY A 11 23.44 -55.08 -11.22
N ARG A 12 24.25 -55.61 -12.11
CA ARG A 12 25.44 -56.37 -11.77
C ARG A 12 26.67 -55.52 -12.06
N GLY A 13 27.64 -55.55 -11.16
CA GLY A 13 28.89 -54.85 -11.35
C GLY A 13 30.03 -55.66 -10.76
N TRP A 14 31.24 -55.15 -10.99
CA TRP A 14 32.43 -55.82 -10.49
C TRP A 14 32.49 -55.67 -8.98
N ALA A 15 32.91 -56.74 -8.32
CA ALA A 15 33.09 -56.68 -6.87
C ALA A 15 34.32 -55.83 -6.55
N PHE A 16 34.27 -55.13 -5.41
CA PHE A 16 35.32 -54.15 -5.13
C PHE A 16 36.65 -54.80 -4.76
N PRO A 17 36.72 -55.89 -4.00
CA PRO A 17 37.88 -56.74 -4.11
C PRO A 17 37.83 -57.47 -5.45
N PRO A 18 38.67 -57.09 -6.41
CA PRO A 18 38.38 -57.37 -7.81
C PRO A 18 38.75 -58.77 -8.28
N VAL A 19 38.88 -59.71 -7.33
CA VAL A 19 39.41 -61.06 -7.50
C VAL A 19 38.83 -61.82 -8.70
N PHE A 20 39.71 -62.27 -9.58
CA PHE A 20 39.33 -62.92 -10.82
C PHE A 20 39.43 -64.43 -10.66
N SER A 21 38.48 -65.14 -11.24
CA SER A 21 38.41 -66.58 -11.12
C SER A 21 38.52 -67.25 -12.49
N LEU A 22 38.87 -68.53 -12.47
CA LEU A 22 39.11 -69.26 -13.71
C LEU A 22 37.79 -69.66 -14.36
N GLU A 23 36.78 -69.93 -13.54
CA GLU A 23 35.41 -70.08 -14.01
C GLU A 23 34.67 -68.78 -13.67
N LYS A 24 33.74 -68.39 -14.55
CA LYS A 24 32.80 -67.26 -14.48
C LYS A 24 33.48 -65.91 -14.60
N GLY A 25 34.80 -65.86 -14.78
CA GLY A 25 35.46 -64.60 -15.06
C GLY A 25 35.64 -63.81 -13.79
N VAL A 26 35.34 -62.53 -13.86
CA VAL A 26 35.45 -61.65 -12.71
C VAL A 26 34.22 -61.83 -11.83
N GLU A 27 34.43 -61.84 -10.51
CA GLU A 27 33.33 -62.06 -9.58
C GLU A 27 32.41 -60.84 -9.57
N MET A 28 31.14 -61.09 -9.88
CA MET A 28 30.17 -60.03 -10.09
C MET A 28 29.38 -59.78 -8.81
N ALA A 29 29.29 -58.51 -8.43
CA ALA A 29 28.48 -58.11 -7.30
C ALA A 29 27.06 -57.87 -7.77
N GLU A 30 26.13 -58.69 -7.31
CA GLU A 30 24.76 -58.62 -7.79
C GLU A 30 23.98 -57.58 -6.99
N GLY A 31 22.65 -57.65 -7.11
CA GLY A 31 21.81 -56.46 -6.92
C GLY A 31 21.83 -55.86 -5.53
N ALA A 32 21.53 -56.65 -4.51
CA ALA A 32 21.53 -56.10 -3.15
C ALA A 32 22.94 -55.89 -2.63
N GLU A 33 23.91 -56.61 -3.19
CA GLU A 33 25.29 -56.54 -2.76
C GLU A 33 26.12 -55.57 -3.57
N ASP A 34 25.63 -55.10 -4.71
CA ASP A 34 26.30 -54.00 -5.39
C ASP A 34 26.16 -52.71 -4.60
N VAL A 35 25.00 -52.48 -4.01
CA VAL A 35 24.73 -51.21 -3.34
C VAL A 35 25.46 -51.12 -2.02
N ARG A 36 25.72 -52.25 -1.36
CA ARG A 36 26.58 -52.23 -0.19
C ARG A 36 28.02 -51.96 -0.58
N GLN A 37 28.49 -52.63 -1.63
CA GLN A 37 29.86 -52.43 -2.07
C GLN A 37 30.04 -51.09 -2.76
N SER A 38 28.97 -50.50 -3.29
CA SER A 38 29.08 -49.15 -3.83
C SER A 38 29.26 -48.12 -2.73
N LEU A 39 28.88 -48.46 -1.51
CA LEU A 39 29.19 -47.60 -0.38
C LEU A 39 30.59 -47.86 0.14
N GLN A 40 31.09 -49.09 -0.02
CA GLN A 40 32.44 -49.38 0.44
C GLN A 40 33.50 -48.77 -0.46
N ILE A 41 33.17 -48.53 -1.73
CA ILE A 41 34.13 -47.87 -2.61
C ILE A 41 34.20 -46.39 -2.29
N LEU A 42 33.06 -45.78 -1.99
CA LEU A 42 33.00 -44.34 -1.76
C LEU A 42 33.70 -43.94 -0.47
N PHE A 43 33.50 -44.70 0.61
CA PHE A 43 34.19 -44.39 1.86
C PHE A 43 35.68 -44.66 1.80
N SER A 44 36.11 -45.48 0.84
CA SER A 44 37.49 -45.91 0.83
C SER A 44 38.36 -45.02 -0.06
N THR A 45 37.75 -44.30 -1.01
CA THR A 45 38.51 -43.33 -1.80
C THR A 45 38.32 -41.94 -1.22
N GLU A 46 39.27 -41.12 -1.40
CA GLU A 46 39.28 -39.74 -0.97
C GLU A 46 39.26 -38.84 -2.20
N PRO A 47 38.67 -37.63 -2.12
CA PRO A 47 38.46 -36.85 -3.34
C PRO A 47 39.74 -36.29 -3.91
N GLY A 48 39.91 -36.49 -5.22
CA GLY A 48 41.07 -36.02 -5.93
C GLY A 48 41.93 -37.10 -6.55
N GLU A 49 41.82 -38.34 -6.09
CA GLU A 49 42.67 -39.42 -6.60
C GLU A 49 41.97 -40.32 -7.60
N ARG A 50 40.67 -40.11 -7.86
CA ARG A 50 40.11 -40.60 -9.10
C ARG A 50 40.64 -39.73 -10.24
N LEU A 51 40.67 -40.32 -11.44
CA LEU A 51 41.48 -39.74 -12.51
C LEU A 51 40.85 -38.48 -13.08
N MET A 52 39.67 -38.60 -13.68
CA MET A 52 39.01 -37.44 -14.26
C MET A 52 37.81 -36.97 -13.45
N ARG A 53 37.13 -37.85 -12.74
CA ARG A 53 36.10 -37.44 -11.79
C ARG A 53 36.83 -36.91 -10.57
N GLU A 54 37.06 -35.59 -10.55
CA GLU A 54 37.96 -35.01 -9.56
C GLU A 54 37.36 -35.06 -8.16
N ASN A 55 36.10 -34.67 -8.02
CA ASN A 55 35.43 -34.65 -6.74
C ASN A 55 34.56 -35.89 -6.57
N TYR A 56 35.19 -37.01 -6.27
CA TYR A 56 34.49 -38.25 -5.96
C TYR A 56 35.19 -38.91 -4.78
N GLY A 57 34.45 -39.11 -3.70
CA GLY A 57 34.98 -39.81 -2.55
C GLY A 57 34.71 -39.04 -1.29
N CYS A 58 34.60 -39.77 -0.19
CA CYS A 58 34.34 -39.12 1.09
C CYS A 58 35.60 -38.47 1.63
N GLY A 59 35.53 -37.15 1.77
CA GLY A 59 36.58 -36.41 2.41
C GLY A 59 36.35 -36.40 3.91
N LEU A 60 36.69 -37.50 4.58
CA LEU A 60 36.82 -37.45 6.01
C LEU A 60 38.26 -37.17 6.43
N ASN A 61 39.16 -37.05 5.45
CA ASN A 61 40.55 -36.75 5.76
C ASN A 61 40.74 -35.28 6.13
N ASP A 62 39.88 -34.39 5.62
CA ASP A 62 40.10 -32.97 5.86
C ASP A 62 39.66 -32.52 7.23
N PHE A 63 38.88 -33.34 7.95
CA PHE A 63 38.72 -33.13 9.39
C PHE A 63 38.99 -34.46 10.09
N MET A 64 40.28 -34.73 10.29
CA MET A 64 40.76 -35.59 11.34
C MET A 64 41.98 -34.89 11.94
N PHE A 65 42.54 -35.51 12.98
CA PHE A 65 43.45 -34.88 13.95
C PHE A 65 42.84 -33.63 14.58
N GLU A 66 41.51 -33.55 14.66
CA GLU A 66 40.82 -32.53 15.43
C GLU A 66 40.07 -33.22 16.55
N ASN A 67 39.96 -32.51 17.67
CA ASN A 67 39.58 -33.13 18.93
C ASN A 67 38.14 -33.59 18.91
N ILE A 68 37.87 -34.69 19.61
CA ILE A 68 36.52 -35.23 19.63
C ILE A 68 35.67 -34.37 20.55
N ARG A 69 34.68 -33.71 19.97
CA ARG A 69 33.71 -32.96 20.74
C ARG A 69 32.35 -33.21 20.09
N ASN A 70 31.32 -32.51 20.56
CA ASN A 70 30.00 -32.68 19.98
C ASN A 70 29.85 -31.89 18.71
N GLU A 71 30.79 -30.99 18.44
CA GLU A 71 30.76 -30.21 17.22
C GLU A 71 31.47 -30.89 16.07
N LEU A 72 32.46 -31.74 16.35
CA LEU A 72 33.05 -32.57 15.29
C LEU A 72 32.13 -33.70 14.91
N ILE A 73 31.45 -34.29 15.89
CA ILE A 73 30.54 -35.41 15.63
C ILE A 73 29.35 -34.95 14.79
N ALA A 74 28.81 -33.78 15.10
CA ALA A 74 27.73 -33.22 14.29
C ALA A 74 28.20 -32.71 12.94
N GLU A 75 29.51 -32.59 12.71
CA GLU A 75 29.96 -32.24 11.38
C GLU A 75 30.21 -33.48 10.53
N ILE A 76 30.43 -34.62 11.18
CA ILE A 76 30.56 -35.87 10.45
C ILE A 76 29.21 -36.34 9.93
N GLU A 77 28.18 -36.29 10.78
CA GLU A 77 26.85 -36.73 10.39
C GLU A 77 26.25 -35.83 9.32
N SER A 78 26.65 -34.57 9.27
CA SER A 78 26.21 -33.71 8.18
C SER A 78 26.98 -34.00 6.91
N HIS A 79 28.28 -34.29 7.02
CA HIS A 79 29.08 -34.53 5.84
C HIS A 79 28.78 -35.89 5.24
N ILE A 80 28.57 -36.89 6.10
CA ILE A 80 28.31 -38.25 5.63
C ILE A 80 26.90 -38.40 5.11
N HIS A 81 26.04 -37.41 5.31
CA HIS A 81 24.66 -37.47 4.82
C HIS A 81 24.52 -36.88 3.43
N ASP A 82 25.08 -35.69 3.19
CA ASP A 82 24.94 -35.12 1.86
C ASP A 82 25.97 -35.66 0.87
N ASN A 83 26.81 -36.59 1.29
CA ASN A 83 27.76 -37.19 0.36
C ASN A 83 27.19 -38.48 -0.21
N VAL A 84 26.42 -39.22 0.59
CA VAL A 84 25.71 -40.40 0.11
C VAL A 84 24.56 -39.98 -0.80
N LEU A 85 24.01 -38.78 -0.61
CA LEU A 85 23.00 -38.28 -1.53
C LEU A 85 23.57 -38.00 -2.92
N ARG A 86 24.80 -37.51 -3.03
CA ARG A 86 25.33 -37.20 -4.35
C ARG A 86 25.84 -38.42 -5.08
N TYR A 87 26.58 -39.27 -4.38
CA TYR A 87 27.31 -40.36 -5.03
C TYR A 87 26.72 -41.73 -4.78
N GLU A 88 25.54 -41.82 -4.18
CA GLU A 88 24.83 -43.09 -4.01
C GLU A 88 23.34 -42.86 -4.21
N PRO A 89 22.86 -42.96 -5.44
CA PRO A 89 21.43 -42.75 -5.67
C PRO A 89 20.58 -43.95 -5.32
N ARG A 90 21.18 -45.13 -5.14
CA ARG A 90 20.42 -46.34 -4.91
C ARG A 90 20.24 -46.68 -3.44
N ALA A 91 20.99 -46.05 -2.55
CA ALA A 91 20.92 -46.34 -1.12
C ALA A 91 20.49 -45.09 -0.41
N ASP A 92 19.36 -45.15 0.30
CA ASP A 92 19.00 -44.03 1.14
C ASP A 92 19.45 -44.29 2.58
N MET A 93 20.10 -43.28 3.14
CA MET A 93 20.53 -43.34 4.52
C MET A 93 19.30 -43.25 5.41
N THR A 94 19.37 -43.87 6.59
CA THR A 94 18.26 -43.76 7.53
C THR A 94 18.70 -43.38 8.94
N ASP A 95 19.96 -43.60 9.30
CA ASP A 95 20.49 -43.17 10.60
C ASP A 95 22.00 -43.18 10.54
N ILE A 96 22.60 -42.22 11.25
CA ILE A 96 24.05 -42.16 11.45
C ILE A 96 24.29 -42.15 12.94
N GLN A 97 25.16 -43.04 13.42
CA GLN A 97 25.56 -43.05 14.81
C GLN A 97 27.07 -42.91 14.88
N VAL A 98 27.53 -41.78 15.43
CA VAL A 98 28.94 -41.48 15.58
C VAL A 98 29.25 -41.43 17.07
N ARG A 99 30.19 -42.26 17.51
CA ARG A 99 30.58 -42.27 18.91
C ARG A 99 32.00 -42.79 19.00
N GLN A 100 32.70 -42.38 20.05
CA GLN A 100 34.06 -42.88 20.24
C GLN A 100 34.03 -44.20 20.96
N SER A 101 34.98 -45.06 20.62
CA SER A 101 34.98 -46.44 21.08
C SER A 101 35.27 -46.52 22.57
N PRO A 102 34.78 -47.54 23.27
CA PRO A 102 35.13 -47.67 24.69
C PRO A 102 36.57 -48.09 24.92
N GLY A 103 37.15 -48.87 24.02
CA GLY A 103 38.50 -49.37 24.26
C GLY A 103 39.56 -48.29 24.11
N MET A 104 39.75 -47.81 22.90
CA MET A 104 40.70 -46.75 22.59
C MET A 104 39.95 -45.44 22.44
N GLY A 105 40.40 -44.42 23.18
CA GLY A 105 39.65 -43.18 23.25
C GLY A 105 39.86 -42.28 22.06
N ASN A 106 40.97 -42.43 21.33
CA ASN A 106 41.23 -41.55 20.20
C ASN A 106 40.34 -41.90 19.01
N THR A 107 40.21 -43.17 18.68
CA THR A 107 39.41 -43.55 17.53
C THR A 107 37.92 -43.43 17.82
N LEU A 108 37.18 -42.97 16.82
CA LEU A 108 35.74 -42.87 16.90
C LEU A 108 35.14 -43.64 15.74
N GLN A 109 34.03 -44.32 15.99
CA GLN A 109 33.47 -45.26 15.03
C GLN A 109 32.12 -44.76 14.54
N VAL A 110 32.00 -44.64 13.22
CA VAL A 110 30.79 -44.18 12.56
C VAL A 110 30.02 -45.43 12.16
N GLN A 111 28.69 -45.37 12.18
CA GLN A 111 27.87 -46.49 11.75
C GLN A 111 26.73 -45.96 10.90
N VAL A 112 26.74 -46.32 9.62
CA VAL A 112 25.76 -45.85 8.65
C VAL A 112 24.70 -46.94 8.49
N MET A 113 23.46 -46.60 8.79
CA MET A 113 22.33 -47.48 8.53
C MET A 113 21.61 -47.01 7.28
N TYR A 114 21.38 -47.94 6.35
CA TYR A 114 20.83 -47.57 5.06
C TYR A 114 19.77 -48.57 4.65
N ARG A 115 18.77 -48.10 3.90
CA ARG A 115 17.88 -48.96 3.16
C ARG A 115 18.10 -48.73 1.68
N LEU A 116 17.75 -49.72 0.88
CA LEU A 116 17.77 -49.58 -0.56
C LEU A 116 16.49 -48.91 -1.02
N ARG A 117 16.56 -48.16 -2.11
CA ARG A 117 15.37 -47.46 -2.58
C ARG A 117 14.45 -48.44 -3.28
N GLY A 118 13.15 -48.15 -3.23
CA GLY A 118 12.16 -48.91 -3.96
C GLY A 118 11.82 -50.28 -3.41
N SER A 119 12.59 -50.81 -2.46
CA SER A 119 12.41 -52.19 -2.04
C SER A 119 12.57 -52.30 -0.54
N ASP A 120 11.68 -53.07 0.07
CA ASP A 120 11.78 -53.44 1.48
C ASP A 120 11.86 -54.95 1.53
N ILE A 121 13.05 -55.48 1.32
CA ILE A 121 13.31 -56.92 1.30
C ILE A 121 14.57 -57.15 2.12
N ASN A 122 14.42 -57.88 3.22
CA ASN A 122 15.57 -58.20 4.06
C ASN A 122 16.50 -59.16 3.35
N GLN A 123 17.77 -59.14 3.74
CA GLN A 123 18.68 -60.20 3.34
C GLN A 123 18.52 -61.37 4.28
N GLN A 124 18.53 -62.58 3.73
CA GLN A 124 18.21 -63.76 4.54
C GLN A 124 19.36 -64.11 5.49
N ILE A 125 20.55 -64.31 4.96
CA ILE A 125 21.74 -64.53 5.76
C ILE A 125 22.91 -63.81 5.09
N GLN A 126 24.08 -63.85 5.71
CA GLN A 126 25.25 -63.19 5.14
C GLN A 126 25.77 -63.96 3.92
N GLY A 127 26.50 -63.24 3.08
CA GLY A 127 27.06 -63.86 1.89
C GLY A 127 27.39 -62.80 0.86
N VAL A 128 28.26 -63.19 -0.07
CA VAL A 128 28.89 -62.38 -1.15
C VAL A 128 29.13 -60.90 -0.83
N GLU B 2 63.84 -16.45 -11.99
CA GLU B 2 64.07 -15.40 -12.97
C GLU B 2 63.79 -15.96 -14.35
N ASN B 3 62.55 -16.36 -14.60
CA ASN B 3 62.21 -17.19 -15.74
C ASN B 3 61.52 -16.40 -16.85
N GLN B 4 61.26 -17.11 -17.94
CA GLN B 4 60.59 -16.54 -19.10
C GLN B 4 59.08 -16.61 -19.00
N ILE B 5 58.55 -17.27 -17.97
CA ILE B 5 57.11 -17.46 -17.87
C ILE B 5 56.42 -16.19 -17.42
N LEU B 6 56.99 -15.52 -16.41
CA LEU B 6 56.39 -14.31 -15.88
C LEU B 6 56.49 -13.12 -16.84
N THR B 7 57.42 -13.18 -17.79
CA THR B 7 57.46 -12.19 -18.86
C THR B 7 56.21 -12.27 -19.73
N GLN B 8 55.66 -13.47 -19.91
CA GLN B 8 54.47 -13.64 -20.72
C GLN B 8 53.21 -13.11 -20.05
N LEU B 9 53.23 -12.87 -18.75
CA LEU B 9 52.05 -12.32 -18.09
C LEU B 9 52.10 -10.80 -18.00
N TYR B 10 53.30 -10.21 -17.88
CA TYR B 10 53.43 -8.79 -17.61
C TYR B 10 54.21 -8.01 -18.65
N GLY B 11 54.94 -8.68 -19.54
CA GLY B 11 55.60 -7.99 -20.63
C GLY B 11 56.94 -7.42 -20.24
N ARG B 12 57.68 -6.97 -21.25
CA ARG B 12 58.97 -6.34 -21.07
C ARG B 12 58.83 -4.85 -21.29
N GLY B 13 59.48 -4.05 -20.45
CA GLY B 13 59.50 -2.62 -20.61
C GLY B 13 60.84 -2.06 -20.19
N TRP B 14 61.00 -0.77 -20.41
CA TRP B 14 62.23 -0.09 -20.08
C TRP B 14 62.38 -0.01 -18.57
N ALA B 15 63.60 -0.21 -18.09
CA ALA B 15 63.85 -0.07 -16.66
C ALA B 15 63.80 1.41 -16.28
N PHE B 16 63.34 1.69 -15.05
CA PHE B 16 63.09 3.09 -14.68
C PHE B 16 64.36 3.89 -14.48
N PRO B 17 65.44 3.37 -13.89
CA PRO B 17 66.73 3.94 -14.18
C PRO B 17 67.13 3.56 -15.59
N PRO B 18 67.09 4.52 -16.53
CA PRO B 18 66.97 4.15 -17.96
C PRO B 18 68.28 3.77 -18.62
N VAL B 19 69.29 3.39 -17.83
CA VAL B 19 70.68 3.16 -18.22
C VAL B 19 70.85 2.31 -19.47
N PHE B 20 71.55 2.87 -20.45
CA PHE B 20 71.73 2.24 -21.76
C PHE B 20 73.08 1.55 -21.82
N SER B 21 73.11 0.39 -22.45
CA SER B 21 74.33 -0.41 -22.53
C SER B 21 74.74 -0.61 -23.97
N LEU B 22 76.01 -0.96 -24.16
CA LEU B 22 76.56 -1.09 -25.50
C LEU B 22 76.15 -2.42 -26.13
N GLU B 23 75.98 -3.44 -25.32
CA GLU B 23 75.34 -4.69 -25.72
C GLU B 23 73.92 -4.66 -25.18
N LYS B 24 72.98 -5.25 -25.94
CA LYS B 24 71.56 -5.49 -25.67
C LYS B 24 70.73 -4.20 -25.63
N GLY B 25 71.35 -3.04 -25.87
CA GLY B 25 70.57 -1.82 -25.99
C GLY B 25 70.17 -1.29 -24.63
N VAL B 26 68.91 -0.90 -24.51
CA VAL B 26 68.39 -0.39 -23.26
C VAL B 26 68.06 -1.57 -22.34
N GLU B 27 68.36 -1.43 -21.06
CA GLU B 27 68.13 -2.52 -20.10
C GLU B 27 66.63 -2.70 -19.88
N MET B 28 66.15 -3.90 -20.16
CA MET B 28 64.73 -4.20 -20.17
C MET B 28 64.31 -4.78 -18.83
N ALA B 29 63.24 -4.22 -18.27
CA ALA B 29 62.66 -4.75 -17.05
C ALA B 29 61.66 -5.83 -17.42
N GLU B 30 61.95 -7.06 -17.03
CA GLU B 30 61.13 -8.20 -17.42
C GLU B 30 59.97 -8.37 -16.44
N GLY B 31 59.32 -9.54 -16.50
CA GLY B 31 57.93 -9.65 -16.10
C GLY B 31 57.62 -9.38 -14.65
N ALA B 32 58.30 -10.07 -13.73
CA ALA B 32 58.03 -9.83 -12.32
C ALA B 32 58.65 -8.53 -11.85
N GLU B 33 59.67 -8.04 -12.55
CA GLU B 33 60.38 -6.83 -12.18
C GLU B 33 59.85 -5.60 -12.88
N ASP B 34 59.03 -5.75 -13.92
CA ASP B 34 58.35 -4.59 -14.47
C ASP B 34 57.30 -4.08 -13.50
N VAL B 35 56.60 -4.98 -12.82
CA VAL B 35 55.48 -4.58 -11.98
C VAL B 35 55.97 -3.95 -10.68
N ARG B 36 57.16 -4.32 -10.21
CA ARG B 36 57.74 -3.60 -9.09
C ARG B 36 58.19 -2.22 -9.51
N GLN B 37 58.85 -2.12 -10.67
CA GLN B 37 59.31 -0.83 -11.14
C GLN B 37 58.16 0.04 -11.65
N SER B 38 57.04 -0.57 -12.03
CA SER B 38 55.87 0.22 -12.38
C SER B 38 55.25 0.88 -11.16
N LEU B 39 55.51 0.33 -9.97
CA LEU B 39 55.12 1.00 -8.75
C LEU B 39 56.13 2.07 -8.35
N GLN B 40 57.40 1.87 -8.70
CA GLN B 40 58.40 2.87 -8.35
C GLN B 40 58.28 4.12 -9.22
N ILE B 41 57.73 3.99 -10.42
CA ILE B 41 57.53 5.18 -11.25
C ILE B 41 56.35 5.99 -10.71
N LEU B 42 55.30 5.30 -10.26
CA LEU B 42 54.08 5.98 -9.84
C LEU B 42 54.28 6.76 -8.55
N PHE B 43 54.98 6.17 -7.57
CA PHE B 43 55.25 6.87 -6.33
C PHE B 43 56.23 8.01 -6.51
N SER B 44 57.01 8.00 -7.59
CA SER B 44 58.08 8.98 -7.74
C SER B 44 57.63 10.19 -8.54
N THR B 45 56.57 10.08 -9.33
CA THR B 45 56.01 11.23 -10.02
C THR B 45 54.81 11.76 -9.24
N GLU B 46 54.58 13.00 -9.34
CA GLU B 46 53.48 13.70 -8.73
C GLU B 46 52.52 14.18 -9.81
N PRO B 47 51.21 14.29 -9.53
CA PRO B 47 50.26 14.54 -10.62
C PRO B 47 50.35 15.94 -11.16
N GLY B 48 50.41 16.03 -12.50
CA GLY B 48 50.49 17.29 -13.19
C GLY B 48 51.75 17.49 -14.00
N GLU B 49 52.82 16.75 -13.72
CA GLU B 49 54.09 16.95 -14.41
C GLU B 49 54.35 15.92 -15.49
N ARG B 50 53.48 14.93 -15.66
CA ARG B 50 53.42 14.23 -16.92
C ARG B 50 52.79 15.15 -17.96
N LEU B 51 53.13 14.92 -19.23
CA LEU B 51 52.89 15.93 -20.25
C LEU B 51 51.42 16.05 -20.60
N MET B 52 50.83 15.00 -21.15
CA MET B 52 49.43 15.03 -21.52
C MET B 52 48.53 14.22 -20.60
N ARG B 53 49.04 13.17 -19.98
CA ARG B 53 48.32 12.46 -18.94
C ARG B 53 48.41 13.32 -17.69
N GLU B 54 47.41 14.19 -17.50
CA GLU B 54 47.52 15.23 -16.48
C GLU B 54 47.47 14.64 -15.08
N ASN B 55 46.51 13.76 -14.83
CA ASN B 55 46.36 13.16 -13.51
C ASN B 55 46.98 11.77 -13.48
N TYR B 56 48.30 11.74 -13.38
CA TYR B 56 49.04 10.49 -13.21
C TYR B 56 50.13 10.72 -12.17
N GLY B 57 50.09 9.95 -11.10
CA GLY B 57 51.12 10.01 -10.08
C GLY B 57 50.51 10.14 -8.71
N CYS B 58 51.24 9.64 -7.71
CA CYS B 58 50.75 9.71 -6.35
C CYS B 58 50.90 11.10 -5.79
N GLY B 59 49.78 11.72 -5.46
CA GLY B 59 49.77 12.97 -4.77
C GLY B 59 49.87 12.75 -3.28
N LEU B 60 51.07 12.44 -2.80
CA LEU B 60 51.32 12.55 -1.37
C LEU B 60 51.86 13.92 -1.00
N ASN B 61 52.07 14.78 -1.99
CA ASN B 61 52.57 16.12 -1.70
C ASN B 61 51.47 17.02 -1.15
N ASP B 62 50.21 16.74 -1.47
CA ASP B 62 49.16 17.66 -1.05
C ASP B 62 48.75 17.45 0.40
N PHE B 63 49.16 16.36 1.04
CA PHE B 63 49.11 16.28 2.49
C PHE B 63 50.48 15.82 2.97
N MET B 64 51.38 16.79 3.06
CA MET B 64 52.52 16.74 3.97
C MET B 64 52.64 18.11 4.59
N PHE B 65 53.59 18.25 5.50
CA PHE B 65 53.67 19.31 6.50
C PHE B 65 52.38 19.42 7.34
N GLU B 66 51.67 18.31 7.50
CA GLU B 66 50.56 18.21 8.43
C GLU B 66 50.92 17.19 9.49
N ASN B 67 50.44 17.42 10.70
CA ASN B 67 50.95 16.74 11.88
C ASN B 67 50.61 15.26 11.86
N ILE B 68 51.52 14.45 12.40
CA ILE B 68 51.29 13.02 12.43
C ILE B 68 50.26 12.70 13.49
N ARG B 69 49.12 12.20 13.07
CA ARG B 69 48.10 11.71 13.98
C ARG B 69 47.53 10.44 13.37
N ASN B 70 46.47 9.91 13.99
CA ASN B 70 45.87 8.70 13.45
C ASN B 70 44.92 9.01 12.31
N GLU B 71 44.60 10.27 12.12
CA GLU B 71 43.74 10.69 11.04
C GLU B 71 44.52 10.99 9.76
N LEU B 72 45.79 11.40 9.87
CA LEU B 72 46.62 11.52 8.69
C LEU B 72 47.07 10.15 8.19
N ILE B 73 47.37 9.24 9.11
CA ILE B 73 47.81 7.90 8.74
C ILE B 73 46.70 7.14 8.03
N ALA B 74 45.47 7.26 8.53
CA ALA B 74 44.34 6.63 7.86
C ALA B 74 43.93 7.34 6.58
N GLU B 75 44.47 8.53 6.30
CA GLU B 75 44.20 9.14 5.01
C GLU B 75 45.26 8.75 3.99
N ILE B 76 46.44 8.33 4.45
CA ILE B 76 47.45 7.84 3.54
C ILE B 76 47.07 6.45 3.03
N GLU B 77 46.65 5.57 3.94
CA GLU B 77 46.29 4.21 3.56
C GLU B 77 45.07 4.18 2.66
N SER B 78 44.19 5.17 2.77
CA SER B 78 43.07 5.26 1.84
C SER B 78 43.52 5.81 0.50
N HIS B 79 44.43 6.78 0.50
CA HIS B 79 44.88 7.38 -0.75
C HIS B 79 45.80 6.44 -1.50
N ILE B 80 46.66 5.73 -0.79
CA ILE B 80 47.62 4.83 -1.43
C ILE B 80 46.96 3.55 -1.91
N HIS B 81 45.70 3.31 -1.53
CA HIS B 81 44.99 2.11 -1.94
C HIS B 81 44.21 2.33 -3.23
N ASP B 82 43.44 3.42 -3.33
CA ASP B 82 42.69 3.64 -4.56
C ASP B 82 43.53 4.28 -5.66
N ASN B 83 44.81 4.52 -5.42
CA ASN B 83 45.66 5.04 -6.48
C ASN B 83 46.38 3.92 -7.19
N VAL B 84 46.73 2.86 -6.47
CA VAL B 84 47.30 1.67 -7.07
C VAL B 84 46.24 0.92 -7.86
N LEU B 85 44.97 1.05 -7.46
CA LEU B 85 43.89 0.46 -8.26
C LEU B 85 43.73 1.13 -9.62
N ARG B 86 43.93 2.45 -9.72
CA ARG B 86 43.73 3.09 -11.01
C ARG B 86 44.93 2.93 -11.92
N TYR B 87 46.13 3.11 -11.39
CA TYR B 87 47.32 3.21 -12.22
C TYR B 87 48.23 2.00 -12.15
N GLU B 88 47.80 0.92 -11.50
CA GLU B 88 48.54 -0.34 -11.49
C GLU B 88 47.56 -1.50 -11.57
N PRO B 89 47.22 -1.93 -12.78
CA PRO B 89 46.28 -3.04 -12.91
C PRO B 89 46.92 -4.40 -12.68
N ARG B 90 48.25 -4.48 -12.70
CA ARG B 90 48.94 -5.77 -12.61
C ARG B 90 49.34 -6.14 -11.20
N ALA B 91 49.32 -5.20 -10.27
CA ALA B 91 49.74 -5.44 -8.90
C ALA B 91 48.55 -5.20 -7.98
N ASP B 92 48.15 -6.22 -7.24
CA ASP B 92 47.14 -6.00 -6.23
C ASP B 92 47.80 -5.77 -4.87
N MET B 93 47.35 -4.73 -4.20
CA MET B 93 47.82 -4.42 -2.86
C MET B 93 47.25 -5.46 -1.91
N THR B 94 47.99 -5.75 -0.84
CA THR B 94 47.47 -6.67 0.15
C THR B 94 47.58 -6.14 1.59
N ASP B 95 48.47 -5.18 1.85
CA ASP B 95 48.56 -4.55 3.16
C ASP B 95 49.32 -3.25 3.04
N ILE B 96 48.92 -2.26 3.83
CA ILE B 96 49.64 -1.00 3.97
C ILE B 96 49.97 -0.82 5.44
N GLN B 97 51.23 -0.55 5.74
CA GLN B 97 51.66 -0.25 7.09
C GLN B 97 52.30 1.12 7.11
N VAL B 98 51.67 2.07 7.79
CA VAL B 98 52.15 3.43 7.91
C VAL B 98 52.48 3.67 9.37
N ARG B 99 53.72 4.05 9.64
CA ARG B 99 54.14 4.34 11.00
C ARG B 99 55.32 5.31 10.95
N GLN B 100 55.49 6.08 12.01
CA GLN B 100 56.61 6.99 12.06
C GLN B 100 57.84 6.27 12.59
N SER B 101 58.99 6.66 12.09
CA SER B 101 60.23 5.93 12.34
C SER B 101 60.67 6.11 13.79
N PRO B 102 61.39 5.14 14.35
CA PRO B 102 61.89 5.33 15.73
C PRO B 102 63.01 6.34 15.82
N GLY B 103 63.84 6.49 14.78
CA GLY B 103 64.97 7.38 14.89
C GLY B 103 64.58 8.85 14.84
N MET B 104 64.09 9.30 13.70
CA MET B 104 63.63 10.66 13.50
C MET B 104 62.11 10.69 13.58
N GLY B 105 61.59 11.57 14.42
CA GLY B 105 60.16 11.56 14.71
C GLY B 105 59.32 12.23 13.65
N ASN B 106 59.91 13.12 12.86
CA ASN B 106 59.12 13.83 11.85
C ASN B 106 58.79 12.93 10.68
N THR B 107 59.77 12.17 10.17
CA THR B 107 59.51 11.32 9.02
C THR B 107 58.69 10.10 9.39
N LEU B 108 57.77 9.73 8.50
CA LEU B 108 56.97 8.53 8.67
C LEU B 108 57.15 7.67 7.44
N GLN B 109 57.20 6.36 7.65
CA GLN B 109 57.57 5.43 6.61
C GLN B 109 56.40 4.53 6.25
N VAL B 110 56.04 4.53 4.97
CA VAL B 110 54.94 3.74 4.44
C VAL B 110 55.55 2.45 3.90
N GLN B 111 54.83 1.34 4.01
CA GLN B 111 55.29 0.07 3.46
C GLN B 111 54.13 -0.61 2.75
N VAL B 112 54.26 -0.75 1.43
CA VAL B 112 53.22 -1.33 0.59
C VAL B 112 53.58 -2.78 0.34
N MET B 113 52.71 -3.69 0.74
CA MET B 113 52.85 -5.10 0.42
C MET B 113 51.90 -5.44 -0.72
N TYR B 114 52.43 -6.09 -1.75
CA TYR B 114 51.64 -6.33 -2.95
C TYR B 114 51.90 -7.74 -3.45
N ARG B 115 50.89 -8.33 -4.07
CA ARG B 115 51.05 -9.52 -4.88
C ARG B 115 50.75 -9.17 -6.32
N LEU B 116 51.30 -9.95 -7.23
CA LEU B 116 50.98 -9.81 -8.65
C LEU B 116 49.68 -10.56 -8.94
N ARG B 117 48.93 -10.09 -9.92
CA ARG B 117 47.67 -10.74 -10.22
C ARG B 117 47.92 -12.02 -11.00
N GLY B 118 47.02 -12.99 -10.84
CA GLY B 118 47.05 -14.21 -11.62
C GLY B 118 48.13 -15.21 -11.26
N SER B 119 49.11 -14.84 -10.44
CA SER B 119 50.24 -15.72 -10.21
C SER B 119 50.64 -15.68 -8.75
N ASP B 120 50.94 -16.86 -8.20
CA ASP B 120 51.51 -16.99 -6.87
C ASP B 120 52.84 -17.70 -7.04
N ILE B 121 53.87 -16.94 -7.38
CA ILE B 121 55.21 -17.44 -7.63
C ILE B 121 56.16 -16.51 -6.90
N ASN B 122 56.88 -17.04 -5.92
CA ASN B 122 57.86 -16.25 -5.19
C ASN B 122 59.04 -15.91 -6.07
N GLN B 123 59.72 -14.82 -5.74
CA GLN B 123 61.02 -14.56 -6.34
C GLN B 123 62.08 -15.32 -5.56
N GLN B 124 63.02 -15.92 -6.29
CA GLN B 124 63.99 -16.81 -5.64
C GLN B 124 65.00 -16.04 -4.81
N ILE B 125 65.70 -15.09 -5.42
CA ILE B 125 66.62 -14.19 -4.71
C ILE B 125 66.48 -12.82 -5.34
N GLN B 126 67.22 -11.84 -4.79
CA GLN B 126 67.16 -10.49 -5.32
C GLN B 126 67.89 -10.40 -6.65
N GLY B 127 67.54 -9.38 -7.42
CA GLY B 127 68.17 -9.18 -8.71
C GLY B 127 67.29 -8.32 -9.59
N VAL B 128 67.93 -7.73 -10.61
CA VAL B 128 67.40 -6.75 -11.60
C VAL B 128 66.31 -5.81 -11.09
N GLU C 2 44.41 47.00 -17.58
CA GLU C 2 43.50 47.77 -18.41
C GLU C 2 43.62 47.28 -19.84
N ASN C 3 43.29 46.02 -20.07
CA ASN C 3 43.65 45.33 -21.30
C ASN C 3 42.47 45.17 -22.25
N GLN C 4 42.78 44.62 -23.42
CA GLN C 4 41.78 44.36 -24.45
C GLN C 4 41.10 43.02 -24.28
N ILE C 5 41.55 42.20 -23.32
CA ILE C 5 41.00 40.85 -23.19
C ILE C 5 39.63 40.90 -22.51
N LEU C 6 39.50 41.70 -21.45
CA LEU C 6 38.24 41.78 -20.72
C LEU C 6 37.16 42.49 -21.51
N THR C 7 37.53 43.29 -22.51
CA THR C 7 36.55 43.85 -23.43
C THR C 7 35.84 42.77 -24.22
N GLN C 8 36.56 41.69 -24.55
CA GLN C 8 35.98 40.59 -25.31
C GLN C 8 35.00 39.76 -24.51
N LEU C 9 34.99 39.87 -23.19
CA LEU C 9 34.03 39.11 -22.39
C LEU C 9 32.79 39.92 -22.09
N TYR C 10 32.90 41.24 -21.96
CA TYR C 10 31.80 42.07 -21.49
C TYR C 10 31.38 43.16 -22.45
N GLY C 11 32.18 43.48 -23.46
CA GLY C 11 31.76 44.43 -24.47
C GLY C 11 32.02 45.86 -24.07
N ARG C 12 31.86 46.75 -25.05
CA ARG C 12 32.00 48.18 -24.84
C ARG C 12 30.63 48.82 -24.85
N GLY C 13 30.41 49.76 -23.94
CA GLY C 13 29.17 50.52 -23.89
C GLY C 13 29.44 51.94 -23.47
N TRP C 14 28.39 52.74 -23.51
CA TRP C 14 28.49 54.13 -23.15
C TRP C 14 28.71 54.26 -21.64
N ALA C 15 29.57 55.20 -21.26
CA ALA C 15 29.79 55.45 -19.85
C ALA C 15 28.57 56.14 -19.26
N PHE C 16 28.28 55.85 -17.99
CA PHE C 16 27.03 56.34 -17.40
C PHE C 16 27.02 57.83 -17.15
N PRO C 17 28.09 58.48 -16.70
CA PRO C 17 28.21 59.90 -16.98
C PRO C 17 28.52 60.08 -18.45
N PRO C 18 27.56 60.56 -19.24
CA PRO C 18 27.58 60.31 -20.69
C PRO C 18 28.47 61.26 -21.47
N VAL C 19 29.43 61.91 -20.80
CA VAL C 19 30.27 63.01 -21.29
C VAL C 19 30.89 62.76 -22.65
N PHE C 20 30.62 63.67 -23.58
CA PHE C 20 31.03 63.54 -24.98
C PHE C 20 32.30 64.36 -25.21
N SER C 21 33.22 63.82 -26.00
CA SER C 21 34.48 64.46 -26.25
C SER C 21 34.65 64.76 -27.74
N LEU C 22 35.57 65.68 -28.04
CA LEU C 22 35.75 66.12 -29.41
C LEU C 22 36.57 65.11 -30.20
N GLU C 23 37.48 64.42 -29.53
CA GLU C 23 38.15 63.25 -30.08
C GLU C 23 37.51 62.02 -29.46
N LYS C 24 37.41 60.94 -30.25
CA LYS C 24 36.94 59.59 -29.93
C LYS C 24 35.43 59.52 -29.67
N GLY C 25 34.72 60.65 -29.78
CA GLY C 25 33.27 60.60 -29.68
C GLY C 25 32.82 60.49 -28.24
N VAL C 26 31.88 59.60 -27.99
CA VAL C 26 31.37 59.38 -26.65
C VAL C 26 32.35 58.47 -25.90
N GLU C 27 32.57 58.76 -24.62
CA GLU C 27 33.51 57.99 -23.83
C GLU C 27 32.95 56.60 -23.56
N MET C 28 33.69 55.58 -23.97
CA MET C 28 33.23 54.20 -23.96
C MET C 28 33.70 53.51 -22.69
N ALA C 29 32.78 52.86 -21.99
CA ALA C 29 33.12 52.06 -20.84
C ALA C 29 33.47 50.66 -21.31
N GLU C 30 34.73 50.27 -21.11
CA GLU C 30 35.21 49.00 -21.63
C GLU C 30 34.93 47.89 -20.62
N GLY C 31 35.59 46.75 -20.81
CA GLY C 31 35.03 45.47 -20.36
C GLY C 31 34.86 45.31 -18.86
N ALA C 32 35.93 45.52 -18.09
CA ALA C 32 35.81 45.36 -16.65
C ALA C 32 35.09 46.55 -16.02
N GLU C 33 35.08 47.69 -16.70
CA GLU C 33 34.46 48.90 -16.20
C GLU C 33 33.03 49.09 -16.70
N ASP C 34 32.60 48.34 -17.70
CA ASP C 34 31.19 48.35 -18.05
C ASP C 34 30.37 47.68 -16.95
N VAL C 35 30.89 46.60 -16.37
CA VAL C 35 30.11 45.82 -15.42
C VAL C 35 30.02 46.53 -14.08
N ARG C 36 31.00 47.35 -13.73
CA ARG C 36 30.85 48.19 -12.55
C ARG C 36 29.83 49.29 -12.79
N GLN C 37 29.92 49.93 -13.96
CA GLN C 37 28.98 51.00 -14.26
C GLN C 37 27.59 50.46 -14.58
N SER C 38 27.49 49.20 -14.98
CA SER C 38 26.16 48.60 -15.16
C SER C 38 25.48 48.36 -13.82
N LEU C 39 26.25 48.29 -12.74
CA LEU C 39 25.67 48.25 -11.40
C LEU C 39 25.33 49.65 -10.92
N GLN C 40 26.08 50.65 -11.37
CA GLN C 40 25.80 52.02 -10.93
C GLN C 40 24.54 52.56 -11.60
N ILE C 41 24.18 52.06 -12.78
CA ILE C 41 22.95 52.51 -13.41
C ILE C 41 21.75 51.89 -12.71
N LEU C 42 21.87 50.62 -12.31
CA LEU C 42 20.74 49.91 -11.73
C LEU C 42 20.38 50.44 -10.35
N PHE C 43 21.39 50.72 -9.50
CA PHE C 43 21.11 51.27 -8.18
C PHE C 43 20.60 52.70 -8.25
N SER C 44 20.84 53.39 -9.37
CA SER C 44 20.53 54.81 -9.43
C SER C 44 19.16 55.07 -10.02
N THR C 45 18.60 54.12 -10.76
CA THR C 45 17.23 54.24 -11.24
C THR C 45 16.29 53.46 -10.34
N GLU C 46 15.11 53.89 -10.25
CA GLU C 46 14.04 53.27 -9.49
C GLU C 46 12.99 52.72 -10.43
N PRO C 47 12.28 51.64 -10.07
CA PRO C 47 11.43 50.97 -11.06
C PRO C 47 10.19 51.79 -11.41
N GLY C 48 9.95 51.91 -12.72
CA GLY C 48 8.82 52.65 -13.22
C GLY C 48 9.16 53.85 -14.06
N GLU C 49 10.37 54.39 -13.94
CA GLU C 49 10.74 55.60 -14.67
C GLU C 49 11.58 55.34 -15.90
N ARG C 50 11.97 54.09 -16.16
CA ARG C 50 12.34 53.71 -17.51
C ARG C 50 11.08 53.67 -18.37
N LEU C 51 11.25 53.88 -19.68
CA LEU C 51 10.11 54.21 -20.52
C LEU C 51 9.22 53.01 -20.78
N MET C 52 9.74 51.98 -21.44
CA MET C 52 8.95 50.80 -21.72
C MET C 52 9.32 49.60 -20.88
N ARG C 53 10.58 49.49 -20.45
CA ARG C 53 10.96 48.47 -19.48
C ARG C 53 10.46 48.95 -18.13
N GLU C 54 9.25 48.54 -17.76
CA GLU C 54 8.57 49.13 -16.60
C GLU C 54 9.25 48.75 -15.30
N ASN C 55 9.57 47.47 -15.14
CA ASN C 55 10.19 46.99 -13.91
C ASN C 55 11.69 46.82 -14.12
N TYR C 56 12.40 47.94 -14.09
CA TYR C 56 13.86 47.94 -14.14
C TYR C 56 14.37 48.97 -13.14
N GLY C 57 15.16 48.52 -12.18
CA GLY C 57 15.78 49.41 -11.23
C GLY C 57 15.57 48.92 -9.82
N CYS C 58 16.52 49.25 -8.96
CA CYS C 58 16.42 48.83 -7.56
C CYS C 58 15.39 49.66 -6.82
N GLY C 59 14.35 48.99 -6.34
CA GLY C 59 13.38 49.60 -5.48
C GLY C 59 13.85 49.53 -4.05
N LEU C 60 14.79 50.41 -3.68
CA LEU C 60 15.04 50.63 -2.26
C LEU C 60 14.21 51.78 -1.73
N ASN C 61 13.44 52.43 -2.59
CA ASN C 61 12.59 53.52 -2.15
C ASN C 61 11.35 53.02 -1.41
N ASP C 62 10.90 51.80 -1.71
CA ASP C 62 9.65 51.34 -1.10
C ASP C 62 9.83 50.85 0.32
N PHE C 63 11.07 50.63 0.77
CA PHE C 63 11.34 50.51 2.21
C PHE C 63 12.49 51.45 2.54
N MET C 64 12.14 52.71 2.73
CA MET C 64 12.90 53.63 3.54
C MET C 64 11.88 54.42 4.35
N PHE C 65 12.38 55.28 5.23
CA PHE C 65 11.66 55.87 6.36
C PHE C 65 11.05 54.80 7.26
N GLU C 66 11.66 53.61 7.30
CA GLU C 66 11.32 52.58 8.27
C GLU C 66 12.54 52.34 9.16
N ASN C 67 12.27 52.01 10.42
CA ASN C 67 13.29 52.07 11.45
C ASN C 67 14.37 51.03 11.23
N ILE C 68 15.59 51.38 11.61
CA ILE C 68 16.71 50.47 11.44
C ILE C 68 16.62 49.38 12.50
N ARG C 69 16.40 48.16 12.07
CA ARG C 69 16.42 47.01 12.95
C ARG C 69 17.14 45.89 12.20
N ASN C 70 17.14 44.70 12.79
CA ASN C 70 17.80 43.58 12.12
C ASN C 70 16.88 42.94 11.09
N GLU C 71 15.61 43.32 11.10
CA GLU C 71 14.66 42.81 10.13
C GLU C 71 14.61 43.68 8.87
N LEU C 72 14.91 44.97 8.97
CA LEU C 72 15.06 45.78 7.78
C LEU C 72 16.37 45.49 7.07
N ILE C 73 17.44 45.26 7.83
CA ILE C 73 18.75 44.97 7.25
C ILE C 73 18.72 43.65 6.49
N ALA C 74 18.08 42.63 7.06
CA ALA C 74 17.93 41.36 6.38
C ALA C 74 16.93 41.41 5.24
N GLU C 75 16.15 42.48 5.11
CA GLU C 75 15.30 42.60 3.93
C GLU C 75 16.02 43.33 2.81
N ILE C 76 17.03 44.13 3.14
CA ILE C 76 17.84 44.78 2.12
C ILE C 76 18.75 43.77 1.44
N GLU C 77 19.41 42.92 2.23
CA GLU C 77 20.33 41.94 1.67
C GLU C 77 19.61 40.89 0.84
N SER C 78 18.34 40.63 1.15
CA SER C 78 17.55 39.74 0.30
C SER C 78 17.11 40.44 -0.97
N HIS C 79 16.75 41.73 -0.87
CA HIS C 79 16.27 42.44 -2.04
C HIS C 79 17.43 42.78 -2.98
N ILE C 80 18.57 43.14 -2.43
CA ILE C 80 19.73 43.53 -3.24
C ILE C 80 20.40 42.32 -3.86
N HIS C 81 20.04 41.11 -3.44
CA HIS C 81 20.63 39.89 -4.00
C HIS C 81 19.85 39.37 -5.19
N ASP C 82 18.53 39.27 -5.09
CA ASP C 82 17.78 38.77 -6.23
C ASP C 82 17.50 39.84 -7.27
N ASN C 83 17.97 41.06 -7.07
CA ASN C 83 17.79 42.09 -8.08
C ASN C 83 19.01 42.16 -9.00
N VAL C 84 20.19 41.91 -8.45
CA VAL C 84 21.40 41.81 -9.25
C VAL C 84 21.40 40.53 -10.07
N LEU C 85 20.69 39.49 -9.60
CA LEU C 85 20.53 38.29 -10.41
C LEU C 85 19.68 38.53 -11.65
N ARG C 86 18.64 39.37 -11.57
CA ARG C 86 17.80 39.56 -12.74
C ARG C 86 18.41 40.54 -13.74
N TYR C 87 18.94 41.65 -13.25
CA TYR C 87 19.33 42.75 -14.12
C TYR C 87 20.84 42.91 -14.27
N GLU C 88 21.63 41.98 -13.76
CA GLU C 88 23.07 41.98 -13.97
C GLU C 88 23.55 40.55 -14.16
N PRO C 89 23.56 40.06 -15.40
CA PRO C 89 24.01 38.70 -15.63
C PRO C 89 25.53 38.56 -15.64
N ARG C 90 26.27 39.66 -15.74
CA ARG C 90 27.72 39.59 -15.88
C ARG C 90 28.45 39.72 -14.56
N ALA C 91 27.78 40.15 -13.50
CA ALA C 91 28.41 40.35 -12.20
C ALA C 91 27.75 39.43 -11.19
N ASP C 92 28.52 38.54 -10.59
CA ASP C 92 27.96 37.76 -9.50
C ASP C 92 28.31 38.40 -8.16
N MET C 93 27.30 38.53 -7.33
CA MET C 93 27.48 39.06 -5.99
C MET C 93 28.21 38.02 -5.16
N THR C 94 28.99 38.48 -4.19
CA THR C 94 29.67 37.53 -3.31
C THR C 94 29.49 37.86 -1.83
N ASP C 95 29.16 39.09 -1.47
CA ASP C 95 28.87 39.46 -0.09
C ASP C 95 28.12 40.78 -0.07
N ILE C 96 27.21 40.91 0.88
CA ILE C 96 26.52 42.16 1.16
C ILE C 96 26.74 42.50 2.62
N GLN C 97 27.20 43.72 2.88
CA GLN C 97 27.37 44.20 4.25
C GLN C 97 26.52 45.45 4.42
N VAL C 98 25.51 45.36 5.26
CA VAL C 98 24.61 46.47 5.56
C VAL C 98 24.79 46.84 7.01
N ARG C 99 25.14 48.09 7.27
CA ARG C 99 25.31 48.57 8.63
C ARG C 99 25.07 50.07 8.66
N GLN C 100 24.65 50.57 9.81
CA GLN C 100 24.46 52.00 9.92
C GLN C 100 25.78 52.68 10.28
N SER C 101 25.95 53.89 9.78
CA SER C 101 27.23 54.58 9.86
C SER C 101 27.52 55.01 11.30
N PRO C 102 28.78 55.12 11.68
CA PRO C 102 29.08 55.61 13.04
C PRO C 102 28.80 57.09 13.21
N GLY C 103 28.95 57.90 12.17
CA GLY C 103 28.77 59.33 12.33
C GLY C 103 27.33 59.73 12.52
N MET C 104 26.52 59.58 11.48
CA MET C 104 25.10 59.87 11.51
C MET C 104 24.31 58.57 11.67
N GLY C 105 23.43 58.54 12.66
CA GLY C 105 22.77 57.30 13.02
C GLY C 105 21.61 56.95 12.10
N ASN C 106 21.03 57.94 11.42
CA ASN C 106 19.88 57.65 10.56
C ASN C 106 20.31 56.93 9.29
N THR C 107 21.36 57.40 8.63
CA THR C 107 21.78 56.78 7.39
C THR C 107 22.47 55.44 7.63
N LEU C 108 22.18 54.49 6.75
CA LEU C 108 22.82 53.19 6.79
C LEU C 108 23.46 52.94 5.44
N GLN C 109 24.63 52.31 5.45
CA GLN C 109 25.45 52.18 4.26
C GLN C 109 25.56 50.72 3.85
N VAL C 110 25.19 50.46 2.60
CA VAL C 110 25.23 49.12 2.02
C VAL C 110 26.55 49.00 1.27
N GLN C 111 27.15 47.82 1.26
CA GLN C 111 28.37 47.59 0.51
C GLN C 111 28.26 46.27 -0.23
N VAL C 112 28.25 46.35 -1.56
CA VAL C 112 28.09 45.18 -2.42
C VAL C 112 29.47 44.76 -2.90
N MET C 113 29.85 43.54 -2.59
CA MET C 113 31.08 42.95 -3.12
C MET C 113 30.72 41.99 -4.23
N TYR C 114 31.38 42.15 -5.38
CA TYR C 114 31.01 41.39 -6.56
C TYR C 114 32.27 40.90 -7.25
N ARG C 115 32.17 39.74 -7.90
CA ARG C 115 33.14 39.30 -8.88
C ARG C 115 32.47 39.27 -10.25
N LEU C 116 33.27 39.37 -11.29
CA LEU C 116 32.78 39.19 -12.64
C LEU C 116 32.72 37.71 -12.96
N ARG C 117 31.79 37.32 -13.83
CA ARG C 117 31.66 35.91 -14.16
C ARG C 117 32.77 35.51 -15.12
N GLY C 118 33.15 34.24 -15.06
CA GLY C 118 34.09 33.68 -16.00
C GLY C 118 35.53 34.07 -15.85
N SER C 119 35.84 35.09 -15.04
CA SER C 119 37.20 35.61 -15.00
C SER C 119 37.58 35.95 -13.57
N ASP C 120 38.82 35.58 -13.21
CA ASP C 120 39.42 35.97 -11.94
C ASP C 120 40.68 36.76 -12.28
N ILE C 121 40.49 38.04 -12.58
CA ILE C 121 41.56 38.95 -12.95
C ILE C 121 41.36 40.23 -12.15
N ASN C 122 42.32 40.55 -11.29
CA ASN C 122 42.24 41.77 -10.51
C ASN C 122 42.43 42.99 -11.40
N GLN C 123 41.89 44.11 -10.95
CA GLN C 123 42.24 45.38 -11.58
C GLN C 123 43.54 45.89 -10.98
N GLN C 124 44.41 46.42 -11.82
CA GLN C 124 45.74 46.78 -11.37
C GLN C 124 45.73 48.02 -10.48
N ILE C 125 45.20 49.13 -11.00
CA ILE C 125 44.99 50.33 -10.21
C ILE C 125 43.67 50.95 -10.62
N GLN C 126 43.28 52.05 -9.98
CA GLN C 126 42.03 52.71 -10.31
C GLN C 126 42.12 53.42 -11.64
N GLY C 127 40.96 53.66 -12.25
CA GLY C 127 40.91 54.34 -13.53
C GLY C 127 39.60 54.03 -14.23
N VAL C 128 39.27 54.91 -15.19
CA VAL C 128 38.03 54.98 -15.99
C VAL C 128 36.75 54.51 -15.29
N GLU D 2 -20.16 62.56 -13.00
CA GLU D 2 -21.39 62.17 -13.67
C GLU D 2 -21.14 62.07 -15.16
N ASN D 3 -20.27 61.15 -15.56
CA ASN D 3 -19.68 61.15 -16.89
C ASN D 3 -20.29 60.07 -17.79
N GLN D 4 -19.83 60.09 -19.04
CA GLN D 4 -20.27 59.12 -20.04
C GLN D 4 -19.45 57.84 -20.02
N ILE D 5 -18.38 57.80 -19.22
CA ILE D 5 -17.50 56.64 -19.24
C ILE D 5 -18.12 55.47 -18.50
N LEU D 6 -18.72 55.73 -17.34
CA LEU D 6 -19.31 54.67 -16.53
C LEU D 6 -20.58 54.11 -17.15
N THR D 7 -21.22 54.86 -18.05
CA THR D 7 -22.33 54.33 -18.83
C THR D 7 -21.88 53.20 -19.73
N GLN D 8 -20.65 53.28 -20.23
CA GLN D 8 -20.12 52.25 -21.12
C GLN D 8 -19.80 50.95 -20.40
N LEU D 9 -19.69 50.97 -19.06
CA LEU D 9 -19.42 49.74 -18.34
C LEU D 9 -20.69 49.06 -17.86
N TYR D 10 -21.74 49.83 -17.54
CA TYR D 10 -22.92 49.29 -16.91
C TYR D 10 -24.21 49.51 -17.67
N GLY D 11 -24.23 50.38 -18.68
CA GLY D 11 -25.40 50.53 -19.52
C GLY D 11 -26.42 51.48 -18.93
N ARG D 12 -27.41 51.81 -19.75
CA ARG D 12 -28.52 52.66 -19.36
C ARG D 12 -29.76 51.79 -19.20
N GLY D 13 -30.54 52.06 -18.16
CA GLY D 13 -31.79 51.37 -17.94
C GLY D 13 -32.81 52.31 -17.34
N TRP D 14 -34.02 51.80 -17.20
CA TRP D 14 -35.10 52.59 -16.65
C TRP D 14 -34.87 52.81 -15.16
N ALA D 15 -35.17 54.01 -14.69
CA ALA D 15 -35.06 54.29 -13.27
C ALA D 15 -36.18 53.58 -12.53
N PHE D 16 -35.89 53.15 -11.29
CA PHE D 16 -36.85 52.30 -10.58
C PHE D 16 -38.09 53.05 -10.12
N PRO D 17 -38.02 54.28 -9.63
CA PRO D 17 -39.21 55.12 -9.72
C PRO D 17 -39.43 55.52 -11.16
N PRO D 18 -40.44 54.95 -11.82
CA PRO D 18 -40.43 54.89 -13.29
C PRO D 18 -40.92 56.16 -13.98
N VAL D 19 -40.89 57.29 -13.27
CA VAL D 19 -41.47 58.57 -13.64
C VAL D 19 -41.15 59.02 -15.07
N PHE D 20 -42.19 59.28 -15.84
CA PHE D 20 -42.08 59.62 -17.25
C PHE D 20 -42.17 61.12 -17.43
N SER D 21 -41.37 61.66 -18.34
CA SER D 21 -41.31 63.09 -18.56
C SER D 21 -41.70 63.42 -19.99
N LEU D 22 -42.06 64.68 -20.21
CA LEU D 22 -42.56 65.10 -21.51
C LEU D 22 -41.41 65.32 -22.48
N GLU D 23 -40.26 65.74 -21.97
CA GLU D 23 -39.01 65.74 -22.71
C GLU D 23 -38.20 64.53 -22.23
N LYS D 24 -37.45 63.93 -23.17
CA LYS D 24 -36.49 62.82 -23.03
C LYS D 24 -37.16 61.49 -22.70
N GLY D 25 -38.47 61.45 -22.60
CA GLY D 25 -39.15 60.17 -22.44
C GLY D 25 -39.07 59.70 -21.01
N VAL D 26 -38.76 58.42 -20.85
CA VAL D 26 -38.63 57.83 -19.52
C VAL D 26 -37.25 58.19 -18.96
N GLU D 27 -37.19 58.51 -17.66
CA GLU D 27 -35.93 58.90 -17.05
C GLU D 27 -35.00 57.70 -16.95
N MET D 28 -33.83 57.83 -17.54
CA MET D 28 -32.89 56.73 -17.69
C MET D 28 -31.87 56.76 -16.57
N ALA D 29 -31.68 55.61 -15.93
CA ALA D 29 -30.64 55.47 -14.91
C ALA D 29 -29.35 55.08 -15.60
N GLU D 30 -28.36 55.96 -15.53
CA GLU D 30 -27.11 55.75 -16.23
C GLU D 30 -26.17 54.91 -15.38
N GLY D 31 -24.89 54.90 -15.77
CA GLY D 31 -24.01 53.77 -15.48
C GLY D 31 -23.74 53.50 -14.01
N ALA D 32 -23.26 54.51 -13.28
CA ALA D 32 -22.97 54.28 -11.87
C ALA D 32 -24.25 54.24 -11.05
N GLU D 33 -25.33 54.84 -11.56
CA GLU D 33 -26.60 54.90 -10.85
C GLU D 33 -27.55 53.78 -11.23
N ASP D 34 -27.28 53.06 -12.32
CA ASP D 34 -28.06 51.85 -12.57
C ASP D 34 -27.74 50.78 -11.56
N VAL D 35 -26.48 50.66 -11.16
CA VAL D 35 -26.05 49.57 -10.29
C VAL D 35 -26.51 49.82 -8.85
N ARG D 36 -26.65 51.07 -8.44
CA ARG D 36 -27.26 51.33 -7.14
C ARG D 36 -28.76 51.02 -7.18
N GLN D 37 -29.43 51.44 -8.25
CA GLN D 37 -30.86 51.18 -8.34
C GLN D 37 -31.15 49.73 -8.66
N SER D 38 -30.19 49.00 -9.23
CA SER D 38 -30.37 47.57 -9.42
C SER D 38 -30.32 46.83 -8.10
N LEU D 39 -29.70 47.42 -7.08
CA LEU D 39 -29.76 46.86 -5.74
C LEU D 39 -31.04 47.27 -5.04
N GLN D 40 -31.59 48.44 -5.37
CA GLN D 40 -32.83 48.87 -4.74
C GLN D 40 -34.03 48.09 -5.25
N ILE D 41 -33.96 47.56 -6.47
CA ILE D 41 -35.06 46.74 -6.97
C ILE D 41 -35.03 45.37 -6.30
N LEU D 42 -33.83 44.82 -6.09
CA LEU D 42 -33.70 43.47 -5.56
C LEU D 42 -34.13 43.40 -4.10
N PHE D 43 -33.74 44.37 -3.27
CA PHE D 43 -34.15 44.38 -1.88
C PHE D 43 -35.63 44.68 -1.72
N SER D 44 -36.26 45.27 -2.73
CA SER D 44 -37.64 45.72 -2.58
C SER D 44 -38.64 44.68 -3.04
N THR D 45 -38.22 43.73 -3.89
CA THR D 45 -39.09 42.63 -4.28
C THR D 45 -38.76 41.40 -3.44
N GLU D 46 -39.72 40.59 -3.23
CA GLU D 46 -39.62 39.34 -2.51
C GLU D 46 -39.82 38.18 -3.46
N PRO D 47 -39.21 37.02 -3.23
CA PRO D 47 -39.22 35.97 -4.25
C PRO D 47 -40.58 35.32 -4.42
N GLY D 48 -41.01 35.22 -5.68
CA GLY D 48 -42.28 34.63 -6.02
C GLY D 48 -43.26 35.55 -6.69
N GLU D 49 -43.09 36.88 -6.56
CA GLU D 49 -44.04 37.82 -7.12
C GLU D 49 -43.57 38.45 -8.43
N ARG D 50 -42.35 38.15 -8.87
CA ARG D 50 -42.05 38.31 -10.28
C ARG D 50 -42.79 37.24 -11.07
N LEU D 51 -43.06 37.53 -12.34
CA LEU D 51 -44.05 36.74 -13.07
C LEU D 51 -43.52 35.36 -13.44
N MET D 52 -42.49 35.31 -14.27
CA MET D 52 -41.93 34.03 -14.68
C MET D 52 -40.59 33.73 -14.04
N ARG D 53 -39.80 34.73 -13.69
CA ARG D 53 -38.59 34.52 -12.91
C ARG D 53 -39.06 34.31 -11.48
N GLU D 54 -39.24 33.04 -11.10
CA GLU D 54 -39.92 32.73 -9.84
C GLU D 54 -39.06 33.08 -8.64
N ASN D 55 -37.78 32.70 -8.67
CA ASN D 55 -36.88 32.96 -7.57
C ASN D 55 -36.01 34.17 -7.88
N TYR D 56 -36.60 35.35 -7.73
CA TYR D 56 -35.88 36.61 -7.86
C TYR D 56 -36.34 37.56 -6.75
N GLY D 57 -35.41 37.97 -5.91
CA GLY D 57 -35.71 38.94 -4.87
C GLY D 57 -35.18 38.47 -3.54
N CYS D 58 -34.87 39.43 -2.69
CA CYS D 58 -34.35 39.09 -1.36
C CYS D 58 -35.46 38.61 -0.46
N GLY D 59 -35.35 37.36 -0.04
CA GLY D 59 -36.23 36.81 0.97
C GLY D 59 -35.72 37.15 2.34
N LEU D 60 -35.93 38.38 2.78
CA LEU D 60 -35.78 38.67 4.20
C LEU D 60 -37.10 38.52 4.94
N ASN D 61 -38.18 38.21 4.22
CA ASN D 61 -39.46 38.02 4.86
C ASN D 61 -39.55 36.68 5.58
N ASP D 62 -38.78 35.68 5.14
CA ASP D 62 -38.93 34.36 5.73
C ASP D 62 -38.21 34.23 7.06
N PHE D 63 -37.33 35.17 7.41
CA PHE D 63 -36.88 35.30 8.80
C PHE D 63 -37.05 36.76 9.20
N MET D 64 -38.27 37.10 9.58
CA MET D 64 -38.55 38.19 10.48
C MET D 64 -39.61 37.68 11.45
N PHE D 65 -39.96 38.54 12.41
CA PHE D 65 -40.65 38.18 13.65
C PHE D 65 -39.90 37.09 14.42
N GLU D 66 -38.60 37.01 14.26
CA GLU D 66 -37.74 36.17 15.08
C GLU D 66 -36.79 37.07 15.87
N ASN D 67 -36.45 36.64 17.08
CA ASN D 67 -35.84 37.52 18.06
C ASN D 67 -34.44 37.93 17.63
N ILE D 68 -34.06 39.15 17.99
CA ILE D 68 -32.74 39.65 17.64
C ILE D 68 -31.71 39.00 18.53
N ARG D 69 -30.85 38.19 17.94
CA ARG D 69 -29.72 37.62 18.65
C ARG D 69 -28.53 37.68 17.71
N ASN D 70 -27.42 37.06 18.12
CA ASN D 70 -26.24 37.08 17.27
C ASN D 70 -26.32 35.99 16.21
N GLU D 71 -27.28 35.10 16.34
CA GLU D 71 -27.47 34.05 15.36
C GLU D 71 -28.43 34.46 14.24
N LEU D 72 -29.35 35.39 14.51
CA LEU D 72 -30.15 35.96 13.42
C LEU D 72 -29.34 36.96 12.61
N ILE D 73 -28.49 37.74 13.28
CA ILE D 73 -27.68 38.74 12.60
C ILE D 73 -26.68 38.06 11.66
N ALA D 74 -26.06 36.98 12.12
CA ALA D 74 -25.15 36.23 11.27
C ALA D 74 -25.87 35.42 10.19
N GLU D 75 -27.19 35.30 10.27
CA GLU D 75 -27.89 34.66 9.17
C GLU D 75 -28.32 35.68 8.13
N ILE D 76 -28.44 36.94 8.52
CA ILE D 76 -28.74 37.99 7.55
C ILE D 76 -27.52 38.28 6.69
N GLU D 77 -26.35 38.40 7.32
CA GLU D 77 -25.13 38.71 6.57
C GLU D 77 -24.73 37.58 5.64
N SER D 78 -25.11 36.34 5.97
CA SER D 78 -24.87 35.25 5.04
C SER D 78 -25.89 35.25 3.92
N HIS D 79 -27.14 35.59 4.22
CA HIS D 79 -28.17 35.58 3.18
C HIS D 79 -28.02 36.76 2.24
N ILE D 80 -27.65 37.93 2.79
CA ILE D 80 -27.53 39.13 1.97
C ILE D 80 -26.25 39.12 1.16
N HIS D 81 -25.34 38.18 1.40
CA HIS D 81 -24.10 38.08 0.66
C HIS D 81 -24.21 37.19 -0.55
N ASP D 82 -24.79 36.00 -0.41
CA ASP D 82 -24.91 35.13 -1.57
C ASP D 82 -26.12 35.45 -2.43
N ASN D 83 -26.89 36.47 -2.07
CA ASN D 83 -28.00 36.87 -2.91
C ASN D 83 -27.58 37.97 -3.87
N VAL D 84 -26.70 38.85 -3.43
CA VAL D 84 -26.12 39.87 -4.29
C VAL D 84 -25.16 39.23 -5.30
N LEU D 85 -24.55 38.09 -4.94
CA LEU D 85 -23.74 37.37 -5.90
C LEU D 85 -24.56 36.78 -7.05
N ARG D 86 -25.78 36.32 -6.80
CA ARG D 86 -26.55 35.71 -7.89
C ARG D 86 -27.22 36.76 -8.76
N TYR D 87 -27.82 37.78 -8.15
CA TYR D 87 -28.69 38.69 -8.87
C TYR D 87 -28.09 40.07 -9.07
N GLU D 88 -26.82 40.26 -8.74
CA GLU D 88 -26.12 41.52 -9.02
C GLU D 88 -24.70 41.21 -9.45
N PRO D 89 -24.46 41.00 -10.74
CA PRO D 89 -23.11 40.71 -11.20
C PRO D 89 -22.24 41.94 -11.30
N ARG D 90 -22.81 43.14 -11.28
CA ARG D 90 -22.04 44.36 -11.50
C ARG D 90 -21.58 45.03 -10.21
N ALA D 91 -22.12 44.64 -9.07
CA ALA D 91 -21.78 45.25 -7.79
C ALA D 91 -21.18 44.18 -6.90
N ASP D 92 -19.95 44.38 -6.46
CA ASP D 92 -19.40 43.48 -5.48
C ASP D 92 -19.57 44.06 -4.08
N MET D 93 -20.07 43.24 -3.18
CA MET D 93 -20.22 43.61 -1.79
C MET D 93 -18.84 43.70 -1.16
N THR D 94 -18.69 44.58 -0.17
CA THR D 94 -17.42 44.66 0.53
C THR D 94 -17.56 44.62 2.05
N ASP D 95 -18.73 44.96 2.60
CA ASP D 95 -18.97 44.86 4.03
C ASP D 95 -20.47 44.89 4.27
N ILE D 96 -20.91 44.14 5.28
CA ILE D 96 -22.27 44.17 5.76
C ILE D 96 -22.23 44.50 7.25
N GLN D 97 -22.99 45.50 7.66
CA GLN D 97 -23.12 45.85 9.06
C GLN D 97 -24.58 45.76 9.46
N VAL D 98 -24.90 44.81 10.34
CA VAL D 98 -26.25 44.59 10.83
C VAL D 98 -26.25 44.89 12.32
N ARG D 99 -27.10 45.83 12.72
CA ARG D 99 -27.21 46.17 14.13
C ARG D 99 -28.60 46.72 14.39
N GLN D 100 -29.07 46.60 15.61
CA GLN D 100 -30.37 47.16 15.95
C GLN D 100 -30.23 48.62 16.33
N SER D 101 -31.25 49.40 15.99
CA SER D 101 -31.17 50.84 16.11
C SER D 101 -31.17 51.26 17.57
N PRO D 102 -30.57 52.41 17.90
CA PRO D 102 -30.63 52.87 19.28
C PRO D 102 -32.00 53.38 19.69
N GLY D 103 -32.78 53.94 18.76
CA GLY D 103 -34.06 54.52 19.15
C GLY D 103 -35.10 53.46 19.47
N MET D 104 -35.53 52.72 18.45
CA MET D 104 -36.49 51.64 18.60
C MET D 104 -35.76 50.31 18.61
N GLY D 105 -36.04 49.51 19.64
CA GLY D 105 -35.26 48.30 19.85
C GLY D 105 -35.68 47.14 18.96
N ASN D 106 -36.92 47.17 18.45
CA ASN D 106 -37.38 46.05 17.62
C ASN D 106 -36.75 46.08 16.24
N THR D 107 -36.71 47.25 15.61
CA THR D 107 -36.16 47.34 14.26
C THR D 107 -34.64 47.25 14.28
N LEU D 108 -34.11 46.54 13.29
CA LEU D 108 -32.67 46.43 13.10
C LEU D 108 -32.34 46.89 11.69
N GLN D 109 -31.22 47.58 11.56
CA GLN D 109 -30.87 48.25 10.32
C GLN D 109 -29.63 47.62 9.70
N VAL D 110 -29.78 47.19 8.45
CA VAL D 110 -28.71 46.57 7.69
C VAL D 110 -28.06 47.67 6.85
N GLN D 111 -26.76 47.58 6.64
CA GLN D 111 -26.05 48.54 5.80
C GLN D 111 -25.10 47.79 4.89
N VAL D 112 -25.36 47.86 3.59
CA VAL D 112 -24.58 47.16 2.58
C VAL D 112 -23.61 48.14 1.98
N MET D 113 -22.32 47.85 2.09
CA MET D 113 -21.28 48.61 1.42
C MET D 113 -20.81 47.85 0.18
N TYR D 114 -20.79 48.53 -0.95
CA TYR D 114 -20.50 47.86 -2.20
C TYR D 114 -19.56 48.72 -3.04
N ARG D 115 -18.72 48.06 -3.83
CA ARG D 115 -18.01 48.70 -4.92
C ARG D 115 -18.52 48.14 -6.23
N LEU D 116 -18.35 48.92 -7.29
CA LEU D 116 -18.66 48.43 -8.63
C LEU D 116 -17.47 47.65 -9.16
N ARG D 117 -17.74 46.66 -10.02
CA ARG D 117 -16.66 45.85 -10.53
C ARG D 117 -15.91 46.62 -11.61
N GLY D 118 -14.63 46.31 -11.74
CA GLY D 118 -13.81 46.85 -12.81
C GLY D 118 -13.39 48.31 -12.67
N SER D 119 -13.98 49.06 -11.75
CA SER D 119 -13.73 50.48 -11.71
C SER D 119 -13.60 50.95 -10.27
N ASP D 120 -12.63 51.82 -10.03
CA ASP D 120 -12.46 52.51 -8.75
C ASP D 120 -12.55 54.00 -9.03
N ILE D 121 -13.78 54.49 -9.13
CA ILE D 121 -14.06 55.88 -9.43
C ILE D 121 -15.13 56.33 -8.46
N ASN D 122 -14.79 57.29 -7.61
CA ASN D 122 -15.75 57.83 -6.66
C ASN D 122 -16.83 58.63 -7.37
N GLN D 123 -17.99 58.73 -6.75
CA GLN D 123 -18.98 59.69 -7.19
C GLN D 123 -18.67 61.05 -6.59
N GLN D 124 -18.81 62.10 -7.41
CA GLN D 124 -18.37 63.42 -6.97
C GLN D 124 -19.31 64.00 -5.92
N ILE D 125 -20.59 64.12 -6.23
CA ILE D 125 -21.60 64.54 -5.28
C ILE D 125 -22.85 63.71 -5.53
N GLN D 126 -23.88 63.94 -4.72
CA GLN D 126 -25.12 63.19 -4.87
C GLN D 126 -25.88 63.67 -6.11
N GLY D 127 -26.77 62.81 -6.61
CA GLY D 127 -27.56 63.14 -7.77
C GLY D 127 -28.06 61.88 -8.45
N VAL D 128 -29.12 62.07 -9.24
CA VAL D 128 -29.93 61.05 -9.96
C VAL D 128 -30.06 59.70 -9.27
N GLU E 2 -65.45 14.60 -2.76
CA GLU E 2 -65.84 13.36 -3.40
C GLU E 2 -65.86 13.57 -4.90
N ASN E 3 -64.70 13.89 -5.47
CA ASN E 3 -64.61 14.42 -6.82
C ASN E 3 -64.12 13.40 -7.83
N GLN E 4 -64.09 13.83 -9.08
CA GLN E 4 -63.65 13.00 -10.19
C GLN E 4 -62.15 13.07 -10.40
N ILE E 5 -61.45 13.94 -9.67
CA ILE E 5 -60.03 14.14 -9.92
C ILE E 5 -59.22 12.98 -9.32
N LEU E 6 -59.57 12.57 -8.10
CA LEU E 6 -58.83 11.51 -7.43
C LEU E 6 -59.08 10.14 -8.05
N THR E 7 -60.18 9.98 -8.79
CA THR E 7 -60.40 8.78 -9.58
C THR E 7 -59.34 8.64 -10.67
N GLN E 8 -58.87 9.75 -11.22
CA GLN E 8 -57.86 9.72 -12.27
C GLN E 8 -56.48 9.34 -11.76
N LEU E 9 -56.25 9.40 -10.45
CA LEU E 9 -54.96 9.00 -9.92
C LEU E 9 -54.93 7.54 -9.49
N TYR E 10 -56.06 7.01 -9.01
CA TYR E 10 -56.10 5.70 -8.40
C TYR E 10 -57.04 4.71 -9.06
N GLY E 11 -57.94 5.16 -9.92
CA GLY E 11 -58.78 4.26 -10.67
C GLY E 11 -60.02 3.81 -9.90
N ARG E 12 -60.91 3.15 -10.63
CA ARG E 12 -62.13 2.61 -10.06
C ARG E 12 -61.99 1.09 -9.96
N GLY E 13 -62.43 0.53 -8.85
CA GLY E 13 -62.45 -0.91 -8.67
C GLY E 13 -63.66 -1.34 -7.88
N TRP E 14 -63.81 -2.64 -7.76
CA TRP E 14 -64.95 -3.21 -7.04
C TRP E 14 -64.79 -2.94 -5.55
N ALA E 15 -65.90 -2.61 -4.91
CA ALA E 15 -65.86 -2.42 -3.46
C ALA E 15 -65.70 -3.77 -2.78
N PHE E 16 -65.00 -3.76 -1.63
CA PHE E 16 -64.64 -5.04 -1.01
C PHE E 16 -65.83 -5.75 -0.38
N PRO E 17 -66.78 -5.10 0.28
CA PRO E 17 -68.10 -5.71 0.37
C PRO E 17 -68.76 -5.66 -0.98
N PRO E 18 -68.89 -6.80 -1.67
CA PRO E 18 -69.05 -6.78 -3.12
C PRO E 18 -70.47 -6.54 -3.59
N VAL E 19 -71.33 -5.97 -2.74
CA VAL E 19 -72.77 -5.82 -2.88
C VAL E 19 -73.20 -5.27 -4.24
N PHE E 20 -74.06 -6.02 -4.92
CA PHE E 20 -74.51 -5.72 -6.26
C PHE E 20 -75.87 -5.04 -6.22
N SER E 21 -76.06 -4.06 -7.08
CA SER E 21 -77.29 -3.28 -7.10
C SER E 21 -77.98 -3.41 -8.44
N LEU E 22 -79.27 -3.09 -8.45
CA LEU E 22 -80.08 -3.27 -9.65
C LEU E 22 -79.84 -2.13 -10.64
N GLU E 23 -79.54 -0.95 -10.13
CA GLU E 23 -79.02 0.16 -10.92
C GLU E 23 -77.53 0.25 -10.68
N LYS E 24 -76.77 0.62 -11.72
CA LYS E 24 -75.34 0.89 -11.79
C LYS E 24 -74.47 -0.35 -11.63
N GLY E 25 -75.09 -1.52 -11.47
CA GLY E 25 -74.31 -2.75 -11.46
C GLY E 25 -73.65 -2.96 -10.12
N VAL E 26 -72.38 -3.33 -10.16
CA VAL E 26 -71.61 -3.55 -8.94
C VAL E 26 -71.14 -2.20 -8.41
N GLU E 27 -71.19 -2.03 -7.09
CA GLU E 27 -70.80 -0.76 -6.48
C GLU E 27 -69.30 -0.56 -6.60
N MET E 28 -68.92 0.54 -7.23
CA MET E 28 -67.54 0.81 -7.59
C MET E 28 -66.87 1.67 -6.52
N ALA E 29 -65.70 1.24 -6.06
CA ALA E 29 -64.91 2.03 -5.14
C ALA E 29 -64.05 2.98 -5.93
N GLU E 30 -64.29 4.27 -5.79
CA GLU E 30 -63.59 5.28 -6.58
C GLU E 30 -62.28 5.65 -5.91
N GLY E 31 -61.69 6.76 -6.36
CA GLY E 31 -60.24 6.95 -6.28
C GLY E 31 -59.66 7.01 -4.88
N ALA E 32 -60.17 7.90 -4.04
CA ALA E 32 -59.62 7.99 -2.68
C ALA E 32 -60.09 6.84 -1.81
N GLU E 33 -61.22 6.23 -2.18
CA GLU E 33 -61.80 5.14 -1.41
C GLU E 33 -61.38 3.76 -1.90
N ASP E 34 -60.79 3.67 -3.09
CA ASP E 34 -60.19 2.41 -3.49
C ASP E 34 -58.96 2.11 -2.65
N VAL E 35 -58.17 3.14 -2.34
CA VAL E 35 -56.90 2.94 -1.66
C VAL E 35 -57.10 2.62 -0.18
N ARG E 36 -58.19 3.11 0.41
CA ARG E 36 -58.52 2.67 1.76
C ARG E 36 -59.00 1.23 1.76
N GLN E 37 -59.86 0.88 0.80
CA GLN E 37 -60.38 -0.48 0.74
C GLN E 37 -59.32 -1.45 0.23
N SER E 38 -58.31 -0.97 -0.49
CA SER E 38 -57.20 -1.83 -0.87
C SER E 38 -56.34 -2.20 0.32
N LEU E 39 -56.39 -1.39 1.38
CA LEU E 39 -55.74 -1.77 2.63
C LEU E 39 -56.62 -2.69 3.45
N GLN E 40 -57.95 -2.57 3.31
CA GLN E 40 -58.83 -3.45 4.06
C GLN E 40 -58.84 -4.86 3.50
N ILE E 41 -58.53 -5.03 2.22
CA ILE E 41 -58.45 -6.37 1.66
C ILE E 41 -57.18 -7.06 2.12
N LEU E 42 -56.08 -6.31 2.19
CA LEU E 42 -54.78 -6.88 2.52
C LEU E 42 -54.72 -7.34 3.96
N PHE E 43 -55.23 -6.52 4.90
CA PHE E 43 -55.22 -6.92 6.30
C PHE E 43 -56.19 -8.06 6.57
N SER E 44 -57.15 -8.29 5.69
CA SER E 44 -58.21 -9.25 5.98
C SER E 44 -57.89 -10.63 5.42
N THR E 45 -57.00 -10.71 4.43
CA THR E 45 -56.55 -12.00 3.93
C THR E 45 -55.21 -12.36 4.55
N GLU E 46 -54.97 -13.59 4.69
CA GLU E 46 -53.74 -14.15 5.22
C GLU E 46 -52.98 -14.88 4.12
N PRO E 47 -51.66 -14.94 4.15
CA PRO E 47 -50.92 -15.44 2.99
C PRO E 47 -51.08 -16.94 2.80
N GLY E 48 -51.39 -17.32 1.57
CA GLY E 48 -51.57 -18.71 1.20
C GLY E 48 -52.95 -19.08 0.73
N GLU E 49 -53.97 -18.28 1.04
CA GLU E 49 -55.34 -18.60 0.66
C GLU E 49 -55.84 -17.85 -0.55
N ARG E 50 -55.05 -16.93 -1.10
CA ARG E 50 -55.25 -16.54 -2.48
C ARG E 50 -54.81 -17.68 -3.38
N LEU E 51 -55.39 -17.75 -4.58
CA LEU E 51 -55.32 -18.98 -5.37
C LEU E 51 -53.93 -19.19 -5.96
N MET E 52 -53.50 -18.30 -6.84
CA MET E 52 -52.20 -18.44 -7.46
C MET E 52 -51.17 -17.46 -6.94
N ARG E 53 -51.59 -16.28 -6.50
CA ARG E 53 -50.69 -15.36 -5.81
C ARG E 53 -50.51 -15.91 -4.40
N GLU E 54 -49.46 -16.73 -4.21
CA GLU E 54 -49.35 -17.50 -2.98
C GLU E 54 -49.04 -16.61 -1.79
N ASN E 55 -48.09 -15.71 -1.94
CA ASN E 55 -47.69 -14.83 -0.85
C ASN E 55 -48.35 -13.45 -1.02
N TYR E 56 -49.62 -13.38 -0.66
CA TYR E 56 -50.35 -12.12 -0.66
C TYR E 56 -51.21 -12.08 0.61
N GLY E 57 -50.99 -11.09 1.45
CA GLY E 57 -51.80 -10.90 2.63
C GLY E 57 -50.93 -10.72 3.85
N CYS E 58 -51.47 -9.99 4.83
CA CYS E 58 -50.73 -9.76 6.05
C CYS E 58 -50.73 -10.99 6.93
N GLY E 59 -49.54 -11.52 7.16
CA GLY E 59 -49.36 -12.59 8.11
C GLY E 59 -49.18 -12.02 9.49
N LEU E 60 -50.28 -11.59 10.13
CA LEU E 60 -50.24 -11.36 11.55
C LEU E 60 -50.66 -12.60 12.33
N ASN E 61 -51.03 -13.66 11.63
CA ASN E 61 -51.41 -14.89 12.30
C ASN E 61 -50.21 -15.66 12.82
N ASP E 62 -49.04 -15.49 12.20
CA ASP E 62 -47.89 -16.29 12.60
C ASP E 62 -47.23 -15.77 13.86
N PHE E 63 -47.54 -14.55 14.29
CA PHE E 63 -47.21 -14.14 15.66
C PHE E 63 -48.48 -13.56 16.28
N MET E 64 -49.32 -14.47 16.77
CA MET E 64 -50.25 -14.19 17.83
C MET E 64 -50.21 -15.39 18.77
N PHE E 65 -50.96 -15.29 19.86
CA PHE E 65 -50.81 -16.11 21.07
C PHE E 65 -49.40 -16.03 21.64
N GLU E 66 -48.69 -14.93 21.40
CA GLU E 66 -47.44 -14.63 22.06
C GLU E 66 -47.61 -13.39 22.90
N ASN E 67 -46.89 -13.34 24.01
CA ASN E 67 -47.19 -12.40 25.08
C ASN E 67 -46.91 -10.97 24.66
N ILE E 68 -47.71 -10.04 25.17
CA ILE E 68 -47.54 -8.65 24.82
C ILE E 68 -46.32 -8.10 25.56
N ARG E 69 -45.30 -7.74 24.81
CA ARG E 69 -44.14 -7.07 25.38
C ARG E 69 -43.74 -5.98 24.40
N ASN E 70 -42.60 -5.34 24.66
CA ASN E 70 -42.16 -4.28 23.75
C ASN E 70 -41.43 -4.87 22.55
N GLU E 71 -41.12 -6.15 22.60
CA GLU E 71 -40.46 -6.81 21.49
C GLU E 71 -41.46 -7.39 20.49
N LEU E 72 -42.68 -7.74 20.94
CA LEU E 72 -43.73 -8.12 20.00
C LEU E 72 -44.29 -6.89 19.30
N ILE E 73 -44.44 -5.79 20.02
CA ILE E 73 -44.99 -4.56 19.45
C ILE E 73 -44.06 -4.01 18.39
N ALA E 74 -42.75 -4.03 18.65
CA ALA E 74 -41.79 -3.59 17.65
C ALA E 74 -41.62 -4.58 16.50
N GLU E 75 -42.17 -5.79 16.62
CA GLU E 75 -42.13 -6.68 15.48
C GLU E 75 -43.37 -6.52 14.62
N ILE E 76 -44.46 -6.00 15.20
CA ILE E 76 -45.64 -5.71 14.42
C ILE E 76 -45.41 -4.49 13.54
N GLU E 77 -44.84 -3.43 14.12
CA GLU E 77 -44.61 -2.19 13.37
C GLU E 77 -43.58 -2.38 12.27
N SER E 78 -42.67 -3.34 12.43
CA SER E 78 -41.76 -3.66 11.35
C SER E 78 -42.44 -4.49 10.28
N HIS E 79 -43.30 -5.42 10.69
CA HIS E 79 -43.96 -6.29 9.71
C HIS E 79 -45.04 -5.54 8.95
N ILE E 80 -45.77 -4.66 9.64
CA ILE E 80 -46.85 -3.93 9.00
C ILE E 80 -46.34 -2.80 8.14
N HIS E 81 -45.05 -2.49 8.20
CA HIS E 81 -44.45 -1.44 7.39
C HIS E 81 -43.93 -1.95 6.06
N ASP E 82 -43.17 -3.05 6.07
CA ASP E 82 -42.67 -3.56 4.80
C ASP E 82 -43.68 -4.42 4.06
N ASN E 83 -44.88 -4.58 4.59
CA ASN E 83 -45.90 -5.32 3.87
C ASN E 83 -46.79 -4.38 3.06
N VAL E 84 -47.02 -3.18 3.59
CA VAL E 84 -47.73 -2.15 2.85
C VAL E 84 -46.86 -1.60 1.73
N LEU E 85 -45.54 -1.67 1.88
CA LEU E 85 -44.66 -1.29 0.77
C LEU E 85 -44.75 -2.26 -0.40
N ARG E 86 -44.91 -3.56 -0.16
CA ARG E 86 -44.95 -4.49 -1.28
C ARG E 86 -46.30 -4.52 -1.95
N TYR E 87 -47.38 -4.56 -1.17
CA TYR E 87 -48.71 -4.84 -1.71
C TYR E 87 -49.61 -3.61 -1.74
N GLU E 88 -49.10 -2.43 -1.44
CA GLU E 88 -49.86 -1.19 -1.58
C GLU E 88 -48.96 -0.10 -2.12
N PRO E 89 -48.86 0.04 -3.43
CA PRO E 89 -48.00 1.08 -3.99
C PRO E 89 -48.63 2.46 -3.96
N ARG E 90 -49.94 2.56 -3.74
CA ARG E 90 -50.63 3.84 -3.81
C ARG E 90 -50.77 4.53 -2.47
N ALA E 91 -50.55 3.83 -1.37
CA ALA E 91 -50.70 4.39 -0.04
C ALA E 91 -49.36 4.35 0.65
N ASP E 92 -48.84 5.51 1.05
CA ASP E 92 -47.65 5.51 1.88
C ASP E 92 -48.03 5.61 3.35
N MET E 93 -47.43 4.74 4.14
CA MET E 93 -47.62 4.75 5.57
C MET E 93 -46.92 5.97 6.14
N THR E 94 -47.44 6.51 7.24
CA THR E 94 -46.76 7.63 7.87
C THR E 94 -46.58 7.45 9.38
N ASP E 95 -47.36 6.59 10.03
CA ASP E 95 -47.18 6.28 11.44
C ASP E 95 -47.91 4.99 11.76
N ILE E 96 -47.33 4.21 12.66
CA ILE E 96 -47.97 3.02 13.23
C ILE E 96 -48.01 3.19 14.73
N GLN E 97 -49.18 3.02 15.32
CA GLN E 97 -49.33 3.04 16.77
C GLN E 97 -49.91 1.72 17.23
N VAL E 98 -49.13 0.95 17.97
CA VAL E 98 -49.54 -0.35 18.49
C VAL E 98 -49.58 -0.24 20.00
N ARG E 99 -50.73 -0.53 20.59
CA ARG E 99 -50.87 -0.49 22.04
C ARG E 99 -52.00 -1.42 22.43
N GLN E 100 -51.94 -1.93 23.65
CA GLN E 100 -53.01 -2.79 24.13
C GLN E 100 -54.13 -1.94 24.71
N SER E 101 -55.36 -2.43 24.54
CA SER E 101 -56.53 -1.64 24.86
C SER E 101 -56.67 -1.47 26.37
N PRO E 102 -57.31 -0.40 26.83
CA PRO E 102 -57.52 -0.26 28.28
C PRO E 102 -58.57 -1.20 28.83
N GLY E 103 -59.58 -1.57 28.03
CA GLY E 103 -60.65 -2.40 28.55
C GLY E 103 -60.23 -3.84 28.77
N MET E 104 -59.95 -4.54 27.68
CA MET E 104 -59.49 -5.93 27.71
C MET E 104 -57.99 -5.96 27.49
N GLY E 105 -57.28 -6.63 28.40
CA GLY E 105 -55.83 -6.57 28.39
C GLY E 105 -55.19 -7.48 27.37
N ASN E 106 -55.91 -8.52 26.94
CA ASN E 106 -55.30 -9.46 25.98
C ASN E 106 -55.23 -8.85 24.58
N THR E 107 -56.30 -8.22 24.13
CA THR E 107 -56.30 -7.66 22.79
C THR E 107 -55.46 -6.39 22.71
N LEU E 108 -54.75 -6.26 21.60
CA LEU E 108 -53.96 -5.06 21.33
C LEU E 108 -54.41 -4.50 19.99
N GLN E 109 -54.45 -3.18 19.90
CA GLN E 109 -55.05 -2.50 18.75
C GLN E 109 -53.99 -1.73 17.98
N VAL E 110 -53.88 -2.03 16.69
CA VAL E 110 -52.94 -1.40 15.79
C VAL E 110 -53.67 -0.26 15.11
N GLN E 111 -52.99 0.83 14.81
CA GLN E 111 -53.58 1.94 14.09
C GLN E 111 -52.61 2.42 13.03
N VAL E 112 -52.98 2.26 11.77
CA VAL E 112 -52.15 2.63 10.64
C VAL E 112 -52.60 3.98 10.13
N MET E 113 -51.69 4.94 10.12
CA MET E 113 -51.93 6.24 9.52
C MET E 113 -51.23 6.29 8.18
N TYR E 114 -51.97 6.70 7.15
CA TYR E 114 -51.45 6.64 5.80
C TYR E 114 -51.83 7.92 5.05
N ARG E 115 -50.98 8.33 4.13
CA ARG E 115 -51.33 9.31 3.12
C ARG E 115 -51.31 8.61 1.76
N LEU E 116 -52.04 9.18 0.81
CA LEU E 116 -52.00 8.72 -0.55
C LEU E 116 -50.80 9.36 -1.25
N ARG E 117 -50.24 8.66 -2.23
CA ARG E 117 -49.08 9.21 -2.92
C ARG E 117 -49.52 10.28 -3.91
N GLY E 118 -48.64 11.24 -4.15
CA GLY E 118 -48.86 12.25 -5.16
C GLY E 118 -49.86 13.33 -4.83
N SER E 119 -50.67 13.17 -3.78
CA SER E 119 -51.76 14.10 -3.54
C SER E 119 -51.87 14.39 -2.06
N ASP E 120 -52.09 15.67 -1.75
CA ASP E 120 -52.40 16.13 -0.40
C ASP E 120 -53.76 16.80 -0.46
N ILE E 121 -54.81 15.98 -0.41
CA ILE E 121 -56.18 16.44 -0.50
C ILE E 121 -56.94 15.71 0.59
N ASN E 122 -57.48 16.46 1.55
CA ASN E 122 -58.26 15.88 2.61
C ASN E 122 -59.60 15.36 2.08
N GLN E 123 -60.17 14.38 2.78
CA GLN E 123 -61.54 14.02 2.52
C GLN E 123 -62.46 14.95 3.29
N GLN E 124 -63.54 15.37 2.65
CA GLN E 124 -64.38 16.41 3.25
C GLN E 124 -65.19 15.86 4.42
N ILE E 125 -65.98 14.81 4.18
CA ILE E 125 -66.71 14.12 5.25
C ILE E 125 -66.66 12.62 4.94
N GLN E 126 -67.24 11.82 5.82
CA GLN E 126 -67.25 10.38 5.62
C GLN E 126 -68.22 9.99 4.52
N GLY E 127 -68.00 8.82 3.95
CA GLY E 127 -68.85 8.33 2.87
C GLY E 127 -68.12 7.29 2.06
N VAL E 128 -68.93 6.49 1.34
CA VAL E 128 -68.57 5.30 0.53
C VAL E 128 -67.38 4.48 1.03
N GLU F 2 -45.78 -48.92 2.78
CA GLU F 2 -45.01 -49.86 1.98
C GLU F 2 -45.42 -49.73 0.53
N ASN F 3 -45.18 -48.56 -0.05
CA ASN F 3 -45.80 -48.17 -1.31
C ASN F 3 -44.83 -48.24 -2.48
N GLN F 4 -45.37 -47.97 -3.67
CA GLN F 4 -44.60 -47.97 -4.90
C GLN F 4 -43.93 -46.63 -5.18
N ILE F 5 -44.21 -45.62 -4.37
CA ILE F 5 -43.69 -44.29 -4.65
C ILE F 5 -42.22 -44.20 -4.27
N LEU F 6 -41.86 -44.74 -3.10
CA LEU F 6 -40.49 -44.66 -2.63
C LEU F 6 -39.54 -45.56 -3.42
N THR F 7 -40.07 -46.56 -4.12
CA THR F 7 -39.28 -47.34 -5.06
C THR F 7 -38.78 -46.47 -6.20
N GLN F 8 -39.57 -45.49 -6.62
CA GLN F 8 -39.19 -44.61 -7.72
C GLN F 8 -38.09 -43.63 -7.34
N LEU F 9 -37.83 -43.43 -6.05
CA LEU F 9 -36.76 -42.54 -5.65
C LEU F 9 -35.45 -43.27 -5.42
N TYR F 10 -35.50 -44.52 -4.97
CA TYR F 10 -34.30 -45.23 -4.55
C TYR F 10 -34.04 -46.53 -5.29
N GLY F 11 -35.01 -47.06 -6.02
CA GLY F 11 -34.78 -48.22 -6.86
C GLY F 11 -34.91 -49.52 -6.10
N ARG F 12 -34.91 -50.61 -6.85
CA ARG F 12 -34.97 -51.96 -6.30
C ARG F 12 -33.61 -52.60 -6.43
N GLY F 13 -33.19 -53.31 -5.38
CA GLY F 13 -31.95 -54.04 -5.41
C GLY F 13 -32.08 -55.34 -4.62
N TRP F 14 -31.02 -56.14 -4.69
CA TRP F 14 -31.03 -57.41 -4.00
C TRP F 14 -30.95 -57.18 -2.50
N ALA F 15 -31.69 -57.98 -1.74
CA ALA F 15 -31.63 -57.90 -0.30
C ALA F 15 -30.30 -58.46 0.19
N PHE F 16 -29.78 -57.89 1.29
CA PHE F 16 -28.41 -58.24 1.70
C PHE F 16 -28.32 -59.64 2.28
N PRO F 17 -29.26 -60.15 3.07
CA PRO F 17 -29.40 -61.59 3.15
C PRO F 17 -29.98 -62.10 1.86
N PRO F 18 -29.17 -62.77 1.02
CA PRO F 18 -29.48 -62.86 -0.40
C PRO F 18 -30.47 -63.95 -0.77
N VAL F 19 -31.27 -64.41 0.21
CA VAL F 19 -32.15 -65.58 0.17
C VAL F 19 -33.03 -65.65 -1.08
N PHE F 20 -32.92 -66.75 -1.82
CA PHE F 20 -33.61 -66.94 -3.08
C PHE F 20 -34.86 -67.77 -2.87
N SER F 21 -35.92 -67.41 -3.57
CA SER F 21 -37.21 -68.07 -3.41
C SER F 21 -37.64 -68.69 -4.73
N LEU F 22 -38.57 -69.65 -4.63
CA LEU F 22 -39.01 -70.39 -5.80
C LEU F 22 -39.99 -69.58 -6.63
N GLU F 23 -40.78 -68.74 -5.97
CA GLU F 23 -41.58 -67.72 -6.63
C GLU F 23 -40.85 -66.39 -6.44
N LYS F 24 -40.95 -65.53 -7.47
CA LYS F 24 -40.45 -64.14 -7.57
C LYS F 24 -38.94 -64.05 -7.63
N GLY F 25 -38.23 -65.17 -7.61
CA GLY F 25 -36.79 -65.12 -7.82
C GLY F 25 -36.08 -64.69 -6.55
N VAL F 26 -35.12 -63.79 -6.70
CA VAL F 26 -34.37 -63.26 -5.57
C VAL F 26 -35.21 -62.20 -4.88
N GLU F 27 -35.18 -62.18 -3.55
CA GLU F 27 -35.97 -61.23 -2.78
C GLU F 27 -35.41 -59.83 -2.95
N MET F 28 -36.24 -58.92 -3.45
CA MET F 28 -35.82 -57.59 -3.83
C MET F 28 -36.07 -56.61 -2.69
N ALA F 29 -35.04 -55.83 -2.36
CA ALA F 29 -35.18 -54.77 -1.37
C ALA F 29 -35.66 -53.52 -2.08
N GLU F 30 -36.86 -53.08 -1.74
CA GLU F 30 -37.48 -51.95 -2.42
C GLU F 30 -37.03 -50.64 -1.76
N GLY F 31 -37.75 -49.56 -2.08
CA GLY F 31 -37.16 -48.23 -2.06
C GLY F 31 -36.71 -47.73 -0.69
N ALA F 32 -37.60 -47.73 0.29
CA ALA F 32 -37.20 -47.25 1.61
C ALA F 32 -36.34 -48.27 2.34
N GLU F 33 -36.43 -49.54 1.94
CA GLU F 33 -35.69 -50.61 2.58
C GLU F 33 -34.38 -50.93 1.88
N ASP F 34 -34.17 -50.44 0.66
CA ASP F 34 -32.85 -50.56 0.07
C ASP F 34 -31.86 -49.67 0.78
N VAL F 35 -32.29 -48.47 1.20
CA VAL F 35 -31.37 -47.50 1.77
C VAL F 35 -30.99 -47.89 3.20
N ARG F 36 -31.87 -48.59 3.92
CA ARG F 36 -31.47 -49.13 5.21
C ARG F 36 -30.49 -50.28 5.02
N GLN F 37 -30.76 -51.17 4.07
CA GLN F 37 -29.88 -52.30 3.85
C GLN F 37 -28.59 -51.87 3.16
N SER F 38 -28.61 -50.73 2.46
CA SER F 38 -27.36 -50.22 1.90
C SER F 38 -26.44 -49.69 2.98
N LEU F 39 -26.98 -49.35 4.15
CA LEU F 39 -26.16 -49.01 5.29
C LEU F 39 -25.70 -50.26 6.02
N GLN F 40 -26.49 -51.34 5.97
CA GLN F 40 -26.08 -52.57 6.64
C GLN F 40 -24.97 -53.27 5.89
N ILE F 41 -24.86 -53.07 4.58
CA ILE F 41 -23.76 -53.66 3.83
C ILE F 41 -22.46 -52.92 4.12
N LEU F 42 -22.54 -51.60 4.24
CA LEU F 42 -21.35 -50.78 4.42
C LEU F 42 -20.71 -50.99 5.78
N PHE F 43 -21.52 -51.04 6.84
CA PHE F 43 -20.98 -51.29 8.17
C PHE F 43 -20.46 -52.70 8.34
N SER F 44 -20.89 -53.63 7.49
CA SER F 44 -20.55 -55.02 7.68
C SER F 44 -19.30 -55.44 6.92
N THR F 45 -18.93 -54.69 5.88
CA THR F 45 -17.68 -54.94 5.18
C THR F 45 -16.61 -53.99 5.68
N GLU F 46 -15.41 -54.41 5.63
CA GLU F 46 -14.24 -53.65 6.01
C GLU F 46 -13.41 -53.34 4.78
N PRO F 47 -12.68 -52.23 4.74
CA PRO F 47 -12.05 -51.82 3.47
C PRO F 47 -10.88 -52.70 3.09
N GLY F 48 -10.89 -53.14 1.84
CA GLY F 48 -9.85 -53.99 1.30
C GLY F 48 -10.32 -55.35 0.84
N GLU F 49 -11.47 -55.83 1.31
CA GLU F 49 -11.93 -57.16 0.97
C GLU F 49 -13.01 -57.18 -0.11
N ARG F 50 -13.47 -56.02 -0.55
CA ARG F 50 -14.11 -55.96 -1.86
C ARG F 50 -13.05 -56.14 -2.93
N LEU F 51 -13.46 -56.64 -4.09
CA LEU F 51 -12.49 -57.18 -5.04
C LEU F 51 -11.70 -56.08 -5.75
N MET F 52 -12.37 -55.23 -6.51
CA MET F 52 -11.68 -54.16 -7.20
C MET F 52 -11.92 -52.79 -6.60
N ARG F 53 -13.07 -52.56 -5.98
CA ARG F 53 -13.29 -51.34 -5.22
C ARG F 53 -12.53 -51.51 -3.91
N GLU F 54 -11.28 -51.03 -3.89
CA GLU F 54 -10.37 -51.35 -2.79
C GLU F 54 -10.80 -50.67 -1.50
N ASN F 55 -11.11 -49.38 -1.57
CA ASN F 55 -11.50 -48.62 -0.39
C ASN F 55 -13.02 -48.48 -0.33
N TYR F 56 -13.68 -49.56 0.09
CA TYR F 56 -15.12 -49.54 0.31
C TYR F 56 -15.40 -50.31 1.61
N GLY F 57 -16.00 -49.63 2.58
CA GLY F 57 -16.40 -50.26 3.81
C GLY F 57 -15.94 -49.46 5.00
N CYS F 58 -16.69 -49.58 6.09
CA CYS F 58 -16.33 -48.85 7.29
C CYS F 58 -15.16 -49.49 8.00
N GLY F 59 -14.07 -48.75 8.09
CA GLY F 59 -12.93 -49.17 8.86
C GLY F 59 -13.12 -48.76 10.31
N LEU F 60 -13.94 -49.50 11.05
CA LEU F 60 -13.90 -49.39 12.49
C LEU F 60 -12.95 -50.40 13.10
N ASN F 61 -12.34 -51.24 12.28
CA ASN F 61 -11.39 -52.22 12.80
C ASN F 61 -10.06 -51.58 13.14
N ASP F 62 -9.70 -50.47 12.48
CA ASP F 62 -8.37 -49.91 12.71
C ASP F 62 -8.29 -49.10 13.99
N PHE F 63 -9.42 -48.76 14.61
CA PHE F 63 -9.42 -48.31 16.00
C PHE F 63 -10.45 -49.12 16.77
N MET F 64 -10.03 -50.31 17.16
CA MET F 64 -10.59 -51.01 18.30
C MET F 64 -9.42 -51.60 19.05
N PHE F 65 -9.71 -52.24 20.19
CA PHE F 65 -8.76 -52.55 21.26
C PHE F 65 -8.03 -51.31 21.76
N GLU F 66 -8.65 -50.14 21.64
CA GLU F 66 -8.17 -48.92 22.27
C GLU F 66 -9.19 -48.46 23.28
N ASN F 67 -8.69 -47.85 24.36
CA ASN F 67 -9.50 -47.66 25.56
C ASN F 67 -10.63 -46.67 25.33
N ILE F 68 -11.74 -46.91 26.00
CA ILE F 68 -12.90 -46.03 25.84
C ILE F 68 -12.64 -44.74 26.60
N ARG F 69 -12.54 -43.64 25.85
CA ARG F 69 -12.44 -42.33 26.43
C ARG F 69 -13.31 -41.40 25.61
N ASN F 70 -13.24 -40.10 25.89
CA ASN F 70 -14.04 -39.16 25.12
C ASN F 70 -13.36 -38.80 23.82
N GLU F 71 -12.09 -39.18 23.67
CA GLU F 71 -11.36 -38.93 22.44
C GLU F 71 -11.53 -40.06 21.43
N LEU F 72 -11.78 -41.29 21.88
CA LEU F 72 -12.13 -42.36 20.95
C LEU F 72 -13.56 -42.22 20.46
N ILE F 73 -14.46 -41.79 21.35
CA ILE F 73 -15.86 -41.63 20.98
C ILE F 73 -16.02 -40.52 19.96
N ALA F 74 -15.31 -39.41 20.14
CA ALA F 74 -15.34 -38.33 19.16
C ALA F 74 -14.58 -38.66 17.89
N GLU F 75 -13.82 -39.74 17.86
CA GLU F 75 -13.20 -40.14 16.61
C GLU F 75 -14.09 -41.10 15.85
N ILE F 76 -15.01 -41.78 16.54
CA ILE F 76 -15.97 -42.64 15.87
C ILE F 76 -17.02 -41.80 15.17
N GLU F 77 -17.55 -40.78 15.86
CA GLU F 77 -18.58 -39.94 15.28
C GLU F 77 -18.07 -39.12 14.10
N SER F 78 -16.77 -38.83 14.09
CA SER F 78 -16.20 -38.17 12.93
C SER F 78 -15.98 -39.15 11.79
N HIS F 79 -15.57 -40.38 12.10
CA HIS F 79 -15.31 -41.36 11.05
C HIS F 79 -16.61 -41.88 10.46
N ILE F 80 -17.62 -42.09 11.31
CA ILE F 80 -18.89 -42.63 10.84
C ILE F 80 -19.72 -41.59 10.11
N HIS F 81 -19.32 -40.33 10.15
CA HIS F 81 -20.03 -39.26 9.46
C HIS F 81 -19.52 -39.03 8.06
N ASP F 82 -18.21 -38.94 7.86
CA ASP F 82 -17.70 -38.72 6.51
C ASP F 82 -17.60 -40.02 5.72
N ASN F 83 -17.99 -41.14 6.28
CA ASN F 83 -17.98 -42.37 5.52
C ASN F 83 -19.34 -42.64 4.89
N VAL F 84 -20.41 -42.25 5.59
CA VAL F 84 -21.75 -42.32 5.04
C VAL F 84 -21.93 -41.27 3.96
N LEU F 85 -21.19 -40.16 4.03
CA LEU F 85 -21.23 -39.19 2.95
C LEU F 85 -20.62 -39.72 1.66
N ARG F 86 -19.57 -40.52 1.73
CA ARG F 86 -18.96 -41.00 0.49
C ARG F 86 -19.72 -42.17 -0.11
N TYR F 87 -20.11 -43.14 0.71
CA TYR F 87 -20.63 -44.40 0.21
C TYR F 87 -22.13 -44.56 0.40
N GLU F 88 -22.84 -43.52 0.82
CA GLU F 88 -24.29 -43.55 0.91
C GLU F 88 -24.84 -42.20 0.49
N PRO F 89 -25.11 -42.01 -0.80
CA PRO F 89 -25.64 -40.72 -1.26
C PRO F 89 -27.12 -40.57 -1.00
N ARG F 90 -27.84 -41.65 -0.69
CA ARG F 90 -29.29 -41.59 -0.56
C ARG F 90 -29.75 -41.40 0.87
N ALA F 91 -28.87 -41.59 1.85
CA ALA F 91 -29.23 -41.47 3.26
C ALA F 91 -28.41 -40.35 3.87
N ASP F 92 -29.08 -39.34 4.40
CA ASP F 92 -28.35 -38.33 5.15
C ASP F 92 -28.42 -38.64 6.64
N MET F 93 -27.26 -38.60 7.26
CA MET F 93 -27.16 -38.79 8.71
C MET F 93 -27.76 -37.58 9.39
N THR F 94 -28.32 -37.78 10.58
CA THR F 94 -28.83 -36.65 11.33
C THR F 94 -28.36 -36.62 12.79
N ASP F 95 -27.93 -37.75 13.34
CA ASP F 95 -27.37 -37.79 14.69
C ASP F 95 -26.60 -39.09 14.87
N ILE F 96 -25.51 -39.02 15.62
CA ILE F 96 -24.74 -40.18 16.05
C ILE F 96 -24.68 -40.16 17.55
N GLN F 97 -25.04 -41.28 18.18
CA GLN F 97 -24.92 -41.44 19.62
C GLN F 97 -24.03 -42.62 19.92
N VAL F 98 -22.86 -42.35 20.50
CA VAL F 98 -21.89 -43.38 20.86
C VAL F 98 -21.78 -43.40 22.37
N ARG F 99 -22.04 -44.56 22.96
CA ARG F 99 -21.93 -44.69 24.41
C ARG F 99 -21.64 -46.15 24.73
N GLN F 100 -21.01 -46.39 25.86
CA GLN F 100 -20.74 -47.76 26.27
C GLN F 100 -21.94 -48.31 27.02
N SER F 101 -22.18 -49.60 26.85
CA SER F 101 -23.40 -50.23 27.33
C SER F 101 -23.39 -50.31 28.86
N PRO F 102 -24.56 -50.31 29.50
CA PRO F 102 -24.57 -50.47 30.96
C PRO F 102 -24.22 -51.87 31.42
N GLY F 103 -24.54 -52.90 30.63
CA GLY F 103 -24.30 -54.26 31.09
C GLY F 103 -22.83 -54.63 31.07
N MET F 104 -22.24 -54.73 29.88
CA MET F 104 -20.84 -55.03 29.71
C MET F 104 -20.08 -53.74 29.41
N GLY F 105 -19.02 -53.50 30.18
CA GLY F 105 -18.33 -52.23 30.10
C GLY F 105 -17.39 -52.11 28.93
N ASN F 106 -16.92 -53.24 28.39
CA ASN F 106 -15.97 -53.18 27.28
C ASN F 106 -16.65 -52.76 25.99
N THR F 107 -17.80 -53.35 25.67
CA THR F 107 -18.47 -53.04 24.42
C THR F 107 -19.14 -51.66 24.48
N LEU F 108 -19.06 -50.95 23.36
CA LEU F 108 -19.71 -49.66 23.22
C LEU F 108 -20.61 -49.73 22.01
N GLN F 109 -21.77 -49.09 22.11
CA GLN F 109 -22.81 -49.23 21.10
C GLN F 109 -23.04 -47.90 20.39
N VAL F 110 -22.93 -47.93 19.07
CA VAL F 110 -23.11 -46.77 18.22
C VAL F 110 -24.56 -46.81 17.73
N GLN F 111 -25.17 -45.65 17.56
CA GLN F 111 -26.54 -45.57 17.03
C GLN F 111 -26.61 -44.46 16.00
N VAL F 112 -26.85 -44.84 14.75
CA VAL F 112 -26.89 -43.91 13.63
C VAL F 112 -28.35 -43.59 13.35
N MET F 113 -28.71 -42.32 13.43
CA MET F 113 -30.02 -41.85 13.03
C MET F 113 -29.92 -41.18 11.68
N TYR F 114 -30.79 -41.59 10.75
CA TYR F 114 -30.67 -41.12 9.39
C TYR F 114 -32.06 -40.80 8.85
N ARG F 115 -32.11 -39.82 7.95
CA ARG F 115 -33.26 -39.61 7.10
C ARG F 115 -32.87 -39.90 5.66
N LEU F 116 -33.87 -40.22 4.84
CA LEU F 116 -33.64 -40.37 3.42
C LEU F 116 -33.69 -39.01 2.76
N ARG F 117 -32.96 -38.85 1.67
CA ARG F 117 -32.93 -37.55 1.01
C ARG F 117 -34.21 -37.36 0.20
N GLY F 118 -34.62 -36.11 0.05
CA GLY F 118 -35.73 -35.76 -0.80
C GLY F 118 -37.11 -36.09 -0.27
N SER F 119 -37.23 -36.88 0.79
CA SER F 119 -38.54 -37.36 1.22
C SER F 119 -38.62 -37.34 2.73
N ASP F 120 -39.77 -36.89 3.22
CA ASP F 120 -40.12 -36.96 4.64
C ASP F 120 -41.39 -37.80 4.75
N ILE F 121 -41.23 -39.12 4.73
CA ILE F 121 -42.32 -40.06 4.78
C ILE F 121 -41.93 -41.12 5.79
N ASN F 122 -42.69 -41.22 6.87
CA ASN F 122 -42.43 -42.23 7.88
C ASN F 122 -42.75 -43.61 7.35
N GLN F 123 -42.10 -44.62 7.93
CA GLN F 123 -42.53 -45.98 7.70
C GLN F 123 -43.67 -46.32 8.64
N GLN F 124 -44.68 -47.02 8.13
CA GLN F 124 -45.90 -47.25 8.90
C GLN F 124 -45.66 -48.25 10.03
N ILE F 125 -45.20 -49.45 9.69
CA ILE F 125 -44.82 -50.45 10.68
C ILE F 125 -43.58 -51.16 10.17
N GLN F 126 -43.06 -52.10 10.96
CA GLN F 126 -41.86 -52.83 10.56
C GLN F 126 -42.19 -53.83 9.45
N GLY F 127 -41.17 -54.23 8.71
CA GLY F 127 -41.34 -55.18 7.64
C GLY F 127 -40.21 -55.06 6.64
N VAL F 128 -40.04 -56.14 5.86
CA VAL F 128 -38.97 -56.42 4.88
C VAL F 128 -37.61 -55.81 5.19
N GLU G 2 13.06 52.00 -49.32
CA GLU G 2 12.56 52.73 -48.16
C GLU G 2 11.61 51.89 -47.30
N LEU G 3 12.20 51.17 -46.34
CA LEU G 3 11.52 50.35 -45.34
C LEU G 3 10.61 49.31 -45.99
N ASN G 4 11.22 48.31 -46.63
CA ASN G 4 10.48 47.33 -47.42
C ASN G 4 9.64 46.38 -46.56
N GLU G 5 9.77 46.46 -45.23
CA GLU G 5 9.01 45.57 -44.37
C GLU G 5 7.57 46.05 -44.18
N LEU G 6 7.38 47.39 -44.13
CA LEU G 6 6.04 47.94 -43.97
C LEU G 6 5.41 48.29 -45.30
N THR G 7 6.21 48.76 -46.24
CA THR G 7 5.64 49.42 -47.42
C THR G 7 5.11 48.40 -48.43
N ASN G 8 5.34 47.10 -48.21
CA ASN G 8 4.58 46.12 -48.97
C ASN G 8 3.16 46.06 -48.45
N LYS G 9 3.00 46.05 -47.13
CA LYS G 9 1.67 45.99 -46.53
C LYS G 9 0.90 47.28 -46.75
N LEU G 10 1.62 48.39 -46.86
CA LEU G 10 0.97 49.69 -46.94
C LEU G 10 0.55 50.02 -48.36
N SER G 11 1.35 49.59 -49.34
CA SER G 11 1.05 49.92 -50.74
C SER G 11 -0.10 49.09 -51.28
N ASN G 12 -0.43 47.98 -50.63
CA ASN G 12 -1.47 47.12 -51.17
C ASN G 12 -2.86 47.62 -50.81
N LEU G 13 -2.97 48.39 -49.74
CA LEU G 13 -4.28 48.87 -49.29
C LEU G 13 -4.67 50.15 -50.00
N VAL G 14 -3.75 51.10 -50.09
CA VAL G 14 -4.00 52.43 -50.64
C VAL G 14 -3.44 52.42 -52.06
N PRO G 15 -4.02 53.21 -53.00
CA PRO G 15 -3.46 53.25 -54.37
C PRO G 15 -1.99 53.65 -54.46
N MET G 16 -1.54 54.61 -53.64
CA MET G 16 -0.14 55.05 -53.58
C MET G 16 0.38 55.56 -54.93
N THR G 17 -0.14 56.71 -55.34
CA THR G 17 0.25 57.35 -56.60
C THR G 17 1.70 57.85 -56.57
N ASP G 18 2.08 58.52 -57.65
CA ASP G 18 3.49 58.87 -57.86
C ASP G 18 3.91 60.01 -56.93
N PHE G 19 2.99 60.93 -56.63
CA PHE G 19 3.35 62.12 -55.87
C PHE G 19 3.49 61.79 -54.39
N LYS G 20 4.54 62.34 -53.77
CA LYS G 20 4.82 62.16 -52.36
C LYS G 20 4.83 63.52 -51.67
N LEU G 21 4.29 63.57 -50.44
CA LEU G 21 4.33 64.81 -49.68
C LEU G 21 5.74 65.11 -49.19
N ASP G 22 6.56 64.08 -49.02
CA ASP G 22 7.96 64.25 -48.66
C ASP G 22 8.82 63.56 -49.69
N ASN G 23 9.48 64.36 -50.53
CA ASN G 23 10.57 63.91 -51.38
C ASN G 23 11.90 63.96 -50.66
N ARG G 24 11.88 64.10 -49.34
CA ARG G 24 13.08 64.18 -48.54
C ARG G 24 13.83 62.85 -48.56
N ALA G 25 14.95 62.84 -49.26
CA ALA G 25 15.81 61.68 -49.33
C ALA G 25 16.73 61.65 -48.12
N SER G 26 17.34 60.49 -47.91
CA SER G 26 18.21 60.32 -46.74
C SER G 26 19.50 61.11 -46.90
N LEU G 27 19.98 61.26 -48.13
CA LEU G 27 21.11 62.15 -48.34
C LEU G 27 20.70 63.60 -48.16
N GLN G 28 19.45 63.93 -48.50
CA GLN G 28 18.98 65.30 -48.33
C GLN G 28 18.75 65.62 -46.86
N LEU G 29 18.45 64.60 -46.05
CA LEU G 29 18.17 64.84 -44.65
C LEU G 29 19.44 65.14 -43.87
N LEU G 30 20.54 64.50 -44.22
CA LEU G 30 21.77 64.64 -43.43
C LEU G 30 22.45 65.97 -43.69
N LYS G 31 22.19 66.60 -44.84
CA LYS G 31 22.68 67.96 -45.05
C LYS G 31 21.88 68.95 -44.22
N TYR G 32 20.61 68.62 -43.94
CA TYR G 32 19.78 69.48 -43.11
C TYR G 32 20.21 69.40 -41.66
N ILE G 33 20.66 68.23 -41.22
CA ILE G 33 21.10 68.05 -39.84
C ILE G 33 22.53 68.52 -39.68
N GLU G 34 23.24 68.72 -40.79
CA GLU G 34 24.60 69.25 -40.69
C GLU G 34 24.58 70.76 -40.46
N ALA G 35 23.67 71.46 -41.14
CA ALA G 35 23.54 72.90 -40.93
C ALA G 35 22.90 73.20 -39.59
N TYR G 36 22.16 72.25 -39.03
CA TYR G 36 21.61 72.44 -37.69
C TYR G 36 22.69 72.36 -36.63
N THR G 37 23.55 71.34 -36.71
CA THR G 37 24.47 71.05 -35.63
C THR G 37 25.67 71.99 -35.62
N LYS G 38 25.89 72.71 -36.72
CA LYS G 38 27.04 73.62 -36.76
C LYS G 38 26.73 74.94 -36.07
N ILE G 39 25.49 75.12 -35.62
CA ILE G 39 25.13 76.28 -34.81
C ILE G 39 25.33 75.99 -33.33
N ILE G 40 25.04 74.76 -32.91
CA ILE G 40 25.08 74.37 -31.50
C ILE G 40 26.53 74.33 -31.05
N PRO G 41 26.91 75.11 -30.05
CA PRO G 41 28.32 75.20 -29.69
C PRO G 41 28.81 74.06 -28.81
N PHE G 42 29.82 73.36 -29.29
CA PHE G 42 30.54 72.45 -28.42
C PHE G 42 31.38 73.29 -27.47
N ASN G 43 31.18 73.06 -26.17
CA ASN G 43 31.36 74.08 -25.14
C ASN G 43 32.81 74.56 -25.02
N SER G 44 32.96 75.88 -24.91
CA SER G 44 34.22 76.59 -24.67
C SER G 44 35.24 76.34 -25.78
N GLY G 45 34.73 76.14 -26.99
CA GLY G 45 35.60 75.85 -28.12
C GLY G 45 35.05 76.46 -29.39
N ASP G 46 35.96 76.74 -30.31
CA ASP G 46 35.57 77.34 -31.59
C ASP G 46 34.85 76.29 -32.44
N LYS G 47 35.24 75.02 -32.29
CA LYS G 47 34.58 73.95 -33.02
C LYS G 47 33.18 73.69 -32.47
N TYR G 48 32.30 73.22 -33.34
CA TYR G 48 30.89 73.09 -33.03
C TYR G 48 30.49 71.62 -33.01
N TRP G 49 29.18 71.38 -32.86
CA TRP G 49 28.69 70.01 -32.69
C TRP G 49 28.69 69.24 -34.00
N ASN G 50 28.83 69.92 -35.13
CA ASN G 50 28.86 69.21 -36.41
C ASN G 50 30.21 68.52 -36.60
N ASP G 51 31.21 68.92 -35.83
CA ASP G 51 32.48 68.19 -35.84
C ASP G 51 32.37 66.91 -35.03
N PHE G 52 31.41 66.87 -34.09
CA PHE G 52 31.20 65.66 -33.29
C PHE G 52 30.46 64.60 -34.09
N PHE G 53 29.33 64.96 -34.69
CA PHE G 53 28.45 63.98 -35.31
C PHE G 53 29.03 63.43 -36.60
N PHE G 54 29.97 64.15 -37.21
CA PHE G 54 30.66 63.72 -38.41
C PHE G 54 32.15 63.82 -38.10
N MET G 55 32.70 62.77 -37.50
CA MET G 55 33.97 62.93 -36.79
C MET G 55 35.17 62.60 -37.66
N SER G 56 35.30 61.35 -38.09
CA SER G 56 36.55 60.86 -38.63
C SER G 56 36.33 60.26 -40.02
N GLY G 57 36.56 61.07 -41.05
CA GLY G 57 36.46 60.58 -42.42
C GLY G 57 35.04 60.26 -42.83
N ASN G 58 34.05 60.83 -42.15
CA ASN G 58 32.66 60.57 -42.42
C ASN G 58 31.96 61.87 -42.75
N THR G 59 31.59 62.03 -44.01
CA THR G 59 30.80 63.12 -44.52
C THR G 59 29.36 62.63 -44.66
N PRO G 60 28.37 63.54 -44.67
CA PRO G 60 26.97 63.10 -44.84
C PRO G 60 26.67 62.44 -46.17
N GLU G 61 27.53 62.64 -47.18
CA GLU G 61 27.36 61.88 -48.42
C GLU G 61 27.81 60.45 -48.23
N LYS G 62 28.79 60.21 -47.36
CA LYS G 62 29.23 58.84 -47.10
C LYS G 62 28.27 58.11 -46.18
N LEU G 63 27.69 58.82 -45.21
CA LEU G 63 26.75 58.20 -44.29
C LEU G 63 25.45 57.83 -45.00
N ALA G 64 25.08 58.59 -46.03
CA ALA G 64 23.94 58.20 -46.85
C ALA G 64 24.28 57.01 -47.72
N LYS G 65 25.56 56.84 -48.08
CA LYS G 65 25.97 55.66 -48.84
C LYS G 65 25.91 54.41 -47.98
N LEU G 66 26.26 54.55 -46.69
CA LEU G 66 26.17 53.42 -45.78
C LEU G 66 24.72 53.09 -45.47
N TYR G 67 23.87 54.11 -45.41
CA TYR G 67 22.47 53.89 -45.07
C TYR G 67 21.72 53.25 -46.23
N GLN G 68 21.91 53.75 -47.44
CA GLN G 68 21.30 53.15 -48.62
C GLN G 68 22.07 51.92 -49.10
N LYS G 69 23.14 51.54 -48.40
CA LYS G 69 23.98 50.36 -48.69
C LYS G 69 24.62 50.43 -50.08
N GLU G 70 24.99 51.63 -50.51
CA GLU G 70 25.85 51.74 -51.69
C GLU G 70 27.25 51.27 -51.35
N ILE G 71 27.67 51.46 -50.11
CA ILE G 71 28.89 50.88 -49.55
C ILE G 71 28.48 49.72 -48.66
N GLU G 72 29.24 48.64 -48.70
CA GLU G 72 29.04 47.55 -47.77
C GLU G 72 29.34 48.01 -46.34
N PRO G 73 28.47 47.69 -45.37
CA PRO G 73 28.66 48.19 -43.99
C PRO G 73 29.84 47.51 -43.31
N ASN G 74 30.89 48.29 -43.06
CA ASN G 74 32.05 47.80 -42.34
C ASN G 74 31.72 47.65 -40.85
N GLY G 75 32.50 46.79 -40.18
CA GLY G 75 32.20 46.48 -38.80
C GLY G 75 32.45 47.63 -37.84
N GLU G 76 33.39 48.50 -38.16
CA GLU G 76 33.75 49.61 -37.29
C GLU G 76 33.17 50.92 -37.83
N LEU G 77 32.15 51.41 -37.16
CA LEU G 77 31.66 52.76 -37.36
C LEU G 77 31.61 53.41 -35.99
N LEU G 78 31.77 54.73 -35.97
CA LEU G 78 31.77 55.45 -34.70
C LEU G 78 30.37 55.37 -34.08
N PRO G 79 30.26 55.23 -32.76
CA PRO G 79 28.97 54.91 -32.16
C PRO G 79 27.96 56.04 -32.19
N GLN G 80 28.41 57.29 -32.13
CA GLN G 80 27.47 58.40 -32.23
C GLN G 80 26.98 58.59 -33.65
N GLN G 81 27.69 58.03 -34.64
CA GLN G 81 27.20 58.03 -36.00
C GLN G 81 26.26 56.87 -36.26
N ALA G 82 26.56 55.70 -35.70
CA ALA G 82 25.67 54.55 -35.85
C ALA G 82 24.45 54.69 -34.96
N PHE G 83 24.51 55.55 -33.96
CA PHE G 83 23.30 56.00 -33.28
C PHE G 83 22.48 56.89 -34.21
N LEU G 84 23.15 57.70 -35.03
CA LEU G 84 22.45 58.62 -35.92
C LEU G 84 21.83 57.89 -37.09
N LEU G 85 22.54 56.90 -37.65
CA LEU G 85 21.98 56.10 -38.73
C LEU G 85 20.88 55.19 -38.25
N ALA G 86 20.85 54.88 -36.95
CA ALA G 86 19.76 54.07 -36.41
C ALA G 86 18.51 54.90 -36.22
N VAL G 87 18.66 56.22 -36.08
CA VAL G 87 17.49 57.09 -35.95
C VAL G 87 16.77 57.24 -37.30
N LEU G 88 17.54 57.38 -38.38
CA LEU G 88 16.94 57.55 -39.71
C LEU G 88 16.26 56.26 -40.17
N ARG G 89 16.65 55.11 -39.62
CA ARG G 89 15.92 53.89 -39.90
C ARG G 89 14.57 53.89 -39.19
N LEU G 90 14.49 54.54 -38.03
CA LEU G 90 13.21 54.65 -37.35
C LEU G 90 12.30 55.65 -38.04
N LEU G 91 12.86 56.77 -38.50
CA LEU G 91 12.04 57.83 -39.08
C LEU G 91 11.56 57.53 -40.50
N GLU G 92 11.85 56.36 -41.05
CA GLU G 92 11.21 55.98 -42.31
C GLU G 92 9.75 55.61 -42.09
N THR G 93 9.39 55.27 -40.86
CA THR G 93 8.02 54.85 -40.58
C THR G 93 7.02 56.00 -40.50
N PRO G 94 7.29 57.16 -39.87
CA PRO G 94 6.29 58.24 -39.98
C PRO G 94 6.26 58.90 -41.35
N ILE G 95 7.37 58.82 -42.10
CA ILE G 95 7.41 59.43 -43.42
C ILE G 95 6.61 58.60 -44.41
N SER G 96 6.70 57.26 -44.30
CA SER G 96 6.04 56.39 -45.27
C SER G 96 4.53 56.38 -45.08
N LEU G 97 4.06 56.61 -43.85
CA LEU G 97 2.63 56.74 -43.62
C LEU G 97 2.13 58.12 -44.02
N LEU G 98 3.05 59.06 -44.20
CA LEU G 98 2.66 60.41 -44.61
C LEU G 98 2.62 60.53 -46.13
N ASN G 99 3.42 59.75 -46.83
CA ASN G 99 3.38 59.78 -48.29
C ASN G 99 2.15 59.05 -48.82
N VAL G 100 1.54 58.20 -47.99
CA VAL G 100 0.44 57.36 -48.47
C VAL G 100 -0.89 58.11 -48.35
N LEU G 101 -0.88 59.25 -47.67
CA LEU G 101 -2.08 60.03 -47.40
C LEU G 101 -2.64 60.87 -48.57
N PRO G 102 -1.85 61.51 -49.44
CA PRO G 102 -2.50 62.20 -50.58
C PRO G 102 -3.16 61.26 -51.58
N ALA G 103 -2.72 60.00 -51.62
CA ALA G 103 -3.46 59.01 -52.41
C ALA G 103 -4.78 58.67 -51.74
N ALA G 104 -4.84 58.79 -50.41
CA ALA G 104 -6.08 58.49 -49.71
C ALA G 104 -6.97 59.72 -49.60
N HIS G 105 -6.39 60.91 -49.75
CA HIS G 105 -7.18 62.14 -49.75
C HIS G 105 -7.97 62.27 -51.04
N ARG G 106 -7.38 61.81 -52.16
CA ARG G 106 -8.05 61.88 -53.45
C ARG G 106 -9.19 60.89 -53.54
N GLU G 107 -8.97 59.68 -53.03
CA GLU G 107 -9.99 58.63 -53.08
C GLU G 107 -11.14 58.95 -52.14
N LEU G 108 -10.85 59.62 -51.04
CA LEU G 108 -11.91 60.13 -50.16
C LEU G 108 -12.74 61.20 -50.86
N TYR G 109 -12.11 61.99 -51.72
CA TYR G 109 -12.83 63.07 -52.39
C TYR G 109 -13.78 62.52 -53.45
N TYR G 110 -13.36 61.50 -54.19
CA TYR G 110 -14.20 60.98 -55.27
C TYR G 110 -15.32 60.11 -54.74
N ARG G 111 -15.03 59.26 -53.75
CA ARG G 111 -16.00 58.24 -53.38
C ARG G 111 -16.93 58.71 -52.27
N GLU G 112 -16.40 59.44 -51.29
CA GLU G 112 -17.24 59.82 -50.15
C GLU G 112 -18.05 61.07 -50.46
N LEU G 113 -17.37 62.18 -50.79
CA LEU G 113 -18.09 63.41 -51.11
C LEU G 113 -18.70 63.37 -52.50
N LEU G 114 -17.89 63.11 -53.52
CA LEU G 114 -18.37 63.29 -54.89
C LEU G 114 -19.22 62.11 -55.33
N GLY G 115 -19.17 61.01 -54.59
CA GLY G 115 -20.04 59.87 -54.81
C GLY G 115 -19.74 59.01 -56.00
N LEU G 116 -18.62 59.23 -56.70
CA LEU G 116 -18.34 58.50 -57.92
C LEU G 116 -17.99 57.04 -57.65
N SER G 117 -18.46 56.17 -58.52
CA SER G 117 -18.17 54.74 -58.51
C SER G 117 -17.15 54.40 -59.59
N SER G 118 -16.66 53.17 -59.54
CA SER G 118 -15.72 52.66 -60.53
C SER G 118 -16.43 51.64 -61.40
N HIS G 119 -16.00 51.53 -62.65
CA HIS G 119 -16.65 50.64 -63.60
C HIS G 119 -16.33 49.19 -63.28
N ALA G 120 -17.34 48.34 -63.36
CA ALA G 120 -17.16 46.92 -63.18
C ALA G 120 -16.63 46.28 -64.45
N ALA G 121 -16.44 44.96 -64.39
CA ALA G 121 -15.93 44.23 -65.55
C ALA G 121 -17.00 44.11 -66.62
N GLN G 122 -16.56 44.14 -67.87
CA GLN G 122 -17.48 44.03 -69.00
C GLN G 122 -17.39 42.64 -69.58
N PRO G 123 -18.48 41.87 -69.62
CA PRO G 123 -18.43 40.55 -70.25
C PRO G 123 -18.28 40.67 -71.76
N ASP G 124 -17.51 39.75 -72.33
CA ASP G 124 -17.29 39.69 -73.76
C ASP G 124 -18.07 38.52 -74.34
N GLN G 125 -18.59 38.71 -75.54
CA GLN G 125 -19.34 37.67 -76.23
C GLN G 125 -18.49 37.11 -77.36
N VAL G 126 -18.88 35.94 -77.87
CA VAL G 126 -18.06 35.19 -78.81
C VAL G 126 -18.97 34.52 -79.84
N ALA G 127 -18.47 34.44 -81.08
CA ALA G 127 -19.19 33.75 -82.14
C ALA G 127 -19.07 32.25 -81.96
N LEU G 128 -20.20 31.56 -82.03
CA LEU G 128 -20.23 30.14 -81.72
C LEU G 128 -21.10 29.42 -82.73
N SER G 129 -20.49 28.50 -83.46
CA SER G 129 -21.18 27.70 -84.47
C SER G 129 -21.36 26.29 -83.94
N MET G 130 -22.54 25.74 -84.12
CA MET G 130 -22.95 24.53 -83.42
C MET G 130 -23.55 23.55 -84.41
N GLU G 131 -22.76 22.55 -84.81
CA GLU G 131 -23.20 21.56 -85.80
C GLU G 131 -23.75 20.34 -85.08
N LEU G 132 -24.65 19.62 -85.74
CA LEU G 132 -25.30 18.47 -85.12
C LEU G 132 -24.76 17.17 -85.69
N ASN G 133 -25.31 16.07 -85.18
CA ASN G 133 -24.97 14.73 -85.63
C ASN G 133 -25.87 14.36 -86.80
N SER G 134 -25.70 13.14 -87.32
CA SER G 134 -26.52 12.70 -88.44
C SER G 134 -27.74 11.93 -87.97
N THR G 135 -27.91 11.81 -86.66
CA THR G 135 -28.90 10.86 -86.15
C THR G 135 -30.28 11.49 -86.01
N VAL G 136 -30.37 12.78 -85.66
CA VAL G 136 -31.64 13.48 -85.58
C VAL G 136 -31.61 14.66 -86.54
N MET G 137 -32.79 15.25 -86.77
CA MET G 137 -32.85 16.45 -87.59
C MET G 137 -32.85 17.72 -86.74
N GLU G 138 -33.64 17.73 -85.66
CA GLU G 138 -33.86 18.94 -84.88
C GLU G 138 -33.44 18.70 -83.44
N GLN G 139 -32.84 19.71 -82.82
CA GLN G 139 -32.49 19.67 -81.41
C GLN G 139 -32.56 21.07 -80.81
N LEU G 140 -33.28 21.20 -79.70
CA LEU G 140 -33.56 22.49 -79.09
C LEU G 140 -32.75 22.62 -77.80
N LEU G 141 -32.14 23.79 -77.60
CA LEU G 141 -31.39 24.10 -76.39
C LEU G 141 -31.76 25.50 -75.94
N PRO G 142 -32.05 25.73 -74.66
CA PRO G 142 -32.68 26.98 -74.25
C PRO G 142 -31.69 28.09 -74.01
N GLU G 143 -32.23 29.23 -73.55
CA GLU G 143 -31.42 30.32 -73.04
C GLU G 143 -30.77 29.92 -71.73
N GLY G 144 -29.45 30.11 -71.65
CA GLY G 144 -28.73 29.87 -70.41
C GLY G 144 -28.00 28.54 -70.35
N THR G 145 -27.91 27.79 -71.44
CA THR G 145 -26.99 26.65 -71.47
C THR G 145 -25.58 27.17 -71.60
N LEU G 146 -24.61 26.44 -71.03
CA LEU G 146 -23.27 26.96 -70.83
C LEU G 146 -22.27 26.16 -71.65
N PHE G 147 -21.42 26.86 -72.39
CA PHE G 147 -20.26 26.26 -73.02
C PHE G 147 -19.01 26.75 -72.30
N GLU G 148 -17.92 26.00 -72.42
CA GLU G 148 -16.70 26.36 -71.70
C GLU G 148 -15.47 25.78 -72.38
N ALA G 149 -14.32 26.38 -72.11
CA ALA G 149 -13.03 25.80 -72.45
C ALA G 149 -12.05 26.09 -71.33
N GLY G 150 -11.65 25.04 -70.62
CA GLY G 150 -10.60 25.16 -69.64
C GLY G 150 -10.99 25.99 -68.43
N GLN G 151 -10.00 26.71 -67.93
CA GLN G 151 -10.11 27.39 -66.67
C GLN G 151 -9.18 28.59 -66.70
N ASP G 152 -9.58 29.67 -66.04
CA ASP G 152 -8.66 30.78 -65.82
C ASP G 152 -7.55 30.36 -64.87
N GLU G 153 -6.40 31.01 -64.98
CA GLU G 153 -5.35 30.82 -64.00
C GLU G 153 -5.79 31.41 -62.66
N GLN G 154 -5.37 30.74 -61.58
CA GLN G 154 -5.64 31.10 -60.17
C GLN G 154 -7.12 31.37 -59.87
N GLY G 155 -8.00 30.63 -60.55
CA GLY G 155 -9.41 30.85 -60.30
C GLY G 155 -10.29 29.86 -61.02
N ASN G 156 -11.51 30.32 -61.29
CA ASN G 156 -12.59 29.44 -61.73
C ASN G 156 -12.54 29.25 -63.24
N ALA G 157 -13.49 28.44 -63.72
CA ALA G 157 -13.59 28.16 -65.15
C ALA G 157 -14.44 29.22 -65.84
N LEU G 158 -14.13 29.46 -67.11
CA LEU G 158 -14.85 30.45 -67.90
C LEU G 158 -16.02 29.79 -68.61
N GLN G 159 -17.23 30.24 -68.31
CA GLN G 159 -18.43 29.72 -68.95
C GLN G 159 -18.99 30.78 -69.89
N TYR G 160 -19.53 30.34 -71.02
CA TYR G 160 -20.21 31.21 -71.96
C TYR G 160 -21.64 30.73 -72.17
N ALA G 161 -22.57 31.67 -72.15
CA ALA G 161 -23.98 31.35 -72.31
C ALA G 161 -24.56 32.12 -73.48
N LEU G 162 -25.40 31.45 -74.26
CA LEU G 162 -26.08 32.06 -75.40
C LEU G 162 -27.14 32.99 -74.86
N ASP G 163 -27.36 34.10 -75.55
CA ASP G 163 -28.33 35.09 -75.10
C ASP G 163 -29.75 34.74 -75.58
N ALA G 164 -29.87 34.14 -76.77
CA ALA G 164 -31.17 33.77 -77.33
C ALA G 164 -31.21 32.28 -77.62
N SER G 165 -32.36 31.66 -77.37
CA SER G 165 -32.54 30.21 -77.47
C SER G 165 -32.78 29.80 -78.93
N LEU G 166 -31.69 29.43 -79.60
CA LEU G 166 -31.82 28.88 -80.94
C LEU G 166 -32.18 27.40 -80.85
N LEU G 167 -32.76 26.88 -81.93
CA LEU G 167 -32.92 25.44 -82.11
C LEU G 167 -32.06 25.03 -83.29
N ALA G 168 -31.28 23.97 -83.10
CA ALA G 168 -30.33 23.58 -84.12
C ALA G 168 -30.97 22.60 -85.10
N ASN G 169 -30.49 22.64 -86.33
CA ASN G 169 -30.90 21.68 -87.34
C ASN G 169 -29.67 21.21 -88.10
N ARG G 170 -29.73 19.98 -88.59
CA ARG G 170 -28.68 19.49 -89.47
C ARG G 170 -28.71 20.27 -90.78
N GLY G 171 -27.54 20.61 -91.28
CA GLY G 171 -27.42 21.35 -92.52
C GLY G 171 -26.17 22.20 -92.51
N TYR G 172 -25.87 22.81 -93.66
CA TYR G 172 -24.67 23.62 -93.79
C TYR G 172 -24.84 24.57 -94.97
N ILE G 173 -23.86 25.46 -95.10
CA ILE G 173 -23.77 26.35 -96.25
C ILE G 173 -22.91 25.69 -97.31
N SER G 174 -23.54 25.00 -98.26
CA SER G 174 -22.77 24.31 -99.28
C SER G 174 -22.23 25.27 -100.31
N ASP G 175 -23.07 26.17 -100.80
CA ASP G 175 -22.76 26.94 -101.99
C ASP G 175 -22.92 28.43 -101.70
N LEU G 176 -21.92 29.21 -102.09
CA LEU G 176 -21.99 30.66 -102.09
C LEU G 176 -21.46 31.14 -103.42
N ARG G 177 -22.33 31.74 -104.24
CA ARG G 177 -21.96 32.23 -105.55
C ARG G 177 -22.63 33.57 -105.79
N TRP G 178 -22.08 34.33 -106.72
CA TRP G 178 -22.65 35.62 -107.03
C TRP G 178 -22.63 35.87 -108.53
N LEU G 179 -23.43 36.84 -108.94
CA LEU G 179 -23.29 37.51 -110.22
C LEU G 179 -22.96 38.96 -109.93
N ARG G 180 -21.98 39.49 -110.65
CA ARG G 180 -21.66 40.91 -110.54
C ARG G 180 -21.75 41.53 -111.92
N ASN G 181 -22.12 42.79 -111.98
CA ASN G 181 -22.33 43.50 -113.24
C ASN G 181 -21.23 44.54 -113.37
N ASP G 182 -20.10 44.14 -113.94
CA ASP G 182 -19.01 45.10 -114.13
C ASP G 182 -19.14 45.85 -115.45
N GLY G 183 -19.52 45.17 -116.51
CA GLY G 183 -19.66 45.80 -117.81
C GLY G 183 -21.02 45.53 -118.40
N GLU G 184 -21.40 46.36 -119.36
CA GLU G 184 -22.63 46.15 -120.12
C GLU G 184 -22.49 44.91 -120.99
N LYS G 185 -23.59 44.16 -121.10
CA LYS G 185 -23.78 42.98 -121.94
C LYS G 185 -22.79 41.83 -121.65
N GLN G 186 -21.97 41.92 -120.61
CA GLN G 186 -21.15 40.79 -120.21
C GLN G 186 -21.11 40.73 -118.69
N TRP G 187 -21.41 39.56 -118.14
CA TRP G 187 -21.48 39.35 -116.71
C TRP G 187 -20.73 38.07 -116.39
N VAL G 188 -20.11 38.05 -115.20
CA VAL G 188 -19.23 36.95 -114.81
C VAL G 188 -19.86 36.21 -113.64
N THR G 189 -19.50 34.94 -113.50
CA THR G 189 -20.18 34.01 -112.60
C THR G 189 -19.18 33.30 -111.71
N SER G 190 -18.96 33.83 -110.50
CA SER G 190 -17.93 33.33 -109.61
C SER G 190 -18.48 32.22 -108.72
N ALA G 191 -17.63 31.24 -108.44
CA ALA G 191 -17.95 30.12 -107.54
C ALA G 191 -16.82 29.92 -106.55
N PRO G 192 -16.76 30.75 -105.50
CA PRO G 192 -15.72 30.54 -104.48
C PRO G 192 -16.00 29.35 -103.57
N TRP G 193 -17.25 29.19 -103.13
CA TRP G 193 -17.62 28.15 -102.17
C TRP G 193 -18.51 27.14 -102.88
N ASP G 194 -18.01 25.91 -103.01
CA ASP G 194 -18.77 24.80 -103.59
C ASP G 194 -18.48 23.55 -102.77
N LEU G 195 -19.49 23.03 -102.08
CA LEU G 195 -19.26 21.79 -101.34
C LEU G 195 -19.28 20.57 -102.24
N GLN G 196 -19.98 20.62 -103.38
CA GLN G 196 -20.11 19.42 -104.19
C GLN G 196 -18.82 19.10 -104.93
N ALA G 197 -18.01 20.13 -105.22
CA ALA G 197 -16.64 19.95 -105.65
C ALA G 197 -15.65 20.04 -104.50
N GLN G 198 -16.17 20.16 -103.26
CA GLN G 198 -15.41 20.21 -102.02
C GLN G 198 -14.42 21.37 -101.96
N VAL G 199 -14.65 22.45 -102.70
CA VAL G 199 -13.75 23.60 -102.62
C VAL G 199 -14.29 24.54 -101.54
N SER G 200 -13.39 25.07 -100.72
CA SER G 200 -13.80 25.79 -99.53
C SER G 200 -13.77 27.30 -99.75
N LEU G 201 -14.24 28.02 -98.74
CA LEU G 201 -14.07 29.47 -98.73
C LEU G 201 -12.60 29.79 -98.45
N PRO G 202 -11.87 30.30 -99.44
CA PRO G 202 -10.41 30.24 -99.35
C PRO G 202 -9.75 31.47 -98.73
N SER G 203 -8.54 31.25 -98.20
CA SER G 203 -7.56 32.31 -97.91
C SER G 203 -8.03 33.26 -96.81
N ASP G 204 -8.99 32.80 -95.99
CA ASP G 204 -9.59 33.57 -94.89
C ASP G 204 -10.13 34.92 -95.36
N GLY G 205 -11.19 34.87 -96.15
CA GLY G 205 -11.79 36.11 -96.58
C GLY G 205 -11.69 36.32 -98.08
N ILE G 206 -12.83 36.62 -98.69
CA ILE G 206 -12.88 36.91 -100.13
C ILE G 206 -13.62 38.22 -100.34
N ARG G 207 -13.00 39.10 -101.12
CA ARG G 207 -13.68 40.30 -101.60
C ARG G 207 -14.91 39.90 -102.38
N LEU G 208 -16.07 40.27 -101.86
CA LEU G 208 -17.34 40.03 -102.53
C LEU G 208 -17.37 40.77 -103.86
N PHE G 209 -17.85 40.07 -104.90
CA PHE G 209 -17.87 40.55 -106.29
C PHE G 209 -16.49 40.98 -106.77
N GLY G 210 -15.46 40.18 -106.44
CA GLY G 210 -14.11 40.49 -106.85
C GLY G 210 -13.63 39.60 -107.98
N LYS G 211 -12.41 39.88 -108.44
CA LYS G 211 -11.79 39.12 -109.52
C LYS G 211 -11.27 37.81 -108.95
N THR G 212 -12.10 36.77 -109.05
CA THR G 212 -11.76 35.49 -108.43
C THR G 212 -10.97 34.59 -109.38
N ASN G 213 -11.14 34.80 -110.70
CA ASN G 213 -10.62 34.01 -111.83
C ASN G 213 -11.20 32.60 -111.88
N SER G 214 -12.22 32.30 -111.07
CA SER G 214 -13.05 31.13 -111.27
C SER G 214 -14.33 31.46 -112.04
N ASP G 215 -14.41 32.66 -112.61
CA ASP G 215 -15.62 33.06 -113.29
C ASP G 215 -15.67 32.49 -114.71
N GLN G 216 -16.89 32.28 -115.19
CA GLN G 216 -17.13 32.01 -116.59
C GLN G 216 -18.25 32.94 -117.07
N GLN G 217 -18.04 33.55 -118.23
CA GLN G 217 -18.99 34.52 -118.76
C GLN G 217 -20.27 33.82 -119.20
N VAL G 218 -21.38 34.52 -119.02
CA VAL G 218 -22.68 33.93 -119.34
C VAL G 218 -22.96 34.10 -120.83
N PHE G 219 -22.67 33.05 -121.61
CA PHE G 219 -22.77 33.14 -123.06
C PHE G 219 -24.22 33.12 -123.53
N GLY G 220 -25.15 32.68 -122.67
CA GLY G 220 -26.55 32.87 -122.97
C GLY G 220 -26.97 34.32 -122.87
N GLY G 221 -26.25 35.10 -122.07
CA GLY G 221 -26.52 36.51 -121.87
C GLY G 221 -25.46 37.46 -122.35
N VAL G 222 -24.47 37.00 -123.12
CA VAL G 222 -23.50 37.94 -123.69
C VAL G 222 -24.16 38.81 -124.74
N LEU G 223 -25.09 38.24 -125.50
CA LEU G 223 -26.12 38.98 -126.21
C LEU G 223 -27.43 38.75 -125.46
N ILE G 224 -28.14 39.84 -125.18
CA ILE G 224 -29.39 39.72 -124.43
C ILE G 224 -30.44 39.06 -125.31
N THR G 225 -31.24 38.18 -124.70
CA THR G 225 -32.21 37.38 -125.47
C THR G 225 -33.34 38.26 -125.97
N SER G 226 -33.72 38.03 -127.23
CA SER G 226 -34.75 38.83 -127.88
C SER G 226 -35.93 37.96 -128.30
N MET G 331 -33.75 26.61 -126.67
CA MET G 331 -32.94 27.13 -125.58
C MET G 331 -33.67 26.98 -124.23
N TYR G 332 -35.00 27.07 -124.28
CA TYR G 332 -35.87 27.19 -123.11
C TYR G 332 -35.43 28.37 -122.23
N HIS G 333 -35.17 29.51 -122.87
CA HIS G 333 -34.89 30.80 -122.26
C HIS G 333 -33.67 30.74 -121.32
N LEU G 334 -32.50 30.54 -121.92
CA LEU G 334 -31.28 30.33 -121.15
C LEU G 334 -30.85 31.59 -120.41
N THR G 335 -30.70 31.46 -119.10
CA THR G 335 -30.32 32.53 -118.17
C THR G 335 -29.14 31.94 -117.40
N PRO G 336 -28.44 32.70 -116.53
CA PRO G 336 -27.45 32.08 -115.65
C PRO G 336 -27.98 30.95 -114.78
N PHE G 337 -27.09 29.98 -114.51
CA PHE G 337 -27.27 28.89 -113.54
C PHE G 337 -28.37 27.90 -113.94
N GLY G 338 -28.78 27.92 -115.21
CA GLY G 338 -29.81 27.00 -115.65
C GLY G 338 -30.87 27.68 -116.50
N TYR G 339 -31.83 26.88 -116.94
CA TYR G 339 -32.88 27.39 -117.82
C TYR G 339 -34.02 28.03 -117.03
N SER G 340 -34.46 29.19 -117.48
CA SER G 340 -35.59 29.89 -116.87
C SER G 340 -36.86 29.65 -117.66
N SER G 341 -38.00 29.65 -116.96
CA SER G 341 -39.28 29.42 -117.61
C SER G 341 -39.66 30.59 -118.50
N ASP G 342 -39.62 31.81 -117.97
CA ASP G 342 -40.06 32.99 -118.69
C ASP G 342 -39.01 34.09 -118.57
N ILE G 343 -39.38 35.27 -119.09
CA ILE G 343 -38.45 36.40 -119.12
C ILE G 343 -38.22 36.94 -117.72
N GLU G 344 -36.94 37.07 -117.36
CA GLU G 344 -36.54 37.60 -116.08
C GLU G 344 -35.51 38.71 -116.29
N PRO G 345 -35.66 39.83 -115.60
CA PRO G 345 -34.74 40.97 -115.80
C PRO G 345 -33.36 40.73 -115.22
N LEU G 346 -32.38 41.45 -115.78
CA LEU G 346 -30.98 41.39 -115.36
C LEU G 346 -30.54 42.82 -115.02
N GLU G 347 -30.76 43.23 -113.77
CA GLU G 347 -30.57 44.62 -113.39
C GLU G 347 -29.12 44.89 -113.00
N GLU G 348 -28.78 46.18 -112.98
CA GLU G 348 -27.43 46.64 -112.64
C GLU G 348 -27.25 46.67 -111.12
N ASN G 349 -27.19 45.47 -110.55
CA ASN G 349 -27.01 45.28 -109.11
C ASN G 349 -26.26 43.97 -108.88
N PRO G 350 -25.10 44.00 -108.24
CA PRO G 350 -24.43 42.75 -107.87
C PRO G 350 -25.23 42.02 -106.80
N ALA G 351 -25.37 40.71 -106.99
CA ALA G 351 -26.20 39.91 -106.10
C ALA G 351 -25.55 38.55 -105.89
N LEU G 352 -25.63 38.06 -104.65
CA LEU G 352 -25.01 36.79 -104.28
C LEU G 352 -26.07 35.79 -103.85
N TYR G 353 -25.83 34.52 -104.16
CA TYR G 353 -26.78 33.45 -103.94
C TYR G 353 -26.17 32.44 -102.96
N LEU G 354 -26.95 32.04 -101.96
CA LEU G 354 -26.49 31.10 -100.94
C LEU G 354 -27.12 29.74 -101.19
N GLY G 355 -26.32 28.68 -101.09
CA GLY G 355 -26.82 27.34 -101.32
C GLY G 355 -26.99 26.54 -100.05
N PHE G 356 -28.24 26.32 -99.66
CA PHE G 356 -28.54 25.63 -98.41
C PHE G 356 -28.84 24.15 -98.70
N THR G 357 -28.47 23.31 -97.73
CA THR G 357 -28.52 21.87 -97.89
C THR G 357 -29.06 21.23 -96.62
N ASP G 358 -29.86 20.18 -96.81
CA ASP G 358 -30.31 19.26 -95.76
C ASP G 358 -31.19 20.00 -94.75
N VAL G 359 -31.94 20.98 -95.24
CA VAL G 359 -32.84 21.76 -94.42
C VAL G 359 -34.26 21.54 -94.94
N LYS G 360 -35.19 21.26 -94.03
CA LYS G 360 -36.57 21.07 -94.44
C LYS G 360 -37.33 22.40 -94.34
N PRO G 361 -38.36 22.59 -95.16
CA PRO G 361 -39.07 23.89 -95.18
C PRO G 361 -39.78 24.27 -93.89
N GLY G 362 -39.95 23.36 -92.94
CA GLY G 362 -40.43 23.78 -91.62
C GLY G 362 -39.35 24.43 -90.79
N GLN G 363 -38.09 24.07 -91.03
CA GLN G 363 -37.00 24.43 -90.14
C GLN G 363 -36.56 25.87 -90.35
N THR G 364 -35.80 26.37 -89.37
CA THR G 364 -35.24 27.72 -89.42
C THR G 364 -33.73 27.63 -89.62
N LEU G 365 -33.14 28.73 -90.10
CA LEU G 365 -31.70 28.82 -90.32
C LEU G 365 -31.17 30.06 -89.64
N ALA G 366 -30.02 29.93 -88.99
CA ALA G 366 -29.41 31.02 -88.24
C ALA G 366 -27.94 31.14 -88.60
N LEU G 367 -27.55 32.26 -89.19
CA LEU G 367 -26.19 32.50 -89.62
C LEU G 367 -25.55 33.55 -88.72
N TYR G 368 -24.24 33.47 -88.56
CA TYR G 368 -23.44 34.57 -88.04
C TYR G 368 -22.47 35.01 -89.11
N TRP G 369 -22.65 36.23 -89.60
CA TRP G 369 -21.74 36.79 -90.59
C TRP G 369 -20.62 37.52 -89.87
N LYS G 370 -19.39 37.30 -90.33
CA LYS G 370 -18.24 38.06 -89.85
C LYS G 370 -17.84 39.01 -90.96
N LEU G 371 -18.05 40.30 -90.74
CA LEU G 371 -17.99 41.25 -91.84
C LEU G 371 -17.14 42.44 -91.46
N LYS G 372 -16.39 42.94 -92.43
CA LYS G 372 -15.89 44.30 -92.44
C LYS G 372 -16.35 44.95 -93.73
N SER G 373 -17.40 45.75 -93.65
CA SER G 373 -17.94 46.41 -94.82
C SER G 373 -17.60 47.89 -94.77
N PRO G 374 -17.14 48.48 -95.86
CA PRO G 374 -16.91 49.94 -95.86
C PRO G 374 -18.18 50.75 -95.68
N GLN G 375 -19.14 50.61 -96.59
CA GLN G 375 -20.43 51.29 -96.49
C GLN G 375 -21.50 50.21 -96.46
N GLN G 376 -22.62 50.49 -95.81
CA GLN G 376 -23.65 49.47 -95.69
C GLN G 376 -24.49 49.40 -96.95
N PRO G 377 -24.62 48.25 -97.57
CA PRO G 377 -25.54 48.14 -98.71
C PRO G 377 -26.93 47.72 -98.27
N THR G 378 -27.95 48.46 -98.70
CA THR G 378 -29.31 48.07 -98.36
C THR G 378 -29.71 46.85 -99.17
N VAL G 379 -29.92 45.74 -98.47
CA VAL G 379 -30.09 44.44 -99.11
C VAL G 379 -31.55 44.02 -99.05
N SER G 380 -31.94 43.24 -100.05
CA SER G 380 -33.24 42.57 -100.09
C SER G 380 -33.00 41.11 -100.40
N TRP G 381 -33.86 40.25 -99.85
CA TRP G 381 -33.62 38.81 -99.87
C TRP G 381 -34.76 38.10 -100.59
N TYR G 382 -34.40 37.17 -101.46
CA TYR G 382 -35.36 36.42 -102.27
C TYR G 382 -35.09 34.93 -102.16
N TYR G 383 -36.14 34.12 -102.28
CA TYR G 383 -36.02 32.67 -102.17
C TYR G 383 -36.68 31.97 -103.36
N LEU G 384 -36.24 30.75 -103.64
CA LEU G 384 -36.79 29.96 -104.75
C LEU G 384 -38.21 29.51 -104.48
N ASP G 385 -38.91 29.17 -105.56
CA ASP G 385 -40.24 28.60 -105.49
C ASP G 385 -40.39 27.50 -106.54
N GLN G 386 -41.53 26.80 -106.48
CA GLN G 386 -41.75 25.69 -107.41
C GLN G 386 -42.14 26.20 -108.79
N HIS G 387 -42.67 27.43 -108.86
CA HIS G 387 -43.00 28.04 -110.15
C HIS G 387 -41.78 28.65 -110.83
N ASN G 388 -40.58 28.52 -110.23
CA ASN G 388 -39.36 29.19 -110.65
C ASN G 388 -39.53 30.70 -110.74
N GLN G 389 -40.13 31.28 -109.71
CA GLN G 389 -40.22 32.73 -109.55
C GLN G 389 -39.71 33.06 -108.16
N TRP G 390 -38.85 34.06 -108.06
CA TRP G 390 -38.33 34.49 -106.78
C TRP G 390 -39.36 35.34 -106.05
N ALA G 391 -39.54 35.05 -104.76
CA ALA G 391 -40.50 35.77 -103.93
C ALA G 391 -39.73 36.52 -102.85
N GLU G 392 -40.39 37.50 -102.23
CA GLU G 392 -39.74 38.33 -101.22
C GLU G 392 -39.63 37.55 -99.91
N LEU G 393 -38.48 37.66 -99.26
CA LEU G 393 -38.21 36.97 -98.01
C LEU G 393 -38.10 37.95 -96.84
N ASP G 394 -38.18 39.26 -97.13
CA ASP G 394 -37.75 40.28 -96.17
C ASP G 394 -38.71 40.41 -94.99
N SER G 395 -39.93 39.88 -95.12
CA SER G 395 -40.84 39.84 -93.99
C SER G 395 -40.37 38.79 -92.98
N TRP G 396 -39.64 37.79 -93.45
CA TRP G 396 -39.24 36.68 -92.59
C TRP G 396 -37.88 36.93 -91.97
N VAL G 397 -37.09 37.82 -92.58
CA VAL G 397 -35.75 38.12 -92.09
C VAL G 397 -35.86 39.10 -90.92
N SER G 398 -35.15 38.78 -89.83
CA SER G 398 -35.02 39.68 -88.70
C SER G 398 -33.51 39.84 -88.44
N ASP G 399 -32.90 40.80 -89.12
CA ASP G 399 -31.45 40.87 -89.11
C ASP G 399 -30.94 41.88 -88.09
N GLY G 400 -29.86 41.49 -87.41
CA GLY G 400 -29.09 42.37 -86.57
C GLY G 400 -27.77 42.80 -87.17
N THR G 401 -27.50 42.42 -88.41
CA THR G 401 -26.28 42.82 -89.09
C THR G 401 -26.41 44.17 -89.79
N GLN G 402 -27.57 44.82 -89.65
CA GLN G 402 -27.85 46.17 -90.15
C GLN G 402 -27.64 46.28 -91.66
N ASN G 403 -28.31 45.37 -92.38
CA ASN G 403 -28.16 45.19 -93.83
C ASN G 403 -26.70 44.99 -94.22
N LEU G 404 -26.07 43.98 -93.60
CA LEU G 404 -24.69 43.57 -93.82
C LEU G 404 -23.70 44.69 -93.56
N TYR G 405 -23.97 45.54 -92.57
CA TYR G 405 -23.01 46.57 -92.18
C TYR G 405 -21.96 46.00 -91.25
N GLN G 406 -22.39 45.42 -90.14
CA GLN G 406 -21.49 44.93 -89.11
C GLN G 406 -21.63 43.42 -89.02
N ASP G 407 -20.80 42.82 -88.18
CA ASP G 407 -20.99 41.41 -87.87
C ASP G 407 -22.21 41.25 -86.97
N GLY G 408 -22.98 40.20 -87.21
CA GLY G 408 -24.18 40.00 -86.42
C GLY G 408 -24.88 38.73 -86.82
N THR G 409 -25.74 38.27 -85.93
CA THR G 409 -26.55 37.07 -86.14
C THR G 409 -27.89 37.47 -86.75
N TRP G 410 -28.39 36.67 -87.67
CA TRP G 410 -29.77 36.78 -88.12
C TRP G 410 -30.36 35.40 -88.35
N HIS G 411 -31.56 35.18 -87.84
CA HIS G 411 -32.24 33.91 -87.95
C HIS G 411 -33.45 34.08 -88.86
N VAL G 412 -33.60 33.15 -89.80
CA VAL G 412 -34.73 33.14 -90.73
C VAL G 412 -35.38 31.78 -90.66
N GLU G 413 -36.65 31.76 -90.27
CA GLU G 413 -37.47 30.60 -90.56
C GLU G 413 -37.63 30.45 -92.06
N LEU G 414 -37.15 29.32 -92.58
CA LEU G 414 -37.18 29.10 -94.02
C LEU G 414 -38.63 28.97 -94.45
N PRO G 415 -39.08 29.78 -95.42
CA PRO G 415 -40.52 29.98 -95.61
C PRO G 415 -41.19 28.74 -96.20
N VAL G 416 -42.48 28.61 -95.92
CA VAL G 416 -43.25 27.48 -96.43
C VAL G 416 -43.40 27.59 -97.94
N ASP G 417 -43.52 26.43 -98.58
CA ASP G 417 -43.55 26.23 -100.03
C ASP G 417 -42.28 26.73 -100.71
N ALA G 418 -41.15 26.72 -99.99
CA ALA G 418 -39.86 26.86 -100.63
C ALA G 418 -39.38 25.50 -101.10
N SER G 419 -38.93 25.43 -102.35
CA SER G 419 -38.83 24.18 -103.07
C SER G 419 -37.37 23.79 -103.26
N ASN G 420 -37.05 22.52 -102.97
CA ASN G 420 -35.72 21.99 -103.27
C ASN G 420 -35.51 21.89 -104.77
N GLN G 421 -36.47 21.32 -105.49
CA GLN G 421 -36.38 21.17 -106.92
C GLN G 421 -36.92 22.42 -107.60
N ALA G 422 -36.10 23.03 -108.45
CA ALA G 422 -36.48 24.24 -109.16
C ALA G 422 -35.59 24.38 -110.38
N GLU G 423 -36.08 25.13 -111.37
CA GLU G 423 -35.29 25.41 -112.55
C GLU G 423 -34.36 26.59 -112.29
N GLN G 424 -33.58 26.94 -113.31
CA GLN G 424 -32.67 28.12 -113.37
C GLN G 424 -31.59 28.14 -112.27
N MET G 425 -31.51 27.10 -111.45
CA MET G 425 -30.59 26.96 -110.33
C MET G 425 -30.26 25.47 -110.21
N PRO G 426 -29.20 25.12 -109.47
CA PRO G 426 -28.96 23.71 -109.15
C PRO G 426 -30.10 23.10 -108.34
N VAL G 427 -30.39 21.82 -108.63
CA VAL G 427 -31.62 21.20 -108.15
C VAL G 427 -31.42 20.59 -106.77
N GLY G 428 -30.17 20.33 -106.39
CA GLY G 428 -29.93 19.59 -105.16
C GLY G 428 -30.09 20.44 -103.91
N ARG G 429 -29.91 21.74 -104.03
CA ARG G 429 -29.79 22.63 -102.89
C ARG G 429 -30.94 23.63 -102.87
N TYR G 430 -31.36 24.01 -101.67
CA TYR G 430 -32.22 25.17 -101.53
C TYR G 430 -31.38 26.42 -101.72
N TRP G 431 -32.00 27.47 -102.23
CA TRP G 431 -31.27 28.69 -102.57
C TRP G 431 -31.96 29.92 -101.99
N LEU G 432 -31.14 30.85 -101.50
CA LEU G 432 -31.58 32.17 -101.09
C LEU G 432 -30.83 33.20 -101.93
N ARG G 433 -31.55 34.22 -102.38
CA ARG G 433 -30.97 35.31 -103.16
C ARG G 433 -30.78 36.51 -102.25
N ALA G 434 -29.74 37.28 -102.51
CA ALA G 434 -29.50 38.53 -101.79
C ALA G 434 -29.09 39.59 -102.77
N VAL G 435 -29.92 40.61 -102.94
CA VAL G 435 -29.66 41.72 -103.85
C VAL G 435 -28.92 42.79 -103.09
N VAL G 436 -27.71 43.11 -103.53
CA VAL G 436 -26.90 44.12 -102.87
C VAL G 436 -27.01 45.42 -103.67
N GLU G 437 -27.44 46.48 -102.98
CA GLU G 437 -27.40 47.83 -103.52
C GLU G 437 -26.17 48.51 -102.93
N VAL G 438 -25.05 48.38 -103.64
CA VAL G 438 -23.84 49.04 -103.18
C VAL G 438 -23.93 50.54 -103.51
N PRO G 439 -23.61 51.43 -102.57
CA PRO G 439 -23.67 52.87 -102.88
C PRO G 439 -22.53 53.26 -103.83
N ALA G 440 -22.84 54.19 -104.73
CA ALA G 440 -21.91 54.61 -105.77
C ALA G 440 -20.86 55.54 -105.15
N HIS G 441 -19.61 55.09 -105.18
CA HIS G 441 -18.50 55.89 -104.70
C HIS G 441 -17.21 55.39 -105.37
N GLU G 442 -16.27 56.32 -105.55
CA GLU G 442 -15.03 55.99 -106.22
C GLU G 442 -14.01 55.40 -105.25
N GLY G 443 -13.06 54.65 -105.81
CA GLY G 443 -12.00 54.06 -105.03
C GLY G 443 -12.33 52.67 -104.53
N ALA G 444 -11.46 52.17 -103.65
CA ALA G 444 -11.72 50.91 -102.98
C ALA G 444 -12.64 51.10 -101.77
N LEU G 445 -12.95 52.35 -101.44
CA LEU G 445 -13.93 52.64 -100.41
C LEU G 445 -15.33 52.24 -100.87
N GLY G 446 -15.64 52.43 -102.15
CA GLY G 446 -16.99 52.20 -102.62
C GLY G 446 -17.28 50.76 -102.98
N LYS G 447 -16.38 49.84 -102.65
CA LYS G 447 -16.58 48.46 -103.03
C LYS G 447 -17.32 47.68 -101.94
N ALA G 448 -17.32 46.36 -102.11
CA ALA G 448 -18.21 45.47 -101.38
C ALA G 448 -17.64 45.13 -100.00
N PRO G 449 -18.40 44.45 -99.14
CA PRO G 449 -17.83 43.92 -97.89
C PRO G 449 -16.68 42.94 -98.10
N TRP G 450 -15.96 42.66 -97.00
CA TRP G 450 -14.72 41.90 -97.10
C TRP G 450 -14.92 40.44 -96.73
N LEU G 451 -15.87 40.15 -95.83
CA LEU G 451 -16.38 38.79 -95.54
C LEU G 451 -15.27 37.86 -95.06
N TYR G 452 -14.84 38.10 -93.81
CA TYR G 452 -13.92 37.18 -93.14
C TYR G 452 -14.45 35.75 -93.14
N GLY G 453 -15.75 35.57 -92.91
CA GLY G 453 -16.34 34.26 -93.05
C GLY G 453 -17.83 34.27 -92.74
N LEU G 454 -18.41 33.09 -92.80
CA LEU G 454 -19.83 32.86 -92.56
C LEU G 454 -20.02 31.45 -92.03
N ILE G 455 -20.83 31.32 -90.97
CA ILE G 455 -21.04 30.03 -90.32
C ILE G 455 -22.53 29.78 -90.15
N TYR G 456 -22.90 28.51 -90.28
CA TYR G 456 -24.29 28.07 -90.19
C TYR G 456 -24.57 27.56 -88.79
N ASN G 457 -25.85 27.65 -88.40
CA ASN G 457 -26.38 27.12 -87.13
C ASN G 457 -25.73 27.82 -85.94
N ALA G 458 -25.39 29.09 -86.12
CA ALA G 458 -24.54 29.83 -85.19
C ALA G 458 -25.37 30.78 -84.36
N MET G 459 -24.88 31.09 -83.16
CA MET G 459 -25.47 32.10 -82.27
C MET G 459 -24.41 32.53 -81.27
N THR G 460 -24.40 33.81 -80.91
CA THR G 460 -23.37 34.34 -80.03
C THR G 460 -23.54 33.85 -78.60
N ALA G 461 -22.48 33.98 -77.81
CA ALA G 461 -22.46 33.48 -76.44
C ALA G 461 -21.65 34.42 -75.56
N THR G 462 -22.31 34.93 -74.51
CA THR G 462 -21.73 35.92 -73.61
C THR G 462 -21.22 35.26 -72.34
N LEU G 463 -20.29 35.94 -71.68
CA LEU G 463 -19.67 35.42 -70.45
C LEU G 463 -20.68 35.39 -69.31
N VAL G 464 -20.57 34.39 -68.45
CA VAL G 464 -21.64 34.12 -67.49
C VAL G 464 -21.43 34.89 -66.20
N ASN G 465 -20.36 34.61 -65.47
CA ASN G 465 -20.12 35.21 -64.16
C ASN G 465 -18.86 36.06 -64.25
N VAL G 466 -19.01 37.37 -64.09
CA VAL G 466 -17.94 38.29 -64.46
C VAL G 466 -17.08 38.64 -63.26
N ASP G 467 -17.58 38.39 -62.04
CA ASP G 467 -16.86 38.84 -60.85
C ASP G 467 -15.82 37.83 -60.41
N SER G 468 -16.04 36.55 -60.69
CA SER G 468 -15.15 35.53 -60.19
C SER G 468 -13.86 35.45 -61.00
N ILE G 469 -13.92 35.85 -62.28
CA ILE G 469 -12.78 35.67 -63.17
C ILE G 469 -11.73 36.73 -62.89
N SER G 470 -10.48 36.29 -62.79
CA SER G 470 -9.36 37.19 -62.51
C SER G 470 -9.06 38.09 -63.69
N ASP G 471 -8.17 39.06 -63.45
CA ASP G 471 -7.94 40.11 -64.44
C ASP G 471 -7.03 39.64 -65.57
N SER G 472 -6.43 38.46 -65.43
CA SER G 472 -5.51 37.98 -66.45
C SER G 472 -6.25 37.55 -67.70
N HIS G 473 -7.51 37.13 -67.56
CA HIS G 473 -8.26 36.67 -68.72
C HIS G 473 -8.76 37.84 -69.55
N PHE G 474 -9.09 38.96 -68.91
CA PHE G 474 -9.71 40.07 -69.63
C PHE G 474 -8.69 40.88 -70.43
N LEU G 475 -7.39 40.67 -70.18
CA LEU G 475 -6.34 41.44 -70.84
C LEU G 475 -6.27 41.19 -72.33
N THR G 476 -6.32 39.93 -72.72
CA THR G 476 -6.31 39.53 -74.11
C THR G 476 -7.69 39.01 -74.48
N PRO G 477 -8.06 39.07 -75.76
CA PRO G 477 -9.15 38.23 -76.24
C PRO G 477 -8.79 36.76 -76.05
N LEU G 478 -9.81 35.97 -75.73
CA LEU G 478 -9.65 34.52 -75.64
C LEU G 478 -9.28 33.97 -77.01
N PRO G 479 -8.43 32.94 -77.09
CA PRO G 479 -7.93 32.50 -78.39
C PRO G 479 -8.99 31.78 -79.23
N ALA G 480 -8.73 31.70 -80.53
CA ALA G 480 -9.67 31.08 -81.44
C ALA G 480 -9.60 29.56 -81.33
N SER G 481 -10.71 28.90 -81.70
CA SER G 481 -10.88 27.44 -81.66
C SER G 481 -10.66 26.90 -80.25
N SER G 482 -11.21 27.60 -79.26
CA SER G 482 -10.95 27.23 -77.87
C SER G 482 -12.11 26.43 -77.29
N ILE G 483 -13.32 26.97 -77.33
CA ILE G 483 -14.50 26.27 -76.81
C ILE G 483 -14.87 25.19 -77.82
N GLN G 484 -14.77 23.93 -77.38
CA GLN G 484 -14.98 22.78 -78.22
C GLN G 484 -16.02 21.83 -77.65
N ARG G 485 -16.68 22.23 -76.56
CA ARG G 485 -17.56 21.35 -75.83
C ARG G 485 -18.46 22.20 -74.95
N PRO G 486 -19.65 21.71 -74.60
CA PRO G 486 -20.47 22.40 -73.60
C PRO G 486 -20.15 21.95 -72.18
N VAL G 487 -20.77 22.62 -71.22
CA VAL G 487 -20.60 22.23 -69.82
C VAL G 487 -21.36 20.94 -69.54
N GLU G 488 -22.67 20.95 -69.78
CA GLU G 488 -23.47 19.76 -69.63
C GLU G 488 -23.41 18.94 -70.91
N PRO G 489 -23.09 17.65 -70.83
CA PRO G 489 -22.89 16.86 -72.04
C PRO G 489 -24.19 16.55 -72.76
N ILE G 490 -24.38 17.18 -73.91
CA ILE G 490 -25.53 16.96 -74.78
C ILE G 490 -25.09 15.93 -75.82
N ILE G 491 -25.71 14.74 -75.76
CA ILE G 491 -25.18 13.55 -76.41
C ILE G 491 -25.39 13.58 -77.92
N VAL G 492 -26.43 14.27 -78.38
CA VAL G 492 -26.74 14.27 -79.80
C VAL G 492 -25.92 15.35 -80.51
N LEU G 493 -25.32 16.24 -79.74
CA LEU G 493 -24.40 17.21 -80.31
C LEU G 493 -23.11 16.53 -80.74
N ALA G 494 -22.59 16.94 -81.90
CA ALA G 494 -21.32 16.41 -82.39
C ALA G 494 -20.16 17.30 -81.99
N SER G 495 -20.22 18.57 -82.38
CA SER G 495 -19.15 19.51 -82.06
C SER G 495 -19.66 20.94 -82.11
N VAL G 496 -19.07 21.79 -81.26
CA VAL G 496 -19.16 23.23 -81.41
C VAL G 496 -17.79 23.70 -81.85
N ASN G 497 -17.70 24.92 -82.37
CA ASN G 497 -16.42 25.52 -82.68
C ASN G 497 -16.57 27.03 -82.78
N GLN G 498 -15.51 27.73 -82.44
CA GLN G 498 -15.42 29.16 -82.72
C GLN G 498 -14.34 29.37 -83.76
N PRO G 499 -14.65 29.90 -84.94
CA PRO G 499 -13.56 30.28 -85.85
C PRO G 499 -12.86 31.55 -85.40
N TRP G 500 -13.61 32.55 -84.95
CA TRP G 500 -13.07 33.77 -84.39
C TRP G 500 -13.51 33.87 -82.94
N ALA G 501 -12.83 34.71 -82.16
CA ALA G 501 -13.01 34.65 -80.72
C ALA G 501 -12.89 36.00 -80.03
N SER G 502 -13.93 36.29 -79.25
CA SER G 502 -13.87 37.17 -78.08
C SER G 502 -13.52 38.62 -78.43
N TRP G 503 -14.38 39.27 -79.21
CA TRP G 503 -14.31 40.72 -79.32
C TRP G 503 -14.91 41.33 -78.07
N GLY G 504 -14.54 42.58 -77.79
CA GLY G 504 -15.14 43.33 -76.70
C GLY G 504 -14.70 42.83 -75.34
N GLY G 505 -15.35 43.36 -74.32
CA GLY G 505 -15.00 43.01 -72.96
C GLY G 505 -13.78 43.77 -72.49
N ARG G 506 -13.88 44.34 -71.30
CA ARG G 506 -12.82 45.19 -70.79
C ARG G 506 -12.50 44.81 -69.36
N ILE G 507 -11.34 45.28 -68.90
CA ILE G 507 -10.80 45.00 -67.58
C ILE G 507 -11.71 45.65 -66.52
N PRO G 508 -11.81 45.09 -65.32
CA PRO G 508 -12.30 45.90 -64.20
C PRO G 508 -11.29 47.00 -63.90
N GLU G 509 -11.80 48.13 -63.43
CA GLU G 509 -11.00 49.34 -63.40
C GLU G 509 -9.95 49.29 -62.29
N SER G 510 -8.71 49.55 -62.66
CA SER G 510 -7.62 49.75 -61.70
C SER G 510 -7.70 51.16 -61.16
N TYR G 511 -7.07 51.36 -60.00
CA TYR G 511 -7.19 52.64 -59.31
C TYR G 511 -6.37 53.73 -60.00
N SER G 512 -5.46 53.35 -60.90
CA SER G 512 -4.77 54.34 -61.71
C SER G 512 -5.67 54.82 -62.84
N ALA G 513 -6.35 53.89 -63.52
CA ALA G 513 -7.17 54.27 -64.67
C ALA G 513 -8.53 54.79 -64.23
N PHE G 514 -8.97 54.45 -63.03
CA PHE G 514 -10.19 55.02 -62.50
C PHE G 514 -9.99 56.50 -62.17
N PHE G 515 -8.78 56.87 -61.76
CA PHE G 515 -8.52 58.27 -61.46
C PHE G 515 -8.41 59.11 -62.73
N GLU G 516 -7.87 58.52 -63.81
CA GLU G 516 -7.82 59.24 -65.07
C GLU G 516 -9.21 59.43 -65.68
N ARG G 517 -10.10 58.47 -65.42
CA ARG G 517 -11.46 58.56 -65.96
C ARG G 517 -12.25 59.67 -65.28
N ILE G 518 -12.11 59.82 -63.97
CA ILE G 518 -12.87 60.84 -63.25
C ILE G 518 -12.20 62.21 -63.41
N ALA G 519 -10.90 62.23 -63.69
CA ALA G 519 -10.25 63.50 -63.96
C ALA G 519 -10.69 64.08 -65.30
N GLN G 520 -11.15 63.23 -66.22
CA GLN G 520 -11.70 63.73 -67.47
C GLN G 520 -13.11 64.27 -67.25
N ASN G 521 -13.91 63.60 -66.42
CA ASN G 521 -15.30 64.01 -66.21
C ASN G 521 -15.39 65.32 -65.44
N LEU G 522 -14.35 65.66 -64.68
CA LEU G 522 -14.39 66.94 -63.97
C LEU G 522 -13.76 68.05 -64.79
N SER G 523 -13.10 67.70 -65.89
CA SER G 523 -12.49 68.73 -66.71
C SER G 523 -13.47 69.29 -67.74
N HIS G 524 -14.11 68.42 -68.52
CA HIS G 524 -15.03 68.85 -69.55
C HIS G 524 -16.50 68.72 -69.18
N ARG G 525 -16.84 67.82 -68.26
CA ARG G 525 -18.19 67.66 -67.68
C ARG G 525 -19.23 67.32 -68.74
N ASN G 526 -18.80 66.54 -69.74
CA ASN G 526 -19.64 65.94 -70.76
C ASN G 526 -20.31 67.00 -71.64
N ARG G 527 -19.66 68.14 -71.80
CA ARG G 527 -20.00 69.13 -72.81
C ARG G 527 -18.74 69.50 -73.56
N SER G 528 -18.81 69.45 -74.88
CA SER G 528 -17.67 69.78 -75.73
C SER G 528 -17.75 71.26 -76.06
N LEU G 529 -17.20 72.09 -75.18
CA LEU G 529 -17.28 73.52 -75.36
C LEU G 529 -16.03 74.15 -75.97
N THR G 530 -14.87 73.55 -75.80
CA THR G 530 -13.62 74.14 -76.26
C THR G 530 -12.94 73.19 -77.25
N TRP G 531 -11.79 73.64 -77.77
CA TRP G 531 -11.05 72.81 -78.71
C TRP G 531 -10.47 71.58 -78.04
N GLY G 532 -9.98 71.74 -76.81
CA GLY G 532 -9.43 70.60 -76.10
C GLY G 532 -10.50 69.58 -75.74
N ASN G 533 -11.68 70.07 -75.37
CA ASN G 533 -12.77 69.18 -74.97
C ASN G 533 -13.31 68.40 -76.16
N MET G 534 -13.19 68.95 -77.37
CA MET G 534 -13.60 68.20 -78.54
C MET G 534 -12.59 67.12 -78.89
N VAL G 535 -11.35 67.29 -78.47
CA VAL G 535 -10.30 66.33 -78.82
C VAL G 535 -10.38 65.08 -77.95
N THR G 536 -10.58 65.25 -76.63
CA THR G 536 -10.66 64.06 -75.78
C THR G 536 -12.01 63.37 -75.90
N LEU G 537 -13.10 64.12 -76.07
CA LEU G 537 -14.43 63.51 -76.05
C LEU G 537 -14.67 62.63 -77.27
N LEU G 538 -13.93 62.85 -78.35
CA LEU G 538 -13.97 61.90 -79.46
C LEU G 538 -13.08 60.71 -79.18
N LYS G 539 -12.02 60.90 -78.40
CA LYS G 539 -10.99 59.88 -78.31
C LYS G 539 -11.35 58.78 -77.31
N GLU G 540 -12.13 59.12 -76.28
CA GLU G 540 -12.47 58.10 -75.27
C GLU G 540 -13.60 57.20 -75.77
N ARG G 541 -14.59 57.78 -76.43
CA ARG G 541 -15.75 57.02 -76.83
C ARG G 541 -15.45 56.11 -78.02
N TYR G 542 -14.79 56.63 -79.04
CA TYR G 542 -14.56 55.90 -80.28
C TYR G 542 -13.23 55.14 -80.18
N VAL G 543 -13.26 53.86 -80.53
CA VAL G 543 -12.04 53.07 -80.51
C VAL G 543 -11.35 53.11 -81.87
N SER G 544 -12.09 53.51 -82.90
CA SER G 544 -11.52 53.56 -84.25
C SER G 544 -10.56 54.74 -84.40
N ILE G 545 -10.73 55.77 -83.58
CA ILE G 545 -9.90 56.96 -83.68
C ILE G 545 -8.51 56.68 -83.16
N PHE G 546 -7.51 56.90 -84.00
CA PHE G 546 -6.14 56.94 -83.50
C PHE G 546 -5.87 58.26 -82.81
N ASP G 547 -6.02 59.37 -83.53
CA ASP G 547 -5.84 60.70 -82.97
C ASP G 547 -6.74 61.69 -83.69
N VAL G 548 -6.94 62.83 -83.06
CA VAL G 548 -7.47 64.02 -83.69
C VAL G 548 -6.44 65.12 -83.49
N LYS G 549 -6.24 65.93 -84.52
CA LYS G 549 -5.37 67.09 -84.41
C LYS G 549 -6.20 68.34 -84.64
N TYR G 550 -5.91 69.38 -83.87
CA TYR G 550 -6.66 70.62 -84.00
C TYR G 550 -6.30 71.31 -85.32
N PRO G 551 -7.18 72.16 -85.84
CA PRO G 551 -6.85 72.99 -87.01
C PRO G 551 -5.96 74.18 -86.67
N GLY G 552 -4.72 73.88 -86.24
CA GLY G 552 -3.62 74.80 -86.34
C GLY G 552 -3.59 76.06 -85.49
N ASN G 553 -2.56 76.87 -85.73
CA ASN G 553 -2.34 78.07 -84.95
C ASN G 553 -2.78 79.32 -85.71
N ASP G 554 -2.51 79.36 -87.02
CA ASP G 554 -2.77 80.59 -87.77
C ASP G 554 -4.25 80.72 -88.08
N GLU G 555 -4.96 79.59 -88.08
CA GLU G 555 -6.34 79.55 -88.56
C GLU G 555 -7.25 80.29 -87.59
N LEU G 556 -7.02 80.14 -86.29
CA LEU G 556 -7.95 80.69 -85.30
C LEU G 556 -7.73 82.18 -85.10
N THR G 557 -6.72 82.76 -85.72
CA THR G 557 -6.42 84.17 -85.47
C THR G 557 -6.72 85.04 -86.69
N ARG G 558 -6.83 84.44 -87.88
CA ARG G 558 -7.16 85.25 -89.06
C ARG G 558 -8.66 85.54 -89.11
N VAL G 559 -9.48 84.48 -89.05
CA VAL G 559 -10.91 84.37 -88.74
C VAL G 559 -11.79 85.54 -89.18
N PRO G 560 -12.06 85.69 -90.48
CA PRO G 560 -13.10 86.66 -90.88
C PRO G 560 -14.49 86.05 -90.79
N ALA G 561 -14.90 85.83 -89.52
CA ALA G 561 -16.19 85.23 -89.14
C ALA G 561 -16.39 83.85 -89.78
N LEU G 562 -15.54 82.90 -89.42
CA LEU G 562 -15.71 81.52 -89.85
C LEU G 562 -16.48 80.78 -88.78
N GLU G 563 -17.74 80.44 -89.08
CA GLU G 563 -18.54 79.66 -88.15
C GLU G 563 -18.13 78.19 -88.15
N GLN G 564 -17.91 77.64 -89.34
CA GLN G 564 -17.70 76.20 -89.48
C GLN G 564 -16.31 75.80 -89.02
N GLN G 565 -16.26 74.81 -88.13
CA GLN G 565 -15.00 74.24 -87.67
C GLN G 565 -14.94 72.79 -88.10
N GLN G 566 -13.74 72.34 -88.47
CA GLN G 566 -13.55 71.06 -89.14
C GLN G 566 -12.45 70.28 -88.42
N LEU G 567 -12.85 69.38 -87.54
CA LEU G 567 -11.92 68.49 -86.86
C LEU G 567 -11.44 67.43 -87.83
N THR G 568 -10.14 67.20 -87.89
CA THR G 568 -9.59 66.23 -88.83
C THR G 568 -9.19 64.99 -88.05
N VAL G 569 -9.96 63.93 -88.20
CA VAL G 569 -9.73 62.69 -87.45
C VAL G 569 -8.83 61.80 -88.30
N ILE G 570 -7.90 61.11 -87.64
CA ILE G 570 -7.09 60.13 -88.33
C ILE G 570 -7.22 58.80 -87.58
N PRO G 571 -7.64 57.73 -88.24
CA PRO G 571 -7.98 56.51 -87.51
C PRO G 571 -6.84 55.52 -87.47
N ALA G 572 -7.03 54.48 -86.68
CA ALA G 572 -6.06 53.41 -86.58
C ALA G 572 -6.16 52.47 -87.77
N ASN G 573 -5.19 51.57 -87.87
CA ASN G 573 -5.24 50.56 -88.92
C ASN G 573 -6.17 49.41 -88.57
N ARG G 574 -6.64 49.36 -87.33
CA ARG G 574 -7.59 48.33 -86.93
C ARG G 574 -8.95 48.54 -87.58
N TYR G 575 -9.38 49.79 -87.68
CA TYR G 575 -10.69 50.13 -88.23
C TYR G 575 -10.52 51.20 -89.31
N ASN G 576 -10.25 50.76 -90.54
CA ASN G 576 -10.28 51.64 -91.70
C ASN G 576 -10.99 50.95 -92.85
N ASP G 577 -11.85 51.70 -93.53
CA ASP G 577 -12.69 51.10 -94.56
C ASP G 577 -11.98 51.08 -95.91
N SER G 578 -11.29 52.16 -96.25
CA SER G 578 -10.56 52.22 -97.51
C SER G 578 -9.32 51.33 -97.45
N ASP G 579 -9.04 50.64 -98.55
CA ASP G 579 -7.89 49.73 -98.61
C ASP G 579 -6.62 50.50 -98.95
N ASP G 580 -6.12 51.21 -97.94
CA ASP G 580 -4.81 51.84 -97.97
C ASP G 580 -4.24 51.78 -96.57
N SER G 581 -3.06 51.18 -96.44
CA SER G 581 -2.47 51.01 -95.11
C SER G 581 -1.97 52.35 -94.57
N LEU G 582 -1.32 53.14 -95.40
CA LEU G 582 -0.75 54.40 -94.92
C LEU G 582 -1.80 55.49 -94.81
N ARG G 583 -2.86 55.42 -95.62
CA ARG G 583 -3.87 56.46 -95.64
C ARG G 583 -5.21 55.89 -95.19
N PRO G 584 -5.54 55.93 -93.91
CA PRO G 584 -6.79 55.33 -93.45
C PRO G 584 -7.98 56.28 -93.52
N VAL G 585 -9.08 55.82 -94.11
CA VAL G 585 -10.26 56.64 -94.36
C VAL G 585 -11.46 55.94 -93.75
N LEU G 586 -12.37 56.71 -93.14
CA LEU G 586 -13.67 56.17 -92.75
C LEU G 586 -14.68 56.38 -93.86
N ASN G 587 -15.77 55.62 -93.81
CA ASN G 587 -16.89 55.90 -94.68
C ASN G 587 -17.63 57.13 -94.17
N PRO G 588 -18.18 57.96 -95.05
CA PRO G 588 -18.73 59.24 -94.59
C PRO G 588 -20.02 59.14 -93.79
N ALA G 589 -20.67 57.97 -93.76
CA ALA G 589 -21.89 57.84 -92.98
C ALA G 589 -21.59 57.79 -91.49
N ARG G 590 -20.64 56.92 -91.08
CA ARG G 590 -20.28 56.88 -89.67
C ARG G 590 -19.38 58.05 -89.31
N LEU G 591 -18.76 58.68 -90.30
CA LEU G 591 -18.00 59.90 -90.07
C LEU G 591 -18.93 61.07 -89.77
N GLN G 592 -20.11 61.07 -90.38
CA GLN G 592 -21.11 62.11 -90.09
C GLN G 592 -21.75 61.86 -88.73
N GLU G 593 -21.80 60.60 -88.30
CA GLU G 593 -22.42 60.24 -87.04
C GLU G 593 -21.58 60.67 -85.85
N MET G 594 -20.27 60.85 -86.06
CA MET G 594 -19.43 61.42 -85.00
C MET G 594 -19.72 62.90 -84.81
N ALA G 595 -20.13 63.59 -85.88
CA ALA G 595 -20.50 64.99 -85.76
C ALA G 595 -21.85 65.12 -85.05
N ASP G 596 -22.74 64.17 -85.31
CA ASP G 596 -24.08 64.23 -84.74
C ASP G 596 -24.06 63.92 -83.25
N TRP G 597 -23.08 63.13 -82.81
CA TRP G 597 -22.85 62.92 -81.38
C TRP G 597 -22.32 64.19 -80.72
N LEU G 598 -21.45 64.91 -81.42
CA LEU G 598 -20.77 66.04 -80.80
C LEU G 598 -21.56 67.32 -80.99
N GLN G 599 -22.62 67.27 -81.81
CA GLN G 599 -23.48 68.43 -81.96
C GLN G 599 -24.33 68.65 -80.72
N GLN G 600 -24.69 67.58 -80.02
CA GLN G 600 -25.45 67.70 -78.78
C GLN G 600 -24.63 68.32 -77.68
N LYS G 601 -23.35 67.93 -77.58
CA LYS G 601 -22.51 68.46 -76.52
C LYS G 601 -22.12 69.91 -76.80
N ASP G 602 -22.00 70.27 -78.07
CA ASP G 602 -21.50 71.59 -78.43
C ASP G 602 -22.62 72.63 -78.33
N SER G 603 -22.25 73.88 -78.57
CA SER G 603 -23.21 74.96 -78.69
C SER G 603 -24.07 74.75 -79.94
N PRO G 604 -25.33 75.21 -79.91
CA PRO G 604 -26.18 75.09 -81.12
C PRO G 604 -25.68 75.93 -82.28
N TRP G 605 -24.95 77.01 -81.99
CA TRP G 605 -24.40 77.82 -83.07
C TRP G 605 -23.16 77.18 -83.66
N ALA G 606 -22.55 76.25 -82.94
CA ALA G 606 -21.36 75.58 -83.43
C ALA G 606 -21.72 74.49 -84.42
N SER G 607 -21.53 74.76 -85.70
CA SER G 607 -21.70 73.77 -86.74
C SER G 607 -20.39 72.99 -86.85
N ILE G 608 -20.34 71.84 -86.20
CA ILE G 608 -19.12 71.04 -86.09
C ILE G 608 -19.30 69.78 -86.90
N GLU G 609 -18.33 69.47 -87.76
CA GLU G 609 -18.32 68.20 -88.49
C GLU G 609 -16.90 67.70 -88.66
N VAL G 610 -16.75 66.38 -88.63
CA VAL G 610 -15.45 65.71 -88.67
C VAL G 610 -15.21 65.24 -90.08
N ARG G 611 -13.95 65.31 -90.53
CA ARG G 611 -13.56 64.81 -91.83
C ARG G 611 -12.22 64.10 -91.74
N ASN G 612 -11.92 63.33 -92.80
CA ASN G 612 -10.57 62.83 -92.95
C ASN G 612 -9.72 63.87 -93.65
N PRO G 613 -8.46 64.05 -93.25
CA PRO G 613 -7.63 65.06 -93.91
C PRO G 613 -6.97 64.52 -95.16
N GLU G 614 -6.81 65.38 -96.15
CA GLU G 614 -6.03 64.98 -97.33
C GLU G 614 -4.56 64.89 -96.96
N TYR G 615 -3.90 63.89 -97.52
CA TYR G 615 -2.56 63.49 -97.11
C TYR G 615 -1.54 64.11 -98.07
N LEU G 616 -0.74 65.05 -97.57
CA LEU G 616 0.42 65.50 -98.31
C LEU G 616 1.54 64.48 -98.25
N ASP G 617 2.20 64.28 -99.39
CA ASP G 617 3.35 63.38 -99.49
C ASP G 617 4.62 64.20 -99.51
N VAL G 618 5.45 64.04 -98.48
CA VAL G 618 6.77 64.65 -98.45
C VAL G 618 7.80 63.56 -98.73
N LYS G 619 8.54 63.73 -99.81
CA LYS G 619 9.51 62.73 -100.24
C LYS G 619 10.88 63.07 -99.69
N ILE G 620 11.71 62.06 -99.49
CA ILE G 620 13.11 62.24 -99.13
C ILE G 620 13.94 61.34 -100.02
N HIS G 621 15.09 61.85 -100.46
CA HIS G 621 16.08 61.09 -101.21
C HIS G 621 17.40 61.19 -100.47
N TYR G 622 17.70 60.19 -99.64
CA TYR G 622 18.88 60.29 -98.80
C TYR G 622 19.92 59.28 -99.24
N GLU G 623 21.18 59.62 -99.03
CA GLU G 623 22.30 58.70 -99.19
C GLU G 623 22.93 58.50 -97.83
N VAL G 624 23.33 57.26 -97.55
CA VAL G 624 23.73 56.87 -96.20
C VAL G 624 24.73 55.72 -96.31
N ILE G 625 25.83 55.84 -95.56
CA ILE G 625 26.86 54.81 -95.53
C ILE G 625 26.63 53.93 -94.30
N PHE G 626 26.70 52.63 -94.50
CA PHE G 626 26.27 51.66 -93.50
C PHE G 626 27.46 51.04 -92.79
N LYS G 627 27.18 49.97 -92.05
CA LYS G 627 28.20 49.13 -91.41
C LYS G 627 29.12 48.52 -92.46
N PRO G 628 30.35 48.15 -92.09
CA PRO G 628 31.28 47.58 -93.09
C PRO G 628 30.88 46.22 -93.63
N ASP G 629 30.02 45.47 -92.93
CA ASP G 629 29.73 44.08 -93.30
C ASP G 629 28.21 43.87 -93.44
N VAL G 630 27.56 44.73 -94.22
CA VAL G 630 26.14 44.56 -94.52
C VAL G 630 25.90 44.97 -95.97
N ASN G 631 24.96 44.29 -96.64
CA ASN G 631 24.53 44.73 -97.95
C ASN G 631 23.54 45.87 -97.82
N GLU G 632 23.66 46.87 -98.70
CA GLU G 632 22.93 48.12 -98.50
C GLU G 632 21.46 47.98 -98.87
N ASP G 633 21.13 47.05 -99.77
CA ASP G 633 19.74 46.88 -100.17
C ASP G 633 18.92 46.25 -99.05
N PHE G 634 19.53 45.34 -98.29
CA PHE G 634 18.93 44.90 -97.03
C PHE G 634 18.99 46.02 -96.00
N GLY G 635 20.00 46.88 -96.10
CA GLY G 635 20.10 47.99 -95.17
C GLY G 635 19.15 49.13 -95.49
N TYR G 636 18.85 49.32 -96.77
CA TYR G 636 17.87 50.34 -97.15
C TYR G 636 16.47 49.93 -96.74
N ARG G 637 16.12 48.67 -96.96
CA ARG G 637 14.76 48.20 -96.71
C ARG G 637 14.46 48.14 -95.22
N GLN G 638 15.45 47.70 -94.43
CA GLN G 638 15.22 47.57 -93.00
C GLN G 638 15.11 48.93 -92.33
N LEU G 639 15.94 49.89 -92.77
CA LEU G 639 15.88 51.25 -92.22
C LEU G 639 14.59 51.95 -92.62
N GLN G 640 14.01 51.57 -93.76
CA GLN G 640 12.81 52.23 -94.24
C GLN G 640 11.59 51.83 -93.40
N GLN G 641 11.61 50.63 -92.82
CA GLN G 641 10.46 50.15 -92.08
C GLN G 641 10.30 50.87 -90.74
N GLN G 642 11.41 51.12 -90.04
CA GLN G 642 11.32 51.83 -88.77
C GLN G 642 11.08 53.32 -89.01
N LEU G 643 11.54 53.84 -90.14
CA LEU G 643 11.23 55.22 -90.50
C LEU G 643 9.77 55.36 -90.90
N CYS G 644 9.21 54.31 -91.51
CA CYS G 644 7.77 54.32 -91.80
C CYS G 644 6.96 54.17 -90.53
N GLU G 645 7.54 53.54 -89.50
CA GLU G 645 6.79 53.28 -88.28
C GLU G 645 6.66 54.52 -87.41
N VAL G 646 7.76 55.27 -87.24
CA VAL G 646 7.77 56.34 -86.25
C VAL G 646 6.93 57.53 -86.71
N TYR G 647 7.04 57.89 -87.98
CA TYR G 647 6.31 59.03 -88.50
C TYR G 647 4.96 58.67 -89.10
N MET G 648 4.63 57.38 -89.18
CA MET G 648 3.26 56.95 -89.42
C MET G 648 2.92 55.86 -88.40
N PRO G 649 2.67 56.24 -87.14
CA PRO G 649 2.42 55.22 -86.11
C PRO G 649 1.07 54.55 -86.24
N TRP G 650 0.15 55.14 -87.00
CA TRP G 650 -1.14 54.50 -87.20
C TRP G 650 -1.04 53.34 -88.19
N SER G 651 0.05 53.28 -88.97
CA SER G 651 0.14 52.29 -90.03
C SER G 651 0.36 50.89 -89.47
N ILE G 652 1.21 50.77 -88.44
CA ILE G 652 1.50 49.46 -87.88
C ILE G 652 0.40 49.07 -86.91
N ASP G 653 -0.12 47.85 -87.09
CA ASP G 653 -1.25 47.35 -86.32
C ASP G 653 -0.84 47.11 -84.86
N GLU G 654 -1.83 47.22 -83.96
CA GLU G 654 -1.68 47.07 -82.50
C GLU G 654 -0.69 48.11 -81.96
N GLN G 655 -1.04 49.39 -82.12
CA GLN G 655 -0.25 50.49 -81.58
C GLN G 655 -1.13 51.35 -80.68
N ARG G 656 -0.63 51.68 -79.49
CA ARG G 656 -1.35 52.62 -78.64
C ARG G 656 -1.33 54.01 -79.27
N PRO G 657 -2.39 54.80 -79.09
CA PRO G 657 -2.40 56.15 -79.68
C PRO G 657 -1.44 57.09 -78.95
N VAL G 658 -0.40 57.50 -79.66
CA VAL G 658 0.60 58.41 -79.12
C VAL G 658 0.41 59.78 -79.76
N VAL G 659 0.46 60.83 -78.93
CA VAL G 659 0.20 62.17 -79.43
C VAL G 659 1.42 62.66 -80.19
N LEU G 660 1.20 63.15 -81.41
CA LEU G 660 2.29 63.50 -82.31
C LEU G 660 1.87 64.73 -83.11
N ASN G 661 2.79 65.67 -83.26
CA ASN G 661 2.45 66.96 -83.85
C ASN G 661 2.39 66.87 -85.38
N ASN G 662 1.93 67.96 -85.99
CA ASN G 662 1.88 68.03 -87.44
C ASN G 662 3.26 68.30 -88.03
N SER G 663 4.09 69.04 -87.29
CA SER G 663 5.42 69.38 -87.77
C SER G 663 6.36 68.18 -87.67
N ILE G 664 7.14 67.97 -88.73
CA ILE G 664 8.31 67.10 -88.67
C ILE G 664 9.54 67.99 -88.77
N ASN G 665 10.49 67.79 -87.86
CA ASN G 665 11.69 68.61 -87.85
C ASN G 665 12.74 68.00 -88.75
N TYR G 666 13.54 68.86 -89.39
CA TYR G 666 14.60 68.40 -90.28
C TYR G 666 15.70 67.70 -89.49
N PHE G 667 16.02 68.19 -88.30
CA PHE G 667 17.13 67.63 -87.54
C PHE G 667 16.68 66.48 -86.65
N GLN G 668 15.43 66.55 -86.15
CA GLN G 668 14.92 65.43 -85.38
C GLN G 668 14.62 64.24 -86.29
N LEU G 669 14.34 64.49 -87.56
CA LEU G 669 14.36 63.41 -88.55
C LEU G 669 15.76 62.87 -88.73
N LEU G 670 16.76 63.76 -88.81
CA LEU G 670 18.13 63.33 -89.09
C LEU G 670 18.72 62.58 -87.90
N ALA G 671 18.29 62.94 -86.69
CA ALA G 671 18.74 62.20 -85.51
C ALA G 671 18.05 60.85 -85.41
N THR G 672 16.79 60.77 -85.86
CA THR G 672 16.04 59.53 -85.75
C THR G 672 16.59 58.47 -86.70
N ILE G 673 17.18 58.90 -87.81
CA ILE G 673 17.89 57.98 -88.69
C ILE G 673 19.14 57.45 -88.01
N GLN G 674 19.77 58.27 -87.15
CA GLN G 674 21.05 57.91 -86.55
C GLN G 674 20.92 56.89 -85.42
N GLN G 675 19.72 56.72 -84.86
CA GLN G 675 19.61 55.81 -83.72
C GLN G 675 19.29 54.39 -84.15
N GLN G 676 19.26 54.12 -85.44
CA GLN G 676 19.12 52.75 -85.88
C GLN G 676 20.44 52.01 -85.64
N PRO G 677 20.40 50.72 -85.30
CA PRO G 677 21.66 50.03 -84.95
C PRO G 677 22.55 49.75 -86.14
N LEU G 678 21.98 49.80 -87.34
CA LEU G 678 22.73 49.41 -88.53
C LEU G 678 23.31 50.64 -89.24
N VAL G 679 22.85 51.83 -88.88
CA VAL G 679 23.34 53.03 -89.56
C VAL G 679 24.73 53.37 -89.01
N GLU G 680 25.53 54.04 -89.84
CA GLU G 680 26.80 54.61 -89.40
C GLU G 680 26.84 56.12 -89.58
N ARG G 681 26.49 56.60 -90.77
CA ARG G 681 26.56 58.00 -91.11
C ARG G 681 25.70 58.23 -92.35
N VAL G 682 24.97 59.34 -92.36
CA VAL G 682 24.18 59.76 -93.51
C VAL G 682 24.90 60.93 -94.17
N THR G 683 24.62 61.16 -95.44
CA THR G 683 25.20 62.32 -96.10
C THR G 683 24.22 63.48 -96.15
N ARG G 684 23.09 63.28 -96.82
CA ARG G 684 22.14 64.37 -97.02
C ARG G 684 20.74 63.81 -96.94
N LEU G 685 19.75 64.68 -96.77
CA LEU G 685 18.38 64.22 -96.65
C LEU G 685 17.55 64.55 -97.89
N THR G 686 17.62 65.81 -98.36
CA THR G 686 16.84 66.34 -99.47
C THR G 686 15.34 66.17 -99.26
N LEU G 687 14.82 66.89 -98.27
CA LEU G 687 13.38 66.97 -98.06
C LEU G 687 12.69 67.55 -99.29
N HIS G 688 11.72 66.79 -99.82
CA HIS G 688 11.10 67.08 -101.11
C HIS G 688 9.59 67.05 -100.92
N ARG G 689 9.02 68.20 -100.57
CA ARG G 689 7.59 68.33 -100.42
C ARG G 689 6.92 68.40 -101.79
N ALA G 690 5.79 67.70 -101.92
CA ALA G 690 5.04 67.74 -103.16
C ALA G 690 4.19 69.00 -103.24
N THR G 699 16.92 72.98 -98.52
CA THR G 699 16.40 71.88 -97.72
C THR G 699 16.20 72.33 -96.28
N ALA G 700 14.95 72.52 -95.89
CA ALA G 700 14.67 72.85 -94.50
C ALA G 700 13.55 71.99 -93.96
N SER G 701 13.15 72.26 -92.73
CA SER G 701 12.07 71.52 -92.10
C SER G 701 10.73 71.93 -92.70
N VAL G 702 9.93 70.92 -93.05
CA VAL G 702 8.61 71.12 -93.64
C VAL G 702 7.57 71.01 -92.54
N GLU G 703 6.68 72.00 -92.48
CA GLU G 703 5.62 72.03 -91.50
C GLU G 703 4.29 71.87 -92.21
N ALA G 704 3.42 71.07 -91.62
CA ALA G 704 2.18 70.65 -92.26
C ALA G 704 1.20 71.80 -92.25
N LYS G 705 0.66 72.11 -93.43
CA LYS G 705 -0.41 73.09 -93.52
C LYS G 705 -1.67 72.51 -92.89
N ASP G 706 -2.61 73.39 -92.53
CA ASP G 706 -3.79 72.97 -91.78
C ASP G 706 -4.68 72.08 -92.63
N ASN G 707 -5.42 71.19 -91.94
CA ASN G 707 -6.27 70.16 -92.54
C ASN G 707 -5.47 69.17 -93.41
N GLU G 708 -4.16 69.06 -93.17
CA GLU G 708 -3.30 68.21 -93.98
C GLU G 708 -2.37 67.42 -93.06
N VAL G 709 -2.07 66.18 -93.45
CA VAL G 709 -1.22 65.27 -92.70
C VAL G 709 -0.13 64.75 -93.63
N LEU G 710 1.12 64.77 -93.15
CA LEU G 710 2.29 64.40 -93.94
C LEU G 710 2.50 62.89 -93.95
N ILE G 711 2.80 62.35 -95.13
CA ILE G 711 3.15 60.95 -95.32
C ILE G 711 4.48 60.91 -96.06
N LEU G 712 5.45 60.16 -95.54
CA LEU G 712 6.74 60.10 -96.22
C LEU G 712 6.73 59.08 -97.36
N VAL G 713 7.44 59.43 -98.43
CA VAL G 713 7.55 58.60 -99.62
C VAL G 713 9.03 58.43 -99.93
N TRP G 714 9.47 57.19 -100.18
CA TRP G 714 10.87 56.88 -100.45
C TRP G 714 11.03 56.24 -101.82
N GLU G 715 11.33 57.06 -102.83
CA GLU G 715 11.76 56.55 -104.13
C GLU G 715 12.87 57.42 -104.70
N GLU H 2 53.99 8.21 -48.19
CA GLU H 2 54.31 9.17 -47.14
C GLU H 2 53.06 9.67 -46.41
N LEU H 3 52.68 8.94 -45.35
CA LEU H 3 51.58 9.25 -44.44
C LEU H 3 50.26 9.40 -45.19
N ASN H 4 49.75 8.28 -45.70
CA ASN H 4 48.56 8.32 -46.57
C ASN H 4 47.28 8.67 -45.82
N GLU H 5 47.34 8.79 -44.49
CA GLU H 5 46.14 9.09 -43.73
C GLU H 5 45.83 10.60 -43.77
N LEU H 6 46.88 11.44 -43.80
CA LEU H 6 46.66 12.89 -43.84
C LEU H 6 46.72 13.41 -45.26
N THR H 7 47.58 12.83 -46.10
CA THR H 7 47.92 13.48 -47.35
C THR H 7 46.83 13.28 -48.40
N ASN H 8 45.82 12.45 -48.11
CA ASN H 8 44.63 12.48 -48.95
C ASN H 8 43.82 13.74 -48.66
N LYS H 9 43.67 14.07 -47.37
CA LYS H 9 42.91 15.24 -46.97
C LYS H 9 43.65 16.52 -47.34
N LEU H 10 44.98 16.45 -47.37
CA LEU H 10 45.77 17.66 -47.58
C LEU H 10 45.92 17.98 -49.06
N SER H 11 46.00 16.95 -49.91
CA SER H 11 46.21 17.16 -51.33
C SER H 11 44.95 17.64 -52.02
N ASN H 12 43.79 17.45 -51.40
CA ASN H 12 42.54 17.81 -52.06
C ASN H 12 42.25 19.31 -51.93
N LEU H 13 42.82 19.95 -50.91
CA LEU H 13 42.54 21.37 -50.67
C LEU H 13 43.49 22.25 -51.47
N VAL H 14 44.77 21.93 -51.45
CA VAL H 14 45.82 22.74 -52.06
C VAL H 14 46.16 22.06 -53.39
N PRO H 15 46.60 22.81 -54.42
CA PRO H 15 46.99 22.16 -55.68
C PRO H 15 48.08 21.11 -55.57
N MET H 16 49.10 21.32 -54.72
CA MET H 16 50.18 20.37 -54.46
C MET H 16 50.95 19.99 -55.74
N THR H 17 51.71 20.96 -56.25
CA THR H 17 52.52 20.77 -57.44
C THR H 17 53.68 19.80 -57.21
N ASP H 18 54.50 19.65 -58.25
CA ASP H 18 55.53 18.61 -58.25
C ASP H 18 56.68 18.96 -57.31
N PHE H 19 56.98 20.25 -57.17
CA PHE H 19 58.15 20.65 -56.39
C PHE H 19 57.86 20.59 -54.90
N LYS H 20 58.83 20.06 -54.15
CA LYS H 20 58.75 19.93 -52.70
C LYS H 20 59.88 20.72 -52.06
N LEU H 21 59.59 21.37 -50.93
CA LEU H 21 60.64 22.06 -50.20
C LEU H 21 61.59 21.10 -49.52
N ASP H 22 61.11 19.90 -49.20
CA ASP H 22 61.94 18.85 -48.64
C ASP H 22 61.84 17.62 -49.52
N ASN H 23 62.90 17.35 -50.27
CA ASN H 23 63.10 16.07 -50.94
C ASN H 23 63.78 15.07 -50.01
N ARG H 24 63.82 15.34 -48.71
CA ARG H 24 64.45 14.47 -47.74
C ARG H 24 63.69 13.17 -47.62
N ALA H 25 64.29 12.11 -48.15
CA ALA H 25 63.71 10.78 -48.06
C ALA H 25 64.09 10.16 -46.72
N SER H 26 63.39 9.07 -46.38
CA SER H 26 63.62 8.42 -45.09
C SER H 26 64.95 7.70 -45.08
N LEU H 27 65.40 7.19 -46.23
CA LEU H 27 66.75 6.65 -46.31
C LEU H 27 67.79 7.76 -46.22
N GLN H 28 67.46 8.94 -46.75
CA GLN H 28 68.38 10.07 -46.69
C GLN H 28 68.46 10.63 -45.29
N LEU H 29 67.40 10.48 -44.50
CA LEU H 29 67.39 11.04 -43.16
C LEU H 29 68.25 10.23 -42.20
N LEU H 30 68.27 8.90 -42.37
CA LEU H 30 68.97 8.06 -41.42
C LEU H 30 70.48 8.12 -41.61
N LYS H 31 70.94 8.49 -42.79
CA LYS H 31 72.37 8.73 -42.96
C LYS H 31 72.77 10.04 -42.30
N TYR H 32 71.84 10.99 -42.20
CA TYR H 32 72.13 12.24 -41.52
C TYR H 32 72.19 12.05 -40.02
N ILE H 33 71.37 11.13 -39.50
CA ILE H 33 71.37 10.87 -38.06
C ILE H 33 72.50 9.90 -37.69
N GLU H 34 73.09 9.24 -38.69
CA GLU H 34 74.22 8.38 -38.40
C GLU H 34 75.50 9.19 -38.22
N ALA H 35 75.68 10.22 -39.05
CA ALA H 35 76.84 11.09 -38.90
C ALA H 35 76.71 11.98 -37.69
N TYR H 36 75.49 12.21 -37.21
CA TYR H 36 75.30 12.96 -35.98
C TYR H 36 75.72 12.15 -34.76
N THR H 37 75.28 10.89 -34.69
CA THR H 37 75.44 10.11 -33.47
C THR H 37 76.85 9.58 -33.32
N LYS H 38 77.66 9.60 -34.38
CA LYS H 38 79.01 9.08 -34.28
C LYS H 38 79.95 10.11 -33.67
N ILE H 39 79.46 11.32 -33.42
CA ILE H 39 80.24 12.32 -32.71
C ILE H 39 80.02 12.21 -31.21
N ILE H 40 78.79 11.90 -30.81
CA ILE H 40 78.39 11.87 -29.40
C ILE H 40 79.06 10.68 -28.72
N PRO H 41 79.88 10.90 -27.70
CA PRO H 41 80.65 9.80 -27.14
C PRO H 41 79.87 8.94 -26.18
N PHE H 42 79.80 7.64 -26.47
CA PHE H 42 79.34 6.69 -25.48
C PHE H 42 80.43 6.55 -24.44
N ASN H 43 80.06 6.78 -23.18
CA ASN H 43 80.99 7.29 -22.16
C ASN H 43 82.12 6.32 -21.84
N SER H 44 83.33 6.89 -21.73
CA SER H 44 84.56 6.19 -21.33
C SER H 44 84.91 5.05 -22.27
N GLY H 45 84.56 5.21 -23.54
CA GLY H 45 84.80 4.17 -24.52
C GLY H 45 85.12 4.77 -25.87
N ASP H 46 85.87 3.99 -26.66
CA ASP H 46 86.26 4.44 -27.99
C ASP H 46 85.04 4.41 -28.90
N LYS H 47 84.13 3.46 -28.66
CA LYS H 47 82.91 3.36 -29.46
C LYS H 47 81.97 4.51 -29.12
N TYR H 48 81.15 4.90 -30.09
CA TYR H 48 80.29 6.07 -30.01
C TYR H 48 78.83 5.67 -30.00
N TRP H 49 77.96 6.67 -30.04
CA TRP H 49 76.53 6.43 -29.91
C TRP H 49 75.93 5.85 -31.18
N ASN H 50 76.64 5.92 -32.30
CA ASN H 50 76.12 5.34 -33.53
C ASN H 50 76.21 3.82 -33.50
N ASP H 51 77.02 3.28 -32.61
CA ASP H 51 77.03 1.83 -32.41
C ASP H 51 75.83 1.40 -31.58
N PHE H 52 75.26 2.31 -30.79
CA PHE H 52 74.08 1.99 -30.01
C PHE H 52 72.83 1.97 -30.88
N PHE H 53 72.60 3.04 -31.65
CA PHE H 53 71.34 3.20 -32.37
C PHE H 53 71.23 2.24 -33.54
N PHE H 54 72.37 1.73 -34.02
CA PHE H 54 72.39 0.75 -35.09
C PHE H 54 73.22 -0.43 -34.58
N MET H 55 72.56 -1.34 -33.86
CA MET H 55 73.30 -2.23 -32.98
C MET H 55 73.67 -3.55 -33.65
N SER H 56 72.68 -4.35 -34.02
CA SER H 56 72.92 -5.74 -34.35
C SER H 56 72.36 -6.06 -35.73
N GLY H 57 73.23 -5.99 -36.74
CA GLY H 57 72.83 -6.35 -38.10
C GLY H 57 71.85 -5.36 -38.71
N ASN H 58 71.83 -4.14 -38.20
CA ASN H 58 70.90 -3.12 -38.67
C ASN H 58 71.70 -1.92 -39.15
N THR H 59 71.70 -1.70 -40.45
CA THR H 59 72.27 -0.55 -41.10
C THR H 59 71.13 0.41 -41.43
N PRO H 60 71.42 1.71 -41.61
CA PRO H 60 70.34 2.64 -41.98
C PRO H 60 69.70 2.38 -43.32
N GLU H 61 70.34 1.61 -44.21
CA GLU H 61 69.68 1.19 -45.43
C GLU H 61 68.66 0.10 -45.14
N LYS H 62 68.90 -0.72 -44.12
CA LYS H 62 67.93 -1.76 -43.76
C LYS H 62 66.77 -1.17 -42.98
N LEU H 63 67.04 -0.19 -42.13
CA LEU H 63 65.97 0.44 -41.34
C LEU H 63 65.04 1.25 -42.22
N ALA H 64 65.57 1.80 -43.32
CA ALA H 64 64.70 2.46 -44.29
C ALA H 64 63.88 1.44 -45.06
N LYS H 65 64.41 0.21 -45.22
CA LYS H 65 63.64 -0.84 -45.88
C LYS H 65 62.49 -1.31 -45.01
N LEU H 66 62.71 -1.35 -43.69
CA LEU H 66 61.63 -1.71 -42.77
C LEU H 66 60.60 -0.61 -42.66
N TYR H 67 61.06 0.64 -42.77
CA TYR H 67 60.15 1.77 -42.64
C TYR H 67 59.28 1.93 -43.87
N GLN H 68 59.87 1.85 -45.06
CA GLN H 68 59.11 1.87 -46.29
C GLN H 68 58.45 0.54 -46.62
N LYS H 69 58.63 -0.46 -45.76
CA LYS H 69 58.06 -1.81 -45.89
C LYS H 69 58.51 -2.51 -47.17
N GLU H 70 59.76 -2.29 -47.57
CA GLU H 70 60.35 -3.13 -48.61
C GLU H 70 60.62 -4.52 -48.05
N ILE H 71 60.95 -4.60 -46.76
CA ILE H 71 61.03 -5.85 -46.01
C ILE H 71 59.78 -5.95 -45.16
N GLU H 72 59.23 -7.17 -45.06
CA GLU H 72 58.14 -7.41 -44.13
C GLU H 72 58.62 -7.23 -42.69
N PRO H 73 57.85 -6.51 -41.86
CA PRO H 73 58.31 -6.22 -40.49
C PRO H 73 58.29 -7.47 -39.61
N ASN H 74 59.47 -7.93 -39.23
CA ASN H 74 59.59 -9.06 -38.34
C ASN H 74 59.21 -8.65 -36.91
N GLY H 75 58.84 -9.65 -36.10
CA GLY H 75 58.34 -9.36 -34.77
C GLY H 75 59.41 -8.85 -33.82
N GLU H 76 60.66 -9.26 -34.03
CA GLU H 76 61.74 -8.87 -33.14
C GLU H 76 62.60 -7.80 -33.80
N LEU H 77 62.48 -6.58 -33.30
CA LEU H 77 63.40 -5.50 -33.60
C LEU H 77 63.87 -4.94 -32.28
N LEU H 78 65.08 -4.40 -32.26
CA LEU H 78 65.64 -3.85 -31.03
C LEU H 78 64.84 -2.62 -30.63
N PRO H 79 64.59 -2.42 -29.34
CA PRO H 79 63.62 -1.39 -28.93
C PRO H 79 64.09 0.03 -29.14
N GLN H 80 65.39 0.30 -29.05
CA GLN H 80 65.87 1.64 -29.32
C GLN H 80 65.87 1.96 -30.80
N GLN H 81 65.79 0.93 -31.65
CA GLN H 81 65.62 1.15 -33.08
C GLN H 81 64.16 1.32 -33.44
N ALA H 82 63.28 0.55 -32.80
CA ALA H 82 61.85 0.70 -33.06
C ALA H 82 61.30 1.94 -32.37
N PHE H 83 62.03 2.47 -31.39
CA PHE H 83 61.77 3.82 -30.92
C PHE H 83 62.16 4.84 -31.98
N LEU H 84 63.25 4.56 -32.71
CA LEU H 84 63.73 5.51 -33.71
C LEU H 84 62.85 5.49 -34.96
N LEU H 85 62.38 4.30 -35.37
CA LEU H 85 61.48 4.22 -36.50
C LEU H 85 60.09 4.76 -36.16
N ALA H 86 59.76 4.82 -34.87
CA ALA H 86 58.48 5.41 -34.48
C ALA H 86 58.56 6.93 -34.50
N VAL H 87 59.76 7.48 -34.38
CA VAL H 87 59.91 8.94 -34.46
C VAL H 87 59.75 9.42 -35.89
N LEU H 88 60.31 8.70 -36.86
CA LEU H 88 60.22 9.10 -38.26
C LEU H 88 58.79 8.96 -38.79
N ARG H 89 57.97 8.12 -38.15
CA ARG H 89 56.56 8.08 -38.50
C ARG H 89 55.84 9.33 -38.01
N LEU H 90 56.30 9.89 -36.89
CA LEU H 90 55.71 11.14 -36.41
C LEU H 90 56.16 12.32 -37.26
N LEU H 91 57.43 12.34 -37.66
CA LEU H 91 57.96 13.49 -38.38
C LEU H 91 57.53 13.54 -39.84
N GLU H 92 56.70 12.62 -40.32
CA GLU H 92 56.11 12.79 -41.65
C GLU H 92 55.06 13.88 -41.64
N THR H 93 54.51 14.19 -40.47
CA THR H 93 53.44 15.19 -40.38
C THR H 93 53.92 16.64 -40.49
N PRO H 94 55.02 17.09 -39.85
CA PRO H 94 55.46 18.46 -40.15
C PRO H 94 56.08 18.62 -41.51
N ILE H 95 56.61 17.54 -42.09
CA ILE H 95 57.23 17.62 -43.40
C ILE H 95 56.15 17.73 -44.48
N SER H 96 55.05 17.00 -44.33
CA SER H 96 54.01 16.98 -45.37
C SER H 96 53.25 18.29 -45.39
N LEU H 97 53.13 18.97 -44.26
CA LEU H 97 52.50 20.28 -44.26
C LEU H 97 53.46 21.35 -44.76
N LEU H 98 54.75 21.04 -44.83
CA LEU H 98 55.73 21.99 -45.33
C LEU H 98 55.90 21.87 -46.84
N ASN H 99 55.66 20.69 -47.38
CA ASN H 99 55.75 20.52 -48.83
C ASN H 99 54.53 21.12 -49.53
N VAL H 100 53.45 21.34 -48.78
CA VAL H 100 52.21 21.77 -49.40
C VAL H 100 52.16 23.30 -49.48
N LEU H 101 53.12 23.97 -48.84
CA LEU H 101 53.17 25.43 -48.79
C LEU H 101 53.66 26.16 -50.04
N PRO H 102 54.67 25.69 -50.81
CA PRO H 102 54.99 26.43 -52.04
C PRO H 102 53.90 26.36 -53.10
N ALA H 103 53.03 25.35 -53.05
CA ALA H 103 51.85 25.36 -53.91
C ALA H 103 50.86 26.41 -53.44
N ALA H 104 50.86 26.72 -52.14
CA ALA H 104 49.94 27.72 -51.61
C ALA H 104 50.54 29.10 -51.69
N HIS H 105 51.88 29.19 -51.78
CA HIS H 105 52.52 30.50 -51.93
C HIS H 105 52.31 31.04 -53.33
N ARG H 106 52.28 30.16 -54.32
CA ARG H 106 52.07 30.57 -55.70
C ARG H 106 50.64 31.03 -55.93
N GLU H 107 49.68 30.30 -55.37
CA GLU H 107 48.26 30.62 -55.55
C GLU H 107 47.91 31.90 -54.80
N LEU H 108 48.58 32.16 -53.67
CA LEU H 108 48.43 33.43 -52.99
C LEU H 108 48.96 34.57 -53.84
N TYR H 109 50.03 34.33 -54.61
CA TYR H 109 50.62 35.39 -55.41
C TYR H 109 49.72 35.77 -56.58
N TYR H 110 49.10 34.78 -57.22
CA TYR H 110 48.28 35.08 -58.40
C TYR H 110 46.93 35.67 -58.01
N ARG H 111 46.30 35.13 -56.98
CA ARG H 111 44.91 35.49 -56.73
C ARG H 111 44.80 36.68 -55.78
N GLU H 112 45.63 36.74 -54.74
CA GLU H 112 45.47 37.81 -53.76
C GLU H 112 46.16 39.09 -54.22
N LEU H 113 47.47 39.03 -54.49
CA LEU H 113 48.19 40.21 -54.94
C LEU H 113 47.91 40.52 -56.41
N LEU H 114 48.16 39.55 -57.29
CA LEU H 114 48.14 39.84 -58.72
C LEU H 114 46.72 39.91 -59.24
N GLY H 115 45.75 39.42 -58.47
CA GLY H 115 44.35 39.55 -58.78
C GLY H 115 43.82 38.69 -59.90
N LEU H 116 44.61 37.75 -60.42
CA LEU H 116 44.18 36.96 -61.58
C LEU H 116 43.10 35.96 -61.21
N SER H 117 42.15 35.80 -62.13
CA SER H 117 41.07 34.83 -62.03
C SER H 117 41.36 33.64 -62.93
N SER H 118 40.53 32.60 -62.78
CA SER H 118 40.62 31.41 -63.60
C SER H 118 39.43 31.36 -64.54
N HIS H 119 39.62 30.77 -65.70
CA HIS H 119 38.57 30.74 -66.72
C HIS H 119 37.47 29.77 -66.31
N ALA H 120 36.23 30.19 -66.52
CA ALA H 120 35.08 29.33 -66.27
C ALA H 120 34.86 28.38 -67.44
N ALA H 121 33.83 27.56 -67.31
CA ALA H 121 33.51 26.59 -68.36
C ALA H 121 32.93 27.30 -69.58
N GLN H 122 33.24 26.76 -70.76
CA GLN H 122 32.74 27.32 -72.00
C GLN H 122 31.62 26.45 -72.51
N PRO H 123 30.41 26.98 -72.70
CA PRO H 123 29.33 26.17 -73.28
C PRO H 123 29.59 25.90 -74.75
N ASP H 124 29.21 24.69 -75.17
CA ASP H 124 29.35 24.29 -76.56
C ASP H 124 27.97 24.26 -77.22
N GLN H 125 27.93 24.63 -78.48
CA GLN H 125 26.71 24.64 -79.25
C GLN H 125 26.71 23.47 -80.23
N VAL H 126 25.53 23.14 -80.75
CA VAL H 126 25.34 21.93 -81.54
C VAL H 126 24.37 22.21 -82.68
N ALA H 127 24.61 21.57 -83.82
CA ALA H 127 23.71 21.69 -84.96
C ALA H 127 22.47 20.85 -84.73
N LEU H 128 21.31 21.45 -84.94
CA LEU H 128 20.06 20.80 -84.60
C LEU H 128 19.04 21.03 -85.70
N SER H 129 18.60 19.94 -86.32
CA SER H 129 17.62 19.97 -87.40
C SER H 129 16.28 19.49 -86.85
N MET H 130 15.21 20.20 -87.19
CA MET H 130 13.93 20.03 -86.52
C MET H 130 12.84 19.89 -87.57
N GLU H 131 12.40 18.66 -87.83
CA GLU H 131 11.39 18.38 -88.84
C GLU H 131 10.01 18.34 -88.18
N LEU H 132 8.97 18.66 -88.95
CA LEU H 132 7.62 18.72 -88.40
C LEU H 132 6.80 17.51 -88.85
N ASN H 133 5.55 17.49 -88.40
CA ASN H 133 4.60 16.46 -88.76
C ASN H 133 3.87 16.87 -90.04
N SER H 134 2.94 16.03 -90.49
CA SER H 134 2.21 16.33 -91.71
C SER H 134 0.90 17.06 -91.41
N THR H 135 0.64 17.33 -90.13
CA THR H 135 -0.70 17.76 -89.75
C THR H 135 -0.87 19.28 -89.82
N VAL H 136 0.18 20.05 -89.54
CA VAL H 136 0.14 21.50 -89.67
C VAL H 136 1.22 21.94 -90.64
N MET H 137 1.16 23.20 -91.07
CA MET H 137 2.21 23.75 -91.92
C MET H 137 3.24 24.52 -91.10
N GLU H 138 2.80 25.34 -90.17
CA GLU H 138 3.69 26.25 -89.46
C GLU H 138 3.61 26.00 -87.97
N GLN H 139 4.77 26.08 -87.29
CA GLN H 139 4.84 25.96 -85.84
C GLN H 139 5.97 26.81 -85.30
N LEU H 140 5.66 27.66 -84.32
CA LEU H 140 6.60 28.63 -83.79
C LEU H 140 7.05 28.19 -82.40
N LEU H 141 8.36 28.30 -82.14
CA LEU H 141 8.93 27.99 -80.84
C LEU H 141 9.94 29.08 -80.49
N PRO H 142 9.92 29.62 -79.28
CA PRO H 142 10.65 30.86 -79.00
C PRO H 142 12.11 30.61 -78.64
N GLU H 143 12.78 31.71 -78.30
CA GLU H 143 14.11 31.64 -77.72
C GLU H 143 14.02 31.07 -76.30
N GLY H 144 14.85 30.06 -76.02
CA GLY H 144 14.93 29.50 -74.70
C GLY H 144 14.15 28.21 -74.48
N THR H 145 13.60 27.61 -75.53
CA THR H 145 13.09 26.25 -75.39
C THR H 145 14.26 25.28 -75.32
N LEU H 146 14.09 24.17 -74.59
CA LEU H 146 15.21 23.32 -74.21
C LEU H 146 15.06 21.95 -74.83
N PHE H 147 16.14 21.48 -75.47
CA PHE H 147 16.23 20.10 -75.90
C PHE H 147 17.26 19.38 -75.02
N GLU H 148 17.17 18.06 -74.95
CA GLU H 148 18.05 17.31 -74.06
C GLU H 148 18.20 15.87 -74.54
N ALA H 149 19.28 15.24 -74.11
CA ALA H 149 19.46 13.81 -74.23
C ALA H 149 20.14 13.28 -73.00
N GLY H 150 19.41 12.51 -72.20
CA GLY H 150 19.99 11.81 -71.09
C GLY H 150 20.44 12.74 -69.97
N GLN H 151 21.54 12.33 -69.35
CA GLN H 151 22.01 12.96 -68.12
C GLN H 151 23.51 12.76 -68.06
N ASP H 152 24.20 13.74 -67.48
CA ASP H 152 25.61 13.56 -67.18
C ASP H 152 25.76 12.55 -66.05
N GLU H 153 26.90 11.87 -66.01
CA GLU H 153 27.21 11.03 -64.88
C GLU H 153 27.44 11.89 -63.64
N GLN H 154 27.01 11.35 -62.49
CA GLN H 154 27.11 11.96 -61.15
C GLN H 154 26.58 13.40 -61.08
N GLY H 155 25.54 13.68 -61.85
CA GLY H 155 25.01 15.02 -61.84
C GLY H 155 23.74 15.16 -62.65
N ASN H 156 23.53 16.40 -63.11
CA ASN H 156 22.26 16.80 -63.69
C ASN H 156 22.20 16.45 -65.17
N ALA H 157 21.05 16.77 -65.76
CA ALA H 157 20.83 16.52 -67.17
C ALA H 157 21.35 17.68 -68.01
N LEU H 158 21.78 17.36 -69.23
CA LEU H 158 22.31 18.35 -70.15
C LEU H 158 21.19 18.91 -71.00
N GLN H 159 20.94 20.21 -70.90
CA GLN H 159 19.93 20.87 -71.70
C GLN H 159 20.60 21.76 -72.74
N TYR H 160 20.01 21.83 -73.92
CA TYR H 160 20.47 22.72 -74.98
C TYR H 160 19.34 23.66 -75.39
N ALA H 161 19.69 24.93 -75.53
CA ALA H 161 18.71 25.94 -75.90
C ALA H 161 19.15 26.66 -77.16
N LEU H 162 18.17 26.93 -78.04
CA LEU H 162 18.42 27.64 -79.28
C LEU H 162 18.66 29.11 -78.93
N ASP H 163 19.54 29.75 -79.68
CA ASP H 163 19.88 31.14 -79.40
C ASP H 163 18.89 32.10 -80.09
N ALA H 164 18.36 31.73 -81.25
CA ALA H 164 17.43 32.56 -82.00
C ALA H 164 16.14 31.80 -82.26
N SER H 165 15.01 32.50 -82.16
CA SER H 165 13.67 31.90 -82.26
C SER H 165 13.28 31.70 -83.71
N LEU H 166 13.56 30.49 -84.20
CA LEU H 166 13.07 30.11 -85.53
C LEU H 166 11.61 29.69 -85.46
N LEU H 167 10.94 29.76 -86.60
CA LEU H 167 9.62 29.16 -86.76
C LEU H 167 9.75 28.04 -87.78
N ALA H 168 9.23 26.86 -87.45
CA ALA H 168 9.42 25.72 -88.31
C ALA H 168 8.32 25.63 -89.34
N ASN H 169 8.65 25.06 -90.49
CA ASN H 169 7.68 24.78 -91.52
C ASN H 169 7.94 23.39 -92.07
N ARG H 170 6.87 22.75 -92.54
CA ARG H 170 7.02 21.47 -93.23
C ARG H 170 7.75 21.71 -94.55
N GLY H 171 8.65 20.82 -94.89
CA GLY H 171 9.42 20.91 -96.12
C GLY H 171 10.78 20.28 -95.94
N TYR H 172 11.52 20.18 -97.04
CA TYR H 172 12.82 19.55 -97.02
C TYR H 172 13.62 19.99 -98.24
N ILE H 173 14.89 19.60 -98.25
CA ILE H 173 15.77 19.81 -99.39
C ILE H 173 15.69 18.59 -100.29
N SER H 174 14.83 18.65 -101.30
CA SER H 174 14.67 17.49 -102.17
C SER H 174 15.83 17.37 -103.14
N ASP H 175 16.20 18.48 -103.78
CA ASP H 175 17.09 18.43 -104.92
C ASP H 175 18.27 19.36 -104.70
N LEU H 176 19.47 18.86 -104.97
CA LEU H 176 20.68 19.65 -105.01
C LEU H 176 21.43 19.25 -106.27
N ARG H 177 21.56 20.17 -107.21
CA ARG H 177 22.22 19.92 -108.47
C ARG H 177 23.06 21.13 -108.84
N TRP H 178 24.04 20.92 -109.70
CA TRP H 178 24.89 22.02 -110.14
C TRP H 178 25.19 21.91 -111.62
N LEU H 179 25.65 23.03 -112.16
CA LEU H 179 26.36 23.07 -113.42
C LEU H 179 27.76 23.55 -113.14
N ARG H 180 28.75 22.89 -113.71
CA ARG H 180 30.13 23.35 -113.59
C ARG H 180 30.69 23.53 -114.99
N ASN H 181 31.60 24.50 -115.13
CA ASN H 181 32.15 24.85 -116.42
C ASN H 181 33.62 24.42 -116.43
N ASP H 182 33.89 23.17 -116.81
CA ASP H 182 35.26 22.71 -116.86
C ASP H 182 35.91 23.01 -118.20
N GLY H 183 35.19 22.83 -119.30
CA GLY H 183 35.73 23.10 -120.61
C GLY H 183 34.84 24.02 -121.40
N GLU H 184 35.42 24.63 -122.43
CA GLU H 184 34.66 25.46 -123.34
C GLU H 184 33.71 24.59 -124.16
N LYS H 185 32.51 25.13 -124.42
CA LYS H 185 31.44 24.57 -125.23
C LYS H 185 30.93 23.19 -124.77
N GLN H 186 31.37 22.69 -123.63
CA GLN H 186 30.79 21.48 -123.06
C GLN H 186 30.68 21.63 -121.55
N TRP H 187 29.49 21.36 -121.04
CA TRP H 187 29.20 21.52 -119.62
C TRP H 187 28.46 20.28 -119.15
N VAL H 188 28.69 19.91 -117.89
CA VAL H 188 28.17 18.68 -117.35
C VAL H 188 27.15 19.00 -116.27
N THR H 189 26.23 18.07 -116.03
CA THR H 189 25.04 18.31 -115.22
C THR H 189 24.89 17.22 -114.17
N SER H 190 25.39 17.47 -112.97
CA SER H 190 25.43 16.48 -111.91
C SER H 190 24.14 16.51 -111.08
N ALA H 191 23.72 15.32 -110.64
CA ALA H 191 22.55 15.16 -109.78
C ALA H 191 22.89 14.24 -108.61
N PRO H 192 23.58 14.75 -107.60
CA PRO H 192 23.87 13.91 -106.43
C PRO H 192 22.66 13.68 -105.54
N TRP H 193 21.86 14.72 -105.29
CA TRP H 193 20.73 14.65 -104.37
C TRP H 193 19.45 14.79 -105.17
N ASP H 194 18.65 13.72 -105.20
CA ASP H 194 17.34 13.72 -105.85
C ASP H 194 16.37 12.96 -104.96
N LEU H 195 15.37 13.65 -104.41
CA LEU H 195 14.38 12.94 -103.62
C LEU H 195 13.36 12.20 -104.47
N GLN H 196 13.11 12.66 -105.71
CA GLN H 196 12.06 12.05 -106.50
C GLN H 196 12.48 10.69 -107.02
N ALA H 197 13.78 10.48 -107.22
CA ALA H 197 14.35 9.16 -107.44
C ALA H 197 14.85 8.53 -106.15
N GLN H 198 14.64 9.21 -105.01
CA GLN H 198 15.00 8.77 -103.66
C GLN H 198 16.50 8.51 -103.49
N VAL H 199 17.34 9.16 -104.29
CA VAL H 199 18.79 8.99 -104.11
C VAL H 199 19.28 10.08 -103.15
N SER H 200 20.14 9.70 -102.22
CA SER H 200 20.48 10.58 -101.12
C SER H 200 21.81 11.29 -101.37
N LEU H 201 22.14 12.20 -100.47
CA LEU H 201 23.48 12.79 -100.47
C LEU H 201 24.48 11.75 -99.99
N PRO H 202 25.34 11.23 -100.86
CA PRO H 202 26.03 9.98 -100.56
C PRO H 202 27.38 10.14 -99.88
N SER H 203 27.78 9.06 -99.17
CA SER H 203 29.16 8.82 -98.76
C SER H 203 29.69 9.85 -97.77
N ASP H 204 28.77 10.55 -97.09
CA ASP H 204 29.07 11.60 -96.11
C ASP H 204 29.99 12.68 -96.70
N GLY H 205 29.45 13.44 -97.64
CA GLY H 205 30.24 14.53 -98.19
C GLY H 205 30.56 14.33 -99.66
N ILE H 206 30.27 15.36 -100.44
CA ILE H 206 30.57 15.35 -101.88
C ILE H 206 31.33 16.61 -102.23
N ARG H 207 32.45 16.41 -102.94
CA ARG H 207 33.16 17.53 -103.56
C ARG H 207 32.23 18.27 -104.49
N LEU H 208 31.93 19.52 -104.16
CA LEU H 208 31.13 20.37 -105.02
C LEU H 208 31.82 20.58 -106.34
N PHE H 209 31.03 20.49 -107.42
CA PHE H 209 31.50 20.55 -108.81
C PHE H 209 32.60 19.53 -109.09
N GLY H 210 32.41 18.30 -108.59
CA GLY H 210 33.39 17.25 -108.81
C GLY H 210 32.93 16.23 -109.82
N LYS H 211 33.80 15.26 -110.10
CA LYS H 211 33.51 14.21 -111.06
C LYS H 211 32.61 13.17 -110.38
N THR H 212 31.31 13.34 -110.58
CA THR H 212 30.34 12.49 -109.88
C THR H 212 30.02 11.22 -110.67
N ASN H 213 30.18 11.29 -112.00
CA ASN H 213 29.83 10.29 -113.02
C ASN H 213 28.32 10.06 -113.12
N SER H 214 27.51 10.89 -112.47
CA SER H 214 26.08 10.97 -112.75
C SER H 214 25.77 12.11 -113.72
N ASP H 215 26.78 12.71 -114.32
CA ASP H 215 26.56 13.84 -115.19
C ASP H 215 26.11 13.40 -116.58
N GLN H 216 25.34 14.26 -117.24
CA GLN H 216 25.06 14.13 -118.65
C GLN H 216 25.33 15.48 -119.31
N GLN H 217 26.02 15.44 -120.45
CA GLN H 217 26.41 16.66 -121.14
C GLN H 217 25.19 17.34 -121.75
N VAL H 218 25.21 18.67 -121.75
CA VAL H 218 24.07 19.42 -122.25
C VAL H 218 24.15 19.53 -123.77
N PHE H 219 23.42 18.65 -124.47
CA PHE H 219 23.53 18.58 -125.92
C PHE H 219 22.81 19.72 -126.60
N GLY H 220 21.91 20.40 -125.88
CA GLY H 220 21.37 21.66 -126.40
C GLY H 220 22.42 22.76 -126.40
N GLY H 221 23.41 22.65 -125.52
CA GLY H 221 24.47 23.63 -125.40
C GLY H 221 25.86 23.13 -125.74
N VAL H 222 26.01 21.95 -126.35
CA VAL H 222 27.33 21.52 -126.78
C VAL H 222 27.80 22.39 -127.94
N LEU H 223 26.88 22.77 -128.82
CA LEU H 223 27.03 23.92 -129.70
C LEU H 223 26.15 25.03 -129.15
N ILE H 224 26.70 26.24 -129.01
CA ILE H 224 25.94 27.34 -128.45
C ILE H 224 24.88 27.78 -129.46
N THR H 225 23.68 28.08 -128.96
CA THR H 225 22.55 28.40 -129.82
C THR H 225 22.76 29.74 -130.53
N SER H 226 22.43 29.77 -131.82
CA SER H 226 22.64 30.95 -132.63
C SER H 226 21.32 31.45 -133.21
N MET H 331 12.54 24.08 -130.95
CA MET H 331 13.34 23.81 -129.76
C MET H 331 12.79 24.54 -128.54
N TYR H 332 12.20 25.71 -128.79
CA TYR H 332 11.80 26.69 -127.77
C TYR H 332 12.98 27.03 -126.86
N HIS H 333 14.14 27.30 -127.50
CA HIS H 333 15.36 27.80 -126.87
C HIS H 333 15.87 26.87 -125.76
N LEU H 334 16.31 25.69 -126.18
CA LEU H 334 16.71 24.65 -125.23
C LEU H 334 17.98 25.04 -124.47
N THR H 335 17.87 25.03 -123.14
CA THR H 335 18.93 25.38 -122.20
C THR H 335 18.98 24.18 -121.24
N PRO H 336 19.94 24.11 -120.31
CA PRO H 336 19.87 23.07 -119.26
C PRO H 336 18.58 23.08 -118.46
N PHE H 337 18.18 21.86 -118.03
CA PHE H 337 17.10 21.60 -117.07
C PHE H 337 15.72 21.97 -117.60
N GLY H 338 15.58 22.15 -118.91
CA GLY H 338 14.30 22.49 -119.48
C GLY H 338 14.39 23.62 -120.51
N TYR H 339 13.24 23.98 -121.06
CA TYR H 339 13.20 25.00 -122.10
C TYR H 339 13.13 26.40 -121.51
N SER H 340 13.93 27.31 -122.05
CA SER H 340 13.94 28.71 -121.63
C SER H 340 13.13 29.55 -122.60
N SER H 341 12.52 30.61 -122.08
CA SER H 341 11.70 31.50 -122.90
C SER H 341 12.57 32.29 -123.88
N ASP H 342 13.61 32.95 -123.37
CA ASP H 342 14.44 33.81 -124.19
C ASP H 342 15.91 33.50 -123.94
N ILE H 343 16.78 34.33 -124.54
CA ILE H 343 18.22 34.11 -124.47
C ILE H 343 18.72 34.38 -123.07
N GLU H 344 19.46 33.42 -122.52
CA GLU H 344 20.06 33.53 -121.20
C GLU H 344 21.54 33.19 -121.29
N PRO H 345 22.40 33.99 -120.66
CA PRO H 345 23.84 33.75 -120.76
C PRO H 345 24.31 32.54 -119.97
N LEU H 346 25.45 31.99 -120.40
CA LEU H 346 26.08 30.84 -119.76
C LEU H 346 27.53 31.23 -119.40
N GLU H 347 27.69 31.80 -118.21
CA GLU H 347 28.98 32.40 -117.85
C GLU H 347 29.92 31.37 -117.26
N GLU H 348 31.20 31.72 -117.22
CA GLU H 348 32.27 30.87 -116.69
C GLU H 348 32.29 30.95 -115.17
N ASN H 349 31.26 30.36 -114.55
CA ASN H 349 31.12 30.32 -113.10
C ASN H 349 30.36 29.05 -112.73
N PRO H 350 30.94 28.17 -111.92
CA PRO H 350 30.18 27.02 -111.43
C PRO H 350 29.08 27.48 -110.47
N ALA H 351 27.89 26.92 -110.63
CA ALA H 351 26.74 27.34 -109.86
C ALA H 351 25.88 26.13 -109.52
N LEU H 352 25.35 26.12 -108.30
CA LEU H 352 24.55 25.01 -107.80
C LEU H 352 23.14 25.47 -107.50
N TYR H 353 22.18 24.57 -107.73
CA TYR H 353 20.76 24.87 -107.63
C TYR H 353 20.16 23.98 -106.54
N LEU H 354 19.36 24.57 -105.66
CA LEU H 354 18.73 23.86 -104.56
C LEU H 354 17.25 23.67 -104.86
N GLY H 355 16.75 22.47 -104.62
CA GLY H 355 15.35 22.17 -104.88
C GLY H 355 14.49 22.10 -103.63
N PHE H 356 13.67 23.11 -103.43
CA PHE H 356 12.84 23.19 -102.22
C PHE H 356 11.44 22.66 -102.51
N THR H 357 10.86 22.05 -101.47
CA THR H 357 9.59 21.34 -101.60
C THR H 357 8.71 21.65 -100.40
N ASP H 358 7.40 21.78 -100.68
CA ASP H 358 6.34 21.84 -99.69
C ASP H 358 6.46 23.12 -98.85
N VAL H 359 6.96 24.17 -99.47
CA VAL H 359 7.14 25.46 -98.82
C VAL H 359 6.26 26.48 -99.54
N LYS H 360 5.51 27.25 -98.77
CA LYS H 360 4.65 28.28 -99.37
C LYS H 360 5.41 29.60 -99.42
N PRO H 361 5.11 30.47 -100.39
CA PRO H 361 5.87 31.72 -100.55
C PRO H 361 5.76 32.71 -99.40
N GLY H 362 4.85 32.52 -98.45
CA GLY H 362 4.89 33.33 -97.25
C GLY H 362 5.96 32.86 -96.28
N GLN H 363 6.29 31.57 -96.31
CA GLN H 363 7.11 30.95 -95.27
C GLN H 363 8.59 31.28 -95.46
N THR H 364 9.35 31.03 -94.40
CA THR H 364 10.79 31.23 -94.39
C THR H 364 11.50 29.88 -94.36
N LEU H 365 12.76 29.86 -94.77
CA LEU H 365 13.57 28.65 -94.78
C LEU H 365 14.88 28.92 -94.06
N ALA H 366 15.31 27.98 -93.25
CA ALA H 366 16.53 28.12 -92.44
C ALA H 366 17.38 26.87 -92.58
N LEU H 367 18.58 27.03 -93.14
CA LEU H 367 19.50 25.93 -93.36
C LEU H 367 20.68 26.05 -92.41
N TYR H 368 21.26 24.91 -92.05
CA TYR H 368 22.58 24.87 -91.45
C TYR H 368 23.50 24.11 -92.38
N TRP H 369 24.50 24.81 -92.92
CA TRP H 369 25.49 24.19 -93.78
C TRP H 369 26.64 23.70 -92.92
N LYS H 370 27.10 22.49 -93.18
CA LYS H 370 28.30 21.95 -92.56
C LYS H 370 29.39 21.94 -93.62
N LEU H 371 30.38 22.81 -93.46
CA LEU H 371 31.29 23.08 -94.57
C LEU H 371 32.72 23.01 -94.09
N LYS H 372 33.58 22.49 -94.96
CA LYS H 372 35.02 22.76 -94.93
C LYS H 372 35.40 23.28 -96.30
N SER H 373 35.56 24.59 -96.40
CA SER H 373 35.91 25.22 -97.66
C SER H 373 37.36 25.70 -97.58
N PRO H 374 38.16 25.45 -98.63
CA PRO H 374 39.53 26.00 -98.61
C PRO H 374 39.58 27.50 -98.66
N GLN H 375 39.02 28.12 -99.69
CA GLN H 375 38.95 29.57 -99.81
C GLN H 375 37.48 29.94 -99.91
N GLN H 376 37.12 31.13 -99.45
CA GLN H 376 35.72 31.50 -99.44
C GLN H 376 35.30 32.00 -100.82
N PRO H 377 34.28 31.44 -101.43
CA PRO H 377 33.78 32.01 -102.68
C PRO H 377 32.70 33.04 -102.45
N THR H 378 32.84 34.22 -103.04
CA THR H 378 31.80 35.23 -102.90
C THR H 378 30.58 34.83 -103.72
N VAL H 379 29.48 34.55 -103.03
CA VAL H 379 28.31 33.94 -103.65
C VAL H 379 27.20 34.98 -103.80
N SER H 380 26.39 34.78 -104.83
CA SER H 380 25.17 35.53 -105.05
C SER H 380 24.03 34.54 -105.28
N TRP H 381 22.83 34.92 -104.83
CA TRP H 381 21.73 33.99 -104.78
C TRP H 381 20.57 34.49 -105.64
N TYR H 382 20.00 33.59 -106.43
CA TYR H 382 18.91 33.90 -107.36
C TYR H 382 17.75 32.93 -107.16
N TYR H 383 16.53 33.41 -107.41
CA TYR H 383 15.34 32.58 -107.24
C TYR H 383 14.46 32.61 -108.49
N LEU H 384 13.65 31.58 -108.68
CA LEU H 384 12.76 31.49 -109.83
C LEU H 384 11.63 32.51 -109.77
N ASP H 385 11.04 32.78 -110.93
CA ASP H 385 9.87 33.63 -111.04
C ASP H 385 8.91 33.05 -112.07
N GLN H 386 7.73 33.67 -112.17
CA GLN H 386 6.71 33.17 -113.09
C GLN H 386 7.02 33.57 -114.53
N HIS H 387 7.82 34.62 -114.71
CA HIS H 387 8.24 35.02 -116.05
C HIS H 387 9.43 34.20 -116.56
N ASN H 388 9.88 33.21 -115.78
CA ASN H 388 11.10 32.43 -116.04
C ASN H 388 12.33 33.34 -116.20
N GLN H 389 12.46 34.28 -115.28
CA GLN H 389 13.65 35.12 -115.18
C GLN H 389 14.13 35.06 -113.73
N TRP H 390 15.42 34.84 -113.54
CA TRP H 390 15.98 34.81 -112.19
C TRP H 390 16.16 36.22 -111.65
N ALA H 391 15.75 36.42 -110.41
CA ALA H 391 15.85 37.70 -109.74
C ALA H 391 16.82 37.59 -108.58
N GLU H 392 17.30 38.73 -108.09
CA GLU H 392 18.28 38.74 -107.02
C GLU H 392 17.59 38.45 -105.69
N LEU H 393 18.23 37.61 -104.88
CA LEU H 393 17.71 37.21 -103.57
C LEU H 393 18.55 37.78 -102.44
N ASP H 394 19.65 38.48 -102.76
CA ASP H 394 20.70 38.77 -101.79
C ASP H 394 20.26 39.82 -100.77
N SER H 395 19.21 40.57 -101.07
CA SER H 395 18.64 41.47 -100.08
C SER H 395 17.92 40.70 -98.98
N TRP H 396 17.45 39.50 -99.30
CA TRP H 396 16.66 38.71 -98.37
C TRP H 396 17.54 37.76 -97.57
N VAL H 397 18.73 37.47 -98.08
CA VAL H 397 19.64 36.56 -97.39
C VAL H 397 20.37 37.31 -96.28
N SER H 398 20.39 36.71 -95.09
CA SER H 398 21.18 37.21 -93.97
C SER H 398 22.05 36.05 -93.49
N ASP H 399 23.24 35.92 -94.10
CA ASP H 399 24.03 34.73 -93.89
C ASP H 399 25.09 34.93 -92.82
N GLY H 400 25.27 33.92 -91.98
CA GLY H 400 26.38 33.84 -91.05
C GLY H 400 27.45 32.85 -91.47
N THR H 401 27.32 32.24 -92.64
CA THR H 401 28.31 31.31 -93.13
C THR H 401 29.44 32.01 -93.88
N GLN H 402 29.41 33.35 -93.94
CA GLN H 402 30.46 34.20 -94.51
C GLN H 402 30.73 33.86 -95.97
N ASN H 403 29.65 33.86 -96.77
CA ASN H 403 29.65 33.44 -98.18
C ASN H 403 30.23 32.04 -98.33
N LEU H 404 29.65 31.09 -97.61
CA LEU H 404 30.01 29.67 -97.60
C LEU H 404 31.47 29.42 -97.22
N TYR H 405 32.00 30.23 -96.30
CA TYR H 405 33.35 30.00 -95.81
C TYR H 405 33.35 28.94 -94.72
N GLN H 406 32.58 29.17 -93.66
CA GLN H 406 32.56 28.31 -92.50
C GLN H 406 31.17 27.68 -92.39
N ASP H 407 31.03 26.79 -91.42
CA ASP H 407 29.71 26.29 -91.10
C ASP H 407 28.90 27.36 -90.38
N GLY H 408 27.62 27.45 -90.71
CA GLY H 408 26.80 28.48 -90.10
C GLY H 408 25.38 28.37 -90.58
N THR H 409 24.49 29.00 -89.81
CA THR H 409 23.07 29.05 -90.11
C THR H 409 22.77 30.31 -90.92
N TRP H 410 21.87 30.19 -91.89
CA TRP H 410 21.29 31.36 -92.53
C TRP H 410 19.82 31.12 -92.82
N HIS H 411 19.00 32.11 -92.48
CA HIS H 411 17.56 32.03 -92.65
C HIS H 411 17.15 33.00 -93.74
N VAL H 412 16.32 32.55 -94.67
CA VAL H 412 15.80 33.36 -95.75
C VAL H 412 14.29 33.23 -95.75
N GLU H 413 13.61 34.35 -95.56
CA GLU H 413 12.21 34.42 -95.93
C GLU H 413 12.09 34.26 -97.43
N LEU H 414 11.39 33.21 -97.85
CA LEU H 414 11.25 32.92 -99.27
C LEU H 414 10.43 34.03 -99.91
N PRO H 415 10.95 34.68 -100.95
CA PRO H 415 10.39 35.97 -101.36
C PRO H 415 9.03 35.84 -102.01
N VAL H 416 8.25 36.92 -101.93
CA VAL H 416 6.92 36.91 -102.52
C VAL H 416 7.02 36.88 -104.03
N ASP H 417 5.98 36.30 -104.65
CA ASP H 417 5.88 36.03 -106.08
C ASP H 417 6.98 35.10 -106.58
N ALA H 418 7.50 34.25 -105.71
CA ALA H 418 8.31 33.12 -106.15
C ALA H 418 7.40 31.95 -106.49
N SER H 419 7.64 31.36 -107.66
CA SER H 419 6.64 30.53 -108.32
C SER H 419 7.06 29.07 -108.28
N ASN H 420 6.11 28.19 -107.91
CA ASN H 420 6.34 26.76 -108.00
C ASN H 420 6.44 26.30 -109.44
N GLN H 421 5.50 26.74 -110.28
CA GLN H 421 5.50 26.37 -111.68
C GLN H 421 6.34 27.37 -112.47
N ALA H 422 7.32 26.87 -113.20
CA ALA H 422 8.22 27.69 -113.99
C ALA H 422 8.85 26.83 -115.08
N GLU H 423 9.29 27.49 -116.14
CA GLU H 423 10.00 26.79 -117.20
C GLU H 423 11.46 26.64 -116.83
N GLN H 424 12.23 26.01 -117.73
CA GLN H 424 13.70 25.83 -117.68
C GLN H 424 14.20 25.08 -116.44
N MET H 425 13.30 24.60 -115.60
CA MET H 425 13.59 23.91 -114.34
C MET H 425 12.47 22.89 -114.13
N PRO H 426 12.67 21.91 -113.23
CA PRO H 426 11.54 21.04 -112.85
C PRO H 426 10.40 21.82 -112.20
N VAL H 427 9.17 21.38 -112.49
CA VAL H 427 7.99 22.17 -112.18
C VAL H 427 7.49 21.89 -110.77
N GLY H 428 7.87 20.75 -110.20
CA GLY H 428 7.30 20.35 -108.92
C GLY H 428 7.88 21.09 -107.74
N ARG H 429 9.11 21.58 -107.87
CA ARG H 429 9.88 22.10 -106.74
C ARG H 429 10.14 23.57 -106.93
N TYR H 430 10.20 24.30 -105.81
CA TYR H 430 10.76 25.65 -105.84
C TYR H 430 12.27 25.54 -105.93
N TRP H 431 12.90 26.52 -106.57
CA TRP H 431 14.33 26.47 -106.82
C TRP H 431 15.01 27.75 -106.39
N LEU H 432 16.19 27.61 -105.81
CA LEU H 432 17.09 28.71 -105.50
C LEU H 432 18.39 28.48 -106.24
N ARG H 433 18.94 29.54 -106.82
CA ARG H 433 20.21 29.49 -107.54
C ARG H 433 21.30 30.07 -106.65
N ALA H 434 22.51 29.54 -106.76
CA ALA H 434 23.66 30.07 -106.05
C ALA H 434 24.83 30.11 -107.00
N VAL H 435 25.30 31.31 -107.31
CA VAL H 435 26.43 31.51 -108.21
C VAL H 435 27.69 31.53 -107.36
N VAL H 436 28.60 30.61 -107.63
CA VAL H 436 29.85 30.53 -106.89
C VAL H 436 30.95 31.16 -107.72
N GLU H 437 31.60 32.17 -107.15
CA GLU H 437 32.82 32.75 -107.71
C GLU H 437 34.00 32.13 -106.96
N VAL H 438 34.49 31.01 -107.49
CA VAL H 438 35.65 30.38 -106.87
C VAL H 438 36.91 31.17 -107.24
N PRO H 439 37.79 31.49 -106.29
CA PRO H 439 39.02 32.21 -106.65
C PRO H 439 39.97 31.32 -107.42
N ALA H 440 40.66 31.92 -108.39
CA ALA H 440 41.56 31.20 -109.29
C ALA H 440 42.85 30.85 -108.55
N HIS H 441 43.11 29.56 -108.38
CA HIS H 441 44.32 29.09 -107.75
C HIS H 441 44.58 27.65 -108.21
N GLU H 442 45.85 27.30 -108.28
CA GLU H 442 46.24 25.97 -108.75
C GLU H 442 46.19 24.95 -107.62
N GLY H 443 46.06 23.68 -108.00
CA GLY H 443 46.05 22.59 -107.05
C GLY H 443 44.65 22.24 -106.58
N ALA H 444 44.62 21.37 -105.56
CA ALA H 444 43.35 21.05 -104.90
C ALA H 444 43.00 22.10 -103.86
N LEU H 445 43.91 23.05 -103.62
CA LEU H 445 43.60 24.18 -102.75
C LEU H 445 42.57 25.10 -103.39
N GLY H 446 42.65 25.27 -104.71
CA GLY H 446 41.80 26.24 -105.38
C GLY H 446 40.42 25.71 -105.74
N LYS H 447 40.08 24.52 -105.25
CA LYS H 447 38.80 23.92 -105.62
C LYS H 447 37.70 24.32 -104.64
N ALA H 448 36.57 23.64 -104.76
CA ALA H 448 35.31 24.04 -104.15
C ALA H 448 35.24 23.58 -102.69
N PRO H 449 34.21 24.00 -101.93
CA PRO H 449 33.99 23.43 -100.59
C PRO H 449 33.72 21.93 -100.60
N TRP H 450 33.80 21.33 -99.40
CA TRP H 450 33.77 19.87 -99.30
C TRP H 450 32.39 19.36 -98.92
N LEU H 451 31.62 20.15 -98.17
CA LEU H 451 30.18 19.93 -97.92
C LEU H 451 29.91 18.59 -97.25
N TYR H 452 30.27 18.52 -95.96
CA TYR H 452 29.90 17.37 -95.13
C TYR H 452 28.41 17.09 -95.17
N GLY H 453 27.58 18.14 -95.13
CA GLY H 453 26.17 17.97 -95.33
C GLY H 453 25.41 19.29 -95.24
N LEU H 454 24.09 19.16 -95.36
CA LEU H 454 23.17 20.29 -95.33
C LEU H 454 21.83 19.81 -94.79
N ILE H 455 21.26 20.58 -93.86
CA ILE H 455 20.01 20.21 -93.22
C ILE H 455 19.03 21.36 -93.27
N TYR H 456 17.75 21.02 -93.41
CA TYR H 456 16.66 21.98 -93.52
C TYR H 456 16.01 22.17 -92.16
N ASN H 457 15.42 23.36 -91.97
CA ASN H 457 14.63 23.73 -90.79
C ASN H 457 15.49 23.69 -89.53
N ALA H 458 16.78 24.02 -89.70
CA ALA H 458 17.79 23.80 -88.67
C ALA H 458 18.15 25.11 -88.00
N MET H 459 18.61 25.03 -86.75
CA MET H 459 19.12 26.16 -85.99
C MET H 459 19.98 25.62 -84.85
N THR H 460 21.07 26.32 -84.52
CA THR H 460 22.01 25.83 -83.52
C THR H 460 21.41 25.93 -82.12
N ALA H 461 22.02 25.21 -81.18
CA ALA H 461 21.54 25.15 -79.81
C ALA H 461 22.70 25.06 -78.84
N THR H 462 22.76 26.02 -77.92
CA THR H 462 23.86 26.16 -76.97
C THR H 462 23.48 25.56 -75.62
N LEU H 463 24.49 25.22 -74.84
CA LEU H 463 24.30 24.61 -73.52
C LEU H 463 23.71 25.61 -72.54
N VAL H 464 22.84 25.13 -71.65
CA VAL H 464 22.02 26.04 -70.86
C VAL H 464 22.73 26.45 -69.57
N ASN H 465 22.98 25.50 -68.68
CA ASN H 465 23.56 25.79 -67.37
C ASN H 465 24.92 25.13 -67.30
N VAL H 466 25.97 25.94 -67.19
CA VAL H 466 27.32 25.45 -67.42
C VAL H 466 28.00 25.07 -66.11
N ASP H 467 27.46 25.53 -64.98
CA ASP H 467 28.15 25.32 -63.72
C ASP H 467 27.79 23.99 -63.09
N SER H 468 26.58 23.49 -63.37
CA SER H 468 26.13 22.27 -62.70
C SER H 468 26.75 21.03 -63.32
N ILE H 469 27.14 21.11 -64.60
CA ILE H 469 27.60 19.92 -65.30
C ILE H 469 29.03 19.60 -64.90
N SER H 470 29.29 18.32 -64.60
CA SER H 470 30.60 17.87 -64.17
C SER H 470 31.60 17.91 -65.33
N ASP H 471 32.87 17.67 -64.98
CA ASP H 471 33.95 17.87 -65.95
C ASP H 471 34.06 16.70 -66.92
N SER H 472 33.34 15.61 -66.66
CA SER H 472 33.43 14.43 -67.52
C SER H 472 32.75 14.67 -68.86
N HIS H 473 31.75 15.56 -68.89
CA HIS H 473 31.03 15.79 -70.13
C HIS H 473 31.83 16.69 -71.07
N PHE H 474 32.60 17.63 -70.52
CA PHE H 474 33.29 18.61 -71.35
C PHE H 474 34.54 18.04 -72.00
N LEU H 475 34.99 16.87 -71.56
CA LEU H 475 36.23 16.27 -72.07
C LEU H 475 36.13 15.87 -73.53
N THR H 476 35.04 15.22 -73.89
CA THR H 476 34.77 14.81 -75.25
C THR H 476 33.64 15.67 -75.81
N PRO H 477 33.58 15.82 -77.13
CA PRO H 477 32.33 16.26 -77.74
C PRO H 477 31.23 15.24 -77.46
N LEU H 478 30.02 15.74 -77.28
CA LEU H 478 28.85 14.89 -77.13
C LEU H 478 28.63 14.10 -78.41
N PRO H 479 28.18 12.85 -78.33
CA PRO H 479 28.11 12.01 -79.54
C PRO H 479 27.01 12.44 -80.50
N ALA H 480 27.15 11.98 -81.74
CA ALA H 480 26.18 12.33 -82.77
C ALA H 480 24.89 11.53 -82.60
N SER H 481 23.79 12.08 -83.12
CA SER H 481 22.45 11.50 -83.06
C SER H 481 22.02 11.24 -81.62
N SER H 482 22.29 12.19 -80.75
CA SER H 482 22.02 11.98 -79.33
C SER H 482 20.72 12.64 -78.91
N ILE H 483 20.58 13.95 -79.13
CA ILE H 483 19.36 14.67 -78.78
C ILE H 483 18.29 14.28 -79.80
N GLN H 484 17.24 13.62 -79.32
CA GLN H 484 16.17 13.10 -80.16
C GLN H 484 14.81 13.60 -79.72
N ARG H 485 14.76 14.51 -78.76
CA ARG H 485 13.52 14.92 -78.13
C ARG H 485 13.75 16.24 -77.42
N PRO H 486 12.71 17.05 -77.25
CA PRO H 486 12.83 18.25 -76.40
C PRO H 486 12.54 17.95 -74.94
N VAL H 487 12.76 18.95 -74.10
CA VAL H 487 12.43 18.81 -72.68
C VAL H 487 10.92 18.84 -72.48
N GLU H 488 10.28 19.92 -72.91
CA GLU H 488 8.84 20.02 -72.85
C GLU H 488 8.24 19.37 -74.08
N PRO H 489 7.27 18.45 -73.92
CA PRO H 489 6.76 17.71 -75.08
C PRO H 489 5.87 18.57 -75.96
N ILE H 490 6.38 18.87 -77.15
CA ILE H 490 5.65 19.61 -78.18
C ILE H 490 5.05 18.58 -79.11
N ILE H 491 3.72 18.51 -79.12
CA ILE H 491 2.98 17.35 -79.65
C ILE H 491 2.98 17.33 -81.16
N VAL H 492 3.08 18.51 -81.80
CA VAL H 492 2.99 18.56 -83.24
C VAL H 492 4.37 18.31 -83.85
N LEU H 493 5.41 18.37 -83.03
CA LEU H 493 6.74 17.99 -83.48
C LEU H 493 6.82 16.49 -83.69
N ALA H 494 7.50 16.08 -84.76
CA ALA H 494 7.70 14.67 -85.05
C ALA H 494 9.04 14.19 -84.51
N SER H 495 10.14 14.83 -84.93
CA SER H 495 11.46 14.44 -84.48
C SER H 495 12.43 15.59 -84.65
N VAL H 496 13.41 15.65 -83.75
CA VAL H 496 14.62 16.44 -83.94
C VAL H 496 15.74 15.44 -84.19
N ASN H 497 16.86 15.91 -84.72
CA ASN H 497 18.05 15.08 -84.85
C ASN H 497 19.27 15.96 -85.01
N GLN H 498 20.41 15.46 -84.53
CA GLN H 498 21.68 16.07 -84.84
C GLN H 498 22.47 15.10 -85.72
N PRO H 499 22.83 15.47 -86.94
CA PRO H 499 23.75 14.61 -87.69
C PRO H 499 25.18 14.72 -87.17
N TRP H 500 25.64 15.93 -86.87
CA TRP H 500 26.94 16.17 -86.26
C TRP H 500 26.73 16.80 -84.90
N ALA H 501 27.75 16.76 -84.05
CA ALA H 501 27.52 17.09 -82.66
C ALA H 501 28.72 17.77 -82.00
N SER H 502 28.40 18.91 -81.38
CA SER H 502 29.14 19.48 -80.25
C SER H 502 30.57 19.87 -80.58
N TRP H 503 30.74 20.81 -81.50
CA TRP H 503 32.02 21.47 -81.63
C TRP H 503 32.19 22.47 -80.50
N GLY H 504 33.43 22.84 -80.21
CA GLY H 504 33.72 23.87 -79.24
C GLY H 504 33.44 23.45 -77.81
N GLY H 505 33.51 24.40 -76.92
CA GLY H 505 33.33 24.13 -75.52
C GLY H 505 34.57 23.53 -74.88
N ARG H 506 34.95 24.09 -73.74
CA ARG H 506 36.19 23.70 -73.10
C ARG H 506 35.95 23.42 -71.62
N ILE H 507 36.91 22.75 -71.01
CA ILE H 507 36.87 22.34 -69.61
C ILE H 507 36.91 23.58 -68.73
N PRO H 508 36.33 23.56 -67.54
CA PRO H 508 36.71 24.54 -66.53
C PRO H 508 38.15 24.29 -66.11
N GLU H 509 38.84 25.36 -65.75
CA GLU H 509 40.29 25.29 -65.64
C GLU H 509 40.72 24.54 -64.38
N SER H 510 41.60 23.57 -64.56
CA SER H 510 42.25 22.88 -63.47
C SER H 510 43.41 23.74 -62.97
N TYR H 511 43.84 23.47 -61.74
CA TYR H 511 44.85 24.32 -61.12
C TYR H 511 46.23 24.08 -61.71
N SER H 512 46.41 22.99 -62.44
CA SER H 512 47.65 22.79 -63.18
C SER H 512 47.67 23.63 -64.44
N ALA H 513 46.57 23.65 -65.19
CA ALA H 513 46.54 24.36 -66.45
C ALA H 513 46.28 25.84 -66.25
N PHE H 514 45.70 26.22 -65.11
CA PHE H 514 45.55 27.62 -64.78
C PHE H 514 46.90 28.25 -64.46
N PHE H 515 47.82 27.47 -63.89
CA PHE H 515 49.14 28.01 -63.59
C PHE H 515 49.98 28.15 -64.85
N GLU H 516 49.80 27.25 -65.83
CA GLU H 516 50.52 27.38 -67.09
C GLU H 516 50.01 28.57 -67.89
N ARG H 517 48.71 28.88 -67.76
CA ARG H 517 48.14 30.00 -68.49
C ARG H 517 48.65 31.33 -67.97
N ILE H 518 48.79 31.48 -66.66
CA ILE H 518 49.25 32.74 -66.09
C ILE H 518 50.77 32.84 -66.17
N ALA H 519 51.46 31.71 -66.26
CA ALA H 519 52.90 31.76 -66.47
C ALA H 519 53.25 32.23 -67.88
N GLN H 520 52.33 32.06 -68.83
CA GLN H 520 52.55 32.61 -70.15
C GLN H 520 52.29 34.12 -70.17
N ASN H 521 51.27 34.57 -69.45
CA ASN H 521 50.91 35.99 -69.46
C ASN H 521 51.95 36.84 -68.75
N LEU H 522 52.73 36.24 -67.85
CA LEU H 522 53.78 37.02 -67.19
C LEU H 522 55.09 36.93 -67.94
N SER H 523 55.18 36.03 -68.92
CA SER H 523 56.42 35.92 -69.67
C SER H 523 56.46 36.89 -70.84
N HIS H 524 55.43 36.88 -71.69
CA HIS H 524 55.40 37.74 -72.86
C HIS H 524 54.52 38.98 -72.71
N ARG H 525 53.52 38.93 -71.82
CA ARG H 525 52.68 40.09 -71.45
C ARG H 525 51.92 40.65 -72.65
N ASN H 526 51.50 39.75 -73.54
CA ASN H 526 50.61 40.01 -74.67
C ASN H 526 51.24 40.99 -75.66
N ARG H 527 52.56 40.98 -75.75
CA ARG H 527 53.29 41.64 -76.83
C ARG H 527 54.29 40.65 -77.39
N SER H 528 54.27 40.49 -78.72
CA SER H 528 55.18 39.57 -79.39
C SER H 528 56.44 40.33 -79.77
N LEU H 529 57.38 40.43 -78.84
CA LEU H 529 58.59 41.19 -79.06
C LEU H 529 59.79 40.36 -79.49
N THR H 530 59.85 39.09 -79.14
CA THR H 530 61.01 38.25 -79.43
C THR H 530 60.60 37.06 -80.27
N TRP H 531 61.58 36.23 -80.62
CA TRP H 531 61.30 35.04 -81.42
C TRP H 531 60.49 34.03 -80.64
N GLY H 532 60.82 33.86 -79.35
CA GLY H 532 60.07 32.93 -78.54
C GLY H 532 58.64 33.37 -78.31
N ASN H 533 58.44 34.68 -78.14
CA ASN H 533 57.10 35.20 -77.88
C ASN H 533 56.22 35.11 -79.12
N MET H 534 56.82 35.11 -80.31
CA MET H 534 56.03 34.91 -81.51
C MET H 534 55.61 33.45 -81.67
N VAL H 535 56.37 32.54 -81.07
CA VAL H 535 56.10 31.12 -81.24
C VAL H 535 54.94 30.68 -80.36
N THR H 536 54.91 31.11 -79.09
CA THR H 536 53.80 30.70 -78.23
C THR H 536 52.52 31.48 -78.53
N LEU H 537 52.63 32.77 -78.88
CA LEU H 537 51.44 33.59 -79.04
C LEU H 537 50.61 33.18 -80.26
N LEU H 538 51.23 32.51 -81.23
CA LEU H 538 50.46 31.90 -82.30
C LEU H 538 49.86 30.57 -81.86
N LYS H 539 50.52 29.89 -80.93
CA LYS H 539 50.16 28.49 -80.67
C LYS H 539 48.98 28.39 -79.70
N GLU H 540 48.82 29.37 -78.81
CA GLU H 540 47.73 29.30 -77.84
C GLU H 540 46.41 29.72 -78.46
N ARG H 541 46.45 30.77 -79.29
CA ARG H 541 45.21 31.31 -79.84
C ARG H 541 44.64 30.43 -80.94
N TYR H 542 45.49 29.97 -81.87
CA TYR H 542 45.03 29.23 -83.04
C TYR H 542 45.05 27.75 -82.72
N VAL H 543 43.95 27.07 -83.03
CA VAL H 543 43.88 25.63 -82.80
C VAL H 543 44.33 24.87 -84.04
N SER H 544 44.36 25.56 -85.19
CA SER H 544 44.76 24.90 -86.44
C SER H 544 46.26 24.67 -86.47
N ILE H 545 47.03 25.45 -85.71
CA ILE H 545 48.48 25.34 -85.73
C ILE H 545 48.91 24.09 -84.99
N PHE H 546 49.66 23.22 -85.69
CA PHE H 546 50.36 22.15 -84.99
C PHE H 546 51.59 22.69 -84.30
N ASP H 547 52.52 23.26 -85.07
CA ASP H 547 53.71 23.88 -84.51
C ASP H 547 54.14 25.04 -85.40
N VAL H 548 55.00 25.87 -84.82
CA VAL H 548 55.80 26.85 -85.56
C VAL H 548 57.24 26.55 -85.25
N LYS H 549 58.10 26.65 -86.26
CA LYS H 549 59.53 26.50 -86.05
C LYS H 549 60.20 27.81 -86.43
N TYR H 550 61.20 28.21 -85.65
CA TYR H 550 61.91 29.44 -85.93
C TYR H 550 62.75 29.31 -87.20
N PRO H 551 63.06 30.41 -87.87
CA PRO H 551 64.01 30.39 -89.00
C PRO H 551 65.46 30.27 -88.56
N GLY H 552 65.81 29.15 -87.94
CA GLY H 552 67.16 28.65 -87.91
C GLY H 552 68.21 29.38 -87.09
N ASN H 553 69.44 28.88 -87.20
CA ASN H 553 70.56 29.41 -86.42
C ASN H 553 71.45 30.31 -87.27
N ASP H 554 71.69 29.93 -88.54
CA ASP H 554 72.65 30.66 -89.35
C ASP H 554 72.03 31.94 -89.88
N GLU H 555 70.71 31.97 -89.96
CA GLU H 555 70.01 33.05 -90.63
C GLU H 555 70.12 34.35 -89.84
N LEU H 556 70.04 34.26 -88.51
CA LEU H 556 69.99 35.46 -87.70
C LEU H 556 71.38 36.08 -87.49
N THR H 557 72.42 35.40 -87.98
CA THR H 557 73.78 35.90 -87.72
C THR H 557 74.44 36.43 -88.99
N ARG H 558 73.94 36.05 -90.17
CA ARG H 558 74.52 36.57 -91.40
C ARG H 558 74.01 37.98 -91.68
N VAL H 559 72.69 38.15 -91.72
CA VAL H 559 71.85 39.36 -91.63
C VAL H 559 72.44 40.63 -92.24
N PRO H 560 72.51 40.76 -93.56
CA PRO H 560 72.84 42.08 -94.15
C PRO H 560 71.60 42.96 -94.23
N ALA H 561 71.13 43.38 -93.05
CA ALA H 561 69.95 44.22 -92.85
C ALA H 561 68.70 43.61 -93.46
N LEU H 562 68.29 42.45 -92.95
CA LEU H 562 67.03 41.84 -93.38
C LEU H 562 65.94 42.27 -92.40
N GLU H 563 65.04 43.12 -92.89
CA GLU H 563 63.92 43.54 -92.06
C GLU H 563 62.86 42.45 -91.97
N GLN H 564 62.55 41.81 -93.08
CA GLN H 564 61.42 40.88 -93.16
C GLN H 564 61.76 39.56 -92.48
N GLN H 565 60.88 39.14 -91.57
CA GLN H 565 61.00 37.85 -90.90
C GLN H 565 59.80 37.00 -91.28
N GLN H 566 60.04 35.70 -91.45
CA GLN H 566 59.07 34.80 -92.05
C GLN H 566 58.92 33.57 -91.16
N LEU H 567 57.90 33.57 -90.32
CA LEU H 567 57.57 32.44 -89.49
C LEU H 567 56.94 31.36 -90.35
N THR H 568 57.41 30.12 -90.21
CA THR H 568 56.90 29.03 -91.02
C THR H 568 55.99 28.17 -90.16
N VAL H 569 54.69 28.27 -90.39
CA VAL H 569 53.70 27.55 -89.59
C VAL H 569 53.43 26.21 -90.26
N ILE H 570 53.27 25.18 -89.46
CA ILE H 570 52.87 23.88 -89.99
C ILE H 570 51.63 23.43 -89.22
N PRO H 571 50.53 23.16 -89.92
CA PRO H 571 49.26 22.92 -89.22
C PRO H 571 48.99 21.46 -88.98
N ALA H 572 47.95 21.21 -88.19
CA ALA H 572 47.52 19.85 -87.91
C ALA H 572 46.72 19.29 -89.08
N ASN H 573 46.44 17.99 -89.01
CA ASN H 573 45.60 17.37 -90.04
C ASN H 573 44.12 17.63 -89.79
N ARG H 574 43.77 18.19 -88.63
CA ARG H 574 42.37 18.53 -88.35
C ARG H 574 41.91 19.70 -89.20
N TYR H 575 42.78 20.69 -89.41
CA TYR H 575 42.44 21.89 -90.16
C TYR H 575 43.50 22.13 -91.22
N ASN H 576 43.33 21.51 -92.39
CA ASN H 576 44.14 21.81 -93.57
C ASN H 576 43.23 21.91 -94.78
N ASP H 577 43.49 22.92 -95.62
CA ASP H 577 42.60 23.18 -96.74
C ASP H 577 43.01 22.38 -97.96
N SER H 578 44.30 22.28 -98.23
CA SER H 578 44.79 21.51 -99.36
C SER H 578 44.66 20.02 -99.09
N ASP H 579 44.25 19.26 -100.12
CA ASP H 579 44.04 17.82 -99.99
C ASP H 579 45.37 17.09 -100.14
N ASP H 580 46.18 17.17 -99.09
CA ASP H 580 47.40 16.37 -98.95
C ASP H 580 47.55 16.05 -97.47
N SER H 581 47.62 14.76 -97.15
CA SER H 581 47.72 14.36 -95.75
C SER H 581 49.08 14.69 -95.17
N LEU H 582 50.14 14.42 -95.92
CA LEU H 582 51.49 14.64 -95.40
C LEU H 582 51.89 16.10 -95.47
N ARG H 583 51.34 16.85 -96.43
CA ARG H 583 51.72 18.25 -96.64
C ARG H 583 50.53 19.16 -96.37
N PRO H 584 50.34 19.63 -95.16
CA PRO H 584 49.15 20.46 -94.88
C PRO H 584 49.39 21.94 -95.14
N VAL H 585 48.46 22.56 -95.89
CA VAL H 585 48.58 23.95 -96.33
C VAL H 585 47.34 24.70 -95.88
N LEU H 586 47.52 25.94 -95.44
CA LEU H 586 46.37 26.84 -95.23
C LEU H 586 46.11 27.64 -96.49
N ASN H 587 44.90 28.19 -96.57
CA ASN H 587 44.62 29.16 -97.62
C ASN H 587 45.27 30.49 -97.24
N PRO H 588 45.76 31.25 -98.23
CA PRO H 588 46.56 32.43 -97.90
C PRO H 588 45.78 33.59 -97.30
N ALA H 589 44.45 33.55 -97.33
CA ALA H 589 43.67 34.64 -96.74
C ALA H 589 43.70 34.57 -95.21
N ARG H 590 43.41 33.39 -94.65
CA ARG H 590 43.49 33.26 -93.20
C ARG H 590 44.93 33.14 -92.74
N LEU H 591 45.83 32.78 -93.65
CA LEU H 591 47.26 32.80 -93.33
C LEU H 591 47.77 34.22 -93.20
N GLN H 592 47.22 35.14 -93.99
CA GLN H 592 47.59 36.54 -93.88
C GLN H 592 46.99 37.16 -92.63
N GLU H 593 45.85 36.63 -92.18
CA GLU H 593 45.16 37.16 -91.01
C GLU H 593 45.89 36.82 -89.72
N MET H 594 46.72 35.77 -89.74
CA MET H 594 47.58 35.51 -88.59
C MET H 594 48.70 36.53 -88.47
N ALA H 595 49.15 37.07 -89.61
CA ALA H 595 50.15 38.11 -89.58
C ALA H 595 49.55 39.42 -89.09
N ASP H 596 48.30 39.67 -89.46
CA ASP H 596 47.64 40.92 -89.10
C ASP H 596 47.30 40.95 -87.61
N TRP H 597 47.10 39.78 -87.01
CA TRP H 597 46.96 39.70 -85.56
C TRP H 597 48.28 39.97 -84.86
N LEU H 598 49.37 39.49 -85.44
CA LEU H 598 50.66 39.58 -84.77
C LEU H 598 51.38 40.88 -85.10
N GLN H 599 50.85 41.63 -86.06
CA GLN H 599 51.42 42.94 -86.38
C GLN H 599 51.11 43.95 -85.28
N GLN H 600 49.96 43.80 -84.62
CA GLN H 600 49.62 44.69 -83.52
C GLN H 600 50.52 44.46 -82.32
N LYS H 601 50.82 43.20 -82.02
CA LYS H 601 51.65 42.90 -80.85
C LYS H 601 53.11 43.26 -81.11
N ASP H 602 53.55 43.16 -82.35
CA ASP H 602 54.95 43.36 -82.68
C ASP H 602 55.28 44.84 -82.77
N SER H 603 56.56 45.13 -83.00
CA SER H 603 57.00 46.48 -83.29
C SER H 603 56.46 46.92 -84.64
N PRO H 604 56.21 48.23 -84.81
CA PRO H 604 55.75 48.71 -86.12
C PRO H 604 56.79 48.55 -87.22
N TRP H 605 58.07 48.53 -86.87
CA TRP H 605 59.10 48.32 -87.87
C TRP H 605 59.20 46.85 -88.25
N ALA H 606 58.67 45.97 -87.41
CA ALA H 606 58.73 44.55 -87.71
C ALA H 606 57.65 44.16 -88.71
N SER H 607 58.06 43.95 -89.95
CA SER H 607 57.17 43.44 -90.98
C SER H 607 57.16 41.91 -90.87
N ILE H 608 56.16 41.38 -90.18
CA ILE H 608 56.09 39.96 -89.88
C ILE H 608 54.95 39.36 -90.66
N GLU H 609 55.22 38.26 -91.37
CA GLU H 609 54.16 37.51 -92.05
C GLU H 609 54.45 36.01 -91.99
N VAL H 610 53.40 35.22 -91.90
CA VAL H 610 53.47 33.77 -91.73
C VAL H 610 53.27 33.12 -93.08
N ARG H 611 53.99 32.03 -93.33
CA ARG H 611 53.81 31.26 -94.55
C ARG H 611 53.88 29.77 -94.24
N ASN H 612 53.44 28.98 -95.20
CA ASN H 612 53.69 27.55 -95.14
C ASN H 612 55.05 27.25 -95.75
N PRO H 613 55.81 26.33 -95.17
CA PRO H 613 57.15 26.05 -95.72
C PRO H 613 57.07 25.03 -96.84
N GLU H 614 57.95 25.18 -97.82
CA GLU H 614 58.07 24.16 -98.85
C GLU H 614 58.71 22.91 -98.27
N TYR H 615 58.20 21.76 -98.70
CA TYR H 615 58.52 20.48 -98.08
C TYR H 615 59.62 19.79 -98.89
N LEU H 616 60.80 19.65 -98.29
CA LEU H 616 61.82 18.80 -98.88
C LEU H 616 61.49 17.34 -98.62
N ASP H 617 61.72 16.51 -99.64
CA ASP H 617 61.52 15.07 -99.53
C ASP H 617 62.88 14.39 -99.39
N VAL H 618 63.11 13.76 -98.25
CA VAL H 618 64.30 12.94 -98.03
C VAL H 618 63.89 11.47 -98.14
N LYS H 619 64.47 10.77 -99.09
CA LYS H 619 64.12 9.38 -99.35
C LYS H 619 65.08 8.47 -98.60
N ILE H 620 64.61 7.28 -98.26
CA ILE H 620 65.45 6.24 -97.69
C ILE H 620 65.14 4.94 -98.42
N HIS H 621 66.19 4.17 -98.70
CA HIS H 621 66.07 2.84 -99.27
C HIS H 621 66.79 1.87 -98.34
N TYR H 622 66.03 1.21 -97.46
CA TYR H 622 66.67 0.39 -96.44
C TYR H 622 66.34 -1.07 -96.70
N GLU H 623 67.28 -1.94 -96.32
CA GLU H 623 67.05 -3.37 -96.28
C GLU H 623 67.13 -3.82 -94.84
N VAL H 624 66.25 -4.75 -94.46
CA VAL H 624 66.03 -5.10 -93.07
C VAL H 624 65.56 -6.55 -92.98
N ILE H 625 66.17 -7.31 -92.08
CA ILE H 625 65.81 -8.71 -91.87
C ILE H 625 64.88 -8.78 -90.67
N PHE H 626 63.80 -9.53 -90.82
CA PHE H 626 62.69 -9.52 -89.87
C PHE H 626 62.73 -10.74 -88.97
N LYS H 627 61.62 -10.94 -88.25
CA LYS H 627 61.37 -12.13 -87.45
C LYS H 627 61.37 -13.37 -88.33
N PRO H 628 61.66 -14.55 -87.77
CA PRO H 628 61.69 -15.77 -88.59
C PRO H 628 60.33 -16.20 -89.16
N ASP H 629 59.22 -15.75 -88.57
CA ASP H 629 57.89 -16.26 -88.94
C ASP H 629 56.96 -15.10 -89.30
N VAL H 630 57.41 -14.21 -90.19
CA VAL H 630 56.56 -13.14 -90.71
C VAL H 630 56.87 -12.95 -92.19
N ASN H 631 55.85 -12.58 -92.97
CA ASN H 631 56.07 -12.18 -94.34
C ASN H 631 56.55 -10.73 -94.39
N GLU H 632 57.52 -10.46 -95.27
CA GLU H 632 58.21 -9.18 -95.21
C GLU H 632 57.37 -8.05 -95.80
N ASP H 633 56.45 -8.37 -96.71
CA ASP H 633 55.62 -7.33 -97.31
C ASP H 633 54.62 -6.79 -96.29
N PHE H 634 54.09 -7.67 -95.44
CA PHE H 634 53.35 -7.21 -94.28
C PHE H 634 54.29 -6.54 -93.27
N GLY H 635 55.55 -6.98 -93.25
CA GLY H 635 56.50 -6.37 -92.34
C GLY H 635 57.01 -5.03 -92.83
N TYR H 636 57.11 -4.85 -94.15
CA TYR H 636 57.51 -3.56 -94.69
C TYR H 636 56.42 -2.52 -94.49
N ARG H 637 55.17 -2.89 -94.72
CA ARG H 637 54.06 -1.94 -94.67
C ARG H 637 53.78 -1.50 -93.24
N GLN H 638 53.85 -2.44 -92.30
CA GLN H 638 53.56 -2.12 -90.91
C GLN H 638 54.65 -1.24 -90.30
N LEU H 639 55.91 -1.51 -90.65
CA LEU H 639 57.02 -0.70 -90.16
C LEU H 639 57.00 0.70 -90.76
N GLN H 640 56.45 0.82 -91.96
CA GLN H 640 56.42 2.12 -92.64
C GLN H 640 55.42 3.07 -91.97
N GLN H 641 54.37 2.53 -91.36
CA GLN H 641 53.33 3.37 -90.79
C GLN H 641 53.80 4.06 -89.51
N GLN H 642 54.54 3.35 -88.66
CA GLN H 642 55.05 3.97 -87.44
C GLN H 642 56.23 4.88 -87.74
N LEU H 643 56.96 4.60 -88.82
CA LEU H 643 58.00 5.51 -89.25
C LEU H 643 57.41 6.77 -89.87
N CYS H 644 56.27 6.63 -90.53
CA CYS H 644 55.55 7.80 -91.04
C CYS H 644 54.95 8.60 -89.89
N GLU H 645 54.64 7.94 -88.77
CA GLU H 645 53.97 8.62 -87.67
C GLU H 645 54.93 9.48 -86.87
N VAL H 646 56.12 8.95 -86.54
CA VAL H 646 57.00 9.62 -85.60
C VAL H 646 57.62 10.87 -86.21
N TYR H 647 58.06 10.78 -87.46
CA TYR H 647 58.71 11.91 -88.11
C TYR H 647 57.75 12.79 -88.90
N MET H 648 56.48 12.41 -88.99
CA MET H 648 55.41 13.32 -89.43
C MET H 648 54.25 13.20 -88.44
N PRO H 649 54.39 13.79 -87.25
CA PRO H 649 53.33 13.63 -86.24
C PRO H 649 52.07 14.42 -86.55
N TRP H 650 52.16 15.40 -87.45
CA TRP H 650 50.96 16.14 -87.83
C TRP H 650 50.08 15.32 -88.76
N SER H 651 50.61 14.26 -89.36
CA SER H 651 49.86 13.52 -90.37
C SER H 651 48.73 12.70 -89.75
N ILE H 652 49.01 12.07 -88.61
CA ILE H 652 47.99 11.23 -87.96
C ILE H 652 47.04 12.12 -87.16
N ASP H 653 45.75 11.92 -87.38
CA ASP H 653 44.71 12.73 -86.77
C ASP H 653 44.63 12.46 -85.26
N GLU H 654 44.18 13.50 -84.52
CA GLU H 654 44.05 13.50 -83.05
C GLU H 654 45.42 13.26 -82.41
N GLN H 655 46.34 14.18 -82.64
CA GLN H 655 47.66 14.14 -82.02
C GLN H 655 47.91 15.46 -81.30
N ARG H 656 48.38 15.37 -80.05
CA ARG H 656 48.80 16.57 -79.34
C ARG H 656 50.04 17.18 -80.00
N PRO H 657 50.17 18.50 -80.00
CA PRO H 657 51.36 19.12 -80.62
C PRO H 657 52.61 18.87 -79.78
N VAL H 658 53.54 18.10 -80.35
CA VAL H 658 54.79 17.79 -79.68
C VAL H 658 55.91 18.55 -80.37
N VAL H 659 56.79 19.16 -79.58
CA VAL H 659 57.84 19.99 -80.16
C VAL H 659 58.92 19.09 -80.74
N LEU H 660 59.29 19.35 -81.99
CA LEU H 660 60.20 18.47 -82.71
C LEU H 660 61.08 19.34 -83.61
N ASN H 661 62.37 19.02 -83.65
CA ASN H 661 63.33 19.87 -84.32
C ASN H 661 63.32 19.66 -85.83
N ASN H 662 64.05 20.52 -86.53
CA ASN H 662 64.16 20.39 -87.99
C ASN H 662 65.13 19.26 -88.35
N SER H 663 66.14 19.03 -87.53
CA SER H 663 67.13 18.01 -87.82
C SER H 663 66.57 16.63 -87.54
N ILE H 664 66.82 15.70 -88.47
CA ILE H 664 66.67 14.28 -88.20
C ILE H 664 68.07 13.66 -88.15
N ASN H 665 68.32 12.89 -87.10
CA ASN H 665 69.63 12.29 -86.93
C ASN H 665 69.69 10.95 -87.64
N TYR H 666 70.87 10.62 -88.19
CA TYR H 666 71.05 9.36 -88.88
C TYR H 666 70.96 8.17 -87.93
N PHE H 667 71.48 8.33 -86.72
CA PHE H 667 71.52 7.21 -85.79
C PHE H 667 70.26 7.14 -84.94
N GLN H 668 69.66 8.30 -84.64
CA GLN H 668 68.40 8.29 -83.92
C GLN H 668 67.27 7.80 -84.82
N LEU H 669 67.41 7.98 -86.14
CA LEU H 669 66.55 7.28 -87.08
C LEU H 669 66.79 5.78 -87.03
N LEU H 670 68.06 5.37 -86.99
CA LEU H 670 68.40 3.97 -87.05
C LEU H 670 67.99 3.25 -85.77
N ALA H 671 68.02 3.95 -84.64
CA ALA H 671 67.55 3.37 -83.39
C ALA H 671 66.04 3.30 -83.35
N THR H 672 65.35 4.26 -83.98
CA THR H 672 63.89 4.28 -83.96
C THR H 672 63.31 3.15 -84.79
N ILE H 673 64.05 2.71 -85.80
CA ILE H 673 63.65 1.51 -86.54
C ILE H 673 63.80 0.27 -85.66
N GLN H 674 64.78 0.28 -84.75
CA GLN H 674 65.08 -0.91 -83.95
C GLN H 674 64.07 -1.15 -82.83
N GLN H 675 63.28 -0.14 -82.45
CA GLN H 675 62.39 -0.34 -81.31
C GLN H 675 61.03 -0.86 -81.74
N GLN H 676 60.85 -1.15 -83.03
CA GLN H 676 59.62 -1.80 -83.43
C GLN H 676 59.64 -3.25 -82.98
N PRO H 677 58.48 -3.83 -82.62
CA PRO H 677 58.51 -5.19 -82.06
C PRO H 677 58.78 -6.26 -83.10
N LEU H 678 58.60 -5.93 -84.37
CA LEU H 678 58.71 -6.93 -85.42
C LEU H 678 60.08 -6.90 -86.08
N VAL H 679 60.87 -5.85 -85.82
CA VAL H 679 62.19 -5.76 -86.45
C VAL H 679 63.15 -6.69 -85.71
N GLU H 680 64.18 -7.15 -86.42
CA GLU H 680 65.29 -7.88 -85.82
C GLU H 680 66.61 -7.17 -86.03
N ARG H 681 66.90 -6.80 -87.27
CA ARG H 681 68.17 -6.20 -87.65
C ARG H 681 68.00 -5.53 -89.00
N VAL H 682 68.60 -4.35 -89.14
CA VAL H 682 68.62 -3.63 -90.41
C VAL H 682 70.03 -3.74 -90.99
N THR H 683 70.15 -3.57 -92.29
CA THR H 683 71.47 -3.57 -92.88
C THR H 683 71.97 -2.15 -93.12
N ARG H 684 71.28 -1.39 -93.95
CA ARG H 684 71.75 -0.06 -94.31
C ARG H 684 70.54 0.85 -94.43
N LEU H 685 70.80 2.16 -94.43
CA LEU H 685 69.69 3.11 -94.52
C LEU H 685 69.62 3.81 -95.87
N THR H 686 70.77 4.31 -96.34
CA THR H 686 70.90 5.08 -97.59
C THR H 686 69.97 6.30 -97.59
N LEU H 687 70.28 7.26 -96.72
CA LEU H 687 69.61 8.56 -96.73
C LEU H 687 69.82 9.26 -98.06
N HIS H 688 68.72 9.63 -98.70
CA HIS H 688 68.72 10.11 -100.08
C HIS H 688 67.92 11.41 -100.13
N ARG H 689 68.61 12.52 -99.89
CA ARG H 689 67.98 13.83 -99.97
C ARG H 689 67.78 14.24 -101.42
N ALA H 690 66.62 14.83 -101.70
CA ALA H 690 66.33 15.32 -103.04
C ALA H 690 67.00 16.67 -103.28
N THR H 699 76.61 8.53 -96.81
CA THR H 699 75.35 8.52 -96.07
C THR H 699 75.56 9.13 -94.69
N ALA H 700 75.06 10.34 -94.49
CA ALA H 700 75.15 10.96 -93.18
C ALA H 700 73.80 11.54 -92.78
N SER H 701 73.78 12.20 -91.63
CA SER H 701 72.56 12.83 -91.15
C SER H 701 72.26 14.09 -91.96
N VAL H 702 71.02 14.21 -92.40
CA VAL H 702 70.55 15.35 -93.19
C VAL H 702 69.87 16.33 -92.25
N GLU H 703 70.28 17.60 -92.35
CA GLU H 703 69.71 18.66 -91.53
C GLU H 703 68.94 19.60 -92.44
N ALA H 704 67.78 20.02 -91.97
CA ALA H 704 66.84 20.77 -92.77
C ALA H 704 67.32 22.19 -92.95
N LYS H 705 67.37 22.64 -94.20
CA LYS H 705 67.69 24.03 -94.48
C LYS H 705 66.52 24.90 -94.03
N ASP H 706 66.78 26.19 -93.83
CA ASP H 706 65.79 27.08 -93.25
C ASP H 706 64.61 27.28 -94.20
N ASN H 707 63.44 27.55 -93.61
CA ASN H 707 62.14 27.67 -94.30
C ASN H 707 61.75 26.37 -95.01
N GLU H 708 62.30 25.22 -94.58
CA GLU H 708 62.04 23.94 -95.22
C GLU H 708 61.80 22.89 -94.16
N VAL H 709 60.90 21.95 -94.47
CA VAL H 709 60.51 20.87 -93.56
C VAL H 709 60.65 19.55 -94.31
N LEU H 710 61.27 18.56 -93.64
CA LEU H 710 61.58 17.27 -94.23
C LEU H 710 60.39 16.32 -94.17
N ILE H 711 60.14 15.63 -95.28
CA ILE H 711 59.12 14.59 -95.39
C ILE H 711 59.80 13.33 -95.92
N LEU H 712 59.61 12.21 -95.24
CA LEU H 712 60.24 10.98 -95.70
C LEU H 712 59.42 10.32 -96.81
N VAL H 713 60.13 9.74 -97.78
CA VAL H 713 59.54 9.05 -98.92
C VAL H 713 60.15 7.66 -98.99
N TRP H 714 59.32 6.62 -99.14
CA TRP H 714 59.78 5.24 -99.19
C TRP H 714 59.38 4.58 -100.51
N GLU H 715 60.29 4.59 -101.47
CA GLU H 715 60.14 3.79 -102.68
C GLU H 715 61.48 3.19 -103.10
N GLU I 2 36.87 -48.62 -39.78
CA GLU I 2 37.80 -48.26 -38.72
C GLU I 2 37.57 -46.83 -38.20
N LEU I 3 36.69 -46.73 -37.20
CA LEU I 3 36.35 -45.51 -36.47
C LEU I 3 35.85 -44.41 -37.41
N ASN I 4 34.66 -44.62 -37.97
CA ASN I 4 34.13 -43.72 -39.00
C ASN I 4 33.74 -42.35 -38.45
N GLU I 5 33.81 -42.15 -37.14
CA GLU I 5 33.44 -40.86 -36.57
C GLU I 5 34.57 -39.84 -36.70
N LEU I 6 35.82 -40.31 -36.59
CA LEU I 6 36.97 -39.40 -36.70
C LEU I 6 37.53 -39.39 -38.12
N THR I 7 37.50 -40.53 -38.80
CA THR I 7 38.30 -40.68 -40.01
C THR I 7 37.63 -39.99 -41.20
N ASN I 8 36.40 -39.52 -41.04
CA ASN I 8 35.87 -38.60 -42.05
C ASN I 8 36.53 -37.24 -41.92
N LYS I 9 36.66 -36.76 -40.68
CA LYS I 9 37.27 -35.46 -40.43
C LYS I 9 38.77 -35.50 -40.72
N LEU I 10 39.39 -36.67 -40.55
CA LEU I 10 40.83 -36.76 -40.67
C LEU I 10 41.25 -36.93 -42.11
N SER I 11 40.45 -37.65 -42.91
CA SER I 11 40.82 -37.92 -44.29
C SER I 11 40.63 -36.70 -45.19
N ASN I 12 39.85 -35.72 -44.73
CA ASN I 12 39.58 -34.57 -45.59
C ASN I 12 40.70 -33.55 -45.54
N LEU I 13 41.50 -33.56 -44.46
CA LEU I 13 42.55 -32.57 -44.31
C LEU I 13 43.84 -33.04 -44.98
N VAL I 14 44.21 -34.30 -44.75
CA VAL I 14 45.47 -34.86 -45.23
C VAL I 14 45.13 -35.69 -46.47
N PRO I 15 46.05 -35.82 -47.44
CA PRO I 15 45.75 -36.66 -48.62
C PRO I 15 45.39 -38.12 -48.31
N MET I 16 46.04 -38.75 -47.32
CA MET I 16 45.75 -40.12 -46.88
C MET I 16 45.88 -41.14 -48.01
N THR I 17 47.13 -41.37 -48.44
CA THR I 17 47.45 -42.32 -49.49
C THR I 17 47.18 -43.77 -49.06
N ASP I 18 47.52 -44.70 -49.95
CA ASP I 18 47.14 -46.10 -49.77
C ASP I 18 47.97 -46.76 -48.68
N PHE I 19 49.23 -46.35 -48.53
CA PHE I 19 50.13 -47.02 -47.61
C PHE I 19 49.84 -46.60 -46.17
N LYS I 20 49.85 -47.58 -45.27
CA LYS I 20 49.61 -47.37 -43.84
C LYS I 20 50.82 -47.85 -43.06
N LEU I 21 51.17 -47.11 -42.01
CA LEU I 21 52.27 -47.54 -41.14
C LEU I 21 51.88 -48.74 -40.30
N ASP I 22 50.59 -48.89 -40.03
CA ASP I 22 50.07 -50.05 -39.32
C ASP I 22 49.00 -50.71 -40.17
N ASN I 23 49.35 -51.86 -40.75
CA ASN I 23 48.38 -52.77 -41.34
C ASN I 23 47.81 -53.73 -40.31
N ARG I 24 48.00 -53.43 -39.02
CA ARG I 24 47.53 -54.28 -37.94
C ARG I 24 46.00 -54.28 -37.90
N ALA I 25 45.42 -55.39 -38.31
CA ALA I 25 43.98 -55.57 -38.27
C ALA I 25 43.57 -56.02 -36.87
N SER I 26 42.26 -55.92 -36.61
CA SER I 26 41.75 -56.26 -35.29
C SER I 26 41.80 -57.77 -35.05
N LEU I 27 41.66 -58.56 -36.12
CA LEU I 27 41.87 -59.99 -35.97
C LEU I 27 43.34 -60.29 -35.75
N GLN I 28 44.22 -59.49 -36.37
CA GLN I 28 45.65 -59.71 -36.20
C GLN I 28 46.11 -59.29 -34.81
N LEU I 29 45.40 -58.35 -34.19
CA LEU I 29 45.81 -57.86 -32.88
C LEU I 29 45.49 -58.87 -31.78
N LEU I 30 44.37 -59.58 -31.91
CA LEU I 30 43.94 -60.47 -30.84
C LEU I 30 44.76 -61.75 -30.80
N LYS I 31 45.38 -62.12 -31.92
CA LYS I 31 46.32 -63.24 -31.88
C LYS I 31 47.61 -62.83 -31.19
N TYR I 32 47.95 -61.54 -31.26
CA TYR I 32 49.14 -61.05 -30.58
C TYR I 32 48.93 -60.98 -29.08
N ILE I 33 47.70 -60.68 -28.66
CA ILE I 33 47.40 -60.61 -27.24
C ILE I 33 47.12 -62.00 -26.69
N GLU I 34 46.90 -62.97 -27.56
CA GLU I 34 46.70 -64.34 -27.09
C GLU I 34 48.04 -64.99 -26.74
N ALA I 35 49.06 -64.73 -27.55
CA ALA I 35 50.39 -65.27 -27.26
C ALA I 35 51.04 -64.53 -26.10
N TYR I 36 50.58 -63.31 -25.81
CA TYR I 36 51.08 -62.59 -24.65
C TYR I 36 50.52 -63.18 -23.37
N THR I 37 49.22 -63.43 -23.33
CA THR I 37 48.56 -63.79 -22.08
C THR I 37 48.80 -65.25 -21.69
N LYS I 38 49.28 -66.07 -22.64
CA LYS I 38 49.51 -67.48 -22.31
C LYS I 38 50.85 -67.66 -21.59
N ILE I 39 51.63 -66.59 -21.45
CA ILE I 39 52.85 -66.65 -20.67
C ILE I 39 52.56 -66.30 -19.21
N ILE I 40 51.64 -65.35 -18.99
CA ILE I 40 51.35 -64.83 -17.66
C ILE I 40 50.63 -65.91 -16.85
N PRO I 41 51.18 -66.34 -15.73
CA PRO I 41 50.59 -67.49 -15.03
C PRO I 41 49.40 -67.12 -14.17
N PHE I 42 48.27 -67.75 -14.44
CA PHE I 42 47.16 -67.70 -13.50
C PHE I 42 47.53 -68.55 -12.30
N ASN I 43 47.48 -67.94 -11.12
CA ASN I 43 48.32 -68.32 -9.99
C ASN I 43 48.05 -69.73 -9.47
N SER I 44 49.14 -70.46 -9.20
CA SER I 44 49.15 -71.79 -8.60
C SER I 44 48.39 -72.81 -9.46
N GLY I 45 48.41 -72.61 -10.77
CA GLY I 45 47.69 -73.49 -11.67
C GLY I 45 48.43 -73.65 -12.96
N ASP I 46 48.19 -74.78 -13.62
CA ASP I 46 48.84 -75.08 -14.88
C ASP I 46 48.24 -74.19 -15.97
N LYS I 47 46.96 -73.87 -15.85
CA LYS I 47 46.31 -72.99 -16.81
C LYS I 47 46.79 -71.56 -16.64
N TYR I 48 46.76 -70.81 -17.74
CA TYR I 48 47.34 -69.48 -17.81
C TYR I 48 46.25 -68.43 -18.01
N TRP I 49 46.69 -67.19 -18.22
CA TRP I 49 45.74 -66.08 -18.29
C TRP I 49 45.01 -66.04 -19.62
N ASN I 50 45.49 -66.77 -20.62
CA ASN I 50 44.80 -66.80 -21.90
C ASN I 50 43.53 -67.64 -21.83
N ASP I 51 43.42 -68.48 -20.80
CA ASP I 51 42.18 -69.19 -20.56
C ASP I 51 41.14 -68.27 -19.91
N PHE I 52 41.61 -67.21 -19.25
CA PHE I 52 40.69 -66.25 -18.64
C PHE I 52 40.08 -65.33 -19.68
N PHE I 53 40.93 -64.71 -20.51
CA PHE I 53 40.48 -63.66 -21.41
C PHE I 53 39.65 -64.22 -22.56
N PHE I 54 39.81 -65.51 -22.85
CA PHE I 54 39.04 -66.19 -23.87
C PHE I 54 38.42 -67.41 -23.21
N MET I 55 37.26 -67.21 -22.59
CA MET I 55 36.82 -68.16 -21.58
C MET I 55 35.90 -69.24 -22.15
N SER I 56 34.73 -68.86 -22.64
CA SER I 56 33.67 -69.81 -22.89
C SER I 56 33.19 -69.70 -24.34
N GLY I 57 33.74 -70.55 -25.20
CA GLY I 57 33.30 -70.57 -26.59
C GLY I 57 33.69 -69.33 -27.37
N ASN I 58 34.71 -68.62 -26.90
CA ASN I 58 35.14 -67.39 -27.54
C ASN I 58 36.60 -67.52 -27.92
N THR I 59 36.86 -67.61 -29.21
CA THR I 59 38.17 -67.59 -29.80
C THR I 59 38.44 -66.18 -30.32
N PRO I 60 39.72 -65.80 -30.49
CA PRO I 60 40.00 -64.46 -31.04
C PRO I 60 39.51 -64.24 -32.47
N GLU I 61 39.23 -65.30 -33.22
CA GLU I 61 38.59 -65.12 -34.51
C GLU I 61 37.13 -64.77 -34.36
N LYS I 62 36.48 -65.25 -33.28
CA LYS I 62 35.09 -64.90 -33.04
C LYS I 62 34.96 -63.50 -32.46
N LEU I 63 35.91 -63.11 -31.61
CA LEU I 63 35.85 -61.77 -31.01
C LEU I 63 36.14 -60.70 -32.04
N ALA I 64 36.93 -61.01 -33.06
CA ALA I 64 37.11 -60.08 -34.17
C ALA I 64 35.86 -60.02 -35.03
N LYS I 65 35.08 -61.11 -35.07
CA LYS I 65 33.82 -61.08 -35.81
C LYS I 65 32.79 -60.21 -35.10
N LEU I 66 32.80 -60.24 -33.76
CA LEU I 66 31.90 -59.38 -33.01
C LEU I 66 32.32 -57.92 -33.09
N TYR I 67 33.63 -57.69 -33.16
CA TYR I 67 34.14 -56.33 -33.19
C TYR I 67 33.89 -55.69 -34.55
N GLN I 68 34.19 -56.40 -35.63
CA GLN I 68 33.90 -55.91 -36.97
C GLN I 68 32.43 -56.08 -37.36
N LYS I 69 31.61 -56.62 -36.45
CA LYS I 69 30.17 -56.83 -36.64
C LYS I 69 29.86 -57.75 -37.80
N GLU I 70 30.71 -58.76 -38.03
CA GLU I 70 30.32 -59.83 -38.94
C GLU I 70 29.24 -60.71 -38.31
N ILE I 71 29.27 -60.83 -36.99
CA ILE I 71 28.19 -61.42 -36.20
C ILE I 71 27.42 -60.29 -35.54
N GLU I 72 26.11 -60.43 -35.49
CA GLU I 72 25.28 -59.49 -34.74
C GLU I 72 25.60 -59.59 -33.25
N PRO I 73 25.80 -58.47 -32.55
CA PRO I 73 26.20 -58.51 -31.14
C PRO I 73 25.07 -59.00 -30.24
N ASN I 74 25.25 -60.18 -29.67
CA ASN I 74 24.29 -60.73 -28.73
C ASN I 74 24.37 -60.00 -27.40
N GLY I 75 23.30 -60.07 -26.63
CA GLY I 75 23.22 -59.31 -25.40
C GLY I 75 24.14 -59.83 -24.30
N GLU I 76 24.43 -61.12 -24.31
CA GLU I 76 25.27 -61.72 -23.29
C GLU I 76 26.66 -62.00 -23.83
N LEU I 77 27.62 -61.21 -23.39
CA LEU I 77 29.03 -61.49 -23.59
C LEU I 77 29.68 -61.42 -22.23
N LEU I 78 30.76 -62.17 -22.04
CA LEU I 78 31.45 -62.19 -20.76
C LEU I 78 32.09 -60.83 -20.51
N PRO I 79 32.06 -60.33 -19.27
CA PRO I 79 32.44 -58.92 -19.04
C PRO I 79 33.91 -58.63 -19.22
N GLN I 80 34.79 -59.60 -18.95
CA GLN I 80 36.22 -59.36 -19.17
C GLN I 80 36.56 -59.41 -20.66
N GLN I 81 35.67 -59.98 -21.47
CA GLN I 81 35.85 -59.93 -22.91
C GLN I 81 35.28 -58.65 -23.49
N ALA I 82 34.14 -58.21 -22.98
CA ALA I 82 33.57 -56.95 -23.44
C ALA I 82 34.32 -55.76 -22.88
N PHE I 83 35.09 -55.96 -21.82
CA PHE I 83 36.10 -54.99 -21.43
C PHE I 83 37.23 -54.96 -22.44
N LEU I 84 37.57 -56.13 -23.00
CA LEU I 84 38.69 -56.21 -23.95
C LEU I 84 38.29 -55.65 -25.30
N LEU I 85 37.06 -55.91 -25.74
CA LEU I 85 36.60 -55.34 -27.01
C LEU I 85 36.35 -53.85 -26.89
N ALA I 86 36.16 -53.34 -25.66
CA ALA I 86 36.00 -51.90 -25.48
C ALA I 86 37.34 -51.20 -25.54
N VAL I 87 38.43 -51.92 -25.26
CA VAL I 87 39.75 -51.33 -25.35
C VAL I 87 40.17 -51.15 -26.80
N LEU I 88 39.87 -52.14 -27.65
CA LEU I 88 40.25 -52.05 -29.06
C LEU I 88 39.44 -50.99 -29.79
N ARG I 89 38.28 -50.62 -29.26
CA ARG I 89 37.55 -49.49 -29.82
C ARG I 89 38.23 -48.18 -29.48
N LEU I 90 38.89 -48.12 -28.31
CA LEU I 90 39.64 -46.92 -27.96
C LEU I 90 40.93 -46.82 -28.76
N LEU I 91 41.61 -47.95 -28.97
CA LEU I 91 42.90 -47.92 -29.64
C LEU I 91 42.81 -47.73 -31.15
N GLU I 92 41.62 -47.57 -31.72
CA GLU I 92 41.54 -47.17 -33.12
C GLU I 92 41.95 -45.72 -33.30
N THR I 93 41.88 -44.93 -32.24
CA THR I 93 42.20 -43.51 -32.33
C THR I 93 43.69 -43.19 -32.41
N PRO I 94 44.60 -43.81 -31.63
CA PRO I 94 46.01 -43.53 -31.89
C PRO I 94 46.54 -44.18 -33.15
N ILE I 95 45.91 -45.26 -33.61
CA ILE I 95 46.36 -45.92 -34.83
C ILE I 95 45.98 -45.11 -36.05
N SER I 96 44.78 -44.52 -36.05
CA SER I 96 44.29 -43.79 -37.22
C SER I 96 45.02 -42.48 -37.41
N LEU I 97 45.49 -41.88 -36.31
CA LEU I 97 46.32 -40.67 -36.45
C LEU I 97 47.75 -41.02 -36.83
N LEU I 98 48.12 -42.29 -36.70
CA LEU I 98 49.47 -42.71 -37.07
C LEU I 98 49.53 -43.13 -38.53
N ASN I 99 48.42 -43.61 -39.08
CA ASN I 99 48.40 -43.97 -40.49
C ASN I 99 48.34 -42.73 -41.37
N VAL I 100 47.94 -41.59 -40.80
CA VAL I 100 47.72 -40.39 -41.61
C VAL I 100 49.01 -39.60 -41.74
N LEU I 101 50.04 -39.99 -40.98
CA LEU I 101 51.32 -39.28 -40.96
C LEU I 101 52.26 -39.51 -42.14
N PRO I 102 52.41 -40.71 -42.74
CA PRO I 102 53.27 -40.79 -43.94
C PRO I 102 52.73 -40.05 -45.14
N ALA I 103 51.42 -39.82 -45.20
CA ALA I 103 50.88 -38.93 -46.22
C ALA I 103 51.25 -37.48 -45.93
N ALA I 104 51.45 -37.15 -44.66
CA ALA I 104 51.81 -35.78 -44.30
C ALA I 104 53.32 -35.60 -44.32
N HIS I 105 54.07 -36.69 -44.21
CA HIS I 105 55.53 -36.62 -44.30
C HIS I 105 55.97 -36.35 -45.73
N ARG I 106 55.23 -36.91 -46.69
CA ARG I 106 55.56 -36.73 -48.10
C ARG I 106 55.25 -35.30 -48.55
N GLU I 107 54.10 -34.78 -48.13
CA GLU I 107 53.68 -33.45 -48.51
C GLU I 107 54.56 -32.39 -47.87
N LEU I 108 55.06 -32.66 -46.66
CA LEU I 108 56.05 -31.80 -46.04
C LEU I 108 57.35 -31.79 -46.83
N TYR I 109 57.71 -32.92 -47.43
CA TYR I 109 58.97 -33.01 -48.16
C TYR I 109 58.91 -32.22 -49.46
N TYR I 110 57.78 -32.28 -50.16
CA TYR I 110 57.68 -31.61 -51.46
C TYR I 110 57.49 -30.11 -51.29
N ARG I 111 56.64 -29.69 -50.35
CA ARG I 111 56.25 -28.29 -50.31
C ARG I 111 57.16 -27.46 -49.43
N GLU I 112 57.57 -27.99 -48.28
CA GLU I 112 58.37 -27.17 -47.36
C GLU I 112 59.85 -27.18 -47.75
N LEU I 113 60.46 -28.35 -47.82
CA LEU I 113 61.87 -28.43 -48.19
C LEU I 113 62.08 -28.25 -49.69
N LEU I 114 61.42 -29.08 -50.50
CA LEU I 114 61.73 -29.12 -51.92
C LEU I 114 61.10 -27.95 -52.65
N GLY I 115 60.14 -27.27 -52.02
CA GLY I 115 59.57 -26.05 -52.55
C GLY I 115 58.61 -26.20 -53.71
N LEU I 116 58.23 -27.42 -54.07
CA LEU I 116 57.40 -27.63 -55.26
C LEU I 116 55.98 -27.15 -55.03
N SER I 117 55.40 -26.56 -56.08
CA SER I 117 54.02 -26.12 -56.11
C SER I 117 53.19 -27.09 -56.94
N SER I 118 51.88 -26.90 -56.88
CA SER I 118 50.92 -27.70 -57.64
C SER I 118 50.34 -26.84 -58.75
N HIS I 119 49.99 -27.47 -59.85
CA HIS I 119 49.48 -26.74 -61.01
C HIS I 119 48.06 -26.24 -60.75
N ALA I 120 47.82 -25.00 -61.16
CA ALA I 120 46.49 -24.42 -61.05
C ALA I 120 45.62 -24.89 -62.22
N ALA I 121 44.38 -24.40 -62.23
CA ALA I 121 43.44 -24.77 -63.28
C ALA I 121 43.82 -24.10 -64.59
N GLN I 122 43.57 -24.80 -65.70
CA GLN I 122 43.87 -24.26 -67.01
C GLN I 122 42.58 -23.82 -67.67
N PRO I 123 42.44 -22.55 -68.05
CA PRO I 123 41.24 -22.12 -68.77
C PRO I 123 41.20 -22.70 -70.16
N ASP I 124 40.00 -23.04 -70.61
CA ASP I 124 39.78 -23.56 -71.95
C ASP I 124 39.10 -22.51 -72.80
N GLN I 125 39.47 -22.47 -74.06
CA GLN I 125 38.90 -21.52 -75.01
C GLN I 125 37.95 -22.25 -75.94
N VAL I 126 37.09 -21.50 -76.62
CA VAL I 126 35.99 -22.07 -77.40
C VAL I 126 35.81 -21.26 -78.68
N ALA I 127 35.45 -21.96 -79.76
CA ALA I 127 35.15 -21.30 -81.02
C ALA I 127 33.79 -20.63 -80.95
N LEU I 128 33.72 -19.37 -81.36
CA LEU I 128 32.52 -18.59 -81.19
C LEU I 128 32.27 -17.77 -82.45
N SER I 129 31.12 -18.02 -83.08
CA SER I 129 30.72 -17.33 -84.30
C SER I 129 29.60 -16.37 -83.95
N MET I 130 29.69 -15.15 -84.46
CA MET I 130 28.86 -14.05 -83.99
C MET I 130 28.25 -13.33 -85.19
N GLU I 131 26.99 -13.62 -85.48
CA GLU I 131 26.29 -13.04 -86.62
C GLU I 131 25.51 -11.80 -86.16
N LEU I 132 25.31 -10.86 -87.08
CA LEU I 132 24.65 -9.61 -86.76
C LEU I 132 23.22 -9.58 -87.29
N ASN I 133 22.55 -8.48 -87.02
CA ASN I 133 21.19 -8.23 -87.49
C ASN I 133 21.25 -7.60 -88.88
N SER I 134 20.08 -7.29 -89.45
CA SER I 134 20.04 -6.69 -90.77
C SER I 134 19.98 -5.17 -90.69
N THR I 135 20.01 -4.62 -89.47
CA THR I 135 19.69 -3.21 -89.30
C THR I 135 20.92 -2.31 -89.45
N VAL I 136 22.11 -2.78 -89.03
CA VAL I 136 23.34 -2.02 -89.20
C VAL I 136 24.31 -2.86 -90.02
N MET I 137 25.39 -2.22 -90.47
CA MET I 137 26.43 -2.96 -91.18
C MET I 137 27.58 -3.33 -90.24
N GLU I 138 28.01 -2.41 -89.40
CA GLU I 138 29.21 -2.60 -88.60
C GLU I 138 28.87 -2.45 -87.12
N GLN I 139 29.49 -3.29 -86.28
CA GLN I 139 29.34 -3.20 -84.84
C GLN I 139 30.63 -3.66 -84.15
N LEU I 140 31.14 -2.83 -83.26
CA LEU I 140 32.43 -3.05 -82.61
C LEU I 140 32.20 -3.47 -81.17
N LEU I 141 32.94 -4.48 -80.71
CA LEU I 141 32.90 -4.95 -79.33
C LEU I 141 34.32 -5.20 -78.86
N PRO I 142 34.71 -4.73 -77.68
CA PRO I 142 36.14 -4.69 -77.34
C PRO I 142 36.63 -6.01 -76.75
N GLU I 143 37.91 -5.97 -76.36
CA GLU I 143 38.49 -7.04 -75.57
C GLU I 143 37.88 -7.06 -74.17
N GLY I 144 37.42 -8.24 -73.74
CA GLY I 144 36.90 -8.40 -72.41
C GLY I 144 35.39 -8.37 -72.27
N THR I 145 34.64 -8.36 -73.37
CA THR I 145 33.21 -8.59 -73.27
C THR I 145 32.96 -10.06 -73.00
N LEU I 146 31.89 -10.37 -72.28
CA LEU I 146 31.70 -11.70 -71.71
C LEU I 146 30.47 -12.37 -72.32
N PHE I 147 30.64 -13.61 -72.77
CA PHE I 147 29.52 -14.46 -73.14
C PHE I 147 29.38 -15.55 -72.10
N GLU I 148 28.18 -16.14 -72.01
CA GLU I 148 27.94 -17.15 -70.99
C GLU I 148 26.81 -18.07 -71.39
N ALA I 149 26.78 -19.26 -70.79
CA ALA I 149 25.64 -20.15 -70.85
C ALA I 149 25.46 -20.81 -69.50
N GLY I 150 24.39 -20.47 -68.81
CA GLY I 150 24.03 -21.16 -67.60
C GLY I 150 24.99 -20.91 -66.46
N GLN I 151 25.15 -21.97 -65.66
CA GLN I 151 25.86 -21.87 -64.41
C GLN I 151 26.46 -23.24 -64.10
N ASP I 152 27.62 -23.25 -63.47
CA ASP I 152 28.16 -24.49 -62.94
C ASP I 152 27.29 -24.96 -61.79
N GLU I 153 27.29 -26.28 -61.56
CA GLU I 153 26.67 -26.80 -60.36
C GLU I 153 27.46 -26.39 -59.13
N GLN I 154 26.72 -26.13 -58.04
CA GLN I 154 27.22 -25.72 -56.71
C GLN I 154 28.19 -24.53 -56.78
N GLY I 155 27.94 -23.61 -57.70
CA GLY I 155 28.84 -22.48 -57.79
C GLY I 155 28.36 -21.45 -58.80
N ASN I 156 29.34 -20.70 -59.30
CA ASN I 156 29.08 -19.50 -60.08
C ASN I 156 28.83 -19.83 -61.54
N ALA I 157 28.56 -18.78 -62.32
CA ALA I 157 28.29 -18.92 -63.73
C ALA I 157 29.60 -18.90 -64.52
N LEU I 158 29.61 -19.60 -65.64
CA LEU I 158 30.78 -19.69 -66.50
C LEU I 158 30.74 -18.57 -67.53
N GLN I 159 31.73 -17.69 -67.50
CA GLN I 159 31.84 -16.60 -68.47
C GLN I 159 32.99 -16.87 -69.41
N TYR I 160 32.82 -16.50 -70.67
CA TYR I 160 33.87 -16.59 -71.67
C TYR I 160 34.13 -15.22 -72.27
N ALA I 161 35.41 -14.88 -72.40
CA ALA I 161 35.80 -13.59 -72.94
C ALA I 161 36.71 -13.78 -74.14
N LEU I 162 36.49 -12.94 -75.15
CA LEU I 162 37.30 -12.96 -76.36
C LEU I 162 38.67 -12.38 -76.02
N ASP I 163 39.71 -12.91 -76.66
CA ASP I 163 41.06 -12.44 -76.37
C ASP I 163 41.43 -11.23 -77.22
N ALA I 164 40.90 -11.13 -78.43
CA ALA I 164 41.19 -10.02 -79.33
C ALA I 164 39.88 -9.35 -79.76
N SER I 165 39.93 -8.02 -79.85
CA SER I 165 38.74 -7.21 -80.13
C SER I 165 38.44 -7.18 -81.63
N LEU I 166 37.55 -8.09 -82.04
CA LEU I 166 37.07 -8.06 -83.40
C LEU I 166 35.96 -7.03 -83.55
N LEU I 167 35.74 -6.57 -84.77
CA LEU I 167 34.56 -5.79 -85.11
C LEU I 167 33.73 -6.62 -86.07
N ALA I 168 32.43 -6.72 -85.79
CA ALA I 168 31.58 -7.58 -86.59
C ALA I 168 31.00 -6.84 -87.77
N ASN I 169 30.74 -7.57 -88.84
CA ASN I 169 30.06 -7.03 -90.00
C ASN I 169 29.03 -8.04 -90.46
N ARG I 170 27.96 -7.52 -91.06
CA ARG I 170 26.97 -8.39 -91.70
C ARG I 170 27.61 -9.08 -92.90
N GLY I 171 27.31 -10.35 -93.07
CA GLY I 171 27.86 -11.13 -94.17
C GLY I 171 27.99 -12.58 -93.78
N TYR I 172 28.32 -13.41 -94.75
CA TYR I 172 28.44 -14.85 -94.52
C TYR I 172 29.30 -15.47 -95.61
N ILE I 173 29.59 -16.75 -95.41
CA ILE I 173 30.28 -17.56 -96.42
C ILE I 173 29.23 -18.23 -97.29
N SER I 174 28.90 -17.61 -98.42
CA SER I 174 27.88 -18.18 -99.27
C SER I 174 28.41 -19.37 -100.06
N ASP I 175 29.58 -19.23 -100.67
CA ASP I 175 30.05 -20.17 -101.65
C ASP I 175 31.44 -20.66 -101.29
N LEU I 176 31.62 -21.98 -101.35
CA LEU I 176 32.93 -22.61 -101.24
C LEU I 176 33.03 -23.64 -102.36
N ARG I 177 33.93 -23.40 -103.29
CA ARG I 177 34.12 -24.29 -104.43
C ARG I 177 35.61 -24.43 -104.72
N TRP I 178 35.96 -25.49 -105.40
CA TRP I 178 37.35 -25.72 -105.74
C TRP I 178 37.50 -26.24 -107.16
N LEU I 179 38.72 -26.14 -107.65
CA LEU I 179 39.17 -26.91 -108.80
C LEU I 179 40.29 -27.82 -108.32
N ARG I 180 40.25 -29.07 -108.71
CA ARG I 180 41.33 -30.00 -108.40
C ARG I 180 41.86 -30.57 -109.71
N ASN I 181 43.14 -30.88 -109.74
CA ASN I 181 43.80 -31.36 -110.94
C ASN I 181 44.17 -32.82 -110.71
N ASP I 182 43.25 -33.73 -111.02
CA ASP I 182 43.55 -35.15 -110.85
C ASP I 182 44.21 -35.74 -112.08
N GLY I 183 43.75 -35.37 -113.27
CA GLY I 183 44.31 -35.89 -114.49
C GLY I 183 44.70 -34.76 -115.43
N GLU I 184 45.57 -35.10 -116.38
CA GLU I 184 45.95 -34.16 -117.42
C GLU I 184 44.78 -33.91 -118.35
N LYS I 185 44.65 -32.66 -118.79
CA LYS I 185 43.66 -32.15 -119.76
C LYS I 185 42.20 -32.36 -119.33
N GLN I 186 41.92 -32.82 -118.12
CA GLN I 186 40.56 -32.86 -117.62
C GLN I 186 40.56 -32.47 -116.14
N TRP I 187 39.70 -31.52 -115.81
CA TRP I 187 39.61 -30.99 -114.45
C TRP I 187 38.15 -30.92 -114.06
N VAL I 188 37.88 -31.12 -112.78
CA VAL I 188 36.52 -31.23 -112.29
C VAL I 188 36.22 -30.04 -111.38
N THR I 189 34.94 -29.70 -111.25
CA THR I 189 34.50 -28.46 -110.65
C THR I 189 33.43 -28.73 -109.60
N SER I 190 33.85 -28.84 -108.34
CA SER I 190 32.95 -29.24 -107.26
C SER I 190 32.28 -28.02 -106.64
N ALA I 191 31.02 -28.19 -106.24
CA ALA I 191 30.25 -27.15 -105.55
C ALA I 191 29.57 -27.75 -104.33
N PRO I 192 30.31 -27.93 -103.23
CA PRO I 192 29.66 -28.44 -102.00
C PRO I 192 28.81 -27.39 -101.30
N TRP I 193 29.29 -26.16 -101.21
CA TRP I 193 28.60 -25.10 -100.46
C TRP I 193 28.11 -24.05 -101.46
N ASP I 194 26.79 -23.91 -101.56
CA ASP I 194 26.17 -22.90 -102.40
C ASP I 194 24.97 -22.32 -101.65
N LEU I 195 25.04 -21.05 -101.28
CA LEU I 195 23.88 -20.46 -100.62
C LEU I 195 22.78 -20.08 -101.61
N GLN I 196 23.12 -19.82 -102.87
CA GLN I 196 22.10 -19.34 -103.81
C GLN I 196 21.16 -20.47 -104.22
N ALA I 197 21.65 -21.71 -104.21
CA ALA I 197 20.81 -22.89 -104.30
C ALA I 197 20.46 -23.46 -102.93
N GLN I 198 20.88 -22.77 -101.87
CA GLN I 198 20.60 -23.10 -100.47
C GLN I 198 21.13 -24.48 -100.07
N VAL I 199 22.17 -25.00 -100.74
CA VAL I 199 22.73 -26.28 -100.35
C VAL I 199 23.87 -26.00 -99.35
N SER I 200 23.92 -26.80 -98.30
CA SER I 200 24.81 -26.48 -97.18
C SER I 200 26.09 -27.29 -97.25
N LEU I 201 27.00 -26.99 -96.32
CA LEU I 201 28.18 -27.81 -96.14
C LEU I 201 27.76 -29.13 -95.49
N PRO I 202 27.81 -30.25 -96.22
CA PRO I 202 27.06 -31.43 -95.78
C PRO I 202 27.83 -32.40 -94.91
N SER I 203 27.08 -33.18 -94.12
CA SER I 203 27.54 -34.42 -93.49
C SER I 203 28.65 -34.21 -92.47
N ASP I 204 28.75 -32.97 -91.96
CA ASP I 204 29.76 -32.55 -90.97
C ASP I 204 31.18 -32.87 -91.44
N GLY I 205 31.61 -32.16 -92.47
CA GLY I 205 32.97 -32.37 -92.93
C GLY I 205 33.05 -32.95 -94.33
N ILE I 206 33.82 -32.28 -95.18
CA ILE I 206 34.04 -32.75 -96.54
C ILE I 206 35.53 -32.81 -96.82
N ARG I 207 35.97 -33.96 -97.35
CA ARG I 207 37.32 -34.09 -97.87
C ARG I 207 37.54 -33.06 -98.97
N LEU I 208 38.44 -32.12 -98.70
CA LEU I 208 38.82 -31.13 -99.70
C LEU I 208 39.42 -31.79 -100.91
N PHE I 209 39.00 -31.33 -102.09
CA PHE I 209 39.37 -31.90 -103.40
C PHE I 209 39.05 -33.39 -103.49
N GLY I 210 37.88 -33.78 -102.99
CA GLY I 210 37.46 -35.17 -103.02
C GLY I 210 36.41 -35.44 -104.08
N LYS I 211 36.04 -36.71 -104.19
CA LYS I 211 35.02 -37.14 -105.16
C LYS I 211 33.65 -36.81 -104.58
N THR I 212 33.14 -35.64 -104.98
CA THR I 212 31.89 -35.15 -104.41
C THR I 212 30.68 -35.63 -105.21
N ASN I 213 30.89 -35.93 -106.50
CA ASN I 213 29.89 -36.28 -107.54
C ASN I 213 28.94 -35.13 -107.85
N SER I 214 29.22 -33.92 -107.35
CA SER I 214 28.59 -32.71 -107.85
C SER I 214 29.45 -32.00 -108.88
N ASP I 215 30.52 -32.64 -109.34
CA ASP I 215 31.43 -32.00 -110.27
C ASP I 215 30.89 -32.04 -111.69
N GLN I 216 31.27 -31.05 -112.48
CA GLN I 216 31.10 -31.08 -113.92
C GLN I 216 32.43 -30.72 -114.57
N GLN I 217 32.81 -31.49 -115.58
CA GLN I 217 34.09 -31.29 -116.24
C GLN I 217 34.09 -30.00 -117.05
N VAL I 218 35.25 -29.34 -117.08
CA VAL I 218 35.35 -28.06 -117.77
C VAL I 218 35.57 -28.29 -119.26
N PHE I 219 34.47 -28.23 -120.03
CA PHE I 219 34.54 -28.56 -121.44
C PHE I 219 35.20 -27.46 -122.26
N GLY I 220 35.30 -26.25 -121.71
CA GLY I 220 36.14 -25.24 -122.33
C GLY I 220 37.62 -25.56 -122.20
N GLY I 221 37.97 -26.33 -121.18
CA GLY I 221 39.34 -26.73 -120.93
C GLY I 221 39.64 -28.20 -121.04
N VAL I 222 38.72 -29.01 -121.59
CA VAL I 222 39.04 -30.42 -121.81
C VAL I 222 40.09 -30.55 -122.92
N LEU I 223 40.00 -29.69 -123.93
CA LEU I 223 41.11 -29.37 -124.80
C LEU I 223 41.59 -27.97 -124.43
N ILE I 224 42.90 -27.82 -124.23
CA ILE I 224 43.45 -26.52 -123.82
C ILE I 224 43.34 -25.54 -124.99
N THR I 225 42.97 -24.30 -124.69
CA THR I 225 42.72 -23.31 -125.72
C THR I 225 44.01 -22.90 -126.42
N SER I 226 43.94 -22.80 -127.74
CA SER I 226 45.11 -22.49 -128.55
C SER I 226 44.92 -21.19 -129.33
N MET I 331 34.00 -17.16 -128.22
CA MET I 331 34.12 -17.79 -126.92
C MET I 331 34.40 -16.78 -125.81
N TYR I 332 35.13 -15.72 -126.18
CA TYR I 332 35.70 -14.75 -125.25
C TYR I 332 36.55 -15.44 -124.19
N HIS I 333 37.40 -16.37 -124.66
CA HIS I 333 38.42 -17.07 -123.86
C HIS I 333 37.82 -17.82 -122.66
N LEU I 334 37.04 -18.86 -122.98
CA LEU I 334 36.29 -19.58 -121.95
C LEU I 334 37.23 -20.35 -121.03
N THR I 335 37.09 -20.09 -119.72
CA THR I 335 37.88 -20.67 -118.64
C THR I 335 36.83 -21.19 -117.66
N PRO I 336 37.19 -21.91 -116.58
CA PRO I 336 36.20 -22.22 -115.54
C PRO I 336 35.52 -21.00 -114.94
N PHE I 337 34.26 -21.22 -114.54
CA PHE I 337 33.44 -20.29 -113.74
C PHE I 337 33.08 -19.01 -114.49
N GLY I 338 33.23 -18.99 -115.81
CA GLY I 338 32.92 -17.80 -116.58
C GLY I 338 33.99 -17.46 -117.60
N TYR I 339 33.74 -16.38 -118.33
CA TYR I 339 34.66 -15.98 -119.40
C TYR I 339 35.79 -15.12 -118.86
N SER I 340 37.02 -15.41 -119.30
CA SER I 340 38.19 -14.65 -118.92
C SER I 340 38.57 -13.68 -120.02
N SER I 341 39.15 -12.54 -119.63
CA SER I 341 39.54 -11.52 -120.60
C SER I 341 40.71 -12.00 -121.44
N ASP I 342 41.78 -12.48 -120.81
CA ASP I 342 42.99 -12.86 -121.51
C ASP I 342 43.45 -14.24 -121.04
N ILE I 343 44.63 -14.64 -121.52
CA ILE I 343 45.17 -15.96 -121.24
C ILE I 343 45.59 -16.05 -119.78
N GLU I 344 45.10 -17.10 -119.10
CA GLU I 344 45.43 -17.35 -117.71
C GLU I 344 45.89 -18.80 -117.56
N PRO I 345 46.98 -19.03 -116.83
CA PRO I 345 47.50 -20.40 -116.71
C PRO I 345 46.65 -21.30 -115.83
N LEU I 346 46.77 -22.61 -116.07
CA LEU I 346 46.07 -23.64 -115.31
C LEU I 346 47.12 -24.61 -114.75
N GLU I 347 47.64 -24.30 -113.56
CA GLU I 347 48.78 -25.03 -113.03
C GLU I 347 48.32 -26.27 -112.27
N GLU I 348 49.29 -27.18 -112.06
CA GLU I 348 49.05 -28.44 -111.35
C GLU I 348 49.06 -28.21 -109.84
N ASN I 349 48.00 -27.54 -109.37
CA ASN I 349 47.82 -27.24 -107.96
C ASN I 349 46.32 -27.17 -107.67
N PRO I 350 45.80 -28.00 -106.76
CA PRO I 350 44.41 -27.86 -106.36
C PRO I 350 44.20 -26.56 -105.59
N ALA I 351 43.12 -25.86 -105.91
CA ALA I 351 42.86 -24.56 -105.34
C ALA I 351 41.37 -24.39 -105.09
N LEU I 352 41.03 -23.78 -103.96
CA LEU I 352 39.65 -23.59 -103.56
C LEU I 352 39.31 -22.11 -103.49
N TYR I 353 38.07 -21.78 -103.85
CA TYR I 353 37.60 -20.41 -103.95
C TYR I 353 36.47 -20.20 -102.95
N LEU I 354 36.53 -19.10 -102.21
CA LEU I 354 35.54 -18.76 -101.20
C LEU I 354 34.65 -17.64 -101.71
N GLY I 355 33.34 -17.78 -101.51
CA GLY I 355 32.39 -16.78 -101.97
C GLY I 355 31.84 -15.91 -100.87
N PHE I 356 32.28 -14.67 -100.81
CA PHE I 356 31.87 -13.76 -99.76
C PHE I 356 30.72 -12.88 -100.22
N THR I 357 29.85 -12.54 -99.29
CA THR I 357 28.60 -11.84 -99.58
C THR I 357 28.36 -10.76 -98.53
N ASP I 358 27.82 -9.63 -99.00
CA ASP I 358 27.29 -8.54 -98.18
C ASP I 358 28.40 -7.88 -97.37
N VAL I 359 29.60 -7.87 -97.93
CA VAL I 359 30.76 -7.27 -97.30
C VAL I 359 31.24 -6.11 -98.17
N LYS I 360 31.48 -4.96 -97.54
CA LYS I 360 31.97 -3.81 -98.29
C LYS I 360 33.49 -3.78 -98.27
N PRO I 361 34.13 -3.23 -99.30
CA PRO I 361 35.60 -3.26 -99.38
C PRO I 361 36.35 -2.52 -98.27
N GLY I 362 35.67 -1.69 -97.47
CA GLY I 362 36.32 -1.15 -96.30
C GLY I 362 36.41 -2.16 -95.16
N GLN I 363 35.46 -3.10 -95.12
CA GLN I 363 35.29 -3.96 -93.95
C GLN I 363 36.33 -5.08 -93.92
N THR I 364 36.45 -5.70 -92.76
CA THR I 364 37.34 -6.83 -92.53
C THR I 364 36.53 -8.10 -92.36
N LEU I 365 37.17 -9.24 -92.58
CA LEU I 365 36.55 -10.54 -92.45
C LEU I 365 37.40 -11.42 -91.55
N ALA I 366 36.77 -12.15 -90.64
CA ALA I 366 37.45 -12.99 -89.68
C ALA I 366 36.82 -14.38 -89.65
N LEU I 367 37.59 -15.38 -90.03
CA LEU I 367 37.12 -16.76 -90.07
C LEU I 367 37.77 -17.57 -88.95
N TYR I 368 37.06 -18.58 -88.48
CA TYR I 368 37.67 -19.64 -87.69
C TYR I 368 37.53 -20.95 -88.45
N TRP I 369 38.65 -21.51 -88.86
CA TRP I 369 38.67 -22.79 -89.54
C TRP I 369 38.78 -23.90 -88.51
N LYS I 370 37.98 -24.94 -88.66
CA LYS I 370 38.10 -26.14 -87.85
C LYS I 370 38.69 -27.22 -88.73
N LEU I 371 39.93 -27.61 -88.46
CA LEU I 371 40.67 -28.40 -89.42
C LEU I 371 41.32 -29.59 -88.74
N LYS I 372 41.35 -30.71 -89.46
CA LYS I 372 42.30 -31.78 -89.21
C LYS I 372 43.02 -32.04 -90.53
N SER I 373 44.24 -31.52 -90.64
CA SER I 373 45.02 -31.69 -91.84
C SER I 373 46.16 -32.67 -91.56
N PRO I 374 46.41 -33.62 -92.47
CA PRO I 374 47.56 -34.51 -92.27
C PRO I 374 48.90 -33.79 -92.35
N GLN I 375 49.20 -33.16 -93.47
CA GLN I 375 50.42 -32.37 -93.63
C GLN I 375 50.00 -30.96 -93.96
N GLN I 376 50.82 -29.98 -93.59
CA GLN I 376 50.42 -28.59 -93.80
C GLN I 376 50.72 -28.18 -95.25
N PRO I 377 49.75 -27.68 -95.98
CA PRO I 377 50.06 -27.15 -97.31
C PRO I 377 50.39 -25.67 -97.27
N THR I 378 51.51 -25.28 -97.86
CA THR I 378 51.84 -23.87 -97.91
C THR I 378 50.93 -23.15 -98.89
N VAL I 379 50.10 -22.26 -98.37
CA VAL I 379 49.02 -21.66 -99.14
C VAL I 379 49.36 -20.21 -99.48
N SER I 380 48.82 -19.78 -100.62
CA SER I 380 48.87 -18.38 -101.04
C SER I 380 47.46 -17.95 -101.41
N TRP I 381 47.16 -16.67 -101.15
CA TRP I 381 45.79 -16.19 -101.25
C TRP I 381 45.69 -15.08 -102.28
N TYR I 382 44.66 -15.17 -103.12
CA TYR I 382 44.43 -14.22 -104.21
C TYR I 382 43.00 -13.70 -104.17
N TYR I 383 42.81 -12.45 -104.60
CA TYR I 383 41.49 -11.83 -104.60
C TYR I 383 41.14 -11.24 -105.96
N LEU I 384 39.84 -11.11 -106.25
CA LEU I 384 39.38 -10.56 -107.51
C LEU I 384 39.68 -9.08 -107.64
N ASP I 385 39.68 -8.61 -108.88
CA ASP I 385 39.84 -7.20 -109.20
C ASP I 385 38.90 -6.82 -110.34
N GLN I 386 38.84 -5.52 -110.64
CA GLN I 386 37.94 -5.04 -111.68
C GLN I 386 38.52 -5.30 -113.07
N HIS I 387 39.84 -5.47 -113.17
CA HIS I 387 40.47 -5.82 -114.43
C HIS I 387 40.38 -7.31 -114.73
N ASN I 388 39.72 -8.09 -113.87
CA ASN I 388 39.68 -9.55 -113.92
C ASN I 388 41.09 -10.16 -113.92
N GLN I 389 41.93 -9.67 -113.02
CA GLN I 389 43.24 -10.25 -112.76
C GLN I 389 43.35 -10.47 -111.25
N TRP I 390 43.81 -11.65 -110.87
CA TRP I 390 43.99 -11.95 -109.45
C TRP I 390 45.27 -11.32 -108.92
N ALA I 391 45.16 -10.68 -107.76
CA ALA I 391 46.29 -10.03 -107.12
C ALA I 391 46.62 -10.74 -105.83
N GLU I 392 47.82 -10.50 -105.31
CA GLU I 392 48.26 -11.17 -104.10
C GLU I 392 47.60 -10.56 -102.88
N LEU I 393 47.16 -11.40 -101.96
CA LEU I 393 46.49 -10.99 -100.74
C LEU I 393 47.33 -11.25 -99.50
N ASP I 394 48.50 -11.87 -99.68
CA ASP I 394 49.23 -12.48 -98.57
C ASP I 394 49.87 -11.44 -97.66
N SER I 395 49.99 -10.19 -98.13
CA SER I 395 50.44 -9.11 -97.26
C SER I 395 49.35 -8.74 -96.26
N TRP I 396 48.09 -9.00 -96.62
CA TRP I 396 46.96 -8.58 -95.80
C TRP I 396 46.55 -9.69 -94.85
N VAL I 397 46.92 -10.93 -95.16
CA VAL I 397 46.57 -12.07 -94.32
C VAL I 397 47.52 -12.15 -93.13
N SER I 398 46.95 -12.31 -91.93
CA SER I 398 47.71 -12.56 -90.73
C SER I 398 47.14 -13.83 -90.09
N ASP I 399 47.65 -14.98 -90.51
CA ASP I 399 47.01 -16.23 -90.15
C ASP I 399 47.67 -16.88 -88.95
N GLY I 400 46.85 -17.43 -88.06
CA GLY I 400 47.28 -18.28 -86.97
C GLY I 400 47.00 -19.74 -87.19
N THR I 401 46.47 -20.11 -88.35
CA THR I 401 46.20 -21.50 -88.67
C THR I 401 47.40 -22.21 -89.26
N GLN I 402 48.55 -21.52 -89.35
CA GLN I 402 49.84 -22.06 -89.79
C GLN I 402 49.77 -22.67 -91.19
N ASN I 403 49.26 -21.87 -92.14
CA ASN I 403 48.97 -22.28 -93.52
C ASN I 403 48.07 -23.50 -93.54
N LEU I 404 46.91 -23.38 -92.89
CA LEU I 404 45.87 -24.41 -92.78
C LEU I 404 46.38 -25.72 -92.18
N TYR I 405 47.29 -25.63 -91.22
CA TYR I 405 47.74 -26.82 -90.53
C TYR I 405 46.79 -27.21 -89.42
N GLN I 406 46.53 -26.27 -88.50
CA GLN I 406 45.71 -26.52 -87.33
C GLN I 406 44.47 -25.67 -87.41
N ASP I 407 43.57 -25.85 -86.45
CA ASP I 407 42.46 -24.93 -86.31
C ASP I 407 42.94 -23.61 -85.76
N GLY I 408 42.39 -22.52 -86.28
CA GLY I 408 42.82 -21.21 -85.83
C GLY I 408 42.04 -20.12 -86.51
N THR I 409 42.11 -18.94 -85.90
CA THR I 409 41.44 -17.76 -86.41
C THR I 409 42.41 -16.98 -87.29
N TRP I 410 41.91 -16.41 -88.38
CA TRP I 410 42.66 -15.42 -89.13
C TRP I 410 41.73 -14.32 -89.63
N HIS I 411 42.15 -13.08 -89.44
CA HIS I 411 41.36 -11.92 -89.84
C HIS I 411 42.05 -11.23 -91.00
N VAL I 412 41.28 -10.90 -92.01
CA VAL I 412 41.78 -10.20 -93.19
C VAL I 412 40.91 -8.97 -93.41
N GLU I 413 41.52 -7.80 -93.36
CA GLU I 413 40.90 -6.62 -93.93
C GLU I 413 40.77 -6.81 -95.43
N LEU I 414 39.53 -6.82 -95.92
CA LEU I 414 39.28 -7.05 -97.33
C LEU I 414 39.87 -5.88 -98.12
N PRO I 415 40.75 -6.14 -99.09
CA PRO I 415 41.61 -5.07 -99.62
C PRO I 415 40.83 -4.07 -100.46
N VAL I 416 41.35 -2.85 -100.52
CA VAL I 416 40.72 -1.80 -101.30
C VAL I 416 40.82 -2.11 -102.78
N ASP I 417 39.84 -1.62 -103.53
CA ASP I 417 39.61 -1.87 -104.96
C ASP I 417 39.40 -3.35 -105.26
N ALA I 418 38.88 -4.11 -104.30
CA ALA I 418 38.35 -5.44 -104.58
C ALA I 418 36.90 -5.30 -105.03
N SER I 419 36.58 -5.97 -106.12
CA SER I 419 35.39 -5.64 -106.91
C SER I 419 34.33 -6.73 -106.76
N ASN I 420 33.09 -6.31 -106.52
CA ASN I 420 31.97 -7.25 -106.53
C ASN I 420 31.70 -7.76 -107.94
N GLN I 421 31.65 -6.86 -108.91
CA GLN I 421 31.40 -7.24 -110.30
C GLN I 421 32.73 -7.56 -110.97
N ALA I 422 32.83 -8.76 -111.52
CA ALA I 422 34.04 -9.21 -112.20
C ALA I 422 33.67 -10.34 -113.15
N GLU I 423 34.52 -10.54 -114.15
CA GLU I 423 34.33 -11.65 -115.08
C GLU I 423 34.93 -12.92 -114.49
N GLN I 424 34.80 -14.01 -115.25
CA GLN I 424 35.40 -15.35 -114.98
C GLN I 424 34.94 -15.98 -113.65
N MET I 425 34.02 -15.33 -112.94
CA MET I 425 33.50 -15.76 -111.64
C MET I 425 32.04 -15.29 -111.56
N PRO I 426 31.26 -15.82 -110.62
CA PRO I 426 29.92 -15.26 -110.39
C PRO I 426 29.98 -13.80 -109.94
N VAL I 427 29.00 -13.03 -110.40
CA VAL I 427 29.07 -11.57 -110.29
C VAL I 427 28.49 -11.08 -108.97
N GLY I 428 27.68 -11.91 -108.31
CA GLY I 428 26.97 -11.44 -107.13
C GLY I 428 27.84 -11.39 -105.89
N ARG I 429 28.89 -12.20 -105.86
CA ARG I 429 29.66 -12.43 -104.64
C ARG I 429 31.09 -11.94 -104.82
N TYR I 430 31.69 -11.45 -103.74
CA TYR I 430 33.13 -11.26 -103.70
C TYR I 430 33.80 -12.61 -103.58
N TRP I 431 35.00 -12.74 -104.13
CA TRP I 431 35.68 -14.01 -104.17
C TRP I 431 37.11 -13.88 -103.67
N LEU I 432 37.55 -14.88 -102.91
CA LEU I 432 38.94 -15.03 -102.50
C LEU I 432 39.44 -16.37 -103.03
N ARG I 433 40.66 -16.39 -103.56
CA ARG I 433 41.29 -17.59 -104.07
C ARG I 433 42.29 -18.08 -103.05
N ALA I 434 42.45 -19.39 -102.96
CA ALA I 434 43.44 -20.01 -102.10
C ALA I 434 44.13 -21.13 -102.87
N VAL I 435 45.43 -20.95 -103.14
CA VAL I 435 46.22 -21.94 -103.86
C VAL I 435 46.84 -22.88 -102.83
N VAL I 436 46.51 -24.16 -102.93
CA VAL I 436 47.02 -25.16 -102.02
C VAL I 436 48.16 -25.90 -102.69
N GLU I 437 49.33 -25.86 -102.05
CA GLU I 437 50.48 -26.67 -102.44
C GLU I 437 50.50 -27.88 -101.50
N VAL I 438 49.80 -28.94 -101.93
CA VAL I 438 49.82 -30.17 -101.13
C VAL I 438 51.15 -30.88 -101.33
N PRO I 439 51.83 -31.34 -100.27
CA PRO I 439 53.09 -32.07 -100.46
C PRO I 439 52.85 -33.45 -101.05
N ALA I 440 53.76 -33.86 -101.92
CA ALA I 440 53.63 -35.11 -102.65
C ALA I 440 53.95 -36.28 -101.72
N HIS I 441 52.96 -37.13 -101.48
CA HIS I 441 53.13 -38.33 -100.66
C HIS I 441 52.05 -39.32 -101.04
N GLU I 442 52.39 -40.61 -100.90
CA GLU I 442 51.47 -41.67 -101.27
C GLU I 442 50.51 -41.99 -100.14
N GLY I 443 49.36 -42.57 -100.50
CA GLY I 443 48.37 -42.98 -99.54
C GLY I 443 47.34 -41.90 -99.26
N ALA I 444 46.51 -42.17 -98.24
CA ALA I 444 45.57 -41.16 -97.77
C ALA I 444 46.24 -40.18 -96.82
N LEU I 445 47.51 -40.44 -96.47
CA LEU I 445 48.27 -39.48 -95.69
C LEU I 445 48.58 -38.23 -96.51
N GLY I 446 48.84 -38.40 -97.81
CA GLY I 446 49.28 -37.28 -98.62
C GLY I 446 48.14 -36.43 -99.17
N LYS I 447 46.92 -36.67 -98.70
CA LYS I 447 45.79 -35.94 -99.24
C LYS I 447 45.52 -34.66 -98.45
N ALA I 448 44.36 -34.06 -98.73
CA ALA I 448 44.05 -32.70 -98.32
C ALA I 448 43.53 -32.67 -96.88
N PRO I 449 43.34 -31.47 -96.28
CA PRO I 449 42.66 -31.38 -94.98
C PRO I 449 41.23 -31.92 -94.99
N TRP I 450 40.69 -32.11 -93.78
CA TRP I 450 39.42 -32.81 -93.64
C TRP I 450 38.26 -31.84 -93.46
N LEU I 451 38.51 -30.68 -92.85
CA LEU I 451 37.59 -29.53 -92.81
C LEU I 451 36.26 -29.89 -92.15
N TYR I 452 36.31 -30.04 -90.83
CA TYR I 452 35.09 -30.20 -90.04
C TYR I 452 34.09 -29.08 -90.29
N GLY I 453 34.58 -27.84 -90.41
CA GLY I 453 33.73 -26.74 -90.80
C GLY I 453 34.47 -25.42 -90.87
N LEU I 454 33.71 -24.38 -91.18
CA LEU I 454 34.21 -23.02 -91.33
C LEU I 454 33.09 -22.05 -90.97
N ILE I 455 33.42 -21.05 -90.16
CA ILE I 455 32.44 -20.08 -89.70
C ILE I 455 32.94 -18.66 -89.94
N TYR I 456 32.01 -17.77 -90.25
CA TYR I 456 32.29 -16.38 -90.56
C TYR I 456 32.05 -15.53 -89.31
N ASN I 457 32.78 -14.40 -89.24
CA ASN I 457 32.63 -13.37 -88.19
C ASN I 457 32.97 -13.95 -86.82
N ALA I 458 33.90 -14.90 -86.80
CA ALA I 458 34.18 -15.71 -85.64
C ALA I 458 35.46 -15.26 -84.95
N MET I 459 35.54 -15.52 -83.64
CA MET I 459 36.73 -15.28 -82.85
C MET I 459 36.65 -16.12 -81.58
N THR I 460 37.78 -16.64 -81.11
CA THR I 460 37.78 -17.54 -79.96
C THR I 460 37.49 -16.78 -78.67
N ALA I 461 37.13 -17.53 -77.63
CA ALA I 461 36.75 -16.96 -76.36
C ALA I 461 37.22 -17.85 -75.22
N THR I 462 38.03 -17.28 -74.32
CA THR I 462 38.64 -18.01 -73.23
C THR I 462 37.87 -17.79 -71.94
N LEU I 463 38.05 -18.73 -71.00
CA LEU I 463 37.35 -18.68 -69.72
C LEU I 463 37.87 -17.53 -68.86
N VAL I 464 36.97 -16.91 -68.09
CA VAL I 464 37.30 -15.64 -67.46
C VAL I 464 37.94 -15.86 -66.09
N ASN I 465 37.19 -16.42 -65.14
CA ASN I 465 37.66 -16.58 -63.78
C ASN I 465 37.79 -18.06 -63.48
N VAL I 466 39.01 -18.51 -63.23
CA VAL I 466 39.28 -19.95 -63.25
C VAL I 466 39.23 -20.54 -61.84
N ASP I 467 39.30 -19.68 -60.83
CA ASP I 467 39.40 -20.19 -59.46
C ASP I 467 38.03 -20.47 -58.87
N SER I 468 37.00 -19.74 -59.31
CA SER I 468 35.69 -19.87 -58.68
C SER I 468 34.97 -21.12 -59.17
N ILE I 469 35.30 -21.59 -60.37
CA ILE I 469 34.55 -22.69 -60.96
C ILE I 469 34.97 -24.02 -60.35
N SER I 470 33.98 -24.83 -59.99
CA SER I 470 34.23 -26.11 -59.35
C SER I 470 34.84 -27.11 -60.34
N ASP I 471 35.25 -28.26 -59.81
CA ASP I 471 36.02 -29.21 -60.60
C ASP I 471 35.12 -30.04 -61.51
N SER I 472 33.80 -29.95 -61.32
CA SER I 472 32.88 -30.75 -62.13
C SER I 472 32.82 -30.24 -63.56
N HIS I 473 33.07 -28.94 -63.77
CA HIS I 473 32.98 -28.39 -65.12
C HIS I 473 34.21 -28.75 -65.95
N PHE I 474 35.37 -28.85 -65.30
CA PHE I 474 36.60 -29.05 -66.05
C PHE I 474 36.79 -30.50 -66.50
N LEU I 475 35.98 -31.42 -65.97
CA LEU I 475 36.11 -32.85 -66.26
C LEU I 475 35.80 -33.16 -67.72
N THR I 476 34.70 -32.62 -68.21
CA THR I 476 34.28 -32.80 -69.60
C THR I 476 34.49 -31.49 -70.34
N PRO I 477 34.67 -31.54 -71.65
CA PRO I 477 34.42 -30.34 -72.45
C PRO I 477 32.99 -29.89 -72.32
N LEU I 478 32.80 -28.58 -72.33
CA LEU I 478 31.48 -27.99 -72.32
C LEU I 478 30.75 -28.40 -73.61
N PRO I 479 29.44 -28.63 -73.57
CA PRO I 479 28.74 -29.17 -74.74
C PRO I 479 28.60 -28.15 -75.87
N ALA I 480 28.34 -28.67 -77.06
CA ALA I 480 28.21 -27.83 -78.24
C ALA I 480 26.86 -27.12 -78.24
N SER I 481 26.81 -25.97 -78.94
CA SER I 481 25.63 -25.11 -79.07
C SER I 481 25.10 -24.67 -77.70
N SER I 482 26.02 -24.30 -76.81
CA SER I 482 25.63 -23.98 -75.45
C SER I 482 25.52 -22.47 -75.24
N ILE I 483 26.60 -21.72 -75.53
CA ILE I 483 26.57 -20.26 -75.38
C ILE I 483 25.75 -19.71 -76.54
N GLN I 484 24.63 -19.07 -76.20
CA GLN I 484 23.68 -18.55 -77.18
C GLN I 484 23.40 -17.08 -76.96
N ARG I 485 24.11 -16.44 -76.05
CA ARG I 485 23.80 -15.08 -75.62
C ARG I 485 25.03 -14.51 -74.92
N PRO I 486 25.19 -13.19 -74.92
CA PRO I 486 26.24 -12.57 -74.09
C PRO I 486 25.75 -12.27 -72.70
N VAL I 487 26.68 -11.82 -71.85
CA VAL I 487 26.32 -11.41 -70.50
C VAL I 487 25.57 -10.08 -70.53
N GLU I 488 26.20 -9.05 -71.09
CA GLU I 488 25.55 -7.76 -71.25
C GLU I 488 24.75 -7.76 -72.53
N PRO I 489 23.47 -7.39 -72.49
CA PRO I 489 22.64 -7.49 -73.69
C PRO I 489 22.98 -6.42 -74.72
N ILE I 490 23.56 -6.88 -75.82
CA ILE I 490 23.88 -6.03 -76.96
C ILE I 490 22.73 -6.17 -77.95
N ILE I 491 21.99 -5.07 -78.15
CA ILE I 491 20.67 -5.11 -78.76
C ILE I 491 20.73 -5.34 -80.26
N VAL I 492 21.82 -4.92 -80.89
CA VAL I 492 21.90 -5.02 -82.35
C VAL I 492 22.41 -6.40 -82.73
N LEU I 493 22.94 -7.14 -81.77
CA LEU I 493 23.32 -8.52 -82.00
C LEU I 493 22.07 -9.40 -82.15
N ALA I 494 22.12 -10.32 -83.11
CA ALA I 494 21.02 -11.25 -83.32
C ALA I 494 21.26 -12.56 -82.57
N SER I 495 22.37 -13.22 -82.84
CA SER I 495 22.69 -14.49 -82.19
C SER I 495 24.18 -14.76 -82.23
N VAL I 496 24.68 -15.43 -81.20
CA VAL I 496 25.98 -16.09 -81.24
C VAL I 496 25.69 -17.57 -81.28
N ASN I 497 26.69 -18.36 -81.65
CA ASN I 497 26.59 -19.81 -81.58
C ASN I 497 27.97 -20.42 -81.58
N GLN I 498 28.09 -21.57 -80.93
CA GLN I 498 29.27 -22.41 -81.05
C GLN I 498 28.89 -23.69 -81.77
N PRO I 499 29.45 -23.98 -82.94
CA PRO I 499 29.21 -25.31 -83.52
C PRO I 499 30.00 -26.39 -82.80
N TRP I 500 31.26 -26.12 -82.46
CA TRP I 500 32.09 -27.02 -81.68
C TRP I 500 32.46 -26.32 -80.38
N ALA I 501 32.90 -27.10 -79.39
CA ALA I 501 32.99 -26.54 -78.05
C ALA I 501 34.13 -27.11 -77.24
N SER I 502 34.94 -26.18 -76.71
CA SER I 502 35.73 -26.35 -75.49
C SER I 502 36.81 -27.43 -75.61
N TRP I 503 37.74 -27.23 -76.53
CA TRP I 503 38.98 -28.00 -76.48
C TRP I 503 39.87 -27.47 -75.36
N GLY I 504 40.78 -28.30 -74.90
CA GLY I 504 41.77 -27.88 -73.94
C GLY I 504 41.19 -27.65 -72.55
N GLY I 505 42.01 -27.11 -71.68
CA GLY I 505 41.60 -26.88 -70.31
C GLY I 505 41.69 -28.16 -69.49
N ARG I 506 42.29 -28.03 -68.31
CA ARG I 506 42.54 -29.20 -67.49
C ARG I 506 42.11 -28.91 -66.06
N ILE I 507 41.98 -29.99 -65.29
CA ILE I 507 41.54 -29.96 -63.90
C ILE I 507 42.58 -29.24 -63.06
N PRO I 508 42.20 -28.59 -61.97
CA PRO I 508 43.20 -28.27 -60.94
C PRO I 508 43.68 -29.56 -60.30
N GLU I 509 44.93 -29.56 -59.88
CA GLU I 509 45.60 -30.81 -59.54
C GLU I 509 45.11 -31.37 -58.21
N SER I 510 44.71 -32.64 -58.23
CA SER I 510 44.40 -33.39 -57.04
C SER I 510 45.69 -33.86 -56.40
N TYR I 511 45.61 -34.19 -55.10
CA TYR I 511 46.82 -34.52 -54.37
C TYR I 511 47.34 -35.91 -54.74
N SER I 512 46.53 -36.72 -55.40
CA SER I 512 47.03 -37.99 -55.94
C SER I 512 47.84 -37.76 -57.21
N ALA I 513 47.32 -36.92 -58.11
CA ALA I 513 47.98 -36.70 -59.39
C ALA I 513 49.12 -35.70 -59.26
N PHE I 514 49.10 -34.86 -58.23
CA PHE I 514 50.22 -33.97 -57.96
C PHE I 514 51.42 -34.76 -57.46
N PHE I 515 51.17 -35.85 -56.74
CA PHE I 515 52.29 -36.67 -56.26
C PHE I 515 52.89 -37.49 -57.39
N GLU I 516 52.09 -37.93 -58.36
CA GLU I 516 52.63 -38.66 -59.50
C GLU I 516 53.43 -37.73 -60.40
N ARG I 517 53.05 -36.46 -60.47
CA ARG I 517 53.76 -35.50 -61.31
C ARG I 517 55.14 -35.19 -60.76
N ILE I 518 55.27 -35.04 -59.44
CA ILE I 518 56.55 -34.71 -58.85
C ILE I 518 57.42 -35.97 -58.71
N ALA I 519 56.79 -37.14 -58.66
CA ALA I 519 57.58 -38.37 -58.65
C ALA I 519 58.24 -38.62 -60.00
N GLN I 520 57.68 -38.07 -61.07
CA GLN I 520 58.33 -38.16 -62.36
C GLN I 520 59.49 -37.18 -62.46
N ASN I 521 59.32 -35.97 -61.92
CA ASN I 521 60.38 -34.96 -62.02
C ASN I 521 61.59 -35.31 -61.18
N LEU I 522 61.43 -36.15 -60.17
CA LEU I 522 62.58 -36.55 -59.37
C LEU I 522 63.22 -37.81 -59.91
N SER I 523 62.54 -38.49 -60.85
CA SER I 523 63.12 -39.71 -61.40
C SER I 523 64.03 -39.41 -62.58
N HIS I 524 63.54 -38.67 -63.57
CA HIS I 524 64.33 -38.37 -64.75
C HIS I 524 64.94 -36.98 -64.77
N ARG I 525 64.35 -36.02 -64.04
CA ARG I 525 64.90 -34.67 -63.83
C ARG I 525 65.07 -33.91 -65.14
N ASN I 526 64.13 -34.14 -66.05
CA ASN I 526 63.97 -33.41 -67.32
C ASN I 526 65.18 -33.59 -68.24
N ARG I 527 65.85 -34.72 -68.13
CA ARG I 527 66.85 -35.16 -69.10
C ARG I 527 66.52 -36.60 -69.48
N SER I 528 66.44 -36.86 -70.78
CA SER I 528 66.14 -38.20 -71.29
C SER I 528 67.45 -38.92 -71.49
N LEU I 529 67.96 -39.56 -70.44
CA LEU I 529 69.24 -40.22 -70.50
C LEU I 529 69.15 -41.72 -70.72
N THR I 530 68.06 -42.37 -70.33
CA THR I 530 67.96 -43.81 -70.41
C THR I 530 66.76 -44.19 -71.28
N TRP I 531 66.57 -45.50 -71.46
CA TRP I 531 65.44 -45.97 -72.25
C TRP I 531 64.12 -45.68 -71.58
N GLY I 532 64.07 -45.87 -70.26
CA GLY I 532 62.84 -45.59 -69.53
C GLY I 532 62.49 -44.12 -69.54
N ASN I 533 63.51 -43.26 -69.44
CA ASN I 533 63.27 -41.82 -69.39
C ASN I 533 62.81 -41.29 -70.74
N MET I 534 63.17 -41.97 -71.83
CA MET I 534 62.67 -41.57 -73.13
C MET I 534 61.21 -41.99 -73.31
N VAL I 535 60.77 -43.01 -72.58
CA VAL I 535 59.42 -43.52 -72.75
C VAL I 535 58.41 -42.63 -72.04
N THR I 536 58.70 -42.21 -70.80
CA THR I 536 57.74 -41.35 -70.11
C THR I 536 57.78 -39.91 -70.62
N LEU I 537 58.97 -39.40 -70.98
CA LEU I 537 59.09 -37.98 -71.34
C LEU I 537 58.37 -37.67 -72.66
N LEU I 538 58.17 -38.68 -73.51
CA LEU I 538 57.30 -38.48 -74.67
C LEU I 538 55.84 -38.57 -74.29
N LYS I 539 55.52 -39.35 -73.25
CA LYS I 539 54.13 -39.71 -72.99
C LYS I 539 53.40 -38.63 -72.22
N GLU I 540 54.12 -37.86 -71.39
CA GLU I 540 53.44 -36.84 -70.59
C GLU I 540 53.19 -35.59 -71.42
N ARG I 541 54.15 -35.22 -72.26
CA ARG I 541 54.01 -33.96 -73.00
C ARG I 541 53.03 -34.08 -74.16
N TYR I 542 53.11 -35.17 -74.93
CA TYR I 542 52.31 -35.33 -76.13
C TYR I 542 51.02 -36.04 -75.78
N VAL I 543 49.89 -35.50 -76.23
CA VAL I 543 48.61 -36.14 -75.97
C VAL I 543 48.25 -37.08 -77.11
N SER I 544 48.91 -36.92 -78.26
CA SER I 544 48.62 -37.77 -79.41
C SER I 544 49.17 -39.18 -79.22
N ILE I 545 50.19 -39.31 -78.38
CA ILE I 545 50.83 -40.61 -78.18
C ILE I 545 49.93 -41.51 -77.35
N PHE I 546 49.60 -42.68 -77.90
CA PHE I 546 48.99 -43.72 -77.08
C PHE I 546 50.05 -44.39 -76.22
N ASP I 547 51.05 -45.00 -76.86
CA ASP I 547 52.15 -45.62 -76.15
C ASP I 547 53.41 -45.53 -76.99
N VAL I 548 54.54 -45.75 -76.32
CA VAL I 548 55.82 -46.04 -76.96
C VAL I 548 56.28 -47.38 -76.42
N LYS I 549 56.84 -48.21 -77.29
CA LYS I 549 57.44 -49.46 -76.86
C LYS I 549 58.92 -49.42 -77.18
N TYR I 550 59.72 -49.96 -76.27
CA TYR I 550 61.16 -49.98 -76.47
C TYR I 550 61.53 -50.94 -77.60
N PRO I 551 62.68 -50.74 -78.24
CA PRO I 551 63.19 -51.72 -79.21
C PRO I 551 63.81 -52.95 -78.56
N GLY I 552 62.97 -53.73 -77.87
CA GLY I 552 63.24 -55.13 -77.62
C GLY I 552 64.35 -55.52 -76.68
N ASN I 553 64.54 -56.85 -76.58
CA ASN I 553 65.53 -57.41 -75.66
C ASN I 553 66.80 -57.84 -76.40
N ASP I 554 66.65 -58.41 -77.59
CA ASP I 554 67.82 -58.99 -78.26
C ASP I 554 68.63 -57.89 -78.93
N GLU I 555 67.99 -56.75 -79.20
CA GLU I 555 68.60 -55.70 -80.01
C GLU I 555 69.73 -55.02 -79.24
N LEU I 556 69.55 -54.83 -77.93
CA LEU I 556 70.52 -54.05 -77.16
C LEU I 556 71.73 -54.88 -76.78
N THR I 557 71.71 -56.18 -77.08
CA THR I 557 72.82 -57.04 -76.64
C THR I 557 73.67 -57.52 -77.81
N ARG I 558 73.14 -57.46 -79.04
CA ARG I 558 73.95 -57.87 -80.19
C ARG I 558 74.93 -56.76 -80.58
N VAL I 559 74.41 -55.56 -80.82
CA VAL I 559 75.02 -54.21 -80.88
C VAL I 559 76.45 -54.15 -81.42
N PRO I 560 76.67 -54.34 -82.74
CA PRO I 560 78.00 -54.03 -83.29
C PRO I 560 78.14 -52.55 -83.59
N ALA I 561 78.21 -51.78 -82.49
CA ALA I 561 78.32 -50.31 -82.50
C ALA I 561 77.19 -49.65 -83.28
N LEU I 562 75.96 -49.81 -82.81
CA LEU I 562 74.82 -49.11 -83.40
C LEU I 562 74.59 -47.83 -82.61
N GLU I 563 74.90 -46.70 -83.24
CA GLU I 563 74.65 -45.41 -82.61
C GLU I 563 73.16 -45.05 -82.65
N GLN I 564 72.51 -45.27 -83.78
CA GLN I 564 71.15 -44.79 -84.00
C GLN I 564 70.15 -45.65 -83.24
N GLN I 565 69.30 -44.99 -82.45
CA GLN I 565 68.21 -45.66 -81.75
C GLN I 565 66.89 -45.12 -82.28
N GLN I 566 65.91 -46.01 -82.38
CA GLN I 566 64.67 -45.72 -83.09
C GLN I 566 63.49 -46.08 -82.20
N LEU I 567 62.93 -45.10 -81.53
CA LEU I 567 61.74 -45.27 -80.72
C LEU I 567 60.54 -45.41 -81.64
N THR I 568 59.70 -46.42 -81.38
CA THR I 568 58.55 -46.66 -82.24
C THR I 568 57.30 -46.19 -81.51
N VAL I 569 56.74 -45.07 -81.93
CA VAL I 569 55.59 -44.48 -81.27
C VAL I 569 54.33 -45.02 -81.94
N ILE I 570 53.31 -45.30 -81.14
CA ILE I 570 52.02 -45.70 -81.69
C ILE I 570 50.96 -44.75 -81.10
N PRO I 571 50.21 -44.06 -81.95
CA PRO I 571 49.33 -42.99 -81.44
C PRO I 571 47.92 -43.47 -81.20
N ALA I 572 47.13 -42.60 -80.58
CA ALA I 572 45.74 -42.89 -80.33
C ALA I 572 44.91 -42.66 -81.59
N ASN I 573 43.65 -43.06 -81.53
CA ASN I 573 42.74 -42.81 -82.65
C ASN I 573 42.20 -41.39 -82.63
N ARG I 574 42.45 -40.65 -81.55
CA ARG I 574 42.02 -39.25 -81.49
C ARG I 574 42.85 -38.37 -82.43
N TYR I 575 44.15 -38.65 -82.54
CA TYR I 575 45.04 -37.85 -83.36
C TYR I 575 45.84 -38.79 -84.26
N ASN I 576 45.29 -39.12 -85.42
CA ASN I 576 46.02 -39.82 -86.47
C ASN I 576 45.71 -39.19 -87.82
N ASP I 577 46.75 -39.00 -88.63
CA ASP I 577 46.59 -38.28 -89.88
C ASP I 577 46.16 -39.21 -91.00
N SER I 578 46.75 -40.40 -91.07
CA SER I 578 46.39 -41.36 -92.10
C SER I 578 45.03 -41.96 -91.81
N ASP I 579 44.23 -42.14 -92.86
CA ASP I 579 42.88 -42.69 -92.72
C ASP I 579 42.93 -44.21 -92.66
N ASP I 580 43.35 -44.71 -91.50
CA ASP I 580 43.26 -46.12 -91.16
C ASP I 580 42.98 -46.20 -89.67
N SER I 581 41.89 -46.87 -89.30
CA SER I 581 41.52 -46.95 -87.90
C SER I 581 42.47 -47.86 -87.12
N LEU I 582 42.81 -49.01 -87.70
CA LEU I 582 43.65 -49.97 -86.99
C LEU I 582 45.12 -49.58 -87.04
N ARG I 583 45.54 -48.86 -88.09
CA ARG I 583 46.94 -48.52 -88.28
C ARG I 583 47.10 -47.01 -88.22
N PRO I 584 47.36 -46.42 -87.06
CA PRO I 584 47.46 -44.96 -86.98
C PRO I 584 48.87 -44.44 -87.25
N VAL I 585 48.97 -43.46 -88.14
CA VAL I 585 50.25 -42.92 -88.60
C VAL I 585 50.25 -41.41 -88.36
N LEU I 586 51.39 -40.86 -87.93
CA LEU I 586 51.57 -39.42 -87.92
C LEU I 586 52.19 -38.96 -89.23
N ASN I 587 52.06 -37.67 -89.50
CA ASN I 587 52.81 -37.09 -90.61
C ASN I 587 54.27 -36.92 -90.17
N PRO I 588 55.21 -37.08 -91.10
CA PRO I 588 56.62 -37.12 -90.68
C PRO I 588 57.19 -35.78 -90.24
N ALA I 589 56.49 -34.67 -90.47
CA ALA I 589 57.01 -33.38 -90.03
C ALA I 589 56.88 -33.22 -88.51
N ARG I 590 55.69 -33.49 -87.97
CA ARG I 590 55.53 -33.41 -86.51
C ARG I 590 56.13 -34.64 -85.84
N LEU I 591 56.33 -35.72 -86.59
CA LEU I 591 57.04 -36.88 -86.07
C LEU I 591 58.53 -36.58 -85.90
N GLN I 592 59.08 -35.75 -86.79
CA GLN I 592 60.47 -35.34 -86.67
C GLN I 592 60.63 -34.33 -85.54
N GLU I 593 59.58 -33.58 -85.25
CA GLU I 593 59.62 -32.55 -84.21
C GLU I 593 59.63 -33.16 -82.81
N MET I 594 59.15 -34.39 -82.68
CA MET I 594 59.29 -35.10 -81.41
C MET I 594 60.74 -35.52 -81.16
N ALA I 595 61.48 -35.79 -82.22
CA ALA I 595 62.90 -36.11 -82.08
C ALA I 595 63.69 -34.86 -81.72
N ASP I 596 63.29 -33.72 -82.27
CA ASP I 596 64.01 -32.48 -82.05
C ASP I 596 63.80 -31.96 -80.64
N TRP I 597 62.65 -32.30 -80.04
CA TRP I 597 62.43 -32.02 -78.62
C TRP I 597 63.30 -32.90 -77.74
N LEU I 598 63.46 -34.16 -78.13
CA LEU I 598 64.16 -35.11 -77.27
C LEU I 598 65.65 -35.11 -77.53
N GLN I 599 66.09 -34.40 -78.58
CA GLN I 599 67.52 -34.28 -78.85
C GLN I 599 68.18 -33.36 -77.83
N GLN I 600 67.43 -32.35 -77.35
CA GLN I 600 67.97 -31.45 -76.33
C GLN I 600 68.15 -32.17 -75.00
N LYS I 601 67.21 -33.02 -74.64
CA LYS I 601 67.31 -33.71 -73.35
C LYS I 601 68.38 -34.80 -73.39
N ASP I 602 68.57 -35.41 -74.56
CA ASP I 602 69.47 -36.55 -74.68
C ASP I 602 70.92 -36.08 -74.76
N SER I 603 71.82 -37.06 -74.79
CA SER I 603 73.22 -36.80 -75.05
C SER I 603 73.41 -36.30 -76.48
N PRO I 604 74.41 -35.44 -76.72
CA PRO I 604 74.67 -35.00 -78.11
C PRO I 604 75.11 -36.12 -79.03
N TRP I 605 75.72 -37.17 -78.48
CA TRP I 605 76.10 -38.30 -79.33
C TRP I 605 74.91 -39.18 -79.64
N ALA I 606 73.85 -39.06 -78.87
CA ALA I 606 72.67 -39.87 -79.11
C ALA I 606 71.85 -39.29 -80.24
N SER I 607 71.93 -39.92 -81.41
CA SER I 607 71.09 -39.57 -82.55
C SER I 607 69.78 -40.32 -82.41
N ILE I 608 68.77 -39.65 -81.86
CA ILE I 608 67.50 -40.26 -81.53
C ILE I 608 66.43 -39.70 -82.46
N GLU I 609 65.67 -40.60 -83.09
CA GLU I 609 64.52 -40.18 -83.90
C GLU I 609 63.38 -41.18 -83.75
N VAL I 610 62.16 -40.67 -83.80
CA VAL I 610 60.94 -41.43 -83.57
C VAL I 610 60.34 -41.79 -84.93
N ARG I 611 59.79 -42.98 -85.04
CA ARG I 611 59.10 -43.40 -86.25
C ARG I 611 57.84 -44.17 -85.90
N ASN I 612 56.98 -44.33 -86.89
CA ASN I 612 55.86 -45.27 -86.75
C ASN I 612 56.32 -46.65 -87.14
N PRO I 613 55.89 -47.70 -86.43
CA PRO I 613 56.34 -49.04 -86.77
C PRO I 613 55.49 -49.65 -87.86
N GLU I 614 56.12 -50.47 -88.70
CA GLU I 614 55.36 -51.23 -89.67
C GLU I 614 54.57 -52.32 -88.97
N TYR I 615 53.35 -52.54 -89.44
CA TYR I 615 52.37 -53.38 -88.75
C TYR I 615 52.37 -54.77 -89.36
N LEU I 616 52.82 -55.76 -88.59
CA LEU I 616 52.63 -57.15 -89.00
C LEU I 616 51.19 -57.58 -88.75
N ASP I 617 50.65 -58.34 -89.70
CA ASP I 617 49.31 -58.88 -89.58
C ASP I 617 49.39 -60.35 -89.23
N VAL I 618 48.90 -60.71 -88.04
CA VAL I 618 48.78 -62.10 -87.62
C VAL I 618 47.33 -62.51 -87.75
N LYS I 619 47.06 -63.50 -88.59
CA LYS I 619 45.71 -63.94 -88.86
C LYS I 619 45.36 -65.11 -87.95
N ILE I 620 44.08 -65.26 -87.65
CA ILE I 620 43.58 -66.42 -86.94
C ILE I 620 42.34 -66.94 -87.67
N HIS I 621 42.22 -68.25 -87.77
CA HIS I 621 41.04 -68.91 -88.31
C HIS I 621 40.52 -69.87 -87.26
N TYR I 622 39.53 -69.44 -86.49
CA TYR I 622 39.08 -70.25 -85.36
C TYR I 622 37.68 -70.74 -85.63
N GLU I 623 37.38 -71.92 -85.09
CA GLU I 623 36.03 -72.45 -85.04
C GLU I 623 35.61 -72.54 -83.59
N VAL I 624 34.34 -72.21 -83.32
CA VAL I 624 33.86 -72.01 -81.98
C VAL I 624 32.37 -72.33 -81.92
N ILE I 625 31.98 -73.12 -80.92
CA ILE I 625 30.57 -73.48 -80.73
C ILE I 625 29.98 -72.55 -79.68
N PHE I 626 28.79 -72.03 -79.97
CA PHE I 626 28.20 -70.95 -79.19
C PHE I 626 27.11 -71.47 -78.26
N LYS I 627 26.35 -70.52 -77.71
CA LYS I 627 25.15 -70.81 -76.93
C LYS I 627 24.12 -71.56 -77.76
N PRO I 628 23.23 -72.32 -77.13
CA PRO I 628 22.23 -73.09 -77.92
C PRO I 628 21.21 -72.23 -78.66
N ASP I 629 21.00 -70.98 -78.26
CA ASP I 629 19.91 -70.16 -78.82
C ASP I 629 20.46 -68.82 -79.34
N VAL I 630 21.50 -68.88 -80.18
CA VAL I 630 22.02 -67.69 -80.85
C VAL I 630 22.43 -68.07 -82.27
N ASN I 631 22.27 -67.13 -83.19
CA ASN I 631 22.80 -67.31 -84.54
C ASN I 631 24.28 -67.00 -84.54
N GLU I 632 25.06 -67.80 -85.27
CA GLU I 632 26.52 -67.74 -85.16
C GLU I 632 27.09 -66.53 -85.89
N ASP I 633 26.40 -66.04 -86.92
CA ASP I 633 26.90 -64.89 -87.66
C ASP I 633 26.81 -63.62 -86.83
N PHE I 634 25.74 -63.49 -86.04
CA PHE I 634 25.70 -62.46 -85.01
C PHE I 634 26.70 -62.78 -83.90
N GLY I 635 26.96 -64.07 -83.67
CA GLY I 635 27.91 -64.44 -82.65
C GLY I 635 29.36 -64.27 -83.09
N TYR I 636 29.62 -64.45 -84.39
CA TYR I 636 30.97 -64.21 -84.91
C TYR I 636 31.30 -62.73 -84.88
N ARG I 637 30.36 -61.89 -85.30
CA ARG I 637 30.63 -60.47 -85.44
C ARG I 637 30.79 -59.80 -84.08
N GLN I 638 29.96 -60.20 -83.11
CA GLN I 638 30.02 -59.58 -81.79
C GLN I 638 31.29 -59.98 -81.06
N LEU I 639 31.71 -61.25 -81.20
CA LEU I 639 32.94 -61.70 -80.56
C LEU I 639 34.16 -61.06 -81.20
N GLN I 640 34.07 -60.69 -82.48
CA GLN I 640 35.20 -60.11 -83.18
C GLN I 640 35.47 -58.69 -82.71
N GLN I 641 34.45 -57.99 -82.25
CA GLN I 641 34.63 -56.59 -81.85
C GLN I 641 35.39 -56.46 -80.54
N GLN I 642 35.10 -57.33 -79.57
CA GLN I 642 35.83 -57.27 -78.31
C GLN I 642 37.22 -57.85 -78.46
N LEU I 643 37.40 -58.78 -79.40
CA LEU I 643 38.74 -59.26 -79.69
C LEU I 643 39.56 -58.21 -80.42
N CYS I 644 38.89 -57.40 -81.25
CA CYS I 644 39.57 -56.27 -81.88
C CYS I 644 39.90 -55.18 -80.86
N GLU I 645 39.11 -55.10 -79.79
CA GLU I 645 39.31 -54.03 -78.83
C GLU I 645 40.49 -54.30 -77.90
N VAL I 646 40.61 -55.52 -77.40
CA VAL I 646 41.59 -55.81 -76.34
C VAL I 646 43.01 -55.78 -76.89
N TYR I 647 43.22 -56.38 -78.07
CA TYR I 647 44.56 -56.45 -78.63
C TYR I 647 44.86 -55.30 -79.59
N MET I 648 43.91 -54.43 -79.85
CA MET I 648 44.17 -53.12 -80.47
C MET I 648 43.44 -52.06 -79.66
N PRO I 649 43.94 -51.71 -78.48
CA PRO I 649 43.21 -50.75 -77.64
C PRO I 649 43.28 -49.32 -78.15
N TRP I 650 44.21 -49.02 -79.05
CA TRP I 650 44.27 -47.68 -79.63
C TRP I 650 43.17 -47.48 -80.66
N SER I 651 42.55 -48.55 -81.14
CA SER I 651 41.60 -48.44 -82.23
C SER I 651 40.29 -47.81 -81.76
N ILE I 652 39.82 -48.19 -80.58
CA ILE I 652 38.55 -47.66 -80.07
C ILE I 652 38.79 -46.30 -79.44
N ASP I 653 37.98 -45.33 -79.85
CA ASP I 653 38.11 -43.94 -79.42
C ASP I 653 37.78 -43.79 -77.94
N GLU I 654 38.40 -42.78 -77.30
CA GLU I 654 38.25 -42.46 -75.87
C GLU I 654 38.71 -43.66 -75.02
N GLN I 655 39.98 -44.01 -75.14
CA GLN I 655 40.58 -45.07 -74.32
C GLN I 655 41.80 -44.50 -73.61
N ARG I 656 41.91 -44.77 -72.31
CA ARG I 656 43.11 -44.41 -71.58
C ARG I 656 44.29 -45.26 -72.06
N PRO I 657 45.50 -44.70 -72.08
CA PRO I 657 46.66 -45.48 -72.52
C PRO I 657 47.03 -46.56 -71.51
N VAL I 658 46.87 -47.81 -71.90
CA VAL I 658 47.19 -48.94 -71.04
C VAL I 658 48.45 -49.60 -71.58
N VAL I 659 49.38 -49.93 -70.69
CA VAL I 659 50.66 -50.48 -71.12
C VAL I 659 50.46 -51.94 -71.51
N LEU I 660 50.93 -52.30 -72.69
CA LEU I 660 50.68 -53.62 -73.25
C LEU I 660 51.91 -54.07 -74.03
N ASN I 661 52.29 -55.33 -73.87
CA ASN I 661 53.55 -55.82 -74.41
C ASN I 661 53.44 -56.11 -75.90
N ASN I 662 54.59 -56.40 -76.51
CA ASN I 662 54.60 -56.78 -77.92
C ASN I 662 54.14 -58.21 -78.11
N SER I 663 54.41 -59.07 -77.14
CA SER I 663 54.05 -60.47 -77.25
C SER I 663 52.55 -60.67 -77.03
N ILE I 664 51.94 -61.49 -77.87
CA ILE I 664 50.62 -62.04 -77.59
C ILE I 664 50.79 -63.53 -77.31
N ASN I 665 50.20 -63.98 -76.22
CA ASN I 665 50.34 -65.38 -75.84
C ASN I 665 49.25 -66.22 -76.50
N TYR I 666 49.59 -67.45 -76.85
CA TYR I 666 48.63 -68.35 -77.48
C TYR I 666 47.51 -68.74 -76.52
N PHE I 667 47.84 -68.93 -75.25
CA PHE I 667 46.84 -69.40 -74.29
C PHE I 667 46.11 -68.24 -73.64
N GLN I 668 46.79 -67.10 -73.47
CA GLN I 668 46.09 -65.92 -72.94
C GLN I 668 45.16 -65.34 -73.99
N LEU I 669 45.46 -65.57 -75.28
CA LEU I 669 44.46 -65.32 -76.31
C LEU I 669 43.29 -66.28 -76.19
N LEU I 670 43.58 -67.55 -75.95
CA LEU I 670 42.54 -68.57 -75.92
C LEU I 670 41.65 -68.39 -74.70
N ALA I 671 42.22 -67.90 -73.60
CA ALA I 671 41.41 -67.63 -72.42
C ALA I 671 40.57 -66.37 -72.59
N THR I 672 41.10 -65.39 -73.35
CA THR I 672 40.38 -64.13 -73.55
C THR I 672 39.14 -64.34 -74.42
N ILE I 673 39.19 -65.33 -75.31
CA ILE I 673 38.00 -65.70 -76.06
C ILE I 673 36.96 -66.32 -75.13
N GLN I 674 37.42 -67.03 -74.08
CA GLN I 674 36.50 -67.78 -73.23
C GLN I 674 35.73 -66.88 -72.26
N GLN I 675 36.19 -65.64 -72.02
CA GLN I 675 35.49 -64.81 -71.03
C GLN I 675 34.38 -63.99 -71.64
N GLN I 676 34.11 -64.17 -72.93
CA GLN I 676 32.96 -63.51 -73.51
C GLN I 676 31.68 -64.20 -73.01
N PRO I 677 30.59 -63.46 -72.82
CA PRO I 677 29.40 -64.09 -72.22
C PRO I 677 28.66 -65.00 -73.18
N LEU I 678 28.94 -64.87 -74.47
CA LEU I 678 28.18 -65.62 -75.46
C LEU I 678 28.94 -66.87 -75.91
N VAL I 679 30.22 -66.97 -75.57
CA VAL I 679 30.99 -68.13 -75.99
C VAL I 679 30.64 -69.31 -75.08
N GLU I 680 30.81 -70.52 -75.63
CA GLU I 680 30.70 -71.75 -74.85
C GLU I 680 31.99 -72.54 -74.88
N ARG I 681 32.52 -72.79 -76.07
CA ARG I 681 33.70 -73.61 -76.27
C ARG I 681 34.27 -73.32 -77.64
N VAL I 682 35.59 -73.25 -77.73
CA VAL I 682 36.29 -73.08 -78.99
C VAL I 682 36.93 -74.42 -79.35
N THR I 683 37.22 -74.61 -80.65
CA THR I 683 37.91 -75.84 -81.01
C THR I 683 39.40 -75.58 -81.21
N ARG I 684 39.75 -74.71 -82.16
CA ARG I 684 41.15 -74.49 -82.48
C ARG I 684 41.34 -73.02 -82.81
N LEU I 685 42.59 -72.57 -82.81
CA LEU I 685 42.85 -71.16 -83.08
C LEU I 685 43.50 -70.95 -84.44
N THR I 686 44.53 -71.74 -84.76
CA THR I 686 45.33 -71.62 -85.99
C THR I 686 45.92 -70.22 -86.17
N LEU I 687 46.85 -69.88 -85.28
CA LEU I 687 47.63 -68.65 -85.43
C LEU I 687 48.40 -68.66 -86.73
N HIS I 688 48.19 -67.63 -87.55
CA HIS I 688 48.69 -67.59 -88.92
C HIS I 688 49.41 -66.25 -89.12
N ARG I 689 50.70 -66.24 -88.81
CA ARG I 689 51.53 -65.06 -89.01
C ARG I 689 51.85 -64.88 -90.49
N ALA I 690 51.77 -63.64 -90.96
CA ALA I 690 52.12 -63.34 -92.34
C ALA I 690 53.64 -63.26 -92.51
N THR I 699 51.14 -74.63 -84.46
CA THR I 699 50.47 -73.45 -83.92
C THR I 699 51.01 -73.13 -82.53
N ALA I 700 51.80 -72.07 -82.44
CA ALA I 700 52.30 -71.64 -81.16
C ALA I 700 52.10 -70.13 -80.98
N SER I 701 52.59 -69.62 -79.86
CA SER I 701 52.50 -68.19 -79.59
C SER I 701 53.48 -67.43 -80.47
N VAL I 702 52.98 -66.36 -81.09
CA VAL I 702 53.76 -65.51 -81.97
C VAL I 702 54.22 -64.30 -81.17
N GLU I 703 55.52 -64.01 -81.25
CA GLU I 703 56.10 -62.87 -80.55
C GLU I 703 56.58 -61.88 -81.58
N ALA I 704 56.32 -60.60 -81.30
CA ALA I 704 56.53 -59.54 -82.26
C ALA I 704 58.02 -59.25 -82.40
N LYS I 705 58.50 -59.25 -83.64
CA LYS I 705 59.87 -58.85 -83.91
C LYS I 705 60.00 -57.35 -83.66
N ASP I 706 61.24 -56.90 -83.46
CA ASP I 706 61.48 -55.51 -83.06
C ASP I 706 61.10 -54.54 -84.18
N ASN I 707 60.70 -53.33 -83.78
CA ASN I 707 60.19 -52.27 -84.67
C ASN I 707 58.91 -52.70 -85.39
N GLU I 708 58.18 -53.68 -84.85
CA GLU I 708 56.98 -54.21 -85.48
C GLU I 708 55.89 -54.37 -84.45
N VAL I 709 54.64 -54.13 -84.86
CA VAL I 709 53.47 -54.22 -83.99
C VAL I 709 52.44 -55.12 -84.66
N LEU I 710 51.88 -56.04 -83.89
CA LEU I 710 50.95 -57.05 -84.40
C LEU I 710 49.53 -56.50 -84.49
N ILE I 711 48.86 -56.81 -85.61
CA ILE I 711 47.46 -56.48 -85.84
C ILE I 711 46.74 -57.77 -86.22
N LEU I 712 45.65 -58.09 -85.55
CA LEU I 712 44.94 -59.31 -85.89
C LEU I 712 44.00 -59.11 -87.08
N VAL I 713 43.92 -60.14 -87.92
CA VAL I 713 43.07 -60.15 -89.11
C VAL I 713 42.19 -61.40 -89.06
N TRP I 714 40.89 -61.23 -89.30
CA TRP I 714 39.93 -62.32 -89.24
C TRP I 714 39.23 -62.51 -90.58
N GLU I 715 39.75 -63.42 -91.40
CA GLU I 715 39.05 -63.87 -92.60
C GLU I 715 39.23 -65.37 -92.81
N GLU J 2 -21.19 -61.65 -32.47
CA GLU J 2 -20.47 -62.12 -31.29
C GLU J 2 -19.38 -61.13 -30.85
N LEU J 3 -19.80 -60.18 -29.99
CA LEU J 3 -18.94 -59.17 -29.35
C LEU J 3 -18.20 -58.32 -30.39
N ASN J 4 -18.96 -57.49 -31.11
CA ASN J 4 -18.40 -56.74 -32.24
C ASN J 4 -17.44 -55.64 -31.79
N GLU J 5 -17.30 -55.40 -30.49
CA GLU J 5 -16.42 -54.35 -30.02
C GLU J 5 -14.95 -54.82 -30.00
N LEU J 6 -14.73 -56.11 -29.70
CA LEU J 6 -13.36 -56.64 -29.66
C LEU J 6 -12.99 -57.30 -30.98
N THR J 7 -13.96 -57.95 -31.62
CA THR J 7 -13.61 -58.88 -32.69
C THR J 7 -13.31 -58.13 -33.99
N ASN J 8 -13.52 -56.82 -34.04
CA ASN J 8 -12.95 -56.05 -35.13
C ASN J 8 -11.46 -55.90 -34.94
N LYS J 9 -11.04 -55.60 -33.71
CA LYS J 9 -9.63 -55.43 -33.40
C LYS J 9 -8.88 -56.75 -33.46
N LEU J 10 -9.59 -57.84 -33.18
CA LEU J 10 -8.93 -59.14 -33.07
C LEU J 10 -8.79 -59.80 -34.44
N SER J 11 -9.77 -59.59 -35.32
CA SER J 11 -9.74 -60.24 -36.63
C SER J 11 -8.74 -59.59 -37.57
N ASN J 12 -8.31 -58.36 -37.26
CA ASN J 12 -7.41 -57.66 -38.18
C ASN J 12 -5.97 -58.10 -37.99
N LEU J 13 -5.64 -58.62 -36.81
CA LEU J 13 -4.26 -59.00 -36.53
C LEU J 13 -3.98 -60.43 -36.98
N VAL J 14 -4.88 -61.35 -36.67
CA VAL J 14 -4.71 -62.77 -36.94
C VAL J 14 -5.53 -63.07 -38.20
N PRO J 15 -5.13 -64.07 -39.01
CA PRO J 15 -5.95 -64.42 -40.20
C PRO J 15 -7.39 -64.79 -39.91
N MET J 16 -7.65 -65.53 -38.82
CA MET J 16 -9.01 -65.91 -38.39
C MET J 16 -9.76 -66.70 -39.46
N THR J 17 -9.31 -67.94 -39.68
CA THR J 17 -9.92 -68.83 -40.65
C THR J 17 -11.33 -69.29 -40.23
N ASP J 18 -11.90 -70.17 -41.04
CA ASP J 18 -13.31 -70.53 -40.87
C ASP J 18 -13.52 -71.42 -39.65
N PHE J 19 -12.53 -72.26 -39.33
CA PHE J 19 -12.71 -73.24 -38.27
C PHE J 19 -12.57 -72.57 -36.90
N LYS J 20 -13.46 -72.94 -35.98
CA LYS J 20 -13.48 -72.43 -34.62
C LYS J 20 -13.31 -73.59 -33.64
N LEU J 21 -12.55 -73.37 -32.57
CA LEU J 21 -12.41 -74.40 -31.54
C LEU J 21 -13.70 -74.55 -30.74
N ASP J 22 -14.49 -73.50 -30.65
CA ASP J 22 -15.79 -73.55 -30.00
C ASP J 22 -16.85 -73.09 -30.98
N ASN J 23 -17.64 -74.05 -31.47
CA ASN J 23 -18.88 -73.78 -32.18
C ASN J 23 -20.05 -73.63 -31.22
N ARG J 24 -19.76 -73.45 -29.92
CA ARG J 24 -20.78 -73.32 -28.90
C ARG J 24 -21.55 -72.02 -29.09
N ALA J 25 -22.79 -72.15 -29.55
CA ALA J 25 -23.67 -71.01 -29.72
C ALA J 25 -24.33 -70.68 -28.39
N SER J 26 -24.93 -69.49 -28.33
CA SER J 26 -25.55 -69.04 -27.09
C SER J 26 -26.83 -69.80 -26.81
N LEU J 27 -27.54 -70.24 -27.85
CA LEU J 27 -28.67 -71.12 -27.64
C LEU J 27 -28.19 -72.51 -27.20
N GLN J 28 -27.03 -72.93 -27.69
CA GLN J 28 -26.50 -74.23 -27.31
C GLN J 28 -25.98 -74.22 -25.88
N LEU J 29 -25.56 -73.05 -25.40
CA LEU J 29 -25.01 -72.95 -24.06
C LEU J 29 -26.09 -73.04 -23.00
N LEU J 30 -27.26 -72.46 -23.27
CA LEU J 30 -28.30 -72.40 -22.26
C LEU J 30 -28.99 -73.74 -22.06
N LYS J 31 -28.94 -74.62 -23.06
CA LYS J 31 -29.44 -75.97 -22.85
C LYS J 31 -28.46 -76.77 -21.99
N TYR J 32 -27.17 -76.41 -22.04
CA TYR J 32 -26.18 -77.08 -21.21
C TYR J 32 -26.32 -76.65 -19.75
N ILE J 33 -26.70 -75.40 -19.53
CA ILE J 33 -26.87 -74.90 -18.17
C ILE J 33 -28.24 -75.28 -17.62
N GLU J 34 -29.14 -75.72 -18.50
CA GLU J 34 -30.44 -76.18 -18.02
C GLU J 34 -30.34 -77.58 -17.46
N ALA J 35 -29.56 -78.45 -18.12
CA ALA J 35 -29.37 -79.80 -17.62
C ALA J 35 -28.47 -79.82 -16.40
N TYR J 36 -27.66 -78.78 -16.21
CA TYR J 36 -26.86 -78.66 -15.01
C TYR J 36 -27.71 -78.31 -13.80
N THR J 37 -28.59 -77.32 -13.96
CA THR J 37 -29.30 -76.77 -12.81
C THR J 37 -30.45 -77.65 -12.36
N LYS J 38 -30.86 -78.61 -13.18
CA LYS J 38 -31.98 -79.47 -12.80
C LYS J 38 -31.50 -80.59 -11.88
N ILE J 39 -30.19 -80.69 -11.66
CA ILE J 39 -29.66 -81.66 -10.70
C ILE J 39 -29.58 -81.02 -9.31
N ILE J 40 -29.24 -79.74 -9.25
CA ILE J 40 -29.02 -79.03 -7.99
C ILE J 40 -30.35 -78.85 -7.28
N PRO J 41 -30.50 -79.38 -6.08
CA PRO J 41 -31.82 -79.36 -5.44
C PRO J 41 -32.15 -78.04 -4.78
N PHE J 42 -33.26 -77.43 -5.19
CA PHE J 42 -33.82 -76.33 -4.44
C PHE J 42 -34.43 -76.92 -3.17
N ASN J 43 -33.99 -76.38 -2.03
CA ASN J 43 -33.95 -77.14 -0.77
C ASN J 43 -35.33 -77.55 -0.27
N SER J 44 -35.42 -78.81 0.18
CA SER J 44 -36.61 -79.40 0.82
C SER J 44 -37.82 -79.39 -0.11
N GLY J 45 -37.56 -79.49 -1.41
CA GLY J 45 -38.64 -79.45 -2.39
C GLY J 45 -38.33 -80.36 -3.56
N ASP J 46 -39.40 -80.82 -4.20
CA ASP J 46 -39.25 -81.70 -5.35
C ASP J 46 -38.74 -80.90 -6.54
N LYS J 47 -39.11 -79.62 -6.61
CA LYS J 47 -38.64 -78.76 -7.69
C LYS J 47 -37.16 -78.42 -7.49
N TYR J 48 -36.48 -78.18 -8.60
CA TYR J 48 -35.03 -78.00 -8.62
C TYR J 48 -34.67 -76.57 -9.01
N TRP J 49 -33.37 -76.34 -9.18
CA TRP J 49 -32.89 -74.98 -9.43
C TRP J 49 -33.15 -74.53 -10.85
N ASN J 50 -33.50 -75.46 -11.75
CA ASN J 50 -33.80 -75.07 -13.12
C ASN J 50 -35.16 -74.40 -13.21
N ASP J 51 -36.00 -74.59 -12.19
CA ASP J 51 -37.25 -73.85 -12.12
C ASP J 51 -37.02 -72.43 -11.66
N PHE J 52 -35.90 -72.19 -10.95
CA PHE J 52 -35.57 -70.84 -10.51
C PHE J 52 -35.02 -70.00 -11.66
N PHE J 53 -34.02 -70.52 -12.37
CA PHE J 53 -33.29 -69.73 -13.37
C PHE J 53 -34.13 -69.48 -14.61
N PHE J 54 -35.15 -70.30 -14.84
CA PHE J 54 -36.07 -70.14 -15.95
C PHE J 54 -37.47 -70.14 -15.35
N MET J 55 -37.91 -68.96 -14.90
CA MET J 55 -39.02 -68.93 -13.95
C MET J 55 -40.37 -68.78 -14.62
N SER J 56 -40.60 -67.65 -15.29
CA SER J 56 -41.96 -67.27 -15.68
C SER J 56 -42.02 -67.02 -17.17
N GLY J 57 -42.42 -68.03 -17.92
CA GLY J 57 -42.60 -67.87 -19.37
C GLY J 57 -41.30 -67.69 -20.11
N ASN J 58 -40.19 -68.12 -19.52
CA ASN J 58 -38.89 -67.95 -20.11
C ASN J 58 -38.23 -69.32 -20.26
N THR J 59 -38.11 -69.76 -21.50
CA THR J 59 -37.39 -70.96 -21.89
C THR J 59 -36.03 -70.56 -22.41
N PRO J 60 -35.05 -71.46 -22.40
CA PRO J 60 -33.71 -71.10 -22.94
C PRO J 60 -33.70 -70.77 -24.41
N GLU J 61 -34.71 -71.18 -25.16
CA GLU J 61 -34.82 -70.74 -26.55
C GLU J 61 -35.26 -69.28 -26.62
N LYS J 62 -36.05 -68.83 -25.64
CA LYS J 62 -36.48 -67.43 -25.64
C LYS J 62 -35.37 -66.53 -25.11
N LEU J 63 -34.59 -67.01 -24.13
CA LEU J 63 -33.50 -66.21 -23.59
C LEU J 63 -32.37 -66.05 -24.60
N ALA J 64 -32.20 -67.03 -25.48
CA ALA J 64 -31.24 -66.88 -26.57
C ALA J 64 -31.78 -65.90 -27.61
N LYS J 65 -33.10 -65.80 -27.73
CA LYS J 65 -33.67 -64.82 -28.65
C LYS J 65 -33.49 -63.40 -28.13
N LEU J 66 -33.58 -63.22 -26.82
CA LEU J 66 -33.33 -61.91 -26.23
C LEU J 66 -31.86 -61.56 -26.28
N TYR J 67 -31.00 -62.56 -26.16
CA TYR J 67 -29.56 -62.31 -26.16
C TYR J 67 -29.05 -61.96 -27.56
N GLN J 68 -29.47 -62.73 -28.56
CA GLN J 68 -29.12 -62.42 -29.93
C GLN J 68 -29.98 -61.32 -30.53
N LYS J 69 -30.91 -60.76 -29.75
CA LYS J 69 -31.81 -59.68 -30.13
C LYS J 69 -32.71 -60.04 -31.32
N GLU J 70 -33.14 -61.30 -31.38
CA GLU J 70 -34.20 -61.66 -32.31
C GLU J 70 -35.53 -61.09 -31.82
N ILE J 71 -35.69 -60.98 -30.50
CA ILE J 71 -36.79 -60.26 -29.87
C ILE J 71 -36.24 -58.94 -29.37
N GLU J 72 -37.03 -57.87 -29.50
CA GLU J 72 -36.67 -56.60 -28.91
C GLU J 72 -36.68 -56.71 -27.39
N PRO J 73 -35.64 -56.21 -26.70
CA PRO J 73 -35.56 -56.37 -25.24
C PRO J 73 -36.59 -55.53 -24.51
N ASN J 74 -37.56 -56.20 -23.89
CA ASN J 74 -38.56 -55.51 -23.10
C ASN J 74 -37.95 -55.03 -21.79
N GLY J 75 -38.60 -54.04 -21.18
CA GLY J 75 -38.04 -53.42 -19.99
C GLY J 75 -38.08 -54.31 -18.76
N GLU J 76 -39.06 -55.21 -18.69
CA GLU J 76 -39.21 -56.09 -17.54
C GLU J 76 -38.72 -57.49 -17.87
N LEU J 77 -37.57 -57.84 -17.30
CA LEU J 77 -37.10 -59.21 -17.28
C LEU J 77 -36.77 -59.53 -15.84
N LEU J 78 -36.89 -60.80 -15.47
CA LEU J 78 -36.63 -61.21 -14.10
C LEU J 78 -35.14 -61.03 -13.81
N PRO J 79 -34.78 -60.58 -12.60
CA PRO J 79 -33.40 -60.16 -12.35
C PRO J 79 -32.39 -61.29 -12.32
N GLN J 80 -32.79 -62.49 -11.88
CA GLN J 80 -31.86 -63.61 -11.90
C GLN J 80 -31.65 -64.13 -13.31
N GLN J 81 -32.55 -63.79 -14.23
CA GLN J 81 -32.34 -64.13 -15.64
C GLN J 81 -31.49 -63.07 -16.34
N ALA J 82 -31.71 -61.80 -16.00
CA ALA J 82 -30.89 -60.75 -16.59
C ALA J 82 -29.52 -60.70 -15.95
N PHE J 83 -29.37 -61.31 -14.78
CA PHE J 83 -28.04 -61.61 -14.27
C PHE J 83 -27.39 -62.72 -15.11
N LEU J 84 -28.19 -63.67 -15.56
CA LEU J 84 -27.65 -64.79 -16.33
C LEU J 84 -27.29 -64.37 -17.75
N LEU J 85 -28.12 -63.51 -18.37
CA LEU J 85 -27.79 -63.01 -19.70
C LEU J 85 -26.64 -62.01 -19.66
N ALA J 86 -26.37 -61.43 -18.49
CA ALA J 86 -25.21 -60.55 -18.38
C ALA J 86 -23.93 -61.34 -18.24
N VAL J 87 -24.02 -62.59 -17.78
CA VAL J 87 -22.83 -63.43 -17.69
C VAL J 87 -22.38 -63.90 -19.07
N LEU J 88 -23.34 -64.27 -19.94
CA LEU J 88 -23.00 -64.74 -21.27
C LEU J 88 -22.46 -63.62 -22.14
N ARG J 89 -22.76 -62.37 -21.81
CA ARG J 89 -22.12 -61.26 -22.50
C ARG J 89 -20.67 -61.13 -22.09
N LEU J 90 -20.35 -61.49 -20.85
CA LEU J 90 -18.95 -61.47 -20.42
C LEU J 90 -18.18 -62.63 -21.02
N LEU J 91 -18.79 -63.81 -21.09
CA LEU J 91 -18.08 -64.99 -21.56
C LEU J 91 -17.89 -65.03 -23.07
N GLU J 92 -18.31 -64.01 -23.82
CA GLU J 92 -17.94 -63.95 -25.23
C GLU J 92 -16.47 -63.58 -25.38
N THR J 93 -15.88 -62.97 -24.36
CA THR J 93 -14.49 -62.53 -24.45
C THR J 93 -13.46 -63.66 -24.31
N PRO J 94 -13.57 -64.63 -23.38
CA PRO J 94 -12.60 -65.73 -23.44
C PRO J 94 -12.83 -66.68 -24.59
N ILE J 95 -14.06 -66.76 -25.11
CA ILE J 95 -14.34 -67.66 -26.23
C ILE J 95 -13.76 -67.08 -27.52
N SER J 96 -13.86 -65.77 -27.70
CA SER J 96 -13.42 -65.16 -28.96
C SER J 96 -11.91 -65.14 -29.07
N LEU J 97 -11.21 -65.08 -27.93
CA LEU J 97 -9.76 -65.19 -27.98
C LEU J 97 -9.31 -66.64 -28.13
N LEU J 98 -10.22 -67.58 -27.91
CA LEU J 98 -9.89 -68.99 -28.06
C LEU J 98 -10.13 -69.46 -29.49
N ASN J 99 -11.08 -68.84 -30.19
CA ASN J 99 -11.32 -69.20 -31.57
C ASN J 99 -10.24 -68.65 -32.49
N VAL J 100 -9.49 -67.66 -32.01
CA VAL J 100 -8.53 -66.98 -32.87
C VAL J 100 -7.19 -67.70 -32.83
N LEU J 101 -7.05 -68.65 -31.92
CA LEU J 101 -5.79 -69.38 -31.73
C LEU J 101 -5.45 -70.46 -32.76
N PRO J 102 -6.38 -71.28 -33.29
CA PRO J 102 -5.95 -72.23 -34.34
C PRO J 102 -5.52 -71.55 -35.63
N ALA J 103 -5.98 -70.33 -35.89
CA ALA J 103 -5.44 -69.57 -37.00
C ALA J 103 -4.01 -69.11 -36.70
N ALA J 104 -3.69 -68.92 -35.42
CA ALA J 104 -2.35 -68.50 -35.06
C ALA J 104 -1.43 -69.69 -34.85
N HIS J 105 -2.01 -70.87 -34.60
CA HIS J 105 -1.19 -72.07 -34.47
C HIS J 105 -0.67 -72.53 -35.82
N ARG J 106 -1.47 -72.33 -36.88
CA ARG J 106 -1.07 -72.71 -38.23
C ARG J 106 0.02 -71.79 -38.76
N GLU J 107 -0.13 -70.48 -38.51
CA GLU J 107 0.83 -69.50 -39.00
C GLU J 107 2.15 -69.62 -38.25
N LEU J 108 2.10 -70.02 -36.98
CA LEU J 108 3.31 -70.33 -36.24
C LEU J 108 4.02 -71.55 -36.83
N TYR J 109 3.25 -72.51 -37.33
CA TYR J 109 3.85 -73.72 -37.87
C TYR J 109 4.57 -73.46 -39.18
N TYR J 110 3.99 -72.63 -40.05
CA TYR J 110 4.58 -72.39 -41.36
C TYR J 110 5.77 -71.45 -41.27
N ARG J 111 5.65 -70.38 -40.46
CA ARG J 111 6.66 -69.33 -40.54
C ARG J 111 7.79 -69.55 -39.55
N GLU J 112 7.49 -70.02 -38.34
CA GLU J 112 8.54 -70.15 -37.34
C GLU J 112 9.30 -71.46 -37.50
N LEU J 113 8.61 -72.59 -37.43
CA LEU J 113 9.27 -73.88 -37.60
C LEU J 113 9.60 -74.17 -39.04
N LEU J 114 8.60 -74.15 -39.92
CA LEU J 114 8.80 -74.64 -41.27
C LEU J 114 9.53 -73.60 -42.13
N GLY J 115 9.60 -72.36 -41.66
CA GLY J 115 10.39 -71.33 -42.31
C GLY J 115 9.83 -70.76 -43.60
N LEU J 116 8.60 -71.11 -43.98
CA LEU J 116 8.08 -70.67 -45.26
C LEU J 116 7.75 -69.19 -45.28
N SER J 117 8.03 -68.56 -46.40
CA SER J 117 7.72 -67.16 -46.66
C SER J 117 6.50 -67.06 -47.57
N SER J 118 5.99 -65.84 -47.71
CA SER J 118 4.86 -65.55 -48.59
C SER J 118 5.37 -64.77 -49.79
N HIS J 119 4.70 -64.95 -50.93
CA HIS J 119 5.14 -64.32 -52.16
C HIS J 119 4.85 -62.82 -52.13
N ALA J 120 5.81 -62.03 -52.60
CA ALA J 120 5.63 -60.60 -52.71
C ALA J 120 4.85 -60.26 -53.98
N ALA J 121 4.65 -58.96 -54.19
CA ALA J 121 3.90 -58.51 -55.36
C ALA J 121 4.75 -58.67 -56.61
N GLN J 122 4.07 -58.97 -57.73
CA GLN J 122 4.76 -59.14 -59.00
C GLN J 122 4.53 -57.91 -59.85
N PRO J 123 5.57 -57.20 -60.28
CA PRO J 123 5.37 -56.07 -61.17
C PRO J 123 4.92 -56.53 -62.55
N ASP J 124 4.04 -55.75 -63.16
CA ASP J 124 3.56 -56.02 -64.51
C ASP J 124 4.18 -55.02 -65.48
N GLN J 125 4.46 -55.50 -66.67
CA GLN J 125 5.03 -54.67 -67.72
C GLN J 125 3.96 -54.36 -68.76
N VAL J 126 4.22 -53.35 -69.59
CA VAL J 126 3.22 -52.82 -70.50
C VAL J 126 3.89 -52.42 -71.82
N ALA J 127 3.16 -52.62 -72.92
CA ALA J 127 3.65 -52.22 -74.23
C ALA J 127 3.53 -50.72 -74.38
N LEU J 128 4.60 -50.08 -74.83
CA LEU J 128 4.66 -48.64 -74.86
C LEU J 128 5.31 -48.18 -76.17
N SER J 129 4.54 -47.44 -76.96
CA SER J 129 5.01 -46.91 -78.24
C SER J 129 5.25 -45.42 -78.08
N MET J 130 6.37 -44.94 -78.61
CA MET J 130 6.88 -43.62 -78.31
C MET J 130 7.25 -42.91 -79.59
N GLU J 131 6.38 -42.01 -80.06
CA GLU J 131 6.58 -41.30 -81.31
C GLU J 131 7.24 -39.95 -81.01
N LEU J 132 7.98 -39.43 -81.98
CA LEU J 132 8.71 -38.18 -81.78
C LEU J 132 8.04 -37.03 -82.52
N ASN J 133 8.65 -35.86 -82.40
CA ASN J 133 8.20 -34.65 -83.07
C ASN J 133 8.85 -34.58 -84.45
N SER J 134 8.55 -33.51 -85.18
CA SER J 134 9.12 -33.36 -86.52
C SER J 134 10.39 -32.52 -86.48
N THR J 135 10.83 -32.11 -85.29
CA THR J 135 11.86 -31.10 -85.22
C THR J 135 13.27 -31.70 -85.20
N VAL J 136 13.44 -32.88 -84.60
CA VAL J 136 14.73 -33.57 -84.60
C VAL J 136 14.54 -34.94 -85.24
N MET J 137 15.66 -35.60 -85.55
CA MET J 137 15.58 -36.96 -86.07
C MET J 137 15.79 -37.99 -84.97
N GLU J 138 16.76 -37.78 -84.09
CA GLU J 138 17.16 -38.78 -83.11
C GLU J 138 17.03 -38.20 -81.71
N GLN J 139 16.58 -39.03 -80.76
CA GLN J 139 16.51 -38.66 -79.36
C GLN J 139 16.73 -39.88 -78.48
N LEU J 140 17.65 -39.77 -77.53
CA LEU J 140 18.08 -40.89 -76.70
C LEU J 140 17.53 -40.70 -75.30
N LEU J 141 16.99 -41.78 -74.71
CA LEU J 141 16.51 -41.78 -73.34
C LEU J 141 16.99 -43.06 -72.66
N PRO J 142 17.52 -42.98 -71.44
CA PRO J 142 18.26 -44.12 -70.90
C PRO J 142 17.35 -45.13 -70.20
N GLU J 143 18.00 -46.13 -69.62
CA GLU J 143 17.32 -47.06 -68.73
C GLU J 143 16.93 -46.35 -67.44
N GLY J 144 15.67 -46.49 -67.05
CA GLY J 144 15.18 -45.94 -65.80
C GLY J 144 14.45 -44.62 -65.90
N THR J 145 14.14 -44.14 -67.10
CA THR J 145 13.21 -43.03 -67.21
C THR J 145 11.80 -43.53 -66.94
N LEU J 146 10.96 -42.66 -66.38
CA LEU J 146 9.68 -43.10 -65.81
C LEU J 146 8.52 -42.47 -66.57
N PHE J 147 7.57 -43.31 -66.96
CA PHE J 147 6.29 -42.85 -67.47
C PHE J 147 5.21 -43.13 -66.43
N GLU J 148 4.11 -42.41 -66.50
CA GLU J 148 3.06 -42.56 -65.50
C GLU J 148 1.71 -42.12 -66.04
N ALA J 149 0.65 -42.61 -65.42
CA ALA J 149 -0.70 -42.11 -65.62
C ALA J 149 -1.44 -42.11 -64.30
N GLY J 150 -1.72 -40.91 -63.79
CA GLY J 150 -2.55 -40.78 -62.63
C GLY J 150 -1.91 -41.31 -61.36
N GLN J 151 -2.77 -41.88 -60.53
CA GLN J 151 -2.41 -42.25 -59.17
C GLN J 151 -3.30 -43.40 -58.75
N ASP J 152 -2.75 -44.31 -57.94
CA ASP J 152 -3.58 -45.32 -57.32
C ASP J 152 -4.48 -44.66 -56.28
N GLU J 153 -5.63 -45.30 -56.02
CA GLU J 153 -6.47 -44.86 -54.93
C GLU J 153 -5.78 -45.14 -53.60
N GLN J 154 -5.98 -44.24 -52.64
CA GLN J 154 -5.45 -44.25 -51.27
C GLN J 154 -3.93 -44.49 -51.21
N GLY J 155 -3.21 -43.94 -52.18
CA GLY J 155 -1.78 -44.14 -52.18
C GLY J 155 -1.07 -43.35 -53.26
N ASN J 156 0.09 -43.88 -53.65
CA ASN J 156 1.03 -43.16 -54.49
C ASN J 156 0.69 -43.33 -55.96
N ALA J 157 1.51 -42.68 -56.79
CA ALA J 157 1.32 -42.73 -58.23
C ALA J 157 2.05 -43.93 -58.81
N LEU J 158 1.50 -44.46 -59.91
CA LEU J 158 2.07 -45.62 -60.57
C LEU J 158 3.07 -45.17 -61.63
N GLN J 159 4.32 -45.56 -61.47
CA GLN J 159 5.36 -45.23 -62.43
C GLN J 159 5.76 -46.49 -63.20
N TYR J 160 6.06 -46.34 -64.48
CA TYR J 160 6.56 -47.42 -65.31
C TYR J 160 7.91 -47.03 -65.89
N ALA J 161 8.85 -47.97 -65.85
CA ALA J 161 10.20 -47.71 -66.35
C ALA J 161 10.55 -48.76 -67.40
N LEU J 162 11.22 -48.30 -68.45
CA LEU J 162 11.68 -49.17 -69.53
C LEU J 162 12.85 -49.98 -69.00
N ASP J 163 12.94 -51.22 -69.46
CA ASP J 163 14.01 -52.09 -68.99
C ASP J 163 15.30 -51.91 -69.80
N ALA J 164 15.18 -51.59 -71.08
CA ALA J 164 16.33 -51.40 -71.96
C ALA J 164 16.27 -50.01 -72.59
N SER J 165 17.45 -49.38 -72.71
CA SER J 165 17.55 -48.00 -73.19
C SER J 165 17.50 -47.94 -74.72
N LEU J 166 16.30 -47.72 -75.23
CA LEU J 166 16.15 -47.48 -76.66
C LEU J 166 16.49 -46.04 -76.99
N LEU J 167 16.83 -45.80 -78.25
CA LEU J 167 16.93 -44.44 -78.78
C LEU J 167 15.84 -44.29 -79.83
N ALA J 168 15.09 -43.20 -79.75
CA ALA J 168 13.95 -43.03 -80.64
C ALA J 168 14.37 -42.32 -81.90
N ASN J 169 13.65 -42.63 -82.99
CA ASN J 169 13.85 -41.94 -84.24
C ASN J 169 12.48 -41.64 -84.83
N ARG J 170 12.42 -40.55 -85.60
CA ARG J 170 11.21 -40.25 -86.35
C ARG J 170 10.99 -41.31 -87.43
N GLY J 171 9.75 -41.73 -87.60
CA GLY J 171 9.42 -42.74 -88.59
C GLY J 171 8.21 -43.53 -88.13
N TYR J 172 7.72 -44.38 -89.04
CA TYR J 172 6.53 -45.17 -88.74
C TYR J 172 6.48 -46.37 -89.68
N ILE J 173 5.52 -47.25 -89.41
CA ILE J 173 5.23 -48.37 -90.28
C ILE J 173 4.16 -47.95 -91.27
N SER J 174 4.59 -47.52 -92.46
CA SER J 174 3.61 -47.07 -93.44
C SER J 174 2.90 -48.23 -94.10
N ASP J 175 3.66 -49.23 -94.52
CA ASP J 175 3.13 -50.25 -95.41
C ASP J 175 3.40 -51.63 -94.83
N LEU J 176 2.35 -52.46 -94.83
CA LEU J 176 2.46 -53.88 -94.51
C LEU J 176 1.69 -54.63 -95.57
N ARG J 177 2.39 -55.43 -96.37
CA ARG J 177 1.79 -56.19 -97.44
C ARG J 177 2.43 -57.56 -97.50
N TRP J 178 1.73 -58.51 -98.09
CA TRP J 178 2.25 -59.85 -98.21
C TRP J 178 1.95 -60.44 -99.58
N LEU J 179 2.67 -61.50 -99.89
CA LEU J 179 2.31 -62.44 -100.93
C LEU J 179 2.07 -63.78 -100.26
N ARG J 180 0.98 -64.44 -100.64
CA ARG J 180 0.72 -65.78 -100.13
C ARG J 180 0.55 -66.71 -101.33
N ASN J 181 0.93 -67.96 -101.16
CA ASN J 181 0.92 -68.94 -102.24
C ASN J 181 -0.16 -69.96 -101.91
N ASP J 182 -1.40 -69.68 -102.33
CA ASP J 182 -2.48 -70.63 -102.08
C ASP J 182 -2.59 -71.67 -103.18
N GLY J 183 -2.44 -71.26 -104.44
CA GLY J 183 -2.54 -72.18 -105.55
C GLY J 183 -1.32 -72.07 -106.45
N GLU J 184 -1.12 -73.12 -107.24
CA GLU J 184 -0.06 -73.12 -108.25
C GLU J 184 -0.40 -72.11 -109.34
N LYS J 185 0.64 -71.43 -109.83
CA LYS J 185 0.63 -70.47 -110.95
C LYS J 185 -0.30 -69.27 -110.74
N GLN J 186 -0.91 -69.10 -109.57
CA GLN J 186 -1.66 -67.89 -109.28
C GLN J 186 -1.40 -67.48 -107.83
N TRP J 187 -1.03 -66.22 -107.65
CA TRP J 187 -0.69 -65.69 -106.34
C TRP J 187 -1.40 -64.35 -106.18
N VAL J 188 -1.77 -64.04 -104.94
CA VAL J 188 -2.58 -62.87 -104.66
C VAL J 188 -1.75 -61.89 -103.83
N THR J 189 -2.11 -60.61 -103.91
CA THR J 189 -1.29 -59.52 -103.41
C THR J 189 -2.12 -58.60 -102.53
N SER J 190 -2.08 -58.83 -101.22
CA SER J 190 -2.92 -58.11 -100.28
C SER J 190 -2.24 -56.84 -99.80
N ALA J 191 -3.04 -55.80 -99.59
CA ALA J 191 -2.58 -54.51 -99.05
C ALA J 191 -3.50 -54.06 -97.93
N PRO J 192 -3.35 -54.62 -96.72
CA PRO J 192 -4.16 -54.15 -95.59
C PRO J 192 -3.75 -52.80 -95.06
N TRP J 193 -2.44 -52.57 -94.92
CA TRP J 193 -1.91 -51.36 -94.32
C TRP J 193 -1.20 -50.55 -95.39
N ASP J 194 -1.75 -49.37 -95.71
CA ASP J 194 -1.14 -48.44 -96.66
C ASP J 194 -1.29 -47.03 -96.12
N LEU J 195 -0.18 -46.39 -95.78
CA LEU J 195 -0.29 -45.01 -95.31
C LEU J 195 -0.47 -44.03 -96.45
N GLN J 196 0.00 -44.35 -97.66
CA GLN J 196 -0.06 -43.38 -98.74
C GLN J 196 -1.48 -43.21 -99.26
N ALA J 197 -2.29 -44.26 -99.15
CA ALA J 197 -3.73 -44.15 -99.34
C ALA J 197 -4.48 -43.95 -98.03
N GLN J 198 -3.73 -43.80 -96.92
CA GLN J 198 -4.22 -43.55 -95.57
C GLN J 198 -5.17 -44.63 -95.05
N VAL J 199 -5.06 -45.86 -95.56
CA VAL J 199 -5.90 -46.94 -95.04
C VAL J 199 -5.14 -47.63 -93.90
N SER J 200 -5.85 -47.92 -92.83
CA SER J 200 -5.19 -48.35 -91.61
C SER J 200 -5.24 -49.87 -91.46
N LEU J 201 -4.56 -50.36 -90.42
CA LEU J 201 -4.69 -51.75 -90.04
C LEU J 201 -6.07 -51.98 -89.42
N PRO J 202 -6.97 -52.67 -90.10
CA PRO J 202 -8.39 -52.58 -89.75
C PRO J 202 -8.88 -53.60 -88.75
N SER J 203 -9.96 -53.25 -88.05
CA SER J 203 -10.85 -54.17 -87.34
C SER J 203 -10.16 -54.87 -86.16
N ASP J 204 -9.07 -54.25 -85.68
CA ASP J 204 -8.24 -54.76 -84.57
C ASP J 204 -7.77 -56.19 -84.81
N GLY J 205 -6.89 -56.35 -85.78
CA GLY J 205 -6.36 -57.68 -86.02
C GLY J 205 -6.75 -58.23 -87.38
N ILE J 206 -5.74 -58.68 -88.12
CA ILE J 206 -5.96 -59.29 -89.43
C ILE J 206 -5.25 -60.63 -89.47
N ARG J 207 -5.99 -61.66 -89.90
CA ARG J 207 -5.39 -62.94 -90.21
C ARG J 207 -4.34 -62.77 -91.29
N LEU J 208 -3.08 -63.02 -90.92
CA LEU J 208 -1.98 -62.97 -91.87
C LEU J 208 -2.20 -64.01 -92.96
N PHE J 209 -1.94 -63.58 -94.20
CA PHE J 209 -2.17 -64.36 -95.42
C PHE J 209 -3.62 -64.86 -95.53
N GLY J 210 -4.58 -64.00 -95.20
CA GLY J 210 -5.98 -64.36 -95.25
C GLY J 210 -6.69 -63.74 -96.45
N LYS J 211 -7.97 -64.08 -96.57
CA LYS J 211 -8.80 -63.58 -97.67
C LYS J 211 -9.23 -62.16 -97.32
N THR J 212 -8.46 -61.19 -97.82
CA THR J 212 -8.70 -59.80 -97.46
C THR J 212 -9.68 -59.13 -98.42
N ASN J 213 -9.77 -59.63 -99.65
CA ASN J 213 -10.52 -59.12 -100.81
C ASN J 213 -9.99 -57.77 -101.30
N SER J 214 -8.84 -57.32 -100.80
CA SER J 214 -8.09 -56.24 -101.41
C SER J 214 -6.98 -56.77 -102.32
N ASP J 215 -6.98 -58.06 -102.60
CA ASP J 215 -5.92 -58.65 -103.40
C ASP J 215 -6.15 -58.41 -104.89
N GLN J 216 -5.06 -58.35 -105.63
CA GLN J 216 -5.09 -58.42 -107.09
C GLN J 216 -4.08 -59.46 -107.53
N GLN J 217 -4.49 -60.32 -108.46
CA GLN J 217 -3.64 -61.40 -108.92
C GLN J 217 -2.49 -60.86 -109.75
N VAL J 218 -1.34 -61.51 -109.64
CA VAL J 218 -0.15 -61.05 -110.33
C VAL J 218 -0.16 -61.56 -111.77
N PHE J 219 -0.61 -60.72 -112.70
CA PHE J 219 -0.79 -61.14 -114.07
C PHE J 219 0.53 -61.27 -114.81
N GLY J 220 1.59 -60.66 -114.29
CA GLY J 220 2.92 -60.94 -114.80
C GLY J 220 3.39 -62.34 -114.45
N GLY J 221 2.84 -62.89 -113.36
CA GLY J 221 3.18 -64.22 -112.90
C GLY J 221 2.07 -65.24 -112.92
N VAL J 222 0.94 -64.95 -113.58
CA VAL J 222 -0.10 -65.97 -113.71
C VAL J 222 0.37 -67.08 -114.65
N LEU J 223 1.12 -66.71 -115.69
CA LEU J 223 2.01 -67.62 -116.39
C LEU J 223 3.43 -67.26 -115.99
N ILE J 224 4.23 -68.28 -115.60
CA ILE J 224 5.58 -68.02 -115.16
C ILE J 224 6.44 -67.60 -116.35
N THR J 225 7.30 -66.61 -116.13
CA THR J 225 8.08 -66.04 -117.22
C THR J 225 9.12 -67.03 -117.73
N SER J 226 9.24 -67.11 -119.06
CA SER J 226 10.16 -68.06 -119.70
C SER J 226 11.20 -67.34 -120.52
N MET J 331 9.13 -55.86 -121.17
CA MET J 331 8.56 -56.10 -119.84
C MET J 331 9.52 -55.67 -118.73
N TYR J 332 10.82 -55.80 -119.02
CA TYR J 332 11.90 -55.67 -118.04
C TYR J 332 11.67 -56.60 -116.84
N HIS J 333 11.32 -57.85 -117.15
CA HIS J 333 11.19 -58.96 -116.20
C HIS J 333 10.18 -58.66 -115.09
N LEU J 334 8.91 -58.57 -115.48
CA LEU J 334 7.85 -58.16 -114.57
C LEU J 334 7.62 -59.21 -113.49
N THR J 335 7.71 -58.77 -112.22
CA THR J 335 7.55 -59.59 -111.03
C THR J 335 6.52 -58.82 -110.19
N PRO J 336 6.02 -59.34 -109.06
CA PRO J 336 5.20 -58.51 -108.16
C PRO J 336 5.87 -57.22 -107.70
N PHE J 337 5.03 -56.20 -107.50
CA PHE J 337 5.37 -54.92 -106.85
C PHE J 337 6.33 -54.06 -107.68
N GLY J 338 6.50 -54.38 -108.96
CA GLY J 338 7.40 -53.62 -109.80
C GLY J 338 8.29 -54.50 -110.66
N TYR J 339 9.14 -53.85 -111.45
CA TYR J 339 10.00 -54.57 -112.38
C TYR J 339 11.28 -55.03 -111.70
N SER J 340 11.66 -56.28 -111.94
CA SER J 340 12.90 -56.84 -111.41
C SER J 340 13.98 -56.82 -112.47
N SER J 341 15.24 -56.68 -112.02
CA SER J 341 16.36 -56.64 -112.95
C SER J 341 16.59 -57.99 -113.60
N ASP J 342 16.69 -59.05 -112.81
CA ASP J 342 17.01 -60.38 -113.30
C ASP J 342 16.02 -61.40 -112.74
N ILE J 343 16.30 -62.67 -113.02
CA ILE J 343 15.42 -63.76 -112.62
C ILE J 343 15.47 -63.95 -111.12
N GLU J 344 14.30 -63.98 -110.49
CA GLU J 344 14.16 -64.18 -109.06
C GLU J 344 13.14 -65.28 -108.82
N PRO J 345 13.45 -66.23 -107.92
CA PRO J 345 12.53 -67.36 -107.68
C PRO J 345 11.28 -66.95 -106.92
N LEU J 346 10.23 -67.76 -107.09
CA LEU J 346 8.95 -67.58 -106.42
C LEU J 346 8.61 -68.88 -105.68
N GLU J 347 9.08 -68.99 -104.45
CA GLU J 347 9.00 -70.25 -103.74
C GLU J 347 7.65 -70.40 -103.01
N GLU J 348 7.35 -71.64 -102.63
CA GLU J 348 6.11 -71.98 -101.93
C GLU J 348 6.23 -71.65 -100.44
N ASN J 349 6.24 -70.35 -100.17
CA ASN J 349 6.34 -69.83 -98.80
C ASN J 349 5.62 -68.49 -98.75
N PRO J 350 4.61 -68.34 -97.89
CA PRO J 350 4.00 -67.02 -97.71
C PRO J 350 4.97 -66.09 -97.01
N ALA J 351 5.05 -64.85 -97.52
CA ALA J 351 6.01 -63.89 -97.02
C ALA J 351 5.39 -62.51 -97.01
N LEU J 352 5.69 -61.74 -95.96
CA LEU J 352 5.12 -60.41 -95.78
C LEU J 352 6.23 -59.37 -95.80
N TYR J 353 5.90 -58.20 -96.34
CA TYR J 353 6.86 -57.12 -96.55
C TYR J 353 6.42 -55.91 -95.74
N LEU J 354 7.36 -55.30 -95.02
CA LEU J 354 7.09 -54.14 -94.18
C LEU J 354 7.64 -52.88 -94.85
N GLY J 355 6.84 -51.82 -94.85
CA GLY J 355 7.26 -50.57 -95.47
C GLY J 355 7.66 -49.50 -94.48
N PHE J 356 8.95 -49.24 -94.40
CA PHE J 356 9.48 -48.28 -93.44
C PHE J 356 9.68 -46.92 -94.10
N THR J 357 9.48 -45.87 -93.30
CA THR J 357 9.46 -44.50 -93.80
C THR J 357 10.23 -43.61 -92.84
N ASP J 358 10.95 -42.64 -93.42
CA ASP J 358 11.57 -41.51 -92.71
C ASP J 358 12.66 -42.01 -91.76
N VAL J 359 13.31 -43.10 -92.14
CA VAL J 359 14.38 -43.70 -91.35
C VAL J 359 15.66 -43.64 -92.18
N LYS J 360 16.74 -43.17 -91.55
CA LYS J 360 18.02 -43.11 -92.25
C LYS J 360 18.81 -44.39 -92.00
N PRO J 361 19.67 -44.80 -92.94
CA PRO J 361 20.38 -46.08 -92.79
C PRO J 361 21.35 -46.18 -91.61
N GLY J 362 21.67 -45.07 -90.94
CA GLY J 362 22.41 -45.18 -89.70
C GLY J 362 21.52 -45.60 -88.54
N GLN J 363 20.23 -45.27 -88.61
CA GLN J 363 19.34 -45.39 -87.46
C GLN J 363 18.91 -46.84 -87.24
N THR J 364 18.36 -47.09 -86.06
CA THR J 364 17.83 -48.40 -85.68
C THR J 364 16.31 -48.32 -85.59
N LEU J 365 15.67 -49.48 -85.68
CA LEU J 365 14.22 -49.58 -85.60
C LEU J 365 13.86 -50.63 -84.56
N ALA J 366 12.85 -50.33 -83.74
CA ALA J 366 12.43 -51.20 -82.66
C ALA J 366 10.92 -51.36 -82.70
N LEU J 367 10.45 -52.58 -82.92
CA LEU J 367 9.03 -52.89 -83.00
C LEU J 367 8.60 -53.69 -81.78
N TYR J 368 7.34 -53.54 -81.39
CA TYR J 368 6.70 -54.46 -80.49
C TYR J 368 5.54 -55.12 -81.22
N TRP J 369 5.64 -56.43 -81.44
CA TRP J 369 4.58 -57.18 -82.08
C TRP J 369 3.64 -57.70 -81.01
N LYS J 370 2.34 -57.56 -81.26
CA LYS J 370 1.33 -58.16 -80.41
C LYS J 370 0.74 -59.33 -81.17
N LEU J 371 1.01 -60.54 -80.70
CA LEU J 371 0.76 -61.72 -81.52
C LEU J 371 0.02 -62.77 -80.70
N LYS J 372 -0.89 -63.46 -81.38
CA LYS J 372 -1.34 -64.78 -80.97
C LYS J 372 -1.13 -65.70 -82.15
N SER J 373 -0.07 -66.50 -82.09
CA SER J 373 0.26 -67.42 -83.16
C SER J 373 -0.04 -68.84 -82.70
N PRO J 374 -0.69 -69.67 -83.52
CA PRO J 374 -0.87 -71.07 -83.13
C PRO J 374 0.42 -71.86 -83.03
N GLN J 375 1.18 -71.95 -84.11
CA GLN J 375 2.48 -72.60 -84.10
C GLN J 375 3.50 -71.58 -84.53
N GLN J 376 4.74 -71.73 -84.07
CA GLN J 376 5.74 -70.73 -84.39
C GLN J 376 6.33 -70.98 -85.77
N PRO J 377 6.32 -70.01 -86.65
CA PRO J 377 6.99 -70.18 -87.94
C PRO J 377 8.43 -69.71 -87.89
N THR J 378 9.36 -70.54 -88.33
CA THR J 378 10.75 -70.12 -88.36
C THR J 378 10.96 -69.12 -89.49
N VAL J 379 11.28 -67.88 -89.12
CA VAL J 379 11.29 -66.77 -90.06
C VAL J 379 12.73 -66.38 -90.38
N SER J 380 12.89 -65.86 -91.59
CA SER J 380 14.14 -65.26 -92.04
C SER J 380 13.82 -63.89 -92.63
N TRP J 381 14.74 -62.95 -92.46
CA TRP J 381 14.48 -61.57 -92.77
C TRP J 381 15.44 -61.06 -93.83
N TYR J 382 14.89 -60.35 -94.82
CA TYR J 382 15.65 -59.83 -95.95
C TYR J 382 15.38 -58.34 -96.14
N TYR J 383 16.38 -57.60 -96.63
CA TYR J 383 16.24 -56.17 -96.84
C TYR J 383 16.65 -55.77 -98.26
N LEU J 384 16.12 -54.64 -98.73
CA LEU J 384 16.43 -54.15 -100.08
C LEU J 384 17.87 -53.67 -100.19
N ASP J 385 18.33 -53.61 -101.44
CA ASP J 385 19.64 -53.07 -101.76
C ASP J 385 19.56 -52.24 -103.05
N GLN J 386 20.67 -51.58 -103.38
CA GLN J 386 20.68 -50.73 -104.57
C GLN J 386 20.81 -51.55 -105.84
N HIS J 387 21.34 -52.77 -105.73
CA HIS J 387 21.42 -53.66 -106.87
C HIS J 387 20.12 -54.38 -107.14
N ASN J 388 19.07 -54.09 -106.37
CA ASN J 388 17.79 -54.81 -106.39
C ASN J 388 17.97 -56.30 -106.16
N GLN J 389 18.77 -56.65 -105.15
CA GLN J 389 18.93 -58.01 -104.68
C GLN J 389 18.71 -58.01 -103.17
N TRP J 390 17.90 -58.95 -102.69
CA TRP J 390 17.65 -59.05 -101.27
C TRP J 390 18.83 -59.75 -100.57
N ALA J 391 19.26 -59.17 -99.45
CA ALA J 391 20.36 -59.70 -98.68
C ALA J 391 19.84 -60.15 -97.33
N GLU J 392 20.62 -60.98 -96.64
CA GLU J 392 20.21 -61.53 -95.36
C GLU J 392 20.34 -60.47 -94.26
N LEU J 393 19.33 -60.40 -93.39
CA LEU J 393 19.29 -59.43 -92.31
C LEU J 393 19.43 -60.12 -90.95
N ASP J 394 19.49 -61.45 -90.94
CA ASP J 394 19.28 -62.23 -89.71
C ASP J 394 20.45 -62.11 -88.74
N SER J 395 21.60 -61.65 -89.22
CA SER J 395 22.71 -61.36 -88.32
C SER J 395 22.44 -60.10 -87.51
N TRP J 396 21.59 -59.21 -88.05
CA TRP J 396 21.35 -57.93 -87.41
C TRP J 396 20.13 -58.00 -86.50
N VAL J 397 19.27 -58.99 -86.72
CA VAL J 397 18.07 -59.14 -85.93
C VAL J 397 18.41 -59.82 -84.61
N SER J 398 17.92 -59.25 -83.50
CA SER J 398 18.03 -59.86 -82.19
C SER J 398 16.62 -59.92 -81.61
N ASP J 399 15.90 -61.00 -81.91
CA ASP J 399 14.48 -61.03 -81.61
C ASP J 399 14.20 -61.76 -80.31
N GLY J 400 13.26 -61.21 -79.54
CA GLY J 400 12.70 -61.85 -78.39
C GLY J 400 11.30 -62.39 -78.60
N THR J 401 10.77 -62.29 -79.81
CA THR J 401 9.45 -62.80 -80.14
C THR J 401 9.48 -64.27 -80.52
N GLN J 402 10.66 -64.91 -80.46
CA GLN J 402 10.87 -66.34 -80.68
C GLN J 402 10.39 -66.79 -82.06
N ASN J 403 10.87 -66.09 -83.09
CA ASN J 403 10.44 -66.25 -84.48
C ASN J 403 8.93 -66.10 -84.61
N LEU J 404 8.41 -64.97 -84.14
CA LEU J 404 7.00 -64.59 -84.18
C LEU J 404 6.09 -65.59 -83.46
N TYR J 405 6.58 -66.19 -82.38
CA TYR J 405 5.75 -67.08 -81.59
C TYR J 405 4.87 -66.30 -80.63
N GLN J 406 5.50 -65.48 -79.79
CA GLN J 406 4.80 -64.75 -78.75
C GLN J 406 4.93 -63.27 -79.03
N ASP J 407 4.26 -62.47 -78.21
CA ASP J 407 4.47 -61.03 -78.27
C ASP J 407 5.84 -60.69 -77.68
N GLY J 408 6.53 -59.74 -78.31
CA GLY J 408 7.85 -59.39 -77.83
C GLY J 408 8.43 -58.26 -78.65
N THR J 409 9.45 -57.63 -78.08
CA THR J 409 10.16 -56.54 -78.71
C THR J 409 11.36 -57.10 -79.45
N TRP J 410 11.65 -56.54 -80.62
CA TRP J 410 12.94 -56.77 -81.28
C TRP J 410 13.43 -55.51 -81.94
N HIS J 411 14.70 -55.20 -81.74
CA HIS J 411 15.32 -54.01 -82.27
C HIS J 411 16.33 -54.41 -83.33
N VAL J 412 16.29 -53.73 -84.46
CA VAL J 412 17.20 -53.96 -85.56
C VAL J 412 17.83 -52.64 -85.95
N GLU J 413 19.14 -52.55 -85.83
CA GLU J 413 19.87 -51.51 -86.52
C GLU J 413 19.72 -51.71 -88.03
N LEU J 414 19.12 -50.72 -88.69
CA LEU J 414 18.87 -50.84 -90.12
C LEU J 414 20.21 -50.85 -90.84
N PRO J 415 20.48 -51.86 -91.66
CA PRO J 415 21.86 -52.14 -92.09
C PRO J 415 22.38 -51.10 -93.06
N VAL J 416 23.70 -50.92 -93.08
CA VAL J 416 24.33 -49.96 -93.97
C VAL J 416 24.18 -50.42 -95.42
N ASP J 417 24.15 -49.44 -96.32
CA ASP J 417 23.90 -49.59 -97.76
C ASP J 417 22.53 -50.19 -98.04
N ALA J 418 21.57 -50.00 -97.14
CA ALA J 418 20.17 -50.25 -97.47
C ALA J 418 19.57 -49.02 -98.13
N SER J 419 18.90 -49.23 -99.25
CA SER J 419 18.63 -48.17 -100.20
C SER J 419 17.15 -47.81 -100.19
N ASN J 420 16.86 -46.50 -100.14
CA ASN J 420 15.49 -46.04 -100.30
C ASN J 420 14.99 -46.27 -101.72
N GLN J 421 15.78 -45.90 -102.71
CA GLN J 421 15.40 -46.08 -104.11
C GLN J 421 15.84 -47.47 -104.57
N ALA J 422 14.88 -48.24 -105.06
CA ALA J 422 15.14 -49.59 -105.54
C ALA J 422 14.03 -50.00 -106.50
N GLU J 423 14.35 -50.95 -107.36
CA GLU J 423 13.34 -51.49 -108.27
C GLU J 423 12.51 -52.55 -107.57
N GLN J 424 11.55 -53.11 -108.31
CA GLN J 424 10.68 -54.25 -107.91
C GLN J 424 9.84 -53.99 -106.66
N MET J 425 9.89 -52.79 -106.11
CA MET J 425 9.20 -52.37 -104.89
C MET J 425 8.87 -50.89 -105.04
N PRO J 426 7.96 -50.35 -104.22
CA PRO J 426 7.76 -48.90 -104.20
C PRO J 426 9.02 -48.15 -103.79
N VAL J 427 9.22 -46.98 -104.41
CA VAL J 427 10.49 -46.29 -104.33
C VAL J 427 10.56 -45.37 -103.12
N GLY J 428 9.41 -45.00 -102.58
CA GLY J 428 9.39 -43.99 -101.53
C GLY J 428 9.81 -44.53 -100.17
N ARG J 429 9.63 -45.83 -99.96
CA ARG J 429 9.75 -46.43 -98.64
C ARG J 429 10.92 -47.41 -98.62
N TYR J 430 11.57 -47.53 -97.45
CA TYR J 430 12.47 -48.65 -97.22
C TYR J 430 11.64 -49.88 -96.96
N TRP J 431 12.17 -51.04 -97.32
CA TRP J 431 11.41 -52.28 -97.23
C TRP J 431 12.22 -53.35 -96.53
N LEU J 432 11.55 -54.12 -95.68
CA LEU J 432 12.09 -55.33 -95.06
C LEU J 432 11.22 -56.50 -95.48
N ARG J 433 11.85 -57.62 -95.81
CA ARG J 433 11.16 -58.84 -96.21
C ARG J 433 11.19 -59.80 -95.02
N ALA J 434 10.13 -60.60 -94.87
CA ALA J 434 10.05 -61.63 -93.85
C ALA J 434 9.48 -62.88 -94.48
N VAL J 435 10.29 -63.93 -94.57
CA VAL J 435 9.88 -65.21 -95.12
C VAL J 435 9.32 -66.06 -94.01
N VAL J 436 8.07 -66.45 -94.11
CA VAL J 436 7.42 -67.26 -93.10
C VAL J 436 7.40 -68.70 -93.58
N GLU J 437 7.98 -69.58 -92.77
CA GLU J 437 7.88 -71.03 -92.96
C GLU J 437 6.79 -71.53 -92.01
N VAL J 438 5.56 -71.54 -92.49
CA VAL J 438 4.47 -72.06 -91.66
C VAL J 438 4.53 -73.58 -91.65
N PRO J 439 4.43 -74.23 -90.49
CA PRO J 439 4.45 -75.69 -90.47
C PRO J 439 3.16 -76.28 -91.05
N ALA J 440 3.32 -77.39 -91.76
CA ALA J 440 2.21 -78.01 -92.47
C ALA J 440 1.32 -78.75 -91.48
N HIS J 441 0.07 -78.30 -91.37
CA HIS J 441 -0.91 -78.93 -90.50
C HIS J 441 -2.30 -78.59 -91.00
N GLU J 442 -3.24 -79.50 -90.78
CA GLU J 442 -4.60 -79.30 -91.25
C GLU J 442 -5.42 -78.48 -90.27
N GLY J 443 -6.49 -77.86 -90.79
CA GLY J 443 -7.38 -77.09 -89.96
C GLY J 443 -6.98 -75.62 -89.88
N ALA J 444 -7.69 -74.91 -89.00
CA ALA J 444 -7.33 -73.54 -88.69
C ALA J 444 -6.19 -73.47 -87.67
N LEU J 445 -5.79 -74.62 -87.13
CA LEU J 445 -4.61 -74.68 -86.27
C LEU J 445 -3.34 -74.42 -87.08
N GLY J 446 -3.29 -74.92 -88.31
CA GLY J 446 -2.06 -74.84 -89.08
C GLY J 446 -1.88 -73.52 -89.81
N LYS J 447 -2.72 -72.54 -89.53
CA LYS J 447 -2.64 -71.27 -90.25
C LYS J 447 -1.71 -70.29 -89.54
N ALA J 448 -1.76 -69.05 -90.00
CA ALA J 448 -0.78 -68.03 -89.69
C ALA J 448 -1.09 -67.36 -88.34
N PRO J 449 -0.18 -66.51 -87.82
CA PRO J 449 -0.52 -65.70 -86.63
C PRO J 449 -1.70 -64.76 -86.83
N TRP J 450 -2.20 -64.24 -85.71
CA TRP J 450 -3.46 -63.48 -85.75
C TRP J 450 -3.22 -61.98 -85.77
N LEU J 451 -2.12 -61.51 -85.16
CA LEU J 451 -1.59 -60.15 -85.30
C LEU J 451 -2.62 -59.10 -84.83
N TYR J 452 -2.78 -59.04 -83.51
CA TYR J 452 -3.58 -57.96 -82.91
C TYR J 452 -3.09 -56.59 -83.33
N GLY J 453 -1.78 -56.39 -83.41
CA GLY J 453 -1.24 -55.16 -83.96
C GLY J 453 0.27 -55.14 -83.95
N LEU J 454 0.80 -54.00 -84.40
CA LEU J 454 2.23 -53.76 -84.51
C LEU J 454 2.49 -52.28 -84.34
N ILE J 455 3.48 -51.92 -83.52
CA ILE J 455 3.79 -50.53 -83.24
C ILE J 455 5.28 -50.28 -83.44
N TYR J 456 5.58 -49.08 -83.92
CA TYR J 456 6.95 -48.65 -84.21
C TYR J 456 7.49 -47.85 -83.04
N ASN J 457 8.83 -47.88 -82.89
CA ASN J 457 9.58 -47.08 -81.91
C ASN J 457 9.19 -47.47 -80.49
N ALA J 458 8.84 -48.74 -80.30
CA ALA J 458 8.21 -49.23 -79.09
C ALA J 458 9.21 -49.98 -78.23
N MET J 459 8.97 -50.00 -76.92
CA MET J 459 9.73 -50.78 -75.96
C MET J 459 8.90 -50.94 -74.70
N THR J 460 8.99 -52.11 -74.05
CA THR J 460 8.17 -52.40 -72.89
C THR J 460 8.60 -51.59 -71.68
N ALA J 461 7.72 -51.52 -70.69
CA ALA J 461 7.95 -50.72 -69.50
C ALA J 461 7.35 -51.40 -68.28
N THR J 462 8.21 -51.68 -67.29
CA THR J 462 7.83 -52.42 -66.10
C THR J 462 7.57 -51.47 -64.94
N LEU J 463 6.80 -51.96 -63.96
CA LEU J 463 6.42 -51.16 -62.80
C LEU J 463 7.63 -50.89 -61.91
N VAL J 464 7.67 -49.71 -61.29
CA VAL J 464 8.90 -49.25 -60.65
C VAL J 464 8.97 -49.71 -59.21
N ASN J 465 8.05 -49.23 -58.36
CA ASN J 465 8.08 -49.51 -56.94
C ASN J 465 6.85 -50.32 -56.59
N VAL J 466 7.06 -51.57 -56.15
CA VAL J 466 5.95 -52.52 -56.09
C VAL J 466 5.36 -52.56 -54.69
N ASP J 467 6.07 -52.05 -53.68
CA ASP J 467 5.61 -52.21 -52.31
C ASP J 467 4.64 -51.09 -51.93
N SER J 468 4.78 -49.92 -52.53
CA SER J 468 3.98 -48.78 -52.10
C SER J 468 2.56 -48.87 -52.66
N ILE J 469 2.38 -49.55 -53.78
CA ILE J 469 1.08 -49.56 -54.45
C ILE J 469 0.13 -50.50 -53.75
N SER J 470 -1.09 -50.02 -53.51
CA SER J 470 -2.10 -50.80 -52.82
C SER J 470 -2.61 -51.96 -53.67
N ASP J 471 -3.41 -52.81 -53.05
CA ASP J 471 -3.81 -54.06 -53.70
C ASP J 471 -4.92 -53.85 -54.71
N SER J 472 -5.52 -52.65 -54.73
CA SER J 472 -6.63 -52.40 -55.64
C SER J 472 -6.16 -52.28 -57.08
N HIS J 473 -4.90 -51.87 -57.28
CA HIS J 473 -4.39 -51.70 -58.64
C HIS J 473 -4.05 -53.05 -59.27
N PHE J 474 -3.58 -54.00 -58.46
CA PHE J 474 -3.09 -55.26 -59.00
C PHE J 474 -4.21 -56.20 -59.38
N LEU J 475 -5.45 -55.91 -58.94
CA LEU J 475 -6.59 -56.80 -59.18
C LEU J 475 -6.95 -56.89 -60.65
N THR J 476 -7.00 -55.76 -61.33
CA THR J 476 -7.29 -55.68 -62.74
C THR J 476 -6.03 -55.30 -63.48
N PRO J 477 -5.91 -55.66 -64.76
CA PRO J 477 -4.96 -54.97 -65.62
C PRO J 477 -5.30 -53.49 -65.71
N LEU J 478 -4.26 -52.68 -65.79
CA LEU J 478 -4.43 -51.25 -66.00
C LEU J 478 -5.08 -51.02 -67.37
N PRO J 479 -5.94 -50.01 -67.51
CA PRO J 479 -6.70 -49.88 -68.76
C PRO J 479 -5.84 -49.39 -69.93
N ALA J 480 -6.35 -49.61 -71.14
CA ALA J 480 -5.62 -49.23 -72.33
C ALA J 480 -5.70 -47.73 -72.56
N SER J 481 -4.70 -47.20 -73.28
CA SER J 481 -4.55 -45.78 -73.61
C SER J 481 -4.51 -44.91 -72.35
N SER J 482 -3.77 -45.38 -71.35
CA SER J 482 -3.75 -44.70 -70.07
C SER J 482 -2.53 -43.81 -69.92
N ILE J 483 -1.32 -44.38 -70.06
CA ILE J 483 -0.09 -43.60 -69.96
C ILE J 483 0.04 -42.78 -71.24
N GLN J 484 0.00 -41.46 -71.10
CA GLN J 484 0.02 -40.54 -72.21
C GLN J 484 1.14 -39.52 -72.08
N ARG J 485 2.00 -39.67 -71.09
CA ARG J 485 2.99 -38.65 -70.75
C ARG J 485 4.06 -39.31 -69.89
N PRO J 486 5.28 -38.77 -69.91
CA PRO J 486 6.30 -39.24 -68.95
C PRO J 486 6.25 -38.46 -67.64
N VAL J 487 7.06 -38.91 -66.69
CA VAL J 487 7.15 -38.20 -65.42
C VAL J 487 7.93 -36.90 -65.59
N GLU J 488 9.16 -36.99 -66.07
CA GLU J 488 9.94 -35.81 -66.36
C GLU J 488 9.62 -35.31 -67.75
N PRO J 489 9.29 -34.03 -67.91
CA PRO J 489 8.84 -33.55 -69.22
C PRO J 489 9.99 -33.43 -70.22
N ILE J 490 9.95 -34.32 -71.21
CA ILE J 490 10.90 -34.32 -72.32
C ILE J 490 10.25 -33.56 -73.47
N ILE J 491 10.84 -32.41 -73.80
CA ILE J 491 10.17 -31.38 -74.60
C ILE J 491 10.08 -31.76 -76.06
N VAL J 492 11.03 -32.57 -76.54
CA VAL J 492 11.06 -32.90 -77.96
C VAL J 492 10.14 -34.09 -78.23
N LEU J 493 9.72 -34.78 -77.18
CA LEU J 493 8.73 -35.82 -77.32
C LEU J 493 7.36 -35.23 -77.63
N ALA J 494 6.64 -35.88 -78.53
CA ALA J 494 5.29 -35.45 -78.88
C ALA J 494 4.25 -36.20 -78.07
N SER J 495 4.26 -37.53 -78.15
CA SER J 495 3.29 -38.34 -77.43
C SER J 495 3.82 -39.75 -77.25
N VAL J 496 3.43 -40.37 -76.13
CA VAL J 496 3.53 -41.81 -75.95
C VAL J 496 2.10 -42.33 -76.00
N ASN J 497 1.94 -43.63 -76.20
CA ASN J 497 0.63 -44.26 -76.10
C ASN J 497 0.80 -45.76 -75.88
N GLN J 498 -0.16 -46.34 -75.18
CA GLN J 498 -0.27 -47.79 -75.11
C GLN J 498 -1.53 -48.21 -75.85
N PRO J 499 -1.44 -49.01 -76.90
CA PRO J 499 -2.67 -49.56 -77.48
C PRO J 499 -3.24 -50.68 -76.62
N TRP J 500 -2.40 -51.56 -76.10
CA TRP J 500 -2.80 -52.61 -75.18
C TRP J 500 -2.08 -52.39 -73.86
N ALA J 501 -2.57 -53.01 -72.79
CA ALA J 501 -2.12 -52.62 -71.47
C ALA J 501 -2.07 -53.77 -70.48
N SER J 502 -0.89 -53.90 -69.86
CA SER J 502 -0.70 -54.49 -68.54
C SER J 502 -1.08 -55.97 -68.47
N TRP J 503 -0.38 -56.79 -69.24
CA TRP J 503 -0.43 -58.23 -68.98
C TRP J 503 0.42 -58.56 -67.76
N GLY J 504 0.14 -59.70 -67.15
CA GLY J 504 0.95 -60.18 -66.06
C GLY J 504 0.78 -59.37 -64.78
N GLY J 505 1.62 -59.67 -63.81
CA GLY J 505 1.53 -59.01 -62.53
C GLY J 505 0.44 -59.61 -61.66
N ARG J 506 0.79 -59.89 -60.42
CA ARG J 506 -0.14 -60.58 -59.54
C ARG J 506 -0.18 -59.87 -58.20
N ILE J 507 -1.21 -60.19 -57.42
CA ILE J 507 -1.50 -59.60 -56.12
C ILE J 507 -0.39 -60.01 -55.15
N PRO J 508 -0.07 -59.20 -54.14
CA PRO J 508 0.64 -59.73 -52.99
C PRO J 508 -0.25 -60.70 -52.26
N GLU J 509 0.36 -61.72 -51.64
CA GLU J 509 -0.40 -62.87 -51.18
C GLU J 509 -1.21 -62.54 -49.92
N SER J 510 -2.50 -62.85 -49.98
CA SER J 510 -3.36 -62.80 -48.82
C SER J 510 -3.15 -64.04 -47.97
N TYR J 511 -3.54 -63.96 -46.70
CA TYR J 511 -3.26 -65.06 -45.78
C TYR J 511 -4.17 -66.26 -46.03
N SER J 512 -5.24 -66.06 -46.79
CA SER J 512 -6.05 -67.20 -47.21
C SER J 512 -5.38 -67.96 -48.35
N ALA J 513 -4.87 -67.22 -49.34
CA ALA J 513 -4.28 -67.87 -50.51
C ALA J 513 -2.85 -68.31 -50.24
N PHE J 514 -2.19 -67.70 -49.25
CA PHE J 514 -0.88 -68.18 -48.84
C PHE J 514 -0.98 -69.52 -48.16
N PHE J 515 -2.08 -69.77 -47.45
CA PHE J 515 -2.24 -71.06 -46.79
C PHE J 515 -2.59 -72.15 -47.79
N GLU J 516 -3.32 -71.82 -48.85
CA GLU J 516 -3.61 -72.82 -49.87
C GLU J 516 -2.36 -73.16 -50.67
N ARG J 517 -1.45 -72.20 -50.83
CA ARG J 517 -0.23 -72.44 -51.58
C ARG J 517 0.71 -73.38 -50.83
N ILE J 518 0.83 -73.21 -49.52
CA ILE J 518 1.73 -74.06 -48.75
C ILE J 518 1.08 -75.41 -48.45
N ALA J 519 -0.26 -75.47 -48.46
CA ALA J 519 -0.92 -76.76 -48.30
C ALA J 519 -0.73 -77.64 -49.53
N GLN J 520 -0.48 -77.03 -50.69
CA GLN J 520 -0.16 -77.82 -51.87
C GLN J 520 1.27 -78.33 -51.82
N ASN J 521 2.20 -77.50 -51.33
CA ASN J 521 3.61 -77.89 -51.30
C ASN J 521 3.88 -78.98 -50.29
N LEU J 522 3.02 -79.13 -49.28
CA LEU J 522 3.23 -80.19 -48.31
C LEU J 522 2.47 -81.44 -48.73
N SER J 523 1.61 -81.35 -49.74
CA SER J 523 0.86 -82.53 -50.16
C SER J 523 1.65 -83.33 -51.20
N HIS J 524 2.11 -82.67 -52.27
CA HIS J 524 2.81 -83.36 -53.33
C HIS J 524 4.32 -83.18 -53.29
N ARG J 525 4.82 -82.10 -52.69
CA ARG J 525 6.24 -81.84 -52.43
C ARG J 525 7.05 -81.78 -53.72
N ASN J 526 6.43 -81.23 -54.76
CA ASN J 526 7.04 -80.91 -56.05
C ASN J 526 7.55 -82.16 -56.78
N ARG J 527 6.90 -83.29 -56.53
CA ARG J 527 7.07 -84.49 -57.32
C ARG J 527 5.70 -85.00 -57.72
N SER J 528 5.50 -85.26 -59.01
CA SER J 528 4.23 -85.75 -59.51
C SER J 528 4.27 -87.27 -59.51
N LEU J 529 3.92 -87.86 -58.37
CA LEU J 529 4.00 -89.30 -58.22
C LEU J 529 2.68 -90.01 -58.42
N THR J 530 1.55 -89.37 -58.17
CA THR J 530 0.24 -90.01 -58.23
C THR J 530 -0.63 -89.31 -59.25
N TRP J 531 -1.85 -89.84 -59.43
CA TRP J 531 -2.78 -89.23 -60.37
C TRP J 531 -3.24 -87.86 -59.90
N GLY J 532 -3.49 -87.73 -58.59
CA GLY J 532 -3.91 -86.44 -58.08
C GLY J 532 -2.82 -85.40 -58.18
N ASN J 533 -1.57 -85.81 -57.94
CA ASN J 533 -0.46 -84.87 -57.98
C ASN J 533 -0.16 -84.41 -59.40
N MET J 534 -0.50 -85.22 -60.39
CA MET J 534 -0.35 -84.77 -61.77
C MET J 534 -1.42 -83.77 -62.15
N VAL J 535 -2.57 -83.81 -61.46
CA VAL J 535 -3.68 -82.94 -61.82
C VAL J 535 -3.45 -81.52 -61.29
N THR J 536 -3.01 -81.39 -60.05
CA THR J 536 -2.79 -80.04 -59.53
C THR J 536 -1.51 -79.41 -60.06
N LEU J 537 -0.45 -80.22 -60.26
CA LEU J 537 0.85 -79.65 -60.64
C LEU J 537 0.83 -79.07 -62.05
N LEU J 538 -0.11 -79.53 -62.88
CA LEU J 538 -0.30 -78.86 -64.17
C LEU J 538 -1.15 -77.60 -64.01
N LYS J 539 -2.03 -77.58 -63.01
CA LYS J 539 -3.05 -76.56 -62.96
C LYS J 539 -2.54 -75.27 -62.33
N GLU J 540 -1.56 -75.37 -61.42
CA GLU J 540 -1.06 -74.17 -60.76
C GLU J 540 -0.07 -73.43 -61.66
N ARG J 541 0.79 -74.17 -62.35
CA ARG J 541 1.85 -73.54 -63.14
C ARG J 541 1.30 -72.92 -64.42
N TYR J 542 0.46 -73.65 -65.14
CA TYR J 542 -0.03 -73.22 -66.45
C TYR J 542 -1.32 -72.44 -66.27
N VAL J 543 -1.39 -71.27 -66.91
CA VAL J 543 -2.61 -70.46 -66.83
C VAL J 543 -3.54 -70.81 -67.99
N SER J 544 -3.01 -71.45 -69.02
CA SER J 544 -3.83 -71.79 -70.18
C SER J 544 -4.77 -72.94 -69.87
N ILE J 545 -4.42 -73.77 -68.88
CA ILE J 545 -5.22 -74.94 -68.55
C ILE J 545 -6.50 -74.51 -67.84
N PHE J 546 -7.64 -74.89 -68.40
CA PHE J 546 -8.88 -74.79 -67.65
C PHE J 546 -8.98 -75.91 -66.63
N ASP J 547 -8.96 -77.15 -67.09
CA ASP J 547 -8.98 -78.32 -66.21
C ASP J 547 -8.22 -79.45 -66.85
N VAL J 548 -7.88 -80.43 -66.02
CA VAL J 548 -7.45 -81.76 -66.44
C VAL J 548 -8.40 -82.75 -65.81
N LYS J 549 -8.77 -83.77 -66.56
CA LYS J 549 -9.59 -84.85 -66.03
C LYS J 549 -8.78 -86.14 -66.11
N TYR J 550 -8.89 -86.97 -65.08
CA TYR J 550 -8.17 -88.22 -65.07
C TYR J 550 -8.75 -89.18 -66.10
N PRO J 551 -7.96 -90.14 -66.58
CA PRO J 551 -8.50 -91.22 -67.43
C PRO J 551 -9.28 -92.28 -66.66
N GLY J 552 -10.41 -91.87 -66.08
CA GLY J 552 -11.50 -92.76 -65.75
C GLY J 552 -11.33 -93.78 -64.65
N ASN J 553 -12.37 -94.59 -64.48
CA ASN J 553 -12.42 -95.59 -63.42
C ASN J 553 -12.11 -96.99 -63.94
N ASP J 554 -12.61 -97.33 -65.12
CA ASP J 554 -12.47 -98.70 -65.60
C ASP J 554 -11.09 -98.94 -66.16
N GLU J 555 -10.42 -97.85 -66.56
CA GLU J 555 -9.16 -97.95 -67.28
C GLU J 555 -8.04 -98.47 -66.38
N LEU J 556 -8.03 -98.02 -65.12
CA LEU J 556 -6.92 -98.34 -64.24
C LEU J 556 -7.05 -99.75 -63.66
N THR J 557 -8.16 -100.43 -63.92
CA THR J 557 -8.37 -101.74 -63.30
C THR J 557 -8.29 -102.87 -64.32
N ARG J 558 -8.43 -102.57 -65.62
CA ARG J 558 -8.31 -103.63 -66.62
C ARG J 558 -6.85 -103.96 -66.88
N VAL J 559 -6.06 -102.93 -67.24
CA VAL J 559 -4.60 -102.79 -67.24
C VAL J 559 -3.79 -104.04 -67.56
N PRO J 560 -3.77 -104.51 -68.82
CA PRO J 560 -2.81 -105.57 -69.18
C PRO J 560 -1.44 -104.98 -69.50
N ALA J 561 -0.80 -104.49 -68.42
CA ALA J 561 0.53 -103.83 -68.45
C ALA J 561 0.56 -102.66 -69.41
N LEU J 562 -0.23 -101.62 -69.12
CA LEU J 562 -0.17 -100.39 -69.89
C LEU J 562 0.79 -99.43 -69.19
N GLU J 563 1.95 -99.20 -69.80
CA GLU J 563 2.90 -98.25 -69.24
C GLU J 563 2.46 -96.81 -69.51
N GLN J 564 2.00 -96.53 -70.72
CA GLN J 564 1.73 -95.17 -71.15
C GLN J 564 0.45 -94.64 -70.53
N GLN J 565 0.55 -93.47 -69.90
CA GLN J 565 -0.61 -92.78 -69.35
C GLN J 565 -0.78 -91.46 -70.09
N GLN J 566 -2.04 -91.09 -70.31
CA GLN J 566 -2.39 -89.99 -71.19
C GLN J 566 -3.35 -89.05 -70.49
N LEU J 567 -2.80 -87.97 -69.93
CA LEU J 567 -3.60 -86.93 -69.30
C LEU J 567 -4.28 -86.11 -70.39
N THR J 568 -5.57 -85.88 -70.24
CA THR J 568 -6.33 -85.13 -71.25
C THR J 568 -6.59 -83.74 -70.72
N VAL J 569 -5.89 -82.75 -71.26
CA VAL J 569 -6.00 -81.38 -70.78
C VAL J 569 -7.07 -80.68 -71.62
N ILE J 570 -7.86 -79.85 -70.97
CA ILE J 570 -8.82 -79.02 -71.70
C ILE J 570 -8.58 -77.56 -71.31
N PRO J 571 -8.31 -76.69 -72.27
CA PRO J 571 -7.87 -75.34 -71.93
C PRO J 571 -9.00 -74.34 -71.89
N ALA J 572 -8.68 -73.14 -71.42
CA ALA J 572 -9.65 -72.06 -71.37
C ALA J 572 -9.80 -71.42 -72.75
N ASN J 573 -10.80 -70.55 -72.87
CA ASN J 573 -10.97 -69.81 -74.12
C ASN J 573 -10.02 -68.64 -74.22
N ARG J 574 -9.31 -68.30 -73.14
CA ARG J 574 -8.32 -67.24 -73.18
C ARG J 574 -7.11 -67.62 -74.01
N TYR J 575 -6.68 -68.88 -73.91
CA TYR J 575 -5.50 -69.36 -74.61
C TYR J 575 -5.85 -70.65 -75.35
N ASN J 576 -6.37 -70.50 -76.58
CA ASN J 576 -6.54 -71.62 -77.49
C ASN J 576 -6.08 -71.23 -78.89
N ASP J 577 -5.35 -72.13 -79.53
CA ASP J 577 -4.74 -71.81 -80.81
C ASP J 577 -5.69 -72.08 -81.96
N SER J 578 -6.42 -73.19 -81.91
CA SER J 578 -7.39 -73.52 -82.96
C SER J 578 -8.60 -72.63 -82.86
N ASP J 579 -9.10 -72.19 -84.01
CA ASP J 579 -10.27 -71.30 -84.06
C ASP J 579 -11.56 -72.10 -83.95
N ASP J 580 -11.84 -72.54 -82.72
CA ASP J 580 -13.11 -73.14 -82.36
C ASP J 580 -13.40 -72.74 -80.92
N SER J 581 -14.55 -72.10 -80.70
CA SER J 581 -14.88 -71.62 -79.37
C SER J 581 -15.22 -72.78 -78.44
N LEU J 582 -16.01 -73.72 -78.93
CA LEU J 582 -16.45 -74.83 -78.08
C LEU J 582 -15.37 -75.89 -77.93
N ARG J 583 -14.49 -76.03 -78.91
CA ARG J 583 -13.47 -77.06 -78.90
C ARG J 583 -12.09 -76.44 -78.86
N PRO J 584 -11.52 -76.20 -77.69
CA PRO J 584 -10.22 -75.53 -77.63
C PRO J 584 -9.04 -76.50 -77.70
N VAL J 585 -8.09 -76.21 -78.59
CA VAL J 585 -6.96 -77.09 -78.87
C VAL J 585 -5.68 -76.30 -78.68
N LEU J 586 -4.65 -76.93 -78.10
CA LEU J 586 -3.32 -76.34 -78.10
C LEU J 586 -2.54 -76.83 -79.31
N ASN J 587 -1.48 -76.10 -79.65
CA ASN J 587 -0.54 -76.61 -80.63
C ASN J 587 0.33 -77.69 -80.00
N PRO J 588 0.71 -78.72 -80.76
CA PRO J 588 1.37 -79.87 -80.14
C PRO J 588 2.78 -79.62 -79.64
N ALA J 589 3.39 -78.49 -80.01
CA ALA J 589 4.75 -78.21 -79.54
C ALA J 589 4.74 -77.80 -78.07
N ARG J 590 3.87 -76.85 -77.70
CA ARG J 590 3.78 -76.48 -76.29
C ARG J 590 3.00 -77.51 -75.49
N LEU J 591 2.21 -78.34 -76.19
CA LEU J 591 1.54 -79.45 -75.52
C LEU J 591 2.54 -80.54 -75.15
N GLN J 592 3.58 -80.71 -75.97
CA GLN J 592 4.64 -81.67 -75.65
C GLN J 592 5.52 -81.13 -74.52
N GLU J 593 5.63 -79.81 -74.43
CA GLU J 593 6.48 -79.18 -73.42
C GLU J 593 5.88 -79.31 -72.01
N MET J 594 4.56 -79.50 -71.92
CA MET J 594 3.96 -79.79 -70.62
C MET J 594 4.31 -81.20 -70.16
N ALA J 595 4.52 -82.12 -71.09
CA ALA J 595 4.95 -83.47 -70.72
C ALA J 595 6.40 -83.46 -70.29
N ASP J 596 7.21 -82.62 -70.92
CA ASP J 596 8.63 -82.57 -70.63
C ASP J 596 8.90 -81.92 -69.28
N TRP J 597 7.99 -81.04 -68.85
CA TRP J 597 8.05 -80.51 -67.49
C TRP J 597 7.69 -81.57 -66.47
N LEU J 598 6.71 -82.40 -66.79
CA LEU J 598 6.19 -83.35 -65.82
C LEU J 598 6.97 -84.65 -65.85
N GLN J 599 7.85 -84.82 -66.84
CA GLN J 599 8.68 -86.01 -66.89
C GLN J 599 9.76 -85.95 -65.81
N GLN J 600 10.22 -84.75 -65.48
CA GLN J 600 11.22 -84.60 -64.42
C GLN J 600 10.63 -84.93 -63.06
N LYS J 601 9.39 -84.51 -62.81
CA LYS J 601 8.79 -84.76 -61.51
C LYS J 601 8.39 -86.22 -61.36
N ASP J 602 8.03 -86.86 -62.46
CA ASP J 602 7.50 -88.23 -62.42
C ASP J 602 8.64 -89.24 -62.30
N SER J 603 8.25 -90.50 -62.16
CA SER J 603 9.20 -91.60 -62.22
C SER J 603 9.79 -91.70 -63.62
N PRO J 604 11.05 -92.16 -63.73
CA PRO J 604 11.64 -92.35 -65.07
C PRO J 604 10.95 -93.43 -65.89
N TRP J 605 10.31 -94.39 -65.24
CA TRP J 605 9.59 -95.42 -65.97
C TRP J 605 8.24 -94.90 -66.44
N ALA J 606 7.77 -93.81 -65.84
CA ALA J 606 6.48 -93.26 -66.23
C ALA J 606 6.63 -92.42 -67.49
N SER J 607 6.19 -92.97 -68.62
CA SER J 607 6.13 -92.26 -69.88
C SER J 607 4.81 -91.50 -69.91
N ILE J 608 4.85 -90.23 -69.54
CA ILE J 608 3.66 -89.41 -69.37
C ILE J 608 3.66 -88.35 -70.48
N GLU J 609 2.53 -88.23 -71.18
CA GLU J 609 2.36 -87.17 -72.16
C GLU J 609 0.91 -86.69 -72.18
N VAL J 610 0.73 -85.39 -72.42
CA VAL J 610 -0.55 -84.71 -72.35
C VAL J 610 -1.08 -84.59 -73.77
N ARG J 611 -2.39 -84.73 -73.93
CA ARG J 611 -3.04 -84.53 -75.22
C ARG J 611 -4.35 -83.79 -75.04
N ASN J 612 -4.88 -83.28 -76.15
CA ASN J 612 -6.24 -82.79 -76.16
C ASN J 612 -7.18 -83.94 -76.42
N PRO J 613 -8.34 -84.01 -75.75
CA PRO J 613 -9.25 -85.12 -75.99
C PRO J 613 -10.16 -84.86 -77.17
N GLU J 614 -10.49 -85.93 -77.89
CA GLU J 614 -11.49 -85.80 -78.95
C GLU J 614 -12.86 -85.59 -78.34
N TYR J 615 -13.64 -84.72 -78.98
CA TYR J 615 -14.89 -84.22 -78.42
C TYR J 615 -16.06 -85.01 -78.99
N LEU J 616 -16.72 -85.79 -78.14
CA LEU J 616 -17.99 -86.39 -78.52
C LEU J 616 -19.10 -85.35 -78.48
N ASP J 617 -19.98 -85.40 -79.48
CA ASP J 617 -21.13 -84.52 -79.55
C ASP J 617 -22.38 -85.30 -79.15
N VAL J 618 -22.99 -84.88 -78.04
CA VAL J 618 -24.27 -85.44 -77.61
C VAL J 618 -25.36 -84.42 -77.94
N LYS J 619 -26.30 -84.82 -78.78
CA LYS J 619 -27.35 -83.93 -79.24
C LYS J 619 -28.58 -84.10 -78.36
N ILE J 620 -29.38 -83.04 -78.25
CA ILE J 620 -30.67 -83.11 -77.59
C ILE J 620 -31.69 -82.42 -78.48
N HIS J 621 -32.88 -82.99 -78.56
CA HIS J 621 -34.01 -82.39 -79.26
C HIS J 621 -35.16 -82.30 -78.27
N TYR J 622 -35.33 -81.12 -77.67
CA TYR J 622 -36.31 -80.99 -76.60
C TYR J 622 -37.44 -80.09 -77.06
N GLU J 623 -38.63 -80.36 -76.53
CA GLU J 623 -39.77 -79.47 -76.68
C GLU J 623 -40.14 -78.95 -75.31
N VAL J 624 -40.51 -77.67 -75.24
CA VAL J 624 -40.65 -76.96 -73.98
C VAL J 624 -41.68 -75.85 -74.15
N ILE J 625 -42.60 -75.77 -73.20
CA ILE J 625 -43.63 -74.74 -73.21
C ILE J 625 -43.19 -73.61 -72.28
N PHE J 626 -43.33 -72.38 -72.76
CA PHE J 626 -42.73 -71.21 -72.11
C PHE J 626 -43.78 -70.42 -71.35
N LYS J 627 -43.39 -69.22 -70.93
CA LYS J 627 -44.28 -68.23 -70.33
C LYS J 627 -45.40 -67.85 -71.30
N PRO J 628 -46.54 -67.39 -70.78
CA PRO J 628 -47.66 -67.04 -71.68
C PRO J 628 -47.40 -65.85 -72.60
N ASP J 629 -46.45 -64.97 -72.26
CA ASP J 629 -46.26 -63.71 -73.00
C ASP J 629 -44.81 -63.58 -73.47
N VAL J 630 -44.29 -64.61 -74.14
CA VAL J 630 -42.96 -64.55 -74.75
C VAL J 630 -43.01 -65.29 -76.09
N ASN J 631 -42.23 -64.81 -77.05
CA ASN J 631 -42.05 -65.55 -78.30
C ASN J 631 -41.02 -66.64 -78.09
N GLU J 632 -41.29 -67.82 -78.67
CA GLU J 632 -40.51 -69.00 -78.34
C GLU J 632 -39.14 -68.99 -79.02
N ASP J 633 -39.01 -68.30 -80.15
CA ASP J 633 -37.73 -68.24 -80.84
C ASP J 633 -36.73 -67.40 -80.06
N PHE J 634 -37.19 -66.32 -79.45
CA PHE J 634 -36.38 -65.62 -78.47
C PHE J 634 -36.21 -66.47 -77.21
N GLY J 635 -37.20 -67.31 -76.91
CA GLY J 635 -37.09 -68.17 -75.75
C GLY J 635 -36.19 -69.37 -75.98
N TYR J 636 -36.15 -69.87 -77.21
CA TYR J 636 -35.23 -70.97 -77.52
C TYR J 636 -33.79 -70.50 -77.49
N ARG J 637 -33.52 -69.33 -78.07
CA ARG J 637 -32.15 -68.86 -78.20
C ARG J 637 -31.57 -68.46 -76.86
N GLN J 638 -32.37 -67.82 -76.01
CA GLN J 638 -31.90 -67.37 -74.72
C GLN J 638 -31.63 -68.55 -73.78
N LEU J 639 -32.49 -69.57 -73.83
CA LEU J 639 -32.30 -70.76 -73.00
C LEU J 639 -31.10 -71.56 -73.47
N GLN J 640 -30.77 -71.47 -74.76
CA GLN J 640 -29.66 -72.25 -75.30
C GLN J 640 -28.31 -71.70 -74.82
N GLN J 641 -28.25 -70.39 -74.54
CA GLN J 641 -26.98 -69.77 -74.17
C GLN J 641 -26.55 -70.18 -72.76
N GLN J 642 -27.50 -70.23 -71.82
CA GLN J 642 -27.14 -70.64 -70.46
C GLN J 642 -26.93 -72.15 -70.38
N LEU J 643 -27.59 -72.90 -71.26
CA LEU J 643 -27.32 -74.33 -71.34
C LEU J 643 -25.96 -74.59 -71.97
N CYS J 644 -25.55 -73.73 -72.90
CA CYS J 644 -24.21 -73.83 -73.47
C CYS J 644 -23.16 -73.42 -72.44
N GLU J 645 -23.54 -72.56 -71.50
CA GLU J 645 -22.57 -72.03 -70.55
C GLU J 645 -22.25 -73.04 -69.45
N VAL J 646 -23.28 -73.70 -68.90
CA VAL J 646 -23.08 -74.52 -67.70
C VAL J 646 -22.32 -75.80 -68.03
N TYR J 647 -22.66 -76.44 -69.15
CA TYR J 647 -22.01 -77.70 -69.51
C TYR J 647 -20.82 -77.51 -70.44
N MET J 648 -20.54 -76.29 -70.87
CA MET J 648 -19.25 -75.94 -71.47
C MET J 648 -18.75 -74.66 -70.81
N PRO J 649 -18.25 -74.74 -69.57
CA PRO J 649 -17.83 -73.52 -68.88
C PRO J 649 -16.54 -72.92 -69.41
N TRP J 650 -15.77 -73.70 -70.17
CA TRP J 650 -14.56 -73.14 -70.78
C TRP J 650 -14.88 -72.26 -71.96
N SER J 651 -16.09 -72.35 -72.50
CA SER J 651 -16.42 -71.63 -73.72
C SER J 651 -16.56 -70.13 -73.47
N ILE J 652 -17.19 -69.76 -72.36
CA ILE J 652 -17.40 -68.35 -72.06
C ILE J 652 -16.14 -67.77 -71.45
N ASP J 653 -15.69 -66.64 -71.99
CA ASP J 653 -14.45 -65.99 -71.59
C ASP J 653 -14.57 -65.42 -70.18
N GLU J 654 -13.43 -65.34 -69.48
CA GLU J 654 -13.29 -64.85 -68.10
C GLU J 654 -14.13 -65.72 -67.16
N GLN J 655 -13.79 -67.00 -67.08
CA GLN J 655 -14.44 -67.93 -66.15
C GLN J 655 -13.38 -68.58 -65.28
N ARG J 656 -13.62 -68.61 -63.97
CA ARG J 656 -12.74 -69.35 -63.08
C ARG J 656 -12.85 -70.85 -63.35
N PRO J 657 -11.76 -71.61 -63.21
CA PRO J 657 -11.83 -73.06 -63.45
C PRO J 657 -12.62 -73.77 -62.36
N VAL J 658 -13.76 -74.32 -62.74
CA VAL J 658 -14.62 -75.05 -61.81
C VAL J 658 -14.52 -76.54 -62.14
N VAL J 659 -14.38 -77.36 -61.11
CA VAL J 659 -14.19 -78.79 -61.33
C VAL J 659 -15.53 -79.41 -61.70
N LEU J 660 -15.54 -80.17 -62.80
CA LEU J 660 -16.78 -80.70 -63.36
C LEU J 660 -16.49 -82.08 -63.92
N ASN J 661 -17.39 -83.02 -63.67
CA ASN J 661 -17.15 -84.41 -64.00
C ASN J 661 -17.38 -84.68 -65.49
N ASN J 662 -17.02 -85.90 -65.92
CA ASN J 662 -17.26 -86.30 -67.29
C ASN J 662 -18.73 -86.66 -67.52
N SER J 663 -19.38 -87.19 -66.48
CA SER J 663 -20.77 -87.61 -66.61
C SER J 663 -21.70 -86.40 -66.61
N ILE J 664 -22.67 -86.41 -67.51
CA ILE J 664 -23.82 -85.54 -67.43
C ILE J 664 -25.04 -86.39 -67.08
N ASN J 665 -25.79 -85.97 -66.07
CA ASN J 665 -26.94 -86.73 -65.64
C ASN J 665 -28.17 -86.32 -66.43
N TYR J 666 -29.05 -87.30 -66.69
CA TYR J 666 -30.28 -87.02 -67.44
C TYR J 666 -31.22 -86.13 -66.65
N PHE J 667 -31.29 -86.33 -65.33
CA PHE J 667 -32.25 -85.58 -64.52
C PHE J 667 -31.65 -84.28 -64.03
N GLN J 668 -30.34 -84.25 -63.78
CA GLN J 668 -29.70 -83.00 -63.39
C GLN J 668 -29.62 -82.06 -64.58
N LEU J 669 -29.59 -82.60 -65.81
CA LEU J 669 -29.82 -81.77 -66.99
C LEU J 669 -31.25 -81.25 -67.01
N LEU J 670 -32.22 -82.12 -66.70
CA LEU J 670 -33.62 -81.73 -66.80
C LEU J 670 -33.98 -80.72 -65.73
N ALA J 671 -33.33 -80.79 -64.56
CA ALA J 671 -33.56 -79.80 -63.52
C ALA J 671 -32.88 -78.48 -63.86
N THR J 672 -31.75 -78.53 -64.56
CA THR J 672 -31.02 -77.31 -64.90
C THR J 672 -31.76 -76.49 -65.94
N ILE J 673 -32.55 -77.16 -66.78
CA ILE J 673 -33.43 -76.44 -67.69
C ILE J 673 -34.54 -75.75 -66.92
N GLN J 674 -34.97 -76.34 -65.79
CA GLN J 674 -36.12 -75.82 -65.05
C GLN J 674 -35.79 -74.57 -64.24
N GLN J 675 -34.51 -74.29 -63.98
CA GLN J 675 -34.20 -73.14 -63.12
C GLN J 675 -34.02 -71.87 -63.92
N GLN J 676 -34.24 -71.91 -65.21
CA GLN J 676 -34.22 -70.67 -65.98
C GLN J 676 -35.48 -69.88 -65.67
N PRO J 677 -35.41 -68.55 -65.65
CA PRO J 677 -36.59 -67.77 -65.23
C PRO J 677 -37.69 -67.75 -66.26
N LEU J 678 -37.37 -68.09 -67.50
CA LEU J 678 -38.35 -67.96 -68.57
C LEU J 678 -39.02 -69.30 -68.86
N VAL J 679 -38.48 -70.40 -68.33
CA VAL J 679 -39.06 -71.70 -68.60
C VAL J 679 -40.31 -71.88 -67.73
N GLU J 680 -41.24 -72.71 -68.20
CA GLU J 680 -42.39 -73.13 -67.42
C GLU J 680 -42.42 -74.64 -67.24
N ARG J 681 -42.30 -75.37 -68.33
CA ARG J 681 -42.41 -76.83 -68.32
C ARG J 681 -41.80 -77.35 -69.61
N VAL J 682 -41.06 -78.45 -69.50
CA VAL J 682 -40.50 -79.15 -70.65
C VAL J 682 -41.31 -80.42 -70.87
N THR J 683 -41.27 -80.94 -72.09
CA THR J 683 -41.95 -82.21 -72.33
C THR J 683 -40.96 -83.37 -72.31
N ARG J 684 -39.99 -83.36 -73.22
CA ARG J 684 -39.07 -84.50 -73.33
C ARG J 684 -37.70 -83.95 -73.67
N LEU J 685 -36.68 -84.79 -73.49
CA LEU J 685 -35.31 -84.34 -73.76
C LEU J 685 -34.74 -84.97 -75.01
N THR J 686 -34.87 -86.29 -75.15
CA THR J 686 -34.31 -87.10 -76.25
C THR J 686 -32.81 -86.90 -76.37
N LEU J 687 -32.08 -87.40 -75.37
CA LEU J 687 -30.62 -87.45 -75.43
C LEU J 687 -30.17 -88.31 -76.60
N HIS J 688 -29.34 -87.73 -77.47
CA HIS J 688 -28.99 -88.31 -78.75
C HIS J 688 -27.46 -88.29 -78.88
N ARG J 689 -26.81 -89.33 -78.38
CA ARG J 689 -25.37 -89.46 -78.49
C ARG J 689 -24.97 -89.85 -79.91
N ALA J 690 -23.92 -89.23 -80.41
CA ALA J 690 -23.41 -89.57 -81.74
C ALA J 690 -22.57 -90.84 -81.68
N THR J 699 -34.05 -93.33 -73.79
CA THR J 699 -33.41 -92.09 -73.38
C THR J 699 -32.92 -92.19 -71.94
N ALA J 700 -31.61 -92.31 -71.77
CA ALA J 700 -31.06 -92.34 -70.43
C ALA J 700 -29.87 -91.38 -70.33
N SER J 701 -29.25 -91.38 -69.16
CA SER J 701 -28.08 -90.54 -68.94
C SER J 701 -26.88 -91.10 -69.69
N VAL J 702 -26.18 -90.23 -70.41
CA VAL J 702 -25.00 -90.58 -71.18
C VAL J 702 -23.76 -90.25 -70.36
N GLU J 703 -22.86 -91.22 -70.24
CA GLU J 703 -21.63 -91.04 -69.51
C GLU J 703 -20.47 -91.08 -70.48
N ALA J 704 -19.51 -90.18 -70.27
CA ALA J 704 -18.43 -89.96 -71.22
C ALA J 704 -17.44 -91.09 -71.14
N LYS J 705 -17.13 -91.68 -72.29
CA LYS J 705 -16.08 -92.68 -72.36
C LYS J 705 -14.72 -92.00 -72.14
N ASP J 706 -13.73 -92.79 -71.77
CA ASP J 706 -12.43 -92.24 -71.39
C ASP J 706 -11.74 -91.60 -72.58
N ASN J 707 -10.90 -90.58 -72.27
CA ASN J 707 -10.21 -89.73 -73.24
C ASN J 707 -11.18 -88.95 -74.14
N GLU J 708 -12.43 -88.76 -73.69
CA GLU J 708 -13.45 -88.10 -74.49
C GLU J 708 -14.20 -87.11 -73.61
N VAL J 709 -14.60 -85.98 -74.21
CA VAL J 709 -15.31 -84.90 -73.54
C VAL J 709 -16.57 -84.58 -74.33
N LEU J 710 -17.69 -84.46 -73.63
CA LEU J 710 -19.01 -84.26 -74.24
C LEU J 710 -19.25 -82.79 -74.56
N ILE J 711 -19.79 -82.53 -75.75
CA ILE J 711 -20.20 -81.20 -76.19
C ILE J 711 -21.65 -81.30 -76.65
N LEU J 712 -22.52 -80.43 -76.14
CA LEU J 712 -23.91 -80.50 -76.55
C LEU J 712 -24.15 -79.78 -77.86
N VAL J 713 -25.03 -80.34 -78.68
CA VAL J 713 -25.40 -79.80 -79.98
C VAL J 713 -26.92 -79.68 -80.03
N TRP J 714 -27.42 -78.51 -80.47
CA TRP J 714 -28.85 -78.24 -80.52
C TRP J 714 -29.29 -77.94 -81.95
N GLU J 715 -29.77 -78.96 -82.65
CA GLU J 715 -30.45 -78.76 -83.93
C GLU J 715 -31.64 -79.70 -84.06
N GLU K 2 -62.13 -17.88 -33.60
CA GLU K 2 -62.21 -18.56 -32.30
C GLU K 2 -60.84 -18.91 -31.73
N LEU K 3 -60.28 -17.96 -30.98
CA LEU K 3 -59.01 -18.08 -30.25
C LEU K 3 -57.85 -18.43 -31.17
N ASN K 4 -57.49 -17.47 -32.03
CA ASN K 4 -56.49 -17.73 -33.07
C ASN K 4 -55.08 -17.93 -32.53
N GLU K 5 -54.88 -17.73 -31.23
CA GLU K 5 -53.55 -17.89 -30.66
C GLU K 5 -53.21 -19.37 -30.40
N LEU K 6 -54.22 -20.16 -30.03
CA LEU K 6 -53.99 -21.59 -29.79
C LEU K 6 -54.31 -22.43 -31.01
N THR K 7 -55.32 -22.03 -31.77
CA THR K 7 -55.89 -22.94 -32.76
C THR K 7 -55.03 -23.01 -34.02
N ASN K 8 -54.00 -22.17 -34.12
CA ASN K 8 -53.00 -22.42 -35.15
C ASN K 8 -52.12 -23.60 -34.73
N LYS K 9 -51.71 -23.62 -33.47
CA LYS K 9 -50.87 -24.69 -32.96
C LYS K 9 -51.64 -26.00 -32.87
N LEU K 10 -52.95 -25.92 -32.66
CA LEU K 10 -53.73 -27.12 -32.42
C LEU K 10 -54.16 -27.76 -33.73
N SER K 11 -54.43 -26.96 -34.75
CA SER K 11 -54.90 -27.49 -36.03
C SER K 11 -53.78 -28.14 -36.82
N ASN K 12 -52.54 -27.84 -36.50
CA ASN K 12 -51.43 -28.38 -37.28
C ASN K 12 -51.09 -29.81 -36.87
N LEU K 13 -51.43 -30.18 -35.63
CA LEU K 13 -51.08 -31.51 -35.14
C LEU K 13 -52.14 -32.53 -35.52
N VAL K 14 -53.41 -32.19 -35.31
CA VAL K 14 -54.53 -33.09 -35.52
C VAL K 14 -55.14 -32.73 -36.86
N PRO K 15 -55.75 -33.69 -37.59
CA PRO K 15 -56.39 -33.34 -38.87
C PRO K 15 -57.47 -32.26 -38.79
N MET K 16 -58.30 -32.26 -37.74
CA MET K 16 -59.33 -31.24 -37.51
C MET K 16 -60.33 -31.15 -38.65
N THR K 17 -61.16 -32.20 -38.77
CA THR K 17 -62.19 -32.27 -39.80
C THR K 17 -63.31 -31.24 -39.57
N ASP K 18 -64.32 -31.32 -40.44
CA ASP K 18 -65.35 -30.28 -40.48
C ASP K 18 -66.29 -30.38 -39.27
N PHE K 19 -66.54 -31.59 -38.79
CA PHE K 19 -67.51 -31.78 -37.73
C PHE K 19 -66.95 -31.37 -36.38
N LYS K 20 -67.76 -30.67 -35.59
CA LYS K 20 -67.40 -30.21 -34.27
C LYS K 20 -68.37 -30.80 -33.25
N LEU K 21 -67.85 -31.18 -32.07
CA LEU K 21 -68.72 -31.67 -31.02
C LEU K 21 -69.54 -30.54 -30.41
N ASP K 22 -69.03 -29.32 -30.48
CA ASP K 22 -69.78 -28.14 -30.02
C ASP K 22 -69.87 -27.15 -31.16
N ASN K 23 -71.07 -27.04 -31.73
CA ASN K 23 -71.41 -25.95 -32.62
C ASN K 23 -71.93 -24.74 -31.85
N ARG K 24 -71.71 -24.71 -30.54
CA ARG K 24 -72.16 -23.63 -29.70
C ARG K 24 -71.42 -22.34 -30.02
N ALA K 25 -72.12 -21.42 -30.66
CA ALA K 25 -71.58 -20.11 -30.99
C ALA K 25 -71.71 -19.19 -29.79
N SER K 26 -70.98 -18.08 -29.84
CA SER K 26 -70.97 -17.15 -28.73
C SER K 26 -72.30 -16.40 -28.61
N LEU K 27 -72.97 -16.18 -29.75
CA LEU K 27 -74.32 -15.63 -29.68
C LEU K 27 -75.28 -16.66 -29.14
N GLN K 28 -75.04 -17.94 -29.44
CA GLN K 28 -75.91 -19.00 -28.95
C GLN K 28 -75.71 -19.23 -27.46
N LEU K 29 -74.52 -18.93 -26.95
CA LEU K 29 -74.23 -19.17 -25.55
C LEU K 29 -74.91 -18.13 -24.66
N LEU K 30 -74.99 -16.88 -25.12
CA LEU K 30 -75.50 -15.82 -24.27
C LEU K 30 -77.02 -15.88 -24.14
N LYS K 31 -77.70 -16.52 -25.10
CA LYS K 31 -79.13 -16.75 -24.93
C LYS K 31 -79.37 -17.86 -23.91
N TYR K 32 -78.41 -18.78 -23.78
CA TYR K 32 -78.53 -19.84 -22.79
C TYR K 32 -78.30 -19.30 -21.39
N ILE K 33 -77.43 -18.30 -21.25
CA ILE K 33 -77.15 -17.72 -19.95
C ILE K 33 -78.21 -16.68 -19.61
N GLU K 34 -78.99 -16.25 -20.59
CA GLU K 34 -80.06 -15.31 -20.30
C GLU K 34 -81.26 -16.03 -19.69
N ALA K 35 -81.58 -17.22 -20.21
CA ALA K 35 -82.67 -18.00 -19.65
C ALA K 35 -82.30 -18.59 -18.30
N TYR K 36 -81.00 -18.73 -18.04
CA TYR K 36 -80.56 -19.19 -16.72
C TYR K 36 -80.75 -18.11 -15.67
N THR K 37 -80.34 -16.88 -15.97
CA THR K 37 -80.27 -15.83 -14.96
C THR K 37 -81.65 -15.24 -14.66
N LYS K 38 -82.63 -15.49 -15.52
CA LYS K 38 -83.96 -14.93 -15.28
C LYS K 38 -84.74 -15.77 -14.27
N ILE K 39 -84.17 -16.91 -13.86
CA ILE K 39 -84.78 -17.70 -12.79
C ILE K 39 -84.28 -17.25 -11.43
N ILE K 40 -82.99 -16.87 -11.36
CA ILE K 40 -82.34 -16.53 -10.10
C ILE K 40 -82.88 -15.21 -9.59
N PRO K 41 -83.49 -15.17 -8.41
CA PRO K 41 -84.17 -13.95 -7.99
C PRO K 41 -83.23 -12.90 -7.41
N PHE K 42 -83.25 -11.72 -8.01
CA PHE K 42 -82.62 -10.57 -7.37
C PHE K 42 -83.49 -10.16 -6.20
N ASN K 43 -82.88 -10.11 -5.02
CA ASN K 43 -83.58 -10.35 -3.75
C ASN K 43 -84.65 -9.31 -3.45
N SER K 44 -85.81 -9.81 -2.99
CA SER K 44 -86.95 -9.01 -2.52
C SER K 44 -87.50 -8.11 -3.62
N GLY K 45 -87.40 -8.56 -4.86
CA GLY K 45 -87.85 -7.76 -5.98
C GLY K 45 -88.41 -8.66 -7.07
N ASP K 46 -89.32 -8.07 -7.86
CA ASP K 46 -89.95 -8.81 -8.95
C ASP K 46 -88.93 -9.00 -10.06
N LYS K 47 -88.01 -8.05 -10.23
CA LYS K 47 -86.97 -8.17 -11.24
C LYS K 47 -85.95 -9.22 -10.84
N TYR K 48 -85.33 -9.85 -11.85
CA TYR K 48 -84.45 -10.98 -11.65
C TYR K 48 -83.02 -10.63 -12.02
N TRP K 49 -82.15 -11.64 -12.00
CA TRP K 49 -80.73 -11.40 -12.21
C TRP K 49 -80.39 -11.15 -13.67
N ASN K 50 -81.32 -11.46 -14.58
CA ASN K 50 -81.06 -11.20 -16.00
C ASN K 50 -81.17 -9.70 -16.30
N ASP K 51 -81.81 -8.94 -15.41
CA ASP K 51 -81.81 -7.50 -15.55
C ASP K 51 -80.49 -6.90 -15.09
N PHE K 52 -79.75 -7.63 -14.25
CA PHE K 52 -78.45 -7.17 -13.80
C PHE K 52 -77.39 -7.38 -14.87
N PHE K 53 -77.30 -8.60 -15.41
CA PHE K 53 -76.20 -8.95 -16.30
C PHE K 53 -76.34 -8.29 -17.67
N PHE K 54 -77.55 -7.87 -18.01
CA PHE K 54 -77.81 -7.17 -19.26
C PHE K 54 -78.55 -5.88 -18.88
N MET K 55 -77.79 -4.86 -18.54
CA MET K 55 -78.37 -3.76 -17.76
C MET K 55 -78.88 -2.63 -18.63
N SER K 56 -78.00 -1.95 -19.37
CA SER K 56 -78.33 -0.66 -19.96
C SER K 56 -78.06 -0.70 -21.45
N GLY K 57 -79.10 -0.97 -22.23
CA GLY K 57 -78.97 -0.95 -23.68
C GLY K 57 -78.13 -2.07 -24.23
N ASN K 58 -77.96 -3.14 -23.46
CA ASN K 58 -77.13 -4.27 -23.86
C ASN K 58 -77.97 -5.53 -23.87
N THR K 59 -78.23 -6.03 -25.06
CA THR K 59 -78.88 -7.30 -25.31
C THR K 59 -77.81 -8.34 -25.62
N PRO K 60 -78.09 -9.64 -25.44
CA PRO K 60 -77.09 -10.66 -25.79
C PRO K 60 -76.72 -10.71 -27.26
N GLU K 61 -77.55 -10.17 -28.14
CA GLU K 61 -77.14 -10.04 -29.53
C GLU K 61 -76.10 -8.95 -29.72
N LYS K 62 -76.16 -7.91 -28.88
CA LYS K 62 -75.18 -6.84 -28.97
C LYS K 62 -73.86 -7.25 -28.32
N LEU K 63 -73.95 -8.01 -27.22
CA LEU K 63 -72.73 -8.46 -26.54
C LEU K 63 -71.97 -9.47 -27.36
N ALA K 64 -72.68 -10.25 -28.18
CA ALA K 64 -72.00 -11.13 -29.13
C ALA K 64 -71.38 -10.34 -30.26
N LYS K 65 -71.95 -9.18 -30.59
CA LYS K 65 -71.35 -8.32 -31.61
C LYS K 65 -70.06 -7.69 -31.10
N LEU K 66 -70.02 -7.33 -29.82
CA LEU K 66 -68.80 -6.80 -29.23
C LEU K 66 -67.75 -7.88 -29.08
N TYR K 67 -68.18 -9.10 -28.79
CA TYR K 67 -67.24 -10.19 -28.60
C TYR K 67 -66.63 -10.64 -29.90
N GLN K 68 -67.43 -10.83 -30.94
CA GLN K 68 -66.93 -11.16 -32.26
C GLN K 68 -66.38 -9.95 -33.01
N LYS K 69 -66.41 -8.77 -32.39
CA LYS K 69 -65.90 -7.51 -32.93
C LYS K 69 -66.60 -7.11 -34.22
N GLU K 70 -67.91 -7.39 -34.31
CA GLU K 70 -68.70 -6.80 -35.39
C GLU K 70 -68.91 -5.31 -35.12
N ILE K 71 -68.97 -4.93 -33.84
CA ILE K 71 -68.93 -3.54 -33.40
C ILE K 71 -67.54 -3.26 -32.86
N GLU K 72 -67.02 -2.08 -33.14
CA GLU K 72 -65.76 -1.65 -32.54
C GLU K 72 -65.95 -1.48 -31.03
N PRO K 73 -65.03 -2.01 -30.21
CA PRO K 73 -65.19 -1.96 -28.75
C PRO K 73 -65.04 -0.54 -28.20
N ASN K 74 -66.14 0.01 -27.72
CA ASN K 74 -66.10 1.33 -27.10
C ASN K 74 -65.45 1.25 -25.73
N GLY K 75 -64.95 2.40 -25.25
CA GLY K 75 -64.20 2.41 -24.01
C GLY K 75 -65.04 2.16 -22.79
N GLU K 76 -66.32 2.55 -22.83
CA GLU K 76 -67.20 2.39 -21.69
C GLU K 76 -68.15 1.22 -21.90
N LEU K 77 -67.90 0.14 -21.16
CA LEU K 77 -68.85 -0.95 -21.03
C LEU K 77 -69.04 -1.18 -19.55
N LEU K 78 -70.22 -1.67 -19.17
CA LEU K 78 -70.50 -1.91 -17.77
C LEU K 78 -69.61 -3.04 -17.26
N PRO K 79 -69.11 -2.93 -16.01
CA PRO K 79 -68.05 -3.86 -15.57
C PRO K 79 -68.53 -5.29 -15.36
N GLN K 80 -69.79 -5.49 -14.97
CA GLN K 80 -70.28 -6.86 -14.81
C GLN K 80 -70.55 -7.51 -16.16
N GLN K 81 -70.66 -6.70 -17.22
CA GLN K 81 -70.77 -7.25 -18.57
C GLN K 81 -69.40 -7.54 -19.15
N ALA K 82 -68.43 -6.66 -18.89
CA ALA K 82 -67.07 -6.90 -19.38
C ALA K 82 -66.37 -7.95 -18.54
N PHE K 83 -66.88 -8.23 -17.35
CA PHE K 83 -66.50 -9.44 -16.64
C PHE K 83 -67.08 -10.66 -17.34
N LEU K 84 -68.29 -10.54 -17.88
CA LEU K 84 -68.94 -11.67 -18.53
C LEU K 84 -68.31 -11.97 -19.89
N LEU K 85 -67.96 -10.92 -20.65
CA LEU K 85 -67.30 -11.13 -21.92
C LEU K 85 -65.86 -11.61 -21.74
N ALA K 86 -65.28 -11.37 -20.56
CA ALA K 86 -63.94 -11.89 -20.30
C ALA K 86 -63.98 -13.36 -19.95
N VAL K 87 -65.13 -13.85 -19.48
CA VAL K 87 -65.26 -15.28 -19.19
C VAL K 87 -65.36 -16.08 -20.47
N LEU K 88 -66.12 -15.58 -21.45
CA LEU K 88 -66.29 -16.30 -22.72
C LEU K 88 -65.00 -16.33 -23.53
N ARG K 89 -64.09 -15.38 -23.27
CA ARG K 89 -62.77 -15.46 -23.89
C ARG K 89 -61.95 -16.58 -23.27
N LEU K 90 -62.16 -16.85 -21.99
CA LEU K 90 -61.47 -17.97 -21.36
C LEU K 90 -62.04 -19.30 -21.80
N LEU K 91 -63.37 -19.39 -21.93
CA LEU K 91 -64.00 -20.65 -22.26
C LEU K 91 -63.86 -21.06 -23.72
N GLU K 92 -63.16 -20.29 -24.55
CA GLU K 92 -62.84 -20.78 -25.88
C GLU K 92 -61.77 -21.85 -25.83
N THR K 93 -61.01 -21.90 -24.74
CA THR K 93 -59.92 -22.88 -24.63
C THR K 93 -60.38 -24.30 -24.32
N PRO K 94 -61.32 -24.56 -23.40
CA PRO K 94 -61.77 -25.96 -23.27
C PRO K 94 -62.65 -26.41 -24.42
N ILE K 95 -63.31 -25.48 -25.11
CA ILE K 95 -64.16 -25.85 -26.23
C ILE K 95 -63.32 -26.24 -27.44
N SER K 96 -62.22 -25.52 -27.68
CA SER K 96 -61.41 -25.76 -28.86
C SER K 96 -60.62 -27.05 -28.75
N LEU K 97 -60.28 -27.45 -27.52
CA LEU K 97 -59.63 -28.75 -27.34
C LEU K 97 -60.65 -29.88 -27.39
N LEU K 98 -61.93 -29.56 -27.28
CA LEU K 98 -62.97 -30.58 -27.34
C LEU K 98 -63.42 -30.81 -28.77
N ASN K 99 -63.34 -29.78 -29.62
CA ASN K 99 -63.69 -29.97 -31.02
C ASN K 99 -62.62 -30.73 -31.77
N VAL K 100 -61.41 -30.80 -31.22
CA VAL K 100 -60.30 -31.39 -31.95
C VAL K 100 -60.24 -32.90 -31.69
N LEU K 101 -61.04 -33.38 -30.75
CA LEU K 101 -61.05 -34.79 -30.34
C LEU K 101 -61.76 -35.77 -31.27
N PRO K 102 -62.91 -35.47 -31.92
CA PRO K 102 -63.44 -36.47 -32.87
C PRO K 102 -62.58 -36.68 -34.10
N ALA K 103 -61.74 -35.70 -34.45
CA ALA K 103 -60.75 -35.93 -35.49
C ALA K 103 -59.66 -36.87 -35.01
N ALA K 104 -59.40 -36.87 -33.70
CA ALA K 104 -58.38 -37.74 -33.14
C ALA K 104 -58.95 -39.09 -32.76
N HIS K 105 -60.26 -39.16 -32.57
CA HIS K 105 -60.90 -40.45 -32.28
C HIS K 105 -60.96 -41.31 -33.54
N ARG K 106 -61.13 -40.68 -34.70
CA ARG K 106 -61.18 -41.40 -35.97
C ARG K 106 -59.82 -41.94 -36.35
N GLU K 107 -58.78 -41.12 -36.17
CA GLU K 107 -57.43 -41.51 -36.54
C GLU K 107 -56.90 -42.59 -35.59
N LEU K 108 -57.33 -42.56 -34.34
CA LEU K 108 -57.03 -43.65 -33.41
C LEU K 108 -57.69 -44.94 -33.85
N TYR K 109 -58.89 -44.86 -34.44
CA TYR K 109 -59.60 -46.06 -34.84
C TYR K 109 -58.93 -46.72 -36.05
N TYR K 110 -58.47 -45.93 -37.02
CA TYR K 110 -57.90 -46.50 -38.22
C TYR K 110 -56.49 -47.02 -37.98
N ARG K 111 -55.68 -46.27 -37.24
CA ARG K 111 -54.26 -46.59 -37.18
C ARG K 111 -53.92 -47.53 -36.03
N GLU K 112 -54.55 -47.34 -34.87
CA GLU K 112 -54.18 -48.16 -33.72
C GLU K 112 -54.91 -49.49 -33.73
N LEU K 113 -56.25 -49.46 -33.73
CA LEU K 113 -57.01 -50.69 -33.75
C LEU K 113 -57.03 -51.34 -35.13
N LEU K 114 -57.46 -50.60 -36.15
CA LEU K 114 -57.71 -51.21 -37.45
C LEU K 114 -56.41 -51.43 -38.21
N GLY K 115 -55.33 -50.80 -37.77
CA GLY K 115 -54.01 -51.04 -38.32
C GLY K 115 -53.73 -50.46 -39.69
N LEU K 116 -54.63 -49.65 -40.25
CA LEU K 116 -54.45 -49.17 -41.61
C LEU K 116 -53.34 -48.13 -41.71
N SER K 117 -52.59 -48.22 -42.80
CA SER K 117 -51.53 -47.27 -43.13
C SER K 117 -52.01 -46.32 -44.22
N SER K 118 -51.20 -45.29 -44.47
CA SER K 118 -51.47 -44.31 -45.51
C SER K 118 -50.49 -44.51 -46.65
N HIS K 119 -50.92 -44.20 -47.87
CA HIS K 119 -50.08 -44.43 -49.03
C HIS K 119 -48.94 -43.42 -49.10
N ALA K 120 -47.77 -43.91 -49.44
CA ALA K 120 -46.62 -43.04 -49.61
C ALA K 120 -46.64 -42.39 -50.98
N ALA K 121 -45.62 -41.59 -51.26
CA ALA K 121 -45.54 -40.90 -52.54
C ALA K 121 -45.19 -41.87 -53.66
N GLN K 122 -45.73 -41.61 -54.84
CA GLN K 122 -45.46 -42.46 -55.99
C GLN K 122 -44.48 -41.75 -56.91
N PRO K 123 -43.32 -42.35 -57.19
CA PRO K 123 -42.40 -41.72 -58.14
C PRO K 123 -42.94 -41.78 -59.56
N ASP K 124 -42.68 -40.73 -60.31
CA ASP K 124 -43.09 -40.64 -61.70
C ASP K 124 -41.87 -40.80 -62.59
N GLN K 125 -42.08 -41.46 -63.73
CA GLN K 125 -41.01 -41.67 -64.70
C GLN K 125 -41.23 -40.76 -65.90
N VAL K 126 -40.19 -40.58 -66.70
CA VAL K 126 -40.19 -39.59 -67.76
C VAL K 126 -39.44 -40.14 -68.98
N ALA K 127 -39.92 -39.79 -70.17
CA ALA K 127 -39.26 -40.19 -71.39
C ALA K 127 -38.01 -39.34 -71.62
N LEU K 128 -36.90 -40.01 -71.91
CA LEU K 128 -35.62 -39.32 -71.98
C LEU K 128 -34.84 -39.83 -73.17
N SER K 129 -34.54 -38.91 -74.10
CA SER K 129 -33.79 -39.22 -75.30
C SER K 129 -32.39 -38.65 -75.16
N MET K 130 -31.39 -39.44 -75.52
CA MET K 130 -30.00 -39.15 -75.18
C MET K 130 -29.13 -39.29 -76.42
N GLU K 131 -28.78 -38.16 -77.03
CA GLU K 131 -27.98 -38.15 -78.26
C GLU K 131 -26.52 -37.99 -77.91
N LEU K 132 -25.64 -38.50 -78.76
CA LEU K 132 -24.21 -38.46 -78.49
C LEU K 132 -23.52 -37.41 -79.35
N ASN K 133 -22.20 -37.31 -79.17
CA ASN K 133 -21.36 -36.41 -79.94
C ASN K 133 -20.90 -37.13 -81.21
N SER K 134 -20.08 -36.43 -82.01
CA SER K 134 -19.60 -37.03 -83.25
C SER K 134 -18.24 -37.69 -83.04
N THR K 135 -17.72 -37.67 -81.81
CA THR K 135 -16.33 -38.04 -81.61
C THR K 135 -16.15 -39.54 -81.36
N VAL K 136 -17.11 -40.19 -80.71
CA VAL K 136 -17.06 -41.64 -80.51
C VAL K 136 -18.29 -42.26 -81.12
N MET K 137 -18.29 -43.59 -81.25
CA MET K 137 -19.46 -44.29 -81.74
C MET K 137 -20.31 -44.83 -80.58
N GLU K 138 -19.67 -45.42 -79.58
CA GLU K 138 -20.38 -46.13 -78.52
C GLU K 138 -20.03 -45.53 -77.17
N GLN K 139 -21.02 -45.43 -76.29
CA GLN K 139 -20.81 -44.98 -74.91
C GLN K 139 -21.80 -45.65 -73.99
N LEU K 140 -21.28 -46.25 -72.91
CA LEU K 140 -22.08 -47.06 -71.99
C LEU K 140 -22.27 -46.30 -70.69
N LEU K 141 -23.50 -46.31 -70.17
CA LEU K 141 -23.82 -45.70 -68.88
C LEU K 141 -24.71 -46.65 -68.11
N PRO K 142 -24.44 -46.90 -66.82
CA PRO K 142 -25.08 -48.03 -66.14
C PRO K 142 -26.44 -47.66 -65.56
N GLU K 143 -27.01 -48.64 -64.86
CA GLU K 143 -28.20 -48.41 -64.05
C GLU K 143 -27.85 -47.53 -62.86
N GLY K 144 -28.64 -46.47 -62.67
CA GLY K 144 -28.47 -45.60 -61.51
C GLY K 144 -27.70 -44.33 -61.76
N THR K 145 -27.37 -43.99 -63.01
CA THR K 145 -26.88 -42.66 -63.28
C THR K 145 -28.03 -41.67 -63.22
N LEU K 146 -27.75 -40.43 -62.81
CA LEU K 146 -28.79 -39.49 -62.43
C LEU K 146 -28.80 -38.30 -63.36
N PHE K 147 -29.99 -37.96 -63.87
CA PHE K 147 -30.21 -36.72 -64.59
C PHE K 147 -31.05 -35.79 -63.71
N GLU K 148 -30.98 -34.50 -63.96
CA GLU K 148 -31.69 -33.54 -63.13
C GLU K 148 -31.97 -32.25 -63.88
N ALA K 149 -32.95 -31.50 -63.40
CA ALA K 149 -33.18 -30.13 -63.83
C ALA K 149 -33.62 -29.32 -62.62
N GLY K 150 -32.77 -28.40 -62.20
CA GLY K 150 -33.14 -27.45 -61.18
C GLY K 150 -33.34 -28.09 -59.81
N GLN K 151 -34.31 -27.52 -59.11
CA GLN K 151 -34.52 -27.84 -57.70
C GLN K 151 -35.99 -27.60 -57.39
N ASP K 152 -36.53 -28.41 -56.48
CA ASP K 152 -37.86 -28.13 -55.96
C ASP K 152 -37.80 -26.87 -55.09
N GLU K 153 -38.94 -26.19 -54.99
CA GLU K 153 -39.04 -25.09 -54.05
C GLU K 153 -39.00 -25.64 -52.62
N GLN K 154 -38.38 -24.87 -51.73
CA GLN K 154 -38.19 -25.14 -50.29
C GLN K 154 -37.63 -26.53 -50.00
N GLY K 155 -36.75 -27.01 -50.87
CA GLY K 155 -36.19 -28.32 -50.65
C GLY K 155 -35.11 -28.68 -51.63
N ASN K 156 -34.96 -29.99 -51.83
CA ASN K 156 -33.82 -30.55 -52.53
C ASN K 156 -34.05 -30.55 -54.04
N ALA K 157 -33.03 -31.03 -54.75
CA ALA K 157 -33.10 -31.11 -56.20
C ALA K 157 -33.75 -32.42 -56.63
N LEU K 158 -34.40 -32.38 -57.78
CA LEU K 158 -35.09 -33.54 -58.33
C LEU K 158 -34.14 -34.31 -59.23
N GLN K 159 -33.85 -35.56 -58.88
CA GLN K 159 -32.99 -36.42 -59.68
C GLN K 159 -33.84 -37.50 -60.33
N TYR K 160 -33.49 -37.86 -61.57
CA TYR K 160 -34.11 -38.95 -62.28
C TYR K 160 -33.07 -39.99 -62.67
N ALA K 161 -33.40 -41.26 -62.45
CA ALA K 161 -32.49 -42.34 -62.75
C ALA K 161 -33.14 -43.32 -63.71
N LEU K 162 -32.36 -43.81 -64.67
CA LEU K 162 -32.83 -44.78 -65.64
C LEU K 162 -32.96 -46.12 -64.92
N ASP K 163 -33.95 -46.90 -65.32
CA ASP K 163 -34.20 -48.18 -64.67
C ASP K 163 -33.35 -49.30 -65.29
N ALA K 164 -33.07 -49.22 -66.59
CA ALA K 164 -32.27 -50.22 -67.29
C ALA K 164 -31.07 -49.56 -67.95
N SER K 165 -29.93 -50.25 -67.92
CA SER K 165 -28.66 -49.72 -68.40
C SER K 165 -28.55 -49.86 -69.92
N LEU K 166 -28.94 -48.80 -70.62
CA LEU K 166 -28.74 -48.76 -72.06
C LEU K 166 -27.30 -48.36 -72.37
N LEU K 167 -26.86 -48.70 -73.58
CA LEU K 167 -25.61 -48.19 -74.13
C LEU K 167 -25.97 -47.33 -75.34
N ALA K 168 -25.42 -46.13 -75.39
CA ALA K 168 -25.79 -45.20 -76.44
C ALA K 168 -24.92 -45.38 -77.66
N ASN K 169 -25.48 -45.08 -78.82
CA ASN K 169 -24.72 -45.08 -80.06
C ASN K 169 -25.12 -43.84 -80.85
N ARG K 170 -24.18 -43.35 -81.65
CA ARG K 170 -24.49 -42.28 -82.58
C ARG K 170 -25.46 -42.79 -83.64
N GLY K 171 -26.43 -41.98 -83.99
CA GLY K 171 -27.43 -42.34 -84.99
C GLY K 171 -28.73 -41.65 -84.70
N TYR K 172 -29.66 -41.79 -85.63
CA TYR K 172 -30.96 -41.14 -85.51
C TYR K 172 -31.97 -41.83 -86.40
N ILE K 173 -33.22 -41.42 -86.27
CA ILE K 173 -34.30 -41.87 -87.13
C ILE K 173 -34.42 -40.90 -88.29
N SER K 174 -33.78 -41.21 -89.40
CA SER K 174 -33.82 -40.29 -90.54
C SER K 174 -35.15 -40.37 -91.26
N ASP K 175 -35.61 -41.58 -91.54
CA ASP K 175 -36.71 -41.78 -92.47
C ASP K 175 -37.80 -42.61 -91.82
N LEU K 176 -39.03 -42.15 -91.96
CA LEU K 176 -40.22 -42.91 -91.58
C LEU K 176 -41.21 -42.79 -92.72
N ARG K 177 -41.49 -43.91 -93.39
CA ARG K 177 -42.40 -43.93 -94.52
C ARG K 177 -43.26 -45.18 -94.43
N TRP K 178 -44.40 -45.15 -95.11
CA TRP K 178 -45.27 -46.29 -95.10
C TRP K 178 -45.87 -46.52 -96.48
N LEU K 179 -46.40 -47.73 -96.66
CA LEU K 179 -47.33 -48.04 -97.71
C LEU K 179 -48.64 -48.41 -97.05
N ARG K 180 -49.75 -47.88 -97.56
CA ARG K 180 -51.06 -48.27 -97.07
C ARG K 180 -51.87 -48.76 -98.25
N ASN K 181 -52.78 -49.71 -98.00
CA ASN K 181 -53.56 -50.33 -99.04
C ASN K 181 -55.01 -49.89 -98.85
N ASP K 182 -55.36 -48.76 -99.45
CA ASP K 182 -56.74 -48.29 -99.34
C ASP K 182 -57.64 -48.88 -100.43
N GLY K 183 -57.15 -48.97 -101.65
CA GLY K 183 -57.93 -49.52 -102.74
C GLY K 183 -57.18 -50.62 -103.44
N GLU K 184 -57.93 -51.43 -104.17
CA GLU K 184 -57.34 -52.48 -105.01
C GLU K 184 -56.59 -51.84 -106.16
N LYS K 185 -55.45 -52.45 -106.51
CA LYS K 185 -54.58 -52.11 -107.64
C LYS K 185 -54.02 -50.68 -107.61
N GLN K 186 -54.24 -49.91 -106.55
CA GLN K 186 -53.59 -48.62 -106.41
C GLN K 186 -53.19 -48.42 -104.96
N TRP K 187 -51.92 -48.08 -104.75
CA TRP K 187 -51.36 -47.91 -103.43
C TRP K 187 -50.57 -46.61 -103.41
N VAL K 188 -50.56 -45.95 -102.24
CA VAL K 188 -49.97 -44.64 -102.11
C VAL K 188 -48.76 -44.72 -101.20
N THR K 189 -47.83 -43.79 -101.37
CA THR K 189 -46.51 -43.86 -100.78
C THR K 189 -46.18 -42.56 -100.05
N SER K 190 -46.42 -42.52 -98.75
CA SER K 190 -46.28 -41.30 -97.97
C SER K 190 -44.86 -41.17 -97.42
N ALA K 191 -44.39 -39.92 -97.37
CA ALA K 191 -43.08 -39.60 -96.81
C ALA K 191 -43.21 -38.43 -95.84
N PRO K 192 -43.68 -38.67 -94.61
CA PRO K 192 -43.75 -37.58 -93.64
C PRO K 192 -42.39 -37.18 -93.08
N TRP K 193 -41.54 -38.14 -92.76
CA TRP K 193 -40.26 -37.89 -92.12
C TRP K 193 -39.15 -38.24 -93.10
N ASP K 194 -38.40 -37.23 -93.52
CA ASP K 194 -37.24 -37.41 -94.40
C ASP K 194 -36.12 -36.48 -93.92
N LEU K 195 -35.03 -37.06 -93.42
CA LEU K 195 -33.92 -36.19 -93.02
C LEU K 195 -33.10 -35.71 -94.21
N GLN K 196 -33.09 -36.45 -95.33
CA GLN K 196 -32.22 -36.06 -96.43
C GLN K 196 -32.77 -34.84 -97.16
N ALA K 197 -34.09 -34.66 -97.14
CA ALA K 197 -34.72 -33.41 -97.55
C ALA K 197 -34.98 -32.49 -96.37
N GLN K 198 -34.53 -32.89 -95.17
CA GLN K 198 -34.64 -32.14 -93.91
C GLN K 198 -36.07 -31.82 -93.51
N VAL K 199 -37.05 -32.61 -93.96
CA VAL K 199 -38.43 -32.38 -93.55
C VAL K 199 -38.70 -33.20 -92.29
N SER K 200 -39.37 -32.59 -91.32
CA SER K 200 -39.47 -33.20 -90.01
C SER K 200 -40.81 -33.90 -89.82
N LEU K 201 -40.94 -34.58 -88.69
CA LEU K 201 -42.24 -35.12 -88.28
C LEU K 201 -43.15 -33.96 -87.88
N PRO K 202 -44.17 -33.66 -88.67
CA PRO K 202 -44.82 -32.35 -88.54
C PRO K 202 -46.01 -32.31 -87.59
N SER K 203 -46.28 -31.10 -87.08
CA SER K 203 -47.57 -30.73 -86.48
C SER K 203 -47.87 -31.50 -85.19
N ASP K 204 -46.83 -32.04 -84.57
CA ASP K 204 -46.90 -32.83 -83.32
C ASP K 204 -47.89 -34.00 -83.46
N GLY K 205 -47.53 -34.96 -84.28
CA GLY K 205 -48.39 -36.13 -84.41
C GLY K 205 -48.99 -36.27 -85.79
N ILE K 206 -48.83 -37.46 -86.36
CA ILE K 206 -49.40 -37.76 -87.66
C ILE K 206 -50.20 -39.07 -87.57
N ARG K 207 -51.43 -39.01 -88.07
CA ARG K 207 -52.22 -40.22 -88.26
C ARG K 207 -51.48 -41.18 -89.17
N LEU K 208 -51.09 -42.32 -88.62
CA LEU K 208 -50.44 -43.36 -89.39
C LEU K 208 -51.38 -43.87 -90.48
N PHE K 209 -50.82 -44.04 -91.68
CA PHE K 209 -51.54 -44.41 -92.89
C PHE K 209 -52.70 -43.46 -93.19
N GLY K 210 -52.45 -42.16 -93.03
CA GLY K 210 -53.47 -41.16 -93.29
C GLY K 210 -53.23 -40.41 -94.59
N LYS K 211 -54.16 -39.52 -94.91
CA LYS K 211 -54.09 -38.71 -96.12
C LYS K 211 -53.11 -37.57 -95.89
N THR K 212 -51.86 -37.81 -96.29
CA THR K 212 -50.80 -36.84 -96.00
C THR K 212 -50.67 -35.81 -97.12
N ASN K 213 -51.08 -36.17 -98.34
CA ASN K 213 -50.95 -35.43 -99.61
C ASN K 213 -49.50 -35.27 -100.05
N SER K 214 -48.56 -35.95 -99.40
CA SER K 214 -47.21 -36.13 -99.92
C SER K 214 -47.06 -37.47 -100.63
N ASP K 215 -48.16 -38.17 -100.88
CA ASP K 215 -48.09 -39.48 -101.49
C ASP K 215 -47.93 -39.37 -103.00
N GLN K 216 -47.28 -40.38 -103.58
CA GLN K 216 -47.27 -40.59 -105.01
C GLN K 216 -47.65 -42.05 -105.28
N GLN K 217 -48.54 -42.26 -106.24
CA GLN K 217 -49.02 -43.60 -106.54
C GLN K 217 -47.93 -44.42 -107.20
N VAL K 218 -47.92 -45.72 -106.89
CA VAL K 218 -46.88 -46.59 -107.42
C VAL K 218 -47.26 -47.04 -108.83
N PHE K 219 -46.70 -46.36 -109.82
CA PHE K 219 -47.09 -46.62 -111.21
C PHE K 219 -46.48 -47.92 -111.73
N GLY K 220 -45.46 -48.44 -111.07
CA GLY K 220 -45.00 -49.79 -111.37
C GLY K 220 -45.99 -50.84 -110.91
N GLY K 221 -46.79 -50.51 -109.91
CA GLY K 221 -47.79 -51.40 -109.36
C GLY K 221 -49.23 -50.96 -109.53
N VAL K 222 -49.52 -49.95 -110.35
CA VAL K 222 -50.91 -49.60 -110.62
C VAL K 222 -51.58 -50.71 -111.43
N LEU K 223 -50.84 -51.30 -112.36
CA LEU K 223 -51.13 -52.62 -112.89
C LEU K 223 -50.13 -53.59 -112.29
N ILE K 224 -50.62 -54.72 -111.76
CA ILE K 224 -49.74 -55.68 -111.13
C ILE K 224 -48.89 -56.37 -112.20
N THR K 225 -47.61 -56.57 -111.87
CA THR K 225 -46.66 -57.10 -112.86
C THR K 225 -46.97 -58.56 -113.17
N SER K 226 -46.90 -58.90 -114.46
CA SER K 226 -47.23 -60.23 -114.93
C SER K 226 -46.04 -60.89 -115.61
N MET K 331 -37.16 -53.39 -116.87
CA MET K 331 -37.72 -52.84 -115.64
C MET K 331 -36.93 -53.28 -114.41
N TYR K 332 -36.36 -54.50 -114.50
CA TYR K 332 -35.75 -55.21 -113.37
C TYR K 332 -36.74 -55.32 -112.20
N HIS K 333 -37.98 -55.69 -112.52
CA HIS K 333 -39.05 -56.01 -111.58
C HIS K 333 -39.36 -54.84 -110.63
N LEU K 334 -39.90 -53.77 -111.21
CA LEU K 334 -40.12 -52.53 -110.47
C LEU K 334 -41.22 -52.71 -109.41
N THR K 335 -40.86 -52.39 -108.17
CA THR K 335 -41.70 -52.49 -106.98
C THR K 335 -41.60 -51.10 -106.34
N PRO K 336 -42.36 -50.79 -105.27
CA PRO K 336 -42.10 -49.54 -104.54
C PRO K 336 -40.67 -49.39 -104.02
N PHE K 337 -40.24 -48.12 -103.97
CA PHE K 337 -39.00 -47.67 -103.32
C PHE K 337 -37.74 -48.18 -104.01
N GLY K 338 -37.85 -48.66 -105.24
CA GLY K 338 -36.69 -49.17 -105.95
C GLY K 338 -36.96 -50.49 -106.65
N TYR K 339 -35.93 -51.00 -107.33
CA TYR K 339 -36.07 -52.23 -108.09
C TYR K 339 -35.85 -53.46 -107.21
N SER K 340 -36.72 -54.45 -107.37
CA SER K 340 -36.62 -55.71 -106.64
C SER K 340 -35.99 -56.77 -107.53
N SER K 341 -35.27 -57.70 -106.90
CA SER K 341 -34.61 -58.77 -107.64
C SER K 341 -35.63 -59.74 -108.22
N ASP K 342 -36.53 -60.24 -107.39
CA ASP K 342 -37.48 -61.26 -107.80
C ASP K 342 -38.89 -60.86 -107.35
N ILE K 343 -39.84 -61.78 -107.57
CA ILE K 343 -41.24 -61.52 -107.28
C ILE K 343 -41.46 -61.45 -105.76
N GLU K 344 -42.10 -60.37 -105.32
CA GLU K 344 -42.43 -60.16 -103.93
C GLU K 344 -43.91 -59.82 -103.80
N PRO K 345 -44.61 -60.43 -102.85
CA PRO K 345 -46.05 -60.19 -102.72
C PRO K 345 -46.38 -58.81 -102.16
N LEU K 346 -47.59 -58.36 -102.48
CA LEU K 346 -48.12 -57.07 -102.01
C LEU K 346 -49.46 -57.34 -101.30
N GLU K 347 -49.38 -57.62 -100.00
CA GLU K 347 -50.55 -58.09 -99.27
C GLU K 347 -51.38 -56.92 -98.75
N GLU K 348 -52.63 -57.23 -98.39
CA GLU K 348 -53.58 -56.25 -97.88
C GLU K 348 -53.32 -55.97 -96.39
N ASN K 349 -52.20 -55.29 -96.15
CA ASN K 349 -51.78 -54.91 -94.80
C ASN K 349 -50.99 -53.61 -94.89
N PRO K 350 -51.42 -52.55 -94.21
CA PRO K 350 -50.60 -51.34 -94.14
C PRO K 350 -49.33 -51.59 -93.34
N ALA K 351 -48.22 -51.11 -93.86
CA ALA K 351 -46.92 -51.37 -93.25
C ALA K 351 -46.05 -50.13 -93.37
N LEU K 352 -45.29 -49.85 -92.31
CA LEU K 352 -44.43 -48.67 -92.25
C LEU K 352 -42.98 -49.08 -92.13
N TYR K 353 -42.10 -48.29 -92.75
CA TYR K 353 -40.68 -48.59 -92.85
C TYR K 353 -39.91 -47.48 -92.14
N LEU K 354 -38.94 -47.87 -91.32
CA LEU K 354 -38.13 -46.94 -90.56
C LEU K 354 -36.73 -46.86 -91.17
N GLY K 355 -36.21 -45.64 -91.32
CA GLY K 355 -34.90 -45.45 -91.91
C GLY K 355 -33.83 -45.11 -90.90
N PHE K 356 -32.95 -46.06 -90.62
CA PHE K 356 -31.91 -45.89 -89.62
C PHE K 356 -30.60 -45.47 -90.29
N THR K 357 -29.84 -44.65 -89.56
CA THR K 357 -28.64 -44.01 -90.09
C THR K 357 -27.54 -44.07 -89.05
N ASP K 358 -26.31 -44.28 -89.54
CA ASP K 358 -25.06 -44.14 -88.78
C ASP K 358 -24.99 -45.18 -87.66
N VAL K 359 -25.58 -46.34 -87.91
CA VAL K 359 -25.59 -47.43 -86.95
C VAL K 359 -24.86 -48.62 -87.57
N LYS K 360 -23.95 -49.21 -86.81
CA LYS K 360 -23.21 -50.36 -87.31
C LYS K 360 -23.92 -51.65 -86.91
N PRO K 361 -23.79 -52.72 -87.70
CA PRO K 361 -24.55 -53.95 -87.41
C PRO K 361 -24.20 -54.65 -86.10
N GLY K 362 -23.12 -54.27 -85.42
CA GLY K 362 -22.92 -54.78 -84.07
C GLY K 362 -23.78 -54.07 -83.04
N GLN K 363 -24.15 -52.82 -83.32
CA GLN K 363 -24.76 -51.96 -82.32
C GLN K 363 -26.23 -52.29 -82.13
N THR K 364 -26.79 -51.78 -81.02
CA THR K 364 -28.20 -51.94 -80.69
C THR K 364 -28.91 -50.60 -80.84
N LEU K 365 -30.23 -50.65 -81.00
CA LEU K 365 -31.05 -49.46 -81.13
C LEU K 365 -32.19 -49.53 -80.13
N ALA K 366 -32.49 -48.41 -79.48
CA ALA K 366 -33.51 -48.34 -78.45
C ALA K 366 -34.40 -47.13 -78.70
N LEU K 367 -35.68 -47.40 -78.96
CA LEU K 367 -36.65 -46.34 -79.25
C LEU K 367 -37.63 -46.22 -78.09
N TYR K 368 -38.14 -45.01 -77.89
CA TYR K 368 -39.33 -44.81 -77.06
C TYR K 368 -40.43 -44.26 -77.95
N TRP K 369 -41.49 -45.04 -78.12
CA TRP K 369 -42.64 -44.61 -78.89
C TRP K 369 -43.63 -43.91 -77.96
N LYS K 370 -44.15 -42.78 -78.40
CA LYS K 370 -45.22 -42.09 -77.69
C LYS K 370 -46.49 -42.31 -78.50
N LEU K 371 -47.42 -43.09 -77.96
CA LEU K 371 -48.51 -43.58 -78.78
C LEU K 371 -49.84 -43.37 -78.06
N LYS K 372 -50.85 -43.05 -78.84
CA LYS K 372 -52.25 -43.26 -78.47
C LYS K 372 -52.88 -44.09 -79.58
N SER K 373 -53.03 -45.38 -79.34
CA SER K 373 -53.60 -46.27 -80.32
C SER K 373 -54.99 -46.68 -79.87
N PRO K 374 -55.99 -46.67 -80.75
CA PRO K 374 -57.32 -47.17 -80.36
C PRO K 374 -57.34 -48.64 -80.04
N GLN K 375 -56.98 -49.50 -81.00
CA GLN K 375 -56.89 -50.93 -80.78
C GLN K 375 -55.47 -51.35 -81.07
N GLN K 376 -55.00 -52.41 -80.43
CA GLN K 376 -53.62 -52.80 -80.62
C GLN K 376 -53.46 -53.62 -81.89
N PRO K 377 -52.58 -53.23 -82.80
CA PRO K 377 -52.33 -54.09 -83.96
C PRO K 377 -51.19 -55.07 -83.71
N THR K 378 -51.42 -56.34 -83.98
CA THR K 378 -50.35 -57.31 -83.81
C THR K 378 -49.33 -57.14 -84.92
N VAL K 379 -48.12 -56.74 -84.54
CA VAL K 379 -47.11 -56.32 -85.50
C VAL K 379 -46.03 -57.38 -85.63
N SER K 380 -45.43 -57.45 -86.80
CA SER K 380 -44.26 -58.25 -87.09
C SER K 380 -43.21 -57.38 -87.74
N TRP K 381 -41.95 -57.67 -87.47
CA TRP K 381 -40.86 -56.77 -87.85
C TRP K 381 -39.89 -57.49 -88.77
N TYR K 382 -39.50 -56.80 -89.84
CA TYR K 382 -38.61 -57.35 -90.86
C TYR K 382 -37.46 -56.39 -91.13
N TYR K 383 -36.30 -56.94 -91.49
CA TYR K 383 -35.12 -56.12 -91.76
C TYR K 383 -34.49 -56.47 -93.11
N LEU K 384 -33.76 -55.52 -93.68
CA LEU K 384 -33.10 -55.72 -94.98
C LEU K 384 -31.97 -56.72 -94.90
N ASP K 385 -31.61 -57.27 -96.06
CA ASP K 385 -30.47 -58.16 -96.20
C ASP K 385 -29.73 -57.84 -97.50
N GLN K 386 -28.57 -58.49 -97.68
CA GLN K 386 -27.78 -58.24 -98.87
C GLN K 386 -28.34 -58.95 -100.09
N HIS K 387 -29.14 -60.01 -99.86
CA HIS K 387 -29.80 -60.69 -100.96
C HIS K 387 -31.08 -59.99 -101.40
N ASN K 388 -31.40 -58.84 -100.81
CA ASN K 388 -32.66 -58.11 -100.99
C ASN K 388 -33.87 -59.00 -100.70
N GLN K 389 -33.81 -59.70 -99.58
CA GLN K 389 -34.93 -60.46 -99.05
C GLN K 389 -35.13 -60.06 -97.60
N TRP K 390 -36.36 -59.78 -97.22
CA TRP K 390 -36.64 -59.42 -95.84
C TRP K 390 -36.69 -60.66 -94.96
N ALA K 391 -36.04 -60.57 -93.81
CA ALA K 391 -35.98 -61.67 -92.86
C ALA K 391 -36.71 -61.27 -91.59
N GLU K 392 -37.06 -62.26 -90.77
CA GLU K 392 -37.81 -62.00 -89.55
C GLU K 392 -36.88 -61.42 -88.47
N LEU K 393 -37.38 -60.40 -87.77
CA LEU K 393 -36.62 -59.73 -86.73
C LEU K 393 -37.22 -60.00 -85.34
N ASP K 394 -38.34 -60.72 -85.29
CA ASP K 394 -39.18 -60.75 -84.09
C ASP K 394 -38.53 -61.55 -82.95
N SER K 395 -37.53 -62.38 -83.28
CA SER K 395 -36.76 -63.04 -82.22
C SER K 395 -35.86 -62.05 -81.50
N TRP K 396 -35.49 -60.96 -82.18
CA TRP K 396 -34.55 -60.00 -81.62
C TRP K 396 -35.28 -58.88 -80.90
N VAL K 397 -36.55 -58.68 -81.23
CA VAL K 397 -37.33 -57.62 -80.61
C VAL K 397 -37.81 -58.07 -79.24
N SER K 398 -37.62 -57.21 -78.23
CA SER K 398 -38.16 -57.41 -76.90
C SER K 398 -38.96 -56.17 -76.55
N ASP K 399 -40.24 -56.15 -76.93
CA ASP K 399 -40.99 -54.92 -76.84
C ASP K 399 -41.83 -54.85 -75.57
N GLY K 400 -41.87 -53.67 -74.96
CA GLY K 400 -42.77 -53.35 -73.89
C GLY K 400 -43.93 -52.46 -74.30
N THR K 401 -44.04 -52.14 -75.59
CA THR K 401 -45.14 -51.33 -76.08
C THR K 401 -46.37 -52.15 -76.42
N GLN K 402 -46.32 -53.47 -76.16
CA GLN K 402 -47.44 -54.40 -76.31
C GLN K 402 -48.00 -54.41 -77.73
N ASN K 403 -47.10 -54.62 -78.69
CA ASN K 403 -47.38 -54.53 -80.13
C ASN K 403 -48.01 -53.19 -80.50
N LEU K 404 -47.32 -52.11 -80.13
CA LEU K 404 -47.70 -50.72 -80.39
C LEU K 404 -49.06 -50.36 -79.80
N TYR K 405 -49.39 -50.93 -78.64
CA TYR K 405 -50.62 -50.55 -77.96
C TYR K 405 -50.44 -49.28 -77.15
N GLN K 406 -49.46 -49.27 -76.26
CA GLN K 406 -49.23 -48.17 -75.35
C GLN K 406 -47.88 -47.56 -75.66
N ASP K 407 -47.57 -46.46 -74.97
CA ASP K 407 -46.22 -45.93 -75.03
C ASP K 407 -45.27 -46.84 -74.26
N GLY K 408 -44.07 -47.03 -74.80
CA GLY K 408 -43.13 -47.91 -74.14
C GLY K 408 -41.82 -47.94 -74.89
N THR K 409 -40.79 -48.40 -74.19
CA THR K 409 -39.46 -48.55 -74.74
C THR K 409 -39.29 -49.97 -75.27
N TRP K 410 -38.60 -50.10 -76.40
CA TRP K 410 -38.12 -51.40 -76.86
C TRP K 410 -36.75 -51.27 -77.47
N HIS K 411 -35.86 -52.17 -77.08
CA HIS K 411 -34.47 -52.16 -77.55
C HIS K 411 -34.27 -53.37 -78.43
N VAL K 412 -33.63 -53.15 -79.59
CA VAL K 412 -33.31 -54.21 -80.53
C VAL K 412 -31.85 -54.12 -80.85
N GLU K 413 -31.11 -55.19 -80.54
CA GLU K 413 -29.81 -55.38 -81.15
C GLU K 413 -29.98 -55.57 -82.65
N LEU K 414 -29.40 -54.65 -83.42
CA LEU K 414 -29.55 -54.70 -84.87
C LEU K 414 -28.84 -55.94 -85.38
N PRO K 415 -29.54 -56.81 -86.13
CA PRO K 415 -29.05 -58.18 -86.33
C PRO K 415 -27.84 -58.22 -87.24
N VAL K 416 -27.03 -59.27 -87.05
CA VAL K 416 -25.84 -59.44 -87.87
C VAL K 416 -26.23 -59.76 -89.31
N ASP K 417 -25.35 -59.36 -90.24
CA ASP K 417 -25.53 -59.42 -91.69
C ASP K 417 -26.72 -58.61 -92.16
N ALA K 418 -27.09 -57.57 -91.42
CA ALA K 418 -27.99 -56.56 -91.94
C ALA K 418 -27.20 -55.52 -92.72
N SER K 419 -27.67 -55.22 -93.93
CA SER K 419 -26.84 -54.57 -94.94
C SER K 419 -27.27 -53.14 -95.16
N ASN K 420 -26.29 -52.23 -95.20
CA ASN K 420 -26.57 -50.84 -95.56
C ASN K 420 -26.96 -50.73 -97.03
N GLN K 421 -26.20 -51.37 -97.91
CA GLN K 421 -26.46 -51.33 -99.33
C GLN K 421 -27.41 -52.47 -99.69
N ALA K 422 -28.54 -52.13 -100.31
CA ALA K 422 -29.54 -53.10 -100.70
C ALA K 422 -30.40 -52.50 -101.80
N GLU K 423 -31.02 -53.37 -102.59
CA GLU K 423 -31.94 -52.91 -103.62
C GLU K 423 -33.31 -52.65 -103.01
N GLN K 424 -34.24 -52.23 -103.88
CA GLN K 424 -35.68 -52.00 -103.59
C GLN K 424 -35.95 -50.98 -102.48
N MET K 425 -34.91 -50.33 -101.95
CA MET K 425 -34.97 -49.36 -100.87
C MET K 425 -33.86 -48.35 -101.11
N PRO K 426 -33.89 -47.19 -100.45
CA PRO K 426 -32.74 -46.28 -100.49
C PRO K 426 -31.48 -46.91 -99.92
N VAL K 427 -30.34 -46.58 -100.54
CA VAL K 427 -29.10 -47.31 -100.30
C VAL K 427 -28.35 -46.72 -99.11
N GLY K 428 -28.64 -45.47 -98.76
CA GLY K 428 -27.83 -44.80 -97.74
C GLY K 428 -28.16 -45.23 -96.33
N ARG K 429 -29.38 -45.71 -96.11
CA ARG K 429 -29.89 -45.93 -94.76
C ARG K 429 -30.16 -47.41 -94.54
N TYR K 430 -29.99 -47.86 -93.30
CA TYR K 430 -30.51 -49.16 -92.90
C TYR K 430 -32.01 -49.04 -92.73
N TRP K 431 -32.72 -50.13 -92.98
CA TRP K 431 -34.18 -50.11 -92.96
C TRP K 431 -34.73 -51.24 -92.12
N LEU K 432 -35.79 -50.93 -91.36
CA LEU K 432 -36.59 -51.91 -90.65
C LEU K 432 -38.01 -51.83 -91.16
N ARG K 433 -38.64 -52.98 -91.36
CA ARG K 433 -40.01 -53.07 -91.81
C ARG K 433 -40.89 -53.40 -90.61
N ALA K 434 -42.11 -52.88 -90.61
CA ALA K 434 -43.10 -53.21 -89.59
C ALA K 434 -44.44 -53.44 -90.25
N VAL K 435 -44.92 -54.67 -90.18
CA VAL K 435 -46.20 -55.05 -90.77
C VAL K 435 -47.28 -54.85 -89.72
N VAL K 436 -48.24 -53.99 -90.01
CA VAL K 436 -49.33 -53.71 -89.07
C VAL K 436 -50.55 -54.49 -89.52
N GLU K 437 -51.06 -55.32 -88.61
CA GLU K 437 -52.35 -55.99 -88.77
C GLU K 437 -53.37 -55.18 -87.97
N VAL K 438 -53.98 -54.21 -88.63
CA VAL K 438 -55.01 -53.43 -87.97
C VAL K 438 -56.30 -54.25 -87.90
N PRO K 439 -56.97 -54.32 -86.75
CA PRO K 439 -58.23 -55.08 -86.69
C PRO K 439 -59.34 -54.37 -87.44
N ALA K 440 -60.19 -55.16 -88.09
CA ALA K 440 -61.25 -54.64 -88.94
C ALA K 440 -62.39 -54.11 -88.07
N HIS K 441 -62.63 -52.81 -88.16
CA HIS K 441 -63.72 -52.17 -87.43
C HIS K 441 -64.09 -50.88 -88.14
N GLU K 442 -65.36 -50.52 -88.04
CA GLU K 442 -65.87 -49.33 -88.73
C GLU K 442 -65.62 -48.07 -87.89
N GLY K 443 -65.60 -46.93 -88.58
CA GLY K 443 -65.43 -45.66 -87.93
C GLY K 443 -63.97 -45.24 -87.82
N ALA K 444 -63.76 -44.15 -87.07
CA ALA K 444 -62.40 -43.72 -86.76
C ALA K 444 -61.82 -44.50 -85.58
N LEU K 445 -62.64 -45.35 -84.96
CA LEU K 445 -62.14 -46.26 -83.93
C LEU K 445 -61.25 -47.33 -84.54
N GLY K 446 -61.58 -47.80 -85.73
CA GLY K 446 -60.85 -48.91 -86.31
C GLY K 446 -59.58 -48.51 -87.05
N LYS K 447 -59.18 -47.25 -86.92
CA LYS K 447 -58.01 -46.79 -87.65
C LYS K 447 -56.73 -46.98 -86.84
N ALA K 448 -55.66 -46.36 -87.34
CA ALA K 448 -54.30 -46.64 -86.91
C ALA K 448 -53.96 -45.85 -85.64
N PRO K 449 -52.79 -46.12 -85.01
CA PRO K 449 -52.33 -45.25 -83.92
C PRO K 449 -52.10 -43.80 -84.32
N TRP K 450 -51.96 -42.94 -83.31
CA TRP K 450 -51.95 -41.50 -83.54
C TRP K 450 -50.52 -40.95 -83.57
N LEU K 451 -49.61 -41.56 -82.82
CA LEU K 451 -48.16 -41.33 -82.91
C LEU K 451 -47.79 -39.86 -82.64
N TYR K 452 -47.89 -39.49 -81.36
CA TYR K 452 -47.40 -38.19 -80.90
C TYR K 452 -45.95 -37.96 -81.29
N GLY K 453 -45.11 -39.00 -81.17
CA GLY K 453 -43.75 -38.91 -81.67
C GLY K 453 -42.97 -40.18 -81.44
N LEU K 454 -41.70 -40.12 -81.83
CA LEU K 454 -40.77 -41.23 -81.72
C LEU K 454 -39.36 -40.68 -81.58
N ILE K 455 -38.60 -41.21 -80.63
CA ILE K 455 -37.26 -40.74 -80.33
C ILE K 455 -36.28 -41.90 -80.31
N TYR K 456 -35.06 -41.63 -80.78
CA TYR K 456 -33.99 -42.61 -80.87
C TYR K 456 -33.09 -42.49 -79.66
N ASN K 457 -32.45 -43.62 -79.30
CA ASN K 457 -31.44 -43.73 -78.25
C ASN K 457 -32.04 -43.38 -76.89
N ALA K 458 -33.31 -43.70 -76.73
CA ALA K 458 -34.12 -43.24 -75.60
C ALA K 458 -34.31 -44.35 -74.58
N MET K 459 -34.52 -43.96 -73.33
CA MET K 459 -34.85 -44.87 -72.24
C MET K 459 -35.48 -44.07 -71.12
N THR K 460 -36.47 -44.65 -70.43
CA THR K 460 -37.20 -43.93 -69.41
C THR K 460 -36.35 -43.71 -68.16
N ALA K 461 -36.79 -42.78 -67.31
CA ALA K 461 -36.04 -42.40 -66.12
C ALA K 461 -37.00 -42.07 -64.98
N THR K 462 -36.85 -42.79 -63.88
CA THR K 462 -37.75 -42.68 -62.73
C THR K 462 -37.13 -41.80 -61.65
N LEU K 463 -37.98 -41.26 -60.79
CA LEU K 463 -37.54 -40.38 -59.71
C LEU K 463 -36.75 -41.14 -58.66
N VAL K 464 -35.75 -40.48 -58.08
CA VAL K 464 -34.77 -41.20 -57.28
C VAL K 464 -35.20 -41.28 -55.82
N ASN K 465 -35.29 -40.14 -55.15
CA ASN K 465 -35.60 -40.10 -53.72
C ASN K 465 -36.94 -39.42 -53.53
N VAL K 466 -37.92 -40.16 -53.04
CA VAL K 466 -39.30 -39.70 -53.11
C VAL K 466 -39.73 -39.01 -51.83
N ASP K 467 -38.97 -39.22 -50.74
CA ASP K 467 -39.41 -38.71 -49.44
C ASP K 467 -38.96 -37.27 -49.23
N SER K 468 -37.84 -36.88 -49.85
CA SER K 468 -37.30 -35.56 -49.58
C SER K 468 -38.05 -34.47 -50.33
N ILE K 469 -38.68 -34.84 -51.46
CA ILE K 469 -39.30 -33.83 -52.32
C ILE K 469 -40.63 -33.39 -51.73
N SER K 470 -40.85 -32.08 -51.69
CA SER K 470 -42.07 -31.51 -51.14
C SER K 470 -43.27 -31.79 -52.04
N ASP K 471 -44.44 -31.46 -51.51
CA ASP K 471 -45.69 -31.84 -52.17
C ASP K 471 -46.02 -30.93 -53.35
N SER K 472 -45.29 -29.82 -53.49
CA SER K 472 -45.58 -28.87 -54.56
C SER K 472 -45.17 -29.43 -55.92
N HIS K 473 -44.16 -30.32 -55.95
CA HIS K 473 -43.70 -30.86 -57.21
C HIS K 473 -44.65 -31.93 -57.74
N PHE K 474 -45.27 -32.69 -56.85
CA PHE K 474 -46.08 -33.82 -57.28
C PHE K 474 -47.45 -33.39 -57.80
N LEU K 475 -47.83 -32.14 -57.56
CA LEU K 475 -49.15 -31.64 -57.93
C LEU K 475 -49.35 -31.60 -59.45
N THR K 476 -48.36 -31.07 -60.15
CA THR K 476 -48.37 -31.00 -61.60
C THR K 476 -47.36 -31.99 -62.15
N PRO K 477 -47.56 -32.45 -63.38
CA PRO K 477 -46.43 -33.04 -64.11
C PRO K 477 -45.32 -32.00 -64.29
N LEU K 478 -44.09 -32.48 -64.23
CA LEU K 478 -42.93 -31.64 -64.51
C LEU K 478 -42.99 -31.18 -65.96
N PRO K 479 -42.55 -29.95 -66.26
CA PRO K 479 -42.75 -29.42 -67.62
C PRO K 479 -41.84 -30.07 -68.65
N ALA K 480 -42.22 -29.91 -69.92
CA ALA K 480 -41.46 -30.52 -71.00
C ALA K 480 -40.19 -29.73 -71.27
N SER K 481 -39.20 -30.42 -71.86
CA SER K 481 -37.88 -29.86 -72.20
C SER K 481 -37.18 -29.28 -70.97
N SER K 482 -37.26 -30.00 -69.85
CA SER K 482 -36.73 -29.49 -68.61
C SER K 482 -35.35 -30.07 -68.30
N ILE K 483 -35.23 -31.39 -68.24
CA ILE K 483 -33.94 -32.03 -67.98
C ILE K 483 -33.10 -31.91 -69.25
N GLN K 484 -32.00 -31.19 -69.15
CA GLN K 484 -31.13 -30.89 -70.27
C GLN K 484 -29.69 -31.30 -70.00
N ARG K 485 -29.43 -31.97 -68.89
CA ARG K 485 -28.08 -32.25 -68.43
C ARG K 485 -28.15 -33.37 -67.40
N PRO K 486 -27.08 -34.14 -67.25
CA PRO K 486 -27.01 -35.11 -66.15
C PRO K 486 -26.44 -34.48 -64.88
N VAL K 487 -26.46 -35.27 -63.79
CA VAL K 487 -25.87 -34.80 -62.55
C VAL K 487 -24.35 -34.82 -62.64
N GLU K 488 -23.78 -35.98 -62.93
CA GLU K 488 -22.35 -36.10 -63.13
C GLU K 488 -22.02 -35.76 -64.57
N PRO K 489 -21.07 -34.86 -64.81
CA PRO K 489 -20.80 -34.41 -66.19
C PRO K 489 -20.09 -35.48 -67.00
N ILE K 490 -20.81 -36.04 -67.97
CA ILE K 490 -20.28 -37.01 -68.92
C ILE K 490 -19.88 -36.23 -70.17
N ILE K 491 -18.58 -36.19 -70.45
CA ILE K 491 -17.99 -35.21 -71.36
C ILE K 491 -18.29 -35.55 -72.82
N VAL K 492 -18.48 -36.83 -73.12
CA VAL K 492 -18.67 -37.23 -74.50
C VAL K 492 -20.15 -37.09 -74.88
N LEU K 493 -21.00 -36.93 -73.88
CA LEU K 493 -22.40 -36.63 -74.14
C LEU K 493 -22.57 -35.22 -74.67
N ALA K 494 -23.43 -35.06 -75.65
CA ALA K 494 -23.73 -33.75 -76.22
C ALA K 494 -24.96 -33.13 -75.55
N SER K 495 -26.09 -33.81 -75.59
CA SER K 495 -27.31 -33.30 -75.00
C SER K 495 -28.27 -34.44 -74.70
N VAL K 496 -29.06 -34.27 -73.64
CA VAL K 496 -30.26 -35.05 -73.41
C VAL K 496 -31.42 -34.11 -73.66
N ASN K 497 -32.61 -34.66 -73.83
CA ASN K 497 -33.83 -33.86 -73.93
C ASN K 497 -35.04 -34.73 -73.64
N GLN K 498 -36.06 -34.11 -73.08
CA GLN K 498 -37.37 -34.74 -72.98
C GLN K 498 -38.34 -33.98 -73.89
N PRO K 499 -38.92 -34.62 -74.90
CA PRO K 499 -39.99 -33.93 -75.62
C PRO K 499 -41.28 -33.89 -74.84
N TRP K 500 -41.64 -34.98 -74.18
CA TRP K 500 -42.79 -35.04 -73.29
C TRP K 500 -42.31 -35.35 -71.90
N ALA K 501 -43.16 -35.09 -70.89
CA ALA K 501 -42.66 -35.09 -69.53
C ALA K 501 -43.67 -35.57 -68.52
N SER K 502 -43.22 -36.55 -67.73
CA SER K 502 -43.71 -36.82 -66.37
C SER K 502 -45.17 -37.24 -66.32
N TRP K 503 -45.49 -38.36 -66.94
CA TRP K 503 -46.77 -39.01 -66.66
C TRP K 503 -46.69 -39.72 -65.32
N GLY K 504 -47.84 -39.98 -64.72
CA GLY K 504 -47.91 -40.75 -63.51
C GLY K 504 -47.36 -40.02 -62.30
N GLY K 505 -47.25 -40.74 -61.21
CA GLY K 505 -46.79 -40.15 -59.97
C GLY K 505 -47.91 -39.40 -59.27
N ARG K 506 -48.04 -39.66 -57.97
CA ARG K 506 -49.15 -39.11 -57.21
C ARG K 506 -48.63 -38.50 -55.92
N ILE K 507 -49.46 -37.69 -55.31
CA ILE K 507 -49.17 -36.97 -54.08
C ILE K 507 -49.01 -37.97 -52.93
N PRO K 508 -48.20 -37.69 -51.92
CA PRO K 508 -48.37 -38.40 -50.66
C PRO K 508 -49.70 -38.03 -50.03
N GLU K 509 -50.29 -38.97 -49.31
CA GLU K 509 -51.69 -38.84 -48.93
C GLU K 509 -51.88 -37.81 -47.83
N SER K 510 -52.80 -36.89 -48.06
CA SER K 510 -53.25 -35.94 -47.04
C SER K 510 -54.26 -36.64 -46.14
N TYR K 511 -54.45 -36.08 -44.95
CA TYR K 511 -55.30 -36.74 -43.96
C TYR K 511 -56.78 -36.62 -44.32
N SER K 512 -57.12 -35.72 -45.24
CA SER K 512 -58.48 -35.67 -45.74
C SER K 512 -58.74 -36.78 -46.74
N ALA K 513 -57.79 -36.99 -47.67
CA ALA K 513 -57.99 -37.98 -48.72
C ALA K 513 -57.67 -39.38 -48.23
N PHE K 514 -56.87 -39.50 -47.16
CA PHE K 514 -56.63 -40.79 -46.56
C PHE K 514 -57.88 -41.29 -45.85
N PHE K 515 -58.68 -40.38 -45.31
CA PHE K 515 -59.90 -40.79 -44.65
C PHE K 515 -60.97 -41.21 -45.65
N GLU K 516 -61.00 -40.57 -46.82
CA GLU K 516 -61.95 -40.97 -47.85
C GLU K 516 -61.58 -42.32 -48.45
N ARG K 517 -60.27 -42.63 -48.49
CA ARG K 517 -59.82 -43.90 -49.04
C ARG K 517 -60.21 -45.07 -48.15
N ILE K 518 -60.07 -44.90 -46.82
CA ILE K 518 -60.38 -45.98 -45.91
C ILE K 518 -61.89 -46.07 -45.68
N ALA K 519 -62.62 -44.97 -45.89
CA ALA K 519 -64.07 -45.03 -45.79
C ALA K 519 -64.67 -45.81 -46.95
N GLN K 520 -63.95 -45.88 -48.07
CA GLN K 520 -64.42 -46.72 -49.17
C GLN K 520 -64.14 -48.19 -48.90
N ASN K 521 -62.97 -48.49 -48.30
CA ASN K 521 -62.60 -49.88 -48.05
C ASN K 521 -63.46 -50.52 -46.98
N LEU K 522 -64.06 -49.72 -46.10
CA LEU K 522 -64.94 -50.30 -45.09
C LEU K 522 -66.38 -50.35 -45.57
N SER K 523 -66.68 -49.71 -46.70
CA SER K 523 -68.04 -49.74 -47.20
C SER K 523 -68.28 -50.95 -48.08
N HIS K 524 -67.43 -51.17 -49.09
CA HIS K 524 -67.61 -52.27 -50.01
C HIS K 524 -66.70 -53.45 -49.75
N ARG K 525 -65.55 -53.24 -49.11
CA ARG K 525 -64.62 -54.29 -48.66
C ARG K 525 -64.09 -55.13 -49.81
N ASN K 526 -63.88 -54.46 -50.95
CA ASN K 526 -63.23 -55.01 -52.15
C ASN K 526 -64.01 -56.18 -52.74
N ARG K 527 -65.32 -56.17 -52.57
CA ARG K 527 -66.23 -57.04 -53.30
C ARG K 527 -67.34 -56.18 -53.89
N SER K 528 -67.59 -56.33 -55.18
CA SER K 528 -68.63 -55.56 -55.86
C SER K 528 -69.92 -56.37 -55.80
N LEU K 529 -70.66 -56.21 -54.71
CA LEU K 529 -71.87 -56.99 -54.51
C LEU K 529 -73.14 -56.25 -54.88
N THR K 530 -73.17 -54.92 -54.82
CA THR K 530 -74.38 -54.16 -55.07
C THR K 530 -74.17 -53.20 -56.22
N TRP K 531 -75.23 -52.46 -56.56
CA TRP K 531 -75.12 -51.49 -57.66
C TRP K 531 -74.20 -50.35 -57.29
N GLY K 532 -74.28 -49.88 -56.05
CA GLY K 532 -73.41 -48.79 -55.64
C GLY K 532 -71.95 -49.21 -55.60
N ASN K 533 -71.70 -50.44 -55.17
CA ASN K 533 -70.32 -50.92 -55.06
C ASN K 533 -69.70 -51.14 -56.43
N MET K 534 -70.51 -51.40 -57.45
CA MET K 534 -69.98 -51.50 -58.80
C MET K 534 -69.63 -50.13 -59.36
N VAL K 535 -70.29 -49.09 -58.85
CA VAL K 535 -70.08 -47.75 -59.40
C VAL K 535 -68.78 -47.14 -58.88
N THR K 536 -68.50 -47.28 -57.59
CA THR K 536 -67.25 -46.70 -57.08
C THR K 536 -66.04 -47.56 -57.42
N LEU K 537 -66.18 -48.89 -57.44
CA LEU K 537 -65.02 -49.76 -57.64
C LEU K 537 -64.47 -49.66 -59.05
N LEU K 538 -65.28 -49.21 -60.00
CA LEU K 538 -64.73 -48.89 -61.32
C LEU K 538 -64.10 -47.51 -61.32
N LYS K 539 -64.57 -46.61 -60.47
CA LYS K 539 -64.20 -45.20 -60.61
C LYS K 539 -62.87 -44.91 -59.93
N GLU K 540 -62.51 -45.66 -58.89
CA GLU K 540 -61.26 -45.38 -58.20
C GLU K 540 -60.07 -45.97 -58.95
N ARG K 541 -60.24 -47.18 -59.49
CA ARG K 541 -59.13 -47.86 -60.13
C ARG K 541 -58.81 -47.28 -61.49
N TYR K 542 -59.82 -47.03 -62.32
CA TYR K 542 -59.62 -46.59 -63.69
C TYR K 542 -59.60 -45.07 -63.73
N VAL K 543 -58.60 -44.51 -64.40
CA VAL K 543 -58.53 -43.06 -64.53
C VAL K 543 -59.23 -42.60 -65.80
N SER K 544 -59.47 -43.53 -66.73
CA SER K 544 -60.11 -43.17 -67.99
C SER K 544 -61.59 -42.91 -67.79
N ILE K 545 -62.18 -43.48 -66.74
CA ILE K 545 -63.60 -43.34 -66.49
C ILE K 545 -63.92 -41.94 -66.00
N PHE K 546 -64.80 -41.25 -66.71
CA PHE K 546 -65.38 -40.03 -66.16
C PHE K 546 -66.44 -40.36 -65.14
N ASP K 547 -67.49 -41.08 -65.55
CA ASP K 547 -68.53 -41.52 -64.66
C ASP K 547 -69.10 -42.84 -65.14
N VAL K 548 -69.82 -43.50 -64.25
CA VAL K 548 -70.72 -44.60 -64.56
C VAL K 548 -72.09 -44.21 -64.05
N LYS K 549 -73.12 -44.51 -64.82
CA LYS K 549 -74.49 -44.30 -64.39
C LYS K 549 -75.18 -45.64 -64.31
N TYR K 550 -76.01 -45.82 -63.29
CA TYR K 550 -76.73 -47.07 -63.14
C TYR K 550 -77.80 -47.22 -64.22
N PRO K 551 -78.20 -48.44 -64.53
CA PRO K 551 -79.36 -48.64 -65.43
C PRO K 551 -80.71 -48.41 -64.75
N GLY K 552 -80.94 -47.16 -64.37
CA GLY K 552 -82.29 -46.64 -64.18
C GLY K 552 -83.14 -47.14 -63.03
N ASN K 553 -84.37 -46.65 -63.01
CA ASN K 553 -85.30 -46.96 -61.93
C ASN K 553 -86.33 -48.01 -62.36
N ASP K 554 -86.82 -47.92 -63.61
CA ASP K 554 -87.90 -48.79 -64.02
C ASP K 554 -87.37 -50.18 -64.36
N GLU K 555 -86.08 -50.25 -64.68
CA GLU K 555 -85.50 -51.48 -65.21
C GLU K 555 -85.42 -52.56 -64.13
N LEU K 556 -85.10 -52.17 -62.90
CA LEU K 556 -84.86 -53.15 -61.86
C LEU K 556 -86.16 -53.67 -61.25
N THR K 557 -87.30 -53.11 -61.67
CA THR K 557 -88.56 -53.50 -61.04
C THR K 557 -89.44 -54.29 -62.01
N ARG K 558 -89.19 -54.20 -63.32
CA ARG K 558 -89.99 -54.98 -64.26
C ARG K 558 -89.51 -56.43 -64.30
N VAL K 559 -88.22 -56.63 -64.55
CA VAL K 559 -87.36 -57.81 -64.35
C VAL K 559 -88.02 -59.17 -64.51
N PRO K 560 -88.34 -59.60 -65.74
CA PRO K 560 -88.75 -61.00 -65.93
C PRO K 560 -87.53 -61.92 -66.04
N ALA K 561 -86.84 -62.07 -64.91
CA ALA K 561 -85.61 -62.86 -64.75
C ALA K 561 -84.52 -62.44 -65.72
N LEU K 562 -84.05 -61.20 -65.58
CA LEU K 562 -82.91 -60.73 -66.37
C LEU K 562 -81.64 -60.95 -65.55
N GLU K 563 -80.83 -61.92 -65.99
CA GLU K 563 -79.56 -62.15 -65.32
C GLU K 563 -78.53 -61.10 -65.69
N GLN K 564 -78.46 -60.74 -66.97
CA GLN K 564 -77.39 -59.88 -67.47
C GLN K 564 -77.62 -58.43 -67.06
N GLN K 565 -76.59 -57.84 -66.46
CA GLN K 565 -76.61 -56.43 -66.10
C GLN K 565 -75.53 -55.71 -66.89
N GLN K 566 -75.83 -54.48 -67.32
CA GLN K 566 -75.01 -53.76 -68.28
C GLN K 566 -74.72 -52.37 -67.75
N LEU K 567 -73.54 -52.19 -67.14
CA LEU K 567 -73.09 -50.90 -66.67
C LEU K 567 -72.66 -50.07 -67.87
N THR K 568 -73.12 -48.82 -67.92
CA THR K 568 -72.82 -47.96 -69.05
C THR K 568 -71.76 -46.94 -68.60
N VAL K 569 -70.54 -47.13 -69.06
CA VAL K 569 -69.44 -46.27 -68.65
C VAL K 569 -69.32 -45.12 -69.65
N ILE K 570 -69.04 -43.93 -69.15
CA ILE K 570 -68.77 -42.81 -70.04
C ILE K 570 -67.42 -42.22 -69.66
N PRO K 571 -66.48 -42.14 -70.59
CA PRO K 571 -65.11 -41.78 -70.22
C PRO K 571 -64.83 -40.30 -70.38
N ALA K 572 -63.65 -39.90 -69.90
CA ALA K 572 -63.21 -38.53 -70.03
C ALA K 572 -62.67 -38.27 -71.43
N ASN K 573 -62.41 -37.00 -71.72
CA ASN K 573 -61.80 -36.65 -73.00
C ASN K 573 -60.30 -36.89 -72.99
N ARG K 574 -59.71 -37.17 -71.83
CA ARG K 574 -58.29 -37.47 -71.75
C ARG K 574 -57.97 -38.81 -72.38
N TYR K 575 -58.84 -39.80 -72.18
CA TYR K 575 -58.62 -41.15 -72.68
C TYR K 575 -59.87 -41.60 -73.44
N ASN K 576 -59.93 -41.28 -74.73
CA ASN K 576 -60.95 -41.82 -75.62
C ASN K 576 -60.30 -42.22 -76.94
N ASP K 577 -60.68 -43.39 -77.44
CA ASP K 577 -60.03 -43.92 -78.63
C ASP K 577 -60.68 -43.41 -79.91
N SER K 578 -62.01 -43.35 -79.92
CA SER K 578 -62.73 -42.86 -81.09
C SER K 578 -62.57 -41.34 -81.21
N ASP K 579 -62.39 -40.86 -82.44
CA ASP K 579 -62.20 -39.43 -82.67
C ASP K 579 -63.55 -38.72 -82.75
N ASP K 580 -64.13 -38.54 -81.57
CA ASP K 580 -65.31 -37.69 -81.38
C ASP K 580 -65.19 -37.04 -80.02
N SER K 581 -65.23 -35.72 -79.99
CA SER K 581 -65.05 -35.00 -78.73
C SER K 581 -66.27 -35.15 -77.84
N LEU K 582 -67.47 -35.04 -78.41
CA LEU K 582 -68.67 -35.10 -77.60
C LEU K 582 -69.06 -36.54 -77.26
N ARG K 583 -68.68 -37.49 -78.10
CA ARG K 583 -69.06 -38.89 -77.90
C ARG K 583 -67.83 -39.75 -77.67
N PRO K 584 -67.39 -39.93 -76.43
CA PRO K 584 -66.16 -40.70 -76.21
C PRO K 584 -66.40 -42.19 -76.07
N VAL K 585 -65.63 -42.99 -76.82
CA VAL K 585 -65.80 -44.44 -76.90
C VAL K 585 -64.48 -45.10 -76.54
N LEU K 586 -64.53 -46.20 -75.80
CA LEU K 586 -63.36 -47.05 -75.62
C LEU K 586 -63.31 -48.12 -76.68
N ASN K 587 -62.14 -48.70 -76.87
CA ASN K 587 -62.05 -49.89 -77.69
C ASN K 587 -62.58 -51.09 -76.91
N PRO K 588 -63.23 -52.04 -77.57
CA PRO K 588 -63.93 -53.10 -76.83
C PRO K 588 -63.02 -54.10 -76.13
N ALA K 589 -61.72 -54.11 -76.43
CA ALA K 589 -60.82 -55.05 -75.77
C ALA K 589 -60.55 -54.62 -74.33
N ARG K 590 -60.18 -53.36 -74.12
CA ARG K 590 -59.98 -52.88 -72.75
C ARG K 590 -61.31 -52.62 -72.06
N LEU K 591 -62.38 -52.48 -72.84
CA LEU K 591 -63.72 -52.38 -72.25
C LEU K 591 -64.17 -53.72 -71.70
N GLN K 592 -63.75 -54.81 -72.34
CA GLN K 592 -64.07 -56.15 -71.85
C GLN K 592 -63.21 -56.47 -70.62
N GLU K 593 -62.02 -55.88 -70.55
CA GLU K 593 -61.10 -56.14 -69.44
C GLU K 593 -61.59 -55.50 -68.14
N MET K 594 -62.42 -54.46 -68.24
CA MET K 594 -63.05 -53.92 -67.04
C MET K 594 -64.10 -54.85 -66.49
N ALA K 595 -64.74 -55.63 -67.35
CA ALA K 595 -65.71 -56.62 -66.89
C ALA K 595 -65.00 -57.79 -66.23
N ASP K 596 -63.83 -58.15 -66.77
CA ASP K 596 -63.08 -59.30 -66.27
C ASP K 596 -62.47 -58.99 -64.91
N TRP K 597 -62.18 -57.72 -64.64
CA TRP K 597 -61.76 -57.29 -63.30
C TRP K 597 -62.91 -57.38 -62.32
N LEU K 598 -64.11 -57.02 -62.77
CA LEU K 598 -65.24 -56.92 -61.86
C LEU K 598 -65.97 -58.24 -61.74
N GLN K 599 -65.63 -59.22 -62.58
CA GLN K 599 -66.21 -60.54 -62.47
C GLN K 599 -65.68 -61.28 -61.25
N GLN K 600 -64.42 -61.01 -60.88
CA GLN K 600 -63.86 -61.63 -59.69
C GLN K 600 -64.51 -61.10 -58.42
N LYS K 601 -64.78 -59.81 -58.37
CA LYS K 601 -65.37 -59.23 -57.17
C LYS K 601 -66.84 -59.60 -57.04
N ASP K 602 -67.52 -59.78 -58.17
CA ASP K 602 -68.95 -60.02 -58.16
C ASP K 602 -69.27 -61.47 -57.84
N SER K 603 -70.56 -61.77 -57.74
CA SER K 603 -71.02 -63.15 -57.63
C SER K 603 -70.73 -63.90 -58.92
N PRO K 604 -70.49 -65.22 -58.83
CA PRO K 604 -70.29 -66.01 -60.05
C PRO K 604 -71.52 -66.08 -60.93
N TRP K 605 -72.71 -65.94 -60.35
CA TRP K 605 -73.91 -65.95 -61.17
C TRP K 605 -74.13 -64.60 -61.84
N ALA K 606 -73.46 -63.57 -61.36
CA ALA K 606 -73.61 -62.25 -61.96
C ALA K 606 -72.75 -62.13 -63.20
N SER K 607 -73.39 -62.20 -64.36
CA SER K 607 -72.73 -61.96 -65.63
C SER K 607 -72.75 -60.46 -65.88
N ILE K 608 -71.64 -59.80 -65.55
CA ILE K 608 -71.54 -58.34 -65.59
C ILE K 608 -70.58 -57.97 -66.71
N GLU K 609 -71.01 -57.05 -67.57
CA GLU K 609 -70.13 -56.51 -68.60
C GLU K 609 -70.44 -55.04 -68.83
N VAL K 610 -69.41 -54.27 -69.15
CA VAL K 610 -69.47 -52.82 -69.29
C VAL K 610 -69.56 -52.50 -70.78
N ARG K 611 -70.34 -51.49 -71.12
CA ARG K 611 -70.42 -51.01 -72.50
C ARG K 611 -70.46 -49.50 -72.54
N ASN K 612 -70.22 -48.95 -73.73
CA ASN K 612 -70.49 -47.55 -73.95
C ASN K 612 -71.95 -47.36 -74.32
N PRO K 613 -72.61 -46.32 -73.83
CA PRO K 613 -74.03 -46.14 -74.17
C PRO K 613 -74.19 -45.41 -75.50
N GLU K 614 -75.25 -45.77 -76.22
CA GLU K 614 -75.59 -45.01 -77.42
C GLU K 614 -76.12 -43.64 -77.02
N TYR K 615 -75.74 -42.64 -77.80
CA TYR K 615 -75.97 -41.24 -77.45
C TYR K 615 -77.21 -40.73 -78.16
N LEU K 616 -78.26 -40.43 -77.40
CA LEU K 616 -79.39 -39.71 -77.95
C LEU K 616 -79.06 -38.24 -78.12
N ASP K 617 -79.50 -37.67 -79.22
CA ASP K 617 -79.33 -36.24 -79.50
C ASP K 617 -80.63 -35.52 -79.26
N VAL K 618 -80.65 -34.62 -78.27
CA VAL K 618 -81.79 -33.76 -78.02
C VAL K 618 -81.45 -32.37 -78.53
N LYS K 619 -82.23 -31.90 -79.50
CA LYS K 619 -81.96 -30.61 -80.13
C LYS K 619 -82.77 -29.53 -79.45
N ILE K 620 -82.27 -28.30 -79.48
CA ILE K 620 -83.02 -27.14 -79.03
C ILE K 620 -82.89 -26.06 -80.08
N HIS K 621 -83.98 -25.34 -80.32
CA HIS K 621 -84.00 -24.18 -81.19
C HIS K 621 -84.55 -23.00 -80.39
N TYR K 622 -83.66 -22.19 -79.84
CA TYR K 622 -84.10 -21.13 -78.95
C TYR K 622 -83.85 -19.78 -79.59
N GLU K 623 -84.72 -18.83 -79.25
CA GLU K 623 -84.53 -17.43 -79.59
C GLU K 623 -84.33 -16.65 -78.30
N VAL K 624 -83.43 -15.69 -78.33
CA VAL K 624 -82.94 -15.03 -77.12
C VAL K 624 -82.50 -13.61 -77.46
N ILE K 625 -82.95 -12.65 -76.67
CA ILE K 625 -82.58 -11.25 -76.86
C ILE K 625 -81.43 -10.92 -75.91
N PHE K 626 -80.42 -10.25 -76.44
CA PHE K 626 -79.15 -10.08 -75.74
C PHE K 626 -79.03 -8.67 -75.16
N LYS K 627 -77.81 -8.34 -74.73
CA LYS K 627 -77.45 -7.00 -74.29
C LYS K 627 -77.64 -5.99 -75.43
N PRO K 628 -77.84 -4.71 -75.10
CA PRO K 628 -78.06 -3.71 -76.17
C PRO K 628 -76.85 -3.45 -77.07
N ASP K 629 -75.63 -3.78 -76.62
CA ASP K 629 -74.42 -3.41 -77.35
C ASP K 629 -73.54 -4.64 -77.60
N VAL K 630 -74.14 -5.70 -78.15
CA VAL K 630 -73.38 -6.88 -78.57
C VAL K 630 -73.97 -7.40 -79.87
N ASN K 631 -73.11 -7.96 -80.72
CA ASN K 631 -73.59 -8.66 -81.91
C ASN K 631 -74.03 -10.07 -81.51
N GLU K 632 -75.14 -10.51 -82.10
CA GLU K 632 -75.79 -11.74 -81.63
C GLU K 632 -75.05 -12.99 -82.08
N ASP K 633 -74.34 -12.92 -83.20
CA ASP K 633 -73.61 -14.08 -83.70
C ASP K 633 -72.41 -14.39 -82.80
N PHE K 634 -71.75 -13.35 -82.29
CA PHE K 634 -70.78 -13.55 -81.21
C PHE K 634 -71.50 -13.94 -79.93
N GLY K 635 -72.73 -13.48 -79.75
CA GLY K 635 -73.49 -13.85 -78.57
C GLY K 635 -74.06 -15.25 -78.62
N TYR K 636 -74.39 -15.72 -79.83
CA TYR K 636 -74.86 -17.10 -79.97
C TYR K 636 -73.73 -18.09 -79.73
N ARG K 637 -72.56 -17.80 -80.29
CA ARG K 637 -71.45 -18.75 -80.24
C ARG K 637 -70.88 -18.85 -78.83
N GLN K 638 -70.80 -17.72 -78.14
CA GLN K 638 -70.23 -17.71 -76.79
C GLN K 638 -71.16 -18.41 -75.80
N LEU K 639 -72.47 -18.20 -75.95
CA LEU K 639 -73.44 -18.84 -75.07
C LEU K 639 -73.51 -20.34 -75.33
N GLN K 640 -73.19 -20.75 -76.56
CA GLN K 640 -73.27 -22.17 -76.90
C GLN K 640 -72.14 -22.97 -76.25
N GLN K 641 -71.00 -22.32 -75.99
CA GLN K 641 -69.84 -23.03 -75.45
C GLN K 641 -70.05 -23.40 -73.99
N GLN K 642 -70.63 -22.48 -73.20
CA GLN K 642 -70.87 -22.81 -71.79
C GLN K 642 -72.06 -23.74 -71.64
N LEU K 643 -73.00 -23.69 -72.59
CA LEU K 643 -74.09 -24.65 -72.59
C LEU K 643 -73.60 -26.03 -73.00
N CYS K 644 -72.60 -26.08 -73.88
CA CYS K 644 -71.97 -27.35 -74.23
C CYS K 644 -71.15 -27.88 -73.07
N GLU K 645 -70.64 -26.98 -72.22
CA GLU K 645 -69.76 -27.41 -71.14
C GLU K 645 -70.53 -28.03 -69.99
N VAL K 646 -71.64 -27.42 -69.58
CA VAL K 646 -72.31 -27.83 -68.35
C VAL K 646 -73.00 -29.17 -68.53
N TYR K 647 -73.67 -29.36 -69.65
CA TYR K 647 -74.41 -30.60 -69.89
C TYR K 647 -73.60 -31.66 -70.63
N MET K 648 -72.38 -31.33 -71.05
CA MET K 648 -71.40 -32.34 -71.45
C MET K 648 -70.07 -32.03 -70.76
N PRO K 649 -69.96 -32.32 -69.46
CA PRO K 649 -68.73 -31.96 -68.75
C PRO K 649 -67.54 -32.82 -69.10
N TRP K 650 -67.78 -33.98 -69.72
CA TRP K 650 -66.67 -34.82 -70.14
C TRP K 650 -65.99 -34.26 -71.39
N SER K 651 -66.65 -33.35 -72.11
CA SER K 651 -66.13 -32.88 -73.38
C SER K 651 -64.93 -31.97 -73.19
N ILE K 652 -64.99 -31.09 -72.19
CA ILE K 652 -63.89 -30.15 -71.98
C ILE K 652 -62.78 -30.84 -71.19
N ASP K 653 -61.56 -30.73 -71.70
CA ASP K 653 -60.40 -31.40 -71.13
C ASP K 653 -60.05 -30.80 -69.77
N GLU K 654 -59.43 -31.64 -68.92
CA GLU K 654 -59.02 -31.31 -67.54
C GLU K 654 -60.24 -30.90 -66.71
N GLN K 655 -61.18 -31.83 -66.53
CA GLN K 655 -62.35 -31.62 -65.70
C GLN K 655 -62.42 -32.72 -64.66
N ARG K 656 -62.65 -32.34 -63.40
CA ARG K 656 -62.88 -33.33 -62.37
C ARG K 656 -64.21 -34.05 -62.62
N PRO K 657 -64.32 -35.34 -62.29
CA PRO K 657 -65.59 -36.05 -62.50
C PRO K 657 -66.65 -35.58 -61.52
N VAL K 658 -67.69 -34.94 -62.05
CA VAL K 658 -68.80 -34.45 -61.25
C VAL K 658 -70.02 -35.33 -61.52
N VAL K 659 -70.71 -35.72 -60.45
CA VAL K 659 -71.84 -36.64 -60.60
C VAL K 659 -73.03 -35.87 -61.15
N LEU K 660 -73.63 -36.40 -62.21
CA LEU K 660 -74.68 -35.70 -62.94
C LEU K 660 -75.69 -36.73 -63.41
N ASN K 661 -76.97 -36.40 -63.28
CA ASN K 661 -78.03 -37.35 -63.53
C ASN K 661 -78.31 -37.50 -65.02
N ASN K 662 -79.14 -38.48 -65.36
CA ASN K 662 -79.55 -38.69 -66.75
C ASN K 662 -80.58 -37.66 -67.18
N SER K 663 -81.42 -37.22 -66.24
CA SER K 663 -82.47 -36.27 -66.56
C SER K 663 -81.91 -34.88 -66.73
N ILE K 664 -82.36 -34.18 -67.77
CA ILE K 664 -82.18 -32.74 -67.89
C ILE K 664 -83.56 -32.09 -67.69
N ASN K 665 -83.62 -31.10 -66.83
CA ASN K 665 -84.88 -30.44 -66.55
C ASN K 665 -85.12 -29.30 -67.54
N TYR K 666 -86.38 -29.08 -67.89
CA TYR K 666 -86.72 -28.01 -68.82
C TYR K 666 -86.48 -26.64 -68.20
N PHE K 667 -86.75 -26.49 -66.91
CA PHE K 667 -86.64 -25.19 -66.27
C PHE K 667 -85.23 -24.96 -65.73
N GLN K 668 -84.56 -26.03 -65.29
CA GLN K 668 -83.18 -25.88 -64.85
C GLN K 668 -82.26 -25.65 -66.04
N LEU K 669 -82.66 -26.12 -67.22
CA LEU K 669 -82.00 -25.68 -68.46
C LEU K 669 -82.27 -24.20 -68.70
N LEU K 670 -83.52 -23.77 -68.51
CA LEU K 670 -83.89 -22.39 -68.83
C LEU K 670 -83.26 -21.41 -67.85
N ALA K 671 -83.05 -21.84 -66.61
CA ALA K 671 -82.37 -21.00 -65.64
C ALA K 671 -80.87 -20.95 -65.92
N THR K 672 -80.30 -22.04 -66.42
CA THR K 672 -78.86 -22.10 -66.68
C THR K 672 -78.48 -21.20 -67.85
N ILE K 673 -79.41 -20.99 -68.78
CA ILE K 673 -79.19 -20.00 -69.84
C ILE K 673 -79.19 -18.59 -69.25
N GLN K 674 -79.98 -18.37 -68.19
CA GLN K 674 -80.14 -17.01 -67.65
C GLN K 674 -78.95 -16.55 -66.82
N GLN K 675 -78.08 -17.46 -66.38
CA GLN K 675 -76.98 -17.02 -65.52
C GLN K 675 -75.75 -16.65 -66.32
N GLN K 676 -75.82 -16.67 -67.63
CA GLN K 676 -74.71 -16.16 -68.42
C GLN K 676 -74.67 -14.64 -68.32
N PRO K 677 -73.48 -14.02 -68.33
CA PRO K 677 -73.44 -12.56 -68.10
C PRO K 677 -73.92 -11.77 -69.29
N LEU K 678 -73.99 -12.38 -70.47
CA LEU K 678 -74.32 -11.65 -71.68
C LEU K 678 -75.79 -11.80 -72.03
N VAL K 679 -76.50 -12.74 -71.39
CA VAL K 679 -77.90 -12.94 -71.70
C VAL K 679 -78.73 -11.84 -71.03
N GLU K 680 -79.88 -11.54 -71.61
CA GLU K 680 -80.87 -10.66 -71.00
C GLU K 680 -82.19 -11.38 -70.77
N ARG K 681 -82.72 -12.02 -71.82
CA ARG K 681 -84.02 -12.66 -71.79
C ARG K 681 -84.09 -13.63 -72.96
N VAL K 682 -84.68 -14.79 -72.70
CA VAL K 682 -84.93 -15.78 -73.75
C VAL K 682 -86.42 -15.77 -74.04
N THR K 683 -86.80 -16.25 -75.24
CA THR K 683 -88.21 -16.35 -75.54
C THR K 683 -88.71 -17.77 -75.34
N ARG K 684 -88.17 -18.72 -76.08
CA ARG K 684 -88.68 -20.09 -76.03
C ARG K 684 -87.50 -21.03 -76.17
N LEU K 685 -87.72 -22.30 -75.82
CA LEU K 685 -86.63 -23.27 -75.89
C LEU K 685 -86.81 -24.26 -77.03
N THR K 686 -88.02 -24.83 -77.15
CA THR K 686 -88.36 -25.87 -78.13
C THR K 686 -87.43 -27.08 -78.03
N LEU K 687 -87.54 -27.80 -76.91
CA LEU K 687 -86.85 -29.08 -76.76
C LEU K 687 -87.30 -30.07 -77.83
N HIS K 688 -86.33 -30.59 -78.57
CA HIS K 688 -86.59 -31.38 -79.77
C HIS K 688 -85.79 -32.68 -79.67
N ARG K 689 -86.39 -33.68 -79.05
CA ARG K 689 -85.77 -35.00 -78.94
C ARG K 689 -85.83 -35.73 -80.27
N ALA K 690 -84.73 -36.39 -80.64
CA ALA K 690 -84.70 -37.18 -81.85
C ALA K 690 -85.37 -38.54 -81.64
N THR K 699 -93.73 -28.91 -75.49
CA THR K 699 -92.36 -28.77 -75.03
C THR K 699 -92.28 -29.02 -73.54
N ALA K 700 -91.73 -30.16 -73.16
CA ALA K 700 -91.54 -30.46 -71.75
C ALA K 700 -90.13 -30.98 -71.49
N SER K 701 -89.87 -31.34 -70.25
CA SER K 701 -88.57 -31.88 -69.88
C SER K 701 -88.40 -33.29 -70.42
N VAL K 702 -87.26 -33.54 -71.05
CA VAL K 702 -86.93 -34.84 -71.63
C VAL K 702 -86.06 -35.60 -70.64
N GLU K 703 -86.45 -36.84 -70.37
CA GLU K 703 -85.71 -37.70 -69.46
C GLU K 703 -85.12 -38.85 -70.24
N ALA K 704 -83.87 -39.17 -69.92
CA ALA K 704 -83.08 -40.10 -70.70
C ALA K 704 -83.56 -41.51 -70.44
N LYS K 705 -83.84 -42.25 -71.52
CA LYS K 705 -84.17 -43.65 -71.41
C LYS K 705 -82.92 -44.42 -71.00
N ASP K 706 -83.11 -45.62 -70.47
CA ASP K 706 -82.01 -46.39 -69.90
C ASP K 706 -81.04 -46.82 -70.99
N ASN K 707 -79.76 -46.97 -70.60
CA ASN K 707 -78.63 -47.28 -71.48
C ASN K 707 -78.40 -46.19 -72.53
N GLU K 708 -78.88 -44.96 -72.28
CA GLU K 708 -78.79 -43.87 -73.24
C GLU K 708 -78.36 -42.60 -72.51
N VAL K 709 -77.56 -41.78 -73.20
CA VAL K 709 -77.03 -40.53 -72.67
C VAL K 709 -77.34 -39.41 -73.65
N LEU K 710 -77.85 -38.29 -73.12
CA LEU K 710 -78.30 -37.16 -73.93
C LEU K 710 -77.14 -36.26 -74.32
N ILE K 711 -77.12 -35.84 -75.59
CA ILE K 711 -76.17 -34.88 -76.12
C ILE K 711 -76.96 -33.76 -76.78
N LEU K 712 -76.67 -32.52 -76.43
CA LEU K 712 -77.41 -31.42 -77.04
C LEU K 712 -76.83 -31.04 -78.41
N VAL K 713 -77.73 -30.68 -79.33
CA VAL K 713 -77.38 -30.29 -80.68
C VAL K 713 -78.03 -28.94 -80.96
N TRP K 714 -77.27 -27.99 -81.50
CA TRP K 714 -77.76 -26.64 -81.78
C TRP K 714 -77.63 -26.32 -83.26
N GLU K 715 -78.73 -26.53 -84.00
CA GLU K 715 -78.83 -26.04 -85.37
C GLU K 715 -80.24 -25.52 -85.66
N GLU L 2 -45.00 38.96 -42.02
CA GLU L 2 -45.70 38.87 -40.74
C GLU L 2 -45.34 37.60 -39.96
N LEU L 3 -44.27 37.71 -39.16
CA LEU L 3 -43.77 36.69 -38.24
C LEU L 3 -43.44 35.38 -38.98
N ASN L 4 -42.38 35.43 -39.79
CA ASN L 4 -42.05 34.31 -40.67
C ASN L 4 -41.54 33.09 -39.91
N GLU L 5 -41.34 33.20 -38.59
CA GLU L 5 -40.83 32.08 -37.83
C GLU L 5 -41.95 31.08 -37.49
N LEU L 6 -43.17 31.58 -37.26
CA LEU L 6 -44.29 30.70 -36.93
C LEU L 6 -45.10 30.38 -38.17
N THR L 7 -45.24 31.33 -39.09
CA THR L 7 -46.26 31.20 -40.13
C THR L 7 -45.81 30.26 -41.23
N ASN L 8 -44.57 29.79 -41.21
CA ASN L 8 -44.23 28.67 -42.06
C ASN L 8 -44.81 27.39 -41.49
N LYS L 9 -44.69 27.21 -40.17
CA LYS L 9 -45.21 26.02 -39.52
C LYS L 9 -46.74 26.03 -39.51
N LEU L 10 -47.34 27.20 -39.51
CA LEU L 10 -48.78 27.31 -39.35
C LEU L 10 -49.49 27.15 -40.69
N SER L 11 -48.86 27.64 -41.77
CA SER L 11 -49.51 27.59 -43.08
C SER L 11 -49.46 26.20 -43.68
N ASN L 12 -48.59 25.33 -43.18
CA ASN L 12 -48.46 24.01 -43.77
C ASN L 12 -49.53 23.06 -43.28
N LEU L 13 -50.09 23.34 -42.10
CA LEU L 13 -51.08 22.43 -41.52
C LEU L 13 -52.49 22.76 -42.02
N VAL L 14 -52.84 24.04 -42.02
CA VAL L 14 -54.17 24.51 -42.36
C VAL L 14 -54.10 25.02 -43.80
N PRO L 15 -55.19 24.95 -44.58
CA PRO L 15 -55.15 25.49 -45.96
C PRO L 15 -54.77 26.97 -46.07
N MET L 16 -55.24 27.82 -45.15
CA MET L 16 -54.90 29.25 -45.10
C MET L 16 -55.27 29.99 -46.38
N THR L 17 -56.58 30.14 -46.60
CA THR L 17 -57.11 30.83 -47.77
C THR L 17 -56.80 32.33 -47.73
N ASP L 18 -57.33 33.03 -48.75
CA ASP L 18 -56.96 34.43 -48.97
C ASP L 18 -57.57 35.35 -47.91
N PHE L 19 -58.77 35.01 -47.44
CA PHE L 19 -59.49 35.90 -46.53
C PHE L 19 -58.91 35.81 -45.12
N LYS L 20 -58.76 36.98 -44.49
CA LYS L 20 -58.25 37.09 -43.13
C LYS L 20 -59.30 37.76 -42.26
N LEU L 21 -59.43 37.30 -41.01
CA LEU L 21 -60.35 37.94 -40.08
C LEU L 21 -59.83 39.30 -39.64
N ASP L 22 -58.51 39.48 -39.65
CA ASP L 22 -57.89 40.76 -39.34
C ASP L 22 -57.02 41.18 -40.51
N ASN L 23 -57.51 42.17 -41.26
CA ASN L 23 -56.70 42.90 -42.23
C ASN L 23 -55.95 44.06 -41.58
N ARG L 24 -55.88 44.06 -40.25
CA ARG L 24 -55.22 45.13 -39.51
C ARG L 24 -53.72 45.10 -39.76
N ALA L 25 -53.25 46.08 -40.51
CA ALA L 25 -51.84 46.23 -40.79
C ALA L 25 -51.18 46.98 -39.65
N SER L 26 -49.84 46.91 -39.64
CA SER L 26 -49.09 47.54 -38.55
C SER L 26 -49.13 49.06 -38.67
N LEU L 27 -49.21 49.58 -39.88
CA LEU L 27 -49.43 51.01 -40.03
C LEU L 27 -50.83 51.39 -39.62
N GLN L 28 -51.79 50.49 -39.85
CA GLN L 28 -53.18 50.77 -39.46
C GLN L 28 -53.34 50.70 -37.94
N LEU L 29 -52.51 49.91 -37.28
CA LEU L 29 -52.64 49.74 -35.84
C LEU L 29 -52.14 50.97 -35.09
N LEU L 30 -51.08 51.60 -35.59
CA LEU L 30 -50.48 52.71 -34.85
C LEU L 30 -51.30 53.98 -34.95
N LYS L 31 -52.13 54.10 -35.99
CA LYS L 31 -53.07 55.21 -36.03
C LYS L 31 -54.20 55.01 -35.02
N TYR L 32 -54.51 53.75 -34.73
CA TYR L 32 -55.54 53.45 -33.74
C TYR L 32 -55.03 53.73 -32.34
N ILE L 33 -53.74 53.51 -32.10
CA ILE L 33 -53.17 53.76 -30.79
C ILE L 33 -52.81 55.23 -30.63
N GLU L 34 -52.79 55.97 -31.74
CA GLU L 34 -52.55 57.40 -31.63
C GLU L 34 -53.80 58.13 -31.19
N ALA L 35 -54.96 57.73 -31.72
CA ALA L 35 -56.22 58.35 -31.30
C ALA L 35 -56.60 57.92 -29.90
N TYR L 36 -56.08 56.79 -29.44
CA TYR L 36 -56.32 56.37 -28.06
C TYR L 36 -55.54 57.23 -27.08
N THR L 37 -54.25 57.45 -27.35
CA THR L 37 -53.38 58.08 -26.37
C THR L 37 -53.58 59.58 -26.29
N LYS L 38 -54.25 60.17 -27.29
CA LYS L 38 -54.44 61.61 -27.26
C LYS L 38 -55.62 62.00 -26.36
N ILE L 39 -56.32 61.00 -25.84
CA ILE L 39 -57.38 61.27 -24.85
C ILE L 39 -56.80 61.26 -23.44
N ILE L 40 -55.84 60.37 -23.19
CA ILE L 40 -55.28 60.17 -21.85
C ILE L 40 -54.44 61.38 -21.47
N PRO L 41 -54.77 62.08 -20.40
CA PRO L 41 -54.08 63.34 -20.11
C PRO L 41 -52.74 63.15 -19.43
N PHE L 42 -51.70 63.68 -20.06
CA PHE L 42 -50.43 63.82 -19.38
C PHE L 42 -50.58 64.93 -18.35
N ASN L 43 -50.29 64.62 -17.09
CA ASN L 43 -50.90 65.26 -15.94
C ASN L 43 -50.57 66.75 -15.82
N SER L 44 -51.60 67.54 -15.53
CA SER L 44 -51.53 68.99 -15.27
C SER L 44 -50.96 69.75 -16.45
N GLY L 45 -51.23 69.26 -17.65
CA GLY L 45 -50.72 69.88 -18.86
C GLY L 45 -51.72 69.75 -19.99
N ASP L 46 -51.62 70.71 -20.91
CA ASP L 46 -52.53 70.72 -22.07
C ASP L 46 -52.12 69.59 -23.02
N LYS L 47 -50.82 69.27 -23.07
CA LYS L 47 -50.35 68.18 -23.91
C LYS L 47 -50.76 66.84 -23.33
N TYR L 48 -50.94 65.86 -24.21
CA TYR L 48 -51.49 64.56 -23.85
C TYR L 48 -50.44 63.47 -24.02
N TRP L 49 -50.87 62.22 -23.84
CA TRP L 49 -49.93 61.10 -23.84
C TRP L 49 -49.47 60.74 -25.24
N ASN L 50 -50.15 61.24 -26.27
CA ASN L 50 -49.72 60.94 -27.64
C ASN L 50 -48.48 61.76 -28.00
N ASP L 51 -48.20 62.81 -27.23
CA ASP L 51 -46.94 63.52 -27.41
C ASP L 51 -45.79 62.76 -26.79
N PHE L 52 -46.09 61.89 -25.81
CA PHE L 52 -45.05 61.08 -25.19
C PHE L 52 -44.64 59.92 -26.09
N PHE L 53 -45.61 59.15 -26.57
CA PHE L 53 -45.32 57.90 -27.28
C PHE L 53 -44.75 58.17 -28.66
N PHE L 54 -44.99 59.36 -29.20
CA PHE L 54 -44.44 59.76 -30.49
C PHE L 54 -43.73 61.09 -30.26
N MET L 55 -42.47 61.02 -29.83
CA MET L 55 -41.86 62.17 -29.18
C MET L 55 -41.11 63.06 -30.16
N SER L 56 -40.05 62.55 -30.77
CA SER L 56 -39.07 63.40 -31.43
C SER L 56 -38.89 62.94 -32.87
N GLY L 57 -39.61 63.58 -33.79
CA GLY L 57 -39.45 63.27 -35.20
C GLY L 57 -39.95 61.90 -35.59
N ASN L 58 -40.83 61.33 -34.78
CA ASN L 58 -41.36 60.00 -35.02
C ASN L 58 -42.88 60.07 -35.12
N THR L 59 -43.38 59.86 -36.32
CA THR L 59 -44.78 59.74 -36.63
C THR L 59 -45.12 58.26 -36.75
N PRO L 60 -46.39 57.88 -36.58
CA PRO L 60 -46.74 56.45 -36.74
C PRO L 60 -46.53 55.90 -38.13
N GLU L 61 -46.42 56.75 -39.16
CA GLU L 61 -46.05 56.26 -40.47
C GLU L 61 -44.57 55.92 -40.53
N LYS L 62 -43.75 56.62 -39.74
CA LYS L 62 -42.32 56.30 -39.70
C LYS L 62 -42.05 55.07 -38.84
N LEU L 63 -42.81 54.91 -37.76
CA LEU L 63 -42.61 53.75 -36.89
C LEU L 63 -43.06 52.47 -37.57
N ALA L 64 -44.04 52.56 -38.46
CA ALA L 64 -44.41 51.41 -39.27
C ALA L 64 -43.35 51.12 -40.32
N LYS L 65 -42.62 52.15 -40.76
CA LYS L 65 -41.53 51.92 -41.70
C LYS L 65 -40.36 51.23 -41.03
N LEU L 66 -40.10 51.56 -39.75
CA LEU L 66 -39.05 50.88 -39.01
C LEU L 66 -39.45 49.45 -38.67
N TYR L 67 -40.74 49.24 -38.43
CA TYR L 67 -41.22 47.91 -38.05
C TYR L 67 -41.23 46.97 -39.24
N GLN L 68 -41.75 47.42 -40.38
CA GLN L 68 -41.71 46.63 -41.60
C GLN L 68 -40.35 46.67 -42.29
N LYS L 69 -39.38 47.38 -41.71
CA LYS L 69 -38.01 47.51 -42.22
C LYS L 69 -37.95 48.14 -43.61
N GLU L 70 -38.85 49.08 -43.89
CA GLU L 70 -38.68 49.91 -45.07
C GLU L 70 -37.52 50.87 -44.89
N ILE L 71 -37.29 51.30 -43.65
CA ILE L 71 -36.10 52.04 -43.25
C ILE L 71 -35.18 51.07 -42.50
N GLU L 72 -33.88 51.19 -42.74
CA GLU L 72 -32.91 50.43 -41.96
C GLU L 72 -32.94 50.88 -40.51
N PRO L 73 -32.96 49.95 -39.54
CA PRO L 73 -33.09 50.33 -38.13
C PRO L 73 -31.82 50.98 -37.60
N ASN L 74 -31.91 52.27 -37.30
CA ASN L 74 -30.79 53.00 -36.72
C ASN L 74 -30.61 52.59 -35.26
N GLY L 75 -29.40 52.83 -34.75
CA GLY L 75 -29.07 52.37 -33.42
C GLY L 75 -29.78 53.14 -32.32
N GLU L 76 -30.08 54.41 -32.57
CA GLU L 76 -30.72 55.25 -31.57
C GLU L 76 -32.20 55.42 -31.89
N LEU L 77 -33.04 54.77 -31.09
CA LEU L 77 -34.46 55.04 -31.07
C LEU L 77 -34.84 55.30 -29.63
N LEU L 78 -35.87 56.10 -29.42
CA LEU L 78 -36.30 56.43 -28.07
C LEU L 78 -36.85 55.17 -27.39
N PRO L 79 -36.57 54.97 -26.10
CA PRO L 79 -36.86 53.67 -25.48
C PRO L 79 -38.34 53.38 -25.30
N GLN L 80 -39.18 54.39 -25.10
CA GLN L 80 -40.61 54.15 -24.97
C GLN L 80 -41.23 53.85 -26.34
N GLN L 81 -40.54 54.21 -27.42
CA GLN L 81 -40.99 53.84 -28.75
C GLN L 81 -40.52 52.44 -29.11
N ALA L 82 -39.29 52.10 -28.74
CA ALA L 82 -38.78 50.76 -29.01
C ALA L 82 -39.37 49.74 -28.05
N PHE L 83 -39.94 50.21 -26.93
CA PHE L 83 -40.83 49.37 -26.14
C PHE L 83 -42.13 49.14 -26.88
N LEU L 84 -42.61 50.15 -27.61
CA LEU L 84 -43.88 50.04 -28.32
C LEU L 84 -43.75 49.16 -29.56
N LEU L 85 -42.63 49.29 -30.28
CA LEU L 85 -42.41 48.44 -31.45
C LEU L 85 -42.10 47.01 -31.03
N ALA L 86 -41.67 46.80 -29.79
CA ALA L 86 -41.45 45.44 -29.31
C ALA L 86 -42.76 44.77 -28.94
N VAL L 87 -43.79 45.56 -28.63
CA VAL L 87 -45.10 44.99 -28.31
C VAL L 87 -45.78 44.49 -29.58
N LEU L 88 -45.68 45.24 -30.68
CA LEU L 88 -46.32 44.85 -31.93
C LEU L 88 -45.64 43.62 -32.54
N ARG L 89 -44.38 43.37 -32.18
CA ARG L 89 -43.75 42.12 -32.59
C ARG L 89 -44.33 40.94 -31.83
N LEU L 90 -44.74 41.16 -30.58
CA LEU L 90 -45.38 40.10 -29.82
C LEU L 90 -46.80 39.85 -30.31
N LEU L 91 -47.53 40.91 -30.63
CA LEU L 91 -48.94 40.76 -31.01
C LEU L 91 -49.13 40.23 -32.43
N GLU L 92 -48.07 39.91 -33.16
CA GLU L 92 -48.25 39.20 -34.43
C GLU L 92 -48.65 37.75 -34.19
N THR L 93 -48.36 37.22 -33.00
CA THR L 93 -48.66 35.83 -32.70
C THR L 93 -50.13 35.54 -32.41
N PRO L 94 -50.88 36.34 -31.63
CA PRO L 94 -52.32 36.03 -31.54
C PRO L 94 -53.10 36.38 -32.79
N ILE L 95 -52.59 37.32 -33.60
CA ILE L 95 -53.28 37.69 -34.82
C ILE L 95 -53.12 36.60 -35.89
N SER L 96 -51.93 36.01 -35.97
CA SER L 96 -51.68 35.02 -37.02
C SER L 96 -52.39 33.71 -36.75
N LEU L 97 -52.64 33.39 -35.48
CA LEU L 97 -53.43 32.22 -35.16
C LEU L 97 -54.91 32.49 -35.33
N LEU L 98 -55.29 33.77 -35.43
CA LEU L 98 -56.69 34.13 -35.61
C LEU L 98 -57.05 34.20 -37.09
N ASN L 99 -56.08 34.51 -37.95
CA ASN L 99 -56.34 34.53 -39.38
C ASN L 99 -56.43 33.12 -39.94
N VAL L 100 -55.89 32.14 -39.21
CA VAL L 100 -55.80 30.79 -39.75
C VAL L 100 -57.09 30.01 -39.45
N LEU L 101 -57.95 30.58 -38.62
CA LEU L 101 -59.19 29.93 -38.18
C LEU L 101 -60.35 29.90 -39.18
N PRO L 102 -60.63 30.94 -39.99
CA PRO L 102 -61.72 30.75 -40.99
C PRO L 102 -61.40 29.73 -42.06
N ALA L 103 -60.11 29.48 -42.32
CA ALA L 103 -59.77 28.36 -43.20
C ALA L 103 -60.03 27.03 -42.52
N ALA L 104 -59.97 27.01 -41.18
CA ALA L 104 -60.24 25.76 -40.46
C ALA L 104 -61.72 25.62 -40.14
N HIS L 105 -62.46 26.73 -40.14
CA HIS L 105 -63.89 26.66 -39.92
C HIS L 105 -64.61 26.09 -41.14
N ARG L 106 -64.09 26.39 -42.33
CA ARG L 106 -64.67 25.90 -43.57
C ARG L 106 -64.42 24.40 -43.73
N GLU L 107 -63.20 23.96 -43.43
CA GLU L 107 -62.83 22.56 -43.57
C GLU L 107 -63.55 21.70 -42.54
N LEU L 108 -63.81 22.26 -41.36
CA LEU L 108 -64.64 21.58 -40.37
C LEU L 108 -66.07 21.43 -40.87
N TYR L 109 -66.56 22.40 -41.64
CA TYR L 109 -67.93 22.34 -42.11
C TYR L 109 -68.11 21.28 -43.18
N TYR L 110 -67.14 21.14 -44.08
CA TYR L 110 -67.29 20.19 -45.18
C TYR L 110 -67.02 18.76 -44.71
N ARG L 111 -66.01 18.56 -43.88
CA ARG L 111 -65.58 17.19 -43.60
C ARG L 111 -66.28 16.61 -42.38
N GLU L 112 -66.48 17.40 -41.33
CA GLU L 112 -67.07 16.83 -40.12
C GLU L 112 -68.58 16.78 -40.20
N LEU L 113 -69.23 17.92 -40.42
CA LEU L 113 -70.68 17.95 -40.52
C LEU L 113 -71.18 17.43 -41.86
N LEU L 114 -70.71 18.04 -42.95
CA LEU L 114 -71.29 17.75 -44.25
C LEU L 114 -70.78 16.43 -44.80
N GLY L 115 -69.70 15.89 -44.24
CA GLY L 115 -69.22 14.57 -44.56
C GLY L 115 -68.51 14.43 -45.89
N LEU L 116 -68.24 15.53 -46.59
CA LEU L 116 -67.65 15.43 -47.94
C LEU L 116 -66.20 14.98 -47.89
N SER L 117 -65.83 14.15 -48.86
CA SER L 117 -64.47 13.69 -49.06
C SER L 117 -63.84 14.42 -50.23
N SER L 118 -62.52 14.22 -50.39
CA SER L 118 -61.77 14.80 -51.48
C SER L 118 -61.39 13.69 -52.45
N HIS L 119 -61.28 14.05 -53.73
CA HIS L 119 -60.99 13.05 -54.75
C HIS L 119 -59.53 12.59 -54.67
N ALA L 120 -59.34 11.29 -54.81
CA ALA L 120 -58.00 10.72 -54.84
C ALA L 120 -57.39 10.89 -56.22
N ALA L 121 -56.16 10.38 -56.36
CA ALA L 121 -55.46 10.48 -57.64
C ALA L 121 -56.06 9.53 -58.66
N GLN L 122 -56.05 9.95 -59.91
CA GLN L 122 -56.59 9.13 -60.99
C GLN L 122 -55.44 8.52 -61.77
N PRO L 123 -55.35 7.19 -61.86
CA PRO L 123 -54.29 6.59 -62.68
C PRO L 123 -54.55 6.82 -64.16
N ASP L 124 -53.47 7.03 -64.89
CA ASP L 124 -53.52 7.23 -66.33
C ASP L 124 -52.99 5.98 -67.02
N GLN L 125 -53.61 5.66 -68.16
CA GLN L 125 -53.20 4.50 -68.95
C GLN L 125 -52.47 4.99 -70.19
N VAL L 126 -51.75 4.07 -70.84
CA VAL L 126 -50.84 4.42 -71.92
C VAL L 126 -50.88 3.34 -72.99
N ALA L 127 -50.74 3.75 -74.25
CA ALA L 127 -50.69 2.81 -75.36
C ALA L 127 -49.32 2.15 -75.40
N LEU L 128 -49.32 0.83 -75.51
CA LEU L 128 -48.08 0.08 -75.40
C LEU L 128 -48.05 -1.02 -76.46
N SER L 129 -47.07 -0.94 -77.34
CA SER L 129 -46.89 -1.90 -78.42
C SER L 129 -45.70 -2.78 -78.08
N MET L 130 -45.86 -4.09 -78.28
CA MET L 130 -44.93 -5.07 -77.74
C MET L 130 -44.55 -6.06 -78.83
N GLU L 131 -43.37 -5.87 -79.42
CA GLU L 131 -42.89 -6.72 -80.51
C GLU L 131 -42.02 -7.83 -79.93
N LEU L 132 -41.97 -8.96 -80.64
CA LEU L 132 -41.23 -10.11 -80.17
C LEU L 132 -39.93 -10.30 -80.94
N ASN L 133 -39.19 -11.34 -80.56
CA ASN L 133 -37.95 -11.70 -81.22
C ASN L 133 -38.27 -12.65 -82.39
N SER L 134 -37.22 -13.10 -83.08
CA SER L 134 -37.43 -13.99 -84.21
C SER L 134 -37.31 -15.45 -83.79
N THR L 135 -37.11 -15.71 -82.50
CA THR L 135 -36.73 -17.05 -82.08
C THR L 135 -37.93 -17.93 -81.77
N VAL L 136 -39.02 -17.35 -81.25
CA VAL L 136 -40.25 -18.09 -80.99
C VAL L 136 -41.38 -17.45 -81.77
N MET L 137 -42.51 -18.15 -81.86
CA MET L 137 -43.69 -17.57 -82.49
C MET L 137 -44.64 -16.96 -81.47
N GLU L 138 -44.88 -17.66 -80.37
CA GLU L 138 -45.91 -17.26 -79.42
C GLU L 138 -45.28 -17.06 -78.03
N GLN L 139 -45.74 -16.04 -77.31
CA GLN L 139 -45.32 -15.80 -75.94
C GLN L 139 -46.45 -15.17 -75.15
N LEU L 140 -46.76 -15.76 -74.00
CA LEU L 140 -47.91 -15.36 -73.19
C LEU L 140 -47.41 -14.62 -71.95
N LEU L 141 -48.07 -13.52 -71.61
CA LEU L 141 -47.77 -12.75 -70.40
C LEU L 141 -49.09 -12.37 -69.74
N PRO L 142 -49.23 -12.53 -68.43
CA PRO L 142 -50.56 -12.46 -67.81
C PRO L 142 -50.97 -11.04 -67.47
N GLU L 143 -52.14 -10.95 -66.82
CA GLU L 143 -52.58 -9.71 -66.21
C GLU L 143 -51.70 -9.39 -65.01
N GLY L 144 -51.19 -8.16 -64.96
CA GLY L 144 -50.43 -7.69 -63.83
C GLY L 144 -48.93 -7.74 -63.98
N THR L 145 -48.41 -8.02 -65.17
CA THR L 145 -46.99 -7.80 -65.41
C THR L 145 -46.73 -6.32 -65.54
N LEU L 146 -45.54 -5.87 -65.14
CA LEU L 146 -45.28 -4.45 -64.94
C LEU L 146 -44.20 -3.98 -65.91
N PHE L 147 -44.48 -2.87 -66.59
CA PHE L 147 -43.48 -2.15 -67.36
C PHE L 147 -43.17 -0.84 -66.64
N GLU L 148 -41.99 -0.28 -66.93
CA GLU L 148 -41.58 0.92 -66.23
C GLU L 148 -40.57 1.70 -67.05
N ALA L 149 -40.44 3.00 -66.75
CA ALA L 149 -39.36 3.83 -67.24
C ALA L 149 -38.94 4.79 -66.14
N GLY L 150 -37.75 4.58 -65.62
CA GLY L 150 -37.17 5.52 -64.68
C GLY L 150 -37.88 5.56 -63.35
N GLN L 151 -37.92 6.78 -62.81
CA GLN L 151 -38.37 7.00 -61.45
C GLN L 151 -38.92 8.41 -61.36
N ASP L 152 -39.94 8.59 -60.53
CA ASP L 152 -40.40 9.93 -60.21
C ASP L 152 -39.33 10.65 -59.39
N GLU L 153 -39.32 11.97 -59.48
CA GLU L 153 -38.48 12.76 -58.58
C GLU L 153 -39.01 12.65 -57.16
N GLN L 154 -38.07 12.64 -56.20
CA GLN L 154 -38.29 12.55 -54.75
C GLN L 154 -39.23 11.40 -54.34
N GLY L 155 -39.14 10.29 -55.05
CA GLY L 155 -40.01 9.18 -54.72
C GLY L 155 -39.72 7.94 -55.52
N ASN L 156 -40.76 7.12 -55.65
CA ASN L 156 -40.62 5.76 -56.15
C ASN L 156 -40.66 5.74 -57.67
N ALA L 157 -40.53 4.54 -58.22
CA ALA L 157 -40.56 4.35 -59.66
C ALA L 157 -42.00 4.17 -60.15
N LEU L 158 -42.23 4.59 -61.38
CA LEU L 158 -43.54 4.50 -61.99
C LEU L 158 -43.68 3.17 -62.72
N GLN L 159 -44.63 2.35 -62.29
CA GLN L 159 -44.89 1.06 -62.94
C GLN L 159 -46.22 1.14 -63.68
N TYR L 160 -46.29 0.49 -64.83
CA TYR L 160 -47.51 0.36 -65.61
C TYR L 160 -47.85 -1.10 -65.80
N ALA L 161 -49.13 -1.43 -65.61
CA ALA L 161 -49.58 -2.81 -65.75
C ALA L 161 -50.71 -2.88 -66.75
N LEU L 162 -50.68 -3.92 -67.57
CA LEU L 162 -51.70 -4.16 -68.57
C LEU L 162 -52.96 -4.63 -67.84
N ASP L 163 -54.12 -4.23 -68.36
CA ASP L 163 -55.37 -4.58 -67.72
C ASP L 163 -55.87 -5.96 -68.18
N ALA L 164 -55.59 -6.34 -69.43
CA ALA L 164 -56.02 -7.63 -69.97
C ALA L 164 -54.82 -8.41 -70.47
N SER L 165 -54.83 -9.73 -70.24
CA SER L 165 -53.70 -10.61 -70.55
C SER L 165 -53.70 -10.98 -72.03
N LEU L 166 -52.94 -10.22 -72.80
CA LEU L 166 -52.73 -10.58 -74.20
C LEU L 166 -51.64 -11.64 -74.31
N LEU L 167 -51.65 -12.37 -75.42
CA LEU L 167 -50.55 -13.23 -75.79
C LEU L 167 -49.93 -12.67 -77.06
N ALA L 168 -48.61 -12.53 -77.07
CA ALA L 168 -47.95 -11.89 -78.19
C ALA L 168 -47.59 -12.91 -79.26
N ASN L 169 -47.56 -12.45 -80.49
CA ASN L 169 -47.11 -13.25 -81.61
C ASN L 169 -46.21 -12.42 -82.48
N ARG L 170 -45.27 -13.07 -83.15
CA ARG L 170 -44.45 -12.39 -84.14
C ARG L 170 -45.33 -11.98 -85.32
N GLY L 171 -45.09 -10.80 -85.84
CA GLY L 171 -45.86 -10.29 -86.95
C GLY L 171 -45.93 -8.77 -86.89
N TYR L 172 -46.48 -8.18 -87.95
CA TYR L 172 -46.58 -6.73 -88.04
C TYR L 172 -47.65 -6.36 -89.05
N ILE L 173 -47.93 -5.06 -89.11
CA ILE L 173 -48.82 -4.50 -90.12
C ILE L 173 -47.98 -4.07 -91.30
N SER L 174 -47.85 -4.93 -92.31
CA SER L 174 -47.03 -4.59 -93.45
C SER L 174 -47.73 -3.61 -94.37
N ASP L 175 -48.99 -3.87 -94.69
CA ASP L 175 -49.67 -3.17 -95.76
C ASP L 175 -50.97 -2.58 -95.25
N LEU L 176 -51.19 -1.30 -95.58
CA LEU L 176 -52.46 -0.63 -95.36
C LEU L 176 -52.80 0.11 -96.65
N ARG L 177 -53.87 -0.31 -97.32
CA ARG L 177 -54.29 0.28 -98.57
C ARG L 177 -55.81 0.39 -98.57
N TRP L 178 -56.32 1.28 -99.42
CA TRP L 178 -57.76 1.45 -99.52
C TRP L 178 -58.17 1.64 -100.95
N LEU L 179 -59.47 1.46 -101.18
CA LEU L 179 -60.16 1.94 -102.35
C LEU L 179 -61.18 2.96 -101.89
N ARG L 180 -61.25 4.09 -102.57
CA ARG L 180 -62.26 5.08 -102.27
C ARG L 180 -63.04 5.36 -103.54
N ASN L 181 -64.33 5.68 -103.39
CA ASN L 181 -65.21 5.88 -104.53
C ASN L 181 -65.57 7.37 -104.57
N ASP L 182 -64.74 8.16 -105.25
CA ASP L 182 -65.03 9.58 -105.36
C ASP L 182 -65.94 9.90 -106.55
N GLY L 183 -65.71 9.25 -107.68
CA GLY L 183 -66.51 9.48 -108.87
C GLY L 183 -67.05 8.18 -109.42
N GLU L 184 -68.10 8.31 -110.23
CA GLU L 184 -68.65 7.17 -110.93
C GLU L 184 -67.66 6.68 -111.98
N LYS L 185 -67.59 5.36 -112.15
CA LYS L 185 -66.81 4.61 -113.14
C LYS L 185 -65.29 4.87 -113.07
N GLN L 186 -64.80 5.60 -112.07
CA GLN L 186 -63.36 5.73 -111.87
C GLN L 186 -63.06 5.69 -110.38
N TRP L 187 -62.14 4.82 -109.99
CA TRP L 187 -61.78 4.61 -108.61
C TRP L 187 -60.26 4.61 -108.51
N VAL L 188 -59.75 5.09 -107.37
CA VAL L 188 -58.32 5.29 -107.19
C VAL L 188 -57.84 4.34 -106.10
N THR L 189 -56.55 4.00 -106.16
CA THR L 189 -55.98 2.92 -105.37
C THR L 189 -54.72 3.40 -104.65
N SER L 190 -54.88 3.81 -103.40
CA SER L 190 -53.81 4.42 -102.64
C SER L 190 -53.00 3.36 -101.89
N ALA L 191 -51.70 3.59 -101.80
CA ALA L 191 -50.78 2.73 -101.05
C ALA L 191 -49.88 3.57 -100.15
N PRO L 192 -50.40 4.02 -99.00
CA PRO L 192 -49.54 4.78 -98.07
C PRO L 192 -48.55 3.91 -97.33
N TRP L 193 -48.97 2.74 -96.87
CA TRP L 193 -48.13 1.88 -96.04
C TRP L 193 -47.82 0.61 -96.84
N ASP L 194 -46.55 0.41 -97.18
CA ASP L 194 -46.07 -0.77 -97.85
C ASP L 194 -44.74 -1.18 -97.24
N LEU L 195 -44.70 -2.34 -96.58
CA LEU L 195 -43.42 -2.79 -96.04
C LEU L 195 -42.53 -3.41 -97.10
N GLN L 196 -43.10 -3.95 -98.18
CA GLN L 196 -42.27 -4.65 -99.16
C GLN L 196 -41.46 -3.67 -99.99
N ALA L 197 -41.96 -2.46 -100.18
CA ALA L 197 -41.18 -1.35 -100.71
C ALA L 197 -40.59 -0.49 -99.60
N GLN L 198 -40.78 -0.90 -98.34
CA GLN L 198 -40.25 -0.25 -97.14
C GLN L 198 -40.72 1.19 -96.97
N VAL L 199 -41.87 1.55 -97.53
CA VAL L 199 -42.38 2.91 -97.34
C VAL L 199 -43.29 2.90 -96.11
N SER L 200 -43.16 3.92 -95.28
CA SER L 200 -43.80 3.88 -93.97
C SER L 200 -45.10 4.69 -93.97
N LEU L 201 -45.80 4.62 -92.85
CA LEU L 201 -46.94 5.49 -92.63
C LEU L 201 -46.43 6.92 -92.39
N PRO L 202 -46.65 7.84 -93.34
CA PRO L 202 -45.85 9.07 -93.34
C PRO L 202 -46.46 10.23 -92.58
N SER L 203 -45.59 11.16 -92.16
CA SER L 203 -45.95 12.52 -91.76
C SER L 203 -46.83 12.57 -90.51
N ASP L 204 -46.80 11.50 -89.72
CA ASP L 204 -47.59 11.34 -88.49
C ASP L 204 -49.08 11.57 -88.73
N GLY L 205 -49.69 10.65 -89.47
CA GLY L 205 -51.12 10.78 -89.69
C GLY L 205 -51.48 11.02 -91.14
N ILE L 206 -52.39 10.19 -91.65
CA ILE L 206 -52.88 10.34 -93.02
C ILE L 206 -54.39 10.37 -93.00
N ARG L 207 -54.95 11.37 -93.68
CA ARG L 207 -56.38 11.42 -93.96
C ARG L 207 -56.78 10.16 -94.71
N LEU L 208 -57.60 9.33 -94.08
CA LEU L 208 -58.13 8.14 -94.72
C LEU L 208 -58.98 8.52 -95.92
N PHE L 209 -58.78 7.79 -97.02
CA PHE L 209 -59.41 8.05 -98.32
C PHE L 209 -59.16 9.47 -98.81
N GLY L 210 -57.91 9.94 -98.65
CA GLY L 210 -57.56 11.28 -99.09
C GLY L 210 -56.72 11.27 -100.36
N LYS L 211 -56.41 12.48 -100.83
CA LYS L 211 -55.62 12.65 -102.04
C LYS L 211 -54.15 12.42 -101.70
N THR L 212 -53.70 11.18 -101.90
CA THR L 212 -52.35 10.81 -101.49
C THR L 212 -51.33 11.06 -102.60
N ASN L 213 -51.79 11.06 -103.86
CA ASN L 213 -51.02 11.14 -105.11
C ASN L 213 -50.13 9.92 -105.33
N SER L 214 -50.27 8.87 -104.53
CA SER L 214 -49.73 7.56 -104.84
C SER L 214 -50.76 6.65 -105.49
N ASP L 215 -51.90 7.20 -105.88
CA ASP L 215 -52.96 6.39 -106.43
C ASP L 215 -52.72 6.08 -107.91
N GLN L 216 -53.22 4.94 -108.35
CA GLN L 216 -53.33 4.63 -109.76
C GLN L 216 -54.75 4.17 -110.04
N GLN L 217 -55.34 4.68 -111.12
CA GLN L 217 -56.72 4.37 -111.45
C GLN L 217 -56.84 2.93 -111.91
N VAL L 218 -57.97 2.32 -111.58
CA VAL L 218 -58.17 0.91 -111.92
C VAL L 218 -58.68 0.80 -113.35
N PHE L 219 -57.76 0.53 -114.28
CA PHE L 219 -58.11 0.52 -115.69
C PHE L 219 -58.89 -0.72 -116.09
N GLY L 220 -58.85 -1.76 -115.26
CA GLY L 220 -59.77 -2.88 -115.45
C GLY L 220 -61.19 -2.50 -115.12
N GLY L 221 -61.38 -1.50 -114.26
CA GLY L 221 -62.67 -1.03 -113.84
C GLY L 221 -63.01 0.38 -114.24
N VAL L 222 -62.25 1.03 -115.12
CA VAL L 222 -62.64 2.35 -115.60
C VAL L 222 -63.88 2.25 -116.48
N LEU L 223 -63.98 1.18 -117.26
CA LEU L 223 -65.23 0.69 -117.80
C LEU L 223 -65.59 -0.58 -117.03
N ILE L 224 -66.84 -0.65 -116.55
CA ILE L 224 -67.25 -1.81 -115.77
C ILE L 224 -67.36 -3.03 -116.66
N THR L 225 -66.90 -4.17 -116.16
CA THR L 225 -66.84 -5.39 -116.96
C THR L 225 -68.24 -5.91 -117.29
N SER L 226 -68.41 -6.32 -118.54
CA SER L 226 -69.71 -6.79 -119.01
C SER L 226 -69.63 -8.23 -119.49
N MET L 331 -58.62 -12.15 -119.62
CA MET L 331 -58.50 -11.23 -118.50
C MET L 331 -58.54 -11.95 -117.16
N TYR L 332 -59.29 -13.05 -117.13
CA TYR L 332 -59.66 -13.77 -115.90
C TYR L 332 -60.31 -12.83 -114.89
N HIS L 333 -61.25 -12.00 -115.38
CA HIS L 333 -62.11 -11.12 -114.60
C HIS L 333 -61.31 -10.13 -113.74
N LEU L 334 -60.63 -9.21 -114.42
CA LEU L 334 -59.72 -8.29 -113.76
C LEU L 334 -60.47 -7.29 -112.87
N THR L 335 -60.08 -7.27 -111.60
CA THR L 335 -60.66 -6.43 -110.55
C THR L 335 -59.44 -5.72 -109.93
N PRO L 336 -59.62 -4.76 -109.01
CA PRO L 336 -58.45 -4.23 -108.28
C PRO L 336 -57.63 -5.30 -107.55
N PHE L 337 -56.32 -5.03 -107.47
CA PHE L 337 -55.34 -5.76 -106.65
C PHE L 337 -55.10 -7.20 -107.14
N GLY L 338 -55.52 -7.51 -108.36
CA GLY L 338 -55.32 -8.84 -108.88
C GLY L 338 -56.56 -9.39 -109.57
N TYR L 339 -56.43 -10.63 -110.07
CA TYR L 339 -57.53 -11.24 -110.81
C TYR L 339 -58.53 -11.92 -109.87
N SER L 340 -59.81 -11.70 -110.13
CA SER L 340 -60.88 -12.33 -109.36
C SER L 340 -61.43 -13.53 -110.12
N SER L 341 -61.90 -14.52 -109.36
CA SER L 341 -62.45 -15.73 -109.97
C SER L 341 -63.78 -15.44 -110.66
N ASP L 342 -64.71 -14.80 -109.97
CA ASP L 342 -66.05 -14.57 -110.48
C ASP L 342 -66.44 -13.11 -110.27
N ILE L 343 -67.70 -12.81 -110.58
CA ILE L 343 -68.20 -11.44 -110.51
C ILE L 343 -68.33 -11.00 -109.07
N GLU L 344 -67.75 -9.85 -108.75
CA GLU L 344 -67.80 -9.26 -107.42
C GLU L 344 -68.26 -7.82 -107.54
N PRO L 345 -69.18 -7.39 -106.68
CA PRO L 345 -69.71 -6.03 -106.78
C PRO L 345 -68.72 -4.97 -106.31
N LEU L 346 -68.92 -3.75 -106.81
CA LEU L 346 -68.11 -2.58 -106.46
C LEU L 346 -69.05 -1.48 -105.95
N GLU L 347 -69.33 -1.50 -104.66
CA GLU L 347 -70.35 -0.64 -104.09
C GLU L 347 -69.79 0.73 -103.74
N GLU L 348 -70.71 1.69 -103.56
CA GLU L 348 -70.37 3.07 -103.22
C GLU L 348 -70.08 3.19 -101.73
N ASN L 349 -68.95 2.63 -101.34
CA ASN L 349 -68.47 2.65 -99.95
C ASN L 349 -66.95 2.62 -99.96
N PRO L 350 -66.29 3.62 -99.37
CA PRO L 350 -64.83 3.56 -99.23
C PRO L 350 -64.45 2.47 -98.23
N ALA L 351 -63.44 1.69 -98.60
CA ALA L 351 -63.05 0.55 -97.79
C ALA L 351 -61.53 0.40 -97.81
N LEU L 352 -60.97 0.06 -96.65
CA LEU L 352 -59.53 -0.06 -96.50
C LEU L 352 -59.15 -1.49 -96.16
N TYR L 353 -57.99 -1.92 -96.66
CA TYR L 353 -57.52 -3.30 -96.54
C TYR L 353 -56.22 -3.29 -95.75
N LEU L 354 -56.11 -4.19 -94.78
CA LEU L 354 -54.93 -4.31 -93.94
C LEU L 354 -54.13 -5.54 -94.33
N GLY L 355 -52.81 -5.39 -94.43
CA GLY L 355 -51.96 -6.49 -94.82
C GLY L 355 -51.17 -7.09 -93.68
N PHE L 356 -51.56 -8.28 -93.25
CA PHE L 356 -50.94 -8.93 -92.12
C PHE L 356 -49.88 -9.92 -92.58
N THR L 357 -48.83 -10.05 -91.78
CA THR L 357 -47.65 -10.82 -92.14
C THR L 357 -47.19 -11.64 -90.93
N ASP L 358 -46.72 -12.86 -91.23
CA ASP L 358 -46.01 -13.73 -90.29
C ASP L 358 -46.93 -14.17 -89.15
N VAL L 359 -48.22 -14.29 -89.45
CA VAL L 359 -49.22 -14.70 -88.49
C VAL L 359 -49.84 -16.01 -88.96
N LYS L 360 -49.93 -16.98 -88.05
CA LYS L 360 -50.52 -18.26 -88.40
C LYS L 360 -52.00 -18.25 -88.07
N PRO L 361 -52.82 -19.01 -88.80
CA PRO L 361 -54.28 -18.96 -88.60
C PRO L 361 -54.78 -19.41 -87.24
N GLY L 362 -53.94 -20.05 -86.41
CA GLY L 362 -54.34 -20.28 -85.03
C GLY L 362 -54.23 -19.04 -84.18
N GLN L 363 -53.32 -18.14 -84.53
CA GLN L 363 -52.95 -17.04 -83.65
C GLN L 363 -53.98 -15.93 -83.68
N THR L 364 -53.88 -15.04 -82.69
CA THR L 364 -54.74 -13.87 -82.56
C THR L 364 -53.94 -12.62 -82.85
N LEU L 365 -54.64 -11.54 -83.20
CA LEU L 365 -54.02 -10.25 -83.49
C LEU L 365 -54.72 -9.18 -82.66
N ALA L 366 -53.94 -8.27 -82.10
CA ALA L 366 -54.44 -7.21 -81.23
C ALA L 366 -53.84 -5.88 -81.65
N LEU L 367 -54.69 -4.96 -82.09
CA LEU L 367 -54.27 -3.64 -82.55
C LEU L 367 -54.71 -2.59 -81.55
N TYR L 368 -53.95 -1.51 -81.47
CA TYR L 368 -54.41 -0.29 -80.84
C TYR L 368 -54.45 0.82 -81.89
N TRP L 369 -55.65 1.29 -82.19
CA TRP L 369 -55.82 2.38 -83.14
C TRP L 369 -55.77 3.70 -82.38
N LYS L 370 -55.03 4.65 -82.93
CA LYS L 370 -55.02 6.02 -82.42
C LYS L 370 -55.79 6.88 -83.39
N LEU L 371 -56.96 7.34 -82.98
CA LEU L 371 -57.90 7.91 -83.93
C LEU L 371 -58.42 9.23 -83.43
N LYS L 372 -58.63 10.16 -84.36
CA LYS L 372 -59.53 11.28 -84.20
C LYS L 372 -60.50 11.24 -85.37
N SER L 373 -61.71 10.74 -85.12
CA SER L 373 -62.71 10.65 -86.15
C SER L 373 -63.79 11.68 -85.90
N PRO L 374 -64.23 12.42 -86.93
CA PRO L 374 -65.35 13.35 -86.72
C PRO L 374 -66.66 12.66 -86.37
N GLN L 375 -67.16 11.79 -87.23
CA GLN L 375 -68.37 11.02 -86.97
C GLN L 375 -67.99 9.56 -87.04
N GLN L 376 -68.69 8.71 -86.30
CA GLN L 376 -68.32 7.30 -86.26
C GLN L 376 -68.88 6.58 -87.48
N PRO L 377 -68.07 5.89 -88.25
CA PRO L 377 -68.61 5.09 -89.34
C PRO L 377 -68.89 3.66 -88.90
N THR L 378 -70.09 3.17 -89.16
CA THR L 378 -70.40 1.79 -88.81
C THR L 378 -69.68 0.84 -89.76
N VAL L 379 -68.74 0.08 -89.21
CA VAL L 379 -67.81 -0.71 -90.02
C VAL L 379 -68.18 -2.18 -89.95
N SER L 380 -67.86 -2.89 -91.03
CA SER L 380 -67.97 -4.33 -91.10
C SER L 380 -66.64 -4.87 -91.62
N TRP L 381 -66.27 -6.06 -91.16
CA TRP L 381 -64.93 -6.58 -91.39
C TRP L 381 -65.00 -7.90 -92.14
N TYR L 382 -64.16 -8.03 -93.17
CA TYR L 382 -64.13 -9.22 -94.02
C TYR L 382 -62.71 -9.75 -94.14
N TYR L 383 -62.58 -11.07 -94.31
CA TYR L 383 -61.26 -11.69 -94.42
C TYR L 383 -61.17 -12.59 -95.65
N LEU L 384 -59.95 -12.82 -96.13
CA LEU L 384 -59.73 -13.66 -97.31
C LEU L 384 -60.02 -15.12 -97.04
N ASP L 385 -60.25 -15.86 -98.11
CA ASP L 385 -60.43 -17.30 -98.06
C ASP L 385 -59.72 -17.96 -99.24
N GLN L 386 -59.69 -19.29 -99.23
CA GLN L 386 -59.01 -20.02 -100.29
C GLN L 386 -59.85 -20.08 -101.56
N HIS L 387 -61.16 -19.90 -101.43
CA HIS L 387 -62.03 -19.84 -102.59
C HIS L 387 -62.05 -18.46 -103.24
N ASN L 388 -61.25 -17.52 -102.72
CA ASN L 388 -61.26 -16.10 -103.12
C ASN L 388 -62.64 -15.48 -102.99
N GLN L 389 -63.28 -15.73 -101.85
CA GLN L 389 -64.52 -15.08 -101.48
C GLN L 389 -64.35 -14.52 -100.08
N TRP L 390 -64.75 -13.27 -99.89
CA TRP L 390 -64.66 -12.64 -98.59
C TRP L 390 -65.80 -13.11 -97.69
N ALA L 391 -65.46 -13.46 -96.45
CA ALA L 391 -66.42 -13.92 -95.48
C ALA L 391 -66.51 -12.92 -94.35
N GLU L 392 -67.58 -13.01 -93.56
CA GLU L 392 -67.80 -12.07 -92.47
C GLU L 392 -66.89 -12.40 -91.30
N LEU L 393 -66.30 -11.37 -90.70
CA LEU L 393 -65.39 -11.51 -89.57
C LEU L 393 -65.99 -10.96 -88.29
N ASP L 394 -67.19 -10.36 -88.38
CA ASP L 394 -67.70 -9.50 -87.31
C ASP L 394 -68.12 -10.29 -86.08
N SER L 395 -68.31 -11.60 -86.22
CA SER L 395 -68.55 -12.44 -85.06
C SER L 395 -67.29 -12.59 -84.22
N TRP L 396 -66.13 -12.46 -84.87
CA TRP L 396 -64.85 -12.70 -84.21
C TRP L 396 -64.29 -11.41 -83.64
N VAL L 397 -64.74 -10.27 -84.15
CA VAL L 397 -64.26 -8.98 -83.69
C VAL L 397 -64.96 -8.60 -82.39
N SER L 398 -64.17 -8.19 -81.40
CA SER L 398 -64.70 -7.64 -80.16
C SER L 398 -64.04 -6.28 -79.96
N ASP L 399 -64.64 -5.24 -80.52
CA ASP L 399 -63.97 -3.95 -80.58
C ASP L 399 -64.41 -3.04 -79.45
N GLY L 400 -63.44 -2.32 -78.90
CA GLY L 400 -63.67 -1.23 -77.98
C GLY L 400 -63.47 0.14 -78.58
N THR L 401 -63.18 0.22 -79.87
CA THR L 401 -63.01 1.48 -80.55
C THR L 401 -64.32 2.08 -81.05
N GLN L 402 -65.45 1.40 -80.75
CA GLN L 402 -66.82 1.86 -81.04
C GLN L 402 -67.03 2.13 -82.53
N ASN L 403 -66.69 1.12 -83.34
CA ASN L 403 -66.69 1.19 -84.81
C ASN L 403 -65.84 2.36 -85.29
N LEU L 404 -64.57 2.37 -84.86
CA LEU L 404 -63.56 3.37 -85.21
C LEU L 404 -63.96 4.78 -84.84
N TYR L 405 -64.68 4.95 -83.72
CA TYR L 405 -65.01 6.28 -83.25
C TYR L 405 -63.86 6.88 -82.46
N GLN L 406 -63.41 6.19 -81.43
CA GLN L 406 -62.39 6.69 -80.53
C GLN L 406 -61.17 5.79 -80.65
N ASP L 407 -60.10 6.19 -79.95
CA ASP L 407 -58.96 5.30 -79.83
C ASP L 407 -59.30 4.14 -78.90
N GLY L 408 -58.83 2.95 -79.25
CA GLY L 408 -59.15 1.79 -78.43
C GLY L 408 -58.48 0.56 -78.97
N THR L 409 -58.39 -0.45 -78.11
CA THR L 409 -57.82 -1.73 -78.45
C THR L 409 -58.93 -2.66 -78.92
N TRP L 410 -58.63 -3.48 -79.92
CA TRP L 410 -59.49 -4.62 -80.27
C TRP L 410 -58.65 -5.81 -80.67
N HIS L 411 -58.99 -6.97 -80.13
CA HIS L 411 -58.28 -8.20 -80.38
C HIS L 411 -59.16 -9.12 -81.20
N VAL L 412 -58.59 -9.71 -82.25
CA VAL L 412 -59.29 -10.65 -83.10
C VAL L 412 -58.46 -11.91 -83.21
N GLU L 413 -59.02 -13.03 -82.75
CA GLU L 413 -58.50 -14.31 -83.16
C GLU L 413 -58.66 -14.48 -84.66
N LEU L 414 -57.54 -14.61 -85.36
CA LEU L 414 -57.58 -14.72 -86.81
C LEU L 414 -58.27 -16.02 -87.18
N PRO L 415 -59.33 -15.99 -88.00
CA PRO L 415 -60.26 -17.12 -88.09
C PRO L 415 -59.63 -18.30 -88.81
N VAL L 416 -60.13 -19.49 -88.48
CA VAL L 416 -59.63 -20.71 -89.10
C VAL L 416 -60.03 -20.74 -90.57
N ASP L 417 -59.20 -21.42 -91.37
CA ASP L 417 -59.27 -21.51 -92.83
C ASP L 417 -59.15 -20.14 -93.50
N ALA L 418 -58.47 -19.19 -92.84
CA ALA L 418 -58.03 -17.98 -93.53
C ALA L 418 -56.70 -18.25 -94.21
N SER L 419 -56.61 -17.87 -95.47
CA SER L 419 -55.59 -18.39 -96.37
C SER L 419 -54.55 -17.33 -96.69
N ASN L 420 -53.27 -17.70 -96.60
CA ASN L 420 -52.20 -16.82 -97.05
C ASN L 420 -52.22 -16.64 -98.55
N GLN L 421 -52.34 -17.75 -99.29
CA GLN L 421 -52.38 -17.70 -100.75
C GLN L 421 -53.81 -17.53 -101.21
N ALA L 422 -54.04 -16.48 -101.99
CA ALA L 422 -55.38 -16.17 -102.51
C ALA L 422 -55.23 -15.30 -103.75
N GLU L 423 -56.25 -15.32 -104.58
CA GLU L 423 -56.27 -14.46 -105.76
C GLU L 423 -56.77 -13.07 -105.37
N GLN L 424 -56.83 -12.18 -106.37
CA GLN L 424 -57.38 -10.81 -106.31
C GLN L 424 -56.69 -9.90 -105.28
N MET L 425 -55.64 -10.39 -104.63
CA MET L 425 -54.89 -9.70 -103.58
C MET L 425 -53.44 -10.17 -103.69
N PRO L 426 -52.49 -9.44 -103.07
CA PRO L 426 -51.13 -9.97 -102.97
C PRO L 426 -51.06 -11.28 -102.20
N VAL L 427 -50.16 -12.16 -102.65
CA VAL L 427 -50.18 -13.55 -102.20
C VAL L 427 -49.36 -13.73 -100.93
N GLY L 428 -48.44 -12.80 -100.66
CA GLY L 428 -47.52 -13.00 -99.56
C GLY L 428 -48.12 -12.73 -98.20
N ARG L 429 -49.16 -11.91 -98.15
CA ARG L 429 -49.68 -11.40 -96.90
C ARG L 429 -51.11 -11.88 -96.68
N TYR L 430 -51.48 -12.08 -95.40
CA TYR L 430 -52.88 -12.24 -95.05
C TYR L 430 -53.55 -10.88 -95.12
N TRP L 431 -54.82 -10.86 -95.44
CA TRP L 431 -55.54 -9.61 -95.64
C TRP L 431 -56.84 -9.60 -94.85
N LEU L 432 -57.14 -8.43 -94.27
CA LEU L 432 -58.43 -8.16 -93.66
C LEU L 432 -59.05 -6.97 -94.37
N ARG L 433 -60.35 -7.05 -94.64
CA ARG L 433 -61.10 -5.98 -95.29
C ARG L 433 -61.89 -5.24 -94.23
N ALA L 434 -62.07 -3.94 -94.42
CA ALA L 434 -62.89 -3.12 -93.54
C ALA L 434 -63.73 -2.19 -94.39
N VAL L 435 -65.05 -2.40 -94.37
CA VAL L 435 -65.99 -1.58 -95.12
C VAL L 435 -66.42 -0.42 -94.26
N VAL L 436 -66.14 0.79 -94.70
CA VAL L 436 -66.50 1.99 -93.96
C VAL L 436 -67.77 2.57 -94.56
N GLU L 437 -68.78 2.71 -93.70
CA GLU L 437 -70.00 3.44 -94.04
C GLU L 437 -69.87 4.84 -93.42
N VAL L 438 -69.30 5.75 -94.20
CA VAL L 438 -69.19 7.13 -93.72
C VAL L 438 -70.55 7.81 -93.82
N PRO L 439 -71.01 8.51 -92.78
CA PRO L 439 -72.30 9.21 -92.89
C PRO L 439 -72.21 10.40 -93.82
N ALA L 440 -73.29 10.63 -94.57
CA ALA L 440 -73.34 11.67 -95.58
C ALA L 440 -73.49 13.03 -94.90
N HIS L 441 -72.49 13.89 -95.06
CA HIS L 441 -72.53 15.24 -94.52
C HIS L 441 -71.57 16.11 -95.33
N GLU L 442 -71.90 17.40 -95.43
CA GLU L 442 -71.09 18.32 -96.20
C GLU L 442 -69.94 18.87 -95.38
N GLY L 443 -68.91 19.33 -96.08
CA GLY L 443 -67.75 19.93 -95.45
C GLY L 443 -66.66 18.92 -95.14
N ALA L 444 -65.67 19.39 -94.40
CA ALA L 444 -64.62 18.51 -93.89
C ALA L 444 -65.06 17.78 -92.63
N LEU L 445 -66.25 18.14 -92.11
CA LEU L 445 -66.82 17.41 -90.99
C LEU L 445 -67.26 16.01 -91.42
N GLY L 446 -67.77 15.88 -92.65
CA GLY L 446 -68.33 14.61 -93.08
C GLY L 446 -67.30 13.63 -93.63
N LYS L 447 -66.02 13.94 -93.48
CA LYS L 447 -65.00 13.08 -94.04
C LYS L 447 -64.55 12.02 -93.04
N ALA L 448 -63.45 11.35 -93.39
CA ALA L 448 -63.04 10.11 -92.75
C ALA L 448 -62.25 10.40 -91.47
N PRO L 449 -61.92 9.37 -90.67
CA PRO L 449 -61.00 9.57 -89.54
C PRO L 449 -59.61 10.06 -89.95
N TRP L 450 -58.85 10.51 -88.94
CA TRP L 450 -57.59 11.20 -89.22
C TRP L 450 -56.39 10.27 -89.05
N LEU L 451 -56.50 9.28 -88.15
CA LEU L 451 -55.56 8.15 -88.03
C LEU L 451 -54.13 8.63 -87.74
N TYR L 452 -53.94 9.08 -86.50
CA TYR L 452 -52.59 9.39 -86.01
C TYR L 452 -51.63 8.21 -86.19
N GLY L 453 -52.11 7.00 -85.92
CA GLY L 453 -51.32 5.81 -86.21
C GLY L 453 -52.03 4.54 -85.83
N LEU L 454 -51.32 3.44 -86.03
CA LEU L 454 -51.81 2.09 -85.75
C LEU L 454 -50.62 1.20 -85.41
N ILE L 455 -50.76 0.42 -84.34
CA ILE L 455 -49.68 -0.44 -83.87
C ILE L 455 -50.19 -1.86 -83.68
N TYR L 456 -49.32 -2.82 -83.95
CA TYR L 456 -49.62 -4.24 -83.86
C TYR L 456 -49.13 -4.78 -82.52
N ASN L 457 -49.79 -5.85 -82.06
CA ASN L 457 -49.43 -6.61 -80.85
C ASN L 457 -49.51 -5.73 -79.61
N ALA L 458 -50.44 -4.78 -79.63
CA ALA L 458 -50.50 -3.70 -78.65
C ALA L 458 -51.61 -3.96 -77.65
N MET L 459 -51.45 -3.41 -76.45
CA MET L 459 -52.47 -3.43 -75.40
C MET L 459 -52.14 -2.32 -74.40
N THR L 460 -53.18 -1.68 -73.86
CA THR L 460 -52.98 -0.55 -72.97
C THR L 460 -52.43 -0.99 -71.62
N ALA L 461 -51.89 -0.02 -70.87
CA ALA L 461 -51.26 -0.29 -69.60
C ALA L 461 -51.51 0.85 -68.63
N THR L 462 -52.12 0.52 -67.49
CA THR L 462 -52.53 1.50 -66.49
C THR L 462 -51.52 1.57 -65.35
N LEU L 463 -51.52 2.69 -64.64
CA LEU L 463 -50.60 2.93 -63.54
C LEU L 463 -50.91 2.02 -62.36
N VAL L 464 -49.86 1.58 -61.66
CA VAL L 464 -50.04 0.49 -60.70
C VAL L 464 -50.40 1.03 -59.32
N ASN L 465 -49.50 1.79 -58.70
CA ASN L 465 -49.70 2.26 -57.33
C ASN L 465 -49.80 3.78 -57.38
N VAL L 466 -50.96 4.31 -57.01
CA VAL L 466 -51.26 5.70 -57.30
C VAL L 466 -50.95 6.59 -56.11
N ASP L 467 -50.80 6.00 -54.92
CA ASP L 467 -50.64 6.81 -53.71
C ASP L 467 -49.19 7.19 -53.49
N SER L 468 -48.26 6.36 -53.93
CA SER L 468 -46.85 6.60 -53.62
C SER L 468 -46.26 7.69 -54.52
N ILE L 469 -46.83 7.87 -55.71
CA ILE L 469 -46.24 8.78 -56.67
C ILE L 469 -46.57 10.22 -56.31
N SER L 470 -45.54 11.09 -56.34
CA SER L 470 -45.70 12.49 -55.99
C SER L 470 -46.50 13.23 -57.04
N ASP L 471 -46.83 14.49 -56.71
CA ASP L 471 -47.76 15.25 -57.55
C ASP L 471 -47.07 15.83 -58.78
N SER L 472 -45.74 15.75 -58.84
CA SER L 472 -45.01 16.32 -59.97
C SER L 472 -45.22 15.49 -61.23
N HIS L 473 -45.48 14.19 -61.08
CA HIS L 473 -45.64 13.34 -62.26
C HIS L 473 -47.01 13.52 -62.89
N PHE L 474 -48.03 13.80 -62.08
CA PHE L 474 -49.39 13.85 -62.59
C PHE L 474 -49.68 15.15 -63.32
N LEU L 475 -48.81 16.16 -63.18
CA LEU L 475 -49.03 17.47 -63.77
C LEU L 475 -49.02 17.45 -65.28
N THR L 476 -48.02 16.77 -65.85
CA THR L 476 -47.89 16.62 -67.29
C THR L 476 -48.20 15.18 -67.65
N PRO L 477 -48.63 14.93 -68.88
CA PRO L 477 -48.53 13.57 -69.42
C PRO L 477 -47.08 13.13 -69.47
N LEU L 478 -46.87 11.84 -69.20
CA LEU L 478 -45.55 11.25 -69.33
C LEU L 478 -45.09 11.32 -70.79
N PRO L 479 -43.80 11.53 -71.05
CA PRO L 479 -43.37 11.77 -72.43
C PRO L 479 -43.42 10.53 -73.30
N ALA L 480 -43.41 10.75 -74.61
CA ALA L 480 -43.49 9.64 -75.56
C ALA L 480 -42.16 8.92 -75.66
N SER L 481 -42.22 7.65 -76.07
CA SER L 481 -41.05 6.76 -76.22
C SER L 481 -40.26 6.64 -74.92
N SER L 482 -40.98 6.50 -73.81
CA SER L 482 -40.34 6.48 -72.51
C SER L 482 -40.16 5.07 -71.99
N ILE L 483 -41.25 4.30 -71.87
CA ILE L 483 -41.16 2.92 -71.41
C ILE L 483 -40.57 2.08 -72.54
N GLN L 484 -39.39 1.52 -72.29
CA GLN L 484 -38.64 0.77 -73.28
C GLN L 484 -38.28 -0.62 -72.79
N ARG L 485 -38.79 -1.01 -71.63
CA ARG L 485 -38.37 -2.24 -70.97
C ARG L 485 -39.42 -2.61 -69.93
N PRO L 486 -39.55 -3.89 -69.60
CA PRO L 486 -40.40 -4.27 -68.47
C PRO L 486 -39.64 -4.26 -67.16
N VAL L 487 -40.38 -4.49 -66.06
CA VAL L 487 -39.76 -4.58 -64.75
C VAL L 487 -39.00 -5.89 -64.62
N GLU L 488 -39.70 -7.01 -64.79
CA GLU L 488 -39.07 -8.31 -64.77
C GLU L 488 -38.53 -8.63 -66.15
N PRO L 489 -37.26 -9.01 -66.27
CA PRO L 489 -36.67 -9.21 -67.60
C PRO L 489 -37.19 -10.47 -68.27
N ILE L 490 -37.98 -10.28 -69.32
CA ILE L 490 -38.50 -11.36 -70.15
C ILE L 490 -37.56 -11.48 -71.35
N ILE L 491 -36.86 -12.60 -71.43
CA ILE L 491 -35.67 -12.75 -72.27
C ILE L 491 -36.03 -12.86 -73.74
N VAL L 492 -37.21 -13.40 -74.05
CA VAL L 492 -37.58 -13.62 -75.43
C VAL L 492 -38.18 -12.36 -76.03
N LEU L 493 -38.54 -11.40 -75.17
CA LEU L 493 -38.98 -10.11 -75.65
C LEU L 493 -37.80 -9.33 -76.22
N ALA L 494 -38.06 -8.65 -77.34
CA ALA L 494 -37.05 -7.81 -77.97
C ALA L 494 -37.16 -6.37 -77.51
N SER L 495 -38.33 -5.76 -77.70
CA SER L 495 -38.53 -4.37 -77.31
C SER L 495 -40.02 -4.09 -77.13
N VAL L 496 -40.32 -3.18 -76.21
CA VAL L 496 -41.62 -2.52 -76.14
C VAL L 496 -41.38 -1.09 -76.58
N ASN L 497 -42.45 -0.38 -76.92
CA ASN L 497 -42.36 1.04 -77.21
C ASN L 497 -43.74 1.67 -77.08
N GLN L 498 -43.75 2.94 -76.71
CA GLN L 498 -44.96 3.74 -76.78
C GLN L 498 -44.75 4.82 -77.84
N PRO L 499 -45.54 4.85 -78.91
CA PRO L 499 -45.44 6.01 -79.82
C PRO L 499 -46.10 7.24 -79.23
N TRP L 500 -47.27 7.08 -78.60
CA TRP L 500 -47.94 8.16 -77.90
C TRP L 500 -48.04 7.79 -76.43
N ALA L 501 -48.29 8.77 -75.58
CA ALA L 501 -48.11 8.54 -74.15
C ALA L 501 -49.10 9.32 -73.29
N SER L 502 -49.75 8.55 -72.41
CA SER L 502 -50.31 9.02 -71.14
C SER L 502 -51.40 10.06 -71.30
N TRP L 503 -52.50 9.68 -71.93
CA TRP L 503 -53.72 10.47 -71.83
C TRP L 503 -54.36 10.22 -70.47
N GLY L 504 -55.20 11.16 -70.04
CA GLY L 504 -55.97 11.00 -68.83
C GLY L 504 -55.11 11.09 -67.58
N GLY L 505 -55.74 10.77 -66.46
CA GLY L 505 -55.07 10.87 -65.18
C GLY L 505 -55.02 12.29 -64.67
N ARG L 506 -55.38 12.46 -63.41
CA ARG L 506 -55.49 13.79 -62.84
C ARG L 506 -54.78 13.84 -61.50
N ILE L 507 -54.53 15.06 -61.04
CA ILE L 507 -53.83 15.34 -59.80
C ILE L 507 -54.67 14.86 -58.62
N PRO L 508 -54.08 14.46 -57.51
CA PRO L 508 -54.84 14.42 -56.26
C PRO L 508 -55.22 15.83 -55.85
N GLU L 509 -56.37 15.96 -55.20
CA GLU L 509 -56.99 17.27 -55.04
C GLU L 509 -56.26 18.11 -54.01
N SER L 510 -55.90 19.32 -54.40
CA SER L 510 -55.38 20.33 -53.49
C SER L 510 -56.53 20.96 -52.73
N TYR L 511 -56.22 21.57 -51.60
CA TYR L 511 -57.26 22.11 -50.73
C TYR L 511 -57.88 23.37 -51.30
N SER L 512 -57.23 23.99 -52.29
CA SER L 512 -57.85 25.11 -52.99
C SER L 512 -58.89 24.61 -53.99
N ALA L 513 -58.54 23.58 -54.76
CA ALA L 513 -59.43 23.09 -55.80
C ALA L 513 -60.51 22.18 -55.22
N PHE L 514 -60.25 21.59 -54.05
CA PHE L 514 -61.28 20.81 -53.38
C PHE L 514 -62.38 21.72 -52.86
N PHE L 515 -62.03 22.94 -52.47
CA PHE L 515 -63.05 23.87 -51.98
C PHE L 515 -63.89 24.43 -53.13
N GLU L 516 -63.29 24.61 -54.30
CA GLU L 516 -64.05 25.07 -55.45
C GLU L 516 -65.00 23.97 -55.95
N ARG L 517 -64.61 22.71 -55.79
CA ARG L 517 -65.45 21.60 -56.23
C ARG L 517 -66.68 21.46 -55.36
N ILE L 518 -66.54 21.62 -54.05
CA ILE L 518 -67.68 21.47 -53.16
C ILE L 518 -68.54 22.74 -53.15
N ALA L 519 -67.94 23.88 -53.49
CA ALA L 519 -68.74 25.10 -53.62
C ALA L 519 -69.65 25.05 -54.84
N GLN L 520 -69.29 24.25 -55.84
CA GLN L 520 -70.19 24.05 -56.96
C GLN L 520 -71.33 23.11 -56.61
N ASN L 521 -71.04 22.06 -55.84
CA ASN L 521 -72.06 21.07 -55.50
C ASN L 521 -73.10 21.63 -54.54
N LEU L 522 -72.76 22.68 -53.79
CA LEU L 522 -73.75 23.27 -52.90
C LEU L 522 -74.50 24.40 -53.60
N SER L 523 -74.04 24.82 -54.78
CA SER L 523 -74.73 25.90 -55.47
C SER L 523 -75.85 25.36 -56.35
N HIS L 524 -75.55 24.38 -57.22
CA HIS L 524 -76.54 23.84 -58.13
C HIS L 524 -77.11 22.51 -57.70
N ARG L 525 -76.38 21.72 -56.90
CA ARG L 525 -76.83 20.47 -56.28
C ARG L 525 -77.23 19.43 -57.31
N ASN L 526 -76.50 19.42 -58.43
CA ASN L 526 -76.57 18.42 -59.50
C ASN L 526 -77.94 18.40 -60.17
N ARG L 527 -78.61 19.55 -60.20
CA ARG L 527 -79.77 19.78 -61.03
C ARG L 527 -79.56 21.08 -61.80
N SER L 528 -79.75 21.03 -63.11
CA SER L 528 -79.58 22.20 -63.96
C SER L 528 -80.93 22.90 -64.07
N LEU L 529 -81.23 23.76 -63.12
CA LEU L 529 -82.51 24.43 -63.08
C LEU L 529 -82.51 25.83 -63.65
N THR L 530 -81.38 26.53 -63.63
CA THR L 530 -81.33 27.91 -64.07
C THR L 530 -80.33 28.06 -65.21
N TRP L 531 -80.20 29.28 -65.72
CA TRP L 531 -79.26 29.53 -66.82
C TRP L 531 -77.83 29.38 -66.36
N GLY L 532 -77.53 29.86 -65.15
CA GLY L 532 -76.17 29.74 -64.64
C GLY L 532 -75.80 28.29 -64.37
N ASN L 533 -76.76 27.50 -63.87
CA ASN L 533 -76.48 26.11 -63.55
C ASN L 533 -76.28 25.27 -64.81
N MET L 534 -76.87 25.69 -65.92
CA MET L 534 -76.62 24.98 -67.18
C MET L 534 -75.23 25.31 -67.72
N VAL L 535 -74.69 26.47 -67.35
CA VAL L 535 -73.40 26.89 -67.90
C VAL L 535 -72.25 26.16 -67.21
N THR L 536 -72.29 26.04 -65.87
CA THR L 536 -71.19 25.35 -65.20
C THR L 536 -71.30 23.84 -65.35
N LEU L 537 -72.52 23.28 -65.34
CA LEU L 537 -72.66 21.83 -65.34
C LEU L 537 -72.22 21.20 -66.65
N LEU L 538 -72.20 21.98 -67.74
CA LEU L 538 -71.59 21.50 -68.97
C LEU L 538 -70.07 21.65 -68.91
N LYS L 539 -69.58 22.64 -68.16
CA LYS L 539 -68.18 23.01 -68.28
C LYS L 539 -67.28 22.12 -67.42
N GLU L 540 -67.80 21.59 -66.32
CA GLU L 540 -66.97 20.76 -65.45
C GLU L 540 -66.84 19.35 -66.01
N ARG L 541 -67.94 18.80 -66.53
CA ARG L 541 -67.93 17.42 -66.97
C ARG L 541 -67.19 17.25 -68.29
N TYR L 542 -67.45 18.12 -69.26
CA TYR L 542 -66.89 17.98 -70.60
C TYR L 542 -65.57 18.74 -70.68
N VAL L 543 -64.55 18.07 -71.21
CA VAL L 543 -63.25 18.72 -71.37
C VAL L 543 -63.14 19.36 -72.74
N SER L 544 -64.02 18.96 -73.67
CA SER L 544 -63.97 19.52 -75.01
C SER L 544 -64.50 20.94 -75.05
N ILE L 545 -65.35 21.29 -74.08
CA ILE L 545 -65.96 22.61 -74.06
C ILE L 545 -64.94 23.66 -73.66
N PHE L 546 -64.75 24.66 -74.51
CA PHE L 546 -64.02 25.84 -74.09
C PHE L 546 -64.90 26.73 -73.22
N ASP L 547 -66.02 27.19 -73.77
CA ASP L 547 -66.98 27.98 -73.03
C ASP L 547 -68.38 27.73 -73.56
N VAL L 548 -69.37 28.13 -72.75
CA VAL L 548 -70.74 28.29 -73.18
C VAL L 548 -71.12 29.73 -72.89
N LYS L 549 -71.86 30.34 -73.80
CA LYS L 549 -72.39 31.67 -73.57
C LYS L 549 -73.91 31.60 -73.57
N TYR L 550 -74.53 32.35 -72.68
CA TYR L 550 -75.97 32.35 -72.60
C TYR L 550 -76.58 33.03 -73.82
N PRO L 551 -77.83 32.71 -74.17
CA PRO L 551 -78.54 33.46 -75.22
C PRO L 551 -79.05 34.82 -74.76
N GLY L 552 -78.12 35.72 -74.44
CA GLY L 552 -78.36 37.14 -74.48
C GLY L 552 -79.28 37.78 -73.46
N ASN L 553 -79.47 39.09 -73.62
CA ASN L 553 -80.28 39.87 -72.69
C ASN L 553 -81.67 40.15 -73.25
N ASP L 554 -81.78 40.43 -74.55
CA ASP L 554 -83.06 40.85 -75.10
C ASP L 554 -83.97 39.64 -75.31
N GLU L 555 -83.36 38.47 -75.43
CA GLU L 555 -84.10 37.27 -75.83
C GLU L 555 -85.04 36.82 -74.73
N LEU L 556 -84.60 36.92 -73.48
CA LEU L 556 -85.39 36.37 -72.38
C LEU L 556 -86.52 37.30 -71.96
N THR L 557 -86.59 38.50 -72.56
CA THR L 557 -87.60 39.45 -72.12
C THR L 557 -88.68 39.67 -73.18
N ARG L 558 -88.40 39.31 -74.44
CA ARG L 558 -89.43 39.45 -75.47
C ARG L 558 -90.43 38.32 -75.40
N VAL L 559 -89.95 37.07 -75.45
CA VAL L 559 -90.52 35.78 -75.08
C VAL L 559 -92.03 35.63 -75.32
N PRO L 560 -92.50 35.50 -76.56
CA PRO L 560 -93.91 35.11 -76.77
C PRO L 560 -94.07 33.60 -76.68
N ALA L 561 -93.91 33.10 -75.44
CA ALA L 561 -93.98 31.68 -75.08
C ALA L 561 -93.01 30.83 -75.90
N LEU L 562 -91.71 31.07 -75.72
CA LEU L 562 -90.70 30.22 -76.34
C LEU L 562 -90.30 29.14 -75.34
N GLU L 563 -90.69 27.91 -75.62
CA GLU L 563 -90.29 26.80 -74.77
C GLU L 563 -88.83 26.42 -75.01
N GLN L 564 -88.43 26.35 -76.27
CA GLN L 564 -87.12 25.80 -76.63
C GLN L 564 -86.01 26.79 -76.30
N GLN L 565 -85.00 26.30 -75.57
CA GLN L 565 -83.82 27.09 -75.25
C GLN L 565 -82.62 26.42 -75.89
N GLN L 566 -81.68 27.23 -76.39
CA GLN L 566 -80.60 26.76 -77.23
C GLN L 566 -79.29 27.30 -76.71
N LEU L 567 -78.57 26.48 -75.93
CA LEU L 567 -77.26 26.81 -75.44
C LEU L 567 -76.26 26.71 -76.59
N THR L 568 -75.42 27.72 -76.74
CA THR L 568 -74.46 27.73 -77.84
C THR L 568 -73.08 27.42 -77.27
N VAL L 569 -72.59 26.22 -77.52
CA VAL L 569 -71.31 25.77 -76.98
C VAL L 569 -70.23 26.12 -77.99
N ILE L 570 -69.08 26.55 -77.48
CA ILE L 570 -67.92 26.77 -78.35
C ILE L 570 -66.76 25.97 -77.78
N PRO L 571 -66.15 25.08 -78.57
CA PRO L 571 -65.19 24.14 -78.01
C PRO L 571 -63.76 24.63 -78.17
N ALA L 572 -62.85 23.91 -77.52
CA ALA L 572 -61.43 24.21 -77.62
C ALA L 572 -60.87 23.68 -78.94
N ASN L 573 -59.62 24.06 -79.22
CA ASN L 573 -58.94 23.54 -80.40
C ASN L 573 -58.39 22.14 -80.17
N ARG L 574 -58.39 21.67 -78.92
CA ARG L 574 -57.94 20.32 -78.62
C ARG L 574 -58.90 19.28 -79.16
N TYR L 575 -60.20 19.54 -79.06
CA TYR L 575 -61.22 18.60 -79.49
C TYR L 575 -62.21 19.33 -80.41
N ASN L 576 -61.90 19.37 -81.70
CA ASN L 576 -62.83 19.82 -82.72
C ASN L 576 -62.78 18.89 -83.92
N ASP L 577 -63.95 18.54 -84.44
CA ASP L 577 -64.02 17.54 -85.50
C ASP L 577 -63.84 18.18 -86.87
N SER L 578 -64.46 19.33 -87.09
CA SER L 578 -64.33 20.02 -88.37
C SER L 578 -62.95 20.64 -88.50
N ASP L 579 -62.37 20.56 -89.70
CA ASP L 579 -61.04 21.09 -89.95
C ASP L 579 -61.11 22.59 -90.24
N ASP L 580 -61.29 23.34 -89.17
CA ASP L 580 -61.18 24.80 -89.18
C ASP L 580 -60.62 25.22 -87.84
N SER L 581 -59.50 25.93 -87.85
CA SER L 581 -58.87 26.32 -86.59
C SER L 581 -59.67 27.41 -85.89
N LEU L 582 -60.14 28.40 -86.64
CA LEU L 582 -60.84 29.52 -86.02
C LEU L 582 -62.29 29.16 -85.70
N ARG L 583 -62.88 28.23 -86.45
CA ARG L 583 -64.28 27.88 -86.27
C ARG L 583 -64.40 26.43 -85.83
N PRO L 584 -64.41 26.14 -84.54
CA PRO L 584 -64.47 24.73 -84.11
C PRO L 584 -65.89 24.20 -83.98
N VAL L 585 -66.14 23.04 -84.57
CA VAL L 585 -67.47 22.44 -84.64
C VAL L 585 -67.39 21.02 -84.07
N LEU L 586 -68.41 20.62 -83.31
CA LEU L 586 -68.54 19.22 -82.93
C LEU L 586 -69.40 18.48 -83.95
N ASN L 587 -69.29 17.17 -83.94
CA ASN L 587 -70.23 16.36 -84.71
C ASN L 587 -71.57 16.32 -83.98
N PRO L 588 -72.68 16.30 -84.71
CA PRO L 588 -73.99 16.46 -84.05
C PRO L 588 -74.43 15.27 -83.21
N ALA L 589 -73.76 14.12 -83.31
CA ALA L 589 -74.15 12.98 -82.49
C ALA L 589 -73.72 13.18 -81.04
N ARG L 590 -72.46 13.54 -80.81
CA ARG L 590 -72.03 13.80 -79.44
C ARG L 590 -72.51 15.16 -78.95
N LEU L 591 -72.88 16.04 -79.89
CA LEU L 591 -73.50 17.30 -79.52
C LEU L 591 -74.92 17.08 -79.00
N GLN L 592 -75.61 16.08 -79.55
CA GLN L 592 -76.94 15.74 -79.07
C GLN L 592 -76.85 15.03 -77.72
N GLU L 593 -75.75 14.33 -77.48
CA GLU L 593 -75.57 13.58 -76.25
C GLU L 593 -75.33 14.50 -75.05
N MET L 594 -74.85 15.72 -75.29
CA MET L 594 -74.76 16.70 -74.23
C MET L 594 -76.13 17.20 -73.81
N ALA L 595 -77.08 17.23 -74.74
CA ALA L 595 -78.45 17.60 -74.39
C ALA L 595 -79.13 16.50 -73.61
N ASP L 596 -78.81 15.25 -73.96
CA ASP L 596 -79.45 14.11 -73.32
C ASP L 596 -78.95 13.93 -71.89
N TRP L 597 -77.72 14.38 -71.62
CA TRP L 597 -77.22 14.42 -70.25
C TRP L 597 -77.93 15.50 -69.45
N LEU L 598 -78.20 16.64 -70.07
CA LEU L 598 -78.72 17.78 -69.35
C LEU L 598 -80.25 17.74 -69.30
N GLN L 599 -80.86 16.84 -70.06
CA GLN L 599 -82.30 16.68 -69.99
C GLN L 599 -82.74 16.03 -68.69
N GLN L 600 -81.90 15.15 -68.14
CA GLN L 600 -82.20 14.52 -66.86
C GLN L 600 -82.14 15.52 -65.73
N LYS L 601 -81.17 16.43 -65.75
CA LYS L 601 -81.03 17.38 -64.67
C LYS L 601 -82.10 18.47 -64.75
N ASP L 602 -82.53 18.79 -65.96
CA ASP L 602 -83.46 19.90 -66.16
C ASP L 602 -84.89 19.46 -65.86
N SER L 603 -85.81 20.43 -65.94
CA SER L 603 -87.22 20.13 -65.86
C SER L 603 -87.67 19.32 -67.06
N PRO L 604 -88.69 18.47 -66.90
CA PRO L 604 -89.20 17.71 -68.07
C PRO L 604 -89.84 18.60 -69.12
N TRP L 605 -90.35 19.76 -68.73
CA TRP L 605 -90.92 20.67 -69.71
C TRP L 605 -89.83 21.44 -70.45
N ALA L 606 -88.63 21.47 -69.89
CA ALA L 606 -87.54 22.17 -70.54
C ALA L 606 -86.93 21.33 -71.65
N SER L 607 -87.26 21.67 -72.89
CA SER L 607 -86.65 21.05 -74.06
C SER L 607 -85.35 21.78 -74.34
N ILE L 608 -84.24 21.23 -73.87
CA ILE L 608 -82.95 21.88 -73.94
C ILE L 608 -82.08 21.10 -74.91
N GLU L 609 -81.46 21.80 -75.85
CA GLU L 609 -80.49 21.19 -76.75
C GLU L 609 -79.37 22.17 -77.08
N VAL L 610 -78.16 21.62 -77.24
CA VAL L 610 -76.94 22.41 -77.44
C VAL L 610 -76.63 22.42 -78.93
N ARG L 611 -76.13 23.54 -79.41
CA ARG L 611 -75.70 23.66 -80.79
C ARG L 611 -74.41 24.45 -80.88
N ASN L 612 -73.76 24.35 -82.04
CA ASN L 612 -72.66 25.27 -82.34
C ASN L 612 -73.23 26.55 -82.94
N PRO L 613 -72.70 27.70 -82.58
CA PRO L 613 -73.23 28.96 -83.13
C PRO L 613 -72.62 29.28 -84.48
N GLU L 614 -73.42 29.89 -85.35
CA GLU L 614 -72.88 30.39 -86.60
C GLU L 614 -71.99 31.59 -86.33
N TYR L 615 -70.89 31.68 -87.07
CA TYR L 615 -69.82 32.62 -86.79
C TYR L 615 -69.97 33.83 -87.70
N LEU L 616 -70.29 34.99 -87.10
CA LEU L 616 -70.20 36.23 -87.85
C LEU L 616 -68.76 36.67 -87.99
N ASP L 617 -68.43 37.19 -89.18
CA ASP L 617 -67.10 37.71 -89.45
C ASP L 617 -67.15 39.23 -89.43
N VAL L 618 -66.45 39.84 -88.48
CA VAL L 618 -66.29 41.28 -88.43
C VAL L 618 -64.89 41.62 -88.93
N LYS L 619 -64.82 42.38 -90.01
CA LYS L 619 -63.54 42.72 -90.63
C LYS L 619 -63.07 44.05 -90.11
N ILE L 620 -61.75 44.25 -90.10
CA ILE L 620 -61.15 45.54 -89.79
C ILE L 620 -60.09 45.83 -90.84
N HIS L 621 -60.01 47.08 -91.26
CA HIS L 621 -58.99 47.57 -92.16
C HIS L 621 -58.29 48.74 -91.49
N TYR L 622 -57.16 48.47 -90.83
CA TYR L 622 -56.53 49.51 -90.04
C TYR L 622 -55.20 49.91 -90.69
N GLU L 623 -54.84 51.17 -90.49
CA GLU L 623 -53.51 51.66 -90.84
C GLU L 623 -52.82 52.07 -89.56
N VAL L 624 -51.52 51.78 -89.47
CA VAL L 624 -50.78 51.89 -88.23
C VAL L 624 -49.32 52.17 -88.54
N ILE L 625 -48.75 53.16 -87.85
CA ILE L 625 -47.35 53.53 -88.02
C ILE L 625 -46.54 52.85 -86.92
N PHE L 626 -45.42 52.26 -87.30
CA PHE L 626 -44.67 51.37 -86.43
C PHE L 626 -43.43 52.07 -85.88
N LYS L 627 -42.55 51.26 -85.28
CA LYS L 627 -41.23 51.69 -84.84
C LYS L 627 -40.40 52.20 -86.01
N PRO L 628 -39.42 53.08 -85.76
CA PRO L 628 -38.61 53.61 -86.87
C PRO L 628 -37.74 52.58 -87.59
N ASP L 629 -37.42 51.44 -86.96
CA ASP L 629 -36.45 50.50 -87.50
C ASP L 629 -37.06 49.10 -87.59
N VAL L 630 -38.23 48.98 -88.19
CA VAL L 630 -38.86 47.68 -88.45
C VAL L 630 -39.54 47.73 -89.82
N ASN L 631 -39.54 46.59 -90.51
CA ASN L 631 -40.32 46.47 -91.74
C ASN L 631 -41.78 46.19 -91.38
N GLU L 632 -42.69 46.83 -92.11
CA GLU L 632 -44.10 46.83 -91.71
C GLU L 632 -44.77 45.50 -92.01
N ASP L 633 -44.29 44.77 -93.01
CA ASP L 633 -44.89 43.49 -93.36
C ASP L 633 -44.61 42.44 -92.29
N PHE L 634 -43.41 42.48 -91.72
CA PHE L 634 -43.14 41.71 -90.50
C PHE L 634 -43.91 42.30 -89.33
N GLY L 635 -44.15 43.62 -89.35
CA GLY L 635 -44.91 44.23 -88.28
C GLY L 635 -46.40 44.00 -88.38
N TYR L 636 -46.92 43.88 -89.61
CA TYR L 636 -48.33 43.56 -89.79
C TYR L 636 -48.63 42.14 -89.36
N ARG L 637 -47.76 41.20 -89.74
CA ARG L 637 -48.02 39.78 -89.48
C ARG L 637 -47.89 39.45 -88.01
N GLN L 638 -46.90 40.05 -87.34
CA GLN L 638 -46.69 39.76 -85.93
C GLN L 638 -47.80 40.34 -85.08
N LEU L 639 -48.28 41.54 -85.42
CA LEU L 639 -49.37 42.16 -84.68
C LEU L 639 -50.67 41.42 -84.90
N GLN L 640 -50.82 40.77 -86.05
CA GLN L 640 -52.05 40.07 -86.38
C GLN L 640 -52.21 38.81 -85.53
N GLN L 641 -51.09 38.20 -85.13
CA GLN L 641 -51.15 36.93 -84.40
C GLN L 641 -51.64 37.13 -82.97
N GLN L 642 -51.19 38.19 -82.30
CA GLN L 642 -51.66 38.45 -80.94
C GLN L 642 -53.07 39.00 -80.95
N LEU L 643 -53.45 39.70 -82.02
CA LEU L 643 -54.83 40.13 -82.16
C LEU L 643 -55.75 38.95 -82.46
N CYS L 644 -55.24 37.96 -83.18
CA CYS L 644 -56.00 36.73 -83.39
C CYS L 644 -56.10 35.92 -82.11
N GLU L 645 -55.12 36.07 -81.22
CA GLU L 645 -55.10 35.25 -80.01
C GLU L 645 -56.08 35.76 -78.97
N VAL L 646 -56.13 37.07 -78.75
CA VAL L 646 -56.89 37.60 -77.62
C VAL L 646 -58.39 37.49 -77.86
N TYR L 647 -58.84 37.80 -79.07
CA TYR L 647 -60.26 37.77 -79.38
C TYR L 647 -60.72 36.44 -79.96
N MET L 648 -59.81 35.50 -80.20
CA MET L 648 -60.16 34.10 -80.42
C MET L 648 -59.25 33.24 -79.56
N PRO L 649 -59.52 33.18 -78.24
CA PRO L 649 -58.62 32.42 -77.36
C PRO L 649 -58.75 30.92 -77.52
N TRP L 650 -59.84 30.44 -78.13
CA TRP L 650 -59.97 29.01 -78.35
C TRP L 650 -59.09 28.54 -79.50
N SER L 651 -58.60 29.47 -80.33
CA SER L 651 -57.87 29.07 -81.53
C SER L 651 -56.49 28.55 -81.19
N ILE L 652 -55.80 29.18 -80.23
CA ILE L 652 -54.45 28.75 -79.88
C ILE L 652 -54.53 27.58 -78.92
N ASP L 653 -53.79 26.52 -79.24
CA ASP L 653 -53.81 25.28 -78.49
C ASP L 653 -53.19 25.47 -77.11
N GLU L 654 -53.65 24.64 -76.15
CA GLU L 654 -53.22 24.66 -74.73
C GLU L 654 -53.53 26.02 -74.11
N GLN L 655 -54.81 26.37 -74.06
CA GLN L 655 -55.26 27.60 -73.41
C GLN L 655 -56.32 27.25 -72.36
N ARG L 656 -56.16 27.81 -71.16
CA ARG L 656 -57.20 27.66 -70.15
C ARG L 656 -58.46 28.39 -70.58
N PRO L 657 -59.64 27.88 -70.23
CA PRO L 657 -60.88 28.56 -70.61
C PRO L 657 -61.08 29.84 -69.81
N VAL L 658 -61.02 30.98 -70.51
CA VAL L 658 -61.20 32.29 -69.89
C VAL L 658 -62.56 32.83 -70.32
N VAL L 659 -63.31 33.38 -69.35
CA VAL L 659 -64.64 33.84 -69.65
C VAL L 659 -64.56 35.17 -70.39
N LEU L 660 -65.27 35.26 -71.51
CA LEU L 660 -65.16 36.40 -72.41
C LEU L 660 -66.52 36.68 -73.00
N ASN L 661 -66.90 37.96 -73.07
CA ASN L 661 -68.25 38.33 -73.45
C ASN L 661 -68.43 38.27 -74.97
N ASN L 662 -69.68 38.45 -75.39
CA ASN L 662 -69.99 38.49 -76.82
C ASN L 662 -69.61 39.83 -77.42
N SER L 663 -69.70 40.90 -76.64
CA SER L 663 -69.40 42.22 -77.14
C SER L 663 -67.89 42.43 -77.26
N ILE L 664 -67.47 43.01 -78.37
CA ILE L 664 -66.13 43.58 -78.50
C ILE L 664 -66.28 45.10 -78.54
N ASN L 665 -65.50 45.79 -77.71
CA ASN L 665 -65.59 47.23 -77.65
C ASN L 665 -64.67 47.86 -78.69
N TYR L 666 -65.10 49.00 -79.24
CA TYR L 666 -64.31 49.71 -80.24
C TYR L 666 -63.03 50.28 -79.62
N PHE L 667 -63.12 50.77 -78.39
CA PHE L 667 -61.96 51.42 -77.78
C PHE L 667 -61.09 50.43 -77.04
N GLN L 668 -61.70 49.38 -76.47
CA GLN L 668 -60.89 48.34 -75.84
C GLN L 668 -60.16 47.51 -76.89
N LEU L 669 -60.70 47.43 -78.10
CA LEU L 669 -59.93 46.93 -79.23
C LEU L 669 -58.78 47.87 -79.56
N LEU L 670 -59.05 49.17 -79.56
CA LEU L 670 -58.04 50.14 -79.97
C LEU L 670 -56.92 50.24 -78.94
N ALA L 671 -57.26 50.02 -77.67
CA ALA L 671 -56.23 50.01 -76.63
C ALA L 671 -55.42 48.72 -76.68
N THR L 672 -56.05 47.60 -77.08
CA THR L 672 -55.36 46.32 -77.11
C THR L 672 -54.32 46.29 -78.23
N ILE L 673 -54.56 47.05 -79.29
CA ILE L 673 -53.55 47.21 -80.33
C ILE L 673 -52.37 48.01 -79.80
N GLN L 674 -52.62 48.95 -78.87
CA GLN L 674 -51.57 49.85 -78.39
C GLN L 674 -50.61 49.19 -77.42
N GLN L 675 -50.98 48.05 -76.82
CA GLN L 675 -50.09 47.46 -75.82
C GLN L 675 -49.10 46.49 -76.43
N GLN L 676 -49.09 46.36 -77.75
CA GLN L 676 -48.06 45.55 -78.38
C GLN L 676 -46.73 46.31 -78.30
N PRO L 677 -45.60 45.61 -78.16
CA PRO L 677 -44.33 46.33 -77.97
C PRO L 677 -43.82 46.99 -79.24
N LEU L 678 -44.33 46.56 -80.38
CA LEU L 678 -43.80 47.04 -81.65
C LEU L 678 -44.65 48.18 -82.22
N VAL L 679 -45.85 48.38 -81.67
CA VAL L 679 -46.71 49.43 -82.18
C VAL L 679 -46.22 50.78 -81.66
N GLU L 680 -46.52 51.84 -82.43
CA GLU L 680 -46.29 53.21 -82.00
C GLU L 680 -47.58 54.01 -81.95
N ARG L 681 -48.34 53.98 -83.05
CA ARG L 681 -49.55 54.76 -83.19
C ARG L 681 -50.37 54.17 -84.33
N VAL L 682 -51.68 54.11 -84.14
CA VAL L 682 -52.61 53.67 -85.17
C VAL L 682 -53.34 54.90 -85.70
N THR L 683 -53.87 54.81 -86.91
CA THR L 683 -54.66 55.92 -87.42
C THR L 683 -56.15 55.66 -87.26
N ARG L 684 -56.66 54.60 -87.88
CA ARG L 684 -58.09 54.35 -87.87
C ARG L 684 -58.30 52.85 -87.80
N LEU L 685 -59.52 52.44 -87.46
CA LEU L 685 -59.79 51.01 -87.34
C LEU L 685 -60.69 50.51 -88.46
N THR L 686 -61.78 51.23 -88.74
CA THR L 686 -62.80 50.85 -89.74
C THR L 686 -63.38 49.46 -89.47
N LEU L 687 -64.11 49.35 -88.36
CA LEU L 687 -64.87 48.14 -88.07
C LEU L 687 -65.89 47.87 -89.16
N HIS L 688 -65.82 46.67 -89.75
CA HIS L 688 -66.57 46.32 -90.95
C HIS L 688 -67.28 44.99 -90.69
N ARG L 689 -68.49 45.08 -90.15
CA ARG L 689 -69.31 43.91 -89.90
C ARG L 689 -69.91 43.40 -91.21
N ALA L 690 -69.90 42.08 -91.38
CA ALA L 690 -70.50 41.47 -92.56
C ALA L 690 -72.02 41.40 -92.41
N THR L 699 -68.26 54.26 -87.85
CA THR L 699 -67.47 53.22 -87.19
C THR L 699 -67.73 53.24 -85.69
N ALA L 700 -68.46 52.24 -85.21
CA ALA L 700 -68.70 52.14 -83.78
C ALA L 700 -68.43 50.71 -83.31
N SER L 701 -68.68 50.48 -82.02
CA SER L 701 -68.51 49.15 -81.46
C SER L 701 -69.62 48.22 -81.92
N VAL L 702 -69.22 47.04 -82.37
CA VAL L 702 -70.15 46.02 -82.86
C VAL L 702 -70.42 45.03 -81.73
N GLU L 703 -71.70 44.77 -81.48
CA GLU L 703 -72.11 43.84 -80.44
C GLU L 703 -72.74 42.64 -81.11
N ALA L 704 -72.41 41.46 -80.60
CA ALA L 704 -72.78 40.20 -81.22
C ALA L 704 -74.26 39.93 -81.00
N LYS L 705 -74.97 39.65 -82.08
CA LYS L 705 -76.35 39.24 -81.98
C LYS L 705 -76.40 37.83 -81.38
N ASP L 706 -77.57 37.47 -80.84
CA ASP L 706 -77.70 36.23 -80.10
C ASP L 706 -77.53 35.02 -81.02
N ASN L 707 -77.03 33.92 -80.43
CA ASN L 707 -76.68 32.67 -81.12
C ASN L 707 -75.56 32.88 -82.15
N GLU L 708 -74.77 33.94 -82.01
CA GLU L 708 -73.73 34.29 -82.98
C GLU L 708 -72.46 34.67 -82.23
N VAL L 709 -71.31 34.31 -82.81
CA VAL L 709 -69.99 34.57 -82.24
C VAL L 709 -69.13 35.25 -83.29
N LEU L 710 -68.45 36.33 -82.88
CA LEU L 710 -67.67 37.17 -83.78
C LEU L 710 -66.28 36.58 -84.02
N ILE L 711 -65.85 36.61 -85.28
CA ILE L 711 -64.50 36.21 -85.69
C ILE L 711 -63.91 37.36 -86.49
N LEU L 712 -62.71 37.79 -86.13
CA LEU L 712 -62.11 38.89 -86.88
C LEU L 712 -61.42 38.39 -88.15
N VAL L 713 -61.52 39.21 -89.20
CA VAL L 713 -60.92 38.92 -90.50
C VAL L 713 -60.09 40.12 -90.91
N TRP L 714 -58.85 39.87 -91.35
CA TRP L 714 -57.92 40.93 -91.74
C TRP L 714 -57.50 40.78 -93.19
N GLU L 715 -58.19 41.49 -94.09
CA GLU L 715 -57.75 41.63 -95.48
C GLU L 715 -58.00 43.04 -95.97
N ALA M 6 -9.73 53.36 -41.26
CA ALA M 6 -9.33 52.13 -40.59
C ALA M 6 -7.96 51.68 -41.05
N LEU M 7 -7.02 52.63 -41.09
CA LEU M 7 -5.64 52.29 -41.44
C LEU M 7 -4.90 51.69 -40.25
N PHE M 8 -5.45 51.85 -39.04
CA PHE M 8 -4.72 51.48 -37.83
C PHE M 8 -4.64 49.97 -37.67
N HIS M 9 -5.68 49.24 -38.04
CA HIS M 9 -5.75 47.82 -37.70
C HIS M 9 -4.82 46.98 -38.56
N SER M 10 -4.42 47.50 -39.72
CA SER M 10 -3.53 46.73 -40.59
C SER M 10 -2.07 47.02 -40.29
N VAL M 11 -1.76 48.21 -39.78
CA VAL M 11 -0.40 48.62 -39.52
C VAL M 11 -0.04 48.43 -38.04
N LYS M 12 -0.98 47.89 -37.24
CA LYS M 12 -0.87 47.91 -35.79
C LYS M 12 0.30 47.08 -35.28
N ASP M 13 0.64 46.01 -35.99
CA ASP M 13 1.80 45.22 -35.59
C ASP M 13 3.10 45.91 -35.99
N ASP M 14 3.01 46.91 -36.86
CA ASP M 14 4.23 47.49 -37.45
C ASP M 14 4.65 48.78 -36.77
N ILE M 15 3.70 49.63 -36.38
CA ILE M 15 4.07 50.84 -35.68
C ILE M 15 4.08 50.58 -34.19
N HIS M 16 5.12 49.90 -33.72
CA HIS M 16 5.13 49.37 -32.38
C HIS M 16 6.52 49.51 -31.79
N PHE M 17 6.58 49.66 -30.47
CA PHE M 17 7.87 49.81 -29.80
C PHE M 17 8.71 48.55 -29.94
N ASP M 18 8.07 47.38 -29.87
CA ASP M 18 8.82 46.13 -29.88
C ASP M 18 9.37 45.82 -31.26
N THR M 19 8.74 46.37 -32.31
CA THR M 19 9.19 46.08 -33.67
C THR M 19 10.03 47.21 -34.24
N LEU M 20 9.89 48.42 -33.71
CA LEU M 20 10.79 49.50 -34.12
C LEU M 20 12.13 49.37 -33.42
N LEU M 21 12.13 48.79 -32.21
CA LEU M 21 13.40 48.59 -31.53
C LEU M 21 14.22 47.49 -32.18
N GLU M 22 13.55 46.46 -32.71
CA GLU M 22 14.25 45.40 -33.41
C GLU M 22 14.80 45.90 -34.73
N GLN M 23 14.17 46.92 -35.30
CA GLN M 23 14.76 47.59 -36.45
C GLN M 23 16.01 48.36 -36.06
N ALA M 24 16.00 48.96 -34.86
CA ALA M 24 17.08 49.85 -34.48
C ALA M 24 18.30 49.08 -34.00
N HIS M 25 18.10 47.90 -33.42
CA HIS M 25 19.25 47.09 -33.01
C HIS M 25 19.97 46.52 -34.21
N GLN M 26 19.26 46.29 -35.31
CA GLN M 26 19.89 45.69 -36.48
C GLN M 26 20.76 46.69 -37.22
N VAL M 27 20.52 47.99 -37.04
CA VAL M 27 21.40 49.00 -37.60
C VAL M 27 22.69 49.09 -36.78
N ILE M 28 22.59 48.83 -35.47
CA ILE M 28 23.76 48.89 -34.61
C ILE M 28 24.59 47.61 -34.78
N GLU M 29 23.92 46.47 -34.93
CA GLU M 29 24.62 45.19 -34.93
C GLU M 29 25.35 44.96 -36.24
N LYS M 30 24.97 45.68 -37.30
CA LYS M 30 25.70 45.54 -38.56
C LYS M 30 26.82 46.55 -38.66
N GLN M 31 26.60 47.78 -38.18
CA GLN M 31 27.51 48.86 -38.52
C GLN M 31 28.52 49.13 -37.41
N ALA M 32 28.11 48.97 -36.16
CA ALA M 32 28.99 49.22 -35.02
C ALA M 32 29.06 48.05 -34.06
N GLU M 33 29.26 46.83 -34.57
CA GLU M 33 29.30 45.67 -33.69
C GLU M 33 30.65 45.55 -32.99
N LYS M 34 31.67 46.23 -33.50
CA LYS M 34 32.99 46.13 -32.90
C LYS M 34 33.21 47.21 -31.84
N LEU M 35 32.72 48.42 -32.11
CA LEU M 35 32.98 49.52 -31.18
C LEU M 35 31.90 49.61 -30.11
N TRP M 36 30.71 49.08 -30.40
CA TRP M 36 29.57 49.16 -29.49
C TRP M 36 29.01 47.75 -29.36
N SER M 37 29.60 46.97 -28.47
CA SER M 37 29.32 45.55 -28.38
C SER M 37 28.38 45.19 -27.25
N ASP M 38 28.06 46.13 -26.37
CA ASP M 38 27.16 45.89 -25.26
C ASP M 38 25.88 46.67 -25.50
N THR M 39 24.83 45.95 -25.89
CA THR M 39 23.53 46.57 -26.15
C THR M 39 22.50 46.11 -25.12
N ALA M 40 22.93 45.85 -23.89
CA ALA M 40 22.02 45.42 -22.85
C ALA M 40 21.15 46.58 -22.38
N GLU M 41 20.23 46.30 -21.47
CA GLU M 41 19.26 47.30 -21.07
C GLU M 41 19.80 48.30 -20.07
N HIS M 42 21.09 48.29 -19.78
CA HIS M 42 21.62 49.18 -18.76
C HIS M 42 22.17 50.47 -19.36
N ASP M 43 22.80 50.40 -20.56
CA ASP M 43 23.71 51.47 -20.96
C ASP M 43 22.94 52.70 -21.42
N PRO M 44 23.56 53.89 -21.35
CA PRO M 44 22.86 55.09 -21.83
C PRO M 44 22.60 55.14 -23.32
N GLY M 45 23.28 54.30 -24.11
CA GLY M 45 23.07 54.34 -25.55
C GLY M 45 21.72 53.79 -25.96
N ILE M 46 21.27 52.73 -25.30
CA ILE M 46 19.99 52.11 -25.65
C ILE M 46 18.84 52.90 -25.05
N THR M 47 19.03 53.49 -23.87
CA THR M 47 17.96 54.25 -23.24
C THR M 47 17.68 55.55 -23.97
N PHE M 48 18.64 56.03 -24.75
CA PHE M 48 18.39 57.19 -25.59
C PHE M 48 17.61 56.70 -26.79
N LEU M 49 17.98 55.52 -27.28
CA LEU M 49 17.30 54.93 -28.42
C LEU M 49 15.90 54.48 -28.07
N GLN M 50 15.72 53.95 -26.87
CA GLN M 50 14.38 53.54 -26.44
C GLN M 50 13.49 54.75 -26.19
N GLY M 51 14.09 55.89 -25.85
CA GLY M 51 13.31 57.10 -25.80
C GLY M 51 12.88 57.58 -27.17
N ILE M 52 13.76 57.42 -28.15
CA ILE M 52 13.46 57.89 -29.51
C ILE M 52 12.52 56.92 -30.21
N SER M 53 12.73 55.61 -30.03
CA SER M 53 11.91 54.63 -30.75
C SER M 53 10.51 54.54 -30.15
N TYR M 54 10.31 55.11 -28.97
CA TYR M 54 8.95 55.30 -28.47
C TYR M 54 8.37 56.60 -29.00
N GLY M 55 9.21 57.59 -29.24
CA GLY M 55 8.73 58.83 -29.81
C GLY M 55 8.35 58.70 -31.27
N VAL M 56 9.01 57.78 -31.98
CA VAL M 56 8.63 57.50 -33.36
C VAL M 56 7.34 56.68 -33.38
N SER M 57 7.20 55.75 -32.45
CA SER M 57 5.95 54.99 -32.31
C SER M 57 4.81 55.91 -31.89
N ASP M 58 5.10 56.93 -31.10
CA ASP M 58 4.11 57.98 -30.84
C ASP M 58 3.81 58.75 -32.11
N LEU M 59 4.84 59.10 -32.88
CA LEU M 59 4.66 59.96 -34.04
C LEU M 59 3.95 59.24 -35.17
N ALA M 60 4.17 57.93 -35.29
CA ALA M 60 3.57 57.17 -36.37
C ALA M 60 2.15 56.75 -36.03
N TYR M 61 1.77 56.83 -34.76
CA TYR M 61 0.40 56.54 -34.38
C TYR M 61 -0.55 57.63 -34.85
N ARG M 62 -0.07 58.87 -34.93
CA ARG M 62 -0.93 59.98 -35.32
C ARG M 62 -1.26 59.94 -36.81
N HIS M 63 -0.51 59.18 -37.59
CA HIS M 63 -0.83 59.05 -39.01
C HIS M 63 -1.99 58.09 -39.22
N THR M 64 -2.19 57.16 -38.29
CA THR M 64 -3.21 56.14 -38.46
C THR M 64 -4.57 56.55 -37.92
N LEU M 65 -4.75 57.80 -37.54
CA LEU M 65 -6.07 58.29 -37.20
C LEU M 65 -6.91 58.38 -38.47
N PRO M 66 -8.24 58.31 -38.35
CA PRO M 66 -9.09 58.35 -39.55
C PRO M 66 -9.03 59.69 -40.25
N LEU M 67 -9.21 59.66 -41.57
CA LEU M 67 -8.85 60.79 -42.42
C LEU M 67 -9.82 61.96 -42.25
N LYS M 68 -11.03 61.68 -41.76
CA LYS M 68 -11.95 62.78 -41.47
C LYS M 68 -11.51 63.55 -40.24
N ASP M 69 -10.74 62.92 -39.35
CA ASP M 69 -10.31 63.60 -38.13
C ASP M 69 -8.94 64.23 -38.29
N LEU M 70 -8.15 63.74 -39.26
CA LEU M 70 -6.88 64.38 -39.55
C LEU M 70 -7.09 65.67 -40.34
N LEU M 71 -8.08 65.66 -41.23
CA LEU M 71 -8.19 66.75 -42.20
C LEU M 71 -9.02 67.89 -41.65
N THR M 72 -9.73 67.67 -40.56
CA THR M 72 -10.44 68.78 -39.94
C THR M 72 -9.46 69.67 -39.19
N PRO M 73 -9.57 70.99 -39.31
CA PRO M 73 -8.71 71.88 -38.56
C PRO M 73 -9.25 72.08 -37.16
N ALA M 74 -8.49 72.84 -36.37
CA ALA M 74 -8.90 73.19 -35.03
C ALA M 74 -10.15 74.07 -35.07
N PRO M 75 -11.02 73.98 -34.05
CA PRO M 75 -12.29 74.72 -34.10
C PRO M 75 -12.16 76.24 -34.05
N ASP M 76 -10.98 76.78 -33.76
CA ASP M 76 -10.84 78.23 -33.78
C ASP M 76 -10.73 78.74 -35.21
N GLU M 77 -10.13 77.96 -36.12
CA GLU M 77 -9.95 78.35 -37.51
C GLU M 77 -10.64 77.32 -38.39
N GLN M 78 -11.77 77.69 -38.95
CA GLN M 78 -12.49 76.85 -39.89
C GLN M 78 -13.01 77.71 -41.03
N GLN M 79 -12.89 77.19 -42.25
CA GLN M 79 -13.72 77.62 -43.36
C GLN M 79 -15.08 77.00 -43.12
N GLN M 80 -16.15 77.69 -43.54
CA GLN M 80 -17.51 77.60 -42.99
C GLN M 80 -18.04 76.17 -43.03
N GLU M 81 -18.17 75.54 -44.20
CA GLU M 81 -18.62 74.16 -44.24
C GLU M 81 -17.40 73.25 -44.20
N GLY M 82 -17.63 71.95 -44.34
CA GLY M 82 -16.66 70.96 -43.89
C GLY M 82 -15.43 70.80 -44.77
N ILE M 83 -14.87 69.57 -44.68
CA ILE M 83 -13.54 69.16 -45.11
C ILE M 83 -13.15 69.66 -46.50
N PHE M 84 -14.03 69.42 -47.46
CA PHE M 84 -13.90 70.08 -48.74
C PHE M 84 -14.89 71.24 -48.78
N PRO M 85 -14.50 72.38 -49.38
CA PRO M 85 -15.40 73.55 -49.36
C PRO M 85 -16.68 73.32 -50.15
N ALA M 86 -17.69 74.15 -49.87
CA ALA M 86 -19.02 73.90 -50.40
C ALA M 86 -19.10 74.16 -51.90
N GLU M 87 -18.10 74.85 -52.45
CA GLU M 87 -18.04 75.01 -53.89
C GLU M 87 -17.59 73.72 -54.58
N PHE M 88 -16.99 72.81 -53.81
CA PHE M 88 -16.42 71.60 -54.39
C PHE M 88 -17.34 70.39 -54.25
N GLY M 89 -18.60 70.59 -53.86
CA GLY M 89 -19.54 69.50 -53.77
C GLY M 89 -19.93 68.97 -55.14
N PRO M 90 -20.64 67.84 -55.18
CA PRO M 90 -21.05 67.26 -56.46
C PRO M 90 -22.08 68.09 -57.22
N HIS M 91 -22.73 69.03 -56.53
CA HIS M 91 -23.68 69.92 -57.17
C HIS M 91 -22.98 70.95 -58.05
N ASN M 92 -21.69 71.17 -57.82
CA ASN M 92 -20.97 72.15 -58.63
C ASN M 92 -19.80 71.51 -59.38
N THR M 93 -19.39 70.31 -58.96
CA THR M 93 -18.23 69.69 -59.58
C THR M 93 -18.64 68.79 -60.74
N LEU M 94 -19.87 68.25 -60.69
CA LEU M 94 -20.32 67.39 -61.76
C LEU M 94 -21.17 68.14 -62.77
N THR M 95 -21.94 69.13 -62.30
CA THR M 95 -22.82 69.86 -63.18
C THR M 95 -22.04 70.85 -64.05
N CYS M 96 -22.45 70.96 -65.30
CA CYS M 96 -21.84 71.91 -66.22
C CYS M 96 -22.85 72.97 -66.59
N GLY M 97 -22.36 73.99 -67.29
CA GLY M 97 -23.18 75.13 -67.66
C GLY M 97 -24.26 74.80 -68.66
N PRO M 98 -25.26 75.67 -68.77
CA PRO M 98 -26.35 75.55 -69.77
C PRO M 98 -25.90 76.04 -71.15
N VAL M 99 -25.41 75.12 -71.99
CA VAL M 99 -25.00 75.52 -73.33
C VAL M 99 -25.91 74.91 -74.39
N THR M 100 -26.36 73.67 -74.19
CA THR M 100 -27.22 73.00 -75.16
C THR M 100 -28.63 73.61 -75.13
N ALA M 101 -29.36 73.46 -76.24
CA ALA M 101 -30.79 73.74 -76.22
C ALA M 101 -31.54 72.81 -75.27
N ASP M 102 -30.97 71.62 -75.02
CA ASP M 102 -31.63 70.69 -74.11
C ASP M 102 -31.50 71.11 -72.65
N ASP M 103 -30.36 71.67 -72.25
CA ASP M 103 -30.24 72.04 -70.84
C ASP M 103 -30.55 73.53 -70.63
N TYR M 104 -30.70 74.28 -71.73
CA TYR M 104 -31.51 75.48 -71.67
C TYR M 104 -32.91 75.16 -71.21
N ARG M 105 -33.48 74.09 -71.76
CA ARG M 105 -34.80 73.62 -71.36
C ARG M 105 -34.81 73.12 -69.93
N LYS M 106 -33.71 72.54 -69.48
CA LYS M 106 -33.63 72.08 -68.10
C LYS M 106 -33.57 73.26 -67.13
N ALA M 107 -32.97 74.36 -67.56
CA ALA M 107 -32.83 75.52 -66.68
C ALA M 107 -34.10 76.37 -66.69
N LEU M 108 -34.71 76.55 -67.85
CA LEU M 108 -35.90 77.39 -67.96
C LEU M 108 -37.11 76.74 -67.31
N LEU M 109 -37.15 75.40 -67.31
CA LEU M 109 -38.23 74.68 -66.65
C LEU M 109 -38.15 74.80 -65.13
N ASP M 110 -37.01 75.24 -64.61
CA ASP M 110 -36.82 75.26 -63.16
C ASP M 110 -37.51 76.45 -62.53
N LEU M 111 -37.65 77.55 -63.27
CA LEU M 111 -37.94 78.84 -62.68
C LEU M 111 -39.33 78.87 -62.07
N HIS M 112 -39.43 79.47 -60.89
CA HIS M 112 -40.56 79.24 -60.01
C HIS M 112 -40.94 80.56 -59.34
N SER M 113 -42.21 80.66 -58.95
CA SER M 113 -42.74 81.90 -58.40
C SER M 113 -42.17 82.21 -57.02
N SER M 114 -41.77 81.20 -56.25
CA SER M 114 -41.23 81.49 -54.93
C SER M 114 -39.75 81.85 -55.03
N ASP M 115 -39.14 81.59 -56.18
CA ASP M 115 -37.76 82.03 -56.41
C ASP M 115 -37.71 83.53 -56.68
N SER M 116 -38.85 84.13 -57.03
CA SER M 116 -38.94 85.57 -57.20
C SER M 116 -38.67 86.28 -55.88
N LEU M 117 -37.98 87.41 -55.95
CA LEU M 117 -37.49 88.06 -54.74
C LEU M 117 -38.58 88.84 -54.04
N ASP M 118 -39.72 89.04 -54.71
CA ASP M 118 -40.82 89.82 -54.17
C ASP M 118 -42.14 89.32 -54.73
N GLY M 119 -43.20 89.49 -53.95
CA GLY M 119 -44.55 89.33 -54.45
C GLY M 119 -45.14 87.95 -54.15
N THR M 120 -46.46 87.89 -54.22
CA THR M 120 -47.33 86.72 -54.11
C THR M 120 -47.09 85.88 -52.86
N GLN M 121 -46.75 86.50 -51.72
CA GLN M 121 -46.73 85.93 -50.35
C GLN M 121 -46.13 84.54 -50.22
N GLN M 122 -45.18 84.23 -51.13
CA GLN M 122 -44.24 83.11 -51.17
C GLN M 122 -44.89 81.71 -51.18
N ASP M 123 -46.22 81.63 -51.23
CA ASP M 123 -46.88 80.33 -51.16
C ASP M 123 -47.51 79.93 -52.49
N GLU M 124 -48.09 80.88 -53.22
CA GLU M 124 -48.72 80.56 -54.49
C GLU M 124 -47.68 80.22 -55.55
N GLY M 125 -48.13 79.53 -56.58
CA GLY M 125 -47.35 79.44 -57.80
C GLY M 125 -46.93 78.04 -58.20
N ASP M 126 -47.03 77.75 -59.49
CA ASP M 126 -46.37 76.60 -60.07
C ASP M 126 -44.99 77.07 -60.53
N PHE M 127 -44.26 76.17 -61.20
CA PHE M 127 -43.09 76.61 -61.94
C PHE M 127 -43.53 77.50 -63.09
N LEU M 128 -42.66 78.41 -63.52
CA LEU M 128 -43.09 79.51 -64.38
C LEU M 128 -43.48 79.03 -65.77
N PHE M 129 -42.90 77.94 -66.23
CA PHE M 129 -43.13 77.45 -67.59
C PHE M 129 -43.34 75.95 -67.56
N ARG M 130 -44.40 75.49 -68.22
CA ARG M 130 -44.66 74.07 -68.29
C ARG M 130 -43.79 73.41 -69.36
N SER M 131 -43.46 74.15 -70.42
CA SER M 131 -42.50 73.71 -71.41
C SER M 131 -41.91 74.94 -72.08
N VAL M 132 -40.67 74.81 -72.54
CA VAL M 132 -40.03 75.86 -73.34
C VAL M 132 -39.40 75.20 -74.53
N GLN M 133 -39.10 75.99 -75.56
CA GLN M 133 -38.33 75.50 -76.69
C GLN M 133 -37.45 76.63 -77.18
N LEU M 134 -36.15 76.47 -77.00
CA LEU M 134 -35.17 77.41 -77.52
C LEU M 134 -34.60 76.79 -78.79
N VAL M 135 -34.48 77.61 -79.84
CA VAL M 135 -33.99 77.15 -81.13
C VAL M 135 -33.35 78.37 -81.77
N ARG M 136 -32.54 78.15 -82.80
CA ARG M 136 -32.03 79.25 -83.59
C ARG M 136 -33.18 79.95 -84.30
N GLU M 137 -33.05 81.26 -84.44
CA GLU M 137 -34.06 82.12 -85.05
C GLU M 137 -34.22 81.78 -86.53
N PRO M 138 -35.34 82.18 -87.14
CA PRO M 138 -35.50 82.02 -88.59
C PRO M 138 -34.43 82.76 -89.38
N GLU M 139 -34.01 82.13 -90.48
CA GLU M 139 -32.84 82.58 -91.23
C GLU M 139 -33.12 83.86 -92.01
N LYS M 140 -34.39 84.18 -92.25
CA LYS M 140 -34.68 85.31 -93.12
C LYS M 140 -34.49 86.64 -92.38
N GLN M 141 -34.71 86.67 -91.07
CA GLN M 141 -34.55 87.87 -90.26
C GLN M 141 -33.56 87.58 -89.10
N ARG M 142 -32.28 87.75 -89.41
CA ARG M 142 -31.23 87.34 -88.49
C ARG M 142 -30.30 88.51 -88.15
N TYR M 143 -30.93 89.63 -87.79
CA TYR M 143 -30.26 90.91 -87.53
C TYR M 143 -29.43 91.33 -88.74
N THR M 144 -30.09 91.44 -89.88
CA THR M 144 -29.38 91.91 -91.06
C THR M 144 -29.32 93.43 -91.00
N TYR M 145 -28.16 93.99 -91.34
CA TYR M 145 -27.93 95.41 -91.19
C TYR M 145 -27.09 95.92 -92.34
N TRP M 146 -27.45 97.10 -92.83
CA TRP M 146 -26.59 97.91 -93.67
C TRP M 146 -25.99 98.99 -92.78
N TYR M 147 -25.03 99.75 -93.32
CA TYR M 147 -24.14 100.69 -92.61
C TYR M 147 -23.61 100.18 -91.27
N ALA M 162 -21.81 99.39 -94.76
CA ALA M 162 -22.05 99.52 -96.20
C ALA M 162 -23.18 98.60 -96.65
N LYS M 163 -22.83 97.58 -97.42
CA LYS M 163 -23.79 96.63 -98.01
C LYS M 163 -24.28 95.65 -96.94
N GLU M 164 -25.01 94.62 -97.37
CA GLU M 164 -25.72 93.71 -96.48
C GLU M 164 -24.74 92.91 -95.63
N PHE M 165 -24.97 92.93 -94.32
CA PHE M 165 -24.22 92.14 -93.36
C PHE M 165 -25.21 91.55 -92.38
N THR M 166 -25.21 90.22 -92.28
CA THR M 166 -26.06 89.51 -91.33
C THR M 166 -25.26 89.15 -90.09
N LEU M 167 -25.90 89.29 -88.93
CA LEU M 167 -25.31 88.90 -87.67
C LEU M 167 -25.43 87.39 -87.54
N ARG M 168 -24.32 86.74 -87.26
CA ARG M 168 -24.35 85.34 -86.89
C ARG M 168 -24.38 85.21 -85.37
N GLY M 169 -25.32 84.42 -84.87
CA GLY M 169 -25.30 84.07 -83.46
C GLY M 169 -26.16 84.87 -82.51
N ASN M 170 -27.46 84.95 -82.75
CA ASN M 170 -28.44 85.30 -81.72
C ASN M 170 -29.74 84.55 -81.99
N TYR M 171 -30.29 83.90 -80.97
CA TYR M 171 -31.45 83.05 -81.16
C TYR M 171 -32.70 83.65 -80.52
N TRP M 172 -33.84 83.05 -80.82
CA TRP M 172 -35.12 83.37 -80.21
C TRP M 172 -35.62 82.18 -79.40
N LEU M 173 -36.48 82.45 -78.42
CA LEU M 173 -37.07 81.37 -77.63
C LEU M 173 -38.58 81.53 -77.60
N TYR M 174 -39.29 80.41 -77.60
CA TYR M 174 -40.74 80.39 -77.49
C TYR M 174 -41.13 79.92 -76.10
N LEU M 175 -41.88 80.76 -75.40
CA LEU M 175 -42.27 80.50 -74.02
C LEU M 175 -43.71 80.02 -73.98
N GLU M 176 -43.90 78.80 -73.50
CA GLU M 176 -45.24 78.28 -73.26
C GLU M 176 -45.53 78.44 -71.78
N PRO M 177 -46.27 79.47 -71.36
CA PRO M 177 -46.43 79.71 -69.93
C PRO M 177 -47.50 78.81 -69.33
N THR M 178 -47.49 78.72 -68.01
CA THR M 178 -48.42 77.84 -67.32
C THR M 178 -49.72 78.57 -66.98
N ARG M 179 -50.58 77.86 -66.25
CA ARG M 179 -51.87 78.42 -65.83
C ARG M 179 -51.67 79.52 -64.80
N TRP M 180 -50.62 79.42 -63.98
CA TRP M 180 -50.36 80.44 -62.99
C TRP M 180 -49.82 81.72 -63.62
N THR M 181 -48.80 81.61 -64.47
CA THR M 181 -48.13 82.80 -65.01
C THR M 181 -48.94 83.46 -66.12
N GLN M 182 -49.98 82.81 -66.62
CA GLN M 182 -50.89 83.53 -67.51
C GLN M 182 -51.85 84.40 -66.72
N GLY M 183 -51.96 84.15 -65.41
CA GLY M 183 -52.63 85.11 -64.55
C GLY M 183 -51.83 86.38 -64.37
N ASN M 184 -50.52 86.25 -64.18
CA ASN M 184 -49.62 87.39 -63.99
C ASN M 184 -48.44 87.26 -64.97
N ILE M 185 -48.59 87.86 -66.14
CA ILE M 185 -47.54 87.82 -67.16
C ILE M 185 -46.37 88.73 -66.74
N ALA M 186 -46.68 89.84 -66.07
CA ALA M 186 -45.66 90.85 -65.79
C ALA M 186 -44.70 90.39 -64.70
N ALA M 187 -45.12 89.45 -63.85
CA ALA M 187 -44.22 88.94 -62.82
C ALA M 187 -43.21 87.97 -63.41
N ALA M 188 -43.64 87.15 -64.38
CA ALA M 188 -42.72 86.21 -64.99
C ALA M 188 -41.78 86.90 -65.97
N THR M 189 -42.14 88.09 -66.44
CA THR M 189 -41.28 88.79 -67.38
C THR M 189 -40.04 89.35 -66.69
N ARG M 190 -40.20 89.86 -65.47
CA ARG M 190 -39.06 90.46 -64.79
C ARG M 190 -38.11 89.39 -64.24
N GLN M 191 -38.61 88.17 -64.04
CA GLN M 191 -37.77 87.11 -63.50
C GLN M 191 -36.95 86.43 -64.59
N LEU M 192 -37.53 86.27 -65.78
CA LEU M 192 -36.78 85.67 -66.88
C LEU M 192 -35.74 86.64 -67.43
N THR M 193 -36.02 87.94 -67.41
CA THR M 193 -35.03 88.91 -67.90
C THR M 193 -33.86 89.03 -66.94
N GLU M 194 -34.06 88.68 -65.67
CA GLU M 194 -32.94 88.57 -64.75
C GLU M 194 -32.12 87.31 -65.02
N PHE M 195 -32.78 86.26 -65.49
CA PHE M 195 -32.13 84.95 -65.58
C PHE M 195 -31.26 84.85 -66.83
N LEU M 196 -31.66 85.53 -67.91
CA LEU M 196 -30.96 85.35 -69.18
C LEU M 196 -29.63 86.09 -69.22
N THR M 197 -29.45 87.11 -68.38
CA THR M 197 -28.16 87.78 -68.30
C THR M 197 -27.17 86.94 -67.51
N LYS M 198 -27.67 86.18 -66.53
CA LYS M 198 -26.80 85.33 -65.73
C LYS M 198 -26.36 84.09 -66.50
N ASN M 199 -27.14 83.70 -67.50
CA ASN M 199 -26.81 82.55 -68.33
C ASN M 199 -26.49 82.93 -69.77
N ARG M 200 -26.03 84.17 -69.99
CA ARG M 200 -25.69 84.59 -71.34
C ARG M 200 -24.33 84.03 -71.75
N ASN M 201 -24.29 83.37 -72.90
CA ASN M 201 -23.07 82.68 -73.29
C ASN M 201 -22.15 83.61 -74.08
N ILE M 202 -21.19 82.99 -74.78
CA ILE M 202 -19.98 83.70 -75.17
C ILE M 202 -20.21 84.56 -76.41
N GLY M 203 -20.96 84.05 -77.39
CA GLY M 203 -21.24 84.80 -78.59
C GLY M 203 -22.70 84.86 -78.96
N GLU M 204 -23.61 84.55 -78.04
CA GLU M 204 -25.01 84.40 -78.36
C GLU M 204 -25.84 85.15 -77.33
N SER M 205 -27.01 85.60 -77.76
CA SER M 205 -27.91 86.36 -76.91
C SER M 205 -29.32 86.16 -77.43
N VAL M 206 -30.31 86.46 -76.58
CA VAL M 206 -31.69 86.39 -77.02
C VAL M 206 -32.03 87.68 -77.75
N SER M 207 -32.73 87.54 -78.87
CA SER M 207 -33.19 88.72 -79.59
C SER M 207 -34.68 88.94 -79.39
N ASN M 208 -35.47 87.88 -79.54
CA ASN M 208 -36.92 87.98 -79.53
C ASN M 208 -37.49 86.90 -78.64
N ILE M 209 -38.45 87.28 -77.79
CA ILE M 209 -39.10 86.36 -76.87
C ILE M 209 -40.55 86.21 -77.31
N ILE M 210 -40.99 84.97 -77.47
CA ILE M 210 -42.33 84.68 -77.95
C ILE M 210 -43.16 84.10 -76.81
N TRP M 211 -44.32 84.70 -76.58
CA TRP M 211 -45.28 84.20 -75.60
C TRP M 211 -46.38 83.46 -76.35
N LEU M 212 -46.93 82.44 -75.72
CA LEU M 212 -47.93 81.65 -76.42
C LEU M 212 -49.34 81.93 -75.89
N GLN M 213 -50.32 81.54 -76.70
CA GLN M 213 -51.71 81.85 -76.47
C GLN M 213 -52.49 80.55 -76.31
N PRO M 214 -53.42 80.49 -75.36
CA PRO M 214 -54.13 79.23 -75.11
C PRO M 214 -55.27 79.00 -76.09
N VAL M 215 -55.56 77.73 -76.35
CA VAL M 215 -56.78 77.31 -77.04
C VAL M 215 -57.43 76.21 -76.21
N ASP M 216 -58.66 76.45 -75.77
CA ASP M 216 -59.37 75.44 -74.99
C ASP M 216 -59.74 74.27 -75.89
N LEU M 217 -59.26 73.09 -75.51
CA LEU M 217 -59.45 71.89 -76.31
C LEU M 217 -60.52 71.04 -75.64
N PRO M 218 -61.77 71.08 -76.14
CA PRO M 218 -62.93 70.71 -75.30
C PRO M 218 -62.96 69.25 -74.83
N LEU M 219 -62.62 68.32 -75.74
CA LEU M 219 -62.31 66.92 -75.40
C LEU M 219 -63.49 66.20 -74.73
N LEU M 220 -64.54 65.96 -75.50
CA LEU M 220 -65.55 64.99 -75.09
C LEU M 220 -64.93 63.61 -74.97
N LEU M 221 -65.04 63.02 -73.79
CA LEU M 221 -64.66 61.63 -73.61
C LEU M 221 -65.58 61.00 -72.58
N ASP M 222 -66.17 59.87 -72.96
CA ASP M 222 -67.21 59.21 -72.19
C ASP M 222 -66.58 58.03 -71.46
N VAL M 223 -66.34 58.21 -70.17
CA VAL M 223 -65.74 57.18 -69.32
C VAL M 223 -66.83 56.23 -68.86
N GLU M 224 -66.56 54.93 -68.97
CA GLU M 224 -67.41 53.92 -68.34
C GLU M 224 -66.67 53.32 -67.16
N LEU M 225 -67.35 53.23 -66.03
CA LEU M 225 -66.73 52.85 -64.78
C LEU M 225 -66.92 51.35 -64.52
N ASP M 226 -66.14 50.81 -63.57
CA ASP M 226 -66.18 49.39 -63.30
C ASP M 226 -67.42 49.03 -62.49
N ASP M 227 -67.62 47.72 -62.29
CA ASP M 227 -68.81 47.25 -61.60
C ASP M 227 -68.70 47.46 -60.10
N ASP M 228 -67.54 47.18 -59.52
CA ASP M 228 -67.40 47.13 -58.08
C ASP M 228 -66.67 48.33 -57.50
N VAL M 229 -66.89 49.52 -58.05
CA VAL M 229 -66.35 50.73 -57.44
C VAL M 229 -67.26 51.14 -56.29
N GLY M 230 -66.67 51.78 -55.29
CA GLY M 230 -67.48 52.42 -54.26
C GLY M 230 -68.05 53.74 -54.77
N ALA M 231 -69.10 54.21 -54.08
CA ALA M 231 -69.66 55.51 -54.42
C ALA M 231 -68.75 56.64 -53.95
N GLN M 232 -67.94 56.37 -52.92
CA GLN M 232 -67.06 57.40 -52.38
C GLN M 232 -65.74 57.46 -53.14
N ASP M 233 -65.44 56.44 -53.94
CA ASP M 233 -64.23 56.42 -54.76
C ASP M 233 -64.39 57.19 -56.06
N VAL M 234 -65.60 57.69 -56.35
CA VAL M 234 -65.84 58.38 -57.62
C VAL M 234 -65.19 59.76 -57.67
N PRO M 235 -65.12 60.56 -56.59
CA PRO M 235 -64.21 61.71 -56.64
C PRO M 235 -62.74 61.35 -56.80
N GLY M 236 -62.35 60.12 -56.45
CA GLY M 236 -61.02 59.65 -56.81
C GLY M 236 -60.87 59.41 -58.30
N ILE M 237 -61.98 59.12 -58.99
CA ILE M 237 -61.93 58.86 -60.42
C ILE M 237 -61.75 60.15 -61.21
N PHE M 238 -62.52 61.19 -60.84
CA PHE M 238 -62.50 62.46 -61.57
C PHE M 238 -61.14 63.15 -61.45
N ALA M 239 -60.48 62.99 -60.30
CA ALA M 239 -59.14 63.55 -60.15
C ALA M 239 -58.13 62.75 -60.96
N ALA M 240 -58.37 61.45 -61.10
CA ALA M 240 -57.40 60.59 -61.78
C ALA M 240 -57.48 60.76 -63.29
N VAL M 241 -58.70 60.87 -63.83
CA VAL M 241 -58.86 61.01 -65.27
C VAL M 241 -58.47 62.41 -65.73
N TYR M 242 -58.39 63.36 -64.78
CA TYR M 242 -57.89 64.68 -65.14
C TYR M 242 -56.38 64.66 -65.22
N SER M 243 -55.73 64.03 -64.25
CA SER M 243 -54.27 64.13 -64.11
C SER M 243 -53.55 63.40 -65.24
N THR M 244 -54.05 62.24 -65.66
CA THR M 244 -53.40 61.52 -66.75
C THR M 244 -53.77 62.12 -68.10
N ALA M 245 -54.80 62.97 -68.13
CA ALA M 245 -55.11 63.69 -69.36
C ALA M 245 -54.21 64.91 -69.51
N GLU M 246 -53.78 65.49 -68.40
CA GLU M 246 -52.91 66.66 -68.49
C GLU M 246 -51.49 66.28 -68.91
N GLN M 247 -50.93 65.24 -68.30
CA GLN M 247 -49.51 64.96 -68.48
C GLN M 247 -49.22 64.39 -69.86
N TYR M 248 -50.25 63.92 -70.57
CA TYR M 248 -50.06 63.50 -71.95
C TYR M 248 -50.22 64.67 -72.92
N LEU M 249 -51.29 65.47 -72.77
CA LEU M 249 -51.51 66.58 -73.69
C LEU M 249 -50.53 67.72 -73.43
N MET M 250 -50.42 68.13 -72.16
CA MET M 250 -49.48 69.17 -71.77
C MET M 250 -48.20 68.49 -71.31
N PRO M 251 -47.09 68.60 -72.06
CA PRO M 251 -45.87 67.90 -71.63
C PRO M 251 -45.25 68.59 -70.43
N GLY M 252 -45.44 67.97 -69.27
CA GLY M 252 -44.91 68.52 -68.04
C GLY M 252 -43.68 67.77 -67.59
N ALA M 253 -42.62 68.51 -67.27
CA ALA M 253 -41.40 67.89 -66.78
C ALA M 253 -41.61 67.37 -65.38
N GLN M 254 -41.06 66.18 -65.11
CA GLN M 254 -41.17 65.54 -63.81
C GLN M 254 -39.89 65.78 -63.02
N ARG M 255 -40.04 66.34 -61.82
CA ARG M 255 -38.92 66.61 -60.93
C ARG M 255 -39.12 65.85 -59.63
N TYR M 256 -38.04 65.33 -59.08
CA TYR M 256 -38.09 64.65 -57.80
C TYR M 256 -36.71 64.69 -57.16
N ARG M 257 -36.68 64.28 -55.89
CA ARG M 257 -35.54 64.54 -55.02
C ARG M 257 -34.33 63.71 -55.41
N THR M 258 -33.16 64.13 -54.93
CA THR M 258 -31.91 63.42 -55.22
C THR M 258 -31.89 62.05 -54.57
N GLU M 259 -32.38 61.93 -53.33
CA GLU M 259 -32.28 60.67 -52.60
C GLU M 259 -33.19 59.60 -53.17
N VAL M 260 -34.23 60.02 -53.90
CA VAL M 260 -35.05 59.08 -54.65
C VAL M 260 -34.25 58.49 -55.81
N LEU M 261 -33.39 59.31 -56.42
CA LEU M 261 -32.51 58.81 -57.48
C LEU M 261 -31.39 57.96 -56.93
N GLN M 262 -31.03 58.17 -55.65
CA GLN M 262 -30.00 57.35 -55.04
C GLN M 262 -30.55 55.99 -54.65
N ASN M 263 -31.87 55.90 -54.45
CA ASN M 263 -32.51 54.61 -54.28
C ASN M 263 -32.53 53.82 -55.58
N ALA M 264 -32.63 54.53 -56.71
CA ALA M 264 -32.62 53.88 -58.01
C ALA M 264 -31.22 53.42 -58.38
N GLY M 265 -31.12 52.75 -59.54
CA GLY M 265 -29.89 52.06 -59.86
C GLY M 265 -28.82 52.96 -60.48
N MET M 266 -29.22 54.10 -61.03
CA MET M 266 -28.28 54.95 -61.75
C MET M 266 -27.35 55.68 -60.78
N SER M 267 -26.14 55.95 -61.25
CA SER M 267 -25.07 56.38 -60.37
C SER M 267 -25.17 57.87 -60.07
N ASN M 268 -24.14 58.35 -59.35
CA ASN M 268 -24.06 59.77 -59.00
C ASN M 268 -23.58 60.60 -60.18
N ASP M 269 -23.01 59.96 -61.20
CA ASP M 269 -22.61 60.67 -62.40
C ASP M 269 -23.84 61.04 -63.24
N GLN M 270 -24.90 60.24 -63.13
CA GLN M 270 -26.07 60.44 -63.98
C GLN M 270 -27.04 61.47 -63.40
N ILE M 271 -27.02 61.64 -62.08
CA ILE M 271 -27.97 62.55 -61.42
C ILE M 271 -27.60 64.00 -61.69
N PHE M 272 -26.34 64.35 -61.50
CA PHE M 272 -25.88 65.72 -61.58
C PHE M 272 -25.39 66.09 -62.97
N GLU M 273 -26.00 65.53 -64.01
CA GLU M 273 -25.46 65.68 -65.36
C GLU M 273 -25.70 67.06 -65.95
N GLY M 274 -26.91 67.59 -65.81
CA GLY M 274 -27.27 68.84 -66.45
C GLY M 274 -26.73 70.03 -65.71
N PRO M 275 -27.44 71.15 -65.81
CA PRO M 275 -27.06 72.32 -65.01
C PRO M 275 -27.56 72.15 -63.59
N LEU M 276 -27.13 73.04 -62.71
CA LEU M 276 -27.55 72.99 -61.31
C LEU M 276 -29.02 73.36 -61.19
N LEU M 277 -29.81 72.40 -60.74
CA LEU M 277 -31.24 72.58 -60.53
C LEU M 277 -31.52 72.71 -59.04
N GLU M 278 -32.05 73.86 -58.64
CA GLU M 278 -32.37 74.07 -57.23
C GLU M 278 -33.62 73.29 -56.84
N HIS M 279 -34.55 73.10 -57.78
CA HIS M 279 -35.80 72.40 -57.53
C HIS M 279 -35.84 71.13 -58.37
N GLY M 280 -35.70 69.98 -57.71
CA GLY M 280 -35.84 68.69 -58.35
C GLY M 280 -34.70 68.37 -59.32
N TRP M 281 -34.77 67.18 -59.90
CA TRP M 281 -33.87 66.79 -60.96
C TRP M 281 -34.69 66.25 -62.12
N ILE M 282 -34.26 66.57 -63.33
CA ILE M 282 -34.99 66.20 -64.54
C ILE M 282 -34.12 65.28 -65.39
N PRO M 283 -34.08 63.97 -65.09
CA PRO M 283 -33.21 63.10 -65.89
C PRO M 283 -33.79 62.73 -67.23
N GLU M 284 -35.11 62.76 -67.37
CA GLU M 284 -35.80 62.52 -68.64
C GLU M 284 -36.48 63.81 -69.06
N LEU M 285 -36.36 64.16 -70.32
CA LEU M 285 -37.03 65.35 -70.82
C LEU M 285 -38.39 64.98 -71.38
N PRO M 286 -39.34 65.91 -71.38
CA PRO M 286 -40.65 65.65 -72.00
C PRO M 286 -40.65 65.67 -73.52
N ALA M 287 -39.50 65.96 -74.14
CA ALA M 287 -39.31 65.96 -75.60
C ALA M 287 -40.28 66.92 -76.28
N ALA M 288 -40.14 68.20 -75.96
CA ALA M 288 -41.05 69.22 -76.46
C ALA M 288 -40.88 69.42 -77.95
N ARG M 289 -42.02 69.50 -78.64
CA ARG M 289 -42.03 69.72 -80.07
C ARG M 289 -41.65 71.16 -80.40
N ASP M 290 -41.08 71.35 -81.59
CA ASP M 290 -40.61 72.66 -82.01
C ASP M 290 -41.79 73.60 -82.26
N TYR M 291 -41.58 74.89 -82.04
CA TYR M 291 -42.62 75.85 -82.33
C TYR M 291 -42.33 76.67 -83.56
N THR M 292 -41.51 76.16 -84.47
CA THR M 292 -41.36 76.75 -85.78
C THR M 292 -42.57 76.39 -86.66
N GLN M 293 -43.08 75.17 -86.54
CA GLN M 293 -44.19 74.69 -87.33
C GLN M 293 -45.39 74.40 -86.45
N ARG M 294 -46.53 74.18 -87.10
CA ARG M 294 -47.74 73.81 -86.39
C ARG M 294 -47.67 72.35 -85.96
N LEU M 295 -48.36 72.02 -84.89
CA LEU M 295 -48.12 70.80 -84.13
C LEU M 295 -49.34 69.90 -84.06
N THR M 296 -49.18 68.67 -84.53
CA THR M 296 -50.20 67.65 -84.37
C THR M 296 -50.19 67.08 -82.96
N LEU M 297 -51.38 66.72 -82.48
CA LEU M 297 -51.55 66.08 -81.19
C LEU M 297 -52.30 64.77 -81.37
N ASN M 298 -51.57 63.66 -81.29
CA ASN M 298 -52.14 62.33 -81.51
C ASN M 298 -52.61 61.76 -80.19
N LEU M 299 -53.89 61.40 -80.14
CA LEU M 299 -54.53 60.96 -78.92
C LEU M 299 -54.92 59.48 -78.95
N SER M 300 -54.42 58.72 -79.92
CA SER M 300 -54.64 57.28 -79.91
C SER M 300 -53.82 56.61 -78.82
N ARG M 301 -52.74 57.25 -78.38
CA ARG M 301 -51.94 56.73 -77.29
C ARG M 301 -52.61 56.98 -75.94
N LEU M 302 -53.60 57.88 -75.89
CA LEU M 302 -54.22 58.30 -74.64
C LEU M 302 -55.02 57.21 -73.95
N VAL M 303 -55.59 56.28 -74.73
CA VAL M 303 -56.67 55.42 -74.22
C VAL M 303 -56.15 54.45 -73.17
N ASN M 304 -54.93 53.94 -73.36
CA ASN M 304 -54.34 53.05 -72.38
C ASN M 304 -53.86 53.80 -71.15
N SER M 305 -53.46 55.06 -71.31
CA SER M 305 -53.22 55.92 -70.16
C SER M 305 -54.52 56.21 -69.43
N LEU M 306 -55.64 56.19 -70.16
CA LEU M 306 -56.94 56.34 -69.53
C LEU M 306 -57.48 54.99 -69.04
N LEU M 307 -57.08 53.89 -69.68
CA LEU M 307 -57.53 52.56 -69.28
C LEU M 307 -56.82 52.08 -68.03
N GLU M 308 -55.75 52.79 -67.63
CA GLU M 308 -54.85 52.31 -66.59
C GLU M 308 -55.54 52.29 -65.24
N ILE M 309 -56.32 53.33 -64.93
CA ILE M 309 -56.77 53.56 -63.56
C ILE M 309 -57.81 52.52 -63.17
N GLU M 310 -57.96 52.33 -61.85
CA GLU M 310 -58.56 51.12 -61.30
C GLU M 310 -60.03 51.00 -61.64
N GLY M 311 -60.79 52.08 -61.44
CA GLY M 311 -62.22 52.01 -61.66
C GLY M 311 -62.60 52.09 -63.12
N ILE M 312 -61.67 52.49 -63.98
CA ILE M 312 -62.00 52.67 -65.39
C ILE M 312 -61.84 51.36 -66.14
N LYS M 313 -62.93 50.89 -66.74
CA LYS M 313 -62.94 49.68 -67.55
C LYS M 313 -62.77 49.95 -69.04
N HIS M 314 -63.36 51.02 -69.57
CA HIS M 314 -63.13 51.48 -70.93
C HIS M 314 -63.63 52.91 -71.07
N VAL M 315 -63.36 53.48 -72.24
CA VAL M 315 -63.84 54.81 -72.61
C VAL M 315 -64.75 54.62 -73.82
N ASN M 316 -65.73 55.50 -74.00
CA ASN M 316 -66.72 55.26 -75.05
C ASN M 316 -66.60 56.26 -76.19
N ARG M 317 -66.06 57.45 -75.94
CA ARG M 317 -65.98 58.49 -76.96
C ARG M 317 -64.67 59.27 -76.81
N LEU M 318 -64.21 59.87 -77.91
CA LEU M 318 -63.07 60.79 -77.93
C LEU M 318 -63.26 61.77 -79.09
N ARG M 319 -63.83 62.94 -78.82
CA ARG M 319 -64.04 63.92 -79.87
C ARG M 319 -64.13 65.32 -79.29
N LEU M 320 -64.34 66.29 -80.18
CA LEU M 320 -64.42 67.71 -79.87
C LEU M 320 -65.71 68.28 -80.42
N ASP M 321 -66.34 69.19 -79.68
CA ASP M 321 -67.63 69.76 -80.07
C ASP M 321 -67.46 71.16 -80.68
N ASP M 322 -66.80 71.17 -81.84
CA ASP M 322 -66.74 72.33 -82.75
C ASP M 322 -66.10 73.56 -82.11
N SER M 323 -65.22 73.32 -81.14
CA SER M 323 -64.47 74.39 -80.49
C SER M 323 -63.07 74.54 -81.06
N PHE M 324 -62.83 73.99 -82.26
CA PHE M 324 -61.53 74.07 -82.91
C PHE M 324 -61.53 75.06 -84.08
N ASP M 325 -62.69 75.59 -84.44
CA ASP M 325 -62.82 76.40 -85.65
C ASP M 325 -62.29 77.81 -85.47
N LYS M 326 -62.05 78.23 -84.22
CA LYS M 326 -61.63 79.61 -83.97
C LYS M 326 -60.21 79.87 -84.48
N THR M 327 -59.38 78.84 -84.51
CA THR M 327 -58.03 78.93 -85.06
C THR M 327 -57.79 77.95 -86.20
N ALA M 328 -58.87 77.37 -86.74
CA ALA M 328 -58.86 76.45 -87.88
C ALA M 328 -57.98 75.22 -87.64
N ILE M 329 -58.18 74.54 -86.51
CA ILE M 329 -57.51 73.27 -86.28
C ILE M 329 -58.09 72.20 -87.20
N GLU M 330 -57.26 71.67 -88.09
CA GLU M 330 -57.73 70.71 -89.04
C GLU M 330 -57.36 69.30 -88.58
N PRO M 331 -58.28 68.35 -88.66
CA PRO M 331 -57.89 66.95 -88.42
C PRO M 331 -57.07 66.45 -89.60
N VAL M 332 -55.92 65.85 -89.28
CA VAL M 332 -55.01 65.37 -90.31
C VAL M 332 -55.59 64.12 -90.95
N LYS M 333 -54.95 63.66 -92.04
CA LYS M 333 -55.53 63.06 -93.27
C LYS M 333 -56.74 62.16 -93.03
N GLY M 334 -56.62 61.07 -92.27
CA GLY M 334 -57.77 60.19 -92.13
C GLY M 334 -58.19 59.92 -90.70
N ASP M 335 -57.26 60.06 -89.77
CA ASP M 335 -57.47 59.57 -88.42
C ASP M 335 -58.27 60.54 -87.57
N THR M 336 -59.18 59.98 -86.76
CA THR M 336 -60.09 60.81 -85.99
C THR M 336 -59.43 61.39 -84.75
N TRP M 337 -58.31 60.80 -84.32
CA TRP M 337 -57.77 61.12 -83.00
C TRP M 337 -56.86 62.35 -83.03
N SER M 338 -56.24 62.62 -84.18
CA SER M 338 -55.21 63.65 -84.22
C SER M 338 -55.78 64.99 -84.66
N TRP M 339 -55.23 66.07 -84.12
CA TRP M 339 -55.59 67.42 -84.48
C TRP M 339 -54.34 68.28 -84.47
N SER M 340 -54.28 69.26 -85.38
CA SER M 340 -53.09 70.08 -85.58
C SER M 340 -53.41 71.53 -85.26
N ILE M 341 -52.90 72.00 -84.11
CA ILE M 341 -53.12 73.39 -83.70
C ILE M 341 -52.22 74.31 -84.51
N LYS M 342 -52.77 75.45 -84.92
CA LYS M 342 -52.12 76.40 -85.81
C LYS M 342 -50.99 77.10 -85.04
N GLU M 343 -50.07 77.72 -85.77
CA GLU M 343 -48.67 78.09 -85.48
C GLU M 343 -48.38 78.45 -84.02
N GLY M 344 -49.11 79.40 -83.43
CA GLY M 344 -48.64 79.98 -82.18
C GLY M 344 -49.22 79.32 -80.94
N TYR M 345 -50.34 78.64 -81.08
CA TYR M 345 -51.14 78.28 -79.92
C TYR M 345 -50.67 76.97 -79.29
N TYR M 346 -51.07 76.76 -78.04
CA TYR M 346 -50.84 75.56 -77.27
C TYR M 346 -52.12 75.14 -76.54
N PRO M 347 -52.34 73.84 -76.32
CA PRO M 347 -53.63 73.41 -75.76
C PRO M 347 -53.79 73.75 -74.29
N ARG M 348 -55.03 74.04 -73.91
CA ARG M 348 -55.42 74.47 -72.57
C ARG M 348 -56.58 73.64 -72.02
N LEU M 349 -56.63 72.36 -72.39
CA LEU M 349 -57.83 71.56 -72.74
C LEU M 349 -59.09 71.97 -71.98
N TRP M 350 -59.05 72.05 -70.65
CA TRP M 350 -60.17 72.59 -69.90
C TRP M 350 -59.71 73.78 -69.07
N GLY M 351 -60.02 74.99 -69.55
CA GLY M 351 -59.65 76.18 -68.84
C GLY M 351 -60.47 76.37 -67.58
N GLU M 352 -59.81 76.69 -66.46
CA GLU M 352 -60.40 76.81 -65.13
C GLU M 352 -61.14 75.55 -64.73
N ASP M 353 -60.48 74.41 -64.95
CA ASP M 353 -60.93 73.04 -65.16
C ASP M 353 -62.12 72.54 -64.34
N PRO M 354 -62.10 72.41 -63.00
CA PRO M 354 -63.19 71.65 -62.37
C PRO M 354 -64.49 72.43 -62.24
N LEU M 355 -64.43 73.69 -61.80
CA LEU M 355 -65.62 74.50 -61.59
C LEU M 355 -66.23 74.93 -62.92
N ASN M 356 -65.40 75.10 -63.95
CA ASN M 356 -65.92 75.54 -65.24
C ASN M 356 -66.46 74.36 -66.02
N GLN M 357 -65.78 73.21 -65.98
CA GLN M 357 -66.13 72.10 -66.84
C GLN M 357 -66.59 70.86 -66.10
N LEU M 358 -65.78 70.33 -65.18
CA LEU M 358 -65.91 68.93 -64.78
C LEU M 358 -67.03 68.73 -63.76
N ALA M 359 -67.33 69.75 -62.96
CA ALA M 359 -68.26 69.54 -61.85
C ALA M 359 -69.69 69.87 -62.23
N GLN M 360 -69.90 70.60 -63.33
CA GLN M 360 -71.17 71.28 -63.52
C GLN M 360 -72.25 70.37 -64.12
N GLN M 361 -71.88 69.16 -64.55
CA GLN M 361 -72.78 68.18 -65.20
C GLN M 361 -73.40 68.79 -66.47
N ASN M 362 -72.56 69.48 -67.24
CA ASN M 362 -72.85 69.76 -68.63
C ASN M 362 -72.35 68.64 -69.54
N GLY M 363 -71.44 67.82 -69.04
CA GLY M 363 -70.82 66.77 -69.81
C GLY M 363 -69.71 67.19 -70.77
N PRO M 364 -68.57 67.71 -70.28
CA PRO M 364 -67.34 67.54 -71.07
C PRO M 364 -66.73 66.17 -70.85
N LEU M 365 -66.99 65.58 -69.68
CA LEU M 365 -66.57 64.25 -69.32
C LEU M 365 -67.73 63.55 -68.65
N ARG M 366 -68.30 62.55 -69.32
CA ARG M 366 -69.46 61.83 -68.82
C ARG M 366 -69.02 60.49 -68.25
N VAL M 367 -69.15 60.33 -66.94
CA VAL M 367 -68.88 59.08 -66.25
C VAL M 367 -70.14 58.23 -66.29
N ILE M 368 -70.01 56.98 -66.71
CA ILE M 368 -71.10 56.02 -66.73
C ILE M 368 -70.75 54.89 -65.76
N ALA M 369 -71.59 54.70 -64.76
CA ALA M 369 -71.32 53.71 -63.73
C ALA M 369 -72.54 52.83 -63.51
N LYS M 370 -72.29 51.52 -63.50
CA LYS M 370 -73.29 50.45 -63.40
C LYS M 370 -74.37 50.62 -64.46
N GLY M 371 -73.98 50.45 -65.72
CA GLY M 371 -74.93 50.53 -66.80
C GLY M 371 -75.32 51.95 -67.17
N GLY M 372 -76.02 52.65 -66.28
CA GLY M 372 -76.49 53.98 -66.64
C GLY M 372 -76.59 55.06 -65.57
N ILE M 373 -76.18 54.78 -64.32
CA ILE M 373 -76.56 55.63 -63.18
C ILE M 373 -75.94 57.01 -63.28
N SER M 374 -74.73 57.10 -63.86
CA SER M 374 -74.14 58.34 -64.38
C SER M 374 -73.96 59.42 -63.31
N VAL M 375 -73.15 59.10 -62.30
CA VAL M 375 -73.02 59.97 -61.14
C VAL M 375 -71.97 61.05 -61.43
N SER M 376 -72.04 62.15 -60.68
CA SER M 376 -71.13 63.28 -60.85
C SER M 376 -70.69 63.79 -59.49
N VAL M 377 -69.89 64.86 -59.52
CA VAL M 377 -69.13 65.32 -58.37
C VAL M 377 -69.06 66.85 -58.44
N SER M 378 -68.69 67.48 -57.32
CA SER M 378 -68.46 68.92 -57.30
C SER M 378 -66.98 69.24 -57.46
N LYS M 379 -66.65 70.52 -57.31
CA LYS M 379 -65.28 70.98 -57.57
C LYS M 379 -64.35 70.57 -56.46
N GLU M 380 -64.72 70.85 -55.21
CA GLU M 380 -63.79 70.74 -54.10
C GLU M 380 -63.58 69.31 -53.65
N GLN M 381 -64.47 68.39 -54.06
CA GLN M 381 -64.40 67.03 -53.54
C GLN M 381 -63.25 66.26 -54.18
N ILE M 382 -62.88 66.62 -55.41
CA ILE M 382 -61.84 65.88 -56.11
C ILE M 382 -60.47 66.45 -55.82
N GLN M 383 -60.42 67.68 -55.31
CA GLN M 383 -59.13 68.27 -54.99
C GLN M 383 -58.52 67.64 -53.75
N ALA M 384 -59.35 67.13 -52.85
CA ALA M 384 -58.84 66.40 -51.70
C ALA M 384 -58.27 65.05 -52.13
N SER M 385 -58.89 64.40 -53.12
CA SER M 385 -58.35 63.15 -53.63
C SER M 385 -57.33 63.41 -54.75
N LEU M 386 -57.12 64.67 -55.10
CA LEU M 386 -56.11 65.00 -56.10
C LEU M 386 -54.72 64.88 -55.47
N PRO M 387 -53.73 64.37 -56.21
CA PRO M 387 -52.36 64.40 -55.70
C PRO M 387 -51.82 65.82 -55.67
N SER M 388 -51.49 66.28 -54.46
CA SER M 388 -50.91 67.59 -54.25
C SER M 388 -49.39 67.46 -54.32
N GLN M 389 -48.78 68.25 -55.19
CA GLN M 389 -47.32 68.23 -55.30
C GLN M 389 -46.68 68.90 -54.09
N SER M 390 -45.37 68.71 -53.96
CA SER M 390 -44.59 69.32 -52.89
C SER M 390 -43.46 70.11 -53.51
N LEU M 391 -43.30 71.36 -53.05
CA LEU M 391 -42.17 72.15 -53.49
C LEU M 391 -40.91 71.73 -52.75
N ILE M 392 -39.91 71.29 -53.50
CA ILE M 392 -38.68 70.76 -52.94
C ILE M 392 -37.50 71.62 -53.41
N GLN M 393 -36.61 71.89 -52.45
CA GLN M 393 -35.39 72.66 -52.66
C GLN M 393 -34.21 71.76 -52.35
N ASN M 394 -33.17 71.85 -53.18
CA ASN M 394 -32.02 70.95 -53.10
C ASN M 394 -30.84 71.69 -52.46
N GLU M 395 -30.54 71.35 -51.22
CA GLU M 395 -29.44 71.96 -50.49
C GLU M 395 -28.10 71.45 -51.02
N PRO M 396 -27.03 72.23 -50.89
CA PRO M 396 -25.71 71.77 -51.36
C PRO M 396 -25.17 70.61 -50.53
N VAL M 397 -24.45 69.71 -51.21
CA VAL M 397 -23.90 68.52 -50.58
C VAL M 397 -22.52 68.83 -50.05
N ILE M 398 -22.27 68.50 -48.78
CA ILE M 398 -21.00 68.75 -48.12
C ILE M 398 -20.66 67.54 -47.27
N LEU M 399 -19.37 67.38 -46.97
CA LEU M 399 -18.91 66.43 -45.95
C LEU M 399 -18.74 67.20 -44.66
N ALA M 400 -19.47 66.81 -43.63
CA ALA M 400 -19.35 67.48 -42.34
C ALA M 400 -18.03 67.12 -41.67
N TYR M 401 -17.61 67.95 -40.72
CA TYR M 401 -16.35 67.73 -40.03
C TYR M 401 -16.44 66.50 -39.12
N GLY M 402 -15.32 65.83 -38.94
CA GLY M 402 -15.18 64.91 -37.84
C GLY M 402 -14.73 65.61 -36.58
N GLN M 403 -14.38 64.81 -35.57
CA GLN M 403 -13.87 65.39 -34.34
C GLN M 403 -12.41 65.81 -34.51
N HIS M 404 -12.11 67.06 -34.21
CA HIS M 404 -10.74 67.54 -34.32
C HIS M 404 -9.88 66.97 -33.21
N ARG M 405 -8.74 66.38 -33.61
CA ARG M 405 -7.87 65.69 -32.67
C ARG M 405 -6.56 66.44 -32.55
N ASP M 406 -6.03 66.49 -31.33
CA ASP M 406 -4.87 67.33 -31.01
C ASP M 406 -3.59 66.59 -31.37
N VAL M 407 -3.34 66.51 -32.68
CA VAL M 407 -2.16 65.82 -33.18
C VAL M 407 -0.97 66.78 -33.23
N GLY M 408 -1.20 68.06 -32.92
CA GLY M 408 -0.16 69.05 -33.11
C GLY M 408 0.78 69.16 -31.93
N SER M 409 0.30 68.86 -30.73
CA SER M 409 1.08 69.09 -29.52
C SER M 409 2.21 68.09 -29.40
N TYR M 410 3.38 68.59 -29.00
CA TYR M 410 4.61 67.80 -28.98
C TYR M 410 5.13 67.74 -27.56
N TYR M 411 5.35 66.54 -27.05
CA TYR M 411 5.89 66.33 -25.74
C TYR M 411 7.31 65.81 -25.87
N PRO M 412 8.27 66.40 -25.16
CA PRO M 412 9.68 66.18 -25.48
C PRO M 412 10.15 64.78 -25.09
N VAL M 413 11.12 64.28 -25.85
CA VAL M 413 11.72 62.98 -25.56
C VAL M 413 12.63 63.08 -24.35
N SER M 414 13.11 64.30 -24.06
CA SER M 414 13.97 64.51 -22.89
C SER M 414 13.19 64.43 -21.59
N ASP M 415 11.85 64.38 -21.67
CA ASP M 415 11.05 64.21 -20.46
C ASP M 415 11.05 62.73 -20.05
N THR M 416 10.99 61.82 -21.03
CA THR M 416 10.74 60.42 -20.72
C THR M 416 11.99 59.68 -20.27
N LEU M 417 13.16 60.32 -20.33
CA LEU M 417 14.37 59.69 -19.86
C LEU M 417 14.37 59.62 -18.34
N PRO M 418 15.11 58.69 -17.74
CA PRO M 418 15.18 58.60 -16.28
C PRO M 418 15.78 59.85 -15.67
N PRO M 419 15.33 60.23 -14.48
CA PRO M 419 15.74 61.52 -13.91
C PRO M 419 17.17 61.54 -13.40
N CYS M 420 17.87 60.40 -13.38
CA CYS M 420 19.27 60.46 -13.01
C CYS M 420 20.13 61.01 -14.14
N TYR M 421 19.61 61.11 -15.37
CA TYR M 421 20.40 61.75 -16.41
C TYR M 421 20.37 63.26 -16.28
N GLY M 422 19.39 63.78 -15.55
CA GLY M 422 19.37 65.18 -15.17
C GLY M 422 18.76 66.13 -16.16
N LEU M 423 17.88 65.65 -17.04
CA LEU M 423 17.34 66.55 -18.05
C LEU M 423 16.23 67.42 -17.50
N GLN M 424 15.52 66.94 -16.49
CA GLN M 424 14.53 67.76 -15.79
C GLN M 424 15.09 68.31 -14.49
N HIS M 425 16.39 68.15 -14.24
CA HIS M 425 17.03 68.69 -13.07
C HIS M 425 17.18 70.20 -13.19
N SER M 426 17.65 70.82 -12.10
CA SER M 426 17.99 72.24 -12.12
C SER M 426 19.17 72.46 -13.06
N LEU M 427 19.17 73.61 -13.74
CA LEU M 427 20.07 73.80 -14.86
C LEU M 427 21.50 74.05 -14.42
N SER M 428 22.42 73.31 -15.04
CA SER M 428 23.88 73.45 -14.87
C SER M 428 24.33 73.33 -13.41
N GLU M 429 23.62 72.50 -12.64
CA GLU M 429 24.09 72.16 -11.31
C GLU M 429 25.35 71.32 -11.39
N SER M 430 25.37 70.33 -12.28
CA SER M 430 26.57 69.58 -12.59
C SER M 430 26.96 69.88 -14.03
N GLU M 431 28.23 69.68 -14.35
CA GLU M 431 28.75 70.13 -15.62
C GLU M 431 28.39 69.19 -16.76
N HIS M 432 27.99 67.95 -16.44
CA HIS M 432 27.68 66.99 -17.48
C HIS M 432 26.25 67.17 -18.02
N LEU M 433 25.50 68.11 -17.44
CA LEU M 433 24.12 68.34 -17.86
C LEU M 433 24.06 68.98 -19.23
N LEU M 434 24.91 69.96 -19.48
CA LEU M 434 24.82 70.73 -20.73
C LEU M 434 25.29 69.98 -21.98
N PRO M 435 26.39 69.20 -21.99
CA PRO M 435 26.69 68.46 -23.22
C PRO M 435 25.70 67.34 -23.52
N LEU M 436 25.02 66.81 -22.51
CA LEU M 436 23.96 65.85 -22.78
C LEU M 436 22.75 66.55 -23.38
N HIS M 437 22.43 67.73 -22.88
CA HIS M 437 21.17 68.36 -23.26
C HIS M 437 21.28 69.02 -24.64
N GLN M 438 22.49 69.09 -25.19
CA GLN M 438 22.65 69.51 -26.58
C GLN M 438 22.69 68.30 -27.50
N PHE M 439 22.93 67.12 -26.95
CA PHE M 439 22.94 65.91 -27.76
C PHE M 439 21.52 65.47 -28.11
N MET M 440 20.57 65.75 -27.23
CA MET M 440 19.19 65.38 -27.50
C MET M 440 18.51 66.38 -28.42
N LEU M 441 19.14 67.54 -28.66
CA LEU M 441 18.53 68.56 -29.50
C LEU M 441 18.40 68.21 -30.98
N PRO M 442 19.39 67.62 -31.68
CA PRO M 442 19.13 67.28 -33.09
C PRO M 442 18.12 66.18 -33.29
N PHE M 443 18.06 65.23 -32.36
CA PHE M 443 17.07 64.16 -32.47
C PHE M 443 15.72 64.60 -31.93
N GLU M 444 15.64 65.81 -31.39
CA GLU M 444 14.35 66.37 -30.99
C GLU M 444 13.70 67.12 -32.14
N GLN M 445 14.52 67.84 -32.91
CA GLN M 445 13.99 68.64 -34.00
C GLN M 445 13.58 67.76 -35.18
N LEU M 446 14.19 66.58 -35.31
CA LEU M 446 13.74 65.65 -36.33
C LEU M 446 12.39 65.06 -35.98
N LEU M 447 12.11 64.91 -34.69
CA LEU M 447 10.80 64.42 -34.29
C LEU M 447 9.79 65.55 -34.23
N ALA M 448 10.25 66.78 -34.01
CA ALA M 448 9.34 67.91 -33.98
C ALA M 448 8.90 68.31 -35.37
N CYS M 449 9.67 67.95 -36.39
CA CYS M 449 9.22 68.15 -37.76
C CYS M 449 8.12 67.18 -38.11
N GLY M 450 8.13 66.00 -37.49
CA GLY M 450 7.11 65.01 -37.77
C GLY M 450 5.78 65.33 -37.10
N CYS M 451 5.81 66.07 -36.00
CA CYS M 451 4.57 66.40 -35.33
C CYS M 451 3.92 67.63 -35.93
N GLN M 452 4.72 68.51 -36.56
CA GLN M 452 4.14 69.67 -37.23
C GLN M 452 3.41 69.26 -38.50
N GLN M 453 3.98 68.32 -39.25
CA GLN M 453 3.54 68.09 -40.62
C GLN M 453 2.22 67.31 -40.65
N ILE M 454 1.86 66.67 -39.53
CA ILE M 454 0.53 66.10 -39.42
C ILE M 454 -0.47 67.18 -39.06
N ALA M 455 -0.04 68.17 -38.29
CA ALA M 455 -0.92 69.29 -37.95
C ALA M 455 -1.04 70.26 -39.10
N MET M 456 -0.12 70.19 -40.06
CA MET M 456 -0.20 71.04 -41.25
C MET M 456 -1.07 70.42 -42.33
N LEU M 457 -1.61 69.22 -42.11
CA LEU M 457 -2.29 68.51 -43.18
C LEU M 457 -3.61 69.12 -43.62
N PRO M 458 -4.44 69.74 -42.75
CA PRO M 458 -5.51 70.58 -43.31
C PRO M 458 -5.00 71.79 -44.07
N ARG M 459 -3.82 72.31 -43.72
CA ARG M 459 -3.26 73.43 -44.48
C ARG M 459 -2.56 72.94 -45.73
N LEU M 460 -1.95 71.75 -45.68
CA LEU M 460 -1.14 71.29 -46.80
C LEU M 460 -2.00 70.81 -47.96
N LEU M 461 -3.23 70.39 -47.67
CA LEU M 461 -4.07 69.80 -48.69
C LEU M 461 -5.38 70.54 -48.89
N ALA M 462 -5.49 71.77 -48.39
CA ALA M 462 -6.66 72.58 -48.66
C ALA M 462 -6.64 73.04 -50.11
N PHE M 463 -7.84 73.27 -50.65
CA PHE M 463 -7.91 73.73 -52.04
C PHE M 463 -7.78 75.25 -52.12
N GLN M 464 -8.00 75.95 -51.01
CA GLN M 464 -7.86 77.40 -50.96
C GLN M 464 -6.52 77.78 -50.32
N ARG M 465 -5.45 77.47 -51.03
CA ARG M 465 -4.11 77.68 -50.51
C ARG M 465 -3.73 79.15 -50.58
N GLU M 466 -2.92 79.62 -49.62
CA GLU M 466 -2.53 81.02 -49.57
C GLU M 466 -1.09 81.24 -49.13
N GLY M 467 -0.28 80.19 -49.01
CA GLY M 467 0.97 80.33 -48.30
C GLY M 467 2.20 79.82 -49.02
N TYR M 468 3.31 80.53 -48.77
CA TYR M 468 4.64 79.98 -49.06
C TYR M 468 4.92 78.76 -48.20
N GLU M 469 4.35 78.74 -47.00
CA GLU M 469 4.92 77.99 -45.89
C GLU M 469 4.59 76.51 -45.97
N VAL M 470 5.63 75.70 -45.83
CA VAL M 470 5.60 74.25 -45.87
C VAL M 470 6.28 73.77 -44.59
N TRP M 471 6.80 72.55 -44.64
CA TRP M 471 6.85 71.47 -43.62
C TRP M 471 6.83 72.02 -42.20
N GLY M 472 7.70 72.94 -41.83
CA GLY M 472 7.59 73.52 -40.50
C GLY M 472 8.89 74.04 -39.94
N ASP M 473 8.75 75.03 -39.04
CA ASP M 473 9.91 75.66 -38.42
C ASP M 473 9.70 75.99 -36.94
N GLN M 474 8.70 75.40 -36.29
CA GLN M 474 8.40 75.79 -34.92
C GLN M 474 9.37 75.12 -33.95
N TRP M 475 9.69 75.83 -32.88
CA TRP M 475 10.57 75.34 -31.84
C TRP M 475 9.88 74.22 -31.05
N PRO M 476 10.59 73.16 -30.67
CA PRO M 476 9.91 72.02 -30.04
C PRO M 476 9.48 72.26 -28.61
N PHE M 477 10.16 73.15 -27.89
CA PHE M 477 9.94 73.30 -26.46
C PHE M 477 9.07 74.51 -26.18
N LYS M 478 8.16 74.36 -25.21
CA LYS M 478 7.39 75.50 -24.75
C LYS M 478 8.30 76.47 -24.00
N SER M 479 7.87 77.73 -23.94
CA SER M 479 8.77 78.81 -23.54
C SER M 479 9.04 78.80 -22.04
N GLY M 480 8.19 78.13 -21.26
CA GLY M 480 8.42 78.07 -19.83
C GLY M 480 9.26 76.89 -19.42
N SER M 481 9.53 75.97 -20.36
CA SER M 481 10.13 74.69 -20.01
C SER M 481 11.61 74.84 -19.67
N VAL M 482 12.13 73.84 -18.95
CA VAL M 482 13.54 73.85 -18.58
C VAL M 482 14.41 73.49 -19.79
N ASN M 483 13.81 72.79 -20.76
CA ASN M 483 14.55 72.40 -21.96
C ASN M 483 14.80 73.61 -22.84
N ASP M 484 13.92 74.61 -22.75
CA ASP M 484 14.17 75.87 -23.44
C ASP M 484 15.31 76.64 -22.80
N ASP M 485 15.50 76.49 -21.48
CA ASP M 485 16.48 77.31 -20.77
C ASP M 485 17.90 76.90 -21.08
N ALA M 486 18.12 75.65 -21.51
CA ALA M 486 19.46 75.19 -21.79
C ALA M 486 20.02 75.85 -23.03
N HIS M 487 19.25 75.84 -24.12
CA HIS M 487 19.69 76.43 -25.38
C HIS M 487 19.17 77.83 -25.57
N GLN M 488 19.09 78.63 -24.50
CA GLN M 488 18.52 79.97 -24.64
C GLN M 488 19.52 80.93 -25.25
N ASP M 489 20.80 80.54 -25.32
CA ASP M 489 21.80 81.42 -25.90
C ASP M 489 21.77 81.37 -27.42
N TYR M 490 21.35 80.25 -28.00
CA TYR M 490 21.35 80.09 -29.43
C TYR M 490 19.99 79.70 -30.00
N ALA M 491 18.92 79.84 -29.21
CA ALA M 491 17.57 79.73 -29.75
C ALA M 491 17.21 80.79 -30.80
N PRO M 492 17.68 82.05 -30.74
CA PRO M 492 17.47 82.93 -31.90
C PRO M 492 18.20 82.49 -33.16
N ALA M 493 19.34 81.83 -33.03
CA ALA M 493 20.07 81.41 -34.23
C ALA M 493 19.49 80.14 -34.81
N LEU M 494 18.97 79.25 -33.96
CA LEU M 494 18.44 77.99 -34.44
C LEU M 494 17.07 78.16 -35.10
N LYS M 495 16.28 79.13 -34.61
CA LYS M 495 15.00 79.41 -35.22
C LYS M 495 15.16 80.04 -36.60
N ASP M 496 16.26 80.75 -36.82
CA ASP M 496 16.44 81.46 -38.08
C ASP M 496 16.93 80.52 -39.18
N LEU M 497 17.73 79.51 -38.83
CA LEU M 497 18.05 78.48 -39.81
C LEU M 497 16.87 77.53 -39.98
N LEU M 498 15.98 77.49 -38.99
CA LEU M 498 14.72 76.79 -39.20
C LEU M 498 13.85 77.51 -40.21
N GLY M 499 14.08 78.81 -40.41
CA GLY M 499 13.44 79.53 -41.49
C GLY M 499 14.12 79.37 -42.85
N GLN M 500 14.66 78.18 -43.09
CA GLN M 500 15.06 77.71 -44.41
C GLN M 500 13.90 77.10 -45.17
N ILE M 501 12.72 77.00 -44.53
CA ILE M 501 11.58 76.33 -45.13
C ILE M 501 10.98 77.18 -46.25
N ALA M 502 11.22 78.50 -46.20
CA ALA M 502 10.81 79.37 -47.30
C ALA M 502 11.64 79.10 -48.56
N LEU M 503 12.84 78.54 -48.40
CA LEU M 503 13.63 78.16 -49.56
C LEU M 503 13.12 76.87 -50.18
N ASP M 504 12.37 76.08 -49.41
CA ASP M 504 11.74 74.86 -49.91
C ASP M 504 10.33 75.09 -50.43
N SER M 505 10.00 76.32 -50.86
CA SER M 505 8.66 76.63 -51.34
C SER M 505 8.43 76.23 -52.79
N ASP M 506 9.44 75.66 -53.45
CA ASP M 506 9.22 75.11 -54.79
C ASP M 506 8.35 73.86 -54.71
N HIS M 507 8.46 73.13 -53.60
CA HIS M 507 7.67 71.94 -53.32
C HIS M 507 6.18 72.24 -53.27
N GLU M 508 5.83 73.45 -52.82
CA GLU M 508 4.43 73.86 -52.78
C GLU M 508 3.85 74.00 -54.19
N LEU M 509 4.70 74.28 -55.17
CA LEU M 509 4.24 74.33 -56.56
C LEU M 509 4.08 72.94 -57.14
N ASP M 510 4.65 71.92 -56.48
CA ASP M 510 4.46 70.55 -56.96
C ASP M 510 3.23 69.92 -56.35
N ILE M 511 2.66 70.52 -55.32
CA ILE M 511 1.39 70.01 -54.79
C ILE M 511 0.23 70.61 -55.55
N ILE M 512 0.37 71.87 -55.97
CA ILE M 512 -0.66 72.51 -56.77
C ILE M 512 -0.75 71.85 -58.13
N ASN M 513 0.37 71.36 -58.65
CA ASN M 513 0.33 70.52 -59.84
C ASN M 513 -0.36 69.19 -59.56
N TYR M 514 -0.31 68.73 -58.31
CA TYR M 514 -0.99 67.49 -57.95
C TYR M 514 -2.45 67.73 -57.66
N LEU M 515 -2.77 68.87 -57.02
CA LEU M 515 -4.15 69.14 -56.66
C LEU M 515 -4.97 69.59 -57.87
N LEU M 516 -4.33 70.23 -58.85
CA LEU M 516 -5.03 70.55 -60.09
C LEU M 516 -5.31 69.29 -60.91
N GLY M 517 -4.52 68.24 -60.70
CA GLY M 517 -4.70 67.00 -61.45
C GLY M 517 -5.93 66.22 -61.07
N TYR M 518 -6.62 66.62 -59.99
CA TYR M 518 -7.92 66.04 -59.70
C TYR M 518 -8.93 66.43 -60.75
N PHE M 519 -8.82 67.65 -61.26
CA PHE M 519 -9.73 68.19 -62.26
C PHE M 519 -9.18 68.14 -63.67
N GLY M 520 -8.24 67.23 -63.93
CA GLY M 520 -7.80 66.94 -65.28
C GLY M 520 -6.78 67.88 -65.88
N THR M 521 -6.47 69.00 -65.24
CA THR M 521 -5.56 69.99 -65.79
C THR M 521 -4.25 69.96 -65.03
N GLN M 522 -3.15 70.10 -65.74
CA GLN M 522 -1.84 70.25 -65.10
C GLN M 522 -1.64 71.70 -64.69
N ARG M 523 -0.58 71.95 -63.95
CA ARG M 523 -0.21 73.32 -63.65
C ARG M 523 0.45 73.96 -64.86
N ALA M 524 0.58 75.28 -64.81
CA ALA M 524 1.20 76.03 -65.89
C ALA M 524 2.71 75.76 -65.91
N PRO M 525 3.34 75.79 -67.08
CA PRO M 525 4.81 75.73 -67.09
C PRO M 525 5.41 77.03 -66.60
N ARG M 526 6.60 76.93 -66.00
CA ARG M 526 7.29 78.10 -65.48
C ARG M 526 7.97 78.85 -66.62
N THR M 527 7.75 80.16 -66.67
CA THR M 527 8.27 80.97 -67.77
C THR M 527 9.48 81.76 -67.32
N PHE M 528 9.92 82.70 -68.16
CA PHE M 528 11.09 83.50 -67.83
C PHE M 528 10.68 84.87 -67.31
N THR M 529 9.51 85.34 -67.72
CA THR M 529 8.92 86.59 -67.27
C THR M 529 7.93 86.37 -66.12
N THR M 530 8.26 85.48 -65.19
CA THR M 530 7.36 85.11 -64.10
C THR M 530 6.99 86.23 -63.17
N GLN M 531 8.00 86.90 -62.60
CA GLN M 531 7.88 87.59 -61.30
C GLN M 531 7.28 86.61 -60.29
N LEU M 532 8.13 85.62 -59.95
CA LEU M 532 7.73 84.35 -59.30
C LEU M 532 6.90 84.52 -58.03
N ASP M 533 7.00 85.67 -57.37
CA ASP M 533 6.09 85.97 -56.26
C ASP M 533 4.67 86.17 -56.77
N ASP M 534 4.52 86.94 -57.85
CA ASP M 534 3.20 87.28 -58.34
C ASP M 534 2.67 86.18 -59.26
N PHE M 535 3.58 85.37 -59.80
CA PHE M 535 3.19 84.20 -60.60
C PHE M 535 2.43 83.18 -59.77
N ARG M 536 2.83 83.04 -58.49
CA ARG M 536 2.38 81.90 -57.71
C ARG M 536 0.96 82.09 -57.19
N ALA M 537 0.57 83.33 -56.88
CA ALA M 537 -0.78 83.59 -56.38
C ALA M 537 -1.81 83.43 -57.48
N VAL M 538 -1.39 83.64 -58.73
CA VAL M 538 -2.24 83.29 -59.87
C VAL M 538 -2.41 81.78 -59.93
N GLN M 539 -1.35 81.03 -59.64
CA GLN M 539 -1.45 79.57 -59.62
C GLN M 539 -2.23 79.08 -58.40
N GLN M 540 -2.28 79.89 -57.34
CA GLN M 540 -3.02 79.48 -56.16
C GLN M 540 -4.51 79.71 -56.33
N GLY M 541 -4.90 80.87 -56.85
CA GLY M 541 -6.32 81.16 -57.06
C GLY M 541 -6.92 80.34 -58.18
N TYR M 542 -6.07 79.80 -59.06
CA TYR M 542 -6.54 78.88 -60.10
C TYR M 542 -7.08 77.60 -59.49
N LEU M 543 -6.50 77.16 -58.37
CA LEU M 543 -6.95 75.92 -57.74
C LEU M 543 -8.23 76.14 -56.95
N ALA M 544 -8.34 77.27 -56.26
CA ALA M 544 -9.44 77.46 -55.33
C ALA M 544 -10.76 77.69 -56.07
N GLN M 545 -10.72 78.39 -57.19
CA GLN M 545 -11.91 78.70 -57.96
C GLN M 545 -12.09 77.77 -59.14
N GLN M 546 -11.36 76.66 -59.16
CA GLN M 546 -11.37 75.74 -60.31
C GLN M 546 -12.73 75.14 -60.67
N PRO M 547 -13.62 74.67 -59.73
CA PRO M 547 -14.91 74.13 -60.17
C PRO M 547 -15.85 75.18 -60.73
N THR M 548 -15.77 76.42 -60.24
CA THR M 548 -16.65 77.46 -60.77
C THR M 548 -16.13 78.01 -62.09
N LEU M 549 -14.86 77.75 -62.41
CA LEU M 549 -14.35 78.15 -63.71
C LEU M 549 -14.86 77.22 -64.80
N THR M 550 -14.87 75.91 -64.55
CA THR M 550 -15.33 74.98 -65.57
C THR M 550 -16.84 74.89 -65.60
N TYR M 551 -17.51 75.33 -64.53
CA TYR M 551 -18.97 75.40 -64.55
C TYR M 551 -19.44 76.56 -65.41
N HIS M 552 -18.77 77.69 -65.32
CA HIS M 552 -19.06 78.84 -66.17
C HIS M 552 -17.86 79.02 -67.11
N ARG M 553 -17.85 78.28 -68.21
CA ARG M 553 -16.76 78.42 -69.17
C ARG M 553 -17.00 79.59 -70.11
N SER M 554 -18.26 79.99 -70.27
CA SER M 554 -18.65 81.01 -71.22
C SER M 554 -19.62 82.02 -70.59
N ASN M 555 -19.34 82.51 -69.39
CA ASN M 555 -20.31 83.38 -68.75
C ASN M 555 -19.77 84.80 -68.58
N ILE M 556 -20.01 85.66 -69.57
CA ILE M 556 -19.56 87.06 -69.67
C ILE M 556 -20.39 88.04 -68.87
N ARG M 557 -21.00 87.59 -67.77
CA ARG M 557 -21.77 88.40 -66.80
C ARG M 557 -21.28 89.84 -66.67
N ILE M 558 -22.23 90.77 -66.69
CA ILE M 558 -21.99 92.15 -67.10
C ILE M 558 -21.13 92.90 -66.09
N ASP M 559 -21.04 92.39 -64.86
CA ASP M 559 -20.21 93.04 -63.84
C ASP M 559 -18.97 92.25 -63.50
N GLN M 560 -19.08 90.94 -63.32
CA GLN M 560 -17.95 90.12 -62.88
C GLN M 560 -16.92 89.99 -63.99
N VAL M 561 -15.69 89.69 -63.59
CA VAL M 561 -14.64 89.36 -64.55
C VAL M 561 -14.99 88.06 -65.27
N SER M 562 -14.66 88.01 -66.57
CA SER M 562 -14.96 86.85 -67.41
C SER M 562 -14.26 85.61 -66.91
N SER M 563 -15.02 84.52 -66.79
CA SER M 563 -14.55 83.31 -66.14
C SER M 563 -13.76 82.40 -67.06
N LEU M 564 -13.50 82.82 -68.30
CA LEU M 564 -12.49 82.17 -69.11
C LEU M 564 -11.30 83.10 -69.34
N GLN M 565 -11.45 84.39 -69.06
CA GLN M 565 -10.31 85.29 -68.97
C GLN M 565 -9.37 84.87 -67.84
N LYS M 566 -9.93 84.44 -66.71
CA LYS M 566 -9.14 83.82 -65.65
C LYS M 566 -8.45 82.56 -66.15
N ARG M 567 -9.19 81.75 -66.91
CA ARG M 567 -8.71 80.42 -67.29
C ARG M 567 -7.69 80.51 -68.41
N ILE M 568 -7.70 81.64 -69.14
CA ILE M 568 -6.66 81.89 -70.13
C ILE M 568 -5.36 82.33 -69.47
N ALA M 569 -5.48 83.22 -68.48
CA ALA M 569 -4.30 83.81 -67.84
C ALA M 569 -3.56 82.78 -67.01
N ALA M 570 -4.28 81.81 -66.46
CA ALA M 570 -3.63 80.79 -65.65
C ALA M 570 -2.86 79.80 -66.51
N ARG M 571 -3.36 79.51 -67.71
CA ARG M 571 -2.68 78.56 -68.58
C ARG M 571 -1.41 79.17 -69.17
N MET M 572 -1.46 80.45 -69.51
CA MET M 572 -0.22 81.18 -69.79
C MET M 572 0.62 81.32 -68.53
N GLY M 573 -0.03 81.54 -67.40
CA GLY M 573 0.66 81.68 -66.14
C GLY M 573 1.03 83.09 -65.78
N LEU M 574 0.81 84.05 -66.68
CA LEU M 574 1.29 85.41 -66.46
C LEU M 574 0.52 86.08 -65.34
N GLY M 575 1.22 86.92 -64.59
CA GLY M 575 0.71 87.38 -63.32
C GLY M 575 -0.41 88.39 -63.47
N GLY M 576 -1.24 88.48 -62.44
CA GLY M 576 -2.30 89.46 -62.41
C GLY M 576 -3.07 89.35 -61.11
N GLU M 577 -3.81 90.41 -60.81
CA GLU M 577 -4.71 90.43 -59.67
C GLU M 577 -6.11 89.95 -60.03
N LEU M 578 -6.27 89.28 -61.18
CA LEU M 578 -7.60 88.88 -61.62
C LEU M 578 -8.07 87.61 -60.90
N PHE M 579 -7.20 87.00 -60.09
CA PHE M 579 -7.64 85.92 -59.21
C PHE M 579 -7.91 86.39 -57.79
N LYS M 580 -7.97 87.70 -57.56
CA LYS M 580 -8.32 88.25 -56.25
C LYS M 580 -9.79 87.94 -55.96
N PRO M 581 -10.18 87.88 -54.67
CA PRO M 581 -11.61 87.73 -54.34
C PRO M 581 -12.52 88.81 -54.90
N GLN M 582 -12.02 90.02 -55.12
CA GLN M 582 -12.79 91.02 -55.86
C GLN M 582 -12.04 91.38 -57.13
N PRO M 583 -12.75 91.62 -58.25
CA PRO M 583 -12.07 91.77 -59.53
C PRO M 583 -11.26 93.04 -59.68
N ASP M 584 -11.84 94.21 -59.37
CA ASP M 584 -11.21 95.53 -59.46
C ASP M 584 -10.70 95.83 -60.88
N LEU M 585 -11.66 96.00 -61.79
CA LEU M 585 -11.39 95.97 -63.23
C LEU M 585 -10.65 97.17 -63.79
N SER M 586 -10.07 98.04 -62.94
CA SER M 586 -9.22 99.11 -63.47
C SER M 586 -7.88 98.58 -63.95
N GLN M 587 -7.23 97.76 -63.13
CA GLN M 587 -5.86 97.33 -63.37
C GLN M 587 -5.84 95.83 -63.64
N LEU M 588 -5.71 95.46 -64.91
CA LEU M 588 -5.75 94.07 -65.31
C LEU M 588 -4.57 93.81 -66.25
N PRO M 589 -4.17 92.55 -66.41
CA PRO M 589 -3.19 92.25 -67.47
C PRO M 589 -3.73 92.45 -68.86
N PHE M 590 -4.88 91.86 -69.16
CA PHE M 590 -5.49 91.99 -70.47
C PHE M 590 -7.00 92.06 -70.29
N TYR M 591 -7.71 92.29 -71.39
CA TYR M 591 -9.15 92.45 -71.36
C TYR M 591 -9.79 91.71 -72.52
N LEU M 592 -10.89 91.03 -72.24
CA LEU M 592 -11.63 90.32 -73.28
C LEU M 592 -12.93 91.06 -73.57
N ILE M 593 -13.01 91.66 -74.75
CA ILE M 593 -14.20 92.36 -75.21
C ILE M 593 -14.79 91.58 -76.37
N GLU M 594 -16.11 91.63 -76.49
CA GLU M 594 -16.84 90.95 -77.54
C GLU M 594 -17.50 91.98 -78.45
N HIS M 595 -17.41 91.77 -79.76
CA HIS M 595 -18.02 92.72 -80.69
C HIS M 595 -19.53 92.63 -80.70
N ARG M 596 -20.09 91.47 -80.35
CA ARG M 596 -21.53 91.30 -80.20
C ARG M 596 -22.10 92.14 -79.07
N ALA M 597 -21.28 92.50 -78.08
CA ALA M 597 -21.76 93.33 -76.98
C ALA M 597 -21.87 94.79 -77.39
N LEU M 598 -21.33 95.15 -78.56
CA LEU M 598 -21.32 96.56 -78.96
C LEU M 598 -22.46 96.89 -79.90
N LEU M 599 -23.35 95.93 -80.16
CA LEU M 599 -24.38 96.17 -81.16
C LEU M 599 -25.75 96.36 -80.52
N PRO M 600 -26.43 97.47 -80.80
CA PRO M 600 -27.77 97.69 -80.24
C PRO M 600 -28.90 97.22 -81.15
N VAL M 601 -29.99 96.75 -80.56
CA VAL M 601 -31.17 96.40 -81.36
C VAL M 601 -32.10 97.61 -81.49
N LYS M 602 -32.32 98.32 -80.40
CA LYS M 602 -33.15 99.53 -80.41
C LYS M 602 -32.39 100.72 -79.82
N LYS M 700 -43.59 113.78 -79.44
CA LYS M 700 -42.90 112.63 -78.87
C LYS M 700 -43.01 111.41 -79.76
N LEU M 701 -43.67 111.57 -80.90
CA LEU M 701 -43.89 110.46 -81.85
C LEU M 701 -42.64 110.32 -82.72
N PHE M 702 -42.22 111.36 -83.44
CA PHE M 702 -41.11 111.25 -84.37
C PHE M 702 -39.89 112.04 -83.90
N TRP M 703 -39.65 112.08 -82.60
CA TRP M 703 -38.44 112.73 -82.09
C TRP M 703 -37.34 111.72 -81.77
N GLN M 704 -37.68 110.43 -81.72
CA GLN M 704 -36.68 109.41 -81.42
C GLN M 704 -35.71 109.24 -82.59
N ASN M 705 -36.23 108.78 -83.74
CA ASN M 705 -35.57 108.86 -85.05
C ASN M 705 -34.17 108.27 -85.14
N SER M 706 -34.00 106.96 -84.94
CA SER M 706 -32.65 106.39 -84.92
C SER M 706 -32.02 106.34 -86.32
N PRO M 707 -31.15 107.28 -86.67
CA PRO M 707 -30.80 107.45 -88.09
C PRO M 707 -29.78 106.46 -88.62
N VAL M 708 -28.63 106.32 -87.93
CA VAL M 708 -27.46 105.55 -88.34
C VAL M 708 -26.74 105.13 -87.07
N TRP M 709 -25.91 104.10 -87.16
CA TRP M 709 -24.96 103.77 -86.12
C TRP M 709 -23.67 103.37 -86.78
N MET M 710 -22.55 103.56 -86.08
CA MET M 710 -21.20 103.13 -86.45
C MET M 710 -20.81 103.74 -87.81
N GLU M 711 -20.56 105.06 -87.85
CA GLU M 711 -20.58 105.94 -89.04
C GLU M 711 -19.68 105.39 -90.14
N ASP M 712 -18.35 105.40 -89.97
CA ASP M 712 -17.39 104.80 -90.88
C ASP M 712 -16.10 104.56 -90.12
N MET M 713 -15.27 103.68 -90.68
CA MET M 713 -13.96 103.42 -90.10
C MET M 713 -13.04 104.63 -90.27
N GLY M 714 -12.02 104.72 -89.43
CA GLY M 714 -11.03 105.76 -89.58
C GLY M 714 -10.01 105.73 -88.48
N TYR M 715 -8.90 106.43 -88.73
CA TYR M 715 -7.88 106.67 -87.72
C TYR M 715 -7.44 108.12 -87.82
N ARG M 716 -6.39 108.45 -87.08
CA ARG M 716 -5.87 109.81 -87.01
C ARG M 716 -4.37 109.78 -87.31
N LEU M 717 -3.89 110.80 -87.99
CA LEU M 717 -2.57 110.79 -88.61
C LEU M 717 -1.50 111.33 -87.66
N ALA M 718 -0.67 110.42 -87.15
CA ALA M 718 0.56 110.77 -86.44
C ALA M 718 1.77 110.20 -87.17
N TYR M 719 1.78 108.89 -87.37
CA TYR M 719 2.80 108.21 -88.14
C TYR M 719 2.22 106.92 -88.71
N ALA M 720 2.81 106.45 -89.79
CA ALA M 720 2.27 105.32 -90.56
C ALA M 720 3.17 104.10 -90.43
N SER M 721 2.56 102.93 -90.35
CA SER M 721 3.28 101.66 -90.37
C SER M 721 2.56 100.68 -91.27
N ASP M 722 3.32 100.04 -92.16
CA ASP M 722 2.79 99.02 -93.05
C ASP M 722 3.40 97.67 -92.71
N GLN M 723 4.73 97.62 -92.70
CA GLN M 723 5.43 96.43 -92.22
C GLN M 723 5.21 96.29 -90.71
N SER M 724 4.92 95.06 -90.28
CA SER M 724 4.56 94.82 -88.90
C SER M 724 5.77 94.97 -87.99
N SER M 725 5.73 96.00 -87.15
CA SER M 725 6.74 96.26 -86.13
C SER M 725 6.49 95.37 -84.91
N LEU M 726 7.14 95.70 -83.79
CA LEU M 726 6.85 95.01 -82.54
C LEU M 726 5.40 95.19 -82.10
N PRO M 727 4.81 96.39 -82.18
CA PRO M 727 3.37 96.51 -81.99
C PRO M 727 2.56 96.25 -83.24
N VAL M 728 3.24 95.93 -84.35
CA VAL M 728 2.66 95.66 -85.67
C VAL M 728 1.78 96.82 -86.16
N GLN M 730 3.68 101.76 -84.29
CA GLN M 730 2.31 102.03 -83.91
C GLN M 730 2.08 103.52 -83.68
N ARG M 731 0.81 103.91 -83.57
CA ARG M 731 0.43 105.30 -83.34
C ARG M 731 -0.46 105.37 -82.11
N ARG M 732 -0.19 106.35 -81.24
CA ARG M 732 -1.05 106.59 -80.10
C ARG M 732 -2.37 107.21 -80.56
N LEU M 733 -3.44 106.93 -79.80
CA LEU M 733 -4.81 107.35 -80.10
C LEU M 733 -5.25 106.89 -81.49
N THR M 734 -4.83 105.69 -81.86
CA THR M 734 -5.08 105.14 -83.19
C THR M 734 -4.92 103.62 -83.10
N ARG M 735 -4.84 102.98 -84.25
CA ARG M 735 -4.60 101.54 -84.31
C ARG M 735 -4.05 101.17 -85.68
N THR M 736 -3.09 100.25 -85.68
CA THR M 736 -2.67 99.52 -86.87
C THR M 736 -3.25 98.11 -86.85
N VAL M 737 -4.51 97.99 -86.46
CA VAL M 737 -5.05 96.72 -85.95
C VAL M 737 -5.50 95.82 -87.08
N GLN M 738 -6.07 96.40 -88.14
CA GLN M 738 -6.49 95.63 -89.30
C GLN M 738 -5.26 95.07 -90.01
N THR M 739 -5.42 93.90 -90.63
CA THR M 739 -4.28 93.22 -91.20
C THR M 739 -4.36 93.32 -92.72
N PRO M 740 -4.10 94.49 -93.30
CA PRO M 740 -3.95 94.55 -94.76
C PRO M 740 -2.50 94.60 -95.20
N PHE M 741 -2.17 93.79 -96.20
CA PHE M 741 -1.06 94.02 -97.13
C PHE M 741 -1.54 95.04 -98.15
N PRO M 742 -2.85 95.07 -98.40
CA PRO M 742 -3.38 95.55 -99.69
C PRO M 742 -3.46 97.06 -99.77
N PRO M 743 -4.20 97.57 -100.79
CA PRO M 743 -4.08 98.95 -101.29
C PRO M 743 -4.22 100.13 -100.32
N MET M 744 -3.86 101.29 -100.87
CA MET M 744 -3.53 102.55 -100.21
C MET M 744 -4.62 103.06 -99.28
N VAL M 745 -4.19 103.94 -98.37
CA VAL M 745 -5.05 104.79 -97.56
C VAL M 745 -5.30 106.07 -98.33
N VAL M 746 -6.53 106.27 -98.80
CA VAL M 746 -6.77 107.18 -99.93
C VAL M 746 -7.55 108.44 -99.58
N VAL M 747 -7.36 108.99 -98.37
CA VAL M 747 -7.99 110.27 -98.05
C VAL M 747 -7.17 111.03 -97.02
N GLY M 748 -7.41 112.34 -96.96
CA GLY M 748 -6.89 113.19 -95.91
C GLY M 748 -7.84 114.35 -95.69
N SER M 749 -7.93 114.81 -94.45
CA SER M 749 -8.95 115.77 -94.04
C SER M 749 -8.33 116.91 -93.21
N GLU M 750 -7.28 117.52 -93.76
CA GLU M 750 -6.44 118.51 -93.06
C GLU M 750 -7.15 119.75 -92.56
N ILE M 751 -7.61 120.61 -93.48
CA ILE M 751 -8.14 121.91 -93.12
C ILE M 751 -9.53 122.04 -93.71
N THR M 752 -10.54 121.64 -92.94
CA THR M 752 -11.93 121.83 -93.31
C THR M 752 -12.49 123.14 -92.77
N LEU M 753 -11.64 123.99 -92.19
CA LEU M 753 -12.08 125.28 -91.71
C LEU M 753 -12.01 126.32 -92.82
N LEU M 754 -11.55 125.93 -94.00
CA LEU M 754 -11.35 126.85 -95.11
C LEU M 754 -11.61 126.11 -96.42
N LYS M 755 -11.17 126.70 -97.52
CA LYS M 755 -11.43 126.18 -98.86
C LYS M 755 -10.50 125.03 -99.24
N GLN M 756 -10.47 124.72 -100.55
CA GLN M 756 -9.67 123.64 -101.15
C GLN M 756 -10.10 122.27 -100.63
N VAL M 757 -11.41 122.05 -100.57
CA VAL M 757 -11.96 120.75 -100.20
C VAL M 757 -11.98 119.82 -101.42
N GLY M 758 -12.21 118.53 -101.18
CA GLY M 758 -12.46 117.60 -102.27
C GLY M 758 -11.23 116.84 -102.73
N ILE M 759 -10.13 117.56 -102.79
CA ILE M 759 -8.87 117.16 -103.44
C ILE M 759 -8.06 116.12 -102.68
N VAL M 760 -8.66 115.51 -101.65
CA VAL M 760 -8.00 114.53 -100.77
C VAL M 760 -7.27 113.43 -101.54
N ASN M 761 -6.09 113.07 -101.04
CA ASN M 761 -5.09 112.41 -101.86
C ASN M 761 -5.13 110.89 -101.70
N LEU M 762 -4.85 110.20 -102.81
CA LEU M 762 -4.65 108.75 -102.80
C LEU M 762 -3.15 108.47 -102.58
N LYS M 763 -2.86 108.05 -101.35
CA LYS M 763 -1.48 107.96 -100.90
C LYS M 763 -0.80 106.68 -101.38
N LYS M 764 0.36 106.38 -100.78
CA LYS M 764 1.16 105.23 -101.15
C LYS M 764 0.53 103.91 -100.71
N ALA M 765 0.99 102.80 -101.29
CA ALA M 765 0.35 101.51 -101.09
C ALA M 765 0.71 100.89 -99.74
N GLU M 766 2.00 100.67 -99.50
CA GLU M 766 2.47 100.05 -98.27
C GLU M 766 3.78 100.70 -97.87
N SER M 767 3.72 101.65 -96.95
CA SER M 767 4.90 102.34 -96.46
C SER M 767 4.81 102.46 -94.94
N GLU M 768 5.93 102.23 -94.28
CA GLU M 768 6.03 102.32 -92.82
C GLU M 768 6.95 103.48 -92.46
N LYS M 769 6.36 104.58 -91.99
CA LYS M 769 7.10 105.80 -91.72
C LYS M 769 6.80 106.30 -90.31
N LEU M 770 7.77 106.12 -89.42
CA LEU M 770 7.70 106.69 -88.08
C LEU M 770 9.04 107.31 -87.72
N TYR M 771 10.06 106.97 -88.51
CA TYR M 771 11.41 107.50 -88.33
C TYR M 771 12.07 107.61 -89.71
N ALA M 772 13.23 108.26 -89.74
CA ALA M 772 13.88 108.60 -91.00
C ALA M 772 14.73 107.47 -91.58
N LYS M 773 14.54 106.22 -91.13
CA LYS M 773 15.20 105.10 -91.77
C LYS M 773 14.39 104.58 -92.96
N VAL M 774 13.24 105.20 -93.21
CA VAL M 774 12.37 104.80 -94.31
C VAL M 774 12.55 105.74 -95.50
N VAL M 775 13.77 106.28 -95.66
CA VAL M 775 14.12 107.47 -96.42
C VAL M 775 13.61 107.56 -97.86
N SER M 776 13.19 106.45 -98.45
CA SER M 776 12.57 106.44 -99.77
C SER M 776 11.22 107.15 -99.70
N PHE M 777 10.78 107.68 -100.84
CA PHE M 777 9.56 108.48 -100.89
C PHE M 777 8.30 107.63 -100.70
N ASN M 791 2.44 105.30 -104.74
CA ASN M 791 1.95 106.30 -105.69
C ASN M 791 1.40 107.52 -104.96
N SER M 792 1.23 108.62 -105.70
CA SER M 792 0.72 109.86 -105.15
C SER M 792 0.13 110.71 -106.25
N THR M 793 -1.06 111.25 -106.00
CA THR M 793 -1.73 112.17 -106.92
C THR M 793 -2.69 113.02 -106.09
N LEU M 794 -3.02 114.20 -106.65
CA LEU M 794 -3.63 115.31 -105.90
C LEU M 794 -2.83 115.57 -104.62
N ALA M 795 -1.58 115.99 -104.80
CA ALA M 795 -0.40 115.25 -104.32
C ALA M 795 -0.48 114.96 -102.83
N PHE M 796 -0.14 115.92 -101.93
CA PHE M 796 -0.53 116.15 -100.54
C PHE M 796 0.36 117.27 -100.00
N PRO M 797 0.06 117.82 -98.84
CA PRO M 797 1.14 118.08 -97.88
C PRO M 797 1.18 116.90 -96.91
N THR M 798 2.32 116.28 -96.68
CA THR M 798 2.38 115.16 -95.75
C THR M 798 3.78 115.01 -95.15
N SER M 799 4.01 115.68 -94.02
CA SER M 799 5.15 115.39 -93.15
C SER M 799 5.00 116.00 -91.76
N GLU M 800 4.87 115.16 -90.73
CA GLU M 800 5.39 115.38 -89.39
C GLU M 800 4.82 116.55 -88.59
N GLU M 801 3.95 117.37 -89.18
CA GLU M 801 3.57 118.62 -88.53
C GLU M 801 2.09 118.62 -88.18
N ALA M 802 1.24 118.38 -89.17
CA ALA M 802 -0.20 118.48 -88.97
C ALA M 802 -0.75 117.12 -88.58
N TRP M 803 -1.32 117.05 -87.38
CA TRP M 803 -2.13 115.91 -86.95
C TRP M 803 -3.54 115.98 -87.49
N ARG M 804 -3.86 117.03 -88.25
CA ARG M 804 -5.24 117.30 -88.63
C ARG M 804 -5.68 116.42 -89.81
N TYR M 805 -4.73 115.74 -90.45
CA TYR M 805 -5.07 114.78 -91.48
C TYR M 805 -5.72 113.54 -90.88
N SER M 806 -6.63 112.93 -91.65
CA SER M 806 -7.25 111.69 -91.23
C SER M 806 -6.86 110.54 -92.13
N TRP M 807 -7.37 109.36 -91.79
CA TRP M 807 -7.09 108.13 -92.50
C TRP M 807 -8.35 107.61 -93.19
N TYR M 808 -8.15 106.63 -94.06
CA TYR M 808 -9.22 105.96 -94.80
C TYR M 808 -8.60 104.70 -95.39
N PHE M 809 -9.41 103.94 -96.11
CA PHE M 809 -8.93 102.87 -96.97
C PHE M 809 -9.56 103.03 -98.34
N SER M 810 -8.75 102.79 -99.37
CA SER M 810 -9.27 102.77 -100.74
C SER M 810 -10.27 101.64 -100.91
N GLY M 811 -11.29 101.86 -101.73
CA GLY M 811 -12.32 100.84 -101.88
C GLY M 811 -11.96 99.69 -102.81
N GLU M 812 -10.91 99.82 -103.62
CA GLU M 812 -10.58 98.76 -104.58
C GLU M 812 -9.73 97.65 -103.96
N LYS M 813 -9.56 97.63 -102.64
CA LYS M 813 -9.09 96.38 -102.02
C LYS M 813 -10.23 95.37 -101.89
N TYR M 814 -11.45 95.86 -101.62
CA TYR M 814 -12.69 95.10 -101.51
C TYR M 814 -12.60 93.96 -100.50
N GLU M 815 -12.20 94.30 -99.27
CA GLU M 815 -12.10 93.36 -98.17
C GLU M 815 -13.06 93.70 -97.04
N ARG M 816 -14.31 94.08 -97.37
CA ARG M 816 -15.30 94.32 -96.33
C ARG M 816 -15.85 92.99 -95.82
N THR M 817 -15.50 92.66 -94.58
CA THR M 817 -15.84 91.37 -93.99
C THR M 817 -16.78 91.56 -92.82
N ASP M 818 -17.41 90.47 -92.40
CA ASP M 818 -18.21 90.45 -91.19
C ASP M 818 -17.26 90.27 -90.01
N ARG M 819 -17.25 91.24 -89.10
CA ARG M 819 -16.33 91.23 -87.98
C ARG M 819 -17.03 91.06 -86.64
N PHE M 820 -18.33 91.31 -86.60
CA PHE M 820 -19.02 91.46 -85.33
C PHE M 820 -19.67 90.16 -84.86
N SER M 821 -19.51 89.07 -85.59
CA SER M 821 -20.34 87.89 -85.34
C SER M 821 -19.84 87.10 -84.13
N PHE M 822 -18.64 86.55 -84.23
CA PHE M 822 -18.13 85.63 -83.21
C PHE M 822 -16.68 85.94 -82.89
N VAL M 823 -16.32 87.22 -82.83
CA VAL M 823 -14.91 87.61 -82.78
C VAL M 823 -14.63 88.34 -81.47
N ILE M 824 -13.94 87.65 -80.56
CA ILE M 824 -13.46 88.21 -79.30
C ILE M 824 -12.15 88.93 -79.58
N SER M 825 -11.99 90.14 -79.05
CA SER M 825 -10.74 90.87 -79.16
C SER M 825 -10.09 90.97 -77.79
N VAL M 826 -8.81 90.58 -77.73
CA VAL M 826 -8.03 90.58 -76.51
C VAL M 826 -6.91 91.61 -76.64
N VAL M 827 -6.99 92.67 -75.84
CA VAL M 827 -6.00 93.73 -75.85
C VAL M 827 -4.90 93.43 -74.84
N VAL M 828 -3.67 93.41 -75.30
CA VAL M 828 -2.53 92.88 -74.58
C VAL M 828 -1.56 94.04 -74.33
N ASN M 829 -0.80 93.99 -73.24
CA ASN M 829 0.29 94.92 -73.05
C ASN M 829 1.47 94.57 -73.95
N SER M 830 2.13 95.59 -74.48
CA SER M 830 3.34 95.38 -75.26
C SER M 830 4.61 95.50 -74.43
N ASP M 831 4.49 95.59 -73.10
CA ASP M 831 5.67 95.59 -72.26
C ASP M 831 6.18 94.17 -72.05
N LEU M 832 5.37 93.17 -72.38
CA LEU M 832 5.85 91.79 -72.35
C LEU M 832 6.78 91.54 -73.53
N ILE M 833 6.58 92.26 -74.63
CA ILE M 833 7.49 92.20 -75.76
C ILE M 833 8.71 93.10 -75.52
N LYS M 834 8.62 94.03 -74.57
CA LYS M 834 9.69 94.99 -74.34
C LYS M 834 10.94 94.32 -73.74
N LEU M 835 10.76 93.13 -73.16
CA LEU M 835 11.90 92.37 -72.64
C LEU M 835 12.82 91.94 -73.78
N PRO M 836 14.14 92.01 -73.60
CA PRO M 836 15.05 91.81 -74.74
C PRO M 836 15.13 90.36 -75.19
N GLY M 837 15.57 90.18 -76.43
CA GLY M 837 15.66 88.84 -77.01
C GLY M 837 14.34 88.22 -77.36
N VAL M 838 13.28 89.02 -77.49
CA VAL M 838 11.93 88.48 -77.48
C VAL M 838 11.61 87.72 -78.77
N ASP M 839 12.01 88.26 -79.93
CA ASP M 839 11.48 87.87 -81.24
C ASP M 839 9.97 87.72 -81.23
N PRO M 840 9.22 88.87 -81.25
CA PRO M 840 7.76 88.87 -80.99
C PRO M 840 6.91 87.91 -81.82
N TYR M 841 7.37 87.60 -83.03
CA TYR M 841 6.71 86.56 -83.81
C TYR M 841 6.90 85.19 -83.20
N LYS M 842 8.12 84.88 -82.76
CA LYS M 842 8.39 83.56 -82.18
C LYS M 842 7.71 83.41 -80.82
N LEU M 843 7.58 84.51 -80.07
CA LEU M 843 6.77 84.48 -78.86
C LEU M 843 5.30 84.26 -79.18
N GLU M 844 4.82 84.88 -80.27
CA GLU M 844 3.40 84.81 -80.60
C GLU M 844 3.00 83.41 -81.07
N GLU M 845 3.96 82.65 -81.57
CA GLU M 845 3.70 81.24 -81.86
C GLU M 845 3.48 80.46 -80.57
N TRP M 846 4.09 80.89 -79.47
CA TRP M 846 3.87 80.19 -78.20
C TRP M 846 2.63 80.70 -77.48
N VAL M 847 2.30 81.99 -77.60
CA VAL M 847 1.17 82.55 -76.87
C VAL M 847 -0.16 81.96 -77.36
N LYS M 848 -0.34 81.89 -78.68
CA LYS M 848 -1.56 81.26 -79.21
C LYS M 848 -1.50 79.74 -79.15
N GLU M 849 -0.34 79.18 -78.80
CA GLU M 849 -0.19 77.72 -78.69
C GLU M 849 -0.97 77.18 -77.49
N THR M 850 -0.88 77.86 -76.34
CA THR M 850 -1.51 77.35 -75.13
C THR M 850 -2.99 77.72 -75.07
N ILE M 851 -3.33 78.98 -75.37
CA ILE M 851 -4.71 79.44 -75.21
C ILE M 851 -5.63 78.99 -76.34
N LEU M 852 -5.08 78.29 -77.34
CA LEU M 852 -5.89 77.65 -78.37
C LEU M 852 -6.88 76.66 -77.77
N THR M 853 -6.42 75.88 -76.80
CA THR M 853 -7.30 74.91 -76.14
C THR M 853 -8.32 75.61 -75.26
N GLU M 854 -7.98 76.80 -74.76
CA GLU M 854 -8.85 77.49 -73.82
C GLU M 854 -10.08 78.09 -74.51
N PHE M 855 -9.97 78.44 -75.78
CA PHE M 855 -11.07 79.05 -76.47
C PHE M 855 -12.05 78.00 -77.01
N PRO M 856 -13.31 78.37 -77.19
CA PRO M 856 -14.22 77.52 -77.97
C PRO M 856 -13.81 77.46 -79.43
N ALA M 857 -14.32 76.43 -80.13
CA ALA M 857 -13.93 76.23 -81.51
C ALA M 857 -14.52 77.28 -82.44
N HIS M 858 -15.78 77.63 -82.22
CA HIS M 858 -16.42 78.65 -83.05
C HIS M 858 -15.93 80.03 -82.70
N ILE M 859 -15.53 80.22 -81.44
CA ILE M 859 -15.21 81.57 -80.96
C ILE M 859 -13.83 81.94 -81.46
N SER M 860 -13.67 83.18 -81.91
CA SER M 860 -12.56 83.59 -82.75
C SER M 860 -11.87 84.80 -82.13
N MET M 861 -10.54 84.85 -82.26
CA MET M 861 -9.73 85.80 -81.50
C MET M 861 -8.76 86.55 -82.41
N ILE M 862 -8.88 87.87 -82.43
CA ILE M 862 -7.85 88.77 -82.94
C ILE M 862 -7.34 89.61 -81.78
N ILE M 863 -6.03 89.81 -81.72
CA ILE M 863 -5.41 90.53 -80.61
C ILE M 863 -4.75 91.80 -81.13
N HIS M 864 -4.73 92.84 -80.29
CA HIS M 864 -4.18 94.13 -80.63
C HIS M 864 -3.42 94.64 -79.42
N TRP M 865 -2.09 94.71 -79.50
CA TRP M 865 -1.29 95.11 -78.35
C TRP M 865 -0.61 96.45 -78.59
N MET M 866 -0.65 97.30 -77.57
CA MET M 866 -0.21 98.69 -77.65
C MET M 866 0.67 99.03 -76.45
N ASP M 867 1.12 100.28 -76.38
CA ASP M 867 2.09 100.72 -75.38
C ASP M 867 1.46 100.83 -73.99
N ARG M 868 2.24 101.37 -73.05
CA ARG M 868 1.76 101.49 -71.68
C ARG M 868 0.70 102.58 -71.54
N GLU M 869 0.82 103.65 -72.32
CA GLU M 869 -0.09 104.79 -72.13
C GLU M 869 -1.42 104.55 -72.83
N ALA M 870 -1.41 103.94 -74.01
CA ALA M 870 -2.66 103.65 -74.70
C ALA M 870 -3.39 102.49 -74.05
N PHE M 871 -2.66 101.64 -73.32
CA PHE M 871 -3.31 100.60 -72.53
C PHE M 871 -4.04 101.21 -71.34
N LEU M 872 -3.42 102.18 -70.68
CA LEU M 872 -4.01 102.77 -69.48
C LEU M 872 -5.20 103.65 -69.83
N ASN M 873 -5.22 104.22 -71.04
CA ASN M 873 -6.42 104.92 -71.48
C ASN M 873 -7.55 103.95 -71.77
N PHE M 874 -7.21 102.74 -72.24
CA PHE M 874 -8.22 101.71 -72.37
C PHE M 874 -8.65 101.18 -71.02
N ALA M 875 -7.72 101.14 -70.06
CA ALA M 875 -7.99 100.50 -68.77
C ALA M 875 -8.97 101.32 -67.95
N ASN M 876 -9.03 102.62 -68.18
CA ASN M 876 -10.03 103.44 -67.53
C ASN M 876 -11.39 103.27 -68.20
N THR M 877 -11.40 103.19 -69.53
CA THR M 877 -12.66 103.22 -70.25
C THR M 877 -13.39 101.89 -70.16
N TYR M 878 -12.66 100.80 -69.90
CA TYR M 878 -13.32 99.51 -69.78
C TYR M 878 -14.07 99.40 -68.46
N GLN M 879 -13.53 100.01 -67.40
CA GLN M 879 -14.16 99.84 -66.09
C GLN M 879 -15.40 100.69 -65.94
N ARG M 880 -15.38 101.90 -66.51
CA ARG M 880 -16.57 102.75 -66.51
C ARG M 880 -17.65 102.14 -67.39
N TRP M 881 -17.23 101.42 -68.43
CA TRP M 881 -18.15 100.66 -69.27
C TRP M 881 -18.80 99.52 -68.51
N GLN M 882 -18.03 98.83 -67.66
CA GLN M 882 -18.54 97.67 -66.96
C GLN M 882 -19.28 98.06 -65.68
N ASN M 883 -18.93 99.21 -65.10
CA ASN M 883 -19.64 99.66 -63.91
C ASN M 883 -21.03 100.17 -64.25
N ASN M 884 -21.21 100.69 -65.46
CA ASN M 884 -22.54 101.12 -65.88
C ASN M 884 -23.40 99.93 -66.26
N GLY M 885 -22.77 98.82 -66.64
CA GLY M 885 -23.52 97.63 -66.98
C GLY M 885 -23.60 97.39 -68.48
N THR M 886 -22.49 97.65 -69.17
CA THR M 886 -22.40 97.66 -70.63
C THR M 886 -23.53 98.48 -71.29
N PRO M 887 -23.40 99.81 -71.28
CA PRO M 887 -24.34 100.62 -72.06
C PRO M 887 -23.81 100.84 -73.48
N LEU M 888 -24.68 101.33 -74.34
CA LEU M 888 -24.29 101.67 -75.70
C LEU M 888 -23.93 103.16 -75.84
N GLY M 889 -23.58 103.81 -74.75
CA GLY M 889 -23.32 105.24 -74.75
C GLY M 889 -21.91 105.59 -75.19
N ASP M 890 -21.40 106.65 -74.58
CA ASP M 890 -20.11 107.22 -75.01
C ASP M 890 -18.94 106.37 -74.56
N ALA M 891 -19.13 105.55 -73.53
CA ALA M 891 -18.06 104.68 -73.07
C ALA M 891 -17.81 103.55 -74.04
N ALA M 892 -18.86 103.06 -74.71
CA ALA M 892 -18.70 101.97 -75.67
C ALA M 892 -18.14 102.48 -76.99
N TYR M 893 -18.50 103.71 -77.38
CA TYR M 893 -18.04 104.24 -78.65
C TYR M 893 -16.56 104.61 -78.60
N SER M 894 -16.06 104.93 -77.40
CA SER M 894 -14.62 105.13 -77.23
C SER M 894 -13.86 103.82 -77.41
N ILE M 895 -14.44 102.73 -76.91
CA ILE M 895 -13.83 101.41 -77.10
C ILE M 895 -13.94 101.00 -78.56
N LEU M 896 -15.01 101.41 -79.22
CA LEU M 896 -15.17 101.12 -80.64
C LEU M 896 -14.18 101.92 -81.48
N GLU M 897 -13.78 103.10 -80.99
CA GLU M 897 -12.74 103.87 -81.64
C GLU M 897 -11.36 103.24 -81.41
N SER M 898 -11.19 102.57 -80.28
CA SER M 898 -9.89 102.03 -79.92
C SER M 898 -9.51 100.84 -80.79
N LEU M 899 -10.49 100.19 -81.39
CA LEU M 899 -10.20 99.15 -82.37
C LEU M 899 -10.19 99.74 -83.77
N THR M 900 -10.06 98.85 -84.76
CA THR M 900 -10.12 99.25 -86.16
C THR M 900 -11.51 99.73 -86.58
N LEU M 901 -12.56 99.24 -85.91
CA LEU M 901 -13.89 99.14 -86.52
C LEU M 901 -14.55 100.50 -86.75
N GLY M 902 -14.10 101.53 -86.05
CA GLY M 902 -14.57 102.88 -86.30
C GLY M 902 -15.91 103.18 -85.65
N LYS M 903 -16.07 104.42 -85.21
CA LYS M 903 -17.22 104.81 -84.41
C LYS M 903 -17.71 106.17 -84.84
N LEU M 904 -18.91 106.52 -84.37
CA LEU M 904 -19.48 107.84 -84.62
C LEU M 904 -19.24 108.71 -83.40
N PRO M 905 -18.15 109.47 -83.36
CA PRO M 905 -17.88 110.30 -82.17
C PRO M 905 -18.29 111.75 -82.35
N SER M 906 -19.10 112.02 -83.37
CA SER M 906 -19.30 113.39 -83.82
C SER M 906 -20.19 114.19 -82.86
N ALA M 907 -20.94 113.51 -82.00
CA ALA M 907 -21.83 114.21 -81.07
C ALA M 907 -21.05 114.86 -79.94
N LEU M 908 -19.91 114.27 -79.57
CA LEU M 908 -19.06 114.75 -78.49
C LEU M 908 -17.72 115.30 -78.99
N LYS M 909 -17.74 116.10 -80.06
CA LYS M 909 -16.61 116.54 -80.92
C LYS M 909 -15.42 117.02 -80.08
N GLY M 910 -15.61 117.91 -79.10
CA GLY M 910 -14.49 118.40 -78.31
C GLY M 910 -14.11 117.47 -77.18
N ALA N 6 43.25 29.38 -43.69
CA ALA N 6 42.36 28.51 -42.93
C ALA N 6 42.70 27.05 -43.17
N LEU N 7 43.99 26.73 -43.10
CA LEU N 7 44.41 25.34 -43.23
C LEU N 7 44.21 24.58 -41.93
N PHE N 8 44.01 25.30 -40.82
CA PHE N 8 43.99 24.65 -39.51
C PHE N 8 42.73 23.84 -39.29
N HIS N 9 41.58 24.32 -39.79
CA HIS N 9 40.31 23.70 -39.43
C HIS N 9 40.10 22.36 -40.12
N SER N 10 40.82 22.11 -41.21
CA SER N 10 40.64 20.85 -41.92
C SER N 10 41.61 19.80 -41.41
N VAL N 11 42.77 20.22 -40.90
CA VAL N 11 43.80 19.30 -40.45
C VAL N 11 43.74 19.10 -38.93
N LYS N 12 42.77 19.75 -38.27
CA LYS N 12 42.75 19.87 -36.81
C LYS N 12 42.61 18.53 -36.11
N ASP N 13 41.90 17.59 -36.73
CA ASP N 13 41.78 16.25 -36.14
C ASP N 13 43.05 15.45 -36.37
N ASP N 14 43.92 15.91 -37.28
CA ASP N 14 45.05 15.08 -37.68
C ASP N 14 46.34 15.48 -36.99
N ILE N 15 46.57 16.77 -36.77
CA ILE N 15 47.77 17.17 -36.06
C ILE N 15 47.47 17.24 -34.57
N HIS N 16 47.40 16.08 -33.94
CA HIS N 16 46.87 16.00 -32.59
C HIS N 16 47.66 14.97 -31.81
N PHE N 17 47.75 15.18 -30.49
CA PHE N 17 48.49 14.26 -29.64
C PHE N 17 47.84 12.88 -29.63
N ASP N 18 46.51 12.83 -29.61
CA ASP N 18 45.81 11.56 -29.48
C ASP N 18 45.89 10.75 -30.76
N THR N 19 46.11 11.41 -31.90
CA THR N 19 46.15 10.69 -33.17
C THR N 19 47.58 10.46 -33.64
N LEU N 20 48.52 11.28 -33.17
CA LEU N 20 49.92 11.01 -33.47
C LEU N 20 50.46 9.90 -32.57
N LEU N 21 49.91 9.77 -31.37
CA LEU N 21 50.34 8.69 -30.49
C LEU N 21 49.84 7.35 -30.98
N GLU N 22 48.64 7.33 -31.58
CA GLU N 22 48.12 6.09 -32.14
C GLU N 22 48.90 5.68 -33.37
N GLN N 23 49.49 6.64 -34.06
CA GLN N 23 50.42 6.33 -35.13
C GLN N 23 51.70 5.72 -34.58
N ALA N 24 52.15 6.19 -33.42
CA ALA N 24 53.44 5.78 -32.89
C ALA N 24 53.37 4.42 -32.22
N HIS N 25 52.22 4.07 -31.64
CA HIS N 25 52.07 2.75 -31.04
C HIS N 25 52.02 1.67 -32.10
N GLN N 26 51.52 2.01 -33.30
CA GLN N 26 51.38 1.01 -34.34
C GLN N 26 52.73 0.67 -34.97
N VAL N 27 53.70 1.56 -34.86
CA VAL N 27 55.05 1.23 -35.31
C VAL N 27 55.73 0.31 -34.30
N ILE N 28 55.40 0.45 -33.02
CA ILE N 28 55.99 -0.40 -32.01
C ILE N 28 55.32 -1.78 -32.00
N GLU N 29 54.01 -1.80 -32.23
CA GLU N 29 53.26 -3.05 -32.09
C GLU N 29 53.50 -3.97 -33.27
N LYS N 30 53.98 -3.44 -34.39
CA LYS N 30 54.29 -4.30 -35.52
C LYS N 30 55.74 -4.77 -35.49
N GLN N 31 56.66 -3.88 -35.09
CA GLN N 31 58.07 -4.16 -35.31
C GLN N 31 58.75 -4.71 -34.06
N ALA N 32 58.34 -4.27 -32.88
CA ALA N 32 58.95 -4.74 -31.64
C ALA N 32 57.92 -5.26 -30.65
N GLU N 33 57.00 -6.11 -31.08
CA GLU N 33 55.98 -6.61 -30.18
C GLU N 33 56.51 -7.72 -29.29
N LYS N 34 57.65 -8.31 -29.65
CA LYS N 34 58.20 -9.40 -28.86
C LYS N 34 59.18 -8.88 -27.81
N LEU N 35 60.00 -7.89 -28.17
CA LEU N 35 61.02 -7.43 -27.25
C LEU N 35 60.49 -6.30 -26.37
N TRP N 36 59.45 -5.61 -26.81
CA TRP N 36 58.89 -4.47 -26.08
C TRP N 36 57.39 -4.69 -26.00
N SER N 37 56.97 -5.46 -25.01
CA SER N 37 55.59 -5.93 -24.93
C SER N 37 54.75 -5.15 -23.94
N ASP N 38 55.36 -4.29 -23.14
CA ASP N 38 54.64 -3.48 -22.16
C ASP N 38 54.68 -2.03 -22.62
N THR N 39 53.55 -1.55 -23.14
CA THR N 39 53.43 -0.18 -23.61
C THR N 39 52.47 0.62 -22.74
N ALA N 40 52.40 0.29 -21.46
CA ALA N 40 51.50 1.00 -20.55
C ALA N 40 52.05 2.39 -20.24
N GLU N 41 51.29 3.15 -19.47
CA GLU N 41 51.64 4.55 -19.25
C GLU N 41 52.72 4.74 -18.20
N HIS N 42 53.34 3.67 -17.72
CA HIS N 42 54.33 3.82 -16.66
C HIS N 42 55.75 3.92 -17.22
N ASP N 43 56.07 3.19 -18.31
CA ASP N 43 57.47 2.89 -18.58
C ASP N 43 58.17 4.10 -19.20
N PRO N 44 59.50 4.21 -19.06
CA PRO N 44 60.20 5.34 -19.67
C PRO N 44 60.19 5.36 -21.19
N GLY N 45 59.86 4.25 -21.85
CA GLY N 45 59.86 4.25 -23.29
C GLY N 45 58.72 5.06 -23.88
N ILE N 46 57.54 4.99 -23.27
CA ILE N 46 56.39 5.71 -23.79
C ILE N 46 56.45 7.18 -23.40
N THR N 47 57.00 7.48 -22.22
CA THR N 47 57.07 8.86 -21.77
C THR N 47 58.09 9.66 -22.57
N PHE N 48 59.04 8.98 -23.21
CA PHE N 48 59.95 9.67 -24.11
C PHE N 48 59.20 9.90 -25.40
N LEU N 49 58.40 8.92 -25.80
CA LEU N 49 57.61 9.03 -27.01
C LEU N 49 56.49 10.05 -26.86
N GLN N 50 55.87 10.11 -25.68
CA GLN N 50 54.82 11.09 -25.45
C GLN N 50 55.40 12.51 -25.37
N GLY N 51 56.67 12.62 -24.98
CA GLY N 51 57.32 13.91 -25.07
C GLY N 51 57.59 14.32 -26.50
N ILE N 52 57.94 13.35 -27.34
CA ILE N 52 58.27 13.65 -28.74
C ILE N 52 57.00 13.86 -29.55
N SER N 53 55.97 13.04 -29.31
CA SER N 53 54.74 13.14 -30.11
C SER N 53 53.92 14.37 -29.73
N TYR N 54 54.24 14.99 -28.60
CA TYR N 54 53.70 16.32 -28.32
C TYR N 54 54.55 17.39 -28.96
N GLY N 55 55.85 17.14 -29.10
CA GLY N 55 56.70 18.11 -29.77
C GLY N 55 56.47 18.15 -31.27
N VAL N 56 56.05 17.02 -31.84
CA VAL N 56 55.69 17.01 -33.25
C VAL N 56 54.34 17.68 -33.45
N SER N 57 53.41 17.47 -32.51
CA SER N 57 52.12 18.17 -32.56
C SER N 57 52.31 19.66 -32.34
N ASP N 58 53.30 20.04 -31.54
CA ASP N 58 53.69 21.45 -31.45
C ASP N 58 54.27 21.92 -32.78
N LEU N 59 55.12 21.12 -33.39
CA LEU N 59 55.84 21.53 -34.59
C LEU N 59 54.91 21.60 -35.79
N ALA N 60 53.90 20.74 -35.83
CA ALA N 60 53.01 20.72 -36.99
C ALA N 60 51.90 21.75 -36.85
N TYR N 61 51.72 22.30 -35.65
CA TYR N 61 50.74 23.37 -35.48
C TYR N 61 51.24 24.67 -36.11
N ARG N 62 52.55 24.87 -36.15
CA ARG N 62 53.09 26.12 -36.69
C ARG N 62 52.97 26.17 -38.20
N HIS N 63 52.73 25.02 -38.84
CA HIS N 63 52.53 25.03 -40.29
C HIS N 63 51.13 25.50 -40.64
N THR N 64 50.18 25.33 -39.73
CA THR N 64 48.79 25.65 -40.03
C THR N 64 48.43 27.09 -39.70
N LEU N 65 49.40 27.94 -39.39
CA LEU N 65 49.15 29.35 -39.26
C LEU N 65 48.86 29.94 -40.65
N PRO N 66 48.12 31.05 -40.73
CA PRO N 66 47.78 31.61 -42.05
C PRO N 66 49.01 32.15 -42.77
N LEU N 67 48.95 32.10 -44.10
CA LEU N 67 50.16 32.25 -44.91
C LEU N 67 50.65 33.68 -44.91
N LYS N 68 49.79 34.64 -44.61
CA LYS N 68 50.25 36.02 -44.48
C LYS N 68 51.07 36.22 -43.22
N ASP N 69 50.87 35.36 -42.22
CA ASP N 69 51.61 35.53 -40.97
C ASP N 69 52.86 34.65 -40.95
N LEU N 70 52.88 33.60 -41.76
CA LEU N 70 54.10 32.80 -41.87
C LEU N 70 55.14 33.52 -42.72
N LEU N 71 54.68 34.23 -43.76
CA LEU N 71 55.61 34.75 -44.75
C LEU N 71 56.15 36.11 -44.37
N THR N 72 55.54 36.75 -43.38
CA THR N 72 56.10 38.00 -42.92
C THR N 72 57.33 37.72 -42.05
N PRO N 73 58.41 38.48 -42.23
CA PRO N 73 59.58 38.31 -41.38
C PRO N 73 59.39 39.07 -40.07
N ALA N 74 60.39 38.92 -39.20
CA ALA N 74 60.42 39.63 -37.94
C ALA N 74 60.55 41.14 -38.21
N PRO N 75 59.98 41.97 -37.32
CA PRO N 75 59.98 43.42 -37.58
C PRO N 75 61.35 44.09 -37.55
N ASP N 76 62.39 43.40 -37.10
CA ASP N 76 63.72 44.01 -37.14
C ASP N 76 64.29 43.97 -38.56
N GLU N 77 63.96 42.95 -39.34
CA GLU N 77 64.46 42.79 -40.69
C GLU N 77 63.28 42.72 -41.65
N GLN N 78 63.05 43.81 -42.37
CA GLN N 78 62.01 43.85 -43.40
C GLN N 78 62.55 44.58 -44.63
N GLN N 79 62.23 44.02 -45.79
CA GLN N 79 62.24 44.80 -47.02
C GLN N 79 60.99 45.67 -46.97
N GLN N 80 61.07 46.86 -47.57
CA GLN N 80 60.28 48.07 -47.23
C GLN N 80 58.78 47.77 -47.30
N GLU N 81 58.24 47.41 -48.46
CA GLU N 81 56.83 47.07 -48.53
C GLU N 81 56.66 45.58 -48.28
N GLY N 82 55.42 45.10 -48.42
CA GLY N 82 55.04 43.84 -47.81
C GLY N 82 55.57 42.58 -48.49
N ILE N 83 54.80 41.49 -48.28
CA ILE N 83 55.14 40.09 -48.50
C ILE N 83 55.83 39.82 -49.82
N PHE N 84 55.24 40.31 -50.90
CA PHE N 84 55.94 40.35 -52.17
C PHE N 84 56.44 41.78 -52.38
N PRO N 85 57.64 41.94 -52.95
CA PRO N 85 58.20 43.30 -53.09
C PRO N 85 57.38 44.16 -54.05
N ALA N 86 57.58 45.47 -53.96
CA ALA N 86 56.72 46.41 -54.67
C ALA N 86 56.99 46.40 -56.17
N GLU N 87 58.11 45.82 -56.59
CA GLU N 87 58.36 45.64 -58.01
C GLU N 87 57.51 44.51 -58.58
N PHE N 88 56.99 43.64 -57.71
CA PHE N 88 56.27 42.46 -58.16
C PHE N 88 54.76 42.65 -58.13
N GLY N 89 54.26 43.87 -57.94
CA GLY N 89 52.85 44.13 -57.96
C GLY N 89 52.27 44.01 -59.36
N PRO N 90 50.93 44.02 -59.47
CA PRO N 90 50.30 43.90 -60.79
C PRO N 90 50.54 45.08 -61.71
N HIS N 91 50.97 46.20 -61.15
CA HIS N 91 51.29 47.38 -61.96
C HIS N 91 52.57 47.19 -62.75
N ASN N 92 53.42 46.23 -62.34
CA ASN N 92 54.66 46.00 -63.05
C ASN N 92 54.74 44.59 -63.59
N THR N 93 53.90 43.69 -63.09
CA THR N 93 53.98 42.29 -63.51
C THR N 93 53.05 42.03 -64.70
N LEU N 94 51.98 42.80 -64.81
CA LEU N 94 51.05 42.59 -65.92
C LEU N 94 51.32 43.55 -67.06
N THR N 95 51.77 44.77 -66.74
CA THR N 95 52.00 45.77 -67.76
C THR N 95 53.28 45.48 -68.53
N CYS N 96 53.25 45.71 -69.83
CA CYS N 96 54.41 45.54 -70.68
C CYS N 96 54.84 46.89 -71.22
N GLY N 97 56.00 46.89 -71.87
CA GLY N 97 56.58 48.11 -72.37
C GLY N 97 55.81 48.71 -73.53
N PRO N 98 56.06 49.99 -73.81
CA PRO N 98 55.45 50.71 -74.96
C PRO N 98 56.18 50.39 -76.25
N VAL N 99 55.67 49.39 -76.99
CA VAL N 99 56.30 49.05 -78.26
C VAL N 99 55.37 49.36 -79.44
N THR N 100 54.06 49.15 -79.28
CA THR N 100 53.10 49.40 -80.34
C THR N 100 52.92 50.91 -80.55
N ALA N 101 52.47 51.29 -81.74
CA ALA N 101 51.99 52.65 -81.95
C ALA N 101 50.76 52.94 -81.10
N ASP N 102 50.01 51.91 -80.73
CA ASP N 102 48.82 52.12 -79.90
C ASP N 102 49.18 52.43 -78.45
N ASP N 103 50.21 51.79 -77.89
CA ASP N 103 50.52 52.09 -76.50
C ASP N 103 51.63 53.13 -76.38
N TYR N 104 52.26 53.49 -77.51
CA TYR N 104 52.89 54.80 -77.59
C TYR N 104 51.87 55.89 -77.35
N ARG N 105 50.69 55.75 -77.95
CA ARG N 105 49.60 56.70 -77.74
C ARG N 105 49.09 56.65 -76.31
N LYS N 106 49.13 55.48 -75.68
CA LYS N 106 48.70 55.38 -74.29
C LYS N 106 49.69 56.07 -73.37
N ALA N 107 50.96 56.05 -73.73
CA ALA N 107 51.99 56.66 -72.88
C ALA N 107 52.08 58.16 -73.08
N LEU N 108 51.99 58.60 -74.34
CA LEU N 108 52.11 60.03 -74.63
C LEU N 108 50.90 60.81 -74.16
N LEU N 109 49.74 60.17 -74.13
CA LEU N 109 48.53 60.82 -73.61
C LEU N 109 48.60 61.02 -72.11
N ASP N 110 49.53 60.35 -71.43
CA ASP N 110 49.56 60.40 -69.98
C ASP N 110 50.20 61.69 -69.48
N LEU N 111 51.12 62.26 -70.27
CA LEU N 111 52.05 63.25 -69.77
C LEU N 111 51.34 64.53 -69.37
N HIS N 112 51.75 65.08 -68.23
CA HIS N 112 50.93 66.06 -67.54
C HIS N 112 51.84 67.13 -66.96
N SER N 113 51.27 68.32 -66.77
CA SER N 113 52.03 69.48 -66.33
C SER N 113 52.52 69.35 -64.90
N SER N 114 51.80 68.62 -64.04
CA SER N 114 52.27 68.49 -62.67
C SER N 114 53.33 67.39 -62.55
N ASP N 115 53.47 66.58 -63.60
CA ASP N 115 54.56 65.60 -63.64
C ASP N 115 55.88 66.28 -63.94
N SER N 116 55.84 67.51 -64.45
CA SER N 116 57.06 68.29 -64.69
C SER N 116 57.73 68.60 -63.35
N LEU N 117 59.06 68.59 -63.36
CA LEU N 117 59.81 68.66 -62.11
C LEU N 117 59.88 70.11 -61.60
N ASP N 118 59.51 71.07 -62.44
CA ASP N 118 59.61 72.47 -62.09
C ASP N 118 58.54 73.27 -62.82
N GLY N 119 58.11 74.37 -62.21
CA GLY N 119 57.31 75.36 -62.90
C GLY N 119 55.81 75.19 -62.66
N THR N 120 55.08 76.29 -62.92
CA THR N 120 53.63 76.44 -62.91
C THR N 120 52.96 75.99 -61.62
N GLN N 121 53.62 76.18 -60.45
CA GLN N 121 53.06 76.08 -59.08
C GLN N 121 52.16 74.86 -58.83
N GLN N 122 52.43 73.77 -59.57
CA GLN N 122 51.93 72.40 -59.44
C GLN N 122 50.41 72.24 -59.52
N ASP N 123 49.66 73.33 -59.76
CA ASP N 123 48.21 73.23 -59.75
C ASP N 123 47.62 73.38 -61.16
N GLU N 124 48.17 74.26 -61.98
CA GLU N 124 47.64 74.45 -63.33
C GLU N 124 47.94 73.24 -64.21
N GLY N 125 47.17 73.12 -65.28
CA GLY N 125 47.56 72.24 -66.37
C GLY N 125 46.58 71.12 -66.65
N ASP N 126 46.35 70.86 -67.94
CA ASP N 126 45.72 69.64 -68.38
C ASP N 126 46.84 68.63 -68.65
N PHE N 127 46.49 67.47 -69.17
CA PHE N 127 47.49 66.59 -69.74
C PHE N 127 48.08 67.25 -70.97
N LEU N 128 49.34 66.91 -71.29
CA LEU N 128 50.11 67.73 -72.24
C LEU N 128 49.58 67.61 -73.66
N PHE N 129 48.95 66.50 -73.99
CA PHE N 129 48.49 66.25 -75.35
C PHE N 129 47.09 65.67 -75.32
N ARG N 130 46.19 66.25 -76.12
CA ARG N 130 44.83 65.72 -76.18
C ARG N 130 44.77 64.51 -77.10
N SER N 131 45.63 64.46 -78.12
CA SER N 131 45.79 63.28 -78.93
C SER N 131 47.18 63.30 -79.54
N VAL N 132 47.72 62.12 -79.81
CA VAL N 132 48.99 62.00 -80.53
C VAL N 132 48.80 60.95 -81.61
N GLN N 133 49.69 60.95 -82.59
CA GLN N 133 49.72 59.89 -83.58
C GLN N 133 51.16 59.64 -83.96
N LEU N 134 51.67 58.48 -83.59
CA LEU N 134 52.99 58.04 -83.99
C LEU N 134 52.82 57.07 -85.14
N VAL N 135 53.64 57.24 -86.18
CA VAL N 135 53.57 56.41 -87.36
C VAL N 135 54.97 56.39 -87.95
N ARG N 136 55.24 55.44 -88.82
CA ARG N 136 56.49 55.46 -89.56
C ARG N 136 56.56 56.69 -90.45
N GLU N 137 57.76 57.23 -90.61
CA GLU N 137 58.01 58.43 -91.39
C GLU N 137 57.71 58.19 -92.87
N PRO N 138 57.53 59.25 -93.65
CA PRO N 138 57.38 59.10 -95.10
C PRO N 138 58.60 58.46 -95.74
N GLU N 139 58.34 57.62 -96.75
CA GLU N 139 59.35 56.76 -97.32
C GLU N 139 60.36 57.53 -98.17
N LYS N 140 60.00 58.73 -98.62
CA LYS N 140 60.87 59.43 -99.54
C LYS N 140 62.07 60.05 -98.83
N GLN N 141 61.91 60.45 -97.55
CA GLN N 141 63.00 61.03 -96.76
C GLN N 141 63.18 60.20 -95.47
N ARG N 142 63.99 59.15 -95.59
CA ARG N 142 64.13 58.19 -94.51
C ARG N 142 65.58 58.05 -94.07
N TYR N 143 66.21 59.20 -93.83
CA TYR N 143 67.64 59.32 -93.51
C TYR N 143 68.48 58.65 -94.60
N THR N 144 68.30 59.11 -95.83
CA THR N 144 69.12 58.58 -96.90
C THR N 144 70.47 59.30 -96.87
N TYR N 145 71.55 58.55 -97.05
CA TYR N 145 72.88 59.10 -96.90
C TYR N 145 73.81 58.48 -97.93
N TRP N 146 74.66 59.32 -98.50
CA TRP N 146 75.84 58.88 -99.22
C TRP N 146 77.03 59.04 -98.29
N TYR N 147 78.19 58.54 -98.71
CA TYR N 147 79.42 58.35 -97.89
C TYR N 147 79.17 57.84 -96.47
N ALA N 162 79.59 55.40 -99.64
CA ALA N 162 79.66 55.48 -101.09
C ALA N 162 78.32 55.91 -101.69
N LYS N 163 77.65 54.99 -102.36
CA LYS N 163 76.38 55.22 -103.06
C LYS N 163 75.23 55.30 -102.05
N GLU N 164 74.00 55.34 -102.56
CA GLU N 164 72.81 55.61 -101.76
C GLU N 164 72.58 54.49 -100.76
N PHE N 165 72.40 54.88 -99.49
CA PHE N 165 72.06 53.98 -98.41
C PHE N 165 70.99 54.65 -97.56
N THR N 166 69.84 54.00 -97.43
CA THR N 166 68.76 54.50 -96.61
C THR N 166 68.78 53.81 -95.25
N LEU N 167 68.52 54.59 -94.20
CA LEU N 167 68.42 54.06 -92.86
C LEU N 167 67.04 53.42 -92.71
N ARG N 168 67.03 52.18 -92.26
CA ARG N 168 65.79 51.55 -91.84
C ARG N 168 65.58 51.73 -90.35
N GLY N 169 64.40 52.20 -89.97
CA GLY N 169 64.04 52.20 -88.56
C GLY N 169 64.24 53.48 -87.77
N ASN N 170 63.66 54.59 -88.21
CA ASN N 170 63.41 55.74 -87.35
C ASN N 170 62.13 56.44 -87.79
N TYR N 171 61.23 56.71 -86.84
CA TYR N 171 59.92 57.24 -87.18
C TYR N 171 59.78 58.69 -86.75
N TRP N 172 58.69 59.32 -87.20
CA TRP N 172 58.30 60.66 -86.80
C TRP N 172 56.98 60.59 -86.04
N LEU N 173 56.72 61.60 -85.21
CA LEU N 173 55.45 61.66 -84.49
C LEU N 173 54.83 63.03 -84.68
N TYR N 174 53.49 63.06 -84.75
CA TYR N 174 52.74 64.30 -84.86
C TYR N 174 52.08 64.60 -83.54
N LEU N 175 52.37 65.76 -82.98
CA LEU N 175 51.89 66.15 -81.66
C LEU N 175 50.75 67.14 -81.83
N GLU N 176 49.57 66.76 -81.35
CA GLU N 176 48.43 67.67 -81.30
C GLU N 176 48.34 68.20 -79.88
N PRO N 177 48.83 69.40 -79.61
CA PRO N 177 48.88 69.87 -78.22
C PRO N 177 47.54 70.41 -77.77
N THR N 178 47.39 70.55 -76.45
CA THR N 178 46.13 70.99 -75.89
C THR N 178 46.08 72.50 -75.76
N ARG N 179 45.00 72.98 -75.15
CA ARG N 179 44.81 74.41 -74.94
C ARG N 179 45.81 74.96 -73.93
N TRP N 180 46.21 74.13 -72.96
CA TRP N 180 47.17 74.57 -71.96
C TRP N 180 48.58 74.67 -72.54
N THR N 181 49.03 73.63 -73.23
CA THR N 181 50.43 73.58 -73.70
C THR N 181 50.65 74.45 -74.93
N GLN N 182 49.59 74.94 -75.57
CA GLN N 182 49.79 75.94 -76.60
C GLN N 182 50.01 77.31 -75.98
N GLY N 183 49.67 77.47 -74.70
CA GLY N 183 50.12 78.65 -73.98
C GLY N 183 51.61 78.64 -73.71
N ASN N 184 52.15 77.48 -73.33
CA ASN N 184 53.58 77.32 -73.04
C ASN N 184 54.11 76.11 -73.82
N ILE N 185 54.61 76.38 -75.03
CA ILE N 185 55.16 75.32 -75.86
C ILE N 185 56.51 74.85 -75.32
N ALA N 186 57.28 75.77 -74.72
CA ALA N 186 58.65 75.46 -74.31
C ALA N 186 58.69 74.57 -73.08
N ALA N 187 57.62 74.57 -72.29
CA ALA N 187 57.58 73.70 -71.12
C ALA N 187 57.29 72.26 -71.52
N ALA N 188 56.41 72.06 -72.52
CA ALA N 188 56.09 70.72 -72.97
C ALA N 188 57.21 70.13 -73.81
N THR N 189 58.09 70.98 -74.36
CA THR N 189 59.18 70.46 -75.18
C THR N 189 60.25 69.79 -74.34
N ARG N 190 60.55 70.36 -73.16
CA ARG N 190 61.60 69.79 -72.33
C ARG N 190 61.14 68.52 -71.63
N GLN N 191 59.82 68.35 -71.46
CA GLN N 191 59.30 67.19 -70.77
C GLN N 191 59.18 65.98 -71.71
N LEU N 192 58.82 66.23 -72.97
CA LEU N 192 58.75 65.13 -73.93
C LEU N 192 60.13 64.65 -74.34
N THR N 193 61.11 65.56 -74.41
CA THR N 193 62.46 65.14 -74.77
C THR N 193 63.12 64.35 -73.65
N GLU N 194 62.65 64.51 -72.41
CA GLU N 194 63.07 63.65 -71.32
C GLU N 194 62.42 62.27 -71.45
N PHE N 195 61.19 62.23 -71.97
CA PHE N 195 60.41 61.00 -71.94
C PHE N 195 60.82 60.03 -73.04
N LEU N 196 61.26 60.56 -74.18
CA LEU N 196 61.53 59.69 -75.33
C LEU N 196 62.84 58.93 -75.19
N THR N 197 63.76 59.43 -74.36
CA THR N 197 64.98 58.67 -74.11
C THR N 197 64.72 57.51 -73.16
N LYS N 198 63.77 57.70 -72.25
CA LYS N 198 63.44 56.64 -71.30
C LYS N 198 62.63 55.53 -71.96
N ASN N 199 61.94 55.85 -73.05
CA ASN N 199 61.16 54.87 -73.80
C ASN N 199 61.75 54.58 -75.17
N ARG N 200 63.05 54.79 -75.36
CA ARG N 200 63.66 54.52 -76.66
C ARG N 200 63.88 53.03 -76.85
N ASN N 201 63.39 52.49 -77.96
CA ASN N 201 63.43 51.06 -78.15
C ASN N 201 64.74 50.63 -78.81
N ILE N 202 64.73 49.40 -79.34
CA ILE N 202 65.98 48.67 -79.56
C ILE N 202 66.67 49.14 -80.85
N GLY N 203 65.90 49.37 -81.91
CA GLY N 203 66.46 49.82 -83.17
C GLY N 203 65.80 51.04 -83.75
N GLU N 204 65.03 51.78 -82.96
CA GLU N 204 64.21 52.85 -83.48
C GLU N 204 64.37 54.08 -82.61
N SER N 205 64.19 55.25 -83.23
CA SER N 205 64.34 56.51 -82.54
C SER N 205 63.48 57.55 -83.26
N VAL N 206 63.20 58.65 -82.57
CA VAL N 206 62.47 59.73 -83.21
C VAL N 206 63.44 60.57 -84.02
N SER N 207 63.03 60.94 -85.23
CA SER N 207 63.86 61.82 -86.04
C SER N 207 63.28 63.23 -86.07
N ASN N 208 61.98 63.34 -86.31
CA ASN N 208 61.33 64.62 -86.52
C ASN N 208 60.06 64.68 -85.69
N ILE N 209 59.86 65.80 -85.00
CA ILE N 209 58.68 66.04 -84.17
C ILE N 209 57.85 67.12 -84.82
N ILE N 210 56.56 66.85 -85.02
CA ILE N 210 55.65 67.77 -85.68
C ILE N 210 54.68 68.34 -84.66
N TRP N 211 54.60 69.67 -84.61
CA TRP N 211 53.64 70.37 -83.78
C TRP N 211 52.48 70.81 -84.66
N LEU N 212 51.28 70.86 -84.09
CA LEU N 212 50.14 71.21 -84.92
C LEU N 212 49.65 72.62 -84.61
N GLN N 213 48.85 73.14 -85.54
CA GLN N 213 48.39 74.52 -85.53
C GLN N 213 46.89 74.55 -85.45
N PRO N 214 46.30 75.44 -84.65
CA PRO N 214 44.84 75.42 -84.48
C PRO N 214 44.14 76.14 -85.60
N VAL N 215 42.90 75.72 -85.88
CA VAL N 215 41.96 76.44 -86.72
C VAL N 215 40.64 76.54 -85.97
N ASP N 216 40.20 77.77 -85.73
CA ASP N 216 38.93 77.97 -85.04
C ASP N 216 37.78 77.57 -85.94
N LEU N 217 36.99 76.61 -85.48
CA LEU N 217 35.90 76.06 -86.26
C LEU N 217 34.60 76.63 -85.73
N PRO N 218 34.03 77.63 -86.41
CA PRO N 218 33.07 78.55 -85.75
C PRO N 218 31.79 77.90 -85.25
N LEU N 219 31.19 77.01 -86.06
CA LEU N 219 30.13 76.10 -85.65
C LEU N 219 28.88 76.82 -85.14
N LEU N 220 28.17 77.49 -86.06
CA LEU N 220 26.81 77.91 -85.77
C LEU N 220 25.92 76.70 -85.52
N LEU N 221 25.31 76.66 -84.35
CA LEU N 221 24.29 75.66 -84.08
C LEU N 221 23.23 76.27 -83.18
N ASP N 222 21.98 76.14 -83.62
CA ASP N 222 20.84 76.79 -82.99
C ASP N 222 20.11 75.76 -82.14
N VAL N 223 20.31 75.85 -80.84
CA VAL N 223 19.69 74.93 -79.89
C VAL N 223 18.29 75.43 -79.57
N GLU N 224 17.32 74.54 -79.60
CA GLU N 224 15.99 74.83 -79.07
C GLU N 224 15.78 74.06 -77.78
N LEU N 225 15.29 74.76 -76.76
CA LEU N 225 15.21 74.20 -75.42
C LEU N 225 13.82 73.65 -75.16
N ASP N 226 13.70 72.85 -74.09
CA ASP N 226 12.44 72.20 -73.79
C ASP N 226 11.46 73.19 -73.16
N ASP N 227 10.23 72.72 -72.96
CA ASP N 227 9.18 73.59 -72.44
C ASP N 227 9.33 73.81 -70.95
N ASP N 228 9.66 72.77 -70.20
CA ASP N 228 9.61 72.83 -68.74
C ASP N 228 10.98 72.90 -68.10
N VAL N 229 11.92 73.62 -68.71
CA VAL N 229 13.20 73.86 -68.05
C VAL N 229 13.04 75.00 -67.06
N GLY N 230 13.83 74.97 -66.01
CA GLY N 230 13.92 76.13 -65.13
C GLY N 230 14.79 77.21 -65.74
N ALA N 231 14.63 78.44 -65.24
CA ALA N 231 15.49 79.52 -65.70
C ALA N 231 16.89 79.39 -65.12
N GLN N 232 17.02 78.71 -63.98
CA GLN N 232 18.32 78.57 -63.35
C GLN N 232 19.08 77.36 -63.90
N ASP N 233 18.40 76.48 -64.61
CA ASP N 233 19.04 75.32 -65.25
C ASP N 233 19.68 75.67 -66.58
N VAL N 234 19.52 76.90 -67.05
CA VAL N 234 20.06 77.28 -68.36
C VAL N 234 21.57 77.42 -68.36
N PRO N 235 22.24 77.93 -67.30
CA PRO N 235 23.70 77.73 -67.24
C PRO N 235 24.13 76.27 -67.18
N GLY N 236 23.26 75.37 -66.74
CA GLY N 236 23.54 73.95 -66.88
C GLY N 236 23.49 73.49 -68.33
N ILE N 237 22.72 74.19 -69.16
CA ILE N 237 22.60 73.80 -70.56
C ILE N 237 23.84 74.20 -71.35
N PHE N 238 24.32 75.44 -71.14
CA PHE N 238 25.47 75.95 -71.88
C PHE N 238 26.74 75.16 -71.59
N ALA N 239 26.89 74.69 -70.34
CA ALA N 239 28.03 73.85 -70.00
C ALA N 239 27.89 72.48 -70.64
N ALA N 240 26.67 71.99 -70.77
CA ALA N 240 26.45 70.64 -71.29
C ALA N 240 26.64 70.58 -72.79
N VAL N 241 26.14 71.60 -73.51
CA VAL N 241 26.25 71.60 -74.96
C VAL N 241 27.68 71.92 -75.39
N TYR N 242 28.48 72.46 -74.48
CA TYR N 242 29.89 72.65 -74.78
C TYR N 242 30.66 71.36 -74.63
N SER N 243 30.38 70.61 -73.56
CA SER N 243 31.19 69.45 -73.22
C SER N 243 30.99 68.30 -74.20
N THR N 244 29.77 68.09 -74.67
CA THR N 244 29.54 67.01 -75.63
C THR N 244 29.93 67.44 -77.03
N ALA N 245 30.15 68.74 -77.23
CA ALA N 245 30.67 69.20 -78.51
C ALA N 245 32.19 69.03 -78.57
N GLU N 246 32.85 69.10 -77.41
CA GLU N 246 34.31 68.95 -77.41
C GLU N 246 34.71 67.50 -77.61
N GLN N 247 34.07 66.58 -76.89
CA GLN N 247 34.56 65.21 -76.84
C GLN N 247 34.27 64.46 -78.15
N TYR N 248 33.39 65.01 -78.99
CA TYR N 248 33.21 64.44 -80.32
C TYR N 248 34.18 65.03 -81.34
N LEU N 249 34.32 66.36 -81.37
CA LEU N 249 35.21 66.98 -82.34
C LEU N 249 36.67 66.77 -81.95
N MET N 250 37.01 67.07 -80.71
CA MET N 250 38.37 66.85 -80.21
C MET N 250 38.41 65.48 -79.54
N PRO N 251 39.10 64.50 -80.11
CA PRO N 251 39.10 63.16 -79.50
C PRO N 251 39.93 63.15 -78.24
N GLY N 252 39.25 63.17 -77.10
CA GLY N 252 39.92 63.16 -75.82
C GLY N 252 39.88 61.80 -75.18
N ALA N 253 41.03 61.33 -74.72
CA ALA N 253 41.09 60.04 -74.04
C ALA N 253 40.46 60.15 -72.66
N GLN N 254 39.70 59.13 -72.28
CA GLN N 254 39.03 59.08 -71.00
C GLN N 254 39.84 58.23 -70.04
N ARG N 255 40.18 58.79 -68.88
CA ARG N 255 40.93 58.11 -67.85
C ARG N 255 40.11 58.09 -66.58
N TYR N 256 40.18 56.98 -65.85
CA TYR N 256 39.51 56.86 -64.58
C TYR N 256 40.20 55.80 -63.73
N ARG N 257 39.79 55.75 -62.47
CA ARG N 257 40.54 55.04 -61.44
C ARG N 257 40.47 53.53 -61.63
N THR N 258 41.40 52.81 -60.99
CA THR N 258 41.44 51.36 -61.07
C THR N 258 40.23 50.72 -60.38
N GLU N 259 39.81 51.27 -59.23
CA GLU N 259 38.74 50.64 -58.46
C GLU N 259 37.39 50.80 -59.14
N VAL N 260 37.26 51.79 -60.02
CA VAL N 260 36.07 51.90 -60.86
C VAL N 260 36.04 50.75 -61.86
N LEU N 261 37.20 50.35 -62.37
CA LEU N 261 37.28 49.21 -63.27
C LEU N 261 37.08 47.89 -62.53
N GLN N 262 37.38 47.88 -61.23
CA GLN N 262 37.16 46.67 -60.44
C GLN N 262 35.68 46.50 -60.11
N ASN N 263 34.94 47.61 -60.11
CA ASN N 263 33.49 47.52 -59.98
C ASN N 263 32.88 46.95 -61.26
N ALA N 264 33.49 47.24 -62.41
CA ALA N 264 33.00 46.72 -63.68
C ALA N 264 33.34 45.23 -63.83
N GLY N 265 32.87 44.65 -64.93
CA GLY N 265 32.92 43.20 -65.05
C GLY N 265 34.26 42.66 -65.52
N MET N 266 35.08 43.51 -66.15
CA MET N 266 36.31 43.04 -66.76
C MET N 266 37.36 42.77 -65.69
N SER N 267 38.23 41.80 -65.96
CA SER N 267 39.10 41.22 -64.96
C SER N 267 40.32 42.12 -64.71
N ASN N 268 41.22 41.59 -63.85
CA ASN N 268 42.46 42.29 -63.54
C ASN N 268 43.48 42.14 -64.66
N ASP N 269 43.26 41.19 -65.57
CA ASP N 269 44.14 41.04 -66.71
C ASP N 269 43.88 42.14 -67.73
N GLN N 270 42.66 42.66 -67.77
CA GLN N 270 42.27 43.63 -68.78
C GLN N 270 42.65 45.06 -68.38
N ILE N 271 42.73 45.31 -67.08
CA ILE N 271 43.00 46.68 -66.60
C ILE N 271 44.45 47.07 -66.84
N PHE N 272 45.38 46.20 -66.47
CA PHE N 272 46.80 46.50 -66.52
C PHE N 272 47.44 46.07 -67.83
N GLU N 273 46.70 46.15 -68.93
CA GLU N 273 47.17 45.58 -70.19
C GLU N 273 48.27 46.40 -70.84
N GLY N 274 48.10 47.71 -70.91
CA GLY N 274 49.04 48.55 -71.63
C GLY N 274 50.30 48.81 -70.84
N PRO N 275 50.91 49.97 -71.09
CA PRO N 275 52.06 50.36 -70.27
C PRO N 275 51.58 50.90 -68.94
N LEU N 276 52.53 51.11 -68.02
CA LEU N 276 52.20 51.64 -66.71
C LEU N 276 51.76 53.09 -66.81
N LEU N 277 50.51 53.34 -66.46
CA LEU N 277 49.94 54.68 -66.47
C LEU N 277 49.83 55.19 -65.04
N GLU N 278 50.52 56.28 -64.75
CA GLU N 278 50.47 56.87 -63.42
C GLU N 278 49.15 57.59 -63.20
N HIS N 279 48.56 58.14 -64.25
CA HIS N 279 47.32 58.89 -64.19
C HIS N 279 46.24 58.16 -64.99
N GLY N 280 45.29 57.55 -64.27
CA GLY N 280 44.15 56.91 -64.89
C GLY N 280 44.50 55.65 -65.67
N TRP N 281 43.48 55.04 -66.22
CA TRP N 281 43.65 53.91 -67.13
C TRP N 281 42.82 54.17 -68.38
N ILE N 282 43.39 53.80 -69.53
CA ILE N 282 42.76 54.06 -70.82
C ILE N 282 42.45 52.74 -71.50
N PRO N 283 41.33 52.08 -71.18
CA PRO N 283 41.06 50.77 -71.79
C PRO N 283 40.52 50.89 -73.21
N GLU N 284 39.88 52.01 -73.54
CA GLU N 284 39.40 52.30 -74.89
C GLU N 284 40.18 53.47 -75.44
N LEU N 285 40.62 53.36 -76.68
CA LEU N 285 41.33 54.46 -77.31
C LEU N 285 40.35 55.36 -78.06
N PRO N 286 40.67 56.65 -78.22
CA PRO N 286 39.82 57.52 -79.02
C PRO N 286 39.90 57.31 -80.52
N ALA N 287 40.77 56.40 -80.98
CA ALA N 287 40.95 56.03 -82.38
C ALA N 287 41.32 57.25 -83.23
N ALA N 288 42.49 57.82 -82.93
CA ALA N 288 42.91 59.04 -83.58
C ALA N 288 43.26 58.79 -85.04
N ARG N 289 42.79 59.70 -85.89
CA ARG N 289 43.04 59.62 -87.31
C ARG N 289 44.49 59.97 -87.62
N ASP N 290 45.01 59.42 -88.72
CA ASP N 290 46.40 59.64 -89.10
C ASP N 290 46.62 61.07 -89.56
N TYR N 291 47.83 61.57 -89.34
CA TYR N 291 48.14 62.91 -89.80
C TYR N 291 49.06 62.91 -91.00
N THR N 292 49.08 61.81 -91.76
CA THR N 292 49.73 61.80 -93.06
C THR N 292 48.87 62.52 -94.09
N GLN N 293 47.55 62.34 -94.01
CA GLN N 293 46.61 62.94 -94.96
C GLN N 293 45.71 63.95 -94.25
N ARG N 294 44.97 64.70 -95.06
CA ARG N 294 44.01 65.64 -94.53
C ARG N 294 42.76 64.91 -94.05
N LEU N 295 42.07 65.48 -93.08
CA LEU N 295 41.10 64.75 -92.26
C LEU N 295 39.71 65.35 -92.36
N THR N 296 38.76 64.53 -92.76
CA THR N 296 37.35 64.90 -92.73
C THR N 296 36.79 64.80 -91.31
N LEU N 297 35.85 65.69 -91.01
CA LEU N 297 35.15 65.70 -89.73
C LEU N 297 33.66 65.64 -90.00
N ASN N 298 33.07 64.48 -89.78
CA ASN N 298 31.65 64.24 -90.05
C ASN N 298 30.84 64.55 -88.79
N LEU N 299 29.88 65.47 -88.93
CA LEU N 299 29.11 65.95 -87.79
C LEU N 299 27.64 65.53 -87.84
N SER N 300 27.30 64.58 -88.72
CA SER N 300 25.95 64.04 -88.70
C SER N 300 25.72 63.15 -87.48
N ARG N 301 26.81 62.63 -86.90
CA ARG N 301 26.70 61.84 -85.68
C ARG N 301 26.50 62.73 -84.46
N LEU N 302 26.78 64.03 -84.59
CA LEU N 302 26.76 64.94 -83.46
C LEU N 302 25.38 65.17 -82.87
N VAL N 303 24.32 65.07 -83.69
CA VAL N 303 23.03 65.63 -83.32
C VAL N 303 22.39 64.83 -82.19
N ASN N 304 22.59 63.52 -82.18
CA ASN N 304 22.05 62.70 -81.09
C ASN N 304 22.88 62.86 -79.82
N SER N 305 24.18 63.13 -79.97
CA SER N 305 24.98 63.52 -78.81
C SER N 305 24.53 64.88 -78.29
N LEU N 306 23.98 65.72 -79.17
CA LEU N 306 23.42 66.99 -78.75
C LEU N 306 21.97 66.83 -78.31
N LEU N 307 21.25 65.84 -78.86
CA LEU N 307 19.86 65.61 -78.49
C LEU N 307 19.75 64.94 -77.13
N GLU N 308 20.87 64.45 -76.60
CA GLU N 308 20.86 63.59 -75.43
C GLU N 308 20.42 64.35 -74.20
N ILE N 309 20.91 65.59 -74.03
CA ILE N 309 20.81 66.29 -72.75
C ILE N 309 19.37 66.70 -72.49
N GLU N 310 19.06 66.92 -71.21
CA GLU N 310 17.68 66.89 -70.72
C GLU N 310 16.85 68.03 -71.28
N GLY N 311 17.38 69.25 -71.22
CA GLY N 311 16.62 70.40 -71.65
C GLY N 311 16.56 70.56 -73.15
N ILE N 312 17.43 69.84 -73.87
CA ILE N 312 17.49 70.01 -75.31
C ILE N 312 16.48 69.11 -76.00
N LYS N 313 15.57 69.71 -76.75
CA LYS N 313 14.56 68.99 -77.51
C LYS N 313 14.95 68.76 -78.97
N HIS N 314 15.61 69.74 -79.61
CA HIS N 314 16.19 69.58 -80.93
C HIS N 314 17.18 70.71 -81.18
N VAL N 315 17.86 70.62 -82.32
CA VAL N 315 18.79 71.64 -82.79
C VAL N 315 18.22 72.14 -84.12
N ASN N 316 18.49 73.41 -84.47
CA ASN N 316 17.84 73.97 -85.64
C ASN N 316 18.82 74.21 -86.79
N ARG N 317 20.10 74.40 -86.48
CA ARG N 317 21.10 74.71 -87.51
C ARG N 317 22.41 74.01 -87.19
N LEU N 318 23.23 73.76 -88.23
CA LEU N 318 24.60 73.27 -88.10
C LEU N 318 25.40 73.75 -89.29
N ARG N 319 26.11 74.88 -89.14
CA ARG N 319 26.91 75.39 -90.25
C ARG N 319 28.04 76.27 -89.72
N LEU N 320 28.81 76.82 -90.67
CA LEU N 320 29.98 77.65 -90.40
C LEU N 320 29.85 78.95 -91.16
N ASP N 321 30.28 80.05 -90.54
CA ASP N 321 30.13 81.39 -91.13
C ASP N 321 31.44 81.86 -91.75
N ASP N 322 31.86 81.14 -92.81
CA ASP N 322 32.93 81.55 -93.72
C ASP N 322 34.28 81.72 -93.03
N SER N 323 34.47 81.00 -91.93
CA SER N 323 35.74 81.00 -91.21
C SER N 323 36.60 79.80 -91.57
N PHE N 324 36.32 79.15 -92.69
CA PHE N 324 37.08 78.00 -93.16
C PHE N 324 37.99 78.33 -94.33
N ASP N 325 37.88 79.54 -94.89
CA ASP N 325 38.58 79.88 -96.12
C ASP N 325 40.05 80.17 -95.90
N LYS N 326 40.47 80.36 -94.64
CA LYS N 326 41.85 80.73 -94.37
C LYS N 326 42.81 79.59 -94.66
N THR N 327 42.35 78.35 -94.53
CA THR N 327 43.15 77.18 -94.89
C THR N 327 42.48 76.32 -95.94
N ALA N 328 41.46 76.87 -96.64
CA ALA N 328 40.73 76.22 -97.73
C ALA N 328 40.11 74.89 -97.32
N ILE N 329 39.36 74.87 -96.22
CA ILE N 329 38.60 73.69 -95.85
C ILE N 329 37.44 73.51 -96.82
N GLU N 330 37.45 72.41 -97.56
CA GLU N 330 36.42 72.18 -98.55
C GLU N 330 35.38 71.22 -97.99
N PRO N 331 34.08 71.51 -98.18
CA PRO N 331 33.08 70.50 -97.86
C PRO N 331 33.11 69.37 -98.89
N VAL N 332 33.17 68.14 -98.39
CA VAL N 332 33.27 66.98 -99.26
C VAL N 332 31.92 66.74 -99.95
N LYS N 333 31.92 65.82 -100.91
CA LYS N 333 31.18 65.82 -102.20
C LYS N 333 29.78 66.43 -102.10
N GLY N 334 28.87 65.89 -101.31
CA GLY N 334 27.52 66.44 -101.31
C GLY N 334 26.99 66.86 -99.97
N ASP N 335 27.53 66.27 -98.91
CA ASP N 335 26.93 66.39 -97.59
C ASP N 335 27.32 67.69 -96.90
N THR N 336 26.34 68.29 -96.23
CA THR N 336 26.55 69.60 -95.61
C THR N 336 27.32 69.50 -94.31
N TRP N 337 27.36 68.32 -93.70
CA TRP N 337 27.83 68.21 -92.33
C TRP N 337 29.35 68.06 -92.26
N SER N 338 29.96 67.50 -93.29
CA SER N 338 31.38 67.14 -93.22
C SER N 338 32.26 68.25 -93.77
N TRP N 339 33.44 68.39 -93.18
CA TRP N 339 34.45 69.35 -93.63
C TRP N 339 35.82 68.73 -93.45
N SER N 340 36.73 69.03 -94.38
CA SER N 340 38.05 68.41 -94.43
C SER N 340 39.12 69.47 -94.18
N ILE N 341 39.72 69.44 -92.99
CA ILE N 341 40.78 70.39 -92.66
C ILE N 341 42.07 69.97 -93.35
N LYS N 342 42.80 70.96 -93.87
CA LYS N 342 44.00 70.76 -94.68
C LYS N 342 45.13 70.28 -93.77
N GLU N 343 46.17 69.70 -94.37
CA GLU N 343 47.18 68.73 -93.88
C GLU N 343 47.55 68.89 -92.41
N GLY N 344 47.98 70.07 -91.95
CA GLY N 344 48.64 70.14 -90.66
C GLY N 344 47.72 70.48 -89.51
N TYR N 345 46.57 71.07 -89.80
CA TYR N 345 45.81 71.72 -88.76
C TYR N 345 44.88 70.76 -88.04
N TYR N 346 44.42 71.16 -86.85
CA TYR N 346 43.47 70.46 -86.02
C TYR N 346 42.43 71.44 -85.49
N PRO N 347 41.18 71.00 -85.26
CA PRO N 347 40.12 71.95 -84.89
C PRO N 347 40.26 72.47 -83.46
N ARG N 348 39.87 73.74 -83.28
CA ARG N 348 39.98 74.48 -82.03
C ARG N 348 38.65 75.11 -81.64
N LEU N 349 37.53 74.46 -81.97
CA LEU N 349 36.25 75.01 -82.48
C LEU N 349 35.93 76.40 -81.92
N TRP N 350 35.94 76.61 -80.61
CA TRP N 350 35.80 77.94 -80.04
C TRP N 350 37.02 78.27 -79.20
N GLY N 351 37.93 79.07 -79.75
CA GLY N 351 39.11 79.46 -79.01
C GLY N 351 38.79 80.44 -77.90
N GLU N 352 39.34 80.20 -76.71
CA GLU N 352 39.08 80.96 -75.48
C GLU N 352 37.59 80.99 -75.17
N ASP N 353 36.96 79.82 -75.26
CA ASP N 353 35.56 79.49 -75.49
C ASP N 353 34.48 80.36 -74.84
N PRO N 354 34.31 80.46 -73.50
CA PRO N 354 33.07 81.09 -73.03
C PRO N 354 33.07 82.61 -73.11
N LEU N 355 34.17 83.26 -72.71
CA LEU N 355 34.25 84.72 -72.71
C LEU N 355 34.39 85.26 -74.11
N ASN N 356 35.00 84.49 -75.01
CA ASN N 356 35.19 84.98 -76.37
C ASN N 356 33.94 84.72 -77.21
N GLN N 357 33.30 83.58 -77.02
CA GLN N 357 32.20 83.18 -77.90
C GLN N 357 30.86 83.04 -77.20
N LEU N 358 30.78 82.21 -76.15
CA LEU N 358 29.48 81.68 -75.74
C LEU N 358 28.69 82.67 -74.90
N ALA N 359 29.37 83.56 -74.18
CA ALA N 359 28.67 84.39 -73.21
C ALA N 359 28.24 85.73 -73.81
N GLN N 360 28.83 86.12 -74.94
CA GLN N 360 28.77 87.52 -75.35
C GLN N 360 27.49 87.89 -76.07
N GLN N 361 26.64 86.90 -76.41
CA GLN N 361 25.39 87.07 -77.15
C GLN N 361 25.66 87.73 -78.52
N ASN N 362 26.72 87.26 -79.18
CA ASN N 362 26.89 87.46 -80.61
C ASN N 362 26.23 86.33 -81.40
N GLY N 363 25.95 85.21 -80.74
CA GLY N 363 25.41 84.05 -81.38
C GLY N 363 26.38 83.18 -82.18
N PRO N 364 27.37 82.54 -81.54
CA PRO N 364 27.89 81.30 -82.14
C PRO N 364 27.02 80.11 -81.78
N LEU N 365 26.30 80.20 -80.66
CA LEU N 365 25.35 79.21 -80.20
C LEU N 365 24.13 79.94 -79.69
N ARG N 366 23.02 79.83 -80.41
CA ARG N 366 21.78 80.52 -80.07
C ARG N 366 20.83 79.54 -79.40
N VAL N 367 20.55 79.77 -78.13
CA VAL N 367 19.57 78.99 -77.37
C VAL N 367 18.20 79.64 -77.58
N ILE N 368 17.22 78.82 -77.94
CA ILE N 368 15.84 79.25 -78.10
C ILE N 368 15.00 78.53 -77.06
N ALA N 369 14.35 79.28 -76.18
CA ALA N 369 13.58 78.69 -75.09
C ALA N 369 12.20 79.32 -75.04
N LYS N 370 11.20 78.44 -74.96
CA LYS N 370 9.78 78.76 -74.97
C LYS N 370 9.43 79.61 -76.19
N GLY N 371 9.54 79.02 -77.37
CA GLY N 371 9.18 79.72 -78.58
C GLY N 371 10.22 80.71 -79.05
N GLY N 372 10.43 81.80 -78.30
CA GLY N 372 11.36 82.82 -78.74
C GLY N 372 12.19 83.60 -77.74
N ILE N 373 12.08 83.29 -76.44
CA ILE N 373 12.55 84.20 -75.39
C ILE N 373 14.07 84.36 -75.43
N SER N 374 14.79 83.30 -75.82
CA SER N 374 16.18 83.35 -76.29
C SER N 374 17.14 83.90 -75.23
N VAL N 375 17.22 83.20 -74.10
CA VAL N 375 17.99 83.69 -72.96
C VAL N 375 19.45 83.30 -73.11
N SER N 376 20.33 84.03 -72.42
CA SER N 376 21.77 83.82 -72.47
C SER N 376 22.36 83.88 -71.08
N VAL N 377 23.69 83.75 -71.03
CA VAL N 377 24.41 83.50 -69.78
C VAL N 377 25.77 84.20 -69.89
N SER N 378 26.43 84.37 -68.74
CA SER N 378 27.79 84.91 -68.73
C SER N 378 28.82 83.78 -68.68
N LYS N 379 30.08 84.18 -68.51
CA LYS N 379 31.18 83.21 -68.58
C LYS N 379 31.24 82.36 -67.32
N GLU N 380 31.24 83.01 -66.15
CA GLU N 380 31.56 82.31 -64.92
C GLU N 380 30.40 81.48 -64.40
N GLN N 381 29.18 81.72 -64.92
CA GLN N 381 28.03 81.03 -64.36
C GLN N 381 27.98 79.57 -64.80
N ILE N 382 28.55 79.27 -65.96
CA ILE N 382 28.45 77.91 -66.49
C ILE N 382 29.62 77.07 -66.01
N GLN N 383 30.68 77.72 -65.53
CA GLN N 383 31.84 76.98 -65.04
C GLN N 383 31.53 76.31 -63.70
N ALA N 384 30.62 76.89 -62.93
CA ALA N 384 30.19 76.25 -61.70
C ALA N 384 29.34 75.02 -61.99
N SER N 385 28.53 75.08 -63.04
CA SER N 385 27.75 73.91 -63.44
C SER N 385 28.54 73.02 -64.39
N LEU N 386 29.75 73.42 -64.75
CA LEU N 386 30.61 72.59 -65.59
C LEU N 386 31.17 71.44 -64.77
N PRO N 387 31.27 70.24 -65.33
CA PRO N 387 31.96 69.16 -64.63
C PRO N 387 33.46 69.43 -64.55
N SER N 388 33.95 69.55 -63.32
CA SER N 388 35.37 69.75 -63.06
C SER N 388 36.02 68.39 -62.90
N GLN N 389 37.06 68.13 -63.69
CA GLN N 389 37.79 66.88 -63.58
C GLN N 389 38.62 66.84 -62.30
N SER N 390 39.11 65.66 -61.98
CA SER N 390 39.97 65.45 -60.82
C SER N 390 41.27 64.81 -61.28
N LEU N 391 42.39 65.37 -60.84
CA LEU N 391 43.67 64.74 -61.13
C LEU N 391 43.91 63.57 -60.19
N ILE N 392 44.07 62.39 -60.79
CA ILE N 392 44.21 61.16 -60.03
C ILE N 392 45.57 60.52 -60.33
N GLN N 393 46.20 60.05 -59.27
CA GLN N 393 47.49 59.36 -59.32
C GLN N 393 47.30 57.95 -58.81
N ASN N 394 47.95 56.99 -59.47
CA ASN N 394 47.75 55.57 -59.19
C ASN N 394 48.95 55.04 -58.42
N GLU N 395 48.74 54.79 -57.13
CA GLU N 395 49.79 54.26 -56.27
C GLU N 395 50.04 52.79 -56.57
N PRO N 396 51.26 52.29 -56.31
CA PRO N 396 51.55 50.87 -56.57
C PRO N 396 50.78 49.95 -55.63
N VAL N 397 50.41 48.79 -56.17
CA VAL N 397 49.63 47.80 -55.42
C VAL N 397 50.58 46.86 -54.71
N ILE N 398 50.33 46.66 -53.41
CA ILE N 398 51.17 45.80 -52.57
C ILE N 398 50.25 45.01 -51.65
N LEU N 399 50.75 43.88 -51.16
CA LEU N 399 50.11 43.16 -50.06
C LEU N 399 50.80 43.57 -48.77
N ALA N 400 50.04 44.15 -47.85
CA ALA N 400 50.60 44.58 -46.57
C ALA N 400 50.93 43.37 -45.71
N TYR N 401 51.80 43.57 -44.73
CA TYR N 401 52.20 42.48 -43.85
C TYR N 401 51.07 42.07 -42.94
N GLY N 402 51.05 40.79 -42.57
CA GLY N 402 50.26 40.36 -41.44
C GLY N 402 51.02 40.52 -40.14
N GLN N 403 50.47 39.97 -39.07
CA GLN N 403 51.16 39.99 -37.80
C GLN N 403 52.26 38.94 -37.76
N HIS N 404 53.48 39.36 -37.45
CA HIS N 404 54.58 38.43 -37.38
C HIS N 404 54.47 37.56 -36.14
N ARG N 405 54.56 36.26 -36.34
CA ARG N 405 54.36 35.29 -35.26
C ARG N 405 55.67 34.57 -34.97
N ASP N 406 55.91 34.33 -33.68
CA ASP N 406 57.19 33.81 -33.22
C ASP N 406 57.23 32.29 -33.36
N VAL N 407 57.36 31.85 -34.62
CA VAL N 407 57.40 30.43 -34.91
C VAL N 407 58.82 29.89 -34.82
N GLY N 408 59.79 30.78 -34.58
CA GLY N 408 61.17 30.37 -34.64
C GLY N 408 61.68 29.79 -33.33
N SER N 409 61.12 30.22 -32.22
CA SER N 409 61.65 29.85 -30.91
C SER N 409 61.35 28.40 -30.60
N TYR N 410 62.35 27.71 -30.04
CA TYR N 410 62.29 26.28 -29.80
C TYR N 410 62.44 26.01 -28.33
N TYR N 411 61.48 25.28 -27.76
CA TYR N 411 61.50 24.90 -26.37
C TYR N 411 61.78 23.41 -26.27
N PRO N 412 62.74 23.00 -25.45
CA PRO N 412 63.27 21.64 -25.55
C PRO N 412 62.30 20.58 -25.05
N VAL N 413 62.39 19.40 -25.65
CA VAL N 413 61.56 18.27 -25.24
C VAL N 413 62.05 17.72 -23.91
N SER N 414 63.31 17.97 -23.58
CA SER N 414 63.87 17.52 -22.30
C SER N 414 63.33 18.33 -21.13
N ASP N 415 62.63 19.42 -21.41
CA ASP N 415 62.01 20.19 -20.33
C ASP N 415 60.72 19.51 -19.89
N THR N 416 59.96 18.95 -20.84
CA THR N 416 58.61 18.50 -20.53
C THR N 416 58.58 17.12 -19.88
N LEU N 417 59.73 16.45 -19.78
CA LEU N 417 59.78 15.16 -19.12
C LEU N 417 59.64 15.35 -17.61
N PRO N 418 59.17 14.33 -16.89
CA PRO N 418 59.06 14.42 -15.43
C PRO N 418 60.40 14.65 -14.77
N PRO N 419 60.43 15.39 -13.67
CA PRO N 419 61.72 15.77 -13.08
C PRO N 419 62.44 14.64 -12.36
N CYS N 420 61.81 13.48 -12.21
CA CYS N 420 62.56 12.37 -11.64
C CYS N 420 63.52 11.75 -12.64
N TYR N 421 63.41 12.07 -13.93
CA TYR N 421 64.40 11.57 -14.87
C TYR N 421 65.69 12.38 -14.77
N GLY N 422 65.60 13.59 -14.22
CA GLY N 422 66.77 14.36 -13.88
C GLY N 422 67.34 15.23 -14.98
N LEU N 423 66.53 15.61 -15.97
CA LEU N 423 67.08 16.37 -17.08
C LEU N 423 67.25 17.85 -16.72
N GLN N 424 66.41 18.36 -15.82
CA GLN N 424 66.59 19.70 -15.29
C GLN N 424 67.28 19.69 -13.93
N HIS N 425 67.77 18.54 -13.50
CA HIS N 425 68.51 18.45 -12.25
C HIS N 425 69.89 19.07 -12.39
N SER N 426 70.60 19.13 -11.26
CA SER N 426 71.99 19.56 -11.27
C SER N 426 72.84 18.53 -12.03
N LEU N 427 73.86 19.02 -12.73
CA LEU N 427 74.54 18.20 -13.72
C LEU N 427 75.46 17.18 -13.06
N SER N 428 75.32 15.92 -13.52
CA SER N 428 76.16 14.77 -13.14
C SER N 428 76.22 14.54 -11.63
N GLU N 429 75.10 14.84 -10.96
CA GLU N 429 74.97 14.46 -9.56
C GLU N 429 74.89 12.94 -9.42
N SER N 430 74.09 12.30 -10.27
CA SER N 430 74.07 10.85 -10.39
C SER N 430 74.61 10.47 -11.75
N GLU N 431 75.09 9.24 -11.88
CA GLU N 431 75.81 8.85 -13.07
C GLU N 431 74.88 8.52 -14.23
N HIS N 432 73.59 8.28 -13.94
CA HIS N 432 72.66 7.90 -14.99
C HIS N 432 72.12 9.12 -15.72
N LEU N 433 72.53 10.32 -15.30
CA LEU N 433 72.04 11.55 -15.91
C LEU N 433 72.64 11.74 -17.30
N LEU N 434 73.93 11.47 -17.46
CA LEU N 434 74.60 11.76 -18.71
C LEU N 434 74.26 10.82 -19.86
N PRO N 435 74.16 9.48 -19.69
CA PRO N 435 73.73 8.67 -20.85
C PRO N 435 72.29 8.89 -21.26
N LEU N 436 71.43 9.35 -20.34
CA LEU N 436 70.08 9.72 -20.74
C LEU N 436 70.09 11.02 -21.53
N HIS N 437 70.93 11.97 -21.11
CA HIS N 437 70.85 13.30 -21.71
C HIS N 437 71.54 13.35 -23.07
N GLN N 438 72.25 12.28 -23.44
CA GLN N 438 72.76 12.16 -24.79
C GLN N 438 71.80 11.39 -25.67
N PHE N 439 70.87 10.65 -25.06
CA PHE N 439 69.87 9.91 -25.83
C PHE N 439 68.80 10.85 -26.37
N MET N 440 68.52 11.93 -25.65
CA MET N 440 67.51 12.88 -26.10
C MET N 440 68.08 13.83 -27.15
N LEU N 441 69.40 13.84 -27.31
CA LEU N 441 70.02 14.76 -28.27
C LEU N 441 69.73 14.48 -29.74
N PRO N 442 69.76 13.24 -30.27
CA PRO N 442 69.41 13.09 -31.70
C PRO N 442 67.96 13.36 -32.00
N PHE N 443 67.05 13.07 -31.07
CA PHE N 443 65.65 13.35 -31.30
C PHE N 443 65.32 14.79 -30.98
N GLU N 444 66.29 15.56 -30.49
CA GLU N 444 66.09 16.99 -30.30
C GLU N 444 66.47 17.75 -31.55
N GLN N 445 67.54 17.32 -32.22
CA GLN N 445 68.03 18.02 -33.40
C GLN N 445 67.13 17.75 -34.60
N LEU N 446 66.43 16.62 -34.60
CA LEU N 446 65.44 16.37 -35.66
C LEU N 446 64.24 17.28 -35.50
N LEU N 447 63.89 17.63 -34.26
CA LEU N 447 62.79 18.55 -34.05
C LEU N 447 63.25 19.99 -34.16
N ALA N 448 64.53 20.25 -33.91
CA ALA N 448 65.03 21.61 -34.04
C ALA N 448 65.24 21.99 -35.50
N CYS N 449 65.37 20.99 -36.38
CA CYS N 449 65.40 21.29 -37.81
C CYS N 449 64.00 21.69 -38.29
N GLY N 450 62.97 21.16 -37.64
CA GLY N 450 61.62 21.49 -38.05
C GLY N 450 61.18 22.87 -37.60
N CYS N 451 61.79 23.38 -36.52
CA CYS N 451 61.41 24.71 -36.05
C CYS N 451 62.17 25.79 -36.78
N GLN N 452 63.36 25.47 -37.30
CA GLN N 452 64.10 26.45 -38.09
C GLN N 452 63.45 26.69 -39.44
N GLN N 453 62.97 25.61 -40.06
CA GLN N 453 62.61 25.69 -41.48
C GLN N 453 61.29 26.40 -41.69
N ILE N 454 60.49 26.54 -40.62
CA ILE N 454 59.31 27.39 -40.70
C ILE N 454 59.72 28.85 -40.52
N ALA N 455 60.75 29.10 -39.71
CA ALA N 455 61.25 30.46 -39.54
C ALA N 455 62.09 30.88 -40.73
N MET N 456 62.55 29.93 -41.53
CA MET N 456 63.29 30.27 -42.74
C MET N 456 62.38 30.53 -43.92
N LEU N 457 61.06 30.41 -43.75
CA LEU N 457 60.16 30.47 -44.90
C LEU N 457 60.04 31.85 -45.54
N PRO N 458 60.11 32.98 -44.83
CA PRO N 458 60.33 34.25 -45.55
C PRO N 458 61.66 34.32 -46.27
N ARG N 459 62.69 33.64 -45.76
CA ARG N 459 63.98 33.62 -46.45
C ARG N 459 63.98 32.59 -47.58
N LEU N 460 63.26 31.49 -47.40
CA LEU N 460 63.34 30.40 -48.37
C LEU N 460 62.53 30.72 -49.63
N LEU N 461 61.54 31.61 -49.52
CA LEU N 461 60.66 31.87 -50.64
C LEU N 461 60.65 33.33 -51.05
N ALA N 462 61.62 34.11 -50.60
CA ALA N 462 61.74 35.48 -51.07
C ALA N 462 62.22 35.50 -52.51
N PHE N 463 61.85 36.55 -53.24
CA PHE N 463 62.27 36.66 -54.62
C PHE N 463 63.66 37.29 -54.73
N GLN N 464 64.09 38.00 -53.69
CA GLN N 464 65.41 38.62 -53.66
C GLN N 464 66.38 37.77 -52.83
N ARG N 465 66.69 36.60 -53.37
CA ARG N 465 67.52 35.63 -52.67
C ARG N 465 68.99 36.06 -52.72
N GLU N 466 69.75 35.74 -51.65
CA GLU N 466 71.15 36.14 -51.58
C GLU N 466 72.05 35.08 -50.94
N GLY N 467 71.54 33.87 -50.68
CA GLY N 467 72.27 32.98 -49.79
C GLY N 467 72.49 31.58 -50.30
N TYR N 468 73.63 31.03 -49.91
CA TYR N 468 73.85 29.59 -49.99
C TYR N 468 72.90 28.85 -49.06
N GLU N 469 72.54 29.50 -47.95
CA GLU N 469 72.11 28.78 -46.75
C GLU N 469 70.67 28.31 -46.85
N VAL N 470 70.50 27.03 -46.53
CA VAL N 470 69.23 26.31 -46.53
C VAL N 470 69.10 25.67 -45.16
N TRP N 471 68.31 24.60 -45.09
CA TRP N 471 67.36 24.16 -44.05
C TRP N 471 67.74 24.66 -42.66
N GLY N 472 68.96 24.43 -42.19
CA GLY N 472 69.34 25.02 -40.90
C GLY N 472 70.40 24.26 -40.17
N ASP N 473 71.14 24.99 -39.33
CA ASP N 473 72.24 24.43 -38.56
C ASP N 473 72.33 24.98 -37.14
N GLN N 474 71.29 25.63 -36.64
CA GLN N 474 71.39 26.27 -35.33
C GLN N 474 71.27 25.24 -34.21
N TRP N 475 71.99 25.49 -33.13
CA TRP N 475 71.95 24.63 -31.95
C TRP N 475 70.59 24.77 -31.25
N PRO N 476 70.02 23.67 -30.74
CA PRO N 476 68.66 23.76 -30.19
C PRO N 476 68.58 24.46 -28.83
N PHE N 477 69.65 24.42 -28.04
CA PHE N 477 69.59 24.90 -26.67
C PHE N 477 70.18 26.30 -26.56
N LYS N 478 69.54 27.13 -25.73
CA LYS N 478 70.11 28.43 -25.42
C LYS N 478 71.36 28.25 -24.57
N SER N 479 72.23 29.27 -24.61
CA SER N 479 73.60 29.11 -24.11
C SER N 479 73.64 29.08 -22.59
N GLY N 480 72.60 29.58 -21.93
CA GLY N 480 72.58 29.56 -20.47
C GLY N 480 71.97 28.29 -19.91
N SER N 481 71.37 27.47 -20.78
CA SER N 481 70.55 26.36 -20.31
C SER N 481 71.40 25.22 -19.75
N VAL N 482 70.78 24.38 -18.93
CA VAL N 482 71.47 23.24 -18.36
C VAL N 482 71.66 22.15 -19.42
N ASN N 483 70.82 22.15 -20.45
CA ASN N 483 70.91 21.17 -21.51
C ASN N 483 72.13 21.45 -22.38
N ASP N 484 72.55 22.71 -22.44
CA ASP N 484 73.79 23.03 -23.12
C ASP N 484 75.00 22.55 -22.34
N ASP N 485 74.89 22.50 -21.01
CA ASP N 485 76.06 22.20 -20.18
C ASP N 485 76.45 20.72 -20.26
N ALA N 486 75.49 19.85 -20.62
CA ALA N 486 75.79 18.43 -20.68
C ALA N 486 76.71 18.13 -21.85
N HIS N 487 76.37 18.61 -23.04
CA HIS N 487 77.17 18.36 -24.23
C HIS N 487 78.12 19.49 -24.55
N GLN N 488 78.71 20.11 -23.53
CA GLN N 488 79.58 21.25 -23.78
C GLN N 488 80.95 20.80 -24.26
N ASP N 489 81.26 19.51 -24.13
CA ASP N 489 82.55 19.02 -24.58
C ASP N 489 82.58 18.80 -26.07
N TYR N 490 81.44 18.51 -26.67
CA TYR N 490 81.36 18.23 -28.10
C TYR N 490 80.37 19.10 -28.84
N ALA N 491 79.91 20.19 -28.24
CA ALA N 491 79.16 21.22 -28.96
C ALA N 491 79.94 21.90 -30.08
N PRO N 492 81.27 22.15 -29.98
CA PRO N 492 81.98 22.62 -31.19
C PRO N 492 82.04 21.60 -32.32
N ALA N 493 82.04 20.31 -32.01
CA ALA N 493 82.11 19.31 -33.07
C ALA N 493 80.75 19.07 -33.69
N LEU N 494 79.68 19.18 -32.90
CA LEU N 494 78.35 18.92 -33.43
C LEU N 494 77.85 20.08 -34.27
N LYS N 495 78.25 21.30 -33.94
CA LYS N 495 77.87 22.46 -34.75
C LYS N 495 78.56 22.45 -36.10
N ASP N 496 79.76 21.84 -36.18
CA ASP N 496 80.52 21.87 -37.42
C ASP N 496 80.02 20.82 -38.40
N LEU N 497 79.54 19.67 -37.92
CA LEU N 497 78.86 18.74 -38.81
C LEU N 497 77.46 19.23 -39.12
N LEU N 498 76.91 20.11 -38.28
CA LEU N 498 75.69 20.80 -38.65
C LEU N 498 75.91 21.76 -39.80
N GLY N 499 77.16 22.20 -40.00
CA GLY N 499 77.52 22.95 -41.19
C GLY N 499 77.79 22.10 -42.41
N GLN N 500 77.05 20.99 -42.54
CA GLN N 500 76.92 20.24 -43.77
C GLN N 500 75.85 20.81 -44.69
N ILE N 501 75.14 21.83 -44.23
CA ILE N 501 74.01 22.40 -44.97
C ILE N 501 74.50 23.17 -46.19
N ALA N 502 75.75 23.64 -46.13
CA ALA N 502 76.36 24.27 -47.30
C ALA N 502 76.61 23.26 -48.42
N LEU N 503 76.73 21.98 -48.07
CA LEU N 503 76.86 20.94 -49.09
C LEU N 503 75.52 20.64 -49.74
N ASP N 504 74.42 20.99 -49.08
CA ASP N 504 73.08 20.83 -49.62
C ASP N 504 72.60 22.07 -50.36
N SER N 505 73.50 22.91 -50.86
CA SER N 505 73.11 24.14 -51.55
C SER N 505 72.74 23.92 -53.00
N ASP N 506 72.78 22.68 -53.50
CA ASP N 506 72.27 22.40 -54.83
C ASP N 506 70.76 22.52 -54.85
N HIS N 507 70.12 22.21 -53.71
CA HIS N 507 68.68 22.31 -53.52
C HIS N 507 68.19 23.74 -53.70
N GLU N 508 69.03 24.72 -53.35
CA GLU N 508 68.67 26.12 -53.53
C GLU N 508 68.58 26.48 -55.01
N LEU N 509 69.30 25.76 -55.86
CA LEU N 509 69.18 25.99 -57.30
C LEU N 509 67.93 25.33 -57.86
N ASP N 510 67.31 24.42 -57.10
CA ASP N 510 66.06 23.82 -57.56
C ASP N 510 64.86 24.64 -57.13
N ILE N 511 65.03 25.57 -56.20
CA ILE N 511 63.92 26.46 -55.86
C ILE N 511 63.89 27.65 -56.80
N ILE N 512 65.07 28.11 -57.22
CA ILE N 512 65.15 29.20 -58.19
C ILE N 512 64.59 28.75 -59.53
N ASN N 513 64.77 27.46 -59.87
CA ASN N 513 64.10 26.90 -61.03
C ASN N 513 62.58 26.85 -60.81
N TYR N 514 62.15 26.75 -59.56
CA TYR N 514 60.72 26.76 -59.28
C TYR N 514 60.17 28.17 -59.21
N LEU N 515 60.95 29.10 -58.66
CA LEU N 515 60.47 30.47 -58.52
C LEU N 515 60.50 31.22 -59.84
N LEU N 516 61.43 30.86 -60.73
CA LEU N 516 61.42 31.44 -62.07
C LEU N 516 60.25 30.93 -62.88
N GLY N 517 59.72 29.75 -62.53
CA GLY N 517 58.61 29.17 -63.26
C GLY N 517 57.28 29.87 -63.05
N TYR N 518 57.23 30.81 -62.10
CA TYR N 518 56.06 31.66 -61.99
C TYR N 518 55.94 32.57 -63.20
N PHE N 519 57.07 33.02 -63.72
CA PHE N 519 57.13 33.93 -64.85
C PHE N 519 57.44 33.23 -66.16
N GLY N 520 57.14 31.94 -66.25
CA GLY N 520 57.19 31.23 -67.52
C GLY N 520 58.55 30.75 -67.98
N THR N 521 59.62 31.15 -67.33
CA THR N 521 60.96 30.79 -67.77
C THR N 521 61.57 29.78 -66.81
N GLN N 522 62.28 28.80 -67.37
CA GLN N 522 63.03 27.87 -66.54
C GLN N 522 64.37 28.49 -66.15
N ARG N 523 65.08 27.82 -65.25
CA ARG N 523 66.43 28.24 -64.94
C ARG N 523 67.38 27.83 -66.07
N ALA N 524 68.58 28.41 -66.03
CA ALA N 524 69.59 28.10 -67.03
C ALA N 524 70.13 26.69 -66.81
N PRO N 525 70.53 25.98 -67.87
CA PRO N 525 71.23 24.71 -67.68
C PRO N 525 72.63 24.93 -67.12
N ARG N 526 73.10 23.96 -66.35
CA ARG N 526 74.43 24.05 -65.77
C ARG N 526 75.48 23.68 -66.81
N THR N 527 76.51 24.53 -66.94
CA THR N 527 77.52 24.35 -67.97
C THR N 527 78.80 23.77 -67.36
N PHE N 528 79.86 23.75 -68.16
CA PHE N 528 81.13 23.23 -67.67
C PHE N 528 82.07 24.35 -67.25
N THR N 529 81.91 25.51 -67.85
CA THR N 529 82.67 26.71 -67.53
C THR N 529 81.92 27.60 -66.53
N THR N 530 81.27 27.01 -65.54
CA THR N 530 80.43 27.72 -64.59
C THR N 530 81.17 28.75 -63.75
N GLN N 531 82.23 28.32 -63.05
CA GLN N 531 82.69 28.95 -61.82
C GLN N 531 81.49 29.10 -60.87
N LEU N 532 81.04 27.94 -60.38
CA LEU N 532 79.72 27.73 -59.76
C LEU N 532 79.38 28.69 -58.64
N ASP N 533 80.38 29.28 -58.00
CA ASP N 533 80.13 30.36 -57.05
C ASP N 533 79.60 31.59 -57.78
N ASP N 534 80.25 31.97 -58.88
CA ASP N 534 79.90 33.19 -59.57
C ASP N 534 78.74 32.95 -60.54
N PHE N 535 78.52 31.69 -60.91
CA PHE N 535 77.37 31.32 -61.72
C PHE N 535 76.06 31.56 -60.97
N ARG N 536 76.07 31.33 -59.67
CA ARG N 536 74.82 31.25 -58.92
C ARG N 536 74.24 32.63 -58.63
N ALA N 537 75.10 33.62 -58.41
CA ALA N 537 74.61 34.97 -58.13
C ALA N 537 74.01 35.61 -59.37
N VAL N 538 74.47 35.19 -60.55
CA VAL N 538 73.79 35.56 -61.79
C VAL N 538 72.40 34.94 -61.83
N GLN N 539 72.28 33.70 -61.37
CA GLN N 539 70.98 33.06 -61.32
C GLN N 539 70.10 33.64 -60.22
N GLN N 540 70.71 34.23 -59.20
CA GLN N 540 69.92 34.83 -58.13
C GLN N 540 69.37 36.18 -58.53
N GLY N 541 70.21 37.03 -59.14
CA GLY N 541 69.74 38.35 -59.55
C GLY N 541 68.80 38.29 -60.72
N TYR N 542 68.81 37.17 -61.45
CA TYR N 542 67.84 36.95 -62.53
C TYR N 542 66.43 36.84 -61.98
N LEU N 543 66.28 36.28 -60.77
CA LEU N 543 64.96 36.13 -60.18
C LEU N 543 64.45 37.44 -59.61
N ALA N 544 65.33 38.21 -58.96
CA ALA N 544 64.89 39.38 -58.21
C ALA N 544 64.45 40.51 -59.14
N GLN N 545 65.14 40.66 -60.27
CA GLN N 545 64.85 41.72 -61.22
C GLN N 545 64.01 41.24 -62.39
N GLN N 546 63.43 40.04 -62.27
CA GLN N 546 62.69 39.44 -63.38
C GLN N 546 61.50 40.23 -63.91
N PRO N 547 60.61 40.88 -63.10
CA PRO N 547 59.52 41.63 -63.72
C PRO N 547 59.97 42.89 -64.44
N THR N 548 61.05 43.53 -63.98
CA THR N 548 61.52 44.72 -64.66
C THR N 548 62.33 44.37 -65.90
N LEU N 549 62.77 43.12 -66.02
CA LEU N 549 63.44 42.70 -67.25
C LEU N 549 62.44 42.51 -68.38
N THR N 550 61.29 41.89 -68.10
CA THR N 550 60.31 41.65 -69.15
C THR N 550 59.47 42.89 -69.40
N TYR N 551 59.46 43.84 -68.45
CA TYR N 551 58.78 45.11 -68.69
C TYR N 551 59.58 45.98 -69.65
N HIS N 552 60.89 46.00 -69.48
CA HIS N 552 61.78 46.70 -70.39
C HIS N 552 62.59 45.65 -71.16
N ARG N 553 62.02 45.11 -72.23
CA ARG N 553 62.75 44.11 -73.01
C ARG N 553 63.68 44.78 -74.01
N SER N 554 63.39 46.03 -74.36
CA SER N 554 64.12 46.74 -75.39
C SER N 554 64.47 48.16 -74.95
N ASN N 555 64.97 48.35 -73.73
CA ASN N 555 65.19 49.72 -73.26
C ASN N 555 66.68 49.99 -73.05
N ILE N 556 67.35 50.50 -74.09
CA ILE N 556 68.79 50.80 -74.15
C ILE N 556 69.18 52.13 -73.52
N ARG N 557 68.42 52.56 -72.50
CA ARG N 557 68.68 53.77 -71.69
C ARG N 557 70.15 54.10 -71.52
N ILE N 558 70.48 55.39 -71.71
CA ILE N 558 71.81 55.82 -72.11
C ILE N 558 72.84 55.62 -71.01
N ASP N 559 72.39 55.45 -69.77
CA ASP N 559 73.29 55.23 -68.65
C ASP N 559 73.23 53.81 -68.11
N GLN N 560 72.03 53.27 -67.91
CA GLN N 560 71.88 51.96 -67.29
C GLN N 560 72.35 50.86 -68.23
N VAL N 561 72.69 49.71 -67.64
CA VAL N 561 72.99 48.53 -68.43
C VAL N 561 71.73 48.06 -69.15
N SER N 562 71.92 47.57 -70.39
CA SER N 562 70.82 47.12 -71.23
C SER N 562 70.07 45.96 -70.59
N SER N 563 68.76 46.07 -70.57
CA SER N 563 67.91 45.15 -69.82
C SER N 563 67.58 43.88 -70.59
N LEU N 564 68.13 43.70 -71.78
CA LEU N 564 68.13 42.39 -72.42
C LEU N 564 69.54 41.82 -72.50
N GLN N 565 70.56 42.65 -72.27
CA GLN N 565 71.91 42.15 -72.03
C GLN N 565 71.97 41.30 -70.78
N LYS N 566 71.24 41.72 -69.72
CA LYS N 566 71.07 40.87 -68.55
C LYS N 566 70.35 39.59 -68.90
N ARG N 567 69.32 39.69 -69.75
CA ARG N 567 68.44 38.55 -70.00
C ARG N 567 69.10 37.58 -70.97
N ILE N 568 70.10 38.04 -71.72
CA ILE N 568 70.89 37.16 -72.56
C ILE N 568 71.89 36.38 -71.71
N ALA N 569 72.55 37.07 -70.78
CA ALA N 569 73.61 36.44 -69.99
C ALA N 569 73.06 35.41 -69.02
N ALA N 570 71.83 35.61 -68.56
CA ALA N 570 71.23 34.66 -67.63
C ALA N 570 70.82 33.38 -68.35
N ARG N 571 70.39 33.49 -69.60
CA ARG N 571 69.96 32.31 -70.33
C ARG N 571 71.14 31.45 -70.74
N MET N 572 72.25 32.09 -71.12
CA MET N 572 73.51 31.37 -71.23
C MET N 572 73.99 30.90 -69.87
N GLY N 573 73.79 31.73 -68.85
CA GLY N 573 74.20 31.40 -67.51
C GLY N 573 75.58 31.86 -67.13
N LEU N 574 76.35 32.39 -68.08
CA LEU N 574 77.74 32.70 -67.83
C LEU N 574 77.88 33.87 -66.86
N GLY N 575 78.92 33.81 -66.04
CA GLY N 575 78.99 34.65 -64.87
C GLY N 575 79.30 36.08 -65.21
N GLY N 576 78.91 36.99 -64.32
CA GLY N 576 79.20 38.39 -64.47
C GLY N 576 78.65 39.18 -63.31
N GLU N 577 79.18 40.38 -63.14
CA GLU N 577 78.68 41.32 -62.15
C GLU N 577 77.57 42.21 -62.71
N LEU N 578 76.98 41.85 -63.85
CA LEU N 578 75.98 42.71 -64.46
C LEU N 578 74.62 42.57 -63.78
N PHE N 579 74.49 41.63 -62.85
CA PHE N 579 73.29 41.59 -62.02
C PHE N 579 73.48 42.26 -60.67
N LYS N 580 74.57 43.01 -60.48
CA LYS N 580 74.79 43.77 -59.26
C LYS N 580 73.77 44.90 -59.18
N PRO N 581 73.46 45.38 -57.96
CA PRO N 581 72.59 46.58 -57.83
C PRO N 581 73.08 47.82 -58.55
N GLN N 582 74.39 47.97 -58.73
CA GLN N 582 74.89 49.02 -59.60
C GLN N 582 75.67 48.40 -60.77
N PRO N 583 75.56 48.96 -61.97
CA PRO N 583 76.11 48.27 -63.16
C PRO N 583 77.62 48.22 -63.21
N ASP N 584 78.31 49.35 -63.02
CA ASP N 584 79.78 49.46 -63.05
C ASP N 584 80.36 48.98 -64.38
N LEU N 585 80.07 49.76 -65.44
CA LEU N 585 80.25 49.30 -66.82
C LEU N 585 81.70 49.21 -67.29
N SER N 586 82.69 49.27 -66.40
CA SER N 586 84.07 49.03 -66.82
C SER N 586 84.31 47.55 -67.08
N GLN N 587 83.91 46.69 -66.15
CA GLN N 587 84.23 45.28 -66.17
C GLN N 587 82.97 44.46 -66.39
N LEU N 588 82.78 43.98 -67.62
CA LEU N 588 81.58 43.24 -67.98
C LEU N 588 82.01 41.99 -68.73
N PRO N 589 81.14 40.98 -68.79
CA PRO N 589 81.44 39.85 -69.68
C PRO N 589 81.40 40.21 -71.15
N PHE N 590 80.33 40.85 -71.60
CA PHE N 590 80.19 41.24 -72.99
C PHE N 590 79.48 42.58 -73.04
N TYR N 591 79.38 43.14 -74.24
CA TYR N 591 78.79 44.45 -74.43
C TYR N 591 77.90 44.46 -75.64
N LEU N 592 76.73 45.09 -75.52
CA LEU N 592 75.81 45.21 -76.64
C LEU N 592 75.79 46.65 -77.14
N ILE N 593 76.34 46.86 -78.33
CA ILE N 593 76.36 48.16 -78.97
C ILE N 593 75.45 48.10 -80.19
N GLU N 594 74.82 49.23 -80.51
CA GLU N 594 73.92 49.34 -81.64
C GLU N 594 74.53 50.30 -82.66
N HIS N 595 74.47 49.93 -83.94
CA HIS N 595 75.03 50.80 -84.98
C HIS N 595 74.18 52.05 -85.21
N ARG N 596 72.88 51.97 -84.92
CA ARG N 596 71.99 53.13 -84.98
C ARG N 596 72.39 54.21 -83.97
N ALA N 597 73.05 53.83 -82.88
CA ALA N 597 73.46 54.81 -81.88
C ALA N 597 74.69 55.60 -82.34
N LEU N 598 75.33 55.15 -83.42
CA LEU N 598 76.57 55.80 -83.86
C LEU N 598 76.33 56.81 -84.97
N LEU N 599 75.07 57.05 -85.33
CA LEU N 599 74.80 57.89 -86.48
C LEU N 599 74.24 59.24 -86.05
N PRO N 600 74.86 60.35 -86.48
CA PRO N 600 74.35 61.68 -86.12
C PRO N 600 73.42 62.27 -87.17
N VAL N 601 72.43 63.05 -86.74
CA VAL N 601 71.58 63.75 -87.70
C VAL N 601 72.15 65.13 -88.00
N LYS N 602 72.60 65.84 -86.97
CA LYS N 602 73.22 67.15 -87.14
C LYS N 602 74.60 67.19 -86.47
N LYS N 700 80.16 83.41 -88.13
CA LYS N 700 79.50 82.31 -87.42
C LYS N 700 78.43 81.66 -88.30
N LEU N 701 78.29 82.14 -89.53
CA LEU N 701 77.28 81.63 -90.47
C LEU N 701 77.83 80.38 -91.13
N PHE N 702 78.97 80.44 -91.81
CA PHE N 702 79.49 79.32 -92.56
C PHE N 702 80.76 78.74 -91.94
N TRP N 703 80.86 78.73 -90.60
CA TRP N 703 82.01 78.12 -89.96
C TRP N 703 81.67 76.72 -89.45
N GLN N 704 80.39 76.36 -89.41
CA GLN N 704 80.00 75.03 -88.94
C GLN N 704 80.40 73.96 -89.94
N ASN N 705 79.81 74.00 -91.14
CA ASN N 705 80.27 73.30 -92.33
C ASN N 705 80.49 71.79 -92.21
N SER N 706 79.43 71.00 -91.95
CA SER N 706 79.62 69.57 -91.72
C SER N 706 79.96 68.83 -93.00
N PRO N 707 81.24 68.50 -93.23
CA PRO N 707 81.63 68.09 -94.59
C PRO N 707 81.32 66.64 -94.94
N VAL N 708 81.74 65.70 -94.09
CA VAL N 708 81.70 64.26 -94.30
C VAL N 708 81.63 63.62 -92.92
N TRP N 709 81.17 62.37 -92.87
CA TRP N 709 81.31 61.55 -91.67
C TRP N 709 81.66 60.15 -92.13
N MET N 710 82.35 59.39 -91.27
CA MET N 710 82.67 57.97 -91.44
C MET N 710 83.47 57.76 -92.72
N GLU N 711 84.74 58.21 -92.77
CA GLU N 711 85.55 58.51 -93.97
C GLU N 711 85.59 57.30 -94.90
N ASP N 712 86.26 56.21 -94.54
CA ASP N 712 86.27 54.96 -95.28
C ASP N 712 86.68 53.85 -94.34
N MET N 713 86.37 52.61 -94.74
CA MET N 713 86.79 51.45 -93.97
C MET N 713 88.29 51.26 -94.03
N GLY N 714 88.84 50.55 -93.04
CA GLY N 714 90.25 50.22 -93.08
C GLY N 714 90.69 49.49 -91.82
N TYR N 715 91.86 48.87 -91.94
CA TYR N 715 92.53 48.27 -90.79
C TYR N 715 94.01 48.62 -90.87
N ARG N 716 94.79 48.00 -89.99
CA ARG N 716 96.22 48.26 -89.88
C ARG N 716 96.96 46.93 -89.95
N LEU N 717 98.13 46.94 -90.59
CA LEU N 717 98.82 45.72 -90.99
C LEU N 717 99.76 45.23 -89.90
N ALA N 718 99.38 44.13 -89.25
CA ALA N 718 100.27 43.37 -88.39
C ALA N 718 100.43 41.95 -88.91
N TYR N 719 99.30 41.24 -89.07
CA TYR N 719 99.29 39.91 -89.65
C TYR N 719 97.91 39.68 -90.27
N ALA N 720 97.85 38.77 -91.25
CA ALA N 720 96.66 38.56 -92.06
C ALA N 720 96.06 37.19 -91.75
N SER N 721 94.73 37.12 -91.73
CA SER N 721 94.00 35.88 -91.61
C SER N 721 92.83 35.86 -92.59
N ASP N 722 92.72 34.76 -93.33
CA ASP N 722 91.63 34.57 -94.26
C ASP N 722 90.75 33.40 -93.80
N GLN N 723 91.38 32.25 -93.59
CA GLN N 723 90.68 31.13 -92.97
C GLN N 723 90.38 31.46 -91.52
N SER N 724 89.15 31.13 -91.11
CA SER N 724 88.68 31.51 -89.78
C SER N 724 89.39 30.69 -88.70
N SER N 725 90.20 31.37 -87.90
CA SER N 725 90.88 30.79 -86.76
C SER N 725 89.93 30.72 -85.57
N LEU N 726 90.48 30.51 -84.38
CA LEU N 726 89.67 30.58 -83.16
C LEU N 726 89.08 31.96 -82.94
N PRO N 727 89.81 33.05 -83.14
CA PRO N 727 89.17 34.37 -83.17
C PRO N 727 88.61 34.75 -84.52
N VAL N 728 88.74 33.85 -85.51
CA VAL N 728 88.28 34.02 -86.90
C VAL N 728 88.86 35.28 -87.54
N GLN N 730 93.97 36.45 -85.54
CA GLN N 730 93.49 37.81 -85.38
C GLN N 730 94.65 38.79 -85.22
N ARG N 731 94.34 40.07 -85.32
CA ARG N 731 95.32 41.13 -85.18
C ARG N 731 94.87 42.11 -84.10
N ARG N 732 95.81 42.50 -83.23
CA ARG N 732 95.51 43.52 -82.24
C ARG N 732 95.41 44.88 -82.90
N LEU N 733 94.58 45.75 -82.32
CA LEU N 733 94.26 47.10 -82.82
C LEU N 733 93.72 47.04 -84.25
N THR N 734 92.92 46.02 -84.52
CA THR N 734 92.39 45.76 -85.86
C THR N 734 91.17 44.87 -85.70
N ARG N 735 90.71 44.31 -86.81
CA ARG N 735 89.60 43.37 -86.79
C ARG N 735 89.62 42.51 -88.05
N THR N 736 89.32 41.23 -87.89
CA THR N 736 88.97 40.34 -88.98
C THR N 736 87.47 40.10 -89.01
N VAL N 737 86.70 41.18 -88.81
CA VAL N 737 85.31 41.07 -88.35
C VAL N 737 84.36 40.83 -89.51
N GLN N 738 84.63 41.47 -90.66
CA GLN N 738 83.81 41.26 -91.85
C GLN N 738 83.98 39.83 -92.35
N THR N 739 82.94 39.29 -92.96
CA THR N 739 82.95 37.89 -93.33
C THR N 739 83.09 37.79 -94.84
N PRO N 740 84.25 38.08 -95.41
CA PRO N 740 84.46 37.79 -96.83
C PRO N 740 85.25 36.51 -97.06
N PHE N 741 84.78 35.67 -97.97
CA PHE N 741 85.58 34.72 -98.73
C PHE N 741 86.27 35.50 -99.84
N PRO N 742 85.65 36.59 -100.29
CA PRO N 742 85.87 37.11 -101.65
C PRO N 742 87.13 37.93 -101.78
N PRO N 743 87.24 38.68 -102.91
CA PRO N 743 88.53 39.20 -103.43
C PRO N 743 89.42 40.04 -102.52
N MET N 744 90.63 40.26 -103.04
CA MET N 744 91.84 40.71 -102.38
C MET N 744 91.69 42.03 -101.64
N VAL N 745 92.60 42.24 -100.70
CA VAL N 745 92.86 43.51 -100.05
C VAL N 745 93.88 44.27 -100.88
N VAL N 746 93.46 45.35 -101.54
CA VAL N 746 94.18 45.85 -102.71
C VAL N 746 94.85 47.21 -102.51
N VAL N 747 95.35 47.50 -101.31
CA VAL N 747 96.11 48.73 -101.12
C VAL N 747 97.13 48.57 -99.99
N GLY N 748 98.14 49.43 -100.01
CA GLY N 748 99.07 49.58 -98.92
C GLY N 748 99.59 51.00 -98.88
N SER N 749 99.88 51.49 -97.68
CA SER N 749 100.17 52.91 -97.45
C SER N 749 101.41 53.08 -96.57
N GLU N 750 102.50 52.41 -96.97
CA GLU N 750 103.73 52.30 -96.18
C GLU N 750 104.42 53.61 -95.83
N ILE N 751 104.97 54.30 -96.83
CA ILE N 751 105.81 55.46 -96.59
C ILE N 751 105.25 56.63 -97.38
N THR N 752 104.35 57.39 -96.76
CA THR N 752 103.84 58.62 -97.34
C THR N 752 104.64 59.83 -96.92
N LEU N 753 105.77 59.62 -96.24
CA LEU N 753 106.65 60.73 -95.87
C LEU N 753 107.64 61.05 -96.99
N LEU N 754 107.59 60.28 -98.08
CA LEU N 754 108.55 60.42 -99.17
C LEU N 754 107.84 60.08 -100.47
N LYS N 755 108.63 59.84 -101.52
CA LYS N 755 108.12 59.61 -102.88
C LYS N 755 107.62 58.19 -103.08
N GLN N 756 107.45 57.81 -104.36
CA GLN N 756 106.94 56.50 -104.80
C GLN N 756 105.52 56.24 -104.31
N VAL N 757 104.66 57.26 -104.45
CA VAL N 757 103.25 57.10 -104.12
C VAL N 757 102.51 56.49 -105.31
N GLY N 758 101.26 56.07 -105.06
CA GLY N 758 100.40 55.64 -106.15
C GLY N 758 100.38 54.15 -106.41
N ILE N 759 101.57 53.56 -106.32
CA ILE N 759 101.89 52.21 -106.77
C ILE N 759 101.36 51.09 -105.86
N VAL N 760 100.48 51.44 -104.92
CA VAL N 760 99.93 50.51 -103.92
C VAL N 760 99.39 49.22 -104.55
N ASN N 761 99.65 48.11 -103.86
CA ASN N 761 99.62 46.80 -104.50
C ASN N 761 98.29 46.08 -104.33
N LEU N 762 97.89 45.34 -105.35
CA LEU N 762 96.75 44.43 -105.29
C LEU N 762 97.26 43.06 -104.82
N LYS N 763 96.98 42.77 -103.55
CA LYS N 763 97.58 41.61 -102.90
C LYS N 763 96.84 40.32 -103.24
N LYS N 764 97.13 39.27 -102.47
CA LYS N 764 96.58 37.94 -102.68
C LYS N 764 95.10 37.89 -102.30
N ALA N 765 94.39 36.85 -102.79
CA ALA N 765 92.95 36.76 -102.64
C ALA N 765 92.53 36.33 -101.24
N GLU N 766 92.97 35.16 -100.81
CA GLU N 766 92.62 34.62 -99.50
C GLU N 766 93.83 33.88 -98.93
N SER N 767 94.57 34.56 -98.05
CA SER N 767 95.72 33.97 -97.40
C SER N 767 95.70 34.33 -95.92
N GLU N 768 96.03 33.35 -95.09
CA GLU N 768 96.10 33.51 -93.65
C GLU N 768 97.54 33.37 -93.19
N LYS N 769 98.16 34.50 -92.84
CA LYS N 769 99.57 34.54 -92.49
C LYS N 769 99.77 35.24 -91.16
N LEU N 770 100.06 34.46 -90.13
CA LEU N 770 100.44 34.99 -88.82
C LEU N 770 101.64 34.21 -88.29
N TYR N 771 101.91 33.07 -88.90
CA TYR N 771 103.03 32.22 -88.55
C TYR N 771 103.53 31.52 -89.81
N ALA N 772 104.68 30.86 -89.68
CA ALA N 772 105.37 30.30 -90.84
C ALA N 772 104.86 28.92 -91.25
N LYS N 773 103.67 28.52 -90.81
CA LYS N 773 103.07 27.28 -91.32
C LYS N 773 102.28 27.54 -92.59
N VAL N 774 102.24 28.80 -93.03
CA VAL N 774 101.51 29.18 -94.24
C VAL N 774 102.48 29.33 -95.41
N VAL N 775 103.56 28.56 -95.40
CA VAL N 775 104.81 28.74 -96.13
C VAL N 775 104.71 29.03 -97.64
N SER N 776 103.56 28.73 -98.25
CA SER N 776 103.32 29.07 -99.65
C SER N 776 103.24 30.59 -99.80
N PHE N 777 103.53 31.06 -101.01
CA PHE N 777 103.60 32.50 -101.26
C PHE N 777 102.23 33.16 -101.24
N ASN N 791 97.47 36.39 -106.03
CA ASN N 791 98.12 37.18 -107.07
C ASN N 791 98.86 38.37 -106.47
N SER N 792 99.76 38.96 -107.25
CA SER N 792 100.54 40.11 -106.82
C SER N 792 101.04 40.88 -108.03
N THR N 793 100.89 42.21 -107.97
CA THR N 793 101.38 43.11 -109.00
C THR N 793 101.59 44.47 -108.36
N LEU N 794 102.46 45.27 -108.99
CA LEU N 794 103.08 46.47 -108.36
C LEU N 794 103.63 46.10 -106.98
N ALA N 795 104.64 45.23 -106.99
CA ALA N 795 104.58 43.92 -106.32
C ALA N 795 104.21 44.04 -104.85
N PHE N 796 105.16 44.37 -103.94
CA PHE N 796 105.09 45.02 -102.62
C PHE N 796 106.47 44.90 -101.98
N PRO N 797 106.74 45.62 -100.90
CA PRO N 797 107.45 44.95 -99.80
C PRO N 797 106.41 44.46 -98.81
N THR N 798 106.43 43.21 -98.39
CA THR N 798 105.45 42.71 -97.44
C THR N 798 106.00 41.54 -96.63
N SER N 799 106.63 41.85 -95.49
CA SER N 799 106.92 40.86 -94.46
C SER N 799 107.30 41.49 -93.12
N GLU N 800 106.45 41.32 -92.11
CA GLU N 800 106.83 41.18 -90.70
C GLU N 800 107.51 42.38 -90.03
N GLU N 801 107.81 43.44 -90.77
CA GLU N 801 108.65 44.49 -90.21
C GLU N 801 107.90 45.80 -90.09
N ALA N 802 107.30 46.26 -91.18
CA ALA N 802 106.65 47.56 -91.22
C ALA N 802 105.18 47.40 -90.86
N TRP N 803 104.76 48.02 -89.76
CA TRP N 803 103.36 48.18 -89.43
C TRP N 803 102.73 49.35 -90.17
N ARG N 804 103.51 50.04 -91.01
CA ARG N 804 103.06 51.30 -91.60
C ARG N 804 102.15 51.05 -92.79
N TYR N 805 102.08 49.82 -93.27
CA TYR N 805 101.13 49.47 -94.32
C TYR N 805 99.72 49.48 -93.79
N SER N 806 98.77 49.83 -94.66
CA SER N 806 97.36 49.79 -94.30
C SER N 806 96.62 48.74 -95.11
N TRP N 807 95.32 48.62 -94.81
CA TRP N 807 94.43 47.66 -95.44
C TRP N 807 93.39 48.37 -96.29
N TYR N 808 92.69 47.59 -97.10
CA TYR N 808 91.61 48.03 -97.97
C TYR N 808 90.88 46.80 -98.43
N PHE N 809 89.84 47.00 -99.24
CA PHE N 809 89.22 45.92 -99.99
C PHE N 809 89.11 46.34 -101.44
N SER N 810 89.36 45.38 -102.35
CA SER N 810 89.16 45.63 -103.76
C SER N 810 87.68 45.87 -104.05
N GLY N 811 87.40 46.74 -105.03
CA GLY N 811 86.01 47.07 -105.29
C GLY N 811 85.24 46.05 -106.13
N GLU N 812 85.93 45.11 -106.77
CA GLU N 812 85.24 44.16 -107.64
C GLU N 812 84.68 42.94 -106.88
N LYS N 813 84.68 42.98 -105.55
CA LYS N 813 83.81 42.04 -104.83
C LYS N 813 82.35 42.52 -104.84
N TYR N 814 82.16 43.84 -104.77
CA TYR N 814 80.85 44.52 -104.83
C TYR N 814 79.87 44.01 -103.78
N GLU N 815 80.31 44.02 -102.52
CA GLU N 815 79.49 43.62 -101.38
C GLU N 815 79.23 44.77 -100.42
N ARG N 816 78.95 45.97 -100.94
CA ARG N 816 78.59 47.08 -100.07
C ARG N 816 77.14 46.94 -99.62
N THR N 817 76.97 46.66 -98.32
CA THR N 817 75.66 46.36 -97.77
C THR N 817 75.29 47.44 -96.74
N ASP N 818 74.01 47.48 -96.40
CA ASP N 818 73.53 48.32 -95.32
C ASP N 818 73.79 47.59 -94.01
N ARG N 819 74.58 48.20 -93.13
CA ARG N 819 74.99 47.57 -91.88
C ARG N 819 74.41 48.28 -90.66
N PHE N 820 73.96 49.52 -90.83
CA PHE N 820 73.67 50.36 -89.67
C PHE N 820 72.20 50.33 -89.27
N SER N 821 71.38 49.52 -89.95
CA SER N 821 69.93 49.66 -89.79
C SER N 821 69.44 49.01 -88.51
N PHE N 822 69.58 47.70 -88.40
CA PHE N 822 69.00 46.94 -87.30
C PHE N 822 69.99 45.91 -86.77
N VAL N 823 71.26 46.26 -86.68
CA VAL N 823 72.30 45.28 -86.44
C VAL N 823 73.00 45.59 -85.13
N ILE N 824 72.72 44.78 -84.10
CA ILE N 824 73.38 44.84 -82.80
C ILE N 824 74.67 44.05 -82.90
N SER N 825 75.76 44.62 -82.39
CA SER N 825 77.04 43.90 -82.32
C SER N 825 77.39 43.58 -80.88
N VAL N 826 77.68 42.32 -80.62
CA VAL N 826 78.02 41.82 -79.29
C VAL N 826 79.48 41.39 -79.29
N VAL N 827 80.30 42.10 -78.54
CA VAL N 827 81.73 41.80 -78.43
C VAL N 827 81.96 40.86 -77.26
N VAL N 828 82.60 39.73 -77.53
CA VAL N 828 82.68 38.60 -76.63
C VAL N 828 84.16 38.39 -76.27
N ASN N 829 84.43 37.88 -75.08
CA ASN N 829 85.79 37.45 -74.76
C ASN N 829 86.12 36.14 -75.45
N SER N 830 87.37 36.02 -75.91
CA SER N 830 87.83 34.77 -76.49
C SER N 830 88.53 33.88 -75.49
N ASP N 831 88.48 34.22 -74.21
CA ASP N 831 89.03 33.34 -73.19
C ASP N 831 88.07 32.20 -72.86
N LEU N 832 86.81 32.34 -73.28
CA LEU N 832 85.86 31.24 -73.16
C LEU N 832 86.18 30.15 -74.16
N ILE N 833 86.75 30.53 -75.30
CA ILE N 833 87.21 29.56 -76.29
C ILE N 833 88.60 29.02 -75.90
N LYS N 834 89.30 29.71 -75.00
CA LYS N 834 90.66 29.31 -74.63
C LYS N 834 90.67 28.00 -73.84
N LEU N 835 89.53 27.62 -73.25
CA LEU N 835 89.44 26.35 -72.55
C LEU N 835 89.59 25.19 -73.53
N PRO N 836 90.31 24.12 -73.15
CA PRO N 836 90.66 23.09 -74.13
C PRO N 836 89.46 22.23 -74.53
N GLY N 837 89.59 21.58 -75.69
CA GLY N 837 88.54 20.75 -76.20
C GLY N 837 87.34 21.49 -76.73
N VAL N 838 87.50 22.78 -77.04
CA VAL N 838 86.35 23.67 -77.23
C VAL N 838 85.60 23.36 -78.53
N ASP N 839 86.33 23.13 -79.63
CA ASP N 839 85.80 23.19 -80.98
C ASP N 839 84.91 24.41 -81.20
N PRO N 840 85.51 25.63 -81.36
CA PRO N 840 84.76 26.91 -81.32
C PRO N 840 83.56 27.02 -82.24
N TYR N 841 83.57 26.30 -83.36
CA TYR N 841 82.39 26.23 -84.21
C TYR N 841 81.26 25.45 -83.53
N LYS N 842 81.60 24.32 -82.92
CA LYS N 842 80.57 23.51 -82.25
C LYS N 842 80.04 24.20 -81.01
N LEU N 843 80.87 24.98 -80.33
CA LEU N 843 80.37 25.82 -79.24
C LEU N 843 79.45 26.90 -79.78
N GLU N 844 79.80 27.48 -80.94
CA GLU N 844 79.05 28.60 -81.48
C GLU N 844 77.67 28.17 -81.96
N GLU N 845 77.51 26.88 -82.30
CA GLU N 845 76.19 26.36 -82.58
C GLU N 845 75.33 26.33 -81.32
N TRP N 846 75.96 26.19 -80.15
CA TRP N 846 75.18 26.19 -78.91
C TRP N 846 74.95 27.61 -78.40
N VAL N 847 75.90 28.53 -78.61
CA VAL N 847 75.77 29.88 -78.06
C VAL N 847 74.62 30.64 -78.73
N LYS N 848 74.52 30.57 -80.06
CA LYS N 848 73.41 31.21 -80.74
C LYS N 848 72.12 30.40 -80.64
N GLU N 849 72.20 29.17 -80.10
CA GLU N 849 71.01 28.34 -79.93
C GLU N 849 70.10 28.88 -78.85
N THR N 850 70.67 29.31 -77.72
CA THR N 850 69.85 29.77 -76.60
C THR N 850 69.41 31.22 -76.77
N ILE N 851 70.33 32.11 -77.16
CA ILE N 851 70.04 33.53 -77.20
C ILE N 851 69.24 33.92 -78.46
N LEU N 852 68.97 32.96 -79.34
CA LEU N 852 68.06 33.18 -80.47
C LEU N 852 66.69 33.60 -80.00
N THR N 853 66.18 32.95 -78.94
CA THR N 853 64.87 33.30 -78.39
C THR N 853 64.92 34.65 -77.70
N GLU N 854 66.08 35.03 -77.18
CA GLU N 854 66.20 36.26 -76.41
C GLU N 854 66.11 37.50 -77.28
N PHE N 855 66.54 37.40 -78.54
CA PHE N 855 66.55 38.57 -79.41
C PHE N 855 65.17 38.78 -80.04
N PRO N 856 64.86 40.02 -80.43
CA PRO N 856 63.71 40.24 -81.31
C PRO N 856 63.95 39.65 -82.69
N ALA N 857 62.85 39.47 -83.43
CA ALA N 857 62.94 38.83 -84.74
C ALA N 857 63.59 39.74 -85.76
N HIS N 858 63.24 41.02 -85.74
CA HIS N 858 63.83 41.95 -86.69
C HIS N 858 65.26 42.30 -86.30
N ILE N 859 65.57 42.25 -85.01
CA ILE N 859 66.85 42.72 -84.53
C ILE N 859 67.91 41.66 -84.82
N SER N 860 69.07 42.10 -85.28
CA SER N 860 70.04 41.25 -85.95
C SER N 860 71.39 41.35 -85.27
N MET N 861 72.11 40.24 -85.20
CA MET N 861 73.30 40.13 -84.36
C MET N 861 74.49 39.57 -85.13
N ILE N 862 75.57 40.33 -85.19
CA ILE N 862 76.88 39.84 -85.58
C ILE N 862 77.80 39.99 -84.37
N ILE N 863 78.64 38.99 -84.13
CA ILE N 863 79.52 38.99 -82.96
C ILE N 863 80.97 39.00 -83.41
N HIS N 864 81.82 39.63 -82.60
CA HIS N 864 83.24 39.76 -82.89
C HIS N 864 84.00 39.55 -81.60
N TRP N 865 84.73 38.45 -81.48
CA TRP N 865 85.41 38.13 -80.23
C TRP N 865 86.93 38.20 -80.40
N MET N 866 87.60 38.81 -79.43
CA MET N 866 89.01 39.14 -79.48
C MET N 866 89.69 38.73 -78.17
N ASP N 867 90.99 38.99 -78.07
CA ASP N 867 91.80 38.53 -76.95
C ASP N 867 91.51 39.32 -75.68
N ARG N 868 92.32 39.07 -74.64
CA ARG N 868 92.10 39.73 -73.36
C ARG N 868 92.49 41.21 -73.41
N GLU N 869 93.52 41.55 -74.20
CA GLU N 869 94.03 42.91 -74.18
C GLU N 869 93.19 43.83 -75.05
N ALA N 870 92.74 43.33 -76.20
CA ALA N 870 91.89 44.16 -77.07
C ALA N 870 90.48 44.28 -76.50
N PHE N 871 90.09 43.33 -75.65
CA PHE N 871 88.82 43.47 -74.93
C PHE N 871 88.90 44.56 -73.88
N LEU N 872 90.04 44.63 -73.16
CA LEU N 872 90.18 45.59 -72.09
C LEU N 872 90.35 47.00 -72.63
N ASN N 873 90.88 47.14 -73.84
CA ASN N 873 90.91 48.45 -74.47
C ASN N 873 89.52 48.87 -74.90
N PHE N 874 88.68 47.91 -75.29
CA PHE N 874 87.28 48.23 -75.54
C PHE N 874 86.54 48.52 -74.25
N ALA N 875 86.92 47.84 -73.16
CA ALA N 875 86.17 47.93 -71.92
C ALA N 875 86.34 49.29 -71.27
N ASN N 876 87.45 49.97 -71.54
CA ASN N 876 87.60 51.34 -71.07
C ASN N 876 86.81 52.30 -71.93
N THR N 877 86.80 52.08 -73.24
CA THR N 877 86.22 53.07 -74.15
C THR N 877 84.71 53.02 -74.13
N TYR N 878 84.13 51.89 -73.74
CA TYR N 878 82.67 51.81 -73.67
C TYR N 878 82.14 52.58 -72.48
N GLN N 879 82.87 52.59 -71.36
CA GLN N 879 82.34 53.21 -70.16
C GLN N 879 82.44 54.72 -70.23
N ARG N 880 83.53 55.24 -70.81
CA ARG N 880 83.64 56.68 -71.01
C ARG N 880 82.63 57.16 -72.04
N TRP N 881 82.27 56.29 -72.97
CA TRP N 881 81.20 56.57 -73.93
C TRP N 881 79.85 56.65 -73.23
N GLN N 882 79.60 55.77 -72.26
CA GLN N 882 78.30 55.72 -71.62
C GLN N 882 78.20 56.72 -70.48
N ASN N 883 79.33 57.09 -69.87
CA ASN N 883 79.30 58.09 -68.81
C ASN N 883 79.05 59.48 -69.38
N ASN N 884 79.48 59.73 -70.62
CA ASN N 884 79.20 61.02 -71.24
C ASN N 884 77.75 61.09 -71.71
N GLY N 885 77.13 59.94 -71.98
CA GLY N 885 75.75 59.92 -72.38
C GLY N 885 75.58 59.65 -73.86
N THR N 886 76.40 58.74 -74.39
CA THR N 886 76.52 58.47 -75.82
C THR N 886 76.71 59.74 -76.68
N PRO N 887 77.91 60.33 -76.67
CA PRO N 887 78.17 61.42 -77.61
C PRO N 887 78.70 60.87 -78.93
N LEU N 888 78.74 61.74 -79.93
CA LEU N 888 79.31 61.39 -81.23
C LEU N 888 80.76 61.81 -81.36
N GLY N 889 81.45 62.01 -80.24
CA GLY N 889 82.81 62.51 -80.24
C GLY N 889 83.84 61.43 -80.47
N ASP N 890 84.99 61.62 -79.82
CA ASP N 890 86.15 60.75 -80.08
C ASP N 890 85.99 59.38 -79.44
N ALA N 891 85.13 59.29 -78.42
CA ALA N 891 84.90 57.99 -77.77
C ALA N 891 84.10 57.06 -78.67
N ALA N 892 83.20 57.62 -79.47
CA ALA N 892 82.39 56.79 -80.36
C ALA N 892 83.17 56.39 -81.60
N TYR N 893 84.06 57.27 -82.07
CA TYR N 893 84.83 56.96 -83.28
C TYR N 893 85.88 55.90 -83.01
N SER N 894 86.35 55.80 -81.77
CA SER N 894 87.25 54.71 -81.40
C SER N 894 86.52 53.38 -81.42
N ILE N 895 85.25 53.37 -80.97
CA ILE N 895 84.44 52.17 -81.04
C ILE N 895 84.11 51.84 -82.50
N LEU N 896 83.95 52.87 -83.32
CA LEU N 896 83.69 52.66 -84.74
C LEU N 896 84.93 52.10 -85.44
N GLU N 897 86.12 52.43 -84.92
CA GLU N 897 87.34 51.84 -85.44
C GLU N 897 87.49 50.39 -84.99
N SER N 898 86.94 50.06 -83.82
CA SER N 898 87.11 48.74 -83.26
C SER N 898 86.33 47.68 -84.02
N LEU N 899 85.30 48.10 -84.75
CA LEU N 899 84.61 47.19 -85.65
C LEU N 899 85.19 47.29 -87.05
N THR N 900 84.54 46.58 -87.99
CA THR N 900 84.93 46.62 -89.39
C THR N 900 84.66 48.00 -90.01
N LEU N 901 83.67 48.73 -89.50
CA LEU N 901 82.94 49.72 -90.29
C LEU N 901 83.80 50.95 -90.66
N GLY N 902 84.88 51.18 -89.93
CA GLY N 902 85.81 52.24 -90.28
C GLY N 902 85.35 53.62 -89.84
N LYS N 903 86.33 54.44 -89.47
CA LYS N 903 86.04 55.73 -88.85
C LYS N 903 86.98 56.78 -89.41
N LEU N 904 86.65 58.05 -89.12
CA LEU N 904 87.51 59.17 -89.50
C LEU N 904 88.31 59.58 -88.28
N PRO N 905 89.52 59.05 -88.08
CA PRO N 905 90.31 59.40 -86.90
C PRO N 905 91.36 60.46 -87.18
N SER N 906 91.25 61.14 -88.32
CA SER N 906 92.35 61.96 -88.83
C SER N 906 92.53 63.24 -88.04
N ALA N 907 91.51 63.66 -87.27
CA ALA N 907 91.62 64.90 -86.50
C ALA N 907 92.52 64.72 -85.29
N LEU N 908 92.56 63.52 -84.74
CA LEU N 908 93.36 63.19 -83.56
C LEU N 908 94.52 62.26 -83.87
N LYS N 909 95.26 62.52 -84.96
CA LYS N 909 96.26 61.67 -85.64
C LYS N 909 97.24 61.03 -84.64
N GLY N 910 97.86 61.77 -83.74
CA GLY N 910 98.79 61.18 -82.80
C GLY N 910 98.13 60.54 -81.60
N ALA O 6 49.49 -28.09 -37.52
CA ALA O 6 48.24 -27.66 -36.88
C ALA O 6 47.16 -28.73 -37.02
N LEU O 7 47.54 -29.98 -36.75
CA LEU O 7 46.56 -31.06 -36.78
C LEU O 7 45.73 -31.09 -35.50
N PHE O 8 46.19 -30.40 -34.45
CA PHE O 8 45.56 -30.51 -33.14
C PHE O 8 44.21 -29.82 -33.09
N HIS O 9 44.06 -28.68 -33.78
CA HIS O 9 42.88 -27.86 -33.58
C HIS O 9 41.66 -28.46 -34.27
N SER O 10 41.85 -29.35 -35.23
CA SER O 10 40.72 -29.94 -35.92
C SER O 10 40.27 -31.23 -35.24
N VAL O 11 41.19 -31.93 -34.58
CA VAL O 11 40.89 -33.21 -33.95
C VAL O 11 40.62 -33.03 -32.46
N LYS O 12 40.65 -31.78 -31.97
CA LYS O 12 40.66 -31.50 -30.54
C LYS O 12 39.39 -31.96 -29.83
N ASP O 13 38.26 -31.92 -30.52
CA ASP O 13 37.03 -32.41 -29.92
C ASP O 13 36.98 -33.93 -29.92
N ASP O 14 37.87 -34.56 -30.71
CA ASP O 14 37.75 -36.00 -30.92
C ASP O 14 38.70 -36.80 -30.05
N ILE O 15 39.91 -36.31 -29.83
CA ILE O 15 40.84 -37.03 -28.96
C ILE O 15 40.66 -36.52 -27.53
N HIS O 16 39.59 -36.95 -26.89
CA HIS O 16 39.18 -36.35 -25.64
C HIS O 16 38.66 -37.44 -24.72
N PHE O 17 38.81 -37.22 -23.40
CA PHE O 17 38.35 -38.20 -22.43
C PHE O 17 36.83 -38.34 -22.48
N ASP O 18 36.12 -37.23 -22.66
CA ASP O 18 34.66 -37.26 -22.60
C ASP O 18 34.07 -37.92 -23.83
N THR O 19 34.81 -37.93 -24.95
CA THR O 19 34.28 -38.51 -26.17
C THR O 19 34.83 -39.91 -26.41
N LEU O 20 35.99 -40.23 -25.83
CA LEU O 20 36.47 -41.61 -25.91
C LEU O 20 35.74 -42.49 -24.91
N LEU O 21 35.28 -41.92 -23.80
CA LEU O 21 34.53 -42.70 -22.84
C LEU O 21 33.14 -43.02 -23.37
N GLU O 22 32.55 -42.10 -24.13
CA GLU O 22 31.24 -42.37 -24.72
C GLU O 22 31.35 -43.42 -25.82
N GLN O 23 32.52 -43.52 -26.44
CA GLN O 23 32.78 -44.63 -27.35
C GLN O 23 32.86 -45.95 -26.60
N ALA O 24 33.43 -45.92 -25.39
CA ALA O 24 33.70 -47.15 -24.68
C ALA O 24 32.46 -47.69 -23.98
N HIS O 25 31.55 -46.81 -23.57
CA HIS O 25 30.31 -47.26 -22.96
C HIS O 25 29.40 -47.91 -24.00
N GLN O 26 29.50 -47.49 -25.25
CA GLN O 26 28.62 -48.03 -26.28
C GLN O 26 29.03 -49.44 -26.68
N VAL O 27 30.30 -49.80 -26.46
CA VAL O 27 30.72 -51.17 -26.70
C VAL O 27 30.21 -52.08 -25.58
N ILE O 28 30.10 -51.54 -24.37
CA ILE O 28 29.61 -52.33 -23.24
C ILE O 28 28.09 -52.46 -23.31
N GLU O 29 27.42 -51.39 -23.72
CA GLU O 29 25.97 -51.36 -23.66
C GLU O 29 25.34 -52.20 -24.77
N LYS O 30 26.10 -52.50 -25.82
CA LYS O 30 25.58 -53.37 -26.87
C LYS O 30 25.91 -54.82 -26.60
N GLN O 31 27.11 -55.10 -26.09
CA GLN O 31 27.60 -56.47 -26.09
C GLN O 31 27.40 -57.16 -24.75
N ALA O 32 27.51 -56.41 -23.64
CA ALA O 32 27.35 -56.99 -22.32
C ALA O 32 26.34 -56.23 -21.47
N GLU O 33 25.15 -55.95 -22.02
CA GLU O 33 24.15 -55.20 -21.27
C GLU O 33 23.43 -56.09 -20.27
N LYS O 34 23.51 -57.40 -20.45
CA LYS O 34 22.80 -58.31 -19.55
C LYS O 34 23.69 -58.73 -18.39
N LEU O 35 24.97 -58.98 -18.65
CA LEU O 35 25.84 -59.47 -17.59
C LEU O 35 26.50 -58.34 -16.83
N TRP O 36 26.59 -57.17 -17.44
CA TRP O 36 27.26 -56.01 -16.84
C TRP O 36 26.30 -54.83 -16.98
N SER O 37 25.37 -54.72 -16.04
CA SER O 37 24.28 -53.78 -16.16
C SER O 37 24.47 -52.53 -15.32
N ASP O 38 25.48 -52.49 -14.47
CA ASP O 38 25.77 -51.33 -13.63
C ASP O 38 27.05 -50.69 -14.12
N THR O 39 26.93 -49.56 -14.82
CA THR O 39 28.08 -48.83 -15.33
C THR O 39 28.23 -47.50 -14.64
N ALA O 40 27.85 -47.41 -13.37
CA ALA O 40 27.95 -46.17 -12.63
C ALA O 40 29.41 -45.88 -12.29
N GLU O 41 29.65 -44.74 -11.66
CA GLU O 41 31.02 -44.30 -11.42
C GLU O 41 31.68 -44.97 -10.23
N HIS O 42 31.04 -45.98 -9.64
CA HIS O 42 31.61 -46.59 -8.45
C HIS O 42 32.45 -47.82 -8.78
N ASP O 43 32.02 -48.62 -9.79
CA ASP O 43 32.49 -50.00 -9.84
C ASP O 43 33.92 -50.07 -10.38
N PRO O 44 34.67 -51.13 -10.05
CA PRO O 44 36.04 -51.24 -10.58
C PRO O 44 36.13 -51.43 -12.08
N GLY O 45 35.04 -51.80 -12.74
CA GLY O 45 35.11 -52.02 -14.17
C GLY O 45 35.28 -50.72 -14.95
N ILE O 46 34.59 -49.67 -14.52
CA ILE O 46 34.65 -48.41 -15.23
C ILE O 46 35.92 -47.65 -14.87
N THR O 47 36.40 -47.80 -13.63
CA THR O 47 37.61 -47.09 -13.22
C THR O 47 38.85 -47.67 -13.88
N PHE O 48 38.78 -48.92 -14.35
CA PHE O 48 39.87 -49.47 -15.13
C PHE O 48 39.77 -48.90 -16.52
N LEU O 49 38.53 -48.77 -17.00
CA LEU O 49 38.30 -48.21 -18.33
C LEU O 49 38.61 -46.72 -18.36
N GLN O 50 38.28 -46.01 -17.29
CA GLN O 50 38.60 -44.58 -17.26
C GLN O 50 40.09 -44.34 -17.13
N GLY O 51 40.81 -45.30 -16.55
CA GLY O 51 42.26 -45.23 -16.57
C GLY O 51 42.81 -45.45 -17.97
N ILE O 52 42.21 -46.36 -18.72
CA ILE O 52 42.70 -46.69 -20.06
C ILE O 52 42.29 -45.61 -21.05
N SER O 53 41.05 -45.12 -20.95
CA SER O 53 40.56 -44.14 -21.92
C SER O 53 41.18 -42.77 -21.71
N TYR O 54 41.83 -42.56 -20.56
CA TYR O 54 42.68 -41.39 -20.40
C TYR O 54 44.06 -41.66 -20.94
N GLY O 55 44.51 -42.91 -20.88
CA GLY O 55 45.82 -43.25 -21.43
C GLY O 55 45.81 -43.24 -22.95
N VAL O 56 44.66 -43.54 -23.55
CA VAL O 56 44.53 -43.43 -25.00
C VAL O 56 44.44 -41.98 -25.41
N SER O 57 43.74 -41.16 -24.62
CA SER O 57 43.69 -39.72 -24.88
C SER O 57 45.06 -39.09 -24.67
N ASP O 58 45.85 -39.63 -23.74
CA ASP O 58 47.25 -39.24 -23.64
C ASP O 58 48.03 -39.67 -24.88
N LEU O 59 47.79 -40.90 -25.34
CA LEU O 59 48.58 -41.47 -26.42
C LEU O 59 48.25 -40.82 -27.75
N ALA O 60 46.99 -40.40 -27.92
CA ALA O 60 46.57 -39.81 -29.19
C ALA O 60 46.91 -38.33 -29.24
N TYR O 61 47.22 -37.73 -28.10
CA TYR O 61 47.64 -36.34 -28.11
C TYR O 61 49.04 -36.19 -28.70
N ARG O 62 49.88 -37.21 -28.54
CA ARG O 62 51.25 -37.11 -29.03
C ARG O 62 51.32 -37.20 -30.55
N HIS O 63 50.25 -37.67 -31.19
CA HIS O 63 50.23 -37.70 -32.64
C HIS O 63 49.94 -36.33 -33.22
N THR O 64 49.27 -35.48 -32.46
CA THR O 64 48.87 -34.17 -32.97
C THR O 64 49.91 -33.09 -32.73
N LEU O 65 51.11 -33.44 -32.30
CA LEU O 65 52.19 -32.49 -32.26
C LEU O 65 52.63 -32.16 -33.69
N PRO O 66 53.21 -30.97 -33.91
CA PRO O 66 53.60 -30.58 -35.27
C PRO O 66 54.72 -31.46 -35.81
N LEU O 67 54.71 -31.63 -37.14
CA LEU O 67 55.49 -32.69 -37.77
C LEU O 67 56.99 -32.40 -37.74
N LYS O 68 57.36 -31.12 -37.59
CA LYS O 68 58.77 -30.79 -37.43
C LYS O 68 59.29 -31.22 -36.07
N ASP O 69 58.40 -31.34 -35.08
CA ASP O 69 58.85 -31.70 -33.74
C ASP O 69 58.71 -33.20 -33.50
N LEU O 70 57.87 -33.87 -34.28
CA LEU O 70 57.80 -35.33 -34.19
C LEU O 70 58.98 -35.97 -34.89
N LEU O 71 59.42 -35.37 -36.00
CA LEU O 71 60.38 -36.04 -36.86
C LEU O 71 61.81 -35.76 -36.44
N THR O 72 62.02 -34.78 -35.58
CA THR O 72 63.35 -34.54 -35.06
C THR O 72 63.68 -35.61 -34.01
N PRO O 73 64.88 -36.18 -34.04
CA PRO O 73 65.28 -37.14 -33.03
C PRO O 73 65.78 -36.41 -31.79
N ALA O 74 66.11 -37.21 -30.78
CA ALA O 74 66.68 -36.69 -29.55
C ALA O 74 68.04 -36.07 -29.82
N PRO O 75 68.43 -35.04 -29.06
CA PRO O 75 69.70 -34.34 -29.36
C PRO O 75 70.96 -35.16 -29.14
N ASP O 76 70.87 -36.34 -28.52
CA ASP O 76 72.07 -37.16 -28.38
C ASP O 76 72.39 -37.87 -29.69
N GLU O 77 71.38 -38.22 -30.48
CA GLU O 77 71.58 -38.92 -31.74
C GLU O 77 70.96 -38.08 -32.85
N GLN O 78 71.83 -37.44 -33.64
CA GLN O 78 71.40 -36.69 -34.80
C GLN O 78 72.35 -36.95 -35.96
N GLN O 79 71.78 -37.12 -37.15
CA GLN O 79 72.52 -36.92 -38.39
C GLN O 79 72.63 -35.41 -38.55
N GLN O 80 73.74 -34.97 -39.15
CA GLN O 80 74.36 -33.63 -38.97
C GLN O 80 73.35 -32.51 -39.26
N GLU O 81 72.83 -32.40 -40.48
CA GLU O 81 71.83 -31.38 -40.74
C GLU O 81 70.44 -31.95 -40.49
N GLY O 82 69.40 -31.17 -40.79
CA GLY O 82 68.10 -31.39 -40.21
C GLY O 82 67.32 -32.58 -40.77
N ILE O 83 65.99 -32.45 -40.66
CA ILE O 83 64.95 -33.47 -40.78
C ILE O 83 65.14 -34.38 -41.98
N PHE O 84 65.32 -33.79 -43.14
CA PHE O 84 65.78 -34.54 -44.29
C PHE O 84 67.27 -34.27 -44.47
N PRO O 85 68.05 -35.30 -44.85
CA PRO O 85 69.50 -35.12 -44.96
C PRO O 85 69.89 -34.12 -46.05
N ALA O 86 71.12 -33.61 -45.96
CA ALA O 86 71.52 -32.51 -46.81
C ALA O 86 71.72 -32.95 -48.26
N GLU O 87 71.81 -34.26 -48.49
CA GLU O 87 71.86 -34.77 -49.85
C GLU O 87 70.49 -34.70 -50.51
N PHE O 88 69.43 -34.57 -49.70
CA PHE O 88 68.08 -34.61 -50.23
C PHE O 88 67.47 -33.23 -50.42
N GLY O 89 68.27 -32.17 -50.35
CA GLY O 89 67.78 -30.84 -50.59
C GLY O 89 67.45 -30.60 -52.05
N PRO O 90 66.81 -29.47 -52.36
CA PRO O 90 66.44 -29.19 -53.76
C PRO O 90 67.63 -28.92 -54.66
N HIS O 91 68.80 -28.64 -54.07
CA HIS O 91 70.01 -28.44 -54.85
C HIS O 91 70.53 -29.74 -55.44
N ASN O 92 70.11 -30.88 -54.88
CA ASN O 92 70.58 -32.16 -55.39
C ASN O 92 69.42 -33.02 -55.88
N THR O 93 68.19 -32.68 -55.49
CA THR O 93 67.06 -33.52 -55.85
C THR O 93 66.42 -33.04 -57.15
N LEU O 94 66.55 -31.76 -57.46
CA LEU O 94 65.96 -31.23 -58.68
C LEU O 94 66.99 -31.13 -59.79
N THR O 95 68.25 -30.85 -59.44
CA THR O 95 69.28 -30.68 -60.45
C THR O 95 69.72 -32.03 -61.00
N CYS O 96 69.96 -32.07 -62.30
CA CYS O 96 70.45 -33.27 -62.96
C CYS O 96 71.86 -33.03 -63.47
N GLY O 97 72.49 -34.10 -63.93
CA GLY O 97 73.85 -34.06 -64.39
C GLY O 97 74.05 -33.26 -65.65
N PRO O 98 75.29 -32.86 -65.93
CA PRO O 98 75.67 -32.16 -67.17
C PRO O 98 75.81 -33.12 -68.34
N VAL O 99 74.74 -33.31 -69.12
CA VAL O 99 74.83 -34.19 -70.28
C VAL O 99 74.69 -33.40 -71.58
N THR O 100 73.84 -32.38 -71.61
CA THR O 100 73.62 -31.59 -72.82
C THR O 100 74.84 -30.70 -73.08
N ALA O 101 75.01 -30.29 -74.35
CA ALA O 101 75.96 -29.23 -74.65
C ALA O 101 75.55 -27.92 -74.00
N ASP O 102 74.25 -27.74 -73.72
CA ASP O 102 73.79 -26.51 -73.10
C ASP O 102 74.17 -26.44 -71.62
N ASP O 103 74.11 -27.57 -70.90
CA ASP O 103 74.44 -27.48 -69.47
C ASP O 103 75.90 -27.89 -69.22
N TYR O 104 76.58 -28.40 -70.24
CA TYR O 104 78.03 -28.29 -70.28
C TYR O 104 78.45 -26.83 -70.21
N ARG O 105 77.76 -25.98 -70.98
CA ARG O 105 78.02 -24.55 -70.96
C ARG O 105 77.65 -23.93 -69.62
N LYS O 106 76.61 -24.46 -68.97
CA LYS O 106 76.24 -23.95 -67.66
C LYS O 106 77.29 -24.31 -66.61
N ALA O 107 77.94 -25.46 -66.77
CA ALA O 107 78.92 -25.90 -65.79
C ALA O 107 80.28 -25.25 -66.04
N LEU O 108 80.69 -25.12 -67.30
CA LEU O 108 81.99 -24.55 -67.61
C LEU O 108 82.03 -23.06 -67.35
N LEU O 109 80.89 -22.38 -67.48
CA LEU O 109 80.81 -20.97 -67.16
C LEU O 109 80.95 -20.70 -65.67
N ASP O 110 80.80 -21.73 -64.84
CA ASP O 110 80.78 -21.52 -63.41
C ASP O 110 82.19 -21.35 -62.85
N LEU O 111 83.18 -21.95 -63.51
CA LEU O 111 84.48 -22.17 -62.90
C LEU O 111 85.21 -20.86 -62.65
N HIS O 112 85.83 -20.76 -61.48
CA HIS O 112 86.22 -19.48 -60.93
C HIS O 112 87.57 -19.63 -60.26
N SER O 113 88.30 -18.51 -60.19
CA SER O 113 89.67 -18.51 -59.68
C SER O 113 89.72 -18.78 -58.19
N SER O 114 88.68 -18.42 -57.43
CA SER O 114 88.73 -18.69 -55.99
C SER O 114 88.32 -20.12 -55.69
N ASP O 115 87.75 -20.81 -56.69
CA ASP O 115 87.45 -22.23 -56.52
C ASP O 115 88.72 -23.07 -56.65
N SER O 116 89.79 -22.48 -57.20
CA SER O 116 91.08 -23.15 -57.26
C SER O 116 91.62 -23.38 -55.86
N LEU O 117 92.28 -24.52 -55.67
CA LEU O 117 92.66 -24.93 -54.32
C LEU O 117 93.91 -24.19 -53.84
N ASP O 118 94.60 -23.51 -54.74
CA ASP O 118 95.84 -22.82 -54.43
C ASP O 118 96.03 -21.63 -55.34
N GLY O 119 96.72 -20.61 -54.83
CA GLY O 119 97.20 -19.53 -55.65
C GLY O 119 96.30 -18.31 -55.64
N THR O 120 96.89 -17.18 -56.03
CA THR O 120 96.29 -15.86 -56.25
C THR O 120 95.49 -15.33 -55.06
N GLN O 121 95.92 -15.63 -53.82
CA GLN O 121 95.49 -15.01 -52.54
C GLN O 121 93.97 -14.83 -52.40
N GLN O 122 93.21 -15.70 -53.06
CA GLN O 122 91.77 -15.96 -52.98
C GLN O 122 90.86 -14.76 -53.26
N ASP O 123 91.44 -13.61 -53.65
CA ASP O 123 90.63 -12.42 -53.86
C ASP O 123 90.52 -12.04 -55.33
N GLU O 124 91.61 -12.19 -56.09
CA GLU O 124 91.57 -11.83 -57.50
C GLU O 124 90.73 -12.83 -58.29
N GLY O 125 90.29 -12.39 -59.46
CA GLY O 125 89.78 -13.32 -60.46
C GLY O 125 88.34 -13.09 -60.86
N ASP O 126 88.08 -13.21 -62.15
CA ASP O 126 86.72 -13.35 -62.65
C ASP O 126 86.44 -14.86 -62.73
N PHE O 127 85.29 -15.22 -63.26
CA PHE O 127 85.06 -16.60 -63.65
C PHE O 127 86.01 -16.94 -64.79
N LEU O 128 86.36 -18.23 -64.91
CA LEU O 128 87.49 -18.61 -65.75
C LEU O 128 87.20 -18.42 -67.23
N PHE O 129 85.94 -18.50 -67.63
CA PHE O 129 85.56 -18.42 -69.04
C PHE O 129 84.36 -17.52 -69.20
N ARG O 130 84.45 -16.58 -70.14
CA ARG O 130 83.31 -15.70 -70.39
C ARG O 130 82.28 -16.39 -71.27
N SER O 131 82.73 -17.29 -72.15
CA SER O 131 81.83 -18.15 -72.90
C SER O 131 82.59 -19.40 -73.29
N VAL O 132 81.85 -20.50 -73.44
CA VAL O 132 82.43 -21.74 -73.96
C VAL O 132 81.48 -22.26 -75.02
N GLN O 133 81.98 -23.15 -75.86
CA GLN O 133 81.14 -23.86 -76.81
C GLN O 133 81.68 -25.27 -76.97
N LEU O 134 80.90 -26.24 -76.48
CA LEU O 134 81.22 -27.64 -76.66
C LEU O 134 80.36 -28.15 -77.81
N VAL O 135 80.96 -28.92 -78.71
CA VAL O 135 80.27 -29.45 -79.88
C VAL O 135 81.00 -30.72 -80.23
N ARG O 136 80.37 -31.57 -81.04
CA ARG O 136 81.04 -32.72 -81.58
C ARG O 136 82.18 -32.28 -82.49
N GLU O 137 83.26 -33.06 -82.48
CA GLU O 137 84.46 -32.78 -83.25
C GLU O 137 84.19 -32.86 -84.75
N PRO O 138 85.05 -32.27 -85.56
CA PRO O 138 84.93 -32.43 -87.02
C PRO O 138 85.02 -33.89 -87.45
N GLU O 139 84.21 -34.22 -88.47
CA GLU O 139 84.02 -35.61 -88.86
C GLU O 139 85.23 -36.20 -89.57
N LYS O 140 86.11 -35.35 -90.10
CA LYS O 140 87.21 -35.87 -90.90
C LYS O 140 88.30 -36.47 -90.03
N GLN O 141 88.49 -35.95 -88.81
CA GLN O 141 89.50 -36.47 -87.87
C GLN O 141 88.82 -36.86 -86.56
N ARG O 142 88.34 -38.09 -86.51
CA ARG O 142 87.50 -38.55 -85.41
C ARG O 142 88.09 -39.79 -84.74
N TYR O 143 89.40 -39.70 -84.45
CA TYR O 143 90.20 -40.81 -83.92
C TYR O 143 90.10 -42.03 -84.85
N THR O 144 90.46 -41.82 -86.11
CA THR O 144 90.49 -42.94 -87.03
C THR O 144 91.78 -43.71 -86.82
N TYR O 145 91.69 -45.04 -86.80
CA TYR O 145 92.83 -45.87 -86.47
C TYR O 145 92.82 -47.12 -87.35
N TRP O 146 94.00 -47.50 -87.79
CA TRP O 146 94.25 -48.83 -88.33
C TRP O 146 94.95 -49.63 -87.22
N TYR O 147 95.12 -50.93 -87.45
CA TYR O 147 95.53 -51.95 -86.46
C TYR O 147 94.89 -51.80 -85.08
N ALA O 162 93.17 -53.83 -88.08
CA ALA O 162 93.35 -54.07 -89.50
C ALA O 162 93.08 -52.80 -90.30
N LYS O 163 91.97 -52.80 -91.05
CA LYS O 163 91.58 -51.69 -91.94
C LYS O 163 91.01 -50.54 -91.12
N GLU O 164 90.45 -49.54 -91.80
CA GLU O 164 90.04 -48.27 -91.20
C GLU O 164 88.90 -48.50 -90.21
N PHE O 165 89.09 -47.97 -89.00
CA PHE O 165 88.08 -47.98 -87.95
C PHE O 165 88.07 -46.60 -87.30
N THR O 166 86.93 -45.94 -87.32
CA THR O 166 86.77 -44.65 -86.68
C THR O 166 86.11 -44.82 -85.32
N LEU O 167 86.60 -44.06 -84.35
CA LEU O 167 86.03 -44.05 -83.01
C LEU O 167 84.77 -43.18 -83.05
N ARG O 168 83.67 -43.73 -82.57
CA ARG O 168 82.48 -42.94 -82.35
C ARG O 168 82.45 -42.46 -80.89
N GLY O 169 82.24 -41.16 -80.71
CA GLY O 169 81.99 -40.65 -79.38
C GLY O 169 83.15 -40.06 -78.59
N ASN O 170 83.84 -39.07 -79.14
CA ASN O 170 84.66 -38.15 -78.36
C ASN O 170 84.63 -36.77 -79.02
N TYR O 171 84.37 -35.74 -78.22
CA TYR O 171 84.18 -34.40 -78.76
C TYR O 171 85.35 -33.48 -78.39
N TRP O 172 85.36 -32.31 -79.02
CA TRP O 172 86.30 -31.23 -78.72
C TRP O 172 85.54 -30.04 -78.17
N LEU O 173 86.22 -29.19 -77.42
CA LEU O 173 85.60 -27.98 -76.90
C LEU O 173 86.48 -26.77 -77.22
N TYR O 174 85.84 -25.65 -77.49
CA TYR O 174 86.53 -24.39 -77.75
C TYR O 174 86.37 -23.48 -76.53
N LEU O 175 87.50 -23.07 -75.97
CA LEU O 175 87.53 -22.27 -74.76
C LEU O 175 87.81 -20.82 -75.12
N GLU O 176 86.86 -19.94 -74.81
CA GLU O 176 87.06 -18.52 -74.95
C GLU O 176 87.41 -17.96 -73.59
N PRO O 177 88.68 -17.72 -73.27
CA PRO O 177 89.03 -17.34 -71.91
C PRO O 177 88.80 -15.85 -71.68
N THR O 178 88.78 -15.47 -70.40
CA THR O 178 88.48 -14.10 -70.05
C THR O 178 89.77 -13.28 -69.97
N ARG O 179 89.60 -12.02 -69.55
CA ARG O 179 90.73 -11.11 -69.40
C ARG O 179 91.64 -11.53 -68.27
N TRP O 180 91.09 -12.15 -67.23
CA TRP O 180 91.90 -12.60 -66.11
C TRP O 180 92.72 -13.83 -66.49
N THR O 181 92.08 -14.85 -67.07
CA THR O 181 92.77 -16.12 -67.31
C THR O 181 93.70 -16.05 -68.52
N GLN O 182 93.61 -14.99 -69.33
CA GLN O 182 94.64 -14.80 -70.35
C GLN O 182 95.91 -14.22 -69.74
N GLY O 183 95.80 -13.67 -68.52
CA GLY O 183 97.00 -13.33 -67.78
C GLY O 183 97.73 -14.57 -67.29
N ASN O 184 96.99 -15.57 -66.79
CA ASN O 184 97.56 -16.81 -66.30
C ASN O 184 96.82 -17.99 -66.95
N ILE O 185 97.37 -18.46 -68.07
CA ILE O 185 96.78 -19.59 -68.79
C ILE O 185 97.02 -20.89 -68.03
N ALA O 186 98.18 -20.99 -67.36
CA ALA O 186 98.58 -22.25 -66.74
C ALA O 186 97.76 -22.57 -65.50
N ALA O 187 97.18 -21.54 -64.86
CA ALA O 187 96.34 -21.78 -63.69
C ALA O 187 94.97 -22.32 -64.10
N ALA O 188 94.42 -21.82 -65.20
CA ALA O 188 93.12 -22.29 -65.67
C ALA O 188 93.23 -23.67 -66.31
N THR O 189 94.42 -24.06 -66.74
CA THR O 189 94.57 -25.36 -67.38
C THR O 189 94.50 -26.48 -66.37
N ARG O 190 95.08 -26.28 -65.18
CA ARG O 190 95.07 -27.35 -64.18
C ARG O 190 93.71 -27.49 -63.51
N GLN O 191 92.88 -26.43 -63.55
CA GLN O 191 91.58 -26.49 -62.91
C GLN O 191 90.54 -27.13 -63.83
N LEU O 192 90.63 -26.88 -65.13
CA LEU O 192 89.70 -27.50 -66.06
C LEU O 192 90.01 -29.00 -66.24
N THR O 193 91.29 -29.37 -66.20
CA THR O 193 91.63 -30.79 -66.32
C THR O 193 91.21 -31.59 -65.10
N GLU O 194 91.05 -30.92 -63.95
CA GLU O 194 90.45 -31.57 -62.80
C GLU O 194 88.95 -31.72 -62.97
N PHE O 195 88.33 -30.78 -63.68
CA PHE O 195 86.87 -30.74 -63.72
C PHE O 195 86.30 -31.72 -64.73
N LEU O 196 87.04 -32.01 -65.81
CA LEU O 196 86.48 -32.83 -66.88
C LEU O 196 86.48 -34.31 -66.52
N THR O 197 87.33 -34.72 -65.58
CA THR O 197 87.29 -36.11 -65.13
C THR O 197 86.11 -36.33 -64.19
N LYS O 198 85.73 -35.30 -63.43
CA LYS O 198 84.61 -35.42 -62.52
C LYS O 198 83.28 -35.39 -63.26
N ASN O 199 83.27 -34.80 -64.46
CA ASN O 199 82.06 -34.75 -65.28
C ASN O 199 82.18 -35.58 -66.55
N ARG O 200 83.02 -36.61 -66.54
CA ARG O 200 83.17 -37.45 -67.72
C ARG O 200 82.01 -38.42 -67.84
N ASN O 201 81.36 -38.43 -69.00
CA ASN O 201 80.15 -39.22 -69.14
C ASN O 201 80.47 -40.64 -69.59
N ILE O 202 79.44 -41.33 -70.08
CA ILE O 202 79.45 -42.80 -70.09
C ILE O 202 80.26 -43.33 -71.27
N GLY O 203 80.13 -42.71 -72.45
CA GLY O 203 80.88 -43.15 -73.61
C GLY O 203 81.62 -42.04 -74.32
N GLU O 204 81.83 -40.91 -73.68
CA GLU O 204 82.37 -39.73 -74.35
C GLU O 204 83.47 -39.13 -73.49
N SER O 205 84.41 -38.48 -74.16
CA SER O 205 85.54 -37.87 -73.50
C SER O 205 86.04 -36.71 -74.36
N VAL O 206 86.80 -35.82 -73.75
CA VAL O 206 87.40 -34.73 -74.52
C VAL O 206 88.66 -35.26 -75.21
N SER O 207 88.84 -34.90 -76.47
CA SER O 207 90.06 -35.27 -77.17
C SER O 207 90.98 -34.07 -77.33
N ASN O 208 90.43 -32.94 -77.77
CA ASN O 208 91.22 -31.76 -78.10
C ASN O 208 90.59 -30.54 -77.47
N ILE O 209 91.42 -29.70 -76.85
CA ILE O 209 90.98 -28.47 -76.22
C ILE O 209 91.53 -27.30 -77.02
N ILE O 210 90.66 -26.37 -77.39
CA ILE O 210 91.03 -25.22 -78.22
C ILE O 210 90.98 -23.96 -77.37
N TRP O 211 92.07 -23.22 -77.36
CA TRP O 211 92.15 -21.92 -76.70
C TRP O 211 92.01 -20.84 -77.76
N LEU O 212 91.41 -19.71 -77.38
CA LEU O 212 91.17 -18.68 -78.38
C LEU O 212 92.12 -17.50 -78.18
N GLN O 213 92.23 -16.70 -79.24
CA GLN O 213 93.18 -15.62 -79.33
C GLN O 213 92.44 -14.31 -79.48
N PRO O 214 92.88 -13.25 -78.80
CA PRO O 214 92.12 -11.99 -78.85
C PRO O 214 92.44 -11.18 -80.10
N VAL O 215 91.46 -10.39 -80.53
CA VAL O 215 91.66 -9.35 -81.53
C VAL O 215 91.04 -8.06 -80.98
N ASP O 216 91.86 -7.02 -80.86
CA ASP O 216 91.37 -5.75 -80.37
C ASP O 216 90.48 -5.10 -81.42
N LEU O 217 89.24 -4.85 -81.04
CA LEU O 217 88.26 -4.32 -81.97
C LEU O 217 88.05 -2.84 -81.66
N PRO O 218 88.67 -1.94 -82.45
CA PRO O 218 88.95 -0.57 -81.97
C PRO O 218 87.71 0.27 -81.65
N LEU O 219 86.69 0.21 -82.50
CA LEU O 219 85.34 0.71 -82.24
C LEU O 219 85.31 2.20 -81.94
N LEU O 220 85.58 3.01 -82.97
CA LEU O 220 85.23 4.42 -82.91
C LEU O 220 83.73 4.60 -82.76
N LEU O 221 83.33 5.27 -81.70
CA LEU O 221 81.94 5.67 -81.55
C LEU O 221 81.88 7.01 -80.84
N ASP O 222 81.16 7.95 -81.45
CA ASP O 222 81.12 9.34 -81.03
C ASP O 222 79.82 9.56 -80.27
N VAL O 223 79.92 9.62 -78.95
CA VAL O 223 78.77 9.82 -78.07
C VAL O 223 78.48 11.31 -77.98
N GLU O 224 77.22 11.68 -78.13
CA GLU O 224 76.77 13.03 -77.82
C GLU O 224 75.94 13.00 -76.56
N LEU O 225 76.24 13.92 -75.64
CA LEU O 225 75.66 13.90 -74.32
C LEU O 225 74.46 14.84 -74.25
N ASP O 226 73.66 14.68 -73.19
CA ASP O 226 72.44 15.47 -73.06
C ASP O 226 72.77 16.89 -72.61
N ASP O 227 71.73 17.74 -72.59
CA ASP O 227 71.93 19.14 -72.26
C ASP O 227 72.12 19.34 -70.76
N ASP O 228 71.34 18.64 -69.95
CA ASP O 228 71.29 18.93 -68.52
C ASP O 228 72.01 17.88 -67.68
N VAL O 229 73.14 17.36 -68.15
CA VAL O 229 73.94 16.48 -67.32
C VAL O 229 74.80 17.34 -66.40
N GLY O 230 75.13 16.80 -65.23
CA GLY O 230 76.11 17.44 -64.39
C GLY O 230 77.52 17.16 -64.89
N ALA O 231 78.47 17.99 -64.45
CA ALA O 231 79.87 17.74 -64.81
C ALA O 231 80.43 16.57 -64.03
N GLN O 232 79.84 16.28 -62.86
CA GLN O 232 80.35 15.19 -62.03
C GLN O 232 79.72 13.86 -62.43
N ASP O 233 78.65 13.88 -63.22
CA ASP O 233 78.01 12.67 -63.71
C ASP O 233 78.71 12.10 -64.93
N VAL O 234 79.72 12.79 -65.46
CA VAL O 234 80.37 12.34 -66.70
C VAL O 234 81.26 11.12 -66.47
N PRO O 235 81.98 10.96 -65.34
CA PRO O 235 82.54 9.62 -65.05
C PRO O 235 81.50 8.53 -64.88
N GLY O 236 80.25 8.88 -64.56
CA GLY O 236 79.18 7.90 -64.62
C GLY O 236 78.83 7.50 -66.04
N ILE O 237 79.10 8.40 -67.00
CA ILE O 237 78.76 8.10 -68.39
C ILE O 237 79.78 7.14 -68.99
N PHE O 238 81.07 7.38 -68.75
CA PHE O 238 82.14 6.56 -69.32
C PHE O 238 82.10 5.13 -68.82
N ALA O 239 81.69 4.94 -67.56
CA ALA O 239 81.52 3.59 -67.03
C ALA O 239 80.31 2.92 -67.64
N ALA O 240 79.27 3.70 -67.94
CA ALA O 240 78.03 3.12 -68.44
C ALA O 240 78.16 2.72 -69.90
N VAL O 241 78.80 3.56 -70.71
CA VAL O 241 78.95 3.26 -72.13
C VAL O 241 79.97 2.15 -72.35
N TYR O 242 80.79 1.86 -71.34
CA TYR O 242 81.68 0.72 -71.44
C TYR O 242 80.94 -0.57 -71.14
N SER O 243 80.11 -0.56 -70.10
CA SER O 243 79.49 -1.79 -69.60
C SER O 243 78.46 -2.34 -70.58
N THR O 244 77.67 -1.47 -71.21
CA THR O 244 76.68 -1.96 -72.17
C THR O 244 77.32 -2.28 -73.51
N ALA O 245 78.56 -1.83 -73.71
CA ALA O 245 79.29 -2.23 -74.91
C ALA O 245 79.91 -3.61 -74.73
N GLU O 246 80.25 -3.97 -73.50
CA GLU O 246 80.85 -5.28 -73.27
C GLU O 246 79.82 -6.39 -73.36
N GLN O 247 78.66 -6.22 -72.72
CA GLN O 247 77.72 -7.32 -72.57
C GLN O 247 77.01 -7.64 -73.89
N TYR O 248 77.08 -6.73 -74.86
CA TYR O 248 76.57 -7.05 -76.19
C TYR O 248 77.62 -7.73 -77.06
N LEU O 249 78.83 -7.17 -77.11
CA LEU O 249 79.88 -7.76 -77.95
C LEU O 249 80.41 -9.05 -77.35
N MET O 250 80.77 -9.02 -76.08
CA MET O 250 81.23 -10.20 -75.37
C MET O 250 80.04 -10.83 -74.68
N PRO O 251 79.57 -12.01 -75.10
CA PRO O 251 78.38 -12.59 -74.47
C PRO O 251 78.73 -13.13 -73.08
N GLY O 252 78.34 -12.38 -72.06
CA GLY O 252 78.61 -12.76 -70.70
C GLY O 252 77.38 -13.33 -70.03
N ALA O 253 77.52 -14.48 -69.39
CA ALA O 253 76.41 -15.08 -68.68
C ALA O 253 76.12 -14.29 -67.42
N GLN O 254 74.83 -14.11 -67.13
CA GLN O 254 74.39 -13.39 -65.95
C GLN O 254 74.01 -14.36 -64.86
N ARG O 255 74.61 -14.21 -63.68
CA ARG O 255 74.35 -15.04 -62.53
C ARG O 255 73.85 -14.17 -61.40
N TYR O 256 72.89 -14.70 -60.64
CA TYR O 256 72.37 -13.99 -59.48
C TYR O 256 71.77 -14.99 -58.51
N ARG O 257 71.45 -14.49 -57.32
CA ARG O 257 71.17 -15.35 -56.17
C ARG O 257 69.84 -16.07 -56.32
N THR O 258 69.65 -17.13 -55.54
CA THR O 258 68.42 -17.91 -55.57
C THR O 258 67.23 -17.11 -55.06
N GLU O 259 67.42 -16.32 -54.00
CA GLU O 259 66.31 -15.61 -53.37
C GLU O 259 65.79 -14.48 -54.25
N VAL O 260 66.63 -14.00 -55.17
CA VAL O 260 66.17 -13.06 -56.18
C VAL O 260 65.22 -13.74 -57.15
N LEU O 261 65.49 -15.01 -57.45
CA LEU O 261 64.59 -15.78 -58.31
C LEU O 261 63.32 -16.17 -57.56
N GLN O 262 63.39 -16.25 -56.24
CA GLN O 262 62.19 -16.56 -55.46
C GLN O 262 61.29 -15.34 -55.35
N ASN O 263 61.87 -14.15 -55.49
CA ASN O 263 61.06 -12.95 -55.59
C ASN O 263 60.32 -12.90 -56.92
N ALA O 264 60.93 -13.43 -57.97
CA ALA O 264 60.31 -13.46 -59.28
C ALA O 264 59.22 -14.52 -59.34
N GLY O 265 58.53 -14.58 -60.48
CA GLY O 265 57.32 -15.37 -60.56
C GLY O 265 57.54 -16.85 -60.81
N MET O 266 58.72 -17.20 -61.33
CA MET O 266 58.96 -18.59 -61.72
C MET O 266 59.21 -19.46 -60.50
N SER O 267 58.83 -20.73 -60.63
CA SER O 267 58.72 -21.61 -59.48
C SER O 267 60.08 -22.16 -59.07
N ASN O 268 60.04 -23.07 -58.09
CA ASN O 268 61.25 -23.72 -57.61
C ASN O 268 61.69 -24.83 -58.56
N ASP O 269 60.81 -25.26 -59.46
CA ASP O 269 61.19 -26.24 -60.45
C ASP O 269 62.07 -25.62 -61.53
N GLN O 270 61.90 -24.32 -61.76
CA GLN O 270 62.59 -23.64 -62.85
C GLN O 270 63.99 -23.19 -62.44
N ILE O 271 64.19 -22.93 -61.14
CA ILE O 271 65.47 -22.41 -60.66
C ILE O 271 66.55 -23.48 -60.69
N PHE O 272 66.24 -24.65 -60.18
CA PHE O 272 67.22 -25.72 -60.02
C PHE O 272 67.24 -26.66 -61.21
N GLU O 273 67.00 -26.16 -62.42
CA GLU O 273 66.82 -27.02 -63.57
C GLU O 273 68.11 -27.63 -64.06
N GLY O 274 69.16 -26.84 -64.19
CA GLY O 274 70.40 -27.31 -64.78
C GLY O 274 71.21 -28.14 -63.83
N PRO O 275 72.53 -28.11 -64.01
CA PRO O 275 73.40 -28.77 -63.05
C PRO O 275 73.56 -27.90 -61.81
N LEU O 276 74.17 -28.48 -60.77
CA LEU O 276 74.39 -27.73 -59.54
C LEU O 276 75.42 -26.64 -59.74
N LEU O 277 75.00 -25.40 -59.58
CA LEU O 277 75.85 -24.24 -59.73
C LEU O 277 76.16 -23.69 -58.35
N GLU O 278 77.45 -23.69 -57.99
CA GLU O 278 77.85 -23.15 -56.69
C GLU O 278 77.79 -21.62 -56.69
N HIS O 279 78.04 -21.01 -57.84
CA HIS O 279 78.05 -19.55 -57.97
C HIS O 279 76.92 -19.12 -58.90
N GLY O 280 75.88 -18.52 -58.33
CA GLY O 280 74.78 -17.96 -59.10
C GLY O 280 73.91 -19.01 -59.78
N TRP O 281 72.89 -18.53 -60.46
CA TRP O 281 72.05 -19.37 -61.30
C TRP O 281 71.92 -18.73 -62.67
N ILE O 282 71.95 -19.55 -63.71
CA ILE O 282 71.92 -19.07 -65.08
C ILE O 282 70.67 -19.57 -65.76
N PRO O 283 69.52 -18.91 -65.59
CA PRO O 283 68.29 -19.43 -66.21
C PRO O 283 68.20 -19.11 -67.69
N GLU O 284 68.86 -18.05 -68.14
CA GLU O 284 68.93 -17.69 -69.56
C GLU O 284 70.37 -17.84 -70.02
N LEU O 285 70.55 -18.44 -71.18
CA LEU O 285 71.89 -18.57 -71.72
C LEU O 285 72.21 -17.40 -72.63
N PRO O 286 73.49 -17.04 -72.78
CA PRO O 286 73.87 -15.98 -73.72
C PRO O 286 73.81 -16.38 -75.19
N ALA O 287 73.47 -17.65 -75.48
CA ALA O 287 73.33 -18.19 -76.84
C ALA O 287 74.61 -18.01 -77.65
N ALA O 288 75.66 -18.67 -77.19
CA ALA O 288 76.98 -18.51 -77.81
C ALA O 288 77.01 -19.14 -79.19
N ARG O 289 77.60 -18.40 -80.13
CA ARG O 289 77.73 -18.86 -81.49
C ARG O 289 78.79 -19.95 -81.59
N ASP O 290 78.62 -20.83 -82.58
CA ASP O 290 79.53 -21.96 -82.75
C ASP O 290 80.91 -21.48 -83.22
N TYR O 291 81.93 -22.22 -82.83
CA TYR O 291 83.27 -21.88 -83.27
C TYR O 291 83.80 -22.84 -84.33
N THR O 292 82.90 -23.52 -85.04
CA THR O 292 83.29 -24.27 -86.23
C THR O 292 83.53 -23.31 -87.40
N GLN O 293 82.70 -22.27 -87.51
CA GLN O 293 82.80 -21.31 -88.61
C GLN O 293 83.16 -19.93 -88.07
N ARG O 294 83.50 -19.04 -89.00
CA ARG O 294 83.79 -17.66 -88.64
C ARG O 294 82.50 -16.91 -88.35
N LEU O 295 82.60 -15.89 -87.50
CA LEU O 295 81.44 -15.33 -86.81
C LEU O 295 81.26 -13.85 -87.13
N THR O 296 80.08 -13.51 -87.65
CA THR O 296 79.70 -12.12 -87.84
C THR O 296 79.25 -11.49 -86.53
N LEU O 297 79.53 -10.20 -86.39
CA LEU O 297 79.12 -9.42 -85.24
C LEU O 297 78.33 -8.21 -85.73
N ASN O 298 77.02 -8.26 -85.56
CA ASN O 298 76.13 -7.22 -86.03
C ASN O 298 75.91 -6.20 -84.93
N LEU O 299 76.23 -4.94 -85.22
CA LEU O 299 76.19 -3.87 -84.24
C LEU O 299 75.09 -2.85 -84.49
N SER O 300 74.14 -3.16 -85.37
CA SER O 300 73.00 -2.28 -85.55
C SER O 300 72.05 -2.37 -84.35
N ARG O 301 72.12 -3.47 -83.61
CA ARG O 301 71.32 -3.61 -82.39
C ARG O 301 71.93 -2.80 -81.24
N LEU O 302 73.20 -2.41 -81.36
CA LEU O 302 73.92 -1.76 -80.26
C LEU O 302 73.38 -0.39 -79.90
N VAL O 303 72.81 0.33 -80.87
CA VAL O 303 72.61 1.78 -80.72
C VAL O 303 71.55 2.08 -79.66
N ASN O 304 70.52 1.25 -79.59
CA ASN O 304 69.49 1.44 -78.57
C ASN O 304 69.97 1.00 -77.20
N SER O 305 70.87 0.01 -77.16
CA SER O 305 71.55 -0.30 -75.91
C SER O 305 72.46 0.84 -75.50
N LEU O 306 72.95 1.60 -76.48
CA LEU O 306 73.75 2.78 -76.18
C LEU O 306 72.86 4.01 -75.95
N LEU O 307 71.67 4.04 -76.58
CA LEU O 307 70.74 5.16 -76.42
C LEU O 307 70.04 5.10 -75.07
N GLU O 308 70.15 3.98 -74.37
CA GLU O 308 69.35 3.72 -73.18
C GLU O 308 69.72 4.65 -72.05
N ILE O 309 71.02 4.89 -71.85
CA ILE O 309 71.51 5.50 -70.62
C ILE O 309 71.12 6.98 -70.59
N GLU O 310 71.08 7.54 -69.37
CA GLU O 310 70.34 8.77 -69.09
C GLU O 310 70.93 9.97 -69.80
N GLY O 311 72.26 10.15 -69.69
CA GLY O 311 72.88 11.32 -70.26
C GLY O 311 73.07 11.23 -71.77
N ILE O 312 72.92 10.03 -72.33
CA ILE O 312 73.19 9.86 -73.75
C ILE O 312 71.92 10.15 -74.55
N LYS O 313 72.03 11.14 -75.45
CA LYS O 313 70.93 11.51 -76.34
C LYS O 313 71.02 10.86 -77.71
N HIS O 314 72.22 10.70 -78.26
CA HIS O 314 72.45 9.94 -79.49
C HIS O 314 73.93 9.63 -79.62
N VAL O 315 74.26 8.84 -80.63
CA VAL O 315 75.63 8.50 -80.99
C VAL O 315 75.84 9.04 -82.40
N ASN O 316 77.08 9.41 -82.74
CA ASN O 316 77.31 10.08 -84.02
C ASN O 316 78.07 9.20 -85.00
N ARG O 317 78.87 8.25 -84.51
CA ARG O 317 79.68 7.41 -85.39
C ARG O 317 79.74 5.99 -84.85
N LEU O 318 79.98 5.02 -85.75
CA LEU O 318 80.24 3.63 -85.40
C LEU O 318 81.13 3.02 -86.48
N ARG O 319 82.45 3.00 -86.26
CA ARG O 319 83.36 2.44 -87.24
C ARG O 319 84.65 1.98 -86.58
N LEU O 320 85.56 1.47 -87.41
CA LEU O 320 86.85 0.93 -87.00
C LEU O 320 87.95 1.60 -87.80
N ASP O 321 89.08 1.88 -87.15
CA ASP O 321 90.19 2.59 -87.80
C ASP O 321 91.30 1.63 -88.23
N ASP O 322 90.94 0.76 -89.19
CA ASP O 322 91.88 -0.08 -89.95
C ASP O 322 92.67 -1.04 -89.06
N SER O 323 92.09 -1.41 -87.93
CA SER O 323 92.69 -2.38 -87.03
C SER O 323 92.10 -3.77 -87.22
N PHE O 324 91.46 -4.03 -88.35
CA PHE O 324 90.87 -5.32 -88.67
C PHE O 324 91.68 -6.10 -89.70
N ASP O 325 92.70 -5.47 -90.29
CA ASP O 325 93.41 -6.06 -91.42
C ASP O 325 94.39 -7.14 -90.99
N LYS O 326 94.70 -7.22 -89.69
CA LYS O 326 95.70 -8.17 -89.22
C LYS O 326 95.21 -9.61 -89.33
N THR O 327 93.91 -9.82 -89.25
CA THR O 327 93.32 -11.14 -89.44
C THR O 327 92.30 -11.17 -90.57
N ALA O 328 92.29 -10.13 -91.41
CA ALA O 328 91.43 -9.99 -92.59
C ALA O 328 89.94 -10.07 -92.24
N ILE O 329 89.50 -9.28 -91.27
CA ILE O 329 88.07 -9.18 -90.99
C ILE O 329 87.39 -8.42 -92.11
N GLU O 330 86.47 -9.10 -92.81
CA GLU O 330 85.81 -8.47 -93.94
C GLU O 330 84.43 -7.99 -93.52
N PRO O 331 84.03 -6.79 -93.91
CA PRO O 331 82.64 -6.38 -93.71
C PRO O 331 81.75 -7.13 -94.68
N VAL O 332 80.69 -7.73 -94.15
CA VAL O 332 79.78 -8.53 -94.96
C VAL O 332 78.93 -7.61 -95.83
N LYS O 333 78.18 -8.21 -96.76
CA LYS O 333 77.89 -7.76 -98.15
C LYS O 333 77.70 -6.24 -98.29
N GLY O 334 76.72 -5.63 -97.63
CA GLY O 334 76.52 -4.20 -97.85
C GLY O 334 76.55 -3.35 -96.61
N ASP O 335 76.26 -3.96 -95.47
CA ASP O 335 75.98 -3.20 -94.25
C ASP O 335 77.27 -2.77 -93.55
N THR O 336 77.26 -1.54 -93.04
CA THR O 336 78.45 -0.96 -92.45
C THR O 336 78.69 -1.48 -91.03
N TRP O 337 77.65 -2.03 -90.40
CA TRP O 337 77.74 -2.29 -88.96
C TRP O 337 78.36 -3.65 -88.66
N SER O 338 78.25 -4.60 -89.59
CA SER O 338 78.64 -5.97 -89.28
C SER O 338 80.07 -6.24 -89.72
N TRP O 339 80.77 -7.09 -88.98
CA TRP O 339 82.11 -7.52 -89.30
C TRP O 339 82.26 -8.98 -88.90
N SER O 340 83.04 -9.73 -89.68
CA SER O 340 83.17 -11.17 -89.51
C SER O 340 84.60 -11.52 -89.14
N ILE O 341 84.82 -11.88 -87.87
CA ILE O 341 86.15 -12.25 -87.41
C ILE O 341 86.48 -13.66 -87.88
N LYS O 342 87.73 -13.85 -88.32
CA LYS O 342 88.21 -15.09 -88.94
C LYS O 342 88.31 -16.16 -87.85
N GLU O 343 88.37 -17.42 -88.27
CA GLU O 343 88.02 -18.70 -87.61
C GLU O 343 88.27 -18.73 -86.11
N GLY O 344 89.48 -18.44 -85.62
CA GLY O 344 89.81 -18.78 -84.25
C GLY O 344 89.57 -17.66 -83.26
N TYR O 345 89.51 -16.43 -83.73
CA TYR O 345 89.64 -15.29 -82.83
C TYR O 345 88.29 -14.88 -82.23
N TYR O 346 88.35 -14.12 -81.15
CA TYR O 346 87.22 -13.55 -80.44
C TYR O 346 87.52 -12.09 -80.11
N PRO O 347 86.50 -11.22 -80.05
CA PRO O 347 86.77 -9.78 -79.87
C PRO O 347 87.22 -9.44 -78.46
N ARG O 348 88.09 -8.43 -78.37
CA ARG O 348 88.71 -7.97 -77.13
C ARG O 348 88.57 -6.46 -76.96
N LEU O 349 87.46 -5.90 -77.45
CA LEU O 349 87.32 -4.60 -78.16
C LEU O 349 88.34 -3.55 -77.69
N TRP O 350 88.45 -3.27 -76.40
CA TRP O 350 89.49 -2.38 -75.90
C TRP O 350 90.35 -3.14 -74.88
N GLY O 351 91.52 -3.58 -75.32
CA GLY O 351 92.42 -4.29 -74.42
C GLY O 351 93.04 -3.35 -73.40
N GLU O 352 93.05 -3.78 -72.13
CA GLU O 352 93.51 -3.00 -70.98
C GLU O 352 92.78 -1.66 -70.88
N ASP O 353 91.46 -1.73 -71.04
CA ASP O 353 90.47 -0.75 -71.47
C ASP O 353 90.64 0.71 -71.01
N PRO O 354 90.57 1.08 -69.73
CA PRO O 354 90.46 2.53 -69.46
C PRO O 354 91.79 3.29 -69.58
N LEU O 355 92.87 2.74 -69.04
CA LEU O 355 94.17 3.41 -69.05
C LEU O 355 94.79 3.37 -70.45
N ASN O 356 94.48 2.33 -71.22
CA ASN O 356 95.06 2.22 -72.55
C ASN O 356 94.26 3.03 -73.56
N GLN O 357 92.93 3.03 -73.44
CA GLN O 357 92.08 3.63 -74.46
C GLN O 357 91.25 4.80 -73.97
N LEU O 358 90.44 4.61 -72.92
CA LEU O 358 89.31 5.50 -72.69
C LEU O 358 89.72 6.79 -72.01
N ALA O 359 90.79 6.76 -71.22
CA ALA O 359 91.11 7.93 -70.39
C ALA O 359 92.08 8.88 -71.08
N GLN O 360 92.76 8.42 -72.13
CA GLN O 360 93.97 9.11 -72.57
C GLN O 360 93.67 10.29 -73.49
N GLN O 361 92.41 10.44 -73.92
CA GLN O 361 91.97 11.50 -74.86
C GLN O 361 92.74 11.40 -76.18
N ASN O 362 92.91 10.18 -76.66
CA ASN O 362 93.23 9.93 -78.05
C ASN O 362 91.98 9.81 -78.90
N GLY O 363 90.83 9.57 -78.26
CA GLY O 363 89.59 9.35 -78.94
C GLY O 363 89.37 7.97 -79.57
N PRO O 364 89.28 6.90 -78.77
CA PRO O 364 88.51 5.74 -79.24
C PRO O 364 87.03 5.94 -78.99
N LEU O 365 86.69 6.74 -77.99
CA LEU O 365 85.33 7.12 -77.65
C LEU O 365 85.32 8.60 -77.35
N ARG O 366 84.70 9.38 -78.23
CA ARG O 366 84.66 10.84 -78.09
C ARG O 366 83.30 11.25 -77.55
N VAL O 367 83.28 11.78 -76.34
CA VAL O 367 82.08 12.33 -75.72
C VAL O 367 81.95 13.79 -76.14
N ILE O 368 80.78 14.17 -76.63
CA ILE O 368 80.46 15.53 -77.00
C ILE O 368 79.36 16.03 -76.08
N ALA O 369 79.64 17.10 -75.33
CA ALA O 369 78.70 17.60 -74.36
C ALA O 369 78.53 19.10 -74.53
N LYS O 370 77.26 19.52 -74.57
CA LYS O 370 76.82 20.90 -74.80
C LYS O 370 77.44 21.45 -76.08
N GLY O 371 77.04 20.88 -77.22
CA GLY O 371 77.54 21.37 -78.49
C GLY O 371 78.94 20.91 -78.82
N GLY O 372 79.94 21.39 -78.07
CA GLY O 372 81.30 21.05 -78.40
C GLY O 372 82.35 20.90 -77.31
N ILE O 373 81.97 21.01 -76.04
CA ILE O 373 82.93 21.22 -74.95
C ILE O 373 83.84 20.01 -74.78
N SER O 374 83.30 18.80 -75.03
CA SER O 374 84.07 17.57 -75.27
C SER O 374 84.97 17.18 -74.10
N VAL O 375 84.34 16.93 -72.96
CA VAL O 375 85.10 16.69 -71.73
C VAL O 375 85.51 15.22 -71.64
N SER O 376 86.54 14.95 -70.84
CA SER O 376 87.08 13.61 -70.69
C SER O 376 87.37 13.34 -69.22
N VAL O 377 87.92 12.15 -68.96
CA VAL O 377 88.01 11.59 -67.62
C VAL O 377 89.30 10.77 -67.54
N SER O 378 89.72 10.45 -66.31
CA SER O 378 90.87 9.58 -66.11
C SER O 378 90.41 8.13 -65.87
N LYS O 379 91.38 7.29 -65.53
CA LYS O 379 91.10 5.85 -65.41
C LYS O 379 90.34 5.55 -64.13
N GLU O 380 90.83 6.06 -62.99
CA GLU O 380 90.34 5.60 -61.71
C GLU O 380 89.00 6.24 -61.35
N GLN O 381 88.62 7.31 -62.04
CA GLN O 381 87.41 8.04 -61.64
C GLN O 381 86.15 7.28 -62.05
N ILE O 382 86.24 6.48 -63.10
CA ILE O 382 85.05 5.79 -63.59
C ILE O 382 84.90 4.44 -62.92
N GLN O 383 85.97 3.93 -62.31
CA GLN O 383 85.88 2.64 -61.63
C GLN O 383 85.08 2.75 -60.34
N ALA O 384 85.08 3.94 -59.72
CA ALA O 384 84.24 4.15 -58.55
C ALA O 384 82.77 4.21 -58.94
N SER O 385 82.47 4.78 -60.11
CA SER O 385 81.08 4.80 -60.58
C SER O 385 80.77 3.54 -61.37
N LEU O 386 81.75 2.66 -61.56
CA LEU O 386 81.51 1.40 -62.24
C LEU O 386 80.75 0.45 -61.31
N PRO O 387 79.80 -0.32 -61.82
CA PRO O 387 79.18 -1.35 -60.99
C PRO O 387 80.16 -2.48 -60.70
N SER O 388 80.45 -2.66 -59.42
CA SER O 388 81.32 -3.73 -58.95
C SER O 388 80.47 -4.96 -58.66
N GLN O 389 80.82 -6.08 -59.27
CA GLN O 389 80.10 -7.31 -59.02
C GLN O 389 80.42 -7.86 -57.64
N SER O 390 79.63 -8.83 -57.21
CA SER O 390 79.81 -9.50 -55.93
C SER O 390 79.95 -11.00 -56.17
N LEU O 391 80.97 -11.60 -55.59
CA LEU O 391 81.10 -13.05 -55.66
C LEU O 391 80.15 -13.71 -54.67
N ILE O 392 79.25 -14.53 -55.19
CA ILE O 392 78.22 -15.17 -54.40
C ILE O 392 78.37 -16.69 -54.47
N GLN O 393 78.22 -17.32 -53.31
CA GLN O 393 78.29 -18.76 -53.15
C GLN O 393 76.94 -19.25 -52.64
N ASN O 394 76.48 -20.38 -53.17
CA ASN O 394 75.14 -20.89 -52.89
C ASN O 394 75.24 -22.06 -51.92
N GLU O 395 74.85 -21.83 -50.67
CA GLU O 395 74.89 -22.86 -49.64
C GLU O 395 73.76 -23.87 -49.87
N PRO O 396 73.93 -25.13 -49.41
CA PRO O 396 72.87 -26.12 -49.59
C PRO O 396 71.63 -25.81 -48.75
N VAL O 397 70.47 -26.15 -49.30
CA VAL O 397 69.18 -25.88 -48.67
C VAL O 397 68.81 -27.05 -47.79
N ILE O 398 68.45 -26.76 -46.53
CA ILE O 398 68.09 -27.79 -45.55
C ILE O 398 66.90 -27.28 -44.76
N LEU O 399 66.15 -28.20 -44.17
CA LEU O 399 65.15 -27.88 -43.16
C LEU O 399 65.79 -28.06 -41.79
N ALA O 400 65.85 -26.98 -41.02
CA ALA O 400 66.44 -27.07 -39.68
C ALA O 400 65.52 -27.84 -38.75
N TYR O 401 66.07 -28.34 -37.65
CA TYR O 401 65.30 -29.11 -36.69
C TYR O 401 64.32 -28.21 -35.95
N GLY O 402 63.18 -28.79 -35.56
CA GLY O 402 62.36 -28.17 -34.55
C GLY O 402 62.82 -28.55 -33.15
N GLN O 403 62.00 -28.21 -32.16
CA GLN O 403 62.31 -28.61 -30.80
C GLN O 403 61.95 -30.07 -30.57
N HIS O 404 62.91 -30.84 -30.09
CA HIS O 404 62.66 -32.26 -29.82
C HIS O 404 61.78 -32.42 -28.59
N ARG O 405 60.73 -33.19 -28.73
CA ARG O 405 59.73 -33.35 -27.69
C ARG O 405 59.76 -34.78 -27.19
N ASP O 406 59.60 -34.93 -25.87
CA ASP O 406 59.78 -36.21 -25.20
C ASP O 406 58.49 -37.04 -25.30
N VAL O 407 58.25 -37.54 -26.50
CA VAL O 407 57.05 -38.34 -26.75
C VAL O 407 57.31 -39.80 -26.43
N GLY O 408 58.55 -40.14 -26.07
CA GLY O 408 58.89 -41.54 -25.91
C GLY O 408 58.58 -42.08 -24.53
N SER O 409 58.62 -41.22 -23.52
CA SER O 409 58.49 -41.68 -22.14
C SER O 409 57.07 -42.11 -21.83
N TYR O 410 56.95 -43.23 -21.11
CA TYR O 410 55.67 -43.87 -20.86
C TYR O 410 55.44 -43.92 -19.36
N TYR O 411 54.30 -43.40 -18.93
CA TYR O 411 53.91 -43.41 -17.54
C TYR O 411 52.76 -44.38 -17.36
N PRO O 412 52.84 -45.29 -16.39
CA PRO O 412 51.94 -46.44 -16.37
C PRO O 412 50.52 -46.07 -16.00
N VAL O 413 49.58 -46.85 -16.54
CA VAL O 413 48.17 -46.65 -16.23
C VAL O 413 47.86 -47.15 -14.83
N SER O 414 48.70 -48.05 -14.32
CA SER O 414 48.52 -48.58 -12.96
C SER O 414 48.89 -47.55 -11.91
N ASP O 415 49.50 -46.43 -12.30
CA ASP O 415 49.78 -45.35 -11.37
C ASP O 415 48.53 -44.54 -11.11
N THR O 416 47.71 -44.32 -12.14
CA THR O 416 46.62 -43.35 -12.03
C THR O 416 45.39 -43.93 -11.35
N LEU O 417 45.38 -45.23 -11.07
CA LEU O 417 44.25 -45.83 -10.37
C LEU O 417 44.27 -45.39 -8.90
N PRO O 418 43.11 -45.43 -8.23
CA PRO O 418 43.06 -45.07 -6.81
C PRO O 418 43.90 -46.00 -5.96
N PRO O 419 44.51 -45.49 -4.88
CA PRO O 419 45.45 -46.31 -4.12
C PRO O 419 44.80 -47.39 -3.28
N CYS O 420 43.47 -47.42 -3.19
CA CYS O 420 42.86 -48.54 -2.48
C CYS O 420 42.87 -49.81 -3.31
N TYR O 421 43.14 -49.74 -4.61
CA TYR O 421 43.27 -50.97 -5.37
C TYR O 421 44.62 -51.63 -5.11
N GLY O 422 45.58 -50.88 -4.60
CA GLY O 422 46.83 -51.43 -4.11
C GLY O 422 47.91 -51.63 -5.15
N LEU O 423 47.89 -50.90 -6.25
CA LEU O 423 48.89 -51.14 -7.28
C LEU O 423 50.22 -50.48 -6.95
N GLN O 424 50.19 -49.39 -6.19
CA GLN O 424 51.40 -48.78 -5.68
C GLN O 424 51.68 -49.17 -4.24
N HIS O 425 50.91 -50.12 -3.70
CA HIS O 425 51.13 -50.61 -2.36
C HIS O 425 52.37 -51.49 -2.31
N SER O 426 52.73 -51.90 -1.09
CA SER O 426 53.80 -52.88 -0.90
C SER O 426 53.38 -54.22 -1.49
N LEU O 427 54.35 -54.94 -2.04
CA LEU O 427 54.04 -56.07 -2.89
C LEU O 427 53.58 -57.28 -2.09
N SER O 428 52.46 -57.86 -2.52
CA SER O 428 51.87 -59.10 -1.99
C SER O 428 51.62 -59.05 -0.48
N GLU O 429 51.27 -57.86 0.01
CA GLU O 429 50.81 -57.74 1.38
C GLU O 429 49.45 -58.42 1.54
N SER O 430 48.54 -58.18 0.61
CA SER O 430 47.29 -58.92 0.53
C SER O 430 47.31 -59.77 -0.73
N GLU O 431 46.49 -60.81 -0.75
CA GLU O 431 46.58 -61.80 -1.81
C GLU O 431 45.89 -61.34 -3.08
N HIS O 432 45.02 -60.33 -2.98
CA HIS O 432 44.28 -59.86 -4.15
C HIS O 432 45.10 -58.90 -4.99
N LEU O 433 46.32 -58.58 -4.54
CA LEU O 433 47.16 -57.63 -5.26
C LEU O 433 47.69 -58.24 -6.55
N LEU O 434 48.12 -59.50 -6.49
CA LEU O 434 48.78 -60.10 -7.64
C LEU O 434 47.86 -60.46 -8.80
N PRO O 435 46.64 -61.01 -8.62
CA PRO O 435 45.79 -61.22 -9.80
C PRO O 435 45.28 -59.95 -10.43
N LEU O 436 45.18 -58.86 -9.67
CA LEU O 436 44.86 -57.58 -10.27
C LEU O 436 46.02 -57.04 -11.09
N HIS O 437 47.24 -57.22 -10.58
CA HIS O 437 48.38 -56.56 -11.21
C HIS O 437 48.83 -57.32 -12.45
N GLN O 438 48.29 -58.51 -12.68
CA GLN O 438 48.52 -59.21 -13.94
C GLN O 438 47.41 -58.90 -14.93
N PHE O 439 46.28 -58.39 -14.44
CA PHE O 439 45.18 -58.03 -15.33
C PHE O 439 45.47 -56.73 -16.05
N MET O 440 46.22 -55.83 -15.41
CA MET O 440 46.55 -54.56 -16.05
C MET O 440 47.72 -54.71 -17.02
N LEU O 441 48.41 -55.86 -16.99
CA LEU O 441 49.57 -56.06 -17.86
C LEU O 441 49.25 -56.16 -19.35
N PRO O 442 48.22 -56.89 -19.83
CA PRO O 442 47.99 -56.88 -21.29
C PRO O 442 47.50 -55.54 -21.82
N PHE O 443 46.75 -54.79 -21.03
CA PHE O 443 46.29 -53.48 -21.47
C PHE O 443 47.36 -52.42 -21.25
N GLU O 444 48.48 -52.80 -20.63
CA GLU O 444 49.61 -51.87 -20.52
C GLU O 444 50.52 -52.00 -21.72
N GLN O 445 50.72 -53.22 -22.21
CA GLN O 445 51.63 -53.44 -23.31
C GLN O 445 51.02 -52.98 -24.63
N LEU O 446 49.69 -52.96 -24.71
CA LEU O 446 49.04 -52.41 -25.89
C LEU O 446 49.19 -50.90 -25.94
N LEU O 447 49.26 -50.25 -24.78
CA LEU O 447 49.49 -48.81 -24.76
C LEU O 447 50.96 -48.49 -24.84
N ALA O 448 51.82 -49.42 -24.41
CA ALA O 448 53.25 -49.18 -24.49
C ALA O 448 53.76 -49.37 -25.92
N CYS O 449 53.02 -50.11 -26.75
CA CYS O 449 53.36 -50.18 -28.16
C CYS O 449 53.02 -48.87 -28.86
N GLY O 450 52.02 -48.16 -28.36
CA GLY O 450 51.64 -46.90 -28.97
C GLY O 450 52.59 -45.77 -28.63
N CYS O 451 53.28 -45.87 -27.49
CA CYS O 451 54.20 -44.80 -27.12
C CYS O 451 55.56 -45.01 -27.75
N GLN O 452 55.90 -46.26 -28.09
CA GLN O 452 57.16 -46.51 -28.77
C GLN O 452 57.11 -46.03 -30.21
N GLN O 453 55.98 -46.25 -30.88
CA GLN O 453 55.94 -46.12 -32.33
C GLN O 453 55.89 -44.65 -32.75
N ILE O 454 55.55 -43.76 -31.82
CA ILE O 454 55.70 -42.33 -32.09
C ILE O 454 57.16 -41.91 -31.90
N ALA O 455 57.85 -42.55 -30.95
CA ALA O 455 59.26 -42.26 -30.74
C ALA O 455 60.12 -42.93 -31.80
N MET O 456 59.57 -43.92 -32.50
CA MET O 456 60.28 -44.55 -33.60
C MET O 456 60.12 -43.81 -34.92
N LEU O 457 59.35 -42.73 -34.94
CA LEU O 457 59.01 -42.09 -36.20
C LEU O 457 60.17 -41.38 -36.90
N PRO O 458 61.15 -40.77 -36.21
CA PRO O 458 62.38 -40.42 -36.94
C PRO O 458 63.15 -41.63 -37.44
N ARG O 459 63.05 -42.77 -36.76
CA ARG O 459 63.73 -43.97 -37.26
C ARG O 459 62.90 -44.65 -38.34
N LEU O 460 61.58 -44.58 -38.24
CA LEU O 460 60.72 -45.33 -39.17
C LEU O 460 60.67 -44.67 -40.53
N LEU O 461 60.92 -43.37 -40.60
CA LEU O 461 60.76 -42.64 -41.85
C LEU O 461 62.04 -41.95 -42.30
N ALA O 462 63.19 -42.32 -41.73
CA ALA O 462 64.45 -41.79 -42.21
C ALA O 462 64.78 -42.40 -43.56
N PHE O 463 65.54 -41.66 -44.36
CA PHE O 463 65.91 -42.17 -45.67
C PHE O 463 67.16 -43.03 -45.59
N GLN O 464 67.93 -42.89 -44.51
CA GLN O 464 69.14 -43.69 -44.29
C GLN O 464 68.85 -44.83 -43.31
N ARG O 465 68.02 -45.77 -43.77
CA ARG O 465 67.58 -46.86 -42.91
C ARG O 465 68.68 -47.90 -42.76
N GLU O 466 68.74 -48.55 -41.60
CA GLU O 466 69.78 -49.53 -41.32
C GLU O 466 69.28 -50.75 -40.52
N GLY O 467 67.98 -50.88 -40.30
CA GLY O 467 67.54 -51.82 -39.29
C GLY O 467 66.46 -52.78 -39.73
N TYR O 468 66.54 -53.99 -39.15
CA TYR O 468 65.41 -54.92 -39.16
C TYR O 468 64.25 -54.35 -38.37
N GLU O 469 64.56 -53.55 -37.34
CA GLU O 469 63.67 -53.38 -36.20
C GLU O 469 62.54 -52.41 -36.50
N VAL O 470 61.33 -52.87 -36.17
CA VAL O 470 60.08 -52.15 -36.34
C VAL O 470 59.39 -52.16 -34.99
N TRP O 471 58.07 -52.03 -35.02
CA TRP O 471 57.14 -51.29 -34.11
C TRP O 471 57.70 -51.17 -32.69
N GLY O 472 58.10 -52.25 -32.04
CA GLY O 472 58.72 -52.09 -30.73
C GLY O 472 58.57 -53.28 -29.83
N ASP O 473 59.52 -53.41 -28.90
CA ASP O 473 59.55 -54.52 -27.97
C ASP O 473 59.99 -54.12 -26.56
N GLN O 474 60.01 -52.84 -26.24
CA GLN O 474 60.55 -52.42 -24.95
C GLN O 474 59.54 -52.66 -23.83
N TRP O 475 60.06 -53.00 -22.66
CA TRP O 475 59.24 -53.23 -21.48
C TRP O 475 58.63 -51.91 -20.99
N PRO O 476 57.38 -51.90 -20.54
CA PRO O 476 56.73 -50.62 -20.21
C PRO O 476 57.22 -50.00 -18.90
N PHE O 477 57.70 -50.82 -17.96
CA PHE O 477 58.00 -50.33 -16.62
C PHE O 477 59.49 -50.10 -16.46
N LYS O 478 59.85 -49.04 -15.76
CA LYS O 478 61.24 -48.81 -15.40
C LYS O 478 61.67 -49.84 -14.37
N SER O 479 62.99 -50.07 -14.31
CA SER O 479 63.50 -51.24 -13.61
C SER O 479 63.43 -51.07 -12.09
N GLY O 480 63.30 -49.84 -11.61
CA GLY O 480 63.20 -49.64 -10.18
C GLY O 480 61.77 -49.67 -9.68
N SER O 481 60.80 -49.70 -10.60
CA SER O 481 59.41 -49.50 -10.23
C SER O 481 58.83 -50.72 -9.52
N VAL O 482 57.74 -50.50 -8.79
CA VAL O 482 57.07 -51.58 -8.08
C VAL O 482 56.29 -52.44 -9.07
N ASN O 483 55.93 -51.88 -10.21
CA ASN O 483 55.17 -52.60 -11.23
C ASN O 483 56.08 -53.62 -11.91
N ASP O 484 57.37 -53.34 -11.94
CA ASP O 484 58.32 -54.33 -12.44
C ASP O 484 58.47 -55.50 -11.47
N ASP O 485 58.31 -55.25 -10.17
CA ASP O 485 58.59 -56.27 -9.17
C ASP O 485 57.52 -57.35 -9.15
N ALA O 486 56.31 -57.04 -9.62
CA ALA O 486 55.23 -58.03 -9.60
C ALA O 486 55.49 -59.13 -10.61
N HIS O 487 55.81 -58.76 -11.85
CA HIS O 487 56.05 -59.72 -12.90
C HIS O 487 57.52 -60.01 -13.09
N GLN O 488 58.31 -60.06 -12.01
CA GLN O 488 59.74 -60.25 -12.16
C GLN O 488 60.06 -61.72 -12.42
N ASP O 489 59.10 -62.62 -12.21
CA ASP O 489 59.36 -64.03 -12.44
C ASP O 489 59.27 -64.38 -13.92
N TYR O 490 58.46 -63.63 -14.68
CA TYR O 490 58.26 -63.92 -16.09
C TYR O 490 58.56 -62.74 -17.00
N ALA O 491 59.22 -61.71 -16.49
CA ALA O 491 59.76 -60.66 -17.36
C ALA O 491 60.82 -61.14 -18.36
N PRO O 492 61.69 -62.13 -18.07
CA PRO O 492 62.52 -62.67 -19.17
C PRO O 492 61.73 -63.39 -20.24
N ALA O 493 60.60 -64.01 -19.90
CA ALA O 493 59.83 -64.73 -20.91
C ALA O 493 58.96 -63.77 -21.72
N LEU O 494 58.48 -62.70 -21.11
CA LEU O 494 57.62 -61.76 -21.82
C LEU O 494 58.40 -60.88 -22.77
N LYS O 495 59.65 -60.56 -22.41
CA LYS O 495 60.49 -59.76 -23.29
C LYS O 495 60.90 -60.56 -24.53
N ASP O 496 60.98 -61.88 -24.40
CA ASP O 496 61.46 -62.69 -25.52
C ASP O 496 60.36 -62.94 -26.55
N LEU O 497 59.11 -63.04 -26.10
CA LEU O 497 58.00 -63.06 -27.06
C LEU O 497 57.73 -61.67 -27.59
N LEU O 498 58.18 -60.65 -26.86
CA LEU O 498 58.16 -59.31 -27.44
C LEU O 498 59.18 -59.17 -28.56
N GLY O 499 60.19 -60.04 -28.58
CA GLY O 499 61.09 -60.13 -29.72
C GLY O 499 60.54 -60.97 -30.87
N GLN O 500 59.23 -60.92 -31.08
CA GLN O 500 58.58 -61.38 -32.30
C GLN O 500 58.58 -60.31 -33.38
N ILE O 501 59.07 -59.11 -33.06
CA ILE O 501 59.03 -57.98 -33.98
C ILE O 501 60.01 -58.17 -35.13
N ALA O 502 61.04 -59.00 -34.90
CA ALA O 502 61.95 -59.36 -35.98
C ALA O 502 61.27 -60.24 -37.02
N LEU O 503 60.20 -60.94 -36.62
CA LEU O 503 59.43 -61.72 -37.58
C LEU O 503 58.53 -60.83 -38.42
N ASP O 504 58.23 -59.62 -37.93
CA ASP O 504 57.45 -58.64 -38.67
C ASP O 504 58.32 -57.70 -39.51
N SER O 505 59.53 -58.13 -39.89
CA SER O 505 60.43 -57.27 -40.66
C SER O 505 60.13 -57.28 -42.15
N ASP O 506 59.11 -58.01 -42.59
CA ASP O 506 58.67 -57.91 -43.98
C ASP O 506 58.01 -56.56 -44.23
N HIS O 507 57.38 -56.01 -43.20
CA HIS O 507 56.72 -54.71 -43.23
C HIS O 507 57.72 -53.59 -43.52
N GLU O 508 58.96 -53.76 -43.06
CA GLU O 508 60.00 -52.77 -43.34
C GLU O 508 60.35 -52.72 -44.82
N LEU O 509 60.13 -53.82 -45.54
CA LEU O 509 60.34 -53.81 -46.99
C LEU O 509 59.16 -53.16 -47.71
N ASP O 510 58.04 -52.98 -47.02
CA ASP O 510 56.92 -52.30 -47.65
C ASP O 510 56.99 -50.80 -47.43
N ILE O 511 57.83 -50.34 -46.51
CA ILE O 511 58.02 -48.90 -46.37
C ILE O 511 59.09 -48.40 -47.33
N ILE O 512 60.09 -49.23 -47.59
CA ILE O 512 61.12 -48.88 -48.56
C ILE O 512 60.53 -48.84 -49.95
N ASN O 513 59.53 -49.69 -50.22
CA ASN O 513 58.76 -49.56 -51.45
C ASN O 513 57.94 -48.27 -51.47
N TYR O 514 57.57 -47.77 -50.29
CA TYR O 514 56.84 -46.51 -50.23
C TYR O 514 57.78 -45.31 -50.28
N LEU O 515 58.95 -45.43 -49.64
CA LEU O 515 59.87 -44.30 -49.62
C LEU O 515 60.61 -44.15 -50.94
N LEU O 516 60.81 -45.25 -51.67
CA LEU O 516 61.38 -45.13 -53.01
C LEU O 516 60.38 -44.52 -53.98
N GLY O 517 59.09 -44.61 -53.68
CA GLY O 517 58.07 -44.07 -54.55
C GLY O 517 57.99 -42.56 -54.55
N TYR O 518 58.72 -41.90 -53.66
CA TYR O 518 58.86 -40.45 -53.75
C TYR O 518 59.65 -40.06 -54.98
N PHE O 519 60.63 -40.87 -55.34
CA PHE O 519 61.51 -40.62 -56.48
C PHE O 519 61.13 -41.43 -57.70
N GLY O 520 59.87 -41.85 -57.81
CA GLY O 520 59.35 -42.43 -59.02
C GLY O 520 59.64 -43.89 -59.26
N THR O 521 60.50 -44.51 -58.48
CA THR O 521 60.88 -45.90 -58.69
C THR O 521 60.26 -46.78 -57.63
N GLN O 522 59.82 -47.96 -58.04
CA GLN O 522 59.35 -48.96 -57.09
C GLN O 522 60.54 -49.72 -56.52
N ARG O 523 60.27 -50.54 -55.51
CA ARG O 523 61.30 -51.43 -55.02
C ARG O 523 61.48 -52.61 -55.97
N ALA O 524 62.58 -53.33 -55.77
CA ALA O 524 62.88 -54.49 -56.59
C ALA O 524 61.92 -55.63 -56.26
N PRO O 525 61.58 -56.48 -57.23
CA PRO O 525 60.81 -57.69 -56.90
C PRO O 525 61.68 -58.69 -56.15
N ARG O 526 61.04 -59.47 -55.28
CA ARG O 526 61.76 -60.48 -54.52
C ARG O 526 62.03 -61.71 -55.38
N THR O 527 63.28 -62.17 -55.37
CA THR O 527 63.69 -63.26 -56.23
C THR O 527 63.81 -64.55 -55.42
N PHE O 528 64.37 -65.58 -56.06
CA PHE O 528 64.52 -66.86 -55.36
C PHE O 528 65.94 -67.04 -54.84
N THR O 529 66.90 -66.39 -55.49
CA THR O 529 68.30 -66.39 -55.08
C THR O 529 68.64 -65.15 -54.24
N THR O 530 67.74 -64.75 -53.34
CA THR O 530 67.89 -63.55 -52.55
C THR O 530 69.11 -63.53 -51.64
N GLN O 531 69.23 -64.56 -50.78
CA GLN O 531 69.94 -64.44 -49.51
C GLN O 531 69.42 -63.22 -48.75
N LEU O 532 68.16 -63.36 -48.31
CA LEU O 532 67.27 -62.25 -47.88
C LEU O 532 67.88 -61.30 -46.85
N ASP O 533 68.86 -61.77 -46.08
CA ASP O 533 69.62 -60.88 -45.21
C ASP O 533 70.45 -59.91 -46.05
N ASP O 534 71.16 -60.43 -47.05
CA ASP O 534 72.07 -59.61 -47.83
C ASP O 534 71.34 -58.88 -48.95
N PHE O 535 70.15 -59.38 -49.31
CA PHE O 535 69.29 -58.71 -50.27
C PHE O 535 68.81 -57.37 -49.75
N ARG O 536 68.54 -57.30 -48.44
CA ARG O 536 67.80 -56.18 -47.88
C ARG O 536 68.68 -54.94 -47.72
N ALA O 537 69.96 -55.14 -47.40
CA ALA O 537 70.86 -54.00 -47.23
C ALA O 537 71.18 -53.34 -48.57
N VAL O 538 71.11 -54.12 -49.65
CA VAL O 538 71.15 -53.53 -50.99
C VAL O 538 69.92 -52.67 -51.22
N GLN O 539 68.77 -53.13 -50.75
CA GLN O 539 67.54 -52.35 -50.89
C GLN O 539 67.55 -51.14 -49.95
N GLN O 540 68.32 -51.21 -48.86
CA GLN O 540 68.38 -50.09 -47.93
C GLN O 540 69.30 -48.99 -48.45
N GLY O 541 70.47 -49.36 -48.95
CA GLY O 541 71.40 -48.36 -49.47
C GLY O 541 70.92 -47.75 -50.77
N TYR O 542 70.00 -48.43 -51.46
CA TYR O 542 69.39 -47.87 -52.66
C TYR O 542 68.56 -46.65 -52.31
N LEU O 543 67.94 -46.63 -51.13
CA LEU O 543 67.11 -45.50 -50.75
C LEU O 543 67.95 -44.32 -50.29
N ALA O 544 69.02 -44.60 -49.54
CA ALA O 544 69.77 -43.51 -48.90
C ALA O 544 70.57 -42.71 -49.91
N GLN O 545 71.12 -43.38 -50.92
CA GLN O 545 71.93 -42.73 -51.94
C GLN O 545 71.15 -42.43 -53.20
N GLN O 546 69.82 -42.52 -53.15
CA GLN O 546 68.99 -42.36 -54.33
C GLN O 546 69.10 -41.01 -55.07
N PRO O 547 69.15 -39.82 -54.42
CA PRO O 547 69.30 -38.60 -55.21
C PRO O 547 70.65 -38.44 -55.89
N THR O 548 71.71 -38.98 -55.29
CA THR O 548 73.02 -38.87 -55.92
C THR O 548 73.19 -39.92 -57.02
N LEU O 549 72.34 -40.94 -57.04
CA LEU O 549 72.38 -41.89 -58.14
C LEU O 549 71.77 -41.31 -59.40
N THR O 550 70.64 -40.60 -59.28
CA THR O 550 70.00 -40.03 -60.45
C THR O 550 70.66 -38.73 -60.87
N TYR O 551 71.41 -38.10 -59.95
CA TYR O 551 72.18 -36.92 -60.33
C TYR O 551 73.38 -37.30 -61.17
N HIS O 552 74.05 -38.39 -60.82
CA HIS O 552 75.15 -38.91 -61.60
C HIS O 552 74.70 -40.25 -62.20
N ARG O 553 74.00 -40.18 -63.34
CA ARG O 553 73.54 -41.41 -63.97
C ARG O 553 74.64 -42.01 -64.84
N SER O 554 75.59 -41.18 -65.26
CA SER O 554 76.63 -41.60 -66.19
C SER O 554 78.00 -41.11 -65.75
N ASN O 555 78.36 -41.27 -64.47
CA ASN O 555 79.62 -40.70 -64.01
C ASN O 555 80.60 -41.80 -63.58
N ILE O 556 81.44 -42.26 -64.52
CA ILE O 556 82.41 -43.33 -64.38
C ILE O 556 83.73 -42.90 -63.73
N ARG O 557 83.67 -41.89 -62.86
CA ARG O 557 84.79 -41.39 -62.04
C ARG O 557 85.81 -42.45 -61.67
N ILE O 558 87.09 -42.10 -61.84
CA ILE O 558 88.16 -43.07 -62.06
C ILE O 558 88.44 -43.89 -60.81
N ASP O 559 88.01 -43.41 -59.64
CA ASP O 559 88.21 -44.14 -58.40
C ASP O 559 86.94 -44.73 -57.83
N GLN O 560 85.86 -43.96 -57.79
CA GLN O 560 84.62 -44.39 -57.17
C GLN O 560 83.95 -45.49 -58.01
N VAL O 561 83.10 -46.28 -57.33
CA VAL O 561 82.28 -47.25 -58.04
C VAL O 561 81.27 -46.51 -58.92
N SER O 562 81.02 -47.10 -60.10
CA SER O 562 80.11 -46.50 -61.09
C SER O 562 78.71 -46.37 -60.54
N SER O 563 78.14 -45.19 -60.71
CA SER O 563 76.89 -44.83 -60.07
C SER O 563 75.66 -45.30 -60.85
N LEU O 564 75.85 -46.03 -61.94
CA LEU O 564 74.75 -46.79 -62.54
C LEU O 564 74.98 -48.28 -62.39
N GLN O 565 76.18 -48.70 -62.04
CA GLN O 565 76.42 -50.06 -61.59
C GLN O 565 75.65 -50.37 -60.31
N LYS O 566 75.60 -49.39 -59.39
CA LYS O 566 74.72 -49.49 -58.23
C LYS O 566 73.26 -49.59 -58.65
N ARG O 567 72.88 -48.78 -59.64
CA ARG O 567 71.47 -48.64 -60.00
C ARG O 567 71.01 -49.83 -60.82
N ILE O 568 71.95 -50.56 -61.43
CA ILE O 568 71.63 -51.80 -62.12
C ILE O 568 71.41 -52.92 -61.10
N ALA O 569 72.29 -53.00 -60.10
CA ALA O 569 72.25 -54.11 -59.16
C ALA O 569 71.04 -54.02 -58.25
N ALA O 570 70.57 -52.81 -57.98
CA ALA O 570 69.40 -52.65 -57.13
C ALA O 570 68.12 -53.05 -57.86
N ARG O 571 68.06 -52.80 -59.17
CA ARG O 571 66.86 -53.14 -59.93
C ARG O 571 66.74 -54.64 -60.12
N MET O 572 67.87 -55.32 -60.35
CA MET O 572 67.89 -56.77 -60.25
C MET O 572 67.66 -57.21 -58.82
N GLY O 573 68.22 -56.48 -57.87
CA GLY O 573 68.06 -56.80 -56.47
C GLY O 573 69.14 -57.69 -55.90
N LEU O 574 70.04 -58.21 -56.74
CA LEU O 574 71.00 -59.20 -56.30
C LEU O 574 72.02 -58.59 -55.34
N GLY O 575 72.45 -59.39 -54.37
CA GLY O 575 73.15 -58.86 -53.23
C GLY O 575 74.57 -58.44 -53.56
N GLY O 576 75.09 -57.53 -52.76
CA GLY O 576 76.46 -57.09 -52.91
C GLY O 576 76.80 -56.06 -51.86
N GLU O 577 78.10 -55.88 -51.65
CA GLU O 577 78.60 -54.83 -50.78
C GLU O 577 78.83 -53.52 -51.52
N LEU O 578 78.29 -53.36 -52.72
CA LEU O 578 78.55 -52.16 -53.50
C LEU O 578 77.72 -50.98 -53.04
N PHE O 579 76.80 -51.20 -52.10
CA PHE O 579 76.11 -50.09 -51.46
C PHE O 579 76.71 -49.72 -50.11
N LYS O 580 77.90 -50.24 -49.78
CA LYS O 580 78.60 -49.86 -48.57
C LYS O 580 79.05 -48.41 -48.67
N PRO O 581 79.25 -47.73 -47.52
CA PRO O 581 79.83 -46.37 -47.57
C PRO O 581 81.19 -46.27 -48.24
N GLN O 582 82.00 -47.33 -48.23
CA GLN O 582 83.20 -47.35 -49.04
C GLN O 582 83.11 -48.48 -50.05
N PRO O 583 83.61 -48.28 -51.28
CA PRO O 583 83.35 -49.27 -52.35
C PRO O 583 84.07 -50.59 -52.16
N ASP O 584 85.38 -50.58 -51.91
CA ASP O 584 86.22 -51.78 -51.72
C ASP O 584 86.17 -52.70 -52.94
N LEU O 585 86.75 -52.21 -54.05
CA LEU O 585 86.52 -52.78 -55.37
C LEU O 585 87.20 -54.14 -55.62
N SER O 586 87.70 -54.82 -54.59
CA SER O 586 88.21 -56.18 -54.79
C SER O 586 87.07 -57.18 -54.98
N GLN O 587 86.08 -57.12 -54.10
CA GLN O 587 85.03 -58.13 -54.03
C GLN O 587 83.69 -57.49 -54.42
N LEU O 588 83.25 -57.76 -55.64
CA LEU O 588 82.04 -57.16 -56.16
C LEU O 588 81.19 -58.26 -56.79
N PRO O 589 79.89 -58.04 -56.97
CA PRO O 589 79.11 -58.99 -57.76
C PRO O 589 79.49 -58.99 -59.23
N PHE O 590 79.52 -57.82 -59.85
CA PHE O 590 79.86 -57.71 -61.27
C PHE O 590 80.67 -56.43 -61.46
N TYR O 591 81.16 -56.23 -62.67
CA TYR O 591 82.00 -55.09 -62.97
C TYR O 591 81.62 -54.50 -64.32
N LEU O 592 81.57 -53.17 -64.39
CA LEU O 592 81.27 -52.48 -65.62
C LEU O 592 82.52 -51.82 -66.17
N ILE O 593 83.04 -52.35 -67.26
CA ILE O 593 84.21 -51.80 -67.94
C ILE O 593 83.77 -51.23 -69.28
N GLU O 594 84.44 -50.17 -69.71
CA GLU O 594 84.15 -49.51 -70.98
C GLU O 594 85.33 -49.69 -71.91
N HIS O 595 85.04 -50.00 -73.18
CA HIS O 595 86.13 -50.19 -74.15
C HIS O 595 86.79 -48.87 -74.53
N ARG O 596 86.06 -47.77 -74.44
CA ARG O 596 86.61 -46.43 -74.66
C ARG O 596 87.69 -46.07 -73.64
N ALA O 597 87.64 -46.67 -72.45
CA ALA O 597 88.64 -46.39 -71.43
C ALA O 597 89.96 -47.10 -71.73
N LEU O 598 89.96 -48.03 -72.68
CA LEU O 598 91.16 -48.81 -72.94
C LEU O 598 91.96 -48.25 -74.11
N LEU O 599 91.55 -47.12 -74.66
CA LEU O 599 92.21 -46.62 -75.86
C LEU O 599 93.06 -45.40 -75.56
N PRO O 600 94.36 -45.43 -75.91
CA PRO O 600 95.22 -44.27 -75.67
C PRO O 600 95.33 -43.34 -76.87
N VAL O 601 95.47 -42.04 -76.62
CA VAL O 601 95.69 -41.10 -77.71
C VAL O 601 97.19 -40.93 -77.96
N LYS O 602 97.98 -40.80 -76.89
CA LYS O 602 99.43 -40.70 -77.01
C LYS O 602 100.12 -41.75 -76.14
N LYS O 700 116.98 -38.51 -77.39
CA LYS O 700 115.68 -38.39 -76.77
C LYS O 700 114.62 -37.95 -77.77
N LEU O 701 115.02 -37.76 -79.01
CA LEU O 701 114.13 -37.28 -80.08
C LEU O 701 113.37 -38.49 -80.61
N PHE O 702 114.04 -39.52 -81.12
CA PHE O 702 113.36 -40.65 -81.75
C PHE O 702 113.47 -41.92 -80.93
N TRP O 703 113.44 -41.82 -79.60
CA TRP O 703 113.45 -43.01 -78.77
C TRP O 703 112.05 -43.37 -78.28
N GLN O 704 111.10 -42.45 -78.42
CA GLN O 704 109.73 -42.73 -77.97
C GLN O 704 109.06 -43.75 -78.89
N ASN O 705 108.86 -43.39 -80.16
CA ASN O 705 108.56 -44.32 -81.25
C ASN O 705 107.36 -45.24 -81.04
N SER O 706 106.13 -44.71 -80.93
CA SER O 706 104.97 -45.56 -80.62
C SER O 706 104.58 -46.42 -81.83
N PRO O 707 104.96 -47.70 -81.86
CA PRO O 707 104.87 -48.44 -83.13
C PRO O 707 103.48 -48.95 -83.47
N VAL O 708 102.84 -49.67 -82.56
CA VAL O 708 101.58 -50.39 -82.73
C VAL O 708 100.92 -50.46 -81.36
N TRP O 709 99.62 -50.69 -81.34
CA TRP O 709 98.91 -51.06 -80.11
C TRP O 709 97.91 -52.14 -80.47
N MET O 710 97.56 -52.98 -79.50
CA MET O 710 96.51 -53.99 -79.58
C MET O 710 96.80 -54.96 -80.72
N GLU O 711 97.82 -55.82 -80.59
CA GLU O 711 98.55 -56.52 -81.66
C GLU O 711 97.58 -57.30 -82.55
N ASP O 712 96.96 -58.38 -82.06
CA ASP O 712 95.93 -59.13 -82.76
C ASP O 712 95.12 -59.90 -81.73
N MET O 713 93.93 -60.32 -82.14
CA MET O 713 93.09 -61.15 -81.28
C MET O 713 93.69 -62.54 -81.12
N GLY O 714 93.32 -63.22 -80.04
CA GLY O 714 93.73 -64.60 -79.86
C GLY O 714 93.26 -65.15 -78.53
N TYR O 715 93.32 -66.49 -78.44
CA TYR O 715 93.07 -67.18 -77.20
C TYR O 715 94.12 -68.28 -77.06
N ARG O 716 93.94 -69.12 -76.05
CA ARG O 716 94.88 -70.20 -75.75
C ARG O 716 94.11 -71.52 -75.67
N LEU O 717 94.74 -72.59 -76.12
CA LEU O 717 94.06 -73.85 -76.39
C LEU O 717 94.05 -74.75 -75.16
N ALA O 718 92.88 -74.89 -74.54
CA ALA O 718 92.63 -75.91 -73.52
C ALA O 718 91.51 -76.83 -73.98
N TYR O 719 90.34 -76.26 -74.29
CA TYR O 719 89.22 -77.00 -74.84
C TYR O 719 88.36 -76.03 -75.63
N ALA O 720 87.60 -76.58 -76.59
CA ALA O 720 86.85 -75.80 -77.56
C ALA O 720 85.36 -75.94 -77.31
N SER O 721 84.63 -74.84 -77.49
CA SER O 721 83.18 -74.82 -77.44
C SER O 721 82.62 -73.99 -78.59
N ASP O 722 81.66 -74.56 -79.30
CA ASP O 722 80.99 -73.85 -80.38
C ASP O 722 79.52 -73.63 -80.03
N GLN O 723 78.83 -74.71 -79.69
CA GLN O 723 77.48 -74.61 -79.16
C GLN O 723 77.53 -73.97 -77.78
N SER O 724 76.63 -73.03 -77.55
CA SER O 724 76.64 -72.25 -76.32
C SER O 724 76.23 -73.11 -75.12
N SER O 725 77.19 -73.35 -74.23
CA SER O 725 76.96 -74.06 -72.98
C SER O 725 76.36 -73.10 -71.95
N LEU O 726 76.38 -73.52 -70.68
CA LEU O 726 75.99 -72.62 -69.60
C LEU O 726 76.86 -71.38 -69.51
N PRO O 727 78.19 -71.48 -69.62
CA PRO O 727 79.01 -70.28 -69.78
C PRO O 727 79.11 -69.80 -71.22
N VAL O 728 78.46 -70.51 -72.15
CA VAL O 728 78.45 -70.22 -73.60
C VAL O 728 79.85 -70.17 -74.18
N GLN O 730 83.33 -73.65 -71.46
CA GLN O 730 84.26 -72.53 -71.42
C GLN O 730 85.67 -72.99 -71.11
N ARG O 731 86.64 -72.09 -71.28
CA ARG O 731 88.04 -72.37 -71.04
C ARG O 731 88.59 -71.34 -70.06
N ARG O 732 89.35 -71.82 -69.08
CA ARG O 732 90.04 -70.91 -68.16
C ARG O 732 91.19 -70.23 -68.88
N LEU O 733 91.50 -68.99 -68.44
CA LEU O 733 92.53 -68.12 -69.03
C LEU O 733 92.28 -67.89 -70.52
N THR O 734 91.01 -67.76 -70.89
CA THR O 734 90.58 -67.64 -72.27
C THR O 734 89.19 -67.02 -72.27
N ARG O 735 88.54 -67.08 -73.43
CA ARG O 735 87.17 -66.61 -73.55
C ARG O 735 86.51 -67.24 -74.77
N THR O 736 85.24 -67.61 -74.61
CA THR O 736 84.34 -67.91 -75.72
C THR O 736 83.40 -66.76 -75.98
N VAL O 737 83.92 -65.53 -75.92
CA VAL O 737 83.11 -64.34 -75.67
C VAL O 737 82.48 -63.82 -76.96
N GLN O 738 83.22 -63.90 -78.07
CA GLN O 738 82.69 -63.47 -79.35
C GLN O 738 81.58 -64.42 -79.79
N THR O 739 80.62 -63.89 -80.53
CA THR O 739 79.43 -64.66 -80.86
C THR O 739 79.50 -65.04 -82.33
N PRO O 740 80.36 -65.96 -82.73
CA PRO O 740 80.28 -66.50 -84.09
C PRO O 740 79.59 -67.85 -84.16
N PHE O 741 78.68 -68.00 -85.12
CA PHE O 741 78.31 -69.27 -85.71
C PHE O 741 79.39 -69.62 -86.73
N PRO O 742 80.04 -68.61 -87.29
CA PRO O 742 80.66 -68.72 -88.62
C PRO O 742 82.02 -69.40 -88.58
N PRO O 743 82.78 -69.28 -89.70
CA PRO O 743 83.90 -70.19 -90.03
C PRO O 743 85.03 -70.38 -89.03
N MET O 744 85.85 -71.38 -89.36
CA MET O 744 86.81 -72.09 -88.54
C MET O 744 87.85 -71.18 -87.87
N VAL O 745 88.44 -71.73 -86.82
CA VAL O 745 89.63 -71.20 -86.17
C VAL O 745 90.85 -71.81 -86.86
N VAL O 746 91.59 -70.99 -87.60
CA VAL O 746 92.44 -71.52 -88.65
C VAL O 746 93.93 -71.38 -88.40
N VAL O 747 94.39 -71.48 -87.14
CA VAL O 747 95.82 -71.48 -86.88
C VAL O 747 96.14 -72.27 -85.60
N GLY O 748 97.39 -72.68 -85.51
CA GLY O 748 97.94 -73.26 -84.28
C GLY O 748 99.41 -72.97 -84.21
N SER O 749 99.92 -72.80 -82.98
CA SER O 749 101.27 -72.29 -82.76
C SER O 749 102.00 -73.13 -81.71
N GLU O 750 102.00 -74.46 -81.92
CA GLU O 750 102.48 -75.44 -80.95
C GLU O 750 103.95 -75.32 -80.53
N ILE O 751 104.87 -75.58 -81.45
CA ILE O 751 106.28 -75.68 -81.13
C ILE O 751 107.04 -74.73 -82.03
N THR O 752 107.21 -73.48 -81.57
CA THR O 752 108.04 -72.51 -82.25
C THR O 752 109.48 -72.52 -81.76
N LEU O 753 109.82 -73.49 -80.91
CA LEU O 753 111.20 -73.62 -80.44
C LEU O 753 112.03 -74.46 -81.41
N LEU O 754 111.40 -74.96 -82.47
CA LEU O 754 112.07 -75.86 -83.41
C LEU O 754 111.49 -75.62 -84.80
N LYS O 755 111.73 -76.56 -85.70
CA LYS O 755 111.35 -76.45 -87.10
C LYS O 755 109.87 -76.76 -87.35
N GLN O 756 109.53 -76.99 -88.63
CA GLN O 756 108.18 -77.29 -89.11
C GLN O 756 107.21 -76.14 -88.82
N VAL O 757 107.66 -74.92 -89.11
CA VAL O 757 106.80 -73.74 -89.01
C VAL O 757 105.95 -73.59 -90.27
N GLY O 758 104.95 -72.71 -90.20
CA GLY O 758 104.21 -72.35 -91.40
C GLY O 758 102.92 -73.13 -91.62
N ILE O 759 103.01 -74.43 -91.33
CA ILE O 759 102.04 -75.45 -91.69
C ILE O 759 100.75 -75.43 -90.85
N VAL O 760 100.56 -74.37 -90.04
CA VAL O 760 99.43 -74.23 -89.12
C VAL O 760 98.09 -74.51 -89.79
N ASN O 761 97.22 -75.20 -89.05
CA ASN O 761 96.10 -75.92 -89.64
C ASN O 761 94.81 -75.13 -89.65
N LEU O 762 94.02 -75.32 -90.71
CA LEU O 762 92.66 -74.80 -90.78
C LEU O 762 91.71 -75.85 -90.21
N LYS O 763 91.24 -75.59 -89.00
CA LYS O 763 90.52 -76.58 -88.22
C LYS O 763 89.05 -76.67 -88.63
N LYS O 764 88.26 -77.33 -87.79
CA LYS O 764 86.84 -77.55 -88.05
C LYS O 764 86.03 -76.28 -87.90
N ALA O 765 84.81 -76.28 -88.46
CA ALA O 765 83.99 -75.07 -88.53
C ALA O 765 83.33 -74.72 -87.19
N GLU O 766 82.52 -75.64 -86.67
CA GLU O 766 81.81 -75.42 -85.41
C GLU O 766 81.76 -76.74 -84.65
N SER O 767 82.66 -76.90 -83.69
CA SER O 767 82.71 -78.09 -82.85
C SER O 767 82.93 -77.68 -81.41
N GLU O 768 82.21 -78.34 -80.51
CA GLU O 768 82.30 -78.09 -79.08
C GLU O 768 82.89 -79.33 -78.40
N LYS O 769 84.15 -79.24 -77.99
CA LYS O 769 84.87 -80.37 -77.44
C LYS O 769 85.51 -80.00 -76.12
N LEU O 770 84.93 -80.50 -75.03
CA LEU O 770 85.51 -80.36 -73.70
C LEU O 770 85.42 -81.70 -72.97
N TYR O 771 84.60 -82.59 -73.50
CA TYR O 771 84.41 -83.93 -72.96
C TYR O 771 84.13 -84.88 -74.11
N ALA O 772 84.14 -86.18 -73.80
CA ALA O 772 84.06 -87.21 -74.83
C ALA O 772 82.63 -87.54 -75.27
N LYS O 773 81.67 -86.66 -75.01
CA LYS O 773 80.33 -86.85 -75.56
C LYS O 773 80.22 -86.23 -76.95
N VAL O 774 81.31 -85.62 -77.42
CA VAL O 774 81.33 -84.98 -78.73
C VAL O 774 82.01 -85.89 -79.75
N VAL O 775 81.88 -87.21 -79.56
CA VAL O 775 82.72 -88.28 -80.10
C VAL O 775 82.99 -88.26 -81.61
N SER O 776 82.19 -87.53 -82.38
CA SER O 776 82.43 -87.35 -83.81
C SER O 776 83.70 -86.54 -84.01
N PHE O 777 84.33 -86.71 -85.17
CA PHE O 777 85.61 -86.08 -85.45
C PHE O 777 85.49 -84.58 -85.65
N ASN O 791 86.13 -79.57 -91.19
CA ASN O 791 87.19 -79.89 -92.14
C ASN O 791 88.55 -79.84 -91.46
N SER O 792 89.56 -80.41 -92.13
CA SER O 792 90.92 -80.43 -91.61
C SER O 792 91.90 -80.64 -92.75
N THR O 793 92.96 -79.82 -92.75
CA THR O 793 94.05 -79.94 -93.72
C THR O 793 95.29 -79.34 -93.09
N LEU O 794 96.47 -79.76 -93.60
CA LEU O 794 97.76 -79.59 -92.93
C LEU O 794 97.65 -80.05 -91.48
N ALA O 795 97.41 -81.35 -91.31
CA ALA O 795 96.21 -81.87 -90.62
C ALA O 795 96.07 -81.28 -89.22
N PHE O 796 96.79 -81.79 -88.19
CA PHE O 796 97.22 -81.21 -86.92
C PHE O 796 97.79 -82.35 -86.08
N PRO O 797 98.48 -82.07 -84.98
CA PRO O 797 98.21 -82.84 -83.77
C PRO O 797 97.22 -82.06 -82.93
N THR O 798 96.12 -82.66 -82.48
CA THR O 798 95.16 -81.94 -81.67
C THR O 798 94.37 -82.89 -80.76
N SER O 799 94.90 -83.11 -79.55
CA SER O 799 94.13 -83.70 -78.46
C SER O 799 94.80 -83.52 -77.10
N GLU O 800 94.17 -82.74 -76.22
CA GLU O 800 94.17 -82.93 -74.77
C GLU O 800 95.51 -82.81 -74.03
N GLU O 801 96.62 -82.62 -74.75
CA GLU O 801 97.92 -82.73 -74.10
C GLU O 801 98.66 -81.41 -74.13
N ALA O 802 98.82 -80.83 -75.31
CA ALA O 802 99.61 -79.61 -75.48
C ALA O 802 98.70 -78.39 -75.35
N TRP O 803 98.97 -77.58 -74.33
CA TRP O 803 98.39 -76.25 -74.22
C TRP O 803 99.12 -75.24 -75.09
N ARG O 804 100.16 -75.67 -75.80
CA ARG O 804 101.04 -74.73 -76.49
C ARG O 804 100.44 -74.25 -77.80
N TYR O 805 99.35 -74.89 -78.25
CA TYR O 805 98.64 -74.41 -79.43
C TYR O 805 97.90 -73.11 -79.11
N SER O 806 97.77 -72.26 -80.12
CA SER O 806 97.01 -71.03 -79.99
C SER O 806 95.76 -71.05 -80.86
N TRP O 807 95.00 -69.96 -80.77
CA TRP O 807 93.75 -69.79 -81.49
C TRP O 807 93.88 -68.66 -82.50
N TYR O 808 92.90 -68.57 -83.39
CA TYR O 808 92.80 -67.56 -84.42
C TYR O 808 91.37 -67.62 -84.95
N PHE O 809 91.07 -66.76 -85.91
CA PHE O 809 89.87 -66.88 -86.72
C PHE O 809 90.25 -66.78 -88.19
N SER O 810 89.60 -67.60 -89.01
CA SER O 810 89.78 -67.52 -90.45
C SER O 810 89.26 -66.18 -90.96
N GLY O 811 89.92 -65.64 -91.99
CA GLY O 811 89.52 -64.33 -92.47
C GLY O 811 88.30 -64.32 -93.39
N GLU O 812 87.87 -65.47 -93.89
CA GLU O 812 86.74 -65.48 -94.82
C GLU O 812 85.38 -65.52 -94.13
N LYS O 813 85.33 -65.30 -92.80
CA LYS O 813 84.05 -64.93 -92.21
C LYS O 813 83.73 -63.46 -92.46
N TYR O 814 84.76 -62.61 -92.45
CA TYR O 814 84.70 -61.17 -92.72
C TYR O 814 83.70 -60.44 -91.81
N GLU O 815 83.87 -60.63 -90.50
CA GLU O 815 83.05 -59.97 -89.49
C GLU O 815 83.86 -59.03 -88.61
N ARG O 816 84.78 -58.26 -89.20
CA ARG O 816 85.52 -57.27 -88.43
C ARG O 816 84.64 -56.05 -88.18
N THR O 817 84.24 -55.84 -86.93
CA THR O 817 83.31 -54.80 -86.57
C THR O 817 83.98 -53.80 -85.64
N ASP O 818 83.36 -52.65 -85.49
CA ASP O 818 83.78 -51.64 -84.52
C ASP O 818 83.21 -52.05 -83.17
N ARG O 819 84.09 -52.29 -82.20
CA ARG O 819 83.69 -52.78 -80.89
C ARG O 819 83.95 -51.76 -79.79
N PHE O 820 84.80 -50.77 -80.05
CA PHE O 820 85.31 -49.93 -78.98
C PHE O 820 84.52 -48.65 -78.80
N SER O 821 83.45 -48.45 -79.57
CA SER O 821 82.83 -47.13 -79.63
C SER O 821 81.95 -46.85 -78.42
N PHE O 822 80.89 -47.62 -78.25
CA PHE O 822 79.89 -47.35 -77.24
C PHE O 822 79.47 -48.64 -76.54
N VAL O 823 80.42 -49.53 -76.27
CA VAL O 823 80.07 -50.88 -75.84
C VAL O 823 80.63 -51.13 -74.44
N ILE O 824 79.74 -51.15 -73.46
CA ILE O 824 80.05 -51.49 -72.08
C ILE O 824 80.03 -53.01 -71.97
N SER O 825 81.03 -53.58 -71.31
CA SER O 825 81.06 -55.01 -71.03
C SER O 825 80.88 -55.26 -69.54
N VAL O 826 79.93 -56.12 -69.21
CA VAL O 826 79.60 -56.47 -67.83
C VAL O 826 79.96 -57.92 -67.59
N VAL O 827 80.94 -58.16 -66.74
CA VAL O 827 81.40 -59.51 -66.43
C VAL O 827 80.65 -60.01 -65.20
N VAL O 828 80.01 -61.17 -65.35
CA VAL O 828 79.04 -61.68 -64.41
C VAL O 828 79.57 -62.98 -63.83
N ASN O 829 79.21 -63.31 -62.59
CA ASN O 829 79.51 -64.63 -62.06
C ASN O 829 78.58 -65.68 -62.66
N SER O 830 79.13 -66.87 -62.92
CA SER O 830 78.33 -67.98 -63.40
C SER O 830 77.85 -68.88 -62.28
N ASP O 831 78.05 -68.48 -61.03
CA ASP O 831 77.51 -69.25 -59.91
C ASP O 831 76.04 -68.96 -59.72
N LEU O 832 75.54 -67.88 -60.31
CA LEU O 832 74.11 -67.62 -60.30
C LEU O 832 73.38 -68.57 -61.22
N ILE O 833 74.07 -69.04 -62.26
CA ILE O 833 73.51 -70.06 -63.15
C ILE O 833 73.71 -71.45 -62.54
N LYS O 834 74.62 -71.57 -61.56
CA LYS O 834 74.94 -72.88 -60.99
C LYS O 834 73.77 -73.44 -60.17
N LEU O 835 72.85 -72.58 -59.74
CA LEU O 835 71.66 -73.04 -59.02
C LEU O 835 70.79 -73.91 -59.95
N PRO O 836 70.21 -75.00 -59.44
CA PRO O 836 69.54 -75.96 -60.32
C PRO O 836 68.23 -75.44 -60.87
N GLY O 837 67.79 -76.04 -61.98
CA GLY O 837 66.57 -75.63 -62.62
C GLY O 837 66.64 -74.31 -63.34
N VAL O 838 67.84 -73.84 -63.66
CA VAL O 838 68.04 -72.44 -64.05
C VAL O 838 67.47 -72.15 -65.43
N ASP O 839 67.69 -73.04 -66.40
CA ASP O 839 67.55 -72.76 -67.83
C ASP O 839 68.16 -71.41 -68.21
N PRO O 840 69.53 -71.32 -68.30
CA PRO O 840 70.24 -70.04 -68.41
C PRO O 840 69.79 -69.09 -69.50
N TYR O 841 69.23 -69.63 -70.59
CA TYR O 841 68.62 -68.78 -71.61
C TYR O 841 67.35 -68.12 -71.09
N LYS O 842 66.50 -68.88 -70.39
CA LYS O 842 65.25 -68.32 -69.87
C LYS O 842 65.51 -67.34 -68.74
N LEU O 843 66.57 -67.56 -67.97
CA LEU O 843 66.98 -66.56 -66.98
C LEU O 843 67.49 -65.30 -67.69
N GLU O 844 68.21 -65.48 -68.79
CA GLU O 844 68.83 -64.34 -69.48
C GLU O 844 67.79 -63.46 -70.14
N GLU O 845 66.62 -64.03 -70.47
CA GLU O 845 65.51 -63.20 -70.93
C GLU O 845 64.99 -62.31 -69.81
N TRP O 846 65.13 -62.74 -68.56
CA TRP O 846 64.68 -61.90 -67.45
C TRP O 846 65.76 -60.91 -67.02
N VAL O 847 67.04 -61.28 -67.11
CA VAL O 847 68.11 -60.41 -66.62
C VAL O 847 68.21 -59.15 -67.48
N LYS O 848 68.18 -59.30 -68.80
CA LYS O 848 68.21 -58.12 -69.66
C LYS O 848 66.84 -57.42 -69.73
N GLU O 849 65.80 -58.04 -69.15
CA GLU O 849 64.47 -57.43 -69.14
C GLU O 849 64.42 -56.21 -68.22
N THR O 850 65.03 -56.32 -67.03
CA THR O 850 64.94 -55.23 -66.07
C THR O 850 65.99 -54.15 -66.34
N ILE O 851 67.24 -54.55 -66.60
CA ILE O 851 68.32 -53.57 -66.74
C ILE O 851 68.32 -52.88 -68.10
N LEU O 852 67.40 -53.27 -68.99
CA LEU O 852 67.19 -52.54 -70.24
C LEU O 852 66.83 -51.08 -70.00
N THR O 853 65.97 -50.83 -69.02
CA THR O 853 65.58 -49.47 -68.68
C THR O 853 66.73 -48.72 -68.03
N GLU O 854 67.62 -49.45 -67.35
CA GLU O 854 68.69 -48.81 -66.59
C GLU O 854 69.77 -48.24 -67.51
N PHE O 855 69.96 -48.84 -68.68
CA PHE O 855 71.02 -48.37 -69.57
C PHE O 855 70.54 -47.19 -70.42
N PRO O 856 71.47 -46.35 -70.87
CA PRO O 856 71.14 -45.39 -71.92
C PRO O 856 70.81 -46.08 -73.24
N ALA O 857 70.15 -45.35 -74.13
CA ALA O 857 69.70 -45.93 -75.39
C ALA O 857 70.88 -46.17 -76.33
N HIS O 858 71.80 -45.22 -76.40
CA HIS O 858 72.96 -45.39 -77.27
C HIS O 858 73.95 -46.38 -76.68
N ILE O 859 73.98 -46.48 -75.36
CA ILE O 859 75.02 -47.27 -74.71
C ILE O 859 74.65 -48.74 -74.80
N SER O 860 75.64 -49.57 -75.08
CA SER O 860 75.42 -50.92 -75.59
C SER O 860 76.17 -51.92 -74.72
N MET O 861 75.57 -53.09 -74.52
CA MET O 861 76.02 -54.03 -73.50
C MET O 861 76.18 -55.44 -74.07
N ILE O 862 77.39 -55.98 -73.99
CA ILE O 862 77.65 -57.40 -74.15
C ILE O 862 78.18 -57.93 -72.84
N ILE O 863 77.73 -59.12 -72.43
CA ILE O 863 78.11 -59.69 -71.15
C ILE O 863 78.87 -60.99 -71.37
N HIS O 864 79.80 -61.28 -70.47
CA HIS O 864 80.64 -62.47 -70.55
C HIS O 864 80.78 -63.03 -69.15
N TRP O 865 80.20 -64.20 -68.89
CA TRP O 865 80.20 -64.76 -67.55
C TRP O 865 81.03 -66.03 -67.50
N MET O 866 81.84 -66.15 -66.44
CA MET O 866 82.85 -67.20 -66.29
C MET O 866 82.76 -67.80 -64.88
N ASP O 867 83.63 -68.76 -64.60
CA ASP O 867 83.59 -69.52 -63.35
C ASP O 867 84.06 -68.69 -62.16
N ARG O 868 84.18 -69.35 -61.01
CA ARG O 868 84.59 -68.65 -59.79
C ARG O 868 86.05 -68.25 -59.83
N GLU O 869 86.91 -69.06 -60.46
CA GLU O 869 88.34 -68.80 -60.40
C GLU O 869 88.75 -67.74 -61.42
N ALA O 870 88.16 -67.77 -62.62
CA ALA O 870 88.50 -66.76 -63.61
C ALA O 870 87.85 -65.43 -63.27
N PHE O 871 86.80 -65.45 -62.45
CA PHE O 871 86.23 -64.20 -61.95
C PHE O 871 87.17 -63.56 -60.92
N LEU O 872 87.75 -64.39 -60.04
CA LEU O 872 88.61 -63.86 -58.99
C LEU O 872 89.94 -63.38 -59.53
N ASN O 873 90.38 -63.94 -60.66
CA ASN O 873 91.56 -63.39 -61.31
C ASN O 873 91.24 -62.05 -61.96
N PHE O 874 90.02 -61.88 -62.45
CA PHE O 874 89.59 -60.57 -62.91
C PHE O 874 89.40 -59.61 -61.75
N ALA O 875 88.95 -60.12 -60.61
CA ALA O 875 88.58 -59.26 -59.49
C ALA O 875 89.81 -58.61 -58.86
N ASN O 876 90.97 -59.25 -58.98
CA ASN O 876 92.20 -58.62 -58.53
C ASN O 876 92.67 -57.58 -59.53
N THR O 877 92.56 -57.88 -60.81
CA THR O 877 93.16 -57.01 -61.83
C THR O 877 92.36 -55.74 -62.04
N TYR O 878 91.06 -55.77 -61.70
CA TYR O 878 90.26 -54.57 -61.85
C TYR O 878 90.60 -53.55 -60.78
N GLN O 879 90.91 -54.01 -59.56
CA GLN O 879 91.11 -53.07 -58.47
C GLN O 879 92.48 -52.40 -58.56
N ARG O 880 93.50 -53.14 -58.99
CA ARG O 880 94.81 -52.54 -59.21
C ARG O 880 94.77 -51.59 -60.39
N TRP O 881 93.89 -51.85 -61.35
CA TRP O 881 93.64 -50.94 -62.46
C TRP O 881 92.99 -49.65 -61.97
N GLN O 882 92.06 -49.75 -61.03
CA GLN O 882 91.32 -48.57 -60.59
C GLN O 882 92.07 -47.81 -59.50
N ASN O 883 92.93 -48.51 -58.74
CA ASN O 883 93.72 -47.83 -57.73
C ASN O 883 94.83 -46.99 -58.36
N ASN O 884 95.31 -47.40 -59.53
CA ASN O 884 96.31 -46.60 -60.22
C ASN O 884 95.67 -45.40 -60.91
N GLY O 885 94.39 -45.50 -61.23
CA GLY O 885 93.70 -44.39 -61.85
C GLY O 885 93.45 -44.59 -63.32
N THR O 886 93.12 -45.82 -63.69
CA THR O 886 93.02 -46.27 -65.09
C THR O 886 94.25 -45.90 -65.93
N PRO O 887 95.36 -46.63 -65.76
CA PRO O 887 96.48 -46.44 -66.68
C PRO O 887 96.35 -47.35 -67.89
N LEU O 888 97.17 -47.09 -68.90
CA LEU O 888 97.22 -47.93 -70.08
C LEU O 888 98.32 -48.97 -70.01
N GLY O 889 98.78 -49.30 -68.80
CA GLY O 889 99.90 -50.20 -68.61
C GLY O 889 99.49 -51.67 -68.65
N ASP O 890 100.21 -52.46 -67.85
CA ASP O 890 100.06 -53.91 -67.91
C ASP O 890 98.77 -54.37 -67.26
N ALA O 891 98.19 -53.55 -66.38
CA ALA O 891 96.94 -53.92 -65.73
C ALA O 891 95.77 -53.84 -66.72
N ALA O 892 95.85 -52.90 -67.67
CA ALA O 892 94.77 -52.76 -68.64
C ALA O 892 94.88 -53.80 -69.74
N TYR O 893 96.11 -54.19 -70.09
CA TYR O 893 96.29 -55.17 -71.17
C TYR O 893 95.90 -56.56 -70.71
N SER O 894 95.98 -56.84 -69.41
CA SER O 894 95.47 -58.09 -68.88
C SER O 894 93.96 -58.14 -68.98
N ILE O 895 93.30 -57.02 -68.72
CA ILE O 895 91.84 -56.94 -68.88
C ILE O 895 91.47 -57.04 -70.36
N LEU O 896 92.33 -56.50 -71.23
CA LEU O 896 92.09 -56.59 -72.66
C LEU O 896 92.26 -58.02 -73.15
N GLU O 897 93.12 -58.79 -72.47
CA GLU O 897 93.26 -60.21 -72.78
C GLU O 897 92.07 -61.00 -72.28
N SER O 898 91.43 -60.53 -71.20
CA SER O 898 90.35 -61.27 -70.57
C SER O 898 89.09 -61.25 -71.42
N LEU O 899 88.97 -60.26 -72.31
CA LEU O 899 87.89 -60.26 -73.27
C LEU O 899 88.33 -60.91 -74.58
N THR O 900 87.45 -60.85 -75.57
CA THR O 900 87.76 -61.36 -76.91
C THR O 900 88.84 -60.52 -77.60
N LEU O 901 88.95 -59.23 -77.26
CA LEU O 901 89.48 -58.23 -78.18
C LEU O 901 90.98 -58.39 -78.45
N GLY O 902 91.69 -59.08 -77.57
CA GLY O 902 93.09 -59.40 -77.81
C GLY O 902 94.02 -58.25 -77.48
N LYS O 903 95.20 -58.60 -76.99
CA LYS O 903 96.13 -57.61 -76.46
C LYS O 903 97.55 -57.97 -76.88
N LEU O 904 98.46 -57.00 -76.70
CA LEU O 904 99.87 -57.22 -76.97
C LEU O 904 100.58 -57.53 -75.66
N PRO O 905 100.71 -58.79 -75.27
CA PRO O 905 101.35 -59.11 -73.99
C PRO O 905 102.80 -59.51 -74.13
N SER O 906 103.40 -59.23 -75.30
CA SER O 906 104.68 -59.83 -75.66
C SER O 906 105.84 -59.22 -74.88
N ALA O 907 105.64 -58.04 -74.30
CA ALA O 907 106.73 -57.39 -73.56
C ALA O 907 106.97 -58.07 -72.21
N LEU O 908 105.93 -58.64 -71.62
CA LEU O 908 105.98 -59.31 -70.33
C LEU O 908 105.77 -60.82 -70.44
N LYS O 909 106.43 -61.47 -71.41
CA LYS O 909 106.24 -62.85 -71.91
C LYS O 909 106.12 -63.85 -70.77
N GLY O 910 107.03 -63.87 -69.80
CA GLY O 910 106.94 -64.83 -68.71
C GLY O 910 106.00 -64.43 -67.61
N ALA P 6 2.73 -61.65 -28.89
CA ALA P 6 2.45 -60.28 -28.46
C ALA P 6 0.99 -59.93 -28.73
N LEU P 7 0.09 -60.84 -28.37
CA LEU P 7 -1.34 -60.56 -28.52
C LEU P 7 -1.84 -59.69 -27.38
N PHE P 8 -1.07 -59.57 -26.30
CA PHE P 8 -1.56 -58.91 -25.10
C PHE P 8 -1.65 -57.41 -25.27
N HIS P 9 -0.70 -56.80 -25.99
CA HIS P 9 -0.61 -55.35 -26.01
C HIS P 9 -1.70 -54.71 -26.85
N SER P 10 -2.32 -55.47 -27.75
CA SER P 10 -3.36 -54.91 -28.58
C SER P 10 -4.73 -55.08 -27.95
N VAL P 11 -4.90 -56.12 -27.13
CA VAL P 11 -6.19 -56.43 -26.52
C VAL P 11 -6.26 -55.89 -25.08
N LYS P 12 -5.20 -55.21 -24.63
CA LYS P 12 -5.02 -54.87 -23.22
C LYS P 12 -6.09 -53.93 -22.70
N ASP P 13 -6.59 -53.05 -23.55
CA ASP P 13 -7.67 -52.16 -23.14
C ASP P 13 -9.00 -52.89 -23.10
N ASP P 14 -9.06 -54.08 -23.72
CA ASP P 14 -10.35 -54.73 -23.92
C ASP P 14 -10.60 -55.83 -22.89
N ILE P 15 -9.57 -56.58 -22.51
CA ILE P 15 -9.77 -57.61 -21.48
C ILE P 15 -9.51 -56.99 -20.13
N HIS P 16 -10.45 -56.22 -19.63
CA HIS P 16 -10.20 -55.39 -18.47
C HIS P 16 -11.45 -55.36 -17.61
N PHE P 17 -11.26 -55.19 -16.30
CA PHE P 17 -12.38 -55.15 -15.37
C PHE P 17 -13.26 -53.93 -15.64
N ASP P 18 -12.66 -52.79 -15.97
CA ASP P 18 -13.43 -51.56 -16.12
C ASP P 18 -14.24 -51.57 -17.40
N THR P 19 -13.81 -52.36 -18.39
CA THR P 19 -14.52 -52.38 -19.67
C THR P 19 -15.43 -53.59 -19.79
N LEU P 20 -15.15 -54.66 -19.03
CA LEU P 20 -16.09 -55.77 -19.00
C LEU P 20 -17.27 -55.46 -18.11
N LEU P 21 -17.06 -54.63 -17.09
CA LEU P 21 -18.18 -54.24 -16.23
C LEU P 21 -19.12 -53.30 -16.95
N GLU P 22 -18.59 -52.43 -17.82
CA GLU P 22 -19.45 -51.55 -18.60
C GLU P 22 -20.24 -52.33 -19.63
N GLN P 23 -19.71 -53.47 -20.07
CA GLN P 23 -20.49 -54.38 -20.89
C GLN P 23 -21.62 -55.01 -20.10
N ALA P 24 -21.36 -55.30 -18.84
CA ALA P 24 -22.33 -56.06 -18.04
C ALA P 24 -23.45 -55.18 -17.53
N HIS P 25 -23.17 -53.90 -17.28
CA HIS P 25 -24.22 -52.98 -16.86
C HIS P 25 -25.19 -52.69 -18.00
N GLN P 26 -24.71 -52.74 -19.23
CA GLN P 26 -25.57 -52.42 -20.37
C GLN P 26 -26.54 -53.54 -20.67
N VAL P 27 -26.23 -54.76 -20.25
CA VAL P 27 -27.20 -55.85 -20.38
C VAL P 27 -28.28 -55.71 -19.33
N ILE P 28 -27.94 -55.17 -18.16
CA ILE P 28 -28.94 -55.00 -17.11
C ILE P 28 -29.80 -53.79 -17.39
N GLU P 29 -29.20 -52.73 -17.93
CA GLU P 29 -29.91 -51.47 -18.09
C GLU P 29 -30.89 -51.53 -19.25
N LYS P 30 -30.72 -52.47 -20.17
CA LYS P 30 -31.67 -52.61 -21.26
C LYS P 30 -32.77 -53.60 -20.90
N GLN P 31 -32.43 -54.69 -20.21
CA GLN P 31 -33.36 -55.80 -20.11
C GLN P 31 -34.12 -55.78 -18.79
N ALA P 32 -33.49 -55.34 -17.71
CA ALA P 32 -34.13 -55.30 -16.41
C ALA P 32 -34.04 -53.94 -15.74
N GLU P 33 -34.36 -52.87 -16.47
CA GLU P 33 -34.26 -51.53 -15.89
C GLU P 33 -35.44 -51.23 -14.99
N LYS P 34 -36.53 -51.99 -15.12
CA LYS P 34 -37.71 -51.72 -14.31
C LYS P 34 -37.70 -52.52 -13.01
N LEU P 35 -37.24 -53.77 -13.08
CA LEU P 35 -37.29 -54.62 -11.89
C LEU P 35 -36.02 -54.48 -11.07
N TRP P 36 -34.93 -54.06 -11.69
CA TRP P 36 -33.63 -53.96 -11.03
C TRP P 36 -33.08 -52.56 -11.34
N SER P 37 -33.50 -51.58 -10.55
CA SER P 37 -33.25 -50.19 -10.85
C SER P 37 -32.11 -49.60 -10.04
N ASP P 38 -31.61 -50.32 -9.04
CA ASP P 38 -30.52 -49.85 -8.21
C ASP P 38 -29.29 -50.70 -8.51
N THR P 39 -28.35 -50.11 -9.26
CA THR P 39 -27.11 -50.80 -9.61
C THR P 39 -25.91 -50.15 -8.94
N ALA P 40 -26.10 -49.60 -7.74
CA ALA P 40 -25.02 -48.96 -7.02
C ALA P 40 -24.05 -50.00 -6.48
N GLU P 41 -22.97 -49.53 -5.85
CA GLU P 41 -21.92 -50.44 -5.43
C GLU P 41 -22.23 -51.16 -4.13
N HIS P 42 -23.45 -51.06 -3.61
CA HIS P 42 -23.75 -51.68 -2.33
C HIS P 42 -24.37 -53.06 -2.50
N ASP P 43 -25.23 -53.25 -3.54
CA ASP P 43 -26.18 -54.37 -3.49
C ASP P 43 -25.48 -55.69 -3.80
N PRO P 44 -26.04 -56.81 -3.34
CA PRO P 44 -25.42 -58.11 -3.65
C PRO P 44 -25.46 -58.50 -5.12
N GLY P 45 -26.29 -57.85 -5.92
CA GLY P 45 -26.36 -58.22 -7.33
C GLY P 45 -25.12 -57.82 -8.11
N ILE P 46 -24.58 -56.64 -7.81
CA ILE P 46 -23.42 -56.15 -8.53
C ILE P 46 -22.15 -56.80 -8.02
N THR P 47 -22.11 -57.10 -6.71
CA THR P 47 -20.91 -57.72 -6.14
C THR P 47 -20.74 -59.16 -6.60
N PHE P 48 -21.83 -59.79 -7.04
CA PHE P 48 -21.72 -61.12 -7.62
C PHE P 48 -21.19 -60.93 -9.04
N LEU P 49 -21.69 -59.90 -9.70
CA LEU P 49 -21.25 -59.60 -11.05
C LEU P 49 -19.81 -59.11 -11.09
N GLN P 50 -19.41 -58.32 -10.10
CA GLN P 50 -18.03 -57.86 -10.06
C GLN P 50 -17.08 -59.00 -9.71
N GLY P 51 -17.57 -60.01 -9.00
CA GLY P 51 -16.78 -61.20 -8.82
C GLY P 51 -16.61 -61.99 -10.10
N ILE P 52 -17.67 -62.04 -10.91
CA ILE P 52 -17.63 -62.82 -12.15
C ILE P 52 -16.86 -62.06 -13.22
N SER P 53 -17.06 -60.74 -13.33
CA SER P 53 -16.42 -59.97 -14.38
C SER P 53 -14.93 -59.77 -14.11
N TYR P 54 -14.49 -60.05 -12.89
CA TYR P 54 -13.07 -60.16 -12.63
C TYR P 54 -12.55 -61.56 -12.95
N GLY P 55 -13.42 -62.57 -12.79
CA GLY P 55 -13.02 -63.91 -13.14
C GLY P 55 -12.93 -64.12 -14.63
N VAL P 56 -13.75 -63.39 -15.40
CA VAL P 56 -13.65 -63.43 -16.85
C VAL P 56 -12.41 -62.67 -17.31
N SER P 57 -12.10 -61.55 -16.66
CA SER P 57 -10.87 -60.82 -16.95
C SER P 57 -9.64 -61.63 -16.56
N ASP P 58 -9.76 -62.45 -15.51
CA ASP P 58 -8.72 -63.42 -15.20
C ASP P 58 -8.64 -64.47 -16.30
N LEU P 59 -9.79 -64.97 -16.76
CA LEU P 59 -9.82 -66.08 -17.70
C LEU P 59 -9.37 -65.65 -19.09
N ALA P 60 -9.63 -64.40 -19.45
CA ALA P 60 -9.27 -63.93 -20.79
C ALA P 60 -7.83 -63.46 -20.83
N TYR P 61 -7.21 -63.26 -19.66
CA TYR P 61 -5.79 -62.91 -19.64
C TYR P 61 -4.92 -64.11 -20.02
N ARG P 62 -5.39 -65.33 -19.71
CA ARG P 62 -4.58 -66.52 -20.00
C ARG P 62 -4.55 -66.84 -21.49
N HIS P 63 -5.46 -66.25 -22.27
CA HIS P 63 -5.43 -66.46 -23.71
C HIS P 63 -4.35 -65.60 -24.36
N THR P 64 -4.00 -64.48 -23.72
CA THR P 64 -3.05 -63.55 -24.32
C THR P 64 -1.61 -63.86 -23.97
N LEU P 65 -1.33 -65.01 -23.36
CA LEU P 65 0.05 -65.43 -23.17
C LEU P 65 0.63 -65.83 -24.53
N PRO P 66 1.95 -65.75 -24.69
CA PRO P 66 2.55 -66.09 -25.99
C PRO P 66 2.39 -67.56 -26.34
N LEU P 67 2.31 -67.84 -27.64
CA LEU P 67 1.82 -69.12 -28.11
C LEU P 67 2.84 -70.24 -27.87
N LYS P 68 4.10 -69.89 -27.70
CA LYS P 68 5.09 -70.91 -27.36
C LYS P 68 4.92 -71.37 -25.92
N ASP P 69 4.32 -70.53 -25.07
CA ASP P 69 4.15 -70.90 -23.66
C ASP P 69 2.79 -71.52 -23.41
N LEU P 70 1.81 -71.25 -24.29
CA LEU P 70 0.53 -71.91 -24.16
C LEU P 70 0.61 -73.34 -24.66
N LEU P 71 1.40 -73.57 -25.71
CA LEU P 71 1.36 -74.86 -26.40
C LEU P 71 2.31 -75.86 -25.77
N THR P 72 3.21 -75.41 -24.92
CA THR P 72 4.05 -76.36 -24.22
C THR P 72 3.25 -77.03 -23.11
N PRO P 73 3.36 -78.34 -22.95
CA PRO P 73 2.69 -79.02 -21.85
C PRO P 73 3.50 -78.90 -20.56
N ALA P 74 2.93 -79.44 -19.49
CA ALA P 74 3.59 -79.48 -18.21
C ALA P 74 4.83 -80.38 -18.30
N PRO P 75 5.87 -80.07 -17.50
CA PRO P 75 7.13 -80.84 -17.64
C PRO P 75 7.05 -82.29 -17.22
N ASP P 76 5.96 -82.73 -16.57
CA ASP P 76 5.85 -84.14 -16.24
C ASP P 76 5.47 -84.97 -17.46
N GLU P 77 4.69 -84.39 -18.38
CA GLU P 77 4.25 -85.09 -19.58
C GLU P 77 4.73 -84.31 -20.81
N GLN P 78 5.75 -84.83 -21.47
CA GLN P 78 6.25 -84.26 -22.70
C GLN P 78 6.57 -85.35 -23.70
N GLN P 79 6.19 -85.13 -24.95
CA GLN P 79 6.80 -85.83 -26.07
C GLN P 79 8.18 -85.19 -26.26
N GLN P 80 9.15 -85.99 -26.70
CA GLN P 80 10.60 -85.81 -26.46
C GLN P 80 11.07 -84.43 -26.94
N GLU P 81 10.96 -84.11 -28.22
CA GLU P 81 11.35 -82.77 -28.66
C GLU P 81 10.15 -81.85 -28.59
N GLY P 82 10.32 -80.62 -29.07
CA GLY P 82 9.43 -79.53 -28.69
C GLY P 82 8.05 -79.55 -29.33
N ILE P 83 7.49 -78.34 -29.41
CA ILE P 83 6.08 -78.00 -29.66
C ILE P 83 5.45 -78.79 -30.79
N PHE P 84 6.13 -78.81 -31.94
CA PHE P 84 5.76 -79.74 -32.97
C PHE P 84 6.76 -80.90 -32.95
N PRO P 85 6.29 -82.12 -33.17
CA PRO P 85 7.19 -83.29 -33.06
C PRO P 85 8.30 -83.26 -34.10
N ALA P 86 9.35 -84.04 -33.84
CA ALA P 86 10.56 -83.95 -34.67
C ALA P 86 10.34 -84.55 -36.05
N GLU P 87 9.28 -85.32 -36.22
CA GLU P 87 8.93 -85.82 -37.56
C GLU P 87 8.34 -84.70 -38.41
N PHE P 88 7.88 -83.63 -37.78
CA PHE P 88 7.18 -82.57 -38.50
C PHE P 88 8.08 -81.39 -38.83
N GLY P 89 9.39 -81.52 -38.66
CA GLY P 89 10.30 -80.46 -39.01
C GLY P 89 10.41 -80.27 -40.51
N PRO P 90 11.07 -79.20 -40.94
CA PRO P 90 11.21 -78.94 -42.38
C PRO P 90 12.09 -79.95 -43.11
N HIS P 91 12.88 -80.71 -42.36
CA HIS P 91 13.72 -81.74 -42.96
C HIS P 91 12.89 -82.93 -43.41
N ASN P 92 11.66 -83.07 -42.89
CA ASN P 92 10.83 -84.19 -43.30
C ASN P 92 9.53 -83.72 -43.93
N THR P 93 9.17 -82.45 -43.73
CA THR P 93 7.90 -81.96 -44.25
C THR P 93 8.07 -81.36 -45.64
N LEU P 94 9.26 -80.86 -45.95
CA LEU P 94 9.48 -80.26 -47.26
C LEU P 94 10.13 -81.25 -48.21
N THR P 95 10.99 -82.13 -47.69
CA THR P 95 11.71 -83.06 -48.53
C THR P 95 10.80 -84.20 -48.96
N CYS P 96 10.96 -84.61 -50.22
CA CYS P 96 10.20 -85.72 -50.76
C CYS P 96 11.15 -86.87 -51.07
N GLY P 97 10.56 -88.01 -51.40
CA GLY P 97 11.32 -89.22 -51.64
C GLY P 97 12.17 -89.17 -52.89
N PRO P 98 13.15 -90.05 -52.99
CA PRO P 98 14.01 -90.19 -54.18
C PRO P 98 13.32 -90.98 -55.28
N VAL P 99 12.67 -90.27 -56.20
CA VAL P 99 12.02 -90.96 -57.31
C VAL P 99 12.69 -90.63 -58.65
N THR P 100 13.14 -89.39 -58.82
CA THR P 100 13.78 -88.98 -60.08
C THR P 100 15.17 -89.60 -60.18
N ALA P 101 15.68 -89.72 -61.41
CA ALA P 101 17.09 -90.03 -61.61
C ALA P 101 17.97 -88.92 -61.07
N ASP P 102 17.46 -87.69 -60.99
CA ASP P 102 18.25 -86.58 -60.46
C ASP P 102 18.42 -86.66 -58.95
N ASP P 103 17.39 -87.08 -58.21
CA ASP P 103 17.55 -87.12 -56.76
C ASP P 103 17.92 -88.52 -56.28
N TYR P 104 17.88 -89.51 -57.18
CA TYR P 104 18.72 -90.68 -57.00
C TYR P 104 20.18 -90.29 -56.91
N ARG P 105 20.60 -89.39 -57.80
CA ARG P 105 21.97 -88.88 -57.78
C ARG P 105 22.24 -88.06 -56.53
N LYS P 106 21.23 -87.36 -56.02
CA LYS P 106 21.41 -86.59 -54.79
C LYS P 106 21.57 -87.52 -53.60
N ALA P 107 20.92 -88.68 -53.63
CA ALA P 107 20.99 -89.60 -52.50
C ALA P 107 22.24 -90.46 -52.55
N LEU P 108 22.62 -90.92 -53.74
CA LEU P 108 23.78 -91.78 -53.87
C LEU P 108 25.08 -91.02 -53.64
N LEU P 109 25.09 -89.72 -53.97
CA LEU P 109 26.26 -88.90 -53.71
C LEU P 109 26.48 -88.66 -52.22
N ASP P 110 25.47 -88.94 -51.40
CA ASP P 110 25.56 -88.62 -49.98
C ASP P 110 26.40 -89.65 -49.22
N LEU P 111 26.41 -90.89 -49.71
CA LEU P 111 26.84 -92.02 -48.90
C LEU P 111 28.33 -91.94 -48.58
N HIS P 112 28.66 -92.26 -47.34
CA HIS P 112 29.93 -91.86 -46.78
C HIS P 112 30.47 -92.98 -45.90
N SER P 113 31.79 -93.03 -45.76
CA SER P 113 32.45 -94.12 -45.05
C SER P 113 32.16 -94.09 -43.55
N SER P 114 31.91 -92.92 -42.97
CA SER P 114 31.63 -92.89 -41.53
C SER P 114 30.17 -93.22 -41.27
N ASP P 115 29.34 -93.22 -42.31
CA ASP P 115 27.96 -93.67 -42.16
C ASP P 115 27.89 -95.19 -42.06
N SER P 116 28.95 -95.88 -42.47
CA SER P 116 29.04 -97.33 -42.32
C SER P 116 29.04 -97.70 -40.85
N LEU P 117 28.38 -98.81 -40.52
CA LEU P 117 28.15 -99.14 -39.12
C LEU P 117 29.38 -99.77 -38.48
N ASP P 118 30.37 -100.14 -39.30
CA ASP P 118 31.57 -100.80 -38.81
C ASP P 118 32.74 -100.49 -39.72
N GLY P 119 33.94 -100.49 -39.14
CA GLY P 119 35.17 -100.47 -39.91
C GLY P 119 35.76 -99.08 -40.07
N THR P 120 37.06 -99.06 -40.40
CA THR P 120 37.90 -97.92 -40.74
C THR P 120 37.88 -96.80 -39.70
N GLN P 121 37.78 -97.14 -38.39
CA GLN P 121 38.02 -96.27 -37.21
C GLN P 121 37.41 -94.86 -37.30
N GLN P 122 36.31 -94.76 -38.04
CA GLN P 122 35.35 -93.66 -38.17
C GLN P 122 35.95 -92.32 -38.63
N ASP P 123 37.25 -92.28 -38.95
CA ASP P 123 37.88 -91.01 -39.31
C ASP P 123 38.23 -90.94 -40.79
N GLU P 124 38.68 -92.06 -41.38
CA GLU P 124 39.04 -92.04 -42.79
C GLU P 124 37.81 -91.94 -43.66
N GLY P 125 38.03 -91.52 -44.91
CA GLY P 125 37.02 -91.70 -45.93
C GLY P 125 36.51 -90.42 -46.56
N ASP P 126 36.35 -90.43 -47.88
CA ASP P 126 35.56 -89.42 -48.57
C ASP P 126 34.13 -89.95 -48.63
N PHE P 127 33.26 -89.24 -49.33
CA PHE P 127 31.98 -89.81 -49.71
C PHE P 127 32.22 -90.93 -50.70
N LEU P 128 31.31 -91.91 -50.72
CA LEU P 128 31.58 -93.18 -51.37
C LEU P 128 31.69 -93.05 -52.88
N PHE P 129 31.00 -92.07 -53.47
CA PHE P 129 30.95 -91.93 -54.92
C PHE P 129 31.13 -90.45 -55.27
N ARG P 130 32.03 -90.19 -56.21
CA ARG P 130 32.23 -88.82 -56.66
C ARG P 130 31.16 -88.41 -57.66
N SER P 131 30.65 -89.38 -58.44
CA SER P 131 29.51 -89.15 -59.30
C SER P 131 28.83 -90.49 -59.54
N VAL P 132 27.52 -90.44 -59.77
CA VAL P 132 26.76 -91.63 -60.15
C VAL P 132 25.89 -91.25 -61.33
N GLN P 133 25.42 -92.24 -62.06
CA GLN P 133 24.44 -92.02 -63.10
C GLN P 133 23.50 -93.21 -63.14
N LEU P 134 22.26 -92.98 -62.76
CA LEU P 134 21.21 -93.98 -62.85
C LEU P 134 20.40 -93.67 -64.10
N VAL P 135 20.10 -94.70 -64.88
CA VAL P 135 19.35 -94.55 -66.12
C VAL P 135 18.63 -95.88 -66.33
N ARG P 136 17.63 -95.86 -67.19
CA ARG P 136 17.00 -97.11 -67.60
C ARG P 136 18.01 -97.99 -68.35
N GLU P 137 17.89 -99.29 -68.15
CA GLU P 137 18.77 -100.28 -68.73
C GLU P 137 18.64 -100.31 -70.25
N PRO P 138 19.63 -100.86 -70.95
CA PRO P 138 19.51 -101.03 -72.40
C PRO P 138 18.32 -101.92 -72.78
N GLU P 139 17.68 -101.55 -73.89
CA GLU P 139 16.40 -102.14 -74.26
C GLU P 139 16.55 -103.57 -74.78
N LYS P 140 17.75 -103.97 -75.18
CA LYS P 140 17.90 -105.28 -75.80
C LYS P 140 17.88 -106.39 -74.76
N GLN P 141 18.37 -106.12 -73.54
CA GLN P 141 18.38 -107.10 -72.46
C GLN P 141 17.63 -106.52 -71.23
N ARG P 142 16.32 -106.73 -71.24
CA ARG P 142 15.45 -106.09 -70.25
C ARG P 142 14.64 -107.13 -69.48
N TYR P 143 15.35 -108.16 -68.99
CA TYR P 143 14.77 -109.33 -68.32
C TYR P 143 13.74 -109.99 -69.22
N THR P 144 14.16 -110.37 -70.42
CA THR P 144 13.26 -111.09 -71.29
C THR P 144 13.25 -112.56 -70.87
N TYR P 145 12.05 -113.15 -70.84
CA TYR P 145 11.88 -114.50 -70.32
C TYR P 145 10.85 -115.24 -71.14
N TRP P 146 11.14 -116.51 -71.40
CA TRP P 146 10.15 -117.47 -71.85
C TRP P 146 9.76 -118.30 -70.64
N TYR P 147 8.73 -119.14 -70.80
CA TYR P 147 8.01 -119.87 -69.72
C TYR P 147 7.74 -119.05 -68.46
N ALA P 162 5.28 -119.05 -71.63
CA ALA P 162 5.25 -119.52 -73.01
C ALA P 162 6.25 -118.75 -73.88
N LYS P 163 5.73 -117.92 -74.78
CA LYS P 163 6.53 -117.16 -75.75
C LYS P 163 7.20 -115.97 -75.04
N GLU P 164 7.81 -115.09 -75.83
CA GLU P 164 8.65 -114.02 -75.34
C GLU P 164 7.84 -113.02 -74.51
N PHE P 165 8.32 -112.74 -73.31
CA PHE P 165 7.75 -111.73 -72.43
C PHE P 165 8.89 -110.94 -71.82
N THR P 166 8.89 -109.64 -72.03
CA THR P 166 9.88 -108.75 -71.46
C THR P 166 9.34 -108.08 -70.21
N LEU P 167 10.19 -107.98 -69.19
CA LEU P 167 9.84 -107.28 -67.96
C LEU P 167 9.96 -105.80 -68.21
N ARG P 168 8.90 -105.07 -67.89
CA ARG P 168 8.98 -103.61 -67.86
C ARG P 168 9.29 -103.14 -66.45
N GLY P 169 10.29 -102.28 -66.33
CA GLY P 169 10.54 -101.61 -65.06
C GLY P 169 11.58 -102.19 -64.14
N ASN P 170 12.82 -102.35 -64.60
CA ASN P 170 13.99 -102.47 -63.73
C ASN P 170 15.19 -101.85 -64.41
N TYR P 171 15.91 -100.98 -63.70
CA TYR P 171 17.00 -100.23 -64.30
C TYR P 171 18.36 -100.70 -63.79
N TRP P 172 19.40 -100.21 -64.44
CA TRP P 172 20.79 -100.42 -64.02
C TRP P 172 21.41 -99.08 -63.63
N LEU P 173 22.45 -99.12 -62.80
CA LEU P 173 23.16 -97.91 -62.41
C LEU P 173 24.65 -98.09 -62.64
N TYR P 174 25.31 -97.02 -63.03
CA TYR P 174 26.76 -97.01 -63.21
C TYR P 174 27.39 -96.24 -62.07
N LEU P 175 28.30 -96.91 -61.35
CA LEU P 175 28.93 -96.36 -60.17
C LEU P 175 30.34 -95.90 -60.53
N GLU P 176 30.60 -94.62 -60.38
CA GLU P 176 31.94 -94.09 -60.54
C GLU P 176 32.53 -93.90 -59.15
N PRO P 177 33.35 -94.82 -58.66
CA PRO P 177 33.78 -94.73 -57.26
C PRO P 177 34.93 -93.75 -57.11
N THR P 178 35.18 -93.35 -55.86
CA THR P 178 36.20 -92.36 -55.60
C THR P 178 37.55 -93.01 -55.35
N ARG P 179 38.53 -92.18 -54.98
CA ARG P 179 39.88 -92.65 -54.70
C ARG P 179 39.92 -93.49 -53.43
N TRP P 180 39.04 -93.18 -52.47
CA TRP P 180 39.00 -93.94 -51.23
C TRP P 180 38.38 -95.31 -51.44
N THR P 181 37.22 -95.37 -52.08
CA THR P 181 36.48 -96.63 -52.20
C THR P 181 37.07 -97.57 -53.25
N GLN P 182 37.98 -97.06 -54.09
CA GLN P 182 38.72 -97.99 -54.94
C GLN P 182 39.83 -98.68 -54.17
N GLY P 183 40.19 -98.14 -53.00
CA GLY P 183 41.03 -98.88 -52.09
C GLY P 183 40.32 -100.06 -51.46
N ASN P 184 39.06 -99.86 -51.07
CA ASN P 184 38.24 -100.90 -50.45
C ASN P 184 36.90 -100.97 -51.18
N ILE P 185 36.83 -101.84 -52.19
CA ILE P 185 35.59 -102.00 -52.96
C ILE P 185 34.56 -102.76 -52.13
N ALA P 186 35.01 -103.71 -51.29
CA ALA P 186 34.09 -104.60 -50.59
C ALA P 186 33.35 -103.87 -49.47
N ALA P 187 33.91 -102.78 -48.96
CA ALA P 187 33.22 -102.02 -47.93
C ALA P 187 32.08 -101.19 -48.52
N ALA P 188 32.30 -100.63 -49.71
CA ALA P 188 31.25 -99.82 -50.34
C ALA P 188 30.15 -100.70 -50.93
N THR P 189 30.45 -101.98 -51.17
CA THR P 189 29.43 -102.85 -51.74
C THR P 189 28.37 -103.21 -50.71
N ARG P 190 28.77 -103.44 -49.46
CA ARG P 190 27.79 -103.83 -48.45
C ARG P 190 26.96 -102.65 -47.99
N GLN P 191 27.45 -101.42 -48.18
CA GLN P 191 26.71 -100.25 -47.74
C GLN P 191 25.68 -99.83 -48.77
N LEU P 192 26.01 -99.96 -50.07
CA LEU P 192 25.05 -99.61 -51.10
C LEU P 192 23.94 -100.65 -51.21
N THR P 193 24.25 -101.92 -50.94
CA THR P 193 23.21 -102.96 -50.99
C THR P 193 22.25 -102.83 -49.82
N GLU P 194 22.68 -102.19 -48.73
CA GLU P 194 21.76 -101.85 -47.66
C GLU P 194 20.87 -100.67 -48.06
N PHE P 195 21.41 -99.77 -48.86
CA PHE P 195 20.73 -98.50 -49.14
C PHE P 195 19.63 -98.67 -50.18
N LEU P 196 19.82 -99.59 -51.13
CA LEU P 196 18.88 -99.69 -52.24
C LEU P 196 17.59 -100.40 -51.86
N THR P 197 17.61 -101.19 -50.79
CA THR P 197 16.37 -101.79 -50.31
C THR P 197 15.54 -100.77 -49.56
N LYS P 198 16.20 -99.82 -48.90
CA LYS P 198 15.47 -98.79 -48.16
C LYS P 198 14.87 -97.75 -49.09
N ASN P 199 15.43 -97.61 -50.29
CA ASN P 199 14.92 -96.68 -51.28
C ASN P 199 14.33 -97.38 -52.49
N ARG P 200 13.87 -98.62 -52.34
CA ARG P 200 13.28 -99.34 -53.46
C ARG P 200 11.86 -98.86 -53.72
N ASN P 201 11.58 -98.47 -54.96
CA ASN P 201 10.30 -97.87 -55.26
C ASN P 201 9.25 -98.93 -55.62
N ILE P 202 8.16 -98.47 -56.24
CA ILE P 202 6.92 -99.23 -56.21
C ILE P 202 6.93 -100.36 -57.24
N GLY P 203 7.46 -100.10 -58.44
CA GLY P 203 7.52 -101.11 -59.47
C GLY P 203 8.88 -101.29 -60.09
N GLU P 204 9.94 -100.80 -59.45
CA GLU P 204 11.25 -100.75 -60.06
C GLU P 204 12.29 -101.27 -59.07
N SER P 205 13.36 -101.83 -59.61
CA SER P 205 14.43 -102.39 -58.80
C SER P 205 15.70 -102.35 -59.61
N VAL P 206 16.83 -102.46 -58.92
CA VAL P 206 18.11 -102.53 -59.62
C VAL P 206 18.33 -103.96 -60.09
N SER P 207 18.80 -104.11 -61.33
CA SER P 207 19.14 -105.43 -61.83
C SER P 207 20.65 -105.63 -61.88
N ASN P 208 21.36 -104.65 -62.42
CA ASN P 208 22.79 -104.78 -62.66
C ASN P 208 23.50 -103.53 -62.16
N ILE P 209 24.60 -103.72 -61.46
CA ILE P 209 25.41 -102.64 -60.93
C ILE P 209 26.74 -102.63 -61.66
N ILE P 210 27.11 -101.47 -62.19
CA ILE P 210 28.33 -101.31 -62.98
C ILE P 210 29.34 -100.52 -62.18
N TRP P 211 30.55 -101.07 -62.04
CA TRP P 211 31.66 -100.39 -61.41
C TRP P 211 32.57 -99.86 -62.51
N LEU P 212 33.23 -98.73 -62.25
CA LEU P 212 34.05 -98.15 -63.29
C LEU P 212 35.53 -98.34 -63.00
N GLN P 213 36.33 -98.17 -64.05
CA GLN P 213 37.75 -98.44 -64.02
C GLN P 213 38.52 -97.17 -64.31
N PRO P 214 39.62 -96.90 -63.62
CA PRO P 214 40.32 -95.63 -63.80
C PRO P 214 41.25 -95.67 -65.01
N VAL P 215 41.45 -94.50 -65.61
CA VAL P 215 42.51 -94.29 -66.59
C VAL P 215 43.27 -93.03 -66.19
N ASP P 216 44.57 -93.19 -65.95
CA ASP P 216 45.40 -92.05 -65.58
C ASP P 216 45.56 -91.12 -66.77
N LEU P 217 45.13 -89.87 -66.60
CA LEU P 217 45.14 -88.90 -67.68
C LEU P 217 46.30 -87.94 -67.43
N PRO P 218 47.43 -88.12 -68.14
CA PRO P 218 48.72 -87.59 -67.66
C PRO P 218 48.80 -86.07 -67.56
N LEU P 219 48.28 -85.36 -68.56
CA LEU P 219 48.01 -83.91 -68.51
C LEU P 219 49.27 -83.09 -68.27
N LEU P 220 50.15 -83.06 -69.26
CA LEU P 220 51.19 -82.03 -69.28
C LEU P 220 50.58 -80.65 -69.38
N LEU P 221 50.91 -79.81 -68.40
CA LEU P 221 50.54 -78.41 -68.47
C LEU P 221 51.62 -77.58 -67.82
N ASP P 222 52.10 -76.58 -68.56
CA ASP P 222 53.25 -75.78 -68.17
C ASP P 222 52.75 -74.46 -67.62
N VAL P 223 52.77 -74.32 -66.31
CA VAL P 223 52.32 -73.12 -65.62
C VAL P 223 53.46 -72.11 -65.61
N GLU P 224 53.15 -70.87 -65.96
CA GLU P 224 54.07 -69.76 -65.76
C GLU P 224 53.57 -68.88 -64.63
N LEU P 225 54.45 -68.55 -63.72
CA LEU P 225 54.07 -67.86 -62.48
C LEU P 225 54.28 -66.36 -62.62
N ASP P 226 53.68 -65.61 -61.70
CA ASP P 226 53.74 -64.15 -61.77
C ASP P 226 55.11 -63.65 -61.31
N ASP P 227 55.31 -62.33 -61.47
CA ASP P 227 56.60 -61.74 -61.15
C ASP P 227 56.79 -61.60 -59.65
N ASP P 228 55.75 -61.17 -58.94
CA ASP P 228 55.90 -60.78 -57.54
C ASP P 228 55.32 -61.80 -56.58
N VAL P 229 55.45 -63.09 -56.87
CA VAL P 229 55.08 -64.11 -55.90
C VAL P 229 56.19 -64.27 -54.88
N GLY P 230 55.83 -64.64 -53.67
CA GLY P 230 56.84 -65.05 -52.71
C GLY P 230 57.33 -66.46 -52.99
N ALA P 231 58.50 -66.79 -52.43
CA ALA P 231 59.01 -68.14 -52.57
C ALA P 231 58.24 -69.10 -51.67
N GLN P 232 57.64 -68.59 -50.60
CA GLN P 232 56.91 -69.45 -49.68
C GLN P 232 55.46 -69.65 -50.13
N ASP P 233 54.98 -68.84 -51.07
CA ASP P 233 53.64 -68.98 -51.62
C ASP P 233 53.57 -70.03 -52.72
N VAL P 234 54.70 -70.61 -53.10
CA VAL P 234 54.71 -71.58 -54.21
C VAL P 234 54.10 -72.92 -53.82
N PRO P 235 54.26 -73.45 -52.58
CA PRO P 235 53.38 -74.56 -52.18
C PRO P 235 51.90 -74.21 -52.15
N GLY P 236 51.56 -72.93 -52.02
CA GLY P 236 50.18 -72.53 -52.21
C GLY P 236 49.73 -72.63 -53.66
N ILE P 237 50.68 -72.53 -54.59
CA ILE P 237 50.34 -72.61 -56.01
C ILE P 237 50.06 -74.05 -56.43
N PHE P 238 50.90 -74.99 -55.99
CA PHE P 238 50.76 -76.39 -56.38
C PHE P 238 49.47 -77.00 -55.86
N ALA P 239 49.04 -76.57 -54.66
CA ALA P 239 47.78 -77.04 -54.13
C ALA P 239 46.61 -76.43 -54.89
N ALA P 240 46.77 -75.21 -55.37
CA ALA P 240 45.68 -74.51 -56.03
C ALA P 240 45.48 -75.02 -57.45
N VAL P 241 46.56 -75.27 -58.17
CA VAL P 241 46.44 -75.75 -59.55
C VAL P 241 46.01 -77.21 -59.58
N TYR P 242 46.14 -77.91 -58.45
CA TYR P 242 45.61 -79.26 -58.38
C TYR P 242 44.11 -79.24 -58.17
N SER P 243 43.64 -78.37 -57.26
CA SER P 243 42.25 -78.41 -56.83
C SER P 243 41.30 -77.94 -57.93
N THR P 244 41.68 -76.92 -58.70
CA THR P 244 40.82 -76.46 -59.78
C THR P 244 40.94 -77.36 -61.00
N ALA P 245 41.96 -78.22 -61.03
CA ALA P 245 42.05 -79.22 -62.09
C ALA P 245 41.16 -80.41 -61.78
N GLU P 246 40.95 -80.72 -60.50
CA GLU P 246 40.11 -81.85 -60.16
C GLU P 246 38.64 -81.56 -60.38
N GLN P 247 38.18 -80.38 -59.91
CA GLN P 247 36.74 -80.12 -59.88
C GLN P 247 36.18 -79.87 -61.27
N TYR P 248 37.05 -79.61 -62.26
CA TYR P 248 36.58 -79.53 -63.64
C TYR P 248 36.58 -80.88 -64.33
N LEU P 249 37.67 -81.65 -64.21
CA LEU P 249 37.73 -82.95 -64.87
C LEU P 249 36.86 -83.97 -64.15
N MET P 250 37.00 -84.08 -62.84
CA MET P 250 36.18 -84.97 -62.04
C MET P 250 34.99 -84.18 -61.52
N PRO P 251 33.77 -84.43 -61.98
CA PRO P 251 32.64 -83.64 -61.51
C PRO P 251 32.27 -84.00 -60.07
N GLY P 252 32.67 -83.14 -59.15
CA GLY P 252 32.40 -83.37 -57.75
C GLY P 252 31.27 -82.51 -57.25
N ALA P 253 30.31 -83.14 -56.57
CA ALA P 253 29.19 -82.39 -56.02
C ALA P 253 29.65 -81.56 -54.83
N GLN P 254 29.14 -80.34 -54.74
CA GLN P 254 29.49 -79.42 -53.67
C GLN P 254 28.39 -79.44 -52.62
N ARG P 255 28.77 -79.71 -51.38
CA ARG P 255 27.86 -79.74 -50.25
C ARG P 255 28.29 -78.71 -49.22
N TYR P 256 27.31 -78.05 -48.61
CA TYR P 256 27.60 -77.10 -47.56
C TYR P 256 26.38 -76.94 -46.67
N ARG P 257 26.59 -76.26 -45.55
CA ARG P 257 25.65 -76.29 -44.43
C ARG P 257 24.36 -75.53 -44.77
N THR P 258 23.32 -75.81 -43.98
CA THR P 258 22.03 -75.16 -44.18
C THR P 258 22.08 -73.67 -43.87
N GLU P 259 22.82 -73.29 -42.82
CA GLU P 259 22.82 -71.89 -42.38
C GLU P 259 23.58 -71.00 -43.36
N VAL P 260 24.47 -71.60 -44.16
CA VAL P 260 25.11 -70.87 -45.25
C VAL P 260 24.08 -70.55 -46.33
N LEU P 261 23.14 -71.47 -46.56
CA LEU P 261 22.07 -71.21 -47.52
C LEU P 261 21.05 -70.23 -46.97
N GLN P 262 20.95 -70.14 -45.64
CA GLN P 262 20.03 -69.17 -45.04
C GLN P 262 20.63 -67.76 -45.10
N ASN P 263 21.95 -67.68 -45.18
CA ASN P 263 22.59 -66.39 -45.43
C ASN P 263 22.33 -65.93 -46.87
N ALA P 264 22.24 -66.87 -47.80
CA ALA P 264 21.96 -66.53 -49.19
C ALA P 264 20.49 -66.16 -49.37
N GLY P 265 20.16 -65.77 -50.60
CA GLY P 265 18.87 -65.15 -50.84
C GLY P 265 17.73 -66.12 -51.01
N MET P 266 18.04 -67.38 -51.35
CA MET P 266 17.00 -68.34 -51.66
C MET P 266 16.30 -68.82 -50.40
N SER P 267 15.02 -69.15 -50.53
CA SER P 267 14.15 -69.35 -49.39
C SER P 267 14.33 -70.73 -48.77
N ASN P 268 13.48 -71.01 -47.78
CA ASN P 268 13.50 -72.31 -47.12
C ASN P 268 12.82 -73.38 -47.95
N ASP P 269 12.06 -72.97 -48.96
CA ASP P 269 11.45 -73.94 -49.86
C ASP P 269 12.49 -74.52 -50.81
N GLN P 270 13.54 -73.74 -51.10
CA GLN P 270 14.53 -74.15 -52.10
C GLN P 270 15.61 -75.04 -51.48
N ILE P 271 15.86 -74.91 -50.18
CA ILE P 271 16.93 -75.65 -49.54
C ILE P 271 16.56 -77.12 -49.38
N PHE P 272 15.35 -77.38 -48.88
CA PHE P 272 14.93 -78.73 -48.54
C PHE P 272 14.19 -79.40 -49.69
N GLU P 273 14.56 -79.11 -50.93
CA GLU P 273 13.79 -79.55 -52.08
C GLU P 273 13.93 -81.04 -52.36
N GLY P 274 15.16 -81.54 -52.35
CA GLY P 274 15.40 -82.92 -52.74
C GLY P 274 15.05 -83.90 -51.65
N PRO P 275 15.76 -85.03 -51.63
CA PRO P 275 15.58 -85.97 -50.52
C PRO P 275 16.34 -85.48 -49.30
N LEU P 276 16.10 -86.15 -48.18
CA LEU P 276 16.78 -85.78 -46.94
C LEU P 276 18.25 -86.14 -47.02
N LEU P 277 19.10 -85.12 -46.97
CA LEU P 277 20.54 -85.28 -47.00
C LEU P 277 21.10 -85.07 -45.61
N GLU P 278 21.73 -86.10 -45.06
CA GLU P 278 22.33 -85.99 -43.73
C GLU P 278 23.61 -85.17 -43.79
N HIS P 279 24.33 -85.23 -44.90
CA HIS P 279 25.59 -84.53 -45.07
C HIS P 279 25.45 -83.48 -46.17
N GLY P 280 25.41 -82.20 -45.77
CA GLY P 280 25.38 -81.10 -46.72
C GLY P 280 24.07 -81.00 -47.48
N TRP P 281 24.00 -79.97 -48.32
CA TRP P 281 22.90 -79.81 -49.26
C TRP P 281 23.47 -79.56 -50.65
N ILE P 282 22.83 -80.16 -51.65
CA ILE P 282 23.30 -80.09 -53.03
C ILE P 282 22.27 -79.37 -53.87
N PRO P 283 22.25 -78.04 -53.89
CA PRO P 283 21.21 -77.34 -54.67
C PRO P 283 21.52 -77.30 -56.17
N GLU P 284 22.79 -77.39 -56.54
CA GLU P 284 23.20 -77.47 -57.93
C GLU P 284 23.84 -78.84 -58.18
N LEU P 285 23.47 -79.46 -59.28
CA LEU P 285 24.06 -80.75 -59.60
C LEU P 285 25.28 -80.56 -60.49
N PRO P 286 26.24 -81.49 -60.45
CA PRO P 286 27.39 -81.40 -61.35
C PRO P 286 27.10 -81.76 -62.80
N ALA P 287 25.85 -82.17 -63.11
CA ALA P 287 25.38 -82.51 -64.46
C ALA P 287 26.23 -83.62 -65.07
N ALA P 288 26.18 -84.79 -64.45
CA ALA P 288 27.01 -85.91 -64.86
C ALA P 288 26.56 -86.46 -66.21
N ARG P 289 27.53 -86.71 -67.06
CA ARG P 289 27.27 -87.25 -68.39
C ARG P 289 26.87 -88.72 -68.29
N ASP P 290 26.09 -89.17 -69.27
CA ASP P 290 25.58 -90.54 -69.28
C ASP P 290 26.70 -91.54 -69.54
N TYR P 291 26.56 -92.73 -68.99
CA TYR P 291 27.56 -93.76 -69.23
C TYR P 291 27.05 -94.84 -70.16
N THR P 292 26.06 -94.52 -70.99
CA THR P 292 25.68 -95.40 -72.08
C THR P 292 26.67 -95.28 -73.24
N GLN P 293 27.17 -94.07 -73.50
CA GLN P 293 28.09 -93.81 -74.59
C GLN P 293 29.44 -93.35 -74.04
N ARG P 294 30.43 -93.32 -74.94
CA ARG P 294 31.75 -92.82 -74.57
C ARG P 294 31.73 -91.30 -74.49
N LEU P 295 32.61 -90.74 -73.67
CA LEU P 295 32.48 -89.38 -73.19
C LEU P 295 33.67 -88.52 -73.56
N THR P 296 33.40 -87.42 -74.27
CA THR P 296 34.41 -86.42 -74.55
C THR P 296 34.66 -85.54 -73.33
N LEU P 297 35.91 -85.11 -73.19
CA LEU P 297 36.31 -84.19 -72.13
C LEU P 297 36.98 -82.98 -72.76
N ASN P 298 36.26 -81.86 -72.79
CA ASN P 298 36.74 -80.63 -73.42
C ASN P 298 37.45 -79.78 -72.39
N LEU P 299 38.71 -79.45 -72.67
CA LEU P 299 39.57 -78.74 -71.73
C LEU P 299 39.90 -77.33 -72.17
N SER P 300 39.20 -76.80 -73.18
CA SER P 300 39.39 -75.40 -73.54
C SER P 300 38.77 -74.47 -72.51
N ARG P 301 37.82 -74.98 -71.73
CA ARG P 301 37.23 -74.20 -70.65
C ARG P 301 38.16 -74.15 -69.43
N LEU P 302 39.16 -75.04 -69.37
CA LEU P 302 40.02 -75.17 -68.20
C LEU P 302 40.91 -73.96 -67.96
N VAL P 303 41.30 -73.25 -69.02
CA VAL P 303 42.43 -72.34 -68.94
C VAL P 303 42.10 -71.13 -68.07
N ASN P 304 40.86 -70.65 -68.13
CA ASN P 304 40.45 -69.54 -67.28
C ASN P 304 40.24 -69.98 -65.84
N SER P 305 39.85 -71.24 -65.63
CA SER P 305 39.84 -71.80 -64.29
C SER P 305 41.27 -71.94 -63.78
N LEU P 306 42.23 -72.11 -64.69
CA LEU P 306 43.64 -72.14 -64.31
C LEU P 306 44.22 -70.73 -64.25
N LEU P 307 43.69 -69.80 -65.05
CA LEU P 307 44.18 -68.43 -65.06
C LEU P 307 43.71 -67.65 -63.84
N GLU P 308 42.75 -68.23 -63.09
CA GLU P 308 42.06 -67.49 -62.03
C GLU P 308 43.00 -67.19 -60.88
N ILE P 309 43.84 -68.14 -60.49
CA ILE P 309 44.55 -68.07 -59.23
C ILE P 309 45.63 -66.99 -59.29
N GLU P 310 46.02 -66.50 -58.11
CA GLU P 310 46.70 -65.20 -57.98
C GLU P 310 48.07 -65.20 -58.62
N GLY P 311 48.88 -66.22 -58.33
CA GLY P 311 50.24 -66.24 -58.83
C GLY P 311 50.33 -66.66 -60.28
N ILE P 312 49.26 -67.21 -60.83
CA ILE P 312 49.31 -67.73 -62.19
C ILE P 312 48.98 -66.63 -63.18
N LYS P 313 49.91 -66.34 -64.07
CA LYS P 313 49.74 -65.35 -65.12
C LYS P 313 49.30 -65.95 -66.46
N HIS P 314 49.80 -67.13 -66.82
CA HIS P 314 49.32 -67.89 -67.97
C HIS P 314 49.81 -69.32 -67.87
N VAL P 315 49.34 -70.14 -68.81
CA VAL P 315 49.76 -71.53 -68.94
C VAL P 315 50.42 -71.64 -70.32
N ASN P 316 51.37 -72.56 -70.48
CA ASN P 316 52.13 -72.59 -71.72
C ASN P 316 51.81 -73.83 -72.56
N ARG P 317 51.36 -74.91 -71.93
CA ARG P 317 51.11 -76.16 -72.65
C ARG P 317 49.88 -76.85 -72.09
N LEU P 318 49.22 -77.67 -72.90
CA LEU P 318 48.12 -78.55 -72.49
C LEU P 318 48.11 -79.78 -73.40
N ARG P 319 48.74 -80.86 -72.97
CA ARG P 319 48.76 -82.06 -73.81
C ARG P 319 48.99 -83.30 -72.93
N LEU P 320 49.06 -84.45 -73.61
CA LEU P 320 49.22 -85.76 -72.99
C LEU P 320 50.40 -86.47 -73.64
N ASP P 321 51.17 -87.20 -72.84
CA ASP P 321 52.38 -87.87 -73.33
C ASP P 321 52.13 -89.36 -73.57
N ASP P 322 51.25 -89.63 -74.54
CA ASP P 322 51.05 -90.97 -75.13
C ASP P 322 50.58 -92.00 -74.11
N SER P 323 49.90 -91.53 -73.06
CA SER P 323 49.31 -92.41 -72.06
C SER P 323 47.83 -92.65 -72.30
N PHE P 324 47.35 -92.39 -73.51
CA PHE P 324 45.95 -92.59 -73.87
C PHE P 324 45.75 -93.82 -74.75
N ASP P 325 46.83 -94.45 -75.21
CA ASP P 325 46.74 -95.52 -76.19
C ASP P 325 46.28 -96.84 -75.60
N LYS P 326 46.31 -96.95 -74.26
CA LYS P 326 45.97 -98.22 -73.62
C LYS P 326 44.49 -98.56 -73.77
N THR P 327 43.64 -97.54 -73.86
CA THR P 327 42.22 -97.73 -74.12
C THR P 327 41.73 -97.04 -75.39
N ALA P 328 42.68 -96.62 -76.25
CA ALA P 328 42.42 -95.99 -77.54
C ALA P 328 41.57 -94.72 -77.41
N ILE P 329 41.98 -93.79 -76.54
CA ILE P 329 41.34 -92.49 -76.48
C ILE P 329 41.70 -91.69 -77.71
N GLU P 330 40.70 -91.35 -78.52
CA GLU P 330 40.96 -90.63 -79.76
C GLU P 330 40.66 -89.16 -79.56
N PRO P 331 41.52 -88.27 -80.03
CA PRO P 331 41.16 -86.85 -80.06
C PRO P 331 40.10 -86.60 -81.14
N VAL P 332 39.02 -85.94 -80.76
CA VAL P 332 37.92 -85.68 -81.67
C VAL P 332 38.34 -84.62 -82.68
N LYS P 333 37.49 -84.42 -83.70
CA LYS P 333 37.80 -84.14 -85.12
C LYS P 333 39.01 -83.22 -85.33
N GLY P 334 39.02 -82.00 -84.84
CA GLY P 334 40.15 -81.13 -85.12
C GLY P 334 40.84 -80.54 -83.92
N ASP P 335 40.11 -80.44 -82.81
CA ASP P 335 40.56 -79.65 -81.68
C ASP P 335 41.54 -80.43 -80.80
N THR P 336 42.57 -79.72 -80.34
CA THR P 336 43.64 -80.36 -79.58
C THR P 336 43.24 -80.63 -78.14
N TRP P 337 42.21 -79.94 -77.65
CA TRP P 337 41.95 -79.93 -76.22
C TRP P 337 41.08 -81.10 -75.79
N SER P 338 40.25 -81.62 -76.69
CA SER P 338 39.25 -82.61 -76.30
C SER P 338 39.76 -84.02 -76.52
N TRP P 339 39.35 -84.94 -75.64
CA TRP P 339 39.67 -86.35 -75.75
C TRP P 339 38.46 -87.15 -75.29
N SER P 340 38.25 -88.31 -75.93
CA SER P 340 37.07 -89.13 -75.70
C SER P 340 37.47 -90.47 -75.11
N ILE P 341 37.21 -90.65 -73.82
CA ILE P 341 37.53 -91.91 -73.16
C ILE P 341 36.51 -92.98 -73.54
N LYS P 342 37.00 -94.19 -73.77
CA LYS P 342 36.21 -95.31 -74.27
C LYS P 342 35.28 -95.78 -73.16
N GLU P 343 34.24 -96.54 -73.54
CA GLU P 343 32.93 -96.80 -72.90
C GLU P 343 32.95 -96.81 -71.36
N GLY P 344 33.79 -97.61 -70.72
CA GLY P 344 33.58 -97.87 -69.31
C GLY P 344 34.38 -96.96 -68.39
N TYR P 345 35.44 -96.35 -68.90
CA TYR P 345 36.44 -95.76 -68.02
C TYR P 345 36.07 -94.33 -67.65
N TYR P 346 36.70 -93.84 -66.57
CA TYR P 346 36.59 -92.48 -66.06
C TYR P 346 37.98 -91.95 -65.73
N PRO P 347 38.21 -90.64 -65.86
CA PRO P 347 39.57 -90.11 -65.68
C PRO P 347 40.02 -90.11 -64.22
N ARG P 348 41.32 -90.34 -64.02
CA ARG P 348 41.97 -90.46 -62.73
C ARG P 348 43.19 -89.54 -62.62
N LEU P 349 43.15 -88.38 -63.27
CA LEU P 349 44.23 -87.71 -64.04
C LEU P 349 45.62 -87.97 -63.45
N TRP P 350 45.86 -87.74 -62.16
CA TRP P 350 47.11 -88.11 -61.53
C TRP P 350 46.84 -89.07 -60.39
N GLY P 351 47.08 -90.35 -60.63
CA GLY P 351 46.88 -91.35 -59.59
C GLY P 351 47.94 -91.26 -58.51
N GLU P 352 47.50 -91.30 -57.25
CA GLU P 352 48.35 -91.12 -56.06
C GLU P 352 49.12 -89.82 -56.12
N ASP P 353 48.40 -88.75 -56.47
CA ASP P 353 48.79 -87.48 -57.06
C ASP P 353 50.10 -86.82 -56.63
N PRO P 354 50.32 -86.38 -55.38
CA PRO P 354 51.50 -85.52 -55.17
C PRO P 354 52.82 -86.28 -55.10
N LEU P 355 52.88 -87.41 -54.39
CA LEU P 355 54.10 -88.18 -54.24
C LEU P 355 54.45 -88.91 -55.52
N ASN P 356 53.44 -89.30 -56.29
CA ASN P 356 53.72 -90.03 -57.52
C ASN P 356 54.06 -89.08 -58.66
N GLN P 357 53.38 -87.94 -58.75
CA GLN P 357 53.53 -87.06 -59.90
C GLN P 357 54.09 -85.68 -59.56
N LEU P 358 53.46 -84.95 -58.64
CA LEU P 358 53.64 -83.50 -58.62
C LEU P 358 54.93 -83.09 -57.90
N ALA P 359 55.40 -83.91 -56.97
CA ALA P 359 56.52 -83.47 -56.14
C ALA P 359 57.87 -83.90 -56.69
N GLN P 360 57.87 -84.88 -57.61
CA GLN P 360 59.09 -85.61 -57.90
C GLN P 360 60.01 -84.89 -58.88
N GLN P 361 59.54 -83.80 -59.50
CA GLN P 361 60.27 -83.02 -60.52
C GLN P 361 60.65 -83.92 -61.70
N ASN P 362 59.70 -84.76 -62.12
CA ASN P 362 59.72 -85.36 -63.44
C ASN P 362 59.04 -84.46 -64.46
N GLY P 363 58.21 -83.53 -64.00
CA GLY P 363 57.43 -82.68 -64.86
C GLY P 363 56.17 -83.28 -65.46
N PRO P 364 55.16 -83.64 -64.65
CA PRO P 364 53.79 -83.63 -65.22
C PRO P 364 53.21 -82.24 -65.19
N LEU P 365 53.67 -81.40 -64.27
CA LEU P 365 53.29 -80.01 -64.15
C LEU P 365 54.55 -79.20 -63.89
N ARG P 366 54.96 -78.39 -64.88
CA ARG P 366 56.17 -77.61 -64.79
C ARG P 366 55.82 -76.17 -64.48
N VAL P 367 56.20 -75.71 -63.28
CA VAL P 367 56.04 -74.32 -62.87
C VAL P 367 57.26 -73.54 -63.34
N ILE P 368 57.02 -72.41 -64.01
CA ILE P 368 58.06 -71.51 -64.46
C ILE P 368 57.87 -70.18 -63.73
N ALA P 369 58.89 -69.78 -62.99
CA ALA P 369 58.80 -68.58 -62.17
C ALA P 369 60.02 -67.70 -62.41
N LYS P 370 59.74 -66.42 -62.66
CA LYS P 370 60.71 -65.38 -62.99
C LYS P 370 61.57 -65.80 -64.17
N GLY P 371 60.95 -65.92 -65.34
CA GLY P 371 61.68 -66.28 -66.53
C GLY P 371 62.01 -67.75 -66.63
N GLY P 372 62.89 -68.24 -65.76
CA GLY P 372 63.31 -69.63 -65.88
C GLY P 372 63.65 -70.43 -64.64
N ILE P 373 63.48 -69.87 -63.43
CA ILE P 373 64.09 -70.43 -62.22
C ILE P 373 63.49 -71.79 -61.88
N SER P 374 62.20 -71.98 -62.18
CA SER P 374 61.54 -73.29 -62.27
C SER P 374 61.60 -74.09 -60.97
N VAL P 375 60.99 -73.52 -59.92
CA VAL P 375 61.11 -74.11 -58.60
C VAL P 375 60.05 -75.20 -58.42
N SER P 376 60.29 -76.10 -57.45
CA SER P 376 59.40 -77.21 -57.18
C SER P 376 59.23 -77.38 -55.68
N VAL P 377 58.47 -78.41 -55.31
CA VAL P 377 57.96 -78.58 -53.95
C VAL P 377 57.91 -80.08 -53.66
N SER P 378 57.78 -80.43 -52.38
CA SER P 378 57.59 -81.82 -51.98
C SER P 378 56.11 -82.13 -51.77
N LYS P 379 55.84 -83.34 -51.28
CA LYS P 379 54.47 -83.81 -51.16
C LYS P 379 53.76 -83.14 -49.99
N GLU P 380 54.37 -83.13 -48.82
CA GLU P 380 53.67 -82.75 -47.60
C GLU P 380 53.52 -81.24 -47.47
N GLN P 381 54.29 -80.47 -48.24
CA GLN P 381 54.29 -79.02 -48.04
C GLN P 381 53.03 -78.39 -48.61
N ILE P 382 52.43 -79.02 -49.62
CA ILE P 382 51.26 -78.43 -50.27
C ILE P 382 49.98 -78.89 -49.59
N GLN P 383 50.06 -79.97 -48.81
CA GLN P 383 48.87 -80.45 -48.11
C GLN P 383 48.49 -79.53 -46.96
N ALA P 384 49.48 -78.84 -46.39
CA ALA P 384 49.18 -77.85 -45.36
C ALA P 384 48.50 -76.63 -45.97
N SER P 385 48.91 -76.25 -47.18
CA SER P 385 48.25 -75.14 -47.85
C SER P 385 47.04 -75.61 -48.66
N LEU P 386 46.80 -76.92 -48.67
CA LEU P 386 45.62 -77.45 -49.34
C LEU P 386 44.38 -77.16 -48.50
N PRO P 387 43.25 -76.81 -49.13
CA PRO P 387 42.00 -76.69 -48.38
C PRO P 387 41.52 -78.06 -47.91
N SER P 388 41.44 -78.22 -46.60
CA SER P 388 40.93 -79.42 -45.98
C SER P 388 39.44 -79.28 -45.78
N GLN P 389 38.67 -80.24 -46.30
CA GLN P 389 37.23 -80.20 -46.14
C GLN P 389 36.85 -80.56 -44.70
N SER P 390 35.58 -80.33 -44.37
CA SER P 390 35.04 -80.64 -43.06
C SER P 390 33.84 -81.54 -43.24
N LEU P 391 33.79 -82.63 -42.48
CA LEU P 391 32.62 -83.49 -42.51
C LEU P 391 31.52 -82.88 -41.65
N ILE P 392 30.38 -82.60 -42.28
CA ILE P 392 29.26 -81.94 -41.63
C ILE P 392 28.04 -82.84 -41.64
N GLN P 393 27.36 -82.87 -40.50
CA GLN P 393 26.14 -83.64 -40.29
C GLN P 393 25.01 -82.67 -39.97
N ASN P 394 23.84 -82.92 -40.54
CA ASN P 394 22.71 -82.00 -40.44
C ASN P 394 21.70 -82.54 -39.44
N GLU P 395 21.64 -81.92 -38.27
CA GLU P 395 20.71 -82.32 -37.23
C GLU P 395 19.28 -81.91 -37.59
N PRO P 396 18.27 -82.62 -37.08
CA PRO P 396 16.88 -82.25 -37.38
C PRO P 396 16.49 -80.92 -36.75
N VAL P 397 15.63 -80.18 -37.45
CA VAL P 397 15.19 -78.87 -37.03
C VAL P 397 13.93 -79.02 -36.18
N ILE P 398 13.94 -78.39 -35.00
CA ILE P 398 12.82 -78.46 -34.07
C ILE P 398 12.62 -77.08 -33.47
N LEU P 399 11.41 -76.82 -32.97
CA LEU P 399 11.14 -75.67 -32.14
C LEU P 399 11.23 -76.10 -30.68
N ALA P 400 12.14 -75.50 -29.93
CA ALA P 400 12.29 -75.85 -28.53
C ALA P 400 11.12 -75.33 -27.72
N TYR P 401 10.91 -75.90 -26.53
CA TYR P 401 9.80 -75.49 -25.69
C TYR P 401 10.04 -74.10 -25.12
N GLY P 402 8.95 -73.37 -24.89
CA GLY P 402 9.01 -72.21 -24.03
C GLY P 402 8.83 -72.60 -22.57
N GLN P 403 8.67 -71.59 -21.73
CA GLN P 403 8.41 -71.85 -20.32
C GLN P 403 6.96 -72.26 -20.12
N HIS P 404 6.75 -73.39 -19.47
CA HIS P 404 5.40 -73.86 -19.20
C HIS P 404 4.75 -73.03 -18.12
N ARG P 405 3.56 -72.53 -18.40
CA ARG P 405 2.87 -71.63 -17.51
C ARG P 405 1.62 -72.29 -16.96
N ASP P 406 1.34 -72.05 -15.68
CA ASP P 406 0.29 -72.77 -14.96
C ASP P 406 -1.06 -72.10 -15.22
N VAL P 407 -1.56 -72.32 -16.44
CA VAL P 407 -2.83 -71.74 -16.84
C VAL P 407 -3.99 -72.65 -16.45
N GLY P 408 -3.68 -73.82 -15.90
CA GLY P 408 -4.71 -74.81 -15.65
C GLY P 408 -5.41 -74.62 -14.32
N SER P 409 -4.70 -74.06 -13.33
CA SER P 409 -5.23 -74.00 -11.98
C SER P 409 -6.34 -72.97 -11.87
N TYR P 410 -7.40 -73.33 -11.16
CA TYR P 410 -8.61 -72.54 -11.07
C TYR P 410 -8.85 -72.15 -9.63
N TYR P 411 -8.99 -70.85 -9.39
CA TYR P 411 -9.28 -70.33 -8.07
C TYR P 411 -10.71 -69.81 -8.04
N PRO P 412 -11.50 -70.20 -7.04
CA PRO P 412 -12.94 -70.03 -7.13
C PRO P 412 -13.37 -68.57 -6.98
N VAL P 413 -14.48 -68.24 -7.65
CA VAL P 413 -15.05 -66.90 -7.56
C VAL P 413 -15.69 -66.70 -6.19
N SER P 414 -16.08 -67.79 -5.54
CA SER P 414 -16.69 -67.71 -4.22
C SER P 414 -15.67 -67.35 -3.14
N ASP P 415 -14.38 -67.36 -3.48
CA ASP P 415 -13.36 -66.92 -2.53
C ASP P 415 -13.31 -65.40 -2.49
N THR P 416 -13.48 -64.74 -3.64
CA THR P 416 -13.20 -63.31 -3.71
C THR P 416 -14.36 -62.47 -3.22
N LEU P 417 -15.50 -63.07 -2.90
CA LEU P 417 -16.61 -62.32 -2.36
C LEU P 417 -16.32 -61.90 -0.92
N PRO P 418 -16.95 -60.85 -0.42
CA PRO P 418 -16.74 -60.41 0.96
C PRO P 418 -17.17 -61.47 1.95
N PRO P 419 -16.49 -61.57 3.09
CA PRO P 419 -16.76 -62.69 4.00
C PRO P 419 -18.06 -62.55 4.77
N CYS P 420 -18.76 -61.44 4.66
CA CYS P 420 -20.07 -61.39 5.29
C CYS P 420 -21.12 -62.15 4.51
N TYR P 421 -20.85 -62.54 3.27
CA TYR P 421 -21.81 -63.39 2.56
C TYR P 421 -21.71 -64.82 3.05
N GLY P 422 -20.60 -65.19 3.67
CA GLY P 422 -20.48 -66.46 4.35
C GLY P 422 -20.05 -67.63 3.51
N LEU P 423 -19.36 -67.40 2.39
CA LEU P 423 -19.01 -68.51 1.52
C LEU P 423 -17.80 -69.26 2.04
N GLN P 424 -16.91 -68.57 2.75
CA GLN P 424 -15.80 -69.23 3.42
C GLN P 424 -16.07 -69.45 4.90
N HIS P 425 -17.30 -69.20 5.33
CA HIS P 425 -17.69 -69.45 6.72
C HIS P 425 -17.82 -70.94 6.98
N SER P 426 -18.06 -71.28 8.24
CA SER P 426 -18.37 -72.65 8.61
C SER P 426 -19.71 -73.07 8.00
N LEU P 427 -19.80 -74.33 7.63
CA LEU P 427 -20.90 -74.76 6.76
C LEU P 427 -22.21 -74.87 7.53
N SER P 428 -23.26 -74.27 6.95
CA SER P 428 -24.66 -74.33 7.42
C SER P 428 -24.80 -73.87 8.87
N GLU P 429 -23.98 -72.91 9.27
CA GLU P 429 -24.19 -72.26 10.56
C GLU P 429 -25.46 -71.42 10.53
N SER P 430 -25.67 -70.66 9.46
CA SER P 430 -26.94 -69.98 9.21
C SER P 430 -27.59 -70.61 8.00
N GLU P 431 -28.90 -70.44 7.89
CA GLU P 431 -29.65 -71.17 6.87
C GLU P 431 -29.55 -70.53 5.50
N HIS P 432 -29.11 -69.27 5.45
CA HIS P 432 -29.03 -68.56 4.17
C HIS P 432 -27.74 -68.90 3.43
N LEU P 433 -26.87 -69.70 4.04
CA LEU P 433 -25.59 -70.05 3.44
C LEU P 433 -25.77 -70.99 2.27
N LEU P 434 -26.64 -71.98 2.41
CA LEU P 434 -26.77 -73.02 1.39
C LEU P 434 -27.48 -72.57 0.11
N PRO P 435 -28.59 -71.80 0.13
CA PRO P 435 -29.14 -71.34 -1.16
C PRO P 435 -28.26 -70.35 -1.88
N LEU P 436 -27.41 -69.61 -1.17
CA LEU P 436 -26.44 -68.77 -1.87
C LEU P 436 -25.35 -69.61 -2.50
N HIS P 437 -24.91 -70.66 -1.81
CA HIS P 437 -23.74 -71.39 -2.29
C HIS P 437 -24.09 -72.33 -3.43
N GLN P 438 -25.38 -72.51 -3.70
CA GLN P 438 -25.80 -73.23 -4.89
C GLN P 438 -26.05 -72.27 -6.05
N PHE P 439 -26.21 -70.99 -5.75
CA PHE P 439 -26.40 -70.00 -6.80
C PHE P 439 -25.08 -69.68 -7.51
N MET P 440 -23.98 -69.78 -6.79
CA MET P 440 -22.69 -69.51 -7.40
C MET P 440 -22.17 -70.72 -8.18
N LEU P 441 -22.81 -71.88 -8.01
CA LEU P 441 -22.35 -73.08 -8.69
C LEU P 441 -22.52 -73.08 -10.21
N PRO P 442 -23.64 -72.65 -10.83
CA PRO P 442 -23.67 -72.65 -12.31
C PRO P 442 -22.73 -71.64 -12.93
N PHE P 443 -22.51 -70.50 -12.28
CA PHE P 443 -21.59 -69.52 -12.82
C PHE P 443 -20.15 -69.85 -12.48
N GLU P 444 -19.95 -70.91 -11.69
CA GLU P 444 -18.59 -71.37 -11.43
C GLU P 444 -18.17 -72.39 -12.48
N GLN P 445 -19.09 -73.25 -12.89
CA GLN P 445 -18.77 -74.29 -13.85
C GLN P 445 -18.61 -73.72 -15.25
N LEU P 446 -19.27 -72.60 -15.53
CA LEU P 446 -19.06 -71.93 -16.81
C LEU P 446 -17.67 -71.32 -16.88
N LEU P 447 -17.14 -70.87 -15.73
CA LEU P 447 -15.78 -70.33 -15.72
C LEU P 447 -14.76 -71.44 -15.59
N ALA P 448 -15.15 -72.57 -15.02
CA ALA P 448 -14.21 -73.68 -14.89
C ALA P 448 -14.05 -74.41 -16.22
N CYS P 449 -15.01 -74.27 -17.12
CA CYS P 449 -14.83 -74.81 -18.46
C CYS P 449 -13.84 -73.95 -19.24
N GLY P 450 -13.77 -72.67 -18.92
CA GLY P 450 -12.83 -71.80 -19.62
C GLY P 450 -11.40 -71.98 -19.17
N CYS P 451 -11.20 -72.46 -17.94
CA CYS P 451 -9.83 -72.64 -17.45
C CYS P 451 -9.28 -74.00 -17.88
N GLN P 452 -10.17 -74.97 -18.12
CA GLN P 452 -9.71 -76.27 -18.59
C GLN P 452 -9.25 -76.18 -20.04
N GLN P 453 -9.97 -75.43 -20.86
CA GLN P 453 -9.81 -75.53 -22.30
C GLN P 453 -8.55 -74.81 -22.77
N ILE P 454 -7.99 -73.94 -21.93
CA ILE P 454 -6.67 -73.38 -22.22
C ILE P 454 -5.59 -74.37 -21.82
N ALA P 455 -5.85 -75.15 -20.76
CA ALA P 455 -4.89 -76.17 -20.36
C ALA P 455 -4.97 -77.40 -21.26
N MET P 456 -6.07 -77.53 -22.00
CA MET P 456 -6.20 -78.62 -22.96
C MET P 456 -5.58 -78.29 -24.30
N LEU P 457 -5.03 -77.08 -24.47
CA LEU P 457 -4.59 -76.65 -25.79
C LEU P 457 -3.35 -77.39 -26.32
N PRO P 458 -2.36 -77.80 -25.52
CA PRO P 458 -1.40 -78.78 -26.06
C PRO P 458 -2.03 -80.11 -26.41
N ARG P 459 -3.09 -80.52 -25.72
CA ARG P 459 -3.76 -81.76 -26.07
C ARG P 459 -4.71 -81.57 -27.25
N LEU P 460 -5.32 -80.39 -27.36
CA LEU P 460 -6.34 -80.18 -28.37
C LEU P 460 -5.74 -79.99 -29.75
N LEU P 461 -4.48 -79.56 -29.81
CA LEU P 461 -3.88 -79.22 -31.09
C LEU P 461 -2.61 -80.02 -31.36
N ALA P 462 -2.39 -81.10 -30.62
CA ALA P 462 -1.26 -81.99 -30.92
C ALA P 462 -1.55 -82.77 -32.19
N PHE P 463 -0.48 -83.15 -32.89
CA PHE P 463 -0.66 -83.92 -34.12
C PHE P 463 -0.78 -85.40 -33.82
N GLN P 464 -0.32 -85.83 -32.65
CA GLN P 464 -0.43 -87.23 -32.23
C GLN P 464 -1.60 -87.42 -31.27
N ARG P 465 -2.80 -87.25 -31.82
CA ARG P 465 -4.01 -87.31 -31.02
C ARG P 465 -4.36 -88.75 -30.67
N GLU P 466 -4.96 -88.96 -29.48
CA GLU P 466 -5.29 -90.30 -29.03
C GLU P 466 -6.63 -90.39 -28.29
N GLY P 467 -7.42 -89.33 -28.27
CA GLY P 467 -8.50 -89.27 -27.31
C GLY P 467 -9.85 -88.91 -27.87
N TYR P 468 -10.89 -89.51 -27.26
CA TYR P 468 -12.25 -89.02 -27.41
C TYR P 468 -12.38 -87.62 -26.81
N GLU P 469 -11.60 -87.34 -25.77
CA GLU P 469 -11.96 -86.34 -24.79
C GLU P 469 -11.68 -84.93 -25.27
N VAL P 470 -12.69 -84.09 -25.11
CA VAL P 470 -12.70 -82.68 -25.50
C VAL P 470 -13.14 -81.91 -24.27
N TRP P 471 -13.69 -80.71 -24.49
CA TRP P 471 -13.56 -79.43 -23.76
C TRP P 471 -13.25 -79.64 -22.27
N GLY P 472 -14.02 -80.43 -21.53
CA GLY P 472 -13.63 -80.70 -20.16
C GLY P 472 -14.79 -81.03 -19.25
N ASP P 473 -14.45 -81.80 -18.20
CA ASP P 473 -15.45 -82.24 -17.23
C ASP P 473 -14.96 -82.22 -15.79
N GLN P 474 -13.86 -81.52 -15.50
CA GLN P 474 -13.30 -81.58 -14.16
C GLN P 474 -14.08 -80.69 -13.20
N TRP P 475 -14.16 -81.13 -11.95
CA TRP P 475 -14.84 -80.39 -10.90
C TRP P 475 -14.04 -79.14 -10.55
N PRO P 476 -14.68 -78.00 -10.29
CA PRO P 476 -13.92 -76.76 -10.08
C PRO P 476 -13.22 -76.68 -8.75
N PHE P 477 -13.72 -77.36 -7.73
CA PHE P 477 -13.22 -77.18 -6.37
C PHE P 477 -12.29 -78.31 -6.00
N LYS P 478 -11.22 -77.97 -5.28
CA LYS P 478 -10.34 -78.98 -4.72
C LYS P 478 -11.07 -79.73 -3.61
N SER P 479 -10.60 -80.95 -3.34
CA SER P 479 -11.39 -81.89 -2.53
C SER P 479 -11.36 -81.54 -1.06
N GLY P 480 -10.40 -80.72 -0.64
CA GLY P 480 -10.34 -80.32 0.76
C GLY P 480 -11.12 -79.06 1.04
N SER P 481 -11.58 -78.39 -0.01
CA SER P 481 -12.14 -77.04 0.13
C SER P 481 -13.52 -77.07 0.78
N VAL P 482 -13.91 -75.93 1.34
CA VAL P 482 -15.23 -75.81 1.97
C VAL P 482 -16.31 -75.72 0.91
N ASN P 483 -15.94 -75.29 -0.30
CA ASN P 483 -16.89 -75.16 -1.40
C ASN P 483 -17.29 -76.54 -1.91
N ASP P 484 -16.38 -77.52 -1.76
CA ASP P 484 -16.73 -78.90 -2.08
C ASP P 484 -17.72 -79.46 -1.06
N ASP P 485 -17.65 -79.01 0.19
CA ASP P 485 -18.45 -79.63 1.25
C ASP P 485 -19.92 -79.26 1.14
N ALA P 486 -20.22 -78.15 0.49
CA ALA P 486 -21.62 -77.72 0.38
C ALA P 486 -22.38 -78.65 -0.56
N HIS P 487 -21.85 -78.91 -1.74
CA HIS P 487 -22.51 -79.75 -2.73
C HIS P 487 -21.99 -81.18 -2.69
N GLN P 488 -21.70 -81.71 -1.50
CA GLN P 488 -21.14 -83.05 -1.43
C GLN P 488 -22.22 -84.11 -1.59
N ASP P 489 -23.49 -83.71 -1.51
CA ASP P 489 -24.57 -84.68 -1.67
C ASP P 489 -24.84 -84.99 -3.13
N TYR P 490 -24.56 -84.03 -4.01
CA TYR P 490 -24.84 -84.21 -5.43
C TYR P 490 -23.62 -83.99 -6.32
N ALA P 491 -22.42 -83.97 -5.75
CA ALA P 491 -21.20 -84.02 -6.55
C ALA P 491 -21.03 -85.30 -7.37
N PRO P 492 -21.44 -86.51 -6.93
CA PRO P 492 -21.44 -87.63 -7.88
C PRO P 492 -22.41 -87.48 -9.04
N ALA P 493 -23.52 -86.78 -8.85
CA ALA P 493 -24.48 -86.64 -9.94
C ALA P 493 -24.05 -85.54 -10.90
N LEU P 494 -23.40 -84.50 -10.40
CA LEU P 494 -23.00 -83.39 -11.25
C LEU P 494 -21.79 -83.75 -12.10
N LYS P 495 -20.89 -84.59 -11.56
CA LYS P 495 -19.75 -85.03 -12.33
C LYS P 495 -20.15 -85.96 -13.47
N ASP P 496 -21.26 -86.68 -13.30
CA ASP P 496 -21.66 -87.66 -14.31
C ASP P 496 -22.38 -86.99 -15.48
N LEU P 497 -23.12 -85.91 -15.22
CA LEU P 497 -23.65 -85.12 -16.34
C LEU P 497 -22.55 -84.26 -16.94
N LEU P 498 -21.48 -84.01 -16.19
CA LEU P 498 -20.30 -83.41 -16.78
C LEU P 498 -19.63 -84.37 -17.76
N GLY P 499 -19.86 -85.67 -17.60
CA GLY P 499 -19.43 -86.64 -18.59
C GLY P 499 -20.36 -86.77 -19.79
N GLN P 500 -20.98 -85.65 -20.18
CA GLN P 500 -21.62 -85.50 -21.48
C GLN P 500 -20.64 -85.11 -22.57
N ILE P 501 -19.38 -84.89 -22.21
CA ILE P 501 -18.38 -84.40 -23.16
C ILE P 501 -17.99 -85.51 -24.14
N ALA P 502 -18.18 -86.77 -23.75
CA ALA P 502 -17.98 -87.88 -24.67
C ALA P 502 -19.04 -87.89 -25.77
N LEU P 503 -20.20 -87.28 -25.52
CA LEU P 503 -21.21 -87.15 -26.56
C LEU P 503 -20.85 -86.05 -27.54
N ASP P 504 -19.99 -85.13 -27.14
CA ASP P 504 -19.50 -84.08 -28.01
C ASP P 504 -18.21 -84.45 -28.73
N SER P 505 -17.95 -85.74 -28.92
CA SER P 505 -16.72 -86.19 -29.57
C SER P 505 -16.78 -86.15 -31.09
N ASP P 506 -17.92 -85.72 -31.66
CA ASP P 506 -17.97 -85.50 -33.11
C ASP P 506 -17.13 -84.28 -33.47
N HIS P 507 -17.04 -83.31 -32.57
CA HIS P 507 -16.24 -82.10 -32.73
C HIS P 507 -14.76 -82.42 -32.90
N GLU P 508 -14.30 -83.51 -32.26
CA GLU P 508 -12.91 -83.93 -32.41
C GLU P 508 -12.61 -84.40 -33.83
N LEU P 509 -13.64 -84.88 -34.54
CA LEU P 509 -13.44 -85.27 -35.94
C LEU P 509 -13.44 -84.04 -36.84
N ASP P 510 -13.89 -82.89 -36.34
CA ASP P 510 -13.83 -81.67 -37.15
C ASP P 510 -12.51 -80.94 -36.96
N ILE P 511 -11.74 -81.30 -35.93
CA ILE P 511 -10.41 -80.71 -35.80
C ILE P 511 -9.40 -81.50 -36.61
N ILE P 512 -9.59 -82.82 -36.68
CA ILE P 512 -8.72 -83.66 -37.50
C ILE P 512 -8.90 -83.32 -38.98
N ASN P 513 -10.12 -82.94 -39.37
CA ASN P 513 -10.34 -82.40 -40.71
C ASN P 513 -9.64 -81.06 -40.87
N TYR P 514 -9.45 -80.32 -39.78
CA TYR P 514 -8.75 -79.05 -39.86
C TYR P 514 -7.24 -79.25 -39.81
N LEU P 515 -6.78 -80.21 -39.00
CA LEU P 515 -5.35 -80.42 -38.86
C LEU P 515 -4.78 -81.16 -40.07
N LEU P 516 -5.58 -81.99 -40.73
CA LEU P 516 -5.12 -82.60 -41.97
C LEU P 516 -5.04 -81.59 -43.09
N GLY P 517 -5.79 -80.49 -42.98
CA GLY P 517 -5.80 -79.47 -44.01
C GLY P 517 -4.53 -78.64 -44.07
N TYR P 518 -3.64 -78.80 -43.09
CA TYR P 518 -2.32 -78.20 -43.19
C TYR P 518 -1.53 -78.84 -44.32
N PHE P 519 -1.71 -80.15 -44.50
CA PHE P 519 -0.99 -80.92 -45.49
C PHE P 519 -1.81 -81.19 -46.74
N GLY P 520 -2.80 -80.35 -47.02
CA GLY P 520 -3.50 -80.36 -48.28
C GLY P 520 -4.59 -81.39 -48.45
N THR P 521 -4.74 -82.33 -47.51
CA THR P 521 -5.73 -83.39 -47.64
C THR P 521 -6.86 -83.16 -46.66
N GLN P 522 -8.08 -83.44 -47.10
CA GLN P 522 -9.22 -83.40 -46.20
C GLN P 522 -9.31 -84.72 -45.44
N ARG P 523 -10.21 -84.76 -44.46
CA ARG P 523 -10.48 -86.02 -43.78
C ARG P 523 -11.35 -86.90 -44.67
N ALA P 524 -11.43 -88.17 -44.30
CA ALA P 524 -12.23 -89.13 -45.03
C ALA P 524 -13.72 -88.85 -44.82
N PRO P 525 -14.57 -89.13 -45.79
CA PRO P 525 -16.01 -89.04 -45.55
C PRO P 525 -16.48 -90.18 -44.65
N ARG P 526 -17.52 -89.91 -43.88
CA ARG P 526 -18.07 -90.92 -42.99
C ARG P 526 -18.95 -91.90 -43.77
N THR P 527 -18.72 -93.19 -43.56
CA THR P 527 -19.40 -94.22 -44.32
C THR P 527 -20.50 -94.86 -43.46
N PHE P 528 -21.07 -95.95 -43.97
CA PHE P 528 -22.13 -96.62 -43.24
C PHE P 528 -21.60 -97.86 -42.51
N THR P 529 -20.51 -98.43 -43.02
CA THR P 529 -19.83 -99.56 -42.41
C THR P 529 -18.64 -99.11 -41.56
N THR P 530 -18.79 -98.01 -40.81
CA THR P 530 -17.72 -97.41 -40.04
C THR P 530 -17.15 -98.31 -38.95
N GLN P 531 -18.01 -98.80 -38.06
CA GLN P 531 -17.63 -99.18 -36.70
C GLN P 531 -16.87 -98.00 -36.07
N LEU P 532 -17.65 -96.94 -35.80
CA LEU P 532 -17.17 -95.57 -35.56
C LEU P 532 -16.10 -95.46 -34.47
N ASP P 533 -16.05 -96.41 -33.55
CA ASP P 533 -14.94 -96.47 -32.60
C ASP P 533 -13.64 -96.81 -33.32
N ASP P 534 -13.68 -97.83 -34.20
CA ASP P 534 -12.46 -98.29 -34.85
C ASP P 534 -12.15 -97.45 -36.08
N PHE P 535 -13.17 -96.75 -36.61
CA PHE P 535 -12.98 -95.82 -37.71
C PHE P 535 -12.09 -94.65 -37.29
N ARG P 536 -12.23 -94.22 -36.04
CA ARG P 536 -11.67 -92.94 -35.64
C ARG P 536 -10.17 -93.03 -35.39
N ALA P 537 -9.70 -94.18 -34.86
CA ALA P 537 -8.28 -94.34 -34.60
C ALA P 537 -7.49 -94.47 -35.89
N VAL P 538 -8.13 -94.96 -36.95
CA VAL P 538 -7.53 -94.89 -38.28
C VAL P 538 -7.39 -93.44 -38.72
N GLN P 539 -8.40 -92.61 -38.41
CA GLN P 539 -8.32 -91.20 -38.75
C GLN P 539 -7.34 -90.46 -37.85
N GLN P 540 -7.08 -91.00 -36.66
CA GLN P 540 -6.13 -90.34 -35.77
C GLN P 540 -4.69 -90.63 -36.17
N GLY P 541 -4.39 -91.91 -36.48
CA GLY P 541 -3.04 -92.26 -36.87
C GLY P 541 -2.67 -91.73 -38.26
N TYR P 542 -3.69 -91.39 -39.06
CA TYR P 542 -3.46 -90.75 -40.34
C TYR P 542 -2.84 -89.37 -40.17
N LEU P 543 -3.20 -88.68 -39.09
CA LEU P 543 -2.67 -87.34 -38.87
C LEU P 543 -1.26 -87.39 -38.31
N ALA P 544 -0.98 -88.33 -37.40
CA ALA P 544 0.30 -88.34 -36.70
C ALA P 544 1.44 -88.76 -37.59
N GLN P 545 1.20 -89.69 -38.50
CA GLN P 545 2.22 -90.20 -39.39
C GLN P 545 2.15 -89.57 -40.77
N GLN P 546 1.40 -88.48 -40.91
CA GLN P 546 1.17 -87.86 -42.21
C GLN P 546 2.43 -87.38 -42.96
N PRO P 547 3.46 -86.73 -42.33
CA PRO P 547 4.62 -86.34 -43.14
C PRO P 547 5.47 -87.51 -43.61
N THR P 548 5.52 -88.60 -42.84
CA THR P 548 6.30 -89.75 -43.27
C THR P 548 5.55 -90.57 -44.30
N LEU P 549 4.24 -90.37 -44.43
CA LEU P 549 3.49 -91.04 -45.48
C LEU P 549 3.76 -90.41 -46.83
N THR P 550 3.78 -89.08 -46.89
CA THR P 550 4.02 -88.41 -48.17
C THR P 550 5.50 -88.37 -48.51
N TYR P 551 6.37 -88.56 -47.52
CA TYR P 551 7.80 -88.67 -47.81
C TYR P 551 8.12 -90.01 -48.45
N HIS P 552 7.50 -91.08 -47.97
CA HIS P 552 7.64 -92.40 -48.57
C HIS P 552 6.30 -92.76 -49.19
N ARG P 553 6.07 -92.30 -50.42
CA ARG P 553 4.80 -92.63 -51.09
C ARG P 553 4.89 -93.98 -51.76
N SER P 554 6.10 -94.44 -52.05
CA SER P 554 6.32 -95.67 -52.80
C SER P 554 7.42 -96.52 -52.17
N ASN P 555 7.38 -96.72 -50.86
CA ASN P 555 8.48 -97.44 -50.23
C ASN P 555 8.02 -98.76 -49.64
N ILE P 556 8.09 -99.84 -50.43
CA ILE P 556 7.65 -101.21 -50.11
C ILE P 556 8.65 -102.00 -49.29
N ARG P 557 9.44 -101.32 -48.45
CA ARG P 557 10.41 -101.90 -47.50
C ARG P 557 9.98 -103.26 -46.94
N ILE P 558 10.94 -104.19 -46.93
CA ILE P 558 10.65 -105.62 -46.95
C ILE P 558 10.02 -106.10 -45.65
N ASP P 559 10.15 -105.32 -44.58
CA ASP P 559 9.56 -105.69 -43.29
C ASP P 559 8.38 -104.82 -42.91
N GLN P 560 8.50 -103.51 -43.06
CA GLN P 560 7.46 -102.59 -42.62
C GLN P 560 6.23 -102.69 -43.51
N VAL P 561 5.09 -102.28 -42.96
CA VAL P 561 3.86 -102.16 -43.74
C VAL P 561 4.05 -101.06 -44.80
N SER P 562 3.47 -101.30 -45.98
CA SER P 562 3.58 -100.38 -47.11
C SER P 562 2.96 -99.04 -46.78
N SER P 563 3.70 -97.97 -47.07
CA SER P 563 3.33 -96.64 -46.64
C SER P 563 2.35 -95.95 -47.58
N LEU P 564 1.88 -96.64 -48.61
CA LEU P 564 0.71 -96.17 -49.34
C LEU P 564 -0.48 -97.09 -49.11
N GLN P 565 -0.24 -98.29 -48.57
CA GLN P 565 -1.33 -99.12 -48.05
C GLN P 565 -2.04 -98.43 -46.90
N LYS P 566 -1.28 -97.76 -46.03
CA LYS P 566 -1.87 -96.90 -45.01
C LYS P 566 -2.66 -95.76 -45.64
N ARG P 567 -2.11 -95.18 -46.70
CA ARG P 567 -2.69 -93.96 -47.26
C ARG P 567 -3.90 -94.29 -48.12
N ILE P 568 -4.01 -95.55 -48.56
CA ILE P 568 -5.21 -95.99 -49.25
C ILE P 568 -6.34 -96.24 -48.26
N ALA P 569 -6.02 -96.89 -47.13
CA ALA P 569 -7.05 -97.28 -46.16
C ALA P 569 -7.63 -96.07 -45.45
N ALA P 570 -6.83 -95.01 -45.30
CA ALA P 570 -7.33 -93.81 -44.63
C ALA P 570 -8.29 -93.05 -45.54
N ARG P 571 -8.03 -93.06 -46.85
CA ARG P 571 -8.89 -92.31 -47.76
C ARG P 571 -10.23 -93.00 -47.94
N MET P 572 -10.23 -94.34 -47.98
CA MET P 572 -11.48 -95.07 -47.84
C MET P 572 -12.05 -94.90 -46.44
N GLY P 573 -11.19 -94.87 -45.44
CA GLY P 573 -11.61 -94.70 -44.07
C GLY P 573 -11.87 -95.99 -43.33
N LEU P 574 -11.83 -97.13 -44.01
CA LEU P 574 -12.21 -98.39 -43.39
C LEU P 574 -11.22 -98.80 -42.32
N GLY P 575 -11.75 -99.44 -41.27
CA GLY P 575 -10.99 -99.60 -40.04
C GLY P 575 -9.90 -100.65 -40.18
N GLY P 576 -8.89 -100.51 -39.33
CA GLY P 576 -7.81 -101.48 -39.29
C GLY P 576 -6.81 -101.10 -38.23
N GLU P 577 -6.01 -102.07 -37.84
CA GLU P 577 -4.90 -101.84 -36.92
C GLU P 577 -3.61 -101.48 -37.65
N LEU P 578 -3.70 -101.11 -38.93
CA LEU P 578 -2.48 -100.84 -39.70
C LEU P 578 -1.91 -99.46 -39.39
N PHE P 579 -2.62 -98.66 -38.60
CA PHE P 579 -2.04 -97.42 -38.09
C PHE P 579 -1.49 -97.56 -36.68
N LYS P 580 -1.35 -98.77 -36.17
CA LYS P 580 -0.74 -99.01 -34.87
C LYS P 580 0.75 -98.68 -34.94
N PRO P 581 1.37 -98.34 -33.80
CA PRO P 581 2.84 -98.15 -33.80
C PRO P 581 3.65 -99.34 -34.26
N GLN P 582 3.15 -100.56 -34.10
CA GLN P 582 3.77 -101.71 -34.72
C GLN P 582 2.80 -102.36 -35.70
N PRO P 583 3.30 -102.86 -36.85
CA PRO P 583 2.37 -103.29 -37.91
C PRO P 583 1.58 -104.55 -37.59
N ASP P 584 2.25 -105.62 -37.14
CA ASP P 584 1.63 -106.91 -36.80
C ASP P 584 0.87 -107.51 -37.99
N LEU P 585 1.64 -107.92 -39.01
CA LEU P 585 1.10 -108.20 -40.34
C LEU P 585 0.29 -109.49 -40.44
N SER P 586 -0.10 -110.12 -39.33
CA SER P 586 -1.00 -111.27 -39.41
C SER P 586 -2.43 -110.83 -39.75
N GLN P 587 -2.93 -109.84 -39.02
CA GLN P 587 -4.33 -109.43 -39.08
C GLN P 587 -4.43 -108.04 -39.68
N LEU P 588 -4.81 -107.97 -40.95
CA LEU P 588 -4.89 -106.71 -41.67
C LEU P 588 -6.23 -106.65 -42.38
N PRO P 589 -6.68 -105.45 -42.75
CA PRO P 589 -7.86 -105.39 -43.63
C PRO P 589 -7.59 -105.91 -45.03
N PHE P 590 -6.54 -105.43 -45.67
CA PHE P 590 -6.19 -105.86 -47.01
C PHE P 590 -4.68 -105.93 -47.11
N TYR P 591 -4.20 -106.43 -48.26
CA TYR P 591 -2.77 -106.61 -48.46
C TYR P 591 -2.37 -106.18 -49.86
N LEU P 592 -1.26 -105.47 -49.97
CA LEU P 592 -0.75 -105.04 -51.26
C LEU P 592 0.49 -105.85 -51.62
N ILE P 593 0.34 -106.71 -52.62
CA ILE P 593 1.44 -107.53 -53.13
C ILE P 593 1.78 -107.05 -54.53
N GLU P 594 3.05 -107.15 -54.89
CA GLU P 594 3.55 -106.75 -56.19
C GLU P 594 4.04 -107.97 -56.95
N HIS P 595 3.70 -108.08 -58.23
CA HIS P 595 4.13 -109.23 -59.01
C HIS P 595 5.62 -109.18 -59.34
N ARG P 596 6.20 -107.97 -59.38
CA ARG P 596 7.64 -107.81 -59.56
C ARG P 596 8.44 -108.39 -58.40
N ALA P 597 7.83 -108.49 -57.20
CA ALA P 597 8.54 -109.05 -56.06
C ALA P 597 8.60 -110.57 -56.13
N LEU P 598 7.85 -111.18 -57.06
CA LEU P 598 7.79 -112.63 -57.11
C LEU P 598 8.74 -113.20 -58.16
N LEU P 599 9.54 -112.35 -58.79
CA LEU P 599 10.36 -112.83 -59.89
C LEU P 599 11.84 -112.90 -59.50
N PRO P 600 12.48 -114.06 -59.66
CA PRO P 600 13.91 -114.17 -59.33
C PRO P 600 14.82 -113.96 -60.51
N VAL P 601 16.01 -113.39 -60.29
CA VAL P 601 16.98 -113.26 -61.36
C VAL P 601 17.90 -114.48 -61.38
N LYS P 602 18.34 -114.93 -60.21
CA LYS P 602 19.18 -116.13 -60.11
C LYS P 602 18.58 -117.13 -59.13
N LYS P 700 29.95 -130.00 -57.92
CA LYS P 700 29.34 -128.75 -57.49
C LYS P 700 29.26 -127.75 -58.66
N LEU P 701 29.68 -128.19 -59.84
CA LEU P 701 29.70 -127.34 -61.04
C LEU P 701 28.31 -127.38 -61.65
N PHE P 702 27.78 -128.54 -62.03
CA PHE P 702 26.50 -128.62 -62.72
C PHE P 702 25.41 -129.25 -61.85
N TRP P 703 25.42 -128.98 -60.55
CA TRP P 703 24.35 -129.48 -59.68
C TRP P 703 23.31 -128.41 -59.41
N GLN P 704 23.63 -127.14 -59.71
CA GLN P 704 22.67 -126.06 -59.47
C GLN P 704 21.51 -126.14 -60.44
N ASN P 705 21.78 -125.97 -61.74
CA ASN P 705 20.88 -126.33 -62.84
C ASN P 705 19.47 -125.75 -62.79
N SER P 706 19.30 -124.42 -62.88
CA SER P 706 17.97 -123.83 -62.73
C SER P 706 17.10 -124.09 -63.95
N PRO P 707 16.19 -125.07 -63.89
CA PRO P 707 15.58 -125.55 -65.14
C PRO P 707 14.45 -124.68 -65.68
N VAL P 708 13.46 -124.36 -64.84
CA VAL P 708 12.22 -123.69 -65.18
C VAL P 708 11.75 -122.96 -63.92
N TRP P 709 10.88 -121.97 -64.09
CA TRP P 709 10.15 -121.38 -62.98
C TRP P 709 8.74 -121.12 -63.46
N MET P 710 7.78 -121.12 -62.52
CA MET P 710 6.38 -120.75 -62.73
C MET P 710 5.76 -121.65 -63.80
N GLU P 711 5.53 -122.94 -63.49
CA GLU P 711 5.34 -124.07 -64.42
C GLU P 711 4.23 -123.77 -65.42
N ASP P 712 2.97 -123.71 -65.00
CA ASP P 712 1.83 -123.31 -65.82
C ASP P 712 0.69 -122.88 -64.91
N MET P 713 -0.24 -122.12 -65.47
CA MET P 713 -1.43 -121.72 -64.72
C MET P 713 -2.33 -122.91 -64.44
N GLY P 714 -3.16 -122.78 -63.42
CA GLY P 714 -4.13 -123.80 -63.13
C GLY P 714 -4.93 -123.50 -61.88
N TYR P 715 -6.05 -124.21 -61.74
CA TYR P 715 -6.85 -124.18 -60.54
C TYR P 715 -7.26 -125.61 -60.20
N ARG P 716 -8.14 -125.74 -59.22
CA ARG P 716 -8.61 -127.03 -58.75
C ARG P 716 -10.13 -127.04 -58.74
N LEU P 717 -10.72 -128.18 -59.07
CA LEU P 717 -12.14 -128.28 -59.39
C LEU P 717 -12.98 -128.55 -58.17
N ALA P 718 -13.73 -127.54 -57.73
CA ALA P 718 -14.78 -127.70 -56.73
C ALA P 718 -16.12 -127.28 -57.33
N TYR P 719 -16.20 -126.05 -57.82
CA TYR P 719 -17.38 -125.53 -58.50
C TYR P 719 -16.94 -124.43 -59.46
N ALA P 720 -17.75 -124.20 -60.49
CA ALA P 720 -17.38 -123.31 -61.59
C ALA P 720 -18.27 -122.07 -61.56
N SER P 721 -17.69 -120.92 -61.88
CA SER P 721 -18.41 -119.68 -62.05
C SER P 721 -17.91 -118.95 -63.29
N ASP P 722 -18.85 -118.51 -64.12
CA ASP P 722 -18.52 -117.74 -65.31
C ASP P 722 -19.09 -116.33 -65.18
N GLN P 723 -20.39 -116.24 -64.93
CA GLN P 723 -21.01 -114.97 -64.60
C GLN P 723 -20.50 -114.49 -63.25
N SER P 724 -20.17 -113.21 -63.18
CA SER P 724 -19.55 -112.65 -61.99
C SER P 724 -20.56 -112.57 -60.84
N SER P 725 -20.34 -113.37 -59.81
CA SER P 725 -21.12 -113.36 -58.59
C SER P 725 -20.66 -112.22 -57.68
N LEU P 726 -21.07 -112.27 -56.42
CA LEU P 726 -20.56 -111.33 -55.43
C LEU P 726 -19.05 -111.43 -55.25
N PRO P 727 -18.46 -112.62 -55.16
CA PRO P 727 -17.00 -112.73 -55.23
C PRO P 727 -16.46 -112.78 -56.64
N VAL P 728 -17.34 -112.71 -57.64
CA VAL P 728 -17.04 -112.77 -59.07
C VAL P 728 -16.25 -114.03 -59.45
N GLN P 730 -17.63 -118.35 -56.15
CA GLN P 730 -16.20 -118.57 -56.00
C GLN P 730 -15.91 -119.96 -55.47
N ARG P 731 -14.63 -120.35 -55.52
CA ARG P 731 -14.18 -121.65 -55.06
C ARG P 731 -13.07 -121.46 -54.04
N ARG P 732 -13.15 -122.21 -52.94
CA ARG P 732 -12.07 -122.20 -51.96
C ARG P 732 -10.85 -122.94 -52.51
N LEU P 733 -9.66 -122.51 -52.07
CA LEU P 733 -8.36 -123.03 -52.52
C LEU P 733 -8.20 -122.90 -54.03
N THR P 734 -8.72 -121.81 -54.58
CA THR P 734 -8.75 -121.58 -56.03
C THR P 734 -8.93 -120.09 -56.25
N ARG P 735 -9.24 -119.72 -57.49
CA ARG P 735 -9.51 -118.34 -57.82
C ARG P 735 -10.34 -118.28 -59.12
N THR P 736 -11.31 -117.36 -59.14
CA THR P 736 -11.95 -116.92 -60.36
C THR P 736 -11.42 -115.56 -60.78
N VAL P 737 -10.11 -115.37 -60.68
CA VAL P 737 -9.51 -114.04 -60.59
C VAL P 737 -9.31 -113.43 -61.97
N GLN P 738 -8.94 -114.26 -62.95
CA GLN P 738 -8.77 -113.77 -64.32
C GLN P 738 -10.12 -113.38 -64.89
N THR P 739 -10.12 -112.39 -65.77
CA THR P 739 -11.36 -111.82 -66.25
C THR P 739 -11.58 -112.28 -67.70
N PRO P 740 -11.92 -113.54 -67.93
CA PRO P 740 -12.34 -113.94 -69.28
C PRO P 740 -13.85 -114.05 -69.41
N PHE P 741 -14.39 -113.49 -70.48
CA PHE P 741 -15.64 -113.90 -71.10
C PHE P 741 -15.36 -115.14 -71.94
N PRO P 742 -14.13 -115.26 -72.42
CA PRO P 742 -13.84 -116.03 -73.64
C PRO P 742 -13.74 -117.53 -73.38
N PRO P 743 -13.20 -118.27 -74.38
CA PRO P 743 -13.39 -119.73 -74.51
C PRO P 743 -13.04 -120.65 -73.34
N MET P 744 -13.46 -121.90 -73.53
CA MET P 744 -13.63 -122.97 -72.55
C MET P 744 -12.36 -123.29 -71.76
N VAL P 745 -12.59 -123.90 -70.60
CA VAL P 745 -11.57 -124.56 -69.81
C VAL P 745 -11.45 -126.00 -70.29
N VAL P 746 -10.33 -126.34 -70.92
CA VAL P 746 -10.30 -127.48 -71.83
C VAL P 746 -9.43 -128.64 -71.36
N VAL P 747 -9.36 -128.89 -70.05
CA VAL P 747 -8.65 -130.08 -69.57
C VAL P 747 -9.24 -130.56 -68.25
N GLY P 748 -8.97 -131.82 -67.94
CA GLY P 748 -9.25 -132.39 -66.64
C GLY P 748 -8.26 -133.50 -66.36
N SER P 749 -7.92 -133.66 -65.07
CA SER P 749 -6.82 -134.54 -64.67
C SER P 749 -7.23 -135.42 -63.50
N GLU P 750 -8.36 -136.13 -63.67
CA GLU P 750 -9.02 -136.90 -62.61
C GLU P 750 -8.20 -138.01 -61.98
N ILE P 751 -7.91 -139.06 -62.75
CA ILE P 751 -7.29 -140.26 -62.21
C ILE P 751 -6.04 -140.57 -63.02
N THR P 752 -4.91 -140.02 -62.57
CA THR P 752 -3.61 -140.32 -63.15
C THR P 752 -2.92 -141.48 -62.44
N LEU P 753 -3.63 -142.14 -61.52
CA LEU P 753 -3.07 -143.32 -60.85
C LEU P 753 -3.32 -144.58 -61.66
N LEU P 754 -4.02 -144.46 -62.79
CA LEU P 754 -4.41 -145.61 -63.60
C LEU P 754 -4.42 -145.19 -65.06
N LYS P 755 -5.07 -146.01 -65.89
CA LYS P 755 -5.07 -145.82 -67.34
C LYS P 755 -6.08 -144.77 -67.79
N GLN P 756 -6.38 -144.77 -69.09
CA GLN P 756 -7.30 -143.84 -69.77
C GLN P 756 -6.81 -142.39 -69.67
N VAL P 757 -5.52 -142.20 -69.92
CA VAL P 757 -4.94 -140.85 -69.97
C VAL P 757 -5.17 -140.24 -71.35
N GLY P 758 -4.93 -138.92 -71.46
CA GLY P 758 -4.92 -138.28 -72.76
C GLY P 758 -6.23 -137.62 -73.15
N ILE P 759 -7.32 -138.32 -72.82
CA ILE P 759 -8.68 -138.05 -73.29
C ILE P 759 -9.35 -136.83 -72.65
N VAL P 760 -8.57 -136.01 -71.92
CA VAL P 760 -9.07 -134.85 -71.18
C VAL P 760 -9.97 -133.94 -72.02
N ASN P 761 -11.03 -133.44 -71.40
CA ASN P 761 -12.19 -132.96 -72.14
C ASN P 761 -12.16 -131.45 -72.36
N LEU P 762 -12.65 -131.04 -73.52
CA LEU P 762 -12.90 -129.62 -73.81
C LEU P 762 -14.31 -129.27 -73.37
N LYS P 763 -14.38 -128.57 -72.23
CA LYS P 763 -15.65 -128.34 -71.55
C LYS P 763 -16.44 -127.19 -72.18
N LYS P 764 -17.46 -126.73 -71.45
CA LYS P 764 -18.35 -125.68 -71.92
C LYS P 764 -17.68 -124.32 -71.92
N ALA P 765 -18.25 -123.36 -72.65
CA ALA P 765 -17.63 -122.07 -72.88
C ALA P 765 -17.74 -121.15 -71.66
N GLU P 766 -18.95 -120.84 -71.25
CA GLU P 766 -19.19 -119.94 -70.11
C GLU P 766 -20.39 -120.46 -69.34
N SER P 767 -20.12 -121.18 -68.25
CA SER P 767 -21.17 -121.70 -67.38
C SER P 767 -20.79 -121.47 -65.93
N GLU P 768 -21.77 -121.07 -65.13
CA GLU P 768 -21.59 -120.82 -63.71
C GLU P 768 -22.38 -121.85 -62.91
N LYS P 769 -21.69 -122.82 -62.33
CA LYS P 769 -22.33 -123.93 -61.64
C LYS P 769 -21.76 -124.09 -60.24
N LEU P 770 -22.54 -123.69 -59.25
CA LEU P 770 -22.19 -123.93 -57.85
C LEU P 770 -23.43 -124.42 -57.11
N TYR P 771 -24.59 -124.26 -57.73
CA TYR P 771 -25.87 -124.70 -57.19
C TYR P 771 -26.77 -125.11 -58.34
N ALA P 772 -27.91 -125.72 -58.00
CA ALA P 772 -28.78 -126.33 -59.00
C ALA P 772 -29.75 -125.35 -59.64
N LYS P 773 -29.51 -124.04 -59.55
CA LYS P 773 -30.31 -123.07 -60.29
C LYS P 773 -29.75 -122.86 -61.69
N VAL P 774 -28.65 -123.55 -62.02
CA VAL P 774 -28.03 -123.43 -63.33
C VAL P 774 -28.42 -124.61 -64.20
N VAL P 775 -29.62 -125.14 -64.00
CA VAL P 775 -30.09 -126.49 -64.38
C VAL P 775 -29.87 -126.92 -65.83
N SER P 776 -29.60 -125.97 -66.73
CA SER P 776 -29.24 -126.29 -68.11
C SER P 776 -27.89 -126.99 -68.13
N PHE P 777 -27.67 -127.77 -69.19
CA PHE P 777 -26.46 -128.59 -69.29
C PHE P 777 -25.21 -127.75 -69.55
N ASN P 791 -20.30 -126.55 -75.07
CA ASN P 791 -19.97 -127.75 -75.84
C ASN P 791 -19.27 -128.78 -74.97
N SER P 792 -19.23 -130.03 -75.46
CA SER P 792 -18.59 -131.12 -74.74
C SER P 792 -18.20 -132.22 -75.72
N THR P 793 -16.97 -132.71 -75.58
CA THR P 793 -16.47 -133.82 -76.37
C THR P 793 -15.36 -134.49 -75.58
N LEU P 794 -15.10 -135.78 -75.90
CA LEU P 794 -14.34 -136.69 -75.05
C LEU P 794 -14.87 -136.62 -73.62
N ALA P 795 -16.12 -137.06 -73.45
CA ALA P 795 -17.20 -136.21 -72.93
C ALA P 795 -16.85 -135.58 -71.58
N PHE P 796 -16.98 -136.30 -70.45
CA PHE P 796 -16.32 -136.20 -69.14
C PHE P 796 -17.07 -137.14 -68.20
N PRO P 797 -16.53 -137.43 -67.01
CA PRO P 797 -17.40 -137.42 -65.84
C PRO P 797 -17.27 -136.07 -65.18
N THR P 798 -18.37 -135.37 -64.88
CA THR P 798 -18.28 -134.06 -64.24
C THR P 798 -19.53 -133.76 -63.44
N SER P 799 -19.52 -134.14 -62.15
CA SER P 799 -20.48 -133.63 -61.16
C SER P 799 -20.05 -133.91 -59.73
N GLU P 800 -19.74 -132.85 -58.98
CA GLU P 800 -19.99 -132.74 -57.54
C GLU P 800 -19.24 -133.71 -56.62
N GLU P 801 -18.49 -134.67 -57.17
CA GLU P 801 -17.96 -135.73 -56.33
C GLU P 801 -16.44 -135.70 -56.28
N ALA P 802 -15.80 -135.71 -57.43
CA ALA P 802 -14.35 -135.79 -57.52
C ALA P 802 -13.76 -134.38 -57.56
N TRP P 803 -12.97 -134.05 -56.54
CA TRP P 803 -12.13 -132.87 -56.55
C TRP P 803 -10.84 -133.10 -57.32
N ARG P 804 -10.65 -134.30 -57.87
CA ARG P 804 -9.36 -134.68 -58.44
C ARG P 804 -9.19 -134.10 -59.84
N TYR P 805 -10.26 -133.57 -60.42
CA TYR P 805 -10.15 -132.89 -61.71
C TYR P 805 -9.42 -131.56 -61.54
N SER P 806 -8.70 -131.16 -62.58
CA SER P 806 -8.03 -129.87 -62.59
C SER P 806 -8.62 -128.95 -63.65
N TRP P 807 -8.08 -127.73 -63.69
CA TRP P 807 -8.51 -126.68 -64.60
C TRP P 807 -7.43 -126.37 -65.61
N TYR P 808 -7.81 -125.62 -66.65
CA TYR P 808 -6.93 -125.16 -67.70
C TYR P 808 -7.67 -124.06 -68.44
N PHE P 809 -7.03 -123.51 -69.46
CA PHE P 809 -7.70 -122.66 -70.43
C PHE P 809 -7.34 -123.13 -71.83
N SER P 810 -8.33 -123.13 -72.72
CA SER P 810 -8.10 -123.44 -74.12
C SER P 810 -7.18 -122.39 -74.74
N GLY P 811 -6.33 -122.82 -75.67
CA GLY P 811 -5.37 -121.89 -76.24
C GLY P 811 -5.92 -120.97 -77.32
N GLU P 812 -7.11 -121.26 -77.85
CA GLU P 812 -7.64 -120.44 -78.95
C GLU P 812 -8.39 -119.21 -78.46
N LYS P 813 -8.30 -118.86 -77.17
CA LYS P 813 -8.66 -117.51 -76.78
C LYS P 813 -7.54 -116.52 -77.11
N TYR P 814 -6.29 -116.97 -76.97
CA TYR P 814 -5.07 -116.23 -77.29
C TYR P 814 -4.99 -114.88 -76.56
N GLU P 815 -5.14 -114.93 -75.24
CA GLU P 815 -5.04 -113.75 -74.38
C GLU P 815 -3.86 -113.84 -73.42
N ARG P 816 -2.71 -114.31 -73.88
CA ARG P 816 -1.52 -114.33 -73.04
C ARG P 816 -0.92 -112.93 -72.96
N THR P 817 -1.02 -112.31 -71.79
CA THR P 817 -0.62 -110.93 -71.59
C THR P 817 0.54 -110.87 -70.60
N ASP P 818 1.21 -109.73 -70.58
CA ASP P 818 2.24 -109.45 -69.58
C ASP P 818 1.53 -108.98 -68.32
N ARG P 819 1.72 -109.71 -67.22
CA ARG P 819 1.03 -109.43 -65.98
C ARG P 819 1.98 -108.97 -64.88
N PHE P 820 3.27 -109.23 -65.04
CA PHE P 820 4.19 -109.09 -63.92
C PHE P 820 4.89 -107.74 -63.90
N SER P 821 4.57 -106.84 -64.82
CA SER P 821 5.40 -105.66 -65.01
C SER P 821 5.13 -104.59 -63.95
N PHE P 822 3.91 -104.05 -63.93
CA PHE P 822 3.60 -102.91 -63.08
C PHE P 822 2.24 -103.11 -62.41
N VAL P 823 1.93 -104.33 -61.99
CA VAL P 823 0.57 -104.67 -61.59
C VAL P 823 0.56 -105.07 -60.11
N ILE P 824 0.05 -104.18 -59.27
CA ILE P 824 -0.17 -104.42 -57.85
C ILE P 824 -1.49 -105.15 -57.69
N SER P 825 -1.51 -106.20 -56.88
CA SER P 825 -2.75 -106.91 -56.57
C SER P 825 -3.13 -106.68 -55.11
N VAL P 826 -4.37 -106.25 -54.90
CA VAL P 826 -4.90 -105.96 -53.59
C VAL P 826 -5.99 -106.97 -53.26
N VAL P 827 -5.74 -107.80 -52.26
CA VAL P 827 -6.69 -108.83 -51.83
C VAL P 827 -7.58 -108.27 -50.73
N VAL P 828 -8.89 -108.33 -50.95
CA VAL P 828 -9.87 -107.63 -50.14
C VAL P 828 -10.75 -108.66 -49.46
N ASN P 829 -11.28 -108.34 -48.28
CA ASN P 829 -12.29 -109.20 -47.67
C ASN P 829 -13.64 -109.02 -48.38
N SER P 830 -14.36 -110.13 -48.52
CA SER P 830 -15.70 -110.07 -49.08
C SER P 830 -16.78 -109.96 -48.02
N ASP P 831 -16.40 -109.75 -46.76
CA ASP P 831 -17.40 -109.53 -45.72
C ASP P 831 -17.90 -108.10 -45.75
N LEU P 832 -17.18 -107.22 -46.45
CA LEU P 832 -17.68 -105.86 -46.66
C LEU P 832 -18.83 -105.86 -47.65
N ILE P 833 -18.83 -106.83 -48.57
CA ILE P 833 -19.94 -107.00 -49.49
C ILE P 833 -21.07 -107.79 -48.82
N LYS P 834 -20.77 -108.49 -47.72
CA LYS P 834 -21.76 -109.33 -47.06
C LYS P 834 -22.87 -108.52 -46.41
N LEU P 835 -22.63 -107.22 -46.16
CA LEU P 835 -23.66 -106.35 -45.62
C LEU P 835 -24.79 -106.18 -46.63
N PRO P 836 -26.05 -106.17 -46.18
CA PRO P 836 -27.17 -106.22 -47.14
C PRO P 836 -27.36 -104.91 -47.89
N GLY P 837 -28.04 -105.00 -49.03
CA GLY P 837 -28.28 -103.85 -49.87
C GLY P 837 -27.06 -103.34 -50.60
N VAL P 838 -26.03 -104.17 -50.75
CA VAL P 838 -24.70 -103.69 -51.13
C VAL P 838 -24.66 -103.25 -52.60
N ASP P 839 -25.27 -104.04 -53.50
CA ASP P 839 -25.03 -103.97 -54.94
C ASP P 839 -23.53 -103.86 -55.25
N PRO P 840 -22.77 -104.99 -55.15
CA PRO P 840 -21.30 -104.97 -55.19
C PRO P 840 -20.65 -104.25 -56.36
N TYR P 841 -21.33 -104.20 -57.51
CA TYR P 841 -20.85 -103.40 -58.62
C TYR P 841 -20.96 -101.91 -58.32
N LYS P 842 -22.08 -101.48 -57.73
CA LYS P 842 -22.26 -100.06 -57.43
C LYS P 842 -21.34 -99.62 -56.30
N LEU P 843 -21.03 -100.52 -55.36
CA LEU P 843 -20.02 -100.23 -54.36
C LEU P 843 -18.64 -100.11 -55.01
N GLU P 844 -18.37 -100.98 -55.99
CA GLU P 844 -17.03 -101.03 -56.61
C GLU P 844 -16.78 -99.78 -57.45
N GLU P 845 -17.83 -99.13 -57.92
CA GLU P 845 -17.65 -97.83 -58.57
C GLU P 845 -17.21 -96.78 -57.57
N TRP P 846 -17.58 -96.93 -56.30
CA TRP P 846 -17.15 -95.97 -55.29
C TRP P 846 -15.76 -96.32 -54.72
N VAL P 847 -15.44 -97.61 -54.61
CA VAL P 847 -14.17 -98.02 -54.00
C VAL P 847 -12.98 -97.58 -54.86
N LYS P 848 -13.06 -97.82 -56.18
CA LYS P 848 -11.99 -97.37 -57.06
C LYS P 848 -12.07 -95.87 -57.35
N GLU P 849 -13.15 -95.21 -56.91
CA GLU P 849 -13.30 -93.77 -57.11
C GLU P 849 -12.32 -92.98 -56.25
N THR P 850 -12.18 -93.37 -54.98
CA THR P 850 -11.33 -92.62 -54.06
C THR P 850 -9.86 -92.99 -54.21
N ILE P 851 -9.55 -94.30 -54.26
CA ILE P 851 -8.16 -94.75 -54.26
C ILE P 851 -7.49 -94.58 -55.64
N LEU P 852 -8.24 -94.12 -56.64
CA LEU P 852 -7.66 -93.76 -57.93
C LEU P 852 -6.60 -92.68 -57.78
N THR P 853 -6.87 -91.68 -56.94
CA THR P 853 -5.91 -90.60 -56.71
C THR P 853 -4.72 -91.11 -55.91
N GLU P 854 -4.93 -92.14 -55.09
CA GLU P 854 -3.88 -92.62 -54.20
C GLU P 854 -2.79 -93.39 -54.96
N PHE P 855 -3.15 -94.01 -56.07
CA PHE P 855 -2.17 -94.80 -56.80
C PHE P 855 -1.35 -93.92 -57.74
N PRO P 856 -0.13 -94.35 -58.08
CA PRO P 856 0.59 -93.73 -59.20
C PRO P 856 -0.10 -94.00 -60.53
N ALA P 857 0.23 -93.18 -61.52
CA ALA P 857 -0.42 -93.28 -62.81
C ALA P 857 0.01 -94.53 -63.56
N HIS P 858 1.30 -94.85 -63.52
CA HIS P 858 1.78 -96.04 -64.20
C HIS P 858 1.40 -97.29 -63.45
N ILE P 859 1.27 -97.19 -62.12
CA ILE P 859 1.08 -98.38 -61.31
C ILE P 859 -0.37 -98.82 -61.42
N SER P 860 -0.58 -100.13 -61.53
CA SER P 860 -1.83 -100.70 -62.03
C SER P 860 -2.35 -101.72 -61.03
N MET P 861 -3.68 -101.77 -60.88
CA MET P 861 -4.31 -102.49 -59.78
C MET P 861 -5.42 -103.41 -60.28
N ILE P 862 -5.27 -104.71 -60.02
CA ILE P 862 -6.37 -105.67 -60.10
C ILE P 862 -6.62 -106.21 -58.70
N ILE P 863 -7.89 -106.36 -58.34
CA ILE P 863 -8.26 -106.79 -57.00
C ILE P 863 -8.98 -108.13 -57.07
N HIS P 864 -8.81 -108.94 -56.03
CA HIS P 864 -9.40 -110.27 -55.95
C HIS P 864 -9.89 -110.47 -54.53
N TRP P 865 -11.21 -110.53 -54.33
CA TRP P 865 -11.77 -110.63 -52.99
C TRP P 865 -12.45 -111.97 -52.78
N MET P 866 -12.19 -112.57 -51.61
CA MET P 866 -12.59 -113.93 -51.28
C MET P 866 -13.23 -113.95 -49.89
N ASP P 867 -13.62 -115.16 -49.45
CA ASP P 867 -14.37 -115.32 -48.21
C ASP P 867 -13.48 -115.13 -46.97
N ARG P 868 -14.05 -115.42 -45.80
CA ARG P 868 -13.31 -115.23 -44.56
C ARG P 868 -12.22 -116.28 -44.38
N GLU P 869 -12.46 -117.51 -44.86
CA GLU P 869 -11.51 -118.58 -44.60
C GLU P 869 -10.34 -118.55 -45.57
N ALA P 870 -10.60 -118.22 -46.83
CA ALA P 870 -9.51 -118.13 -47.80
C ALA P 870 -8.71 -116.86 -47.59
N PHE P 871 -9.29 -115.86 -46.95
CA PHE P 871 -8.52 -114.68 -46.56
C PHE P 871 -7.57 -115.01 -45.43
N LEU P 872 -8.02 -115.79 -44.45
CA LEU P 872 -7.20 -116.09 -43.29
C LEU P 872 -6.08 -117.06 -43.65
N ASN P 873 -6.28 -117.88 -44.67
CA ASN P 873 -5.17 -118.71 -45.16
C ASN P 873 -4.15 -117.85 -45.88
N PHE P 874 -4.59 -116.78 -46.55
CA PHE P 874 -3.66 -115.83 -47.12
C PHE P 874 -2.98 -115.01 -46.02
N ALA P 875 -3.72 -114.73 -44.93
CA ALA P 875 -3.22 -113.82 -43.92
C ALA P 875 -2.07 -114.44 -43.13
N ASN P 876 -2.04 -115.77 -43.06
CA ASN P 876 -0.90 -116.44 -42.44
C ASN P 876 0.30 -116.45 -43.38
N THR P 877 0.05 -116.69 -44.67
CA THR P 877 1.15 -116.91 -45.60
C THR P 877 1.85 -115.61 -45.97
N TYR P 878 1.16 -114.47 -45.82
CA TYR P 878 1.79 -113.20 -46.13
C TYR P 878 2.79 -112.82 -45.04
N GLN P 879 2.48 -113.14 -43.78
CA GLN P 879 3.34 -112.69 -42.70
C GLN P 879 4.61 -113.52 -42.61
N ARG P 880 4.51 -114.83 -42.85
CA ARG P 880 5.70 -115.67 -42.89
C ARG P 880 6.57 -115.32 -44.09
N TRP P 881 5.94 -114.84 -45.16
CA TRP P 881 6.66 -114.32 -46.32
C TRP P 881 7.42 -113.05 -45.97
N GLN P 882 6.81 -112.17 -45.18
CA GLN P 882 7.43 -110.89 -44.88
C GLN P 882 8.41 -110.99 -43.72
N ASN P 883 8.20 -111.96 -42.82
CA ASN P 883 9.14 -112.15 -41.72
C ASN P 883 10.44 -112.75 -42.20
N ASN P 884 10.39 -113.54 -43.28
CA ASN P 884 11.63 -114.08 -43.83
C ASN P 884 12.38 -113.02 -44.63
N GLY P 885 11.66 -112.02 -45.14
CA GLY P 885 12.31 -110.97 -45.88
C GLY P 885 12.09 -111.07 -47.37
N THR P 886 10.87 -111.46 -47.76
CA THR P 886 10.50 -111.80 -49.13
C THR P 886 11.49 -112.79 -49.79
N PRO P 887 11.41 -114.08 -49.45
CA PRO P 887 12.19 -115.06 -50.19
C PRO P 887 11.40 -115.59 -51.38
N LEU P 888 12.10 -116.28 -52.26
CA LEU P 888 11.45 -116.93 -53.40
C LEU P 888 11.12 -118.39 -53.14
N GLY P 889 10.99 -118.77 -51.87
CA GLY P 889 10.78 -120.15 -51.49
C GLY P 889 9.32 -120.56 -51.55
N ASP P 890 8.95 -121.44 -50.63
CA ASP P 890 7.63 -122.06 -50.67
C ASP P 890 6.54 -121.11 -50.21
N ALA P 891 6.91 -120.08 -49.44
CA ALA P 891 5.92 -119.10 -48.99
C ALA P 891 5.47 -118.22 -50.14
N ALA P 892 6.36 -117.93 -51.08
CA ALA P 892 5.99 -117.08 -52.22
C ALA P 892 5.20 -117.87 -53.25
N TYR P 893 5.51 -119.15 -53.41
CA TYR P 893 4.82 -119.96 -54.41
C TYR P 893 3.38 -120.28 -53.99
N SER P 894 3.13 -120.29 -52.68
CA SER P 894 1.76 -120.43 -52.20
C SER P 894 0.95 -119.18 -52.51
N ILE P 895 1.58 -118.00 -52.40
CA ILE P 895 0.92 -116.75 -52.77
C ILE P 895 0.73 -116.69 -54.28
N LEU P 896 1.67 -117.28 -55.03
CA LEU P 896 1.56 -117.32 -56.48
C LEU P 896 0.43 -118.27 -56.90
N GLU P 897 0.16 -119.29 -56.08
CA GLU P 897 -0.97 -120.17 -56.32
C GLU P 897 -2.28 -119.48 -55.99
N SER P 898 -2.24 -118.55 -55.03
CA SER P 898 -3.47 -117.92 -54.55
C SER P 898 -4.04 -116.96 -55.58
N LEU P 899 -3.21 -116.48 -56.50
CA LEU P 899 -3.70 -115.70 -57.61
C LEU P 899 -3.98 -116.59 -58.82
N THR P 900 -4.32 -115.95 -59.94
CA THR P 900 -4.52 -116.66 -61.20
C THR P 900 -3.23 -117.26 -61.74
N LEU P 901 -2.08 -116.65 -61.42
CA LEU P 901 -0.90 -116.72 -62.29
C LEU P 901 -0.25 -118.11 -62.32
N GLY P 902 -0.55 -118.95 -61.33
CA GLY P 902 -0.10 -120.33 -61.35
C GLY P 902 1.36 -120.49 -60.92
N LYS P 903 1.62 -121.61 -60.24
CA LYS P 903 2.91 -121.83 -59.61
C LYS P 903 3.34 -123.27 -59.80
N LEU P 904 4.62 -123.53 -59.50
CA LEU P 904 5.17 -124.88 -59.56
C LEU P 904 5.18 -125.44 -58.15
N PRO P 905 4.14 -126.14 -57.71
CA PRO P 905 4.12 -126.66 -56.33
C PRO P 905 4.52 -128.13 -56.26
N SER P 906 5.13 -128.65 -57.33
CA SER P 906 5.27 -130.10 -57.48
C SER P 906 6.35 -130.66 -56.55
N ALA P 907 7.23 -129.81 -56.03
CA ALA P 907 8.29 -130.31 -55.15
C ALA P 907 7.76 -130.66 -53.77
N LEU P 908 6.70 -129.98 -53.33
CA LEU P 908 6.09 -130.18 -52.03
C LEU P 908 4.70 -130.78 -52.13
N LYS P 909 4.52 -131.82 -52.97
CA LYS P 909 3.26 -132.42 -53.45
C LYS P 909 2.26 -132.66 -52.31
N GLY P 910 2.66 -133.31 -51.22
CA GLY P 910 1.74 -133.57 -50.14
C GLY P 910 1.55 -132.40 -49.19
N ALA Q 6 -50.18 -37.74 -26.50
CA ALA Q 6 -49.17 -36.73 -26.16
C ALA Q 6 -49.59 -35.36 -26.66
N LEU Q 7 -50.85 -34.99 -26.41
CA LEU Q 7 -51.31 -33.67 -26.77
C LEU Q 7 -50.88 -32.63 -25.75
N PHE Q 8 -50.45 -33.08 -24.57
CA PHE Q 8 -50.18 -32.15 -23.47
C PHE Q 8 -48.92 -31.34 -23.69
N HIS Q 9 -47.89 -31.94 -24.29
CA HIS Q 9 -46.58 -31.29 -24.32
C HIS Q 9 -46.54 -30.16 -25.34
N SER Q 10 -47.47 -30.15 -26.29
CA SER Q 10 -47.45 -29.09 -27.29
C SER Q 10 -48.33 -27.92 -26.87
N VAL Q 11 -49.36 -28.18 -26.07
CA VAL Q 11 -50.31 -27.15 -25.64
C VAL Q 11 -49.95 -26.62 -24.25
N LYS Q 12 -48.86 -27.12 -23.66
CA LYS Q 12 -48.54 -26.90 -22.24
C LYS Q 12 -48.30 -25.43 -21.91
N ASP Q 13 -47.75 -24.68 -22.87
CA ASP Q 13 -47.55 -23.26 -22.63
C ASP Q 13 -48.86 -22.49 -22.78
N ASP Q 14 -49.87 -23.13 -23.37
CA ASP Q 14 -51.08 -22.39 -23.74
C ASP Q 14 -52.20 -22.58 -22.72
N ILE Q 15 -52.35 -23.78 -22.17
CA ILE Q 15 -53.38 -23.99 -21.16
C ILE Q 15 -52.80 -23.71 -19.80
N HIS Q 16 -52.63 -22.45 -19.47
CA HIS Q 16 -51.85 -22.07 -18.31
C HIS Q 16 -52.50 -20.87 -17.64
N PHE Q 17 -52.32 -20.76 -16.33
CA PHE Q 17 -52.90 -19.65 -15.58
C PHE Q 17 -52.29 -18.32 -16.01
N ASP Q 18 -50.99 -18.31 -16.28
CA ASP Q 18 -50.30 -17.06 -16.57
C ASP Q 18 -50.65 -16.56 -17.97
N THR Q 19 -51.06 -17.46 -18.86
CA THR Q 19 -51.37 -17.05 -20.23
C THR Q 19 -52.87 -16.90 -20.44
N LEU Q 20 -53.68 -17.58 -19.63
CA LEU Q 20 -55.12 -17.34 -19.70
C LEU Q 20 -55.49 -16.04 -19.00
N LEU Q 21 -54.72 -15.65 -17.99
CA LEU Q 21 -54.99 -14.39 -17.32
C LEU Q 21 -54.62 -13.20 -18.20
N GLU Q 22 -53.57 -13.35 -19.00
CA GLU Q 22 -53.19 -12.28 -19.93
C GLU Q 22 -54.21 -12.16 -21.04
N GLN Q 23 -54.90 -13.24 -21.36
CA GLN Q 23 -56.03 -13.16 -22.27
C GLN Q 23 -57.19 -12.40 -21.64
N ALA Q 24 -57.38 -12.59 -20.34
CA ALA Q 24 -58.56 -12.04 -19.69
C ALA Q 24 -58.39 -10.56 -19.37
N HIS Q 25 -57.16 -10.12 -19.12
CA HIS Q 25 -56.93 -8.69 -18.89
C HIS Q 25 -57.11 -7.89 -20.16
N GLN Q 26 -56.84 -8.50 -21.31
CA GLN Q 26 -56.93 -7.77 -22.57
C GLN Q 26 -58.37 -7.55 -22.98
N VAL Q 27 -59.30 -8.37 -22.47
CA VAL Q 27 -60.72 -8.12 -22.72
C VAL Q 27 -61.20 -6.98 -21.84
N ILE Q 28 -60.62 -6.83 -20.65
CA ILE Q 28 -61.03 -5.75 -19.77
C ILE Q 28 -60.41 -4.43 -20.21
N GLU Q 29 -59.16 -4.49 -20.69
CA GLU Q 29 -58.42 -3.27 -20.99
C GLU Q 29 -58.91 -2.63 -22.28
N LYS Q 30 -59.58 -3.39 -23.14
CA LYS Q 30 -60.13 -2.81 -24.36
C LYS Q 30 -61.55 -2.32 -24.14
N GLN Q 31 -62.35 -3.06 -23.37
CA GLN Q 31 -63.79 -2.81 -23.38
C GLN Q 31 -64.23 -1.96 -22.19
N ALA Q 32 -63.58 -2.13 -21.04
CA ALA Q 32 -63.95 -1.38 -19.85
C ALA Q 32 -62.76 -0.67 -19.21
N GLU Q 33 -61.96 0.04 -20.01
CA GLU Q 33 -60.79 0.71 -19.47
C GLU Q 33 -61.16 2.00 -18.75
N LYS Q 34 -62.36 2.52 -19.03
CA LYS Q 34 -62.77 3.78 -18.42
C LYS Q 34 -63.51 3.55 -17.11
N LEU Q 35 -64.36 2.52 -17.07
CA LEU Q 35 -65.18 2.31 -15.88
C LEU Q 35 -64.47 1.40 -14.87
N TRP Q 36 -63.52 0.60 -15.34
CA TRP Q 36 -62.80 -0.36 -14.50
C TRP Q 36 -61.32 -0.15 -14.76
N SER Q 37 -60.73 0.80 -14.07
CA SER Q 37 -59.38 1.25 -14.38
C SER Q 37 -58.34 0.70 -13.41
N ASP Q 38 -58.76 0.05 -12.33
CA ASP Q 38 -57.84 -0.52 -11.36
C ASP Q 38 -57.94 -2.04 -11.45
N THR Q 39 -56.93 -2.65 -12.07
CA THR Q 39 -56.87 -4.09 -12.20
C THR Q 39 -55.74 -4.69 -11.39
N ALA Q 40 -55.42 -4.08 -10.24
CA ALA Q 40 -54.36 -4.58 -9.39
C ALA Q 40 -54.81 -5.85 -8.68
N GLU Q 41 -53.89 -6.43 -7.91
CA GLU Q 41 -54.16 -7.74 -7.31
C GLU Q 41 -55.02 -7.65 -6.06
N HIS Q 42 -55.56 -6.48 -5.73
CA HIS Q 42 -56.32 -6.36 -4.49
C HIS Q 42 -57.81 -6.55 -4.72
N ASP Q 43 -58.35 -6.08 -5.86
CA ASP Q 43 -59.79 -5.83 -5.92
C ASP Q 43 -60.57 -7.13 -6.09
N PRO Q 44 -61.84 -7.16 -5.68
CA PRO Q 44 -62.63 -8.39 -5.86
C PRO Q 44 -62.91 -8.76 -7.31
N GLY Q 45 -62.73 -7.84 -8.24
CA GLY Q 45 -63.01 -8.17 -9.63
C GLY Q 45 -62.00 -9.12 -10.23
N ILE Q 46 -60.73 -8.94 -9.89
CA ILE Q 46 -59.69 -9.79 -10.45
C ILE Q 46 -59.63 -11.13 -9.72
N THR Q 47 -59.93 -11.13 -8.42
CA THR Q 47 -59.89 -12.39 -7.65
C THR Q 47 -61.03 -13.31 -8.04
N PHE Q 48 -62.10 -12.77 -8.62
CA PHE Q 48 -63.15 -13.62 -9.15
C PHE Q 48 -62.66 -14.18 -10.47
N LEU Q 49 -61.97 -13.33 -11.23
CA LEU Q 49 -61.43 -13.74 -12.51
C LEU Q 49 -60.29 -14.72 -12.35
N GLN Q 50 -59.45 -14.52 -11.33
CA GLN Q 50 -58.36 -15.46 -11.10
C GLN Q 50 -58.88 -16.78 -10.57
N GLY Q 51 -60.04 -16.79 -9.92
CA GLY Q 51 -60.67 -18.04 -9.59
C GLY Q 51 -61.20 -18.76 -10.81
N ILE Q 52 -61.74 -18.00 -11.76
CA ILE Q 52 -62.31 -18.61 -12.96
C ILE Q 52 -61.23 -19.04 -13.93
N SER Q 53 -60.19 -18.21 -14.10
CA SER Q 53 -59.14 -18.51 -15.07
C SER Q 53 -58.24 -19.64 -14.58
N TYR Q 54 -58.32 -19.98 -13.31
CA TYR Q 54 -57.70 -21.22 -12.84
C TYR Q 54 -58.64 -22.40 -13.04
N GLY Q 55 -59.94 -22.16 -12.98
CA GLY Q 55 -60.90 -23.23 -13.22
C GLY Q 55 -60.96 -23.62 -14.68
N VAL Q 56 -60.68 -22.67 -15.58
CA VAL Q 56 -60.60 -22.97 -17.00
C VAL Q 56 -59.30 -23.72 -17.29
N SER Q 57 -58.21 -23.31 -16.63
CA SER Q 57 -56.95 -24.03 -16.75
C SER Q 57 -57.05 -25.43 -16.17
N ASP Q 58 -57.86 -25.59 -15.13
CA ASP Q 58 -58.19 -26.93 -14.64
C ASP Q 58 -59.01 -27.68 -15.68
N LEU Q 59 -59.98 -27.02 -16.29
CA LEU Q 59 -60.92 -27.69 -17.20
C LEU Q 59 -60.24 -28.06 -18.50
N ALA Q 60 -59.27 -27.25 -18.94
CA ALA Q 60 -58.62 -27.52 -20.22
C ALA Q 60 -57.49 -28.52 -20.06
N TYR Q 61 -57.07 -28.78 -18.83
CA TYR Q 61 -56.05 -29.80 -18.60
C TYR Q 61 -56.63 -31.20 -18.82
N ARG Q 62 -57.93 -31.38 -18.54
CA ARG Q 62 -58.53 -32.70 -18.67
C ARG Q 62 -58.71 -33.10 -20.12
N HIS Q 63 -58.63 -32.14 -21.06
CA HIS Q 63 -58.71 -32.49 -22.46
C HIS Q 63 -57.40 -33.06 -22.97
N THR Q 64 -56.29 -32.70 -22.32
CA THR Q 64 -54.98 -33.12 -22.80
C THR Q 64 -54.53 -34.45 -22.22
N LEU Q 65 -55.41 -35.18 -21.55
CA LEU Q 65 -55.09 -36.54 -21.15
C LEU Q 65 -55.08 -37.43 -22.39
N PRO Q 66 -54.34 -38.55 -22.35
CA PRO Q 66 -54.25 -39.41 -23.53
C PRO Q 66 -55.59 -40.07 -23.86
N LEU Q 67 -55.79 -40.32 -25.16
CA LEU Q 67 -57.13 -40.64 -25.66
C LEU Q 67 -57.59 -42.02 -25.24
N LYS Q 68 -56.66 -42.89 -24.89
CA LYS Q 68 -57.06 -44.20 -24.37
C LYS Q 68 -57.61 -44.08 -22.96
N ASP Q 69 -57.24 -43.03 -22.23
CA ASP Q 69 -57.71 -42.87 -20.86
C ASP Q 69 -58.95 -41.99 -20.80
N LEU Q 70 -59.15 -41.15 -21.82
CA LEU Q 70 -60.39 -40.37 -21.87
C LEU Q 70 -61.56 -41.24 -22.31
N LEU Q 71 -61.29 -42.18 -23.23
CA LEU Q 71 -62.39 -42.88 -23.87
C LEU Q 71 -62.81 -44.11 -23.09
N THR Q 72 -62.02 -44.53 -22.12
CA THR Q 72 -62.45 -45.62 -21.27
C THR Q 72 -63.49 -45.13 -20.27
N PRO Q 73 -64.56 -45.87 -20.06
CA PRO Q 73 -65.55 -45.48 -19.06
C PRO Q 73 -65.10 -45.92 -17.68
N ALA Q 74 -65.91 -45.55 -16.68
CA ALA Q 74 -65.68 -45.96 -15.31
C ALA Q 74 -65.82 -47.47 -15.19
N PRO Q 75 -65.07 -48.09 -14.27
CA PRO Q 75 -65.09 -49.56 -14.19
C PRO Q 75 -66.41 -50.18 -13.74
N ASP Q 76 -67.37 -49.37 -13.25
CA ASP Q 76 -68.66 -49.95 -12.91
C ASP Q 76 -69.50 -50.22 -14.15
N GLU Q 77 -69.34 -49.41 -15.19
CA GLU Q 77 -70.11 -49.55 -16.42
C GLU Q 77 -69.13 -49.74 -17.58
N GLN Q 78 -69.03 -50.97 -18.06
CA GLN Q 78 -68.21 -51.28 -19.23
C GLN Q 78 -68.96 -52.24 -20.13
N GLN Q 79 -68.88 -51.99 -21.43
CA GLN Q 79 -69.12 -53.03 -22.43
C GLN Q 79 -67.87 -53.89 -22.42
N GLN Q 80 -68.05 -55.19 -22.69
CA GLN Q 80 -67.17 -56.30 -22.25
C GLN Q 80 -65.73 -56.07 -22.68
N GLU Q 81 -65.42 -56.00 -23.98
CA GLU Q 81 -64.06 -55.72 -24.39
C GLU Q 81 -63.87 -54.21 -24.53
N GLY Q 82 -62.71 -53.81 -25.01
CA GLY Q 82 -62.24 -52.45 -24.79
C GLY Q 82 -62.91 -51.38 -25.63
N ILE Q 83 -62.14 -50.29 -25.84
CA ILE Q 83 -62.55 -48.96 -26.31
C ILE Q 83 -63.49 -49.00 -27.49
N PHE Q 84 -63.11 -49.73 -28.52
CA PHE Q 84 -64.04 -50.05 -29.58
C PHE Q 84 -64.54 -51.47 -29.36
N PRO Q 85 -65.83 -51.74 -29.62
CA PRO Q 85 -66.38 -53.06 -29.35
C PRO Q 85 -65.75 -54.14 -30.21
N ALA Q 86 -65.89 -55.40 -29.78
CA ALA Q 86 -65.17 -56.49 -30.42
C ALA Q 86 -65.72 -56.82 -31.80
N GLU Q 87 -66.92 -56.32 -32.12
CA GLU Q 87 -67.44 -56.47 -33.46
C GLU Q 87 -66.75 -55.53 -34.43
N PHE Q 88 -66.08 -54.50 -33.90
CA PHE Q 88 -65.48 -53.48 -34.75
C PHE Q 88 -63.99 -53.69 -34.96
N GLY Q 89 -63.46 -54.84 -34.60
CA GLY Q 89 -62.06 -55.14 -34.83
C GLY Q 89 -61.77 -55.34 -36.30
N PRO Q 90 -60.48 -55.43 -36.66
CA PRO Q 90 -60.11 -55.62 -38.09
C PRO Q 90 -60.51 -56.98 -38.64
N HIS Q 91 -60.80 -57.93 -37.75
CA HIS Q 91 -61.25 -59.26 -38.19
C HIS Q 91 -62.67 -59.21 -38.74
N ASN Q 92 -63.42 -58.17 -38.41
CA ASN Q 92 -64.80 -58.09 -38.90
C ASN Q 92 -65.00 -56.82 -39.73
N THR Q 93 -64.10 -55.86 -39.62
CA THR Q 93 -64.29 -54.60 -40.33
C THR Q 93 -63.62 -54.63 -41.70
N LEU Q 94 -62.58 -55.43 -41.85
CA LEU Q 94 -61.88 -55.51 -43.12
C LEU Q 94 -62.35 -56.71 -43.94
N THR Q 95 -62.70 -57.81 -43.27
CA THR Q 95 -63.10 -59.01 -43.97
C THR Q 95 -64.53 -58.88 -44.51
N CYS Q 96 -64.73 -59.40 -45.71
CA CYS Q 96 -66.05 -59.39 -46.33
C CYS Q 96 -66.54 -60.82 -46.46
N GLY Q 97 -67.81 -60.95 -46.84
CA GLY Q 97 -68.45 -62.24 -46.93
C GLY Q 97 -67.91 -63.11 -48.04
N PRO Q 98 -68.17 -64.41 -47.96
CA PRO Q 98 -67.80 -65.38 -49.01
C PRO Q 98 -68.77 -65.35 -50.18
N VAL Q 99 -68.43 -64.56 -51.21
CA VAL Q 99 -69.31 -64.51 -52.38
C VAL Q 99 -68.61 -65.12 -53.61
N THR Q 100 -67.30 -64.90 -53.76
CA THR Q 100 -66.57 -65.41 -54.91
C THR Q 100 -66.39 -66.93 -54.78
N ALA Q 101 -66.19 -67.59 -55.93
CA ALA Q 101 -65.73 -68.98 -55.89
C ALA Q 101 -64.34 -69.09 -55.26
N ASP Q 102 -63.55 -68.01 -55.29
CA ASP Q 102 -62.23 -68.06 -54.69
C ASP Q 102 -62.29 -68.03 -53.17
N ASP Q 103 -63.21 -67.25 -52.58
CA ASP Q 103 -63.24 -67.21 -51.12
C ASP Q 103 -64.27 -68.16 -50.56
N TYR Q 104 -65.10 -68.76 -51.42
CA TYR Q 104 -65.71 -70.04 -51.07
C TYR Q 104 -64.64 -71.07 -50.78
N ARG Q 105 -63.59 -71.10 -51.62
CA ARG Q 105 -62.48 -72.00 -51.42
C ARG Q 105 -61.70 -71.63 -50.17
N LYS Q 106 -61.62 -70.34 -49.83
CA LYS Q 106 -60.94 -69.94 -48.61
C LYS Q 106 -61.71 -70.38 -47.37
N ALA Q 107 -63.04 -70.41 -47.47
CA ALA Q 107 -63.86 -70.77 -46.32
C ALA Q 107 -63.97 -72.28 -46.16
N LEU Q 108 -64.11 -73.00 -47.27
CA LEU Q 108 -64.26 -74.46 -47.20
C LEU Q 108 -62.96 -75.14 -46.81
N LEU Q 109 -61.82 -74.54 -47.15
CA LEU Q 109 -60.53 -75.08 -46.74
C LEU Q 109 -60.30 -74.93 -45.24
N ASP Q 110 -61.09 -74.10 -44.58
CA ASP Q 110 -60.84 -73.81 -43.18
C ASP Q 110 -61.34 -74.92 -42.28
N LEU Q 111 -62.38 -75.64 -42.72
CA LEU Q 111 -63.18 -76.47 -41.82
C LEU Q 111 -62.38 -77.64 -41.30
N HIS Q 112 -62.54 -77.91 -40.00
CA HIS Q 112 -61.59 -78.71 -39.27
C HIS Q 112 -62.34 -79.61 -38.30
N SER Q 113 -61.71 -80.74 -37.95
CA SER Q 113 -62.35 -81.74 -37.12
C SER Q 113 -62.55 -81.28 -35.68
N SER Q 114 -61.70 -80.37 -35.18
CA SER Q 114 -61.89 -79.93 -33.81
C SER Q 114 -62.93 -78.81 -33.75
N ASP Q 115 -63.29 -78.26 -34.90
CA ASP Q 115 -64.39 -77.29 -34.95
C ASP Q 115 -65.74 -77.98 -34.82
N SER Q 116 -65.77 -79.29 -35.05
CA SER Q 116 -66.98 -80.07 -34.85
C SER Q 116 -67.38 -80.06 -33.37
N LEU Q 117 -68.69 -80.01 -33.13
CA LEU Q 117 -69.17 -79.78 -31.77
C LEU Q 117 -69.12 -81.06 -30.94
N ASP Q 118 -68.90 -82.20 -31.58
CA ASP Q 118 -68.89 -83.49 -30.89
C ASP Q 118 -67.97 -84.46 -31.63
N GLY Q 119 -67.40 -85.40 -30.88
CA GLY Q 119 -66.73 -86.54 -31.46
C GLY Q 119 -65.23 -86.36 -31.56
N THR Q 120 -64.55 -87.50 -31.70
CA THR Q 120 -63.11 -87.69 -31.94
C THR Q 120 -62.20 -86.96 -30.94
N GLN Q 121 -62.62 -86.86 -29.66
CA GLN Q 121 -61.81 -86.46 -28.48
C GLN Q 121 -60.90 -85.24 -28.70
N GLN Q 122 -61.33 -84.35 -29.61
CA GLN Q 122 -60.85 -83.00 -29.91
C GLN Q 122 -59.38 -82.89 -30.30
N ASP Q 123 -58.67 -84.02 -30.43
CA ASP Q 123 -57.25 -83.97 -30.73
C ASP Q 123 -56.93 -84.44 -32.14
N GLU Q 124 -57.62 -85.48 -32.62
CA GLU Q 124 -57.36 -85.99 -33.96
C GLU Q 124 -57.85 -85.01 -35.02
N GLY Q 125 -57.31 -85.15 -36.23
CA GLY Q 125 -57.92 -84.54 -37.38
C GLY Q 125 -57.05 -83.54 -38.11
N ASP Q 126 -57.07 -83.60 -39.44
CA ASP Q 126 -56.56 -82.52 -40.26
C ASP Q 126 -57.74 -81.58 -40.53
N PHE Q 127 -57.51 -80.58 -41.37
CA PHE Q 127 -58.64 -79.83 -41.92
C PHE Q 127 -59.44 -80.75 -42.83
N LEU Q 128 -60.73 -80.46 -42.96
CA LEU Q 128 -61.66 -81.45 -43.52
C LEU Q 128 -61.42 -81.67 -45.01
N PHE Q 129 -60.88 -80.68 -45.71
CA PHE Q 129 -60.72 -80.77 -47.15
C PHE Q 129 -59.34 -80.23 -47.52
N ARG Q 130 -58.61 -81.00 -48.33
CA ARG Q 130 -57.30 -80.54 -48.78
C ARG Q 130 -57.44 -79.57 -49.95
N SER Q 131 -58.47 -79.73 -50.76
CA SER Q 131 -58.82 -78.77 -51.79
C SER Q 131 -60.31 -78.89 -52.08
N VAL Q 132 -60.92 -77.79 -52.50
CA VAL Q 132 -62.30 -77.81 -52.97
C VAL Q 132 -62.34 -77.05 -54.28
N GLN Q 133 -63.41 -77.26 -55.04
CA GLN Q 133 -63.66 -76.46 -56.22
C GLN Q 133 -65.15 -76.27 -56.37
N LEU Q 134 -65.60 -75.03 -56.18
CA LEU Q 134 -66.99 -74.67 -56.40
C LEU Q 134 -67.07 -73.99 -57.76
N VAL Q 135 -68.06 -74.37 -58.55
CA VAL Q 135 -68.24 -73.84 -59.89
C VAL Q 135 -69.73 -73.92 -60.17
N ARG Q 136 -70.20 -73.19 -61.17
CA ARG Q 136 -71.56 -73.35 -61.64
C ARG Q 136 -71.77 -74.75 -62.19
N GLU Q 137 -72.97 -75.27 -61.98
CA GLU Q 137 -73.34 -76.61 -62.40
C GLU Q 137 -73.35 -76.73 -63.92
N PRO Q 138 -73.29 -77.96 -64.45
CA PRO Q 138 -73.44 -78.15 -65.89
C PRO Q 138 -74.77 -77.64 -66.42
N GLU Q 139 -74.73 -77.07 -67.62
CA GLU Q 139 -75.85 -76.33 -68.17
C GLU Q 139 -76.99 -77.25 -68.61
N LYS Q 140 -76.69 -78.54 -68.82
CA LYS Q 140 -77.72 -79.42 -69.37
C LYS Q 140 -78.74 -79.82 -68.31
N GLN Q 141 -78.33 -79.91 -67.05
CA GLN Q 141 -79.22 -80.26 -65.94
C GLN Q 141 -79.17 -79.16 -64.87
N ARG Q 142 -80.01 -78.16 -65.06
CA ARG Q 142 -79.96 -76.95 -64.23
C ARG Q 142 -81.29 -76.67 -63.56
N TYR Q 143 -81.84 -77.73 -62.94
CA TYR Q 143 -83.18 -77.74 -62.33
C TYR Q 143 -84.23 -77.32 -63.36
N THR Q 144 -84.29 -78.05 -64.47
CA THR Q 144 -85.31 -77.76 -65.45
C THR Q 144 -86.61 -78.43 -64.99
N TYR Q 145 -87.72 -77.71 -65.12
CA TYR Q 145 -88.98 -78.18 -64.60
C TYR Q 145 -90.11 -77.80 -65.54
N TRP Q 146 -91.04 -78.71 -65.73
CA TRP Q 146 -92.36 -78.43 -66.29
C TRP Q 146 -93.33 -78.34 -65.12
N TYR Q 147 -94.56 -77.92 -65.41
CA TYR Q 147 -95.61 -77.51 -64.43
C TYR Q 147 -95.09 -76.69 -63.25
N ALA Q 162 -96.17 -75.05 -66.75
CA ALA Q 162 -96.52 -75.46 -68.11
C ALA Q 162 -95.32 -76.04 -68.84
N LYS Q 163 -94.82 -75.32 -69.82
CA LYS Q 163 -93.71 -75.74 -70.68
C LYS Q 163 -92.38 -75.62 -69.93
N GLU Q 164 -91.27 -75.79 -70.63
CA GLU Q 164 -89.94 -75.90 -70.05
C GLU Q 164 -89.53 -74.58 -69.39
N PHE Q 165 -89.11 -74.68 -68.14
CA PHE Q 165 -88.58 -73.57 -67.38
C PHE Q 165 -87.35 -74.05 -66.62
N THR Q 166 -86.22 -73.41 -66.87
CA THR Q 166 -84.98 -73.73 -66.18
C THR Q 166 -84.76 -72.75 -65.04
N LEU Q 167 -84.28 -73.28 -63.91
CA LEU Q 167 -83.92 -72.46 -62.77
C LEU Q 167 -82.56 -71.84 -63.05
N ARG Q 168 -82.49 -70.52 -62.90
CA ARG Q 168 -81.20 -69.85 -62.90
C ARG Q 168 -80.71 -69.68 -61.48
N GLY Q 169 -79.47 -70.08 -61.24
CA GLY Q 169 -78.84 -69.77 -59.96
C GLY Q 169 -78.85 -70.82 -58.87
N ASN Q 170 -78.34 -72.01 -59.15
CA ASN Q 170 -77.91 -72.95 -58.11
C ASN Q 170 -76.72 -73.75 -58.62
N TYR Q 171 -75.65 -73.82 -57.83
CA TYR Q 171 -74.42 -74.44 -58.28
C TYR Q 171 -74.17 -75.76 -57.56
N TRP Q 172 -73.18 -76.51 -58.06
CA TRP Q 172 -72.69 -77.73 -57.44
C TRP Q 172 -71.25 -77.52 -56.99
N LEU Q 173 -70.80 -78.31 -56.03
CA LEU Q 173 -69.42 -78.25 -55.56
C LEU Q 173 -68.81 -79.63 -55.55
N TYR Q 174 -67.53 -79.71 -55.88
CA TYR Q 174 -66.79 -80.96 -55.84
C TYR Q 174 -65.86 -80.96 -54.63
N LEU Q 175 -66.02 -81.95 -53.77
CA LEU Q 175 -65.29 -82.05 -52.53
C LEU Q 175 -64.17 -83.07 -52.68
N GLU Q 176 -62.93 -82.61 -52.54
CA GLU Q 176 -61.78 -83.51 -52.51
C GLU Q 176 -61.41 -83.72 -51.05
N PRO Q 177 -61.80 -84.81 -50.41
CA PRO Q 177 -61.58 -84.94 -48.97
C PRO Q 177 -60.16 -85.40 -48.67
N THR Q 178 -59.76 -85.23 -47.43
CA THR Q 178 -58.40 -85.56 -47.04
C THR Q 178 -58.31 -87.01 -46.57
N ARG Q 179 -57.11 -87.35 -46.08
CA ARG Q 179 -56.85 -88.70 -45.60
C ARG Q 179 -57.62 -88.98 -44.30
N TRP Q 180 -57.84 -87.94 -43.50
CA TRP Q 180 -58.58 -88.11 -42.26
C TRP Q 180 -60.07 -88.31 -42.52
N THR Q 181 -60.68 -87.44 -43.33
CA THR Q 181 -62.12 -87.47 -43.51
C THR Q 181 -62.57 -88.60 -44.43
N GLN Q 182 -61.64 -89.24 -45.14
CA GLN Q 182 -62.03 -90.45 -45.86
C GLN Q 182 -62.10 -91.64 -44.90
N GLY Q 183 -61.51 -91.51 -43.71
CA GLY Q 183 -61.77 -92.47 -42.67
C GLY Q 183 -63.19 -92.36 -42.12
N ASN Q 184 -63.67 -91.13 -41.92
CA ASN Q 184 -65.01 -90.88 -41.40
C ASN Q 184 -65.71 -89.87 -42.32
N ILE Q 185 -66.44 -90.40 -43.31
CA ILE Q 185 -67.17 -89.54 -44.24
C ILE Q 185 -68.39 -88.92 -43.57
N ALA Q 186 -69.01 -89.67 -42.65
CA ALA Q 186 -70.28 -89.24 -42.06
C ALA Q 186 -70.09 -88.08 -41.08
N ALA Q 187 -68.89 -87.93 -40.53
CA ALA Q 187 -68.64 -86.80 -39.62
C ALA Q 187 -68.46 -85.51 -40.40
N ALA Q 188 -67.81 -85.57 -41.56
CA ALA Q 188 -67.61 -84.38 -42.37
C ALA Q 188 -68.88 -83.97 -43.09
N THR Q 189 -69.83 -84.89 -43.24
CA THR Q 189 -71.07 -84.55 -43.94
C THR Q 189 -71.97 -83.69 -43.08
N ARG Q 190 -72.03 -83.96 -41.77
CA ARG Q 190 -72.90 -83.19 -40.90
C ARG Q 190 -72.33 -81.81 -40.61
N GLN Q 191 -71.02 -81.64 -40.76
CA GLN Q 191 -70.40 -80.36 -40.46
C GLN Q 191 -70.50 -79.41 -41.66
N LEU Q 192 -70.38 -79.94 -42.87
CA LEU Q 192 -70.51 -79.09 -44.06
C LEU Q 192 -71.96 -78.70 -44.29
N THR Q 193 -72.92 -79.57 -43.96
CA THR Q 193 -74.33 -79.21 -44.12
C THR Q 193 -74.77 -78.16 -43.11
N GLU Q 194 -74.06 -78.05 -41.99
CA GLU Q 194 -74.28 -76.93 -41.08
C GLU Q 194 -73.69 -75.65 -41.63
N PHE Q 195 -72.59 -75.76 -42.39
CA PHE Q 195 -71.84 -74.58 -42.78
C PHE Q 195 -72.49 -73.88 -43.99
N LEU Q 196 -73.13 -74.64 -44.86
CA LEU Q 196 -73.64 -74.06 -46.11
C LEU Q 196 -74.91 -73.26 -45.89
N THR Q 197 -75.64 -73.52 -44.81
CA THR Q 197 -76.81 -72.69 -44.51
C THR Q 197 -76.39 -71.36 -43.92
N LYS Q 198 -75.27 -71.35 -43.19
CA LYS Q 198 -74.78 -70.12 -42.59
C LYS Q 198 -74.14 -69.21 -43.64
N ASN Q 199 -73.69 -69.79 -44.75
CA ASN Q 199 -73.08 -69.02 -45.83
C ASN Q 199 -73.93 -69.05 -47.10
N ARG Q 200 -75.23 -69.26 -46.97
CA ARG Q 200 -76.09 -69.28 -48.15
C ARG Q 200 -76.38 -67.87 -48.63
N ASN Q 201 -76.12 -67.62 -49.91
CA ASN Q 201 -76.23 -66.26 -50.42
C ASN Q 201 -77.65 -65.97 -50.90
N ILE Q 202 -77.77 -64.89 -51.69
CA ILE Q 202 -79.05 -64.21 -51.83
C ILE Q 202 -79.97 -64.93 -52.81
N GLY Q 203 -79.42 -65.43 -53.91
CA GLY Q 203 -80.21 -66.15 -54.89
C GLY Q 203 -79.65 -67.48 -55.31
N GLU Q 204 -78.72 -68.04 -54.53
CA GLU Q 204 -77.99 -69.22 -54.94
C GLU Q 204 -77.97 -70.22 -53.79
N SER Q 205 -77.88 -71.49 -54.15
CA SER Q 205 -77.87 -72.56 -53.17
C SER Q 205 -77.14 -73.76 -53.78
N VAL Q 206 -76.71 -74.66 -52.93
CA VAL Q 206 -76.09 -75.89 -53.43
C VAL Q 206 -77.19 -76.87 -53.81
N SER Q 207 -77.01 -77.51 -54.97
CA SER Q 207 -77.96 -78.54 -55.37
C SER Q 207 -77.37 -79.93 -55.19
N ASN Q 208 -76.14 -80.13 -55.65
CA ASN Q 208 -75.51 -81.45 -55.67
C ASN Q 208 -74.11 -81.34 -55.12
N ILE Q 209 -73.75 -82.28 -54.24
CA ILE Q 209 -72.43 -82.33 -53.63
C ILE Q 209 -71.71 -83.57 -54.16
N ILE Q 210 -70.50 -83.39 -54.66
CA ILE Q 210 -69.72 -84.45 -55.25
C ILE Q 210 -68.55 -84.79 -54.34
N TRP Q 211 -68.44 -86.08 -54.01
CA TRP Q 211 -67.32 -86.59 -53.24
C TRP Q 211 -66.34 -87.25 -54.20
N LEU Q 212 -65.06 -87.20 -53.87
CA LEU Q 212 -64.09 -87.75 -54.81
C LEU Q 212 -63.51 -89.06 -54.28
N GLN Q 213 -62.91 -89.81 -55.20
CA GLN Q 213 -62.43 -91.15 -54.96
C GLN Q 213 -60.94 -91.20 -55.18
N PRO Q 214 -60.19 -91.90 -54.32
CA PRO Q 214 -58.72 -91.89 -54.43
C PRO Q 214 -58.22 -92.86 -55.49
N VAL Q 215 -57.08 -92.54 -56.09
CA VAL Q 215 -56.32 -93.47 -56.90
C VAL Q 215 -54.87 -93.43 -56.42
N ASP Q 216 -54.37 -94.57 -55.99
CA ASP Q 216 -52.98 -94.65 -55.55
C ASP Q 216 -52.04 -94.48 -56.72
N LEU Q 217 -51.19 -93.46 -56.64
CA LEU Q 217 -50.29 -93.14 -57.74
C LEU Q 217 -48.90 -93.60 -57.35
N PRO Q 218 -48.44 -94.75 -57.88
CA PRO Q 218 -47.35 -95.51 -57.23
C PRO Q 218 -46.02 -94.79 -57.15
N LEU Q 219 -45.62 -94.14 -58.24
CA LEU Q 219 -44.51 -93.17 -58.27
C LEU Q 219 -43.18 -93.79 -57.87
N LEU Q 220 -42.64 -94.67 -58.72
CA LEU Q 220 -41.24 -95.05 -58.62
C LEU Q 220 -40.35 -93.84 -58.84
N LEU Q 221 -39.52 -93.55 -57.84
CA LEU Q 221 -38.49 -92.53 -58.01
C LEU Q 221 -37.25 -92.94 -57.23
N ASP Q 222 -36.12 -92.95 -57.92
CA ASP Q 222 -34.87 -93.48 -57.39
C ASP Q 222 -34.01 -92.29 -56.96
N VAL Q 223 -33.95 -92.06 -55.66
CA VAL Q 223 -33.18 -90.97 -55.08
C VAL Q 223 -31.74 -91.41 -54.93
N GLU Q 224 -30.80 -90.58 -55.35
CA GLU Q 224 -29.39 -90.77 -55.06
C GLU Q 224 -28.94 -89.73 -54.03
N LEU Q 225 -28.26 -90.19 -53.00
CA LEU Q 225 -27.93 -89.35 -51.87
C LEU Q 225 -26.52 -88.78 -52.02
N ASP Q 226 -26.22 -87.76 -51.20
CA ASP Q 226 -24.94 -87.08 -51.31
C ASP Q 226 -23.83 -87.93 -50.67
N ASP Q 227 -22.59 -87.46 -50.83
CA ASP Q 227 -21.44 -88.21 -50.34
C ASP Q 227 -21.30 -88.08 -48.83
N ASP Q 228 -21.49 -86.87 -48.30
CA ASP Q 228 -21.15 -86.61 -46.91
C ASP Q 228 -22.38 -86.49 -46.01
N VAL Q 229 -23.41 -87.31 -46.24
CA VAL Q 229 -24.52 -87.36 -45.31
C VAL Q 229 -24.15 -88.24 -44.14
N GLY Q 230 -24.72 -87.95 -42.97
CA GLY Q 230 -24.61 -88.87 -41.86
C GLY Q 230 -25.56 -90.04 -42.03
N ALA Q 231 -25.28 -91.13 -41.30
CA ALA Q 231 -26.19 -92.27 -41.31
C ALA Q 231 -27.45 -91.97 -40.52
N GLN Q 232 -27.36 -91.05 -39.56
CA GLN Q 232 -28.52 -90.73 -38.75
C GLN Q 232 -29.40 -89.67 -39.39
N ASP Q 233 -28.89 -88.98 -40.41
CA ASP Q 233 -29.66 -88.00 -41.16
C ASP Q 233 -30.55 -88.62 -42.22
N VAL Q 234 -30.46 -89.93 -42.42
CA VAL Q 234 -31.23 -90.59 -43.48
C VAL Q 234 -32.72 -90.68 -43.15
N PRO Q 235 -33.15 -90.91 -41.90
CA PRO Q 235 -34.59 -90.68 -41.60
C PRO Q 235 -35.03 -89.23 -41.79
N GLY Q 236 -34.10 -88.27 -41.75
CA GLY Q 236 -34.44 -86.92 -42.16
C GLY Q 236 -34.67 -86.81 -43.66
N ILE Q 237 -34.07 -87.70 -44.44
CA ILE Q 237 -34.23 -87.65 -45.89
C ILE Q 237 -35.59 -88.19 -46.30
N PHE Q 238 -35.99 -89.33 -45.72
CA PHE Q 238 -37.26 -89.97 -46.09
C PHE Q 238 -38.46 -89.10 -45.74
N ALA Q 239 -38.37 -88.36 -44.64
CA ALA Q 239 -39.44 -87.43 -44.29
C ALA Q 239 -39.47 -86.25 -45.23
N ALA Q 240 -38.29 -85.84 -45.72
CA ALA Q 240 -38.21 -84.64 -46.56
C ALA Q 240 -38.69 -84.93 -47.96
N VAL Q 241 -38.32 -86.10 -48.51
CA VAL Q 241 -38.73 -86.43 -49.88
C VAL Q 241 -40.19 -86.81 -49.93
N TYR Q 242 -40.79 -87.10 -48.78
CA TYR Q 242 -42.22 -87.32 -48.76
C TYR Q 242 -42.97 -86.01 -48.77
N SER Q 243 -42.51 -85.05 -47.97
CA SER Q 243 -43.26 -83.82 -47.74
C SER Q 243 -43.29 -82.93 -48.99
N THR Q 244 -42.18 -82.85 -49.72
CA THR Q 244 -42.17 -82.03 -50.93
C THR Q 244 -42.82 -82.77 -52.09
N ALA Q 245 -43.04 -84.07 -51.95
CA ALA Q 245 -43.80 -84.81 -52.96
C ALA Q 245 -45.29 -84.61 -52.75
N GLU Q 246 -45.72 -84.40 -51.51
CA GLU Q 246 -47.15 -84.22 -51.26
C GLU Q 246 -47.61 -82.85 -51.70
N GLN Q 247 -46.86 -81.80 -51.35
CA GLN Q 247 -47.37 -80.44 -51.53
C GLN Q 247 -47.36 -80.03 -53.01
N TYR Q 248 -46.65 -80.77 -53.85
CA TYR Q 248 -46.74 -80.53 -55.29
C TYR Q 248 -47.87 -81.32 -55.93
N LEU Q 249 -47.98 -82.62 -55.62
CA LEU Q 249 -49.05 -83.42 -56.23
C LEU Q 249 -50.40 -83.09 -55.63
N MET Q 250 -50.49 -83.08 -54.31
CA MET Q 250 -51.72 -82.72 -53.61
C MET Q 250 -51.66 -81.23 -53.30
N PRO Q 251 -52.47 -80.39 -53.93
CA PRO Q 251 -52.38 -78.95 -53.66
C PRO Q 251 -52.95 -78.64 -52.28
N GLY Q 252 -52.05 -78.40 -51.33
CA GLY Q 252 -52.46 -78.09 -49.98
C GLY Q 252 -52.32 -76.61 -49.69
N ALA Q 253 -53.38 -76.02 -49.14
CA ALA Q 253 -53.33 -74.61 -48.78
C ALA Q 253 -52.44 -74.41 -47.56
N GLN Q 254 -51.65 -73.35 -47.58
CA GLN Q 254 -50.74 -73.03 -46.50
C GLN Q 254 -51.37 -71.94 -45.62
N ARG Q 255 -51.46 -72.24 -44.33
CA ARG Q 255 -52.01 -71.31 -43.36
C ARG Q 255 -50.96 -71.01 -42.30
N TYR Q 256 -50.91 -69.76 -41.86
CA TYR Q 256 -50.00 -69.37 -40.81
C TYR Q 256 -50.53 -68.13 -40.11
N ARG Q 257 -49.89 -67.79 -39.00
CA ARG Q 257 -50.45 -66.84 -38.03
C ARG Q 257 -50.44 -65.43 -38.57
N THR Q 258 -51.24 -64.56 -37.95
CA THR Q 258 -51.32 -63.16 -38.36
C THR Q 258 -50.02 -62.42 -38.08
N GLU Q 259 -49.38 -62.69 -36.94
CA GLU Q 259 -48.19 -61.93 -36.56
C GLU Q 259 -46.99 -62.27 -37.43
N VAL Q 260 -47.02 -63.44 -38.06
CA VAL Q 260 -46.02 -63.77 -39.08
C VAL Q 260 -46.20 -62.89 -40.31
N LEU Q 261 -47.45 -62.58 -40.64
CA LEU Q 261 -47.72 -61.68 -41.76
C LEU Q 261 -47.42 -60.24 -41.39
N GLN Q 262 -47.45 -59.92 -40.10
CA GLN Q 262 -47.11 -58.56 -39.66
C GLN Q 262 -45.61 -58.36 -39.68
N ASN Q 263 -44.85 -59.46 -39.56
CA ASN Q 263 -43.41 -59.38 -39.75
C ASN Q 263 -43.06 -59.14 -41.22
N ALA Q 264 -43.88 -59.66 -42.13
CA ALA Q 264 -43.67 -59.46 -43.55
C ALA Q 264 -44.05 -58.05 -43.96
N GLY Q 265 -43.83 -57.74 -45.25
CA GLY Q 265 -43.92 -56.36 -45.69
C GLY Q 265 -45.34 -55.92 -46.00
N MET Q 266 -46.24 -56.86 -46.25
CA MET Q 266 -47.60 -56.50 -46.69
C MET Q 266 -48.41 -55.97 -45.53
N SER Q 267 -49.34 -55.07 -45.85
CA SER Q 267 -50.01 -54.26 -44.84
C SER Q 267 -51.14 -55.03 -44.17
N ASN Q 268 -51.86 -54.32 -43.31
CA ASN Q 268 -53.00 -54.89 -42.61
C ASN Q 268 -54.22 -54.97 -43.50
N ASP Q 269 -54.21 -54.26 -44.63
CA ASP Q 269 -55.30 -54.36 -45.58
C ASP Q 269 -55.23 -55.67 -46.36
N GLN Q 270 -54.02 -56.21 -46.50
CA GLN Q 270 -53.81 -57.40 -47.32
C GLN Q 270 -54.07 -58.69 -46.54
N ILE Q 271 -53.90 -58.64 -45.22
CA ILE Q 271 -54.04 -59.84 -44.39
C ILE Q 271 -55.49 -60.24 -44.25
N PHE Q 272 -56.36 -59.29 -43.92
CA PHE Q 272 -57.75 -59.56 -43.62
C PHE Q 272 -58.64 -59.43 -44.84
N GLU Q 273 -58.13 -59.78 -46.03
CA GLU Q 273 -58.85 -59.51 -47.26
C GLU Q 273 -60.04 -60.42 -47.48
N GLY Q 274 -59.86 -61.72 -47.27
CA GLY Q 274 -60.90 -62.68 -47.58
C GLY Q 274 -61.98 -62.72 -46.53
N PRO Q 275 -62.60 -63.88 -46.37
CA PRO Q 275 -63.56 -64.05 -45.29
C PRO Q 275 -62.82 -64.28 -43.98
N LEU Q 276 -63.57 -64.25 -42.87
CA LEU Q 276 -62.98 -64.47 -41.57
C LEU Q 276 -62.54 -65.92 -41.41
N LEU Q 277 -61.23 -66.11 -41.26
CA LEU Q 277 -60.64 -67.43 -41.08
C LEU Q 277 -60.25 -67.59 -39.62
N GLU Q 278 -60.85 -68.58 -38.96
CA GLU Q 278 -60.53 -68.84 -37.56
C GLU Q 278 -59.16 -69.52 -37.44
N HIS Q 279 -58.79 -70.32 -38.44
CA HIS Q 279 -57.54 -71.06 -38.44
C HIS Q 279 -56.66 -70.57 -39.57
N GLY Q 280 -55.60 -69.82 -39.22
CA GLY Q 280 -54.62 -69.39 -40.19
C GLY Q 280 -55.14 -68.33 -41.15
N TRP Q 281 -54.25 -67.88 -42.02
CA TRP Q 281 -54.62 -66.99 -43.11
C TRP Q 281 -54.05 -67.54 -44.41
N ILE Q 282 -54.84 -67.43 -45.47
CA ILE Q 282 -54.46 -68.01 -46.76
C ILE Q 282 -54.33 -66.88 -47.78
N PRO Q 283 -53.18 -66.19 -47.83
CA PRO Q 283 -53.06 -65.08 -48.79
C PRO Q 283 -52.80 -65.53 -50.22
N GLU Q 284 -52.22 -66.71 -50.39
CA GLU Q 284 -52.01 -67.31 -51.70
C GLU Q 284 -52.85 -68.56 -51.81
N LEU Q 285 -53.52 -68.73 -52.93
CA LEU Q 285 -54.31 -69.93 -53.14
C LEU Q 285 -53.48 -70.99 -53.84
N PRO Q 286 -53.81 -72.27 -53.63
CA PRO Q 286 -53.11 -73.34 -54.35
C PRO Q 286 -53.50 -73.48 -55.81
N ALA Q 287 -54.45 -72.67 -56.29
CA ALA Q 287 -54.92 -72.64 -57.69
C ALA Q 287 -55.41 -74.01 -58.14
N ALA Q 288 -56.48 -74.46 -57.50
CA ALA Q 288 -57.01 -75.79 -57.75
C ALA Q 288 -57.63 -75.89 -59.13
N ARG Q 289 -57.31 -76.96 -59.82
CA ARG Q 289 -57.85 -77.21 -61.15
C ARG Q 289 -59.32 -77.59 -61.07
N ASP Q 290 -60.05 -77.30 -62.15
CA ASP Q 290 -61.48 -77.56 -62.20
C ASP Q 290 -61.76 -79.06 -62.26
N TYR Q 291 -62.89 -79.46 -61.69
CA TYR Q 291 -63.26 -80.86 -61.76
C TYR Q 291 -64.40 -81.11 -62.73
N THR Q 292 -64.59 -80.22 -63.70
CA THR Q 292 -65.48 -80.50 -64.82
C THR Q 292 -64.82 -81.46 -65.81
N GLN Q 293 -63.51 -81.30 -66.03
CA GLN Q 293 -62.77 -82.11 -66.98
C GLN Q 293 -61.73 -82.95 -66.25
N ARG Q 294 -61.15 -83.90 -66.99
CA ARG Q 294 -60.07 -84.71 -66.44
C ARG Q 294 -58.77 -83.92 -66.41
N LEU Q 295 -57.90 -84.26 -65.47
CA LEU Q 295 -56.81 -83.40 -65.06
C LEU Q 295 -55.44 -84.03 -65.28
N THR Q 296 -54.60 -83.34 -66.04
CA THR Q 296 -53.22 -83.74 -66.20
C THR Q 296 -52.39 -83.33 -64.99
N LEU Q 297 -51.39 -84.15 -64.68
CA LEU Q 297 -50.45 -83.88 -63.59
C LEU Q 297 -49.04 -83.92 -64.15
N ASN Q 298 -48.44 -82.74 -64.33
CA ASN Q 298 -47.11 -82.62 -64.91
C ASN Q 298 -46.07 -82.65 -63.80
N LEU Q 299 -45.13 -83.59 -63.90
CA LEU Q 299 -44.14 -83.83 -62.86
C LEU Q 299 -42.73 -83.46 -63.29
N SER Q 300 -42.58 -82.75 -64.40
CA SER Q 300 -41.25 -82.25 -64.77
C SER Q 300 -40.82 -81.11 -63.87
N ARG Q 301 -41.79 -80.44 -63.22
CA ARG Q 301 -41.46 -79.40 -62.27
C ARG Q 301 -41.00 -79.99 -60.93
N LEU Q 302 -41.28 -81.27 -60.70
CA LEU Q 302 -41.02 -81.92 -59.40
C LEU Q 302 -39.54 -82.02 -59.07
N VAL Q 303 -38.67 -82.15 -60.08
CA VAL Q 303 -37.32 -82.63 -59.86
C VAL Q 303 -36.49 -81.62 -59.08
N ASN Q 304 -36.71 -80.32 -59.33
CA ASN Q 304 -35.99 -79.29 -58.59
C ASN Q 304 -36.55 -79.13 -57.19
N SER Q 305 -37.85 -79.40 -57.01
CA SER Q 305 -38.40 -79.49 -55.66
C SER Q 305 -37.82 -80.70 -54.94
N LEU Q 306 -37.44 -81.74 -55.69
CA LEU Q 306 -36.78 -82.90 -55.11
C LEU Q 306 -35.27 -82.67 -55.01
N LEU Q 307 -34.70 -81.86 -55.90
CA LEU Q 307 -33.27 -81.57 -55.87
C LEU Q 307 -32.90 -80.62 -54.76
N GLU Q 308 -33.91 -79.99 -54.14
CA GLU Q 308 -33.69 -78.88 -53.22
C GLU Q 308 -33.01 -79.35 -51.95
N ILE Q 309 -33.42 -80.50 -51.42
CA ILE Q 309 -33.07 -80.89 -50.06
C ILE Q 309 -31.59 -81.26 -49.99
N GLU Q 310 -31.03 -81.19 -48.78
CA GLU Q 310 -29.59 -81.08 -48.59
C GLU Q 310 -28.85 -82.34 -49.02
N GLY Q 311 -29.34 -83.50 -48.58
CA GLY Q 311 -28.65 -84.73 -48.87
C GLY Q 311 -28.89 -85.24 -50.28
N ILE Q 312 -29.89 -84.69 -50.96
CA ILE Q 312 -30.23 -85.19 -52.29
C ILE Q 312 -29.39 -84.49 -53.34
N LYS Q 313 -28.63 -85.26 -54.09
CA LYS Q 313 -27.81 -84.76 -55.20
C LYS Q 313 -28.47 -84.88 -56.55
N HIS Q 314 -29.23 -85.96 -56.81
CA HIS Q 314 -30.05 -86.10 -57.99
C HIS Q 314 -31.05 -87.23 -57.78
N VAL Q 315 -31.94 -87.38 -58.76
CA VAL Q 315 -32.92 -88.46 -58.78
C VAL Q 315 -32.62 -89.26 -60.05
N ASN Q 316 -32.92 -90.57 -60.03
CA ASN Q 316 -32.50 -91.40 -61.15
C ASN Q 316 -33.68 -91.88 -61.99
N ARG Q 317 -34.87 -91.96 -61.40
CA ARG Q 317 -36.05 -92.47 -62.13
C ARG Q 317 -37.29 -91.70 -61.72
N LEU Q 318 -38.29 -91.67 -62.61
CA LEU Q 318 -39.63 -91.13 -62.34
C LEU Q 318 -40.63 -91.86 -63.21
N ARG Q 319 -41.28 -92.89 -62.66
CA ARG Q 319 -42.26 -93.64 -63.45
C ARG Q 319 -43.26 -94.33 -62.52
N LEU Q 320 -44.18 -95.07 -63.14
CA LEU Q 320 -45.26 -95.78 -62.47
C LEU Q 320 -45.24 -97.23 -62.92
N ASP Q 321 -45.52 -98.15 -61.98
CA ASP Q 321 -45.47 -99.58 -62.26
C ASP Q 321 -46.87 -100.16 -62.50
N ASP Q 322 -47.50 -99.69 -63.59
CA ASP Q 322 -48.72 -100.28 -64.17
C ASP Q 322 -49.90 -100.25 -63.19
N SER Q 323 -49.89 -99.28 -62.28
CA SER Q 323 -50.99 -99.09 -61.35
C SER Q 323 -51.93 -97.98 -61.80
N PHE Q 324 -51.88 -97.61 -63.08
CA PHE Q 324 -52.75 -96.59 -63.64
C PHE Q 324 -53.86 -97.16 -64.50
N ASP Q 325 -53.84 -98.46 -64.76
CA ASP Q 325 -54.75 -99.06 -65.73
C ASP Q 325 -56.15 -99.26 -65.17
N LYS Q 326 -56.31 -99.14 -63.84
CA LYS Q 326 -57.60 -99.41 -63.23
C LYS Q 326 -58.63 -98.33 -63.59
N THR Q 327 -58.18 -97.11 -63.84
CA THR Q 327 -59.05 -96.04 -64.28
C THR Q 327 -58.62 -95.46 -65.64
N ALA Q 328 -57.75 -96.18 -66.36
CA ALA Q 328 -57.26 -95.82 -67.69
C ALA Q 328 -56.60 -94.44 -67.74
N ILE Q 329 -55.65 -94.19 -66.84
CA ILE Q 329 -54.85 -92.98 -66.91
C ILE Q 329 -53.92 -93.06 -68.10
N GLU Q 330 -54.09 -92.15 -69.06
CA GLU Q 330 -53.28 -92.19 -70.25
C GLU Q 330 -52.17 -91.15 -70.15
N PRO Q 331 -50.93 -91.50 -70.51
CA PRO Q 331 -49.89 -90.48 -70.63
C PRO Q 331 -50.16 -89.62 -71.86
N VAL Q 332 -50.15 -88.30 -71.66
CA VAL Q 332 -50.44 -87.36 -72.74
C VAL Q 332 -49.27 -87.33 -73.70
N LYS Q 333 -49.46 -86.66 -74.84
CA LYS Q 333 -48.99 -86.98 -76.22
C LYS Q 333 -47.58 -87.58 -76.26
N GLY Q 334 -46.54 -86.89 -75.81
CA GLY Q 334 -45.21 -87.46 -75.95
C GLY Q 334 -44.42 -87.57 -74.67
N ASP Q 335 -44.77 -86.74 -73.69
CA ASP Q 335 -43.91 -86.56 -72.52
C ASP Q 335 -44.13 -87.66 -71.49
N THR Q 336 -43.03 -88.11 -70.90
CA THR Q 336 -43.08 -89.25 -69.97
C THR Q 336 -43.58 -88.83 -68.59
N TRP Q 337 -43.53 -87.53 -68.28
CA TRP Q 337 -43.73 -87.11 -66.90
C TRP Q 337 -45.21 -86.89 -66.57
N SER Q 338 -46.02 -86.58 -67.57
CA SER Q 338 -47.40 -86.18 -67.31
C SER Q 338 -48.34 -87.36 -67.41
N TRP Q 339 -49.39 -87.34 -66.58
CA TRP Q 339 -50.44 -88.34 -66.60
C TRP Q 339 -51.77 -87.66 -66.31
N SER Q 340 -52.83 -88.16 -66.94
CA SER Q 340 -54.15 -87.52 -66.87
C SER Q 340 -55.13 -88.47 -66.19
N ILE Q 341 -55.49 -88.16 -64.94
CA ILE Q 341 -56.45 -88.97 -64.20
C ILE Q 341 -57.86 -88.69 -64.70
N LYS Q 342 -58.64 -89.76 -64.82
CA LYS Q 342 -59.98 -89.73 -65.41
C LYS Q 342 -60.92 -89.01 -64.43
N GLU Q 343 -62.07 -88.57 -64.95
CA GLU Q 343 -62.99 -87.48 -64.50
C GLU Q 343 -63.07 -87.29 -62.99
N GLY Q 344 -63.36 -88.32 -62.20
CA GLY Q 344 -63.77 -88.08 -60.82
C GLY Q 344 -62.63 -88.16 -59.82
N TYR Q 345 -61.55 -88.83 -60.19
CA TYR Q 345 -60.57 -89.25 -59.19
C TYR Q 345 -59.55 -88.16 -58.90
N TYR Q 346 -58.86 -88.30 -57.77
CA TYR Q 346 -57.78 -87.44 -57.32
C TYR Q 346 -56.63 -88.30 -56.80
N PRO Q 347 -55.38 -87.86 -56.92
CA PRO Q 347 -54.25 -88.72 -56.56
C PRO Q 347 -54.10 -88.90 -55.05
N ARG Q 348 -53.64 -90.09 -54.66
CA ARG Q 348 -53.49 -90.51 -53.27
C ARG Q 348 -52.10 -91.08 -53.01
N LEU Q 349 -51.08 -90.55 -53.70
CA LEU Q 349 -49.92 -91.23 -54.31
C LEU Q 349 -49.46 -92.46 -53.51
N TRP Q 350 -49.22 -92.36 -52.21
CA TRP Q 350 -48.94 -93.53 -51.39
C TRP Q 350 -49.96 -93.62 -50.28
N GLY Q 351 -50.93 -94.51 -50.44
CA GLY Q 351 -51.95 -94.70 -49.42
C GLY Q 351 -51.39 -95.40 -48.20
N GLU Q 352 -51.71 -94.88 -47.00
CA GLU Q 352 -51.20 -95.33 -45.72
C GLU Q 352 -49.67 -95.34 -45.70
N ASP Q 353 -49.10 -94.24 -46.18
CA ASP Q 353 -47.78 -94.00 -46.74
C ASP Q 353 -46.57 -94.72 -46.14
N PRO Q 354 -46.15 -94.51 -44.88
CA PRO Q 354 -44.83 -95.05 -44.52
C PRO Q 354 -44.81 -96.55 -44.23
N LEU Q 355 -45.80 -97.06 -43.49
CA LEU Q 355 -45.85 -98.47 -43.13
C LEU Q 355 -46.24 -99.33 -44.33
N ASN Q 356 -47.04 -98.77 -45.24
CA ASN Q 356 -47.47 -99.55 -46.39
C ASN Q 356 -46.41 -99.53 -47.49
N GLN Q 357 -45.77 -98.38 -47.71
CA GLN Q 357 -44.89 -98.22 -48.84
C GLN Q 357 -43.43 -97.97 -48.47
N LEU Q 358 -43.16 -96.92 -47.68
CA LEU Q 358 -41.82 -96.33 -47.66
C LEU Q 358 -40.85 -97.12 -46.78
N ALA Q 359 -41.37 -97.81 -45.76
CA ALA Q 359 -40.48 -98.42 -44.79
C ALA Q 359 -40.14 -99.87 -45.12
N GLN Q 360 -40.93 -100.49 -46.00
CA GLN Q 360 -40.93 -101.94 -46.08
C GLN Q 360 -39.80 -102.50 -46.93
N GLN Q 361 -39.05 -101.63 -47.64
CA GLN Q 361 -37.97 -102.01 -48.57
C GLN Q 361 -38.49 -102.96 -49.66
N ASN Q 362 -39.66 -102.63 -50.19
CA ASN Q 362 -40.10 -103.14 -51.48
C ASN Q 362 -39.63 -102.25 -52.61
N GLY Q 363 -39.26 -101.02 -52.30
CA GLY Q 363 -38.88 -100.03 -53.29
C GLY Q 363 -40.00 -99.35 -54.06
N PRO Q 364 -40.86 -98.56 -53.40
CA PRO Q 364 -41.51 -97.49 -54.16
C PRO Q 364 -40.61 -96.26 -54.27
N LEU Q 365 -39.70 -96.11 -53.31
CA LEU Q 365 -38.70 -95.06 -53.28
C LEU Q 365 -37.38 -95.69 -52.87
N ARG Q 366 -36.44 -95.77 -53.80
CA ARG Q 366 -35.15 -96.40 -53.55
C ARG Q 366 -34.10 -95.31 -53.33
N VAL Q 367 -33.57 -95.24 -52.12
CA VAL Q 367 -32.48 -94.35 -51.77
C VAL Q 367 -31.17 -95.04 -52.08
N ILE Q 368 -30.29 -94.36 -52.80
CA ILE Q 368 -28.95 -94.86 -53.12
C ILE Q 368 -27.94 -93.93 -52.47
N ALA Q 369 -27.12 -94.48 -51.58
CA ALA Q 369 -26.17 -93.68 -50.83
C ALA Q 369 -24.79 -94.31 -50.91
N LYS Q 370 -23.81 -93.46 -51.22
CA LYS Q 370 -22.41 -93.82 -51.44
C LYS Q 370 -22.29 -94.92 -52.47
N GLY Q 371 -22.64 -94.62 -53.71
CA GLY Q 371 -22.51 -95.60 -54.77
C GLY Q 371 -23.61 -96.63 -54.79
N GLY Q 372 -23.64 -97.51 -53.78
CA GLY Q 372 -24.61 -98.58 -53.79
C GLY Q 372 -25.20 -99.10 -52.49
N ILE Q 373 -24.86 -98.49 -51.34
CA ILE Q 373 -25.09 -99.13 -50.04
C ILE Q 373 -26.59 -99.26 -49.75
N SER Q 374 -27.39 -98.29 -50.23
CA SER Q 374 -28.85 -98.42 -50.38
C SER Q 374 -29.57 -98.69 -49.06
N VAL Q 375 -29.44 -97.74 -48.14
CA VAL Q 375 -29.96 -97.94 -46.80
C VAL Q 375 -31.44 -97.55 -46.74
N SER Q 376 -32.15 -98.09 -45.73
CA SER Q 376 -33.57 -97.85 -45.56
C SER Q 376 -33.88 -97.58 -44.10
N VAL Q 377 -35.17 -97.40 -43.82
CA VAL Q 377 -35.64 -96.86 -42.55
C VAL Q 377 -36.98 -97.53 -42.23
N SER Q 378 -37.41 -97.41 -40.97
CA SER Q 378 -38.72 -97.91 -40.57
C SER Q 378 -39.75 -96.77 -40.57
N LYS Q 379 -40.95 -97.09 -40.08
CA LYS Q 379 -42.06 -96.13 -40.15
C LYS Q 379 -41.89 -95.02 -39.13
N GLU Q 380 -41.64 -95.38 -37.88
CA GLU Q 380 -41.73 -94.40 -36.80
C GLU Q 380 -40.51 -93.51 -36.72
N GLN Q 381 -39.42 -93.88 -37.39
CA GLN Q 381 -38.18 -93.12 -37.24
C GLN Q 381 -38.25 -91.80 -38.01
N ILE Q 382 -39.04 -91.76 -39.08
CA ILE Q 382 -39.08 -90.56 -39.91
C ILE Q 382 -40.16 -89.61 -39.42
N GLN Q 383 -41.09 -90.10 -38.61
CA GLN Q 383 -42.14 -89.23 -38.09
C GLN Q 383 -41.60 -88.29 -37.03
N ALA Q 384 -40.54 -88.69 -36.34
CA ALA Q 384 -39.89 -87.79 -35.39
C ALA Q 384 -39.14 -86.69 -36.12
N SER Q 385 -38.55 -87.01 -37.27
CA SER Q 385 -37.89 -85.99 -38.06
C SER Q 385 -38.87 -85.31 -39.03
N LEU Q 386 -40.11 -85.77 -39.04
CA LEU Q 386 -41.14 -85.13 -39.87
C LEU Q 386 -41.55 -83.80 -39.23
N PRO Q 387 -41.78 -82.77 -40.03
CA PRO Q 387 -42.35 -81.53 -39.47
C PRO Q 387 -43.80 -81.74 -39.05
N SER Q 388 -44.03 -81.57 -37.75
CA SER Q 388 -45.37 -81.66 -37.19
C SER Q 388 -46.01 -80.28 -37.22
N GLN Q 389 -47.19 -80.20 -37.83
CA GLN Q 389 -47.91 -78.93 -37.87
C GLN Q 389 -48.48 -78.58 -36.50
N SER Q 390 -48.92 -77.34 -36.37
CA SER Q 390 -49.54 -76.85 -35.15
C SER Q 390 -50.92 -76.30 -35.48
N LEU Q 391 -51.92 -76.71 -34.71
CA LEU Q 391 -53.24 -76.15 -34.88
C LEU Q 391 -53.31 -74.78 -34.22
N ILE Q 392 -53.62 -73.77 -35.01
CA ILE Q 392 -53.63 -72.39 -34.56
C ILE Q 392 -55.04 -71.81 -34.73
N GLN Q 393 -55.47 -71.08 -33.70
CA GLN Q 393 -56.75 -70.40 -33.66
C GLN Q 393 -56.50 -68.90 -33.53
N ASN Q 394 -57.28 -68.11 -34.27
CA ASN Q 394 -57.06 -66.67 -34.36
C ASN Q 394 -58.10 -65.94 -33.51
N GLU Q 395 -57.64 -65.41 -32.38
CA GLU Q 395 -58.51 -64.67 -31.48
C GLU Q 395 -58.86 -63.30 -32.06
N PRO Q 396 -60.01 -62.72 -31.68
CA PRO Q 396 -60.37 -61.40 -32.20
C PRO Q 396 -59.46 -60.30 -31.68
N VAL Q 397 -59.23 -59.30 -32.52
CA VAL Q 397 -58.33 -58.20 -32.20
C VAL Q 397 -59.14 -57.09 -31.54
N ILE Q 398 -58.65 -56.60 -30.40
CA ILE Q 398 -59.33 -55.56 -29.64
C ILE Q 398 -58.26 -54.60 -29.12
N LEU Q 399 -58.68 -53.37 -28.81
CA LEU Q 399 -57.87 -52.43 -28.06
C LEU Q 399 -58.27 -52.52 -26.59
N ALA Q 400 -57.33 -52.89 -25.73
CA ALA Q 400 -57.62 -52.99 -24.31
C ALA Q 400 -57.81 -51.61 -23.71
N TYR Q 401 -58.46 -51.56 -22.55
CA TYR Q 401 -58.72 -50.29 -21.90
C TYR Q 401 -57.42 -49.70 -21.33
N GLY Q 402 -57.37 -48.38 -21.28
CA GLY Q 402 -56.38 -47.72 -20.46
C GLY Q 402 -56.87 -47.55 -19.03
N GLN Q 403 -56.13 -46.78 -18.26
CA GLN Q 403 -56.56 -46.50 -16.89
C GLN Q 403 -57.65 -45.45 -16.90
N HIS Q 404 -58.77 -45.74 -16.26
CA HIS Q 404 -59.87 -44.80 -16.19
C HIS Q 404 -59.53 -43.66 -15.23
N ARG Q 405 -59.69 -42.44 -15.70
CA ARG Q 405 -59.30 -41.27 -14.95
C ARG Q 405 -60.54 -40.46 -14.58
N ASP Q 406 -60.54 -39.92 -13.36
CA ASP Q 406 -61.72 -39.28 -12.78
C ASP Q 406 -61.81 -37.84 -13.27
N VAL Q 407 -62.19 -37.70 -14.54
CA VAL Q 407 -62.31 -36.37 -15.14
C VAL Q 407 -63.70 -35.81 -14.90
N GLY Q 408 -64.58 -36.58 -14.27
CA GLY Q 408 -65.97 -36.16 -14.15
C GLY Q 408 -66.23 -35.28 -12.95
N SER Q 409 -65.44 -35.47 -11.89
CA SER Q 409 -65.72 -34.79 -10.63
C SER Q 409 -65.39 -33.31 -10.73
N TYR Q 410 -66.28 -32.49 -10.16
CA TYR Q 410 -66.21 -31.04 -10.28
C TYR Q 410 -66.07 -30.43 -8.89
N TYR Q 411 -65.03 -29.62 -8.72
CA TYR Q 411 -64.80 -28.93 -7.48
C TYR Q 411 -65.07 -27.45 -7.68
N PRO Q 412 -65.86 -26.83 -6.79
CA PRO Q 412 -66.44 -25.52 -7.10
C PRO Q 412 -65.40 -24.40 -7.06
N VAL Q 413 -65.64 -23.39 -7.89
CA VAL Q 413 -64.77 -22.21 -7.92
C VAL Q 413 -65.00 -21.36 -6.68
N SER Q 414 -66.17 -21.50 -6.07
CA SER Q 414 -66.48 -20.75 -4.85
C SER Q 414 -65.70 -21.28 -3.64
N ASP Q 415 -65.05 -22.42 -3.78
CA ASP Q 415 -64.21 -22.93 -2.71
C ASP Q 415 -62.87 -22.20 -2.70
N THR Q 416 -62.33 -21.90 -3.88
CA THR Q 416 -60.95 -21.42 -3.95
C THR Q 416 -60.83 -19.94 -3.66
N LEU Q 417 -61.94 -19.23 -3.50
CA LEU Q 417 -61.88 -17.82 -3.15
C LEU Q 417 -61.45 -17.66 -1.70
N PRO Q 418 -60.88 -16.50 -1.33
CA PRO Q 418 -60.47 -16.27 0.06
C PRO Q 418 -61.66 -16.31 1.00
N PRO Q 419 -61.46 -16.77 2.23
CA PRO Q 419 -62.61 -16.98 3.12
C PRO Q 419 -63.18 -15.69 3.69
N CYS Q 420 -62.56 -14.55 3.44
CA CYS Q 420 -63.22 -13.31 3.87
C CYS Q 420 -64.37 -12.92 2.96
N TYR Q 421 -64.50 -13.53 1.78
CA TYR Q 421 -65.68 -13.24 0.97
C TYR Q 421 -66.90 -13.97 1.50
N GLY Q 422 -66.68 -15.01 2.29
CA GLY Q 422 -67.75 -15.67 3.02
C GLY Q 422 -68.50 -16.75 2.29
N LEU Q 423 -67.89 -17.37 1.28
CA LEU Q 423 -68.63 -18.36 0.50
C LEU Q 423 -68.70 -19.70 1.22
N GLN Q 424 -67.69 -20.00 2.02
CA GLN Q 424 -67.73 -21.18 2.88
C GLN Q 424 -68.14 -20.85 4.30
N HIS Q 425 -68.57 -19.62 4.54
CA HIS Q 425 -69.04 -19.21 5.86
C HIS Q 425 -70.41 -19.82 6.14
N SER Q 426 -70.89 -19.60 7.36
CA SER Q 426 -72.24 -19.99 7.72
C SER Q 426 -73.24 -19.14 6.94
N LEU Q 427 -74.37 -19.76 6.58
CA LEU Q 427 -75.24 -19.17 5.58
C LEU Q 427 -76.04 -18.00 6.14
N SER Q 428 -76.02 -16.89 5.39
CA SER Q 428 -76.80 -15.66 5.65
C SER Q 428 -76.56 -15.10 7.05
N GLU Q 429 -75.33 -15.25 7.54
CA GLU Q 429 -74.94 -14.56 8.77
C GLU Q 429 -74.86 -13.06 8.53
N SER Q 430 -74.26 -12.65 7.41
CA SER Q 430 -74.29 -11.26 6.97
C SER Q 430 -75.09 -11.20 5.68
N GLU Q 431 -75.61 -10.02 5.36
CA GLU Q 431 -76.57 -9.89 4.28
C GLU Q 431 -75.89 -9.86 2.92
N HIS Q 432 -74.58 -9.58 2.89
CA HIS Q 432 -73.87 -9.49 1.63
C HIS Q 432 -73.46 -10.86 1.09
N LEU Q 433 -73.75 -11.92 1.86
CA LEU Q 433 -73.38 -13.27 1.46
C LEU Q 433 -74.21 -13.76 0.29
N LEU Q 434 -75.52 -13.50 0.34
CA LEU Q 434 -76.43 -14.06 -0.66
C LEU Q 434 -76.33 -13.40 -2.04
N PRO Q 435 -76.22 -12.07 -2.21
CA PRO Q 435 -76.04 -11.56 -3.58
C PRO Q 435 -74.70 -11.90 -4.20
N LEU Q 436 -73.68 -12.16 -3.39
CA LEU Q 436 -72.43 -12.66 -3.94
C LEU Q 436 -72.56 -14.10 -4.39
N HIS Q 437 -73.29 -14.91 -3.62
CA HIS Q 437 -73.29 -16.34 -3.88
C HIS Q 437 -74.23 -16.67 -5.04
N GLN Q 438 -75.02 -15.71 -5.50
CA GLN Q 438 -75.80 -15.89 -6.73
C GLN Q 438 -75.04 -15.36 -7.93
N PHE Q 439 -74.02 -14.53 -7.69
CA PHE Q 439 -73.21 -14.01 -8.79
C PHE Q 439 -72.24 -15.08 -9.30
N MET Q 440 -71.80 -15.97 -8.42
CA MET Q 440 -70.88 -17.02 -8.83
C MET Q 440 -71.63 -18.17 -9.50
N LEU Q 441 -72.96 -18.20 -9.39
CA LEU Q 441 -73.73 -19.29 -9.97
C LEU Q 441 -73.74 -19.37 -11.50
N PRO Q 442 -73.89 -18.28 -12.28
CA PRO Q 442 -73.83 -18.47 -13.74
C PRO Q 442 -72.46 -18.84 -14.26
N PHE Q 443 -71.41 -18.36 -13.61
CA PHE Q 443 -70.06 -18.73 -14.03
C PHE Q 443 -69.64 -20.07 -13.47
N GLU Q 444 -70.49 -20.67 -12.63
CA GLU Q 444 -70.23 -22.02 -12.16
C GLU Q 444 -70.83 -23.05 -13.10
N GLN Q 445 -72.02 -22.74 -13.62
CA GLN Q 445 -72.70 -23.69 -14.50
C GLN Q 445 -72.06 -23.73 -15.87
N LEU Q 446 -71.40 -22.64 -16.28
CA LEU Q 446 -70.66 -22.67 -17.53
C LEU Q 446 -69.42 -23.56 -17.41
N LEU Q 447 -68.83 -23.61 -16.22
CA LEU Q 447 -67.68 -24.48 -16.01
C LEU Q 447 -68.13 -25.91 -15.69
N ALA Q 448 -69.34 -26.06 -15.16
CA ALA Q 448 -69.83 -27.41 -14.86
C ALA Q 448 -70.30 -28.11 -16.12
N CYS Q 449 -70.63 -27.34 -17.17
CA CYS Q 449 -70.92 -27.95 -18.45
C CYS Q 449 -69.64 -28.49 -19.10
N GLY Q 450 -68.51 -27.85 -18.80
CA GLY Q 450 -67.26 -28.30 -19.38
C GLY Q 450 -66.72 -29.54 -18.71
N CYS Q 451 -67.09 -29.78 -17.45
CA CYS Q 451 -66.58 -30.98 -16.77
C CYS Q 451 -67.46 -32.18 -17.07
N GLN Q 452 -68.73 -31.96 -17.40
CA GLN Q 452 -69.59 -33.07 -17.77
C GLN Q 452 -69.21 -33.62 -19.14
N GLN Q 453 -68.89 -32.74 -20.08
CA GLN Q 453 -68.82 -33.14 -21.47
C GLN Q 453 -67.53 -33.92 -21.76
N ILE Q 454 -66.55 -33.83 -20.88
CA ILE Q 454 -65.38 -34.71 -20.98
C ILE Q 454 -65.71 -36.07 -20.39
N ALA Q 455 -66.57 -36.10 -19.36
CA ALA Q 455 -66.99 -37.38 -18.80
C ALA Q 455 -68.04 -38.05 -19.67
N MET Q 456 -68.67 -37.29 -20.56
CA MET Q 456 -69.62 -37.87 -21.49
C MET Q 456 -68.96 -38.43 -22.74
N LEU Q 457 -67.64 -38.30 -22.85
CA LEU Q 457 -66.97 -38.65 -24.11
C LEU Q 457 -66.95 -40.15 -24.43
N PRO Q 458 -66.86 -41.09 -23.47
CA PRO Q 458 -67.18 -42.48 -23.84
C PRO Q 458 -68.63 -42.67 -24.24
N ARG Q 459 -69.55 -41.86 -23.71
CA ARG Q 459 -70.95 -41.98 -24.12
C ARG Q 459 -71.19 -41.24 -25.43
N LEU Q 460 -70.49 -40.14 -25.66
CA LEU Q 460 -70.76 -39.31 -26.83
C LEU Q 460 -70.22 -39.93 -28.10
N LEU Q 461 -69.21 -40.79 -27.99
CA LEU Q 461 -68.55 -41.31 -29.17
C LEU Q 461 -68.60 -42.84 -29.23
N ALA Q 462 -69.44 -43.47 -28.43
CA ALA Q 462 -69.62 -44.92 -28.53
C ALA Q 462 -70.38 -45.24 -29.81
N PHE Q 463 -70.14 -46.45 -30.33
CA PHE Q 463 -70.82 -46.86 -31.54
C PHE Q 463 -72.18 -47.47 -31.24
N GLN Q 464 -72.38 -47.91 -29.99
CA GLN Q 464 -73.65 -48.47 -29.55
C GLN Q 464 -74.46 -47.42 -28.78
N ARG Q 465 -74.90 -46.40 -29.50
CA ARG Q 465 -75.60 -45.28 -28.89
C ARG Q 465 -77.03 -45.67 -28.56
N GLU Q 466 -77.57 -45.10 -27.47
CA GLU Q 466 -78.93 -45.43 -27.03
C GLU Q 466 -79.71 -44.23 -26.49
N GLY Q 467 -79.19 -43.01 -26.63
CA GLY Q 467 -79.74 -41.92 -25.84
C GLY Q 467 -80.08 -40.67 -26.61
N TYR Q 468 -81.16 -40.02 -26.15
CA TYR Q 468 -81.41 -38.63 -26.50
C TYR Q 468 -80.31 -37.72 -25.98
N GLU Q 469 -79.73 -38.10 -24.84
CA GLU Q 469 -79.09 -37.14 -23.94
C GLU Q 469 -77.71 -36.73 -24.42
N VAL Q 470 -77.50 -35.42 -24.44
CA VAL Q 470 -76.28 -34.75 -24.86
C VAL Q 470 -75.90 -33.82 -23.73
N TRP Q 471 -75.13 -32.79 -24.07
CA TRP Q 471 -73.99 -32.13 -23.36
C TRP Q 471 -74.09 -32.29 -21.84
N GLY Q 472 -75.20 -31.94 -21.21
CA GLY Q 472 -75.31 -32.20 -19.78
C GLY Q 472 -76.23 -31.26 -19.04
N ASP Q 473 -76.77 -31.77 -17.93
CA ASP Q 473 -77.71 -31.01 -17.12
C ASP Q 473 -77.51 -31.21 -15.62
N GLN Q 474 -76.37 -31.76 -15.18
CA GLN Q 474 -76.21 -32.08 -13.77
C GLN Q 474 -75.89 -30.82 -12.96
N TRP Q 475 -76.38 -30.80 -11.73
CA TRP Q 475 -76.13 -29.69 -10.82
C TRP Q 475 -74.67 -29.69 -10.39
N PRO Q 476 -74.03 -28.53 -10.26
CA PRO Q 476 -72.58 -28.52 -9.98
C PRO Q 476 -72.23 -28.88 -8.55
N PHE Q 477 -73.11 -28.65 -7.60
CA PHE Q 477 -72.78 -28.79 -6.19
C PHE Q 477 -73.31 -30.11 -5.64
N LYS Q 478 -72.51 -30.75 -4.79
CA LYS Q 478 -72.97 -31.92 -4.08
C LYS Q 478 -74.04 -31.53 -3.07
N SER Q 479 -74.88 -32.50 -2.70
CA SER Q 479 -76.11 -32.20 -1.99
C SER Q 479 -75.87 -31.83 -0.54
N GLY Q 480 -74.70 -32.18 0.00
CA GLY Q 480 -74.41 -31.82 1.38
C GLY Q 480 -73.72 -30.48 1.50
N SER Q 481 -73.32 -29.89 0.37
CA SER Q 481 -72.45 -28.73 0.40
C SER Q 481 -73.20 -27.47 0.83
N VAL Q 482 -72.45 -26.48 1.30
CA VAL Q 482 -73.04 -25.21 1.71
C VAL Q 482 -73.45 -24.39 0.49
N ASN Q 483 -72.83 -24.66 -0.65
CA ASN Q 483 -73.14 -23.94 -1.88
C ASN Q 483 -74.50 -24.38 -2.40
N ASP Q 484 -74.90 -25.61 -2.09
CA ASP Q 484 -76.25 -26.07 -2.42
C ASP Q 484 -77.29 -25.37 -1.55
N ASP Q 485 -76.93 -25.03 -0.31
CA ASP Q 485 -77.92 -24.50 0.63
C ASP Q 485 -78.33 -23.08 0.30
N ALA Q 486 -77.50 -22.35 -0.43
CA ALA Q 486 -77.83 -20.97 -0.76
C ALA Q 486 -78.97 -20.91 -1.78
N HIS Q 487 -78.85 -21.68 -2.85
CA HIS Q 487 -79.87 -21.68 -3.90
C HIS Q 487 -80.84 -22.83 -3.74
N GLN Q 488 -81.20 -23.18 -2.52
CA GLN Q 488 -82.09 -24.33 -2.32
C GLN Q 488 -83.53 -23.97 -2.62
N ASP Q 489 -83.83 -22.68 -2.74
CA ASP Q 489 -85.20 -22.27 -3.02
C ASP Q 489 -85.53 -22.41 -4.50
N TYR Q 490 -84.52 -22.29 -5.36
CA TYR Q 490 -84.74 -22.34 -6.79
C TYR Q 490 -83.90 -23.39 -7.50
N ALA Q 491 -83.30 -24.32 -6.75
CA ALA Q 491 -82.69 -25.50 -7.36
C ALA Q 491 -83.67 -26.41 -8.12
N PRO Q 492 -84.94 -26.60 -7.71
CA PRO Q 492 -85.85 -27.31 -8.62
C PRO Q 492 -86.15 -26.57 -9.91
N ALA Q 493 -86.13 -25.25 -9.91
CA ALA Q 493 -86.42 -24.52 -11.14
C ALA Q 493 -85.22 -24.46 -12.05
N LEU Q 494 -84.01 -24.42 -11.48
CA LEU Q 494 -82.81 -24.32 -12.30
C LEU Q 494 -82.46 -25.66 -12.94
N LYS Q 495 -82.77 -26.76 -12.26
CA LYS Q 495 -82.53 -28.08 -12.84
C LYS Q 495 -83.47 -28.36 -14.00
N ASP Q 496 -84.67 -27.76 -13.97
CA ASP Q 496 -85.66 -28.05 -15.00
C ASP Q 496 -85.38 -27.28 -16.29
N LEU Q 497 -84.84 -26.07 -16.17
CA LEU Q 497 -84.37 -25.37 -17.37
C LEU Q 497 -83.04 -25.96 -17.83
N LEU Q 498 -82.32 -26.64 -16.93
CA LEU Q 498 -81.18 -27.42 -17.36
C LEU Q 498 -81.61 -28.61 -18.19
N GLY Q 499 -82.86 -29.06 -18.05
CA GLY Q 499 -83.43 -30.06 -18.92
C GLY Q 499 -83.95 -29.50 -20.24
N GLN Q 500 -83.28 -28.47 -20.77
CA GLN Q 500 -83.41 -28.02 -22.14
C GLN Q 500 -82.52 -28.82 -23.09
N ILE Q 501 -81.72 -29.73 -22.55
CA ILE Q 501 -80.75 -30.47 -23.35
C ILE Q 501 -81.44 -31.49 -24.23
N ALA Q 502 -82.65 -31.91 -23.83
CA ALA Q 502 -83.46 -32.78 -24.68
C ALA Q 502 -83.95 -32.04 -25.93
N LEU Q 503 -84.02 -30.71 -25.87
CA LEU Q 503 -84.37 -29.93 -27.05
C LEU Q 503 -83.19 -29.82 -28.01
N ASP Q 504 -81.97 -30.03 -27.51
CA ASP Q 504 -80.77 -30.05 -28.33
C ASP Q 504 -80.41 -31.43 -28.83
N SER Q 505 -81.38 -32.34 -28.94
CA SER Q 505 -81.11 -33.71 -29.39
C SER Q 505 -81.04 -33.84 -30.91
N ASP Q 506 -81.20 -32.74 -31.65
CA ASP Q 506 -80.96 -32.79 -33.08
C ASP Q 506 -79.47 -32.94 -33.36
N HIS Q 507 -78.64 -32.40 -32.48
CA HIS Q 507 -77.18 -32.49 -32.55
C HIS Q 507 -76.71 -33.93 -32.49
N GLU Q 508 -77.44 -34.78 -31.77
CA GLU Q 508 -77.10 -36.20 -31.68
C GLU Q 508 -77.29 -36.90 -33.03
N LEU Q 509 -78.17 -36.38 -33.87
CA LEU Q 509 -78.33 -36.93 -35.22
C LEU Q 509 -77.23 -36.45 -36.15
N ASP Q 510 -76.49 -35.41 -35.74
CA ASP Q 510 -75.37 -34.95 -36.57
C ASP Q 510 -74.09 -35.68 -36.21
N ILE Q 511 -74.07 -36.37 -35.07
CA ILE Q 511 -72.89 -37.18 -34.76
C ILE Q 511 -73.02 -38.56 -35.38
N ILE Q 512 -74.25 -39.08 -35.45
CA ILE Q 512 -74.48 -40.35 -36.11
C ILE Q 512 -74.21 -40.24 -37.59
N ASN Q 513 -74.49 -39.07 -38.18
CA ASN Q 513 -74.06 -38.80 -39.54
C ASN Q 513 -72.53 -38.74 -39.65
N TYR Q 514 -71.86 -38.37 -38.56
CA TYR Q 514 -70.41 -38.34 -38.57
C TYR Q 514 -69.82 -39.72 -38.28
N LEU Q 515 -70.46 -40.47 -37.39
CA LEU Q 515 -69.93 -41.78 -37.04
C LEU Q 515 -70.21 -42.81 -38.12
N LEU Q 516 -71.30 -42.65 -38.87
CA LEU Q 516 -71.54 -43.52 -40.01
C LEU Q 516 -70.56 -43.24 -41.13
N GLY Q 517 -70.00 -42.02 -41.17
CA GLY Q 517 -69.07 -41.65 -42.22
C GLY Q 517 -67.71 -42.32 -42.11
N TYR Q 518 -67.45 -43.02 -41.00
CA TYR Q 518 -66.26 -43.85 -40.93
C TYR Q 518 -66.36 -45.01 -41.90
N PHE Q 519 -67.56 -45.55 -42.07
CA PHE Q 519 -67.81 -46.69 -42.92
C PHE Q 519 -68.40 -46.30 -44.27
N GLY Q 520 -68.15 -45.08 -44.73
CA GLY Q 520 -68.46 -44.68 -46.08
C GLY Q 520 -69.88 -44.28 -46.37
N THR Q 521 -70.82 -44.49 -45.44
CA THR Q 521 -72.22 -44.21 -45.69
C THR Q 521 -72.65 -42.99 -44.89
N GLN Q 522 -73.48 -42.15 -45.50
CA GLN Q 522 -74.07 -41.05 -44.79
C GLN Q 522 -75.29 -41.53 -44.00
N ARG Q 523 -75.83 -40.64 -43.17
CA ARG Q 523 -77.09 -40.96 -42.52
C ARG Q 523 -78.24 -40.79 -43.50
N ALA Q 524 -79.40 -41.31 -43.10
CA ALA Q 524 -80.60 -41.21 -43.92
C ALA Q 524 -81.11 -39.77 -43.93
N PRO Q 525 -81.72 -39.33 -45.02
CA PRO Q 525 -82.39 -38.02 -45.00
C PRO Q 525 -83.65 -38.08 -44.15
N ARG Q 526 -83.99 -36.95 -43.55
CA ARG Q 526 -85.18 -36.86 -42.72
C ARG Q 526 -86.42 -36.72 -43.59
N THR Q 527 -87.43 -37.54 -43.31
CA THR Q 527 -88.63 -37.58 -44.14
C THR Q 527 -89.77 -36.86 -43.44
N PHE Q 528 -90.98 -37.00 -43.99
CA PHE Q 528 -92.14 -36.33 -43.40
C PHE Q 528 -92.95 -37.31 -42.57
N THR Q 529 -92.89 -38.58 -42.90
CA THR Q 529 -93.54 -39.65 -42.16
C THR Q 529 -92.60 -40.31 -41.17
N THR Q 530 -91.77 -39.52 -40.48
CA THR Q 530 -90.75 -40.02 -39.56
C THR Q 530 -91.30 -40.81 -38.38
N GLN Q 531 -92.20 -40.20 -37.62
CA GLN Q 531 -92.40 -40.51 -36.20
C GLN Q 531 -91.04 -40.48 -35.50
N LEU Q 532 -90.53 -39.23 -35.39
CA LEU Q 532 -89.11 -38.93 -35.11
C LEU Q 532 -88.53 -39.61 -33.88
N ASP Q 533 -89.38 -40.01 -32.93
CA ASP Q 533 -88.92 -40.86 -31.83
C ASP Q 533 -88.53 -42.24 -32.34
N ASP Q 534 -89.38 -42.83 -33.17
CA ASP Q 534 -89.13 -44.20 -33.63
C ASP Q 534 -88.18 -44.21 -34.83
N PHE Q 535 -88.07 -43.08 -35.51
CA PHE Q 535 -87.11 -42.93 -36.60
C PHE Q 535 -85.67 -43.03 -36.10
N ARG Q 536 -85.44 -42.50 -34.90
CA ARG Q 536 -84.07 -42.28 -34.44
C ARG Q 536 -83.41 -43.57 -33.97
N ALA Q 537 -84.18 -44.47 -33.35
CA ALA Q 537 -83.62 -45.72 -32.87
C ALA Q 537 -83.27 -46.65 -34.02
N VAL Q 538 -83.96 -46.50 -35.15
CA VAL Q 538 -83.53 -47.15 -36.38
C VAL Q 538 -82.18 -46.60 -36.83
N GLN Q 539 -82.00 -45.29 -36.70
CA GLN Q 539 -80.73 -44.68 -37.07
C GLN Q 539 -79.64 -45.01 -36.06
N GLN Q 540 -80.03 -45.35 -34.82
CA GLN Q 540 -79.04 -45.70 -33.82
C GLN Q 540 -78.55 -47.13 -33.99
N GLY Q 541 -79.46 -48.07 -34.22
CA GLY Q 541 -79.07 -49.45 -34.39
C GLY Q 541 -78.35 -49.69 -35.72
N TYR Q 542 -78.53 -48.77 -36.66
CA TYR Q 542 -77.80 -48.83 -37.92
C TYR Q 542 -76.31 -48.63 -37.70
N LEU Q 543 -75.95 -47.82 -36.71
CA LEU Q 543 -74.54 -47.56 -36.44
C LEU Q 543 -73.90 -48.72 -35.68
N ALA Q 544 -74.62 -49.29 -34.72
CA ALA Q 544 -74.02 -50.28 -33.83
C ALA Q 544 -73.75 -51.60 -34.54
N GLN Q 545 -74.64 -51.99 -35.43
CA GLN Q 545 -74.51 -53.25 -36.16
C GLN Q 545 -73.94 -53.06 -37.54
N GLN Q 546 -73.36 -51.89 -37.83
CA GLN Q 546 -72.87 -51.57 -39.17
C GLN Q 546 -71.79 -52.50 -39.73
N PRO Q 547 -70.74 -52.96 -38.97
CA PRO Q 547 -69.78 -53.86 -39.61
C PRO Q 547 -70.34 -55.25 -39.91
N THR Q 548 -71.30 -55.73 -39.12
CA THR Q 548 -71.87 -57.04 -39.39
C THR Q 548 -72.91 -56.96 -40.50
N LEU Q 549 -73.39 -55.76 -40.82
CA LEU Q 549 -74.29 -55.62 -41.95
C LEU Q 549 -73.54 -55.72 -43.27
N THR Q 550 -72.37 -55.08 -43.37
CA THR Q 550 -71.61 -55.12 -44.61
C THR Q 550 -70.81 -56.41 -44.73
N TYR Q 551 -70.60 -57.10 -43.62
CA TYR Q 551 -69.95 -58.41 -43.68
C TYR Q 551 -70.90 -59.46 -44.23
N HIS Q 552 -72.17 -59.40 -43.82
CA HIS Q 552 -73.20 -60.28 -44.35
C HIS Q 552 -74.16 -59.41 -45.17
N ARG Q 553 -73.81 -59.15 -46.43
CA ARG Q 553 -74.70 -58.34 -47.25
C ARG Q 553 -75.80 -59.19 -47.87
N SER Q 554 -75.56 -60.50 -47.98
CA SER Q 554 -76.46 -61.42 -48.65
C SER Q 554 -76.68 -62.68 -47.83
N ASN Q 555 -76.94 -62.58 -46.53
CA ASN Q 555 -77.03 -63.79 -45.73
C ASN Q 555 -78.45 -63.98 -45.17
N ILE Q 556 -79.29 -64.69 -45.91
CA ILE Q 556 -80.71 -64.96 -45.63
C ILE Q 556 -80.94 -66.09 -44.64
N ARG Q 557 -79.99 -66.31 -43.71
CA ARG Q 557 -80.06 -67.28 -42.61
C ARG Q 557 -81.47 -67.53 -42.09
N ILE Q 558 -81.79 -68.82 -41.91
CA ILE Q 558 -83.17 -69.30 -41.93
C ILE Q 558 -83.96 -68.82 -40.73
N ASP Q 559 -83.29 -68.38 -39.67
CA ASP Q 559 -83.97 -67.89 -38.48
C ASP Q 559 -83.84 -66.38 -38.30
N GLN Q 560 -82.62 -65.84 -38.47
CA GLN Q 560 -82.38 -64.43 -38.21
C GLN Q 560 -83.05 -63.56 -39.27
N VAL Q 561 -83.29 -62.31 -38.91
CA VAL Q 561 -83.77 -61.32 -39.87
C VAL Q 561 -82.68 -61.06 -40.92
N SER Q 562 -83.12 -60.88 -42.17
CA SER Q 562 -82.21 -60.66 -43.29
C SER Q 562 -81.38 -59.39 -43.10
N SER Q 563 -80.08 -59.54 -43.30
CA SER Q 563 -79.13 -58.49 -42.96
C SER Q 563 -78.98 -57.44 -44.06
N LEU Q 564 -79.76 -57.52 -45.13
CA LEU Q 564 -79.91 -56.40 -46.04
C LEU Q 564 -81.32 -55.83 -45.97
N GLN Q 565 -82.25 -56.56 -45.37
CA GLN Q 565 -83.55 -55.98 -45.00
C GLN Q 565 -83.36 -54.86 -43.97
N LYS Q 566 -82.45 -55.04 -43.02
CA LYS Q 566 -82.06 -53.95 -42.13
C LYS Q 566 -81.46 -52.80 -42.91
N ARG Q 567 -80.61 -53.13 -43.88
CA ARG Q 567 -79.82 -52.10 -44.56
C ARG Q 567 -80.67 -51.35 -45.59
N ILE Q 568 -81.79 -51.95 -45.99
CA ILE Q 568 -82.74 -51.26 -46.85
C ILE Q 568 -83.58 -50.29 -46.02
N ALA Q 569 -84.04 -50.72 -44.84
CA ALA Q 569 -84.94 -49.91 -44.04
C ALA Q 569 -84.23 -48.70 -43.45
N ALA Q 570 -82.93 -48.82 -43.20
CA ALA Q 570 -82.18 -47.70 -42.66
C ALA Q 570 -81.94 -46.63 -43.71
N ARG Q 571 -81.76 -47.03 -44.97
CA ARG Q 571 -81.50 -46.06 -46.03
C ARG Q 571 -82.77 -45.29 -46.38
N MET Q 572 -83.92 -45.97 -46.38
CA MET Q 572 -85.19 -45.27 -46.40
C MET Q 572 -85.40 -44.48 -45.12
N GLY Q 573 -84.99 -45.06 -44.00
CA GLY Q 573 -85.13 -44.42 -42.72
C GLY Q 573 -86.40 -44.74 -41.98
N LEU Q 574 -87.32 -45.46 -42.62
CA LEU Q 574 -88.65 -45.68 -42.04
C LEU Q 574 -88.55 -46.58 -40.82
N GLY Q 575 -89.42 -46.30 -39.84
CA GLY Q 575 -89.24 -46.86 -38.51
C GLY Q 575 -89.59 -48.33 -38.45
N GLY Q 576 -89.01 -49.01 -37.47
CA GLY Q 576 -89.30 -50.40 -37.22
C GLY Q 576 -88.51 -50.91 -36.05
N GLU Q 577 -88.98 -52.03 -35.50
CA GLU Q 577 -88.26 -52.73 -34.45
C GLU Q 577 -87.28 -53.74 -34.99
N LEU Q 578 -86.92 -53.66 -36.27
CA LEU Q 578 -86.05 -54.67 -36.86
C LEU Q 578 -84.58 -54.42 -36.51
N PHE Q 579 -84.29 -53.29 -35.85
CA PHE Q 579 -82.95 -53.08 -35.30
C PHE Q 579 -82.87 -53.42 -33.82
N LYS Q 580 -83.88 -54.08 -33.26
CA LYS Q 580 -83.84 -54.54 -31.88
C LYS Q 580 -82.79 -55.65 -31.73
N PRO Q 581 -82.25 -55.84 -30.52
CA PRO Q 581 -81.34 -57.00 -30.30
C PRO Q 581 -81.94 -58.35 -30.61
N GLN Q 582 -83.25 -58.51 -30.49
CA GLN Q 582 -83.90 -59.73 -30.98
C GLN Q 582 -84.89 -59.36 -32.08
N PRO Q 583 -85.01 -60.20 -33.12
CA PRO Q 583 -85.79 -59.79 -34.30
C PRO Q 583 -87.29 -59.71 -34.07
N ASP Q 584 -87.91 -60.75 -33.49
CA ASP Q 584 -89.35 -60.83 -33.20
C ASP Q 584 -90.19 -60.66 -34.48
N LEU Q 585 -90.10 -61.65 -35.36
CA LEU Q 585 -90.55 -61.53 -36.74
C LEU Q 585 -92.07 -61.51 -36.94
N SER Q 586 -92.86 -61.34 -35.88
CA SER Q 586 -94.30 -61.16 -36.06
C SER Q 586 -94.62 -59.78 -36.61
N GLN Q 587 -94.06 -58.74 -36.00
CA GLN Q 587 -94.41 -57.36 -36.28
C GLN Q 587 -93.23 -56.65 -36.93
N LEU Q 588 -93.30 -56.48 -38.24
CA LEU Q 588 -92.21 -55.87 -39.00
C LEU Q 588 -92.80 -54.80 -39.91
N PRO Q 589 -91.98 -53.87 -40.38
CA PRO Q 589 -92.47 -52.95 -41.42
C PRO Q 589 -92.71 -53.65 -42.74
N PHE Q 590 -91.73 -54.41 -43.24
CA PHE Q 590 -91.87 -55.11 -44.51
C PHE Q 590 -91.16 -56.44 -44.38
N TYR Q 591 -91.28 -57.27 -45.41
CA TYR Q 591 -90.70 -58.61 -45.39
C TYR Q 591 -90.07 -58.91 -46.73
N LEU Q 592 -88.89 -59.52 -46.70
CA LEU Q 592 -88.19 -59.92 -47.91
C LEU Q 592 -88.24 -61.43 -48.07
N ILE Q 593 -89.01 -61.89 -49.05
CA ILE Q 593 -89.13 -63.31 -49.35
C ILE Q 593 -88.48 -63.56 -50.71
N GLU Q 594 -87.91 -64.74 -50.87
CA GLU Q 594 -87.24 -65.15 -52.10
C GLU Q 594 -88.01 -66.30 -52.73
N HIS Q 595 -88.21 -66.23 -54.05
CA HIS Q 595 -88.94 -67.30 -54.73
C HIS Q 595 -88.13 -68.58 -54.83
N ARG Q 596 -86.80 -68.49 -54.81
CA ARG Q 596 -85.92 -69.64 -54.78
C ARG Q 596 -86.08 -70.45 -53.50
N ALA Q 597 -86.53 -69.81 -52.40
CA ALA Q 597 -86.72 -70.53 -51.16
C ALA Q 597 -87.99 -71.36 -51.18
N LEU Q 598 -88.85 -71.17 -52.18
CA LEU Q 598 -90.13 -71.86 -52.20
C LEU Q 598 -90.08 -73.11 -53.08
N LEU Q 599 -88.92 -73.46 -53.61
CA LEU Q 599 -88.87 -74.55 -54.57
C LEU Q 599 -88.20 -75.78 -53.95
N PRO Q 600 -88.87 -76.94 -53.98
CA PRO Q 600 -88.27 -78.16 -53.44
C PRO Q 600 -87.55 -79.00 -54.48
N VAL Q 601 -86.47 -79.69 -54.09
CA VAL Q 601 -85.82 -80.61 -55.00
C VAL Q 601 -86.40 -82.01 -54.86
N LYS Q 602 -86.63 -82.46 -53.62
CA LYS Q 602 -87.25 -83.75 -53.37
C LYS Q 602 -88.46 -83.60 -52.45
N LYS Q 700 -93.89 -99.62 -49.20
CA LYS Q 700 -93.13 -98.41 -48.91
C LYS Q 700 -92.26 -98.00 -50.10
N LEU Q 701 -92.36 -98.75 -51.20
CA LEU Q 701 -91.56 -98.51 -52.40
C LEU Q 701 -92.26 -97.42 -53.21
N PHE Q 702 -93.52 -97.62 -53.62
CA PHE Q 702 -94.19 -96.68 -54.50
C PHE Q 702 -95.33 -95.95 -53.79
N TRP Q 703 -95.16 -95.63 -52.51
CA TRP Q 703 -96.17 -94.85 -51.81
C TRP Q 703 -95.78 -93.38 -51.70
N GLN Q 704 -94.52 -93.06 -52.00
CA GLN Q 704 -94.08 -91.67 -51.93
C GLN Q 704 -94.68 -90.84 -53.06
N ASN Q 705 -94.33 -91.17 -54.31
CA ASN Q 705 -95.04 -90.75 -55.53
C ASN Q 705 -95.26 -89.26 -55.70
N SER Q 706 -94.19 -88.45 -55.84
CA SER Q 706 -94.36 -87.00 -55.92
C SER Q 706 -94.97 -86.56 -57.26
N PRO Q 707 -96.27 -86.26 -57.29
CA PRO Q 707 -96.93 -86.17 -58.61
C PRO Q 707 -96.72 -84.85 -59.34
N VAL Q 708 -96.99 -83.72 -58.67
CA VAL Q 708 -97.01 -82.38 -59.21
C VAL Q 708 -96.69 -81.44 -58.05
N TRP Q 709 -96.25 -80.22 -58.37
CA TRP Q 709 -96.18 -79.14 -57.41
C TRP Q 709 -96.64 -77.87 -58.10
N MET Q 710 -97.17 -76.92 -57.32
CA MET Q 710 -97.55 -75.58 -57.73
C MET Q 710 -98.59 -75.65 -58.86
N GLU Q 711 -99.83 -76.06 -58.55
CA GLU Q 711 -100.85 -76.61 -59.47
C GLU Q 711 -101.09 -75.65 -60.63
N ASP Q 712 -101.71 -74.50 -60.40
CA ASP Q 712 -101.89 -73.45 -61.40
C ASP Q 712 -102.13 -72.14 -60.68
N MET Q 713 -101.93 -71.03 -61.41
CA MET Q 713 -102.21 -69.72 -60.86
C MET Q 713 -103.71 -69.51 -60.67
N GLY Q 714 -104.07 -68.58 -59.78
CA GLY Q 714 -105.46 -68.23 -59.62
C GLY Q 714 -105.66 -67.22 -58.51
N TYR Q 715 -106.85 -66.62 -58.53
CA TYR Q 715 -107.29 -65.75 -57.44
C TYR Q 715 -108.75 -66.07 -57.15
N ARG Q 716 -109.35 -65.25 -56.30
CA ARG Q 716 -110.73 -65.44 -55.86
C ARG Q 716 -111.50 -64.13 -56.09
N LEU Q 717 -112.77 -64.26 -56.47
CA LEU Q 717 -113.55 -63.15 -57.01
C LEU Q 717 -114.28 -62.40 -55.89
N ALA Q 718 -113.79 -61.20 -55.61
CA ALA Q 718 -114.51 -60.23 -54.78
C ALA Q 718 -114.80 -58.97 -55.58
N TYR Q 719 -113.75 -58.34 -56.11
CA TYR Q 719 -113.87 -57.19 -56.98
C TYR Q 719 -112.65 -57.14 -57.88
N ALA Q 720 -112.81 -56.48 -59.03
CA ALA Q 720 -111.80 -56.49 -60.08
C ALA Q 720 -111.18 -55.11 -60.24
N SER Q 721 -109.87 -55.07 -60.49
CA SER Q 721 -109.15 -53.85 -60.79
C SER Q 721 -108.21 -54.08 -61.96
N ASP Q 722 -108.27 -53.19 -62.95
CA ASP Q 722 -107.37 -53.24 -64.10
C ASP Q 722 -106.45 -52.02 -64.09
N GLN Q 723 -107.05 -50.84 -64.04
CA GLN Q 723 -106.28 -49.62 -63.84
C GLN Q 723 -105.68 -49.61 -62.45
N SER Q 724 -104.41 -49.24 -62.36
CA SER Q 724 -103.68 -49.31 -61.10
C SER Q 724 -104.18 -48.24 -60.13
N SER Q 725 -104.81 -48.70 -59.05
CA SER Q 725 -105.26 -47.85 -57.96
C SER Q 725 -104.10 -47.54 -57.03
N LEU Q 726 -104.40 -47.03 -55.83
CA LEU Q 726 -103.37 -46.85 -54.82
C LEU Q 726 -102.72 -48.16 -54.41
N PRO Q 727 -103.45 -49.25 -54.19
CA PRO Q 727 -102.80 -50.56 -54.04
C PRO Q 727 -102.51 -51.25 -55.36
N VAL Q 728 -102.84 -50.60 -56.48
CA VAL Q 728 -102.66 -51.09 -57.85
C VAL Q 728 -103.33 -52.45 -58.06
N GLN Q 730 -107.93 -53.00 -54.89
CA GLN Q 730 -107.40 -54.30 -54.52
C GLN Q 730 -108.48 -55.18 -53.92
N ARG Q 731 -108.17 -56.46 -53.77
CA ARG Q 731 -109.09 -57.45 -53.20
C ARG Q 731 -108.42 -58.15 -52.04
N ARG Q 732 -109.15 -58.31 -50.93
CA ARG Q 732 -108.65 -59.08 -49.81
C ARG Q 732 -108.64 -60.56 -50.15
N LEU Q 733 -107.70 -61.29 -49.54
CA LEU Q 733 -107.47 -62.73 -49.78
C LEU Q 733 -107.21 -63.02 -51.26
N THR Q 734 -106.50 -62.11 -51.91
CA THR Q 734 -106.25 -62.17 -53.35
C THR Q 734 -105.04 -61.30 -53.64
N ARG Q 735 -104.81 -61.02 -54.92
CA ARG Q 735 -103.74 -60.13 -55.33
C ARG Q 735 -104.03 -59.59 -56.73
N THR Q 736 -103.73 -58.30 -56.93
CA THR Q 736 -103.61 -57.71 -58.24
C THR Q 736 -102.15 -57.52 -58.62
N VAL Q 737 -101.34 -58.53 -58.33
CA VAL Q 737 -99.89 -58.36 -58.19
C VAL Q 737 -99.18 -58.42 -59.54
N GLN Q 738 -99.66 -59.29 -60.43
CA GLN Q 738 -99.09 -59.38 -61.77
C GLN Q 738 -99.40 -58.12 -62.55
N THR Q 739 -98.50 -57.74 -63.45
CA THR Q 739 -98.61 -56.48 -64.13
C THR Q 739 -99.04 -56.72 -65.57
N PRO Q 740 -100.29 -57.11 -65.82
CA PRO Q 740 -100.78 -57.14 -67.20
C PRO Q 740 -101.63 -55.93 -67.55
N PHE Q 741 -101.36 -55.35 -68.71
CA PHE Q 741 -102.31 -54.57 -69.50
C PHE Q 741 -103.20 -55.57 -70.24
N PRO Q 742 -102.65 -56.74 -70.53
CA PRO Q 742 -103.11 -57.56 -71.67
C PRO Q 742 -104.37 -58.36 -71.37
N PRO Q 743 -104.68 -59.34 -72.24
CA PRO Q 743 -106.02 -59.93 -72.36
C PRO Q 743 -106.70 -60.53 -71.13
N MET Q 744 -107.98 -60.82 -71.34
CA MET Q 744 -109.03 -61.08 -70.37
C MET Q 744 -108.71 -62.20 -69.39
N VAL Q 745 -109.43 -62.16 -68.27
CA VAL Q 745 -109.53 -63.25 -67.30
C VAL Q 745 -110.68 -64.15 -67.73
N VAL Q 746 -110.36 -65.37 -68.18
CA VAL Q 746 -111.29 -66.10 -69.04
C VAL Q 746 -111.88 -67.35 -68.41
N VAL Q 747 -112.12 -67.35 -67.09
CA VAL Q 747 -112.82 -68.49 -66.49
C VAL Q 747 -113.59 -68.04 -65.25
N GLY Q 748 -114.57 -68.87 -64.87
CA GLY Q 748 -115.27 -68.74 -63.61
C GLY Q 748 -115.74 -70.09 -63.15
N SER Q 749 -115.77 -70.28 -61.83
CA SER Q 749 -115.98 -71.60 -61.24
C SER Q 749 -117.03 -71.53 -60.11
N GLU Q 750 -118.19 -70.96 -60.43
CA GLU Q 750 -119.24 -70.63 -59.47
C GLU Q 750 -119.82 -71.81 -58.69
N ILE Q 751 -120.54 -72.69 -59.38
CA ILE Q 751 -121.29 -73.75 -58.72
C ILE Q 751 -120.87 -75.08 -59.32
N THR Q 752 -119.85 -75.70 -58.72
CA THR Q 752 -119.43 -77.04 -59.09
C THR Q 752 -120.12 -78.11 -58.25
N LEU Q 753 -121.10 -77.72 -57.44
CA LEU Q 753 -121.87 -78.68 -56.66
C LEU Q 753 -123.04 -79.23 -57.46
N LEU Q 754 -123.23 -78.73 -58.68
CA LEU Q 754 -124.37 -79.10 -59.50
C LEU Q 754 -123.94 -79.09 -60.96
N LYS Q 755 -124.93 -79.08 -61.87
CA LYS Q 755 -124.70 -79.18 -63.30
C LYS Q 755 -124.27 -77.86 -63.93
N GLN Q 756 -124.35 -77.79 -65.26
CA GLN Q 756 -123.99 -76.64 -66.09
C GLN Q 756 -122.50 -76.30 -65.96
N VAL Q 757 -121.66 -77.34 -66.02
CA VAL Q 757 -120.22 -77.16 -66.02
C VAL Q 757 -119.73 -76.84 -67.44
N GLY Q 758 -118.47 -76.40 -67.55
CA GLY Q 758 -117.85 -76.27 -68.85
C GLY Q 758 -117.92 -74.87 -69.46
N ILE Q 759 -119.07 -74.26 -69.26
CA ILE Q 759 -119.51 -73.03 -69.94
C ILE Q 759 -118.83 -71.76 -69.44
N VAL Q 760 -117.77 -71.89 -68.63
CA VAL Q 760 -117.06 -70.77 -68.00
C VAL Q 760 -116.68 -69.68 -69.00
N ASN Q 761 -116.82 -68.43 -68.56
CA ASN Q 761 -116.95 -67.31 -69.47
C ASN Q 761 -115.62 -66.60 -69.73
N LEU Q 762 -115.46 -66.13 -70.96
CA LEU Q 762 -114.34 -65.25 -71.32
C LEU Q 762 -114.78 -63.80 -71.11
N LYS Q 763 -114.26 -63.23 -70.01
CA LYS Q 763 -114.75 -61.94 -69.54
C LYS Q 763 -114.12 -60.78 -70.31
N LYS Q 764 -114.28 -59.58 -69.75
CA LYS Q 764 -113.80 -58.34 -70.38
C LYS Q 764 -112.27 -58.23 -70.32
N ALA Q 765 -111.71 -57.36 -71.15
CA ALA Q 765 -110.26 -57.27 -71.32
C ALA Q 765 -109.58 -56.54 -70.16
N GLU Q 766 -109.96 -55.29 -69.93
CA GLU Q 766 -109.37 -54.47 -68.88
C GLU Q 766 -110.46 -53.60 -68.27
N SER Q 767 -111.00 -54.03 -67.13
CA SER Q 767 -112.02 -53.29 -66.42
C SER Q 767 -111.70 -53.28 -64.94
N GLU Q 768 -111.89 -52.14 -64.30
CA GLU Q 768 -111.65 -51.96 -62.88
C GLU Q 768 -112.98 -51.69 -62.18
N LYS Q 769 -113.50 -52.69 -61.48
CA LYS Q 769 -114.82 -52.60 -60.86
C LYS Q 769 -114.74 -52.98 -59.39
N LEU Q 770 -114.84 -51.97 -58.53
CA LEU Q 770 -114.95 -52.18 -57.09
C LEU Q 770 -116.04 -51.28 -56.54
N TYR Q 771 -116.45 -50.29 -57.33
CA TYR Q 771 -117.50 -49.35 -56.96
C TYR Q 771 -118.24 -48.96 -58.23
N ALA Q 772 -119.36 -48.25 -58.04
CA ALA Q 772 -120.28 -47.96 -59.14
C ALA Q 772 -119.89 -46.73 -59.96
N LYS Q 773 -118.64 -46.26 -59.87
CA LYS Q 773 -118.17 -45.19 -60.74
C LYS Q 773 -117.64 -45.76 -62.05
N VAL Q 774 -117.66 -47.08 -62.18
CA VAL Q 774 -117.17 -47.75 -63.40
C VAL Q 774 -118.35 -48.15 -64.29
N VAL Q 775 -119.43 -47.36 -64.24
CA VAL Q 775 -120.80 -47.69 -64.65
C VAL Q 775 -120.97 -48.31 -66.04
N SER Q 776 -119.98 -48.18 -66.92
CA SER Q 776 -120.00 -48.85 -68.22
C SER Q 776 -119.93 -50.36 -68.03
N PHE Q 777 -120.44 -51.09 -69.01
CA PHE Q 777 -120.53 -52.55 -68.91
C PHE Q 777 -119.16 -53.22 -69.00
N ASN Q 791 -115.35 -57.58 -73.76
CA ASN Q 791 -116.19 -58.57 -74.44
C ASN Q 791 -116.77 -59.57 -73.44
N SER Q 792 -117.79 -60.31 -73.88
CA SER Q 792 -118.45 -61.31 -73.05
C SER Q 792 -119.15 -62.33 -73.93
N THR Q 793 -118.97 -63.60 -73.60
CA THR Q 793 -119.64 -64.71 -74.27
C THR Q 793 -119.68 -65.87 -73.30
N LEU Q 794 -120.65 -66.78 -73.54
CA LEU Q 794 -121.10 -67.78 -72.56
C LEU Q 794 -121.39 -67.10 -71.22
N ALA Q 795 -122.40 -66.23 -71.24
CA ALA Q 795 -122.23 -64.80 -70.91
C ALA Q 795 -121.58 -64.59 -69.54
N PHE Q 796 -122.33 -64.68 -68.42
CA PHE Q 796 -121.98 -65.00 -67.03
C PHE Q 796 -123.22 -64.71 -66.18
N PRO Q 797 -123.25 -65.14 -64.93
CA PRO Q 797 -123.75 -64.23 -63.89
C PRO Q 797 -122.55 -63.56 -63.26
N THR Q 798 -122.52 -62.23 -63.15
CA THR Q 798 -121.38 -61.55 -62.54
C THR Q 798 -121.79 -60.22 -61.94
N SER Q 799 -122.18 -60.24 -60.67
CA SER Q 799 -122.27 -59.03 -59.85
C SER Q 799 -122.37 -59.32 -58.36
N GLU Q 800 -121.34 -58.94 -57.59
CA GLU Q 800 -121.45 -58.47 -56.21
C GLU Q 800 -121.96 -59.47 -55.16
N GLU Q 801 -122.37 -60.66 -55.57
CA GLU Q 801 -123.07 -61.54 -54.63
C GLU Q 801 -122.28 -62.80 -54.35
N ALA Q 802 -121.90 -63.52 -55.40
CA ALA Q 802 -121.23 -64.81 -55.26
C ALA Q 802 -119.73 -64.60 -55.25
N TRP Q 803 -119.09 -64.96 -54.14
CA TRP Q 803 -117.64 -65.08 -54.06
C TRP Q 803 -117.15 -66.40 -54.62
N ARG Q 804 -118.07 -67.25 -55.09
CA ARG Q 804 -117.71 -68.61 -55.45
C ARG Q 804 -117.07 -68.68 -56.83
N TYR Q 805 -117.11 -67.58 -57.59
CA TYR Q 805 -116.39 -67.51 -58.85
C TYR Q 805 -114.89 -67.44 -58.62
N SER Q 806 -114.13 -68.00 -59.55
CA SER Q 806 -112.68 -67.92 -59.50
C SER Q 806 -112.13 -67.09 -60.66
N TRP Q 807 -110.81 -66.95 -60.65
CA TRP Q 807 -110.08 -66.18 -61.65
C TRP Q 807 -109.21 -67.09 -62.49
N TYR Q 808 -108.70 -66.53 -63.59
CA TYR Q 808 -107.80 -67.21 -64.52
C TYR Q 808 -107.19 -66.12 -65.38
N PHE Q 809 -106.34 -66.53 -66.31
CA PHE Q 809 -105.89 -65.67 -67.40
C PHE Q 809 -106.05 -66.41 -68.71
N SER Q 810 -106.50 -65.69 -69.74
CA SER Q 810 -106.57 -66.25 -71.08
C SER Q 810 -105.18 -66.59 -71.59
N GLY Q 811 -105.07 -67.66 -72.37
CA GLY Q 811 -103.75 -68.08 -72.82
C GLY Q 811 -103.20 -67.30 -74.00
N GLU Q 812 -104.01 -66.53 -74.70
CA GLU Q 812 -103.52 -65.82 -75.87
C GLU Q 812 -102.86 -64.48 -75.54
N LYS Q 813 -102.58 -64.20 -74.26
CA LYS Q 813 -101.61 -63.14 -73.97
C LYS Q 813 -100.19 -63.65 -74.15
N TYR Q 814 -99.94 -64.92 -73.81
CA TYR Q 814 -98.67 -65.63 -73.97
C TYR Q 814 -97.51 -64.90 -73.28
N GLU Q 815 -97.69 -64.62 -71.99
CA GLU Q 815 -96.67 -63.99 -71.16
C GLU Q 815 -96.21 -64.90 -70.03
N ARG Q 816 -96.00 -66.18 -70.30
CA ARG Q 816 -95.46 -67.07 -69.29
C ARG Q 816 -93.96 -66.87 -69.16
N THR Q 817 -93.54 -66.31 -68.03
CA THR Q 817 -92.15 -65.92 -67.82
C THR Q 817 -91.57 -66.73 -66.67
N ASP Q 818 -90.24 -66.73 -66.59
CA ASP Q 818 -89.54 -67.31 -65.45
C ASP Q 818 -89.55 -66.29 -64.32
N ARG Q 819 -90.15 -66.66 -63.19
CA ARG Q 819 -90.32 -65.75 -62.07
C ARG Q 819 -89.50 -66.17 -60.85
N PHE Q 820 -89.06 -67.43 -60.81
CA PHE Q 820 -88.54 -67.99 -59.57
C PHE Q 820 -87.02 -67.89 -59.48
N SER Q 821 -86.37 -67.29 -60.47
CA SER Q 821 -84.91 -67.42 -60.57
C SER Q 821 -84.19 -66.51 -59.59
N PHE Q 822 -84.33 -65.20 -59.76
CA PHE Q 822 -83.56 -64.23 -59.00
C PHE Q 822 -84.46 -63.08 -58.55
N VAL Q 823 -85.68 -63.37 -58.14
CA VAL Q 823 -86.67 -62.33 -57.93
C VAL Q 823 -87.10 -62.32 -56.46
N ILE Q 824 -86.64 -61.31 -55.73
CA ILE Q 824 -87.02 -61.04 -54.35
C ILE Q 824 -88.33 -60.27 -54.38
N SER Q 825 -89.29 -60.67 -53.55
CA SER Q 825 -90.53 -59.93 -53.40
C SER Q 825 -90.61 -59.28 -52.03
N VAL Q 826 -90.88 -57.97 -52.02
CA VAL Q 826 -90.96 -57.18 -50.80
C VAL Q 826 -92.39 -56.72 -50.61
N VAL Q 827 -93.04 -57.21 -49.57
CA VAL Q 827 -94.42 -56.87 -49.27
C VAL Q 827 -94.45 -55.67 -48.31
N VAL Q 828 -95.14 -54.63 -48.72
CA VAL Q 828 -95.07 -53.32 -48.09
C VAL Q 828 -96.45 -52.99 -47.52
N ASN Q 829 -96.50 -52.22 -46.44
CA ASN Q 829 -97.78 -51.69 -45.96
C ASN Q 829 -98.27 -50.56 -46.87
N SER Q 830 -99.58 -50.53 -47.10
CA SER Q 830 -100.18 -49.44 -47.85
C SER Q 830 -100.69 -48.32 -46.96
N ASP Q 831 -100.38 -48.35 -45.67
CA ASP Q 831 -100.74 -47.25 -44.80
C ASP Q 831 -99.76 -46.09 -44.94
N LEU Q 832 -98.60 -46.36 -45.55
CA LEU Q 832 -97.68 -45.28 -45.86
C LEU Q 832 -98.20 -44.44 -47.02
N ILE Q 833 -98.99 -45.06 -47.90
CA ILE Q 833 -99.65 -44.33 -48.98
C ILE Q 833 -100.94 -43.68 -48.46
N LYS Q 834 -101.44 -44.13 -47.30
CA LYS Q 834 -102.71 -43.63 -46.78
C LYS Q 834 -102.59 -42.17 -46.33
N LEU Q 835 -101.37 -41.69 -46.07
CA LEU Q 835 -101.16 -40.30 -45.72
C LEU Q 835 -101.53 -39.39 -46.90
N PRO Q 836 -102.18 -38.25 -46.64
CA PRO Q 836 -102.75 -37.46 -47.74
C PRO Q 836 -101.67 -36.74 -48.55
N GLY Q 837 -102.03 -36.38 -49.78
CA GLY Q 837 -101.11 -35.71 -50.68
C GLY Q 837 -100.02 -36.58 -51.23
N VAL Q 838 -100.21 -37.91 -51.21
CA VAL Q 838 -99.11 -38.84 -51.40
C VAL Q 838 -98.63 -38.86 -52.85
N ASP Q 839 -99.57 -38.88 -53.82
CA ASP Q 839 -99.32 -39.26 -55.20
C ASP Q 839 -98.45 -40.52 -55.29
N PRO Q 840 -99.05 -41.72 -55.05
CA PRO Q 840 -98.29 -42.97 -54.87
C PRO Q 840 -97.27 -43.33 -55.95
N TYR Q 841 -97.52 -42.88 -57.18
CA TYR Q 841 -96.53 -43.04 -58.23
C TYR Q 841 -95.32 -42.15 -58.00
N LYS Q 842 -95.54 -40.90 -57.59
CA LYS Q 842 -94.43 -39.99 -57.35
C LYS Q 842 -93.64 -40.38 -56.12
N LEU Q 843 -94.31 -40.97 -55.12
CA LEU Q 843 -93.60 -41.54 -53.99
C LEU Q 843 -92.77 -42.75 -54.43
N GLU Q 844 -93.33 -43.56 -55.33
CA GLU Q 844 -92.67 -44.80 -55.74
C GLU Q 844 -91.42 -44.52 -56.57
N GLU Q 845 -91.36 -43.36 -57.21
CA GLU Q 845 -90.13 -42.94 -57.87
C GLU Q 845 -89.04 -42.64 -56.84
N TRP Q 846 -89.43 -42.23 -55.63
CA TRP Q 846 -88.44 -41.96 -54.60
C TRP Q 846 -88.07 -43.23 -53.83
N VAL Q 847 -89.02 -44.15 -53.62
CA VAL Q 847 -88.76 -45.35 -52.82
C VAL Q 847 -87.75 -46.26 -53.51
N LYS Q 848 -87.92 -46.50 -54.81
CA LYS Q 848 -86.94 -47.31 -55.53
C LYS Q 848 -85.68 -46.52 -55.87
N GLU Q 849 -85.68 -45.20 -55.62
CA GLU Q 849 -84.50 -44.38 -55.89
C GLU Q 849 -83.38 -44.69 -54.91
N THR Q 850 -83.71 -44.84 -53.62
CA THR Q 850 -82.67 -45.04 -52.61
C THR Q 850 -82.25 -46.50 -52.52
N ILE Q 851 -83.22 -47.42 -52.50
CA ILE Q 851 -82.89 -48.84 -52.28
C ILE Q 851 -82.35 -49.52 -53.53
N LEU Q 852 -82.28 -48.80 -54.65
CA LEU Q 852 -81.61 -49.28 -55.86
C LEU Q 852 -80.15 -49.62 -55.58
N THR Q 853 -79.46 -48.76 -54.83
CA THR Q 853 -78.07 -49.01 -54.47
C THR Q 853 -77.94 -50.17 -53.48
N GLU Q 854 -78.98 -50.38 -52.68
CA GLU Q 854 -78.92 -51.40 -51.63
C GLU Q 854 -78.98 -52.82 -52.20
N PHE Q 855 -79.65 -52.99 -53.34
CA PHE Q 855 -79.79 -54.33 -53.89
C PHE Q 855 -78.57 -54.71 -54.72
N PRO Q 856 -78.32 -56.02 -54.86
CA PRO Q 856 -77.36 -56.47 -55.87
C PRO Q 856 -77.87 -56.21 -57.28
N ALA Q 857 -76.94 -56.22 -58.24
CA ALA Q 857 -77.29 -55.91 -59.62
C ALA Q 857 -78.12 -57.01 -60.26
N HIS Q 858 -77.74 -58.27 -60.00
CA HIS Q 858 -78.49 -59.37 -60.58
C HIS Q 858 -79.81 -59.58 -59.86
N ILE Q 859 -79.86 -59.22 -58.57
CA ILE Q 859 -81.01 -59.53 -57.76
C ILE Q 859 -82.13 -58.55 -58.08
N SER Q 860 -83.35 -59.06 -58.18
CA SER Q 860 -84.44 -58.35 -58.83
C SER Q 860 -85.64 -58.27 -57.89
N MET Q 861 -86.35 -57.15 -57.95
CA MET Q 861 -87.35 -56.82 -56.94
C MET Q 861 -88.67 -56.42 -57.57
N ILE Q 862 -89.74 -57.16 -57.25
CA ILE Q 862 -91.11 -56.73 -57.47
C ILE Q 862 -91.77 -56.58 -56.11
N ILE Q 863 -92.57 -55.53 -55.94
CA ILE Q 863 -93.20 -55.24 -54.65
C ILE Q 863 -94.71 -55.31 -54.79
N HIS Q 864 -95.38 -55.72 -53.72
CA HIS Q 864 -96.82 -55.88 -53.69
C HIS Q 864 -97.31 -55.36 -52.36
N TRP Q 865 -98.04 -54.24 -52.36
CA TRP Q 865 -98.47 -53.63 -51.11
C TRP Q 865 -99.99 -53.70 -50.96
N MET Q 866 -100.43 -54.04 -49.75
CA MET Q 866 -101.83 -54.35 -49.45
C MET Q 866 -102.24 -53.63 -48.17
N ASP Q 867 -103.49 -53.83 -47.75
CA ASP Q 867 -104.09 -53.10 -46.64
C ASP Q 867 -103.53 -53.58 -45.30
N ARG Q 868 -104.13 -53.08 -44.22
CA ARG Q 868 -103.65 -53.44 -42.88
C ARG Q 868 -104.01 -54.87 -42.52
N GLU Q 869 -105.17 -55.36 -42.99
CA GLU Q 869 -105.63 -56.66 -42.54
C GLU Q 869 -104.96 -57.78 -43.34
N ALA Q 870 -104.76 -57.58 -44.64
CA ALA Q 870 -104.08 -58.60 -45.43
C ALA Q 870 -102.58 -58.62 -45.14
N PHE Q 871 -102.05 -57.51 -44.62
CA PHE Q 871 -100.66 -57.51 -44.16
C PHE Q 871 -100.52 -58.33 -42.88
N LEU Q 872 -101.48 -58.19 -41.97
CA LEU Q 872 -101.38 -58.89 -40.69
C LEU Q 872 -101.64 -60.38 -40.84
N ASN Q 873 -102.39 -60.78 -41.86
CA ASN Q 873 -102.52 -62.20 -42.16
C ASN Q 873 -101.22 -62.74 -42.75
N PHE Q 874 -100.50 -61.92 -43.50
CA PHE Q 874 -99.17 -62.31 -43.94
C PHE Q 874 -98.19 -62.32 -42.78
N ALA Q 875 -98.37 -61.40 -41.83
CA ALA Q 875 -97.38 -61.22 -40.77
C ALA Q 875 -97.38 -62.39 -39.81
N ASN Q 876 -98.52 -63.08 -39.69
CA ASN Q 876 -98.55 -64.30 -38.89
C ASN Q 876 -97.90 -65.46 -39.65
N THR Q 877 -98.16 -65.56 -40.95
CA THR Q 877 -97.75 -66.73 -41.70
C THR Q 877 -96.27 -66.72 -41.99
N TYR Q 878 -95.64 -65.54 -41.99
CA TYR Q 878 -94.21 -65.49 -42.23
C TYR Q 878 -93.43 -65.97 -41.01
N GLN Q 879 -93.93 -65.71 -39.81
CA GLN Q 879 -93.16 -66.05 -38.62
C GLN Q 879 -93.25 -67.53 -38.32
N ARG Q 880 -94.42 -68.14 -38.54
CA ARG Q 880 -94.54 -69.59 -38.38
C ARG Q 880 -93.73 -70.32 -39.45
N TRP Q 881 -93.58 -69.70 -40.61
CA TRP Q 881 -92.71 -70.21 -41.66
C TRP Q 881 -91.25 -70.17 -41.24
N GLN Q 882 -90.84 -69.09 -40.57
CA GLN Q 882 -89.43 -68.93 -40.22
C GLN Q 882 -89.09 -69.64 -38.92
N ASN Q 883 -90.08 -69.83 -38.04
CA ASN Q 883 -89.82 -70.56 -36.80
C ASN Q 883 -89.66 -72.06 -37.07
N ASN Q 884 -90.31 -72.56 -38.11
CA ASN Q 884 -90.12 -73.97 -38.46
C ASN Q 884 -88.80 -74.18 -39.18
N GLY Q 885 -88.28 -73.14 -39.81
CA GLY Q 885 -87.00 -73.25 -40.48
C GLY Q 885 -87.13 -73.33 -41.98
N THR Q 886 -88.05 -72.55 -42.54
CA THR Q 886 -88.46 -72.62 -43.94
C THR Q 886 -88.77 -74.04 -44.42
N PRO Q 887 -89.94 -74.58 -44.04
CA PRO Q 887 -90.37 -75.85 -44.64
C PRO Q 887 -91.14 -75.61 -45.92
N LEU Q 888 -91.36 -76.69 -46.67
CA LEU Q 888 -92.17 -76.63 -47.87
C LEU Q 888 -93.62 -77.04 -47.62
N GLY Q 889 -94.08 -76.95 -46.37
CA GLY Q 889 -95.40 -77.40 -45.99
C GLY Q 889 -96.48 -76.38 -46.26
N ASP Q 890 -97.48 -76.39 -45.37
CA ASP Q 890 -98.68 -75.58 -45.59
C ASP Q 890 -98.43 -74.10 -45.32
N ALA Q 891 -97.38 -73.79 -44.54
CA ALA Q 891 -97.06 -72.39 -44.27
C ALA Q 891 -96.48 -71.72 -45.50
N ALA Q 892 -95.73 -72.47 -46.31
CA ALA Q 892 -95.13 -71.89 -47.51
C ALA Q 892 -96.15 -71.75 -48.63
N TYR Q 893 -97.10 -72.70 -48.71
CA TYR Q 893 -98.09 -72.66 -49.78
C TYR Q 893 -99.10 -71.54 -49.56
N SER Q 894 -99.31 -71.14 -48.31
CA SER Q 894 -100.14 -69.97 -48.03
C SER Q 894 -99.45 -68.70 -48.50
N ILE Q 895 -98.13 -68.62 -48.33
CA ILE Q 895 -97.37 -67.49 -48.83
C ILE Q 895 -97.34 -67.52 -50.35
N LEU Q 896 -97.32 -68.71 -50.93
CA LEU Q 896 -97.35 -68.84 -52.38
C LEU Q 896 -98.71 -68.43 -52.94
N GLU Q 897 -99.77 -68.60 -52.14
CA GLU Q 897 -101.09 -68.11 -52.53
C GLU Q 897 -101.17 -66.60 -52.40
N SER Q 898 -100.40 -66.03 -51.48
CA SER Q 898 -100.50 -64.59 -51.20
C SER Q 898 -99.90 -63.77 -52.34
N LEU Q 899 -99.03 -64.37 -53.13
CA LEU Q 899 -98.54 -63.71 -54.33
C LEU Q 899 -99.39 -64.11 -55.54
N THR Q 900 -98.95 -63.65 -56.72
CA THR Q 900 -99.60 -64.01 -57.97
C THR Q 900 -99.44 -65.50 -58.29
N LEU Q 901 -98.34 -66.12 -57.83
CA LEU Q 901 -97.76 -67.29 -58.51
C LEU Q 901 -98.64 -68.53 -58.40
N GLY Q 902 -99.56 -68.58 -57.44
CA GLY Q 902 -100.52 -69.65 -57.35
C GLY Q 902 -99.96 -70.91 -56.71
N LYS Q 903 -100.82 -71.61 -55.97
CA LYS Q 903 -100.38 -72.72 -55.14
C LYS Q 903 -101.40 -73.84 -55.24
N LEU Q 904 -101.00 -75.02 -54.74
CA LEU Q 904 -101.88 -76.17 -54.67
C LEU Q 904 -102.43 -76.28 -53.26
N PRO Q 905 -103.59 -75.68 -52.96
CA PRO Q 905 -104.11 -75.73 -51.59
C PRO Q 905 -105.18 -76.80 -51.41
N SER Q 906 -105.27 -77.73 -52.36
CA SER Q 906 -106.44 -78.61 -52.44
C SER Q 906 -106.44 -79.68 -51.36
N ALA Q 907 -105.28 -79.93 -50.73
CA ALA Q 907 -105.21 -80.96 -49.70
C ALA Q 907 -105.86 -80.48 -48.41
N LEU Q 908 -105.82 -79.18 -48.14
CA LEU Q 908 -106.38 -78.57 -46.94
C LEU Q 908 -107.60 -77.71 -47.23
N LYS Q 909 -108.53 -78.20 -48.06
CA LYS Q 909 -109.66 -77.50 -48.71
C LYS Q 909 -110.43 -76.62 -47.72
N GLY Q 910 -110.85 -77.12 -46.57
CA GLY Q 910 -111.59 -76.31 -45.63
C GLY Q 910 -110.73 -75.42 -44.75
N ALA R 6 -56.46 19.81 -32.67
CA ALA R 6 -55.12 19.51 -32.20
C ALA R 6 -54.11 20.48 -32.79
N LEU R 7 -54.45 21.77 -32.75
CA LEU R 7 -53.52 22.79 -33.21
C LEU R 7 -52.46 23.09 -32.16
N PHE R 8 -52.69 22.67 -30.91
CA PHE R 8 -51.82 23.08 -29.81
C PHE R 8 -50.47 22.38 -29.87
N HIS R 9 -50.44 21.12 -30.28
CA HIS R 9 -49.22 20.33 -30.15
C HIS R 9 -48.16 20.73 -31.17
N SER R 10 -48.57 21.38 -32.26
CA SER R 10 -47.60 21.77 -33.27
C SER R 10 -47.05 23.17 -33.02
N VAL R 11 -47.85 24.02 -32.36
CA VAL R 11 -47.47 25.40 -32.12
C VAL R 11 -46.90 25.57 -30.69
N LYS R 12 -46.80 24.48 -29.94
CA LYS R 12 -46.54 24.52 -28.50
C LYS R 12 -45.17 25.11 -28.18
N ASP R 13 -44.19 24.88 -29.05
CA ASP R 13 -42.87 25.47 -28.84
C ASP R 13 -42.87 26.94 -29.20
N ASP R 14 -43.90 27.40 -29.91
CA ASP R 14 -43.86 28.75 -30.48
C ASP R 14 -44.64 29.76 -29.64
N ILE R 15 -45.78 29.35 -29.09
CA ILE R 15 -46.53 30.28 -28.24
C ILE R 15 -46.07 30.10 -26.80
N HIS R 16 -44.90 30.65 -26.49
CA HIS R 16 -44.25 30.35 -25.24
C HIS R 16 -43.57 31.60 -24.72
N PHE R 17 -43.47 31.69 -23.39
CA PHE R 17 -42.84 32.86 -22.77
C PHE R 17 -41.37 32.95 -23.14
N ASP R 18 -40.68 31.82 -23.20
CA ASP R 18 -39.25 31.83 -23.43
C ASP R 18 -38.92 32.17 -24.87
N THR R 19 -39.86 31.94 -25.79
CA THR R 19 -39.58 32.22 -27.20
C THR R 19 -40.21 33.52 -27.64
N LEU R 20 -41.23 34.00 -26.94
CA LEU R 20 -41.76 35.34 -27.24
C LEU R 20 -40.87 36.41 -26.63
N LEU R 21 -40.19 36.09 -25.53
CA LEU R 21 -39.28 37.06 -24.95
C LEU R 21 -38.03 37.22 -25.79
N GLU R 22 -37.57 36.14 -26.42
CA GLU R 22 -36.41 36.23 -27.31
C GLU R 22 -36.76 36.99 -28.57
N GLN R 23 -38.04 36.99 -28.96
CA GLN R 23 -38.48 37.86 -30.03
C GLN R 23 -38.45 39.31 -29.60
N ALA R 24 -38.78 39.58 -28.33
CA ALA R 24 -38.93 40.95 -27.88
C ALA R 24 -37.59 41.60 -27.58
N HIS R 25 -36.60 40.81 -27.16
CA HIS R 25 -35.27 41.37 -26.94
C HIS R 25 -34.60 41.75 -28.24
N GLN R 26 -34.93 41.04 -29.32
CA GLN R 26 -34.29 41.32 -30.60
C GLN R 26 -34.80 42.59 -31.24
N VAL R 27 -36.01 43.03 -30.85
CA VAL R 27 -36.48 44.33 -31.32
C VAL R 27 -35.80 45.45 -30.55
N ILE R 28 -35.44 45.20 -29.30
CA ILE R 28 -34.76 46.22 -28.50
C ILE R 28 -33.29 46.29 -28.89
N GLU R 29 -32.68 45.14 -29.17
CA GLU R 29 -31.24 45.09 -29.39
C GLU R 29 -30.87 45.64 -30.75
N LYS R 30 -31.82 45.71 -31.68
CA LYS R 30 -31.53 46.30 -32.98
C LYS R 30 -31.84 47.78 -32.99
N GLN R 31 -32.92 48.20 -32.34
CA GLN R 31 -33.44 49.54 -32.57
C GLN R 31 -32.99 50.51 -31.48
N ALA R 32 -32.87 50.04 -30.25
CA ALA R 32 -32.47 50.92 -29.14
C ALA R 32 -31.29 50.35 -28.35
N GLU R 33 -30.24 49.92 -29.04
CA GLU R 33 -29.09 49.34 -28.34
C GLU R 33 -28.21 50.42 -27.74
N LYS R 34 -28.35 51.66 -28.19
CA LYS R 34 -27.50 52.73 -27.69
C LYS R 34 -28.16 53.43 -26.50
N LEU R 35 -29.47 53.64 -26.57
CA LEU R 35 -30.13 54.38 -25.51
C LEU R 35 -30.60 53.48 -24.38
N TRP R 36 -30.79 52.20 -24.68
CA TRP R 36 -31.30 51.23 -23.71
C TRP R 36 -30.36 50.02 -23.75
N SER R 37 -29.27 50.11 -23.01
CA SER R 37 -28.19 49.15 -23.12
C SER R 37 -28.18 48.13 -21.99
N ASP R 38 -29.01 48.31 -20.97
CA ASP R 38 -29.10 47.38 -19.86
C ASP R 38 -30.45 46.67 -19.93
N THR R 39 -30.43 45.42 -20.36
CA THR R 39 -31.64 44.61 -20.46
C THR R 39 -31.63 43.47 -19.45
N ALA R 40 -31.00 43.67 -18.29
CA ALA R 40 -30.94 42.64 -17.29
C ALA R 40 -32.30 42.47 -16.61
N GLU R 41 -32.38 41.51 -15.70
CA GLU R 41 -33.67 41.17 -15.10
C GLU R 41 -34.09 42.11 -14.00
N HIS R 42 -33.38 43.21 -13.78
CA HIS R 42 -33.73 44.10 -12.68
C HIS R 42 -34.64 45.24 -13.12
N ASP R 43 -34.43 45.78 -14.35
CA ASP R 43 -34.94 47.12 -14.64
C ASP R 43 -36.45 47.09 -14.88
N PRO R 44 -37.13 48.22 -14.67
CA PRO R 44 -38.58 48.24 -14.94
C PRO R 44 -38.97 48.08 -16.39
N GLY R 45 -38.04 48.26 -17.32
CA GLY R 45 -38.39 48.14 -18.73
C GLY R 45 -38.67 46.70 -19.14
N ILE R 46 -37.88 45.76 -18.62
CA ILE R 46 -38.06 44.37 -18.98
C ILE R 46 -39.22 43.75 -18.22
N THR R 47 -39.46 44.19 -16.98
CA THR R 47 -40.54 43.62 -16.19
C THR R 47 -41.90 44.06 -16.71
N PHE R 48 -41.95 45.16 -17.47
CA PHE R 48 -43.19 45.55 -18.12
C PHE R 48 -43.35 44.66 -19.33
N LEU R 49 -42.22 44.40 -20.01
CA LEU R 49 -42.24 43.55 -21.18
C LEU R 49 -42.50 42.10 -20.82
N GLN R 50 -41.97 41.64 -19.70
CA GLN R 50 -42.23 40.27 -19.27
C GLN R 50 -43.67 40.11 -18.80
N GLY R 51 -44.29 41.20 -18.33
CA GLY R 51 -45.71 41.14 -18.06
C GLY R 51 -46.53 41.05 -19.33
N ILE R 52 -46.10 41.75 -20.37
CA ILE R 52 -46.85 41.77 -21.63
C ILE R 52 -46.61 40.49 -22.41
N SER R 53 -45.37 40.00 -22.44
CA SER R 53 -45.05 38.82 -23.24
C SER R 53 -45.58 37.55 -22.59
N TYR R 54 -45.99 37.62 -21.32
CA TYR R 54 -46.77 36.54 -20.73
C TYR R 54 -48.25 36.71 -21.04
N GLY R 55 -48.71 37.95 -21.18
CA GLY R 55 -50.09 38.18 -21.54
C GLY R 55 -50.38 37.82 -22.99
N VAL R 56 -49.37 37.94 -23.85
CA VAL R 56 -49.54 37.51 -25.24
C VAL R 56 -49.49 35.99 -25.32
N SER R 57 -48.63 35.37 -24.51
CA SER R 57 -48.61 33.91 -24.42
C SER R 57 -49.89 33.37 -23.81
N ASP R 58 -50.50 34.12 -22.90
CA ASP R 58 -51.84 33.80 -22.44
C ASP R 58 -52.84 33.96 -23.57
N LEU R 59 -52.74 35.04 -24.34
CA LEU R 59 -53.73 35.35 -25.35
C LEU R 59 -53.64 34.41 -26.53
N ALA R 60 -52.44 33.93 -26.84
CA ALA R 60 -52.27 33.07 -27.99
C ALA R 60 -52.56 31.61 -27.65
N TYR R 61 -52.64 31.30 -26.35
CA TYR R 61 -53.02 29.95 -25.95
C TYR R 61 -54.51 29.70 -26.21
N ARG R 62 -55.33 30.76 -26.13
CA ARG R 62 -56.77 30.58 -26.32
C ARG R 62 -57.12 30.32 -27.77
N HIS R 63 -56.21 30.60 -28.70
CA HIS R 63 -56.48 30.30 -30.10
C HIS R 63 -56.28 28.82 -30.38
N THR R 64 -55.44 28.15 -29.59
CA THR R 64 -55.12 26.76 -29.85
C THR R 64 -56.07 25.78 -29.18
N LEU R 65 -57.18 26.25 -28.62
CA LEU R 65 -58.20 25.35 -28.14
C LEU R 65 -58.90 24.71 -29.34
N PRO R 66 -59.48 23.52 -29.16
CA PRO R 66 -60.12 22.85 -30.30
C PRO R 66 -61.34 23.59 -30.80
N LEU R 67 -61.61 23.45 -32.11
CA LEU R 67 -62.52 24.36 -32.80
C LEU R 67 -63.96 24.11 -32.41
N LYS R 68 -64.27 22.92 -31.91
CA LYS R 68 -65.62 22.67 -31.41
C LYS R 68 -65.88 23.41 -30.10
N ASP R 69 -64.81 23.72 -29.37
CA ASP R 69 -64.99 24.41 -28.08
C ASP R 69 -64.86 25.92 -28.23
N LEU R 70 -64.20 26.36 -29.29
CA LEU R 70 -64.15 27.80 -29.55
C LEU R 70 -65.46 28.29 -30.14
N LEU R 71 -66.09 27.46 -30.98
CA LEU R 71 -67.21 27.94 -31.76
C LEU R 71 -68.53 27.79 -31.02
N THR R 72 -68.53 27.04 -29.93
CA THR R 72 -69.74 26.97 -29.12
C THR R 72 -69.89 28.26 -28.31
N PRO R 73 -71.08 28.82 -28.24
CA PRO R 73 -71.29 30.00 -27.41
C PRO R 73 -71.53 29.60 -25.97
N ALA R 74 -71.68 30.61 -25.12
CA ALA R 74 -71.98 30.40 -23.72
C ALA R 74 -73.36 29.77 -23.58
N PRO R 75 -73.56 28.96 -22.53
CA PRO R 75 -74.85 28.24 -22.41
C PRO R 75 -76.06 29.11 -22.15
N ASP R 76 -75.88 30.40 -21.84
CA ASP R 76 -77.05 31.26 -21.67
C ASP R 76 -77.65 31.65 -23.02
N GLU R 77 -76.81 31.78 -24.05
CA GLU R 77 -77.26 32.18 -25.38
C GLU R 77 -76.86 31.10 -26.36
N GLN R 78 -77.84 30.31 -26.80
CA GLN R 78 -77.63 29.29 -27.81
C GLN R 78 -78.79 29.31 -28.80
N GLN R 79 -78.46 29.19 -30.08
CA GLN R 79 -79.42 28.72 -31.07
C GLN R 79 -79.54 27.21 -30.85
N GLN R 80 -80.73 26.67 -31.11
CA GLN R 80 -81.27 25.43 -30.51
C GLN R 80 -80.31 24.26 -30.74
N GLU R 81 -80.03 23.85 -31.96
CA GLU R 81 -79.08 22.77 -32.17
C GLU R 81 -77.68 23.36 -32.33
N GLY R 82 -76.71 22.50 -32.64
CA GLY R 82 -75.32 22.82 -32.40
C GLY R 82 -74.69 23.82 -33.35
N ILE R 83 -73.36 23.69 -33.46
CA ILE R 83 -72.39 24.64 -34.03
C ILE R 83 -72.83 25.26 -35.34
N PHE R 84 -73.23 24.41 -36.27
CA PHE R 84 -73.91 24.89 -37.46
C PHE R 84 -75.40 24.63 -37.28
N PRO R 85 -76.26 25.54 -37.72
CA PRO R 85 -77.71 25.38 -37.50
C PRO R 85 -78.27 24.16 -38.23
N ALA R 86 -79.44 23.71 -37.79
CA ALA R 86 -79.98 22.45 -38.28
C ALA R 86 -80.48 22.56 -39.72
N GLU R 87 -80.63 23.79 -40.22
CA GLU R 87 -80.95 23.96 -41.63
C GLU R 87 -79.74 23.71 -42.51
N PHE R 88 -78.55 23.75 -41.92
CA PHE R 88 -77.31 23.63 -42.69
C PHE R 88 -76.73 22.24 -42.67
N GLY R 89 -77.47 21.24 -42.20
CA GLY R 89 -77.01 19.87 -42.21
C GLY R 89 -76.96 19.31 -43.62
N PRO R 90 -76.36 18.12 -43.78
CA PRO R 90 -76.27 17.50 -45.11
C PRO R 90 -77.61 17.07 -45.69
N HIS R 91 -78.62 16.97 -44.83
CA HIS R 91 -79.96 16.60 -45.30
C HIS R 91 -80.62 17.75 -46.05
N ASN R 92 -80.12 18.98 -45.87
CA ASN R 92 -80.71 20.12 -46.56
C ASN R 92 -79.70 20.81 -47.45
N THR R 93 -78.41 20.55 -47.23
CA THR R 93 -77.39 21.25 -48.00
C THR R 93 -77.00 20.46 -49.24
N LEU R 94 -77.15 19.15 -49.21
CA LEU R 94 -76.80 18.34 -50.37
C LEU R 94 -78.02 18.02 -51.21
N THR R 95 -79.18 17.85 -50.57
CA THR R 95 -80.39 17.48 -51.29
C THR R 95 -80.96 18.68 -52.04
N CYS R 96 -81.45 18.42 -53.25
CA CYS R 96 -82.08 19.45 -54.05
C CYS R 96 -83.55 19.13 -54.21
N GLY R 97 -84.28 20.08 -54.78
CA GLY R 97 -85.71 19.96 -54.94
C GLY R 97 -86.12 18.90 -55.93
N PRO R 98 -87.39 18.47 -55.85
CA PRO R 98 -87.98 17.51 -56.81
C PRO R 98 -88.38 18.18 -58.12
N VAL R 99 -87.48 18.15 -59.10
CA VAL R 99 -87.81 18.74 -60.39
C VAL R 99 -87.91 17.67 -61.48
N THR R 100 -87.06 16.66 -61.44
CA THR R 100 -87.07 15.61 -62.45
C THR R 100 -88.29 14.70 -62.27
N ALA R 101 -88.69 14.02 -63.34
CA ALA R 101 -89.66 12.94 -63.20
C ALA R 101 -89.09 11.79 -62.36
N ASP R 102 -87.77 11.67 -62.30
CA ASP R 102 -87.17 10.60 -61.51
C ASP R 102 -87.24 10.89 -60.02
N ASP R 103 -87.08 12.16 -59.60
CA ASP R 103 -87.13 12.40 -58.15
C ASP R 103 -88.51 12.89 -57.73
N TYR R 104 -89.39 13.16 -58.69
CA TYR R 104 -90.82 13.08 -58.41
C TYR R 104 -91.18 11.69 -57.93
N ARG R 105 -90.64 10.67 -58.60
CA ARG R 105 -90.85 9.28 -58.21
C ARG R 105 -90.22 8.99 -56.86
N LYS R 106 -89.09 9.63 -56.56
CA LYS R 106 -88.45 9.43 -55.26
C LYS R 106 -89.29 10.05 -54.14
N ALA R 107 -89.99 11.14 -54.43
CA ALA R 107 -90.77 11.82 -53.41
C ALA R 107 -92.14 11.16 -53.23
N LEU R 108 -92.77 10.76 -54.32
CA LEU R 108 -94.10 10.16 -54.24
C LEU R 108 -94.05 8.76 -53.64
N LEU R 109 -92.94 8.05 -53.82
CA LEU R 109 -92.77 6.74 -53.21
C LEU R 109 -92.61 6.83 -51.70
N ASP R 110 -92.33 8.02 -51.18
CA ASP R 110 -92.03 8.15 -49.77
C ASP R 110 -93.29 8.15 -48.92
N LEU R 111 -94.41 8.61 -49.49
CA LEU R 111 -95.57 8.99 -48.71
C LEU R 111 -96.21 7.78 -48.03
N HIS R 112 -96.59 7.98 -46.77
CA HIS R 112 -96.84 6.86 -45.89
C HIS R 112 -98.04 7.19 -45.01
N SER R 113 -98.71 6.14 -44.55
CA SER R 113 -99.95 6.29 -43.79
C SER R 113 -99.73 6.90 -42.42
N SER R 114 -98.54 6.71 -41.82
CA SER R 114 -98.32 7.29 -40.50
C SER R 114 -97.90 8.75 -40.62
N ASP R 115 -97.54 9.18 -41.84
CA ASP R 115 -97.26 10.58 -42.07
C ASP R 115 -98.54 11.40 -42.14
N SER R 116 -99.67 10.73 -42.32
CA SER R 116 -100.98 11.40 -42.28
C SER R 116 -101.24 11.94 -40.89
N LEU R 117 -101.87 13.11 -40.85
CA LEU R 117 -101.99 13.84 -39.59
C LEU R 117 -103.10 13.27 -38.72
N ASP R 118 -103.95 12.41 -39.29
CA ASP R 118 -105.08 11.84 -38.58
C ASP R 118 -105.42 10.47 -39.14
N GLY R 119 -105.97 9.62 -38.29
CA GLY R 119 -106.59 8.38 -38.73
C GLY R 119 -105.67 7.17 -38.61
N THR R 120 -106.31 6.00 -38.61
CA THR R 120 -105.72 4.65 -38.63
C THR R 120 -104.70 4.40 -37.52
N GLN R 121 -104.89 4.98 -36.33
CA GLN R 121 -104.19 4.67 -35.05
C GLN R 121 -102.68 4.48 -35.16
N GLN R 122 -102.08 5.18 -36.15
CA GLN R 122 -100.66 5.40 -36.40
C GLN R 122 -99.80 4.15 -36.57
N ASP R 123 -100.40 2.96 -36.57
CA ASP R 123 -99.62 1.72 -36.65
C ASP R 123 -99.80 1.03 -37.99
N GLU R 124 -101.02 1.02 -38.53
CA GLU R 124 -101.24 0.34 -39.80
C GLU R 124 -100.59 1.10 -40.95
N GLY R 125 -100.38 0.40 -42.05
CA GLY R 125 -100.10 1.06 -43.31
C GLY R 125 -98.76 0.72 -43.92
N ASP R 126 -98.75 0.52 -45.23
CA ASP R 126 -97.53 0.52 -46.00
C ASP R 126 -97.29 1.95 -46.48
N PHE R 127 -96.28 2.16 -47.29
CA PHE R 127 -96.16 3.41 -48.03
C PHE R 127 -97.31 3.50 -49.02
N LEU R 128 -97.71 4.73 -49.36
CA LEU R 128 -99.00 4.93 -50.03
C LEU R 128 -99.00 4.40 -51.46
N PHE R 129 -97.84 4.35 -52.09
CA PHE R 129 -97.74 3.95 -53.49
C PHE R 129 -96.57 3.01 -53.67
N ARG R 130 -96.82 1.87 -54.33
CA ARG R 130 -95.74 0.94 -54.59
C ARG R 130 -94.91 1.38 -55.78
N SER R 131 -95.54 2.06 -56.74
CA SER R 131 -94.82 2.70 -57.83
C SER R 131 -95.67 3.84 -58.35
N VAL R 132 -95.00 4.87 -58.89
CA VAL R 132 -95.69 5.97 -59.56
C VAL R 132 -94.99 6.21 -60.87
N GLN R 133 -95.66 6.89 -61.79
CA GLN R 133 -95.03 7.34 -63.01
C GLN R 133 -95.62 8.69 -63.39
N LEU R 134 -94.80 9.72 -63.30
CA LEU R 134 -95.17 11.06 -63.73
C LEU R 134 -94.55 11.27 -65.10
N VAL R 135 -95.34 11.80 -66.03
CA VAL R 135 -94.90 12.04 -67.40
C VAL R 135 -95.72 13.22 -67.89
N ARG R 136 -95.26 13.84 -68.98
CA ARG R 136 -96.07 14.85 -69.63
C ARG R 136 -97.35 14.24 -70.18
N GLU R 137 -98.42 15.02 -70.13
CA GLU R 137 -99.74 14.61 -70.57
C GLU R 137 -99.76 14.32 -72.07
N PRO R 138 -100.76 13.58 -72.54
CA PRO R 138 -100.92 13.40 -73.99
C PRO R 138 -101.13 14.73 -74.73
N GLU R 139 -100.55 14.79 -75.93
CA GLU R 139 -100.45 16.05 -76.66
C GLU R 139 -101.80 16.48 -77.23
N LYS R 140 -102.74 15.55 -77.38
CA LYS R 140 -103.99 15.90 -78.04
C LYS R 140 -104.91 16.71 -77.15
N GLN R 141 -104.85 16.50 -75.82
CA GLN R 141 -105.67 17.24 -74.86
C GLN R 141 -104.74 17.91 -73.81
N ARG R 142 -104.29 19.10 -74.16
CA ARG R 142 -103.28 19.78 -73.37
C ARG R 142 -103.74 21.16 -72.91
N TYR R 143 -104.97 21.18 -72.36
CA TYR R 143 -105.68 22.40 -71.95
C TYR R 143 -105.80 23.36 -73.14
N THR R 144 -106.39 22.88 -74.23
CA THR R 144 -106.62 23.75 -75.35
C THR R 144 -107.87 24.58 -75.07
N TYR R 145 -107.80 25.86 -75.39
CA TYR R 145 -108.87 26.79 -75.05
C TYR R 145 -109.06 27.80 -76.16
N TRP R 146 -110.31 28.10 -76.46
CA TRP R 146 -110.70 29.27 -77.23
C TRP R 146 -111.18 30.31 -76.22
N TYR R 147 -111.42 31.54 -76.71
CA TYR R 147 -111.66 32.76 -75.91
C TYR R 147 -110.76 32.92 -74.68
N ALA R 162 -109.69 34.17 -78.35
CA ALA R 162 -110.15 34.06 -79.73
C ALA R 162 -110.01 32.64 -80.25
N LYS R 163 -109.08 32.44 -81.17
CA LYS R 163 -108.85 31.15 -81.84
C LYS R 163 -108.09 30.21 -80.90
N GLU R 164 -107.65 29.07 -81.43
CA GLU R 164 -107.11 27.97 -80.65
C GLU R 164 -105.81 28.39 -79.98
N PHE R 165 -105.74 28.16 -78.66
CA PHE R 165 -104.55 28.38 -77.86
C PHE R 165 -104.39 27.20 -76.92
N THR R 166 -103.25 26.53 -77.01
CA THR R 166 -102.93 25.42 -76.14
C THR R 166 -102.04 25.88 -75.00
N LEU R 167 -102.30 25.37 -73.80
CA LEU R 167 -101.48 25.65 -72.64
C LEU R 167 -100.25 24.78 -72.72
N ARG R 168 -99.09 25.39 -72.61
CA ARG R 168 -97.86 24.65 -72.44
C ARG R 168 -97.53 24.51 -70.95
N GLY R 169 -97.27 23.29 -70.53
CA GLY R 169 -96.74 23.10 -69.17
C GLY R 169 -97.71 22.73 -68.07
N ASN R 170 -98.47 21.65 -68.23
CA ASN R 170 -99.11 20.96 -67.11
C ASN R 170 -99.18 19.47 -67.42
N TYR R 171 -98.75 18.64 -66.48
CA TYR R 171 -98.63 17.20 -66.72
C TYR R 171 -99.69 16.43 -65.93
N TRP R 172 -99.80 15.14 -66.26
CA TRP R 172 -100.62 14.19 -65.54
C TRP R 172 -99.74 13.14 -64.89
N LEU R 173 -100.26 12.50 -63.83
CA LEU R 173 -99.52 11.43 -63.18
C LEU R 173 -100.41 10.20 -63.04
N TYR R 174 -99.82 9.03 -63.16
CA TYR R 174 -100.51 7.77 -62.99
C TYR R 174 -100.11 7.15 -61.66
N LEU R 175 -101.09 6.90 -60.80
CA LEU R 175 -100.87 6.41 -59.45
C LEU R 175 -101.18 4.92 -59.41
N GLU R 176 -100.17 4.12 -59.10
CA GLU R 176 -100.36 2.71 -58.86
C GLU R 176 -100.42 2.49 -57.36
N PRO R 177 -101.60 2.36 -56.76
CA PRO R 177 -101.68 2.31 -55.30
C PRO R 177 -101.37 0.91 -54.78
N THR R 178 -101.09 0.84 -53.49
CA THR R 178 -100.70 -0.43 -52.89
C THR R 178 -101.93 -1.19 -52.38
N ARG R 179 -101.65 -2.31 -51.71
CA ARG R 179 -102.71 -3.13 -51.15
C ARG R 179 -103.40 -2.44 -49.99
N TRP R 180 -102.66 -1.61 -49.25
CA TRP R 180 -103.25 -0.89 -48.13
C TRP R 180 -104.16 0.24 -48.60
N THR R 181 -103.68 1.07 -49.53
CA THR R 181 -104.43 2.27 -49.92
C THR R 181 -105.57 1.95 -50.87
N GLN R 182 -105.62 0.73 -51.41
CA GLN R 182 -106.81 0.34 -52.14
C GLN R 182 -107.92 -0.08 -51.17
N GLY R 183 -107.58 -0.33 -49.91
CA GLY R 183 -108.59 -0.44 -48.90
C GLY R 183 -109.25 0.88 -48.58
N ASN R 184 -108.44 1.94 -48.48
CA ASN R 184 -108.93 3.30 -48.18
C ASN R 184 -108.37 4.27 -49.22
N ILE R 185 -109.14 4.48 -50.29
CA ILE R 185 -108.72 5.39 -51.35
C ILE R 185 -108.84 6.84 -50.88
N ALA R 186 -109.85 7.13 -50.03
CA ALA R 186 -110.14 8.51 -49.66
C ALA R 186 -109.10 9.07 -48.70
N ALA R 187 -108.39 8.21 -47.98
CA ALA R 187 -107.35 8.70 -47.08
C ALA R 187 -106.10 9.09 -47.86
N ALA R 188 -105.77 8.34 -48.90
CA ALA R 188 -104.59 8.66 -49.70
C ALA R 188 -104.85 9.84 -50.62
N THR R 189 -106.12 10.16 -50.88
CA THR R 189 -106.41 11.28 -51.77
C THR R 189 -106.16 12.62 -51.08
N ARG R 190 -106.50 12.71 -49.78
CA ARG R 190 -106.33 13.97 -49.08
C ARG R 190 -104.86 14.23 -48.74
N GLN R 191 -104.04 13.17 -48.69
CA GLN R 191 -102.64 13.35 -48.35
C GLN R 191 -101.81 13.74 -49.57
N LEU R 192 -102.14 13.19 -50.74
CA LEU R 192 -101.42 13.57 -51.95
C LEU R 192 -101.80 14.97 -52.41
N THR R 193 -103.05 15.39 -52.20
CA THR R 193 -103.44 16.74 -52.59
C THR R 193 -102.81 17.79 -51.68
N GLU R 194 -102.42 17.40 -50.47
CA GLU R 194 -101.63 18.29 -49.63
C GLU R 194 -100.20 18.36 -50.12
N PHE R 195 -99.69 17.27 -50.70
CA PHE R 195 -98.27 17.17 -51.02
C PHE R 195 -97.93 17.89 -52.32
N LEU R 196 -98.86 17.94 -53.26
CA LEU R 196 -98.55 18.48 -54.58
C LEU R 196 -98.51 20.01 -54.58
N THR R 197 -99.17 20.65 -53.61
CA THR R 197 -99.07 22.10 -53.52
C THR R 197 -97.75 22.50 -52.90
N LYS R 198 -97.21 21.66 -52.02
CA LYS R 198 -95.92 21.97 -51.39
C LYS R 198 -94.77 21.73 -52.35
N ASN R 199 -94.97 20.88 -53.36
CA ASN R 199 -93.95 20.61 -54.36
C ASN R 199 -94.34 21.13 -55.74
N ARG R 200 -95.17 22.15 -55.81
CA ARG R 200 -95.57 22.70 -57.10
C ARG R 200 -94.48 23.59 -57.65
N ASN R 201 -94.06 23.32 -58.89
CA ASN R 201 -92.92 24.03 -59.44
C ASN R 201 -93.36 25.32 -60.15
N ILE R 202 -92.45 25.86 -60.97
CA ILE R 202 -92.51 27.27 -61.31
C ILE R 202 -93.54 27.54 -62.41
N GLY R 203 -93.63 26.66 -63.40
CA GLY R 203 -94.60 26.83 -64.47
C GLY R 203 -95.43 25.61 -64.75
N GLU R 204 -95.49 24.65 -63.83
CA GLU R 204 -96.12 23.38 -64.09
C GLU R 204 -97.02 23.02 -62.93
N SER R 205 -98.06 22.23 -63.23
CA SER R 205 -99.03 21.83 -62.25
C SER R 205 -99.65 20.53 -62.70
N VAL R 206 -100.27 19.80 -61.76
CA VAL R 206 -100.98 18.59 -62.13
C VAL R 206 -102.36 18.97 -62.66
N SER R 207 -102.76 18.32 -63.76
CA SER R 207 -104.11 18.55 -64.27
C SER R 207 -105.01 17.36 -63.96
N ASN R 208 -104.54 16.16 -64.23
CA ASN R 208 -105.35 14.96 -64.12
C ASN R 208 -104.58 13.89 -63.36
N ILE R 209 -105.26 13.24 -62.41
CA ILE R 209 -104.67 12.18 -61.61
C ILE R 209 -105.35 10.87 -61.99
N ILE R 210 -104.55 9.86 -62.30
CA ILE R 210 -105.03 8.57 -62.75
C ILE R 210 -104.79 7.54 -61.66
N TRP R 211 -105.85 6.84 -61.27
CA TRP R 211 -105.77 5.73 -60.33
C TRP R 211 -105.81 4.43 -61.12
N LEU R 212 -105.13 3.41 -60.61
CA LEU R 212 -105.05 2.17 -61.37
C LEU R 212 -105.93 1.09 -60.73
N GLN R 213 -106.22 0.07 -61.53
CA GLN R 213 -107.14 -0.98 -61.18
C GLN R 213 -106.42 -2.31 -61.17
N PRO R 214 -106.68 -3.18 -60.19
CA PRO R 214 -105.93 -4.43 -60.09
C PRO R 214 -106.46 -5.49 -61.03
N VAL R 215 -105.57 -6.39 -61.45
CA VAL R 215 -105.94 -7.62 -62.12
C VAL R 215 -105.19 -8.77 -61.43
N ASP R 216 -105.95 -9.73 -60.89
CA ASP R 216 -105.34 -10.86 -60.24
C ASP R 216 -104.66 -11.76 -61.27
N LEU R 217 -103.36 -11.95 -61.09
CA LEU R 217 -102.57 -12.70 -62.04
C LEU R 217 -102.27 -14.07 -61.44
N PRO R 218 -103.01 -15.11 -61.86
CA PRO R 218 -103.16 -16.33 -61.04
C PRO R 218 -101.86 -17.10 -60.77
N LEU R 219 -101.03 -17.26 -61.82
CA LEU R 219 -99.64 -17.71 -61.70
C LEU R 219 -99.53 -19.10 -61.08
N LEU R 220 -99.96 -20.12 -61.82
CA LEU R 220 -99.58 -21.49 -61.50
C LEU R 220 -98.08 -21.66 -61.61
N LEU R 221 -97.46 -22.08 -60.52
CA LEU R 221 -96.06 -22.46 -60.56
C LEU R 221 -95.83 -23.61 -59.58
N ASP R 222 -95.23 -24.67 -60.09
CA ASP R 222 -95.07 -25.93 -59.37
C ASP R 222 -93.64 -25.99 -58.84
N VAL R 223 -93.48 -25.75 -57.55
CA VAL R 223 -92.19 -25.76 -56.90
C VAL R 223 -91.85 -27.20 -56.52
N GLU R 224 -90.64 -27.62 -56.83
CA GLU R 224 -90.10 -28.88 -56.30
C GLU R 224 -89.04 -28.58 -55.26
N LEU R 225 -89.14 -29.25 -54.12
CA LEU R 225 -88.31 -28.94 -52.97
C LEU R 225 -87.09 -29.87 -52.92
N ASP R 226 -86.11 -29.49 -52.11
CA ASP R 226 -84.87 -30.25 -52.04
C ASP R 226 -85.07 -31.52 -51.22
N ASP R 227 -84.03 -32.36 -51.20
CA ASP R 227 -84.13 -33.65 -50.52
C ASP R 227 -84.03 -33.49 -49.02
N ASP R 228 -83.11 -32.64 -48.55
CA ASP R 228 -82.79 -32.59 -47.13
C ASP R 228 -83.35 -31.36 -46.43
N VAL R 229 -84.56 -30.94 -46.79
CA VAL R 229 -85.22 -29.88 -46.04
C VAL R 229 -85.86 -30.48 -44.80
N GLY R 230 -85.96 -29.68 -43.75
CA GLY R 230 -86.75 -30.08 -42.60
C GLY R 230 -88.24 -29.89 -42.87
N ALA R 231 -89.07 -30.57 -42.08
CA ALA R 231 -90.51 -30.38 -42.20
C ALA R 231 -90.93 -29.05 -41.62
N GLN R 232 -90.14 -28.51 -40.69
CA GLN R 232 -90.50 -27.24 -40.06
C GLN R 232 -89.99 -26.06 -40.86
N ASP R 233 -89.09 -26.29 -41.82
CA ASP R 233 -88.59 -25.24 -42.69
C ASP R 233 -89.53 -24.95 -43.86
N VAL R 234 -90.60 -25.73 -44.01
CA VAL R 234 -91.49 -25.55 -45.16
C VAL R 234 -92.34 -24.30 -45.05
N PRO R 235 -92.84 -23.86 -43.87
CA PRO R 235 -93.36 -22.48 -43.80
C PRO R 235 -92.34 -21.40 -44.09
N GLY R 236 -91.04 -21.70 -43.94
CA GLY R 236 -90.03 -20.78 -44.43
C GLY R 236 -89.97 -20.73 -45.95
N ILE R 237 -90.39 -21.82 -46.61
CA ILE R 237 -90.34 -21.86 -48.06
C ILE R 237 -91.47 -21.04 -48.66
N PHE R 238 -92.70 -21.19 -48.11
CA PHE R 238 -93.87 -20.50 -48.66
C PHE R 238 -93.75 -18.98 -48.51
N ALA R 239 -93.12 -18.52 -47.43
CA ALA R 239 -92.88 -17.10 -47.27
C ALA R 239 -91.83 -16.61 -48.25
N ALA R 240 -90.86 -17.46 -48.55
CA ALA R 240 -89.74 -17.05 -49.40
C ALA R 240 -90.16 -16.99 -50.86
N VAL R 241 -90.94 -17.97 -51.32
CA VAL R 241 -91.36 -18.00 -52.71
C VAL R 241 -92.43 -16.95 -52.98
N TYR R 242 -93.04 -16.42 -51.92
CA TYR R 242 -93.96 -15.32 -52.11
C TYR R 242 -93.20 -14.01 -52.27
N SER R 243 -92.18 -13.80 -51.44
CA SER R 243 -91.52 -12.50 -51.36
C SER R 243 -90.70 -12.21 -52.62
N THR R 244 -90.03 -13.23 -53.17
CA THR R 244 -89.26 -13.00 -54.39
C THR R 244 -90.16 -12.98 -55.62
N ALA R 245 -91.40 -13.43 -55.47
CA ALA R 245 -92.36 -13.30 -56.57
C ALA R 245 -92.96 -11.91 -56.59
N GLU R 246 -93.07 -11.26 -55.43
CA GLU R 246 -93.64 -9.92 -55.40
C GLU R 246 -92.67 -8.88 -55.95
N GLN R 247 -91.40 -8.94 -55.52
CA GLN R 247 -90.48 -7.85 -55.81
C GLN R 247 -90.04 -7.86 -57.28
N TYR R 248 -90.28 -8.96 -57.98
CA TYR R 248 -90.04 -8.97 -59.42
C TYR R 248 -91.26 -8.49 -60.21
N LEU R 249 -92.44 -9.02 -59.89
CA LEU R 249 -93.65 -8.61 -60.63
C LEU R 249 -94.08 -7.20 -60.25
N MET R 250 -94.19 -6.93 -58.96
CA MET R 250 -94.54 -5.61 -58.47
C MET R 250 -93.25 -4.86 -58.19
N PRO R 251 -92.89 -3.84 -58.96
CA PRO R 251 -91.62 -3.14 -58.71
C PRO R 251 -91.70 -2.30 -57.45
N GLY R 252 -91.10 -2.81 -56.37
CA GLY R 252 -91.12 -2.10 -55.11
C GLY R 252 -89.79 -1.44 -54.85
N ALA R 253 -89.84 -0.16 -54.48
CA ALA R 253 -88.62 0.57 -54.15
C ALA R 253 -88.06 0.09 -52.82
N GLN R 254 -86.74 -0.05 -52.75
CA GLN R 254 -86.06 -0.50 -51.55
C GLN R 254 -85.51 0.70 -50.81
N ARG R 255 -85.87 0.83 -49.53
CA ARG R 255 -85.40 1.91 -48.67
C ARG R 255 -84.67 1.31 -47.49
N TYR R 256 -83.60 1.97 -47.08
CA TYR R 256 -82.85 1.54 -45.91
C TYR R 256 -82.09 2.72 -45.34
N ARG R 257 -81.54 2.51 -44.14
CA ARG R 257 -81.05 3.60 -43.31
C ARG R 257 -79.79 4.23 -43.88
N THR R 258 -79.49 5.44 -43.41
CA THR R 258 -78.30 6.16 -43.85
C THR R 258 -77.02 5.48 -43.41
N GLU R 259 -76.99 4.95 -42.18
CA GLU R 259 -75.76 4.39 -41.64
C GLU R 259 -75.40 3.07 -42.31
N VAL R 260 -76.38 2.41 -42.91
CA VAL R 260 -76.11 1.25 -43.75
C VAL R 260 -75.38 1.68 -45.02
N LEU R 261 -75.72 2.84 -45.56
CA LEU R 261 -75.03 3.37 -46.72
C LEU R 261 -73.65 3.90 -46.35
N GLN R 262 -73.46 4.28 -45.08
CA GLN R 262 -72.15 4.74 -44.65
C GLN R 262 -71.21 3.56 -44.43
N ASN R 263 -71.78 2.38 -44.17
CA ASN R 263 -70.97 1.16 -44.15
C ASN R 263 -70.51 0.78 -45.56
N ALA R 264 -71.33 1.08 -46.56
CA ALA R 264 -70.96 0.79 -47.94
C ALA R 264 -69.93 1.79 -48.44
N GLY R 265 -69.48 1.56 -49.69
CA GLY R 265 -68.32 2.29 -50.17
C GLY R 265 -68.63 3.67 -50.71
N MET R 266 -69.89 3.93 -51.06
CA MET R 266 -70.24 5.18 -51.71
C MET R 266 -70.26 6.32 -50.70
N SER R 267 -69.94 7.51 -51.19
CA SER R 267 -69.63 8.64 -50.32
C SER R 267 -70.90 9.30 -49.79
N ASN R 268 -70.69 10.41 -49.08
CA ASN R 268 -71.81 11.19 -48.53
C ASN R 268 -72.44 12.05 -49.60
N ASP R 269 -71.76 12.24 -50.73
CA ASP R 269 -72.35 12.99 -51.84
C ASP R 269 -73.39 12.14 -52.55
N GLN R 270 -73.25 10.81 -52.50
CA GLN R 270 -74.13 9.93 -53.25
C GLN R 270 -75.41 9.60 -52.48
N ILE R 271 -75.34 9.67 -51.15
CA ILE R 271 -76.50 9.29 -50.32
C ILE R 271 -77.59 10.35 -50.40
N PHE R 272 -77.21 11.61 -50.23
CA PHE R 272 -78.17 12.70 -50.13
C PHE R 272 -78.44 13.35 -51.48
N GLU R 273 -78.43 12.57 -52.56
CA GLU R 273 -78.48 13.14 -53.90
C GLU R 273 -79.87 13.65 -54.26
N GLY R 274 -80.90 12.87 -54.00
CA GLY R 274 -82.24 13.22 -54.43
C GLY R 274 -82.88 14.27 -53.55
N PRO R 275 -84.20 14.23 -53.46
CA PRO R 275 -84.88 15.12 -52.53
C PRO R 275 -84.78 14.57 -51.11
N LEU R 276 -85.19 15.37 -50.15
CA LEU R 276 -85.15 14.95 -48.75
C LEU R 276 -86.19 13.86 -48.49
N LEU R 277 -85.69 12.67 -48.14
CA LEU R 277 -86.54 11.53 -47.84
C LEU R 277 -86.57 11.32 -46.33
N GLU R 278 -87.76 11.43 -45.74
CA GLU R 278 -87.89 11.22 -44.31
C GLU R 278 -87.79 9.74 -43.96
N HIS R 279 -88.24 8.87 -44.87
CA HIS R 279 -88.24 7.43 -44.65
C HIS R 279 -87.31 6.78 -45.66
N GLY R 280 -86.16 6.30 -45.18
CA GLY R 280 -85.23 5.55 -46.00
C GLY R 280 -84.54 6.39 -47.05
N TRP R 281 -83.65 5.74 -47.79
CA TRP R 281 -83.01 6.35 -48.95
C TRP R 281 -83.13 5.39 -50.13
N ILE R 282 -83.38 5.96 -51.31
CA ILE R 282 -83.61 5.18 -52.51
C ILE R 282 -82.52 5.48 -53.52
N PRO R 283 -81.35 4.85 -53.42
CA PRO R 283 -80.28 5.18 -54.38
C PRO R 283 -80.45 4.52 -55.74
N GLU R 284 -81.17 3.40 -55.79
CA GLU R 284 -81.51 2.73 -57.04
C GLU R 284 -83.01 2.80 -57.23
N LEU R 285 -83.43 3.12 -58.44
CA LEU R 285 -84.86 3.16 -58.73
C LEU R 285 -85.32 1.81 -59.27
N PRO R 286 -86.59 1.46 -59.08
CA PRO R 286 -87.12 0.22 -59.66
C PRO R 286 -87.35 0.27 -61.16
N ALA R 287 -87.12 1.43 -61.79
CA ALA R 287 -87.25 1.64 -63.24
C ALA R 287 -88.65 1.30 -63.73
N ALA R 288 -89.62 2.07 -63.24
CA ALA R 288 -91.03 1.80 -63.53
C ALA R 288 -91.33 2.09 -65.00
N ARG R 289 -92.07 1.18 -65.60
CA ARG R 289 -92.48 1.32 -66.99
C ARG R 289 -93.56 2.38 -67.13
N ASP R 290 -93.62 3.00 -68.31
CA ASP R 290 -94.57 4.08 -68.55
C ASP R 290 -95.99 3.55 -68.62
N TYR R 291 -96.94 4.37 -68.22
CA TYR R 291 -98.33 3.97 -68.31
C TYR R 291 -99.07 4.68 -69.43
N THR R 292 -98.34 5.15 -70.44
CA THR R 292 -98.98 5.60 -71.67
C THR R 292 -99.42 4.41 -72.52
N GLN R 293 -98.60 3.35 -72.55
CA GLN R 293 -98.88 2.18 -73.35
C GLN R 293 -99.11 0.96 -72.45
N ARG R 294 -99.60 -0.11 -73.06
CA ARG R 294 -99.79 -1.36 -72.35
C ARG R 294 -98.45 -2.05 -72.14
N LEU R 295 -98.36 -2.85 -71.08
CA LEU R 295 -97.07 -3.28 -70.52
C LEU R 295 -96.92 -4.78 -70.52
N THR R 296 -95.86 -5.26 -71.17
CA THR R 296 -95.49 -6.66 -71.11
C THR R 296 -94.78 -6.98 -69.79
N LEU R 297 -95.00 -8.20 -69.30
CA LEU R 297 -94.35 -8.70 -68.10
C LEU R 297 -93.65 -10.00 -68.44
N ASN R 298 -92.33 -9.95 -68.55
CA ASN R 298 -91.52 -11.10 -68.93
C ASN R 298 -91.07 -11.83 -67.69
N LEU R 299 -91.41 -13.12 -67.61
CA LEU R 299 -91.17 -13.94 -66.44
C LEU R 299 -90.11 -15.01 -66.66
N SER R 300 -89.36 -14.93 -67.75
CA SER R 300 -88.25 -15.86 -67.93
C SER R 300 -87.09 -15.52 -67.01
N ARG R 301 -87.04 -14.27 -66.53
CA ARG R 301 -86.03 -13.88 -65.57
C ARG R 301 -86.37 -14.38 -64.16
N LEU R 302 -87.63 -14.76 -63.94
CA LEU R 302 -88.12 -15.12 -62.60
C LEU R 302 -87.48 -16.39 -62.05
N VAL R 303 -87.09 -17.33 -62.91
CA VAL R 303 -86.84 -18.70 -62.47
C VAL R 303 -85.59 -18.77 -61.60
N ASN R 304 -84.58 -17.97 -61.93
CA ASN R 304 -83.37 -17.94 -61.11
C ASN R 304 -83.58 -17.19 -59.81
N SER R 305 -84.48 -16.20 -59.82
CA SER R 305 -84.91 -15.58 -58.57
C SER R 305 -85.70 -16.58 -57.74
N LEU R 306 -86.36 -17.54 -58.40
CA LEU R 306 -87.05 -18.60 -57.69
C LEU R 306 -86.11 -19.76 -57.36
N LEU R 307 -85.06 -19.96 -58.18
CA LEU R 307 -84.10 -21.04 -57.95
C LEU R 307 -83.14 -20.69 -56.82
N GLU R 308 -83.15 -19.43 -56.38
CA GLU R 308 -82.13 -18.92 -55.47
C GLU R 308 -82.26 -19.56 -54.10
N ILE R 309 -83.49 -19.71 -53.60
CA ILE R 309 -83.72 -20.02 -52.20
C ILE R 309 -83.29 -21.45 -51.90
N GLU R 310 -83.01 -21.71 -50.61
CA GLU R 310 -82.20 -22.86 -50.21
C GLU R 310 -82.90 -24.19 -50.49
N GLY R 311 -84.16 -24.30 -50.10
CA GLY R 311 -84.86 -25.55 -50.25
C GLY R 311 -85.34 -25.81 -51.67
N ILE R 312 -85.33 -24.78 -52.51
CA ILE R 312 -85.86 -24.93 -53.85
C ILE R 312 -84.78 -25.44 -54.79
N LYS R 313 -85.03 -26.60 -55.40
CA LYS R 313 -84.12 -27.19 -56.37
C LYS R 313 -84.48 -26.88 -57.81
N HIS R 314 -85.77 -26.82 -58.14
CA HIS R 314 -86.26 -26.35 -59.44
C HIS R 314 -87.74 -26.05 -59.35
N VAL R 315 -88.28 -25.51 -60.44
CA VAL R 315 -89.70 -25.23 -60.59
C VAL R 315 -90.17 -26.08 -61.77
N ASN R 316 -91.44 -26.48 -61.77
CA ASN R 316 -91.90 -27.43 -62.78
C ASN R 316 -92.86 -26.79 -63.78
N ARG R 317 -93.57 -25.72 -63.39
CA ARG R 317 -94.55 -25.10 -64.25
C ARG R 317 -94.53 -23.58 -64.06
N LEU R 318 -94.97 -22.85 -65.10
CA LEU R 318 -95.19 -21.40 -65.03
C LEU R 318 -96.29 -21.04 -66.03
N ARG R 319 -97.53 -20.94 -65.56
CA ARG R 319 -98.63 -20.60 -66.45
C ARG R 319 -99.78 -19.97 -65.68
N LEU R 320 -100.85 -19.64 -66.42
CA LEU R 320 -102.04 -19.00 -65.89
C LEU R 320 -103.26 -19.82 -66.29
N ASP R 321 -104.23 -19.91 -65.39
CA ASP R 321 -105.43 -20.72 -65.62
C ASP R 321 -106.62 -19.86 -66.04
N ASP R 322 -106.48 -19.24 -67.23
CA ASP R 322 -107.57 -18.58 -67.96
C ASP R 322 -108.19 -17.43 -67.19
N SER R 323 -107.41 -16.81 -66.30
CA SER R 323 -107.85 -15.65 -65.56
C SER R 323 -107.34 -14.35 -66.18
N PHE R 324 -106.94 -14.39 -67.44
CA PHE R 324 -106.46 -13.21 -68.15
C PHE R 324 -107.47 -12.68 -69.16
N ASP R 325 -108.56 -13.39 -69.38
CA ASP R 325 -109.49 -13.07 -70.46
C ASP R 325 -110.40 -11.90 -70.10
N LYS R 326 -110.44 -11.51 -68.83
CA LYS R 326 -111.36 -10.46 -68.39
C LYS R 326 -110.94 -9.09 -68.93
N THR R 327 -109.65 -8.90 -69.15
CA THR R 327 -109.14 -7.67 -69.75
C THR R 327 -108.36 -7.93 -71.04
N ALA R 328 -108.49 -9.14 -71.60
CA ALA R 328 -107.86 -9.57 -72.86
C ALA R 328 -106.34 -9.44 -72.84
N ILE R 329 -105.70 -9.99 -71.81
CA ILE R 329 -104.24 -10.06 -71.80
C ILE R 329 -103.77 -11.07 -72.83
N GLU R 330 -103.02 -10.60 -73.83
CA GLU R 330 -102.59 -11.48 -74.88
C GLU R 330 -101.14 -11.88 -74.64
N PRO R 331 -100.80 -13.15 -74.81
CA PRO R 331 -99.38 -13.53 -74.80
C PRO R 331 -98.72 -13.05 -76.07
N VAL R 332 -97.58 -12.37 -75.91
CA VAL R 332 -96.87 -11.79 -77.04
C VAL R 332 -96.18 -12.92 -77.83
N LYS R 333 -95.64 -12.56 -78.99
CA LYS R 333 -95.60 -13.33 -80.27
C LYS R 333 -95.41 -14.83 -80.09
N GLY R 334 -94.32 -15.31 -79.51
CA GLY R 334 -94.13 -16.75 -79.43
C GLY R 334 -93.90 -17.29 -78.04
N ASP R 335 -93.41 -16.44 -77.15
CA ASP R 335 -92.88 -16.90 -75.87
C ASP R 335 -94.00 -17.13 -74.85
N THR R 336 -93.87 -18.21 -74.08
CA THR R 336 -94.90 -18.61 -73.15
C THR R 336 -94.88 -17.77 -71.88
N TRP R 337 -93.74 -17.11 -71.60
CA TRP R 337 -93.56 -16.52 -70.27
C TRP R 337 -94.14 -15.12 -70.18
N SER R 338 -94.23 -14.42 -71.31
CA SER R 338 -94.59 -13.00 -71.26
C SER R 338 -96.09 -12.81 -71.47
N TRP R 339 -96.64 -11.80 -70.81
CA TRP R 339 -98.03 -11.42 -70.96
C TRP R 339 -98.14 -9.90 -70.89
N SER R 340 -99.07 -9.33 -71.65
CA SER R 340 -99.19 -7.89 -71.80
C SER R 340 -100.54 -7.43 -71.25
N ILE R 341 -100.51 -6.79 -70.08
CA ILE R 341 -101.74 -6.29 -69.47
C ILE R 341 -102.19 -5.01 -70.18
N LYS R 342 -103.50 -4.90 -70.40
CA LYS R 342 -104.12 -3.84 -71.18
C LYS R 342 -104.03 -2.54 -70.37
N GLU R 343 -104.20 -1.41 -71.06
CA GLU R 343 -103.75 -0.01 -70.79
C GLU R 343 -103.72 0.37 -69.31
N GLY R 344 -104.79 0.21 -68.55
CA GLY R 344 -104.85 0.87 -67.25
C GLY R 344 -104.41 0.01 -66.09
N TYR R 345 -104.41 -1.31 -66.27
CA TYR R 345 -104.33 -2.20 -65.13
C TYR R 345 -102.90 -2.48 -64.72
N TYR R 346 -102.73 -2.97 -63.50
CA TYR R 346 -101.47 -3.39 -62.92
C TYR R 346 -101.66 -4.72 -62.19
N PRO R 347 -100.63 -5.58 -62.14
CA PRO R 347 -100.82 -6.93 -61.59
C PRO R 347 -100.98 -6.94 -60.08
N ARG R 348 -101.80 -7.87 -59.59
CA ARG R 348 -102.16 -8.02 -58.18
C ARG R 348 -101.95 -9.45 -57.70
N LEU R 349 -100.94 -10.13 -58.25
CA LEU R 349 -100.92 -11.57 -58.65
C LEU R 349 -101.79 -12.46 -57.76
N TRP R 350 -101.65 -12.43 -56.45
CA TRP R 350 -102.56 -13.15 -55.56
C TRP R 350 -103.21 -12.16 -54.60
N GLY R 351 -104.46 -11.81 -54.89
CA GLY R 351 -105.19 -10.89 -54.03
C GLY R 351 -105.57 -11.55 -52.72
N GLU R 352 -105.35 -10.84 -51.60
CA GLU R 352 -105.56 -11.32 -50.24
C GLU R 352 -104.78 -12.61 -49.98
N ASP R 353 -103.52 -12.61 -50.40
CA ASP R 353 -102.61 -13.70 -50.78
C ASP R 353 -102.67 -15.00 -49.97
N PRO R 354 -102.34 -15.07 -48.67
CA PRO R 354 -102.15 -16.42 -48.10
C PRO R 354 -103.45 -17.15 -47.79
N LEU R 355 -104.42 -16.47 -47.18
CA LEU R 355 -105.69 -17.09 -46.79
C LEU R 355 -106.55 -17.36 -48.01
N ASN R 356 -106.43 -16.53 -49.05
CA ASN R 356 -107.26 -16.73 -50.23
C ASN R 356 -106.66 -17.77 -51.16
N GLN R 357 -105.33 -17.77 -51.30
CA GLN R 357 -104.68 -18.60 -52.30
C GLN R 357 -103.74 -19.65 -51.72
N LEU R 358 -102.76 -19.25 -50.93
CA LEU R 358 -101.58 -20.08 -50.72
C LEU R 358 -101.81 -21.18 -49.69
N ALA R 359 -102.72 -20.93 -48.74
CA ALA R 359 -102.84 -21.87 -47.61
C ALA R 359 -103.90 -22.93 -47.87
N GLN R 360 -104.78 -22.71 -48.84
CA GLN R 360 -106.04 -23.45 -48.87
C GLN R 360 -105.90 -24.83 -49.53
N GLN R 361 -104.74 -25.10 -50.15
CA GLN R 361 -104.47 -26.36 -50.89
C GLN R 361 -105.49 -26.55 -52.02
N ASN R 362 -105.77 -25.46 -52.73
CA ASN R 362 -106.36 -25.53 -54.04
C ASN R 362 -105.30 -25.65 -55.13
N GLY R 363 -104.06 -25.29 -54.80
CA GLY R 363 -102.97 -25.27 -55.74
C GLY R 363 -102.91 -24.07 -56.70
N PRO R 364 -102.69 -22.85 -56.19
CA PRO R 364 -102.05 -21.85 -57.06
C PRO R 364 -100.55 -22.01 -57.07
N LEU R 365 -100.01 -22.57 -56.00
CA LEU R 365 -98.60 -22.89 -55.85
C LEU R 365 -98.49 -24.26 -55.22
N ARG R 366 -98.04 -25.24 -56.00
CA ARG R 366 -97.94 -26.63 -55.54
C ARG R 366 -96.49 -26.93 -55.19
N VAL R 367 -96.22 -27.17 -53.92
CA VAL R 367 -94.91 -27.60 -53.43
C VAL R 367 -94.84 -29.11 -53.52
N ILE R 368 -93.77 -29.61 -54.12
CA ILE R 368 -93.51 -31.04 -54.22
C ILE R 368 -92.23 -31.33 -53.45
N ALA R 369 -92.33 -32.20 -52.43
CA ALA R 369 -91.21 -32.48 -51.57
C ALA R 369 -91.04 -33.98 -51.42
N LYS R 370 -89.80 -34.43 -51.61
CA LYS R 370 -89.38 -35.83 -51.60
C LYS R 370 -90.23 -36.65 -52.57
N GLY R 371 -90.07 -36.37 -53.86
CA GLY R 371 -90.79 -37.13 -54.87
C GLY R 371 -92.24 -36.73 -55.01
N GLY R 372 -93.07 -37.00 -54.00
CA GLY R 372 -94.48 -36.72 -54.12
C GLY R 372 -95.29 -36.29 -52.92
N ILE R 373 -94.67 -36.10 -51.75
CA ILE R 373 -95.40 -36.04 -50.48
C ILE R 373 -96.28 -34.80 -50.42
N SER R 374 -95.83 -33.70 -51.03
CA SER R 374 -96.66 -32.54 -51.41
C SER R 374 -97.33 -31.87 -50.20
N VAL R 375 -96.49 -31.37 -49.29
CA VAL R 375 -97.01 -30.84 -48.04
C VAL R 375 -97.43 -29.38 -48.21
N SER R 376 -98.28 -28.91 -47.31
CA SER R 376 -98.81 -27.55 -47.37
C SER R 376 -98.83 -26.95 -45.97
N VAL R 377 -99.33 -25.72 -45.90
CA VAL R 377 -99.18 -24.86 -44.73
C VAL R 377 -100.45 -24.01 -44.59
N SER R 378 -100.63 -23.42 -43.41
CA SER R 378 -101.73 -22.49 -43.20
C SER R 378 -101.28 -21.04 -43.39
N LYS R 379 -102.18 -20.11 -43.08
CA LYS R 379 -101.91 -18.70 -43.34
C LYS R 379 -100.93 -18.12 -42.35
N GLU R 380 -101.18 -18.35 -41.05
CA GLU R 380 -100.45 -17.62 -40.03
C GLU R 380 -99.06 -18.19 -39.79
N GLN R 381 -98.79 -19.40 -40.28
CA GLN R 381 -97.52 -20.04 -39.97
C GLN R 381 -96.38 -19.43 -40.77
N ILE R 382 -96.68 -18.89 -41.95
CA ILE R 382 -95.63 -18.36 -42.80
C ILE R 382 -95.38 -16.89 -42.52
N GLN R 383 -96.33 -16.23 -41.83
CA GLN R 383 -96.13 -14.82 -41.50
C GLN R 383 -95.09 -14.65 -40.40
N ALA R 384 -94.94 -15.67 -39.54
CA ALA R 384 -93.89 -15.62 -38.53
C ALA R 384 -92.53 -15.80 -39.18
N SER R 385 -92.45 -16.63 -40.22
CA SER R 385 -91.18 -16.79 -40.93
C SER R 385 -91.05 -15.75 -42.05
N LEU R 386 -92.06 -14.93 -42.23
CA LEU R 386 -91.99 -13.86 -43.22
C LEU R 386 -91.09 -12.74 -42.69
N PRO R 387 -90.27 -12.13 -43.55
CA PRO R 387 -89.53 -10.94 -43.11
C PRO R 387 -90.46 -9.76 -42.91
N SER R 388 -90.50 -9.28 -41.67
CA SER R 388 -91.29 -8.11 -41.31
C SER R 388 -90.42 -6.88 -41.47
N GLN R 389 -90.91 -5.92 -42.24
CA GLN R 389 -90.18 -4.66 -42.43
C GLN R 389 -90.25 -3.81 -41.18
N SER R 390 -89.40 -2.78 -41.15
CA SER R 390 -89.36 -1.83 -40.05
C SER R 390 -89.56 -0.43 -40.60
N LEU R 391 -90.47 0.32 -39.98
CA LEU R 391 -90.65 1.71 -40.36
C LEU R 391 -89.53 2.55 -39.75
N ILE R 392 -88.78 3.20 -40.62
CA ILE R 392 -87.63 4.00 -40.20
C ILE R 392 -87.83 5.46 -40.60
N GLN R 393 -87.47 6.33 -39.66
CA GLN R 393 -87.53 7.78 -39.83
C GLN R 393 -86.13 8.34 -39.72
N ASN R 394 -85.79 9.30 -40.58
CA ASN R 394 -84.44 9.84 -40.68
C ASN R 394 -84.38 11.21 -40.01
N GLU R 395 -83.76 11.26 -38.84
CA GLU R 395 -83.61 12.49 -38.09
C GLU R 395 -82.58 13.40 -38.77
N PRO R 396 -82.68 14.73 -38.58
CA PRO R 396 -81.69 15.63 -39.18
C PRO R 396 -80.31 15.49 -38.55
N VAL R 397 -79.29 15.68 -39.38
CA VAL R 397 -77.90 15.53 -38.97
C VAL R 397 -77.40 16.87 -38.47
N ILE R 398 -76.79 16.87 -37.27
CA ILE R 398 -76.27 18.08 -36.65
C ILE R 398 -74.93 17.73 -36.00
N LEU R 399 -74.10 18.76 -35.80
CA LEU R 399 -72.92 18.65 -34.95
C LEU R 399 -73.28 19.15 -33.57
N ALA R 400 -73.17 18.29 -32.57
CA ALA R 400 -73.49 18.71 -31.21
C ALA R 400 -72.41 19.64 -30.67
N TYR R 401 -72.76 20.39 -29.63
CA TYR R 401 -71.83 21.35 -29.05
C TYR R 401 -70.71 20.63 -28.33
N GLY R 402 -69.54 21.26 -28.30
CA GLY R 402 -68.52 20.87 -27.36
C GLY R 402 -68.71 21.58 -26.03
N GLN R 403 -67.70 21.46 -25.16
CA GLN R 403 -67.75 22.15 -23.89
C GLN R 403 -67.39 23.61 -24.08
N HIS R 404 -68.25 24.50 -23.61
CA HIS R 404 -67.99 25.93 -23.74
C HIS R 404 -66.90 26.36 -22.76
N ARG R 405 -65.90 27.05 -23.30
CA ARG R 405 -64.73 27.42 -22.52
C ARG R 405 -64.69 28.94 -22.37
N ASP R 406 -64.28 29.38 -21.17
CA ASP R 406 -64.36 30.79 -20.80
C ASP R 406 -63.14 31.53 -21.33
N VAL R 407 -63.14 31.74 -22.65
CA VAL R 407 -62.03 32.43 -23.30
C VAL R 407 -62.26 33.94 -23.28
N GLY R 408 -63.41 34.38 -22.77
CA GLY R 408 -63.75 35.79 -22.89
C GLY R 408 -63.19 36.62 -21.75
N SER R 409 -63.00 36.01 -20.58
CA SER R 409 -62.63 36.78 -19.39
C SER R 409 -61.18 37.25 -19.48
N TYR R 410 -60.96 38.48 -19.08
CA TYR R 410 -59.67 39.14 -19.22
C TYR R 410 -59.14 39.53 -17.86
N TYR R 411 -57.94 39.09 -17.55
CA TYR R 411 -57.28 39.43 -16.30
C TYR R 411 -56.15 40.38 -16.57
N PRO R 412 -56.05 41.49 -15.84
CA PRO R 412 -55.20 42.59 -16.27
C PRO R 412 -53.72 42.30 -16.10
N VAL R 413 -52.92 42.89 -16.98
CA VAL R 413 -51.47 42.74 -16.91
C VAL R 413 -50.91 43.54 -15.75
N SER R 414 -51.65 44.56 -15.31
CA SER R 414 -51.23 45.38 -14.17
C SER R 414 -51.36 44.63 -12.86
N ASP R 415 -52.01 43.46 -12.87
CA ASP R 415 -52.08 42.64 -11.66
C ASP R 415 -50.78 41.88 -11.47
N THR R 416 -50.18 41.41 -12.56
CA THR R 416 -49.06 40.47 -12.44
C THR R 416 -47.74 41.16 -12.17
N LEU R 417 -47.70 42.49 -12.20
CA LEU R 417 -46.48 43.20 -11.89
C LEU R 417 -46.20 43.12 -10.39
N PRO R 418 -44.94 43.28 -9.97
CA PRO R 418 -44.61 43.26 -8.55
C PRO R 418 -45.29 44.38 -7.79
N PRO R 419 -45.65 44.15 -6.54
CA PRO R 419 -46.44 45.15 -5.82
C PRO R 419 -45.67 46.38 -5.38
N CYS R 420 -44.35 46.40 -5.56
CA CYS R 420 -43.64 47.64 -5.27
C CYS R 420 -43.84 48.68 -6.35
N TYR R 421 -44.37 48.31 -7.52
CA TYR R 421 -44.66 49.34 -8.51
C TYR R 421 -45.95 50.09 -8.15
N GLY R 422 -46.78 49.48 -7.31
CA GLY R 422 -47.91 50.17 -6.73
C GLY R 422 -49.18 50.15 -7.54
N LEU R 423 -49.36 49.17 -8.43
CA LEU R 423 -50.55 49.19 -9.29
C LEU R 423 -51.77 48.66 -8.55
N GLN R 424 -51.57 47.77 -7.58
CA GLN R 424 -52.65 47.32 -6.72
C GLN R 424 -52.64 48.05 -5.38
N HIS R 425 -51.81 49.07 -5.24
CA HIS R 425 -51.78 49.87 -4.02
C HIS R 425 -53.01 50.77 -3.94
N SER R 426 -53.13 51.46 -2.80
CA SER R 426 -54.16 52.47 -2.64
C SER R 426 -53.90 53.63 -3.60
N LEU R 427 -54.97 54.23 -4.10
CA LEU R 427 -54.85 55.12 -5.23
C LEU R 427 -54.28 56.48 -4.83
N SER R 428 -53.27 56.92 -5.60
CA SER R 428 -52.63 58.23 -5.50
C SER R 428 -52.09 58.52 -4.10
N GLU R 429 -51.63 57.47 -3.41
CA GLU R 429 -50.90 57.66 -2.17
C GLU R 429 -49.56 58.32 -2.43
N SER R 430 -48.84 57.86 -3.45
CA SER R 430 -47.64 58.53 -3.93
C SER R 430 -47.93 59.06 -5.33
N GLU R 431 -47.15 60.05 -5.75
CA GLU R 431 -47.47 60.76 -6.98
C GLU R 431 -47.02 60.02 -8.22
N HIS R 432 -46.12 59.04 -8.05
CA HIS R 432 -45.61 58.29 -9.20
C HIS R 432 -46.56 57.18 -9.63
N LEU R 433 -47.66 57.00 -8.88
CA LEU R 433 -48.61 55.94 -9.18
C LEU R 433 -49.40 56.24 -10.45
N LEU R 434 -49.84 57.48 -10.60
CA LEU R 434 -50.72 57.82 -11.72
C LEU R 434 -50.04 57.89 -13.09
N PRO R 435 -48.82 58.44 -13.26
CA PRO R 435 -48.22 58.35 -14.61
C PRO R 435 -47.82 56.95 -15.01
N LEU R 436 -47.55 56.06 -14.05
CA LEU R 436 -47.31 54.67 -14.40
C LEU R 436 -48.60 53.99 -14.82
N HIS R 437 -49.71 54.30 -14.14
CA HIS R 437 -50.93 53.55 -14.38
C HIS R 437 -51.64 54.01 -15.64
N GLN R 438 -51.17 55.10 -16.25
CA GLN R 438 -51.66 55.49 -17.56
C GLN R 438 -50.75 54.94 -18.66
N PHE R 439 -49.54 54.54 -18.29
CA PHE R 439 -48.62 53.95 -19.27
C PHE R 439 -49.03 52.52 -19.60
N MET R 440 -49.61 51.82 -18.63
CA MET R 440 -50.04 50.44 -18.88
C MET R 440 -51.37 50.39 -19.62
N LEU R 441 -52.06 51.53 -19.71
CA LEU R 441 -53.37 51.55 -20.37
C LEU R 441 -53.35 51.29 -21.87
N PRO R 442 -52.46 51.87 -22.70
CA PRO R 442 -52.51 51.52 -24.13
C PRO R 442 -52.11 50.08 -24.43
N PHE R 443 -51.19 49.52 -23.64
CA PHE R 443 -50.81 48.13 -23.85
C PHE R 443 -51.78 47.18 -23.18
N GLU R 444 -52.78 47.71 -22.47
CA GLU R 444 -53.83 46.86 -21.93
C GLU R 444 -54.96 46.73 -22.93
N GLN R 445 -55.28 47.81 -23.63
CA GLN R 445 -56.40 47.79 -24.57
C GLN R 445 -56.04 47.03 -25.83
N LEU R 446 -54.74 46.96 -26.16
CA LEU R 446 -54.32 46.13 -27.29
C LEU R 446 -54.46 44.65 -26.95
N LEU R 447 -54.28 44.30 -25.68
CA LEU R 447 -54.47 42.91 -25.29
C LEU R 447 -55.93 42.60 -25.00
N ALA R 448 -56.70 43.63 -24.65
CA ALA R 448 -58.12 43.41 -24.40
C ALA R 448 -58.90 43.27 -25.69
N CYS R 449 -58.34 43.79 -26.80
CA CYS R 449 -58.96 43.54 -28.09
C CYS R 449 -58.73 42.09 -28.52
N GLY R 450 -57.63 41.50 -28.08
CA GLY R 450 -57.35 40.13 -28.45
C GLY R 450 -58.19 39.13 -27.67
N CYS R 451 -58.64 39.50 -26.48
CA CYS R 451 -59.45 38.57 -25.70
C CYS R 451 -60.91 38.65 -26.10
N GLN R 452 -61.35 39.80 -26.62
CA GLN R 452 -62.72 39.91 -27.09
C GLN R 452 -62.94 39.12 -28.36
N GLN R 453 -61.97 39.14 -29.27
CA GLN R 453 -62.20 38.68 -30.63
C GLN R 453 -62.20 37.16 -30.70
N ILE R 454 -61.67 36.49 -29.67
CA ILE R 454 -61.84 35.05 -29.57
C ILE R 454 -63.22 34.73 -29.02
N ALA R 455 -63.73 35.58 -28.12
CA ALA R 455 -65.06 35.37 -27.58
C ALA R 455 -66.12 35.80 -28.58
N MET R 456 -65.75 36.58 -29.59
CA MET R 456 -66.68 36.97 -30.64
C MET R 456 -66.76 35.94 -31.75
N LEU R 457 -65.97 34.87 -31.67
CA LEU R 457 -65.87 33.95 -32.80
C LEU R 457 -67.13 33.13 -33.07
N PRO R 458 -67.94 32.70 -32.09
CA PRO R 458 -69.28 32.22 -32.46
C PRO R 458 -70.16 33.30 -33.07
N ARG R 459 -69.96 34.56 -32.71
CA ARG R 459 -70.74 35.64 -33.32
C ARG R 459 -70.17 36.03 -34.67
N LEU R 460 -68.84 35.96 -34.82
CA LEU R 460 -68.21 36.45 -36.04
C LEU R 460 -68.40 35.48 -37.20
N LEU R 461 -68.63 34.21 -36.92
CA LEU R 461 -68.69 33.21 -37.97
C LEU R 461 -70.02 32.46 -37.99
N ALA R 462 -71.04 32.98 -37.31
CA ALA R 462 -72.36 32.39 -37.40
C ALA R 462 -72.97 32.68 -38.76
N PHE R 463 -73.85 31.79 -39.21
CA PHE R 463 -74.48 31.98 -40.51
C PHE R 463 -75.71 32.87 -40.39
N GLN R 464 -76.26 33.01 -39.18
CA GLN R 464 -77.41 33.87 -38.92
C GLN R 464 -76.96 35.19 -38.30
N ARG R 465 -76.26 35.97 -39.11
CA ARG R 465 -75.68 37.23 -38.65
C ARG R 465 -76.76 38.30 -38.52
N GLU R 466 -76.61 39.21 -37.55
CA GLU R 466 -77.59 40.25 -37.31
C GLU R 466 -76.99 41.59 -36.92
N GLY R 467 -75.66 41.76 -37.00
CA GLY R 467 -75.05 42.89 -36.35
C GLY R 467 -74.11 43.71 -37.19
N TYR R 468 -74.11 45.02 -36.91
CA TYR R 468 -73.02 45.89 -37.34
C TYR R 468 -71.71 45.48 -36.68
N GLU R 469 -71.80 44.96 -35.46
CA GLU R 469 -70.71 45.04 -34.50
C GLU R 469 -69.62 44.00 -34.78
N VAL R 470 -68.39 44.48 -34.81
CA VAL R 470 -67.17 43.72 -35.06
C VAL R 470 -66.24 44.04 -33.89
N TRP R 471 -64.94 43.86 -34.14
CA TRP R 471 -63.85 43.34 -33.29
C TRP R 471 -64.11 43.55 -31.80
N GLY R 472 -64.41 44.77 -31.35
CA GLY R 472 -64.76 44.92 -29.95
C GLY R 472 -64.45 46.29 -29.39
N ASP R 473 -65.23 46.65 -28.35
CA ASP R 473 -65.10 47.95 -27.71
C ASP R 473 -65.25 47.89 -26.20
N GLN R 474 -65.17 46.72 -25.59
CA GLN R 474 -65.43 46.62 -24.15
C GLN R 474 -64.23 47.09 -23.35
N TRP R 475 -64.53 47.70 -22.20
CA TRP R 475 -63.49 48.18 -21.29
C TRP R 475 -62.78 46.99 -20.63
N PRO R 476 -61.46 47.07 -20.45
CA PRO R 476 -60.73 45.89 -19.96
C PRO R 476 -60.95 45.60 -18.49
N PHE R 477 -61.24 46.62 -17.68
CA PHE R 477 -61.27 46.46 -16.23
C PHE R 477 -62.70 46.31 -15.73
N LYS R 478 -62.90 45.43 -14.75
CA LYS R 478 -64.18 45.33 -14.10
C LYS R 478 -64.43 46.58 -13.26
N SER R 479 -65.71 46.85 -13.00
CA SER R 479 -66.12 48.17 -12.50
C SER R 479 -65.74 48.35 -11.03
N GLY R 480 -65.49 47.26 -10.32
CA GLY R 480 -65.11 47.39 -8.91
C GLY R 480 -63.61 47.51 -8.72
N SER R 481 -62.85 47.29 -9.80
CA SER R 481 -61.40 47.16 -9.67
C SER R 481 -60.72 48.50 -9.39
N VAL R 482 -59.50 48.43 -8.84
CA VAL R 482 -58.74 49.64 -8.56
C VAL R 482 -58.18 50.22 -9.85
N ASN R 483 -58.03 49.40 -10.88
CA ASN R 483 -57.51 49.84 -12.15
C ASN R 483 -58.55 50.70 -12.87
N ASP R 484 -59.83 50.46 -12.58
CA ASP R 484 -60.87 51.33 -13.10
C ASP R 484 -60.86 52.69 -12.42
N ASP R 485 -60.43 52.74 -11.15
CA ASP R 485 -60.54 53.97 -10.38
C ASP R 485 -59.51 55.00 -10.82
N ALA R 486 -58.42 54.56 -11.43
CA ALA R 486 -57.38 55.50 -11.84
C ALA R 486 -57.85 56.34 -13.01
N HIS R 487 -58.39 55.71 -14.05
CA HIS R 487 -58.85 56.41 -15.23
C HIS R 487 -60.34 56.68 -15.19
N GLN R 488 -60.90 56.99 -14.03
CA GLN R 488 -62.34 57.19 -13.93
C GLN R 488 -62.75 58.56 -14.46
N ASP R 489 -61.78 59.45 -14.66
CA ASP R 489 -62.11 60.78 -15.15
C ASP R 489 -62.31 60.78 -16.65
N TYR R 490 -61.65 59.86 -17.36
CA TYR R 490 -61.73 59.80 -18.81
C TYR R 490 -62.18 58.46 -19.35
N ALA R 491 -62.71 57.59 -18.50
CA ALA R 491 -63.38 56.38 -18.97
C ALA R 491 -64.62 56.64 -19.84
N PRO R 492 -65.44 57.69 -19.62
CA PRO R 492 -66.48 57.97 -20.64
C PRO R 492 -65.93 58.41 -21.98
N ALA R 493 -64.76 59.07 -22.01
CA ALA R 493 -64.23 59.51 -23.29
C ALA R 493 -63.52 58.38 -24.02
N LEU R 494 -62.90 57.46 -23.28
CA LEU R 494 -62.16 56.37 -23.91
C LEU R 494 -63.11 55.31 -24.45
N LYS R 495 -64.25 55.10 -23.79
CA LYS R 495 -65.23 54.14 -24.29
C LYS R 495 -65.89 54.65 -25.57
N ASP R 496 -65.98 55.96 -25.74
CA ASP R 496 -66.67 56.51 -26.90
C ASP R 496 -65.79 56.48 -28.15
N LEU R 497 -64.48 56.66 -27.99
CA LEU R 497 -63.59 56.43 -29.13
C LEU R 497 -63.39 54.94 -29.37
N LEU R 498 -63.67 54.13 -28.34
CA LEU R 498 -63.74 52.69 -28.58
C LEU R 498 -64.95 52.33 -29.43
N GLY R 499 -65.96 53.19 -29.46
CA GLY R 499 -67.06 53.04 -30.40
C GLY R 499 -66.78 53.58 -31.78
N GLN R 500 -65.52 53.45 -32.23
CA GLN R 500 -65.13 53.59 -33.62
C GLN R 500 -65.31 52.30 -34.40
N ILE R 501 -65.72 51.22 -33.72
CA ILE R 501 -65.82 49.90 -34.35
C ILE R 501 -67.01 49.86 -35.30
N ALA R 502 -68.01 50.73 -35.07
CA ALA R 502 -69.12 50.86 -36.00
C ALA R 502 -68.66 51.45 -37.33
N LEU R 503 -67.56 52.20 -37.32
CA LEU R 503 -67.00 52.74 -38.56
C LEU R 503 -66.25 51.64 -39.34
N ASP R 504 -65.85 50.58 -38.64
CA ASP R 504 -65.20 49.44 -39.28
C ASP R 504 -66.19 48.35 -39.69
N SER R 505 -67.46 48.70 -39.92
CA SER R 505 -68.47 47.72 -40.28
C SER R 505 -68.47 47.36 -41.76
N ASP R 506 -67.57 47.95 -42.55
CA ASP R 506 -67.41 47.52 -43.93
C ASP R 506 -66.79 46.14 -43.99
N HIS R 507 -65.94 45.83 -43.00
CA HIS R 507 -65.28 44.54 -42.85
C HIS R 507 -66.28 43.41 -42.68
N GLU R 508 -67.42 43.70 -42.05
CA GLU R 508 -68.47 42.71 -41.87
C GLU R 508 -69.09 42.32 -43.21
N LEU R 509 -69.04 43.22 -44.21
CA LEU R 509 -69.53 42.88 -45.53
C LEU R 509 -68.51 42.06 -46.30
N ASP R 510 -67.26 42.02 -45.82
CA ASP R 510 -66.27 41.18 -46.48
C ASP R 510 -66.27 39.77 -45.91
N ILE R 511 -66.91 39.56 -44.76
CA ILE R 511 -67.03 38.20 -44.26
C ILE R 511 -68.24 37.51 -44.85
N ILE R 512 -69.30 38.29 -45.09
CA ILE R 512 -70.49 37.75 -45.74
C ILE R 512 -70.17 37.36 -47.17
N ASN R 513 -69.27 38.10 -47.83
CA ASN R 513 -68.75 37.68 -49.11
C ASN R 513 -67.93 36.40 -48.99
N TYR R 514 -67.32 36.17 -47.82
CA TYR R 514 -66.56 34.94 -47.62
C TYR R 514 -67.47 33.81 -47.20
N LEU R 515 -68.49 34.08 -46.41
CA LEU R 515 -69.37 33.02 -45.93
C LEU R 515 -70.34 32.57 -47.02
N LEU R 516 -70.71 33.48 -47.93
CA LEU R 516 -71.52 33.07 -49.07
C LEU R 516 -70.72 32.22 -50.04
N GLY R 517 -69.40 32.36 -50.03
CA GLY R 517 -68.55 31.61 -50.94
C GLY R 517 -68.45 30.13 -50.61
N TYR R 518 -68.97 29.72 -49.45
CA TYR R 518 -69.08 28.29 -49.17
C TYR R 518 -70.09 27.65 -50.11
N PHE R 519 -71.14 28.37 -50.45
CA PHE R 519 -72.22 27.89 -51.31
C PHE R 519 -72.11 28.39 -52.73
N GLY R 520 -70.90 28.74 -53.17
CA GLY R 520 -70.64 29.00 -54.57
C GLY R 520 -71.00 30.37 -55.09
N THR R 521 -71.70 31.19 -54.31
CA THR R 521 -72.16 32.50 -54.76
C THR R 521 -71.37 33.59 -54.08
N GLN R 522 -71.04 34.63 -54.82
CA GLN R 522 -70.41 35.80 -54.24
C GLN R 522 -71.48 36.70 -53.63
N ARG R 523 -71.04 37.73 -52.92
CA ARG R 523 -71.98 38.74 -52.45
C ARG R 523 -72.37 39.66 -53.59
N ALA R 524 -73.42 40.43 -53.36
CA ALA R 524 -73.90 41.37 -54.36
C ALA R 524 -72.92 42.54 -54.49
N PRO R 525 -72.80 43.14 -55.67
CA PRO R 525 -72.02 44.37 -55.78
C PRO R 525 -72.74 45.54 -55.13
N ARG R 526 -71.97 46.48 -54.62
CA ARG R 526 -72.53 47.66 -53.98
C ARG R 526 -72.99 48.66 -55.03
N THR R 527 -74.22 49.14 -54.88
CA THR R 527 -74.83 50.02 -55.88
C THR R 527 -74.82 51.46 -55.38
N PHE R 528 -75.52 52.32 -56.11
CA PHE R 528 -75.55 53.74 -55.72
C PHE R 528 -76.86 54.06 -54.99
N THR R 529 -77.91 53.31 -55.27
CA THR R 529 -79.20 53.42 -54.62
C THR R 529 -79.34 52.43 -53.46
N THR R 530 -78.28 52.23 -52.68
CA THR R 530 -78.25 51.24 -51.62
C THR R 530 -79.26 51.47 -50.51
N GLN R 531 -79.23 52.66 -49.91
CA GLN R 531 -79.68 52.87 -48.53
C GLN R 531 -78.99 51.83 -47.63
N LEU R 532 -77.68 52.05 -47.48
CA LEU R 532 -76.71 51.05 -47.00
C LEU R 532 -77.08 50.38 -45.67
N ASP R 533 -77.90 51.03 -44.86
CA ASP R 533 -78.44 50.38 -43.68
C ASP R 533 -79.41 49.26 -44.08
N ASP R 534 -80.31 49.56 -45.02
CA ASP R 534 -81.34 48.60 -45.40
C ASP R 534 -80.81 47.61 -46.44
N PHE R 535 -79.74 47.99 -47.13
CA PHE R 535 -79.06 47.10 -48.06
C PHE R 535 -78.45 45.90 -47.34
N ARG R 536 -77.94 46.13 -46.13
CA ARG R 536 -77.08 45.15 -45.49
C ARG R 536 -77.88 44.00 -44.89
N ALA R 537 -79.08 44.29 -44.37
CA ALA R 537 -79.90 43.25 -43.77
C ALA R 537 -80.46 42.31 -44.84
N VAL R 538 -80.62 42.81 -46.05
CA VAL R 538 -80.91 41.94 -47.19
C VAL R 538 -79.73 41.01 -47.45
N GLN R 539 -78.51 41.54 -47.33
CA GLN R 539 -77.33 40.71 -47.52
C GLN R 539 -77.12 39.76 -46.34
N GLN R 540 -77.67 40.11 -45.18
CA GLN R 540 -77.52 39.23 -44.02
C GLN R 540 -78.49 38.06 -44.08
N GLY R 541 -79.75 38.33 -44.41
CA GLY R 541 -80.73 37.27 -44.50
C GLY R 541 -80.51 36.35 -45.69
N TYR R 542 -79.76 36.83 -46.68
CA TYR R 542 -79.37 36.00 -47.81
C TYR R 542 -78.46 34.87 -47.36
N LEU R 543 -77.63 35.12 -46.36
CA LEU R 543 -76.71 34.09 -45.89
C LEU R 543 -77.42 33.07 -45.02
N ALA R 544 -78.33 33.52 -44.15
CA ALA R 544 -78.92 32.64 -43.15
C ALA R 544 -79.88 31.65 -43.77
N GLN R 545 -80.63 32.07 -44.78
CA GLN R 545 -81.61 31.22 -45.45
C GLN R 545 -81.08 30.63 -46.73
N GLN R 546 -79.77 30.70 -46.96
CA GLN R 546 -79.18 30.25 -48.22
C GLN R 546 -79.40 28.78 -48.58
N PRO R 547 -79.31 27.76 -47.67
CA PRO R 547 -79.56 26.39 -48.12
C PRO R 547 -81.02 26.11 -48.47
N THR R 548 -81.95 26.80 -47.81
CA THR R 548 -83.36 26.59 -48.14
C THR R 548 -83.76 27.34 -49.40
N LEU R 549 -82.96 28.31 -49.81
CA LEU R 549 -83.23 29.00 -51.08
C LEU R 549 -82.86 28.11 -52.26
N THR R 550 -81.71 27.44 -52.20
CA THR R 550 -81.31 26.59 -53.32
C THR R 550 -82.00 25.24 -53.28
N TYR R 551 -82.55 24.86 -52.12
CA TYR R 551 -83.34 23.64 -52.06
C TYR R 551 -84.70 23.85 -52.71
N HIS R 552 -85.32 25.00 -52.50
CA HIS R 552 -86.56 25.36 -53.15
C HIS R 552 -86.26 26.49 -54.13
N ARG R 553 -85.79 26.16 -55.33
CA ARG R 553 -85.50 27.20 -56.30
C ARG R 553 -86.75 27.60 -57.05
N SER R 554 -87.75 26.73 -57.09
CA SER R 554 -88.96 26.95 -57.86
C SER R 554 -90.21 26.60 -57.06
N ASN R 555 -90.30 27.06 -55.81
CA ASN R 555 -91.45 26.64 -55.00
C ASN R 555 -92.35 27.82 -54.65
N ILE R 556 -93.35 28.08 -55.49
CA ILE R 556 -94.32 29.18 -55.42
C ILE R 556 -95.47 28.95 -54.45
N ARG R 557 -95.22 28.15 -53.39
CA ARG R 557 -96.15 27.88 -52.28
C ARG R 557 -97.11 29.02 -51.97
N ILE R 558 -98.39 28.67 -51.81
CA ILE R 558 -99.50 29.60 -52.03
C ILE R 558 -99.55 30.69 -50.97
N ASP R 559 -98.89 30.49 -49.83
CA ASP R 559 -98.87 31.48 -48.77
C ASP R 559 -97.51 32.16 -48.61
N GLN R 560 -96.43 31.38 -48.61
CA GLN R 560 -95.11 31.93 -48.36
C GLN R 560 -94.64 32.78 -49.53
N VAL R 561 -93.70 33.69 -49.24
CA VAL R 561 -93.03 34.45 -50.29
C VAL R 561 -92.20 33.51 -51.17
N SER R 562 -92.20 33.79 -52.48
CA SER R 562 -91.50 32.97 -53.45
C SER R 562 -90.00 32.94 -53.17
N SER R 563 -89.45 31.73 -53.18
CA SER R 563 -88.09 31.51 -52.73
C SER R 563 -87.06 31.75 -53.81
N LEU R 564 -87.47 32.21 -54.99
CA LEU R 564 -86.52 32.78 -55.94
C LEU R 564 -86.75 34.28 -56.10
N GLN R 565 -87.88 34.80 -55.63
CA GLN R 565 -88.05 36.24 -55.47
C GLN R 565 -87.05 36.80 -54.47
N LYS R 566 -86.80 36.07 -53.38
CA LYS R 566 -85.71 36.42 -52.46
C LYS R 566 -84.37 36.38 -53.17
N ARG R 567 -84.16 35.35 -54.00
CA ARG R 567 -82.86 35.11 -54.58
C ARG R 567 -82.59 36.06 -55.75
N ILE R 568 -83.65 36.64 -56.30
CA ILE R 568 -83.48 37.69 -57.31
C ILE R 568 -83.11 39.00 -56.64
N ALA R 569 -83.79 39.34 -55.53
CA ALA R 569 -83.58 40.64 -54.89
C ALA R 569 -82.21 40.73 -54.24
N ALA R 570 -81.67 39.60 -53.80
CA ALA R 570 -80.35 39.62 -53.18
C ALA R 570 -79.26 39.81 -54.21
N ARG R 571 -79.45 39.27 -55.41
CA ARG R 571 -78.42 39.39 -56.45
C ARG R 571 -78.38 40.80 -57.01
N MET R 572 -79.55 41.43 -57.16
CA MET R 572 -79.58 42.87 -57.39
C MET R 572 -79.09 43.63 -56.18
N GLY R 573 -79.43 43.15 -55.00
CA GLY R 573 -79.02 43.77 -53.76
C GLY R 573 -79.99 44.80 -53.22
N LEU R 574 -81.04 45.13 -53.98
CA LEU R 574 -81.92 46.23 -53.59
C LEU R 574 -82.71 45.87 -52.34
N GLY R 575 -82.97 46.88 -51.52
CA GLY R 575 -83.42 46.64 -50.16
C GLY R 575 -84.87 46.19 -50.11
N GLY R 576 -85.21 45.50 -49.03
CA GLY R 576 -86.58 45.07 -48.81
C GLY R 576 -86.68 44.32 -47.50
N GLU R 577 -87.91 44.21 -47.01
CA GLU R 577 -88.19 43.41 -45.84
C GLU R 577 -88.55 41.98 -46.20
N LEU R 578 -88.24 41.53 -47.41
CA LEU R 578 -88.63 40.19 -47.83
C LEU R 578 -87.69 39.13 -47.28
N PHE R 579 -86.60 39.54 -46.61
CA PHE R 579 -85.79 38.60 -45.87
C PHE R 579 -86.11 38.56 -44.39
N LYS R 580 -87.21 39.16 -43.97
CA LYS R 580 -87.66 39.10 -42.59
C LYS R 580 -88.10 37.67 -42.26
N PRO R 581 -88.05 37.28 -40.97
CA PRO R 581 -88.59 35.97 -40.59
C PRO R 581 -90.06 35.73 -40.94
N GLN R 582 -90.86 36.79 -41.02
CA GLN R 582 -92.20 36.65 -41.57
C GLN R 582 -92.34 37.51 -42.81
N PRO R 583 -93.06 37.05 -43.83
CA PRO R 583 -93.04 37.75 -45.13
C PRO R 583 -93.74 39.10 -45.12
N ASP R 584 -94.98 39.17 -44.62
CA ASP R 584 -95.79 40.40 -44.56
C ASP R 584 -96.00 41.02 -45.94
N LEU R 585 -96.77 40.31 -46.78
CA LEU R 585 -96.82 40.55 -48.22
C LEU R 585 -97.55 41.83 -48.64
N SER R 586 -97.88 42.74 -47.71
CA SER R 586 -98.43 44.02 -48.11
C SER R 586 -97.38 44.91 -48.75
N GLN R 587 -96.23 45.06 -48.09
CA GLN R 587 -95.20 46.02 -48.46
C GLN R 587 -93.96 45.29 -48.94
N LEU R 588 -93.77 45.24 -50.25
CA LEU R 588 -92.66 44.51 -50.85
C LEU R 588 -91.99 45.42 -51.86
N PRO R 589 -90.75 45.14 -52.24
CA PRO R 589 -90.15 45.86 -53.36
C PRO R 589 -90.80 45.53 -54.68
N PHE R 590 -90.93 44.25 -55.01
CA PHE R 590 -91.53 43.82 -56.26
C PHE R 590 -92.33 42.55 -55.99
N TYR R 591 -93.05 42.09 -57.01
CA TYR R 591 -93.92 40.93 -56.87
C TYR R 591 -93.78 40.04 -58.09
N LEU R 592 -93.72 38.73 -57.86
CA LEU R 592 -93.64 37.76 -58.94
C LEU R 592 -94.96 37.02 -59.06
N ILE R 593 -95.69 37.30 -60.13
CA ILE R 593 -96.96 36.64 -60.42
C ILE R 593 -96.77 35.76 -61.65
N GLU R 594 -97.49 34.65 -61.69
CA GLU R 594 -97.43 33.71 -62.80
C GLU R 594 -98.78 33.68 -63.50
N HIS R 595 -98.76 33.69 -64.84
CA HIS R 595 -100.01 33.68 -65.59
C HIS R 595 -100.71 32.32 -65.53
N ARG R 596 -99.94 31.25 -65.32
CA ARG R 596 -100.50 29.92 -65.12
C ARG R 596 -101.34 29.82 -63.85
N ALA R 597 -101.08 30.68 -62.87
CA ALA R 597 -101.86 30.66 -61.63
C ALA R 597 -103.23 31.32 -61.82
N LEU R 598 -103.44 32.00 -62.95
CA LEU R 598 -104.68 32.73 -63.15
C LEU R 598 -105.68 31.94 -63.98
N LEU R 599 -105.36 30.70 -64.32
CA LEU R 599 -106.23 29.95 -65.22
C LEU R 599 -106.98 28.85 -64.48
N PRO R 600 -108.31 28.84 -64.58
CA PRO R 600 -109.09 27.78 -63.91
C PRO R 600 -109.41 26.59 -64.82
N VAL R 601 -109.47 25.40 -64.25
CA VAL R 601 -109.88 24.23 -65.04
C VAL R 601 -111.39 24.04 -64.94
N LYS R 602 -111.95 24.19 -63.74
CA LYS R 602 -113.39 24.09 -63.55
C LYS R 602 -113.93 25.32 -62.83
N LYS R 700 -130.64 22.27 -60.00
CA LYS R 700 -129.23 22.28 -59.63
C LYS R 700 -128.38 21.59 -60.68
N LEU R 701 -129.01 21.12 -61.76
CA LEU R 701 -128.33 20.40 -62.83
C LEU R 701 -127.72 21.43 -63.78
N PHE R 702 -128.49 22.33 -64.37
CA PHE R 702 -127.98 23.27 -65.36
C PHE R 702 -127.96 24.71 -64.85
N TRP R 703 -127.67 24.90 -63.56
CA TRP R 703 -127.54 26.26 -63.04
C TRP R 703 -126.08 26.68 -62.93
N GLN R 704 -125.15 25.74 -63.03
CA GLN R 704 -123.73 26.08 -62.94
C GLN R 704 -123.27 26.85 -64.17
N ASN R 705 -123.32 26.20 -65.34
CA ASN R 705 -123.25 26.85 -66.66
C ASN R 705 -122.06 27.77 -66.91
N SER R 706 -120.82 27.24 -66.92
CA SER R 706 -119.65 28.11 -67.05
C SER R 706 -119.51 28.65 -68.47
N PRO R 707 -119.92 29.90 -68.72
CA PRO R 707 -120.09 30.33 -70.12
C PRO R 707 -118.81 30.72 -70.84
N VAL R 708 -118.01 31.61 -70.25
CA VAL R 708 -116.83 32.24 -70.83
C VAL R 708 -115.93 32.61 -69.67
N TRP R 709 -114.64 32.82 -69.95
CA TRP R 709 -113.73 33.44 -69.00
C TRP R 709 -112.83 34.37 -69.79
N MET R 710 -112.32 35.42 -69.12
CA MET R 710 -111.32 36.36 -69.64
C MET R 710 -111.86 37.04 -70.90
N GLU R 711 -112.86 37.93 -70.77
CA GLU R 711 -113.80 38.39 -71.82
C GLU R 711 -113.04 38.92 -73.03
N ASP R 712 -112.36 40.06 -72.93
CA ASP R 712 -111.49 40.61 -73.97
C ASP R 712 -110.52 41.58 -73.33
N MET R 713 -109.44 41.87 -74.04
CA MET R 713 -108.47 42.85 -73.58
C MET R 713 -109.06 44.25 -73.63
N GLY R 714 -108.50 45.16 -72.83
CA GLY R 714 -108.90 46.55 -72.89
C GLY R 714 -108.20 47.39 -71.85
N TYR R 715 -108.27 48.69 -72.06
CA TYR R 715 -107.81 49.66 -71.08
C TYR R 715 -108.83 50.78 -70.99
N ARG R 716 -108.48 51.84 -70.27
CA ARG R 716 -109.35 52.97 -70.05
C ARG R 716 -108.61 54.26 -70.41
N LEU R 717 -109.35 55.21 -70.98
CA LEU R 717 -108.76 56.36 -71.66
C LEU R 717 -108.54 57.52 -70.69
N ALA R 718 -107.27 57.77 -70.36
CA ALA R 718 -106.85 58.99 -69.68
C ALA R 718 -105.86 59.76 -70.55
N TYR R 719 -104.76 59.11 -70.93
CA TYR R 719 -103.78 59.67 -71.84
C TYR R 719 -103.07 58.53 -72.55
N ALA R 720 -102.53 58.82 -73.73
CA ALA R 720 -101.97 57.81 -74.62
C ALA R 720 -100.45 57.97 -74.71
N SER R 721 -99.76 56.84 -74.76
CA SER R 721 -98.32 56.82 -74.99
C SER R 721 -97.98 55.72 -76.00
N ASP R 722 -97.19 56.09 -77.00
CA ASP R 722 -96.71 55.13 -78.00
C ASP R 722 -95.21 54.97 -77.90
N GLN R 723 -94.49 56.09 -77.96
CA GLN R 723 -93.06 56.08 -77.69
C GLN R 723 -92.83 55.77 -76.21
N SER R 724 -91.86 54.89 -75.95
CA SER R 724 -91.63 54.42 -74.60
C SER R 724 -91.01 55.52 -73.73
N SER R 725 -91.78 55.98 -72.75
CA SER R 725 -91.34 56.96 -71.77
C SER R 725 -90.53 56.26 -70.68
N LEU R 726 -90.32 56.95 -69.56
CA LEU R 726 -89.69 56.31 -68.41
C LEU R 726 -90.51 55.15 -67.86
N PRO R 727 -91.84 55.25 -67.73
CA PRO R 727 -92.64 54.06 -67.45
C PRO R 727 -93.01 53.27 -68.70
N VAL R 728 -92.57 53.73 -69.87
CA VAL R 728 -92.82 53.12 -71.19
C VAL R 728 -94.32 52.96 -71.45
N GLN R 730 -97.28 57.05 -68.99
CA GLN R 730 -98.15 55.99 -68.52
C GLN R 730 -99.50 56.55 -68.06
N ARG R 731 -100.45 55.65 -67.82
CA ARG R 731 -101.79 56.02 -67.38
C ARG R 731 -102.12 55.25 -66.11
N ARG R 732 -102.69 55.96 -65.13
CA ARG R 732 -103.15 55.31 -63.91
C ARG R 732 -104.42 54.49 -64.22
N LEU R 733 -104.60 53.41 -63.46
CA LEU R 733 -105.70 52.45 -63.62
C LEU R 733 -105.74 51.87 -65.03
N THR R 734 -104.56 51.64 -65.60
CA THR R 734 -104.42 51.18 -66.97
C THR R 734 -103.03 50.56 -67.10
N ARG R 735 -102.62 50.31 -68.35
CA ARG R 735 -101.29 49.80 -68.61
C ARG R 735 -100.89 50.13 -70.05
N THR R 736 -99.62 50.50 -70.23
CA THR R 736 -98.97 50.51 -71.53
C THR R 736 -98.06 49.31 -71.69
N VAL R 737 -98.53 48.15 -71.26
CA VAL R 737 -97.65 47.02 -70.90
C VAL R 737 -97.29 46.20 -72.13
N GLN R 738 -98.23 46.04 -73.05
CA GLN R 738 -97.96 45.32 -74.29
C GLN R 738 -96.97 46.11 -75.14
N THR R 739 -96.15 45.39 -75.91
CA THR R 739 -95.07 46.04 -76.63
C THR R 739 -95.42 46.08 -78.11
N PRO R 740 -96.38 46.91 -78.53
CA PRO R 740 -96.58 47.11 -79.97
C PRO R 740 -95.95 48.39 -80.49
N PHE R 741 -95.25 48.30 -81.61
CA PHE R 741 -95.03 49.39 -82.54
C PHE R 741 -96.29 49.52 -83.39
N PRO R 742 -97.00 48.42 -83.56
CA PRO R 742 -97.88 48.23 -84.73
C PRO R 742 -99.21 48.93 -84.59
N PRO R 743 -100.17 48.59 -85.48
CA PRO R 743 -101.36 49.41 -85.79
C PRO R 743 -102.28 49.86 -84.66
N MET R 744 -103.18 50.77 -85.05
CA MET R 744 -103.98 51.67 -84.25
C MET R 744 -104.83 50.97 -83.20
N VAL R 745 -105.22 51.75 -82.20
CA VAL R 745 -106.26 51.42 -81.23
C VAL R 745 -107.59 51.88 -81.79
N VAL R 746 -108.45 50.94 -82.16
CA VAL R 746 -109.51 51.22 -83.13
C VAL R 746 -110.92 51.18 -82.56
N VAL R 747 -111.11 51.58 -81.30
CA VAL R 747 -112.48 51.67 -80.76
C VAL R 747 -112.54 52.73 -79.68
N GLY R 748 -113.77 53.20 -79.43
CA GLY R 748 -114.08 54.05 -78.29
C GLY R 748 -115.51 53.81 -77.87
N SER R 749 -115.76 53.94 -76.57
CA SER R 749 -117.04 53.54 -75.98
C SER R 749 -117.57 54.62 -75.03
N GLU R 750 -117.63 55.85 -75.54
CA GLU R 750 -117.94 57.05 -74.75
C GLU R 750 -119.29 57.05 -74.04
N ILE R 751 -120.38 57.12 -74.79
CA ILE R 751 -121.70 57.32 -74.23
C ILE R 751 -122.61 56.19 -74.73
N THR R 752 -122.66 55.11 -73.97
CA THR R 752 -123.58 54.01 -74.23
C THR R 752 -124.89 54.18 -73.47
N LEU R 753 -125.10 55.32 -72.83
CA LEU R 753 -126.36 55.59 -72.15
C LEU R 753 -127.38 56.21 -73.10
N LEU R 754 -126.98 56.44 -74.35
CA LEU R 754 -127.83 57.10 -75.32
C LEU R 754 -127.53 56.54 -76.71
N LYS R 755 -127.96 57.26 -77.74
CA LYS R 755 -127.85 56.80 -79.13
C LYS R 755 -126.46 57.02 -79.71
N GLN R 756 -126.39 56.93 -81.05
CA GLN R 756 -125.15 57.09 -81.85
C GLN R 756 -124.12 56.02 -81.50
N VAL R 757 -124.60 54.77 -81.40
CA VAL R 757 -123.70 53.63 -81.20
C VAL R 757 -123.12 53.17 -82.53
N GLY R 758 -122.09 52.31 -82.45
CA GLY R 758 -121.59 51.66 -83.65
C GLY R 758 -120.39 52.34 -84.30
N ILE R 759 -120.46 53.67 -84.31
CA ILE R 759 -119.59 54.56 -85.07
C ILE R 759 -118.17 54.70 -84.51
N VAL R 760 -117.80 53.85 -83.54
CA VAL R 760 -116.51 53.90 -82.84
C VAL R 760 -115.32 54.00 -83.80
N ASN R 761 -114.34 54.81 -83.42
CA ASN R 761 -113.39 55.36 -84.38
C ASN R 761 -112.10 54.55 -84.45
N LEU R 762 -111.54 54.48 -85.65
CA LEU R 762 -110.20 53.93 -85.87
C LEU R 762 -109.18 55.05 -85.76
N LYS R 763 -108.49 55.07 -84.62
CA LYS R 763 -107.65 56.20 -84.26
C LYS R 763 -106.29 56.15 -84.95
N LYS R 764 -105.36 56.97 -84.46
CA LYS R 764 -104.03 57.10 -85.04
C LYS R 764 -103.16 55.87 -84.75
N ALA R 765 -102.08 55.71 -85.52
CA ALA R 765 -101.26 54.50 -85.47
C ALA R 765 -100.36 54.46 -84.24
N GLU R 766 -99.48 55.45 -84.11
CA GLU R 766 -98.53 55.51 -83.00
C GLU R 766 -98.37 56.98 -82.59
N SER R 767 -99.08 57.37 -81.53
CA SER R 767 -98.99 58.73 -81.00
C SER R 767 -98.90 58.66 -79.49
N GLU R 768 -98.05 59.50 -78.92
CA GLU R 768 -97.85 59.60 -77.48
C GLU R 768 -98.33 60.96 -77.00
N LYS R 769 -99.49 61.00 -76.35
CA LYS R 769 -100.11 62.25 -75.95
C LYS R 769 -100.47 62.20 -74.48
N LEU R 770 -99.69 62.92 -73.67
CA LEU R 770 -100.02 63.11 -72.25
C LEU R 770 -99.81 64.58 -71.89
N TYR R 771 -99.13 65.31 -72.76
CA TYR R 771 -98.87 66.73 -72.59
C TYR R 771 -98.84 67.38 -73.96
N ALA R 772 -98.81 68.71 -73.97
CA ALA R 772 -98.96 69.49 -75.20
C ALA R 772 -97.66 69.67 -75.97
N LYS R 773 -96.63 68.85 -75.71
CA LYS R 773 -95.43 68.88 -76.54
C LYS R 773 -95.58 67.94 -77.74
N VAL R 774 -96.72 67.28 -77.84
CA VAL R 774 -96.99 66.35 -78.94
C VAL R 774 -97.86 67.01 -79.98
N VAL R 775 -97.73 68.34 -80.13
CA VAL R 775 -98.69 69.28 -80.73
C VAL R 775 -99.24 68.92 -82.11
N SER R 776 -98.59 68.01 -82.83
CA SER R 776 -99.10 67.51 -84.10
C SER R 776 -100.37 66.70 -83.86
N PHE R 777 -101.21 66.62 -84.88
CA PHE R 777 -102.52 65.97 -84.76
C PHE R 777 -102.41 64.45 -84.63
N ASN R 791 -103.98 58.33 -88.64
CA ASN R 791 -105.21 58.43 -89.41
C ASN R 791 -106.42 58.56 -88.48
N SER R 792 -107.56 59.00 -89.06
CA SER R 792 -108.78 59.17 -88.30
C SER R 792 -109.98 59.12 -89.25
N THR R 793 -111.00 58.37 -88.86
CA THR R 793 -112.25 58.28 -89.59
C THR R 793 -113.34 57.85 -88.61
N LEU R 794 -114.59 58.18 -88.97
CA LEU R 794 -115.73 58.20 -88.04
C LEU R 794 -115.36 58.98 -86.79
N ALA R 795 -115.12 60.28 -86.97
CA ALA R 795 -113.82 60.91 -86.66
C ALA R 795 -113.39 60.67 -85.22
N PHE R 796 -113.90 61.41 -84.22
CA PHE R 796 -114.07 61.16 -82.78
C PHE R 796 -114.50 62.47 -82.14
N PRO R 797 -114.95 62.47 -80.89
CA PRO R 797 -114.47 63.50 -79.97
C PRO R 797 -113.31 62.91 -79.19
N THR R 798 -112.17 63.57 -79.10
CA THR R 798 -111.04 63.03 -78.35
C THR R 798 -110.13 64.15 -77.86
N SER R 799 -110.42 64.66 -76.64
CA SER R 799 -109.46 65.47 -75.88
C SER R 799 -109.85 65.62 -74.43
N GLU R 800 -109.04 65.03 -73.53
CA GLU R 800 -108.77 65.57 -72.19
C GLU R 800 -109.93 65.64 -71.20
N GLU R 801 -111.15 65.33 -71.63
CA GLU R 801 -112.30 65.61 -70.78
C GLU R 801 -113.01 64.34 -70.36
N ALA R 802 -113.38 63.51 -71.32
CA ALA R 802 -114.16 62.30 -71.05
C ALA R 802 -113.22 61.13 -70.81
N TRP R 803 -113.27 60.57 -69.60
CA TRP R 803 -112.65 59.29 -69.30
C TRP R 803 -113.50 58.12 -69.76
N ARG R 804 -114.67 58.39 -70.34
CA ARG R 804 -115.65 57.35 -70.61
C ARG R 804 -115.30 56.57 -71.86
N TYR R 805 -114.35 57.06 -72.64
CA TYR R 805 -113.85 56.31 -73.80
C TYR R 805 -113.04 55.10 -73.34
N SER R 806 -113.09 54.03 -74.13
CA SER R 806 -112.29 52.85 -73.86
C SER R 806 -111.24 52.64 -74.95
N TRP R 807 -110.45 51.59 -74.74
CA TRP R 807 -109.36 51.22 -75.64
C TRP R 807 -109.66 49.89 -76.32
N TYR R 808 -108.86 49.58 -77.34
CA TYR R 808 -108.93 48.35 -78.11
C TYR R 808 -107.65 48.26 -78.90
N PHE R 809 -107.52 47.20 -79.68
CA PHE R 809 -106.50 47.10 -80.70
C PHE R 809 -107.16 46.67 -82.01
N SER R 810 -106.69 47.27 -83.11
CA SER R 810 -107.15 46.85 -84.43
C SER R 810 -106.71 45.42 -84.71
N GLY R 811 -107.54 44.67 -85.44
CA GLY R 811 -107.21 43.27 -85.67
C GLY R 811 -106.20 43.03 -86.78
N GLU R 812 -105.89 44.01 -87.61
CA GLU R 812 -104.97 43.78 -88.72
C GLU R 812 -103.50 43.95 -88.33
N LYS R 813 -103.19 44.04 -87.02
CA LYS R 813 -101.81 43.80 -86.63
C LYS R 813 -101.51 42.30 -86.58
N TYR R 814 -102.51 41.50 -86.16
CA TYR R 814 -102.46 40.03 -86.12
C TYR R 814 -101.29 39.51 -85.27
N GLU R 815 -101.20 40.00 -84.03
CA GLU R 815 -100.19 39.57 -83.08
C GLU R 815 -100.80 38.88 -81.87
N ARG R 816 -101.79 38.01 -82.07
CA ARG R 816 -102.33 37.25 -80.96
C ARG R 816 -101.41 36.09 -80.61
N THR R 817 -100.77 36.18 -79.46
CA THR R 817 -99.75 35.23 -79.05
C THR R 817 -100.21 34.49 -77.80
N ASP R 818 -99.54 33.37 -77.51
CA ASP R 818 -99.75 32.65 -76.27
C ASP R 818 -98.94 33.34 -75.19
N ARG R 819 -99.63 33.81 -74.15
CA ARG R 819 -98.98 34.59 -73.09
C ARG R 819 -98.99 33.85 -71.76
N PHE R 820 -99.85 32.85 -71.61
CA PHE R 820 -100.14 32.30 -70.30
C PHE R 820 -99.30 31.06 -69.98
N SER R 821 -98.40 30.67 -70.88
CA SER R 821 -97.77 29.36 -70.75
C SER R 821 -96.67 29.35 -69.70
N PHE R 822 -95.60 30.11 -69.93
CA PHE R 822 -94.41 30.05 -69.08
C PHE R 822 -93.91 31.46 -68.80
N VAL R 823 -94.80 32.42 -68.57
CA VAL R 823 -94.42 33.82 -68.54
C VAL R 823 -94.70 34.40 -67.16
N ILE R 824 -93.63 34.62 -66.40
CA ILE R 824 -93.68 35.28 -65.10
C ILE R 824 -93.67 36.79 -65.35
N SER R 825 -94.54 37.52 -64.66
CA SER R 825 -94.53 38.97 -64.72
C SER R 825 -94.08 39.56 -63.39
N VAL R 826 -93.11 40.45 -63.46
CA VAL R 826 -92.53 41.09 -62.29
C VAL R 826 -92.86 42.57 -62.33
N VAL R 827 -93.68 43.02 -61.38
CA VAL R 827 -94.09 44.41 -61.30
C VAL R 827 -93.13 45.17 -60.39
N VAL R 828 -92.56 46.25 -60.93
CA VAL R 828 -91.42 46.94 -60.34
C VAL R 828 -91.87 48.36 -59.98
N ASN R 829 -91.29 48.95 -58.95
CA ASN R 829 -91.51 50.37 -58.69
C ASN R 829 -90.74 51.22 -59.68
N SER R 830 -91.35 52.33 -60.10
CA SER R 830 -90.68 53.28 -60.97
C SER R 830 -90.02 54.41 -60.19
N ASP R 831 -89.96 54.31 -58.87
CA ASP R 831 -89.24 55.31 -58.09
C ASP R 831 -87.74 55.04 -58.13
N LEU R 832 -87.35 53.83 -58.54
CA LEU R 832 -85.94 53.55 -58.75
C LEU R 832 -85.42 54.26 -59.98
N ILE R 833 -86.30 54.48 -60.96
CA ILE R 833 -85.95 55.26 -62.14
C ILE R 833 -86.07 56.76 -61.84
N LYS R 834 -86.77 57.12 -60.77
CA LYS R 834 -87.00 58.53 -60.45
C LYS R 834 -85.72 59.24 -60.03
N LEU R 835 -84.70 58.48 -59.60
CA LEU R 835 -83.41 59.07 -59.27
C LEU R 835 -82.76 59.67 -60.50
N PRO R 836 -82.12 60.84 -60.38
CA PRO R 836 -81.66 61.56 -61.57
C PRO R 836 -80.46 60.89 -62.23
N GLY R 837 -80.27 61.21 -63.51
CA GLY R 837 -79.17 60.64 -64.27
C GLY R 837 -79.35 59.18 -64.64
N VAL R 838 -80.59 58.68 -64.60
CA VAL R 838 -80.82 57.24 -64.61
C VAL R 838 -80.52 56.62 -65.97
N ASP R 839 -80.96 57.27 -67.06
CA ASP R 839 -81.08 56.66 -68.38
C ASP R 839 -81.73 55.27 -68.31
N PRO R 840 -83.08 55.21 -68.12
CA PRO R 840 -83.78 53.95 -67.79
C PRO R 840 -83.51 52.75 -68.70
N TYR R 841 -83.19 53.01 -69.96
CA TYR R 841 -82.77 51.95 -70.86
C TYR R 841 -81.40 51.40 -70.47
N LYS R 842 -80.46 52.27 -70.14
CA LYS R 842 -79.13 51.83 -69.75
C LYS R 842 -79.13 51.13 -68.40
N LEU R 843 -80.03 51.55 -67.50
CA LEU R 843 -80.22 50.81 -66.26
C LEU R 843 -80.83 49.44 -66.54
N GLU R 844 -81.75 49.37 -67.49
CA GLU R 844 -82.46 48.13 -67.76
C GLU R 844 -81.55 47.08 -68.40
N GLU R 845 -80.49 47.54 -69.06
CA GLU R 845 -79.47 46.61 -69.52
C GLU R 845 -78.72 45.98 -68.35
N TRP R 846 -78.61 46.69 -67.23
CA TRP R 846 -77.94 46.13 -66.07
C TRP R 846 -78.89 45.29 -65.22
N VAL R 847 -80.18 45.66 -65.14
CA VAL R 847 -81.11 44.94 -64.27
C VAL R 847 -81.35 43.53 -64.77
N LYS R 848 -81.58 43.35 -66.08
CA LYS R 848 -81.75 42.01 -66.62
C LYS R 848 -80.40 41.30 -66.79
N GLU R 849 -79.29 42.00 -66.58
CA GLU R 849 -77.97 41.37 -66.69
C GLU R 849 -77.72 40.40 -65.54
N THR R 850 -78.08 40.79 -64.31
CA THR R 850 -77.79 39.96 -63.16
C THR R 850 -78.83 38.87 -62.97
N ILE R 851 -80.12 39.22 -63.06
CA ILE R 851 -81.19 38.27 -62.76
C ILE R 851 -81.43 37.29 -63.90
N LEU R 852 -80.72 37.43 -65.02
CA LEU R 852 -80.73 36.44 -66.08
C LEU R 852 -80.30 35.06 -65.59
N THR R 853 -79.26 35.03 -64.76
CA THR R 853 -78.77 33.77 -64.20
C THR R 853 -79.77 33.21 -63.18
N GLU R 854 -80.52 34.10 -62.53
CA GLU R 854 -81.42 33.68 -61.45
C GLU R 854 -82.64 32.93 -61.98
N PHE R 855 -83.07 33.25 -63.20
CA PHE R 855 -84.26 32.61 -63.73
C PHE R 855 -83.94 31.26 -64.36
N PRO R 856 -84.92 30.36 -64.42
CA PRO R 856 -84.77 29.18 -65.27
C PRO R 856 -84.72 29.54 -66.74
N ALA R 857 -84.22 28.60 -67.55
CA ALA R 857 -84.05 28.87 -68.98
C ALA R 857 -85.38 28.91 -69.70
N HIS R 858 -86.28 28.00 -69.37
CA HIS R 858 -87.59 27.99 -70.02
C HIS R 858 -88.47 29.10 -69.49
N ILE R 859 -88.25 29.50 -68.24
CA ILE R 859 -89.16 30.45 -67.60
C ILE R 859 -88.85 31.85 -68.10
N SER R 860 -89.90 32.62 -68.37
CA SER R 860 -89.81 33.81 -69.21
C SER R 860 -90.39 35.01 -68.47
N MET R 861 -89.79 36.17 -68.65
CA MET R 861 -90.06 37.33 -67.82
C MET R 861 -90.36 38.57 -68.66
N ILE R 862 -91.55 39.14 -68.48
CA ILE R 862 -91.86 40.50 -68.91
C ILE R 862 -92.14 41.33 -67.67
N ILE R 863 -91.65 42.57 -67.65
CA ILE R 863 -91.78 43.43 -66.48
C ILE R 863 -92.61 44.66 -66.85
N HIS R 864 -93.35 45.17 -65.87
CA HIS R 864 -94.21 46.32 -66.07
C HIS R 864 -94.09 47.20 -64.83
N TRP R 865 -93.49 48.38 -64.96
CA TRP R 865 -93.25 49.24 -63.81
C TRP R 865 -94.08 50.51 -63.90
N MET R 866 -94.68 50.89 -62.77
CA MET R 866 -95.65 51.96 -62.66
C MET R 866 -95.31 52.86 -61.48
N ASP R 867 -96.14 53.88 -61.26
CA ASP R 867 -95.87 54.91 -60.27
C ASP R 867 -96.07 54.39 -58.84
N ARG R 868 -96.00 55.31 -57.87
CA ARG R 868 -96.14 54.92 -56.47
C ARG R 868 -97.58 54.55 -56.13
N GLU R 869 -98.55 55.22 -56.75
CA GLU R 869 -99.95 55.00 -56.35
C GLU R 869 -100.53 53.75 -57.00
N ALA R 870 -100.17 53.49 -58.26
CA ALA R 870 -100.67 52.29 -58.92
C ALA R 870 -99.94 51.05 -58.41
N PHE R 871 -98.74 51.23 -57.84
CA PHE R 871 -98.07 50.12 -57.18
C PHE R 871 -98.77 49.76 -55.87
N LEU R 872 -99.20 50.78 -55.11
CA LEU R 872 -99.81 50.54 -53.82
C LEU R 872 -101.21 49.97 -53.96
N ASN R 873 -101.89 50.27 -55.08
CA ASN R 873 -103.15 49.61 -55.35
C ASN R 873 -102.94 48.15 -55.71
N PHE R 874 -101.82 47.84 -56.37
CA PHE R 874 -101.47 46.44 -56.61
C PHE R 874 -101.03 45.77 -55.32
N ALA R 875 -100.38 46.53 -54.43
CA ALA R 875 -99.79 45.94 -53.23
C ALA R 875 -100.85 45.48 -52.25
N ASN R 876 -102.02 46.11 -52.28
CA ASN R 876 -103.13 45.64 -51.47
C ASN R 876 -103.77 44.39 -52.08
N THR R 877 -103.91 44.38 -53.41
CA THR R 877 -104.68 43.32 -54.06
C THR R 877 -103.90 42.03 -54.12
N TYR R 878 -102.57 42.10 -54.06
CA TYR R 878 -101.77 40.87 -54.08
C TYR R 878 -101.87 40.13 -52.75
N GLN R 879 -101.96 40.87 -51.64
CA GLN R 879 -101.92 40.22 -50.34
C GLN R 879 -103.27 39.57 -50.01
N ARG R 880 -104.37 40.22 -50.39
CA ARG R 880 -105.69 39.62 -50.21
C ARG R 880 -105.85 38.41 -51.12
N TRP R 881 -105.17 38.43 -52.27
CA TRP R 881 -105.13 37.28 -53.17
C TRP R 881 -104.37 36.12 -52.53
N GLN R 882 -103.27 36.41 -51.83
CA GLN R 882 -102.44 35.36 -51.29
C GLN R 882 -102.95 34.89 -49.92
N ASN R 883 -103.66 35.76 -49.20
CA ASN R 883 -104.22 35.34 -47.92
C ASN R 883 -105.41 34.41 -48.12
N ASN R 884 -106.12 34.56 -49.24
CA ASN R 884 -107.22 33.64 -49.51
C ASN R 884 -106.69 32.30 -50.01
N GLY R 885 -105.50 32.28 -50.59
CA GLY R 885 -104.92 31.04 -51.05
C GLY R 885 -104.97 30.90 -52.56
N THR R 886 -104.73 32.01 -53.26
CA THR R 886 -104.92 32.12 -54.71
C THR R 886 -106.29 31.60 -55.19
N PRO R 887 -107.36 32.37 -54.99
CA PRO R 887 -108.63 31.99 -55.60
C PRO R 887 -108.75 32.60 -56.99
N LEU R 888 -109.75 32.13 -57.74
CA LEU R 888 -110.05 32.68 -59.05
C LEU R 888 -111.14 33.74 -59.00
N GLY R 889 -111.36 34.34 -57.84
CA GLY R 889 -112.44 35.29 -57.65
C GLY R 889 -112.09 36.69 -58.10
N ASP R 890 -112.65 37.66 -57.38
CA ASP R 890 -112.55 39.05 -57.80
C ASP R 890 -111.16 39.63 -57.54
N ALA R 891 -110.41 39.02 -56.62
CA ALA R 891 -109.06 39.50 -56.34
C ALA R 891 -108.11 39.16 -57.49
N ALA R 892 -108.34 38.04 -58.15
CA ALA R 892 -107.48 37.65 -59.26
C ALA R 892 -107.82 38.42 -60.52
N TYR R 893 -109.10 38.74 -60.72
CA TYR R 893 -109.51 39.45 -61.93
C TYR R 893 -109.07 40.90 -61.90
N SER R 894 -108.90 41.46 -60.70
CA SER R 894 -108.33 42.80 -60.59
C SER R 894 -106.86 42.80 -60.97
N ILE R 895 -106.14 41.74 -60.61
CA ILE R 895 -104.75 41.59 -61.02
C ILE R 895 -104.68 41.33 -62.53
N LEU R 896 -105.67 40.63 -63.06
CA LEU R 896 -105.72 40.38 -64.50
C LEU R 896 -106.02 41.66 -65.26
N GLU R 897 -106.73 42.59 -64.63
CA GLU R 897 -106.97 43.90 -65.22
C GLU R 897 -105.71 44.76 -65.16
N SER R 898 -104.88 44.53 -64.14
CA SER R 898 -103.72 45.38 -63.92
C SER R 898 -102.64 45.13 -64.98
N LEU R 899 -102.67 43.97 -65.62
CA LEU R 899 -101.79 43.72 -66.75
C LEU R 899 -102.50 44.06 -68.05
N THR R 900 -101.82 43.75 -69.16
CA THR R 900 -102.39 43.94 -70.49
C THR R 900 -103.57 43.00 -70.74
N LEU R 901 -103.58 41.82 -70.11
CA LEU R 901 -104.26 40.64 -70.65
C LEU R 901 -105.78 40.76 -70.65
N GLY R 902 -106.34 41.66 -69.84
CA GLY R 902 -107.75 41.95 -69.86
C GLY R 902 -108.58 40.92 -69.10
N LYS R 903 -109.66 41.41 -68.49
CA LYS R 903 -110.45 40.59 -67.57
C LYS R 903 -111.93 40.87 -67.78
N LEU R 904 -112.75 40.00 -67.20
CA LEU R 904 -114.20 40.18 -67.24
C LEU R 904 -114.63 40.80 -65.93
N PRO R 905 -114.72 42.12 -65.82
CA PRO R 905 -115.11 42.74 -64.55
C PRO R 905 -116.58 43.13 -64.50
N SER R 906 -117.38 42.60 -65.43
CA SER R 906 -118.71 43.13 -65.67
C SER R 906 -119.70 42.74 -64.56
N ALA R 907 -119.36 41.73 -63.76
CA ALA R 907 -120.27 41.29 -62.69
C ALA R 907 -120.25 42.27 -61.53
N LEU R 908 -119.12 42.93 -61.30
CA LEU R 908 -118.95 43.88 -60.22
C LEU R 908 -118.80 45.32 -60.71
N LYS R 909 -119.66 45.75 -61.64
CA LYS R 909 -119.59 46.97 -62.48
C LYS R 909 -119.27 48.21 -61.65
N GLY R 910 -119.98 48.47 -60.56
CA GLY R 910 -119.71 49.65 -59.76
C GLY R 910 -118.55 49.50 -58.79
N MET S 1 64.07 13.10 -7.96
CA MET S 1 64.77 12.22 -7.01
C MET S 1 65.79 12.95 -6.14
N GLU S 2 65.28 13.87 -5.32
CA GLU S 2 66.08 14.60 -4.35
C GLU S 2 65.78 14.05 -2.97
N ARG S 3 66.80 13.51 -2.31
CA ARG S 3 66.58 12.66 -1.14
C ARG S 3 66.71 13.44 0.17
N LEU S 4 67.27 14.64 0.12
CA LEU S 4 67.46 15.42 1.32
C LEU S 4 66.38 16.49 1.49
N GLN S 5 65.81 16.94 0.40
CA GLN S 5 64.73 17.92 0.41
C GLN S 5 63.44 17.23 0.85
N PRO S 6 62.51 17.95 1.50
CA PRO S 6 61.28 17.31 1.96
C PRO S 6 60.37 16.89 0.82
N GLY S 7 59.89 15.66 0.91
CA GLY S 7 59.06 15.10 -0.13
C GLY S 7 58.82 13.63 0.11
N VAL S 8 58.55 12.92 -0.99
CA VAL S 8 58.25 11.49 -0.95
C VAL S 8 59.39 10.76 -1.63
N THR S 9 60.32 10.25 -0.84
CA THR S 9 61.48 9.54 -1.35
C THR S 9 61.39 8.06 -0.98
N LEU S 10 61.34 7.20 -1.98
CA LEU S 10 61.24 5.78 -1.72
C LEU S 10 62.58 5.19 -1.35
N THR S 11 62.56 4.25 -0.41
CA THR S 11 63.79 3.65 0.12
C THR S 11 63.76 2.14 -0.08
N GLU S 12 64.94 1.54 0.04
CA GLU S 12 65.05 0.09 -0.11
C GLU S 12 64.97 -0.61 1.23
N SER S 13 65.02 0.13 2.33
CA SER S 13 65.05 -0.48 3.66
C SER S 13 63.67 -1.00 4.04
N ILE S 14 63.62 -2.25 4.48
CA ILE S 14 62.37 -2.93 4.81
C ILE S 14 62.08 -2.76 6.29
N ILE S 15 60.97 -2.15 6.61
CA ILE S 15 60.55 -1.98 7.99
C ILE S 15 59.72 -3.17 8.40
N THR S 16 59.51 -3.32 9.70
CA THR S 16 58.93 -4.54 10.24
C THR S 16 57.42 -4.56 10.09
N MET S 17 56.87 -5.77 9.97
CA MET S 17 55.44 -6.02 10.00
C MET S 17 54.92 -5.86 11.43
N GLY S 18 53.63 -5.51 11.54
CA GLY S 18 52.98 -5.45 12.84
C GLY S 18 52.84 -6.84 13.44
N GLN S 19 53.61 -7.12 14.48
CA GLN S 19 53.64 -8.44 15.11
C GLN S 19 52.39 -8.65 15.96
N GLN S 20 51.93 -9.90 16.03
CA GLN S 20 50.73 -10.22 16.79
C GLN S 20 51.07 -10.68 18.21
N GLU S 21 52.31 -11.17 18.41
CA GLU S 21 52.84 -11.61 19.70
C GLU S 21 51.99 -12.75 20.29
N ILE S 22 52.09 -13.89 19.62
CA ILE S 22 51.55 -15.14 20.17
C ILE S 22 52.45 -15.57 21.32
N PRO S 23 51.93 -15.67 22.55
CA PRO S 23 52.83 -15.86 23.69
C PRO S 23 53.25 -17.31 23.93
N SER S 24 52.41 -18.27 23.55
CA SER S 24 52.61 -19.65 23.95
C SER S 24 53.28 -20.51 22.88
N ALA S 25 53.74 -19.91 21.78
CA ALA S 25 54.43 -20.67 20.74
C ALA S 25 55.47 -19.75 20.10
N VAL S 26 56.72 -19.91 20.51
CA VAL S 26 57.80 -19.12 19.93
C VAL S 26 59.08 -19.96 19.93
N PRO S 27 59.72 -20.11 18.77
CA PRO S 27 60.85 -21.05 18.68
C PRO S 27 62.21 -20.42 18.84
N VAL S 28 63.22 -21.24 19.09
CA VAL S 28 64.61 -20.85 18.85
C VAL S 28 65.15 -21.68 17.71
N PHE S 29 66.04 -21.08 16.94
CA PHE S 29 66.81 -21.77 15.92
C PHE S 29 68.25 -21.81 16.41
N ILE S 30 68.70 -22.94 16.92
CA ILE S 30 70.07 -23.06 17.40
C ILE S 30 70.89 -23.75 16.31
N GLY S 31 71.74 -22.97 15.64
CA GLY S 31 72.50 -23.48 14.53
C GLY S 31 73.72 -22.63 14.26
N TYR S 32 74.50 -23.07 13.28
CA TYR S 32 75.69 -22.34 12.88
C TYR S 32 75.33 -21.21 11.94
N THR S 33 75.82 -20.02 12.24
CA THR S 33 75.68 -18.88 11.35
C THR S 33 77.05 -18.47 10.83
N VAL S 34 77.06 -17.71 9.75
CA VAL S 34 78.31 -17.33 9.11
C VAL S 34 78.87 -16.04 9.70
N ARG S 35 78.01 -15.11 10.11
CA ARG S 35 78.48 -13.82 10.57
C ARG S 35 78.81 -13.81 12.07
N TYR S 36 77.83 -14.11 12.91
CA TYR S 36 77.89 -13.94 14.36
C TYR S 36 78.39 -12.55 14.79
N PRO S 37 77.61 -11.47 14.51
CA PRO S 37 78.12 -10.13 14.85
C PRO S 37 77.59 -9.54 16.15
N GLU S 38 76.60 -10.17 16.77
CA GLU S 38 75.89 -9.55 17.87
C GLU S 38 76.73 -9.69 19.14
N GLN S 39 77.05 -8.57 19.79
CA GLN S 39 78.00 -8.57 20.90
C GLN S 39 77.37 -8.21 22.23
N SER S 40 76.08 -7.92 22.27
CA SER S 40 75.47 -7.49 23.52
C SER S 40 74.89 -8.68 24.28
N GLU S 41 74.05 -9.47 23.62
CA GLU S 41 73.21 -10.44 24.28
C GLU S 41 73.62 -11.86 23.91
N ALA S 42 72.88 -12.83 24.45
CA ALA S 42 73.16 -14.23 24.16
C ALA S 42 72.32 -14.72 22.99
N SER S 43 70.99 -14.69 23.13
CA SER S 43 70.07 -15.09 22.09
C SER S 43 69.16 -13.92 21.77
N VAL S 44 69.05 -13.60 20.49
CA VAL S 44 68.36 -12.39 20.06
C VAL S 44 67.11 -12.75 19.27
N ARG S 45 66.17 -11.80 19.25
CA ARG S 45 64.88 -12.01 18.61
C ARG S 45 64.89 -11.40 17.23
N ILE S 46 64.45 -12.18 16.25
CA ILE S 46 64.33 -11.68 14.89
C ILE S 46 62.86 -11.62 14.52
N ASP S 47 62.56 -10.80 13.53
CA ASP S 47 61.18 -10.64 13.08
C ASP S 47 61.01 -10.94 11.61
N SER S 48 61.96 -10.57 10.77
CA SER S 48 61.85 -10.83 9.36
C SER S 48 63.17 -11.41 8.88
N LEU S 49 63.17 -11.91 7.65
CA LEU S 49 64.39 -12.47 7.08
C LEU S 49 65.36 -11.36 6.72
N ALA S 50 64.85 -10.25 6.19
CA ALA S 50 65.69 -9.11 5.84
C ALA S 50 66.31 -8.46 7.07
N GLU S 51 65.68 -8.59 8.23
CA GLU S 51 66.32 -8.26 9.49
C GLU S 51 67.32 -9.33 9.91
N TYR S 52 67.06 -10.60 9.58
CA TYR S 52 67.98 -11.67 9.95
C TYR S 52 69.24 -11.66 9.10
N THR S 53 69.10 -11.40 7.80
CA THR S 53 70.24 -11.47 6.89
C THR S 53 71.24 -10.35 7.18
N SER S 54 70.74 -9.19 7.61
CA SER S 54 71.64 -8.13 8.06
C SER S 54 72.27 -8.48 9.40
N LEU S 55 71.62 -9.34 10.18
CA LEU S 55 72.05 -9.62 11.53
C LEU S 55 72.74 -10.97 11.69
N PHE S 56 72.66 -11.86 10.71
CA PHE S 56 73.35 -13.13 10.88
C PHE S 56 73.96 -13.66 9.59
N GLY S 57 74.21 -12.82 8.60
CA GLY S 57 74.84 -13.30 7.40
C GLY S 57 73.86 -13.92 6.42
N ASP S 58 74.43 -14.54 5.38
CA ASP S 58 73.65 -15.05 4.26
C ASP S 58 74.22 -16.37 3.79
N ASP S 59 73.38 -17.12 3.05
CA ASP S 59 73.74 -18.34 2.33
C ASP S 59 74.29 -19.43 3.25
N HIS S 60 73.43 -19.89 4.16
CA HIS S 60 73.72 -21.04 5.01
C HIS S 60 72.44 -21.84 5.20
N VAL S 61 72.57 -23.02 5.80
CA VAL S 61 71.44 -23.93 5.92
C VAL S 61 70.44 -23.40 6.96
N MET S 62 70.92 -22.65 7.94
CA MET S 62 70.03 -22.14 8.96
C MET S 62 69.23 -20.94 8.48
N MET S 63 69.67 -20.28 7.40
CA MET S 63 68.90 -19.18 6.85
C MET S 63 67.68 -19.69 6.11
N PHE S 64 67.82 -20.81 5.40
CA PHE S 64 66.70 -21.33 4.62
C PHE S 64 65.63 -21.95 5.51
N ALA S 65 65.96 -22.23 6.78
CA ALA S 65 64.94 -22.65 7.72
C ALA S 65 64.20 -21.45 8.28
N VAL S 66 64.89 -20.33 8.48
CA VAL S 66 64.23 -19.10 8.89
C VAL S 66 63.39 -18.56 7.74
N ARG S 67 63.91 -18.64 6.52
CA ARG S 67 63.18 -18.16 5.35
C ARG S 67 61.92 -18.98 5.08
N HIS S 68 61.95 -20.26 5.45
CA HIS S 68 60.77 -21.09 5.32
C HIS S 68 59.86 -21.00 6.53
N TYR S 69 60.39 -20.53 7.65
CA TYR S 69 59.54 -20.32 8.83
C TYR S 69 58.70 -19.07 8.67
N PHE S 70 59.25 -18.04 8.02
CA PHE S 70 58.51 -16.81 7.82
C PHE S 70 57.59 -16.88 6.61
N ASP S 71 57.65 -17.97 5.84
CA ASP S 71 56.74 -18.13 4.73
C ASP S 71 55.48 -18.88 5.15
N ASN S 72 55.62 -19.77 6.13
CA ASN S 72 54.46 -20.55 6.57
C ASN S 72 53.60 -19.81 7.57
N GLY S 73 54.03 -18.66 8.05
CA GLY S 73 53.15 -17.84 8.85
C GLY S 73 53.64 -17.48 10.23
N GLY S 74 54.86 -17.88 10.57
CA GLY S 74 55.44 -17.50 11.84
C GLY S 74 55.83 -16.03 11.82
N GLN S 75 55.71 -15.37 12.96
CA GLN S 75 55.98 -13.93 12.98
C GLN S 75 57.05 -13.50 13.95
N GLN S 76 57.37 -14.29 14.98
CA GLN S 76 58.51 -13.96 15.83
C GLN S 76 59.25 -15.23 16.21
N ALA S 77 60.55 -15.08 16.41
CA ALA S 77 61.45 -16.20 16.61
C ALA S 77 62.73 -15.68 17.22
N PHE S 78 63.41 -16.56 17.93
CA PHE S 78 64.72 -16.25 18.50
C PHE S 78 65.78 -17.07 17.78
N VAL S 79 67.00 -16.55 17.78
CA VAL S 79 68.14 -17.25 17.18
C VAL S 79 69.27 -17.25 18.21
N LEU S 80 69.68 -18.45 18.62
CA LEU S 80 70.84 -18.60 19.47
C LEU S 80 71.94 -19.26 18.65
N PRO S 81 72.94 -18.52 18.18
CA PRO S 81 73.95 -19.11 17.31
C PRO S 81 74.99 -19.89 18.10
N LEU S 82 75.50 -20.94 17.48
CA LEU S 82 76.64 -21.66 18.03
C LEU S 82 77.93 -20.93 17.68
N LYS S 83 78.83 -20.86 18.64
CA LYS S 83 79.99 -19.99 18.51
C LYS S 83 81.10 -20.60 17.68
N ASP S 84 81.00 -21.88 17.33
CA ASP S 84 82.09 -22.56 16.65
C ASP S 84 82.07 -22.24 15.16
N ASN S 85 82.87 -22.94 14.37
CA ASN S 85 82.97 -22.63 12.96
C ASN S 85 81.84 -23.28 12.18
N MET S 86 81.50 -22.66 11.05
CA MET S 86 80.51 -23.25 10.16
C MET S 86 81.12 -24.47 9.47
N PRO S 87 80.38 -25.58 9.40
CA PRO S 87 80.98 -26.81 8.85
C PRO S 87 81.21 -26.78 7.35
N SER S 88 81.64 -27.93 6.82
CA SER S 88 81.94 -28.04 5.39
C SER S 88 80.64 -28.21 4.61
N VAL S 89 80.75 -28.55 3.33
CA VAL S 89 79.58 -28.85 2.52
C VAL S 89 78.92 -30.14 3.00
N GLU S 90 79.72 -31.14 3.32
CA GLU S 90 79.26 -32.36 3.96
C GLU S 90 79.87 -32.43 5.36
N MET S 91 79.18 -33.08 6.27
CA MET S 91 79.65 -33.14 7.65
C MET S 91 80.53 -34.36 7.86
N THR S 92 81.77 -34.12 8.27
CA THR S 92 82.67 -35.19 8.65
C THR S 92 82.35 -35.68 10.05
N THR S 93 82.73 -36.91 10.34
CA THR S 93 82.41 -37.52 11.64
C THR S 93 83.22 -36.89 12.76
N ALA S 94 84.38 -36.32 12.44
CA ALA S 94 85.14 -35.57 13.43
C ALA S 94 84.47 -34.25 13.76
N GLU S 95 83.66 -33.74 12.84
CA GLU S 95 83.03 -32.44 13.05
C GLU S 95 81.61 -32.58 13.57
N ALA S 96 80.93 -33.68 13.25
CA ALA S 96 79.56 -33.86 13.70
C ALA S 96 79.47 -34.11 15.20
N GLU S 97 80.55 -34.59 15.82
CA GLU S 97 80.56 -34.68 17.27
C GLU S 97 80.72 -33.30 17.92
N ASN S 98 81.33 -32.36 17.19
CA ASN S 98 81.52 -31.01 17.73
C ASN S 98 80.20 -30.24 17.82
N LEU S 99 79.20 -30.64 17.03
CA LEU S 99 77.88 -30.03 17.16
C LEU S 99 77.14 -30.58 18.37
N ILE S 100 77.13 -31.89 18.55
CA ILE S 100 76.35 -32.47 19.63
C ILE S 100 77.01 -32.25 20.98
N ALA S 101 78.34 -32.05 21.00
CA ALA S 101 78.98 -31.66 22.24
C ALA S 101 78.72 -30.20 22.57
N ALA S 102 78.41 -29.40 21.56
CA ALA S 102 78.01 -28.01 21.80
C ALA S 102 76.54 -27.91 22.18
N LEU S 103 75.76 -28.97 21.91
CA LEU S 103 74.37 -28.98 22.35
C LEU S 103 74.24 -29.41 23.80
N ARG S 104 75.21 -30.17 24.31
CA ARG S 104 75.21 -30.49 25.74
C ARG S 104 75.90 -29.43 26.57
N SER S 105 76.52 -28.44 25.93
CA SER S 105 77.28 -27.43 26.67
C SER S 105 76.35 -26.48 27.40
N ALA S 106 76.84 -25.93 28.51
CA ALA S 106 76.09 -24.97 29.29
C ALA S 106 76.10 -23.57 28.69
N THR S 107 76.85 -23.36 27.60
CA THR S 107 76.84 -22.07 26.94
C THR S 107 75.53 -21.85 26.18
N VAL S 108 74.93 -22.93 25.68
CA VAL S 108 73.63 -22.82 25.03
C VAL S 108 72.49 -23.23 25.96
N SER S 109 72.79 -23.87 27.08
CA SER S 109 71.74 -24.22 28.03
C SER S 109 71.39 -23.05 28.93
N GLU S 110 72.31 -22.10 29.13
CA GLU S 110 72.01 -20.96 29.99
C GLU S 110 71.23 -19.88 29.24
N ALA S 111 71.43 -19.78 27.92
CA ALA S 111 70.70 -18.79 27.15
C ALA S 111 69.24 -19.18 26.98
N ILE S 112 68.95 -20.48 26.89
CA ILE S 112 67.56 -20.93 26.79
C ILE S 112 66.89 -20.85 28.15
N GLY S 113 67.58 -21.36 29.19
CA GLY S 113 66.98 -21.42 30.51
C GLY S 113 66.92 -20.09 31.23
N GLY S 114 67.59 -19.08 30.68
CA GLY S 114 67.56 -17.77 31.31
C GLY S 114 66.55 -16.81 30.72
N HIS S 115 66.01 -17.12 29.54
CA HIS S 115 65.21 -16.13 28.85
C HIS S 115 63.73 -16.20 29.20
N SER S 116 63.18 -17.41 29.37
CA SER S 116 61.85 -17.68 29.94
C SER S 116 60.70 -17.12 29.10
N GLN S 117 60.94 -16.89 27.81
CA GLN S 117 59.89 -16.54 26.86
C GLN S 117 59.64 -17.64 25.84
N ILE S 118 60.66 -18.43 25.53
CA ILE S 118 60.61 -19.49 24.53
C ILE S 118 59.75 -20.63 25.05
N THR S 119 58.88 -21.17 24.19
CA THR S 119 58.09 -22.33 24.59
C THR S 119 58.43 -23.61 23.83
N LEU S 120 59.18 -23.53 22.73
CA LEU S 120 59.63 -24.74 22.07
C LEU S 120 60.96 -24.47 21.37
N ILE S 121 61.83 -25.48 21.32
CA ILE S 121 63.15 -25.36 20.72
C ILE S 121 63.21 -26.30 19.52
N LEU S 122 64.20 -26.07 18.66
CA LEU S 122 64.42 -26.89 17.47
C LEU S 122 65.81 -26.60 16.90
N VAL S 123 66.42 -27.64 16.35
CA VAL S 123 67.67 -27.52 15.61
C VAL S 123 67.38 -27.78 14.14
N PRO S 124 67.57 -26.80 13.25
CA PRO S 124 67.52 -27.09 11.82
C PRO S 124 68.84 -27.58 11.25
N ASP S 125 69.87 -27.62 12.08
CA ASP S 125 71.21 -28.03 11.65
C ASP S 125 71.46 -29.52 11.84
N MET S 126 70.49 -30.25 12.38
CA MET S 126 70.65 -31.69 12.53
C MET S 126 70.48 -32.43 11.21
N ALA S 127 69.74 -31.86 10.25
CA ALA S 127 69.63 -32.49 8.95
C ALA S 127 70.85 -32.25 8.08
N ARG S 128 71.81 -31.47 8.55
CA ARG S 128 73.05 -31.28 7.82
C ARG S 128 73.92 -32.54 7.88
N LEU S 129 73.76 -33.34 8.93
CA LEU S 129 74.50 -34.59 9.05
C LEU S 129 73.77 -35.77 8.43
N ASN S 130 72.83 -35.51 7.52
CA ASN S 130 72.10 -36.59 6.92
C ASN S 130 72.91 -37.28 5.81
N ASP S 131 73.98 -36.64 5.35
CA ASP S 131 74.85 -37.19 4.32
C ASP S 131 76.26 -37.39 4.86
N SER S 132 76.82 -38.59 4.61
CA SER S 132 78.22 -38.93 4.85
C SER S 132 78.61 -38.81 6.33
N ASP S 133 77.67 -39.11 7.22
CA ASP S 133 77.95 -39.00 8.64
C ASP S 133 78.75 -40.18 9.19
N ILE S 134 78.67 -41.34 8.56
CA ILE S 134 79.23 -42.55 9.13
C ILE S 134 80.53 -42.94 8.44
N VAL S 141 74.66 -45.06 13.05
CA VAL S 141 73.24 -44.80 13.23
C VAL S 141 73.04 -44.14 14.59
N SER S 142 73.85 -44.55 15.56
CA SER S 142 73.74 -44.04 16.92
C SER S 142 74.14 -42.58 17.06
N LEU S 143 74.76 -41.98 16.03
CA LEU S 143 75.07 -40.56 16.08
C LEU S 143 73.82 -39.69 16.09
N TRP S 144 72.74 -40.16 15.45
CA TRP S 144 71.47 -39.44 15.52
C TRP S 144 70.88 -39.52 16.92
N SER S 145 70.93 -40.70 17.54
CA SER S 145 70.41 -40.87 18.89
C SER S 145 71.24 -40.12 19.93
N GLN S 146 72.53 -39.93 19.66
CA GLN S 146 73.34 -39.12 20.56
C GLN S 146 72.98 -37.64 20.45
N GLY S 147 72.38 -37.24 19.35
CA GLY S 147 71.90 -35.88 19.19
C GLY S 147 70.49 -35.67 19.73
N TRP S 148 69.66 -36.71 19.66
CA TRP S 148 68.31 -36.61 20.22
C TRP S 148 68.34 -36.64 21.73
N GLU S 149 69.18 -37.49 22.32
CA GLU S 149 69.31 -37.55 23.77
C GLU S 149 69.93 -36.28 24.33
N ALA S 150 70.71 -35.55 23.52
CA ALA S 150 71.17 -34.24 23.92
C ALA S 150 70.05 -33.23 23.88
N LEU S 151 69.16 -33.34 22.89
CA LEU S 151 68.10 -32.36 22.72
C LEU S 151 66.99 -32.52 23.74
N LEU S 152 66.58 -33.75 24.01
CA LEU S 152 65.51 -33.97 24.98
C LEU S 152 65.96 -33.65 26.39
N GLN S 153 67.26 -33.78 26.66
CA GLN S 153 67.81 -33.33 27.93
C GLN S 153 67.82 -31.82 28.03
N LEU S 154 67.98 -31.13 26.91
CA LEU S 154 68.02 -29.67 26.89
C LEU S 154 66.66 -29.07 27.21
N SER S 155 65.59 -29.81 26.96
CA SER S 155 64.25 -29.36 27.29
C SER S 155 63.86 -29.65 28.74
N GLN S 156 64.83 -29.84 29.62
CA GLN S 156 64.57 -30.05 31.04
C GLN S 156 65.08 -28.93 31.93
N VAL S 157 65.56 -27.83 31.35
CA VAL S 157 66.19 -26.80 32.18
C VAL S 157 65.15 -25.95 32.88
N ARG S 158 63.93 -25.88 32.35
CA ARG S 158 62.92 -24.96 32.85
C ARG S 158 61.56 -25.48 32.40
N PRO S 159 60.44 -24.99 32.98
CA PRO S 159 59.13 -25.63 32.74
C PRO S 159 58.66 -25.75 31.29
N ASN S 160 58.33 -24.66 30.61
CA ASN S 160 57.64 -24.75 29.32
C ASN S 160 58.68 -24.77 28.21
N LEU S 161 59.10 -25.97 27.83
CA LEU S 161 59.97 -26.18 26.68
C LEU S 161 59.54 -27.45 25.95
N PHE S 162 59.58 -27.39 24.63
CA PHE S 162 59.31 -28.53 23.78
C PHE S 162 60.41 -28.60 22.74
N VAL S 163 60.56 -29.76 22.11
CA VAL S 163 61.60 -29.89 21.10
C VAL S 163 61.05 -30.58 19.86
N LEU S 164 61.08 -29.88 18.74
CA LEU S 164 60.77 -30.45 17.44
C LEU S 164 62.09 -30.86 16.82
N LEU S 165 62.17 -32.11 16.37
CA LEU S 165 63.47 -32.64 16.00
C LEU S 165 63.39 -33.49 14.74
N ASP S 166 64.50 -33.54 14.01
CA ASP S 166 64.53 -34.15 12.69
C ASP S 166 64.79 -35.65 12.78
N ALA S 167 64.14 -36.40 11.91
CA ALA S 167 64.36 -37.82 11.80
C ALA S 167 65.26 -38.12 10.60
N PRO S 168 66.03 -39.20 10.62
CA PRO S 168 66.88 -39.51 9.47
C PRO S 168 66.06 -40.02 8.29
N ASP S 169 66.54 -39.71 7.09
CA ASP S 169 65.75 -39.99 5.88
C ASP S 169 65.78 -41.48 5.55
N ASN S 170 66.84 -42.17 5.94
CA ASN S 170 66.95 -43.58 5.63
C ASN S 170 66.02 -44.37 6.55
N VAL S 171 65.29 -45.31 5.96
CA VAL S 171 64.18 -45.93 6.68
C VAL S 171 64.68 -46.93 7.71
N GLU S 172 65.80 -47.60 7.42
CA GLU S 172 66.38 -48.53 8.39
C GLU S 172 66.96 -47.74 9.55
N GLN S 173 67.56 -46.59 9.26
CA GLN S 173 68.16 -45.74 10.27
C GLN S 173 67.09 -45.08 11.13
N ALA S 174 65.90 -44.88 10.57
CA ALA S 174 64.84 -44.28 11.36
C ALA S 174 64.27 -45.27 12.35
N GLN S 175 64.03 -46.52 11.93
CA GLN S 175 63.50 -47.53 12.84
C GLN S 175 64.49 -47.91 13.93
N LYS S 176 65.79 -47.82 13.66
CA LYS S 176 66.76 -48.14 14.70
C LYS S 176 66.86 -47.02 15.72
N CYS S 177 66.77 -45.76 15.27
CA CYS S 177 66.89 -44.65 16.20
C CYS S 177 65.59 -44.44 16.98
N MET S 178 64.49 -45.00 16.51
CA MET S 178 63.28 -45.01 17.32
C MET S 178 63.38 -46.02 18.45
N THR S 179 63.96 -47.19 18.18
CA THR S 179 64.00 -48.26 19.16
C THR S 179 65.13 -48.07 20.16
N THR S 180 66.30 -47.64 19.69
CA THR S 180 67.49 -47.54 20.52
C THR S 180 67.70 -46.14 21.07
N LEU S 181 66.61 -45.42 21.38
CA LEU S 181 66.75 -44.07 21.92
C LEU S 181 67.07 -44.15 23.41
N SER S 182 66.13 -44.67 24.19
CA SER S 182 66.27 -44.99 25.62
C SER S 182 66.65 -43.77 26.46
N SER S 183 65.85 -42.72 26.34
CA SER S 183 65.89 -41.62 27.27
C SER S 183 64.64 -41.65 28.14
N ASP S 184 64.76 -41.10 29.34
CA ASP S 184 63.61 -41.07 30.23
C ASP S 184 62.75 -39.82 30.04
N TYR S 185 63.17 -38.89 29.19
CA TYR S 185 62.35 -37.74 28.81
C TYR S 185 62.10 -37.87 27.31
N ARG S 186 61.12 -38.69 26.95
CA ARG S 186 60.78 -38.85 25.56
C ARG S 186 59.54 -38.07 25.17
N GLN S 187 58.74 -37.65 26.14
CA GLN S 187 57.46 -37.01 25.86
C GLN S 187 57.61 -35.56 25.48
N TRP S 188 58.80 -35.00 25.60
CA TRP S 188 58.98 -33.61 25.23
C TRP S 188 59.38 -33.45 23.77
N GLY S 189 59.54 -34.53 23.03
CA GLY S 189 59.94 -34.42 21.65
C GLY S 189 58.88 -34.89 20.67
N ALA S 190 59.12 -34.57 19.41
CA ALA S 190 58.29 -35.03 18.30
C ALA S 190 59.13 -34.99 17.04
N ALA S 191 59.05 -36.05 16.25
CA ALA S 191 59.94 -36.22 15.11
C ALA S 191 59.10 -36.26 13.84
N TYR S 192 59.46 -35.43 12.87
CA TYR S 192 58.77 -35.33 11.59
C TYR S 192 59.69 -35.84 10.49
N TRP S 193 59.23 -36.87 9.75
CA TRP S 193 60.17 -37.71 9.02
C TRP S 193 60.80 -37.10 7.76
N PRO S 194 60.07 -36.76 6.70
CA PRO S 194 60.77 -36.50 5.44
C PRO S 194 61.31 -35.08 5.36
N ARG S 195 62.37 -34.94 4.59
CA ARG S 195 62.92 -33.62 4.31
C ARG S 195 62.16 -33.01 3.15
N LEU S 196 61.81 -31.74 3.28
CA LEU S 196 61.00 -31.07 2.27
C LEU S 196 61.88 -30.51 1.18
N GLU S 197 61.41 -30.59 -0.05
CA GLU S 197 62.11 -29.96 -1.17
C GLU S 197 61.38 -28.66 -1.48
N THR S 198 61.91 -27.57 -0.93
CA THR S 198 61.28 -26.27 -1.06
C THR S 198 61.55 -25.67 -2.43
N THR S 199 60.91 -24.53 -2.68
CA THR S 199 61.06 -23.81 -3.95
C THR S 199 62.08 -22.69 -3.83
N TYR S 200 63.29 -23.03 -3.41
CA TYR S 200 64.41 -22.09 -3.45
C TYR S 200 65.52 -22.72 -4.25
N GLN S 201 66.30 -21.88 -4.92
CA GLN S 201 67.21 -22.35 -5.96
C GLN S 201 68.41 -23.10 -5.37
N LYS S 202 68.92 -24.04 -6.17
CA LYS S 202 70.10 -24.89 -5.94
C LYS S 202 70.25 -25.47 -4.53
N ILE S 214 63.44 -24.32 -8.57
CA ILE S 214 62.31 -25.07 -9.09
C ILE S 214 62.80 -26.34 -9.79
N PHE S 215 64.05 -26.31 -10.27
CA PHE S 215 64.60 -27.51 -10.91
C PHE S 215 65.28 -28.39 -9.88
N GLN S 216 66.21 -27.82 -9.11
CA GLN S 216 66.80 -28.49 -7.97
C GLN S 216 66.50 -27.59 -6.78
N GLY S 217 65.30 -27.76 -6.20
CA GLY S 217 64.96 -27.02 -5.00
C GLY S 217 65.79 -27.51 -3.82
N THR S 218 66.08 -26.60 -2.91
CA THR S 218 66.94 -26.95 -1.79
C THR S 218 66.20 -27.85 -0.81
N VAL S 219 66.86 -28.94 -0.43
CA VAL S 219 66.29 -29.92 0.49
C VAL S 219 66.38 -29.29 1.88
N LEU S 220 65.31 -29.41 2.65
CA LEU S 220 65.15 -28.64 3.88
C LEU S 220 64.62 -29.52 5.00
N SER S 221 65.03 -29.20 6.24
CA SER S 221 64.43 -29.74 7.45
C SER S 221 62.94 -29.46 7.49
N PRO S 222 62.15 -30.39 8.01
CA PRO S 222 60.71 -30.17 8.07
C PRO S 222 60.24 -29.40 9.29
N THR S 223 61.05 -29.36 10.35
CA THR S 223 60.61 -28.81 11.63
C THR S 223 60.49 -27.29 11.62
N ALA S 224 61.09 -26.60 10.66
CA ALA S 224 60.95 -25.15 10.61
C ALA S 224 59.56 -24.75 10.13
N ALA S 225 58.91 -25.62 9.36
CA ALA S 225 57.57 -25.35 8.88
C ALA S 225 56.52 -25.72 9.92
N VAL S 226 56.77 -26.78 10.70
CA VAL S 226 55.84 -27.21 11.73
C VAL S 226 55.81 -26.26 12.91
N ALA S 227 56.91 -25.57 13.20
CA ALA S 227 56.89 -24.59 14.27
C ALA S 227 56.07 -23.36 13.91
N ALA S 228 55.89 -23.10 12.61
CA ALA S 228 55.02 -22.01 12.21
C ALA S 228 53.57 -22.42 12.25
N VAL S 229 53.26 -23.68 11.98
CA VAL S 229 51.86 -24.10 12.04
C VAL S 229 51.43 -24.47 13.45
N ILE S 230 52.39 -24.75 14.34
CA ILE S 230 52.08 -24.82 15.77
C ILE S 230 51.72 -23.44 16.28
N GLN S 231 52.46 -22.43 15.84
CA GLN S 231 52.15 -21.04 16.15
C GLN S 231 50.88 -20.58 15.45
N ARG S 232 50.55 -21.18 14.30
CA ARG S 232 49.39 -20.74 13.55
C ARG S 232 48.10 -21.32 14.12
N THR S 233 48.13 -22.53 14.65
CA THR S 233 46.95 -23.11 15.28
C THR S 233 46.81 -22.70 16.74
N ASP S 234 47.82 -22.03 17.30
CA ASP S 234 47.73 -21.42 18.62
C ASP S 234 47.01 -20.09 18.55
N ASN S 235 47.02 -19.44 17.39
CA ASN S 235 46.45 -18.10 17.27
C ASN S 235 44.94 -18.15 17.30
N ASP S 236 44.35 -19.17 16.69
CA ASP S 236 42.90 -19.23 16.51
C ASP S 236 42.22 -20.31 17.35
N ALA S 237 42.74 -21.52 17.36
CA ALA S 237 42.09 -22.63 18.04
C ALA S 237 42.76 -23.04 19.34
N GLY S 238 43.66 -22.21 19.88
CA GLY S 238 44.25 -22.48 21.17
C GLY S 238 45.29 -23.59 21.14
N VAL S 239 45.85 -23.87 22.31
CA VAL S 239 46.89 -24.89 22.43
C VAL S 239 46.27 -26.28 22.40
N TRP S 240 44.97 -26.38 22.72
CA TRP S 240 44.31 -27.68 22.81
C TRP S 240 44.07 -28.33 21.47
N LYS S 241 44.27 -27.62 20.36
CA LYS S 241 44.06 -28.18 19.04
C LYS S 241 45.34 -28.80 18.52
N ALA S 242 45.21 -29.94 17.86
CA ALA S 242 46.38 -30.66 17.39
C ALA S 242 46.95 -30.01 16.13
N PRO S 243 48.27 -29.87 16.02
CA PRO S 243 48.85 -29.15 14.89
C PRO S 243 48.94 -29.95 13.60
N ALA S 244 48.34 -31.13 13.51
CA ALA S 244 48.42 -31.90 12.28
C ALA S 244 47.34 -31.45 11.30
N ASN S 245 47.42 -31.99 10.08
CA ASN S 245 46.44 -31.80 9.01
C ASN S 245 46.29 -30.33 8.63
N ILE S 246 47.41 -29.67 8.38
CA ILE S 246 47.42 -28.28 7.95
C ILE S 246 48.47 -28.12 6.85
N ALA S 247 48.15 -27.32 5.85
CA ALA S 247 48.94 -27.27 4.63
C ALA S 247 50.24 -26.51 4.82
N LEU S 248 51.25 -26.92 4.08
CA LEU S 248 52.57 -26.29 4.10
C LEU S 248 52.79 -25.51 2.82
N SER S 249 53.44 -24.36 2.93
CA SER S 249 53.36 -23.34 1.89
C SER S 249 54.34 -23.55 0.74
N GLN S 250 55.63 -23.48 1.01
CA GLN S 250 56.61 -23.36 -0.05
C GLN S 250 57.27 -24.66 -0.45
N VAL S 251 56.62 -25.80 -0.27
CA VAL S 251 57.27 -27.06 -0.53
C VAL S 251 56.72 -27.69 -1.80
N ILE S 252 57.61 -28.38 -2.52
CA ILE S 252 57.21 -29.12 -3.70
C ILE S 252 56.79 -30.54 -3.32
N ARG S 253 57.68 -31.26 -2.65
CA ARG S 253 57.45 -32.66 -2.36
C ARG S 253 58.32 -33.06 -1.18
N PRO S 254 57.90 -34.04 -0.40
CA PRO S 254 58.85 -34.74 0.47
C PRO S 254 59.81 -35.54 -0.40
N VAL S 255 61.10 -35.51 -0.03
CA VAL S 255 62.12 -36.09 -0.90
C VAL S 255 62.05 -37.61 -0.86
N LYS S 256 61.52 -38.17 0.22
CA LYS S 256 61.21 -39.59 0.21
C LYS S 256 59.73 -39.80 -0.07
N SER S 257 59.42 -40.96 -0.62
CA SER S 257 58.03 -41.29 -0.92
C SER S 257 57.25 -41.50 0.38
N TYR S 258 55.94 -41.35 0.29
CA TYR S 258 55.11 -41.59 1.47
C TYR S 258 54.98 -43.08 1.77
N LEU S 259 54.84 -43.90 0.73
CA LEU S 259 54.64 -45.34 0.92
C LEU S 259 55.88 -46.03 1.47
N GLN S 260 57.06 -45.44 1.28
CA GLN S 260 58.27 -46.03 1.83
C GLN S 260 58.33 -45.87 3.35
N GLY S 261 57.64 -44.88 3.90
CA GLY S 261 57.69 -44.63 5.32
C GLY S 261 56.46 -45.08 6.07
N SER S 262 55.74 -46.05 5.54
CA SER S 262 54.54 -46.53 6.21
C SER S 262 54.85 -47.43 7.41
N VAL S 263 56.12 -47.80 7.59
CA VAL S 263 56.51 -48.58 8.76
C VAL S 263 56.98 -47.68 9.88
N LEU S 264 56.96 -46.36 9.66
CA LEU S 264 57.39 -45.44 10.71
C LEU S 264 56.34 -45.27 11.78
N PHE S 265 55.06 -45.39 11.43
CA PHE S 265 53.99 -45.30 12.40
C PHE S 265 53.78 -46.66 13.05
N ASN S 266 53.82 -46.70 14.38
CA ASN S 266 53.54 -47.91 15.15
C ASN S 266 52.57 -47.56 16.25
N SER S 267 51.43 -48.26 16.29
CA SER S 267 50.40 -47.93 17.27
C SER S 267 50.74 -48.47 18.65
N SER S 268 51.69 -49.40 18.73
CA SER S 268 52.06 -49.99 20.01
C SER S 268 53.45 -49.52 20.45
N GLY S 269 54.33 -49.26 19.52
CA GLY S 269 55.66 -48.79 19.83
C GLY S 269 55.79 -47.29 19.70
N THR S 270 57.02 -46.87 19.44
CA THR S 270 57.29 -45.46 19.18
C THR S 270 56.90 -45.08 17.76
N SER S 271 56.04 -44.09 17.63
CA SER S 271 55.49 -43.69 16.35
C SER S 271 56.09 -42.35 15.94
N LEU S 272 56.42 -42.23 14.67
CA LEU S 272 57.10 -41.06 14.15
C LEU S 272 56.18 -40.34 13.18
N ASN S 273 56.07 -39.03 13.32
CA ASN S 273 55.11 -38.27 12.53
C ASN S 273 55.59 -38.14 11.09
N VAL S 274 54.65 -38.33 10.17
CA VAL S 274 54.97 -38.37 8.75
C VAL S 274 54.32 -37.18 8.09
N ILE S 275 54.91 -36.74 6.98
CA ILE S 275 54.40 -35.62 6.20
C ILE S 275 53.95 -36.17 4.86
N ARG S 276 52.64 -36.08 4.61
CA ARG S 276 52.00 -36.76 3.51
C ARG S 276 51.71 -35.77 2.39
N SER S 277 51.56 -36.28 1.18
CA SER S 277 51.22 -35.48 0.02
C SER S 277 49.84 -35.90 -0.48
N PHE S 278 48.87 -35.08 -0.25
CA PHE S 278 47.53 -35.43 -0.72
C PHE S 278 47.28 -34.78 -2.08
N PRO S 279 46.78 -35.52 -3.06
CA PRO S 279 46.54 -34.94 -4.39
C PRO S 279 45.36 -33.99 -4.37
N GLY S 280 45.61 -32.74 -4.73
CA GLY S 280 44.59 -31.72 -4.73
C GLY S 280 44.42 -31.00 -3.40
N LYS S 281 45.14 -31.42 -2.37
CA LYS S 281 44.92 -30.95 -1.02
C LYS S 281 46.20 -30.44 -0.38
N GLY S 282 47.34 -30.56 -1.06
CA GLY S 282 48.60 -30.00 -0.59
C GLY S 282 49.45 -30.98 0.20
N ILE S 283 50.60 -30.48 0.62
CA ILE S 283 51.49 -31.21 1.51
C ILE S 283 51.07 -30.92 2.95
N ARG S 284 50.89 -31.97 3.74
CA ARG S 284 50.26 -31.83 5.04
C ARG S 284 51.06 -32.56 6.11
N VAL S 285 51.00 -32.06 7.34
CA VAL S 285 51.49 -32.82 8.47
C VAL S 285 50.46 -33.87 8.84
N TRP S 286 50.92 -35.10 9.02
CA TRP S 286 50.02 -36.22 9.25
C TRP S 286 50.48 -36.99 10.47
N GLY S 287 49.89 -36.69 11.62
CA GLY S 287 50.30 -37.32 12.86
C GLY S 287 50.74 -36.29 13.89
N CYS S 288 50.18 -36.42 15.09
CA CYS S 288 50.57 -35.59 16.23
C CYS S 288 50.89 -36.53 17.38
N ARG S 289 52.09 -37.10 17.35
CA ARG S 289 52.52 -38.08 18.33
C ARG S 289 53.85 -37.64 18.90
N THR S 290 54.03 -37.86 20.19
CA THR S 290 55.35 -37.69 20.77
C THR S 290 56.13 -38.98 20.62
N LEU S 291 57.43 -38.90 20.88
CA LEU S 291 58.24 -40.12 20.98
C LEU S 291 57.79 -40.81 22.26
N GLU S 292 57.16 -41.98 22.14
CA GLU S 292 56.56 -42.58 23.31
C GLU S 292 56.32 -44.07 23.10
N ASN S 293 56.55 -44.85 24.14
CA ASN S 293 56.23 -46.27 24.15
C ASN S 293 55.04 -46.47 25.10
N THR S 294 53.87 -46.74 24.55
CA THR S 294 52.62 -46.61 25.29
C THR S 294 52.44 -47.76 26.28
N ASP S 295 53.00 -47.57 27.47
CA ASP S 295 52.66 -48.41 28.62
C ASP S 295 51.82 -47.51 29.53
N ASN S 296 50.53 -47.39 29.17
CA ASN S 296 49.50 -46.64 29.90
C ASN S 296 49.85 -45.15 30.03
N THR S 297 50.61 -44.62 29.07
CA THR S 297 51.13 -43.27 29.18
C THR S 297 50.01 -42.28 28.90
N GLN S 298 50.09 -41.13 29.57
CA GLN S 298 49.07 -40.11 29.39
C GLN S 298 49.55 -39.01 28.45
N TRP S 299 50.86 -38.84 28.30
CA TRP S 299 51.41 -37.84 27.42
C TRP S 299 51.78 -38.51 26.10
N ARG S 300 50.76 -39.04 25.44
CA ARG S 300 50.94 -39.73 24.16
C ARG S 300 50.94 -38.77 22.98
N TYR S 301 50.01 -37.83 22.96
CA TYR S 301 49.91 -36.90 21.85
C TYR S 301 50.63 -35.61 22.16
N LEU S 302 50.98 -34.88 21.10
CA LEU S 302 51.72 -33.62 21.23
C LEU S 302 50.86 -32.56 21.90
N GLN S 303 49.56 -32.60 21.66
CA GLN S 303 48.68 -31.56 22.17
C GLN S 303 48.37 -31.77 23.65
N THR S 304 48.51 -32.99 24.15
CA THR S 304 48.30 -33.23 25.56
C THR S 304 49.49 -32.74 26.38
N ARG S 305 50.70 -32.93 25.85
CA ARG S 305 51.89 -32.44 26.52
C ARG S 305 51.95 -30.91 26.48
N ARG S 306 51.41 -30.30 25.43
CA ARG S 306 51.48 -28.86 25.33
C ARG S 306 50.33 -28.18 26.06
N LEU S 307 49.22 -28.89 26.30
CA LEU S 307 48.13 -28.32 27.08
C LEU S 307 48.46 -28.36 28.56
N VAL S 308 48.98 -29.49 29.04
CA VAL S 308 49.27 -29.62 30.45
C VAL S 308 50.47 -28.77 30.84
N SER S 309 51.35 -28.45 29.89
CA SER S 309 52.42 -27.50 30.17
C SER S 309 51.97 -26.07 29.91
N TYR S 310 50.79 -25.89 29.34
CA TYR S 310 50.22 -24.55 29.23
C TYR S 310 49.50 -24.16 30.51
N VAL S 311 49.02 -25.15 31.28
CA VAL S 311 48.32 -24.84 32.50
C VAL S 311 49.24 -24.92 33.71
N THR S 312 50.45 -25.43 33.53
CA THR S 312 51.46 -25.16 34.55
C THR S 312 52.00 -23.75 34.40
N ALA S 313 52.31 -23.32 33.17
CA ALA S 313 52.95 -22.03 32.99
C ALA S 313 51.97 -20.88 33.04
N HIS S 314 50.69 -21.16 33.23
CA HIS S 314 49.74 -20.10 33.52
C HIS S 314 49.13 -20.22 34.91
N LEU S 315 49.42 -21.30 35.64
CA LEU S 315 49.12 -21.34 37.06
C LEU S 315 50.30 -20.87 37.89
N THR S 316 51.52 -20.96 37.34
CA THR S 316 52.65 -20.35 38.04
C THR S 316 52.57 -18.83 37.97
N GLN S 317 51.97 -18.29 36.91
CA GLN S 317 51.81 -16.85 36.84
C GLN S 317 50.73 -16.35 37.78
N LEU S 318 49.84 -17.23 38.21
CA LEU S 318 48.85 -16.86 39.22
C LEU S 318 49.39 -17.12 40.62
N ALA S 319 50.25 -18.12 40.77
CA ALA S 319 50.76 -18.46 42.10
C ALA S 319 51.97 -17.61 42.45
N ARG S 320 52.61 -16.99 41.45
CA ARG S 320 53.70 -16.08 41.77
C ARG S 320 53.21 -14.80 42.41
N MET S 321 51.93 -14.46 42.25
CA MET S 321 51.48 -13.11 42.60
C MET S 321 51.37 -12.92 44.11
N TYR S 322 51.26 -14.01 44.84
CA TYR S 322 51.18 -13.99 46.31
C TYR S 322 52.12 -15.03 46.90
N VAL S 323 53.36 -15.02 46.44
CA VAL S 323 54.47 -15.54 47.23
C VAL S 323 54.75 -14.48 48.29
N PHE S 324 55.32 -14.89 49.42
CA PHE S 324 55.59 -14.06 50.59
C PHE S 324 54.30 -13.45 51.15
N GLU S 325 53.29 -14.27 51.36
CA GLU S 325 52.03 -13.87 51.96
C GLU S 325 51.86 -14.65 53.27
N PRO S 326 50.97 -14.23 54.19
CA PRO S 326 51.02 -14.78 55.55
C PRO S 326 50.73 -16.27 55.73
N ASN S 327 50.31 -17.00 54.68
CA ASN S 327 50.08 -18.46 54.73
C ASN S 327 49.03 -18.86 55.76
N ASN S 328 47.99 -18.04 55.90
CA ASN S 328 46.89 -18.37 56.77
C ASN S 328 45.81 -19.09 55.95
N GLU S 329 44.62 -19.25 56.51
CA GLU S 329 43.51 -19.87 55.79
C GLU S 329 42.89 -18.92 54.76
N LEU S 330 43.27 -17.64 54.80
CA LEU S 330 42.69 -16.66 53.88
C LEU S 330 43.37 -16.72 52.52
N THR S 331 44.68 -16.77 52.49
CA THR S 331 45.40 -16.71 51.23
C THR S 331 45.40 -18.03 50.47
N TRP S 332 44.74 -19.07 51.01
CA TRP S 332 44.50 -20.27 50.21
C TRP S 332 43.20 -20.14 49.45
N MET S 333 42.18 -19.55 50.09
CA MET S 333 40.91 -19.33 49.42
C MET S 333 41.00 -18.25 48.35
N LYS S 334 42.04 -17.41 48.40
CA LYS S 334 42.30 -16.50 47.28
C LYS S 334 43.11 -17.18 46.19
N LEU S 335 43.69 -18.34 46.49
CA LEU S 335 44.39 -19.12 45.47
C LEU S 335 43.49 -20.23 44.92
N LYS S 336 42.66 -20.80 45.78
CA LYS S 336 41.70 -21.79 45.33
C LYS S 336 40.57 -21.13 44.54
N GLY S 337 40.39 -19.83 44.70
CA GLY S 337 39.33 -19.16 43.97
C GLY S 337 39.80 -18.61 42.64
N GLN S 338 41.04 -18.14 42.56
CA GLN S 338 41.53 -17.57 41.32
C GLN S 338 41.94 -18.64 40.33
N SER S 339 42.33 -19.82 40.80
CA SER S 339 42.71 -20.89 39.88
C SER S 339 41.52 -21.73 39.46
N TYR S 340 40.50 -21.81 40.32
CA TYR S 340 39.24 -22.43 39.89
C TYR S 340 38.55 -21.58 38.84
N ASN S 341 38.68 -20.27 38.94
CA ASN S 341 38.01 -19.38 38.00
C ASN S 341 38.72 -19.34 36.66
N TRP S 342 40.00 -19.72 36.62
CA TRP S 342 40.71 -19.74 35.36
C TRP S 342 40.55 -21.08 34.66
N LEU S 343 40.57 -22.17 35.42
CA LEU S 343 40.41 -23.49 34.83
C LEU S 343 38.99 -23.69 34.31
N ARG S 344 38.00 -23.06 34.94
CA ARG S 344 36.67 -23.07 34.39
C ARG S 344 36.59 -22.22 33.12
N GLN S 345 37.37 -21.14 33.06
CA GLN S 345 37.41 -20.32 31.86
C GLN S 345 38.11 -21.05 30.72
N LEU S 346 39.04 -21.95 31.04
CA LEU S 346 39.63 -22.80 30.01
C LEU S 346 38.71 -23.95 29.66
N TRP S 347 37.89 -24.41 30.60
CA TRP S 347 36.99 -25.52 30.33
C TRP S 347 35.84 -25.09 29.44
N LEU S 348 35.37 -23.86 29.59
CA LEU S 348 34.27 -23.36 28.76
C LEU S 348 34.73 -22.85 27.41
N GLN S 349 35.98 -23.09 27.03
CA GLN S 349 36.45 -22.86 25.68
C GLN S 349 36.56 -24.15 24.90
N GLY S 350 36.10 -25.26 25.46
CA GLY S 350 36.27 -26.55 24.82
C GLY S 350 37.64 -27.14 25.01
N GLY S 351 38.15 -27.13 26.23
CA GLY S 351 39.53 -27.51 26.46
C GLY S 351 39.81 -28.69 27.36
N LEU S 352 38.84 -29.21 28.11
CA LEU S 352 39.17 -30.08 29.22
C LEU S 352 38.33 -31.35 29.36
N TYR S 353 37.45 -31.67 28.40
CA TYR S 353 36.71 -32.94 28.35
C TYR S 353 35.84 -33.15 29.60
N GLY S 354 34.80 -32.35 29.69
CA GLY S 354 33.84 -32.56 30.76
C GLY S 354 32.44 -32.16 30.41
N SER S 355 31.45 -32.91 30.88
CA SER S 355 30.07 -32.49 30.72
C SER S 355 29.64 -31.57 31.86
N GLN S 356 30.33 -31.64 33.00
CA GLN S 356 30.14 -30.74 34.11
C GLN S 356 31.50 -30.43 34.70
N GLU S 357 31.58 -29.37 35.51
CA GLU S 357 32.89 -28.86 35.92
C GLU S 357 33.57 -29.76 36.93
N ASP S 358 32.82 -30.60 37.64
CA ASP S 358 33.45 -31.55 38.54
C ASP S 358 33.92 -32.79 37.80
N GLU S 359 33.59 -32.91 36.52
CA GLU S 359 34.12 -34.00 35.70
C GLU S 359 35.37 -33.56 34.94
N ALA S 360 35.53 -32.26 34.73
CA ALA S 360 36.65 -31.77 33.94
C ALA S 360 37.91 -31.64 34.79
N PHE S 361 37.80 -31.04 35.96
CA PHE S 361 38.97 -30.72 36.77
C PHE S 361 38.57 -30.66 38.23
N ASN S 362 39.58 -30.54 39.09
CA ASN S 362 39.39 -30.46 40.53
C ASN S 362 40.68 -29.94 41.15
N ILE S 363 40.55 -29.08 42.15
CA ILE S 363 41.70 -28.56 42.90
C ILE S 363 41.43 -28.72 44.38
N LEU S 364 42.48 -28.93 45.16
CA LEU S 364 42.35 -29.06 46.61
C LEU S 364 43.54 -28.37 47.26
N LEU S 365 43.32 -27.69 48.37
CA LEU S 365 44.37 -26.88 48.96
C LEU S 365 44.42 -26.89 50.49
N GLY S 366 43.48 -27.55 51.17
CA GLY S 366 43.31 -27.34 52.59
C GLY S 366 44.44 -27.86 53.44
N VAL S 367 44.38 -27.51 54.73
CA VAL S 367 45.47 -27.81 55.65
C VAL S 367 45.39 -29.26 56.10
N ASN S 368 44.28 -29.92 55.84
CA ASN S 368 44.17 -31.34 56.14
C ASN S 368 43.95 -32.19 54.90
N GLU S 369 44.07 -31.60 53.71
CA GLU S 369 43.84 -32.33 52.48
C GLU S 369 45.15 -32.59 51.74
N THR S 370 45.93 -31.54 51.51
CA THR S 370 47.16 -31.65 50.79
C THR S 370 48.40 -31.51 51.66
N MET S 371 48.41 -30.57 52.61
CA MET S 371 49.61 -30.27 53.37
C MET S 371 49.46 -30.78 54.79
N THR S 372 50.60 -30.92 55.46
CA THR S 372 50.59 -31.26 56.87
C THR S 372 50.77 -30.02 57.71
N GLU S 373 50.79 -30.22 59.03
CA GLU S 373 51.00 -29.10 59.94
C GLU S 373 52.43 -28.63 59.95
N ASP S 374 53.38 -29.47 59.51
CA ASP S 374 54.77 -29.04 59.44
C ASP S 374 55.04 -28.29 58.15
N ASP S 375 54.28 -28.58 57.08
CA ASP S 375 54.48 -27.88 55.83
C ASP S 375 53.97 -26.44 55.89
N VAL S 376 53.05 -26.16 56.81
CA VAL S 376 52.71 -24.77 57.08
C VAL S 376 53.81 -24.11 57.90
N ARG S 377 54.39 -24.86 58.84
CA ARG S 377 55.50 -24.33 59.63
C ARG S 377 56.76 -24.16 58.78
N ALA S 378 56.94 -25.00 57.78
CA ALA S 378 58.08 -24.83 56.89
C ALA S 378 57.84 -23.71 55.88
N GLY S 379 56.59 -23.30 55.71
CA GLY S 379 56.25 -22.21 54.84
C GLY S 379 55.95 -22.58 53.42
N LYS S 380 55.20 -23.66 53.17
CA LYS S 380 54.88 -24.05 51.81
C LYS S 380 53.40 -24.35 51.66
N MET S 381 52.85 -23.99 50.50
CA MET S 381 51.50 -24.37 50.09
C MET S 381 51.61 -25.53 49.12
N ILE S 382 50.67 -26.47 49.22
CA ILE S 382 50.62 -27.62 48.33
C ILE S 382 49.26 -27.58 47.64
N MET S 383 49.26 -27.34 46.34
CA MET S 383 48.04 -27.34 45.56
C MET S 383 48.02 -28.57 44.66
N LYS S 384 46.88 -29.25 44.60
CA LYS S 384 46.76 -30.49 43.83
C LYS S 384 45.74 -30.30 42.73
N VAL S 385 46.22 -30.09 41.52
CA VAL S 385 45.38 -29.80 40.36
C VAL S 385 45.29 -31.09 39.56
N GLU S 386 44.10 -31.65 39.44
CA GLU S 386 43.87 -32.72 38.49
C GLU S 386 43.00 -32.19 37.36
N LEU S 387 43.27 -32.65 36.14
CA LEU S 387 42.54 -32.14 35.00
C LEU S 387 42.47 -33.21 33.93
N ALA S 388 41.31 -33.32 33.29
CA ALA S 388 41.10 -34.23 32.18
C ALA S 388 41.42 -33.52 30.89
N VAL S 389 41.80 -34.29 29.88
CA VAL S 389 42.12 -33.75 28.56
C VAL S 389 41.34 -34.54 27.51
N LEU S 390 41.48 -34.11 26.26
CA LEU S 390 40.74 -34.65 25.14
C LEU S 390 41.61 -35.53 24.24
N PHE S 391 40.96 -36.21 23.26
CA PHE S 391 41.59 -37.13 22.33
C PHE S 391 41.46 -36.61 20.90
N PRO S 392 42.43 -36.91 20.01
CA PRO S 392 42.55 -36.14 18.77
C PRO S 392 41.79 -36.68 17.56
N ALA S 393 41.14 -37.84 17.64
CA ALA S 393 40.41 -38.48 16.54
C ALA S 393 41.32 -38.75 15.33
N GLU S 394 42.26 -39.67 15.53
CA GLU S 394 43.16 -40.01 14.46
C GLU S 394 42.73 -41.21 13.63
N PHE S 395 41.91 -42.11 14.18
CA PHE S 395 41.33 -43.20 13.40
C PHE S 395 39.83 -43.02 13.31
N ILE S 396 39.25 -43.37 12.16
CA ILE S 396 37.81 -43.30 11.93
C ILE S 396 37.37 -44.61 11.29
N GLU S 397 36.34 -45.25 11.85
CA GLU S 397 35.93 -46.58 11.42
C GLU S 397 34.46 -46.57 11.01
N ILE S 398 34.20 -46.86 9.74
CA ILE S 398 32.85 -46.91 9.22
C ILE S 398 32.34 -48.35 9.38
N SER S 399 31.04 -48.51 9.59
CA SER S 399 30.53 -49.85 9.87
C SER S 399 29.60 -50.40 8.81
N LEU S 400 28.72 -49.56 8.24
CA LEU S 400 27.90 -49.88 7.06
C LEU S 400 26.96 -51.08 7.30
N VAL S 401 25.97 -50.88 8.16
CA VAL S 401 25.00 -51.94 8.40
C VAL S 401 23.69 -51.61 7.67
N PHE S 402 22.93 -52.65 7.34
CA PHE S 402 21.72 -52.56 6.54
C PHE S 402 20.51 -52.74 7.43
N ASN S 403 19.54 -51.85 7.32
CA ASN S 403 18.53 -51.68 8.36
C ASN S 403 17.12 -51.57 7.80
N THR S 404 16.71 -52.51 6.95
CA THR S 404 15.27 -52.65 6.69
C THR S 404 14.62 -53.56 7.69
N GLN S 405 15.38 -54.06 8.67
CA GLN S 405 14.80 -54.90 9.71
C GLN S 405 13.86 -54.09 10.58
N THR S 406 14.24 -52.86 10.92
CA THR S 406 13.58 -52.10 11.97
C THR S 406 12.64 -51.02 11.41
N GLU S 407 12.26 -51.12 10.14
CA GLU S 407 11.31 -50.15 9.58
C GLU S 407 9.92 -50.32 10.18
N ALA S 408 9.61 -51.54 10.64
CA ALA S 408 8.59 -51.84 11.65
C ALA S 408 7.16 -51.61 11.17
N LEU S 409 6.92 -51.70 9.85
CA LEU S 409 5.60 -51.62 9.21
C LEU S 409 4.85 -50.34 9.60
N SER S 410 5.52 -49.22 9.33
CA SER S 410 5.11 -47.85 9.69
C SER S 410 4.77 -47.73 11.19
N MET T 1 20.03 62.08 -9.37
CA MET T 1 21.26 62.21 -8.60
C MET T 1 21.29 63.44 -7.69
N GLU T 2 20.38 63.44 -6.72
CA GLU T 2 20.31 64.48 -5.70
C GLU T 2 20.83 63.89 -4.40
N ARG T 3 21.90 64.48 -3.87
CA ARG T 3 22.69 63.84 -2.83
C ARG T 3 22.29 64.30 -1.43
N LEU T 4 21.54 65.39 -1.33
CA LEU T 4 21.14 65.93 -0.04
C LEU T 4 19.72 65.53 0.33
N GLN T 5 18.88 65.30 -0.66
CA GLN T 5 17.51 64.86 -0.45
C GLN T 5 17.51 63.39 -0.04
N PRO T 6 16.53 62.94 0.75
CA PRO T 6 16.52 61.54 1.19
C PRO T 6 16.25 60.57 0.04
N GLY T 7 17.07 59.53 -0.02
CA GLY T 7 16.96 58.56 -1.08
C GLY T 7 18.13 57.60 -1.05
N VAL T 8 18.43 57.04 -2.21
CA VAL T 8 19.50 56.06 -2.37
C VAL T 8 20.60 56.69 -3.21
N THR T 9 21.62 57.21 -2.54
CA THR T 9 22.74 57.86 -3.22
C THR T 9 23.99 57.03 -3.05
N LEU T 10 24.55 56.58 -4.16
CA LEU T 10 25.75 55.75 -4.10
C LEU T 10 27.00 56.60 -3.89
N THR T 11 27.92 56.09 -3.09
CA THR T 11 29.12 56.83 -2.72
C THR T 11 30.35 56.04 -3.14
N GLU T 12 31.49 56.74 -3.16
CA GLU T 12 32.75 56.11 -3.52
C GLU T 12 33.51 55.66 -2.29
N SER T 13 33.07 56.04 -1.10
CA SER T 13 33.79 55.72 0.11
C SER T 13 33.60 54.25 0.49
N ILE T 14 34.71 53.56 0.76
CA ILE T 14 34.71 52.13 1.04
C ILE T 14 34.64 51.94 2.55
N ILE T 15 33.60 51.28 3.01
CA ILE T 15 33.45 50.97 4.43
C ILE T 15 34.11 49.63 4.71
N THR T 16 34.33 49.35 5.98
CA THR T 16 35.15 48.21 6.37
C THR T 16 34.38 46.90 6.29
N MET T 17 35.10 45.82 6.03
CA MET T 17 34.61 44.46 6.11
C MET T 17 34.43 44.05 7.56
N GLY T 18 33.50 43.12 7.79
CA GLY T 18 33.31 42.55 9.11
C GLY T 18 34.51 41.71 9.53
N GLN T 19 35.30 42.20 10.48
CA GLN T 19 36.52 41.55 10.91
C GLN T 19 36.20 40.33 11.78
N GLN T 20 37.04 39.31 11.69
CA GLN T 20 36.81 38.09 12.47
C GLN T 20 37.59 38.12 13.79
N GLU T 21 38.66 38.92 13.85
CA GLU T 21 39.50 39.12 15.04
C GLU T 21 40.12 37.79 15.50
N ILE T 22 41.05 37.32 14.67
CA ILE T 22 41.92 36.21 15.06
C ILE T 22 42.91 36.73 16.08
N PRO T 23 42.92 36.21 17.31
CA PRO T 23 43.71 36.84 18.37
C PRO T 23 45.18 36.46 18.37
N SER T 24 45.53 35.27 17.90
CA SER T 24 46.86 34.73 18.08
C SER T 24 47.76 34.90 16.87
N ALA T 25 47.32 35.64 15.86
CA ALA T 25 48.15 35.87 14.67
C ALA T 25 47.80 37.24 14.13
N VAL T 26 48.63 38.23 14.44
CA VAL T 26 48.43 39.58 13.92
C VAL T 26 49.78 40.26 13.73
N PRO T 27 50.07 40.76 12.54
CA PRO T 27 51.42 41.25 12.25
C PRO T 27 51.60 42.75 12.43
N VAL T 28 52.84 43.20 12.50
CA VAL T 28 53.17 44.60 12.25
C VAL T 28 53.98 44.67 10.97
N PHE T 29 53.81 45.77 10.25
CA PHE T 29 54.62 46.10 9.10
C PHE T 29 55.45 47.31 9.50
N ILE T 30 56.72 47.11 9.82
CA ILE T 30 57.59 48.22 10.20
C ILE T 30 58.42 48.61 8.99
N GLY T 31 58.09 49.75 8.40
CA GLY T 31 58.74 50.18 7.19
C GLY T 31 58.60 51.67 6.97
N TYR T 32 59.22 52.15 5.90
CA TYR T 32 59.15 53.54 5.54
C TYR T 32 57.85 53.83 4.81
N THR T 33 57.14 54.86 5.23
CA THR T 33 55.96 55.34 4.53
C THR T 33 56.24 56.74 4.01
N VAL T 34 55.42 57.16 3.04
CA VAL T 34 55.64 58.45 2.40
C VAL T 34 54.91 59.57 3.15
N ARG T 35 53.75 59.28 3.73
CA ARG T 35 52.96 60.34 4.34
C ARG T 35 53.35 60.59 5.79
N TYR T 36 53.23 59.56 6.63
CA TYR T 36 53.33 59.67 8.09
C TYR T 36 52.46 60.79 8.70
N PRO T 37 51.12 60.68 8.61
CA PRO T 37 50.29 61.78 9.11
C PRO T 37 49.71 61.59 10.51
N GLU T 38 49.84 60.40 11.08
CA GLU T 38 49.12 60.08 12.30
C GLU T 38 49.85 60.69 13.48
N GLN T 39 49.15 61.52 14.27
CA GLN T 39 49.81 62.30 15.32
C GLN T 39 49.38 61.91 16.72
N SER T 40 48.47 60.94 16.87
CA SER T 40 48.00 60.60 18.20
C SER T 40 48.83 59.48 18.81
N GLU T 41 48.98 58.37 18.08
CA GLU T 41 49.48 57.13 18.66
C GLU T 41 50.84 56.78 18.06
N ALA T 42 51.36 55.64 18.48
CA ALA T 42 52.65 55.17 18.00
C ALA T 42 52.47 54.24 16.80
N SER T 43 51.80 53.11 17.02
CA SER T 43 51.52 52.13 15.98
C SER T 43 50.01 51.95 15.88
N VAL T 44 49.48 52.05 14.66
CA VAL T 44 48.05 52.08 14.46
C VAL T 44 47.60 50.84 13.70
N ARG T 45 46.33 50.52 13.85
CA ARG T 45 45.76 49.32 13.26
C ARG T 45 45.03 49.66 11.98
N ILE T 46 45.33 48.93 10.92
CA ILE T 46 44.63 49.12 9.66
C ILE T 46 43.79 47.89 9.39
N ASP T 47 42.78 48.07 8.53
CA ASP T 47 41.89 46.99 8.19
C ASP T 47 41.85 46.71 6.70
N SER T 48 41.88 47.75 5.88
CA SER T 48 41.85 47.56 4.44
C SER T 48 42.92 48.42 3.81
N LEU T 49 43.17 48.18 2.53
CA LEU T 49 44.17 48.97 1.82
C LEU T 49 43.67 50.39 1.58
N ALA T 50 42.38 50.52 1.23
CA ALA T 50 41.78 51.83 1.01
C ALA T 50 41.74 52.67 2.27
N GLU T 51 41.70 52.02 3.45
CA GLU T 51 41.94 52.71 4.70
C GLU T 51 43.41 53.02 4.91
N TYR T 52 44.31 52.16 4.42
CA TYR T 52 45.74 52.39 4.58
C TYR T 52 46.24 53.51 3.67
N THR T 53 45.74 53.56 2.43
CA THR T 53 46.24 54.54 1.46
C THR T 53 45.85 55.96 1.86
N SER T 54 44.68 56.10 2.48
CA SER T 54 44.29 57.39 3.03
C SER T 54 45.11 57.72 4.27
N LEU T 55 45.64 56.71 4.94
CA LEU T 55 46.28 56.90 6.23
C LEU T 55 47.80 56.81 6.16
N PHE T 56 48.37 56.31 5.06
CA PHE T 56 49.82 56.26 5.01
C PHE T 56 50.40 56.55 3.63
N GLY T 57 49.67 57.22 2.76
CA GLY T 57 50.21 57.55 1.46
C GLY T 57 50.09 56.42 0.45
N ASP T 58 50.75 56.62 -0.68
CA ASP T 58 50.62 55.72 -1.81
C ASP T 58 51.96 55.55 -2.51
N ASP T 59 52.05 54.48 -3.30
CA ASP T 59 53.17 54.19 -4.21
C ASP T 59 54.52 54.08 -3.47
N HIS T 60 54.61 53.08 -2.59
CA HIS T 60 55.85 52.73 -1.95
C HIS T 60 55.92 51.22 -1.80
N VAL T 61 57.09 50.71 -1.37
CA VAL T 61 57.29 49.27 -1.33
C VAL T 61 56.50 48.65 -0.18
N MET T 62 56.25 49.41 0.88
CA MET T 62 55.52 48.88 2.01
C MET T 62 54.03 48.82 1.74
N MET T 63 53.53 49.55 0.74
CA MET T 63 52.12 49.46 0.40
C MET T 63 51.83 48.17 -0.34
N PHE T 64 52.75 47.75 -1.21
CA PHE T 64 52.51 46.54 -2.00
C PHE T 64 52.63 45.29 -1.14
N ALA T 65 53.23 45.39 0.04
CA ALA T 65 53.20 44.27 0.97
C ALA T 65 51.89 44.22 1.74
N VAL T 66 51.33 45.39 2.06
CA VAL T 66 50.00 45.42 2.67
C VAL T 66 48.94 45.01 1.67
N ARG T 67 49.09 45.45 0.41
CA ARG T 67 48.14 45.10 -0.64
C ARG T 67 48.16 43.61 -0.94
N HIS T 68 49.31 42.97 -0.77
CA HIS T 68 49.40 41.53 -0.96
C HIS T 68 49.06 40.77 0.30
N TYR T 69 49.09 41.43 1.46
CA TYR T 69 48.66 40.78 2.68
C TYR T 69 47.15 40.70 2.75
N PHE T 70 46.46 41.70 2.22
CA PHE T 70 45.00 41.69 2.24
C PHE T 70 44.42 40.89 1.08
N ASP T 71 45.26 40.42 0.17
CA ASP T 71 44.76 39.58 -0.91
C ASP T 71 44.84 38.11 -0.53
N ASN T 72 45.80 37.75 0.31
CA ASN T 72 45.94 36.35 0.68
C ASN T 72 45.03 35.94 1.83
N GLY T 73 44.35 36.89 2.45
CA GLY T 73 43.32 36.52 3.40
C GLY T 73 43.47 37.10 4.79
N GLY T 74 44.48 37.93 5.00
CA GLY T 74 44.64 38.59 6.28
C GLY T 74 43.59 39.67 6.45
N GLN T 75 43.13 39.87 7.69
CA GLN T 75 42.05 40.82 7.88
C GLN T 75 42.38 41.94 8.86
N GLN T 76 43.36 41.79 9.73
CA GLN T 76 43.78 42.91 10.56
C GLN T 76 45.29 42.90 10.72
N ALA T 77 45.84 44.10 10.87
CA ALA T 77 47.28 44.29 10.86
C ALA T 77 47.58 45.64 11.48
N PHE T 78 48.78 45.77 12.01
CA PHE T 78 49.26 47.03 12.55
C PHE T 78 50.39 47.55 11.67
N VAL T 79 50.56 48.87 11.67
CA VAL T 79 51.64 49.51 10.93
C VAL T 79 52.37 50.46 11.87
N LEU T 80 53.66 50.19 12.09
CA LEU T 80 54.50 51.10 12.86
C LEU T 80 55.50 51.73 11.89
N PRO T 81 55.30 52.97 11.48
CA PRO T 81 56.18 53.57 10.49
C PRO T 81 57.48 54.04 11.09
N LEU T 82 58.55 53.97 10.30
CA LEU T 82 59.81 54.57 10.68
C LEU T 82 59.78 56.06 10.37
N LYS T 83 60.33 56.85 11.30
CA LYS T 83 60.15 58.30 11.22
C LYS T 83 61.11 58.97 10.25
N ASP T 84 62.08 58.23 9.73
CA ASP T 84 63.12 58.84 8.90
C ASP T 84 62.61 59.03 7.48
N ASN T 85 63.50 59.40 6.56
CA ASN T 85 63.08 59.68 5.21
C ASN T 85 62.94 58.40 4.39
N MET T 86 62.07 58.44 3.39
CA MET T 86 61.93 57.33 2.48
C MET T 86 63.18 57.24 1.59
N PRO T 87 63.74 56.04 1.39
CA PRO T 87 65.01 55.94 0.65
C PRO T 87 64.88 56.21 -0.83
N SER T 88 65.98 56.01 -1.56
CA SER T 88 66.01 56.25 -3.00
C SER T 88 65.39 55.05 -3.72
N VAL T 89 65.55 55.03 -5.05
CA VAL T 89 65.08 53.89 -5.83
C VAL T 89 65.92 52.65 -5.51
N GLU T 90 67.23 52.82 -5.37
CA GLU T 90 68.13 51.79 -4.88
C GLU T 90 68.69 52.25 -3.55
N MET T 91 69.04 51.29 -2.70
CA MET T 91 69.54 51.62 -1.37
C MET T 91 71.05 51.75 -1.39
N THR T 92 71.53 52.94 -1.01
CA THR T 92 72.96 53.16 -0.84
C THR T 92 73.42 52.60 0.51
N THR T 93 74.71 52.31 0.59
CA THR T 93 75.25 51.68 1.80
C THR T 93 75.30 52.66 2.95
N ALA T 94 75.34 53.97 2.65
CA ALA T 94 75.24 54.96 3.71
C ALA T 94 73.83 55.05 4.25
N GLU T 95 72.85 54.64 3.47
CA GLU T 95 71.45 54.75 3.89
C GLU T 95 70.93 53.44 4.47
N ALA T 96 71.49 52.30 4.03
CA ALA T 96 71.00 51.02 4.51
C ALA T 96 71.40 50.78 5.96
N GLU T 97 72.44 51.44 6.45
CA GLU T 97 72.74 51.38 7.87
C GLU T 97 71.76 52.19 8.69
N ASN T 98 71.14 53.20 8.09
CA ASN T 98 70.18 54.04 8.79
C ASN T 98 68.87 53.30 9.06
N LEU T 99 68.58 52.25 8.28
CA LEU T 99 67.43 51.42 8.57
C LEU T 99 67.69 50.47 9.72
N ILE T 100 68.84 49.80 9.71
CA ILE T 100 69.09 48.79 10.74
C ILE T 100 69.45 49.45 12.07
N ALA T 101 69.94 50.69 12.05
CA ALA T 101 70.13 51.42 13.31
C ALA T 101 68.80 51.92 13.84
N ALA T 102 67.80 52.08 12.97
CA ALA T 102 66.47 52.42 13.44
C ALA T 102 65.70 51.20 13.89
N LEU T 103 66.16 50.00 13.53
CA LEU T 103 65.53 48.79 14.03
C LEU T 103 66.05 48.41 15.41
N ARG T 104 67.26 48.85 15.76
CA ARG T 104 67.75 48.65 17.12
C ARG T 104 67.31 49.77 18.06
N SER T 105 66.69 50.82 17.53
CA SER T 105 66.33 51.96 18.36
C SER T 105 65.16 51.62 19.28
N ALA T 106 65.11 52.29 20.42
CA ALA T 106 64.03 52.11 21.37
C ALA T 106 62.76 52.85 20.97
N THR T 107 62.80 53.63 19.89
CA THR T 107 61.60 54.29 19.42
C THR T 107 60.64 53.30 18.78
N VAL T 108 61.17 52.25 18.15
CA VAL T 108 60.33 51.20 17.60
C VAL T 108 60.23 49.99 18.51
N SER T 109 61.10 49.88 19.52
CA SER T 109 61.01 48.79 20.46
C SER T 109 59.97 49.05 21.54
N GLU T 110 59.66 50.31 21.82
CA GLU T 110 58.67 50.61 22.85
C GLU T 110 57.25 50.51 22.30
N ALA T 111 57.07 50.76 21.00
CA ALA T 111 55.73 50.66 20.42
C ALA T 111 55.30 49.21 20.28
N ILE T 112 56.25 48.31 20.02
CA ILE T 112 55.92 46.89 19.94
C ILE T 112 55.72 46.31 21.33
N GLY T 113 56.65 46.61 22.23
CA GLY T 113 56.60 46.02 23.56
C GLY T 113 55.55 46.64 24.47
N GLY T 114 54.94 47.74 24.03
CA GLY T 114 53.91 48.36 24.85
C GLY T 114 52.50 48.00 24.45
N HIS T 115 52.32 47.40 23.28
CA HIS T 115 50.96 47.24 22.77
C HIS T 115 50.32 45.91 23.19
N SER T 116 51.11 44.83 23.22
CA SER T 116 50.73 43.53 23.80
C SER T 116 49.56 42.85 23.11
N GLN T 117 49.29 43.20 21.87
CA GLN T 117 48.32 42.50 21.03
C GLN T 117 48.98 41.75 19.88
N ILE T 118 50.13 42.24 19.40
CA ILE T 118 50.84 41.69 18.26
C ILE T 118 51.47 40.35 18.66
N THR T 119 51.35 39.35 17.79
CA THR T 119 52.00 38.08 18.06
C THR T 119 53.14 37.74 17.11
N LEU T 120 53.28 38.45 15.99
CA LEU T 120 54.45 38.25 15.13
C LEU T 120 54.78 39.54 14.41
N ILE T 121 56.07 39.79 14.18
CA ILE T 121 56.55 41.00 13.53
C ILE T 121 57.19 40.61 12.21
N LEU T 122 57.37 41.60 11.33
CA LEU T 122 58.00 41.41 10.03
C LEU T 122 58.37 42.76 9.44
N VAL T 123 59.48 42.78 8.71
CA VAL T 123 59.90 43.94 7.93
C VAL T 123 59.75 43.59 6.46
N PRO T 124 58.88 44.27 5.71
CA PRO T 124 58.89 44.13 4.25
C PRO T 124 59.89 45.04 3.56
N ASP T 125 60.57 45.89 4.30
CA ASP T 125 61.52 46.84 3.75
C ASP T 125 62.94 46.30 3.73
N MET T 126 63.16 45.07 4.20
CA MET T 126 64.49 44.48 4.13
C MET T 126 64.83 44.00 2.73
N ALA T 127 63.83 43.67 1.92
CA ALA T 127 64.12 43.29 0.54
C ALA T 127 64.40 44.48 -0.35
N ARG T 128 64.29 45.70 0.17
CA ARG T 128 64.65 46.89 -0.59
C ARG T 128 66.16 47.00 -0.75
N LEU T 129 66.92 46.42 0.17
CA LEU T 129 68.38 46.42 0.08
C LEU T 129 68.91 45.21 -0.65
N ASN T 130 68.09 44.56 -1.47
CA ASN T 130 68.56 43.39 -2.19
C ASN T 130 69.38 43.78 -3.42
N ASP T 131 69.31 45.04 -3.84
CA ASP T 131 70.05 45.53 -4.99
C ASP T 131 71.03 46.63 -4.56
N SER T 132 72.28 46.50 -5.00
CA SER T 132 73.32 47.54 -4.89
C SER T 132 73.63 47.89 -3.43
N ASP T 133 73.55 46.91 -2.55
CA ASP T 133 73.81 47.17 -1.14
C ASP T 133 75.30 47.24 -0.81
N ILE T 134 76.15 46.60 -1.60
CA ILE T 134 77.55 46.45 -1.23
C ILE T 134 78.43 47.39 -2.04
N VAL T 141 77.95 41.14 2.52
CA VAL T 141 77.05 40.04 2.82
C VAL T 141 76.59 40.16 4.26
N SER T 142 77.49 40.63 5.12
CA SER T 142 77.21 40.76 6.55
C SER T 142 76.18 41.83 6.88
N LEU T 143 75.83 42.69 5.91
CA LEU T 143 74.79 43.69 6.14
C LEU T 143 73.42 43.05 6.34
N TRP T 144 73.18 41.90 5.70
CA TRP T 144 71.94 41.16 5.94
C TRP T 144 71.92 40.59 7.35
N SER T 145 73.04 40.01 7.79
CA SER T 145 73.12 39.44 9.12
C SER T 145 73.06 40.50 10.21
N GLN T 146 73.50 41.72 9.91
CA GLN T 146 73.37 42.81 10.87
C GLN T 146 71.91 43.25 10.99
N GLY T 147 71.10 42.96 9.99
CA GLY T 147 69.68 43.25 10.05
C GLY T 147 68.87 42.13 10.68
N TRP T 148 69.32 40.88 10.51
CA TRP T 148 68.64 39.75 11.15
C TRP T 148 68.90 39.73 12.65
N GLU T 149 70.15 40.01 13.06
CA GLU T 149 70.47 40.04 14.48
C GLU T 149 69.78 41.21 15.18
N ALA T 150 69.45 42.27 14.45
CA ALA T 150 68.62 43.33 15.01
C ALA T 150 67.18 42.87 15.17
N LEU T 151 66.69 42.07 14.22
CA LEU T 151 65.29 41.67 14.24
C LEU T 151 65.01 40.60 15.29
N LEU T 152 65.90 39.61 15.40
CA LEU T 152 65.69 38.55 16.38
C LEU T 152 65.87 39.07 17.80
N GLN T 153 66.67 40.12 17.98
CA GLN T 153 66.76 40.78 19.28
C GLN T 153 65.49 41.55 19.59
N LEU T 154 64.82 42.07 18.56
CA LEU T 154 63.60 42.84 18.75
C LEU T 154 62.45 41.96 19.22
N SER T 155 62.50 40.67 18.93
CA SER T 155 61.48 39.74 19.39
C SER T 155 61.75 39.23 20.80
N GLN T 156 62.53 39.94 21.60
CA GLN T 156 62.80 39.56 22.98
C GLN T 156 62.24 40.55 23.99
N VAL T 157 61.45 41.53 23.55
CA VAL T 157 61.03 42.57 24.48
C VAL T 157 59.87 42.09 25.35
N ARG T 158 59.12 41.09 24.92
CA ARG T 158 57.91 40.67 25.58
C ARG T 158 57.60 39.25 25.14
N PRO T 159 56.70 38.53 25.85
CA PRO T 159 56.54 37.07 25.58
C PRO T 159 56.19 36.66 24.15
N ASN T 160 55.00 36.94 23.65
CA ASN T 160 54.54 36.33 22.40
C ASN T 160 54.91 37.24 21.25
N LEU T 161 56.09 37.01 20.68
CA LEU T 161 56.52 37.68 19.47
C LEU T 161 57.28 36.69 18.60
N PHE T 162 57.06 36.80 17.29
CA PHE T 162 57.75 36.00 16.31
C PHE T 162 58.23 36.94 15.21
N VAL T 163 59.19 36.51 14.40
CA VAL T 163 59.67 37.36 13.34
C VAL T 163 59.80 36.57 12.05
N LEU T 164 59.04 36.98 11.03
CA LEU T 164 59.18 36.46 9.69
C LEU T 164 60.11 37.40 8.95
N LEU T 165 61.14 36.86 8.31
CA LEU T 165 62.19 37.72 7.80
C LEU T 165 62.67 37.25 6.44
N ASP T 166 63.19 38.20 5.65
CA ASP T 166 63.52 37.96 4.26
C ASP T 166 64.93 37.42 4.12
N ALA T 167 65.11 36.51 3.19
CA ALA T 167 66.41 35.97 2.86
C ALA T 167 66.94 36.62 1.59
N PRO T 168 68.26 36.75 1.41
CA PRO T 168 68.78 37.35 0.19
C PRO T 168 68.61 36.42 -1.00
N ASP T 169 68.42 37.01 -2.17
CA ASP T 169 68.08 36.22 -3.35
C ASP T 169 69.31 35.51 -3.91
N ASN T 170 70.49 36.06 -3.67
CA ASN T 170 71.70 35.45 -4.19
C ASN T 170 72.04 34.22 -3.35
N VAL T 171 72.38 33.13 -4.02
CA VAL T 171 72.44 31.84 -3.34
C VAL T 171 73.71 31.74 -2.49
N GLU T 172 74.80 32.37 -2.94
CA GLU T 172 76.02 32.37 -2.13
C GLU T 172 75.83 33.24 -0.90
N GLN T 173 75.10 34.34 -1.07
CA GLN T 173 74.84 35.27 0.03
C GLN T 173 73.86 34.66 1.03
N ALA T 174 73.00 33.75 0.57
CA ALA T 174 72.07 33.11 1.49
C ALA T 174 72.77 32.10 2.36
N GLN T 175 73.66 31.28 1.77
CA GLN T 175 74.38 30.28 2.55
C GLN T 175 75.37 30.90 3.53
N LYS T 176 75.92 32.08 3.20
CA LYS T 176 76.83 32.73 4.13
C LYS T 176 76.07 33.35 5.29
N CYS T 177 74.90 33.92 5.04
CA CYS T 177 74.16 34.56 6.11
C CYS T 177 73.43 33.54 6.98
N MET T 178 73.30 32.31 6.49
CA MET T 178 72.80 31.24 7.35
C MET T 178 73.88 30.78 8.32
N THR T 179 75.12 30.69 7.86
CA THR T 179 76.21 30.16 8.67
C THR T 179 76.77 31.21 9.62
N THR T 180 76.92 32.44 9.16
CA THR T 180 77.56 33.50 9.93
C THR T 180 76.56 34.37 10.67
N LEU T 181 75.44 33.80 11.13
CA LEU T 181 74.45 34.59 11.85
C LEU T 181 74.90 34.79 13.29
N SER T 182 74.99 33.68 14.04
CA SER T 182 75.54 33.60 15.40
C SER T 182 74.83 34.53 16.39
N SER T 183 73.51 34.37 16.46
CA SER T 183 72.73 34.94 17.54
C SER T 183 72.25 33.82 18.46
N ASP T 184 72.02 34.18 19.72
CA ASP T 184 71.55 33.18 20.67
C ASP T 184 70.03 33.07 20.70
N TYR T 185 69.32 33.93 19.97
CA TYR T 185 67.88 33.82 19.80
C TYR T 185 67.65 33.58 18.31
N ARG T 186 67.79 32.33 17.89
CA ARG T 186 67.53 31.98 16.51
C ARG T 186 66.18 31.32 16.31
N GLN T 187 65.58 30.82 17.37
CA GLN T 187 64.35 30.04 17.25
C GLN T 187 63.13 30.93 17.07
N TRP T 188 63.27 32.23 17.21
CA TRP T 188 62.13 33.10 17.03
C TRP T 188 61.97 33.58 15.59
N GLY T 189 62.87 33.18 14.70
CA GLY T 189 62.77 33.62 13.32
C GLY T 189 62.48 32.50 12.35
N ALA T 190 62.15 32.90 11.13
CA ALA T 190 61.95 31.98 10.01
C ALA T 190 62.15 32.75 8.73
N ALA T 191 62.90 32.17 7.80
CA ALA T 191 63.32 32.88 6.60
C ALA T 191 62.73 32.18 5.39
N TYR T 192 62.07 32.94 4.52
CA TYR T 192 61.45 32.42 3.31
C TYR T 192 62.18 32.98 2.10
N TRP T 193 62.70 32.08 1.25
CA TRP T 193 63.79 32.50 0.36
C TRP T 193 63.40 33.38 -0.82
N PRO T 194 62.58 32.95 -1.79
CA PRO T 194 62.52 33.72 -3.04
C PRO T 194 61.58 34.91 -2.94
N ARG T 195 61.88 35.92 -3.74
CA ARG T 195 61.00 37.06 -3.86
C ARG T 195 59.92 36.74 -4.88
N LEU T 196 58.69 37.09 -4.56
CA LEU T 196 57.56 36.76 -5.40
C LEU T 196 57.35 37.83 -6.44
N GLU T 197 57.00 37.42 -7.66
CA GLU T 197 56.65 38.37 -8.71
C GLU T 197 55.13 38.42 -8.79
N THR T 198 54.55 39.40 -8.12
CA THR T 198 53.12 39.52 -8.03
C THR T 198 52.53 40.10 -9.31
N THR T 199 51.20 40.14 -9.36
CA THR T 199 50.48 40.67 -10.52
C THR T 199 50.06 42.11 -10.30
N TYR T 200 51.03 42.96 -10.00
CA TYR T 200 50.78 44.40 -9.95
C TYR T 200 51.76 45.06 -10.89
N GLN T 201 51.34 46.19 -11.49
CA GLN T 201 52.04 46.76 -12.62
C GLN T 201 53.37 47.40 -12.21
N LYS T 202 54.31 47.37 -13.16
CA LYS T 202 55.66 47.96 -13.11
C LYS T 202 56.44 47.76 -11.82
N ILE T 214 51.41 42.58 -15.28
CA ILE T 214 51.42 41.24 -15.85
C ILE T 214 52.64 41.04 -16.75
N PHE T 215 53.17 42.14 -17.28
CA PHE T 215 54.36 42.02 -18.11
C PHE T 215 55.61 42.14 -17.26
N GLN T 216 55.71 43.20 -16.47
CA GLN T 216 56.76 43.33 -15.45
C GLN T 216 56.01 43.50 -14.15
N GLY T 217 55.64 42.39 -13.53
CA GLY T 217 55.02 42.43 -12.23
C GLY T 217 56.03 42.85 -11.18
N THR T 218 55.54 43.54 -10.15
CA THR T 218 56.45 44.08 -9.15
C THR T 218 56.98 42.96 -8.26
N VAL T 219 58.30 42.97 -8.08
CA VAL T 219 58.97 41.95 -7.27
C VAL T 219 58.70 42.30 -5.82
N LEU T 220 58.38 41.30 -5.02
CA LEU T 220 57.83 41.53 -3.69
C LEU T 220 58.47 40.59 -2.68
N SER T 221 58.59 41.07 -1.44
CA SER T 221 58.93 40.25 -0.28
C SER T 221 57.94 39.10 -0.13
N PRO T 222 58.42 37.93 0.30
CA PRO T 222 57.50 36.80 0.46
C PRO T 222 56.81 36.76 1.81
N THR T 223 57.33 37.45 2.82
CA THR T 223 56.83 37.32 4.18
C THR T 223 55.48 37.98 4.41
N ALA T 224 55.05 38.87 3.52
CA ALA T 224 53.74 39.49 3.67
C ALA T 224 52.64 38.50 3.33
N ALA T 225 52.93 37.53 2.48
CA ALA T 225 51.94 36.52 2.12
C ALA T 225 51.88 35.41 3.16
N VAL T 226 53.03 35.07 3.75
CA VAL T 226 53.09 34.00 4.76
C VAL T 226 52.44 34.43 6.07
N ALA T 227 52.45 35.73 6.39
CA ALA T 227 51.77 36.18 7.59
C ALA T 227 50.26 36.11 7.46
N ALA T 228 49.75 36.12 6.22
CA ALA T 228 48.32 35.94 6.03
C ALA T 228 47.94 34.47 6.09
N VAL T 229 48.81 33.57 5.65
CA VAL T 229 48.47 32.15 5.72
C VAL T 229 48.78 31.56 7.09
N ILE T 230 49.65 32.21 7.89
CA ILE T 230 49.75 31.87 9.29
C ILE T 230 48.47 32.25 10.01
N GLN T 231 47.92 33.41 9.69
CA GLN T 231 46.64 33.83 10.21
C GLN T 231 45.49 33.00 9.65
N ARG T 232 45.66 32.44 8.45
CA ARG T 232 44.59 31.68 7.82
C ARG T 232 44.52 30.27 8.37
N THR T 233 45.65 29.67 8.72
CA THR T 233 45.64 28.35 9.33
C THR T 233 45.43 28.39 10.83
N ASP T 234 45.46 29.58 11.43
CA ASP T 234 45.10 29.78 12.82
C ASP T 234 43.59 29.82 12.99
N ASN T 235 42.87 30.21 11.94
CA ASN T 235 41.43 30.40 12.04
C ASN T 235 40.70 29.06 12.14
N ASP T 236 41.19 28.05 11.42
CA ASP T 236 40.48 26.78 11.31
C ASP T 236 41.17 25.63 12.03
N ALA T 237 42.48 25.46 11.83
CA ALA T 237 43.19 24.32 12.37
C ALA T 237 44.07 24.66 13.57
N GLY T 238 43.90 25.83 14.18
CA GLY T 238 44.63 26.17 15.38
C GLY T 238 46.09 26.50 15.14
N VAL T 239 46.78 26.81 16.24
CA VAL T 239 48.19 27.19 16.14
C VAL T 239 49.06 25.94 15.95
N TRP T 240 48.53 24.77 16.32
CA TRP T 240 49.32 23.55 16.27
C TRP T 240 49.55 23.04 14.85
N LYS T 241 48.87 23.61 13.86
CA LYS T 241 49.04 23.17 12.48
C LYS T 241 50.15 23.98 11.80
N ALA T 242 50.94 23.30 11.00
CA ALA T 242 52.08 23.96 10.37
C ALA T 242 51.63 24.81 9.18
N PRO T 243 52.16 26.02 9.03
CA PRO T 243 51.67 26.91 7.98
C PRO T 243 52.20 26.62 6.58
N ALA T 244 52.89 25.52 6.36
CA ALA T 244 53.40 25.23 5.03
C ALA T 244 52.32 24.55 4.19
N ASN T 245 52.65 24.38 2.90
CA ASN T 245 51.83 23.66 1.91
C ASN T 245 50.44 24.28 1.76
N ILE T 246 50.41 25.59 1.55
CA ILE T 246 49.17 26.31 1.32
C ILE T 246 49.40 27.34 0.21
N ALA T 247 48.41 27.49 -0.65
CA ALA T 247 48.58 28.22 -1.90
C ALA T 247 48.62 29.73 -1.68
N LEU T 248 49.37 30.42 -2.52
CA LEU T 248 49.50 31.87 -2.47
C LEU T 248 48.76 32.49 -3.65
N SER T 249 48.12 33.63 -3.39
CA SER T 249 47.07 34.10 -4.29
C SER T 249 47.57 34.87 -5.50
N GLN T 250 48.20 36.02 -5.28
CA GLN T 250 48.43 36.95 -6.38
C GLN T 250 49.81 36.87 -6.99
N VAL T 251 50.46 35.73 -6.94
CA VAL T 251 51.84 35.66 -7.41
C VAL T 251 51.90 34.90 -8.72
N ILE T 252 52.84 35.33 -9.58
CA ILE T 252 53.09 34.64 -10.83
C ILE T 252 54.13 33.56 -10.64
N ARG T 253 55.29 33.94 -10.12
CA ARG T 253 56.42 33.01 -10.01
C ARG T 253 57.38 33.53 -8.96
N PRO T 254 58.11 32.65 -8.30
CA PRO T 254 59.32 33.09 -7.60
C PRO T 254 60.34 33.54 -8.62
N VAL T 255 61.03 34.66 -8.32
CA VAL T 255 61.90 35.26 -9.31
C VAL T 255 63.18 34.44 -9.48
N LYS T 256 63.54 33.66 -8.48
CA LYS T 256 64.59 32.68 -8.67
C LYS T 256 63.98 31.31 -8.90
N SER T 257 64.72 30.46 -9.59
CA SER T 257 64.26 29.10 -9.86
C SER T 257 64.24 28.30 -8.57
N TYR T 258 63.45 27.24 -8.57
CA TYR T 258 63.40 26.38 -7.39
C TYR T 258 64.64 25.50 -7.30
N LEU T 259 65.12 24.99 -8.44
CA LEU T 259 66.26 24.09 -8.44
C LEU T 259 67.56 24.79 -8.07
N GLN T 260 67.63 26.11 -8.23
CA GLN T 260 68.82 26.84 -7.83
C GLN T 260 68.94 26.92 -6.31
N GLY T 261 67.83 26.82 -5.59
CA GLY T 261 67.86 26.95 -4.16
C GLY T 261 67.73 25.64 -3.41
N SER T 262 68.12 24.54 -4.04
CA SER T 262 68.02 23.24 -3.39
C SER T 262 69.12 23.03 -2.35
N VAL T 263 70.10 23.92 -2.28
CA VAL T 263 71.14 23.83 -1.27
C VAL T 263 70.78 24.67 -0.05
N LEU T 264 69.62 25.33 -0.07
CA LEU T 264 69.21 26.14 1.07
C LEU T 264 68.69 25.28 2.21
N PHE T 265 68.09 24.14 1.91
CA PHE T 265 67.62 23.23 2.95
C PHE T 265 68.77 22.34 3.40
N ASN T 266 69.03 22.32 4.71
CA ASN T 266 70.03 21.44 5.31
C ASN T 266 69.40 20.75 6.50
N SER T 267 69.43 19.41 6.50
CA SER T 267 68.78 18.67 7.57
C SER T 267 69.62 18.65 8.83
N SER T 268 70.90 18.99 8.74
CA SER T 268 71.77 18.99 9.90
C SER T 268 72.15 20.40 10.33
N GLY T 269 72.23 21.33 9.38
CA GLY T 269 72.55 22.69 9.70
C GLY T 269 71.32 23.57 9.77
N THR T 270 71.54 24.85 9.52
CA THR T 270 70.44 25.80 9.44
C THR T 270 69.72 25.70 8.11
N SER T 271 68.42 25.45 8.18
CA SER T 271 67.60 25.22 7.00
C SER T 271 66.72 26.44 6.75
N LEU T 272 66.59 26.82 5.50
CA LEU T 272 65.85 28.02 5.11
C LEU T 272 64.63 27.61 4.30
N ASN T 273 63.48 28.17 4.63
CA ASN T 273 62.24 27.76 4.02
C ASN T 273 62.15 28.26 2.59
N VAL T 274 61.69 27.40 1.70
CA VAL T 274 61.69 27.69 0.27
C VAL T 274 60.23 27.74 -0.17
N ILE T 275 60.00 28.51 -1.24
CA ILE T 275 58.68 28.66 -1.83
C ILE T 275 58.71 28.02 -3.20
N ARG T 276 57.94 26.95 -3.37
CA ARG T 276 58.03 26.08 -4.52
C ARG T 276 56.87 26.38 -5.48
N SER T 277 57.06 26.01 -6.74
CA SER T 277 56.02 26.15 -7.74
C SER T 277 55.61 24.77 -8.23
N PHE T 278 54.44 24.34 -7.83
CA PHE T 278 54.00 23.03 -8.28
C PHE T 278 53.12 23.18 -9.50
N PRO T 279 53.35 22.39 -10.57
CA PRO T 279 52.54 22.52 -11.77
C PRO T 279 51.14 21.98 -11.56
N GLY T 280 50.15 22.84 -11.76
CA GLY T 280 48.77 22.48 -11.56
C GLY T 280 48.27 22.66 -10.13
N LYS T 281 49.16 23.04 -9.21
CA LYS T 281 48.83 23.06 -7.80
C LYS T 281 49.16 24.40 -7.15
N GLY T 282 49.73 25.34 -7.90
CA GLY T 282 49.95 26.68 -7.42
C GLY T 282 51.33 26.91 -6.83
N ILE T 283 51.55 28.15 -6.40
CA ILE T 283 52.76 28.52 -5.68
C ILE T 283 52.51 28.26 -4.19
N ARG T 284 53.43 27.55 -3.55
CA ARG T 284 53.19 27.05 -2.22
C ARG T 284 54.37 27.33 -1.30
N VAL T 285 54.10 27.50 -0.01
CA VAL T 285 55.16 27.52 0.97
C VAL T 285 55.59 26.08 1.25
N TRP T 286 56.90 25.84 1.22
CA TRP T 286 57.44 24.49 1.34
C TRP T 286 58.51 24.47 2.41
N GLY T 287 58.13 24.09 3.61
CA GLY T 287 59.05 24.09 4.73
C GLY T 287 58.55 24.95 5.87
N CYS T 288 58.55 24.38 7.07
CA CYS T 288 58.21 25.10 8.29
C CYS T 288 59.36 24.87 9.28
N ARG T 289 60.43 25.62 9.10
CA ARG T 289 61.63 25.46 9.91
C ARG T 289 62.02 26.81 10.46
N THR T 290 62.50 26.82 11.70
CA THR T 290 63.10 28.03 12.23
C THR T 290 64.57 28.06 11.85
N LEU T 291 65.20 29.21 12.05
CA LEU T 291 66.65 29.28 11.94
C LEU T 291 67.21 28.51 13.13
N GLU T 292 67.86 27.38 12.87
CA GLU T 292 68.25 26.51 13.98
C GLU T 292 69.36 25.57 13.57
N ASN T 293 70.29 25.34 14.47
CA ASN T 293 71.34 24.33 14.30
C ASN T 293 71.05 23.20 15.27
N THR T 294 70.60 22.07 14.75
CA THR T 294 69.98 21.03 15.57
C THR T 294 71.00 20.27 16.40
N ASP T 295 71.32 20.82 17.57
CA ASP T 295 72.02 20.07 18.60
C ASP T 295 70.97 19.77 19.67
N ASN T 296 70.17 18.73 19.39
CA ASN T 296 69.12 18.21 20.29
C ASN T 296 68.05 19.25 20.60
N THR T 297 67.84 20.20 19.69
CA THR T 297 66.97 21.33 19.97
C THR T 297 65.51 20.89 19.89
N GLN T 298 64.68 21.52 20.71
CA GLN T 298 63.27 21.15 20.72
C GLN T 298 62.44 22.15 19.94
N TRP T 299 62.94 23.37 19.75
CA TRP T 299 62.23 24.39 18.99
C TRP T 299 62.79 24.39 17.56
N ARG T 300 62.63 23.26 16.90
CA ARG T 300 63.11 23.11 15.52
C ARG T 300 62.11 23.62 14.50
N TYR T 301 60.84 23.29 14.66
CA TYR T 301 59.84 23.72 13.70
C TYR T 301 59.15 24.99 14.15
N LEU T 302 58.55 25.68 13.19
CA LEU T 302 57.87 26.94 13.46
C LEU T 302 56.64 26.74 14.31
N GLN T 303 55.97 25.60 14.14
CA GLN T 303 54.73 25.35 14.84
C GLN T 303 54.97 24.95 16.29
N THR T 304 56.15 24.43 16.60
CA THR T 304 56.46 24.08 17.98
C THR T 304 56.78 25.33 18.79
N ARG T 305 57.46 26.30 18.17
CA ARG T 305 57.74 27.55 18.85
C ARG T 305 56.48 28.38 19.01
N ARG T 306 55.52 28.25 18.09
CA ARG T 306 54.31 29.05 18.20
C ARG T 306 53.26 28.38 19.08
N LEU T 307 53.35 27.05 19.27
CA LEU T 307 52.42 26.39 20.19
C LEU T 307 52.85 26.61 21.63
N VAL T 308 54.15 26.47 21.91
CA VAL T 308 54.62 26.62 23.27
C VAL T 308 54.55 28.08 23.71
N SER T 309 54.58 29.02 22.77
CA SER T 309 54.37 30.41 23.13
C SER T 309 52.89 30.76 23.11
N TYR T 310 52.04 29.85 22.62
CA TYR T 310 50.60 30.05 22.74
C TYR T 310 50.10 29.59 24.11
N VAL T 311 50.82 28.65 24.73
CA VAL T 311 50.38 28.16 26.03
C VAL T 311 51.09 28.90 27.16
N THR T 312 52.11 29.68 26.84
CA THR T 312 52.54 30.66 27.84
C THR T 312 51.60 31.85 27.87
N ALA T 313 51.21 32.36 26.71
CA ALA T 313 50.41 33.57 26.66
C ALA T 313 48.94 33.31 26.93
N HIS T 314 48.56 32.05 27.16
CA HIS T 314 47.22 31.76 27.65
C HIS T 314 47.22 31.15 29.03
N LEU T 315 48.40 30.82 29.57
CA LEU T 315 48.49 30.51 30.99
C LEU T 315 48.82 31.74 31.81
N THR T 316 49.42 32.76 31.21
CA THR T 316 49.57 34.02 31.91
C THR T 316 48.24 34.73 32.06
N GLN T 317 47.31 34.51 31.13
CA GLN T 317 46.00 35.11 31.27
C GLN T 317 45.17 34.41 32.33
N LEU T 318 45.54 33.18 32.68
CA LEU T 318 44.88 32.49 33.78
C LEU T 318 45.57 32.79 35.10
N ALA T 319 46.89 33.02 35.06
CA ALA T 319 47.62 33.25 36.30
C ALA T 319 47.57 34.71 36.69
N ARG T 320 47.22 35.60 35.77
CA ARG T 320 47.05 36.99 36.15
C ARG T 320 45.80 37.21 37.00
N MET T 321 44.83 36.28 36.96
CA MET T 321 43.52 36.57 37.51
C MET T 321 43.53 36.53 39.04
N TYR T 322 44.51 35.86 39.62
CA TYR T 322 44.66 35.76 41.07
C TYR T 322 46.11 36.02 41.47
N VAL T 323 46.67 37.11 40.94
CA VAL T 323 47.79 37.78 41.58
C VAL T 323 47.18 38.53 42.77
N PHE T 324 47.99 38.80 43.80
CA PHE T 324 47.59 39.40 45.07
C PHE T 324 46.51 38.59 45.77
N GLU T 325 46.72 37.29 45.91
CA GLU T 325 45.84 36.39 46.63
C GLU T 325 46.62 35.82 47.82
N PRO T 326 45.94 35.24 48.83
CA PRO T 326 46.64 34.96 50.11
C PRO T 326 47.79 33.96 50.08
N ASN T 327 48.04 33.25 48.96
CA ASN T 327 49.17 32.31 48.81
C ASN T 327 49.13 31.18 49.84
N ASN T 328 47.93 30.70 50.15
CA ASN T 328 47.79 29.54 51.02
C ASN T 328 47.74 28.29 50.17
N GLU T 329 47.35 27.16 50.75
CA GLU T 329 47.21 25.91 50.00
C GLU T 329 45.95 25.88 49.17
N LEU T 330 45.05 26.86 49.36
CA LEU T 330 43.79 26.88 48.62
C LEU T 330 43.97 27.47 47.24
N THR T 331 44.68 28.59 47.14
CA THR T 331 44.81 29.26 45.85
C THR T 331 45.81 28.61 44.92
N TRP T 332 46.44 27.51 45.33
CA TRP T 332 47.21 26.72 44.39
C TRP T 332 46.33 25.67 43.72
N MET T 333 45.42 25.08 44.49
CA MET T 333 44.48 24.11 43.93
C MET T 333 43.46 24.77 43.03
N LYS T 334 43.28 26.10 43.13
CA LYS T 334 42.47 26.81 42.14
C LYS T 334 43.29 27.18 40.92
N LEU T 335 44.61 27.10 41.02
CA LEU T 335 45.48 27.33 39.88
C LEU T 335 45.87 26.02 39.23
N LYS T 336 46.08 24.98 40.03
CA LYS T 336 46.36 23.65 39.49
C LYS T 336 45.11 23.04 38.86
N GLY T 337 43.94 23.54 39.23
CA GLY T 337 42.73 23.00 38.65
C GLY T 337 42.30 23.71 37.39
N GLN T 338 42.51 25.02 37.32
CA GLN T 338 42.09 25.77 36.15
C GLN T 338 43.06 25.60 34.98
N SER T 339 44.33 25.34 35.26
CA SER T 339 45.29 25.14 34.18
C SER T 339 45.34 23.69 33.72
N TYR T 340 45.02 22.75 34.60
CA TYR T 340 44.86 21.37 34.15
C TYR T 340 43.63 21.23 33.28
N ASN T 341 42.59 22.01 33.55
CA ASN T 341 41.36 21.90 32.78
C ASN T 341 41.49 22.57 31.43
N TRP T 342 42.44 23.48 31.28
CA TRP T 342 42.63 24.11 29.98
C TRP T 342 43.58 23.33 29.12
N LEU T 343 44.64 22.77 29.71
CA LEU T 343 45.58 21.97 28.94
C LEU T 343 44.96 20.66 28.48
N ARG T 344 44.03 20.12 29.25
CA ARG T 344 43.27 18.97 28.76
C ARG T 344 42.33 19.38 27.63
N GLN T 345 41.79 20.60 27.70
CA GLN T 345 40.93 21.08 26.61
C GLN T 345 41.74 21.34 25.35
N LEU T 346 43.02 21.68 25.48
CA LEU T 346 43.88 21.79 24.31
C LEU T 346 44.34 20.41 23.85
N TRP T 347 44.46 19.46 24.77
CA TRP T 347 44.91 18.12 24.39
C TRP T 347 43.82 17.37 23.64
N LEU T 348 42.56 17.58 23.98
CA LEU T 348 41.47 16.92 23.29
C LEU T 348 41.06 17.61 22.00
N GLN T 349 41.83 18.58 21.52
CA GLN T 349 41.67 19.13 20.19
C GLN T 349 42.72 18.60 19.23
N GLY T 350 43.52 17.62 19.65
CA GLY T 350 44.60 17.13 18.83
C GLY T 350 45.82 18.00 18.87
N GLY T 351 46.26 18.42 20.04
CA GLY T 351 47.31 19.40 20.14
C GLY T 351 48.59 19.03 20.85
N LEU T 352 48.65 17.90 21.57
CA LEU T 352 49.72 17.72 22.52
C LEU T 352 50.40 16.35 22.52
N TYR T 353 50.08 15.45 21.57
CA TYR T 353 50.78 14.16 21.38
C TYR T 353 50.71 13.28 22.64
N GLY T 354 49.51 12.79 22.89
CA GLY T 354 49.38 11.83 23.97
C GLY T 354 48.26 10.83 23.76
N SER T 355 48.48 9.59 24.17
CA SER T 355 47.40 8.62 24.14
C SER T 355 46.58 8.67 25.42
N GLN T 356 47.16 9.20 26.50
CA GLN T 356 46.45 9.48 27.74
C GLN T 356 46.98 10.78 28.29
N GLU T 357 46.23 11.37 29.24
CA GLU T 357 46.52 12.74 29.64
C GLU T 357 47.78 12.84 30.48
N ASP T 358 48.21 11.75 31.10
CA ASP T 358 49.48 11.79 31.82
C ASP T 358 50.67 11.60 30.88
N GLU T 359 50.41 11.28 29.62
CA GLU T 359 51.48 11.21 28.63
C GLU T 359 51.62 12.52 27.88
N ALA T 360 50.55 13.32 27.85
CA ALA T 360 50.60 14.56 27.08
C ALA T 360 51.25 15.68 27.86
N PHE T 361 50.84 15.87 29.12
CA PHE T 361 51.30 17.02 29.90
C PHE T 361 51.27 16.66 31.37
N ASN T 362 51.80 17.57 32.19
CA ASN T 362 51.85 17.41 33.63
C ASN T 362 52.15 18.76 34.25
N ILE T 363 51.51 19.06 35.37
CA ILE T 363 51.76 20.30 36.12
C ILE T 363 51.98 19.94 37.58
N LEU T 364 52.79 20.72 38.27
CA LEU T 364 53.07 20.51 39.69
C LEU T 364 53.18 21.86 40.36
N LEU T 365 52.66 21.98 41.58
CA LEU T 365 52.58 23.29 42.22
C LEU T 365 52.85 23.27 43.72
N GLY T 366 53.04 22.12 44.35
CA GLY T 366 52.98 22.03 45.79
C GLY T 366 54.13 22.73 46.50
N VAL T 367 53.99 22.81 47.83
CA VAL T 367 54.93 23.58 48.63
C VAL T 367 56.20 22.75 48.88
N ASN T 368 56.15 21.47 48.58
CA ASN T 368 57.35 20.66 48.68
C ASN T 368 57.77 20.07 47.35
N GLU T 369 57.15 20.50 46.25
CA GLU T 369 57.48 19.97 44.94
C GLU T 369 58.25 20.98 44.11
N THR T 370 57.71 22.19 43.99
CA THR T 370 58.33 23.22 43.19
C THR T 370 58.96 24.33 44.01
N MET T 371 58.31 24.78 45.08
CA MET T 371 58.77 25.96 45.81
C MET T 371 59.35 25.53 47.15
N THR T 372 60.13 26.42 47.73
CA THR T 372 60.64 26.20 49.07
C THR T 372 59.80 26.97 50.09
N GLU T 373 60.18 26.84 51.35
CA GLU T 373 59.46 27.57 52.40
C GLU T 373 59.80 29.05 52.41
N ASP T 374 60.92 29.44 51.80
CA ASP T 374 61.24 30.86 51.71
C ASP T 374 60.55 31.52 50.53
N ASP T 375 60.25 30.74 49.48
CA ASP T 375 59.57 31.31 48.32
C ASP T 375 58.10 31.58 48.62
N VAL T 376 57.53 30.91 49.62
CA VAL T 376 56.22 31.31 50.10
C VAL T 376 56.34 32.57 50.94
N ARG T 377 57.41 32.67 51.73
CA ARG T 377 57.63 33.87 52.53
C ARG T 377 57.99 35.07 51.67
N ALA T 378 58.66 34.82 50.54
CA ALA T 378 58.96 35.92 49.62
C ALA T 378 57.73 36.31 48.79
N GLY T 379 56.73 35.44 48.75
CA GLY T 379 55.50 35.72 48.06
C GLY T 379 55.44 35.31 46.62
N LYS T 380 55.95 34.14 46.26
CA LYS T 380 55.91 33.70 44.88
C LYS T 380 55.39 32.27 44.77
N MET T 381 54.65 32.01 43.70
CA MET T 381 54.23 30.68 43.32
C MET T 381 55.11 30.19 42.18
N ILE T 382 55.45 28.91 42.19
CA ILE T 382 56.27 28.30 41.15
C ILE T 382 55.45 27.18 40.55
N MET T 383 55.05 27.33 39.29
CA MET T 383 54.32 26.30 38.59
C MET T 383 55.21 25.69 37.53
N LYS T 384 55.22 24.36 37.43
CA LYS T 384 56.08 23.66 36.50
C LYS T 384 55.24 22.90 35.50
N VAL T 385 55.13 23.46 34.30
CA VAL T 385 54.29 22.91 33.24
C VAL T 385 55.22 22.20 32.27
N GLU T 386 55.07 20.90 32.14
CA GLU T 386 55.73 20.18 31.06
C GLU T 386 54.67 19.72 30.06
N LEU T 387 55.01 19.77 28.78
CA LEU T 387 54.03 19.42 27.76
C LEU T 387 54.75 18.84 26.56
N ALA T 388 54.16 17.81 25.97
CA ALA T 388 54.66 17.20 24.76
C ALA T 388 54.03 17.87 23.56
N VAL T 389 54.73 17.83 22.43
CA VAL T 389 54.24 18.41 21.18
C VAL T 389 54.36 17.38 20.08
N LEU T 390 53.88 17.74 18.90
CA LEU T 390 53.79 16.86 17.75
C LEU T 390 54.84 17.19 16.70
N PHE T 391 54.94 16.31 15.66
CA PHE T 391 55.90 16.42 14.58
C PHE T 391 55.19 16.61 13.24
N PRO T 392 55.79 17.32 12.28
CA PRO T 392 55.01 17.84 11.15
C PRO T 392 54.91 16.95 9.92
N ALA T 393 55.58 15.79 9.87
CA ALA T 393 55.59 14.88 8.72
C ALA T 393 56.10 15.56 7.45
N GLU T 394 57.39 15.89 7.46
CA GLU T 394 57.97 16.53 6.30
C GLU T 394 58.65 15.56 5.34
N PHE T 395 59.08 14.39 5.79
CA PHE T 395 59.60 13.36 4.90
C PHE T 395 58.68 12.16 4.91
N ILE T 396 58.51 11.52 3.76
CA ILE T 396 57.69 10.32 3.62
C ILE T 396 58.48 9.29 2.82
N GLU T 397 58.58 8.07 3.34
CA GLU T 397 59.45 7.04 2.75
C GLU T 397 58.63 5.81 2.42
N ILE T 398 58.56 5.46 1.14
CA ILE T 398 57.84 4.28 0.68
C ILE T 398 58.82 3.12 0.66
N SER T 399 58.35 1.91 0.91
CA SER T 399 59.26 0.78 1.03
C SER T 399 59.09 -0.28 -0.06
N LEU T 400 57.86 -0.59 -0.44
CA LEU T 400 57.54 -1.43 -1.61
C LEU T 400 58.12 -2.85 -1.51
N VAL T 401 57.59 -3.62 -0.56
CA VAL T 401 58.02 -5.00 -0.43
C VAL T 401 56.98 -5.94 -1.05
N PHE T 402 57.43 -7.11 -1.48
CA PHE T 402 56.62 -8.09 -2.20
C PHE T 402 56.30 -9.25 -1.27
N ASN T 403 55.02 -9.63 -1.21
CA ASN T 403 54.53 -10.44 -0.09
C ASN T 403 53.63 -11.59 -0.56
N THR T 404 54.10 -12.39 -1.51
CA THR T 404 53.45 -13.69 -1.70
C THR T 404 54.06 -14.76 -0.82
N GLN T 405 55.01 -14.37 0.03
CA GLN T 405 55.59 -15.32 0.97
C GLN T 405 54.56 -15.75 2.01
N THR T 406 53.74 -14.80 2.50
CA THR T 406 52.93 -15.02 3.69
C THR T 406 51.46 -15.27 3.34
N GLU T 407 51.16 -15.62 2.07
CA GLU T 407 49.77 -15.92 1.71
C GLU T 407 49.30 -17.22 2.35
N ALA T 408 50.25 -18.12 2.65
CA ALA T 408 50.14 -19.18 3.65
C ALA T 408 49.15 -20.28 3.29
N LEU T 409 48.91 -20.50 1.99
CA LEU T 409 48.08 -21.57 1.44
C LEU T 409 46.67 -21.58 2.04
N SER T 410 46.01 -20.42 1.90
CA SER T 410 44.70 -20.10 2.48
C SER T 410 44.65 -20.37 3.99
N MET U 1 -44.06 49.00 -1.48
CA MET U 1 -43.43 50.10 -0.76
C MET U 1 -44.34 50.72 0.32
N GLU U 2 -44.65 49.91 1.32
CA GLU U 2 -45.42 50.35 2.48
C GLU U 2 -44.47 50.46 3.66
N ARG U 3 -44.34 51.67 4.20
CA ARG U 3 -43.25 52.00 5.10
C ARG U 3 -43.63 51.85 6.57
N LEU U 4 -44.93 51.76 6.86
CA LEU U 4 -45.38 51.64 8.23
C LEU U 4 -45.71 50.22 8.62
N GLN U 5 -46.09 49.40 7.66
CA GLN U 5 -46.37 47.99 7.87
C GLN U 5 -45.06 47.23 8.07
N PRO U 6 -45.05 46.14 8.83
CA PRO U 6 -43.81 45.41 9.06
C PRO U 6 -43.29 44.72 7.81
N GLY U 7 -42.00 44.89 7.57
CA GLY U 7 -41.39 44.34 6.38
C GLY U 7 -39.97 44.86 6.21
N VAL U 8 -39.52 44.87 4.96
CA VAL U 8 -38.17 45.30 4.62
C VAL U 8 -38.27 46.58 3.82
N THR U 9 -38.10 47.71 4.50
CA THR U 9 -38.20 49.03 3.87
C THR U 9 -36.83 49.68 3.84
N LEU U 10 -36.32 49.96 2.65
CA LEU U 10 -35.01 50.57 2.53
C LEU U 10 -35.09 52.07 2.79
N THR U 11 -34.05 52.59 3.46
CA THR U 11 -34.02 53.99 3.87
C THR U 11 -32.79 54.66 3.29
N GLU U 12 -32.82 55.99 3.30
CA GLU U 12 -31.70 56.78 2.79
C GLU U 12 -30.74 57.16 3.90
N SER U 13 -31.12 56.94 5.15
CA SER U 13 -30.29 57.38 6.27
C SER U 13 -29.09 56.46 6.44
N ILE U 14 -27.91 57.05 6.55
CA ILE U 14 -26.65 56.31 6.63
C ILE U 14 -26.29 56.13 8.10
N ILE U 15 -26.19 54.87 8.52
CA ILE U 15 -25.79 54.55 9.87
C ILE U 15 -24.27 54.43 9.93
N THR U 16 -23.72 54.44 11.14
CA THR U 16 -22.29 54.56 11.32
C THR U 16 -21.58 53.24 11.09
N MET U 17 -20.33 53.32 10.64
CA MET U 17 -19.42 52.19 10.54
C MET U 17 -18.94 51.79 11.94
N GLY U 18 -18.58 50.52 12.08
CA GLY U 18 -18.00 50.04 13.32
C GLY U 18 -16.62 50.63 13.53
N GLN U 19 -16.50 51.53 14.51
CA GLN U 19 -15.26 52.24 14.78
C GLN U 19 -14.26 51.33 15.49
N GLN U 20 -12.97 51.54 15.20
CA GLN U 20 -11.93 50.71 15.80
C GLN U 20 -11.37 51.35 17.08
N GLU U 21 -11.51 52.68 17.20
CA GLU U 21 -11.07 53.47 18.36
C GLU U 21 -9.56 53.32 18.59
N ILE U 22 -8.81 53.90 17.66
CA ILE U 22 -7.38 54.08 17.84
C ILE U 22 -7.16 55.17 18.87
N PRO U 23 -6.53 54.88 20.01
CA PRO U 23 -6.52 55.85 21.10
C PRO U 23 -5.45 56.93 20.98
N SER U 24 -4.33 56.62 20.32
CA SER U 24 -3.17 57.50 20.36
C SER U 24 -3.04 58.40 19.14
N ALA U 25 -4.04 58.43 18.26
CA ALA U 25 -4.00 59.29 17.09
C ALA U 25 -5.42 59.70 16.76
N VAL U 26 -5.80 60.91 17.16
CA VAL U 26 -7.12 61.43 16.85
C VAL U 26 -7.05 62.94 16.68
N PRO U 27 -7.51 63.47 15.56
CA PRO U 27 -7.29 64.90 15.27
C PRO U 27 -8.45 65.80 15.66
N VAL U 28 -8.19 67.11 15.74
CA VAL U 28 -9.24 68.10 15.66
C VAL U 28 -9.09 68.87 14.36
N PHE U 29 -10.22 69.30 13.82
CA PHE U 29 -10.26 70.20 12.69
C PHE U 29 -10.82 71.52 13.21
N ILE U 30 -9.95 72.50 13.44
CA ILE U 30 -10.40 73.80 13.93
C ILE U 30 -10.50 74.75 12.74
N GLY U 31 -11.72 75.05 12.34
CA GLY U 31 -11.93 75.87 11.16
C GLY U 31 -13.30 76.50 11.17
N TYR U 32 -13.55 77.31 10.15
CA TYR U 32 -14.84 77.97 10.00
C TYR U 32 -15.85 77.02 9.38
N THR U 33 -17.01 76.91 9.98
CA THR U 33 -18.12 76.17 9.42
C THR U 33 -19.25 77.12 9.08
N VAL U 34 -20.16 76.66 8.23
CA VAL U 34 -21.25 77.52 7.77
C VAL U 34 -22.46 77.44 8.71
N ARG U 35 -22.71 76.27 9.31
CA ARG U 35 -23.91 76.10 10.10
C ARG U 35 -23.72 76.53 11.55
N TYR U 36 -22.78 75.89 12.24
CA TYR U 36 -22.60 75.99 13.69
C TYR U 36 -23.90 75.79 14.50
N PRO U 37 -24.49 74.57 14.47
CA PRO U 37 -25.78 74.40 15.16
C PRO U 37 -25.69 73.78 16.54
N GLU U 38 -24.53 73.27 16.93
CA GLU U 38 -24.45 72.45 18.13
C GLU U 38 -24.42 73.36 19.35
N GLN U 39 -25.36 73.16 20.28
CA GLN U 39 -25.53 74.09 21.40
C GLN U 39 -25.20 73.48 22.75
N SER U 40 -24.82 72.21 22.80
CA SER U 40 -24.57 71.59 24.10
C SER U 40 -23.10 71.72 24.49
N GLU U 41 -22.20 71.31 23.61
CA GLU U 41 -20.81 71.10 23.98
C GLU U 41 -19.92 72.11 23.26
N ALA U 42 -18.61 71.98 23.49
CA ALA U 42 -17.64 72.86 22.87
C ALA U 42 -17.11 72.26 21.57
N SER U 43 -16.46 71.11 21.66
CA SER U 43 -15.93 70.39 20.51
C SER U 43 -16.55 69.01 20.46
N VAL U 44 -17.08 68.64 19.30
CA VAL U 44 -17.87 67.42 19.18
C VAL U 44 -17.15 66.43 18.28
N ARG U 45 -17.49 65.16 18.45
CA ARG U 45 -16.85 64.08 17.73
C ARG U 45 -17.71 63.67 16.54
N ILE U 46 -17.09 63.57 15.38
CA ILE U 46 -17.78 63.11 14.20
C ILE U 46 -17.21 61.76 13.80
N ASP U 47 -17.99 61.01 13.03
CA ASP U 47 -17.57 59.70 12.59
C ASP U 47 -17.59 59.56 11.08
N SER U 48 -18.57 60.14 10.40
CA SER U 48 -18.65 60.05 8.96
C SER U 48 -18.93 61.45 8.41
N LEU U 49 -18.80 61.56 7.10
CA LEU U 49 -19.07 62.85 6.45
C LEU U 49 -20.56 63.14 6.45
N ALA U 50 -21.37 62.10 6.18
CA ALA U 50 -22.83 62.25 6.18
C ALA U 50 -23.37 62.61 7.56
N GLU U 51 -22.67 62.22 8.62
CA GLU U 51 -22.94 62.73 9.95
C GLU U 51 -22.43 64.15 10.12
N TYR U 52 -21.32 64.51 9.47
CA TYR U 52 -20.77 65.85 9.59
C TYR U 52 -21.60 66.87 8.82
N THR U 53 -22.08 66.51 7.62
CA THR U 53 -22.80 67.47 6.78
C THR U 53 -24.15 67.83 7.39
N SER U 54 -24.77 66.88 8.09
CA SER U 54 -25.99 67.19 8.84
C SER U 54 -25.67 68.02 10.07
N LEU U 55 -24.44 67.94 10.56
CA LEU U 55 -24.08 68.57 11.83
C LEU U 55 -23.25 69.82 11.66
N PHE U 56 -22.70 70.10 10.48
CA PHE U 56 -21.92 71.33 10.34
C PHE U 56 -22.10 72.01 8.99
N GLY U 57 -23.16 71.73 8.27
CA GLY U 57 -23.36 72.41 7.00
C GLY U 57 -22.61 71.76 5.85
N ASP U 58 -22.63 72.47 4.73
CA ASP U 58 -22.10 71.93 3.49
C ASP U 58 -21.37 73.01 2.70
N ASP U 59 -20.53 72.57 1.76
CA ASP U 59 -19.86 73.41 0.76
C ASP U 59 -18.98 74.49 1.41
N HIS U 60 -17.96 74.04 2.13
CA HIS U 60 -16.93 74.92 2.65
C HIS U 60 -15.58 74.20 2.57
N VAL U 61 -14.51 74.95 2.86
CA VAL U 61 -13.16 74.39 2.69
C VAL U 61 -12.86 73.37 3.78
N MET U 62 -13.49 73.51 4.94
CA MET U 62 -13.23 72.57 6.03
C MET U 62 -13.98 71.26 5.83
N MET U 63 -14.99 71.24 4.98
CA MET U 63 -15.68 69.98 4.71
C MET U 63 -14.85 69.10 3.80
N PHE U 64 -14.15 69.70 2.83
CA PHE U 64 -13.37 68.90 1.89
C PHE U 64 -12.10 68.35 2.55
N ALA U 65 -11.72 68.89 3.71
CA ALA U 65 -10.64 68.27 4.47
C ALA U 65 -11.14 67.10 5.29
N VAL U 66 -12.37 67.18 5.80
CA VAL U 66 -12.99 66.05 6.48
C VAL U 66 -13.31 64.96 5.48
N ARG U 67 -13.80 65.34 4.29
CA ARG U 67 -14.14 64.37 3.27
C ARG U 67 -12.91 63.65 2.74
N HIS U 68 -11.75 64.30 2.76
CA HIS U 68 -10.51 63.66 2.36
C HIS U 68 -9.85 62.94 3.53
N TYR U 69 -10.23 63.27 4.76
CA TYR U 69 -9.70 62.54 5.91
C TYR U 69 -10.38 61.19 6.03
N PHE U 70 -11.67 61.12 5.69
CA PHE U 70 -12.39 59.86 5.78
C PHE U 70 -12.17 58.99 4.57
N ASP U 71 -11.49 59.50 3.54
CA ASP U 71 -11.19 58.66 2.38
C ASP U 71 -9.85 57.98 2.55
N ASN U 72 -8.92 58.60 3.27
CA ASN U 72 -7.60 58.01 3.43
C ASN U 72 -7.56 56.98 4.56
N GLY U 73 -8.61 56.86 5.35
CA GLY U 73 -8.68 55.76 6.28
C GLY U 73 -8.88 56.15 7.73
N GLY U 74 -9.05 57.44 8.00
CA GLY U 74 -9.34 57.87 9.37
C GLY U 74 -10.76 57.51 9.73
N GLN U 75 -10.98 57.18 11.01
CA GLN U 75 -12.31 56.72 11.40
C GLN U 75 -12.95 57.55 12.50
N GLN U 76 -12.19 58.30 13.29
CA GLN U 76 -12.80 59.20 14.25
C GLN U 76 -12.01 60.49 14.32
N ALA U 77 -12.73 61.57 14.62
CA ALA U 77 -12.16 62.91 14.57
C ALA U 77 -13.07 63.83 15.35
N PHE U 78 -12.48 64.92 15.83
CA PHE U 78 -13.24 65.95 16.51
C PHE U 78 -13.25 67.21 15.66
N VAL U 79 -14.28 68.03 15.84
CA VAL U 79 -14.39 69.31 15.14
C VAL U 79 -14.69 70.38 16.17
N LEU U 80 -13.78 71.35 16.28
CA LEU U 80 -14.00 72.52 17.12
C LEU U 80 -14.18 73.73 16.21
N PRO U 81 -15.41 74.19 15.98
CA PRO U 81 -15.61 75.29 15.04
C PRO U 81 -15.26 76.64 15.64
N LEU U 82 -14.79 77.54 14.78
CA LEU U 82 -14.60 78.92 15.18
C LEU U 82 -15.94 79.66 15.09
N LYS U 83 -16.19 80.50 16.09
CA LYS U 83 -17.52 81.08 16.24
C LYS U 83 -17.75 82.28 15.32
N ASP U 84 -16.72 82.76 14.64
CA ASP U 84 -16.84 83.99 13.86
C ASP U 84 -17.46 83.68 12.50
N ASN U 85 -17.46 84.65 11.61
CA ASN U 85 -18.11 84.47 10.33
C ASN U 85 -17.22 83.72 9.35
N MET U 86 -17.84 83.03 8.42
CA MET U 86 -17.10 82.37 7.36
C MET U 86 -16.54 83.42 6.41
N PRO U 87 -15.27 83.30 6.01
CA PRO U 87 -14.65 84.36 5.19
C PRO U 87 -15.15 84.43 3.77
N SER U 88 -14.54 85.30 2.97
CA SER U 88 -14.94 85.48 1.58
C SER U 88 -14.35 84.36 0.72
N VAL U 89 -14.45 84.52 -0.59
CA VAL U 89 -13.83 83.56 -1.51
C VAL U 89 -12.31 83.64 -1.41
N GLU U 90 -11.77 84.86 -1.32
CA GLU U 90 -10.37 85.10 -1.04
C GLU U 90 -10.27 85.78 0.32
N MET U 91 -9.16 85.57 1.01
CA MET U 91 -8.99 86.13 2.34
C MET U 91 -8.34 87.50 2.27
N THR U 92 -9.05 88.51 2.78
CA THR U 92 -8.49 89.84 2.91
C THR U 92 -7.58 89.92 4.13
N THR U 93 -6.66 90.88 4.10
CA THR U 93 -5.69 90.99 5.18
C THR U 93 -6.32 91.51 6.46
N ALA U 94 -7.44 92.21 6.35
CA ALA U 94 -8.19 92.61 7.54
C ALA U 94 -8.90 91.41 8.17
N GLU U 95 -9.16 90.38 7.38
CA GLU U 95 -9.90 89.23 7.89
C GLU U 95 -8.96 88.10 8.29
N ALA U 96 -7.78 88.01 7.67
CA ALA U 96 -6.85 86.93 7.99
C ALA U 96 -6.24 87.11 9.37
N GLU U 97 -6.20 88.33 9.89
CA GLU U 97 -5.78 88.52 11.28
C GLU U 97 -6.85 88.06 12.25
N ASN U 98 -8.12 88.06 11.83
CA ASN U 98 -9.21 87.63 12.70
C ASN U 98 -9.18 86.13 12.93
N LEU U 99 -8.56 85.37 12.03
CA LEU U 99 -8.40 83.94 12.24
C LEU U 99 -7.29 83.66 13.24
N ILE U 100 -6.13 84.30 13.08
CA ILE U 100 -5.00 83.99 13.93
C ILE U 100 -5.18 84.59 15.32
N ALA U 101 -5.99 85.65 15.45
CA ALA U 101 -6.32 86.13 16.78
C ALA U 101 -7.34 85.23 17.46
N ALA U 102 -8.10 84.48 16.67
CA ALA U 102 -9.01 83.50 17.25
C ALA U 102 -8.29 82.20 17.58
N LEU U 103 -7.09 82.00 17.01
CA LEU U 103 -6.31 80.82 17.37
C LEU U 103 -5.52 81.05 18.66
N ARG U 104 -5.22 82.29 19.00
CA ARG U 104 -4.61 82.59 20.28
C ARG U 104 -5.62 82.75 21.39
N SER U 105 -6.92 82.76 21.07
CA SER U 105 -7.94 83.01 22.07
C SER U 105 -8.11 81.81 22.98
N ALA U 106 -8.54 82.07 24.21
CA ALA U 106 -8.79 81.01 25.18
C ALA U 106 -10.12 80.30 24.95
N THR U 107 -10.91 80.76 24.00
CA THR U 107 -12.17 80.08 23.69
C THR U 107 -11.90 78.76 22.96
N VAL U 108 -10.82 78.71 22.18
CA VAL U 108 -10.45 77.47 21.52
C VAL U 108 -9.33 76.76 22.25
N SER U 109 -8.66 77.42 23.19
CA SER U 109 -7.62 76.76 23.97
C SER U 109 -8.21 75.96 25.12
N GLU U 110 -9.40 76.32 25.60
CA GLU U 110 -10.00 75.59 26.70
C GLU U 110 -10.71 74.34 26.22
N ALA U 111 -11.21 74.34 24.99
CA ALA U 111 -11.89 73.16 24.47
C ALA U 111 -10.89 72.05 24.14
N ILE U 112 -9.69 72.42 23.71
CA ILE U 112 -8.66 71.41 23.44
C ILE U 112 -8.06 70.92 24.75
N GLY U 113 -7.71 71.84 25.63
CA GLY U 113 -7.04 71.47 26.87
C GLY U 113 -7.96 70.85 27.90
N GLY U 114 -9.26 70.89 27.67
CA GLY U 114 -10.20 70.31 28.61
C GLY U 114 -10.66 68.91 28.25
N HIS U 115 -10.42 68.48 27.01
CA HIS U 115 -11.04 67.24 26.56
C HIS U 115 -10.18 66.02 26.81
N SER U 116 -8.85 66.14 26.64
CA SER U 116 -7.84 65.15 27.06
C SER U 116 -7.96 63.80 26.34
N GLN U 117 -8.58 63.79 25.18
CA GLN U 117 -8.60 62.63 24.29
C GLN U 117 -7.80 62.84 23.01
N ILE U 118 -7.71 64.09 22.55
CA ILE U 118 -7.04 64.45 21.31
C ILE U 118 -5.54 64.31 21.48
N THR U 119 -4.88 63.73 20.48
CA THR U 119 -3.43 63.63 20.53
C THR U 119 -2.71 64.46 19.48
N LEU U 120 -3.41 64.98 18.47
CA LEU U 120 -2.77 65.90 17.54
C LEU U 120 -3.82 66.87 17.00
N ILE U 121 -3.40 68.11 16.73
CA ILE U 121 -4.29 69.15 16.23
C ILE U 121 -3.83 69.55 14.85
N LEU U 122 -4.72 70.23 14.11
CA LEU U 122 -4.43 70.70 12.77
C LEU U 122 -5.48 71.73 12.34
N VAL U 123 -5.04 72.71 11.57
CA VAL U 123 -5.93 73.69 10.95
C VAL U 123 -5.94 73.42 9.45
N PRO U 124 -7.06 73.04 8.85
CA PRO U 124 -7.16 73.01 7.40
C PRO U 124 -7.53 74.35 6.78
N ASP U 125 -7.80 75.35 7.61
CA ASP U 125 -8.20 76.67 7.14
C ASP U 125 -7.03 77.61 6.96
N MET U 126 -5.81 77.16 7.24
CA MET U 126 -4.64 78.02 7.02
C MET U 126 -4.28 78.10 5.56
N ALA U 127 -4.62 77.09 4.75
CA ALA U 127 -4.36 77.19 3.32
C ALA U 127 -5.36 78.06 2.61
N ARG U 128 -6.38 78.57 3.31
CA ARG U 128 -7.32 79.50 2.69
C ARG U 128 -6.67 80.86 2.48
N LEU U 129 -5.65 81.21 3.27
CA LEU U 129 -4.94 82.47 3.10
C LEU U 129 -3.74 82.33 2.16
N ASN U 130 -3.73 81.31 1.31
CA ASN U 130 -2.60 81.13 0.41
C ASN U 130 -2.70 82.07 -0.79
N ASP U 131 -3.87 82.66 -1.03
CA ASP U 131 -4.08 83.59 -2.13
C ASP U 131 -4.47 84.97 -1.60
N SER U 132 -3.80 86.00 -2.12
CA SER U 132 -4.14 87.42 -1.91
C SER U 132 -4.07 87.83 -0.45
N ASP U 133 -3.13 87.23 0.30
CA ASP U 133 -3.01 87.55 1.72
C ASP U 133 -2.27 88.86 1.97
N ILE U 134 -1.42 89.29 1.05
CA ILE U 134 -0.53 90.42 1.32
C ILE U 134 -1.01 91.66 0.62
N VAL U 141 4.75 87.96 4.26
CA VAL U 141 5.28 86.62 4.43
C VAL U 141 5.15 86.25 5.91
N SER U 142 5.34 87.24 6.77
CA SER U 142 5.31 87.02 8.22
C SER U 142 3.92 86.68 8.75
N LEU U 143 2.86 86.84 7.94
CA LEU U 143 1.53 86.44 8.36
C LEU U 143 1.41 84.93 8.53
N TRP U 144 2.18 84.15 7.76
CA TRP U 144 2.21 82.70 7.96
C TRP U 144 2.89 82.35 9.26
N SER U 145 4.02 83.02 9.56
CA SER U 145 4.75 82.77 10.79
C SER U 145 3.97 83.22 12.02
N GLN U 146 3.12 84.22 11.87
CA GLN U 146 2.26 84.64 12.97
C GLN U 146 1.17 83.60 13.24
N GLY U 147 0.85 82.78 12.25
CA GLY U 147 -0.09 81.70 12.43
C GLY U 147 0.55 80.43 12.94
N TRP U 148 1.80 80.18 12.56
CA TRP U 148 2.51 79.01 13.07
C TRP U 148 2.90 79.17 14.53
N GLU U 149 3.34 80.38 14.91
CA GLU U 149 3.69 80.64 16.31
C GLU U 149 2.47 80.62 17.20
N ALA U 150 1.28 80.90 16.64
CA ALA U 150 0.05 80.70 17.39
C ALA U 150 -0.26 79.23 17.57
N LEU U 151 0.01 78.42 16.54
CA LEU U 151 -0.34 77.01 16.58
C LEU U 151 0.59 76.20 17.48
N LEU U 152 1.90 76.45 17.40
CA LEU U 152 2.83 75.71 18.22
C LEU U 152 2.69 76.08 19.69
N GLN U 153 2.23 77.30 19.98
CA GLN U 153 1.91 77.68 21.35
C GLN U 153 0.67 76.97 21.84
N LEU U 154 -0.28 76.68 20.92
CA LEU U 154 -1.52 76.02 21.30
C LEU U 154 -1.28 74.57 21.70
N SER U 155 -0.20 73.96 21.22
CA SER U 155 0.14 72.60 21.60
C SER U 155 0.93 72.53 22.90
N GLN U 156 0.84 73.55 23.75
CA GLN U 156 1.50 73.55 25.04
C GLN U 156 0.53 73.55 26.21
N VAL U 157 -0.76 73.37 25.97
CA VAL U 157 -1.73 73.51 27.05
C VAL U 157 -1.78 72.25 27.91
N ARG U 158 -1.37 71.11 27.37
CA ARG U 158 -1.53 69.82 28.03
C ARG U 158 -0.53 68.86 27.41
N PRO U 159 -0.27 67.69 28.05
CA PRO U 159 0.84 66.82 27.60
C PRO U 159 0.81 66.35 26.15
N ASN U 160 -0.11 65.48 25.75
CA ASN U 160 0.00 64.81 24.46
C ASN U 160 -0.77 65.63 23.41
N LEU U 161 -0.06 66.54 22.76
CA LEU U 161 -0.59 67.30 21.64
C LEU U 161 0.50 67.46 20.59
N PHE U 162 0.10 67.37 19.34
CA PHE U 162 0.98 67.58 18.20
C PHE U 162 0.26 68.49 17.24
N VAL U 163 0.99 69.12 16.33
CA VAL U 163 0.35 70.01 15.37
C VAL U 163 0.90 69.75 13.97
N LEU U 164 0.02 69.33 13.07
CA LEU U 164 0.32 69.22 11.66
C LEU U 164 -0.12 70.52 11.00
N LEU U 165 0.77 71.16 10.25
CA LEU U 165 0.49 72.51 9.82
C LEU U 165 0.94 72.73 8.38
N ASP U 166 0.26 73.66 7.71
CA ASP U 166 0.43 73.86 6.28
C ASP U 166 1.58 74.82 6.00
N ALA U 167 2.31 74.54 4.93
CA ALA U 167 3.37 75.39 4.46
C ALA U 167 2.89 76.21 3.26
N PRO U 168 3.43 77.41 3.05
CA PRO U 168 2.99 78.21 1.89
C PRO U 168 3.53 77.63 0.59
N ASP U 169 2.74 77.79 -0.48
CA ASP U 169 3.07 77.12 -1.74
C ASP U 169 4.21 77.83 -2.45
N ASN U 170 4.38 79.12 -2.20
CA ASN U 170 5.43 79.88 -2.86
C ASN U 170 6.77 79.53 -2.22
N VAL U 171 7.78 79.29 -3.06
CA VAL U 171 9.01 78.67 -2.57
C VAL U 171 9.85 79.68 -1.82
N GLU U 172 9.80 80.96 -2.22
CA GLU U 172 10.54 81.98 -1.50
C GLU U 172 9.89 82.23 -0.15
N GLN U 173 8.55 82.16 -0.12
CA GLN U 173 7.80 82.37 1.12
C GLN U 173 7.98 81.21 2.07
N ALA U 174 8.24 80.02 1.53
CA ALA U 174 8.45 78.86 2.40
C ALA U 174 9.80 78.93 3.07
N GLN U 175 10.85 79.29 2.33
CA GLN U 175 12.19 79.38 2.93
C GLN U 175 12.30 80.52 3.92
N LYS U 176 11.53 81.60 3.74
CA LYS U 176 11.58 82.69 4.71
C LYS U 176 10.85 82.33 5.99
N CYS U 177 9.72 81.62 5.87
CA CYS U 177 8.97 81.26 7.06
C CYS U 177 9.60 80.10 7.81
N MET U 178 10.50 79.37 7.16
CA MET U 178 11.28 78.39 7.89
C MET U 178 12.37 79.05 8.73
N THR U 179 13.00 80.09 8.18
CA THR U 179 14.13 80.73 8.86
C THR U 179 13.66 81.72 9.92
N THR U 180 12.61 82.49 9.63
CA THR U 180 12.16 83.56 10.51
C THR U 180 11.02 83.11 11.41
N LEU U 181 11.01 81.84 11.85
CA LEU U 181 9.95 81.38 12.73
C LEU U 181 10.22 81.82 14.16
N SER U 182 11.32 81.32 14.73
CA SER U 182 11.87 81.72 16.04
C SER U 182 10.86 81.54 17.18
N SER U 183 10.35 80.32 17.29
CA SER U 183 9.62 79.91 18.49
C SER U 183 10.48 78.91 19.26
N ASP U 184 10.25 78.86 20.56
CA ASP U 184 11.00 77.92 21.39
C ASP U 184 10.33 76.56 21.49
N TYR U 185 9.14 76.40 20.92
CA TYR U 185 8.47 75.10 20.81
C TYR U 185 8.34 74.82 19.33
N ARG U 186 9.40 74.32 18.73
CA ARG U 186 9.37 73.96 17.32
C ARG U 186 9.22 72.48 17.10
N GLN U 187 9.49 71.67 18.11
CA GLN U 187 9.52 70.22 17.94
C GLN U 187 8.13 69.62 17.96
N TRP U 188 7.11 70.40 18.27
CA TRP U 188 5.76 69.87 18.28
C TRP U 188 5.08 70.01 16.93
N GLY U 189 5.73 70.61 15.94
CA GLY U 189 5.09 70.78 14.65
C GLY U 189 5.76 69.98 13.55
N ALA U 190 5.07 69.93 12.41
CA ALA U 190 5.58 69.33 11.20
C ALA U 190 4.83 69.93 10.03
N ALA U 191 5.56 70.31 8.99
CA ALA U 191 5.00 71.06 7.87
C ALA U 191 5.11 70.23 6.60
N TYR U 192 4.00 70.07 5.90
CA TYR U 192 3.94 69.30 4.66
C TYR U 192 3.66 70.25 3.51
N TRP U 193 4.56 70.28 2.51
CA TRP U 193 4.62 71.44 1.63
C TRP U 193 3.50 71.58 0.60
N PRO U 194 3.31 70.69 -0.37
CA PRO U 194 2.44 71.07 -1.49
C PRO U 194 0.98 70.85 -1.18
N ARG U 195 0.14 71.64 -1.83
CA ARG U 195 -1.29 71.46 -1.74
C ARG U 195 -1.72 70.40 -2.75
N LEU U 196 -2.58 69.50 -2.30
CA LEU U 196 -3.00 68.38 -3.13
C LEU U 196 -4.17 68.79 -4.00
N GLU U 197 -4.19 68.30 -5.24
CA GLU U 197 -5.32 68.51 -6.13
C GLU U 197 -6.14 67.23 -6.12
N THR U 198 -7.17 67.21 -5.29
CA THR U 198 -7.99 66.04 -5.10
C THR U 198 -8.97 65.86 -6.26
N THR U 199 -9.67 64.73 -6.24
CA THR U 199 -10.66 64.40 -7.26
C THR U 199 -12.07 64.77 -6.82
N TYR U 200 -12.26 66.03 -6.45
CA TYR U 200 -13.60 66.55 -6.18
C TYR U 200 -13.82 67.76 -7.07
N GLN U 201 -15.06 67.97 -7.48
CA GLN U 201 -15.37 68.91 -8.55
C GLN U 201 -15.17 70.36 -8.13
N LYS U 202 -14.83 71.18 -9.12
CA LYS U 202 -14.64 72.63 -9.06
C LYS U 202 -13.87 73.18 -7.85
N ILE U 214 -12.53 66.32 -11.75
CA ILE U 214 -11.47 65.65 -12.49
C ILE U 214 -10.82 66.62 -13.48
N PHE U 215 -11.57 67.66 -13.88
CA PHE U 215 -10.99 68.65 -14.77
C PHE U 215 -10.33 69.77 -13.98
N GLN U 216 -11.07 70.37 -13.06
CA GLN U 216 -10.50 71.31 -12.09
C GLN U 216 -10.83 70.72 -10.72
N GLY U 217 -9.97 69.81 -10.27
CA GLY U 217 -10.12 69.27 -8.93
C GLY U 217 -9.82 70.31 -7.89
N THR U 218 -10.50 70.22 -6.75
CA THR U 218 -10.35 71.24 -5.72
C THR U 218 -8.99 71.11 -5.04
N VAL U 219 -8.30 72.23 -4.93
CA VAL U 219 -6.99 72.29 -4.32
C VAL U 219 -7.20 72.19 -2.82
N LEU U 220 -6.39 71.38 -2.15
CA LEU U 220 -6.67 70.99 -0.78
C LEU U 220 -5.39 71.04 0.06
N SER U 221 -5.56 71.36 1.36
CA SER U 221 -4.52 71.20 2.35
C SER U 221 -4.01 69.76 2.40
N PRO U 222 -2.72 69.56 2.62
CA PRO U 222 -2.19 68.21 2.68
C PRO U 222 -2.30 67.54 4.03
N THR U 223 -2.47 68.32 5.11
CA THR U 223 -2.41 67.79 6.46
C THR U 223 -3.62 66.95 6.84
N ALA U 224 -4.74 67.06 6.12
CA ALA U 224 -5.89 66.24 6.44
C ALA U 224 -5.67 64.79 6.01
N ALA U 225 -4.82 64.58 5.01
CA ALA U 225 -4.51 63.23 4.56
C ALA U 225 -3.44 62.58 5.43
N VAL U 226 -2.48 63.38 5.91
CA VAL U 226 -1.40 62.86 6.75
C VAL U 226 -1.89 62.49 8.14
N ALA U 227 -2.95 63.14 8.65
CA ALA U 227 -3.49 62.75 9.94
C ALA U 227 -4.21 61.41 9.87
N ALA U 228 -4.66 61.02 8.68
CA ALA U 228 -5.26 59.70 8.53
C ALA U 228 -4.20 58.63 8.40
N VAL U 229 -3.05 58.94 7.80
CA VAL U 229 -2.01 57.92 7.69
C VAL U 229 -1.14 57.86 8.94
N ILE U 230 -1.15 58.91 9.77
CA ILE U 230 -0.59 58.79 11.10
C ILE U 230 -1.45 57.85 11.94
N GLN U 231 -2.77 57.98 11.81
CA GLN U 231 -3.70 57.07 12.45
C GLN U 231 -3.65 55.68 11.84
N ARG U 232 -3.27 55.58 10.57
CA ARG U 232 -3.25 54.29 9.89
C ARG U 232 -2.00 53.48 10.24
N THR U 233 -0.87 54.15 10.45
CA THR U 233 0.34 53.46 10.85
C THR U 233 0.42 53.25 12.37
N ASP U 234 -0.49 53.87 13.12
CA ASP U 234 -0.63 53.62 14.54
C ASP U 234 -1.41 52.34 14.80
N ASN U 235 -2.26 51.93 13.85
CA ASN U 235 -3.14 50.79 14.05
C ASN U 235 -2.34 49.49 13.99
N ASP U 236 -1.35 49.42 13.12
CA ASP U 236 -0.64 48.17 12.86
C ASP U 236 0.80 48.15 13.37
N ALA U 237 1.57 49.20 13.08
CA ALA U 237 2.98 49.22 13.43
C ALA U 237 3.32 50.12 14.60
N GLY U 238 2.33 50.55 15.38
CA GLY U 238 2.58 51.31 16.58
C GLY U 238 2.99 52.75 16.31
N VAL U 239 3.25 53.46 17.40
CA VAL U 239 3.63 54.87 17.30
C VAL U 239 5.09 55.00 16.89
N TRP U 240 5.88 53.95 17.10
CA TRP U 240 7.31 54.00 16.83
C TRP U 240 7.64 53.98 15.36
N LYS U 241 6.68 53.72 14.48
CA LYS U 241 6.93 53.68 13.05
C LYS U 241 6.69 55.06 12.44
N ALA U 242 7.54 55.42 11.50
CA ALA U 242 7.47 56.76 10.92
C ALA U 242 6.34 56.83 9.90
N PRO U 243 5.55 57.91 9.89
CA PRO U 243 4.39 57.97 8.99
C PRO U 243 4.70 58.31 7.55
N ALA U 244 5.96 58.35 7.13
CA ALA U 244 6.26 58.68 5.76
C ALA U 244 6.16 57.43 4.89
N ASN U 245 6.28 57.66 3.57
CA ASN U 245 6.34 56.62 2.54
C ASN U 245 5.09 55.74 2.54
N ILE U 246 3.92 56.38 2.52
CA ILE U 246 2.65 55.68 2.47
C ILE U 246 1.73 56.44 1.50
N ALA U 247 0.96 55.68 0.72
CA ALA U 247 0.25 56.24 -0.42
C ALA U 247 -0.98 57.02 0.03
N LEU U 248 -1.32 58.05 -0.75
CA LEU U 248 -2.47 58.89 -0.50
C LEU U 248 -3.55 58.60 -1.54
N SER U 249 -4.80 58.62 -1.10
CA SER U 249 -5.87 57.97 -1.85
C SER U 249 -6.45 58.83 -2.97
N GLN U 250 -7.08 59.95 -2.63
CA GLN U 250 -7.93 60.65 -3.58
C GLN U 250 -7.24 61.82 -4.27
N VAL U 251 -5.93 61.79 -4.42
CA VAL U 251 -5.25 62.95 -4.98
C VAL U 251 -4.77 62.66 -6.39
N ILE U 252 -4.79 63.71 -7.22
CA ILE U 252 -4.27 63.61 -8.57
C ILE U 252 -2.80 63.96 -8.59
N ARG U 253 -2.45 65.14 -8.07
CA ARG U 253 -1.08 65.64 -8.17
C ARG U 253 -0.89 66.70 -7.10
N PRO U 254 0.33 66.86 -6.61
CA PRO U 254 0.68 68.11 -5.92
C PRO U 254 0.66 69.25 -6.91
N VAL U 255 0.10 70.38 -6.50
CA VAL U 255 -0.12 71.48 -7.45
C VAL U 255 1.20 72.17 -7.80
N LYS U 256 2.20 72.05 -6.92
CA LYS U 256 3.53 72.47 -7.31
C LYS U 256 4.35 71.25 -7.70
N SER U 257 5.34 71.48 -8.55
CA SER U 257 6.22 70.40 -8.98
C SER U 257 7.09 69.95 -7.82
N TYR U 258 7.59 68.71 -7.92
CA TYR U 258 8.48 68.22 -6.88
C TYR U 258 9.86 68.84 -6.98
N LEU U 259 10.37 69.02 -8.20
CA LEU U 259 11.72 69.55 -8.40
C LEU U 259 11.82 71.01 -8.00
N GLN U 260 10.71 71.75 -7.97
CA GLN U 260 10.75 73.13 -7.53
C GLN U 260 10.97 73.24 -6.03
N GLY U 261 10.60 72.21 -5.28
CA GLY U 261 10.73 72.26 -3.84
C GLY U 261 11.88 71.46 -3.28
N SER U 262 12.93 71.26 -4.08
CA SER U 262 14.08 70.50 -3.62
C SER U 262 14.96 71.31 -2.68
N VAL U 263 14.71 72.61 -2.53
CA VAL U 263 15.46 73.42 -1.59
C VAL U 263 14.75 73.51 -0.26
N LEU U 264 13.61 72.84 -0.12
CA LEU U 264 12.88 72.87 1.14
C LEU U 264 13.51 71.95 2.18
N PHE U 265 14.14 70.87 1.75
CA PHE U 265 14.83 69.98 2.66
C PHE U 265 16.23 70.50 2.93
N ASN U 266 16.57 70.68 4.21
CA ASN U 266 17.92 71.08 4.61
C ASN U 266 18.37 70.16 5.73
N SER U 267 19.51 69.50 5.53
CA SER U 267 19.97 68.54 6.52
C SER U 267 20.60 69.21 7.73
N SER U 268 20.95 70.50 7.61
CA SER U 268 21.57 71.21 8.71
C SER U 268 20.63 72.24 9.32
N GLY U 269 19.74 72.80 8.52
CA GLY U 269 18.78 73.76 9.01
C GLY U 269 17.43 73.15 9.27
N THR U 270 16.40 74.00 9.19
CA THR U 270 15.04 73.54 9.30
C THR U 270 14.56 72.90 8.01
N SER U 271 14.12 71.65 8.11
CA SER U 271 13.72 70.86 6.96
C SER U 271 12.21 70.72 6.93
N LEU U 272 11.63 70.83 5.75
CA LEU U 272 10.19 70.81 5.58
C LEU U 272 9.81 69.58 4.79
N ASN U 273 8.78 68.87 5.26
CA ASN U 273 8.42 67.60 4.65
C ASN U 273 7.73 67.82 3.32
N VAL U 274 8.11 67.01 2.34
CA VAL U 274 7.64 67.20 0.97
C VAL U 274 6.79 65.99 0.61
N ILE U 275 5.87 66.20 -0.32
CA ILE U 275 4.98 65.16 -0.81
C ILE U 275 5.34 64.89 -2.26
N ARG U 276 5.83 63.70 -2.54
CA ARG U 276 6.44 63.36 -3.82
C ARG U 276 5.47 62.53 -4.64
N SER U 277 5.68 62.54 -5.95
CA SER U 277 4.89 61.76 -6.87
C SER U 277 5.79 60.72 -7.53
N PHE U 278 5.62 59.49 -7.13
CA PHE U 278 6.44 58.44 -7.74
C PHE U 278 5.69 57.80 -8.89
N PRO U 279 6.32 57.62 -10.06
CA PRO U 279 5.62 57.03 -11.20
C PRO U 279 5.40 55.53 -10.99
N GLY U 280 4.14 55.13 -11.00
CA GLY U 280 3.78 53.74 -10.78
C GLY U 280 3.58 53.37 -9.33
N LYS U 281 3.85 54.30 -8.41
CA LYS U 281 3.89 54.00 -6.99
C LYS U 281 3.00 54.93 -6.18
N GLY U 282 2.38 55.92 -6.81
CA GLY U 282 1.42 56.79 -6.16
C GLY U 282 2.01 58.07 -5.61
N ILE U 283 1.14 58.87 -5.04
CA ILE U 283 1.53 60.08 -4.33
C ILE U 283 1.85 59.71 -2.89
N ARG U 284 3.02 60.13 -2.40
CA ARG U 284 3.53 59.61 -1.13
C ARG U 284 4.01 60.75 -0.25
N VAL U 285 3.93 60.57 1.06
CA VAL U 285 4.61 61.46 1.98
C VAL U 285 6.08 61.10 2.02
N TRP U 286 6.93 62.11 1.90
CA TRP U 286 8.37 61.88 1.79
C TRP U 286 9.09 62.77 2.79
N GLY U 287 9.40 62.21 3.95
CA GLY U 287 10.04 62.97 5.00
C GLY U 287 9.22 62.95 6.28
N CYS U 288 9.89 62.63 7.38
CA CYS U 288 9.29 62.68 8.71
C CYS U 288 10.20 63.51 9.59
N ARG U 289 10.09 64.82 9.47
CA ARG U 289 10.95 65.75 10.19
C ARG U 289 10.07 66.76 10.90
N THR U 290 10.49 67.14 12.10
CA THR U 290 9.84 68.25 12.76
C THR U 290 10.51 69.55 12.32
N LEU U 291 9.89 70.66 12.64
CA LEU U 291 10.53 71.96 12.47
C LEU U 291 11.64 72.01 13.51
N GLU U 292 12.90 72.01 13.06
CA GLU U 292 14.00 71.88 14.01
C GLU U 292 15.30 72.37 13.40
N ASN U 293 16.11 73.03 14.22
CA ASN U 293 17.46 73.43 13.84
C ASN U 293 18.42 72.59 14.66
N THR U 294 19.08 71.63 14.01
CA THR U 294 19.77 70.55 14.70
C THR U 294 21.06 71.02 15.36
N ASP U 295 20.93 71.54 16.58
CA ASP U 295 22.07 71.73 17.45
C ASP U 295 21.95 70.65 18.52
N ASN U 296 22.39 69.45 18.16
CA ASN U 296 22.44 68.25 19.01
C ASN U 296 21.06 67.85 19.53
N THR U 297 20.01 68.17 18.77
CA THR U 297 18.65 67.99 19.26
C THR U 297 18.29 66.52 19.19
N GLN U 298 17.45 66.09 20.14
CA GLN U 298 17.05 64.69 20.18
C GLN U 298 15.67 64.50 19.58
N TRP U 299 14.86 65.55 19.54
CA TRP U 299 13.52 65.48 18.96
C TRP U 299 13.58 66.00 17.53
N ARG U 300 14.37 65.31 16.71
CA ARG U 300 14.53 65.69 15.31
C ARG U 300 13.43 65.12 14.43
N TYR U 301 13.09 63.85 14.61
CA TYR U 301 12.09 63.23 13.77
C TYR U 301 10.73 63.26 14.44
N LEU U 302 9.69 63.12 13.62
CA LEU U 302 8.32 63.17 14.10
C LEU U 302 8.00 61.99 14.98
N GLN U 303 8.60 60.84 14.68
CA GLN U 303 8.29 59.62 15.40
C GLN U 303 8.97 59.58 16.76
N THR U 304 10.05 60.33 16.94
CA THR U 304 10.71 60.39 18.23
C THR U 304 9.93 61.26 19.19
N ARG U 305 9.37 62.35 18.68
CA ARG U 305 8.54 63.22 19.52
C ARG U 305 7.22 62.54 19.87
N ARG U 306 6.72 61.68 18.99
CA ARG U 306 5.43 61.04 19.27
C ARG U 306 5.61 59.78 20.10
N LEU U 307 6.81 59.17 20.09
CA LEU U 307 7.04 58.02 20.95
C LEU U 307 7.29 58.45 22.39
N VAL U 308 8.10 59.49 22.57
CA VAL U 308 8.41 59.94 23.92
C VAL U 308 7.21 60.60 24.57
N SER U 309 6.28 61.13 23.77
CA SER U 309 5.05 61.64 24.33
C SER U 309 4.00 60.55 24.43
N TYR U 310 4.27 59.37 23.88
CA TYR U 310 3.40 58.22 24.09
C TYR U 310 3.74 57.53 25.40
N VAL U 311 4.99 57.65 25.85
CA VAL U 311 5.38 56.99 27.09
C VAL U 311 5.29 57.94 28.27
N THR U 312 5.09 59.24 28.02
CA THR U 312 4.62 60.07 29.11
C THR U 312 3.14 59.85 29.37
N ALA U 313 2.33 59.80 28.31
CA ALA U 313 0.89 59.74 28.48
C ALA U 313 0.42 58.33 28.79
N HIS U 314 1.32 57.36 28.85
CA HIS U 314 0.97 56.05 29.36
C HIS U 314 1.69 55.70 30.65
N LEU U 315 2.65 56.54 31.07
CA LEU U 315 3.17 56.41 32.43
C LEU U 315 2.42 57.30 33.40
N THR U 316 1.76 58.35 32.91
CA THR U 316 0.87 59.10 33.79
C THR U 316 -0.38 58.30 34.10
N GLN U 317 -0.81 57.42 33.19
CA GLN U 317 -1.96 56.59 33.48
C GLN U 317 -1.62 55.50 34.48
N LEU U 318 -0.34 55.17 34.63
CA LEU U 318 0.08 54.23 35.66
C LEU U 318 0.37 54.94 36.96
N ALA U 319 0.84 56.19 36.89
CA ALA U 319 1.19 56.91 38.10
C ALA U 319 -0.02 57.60 38.71
N ARG U 320 -1.09 57.77 37.94
CA ARG U 320 -2.30 58.32 38.54
C ARG U 320 -2.98 57.33 39.46
N MET U 321 -2.69 56.03 39.34
CA MET U 321 -3.51 55.03 40.00
C MET U 321 -3.26 54.97 41.49
N TYR U 322 -2.09 55.46 41.93
CA TYR U 322 -1.72 55.51 43.33
C TYR U 322 -1.15 56.88 43.69
N VAL U 323 -1.88 57.92 43.31
CA VAL U 323 -1.78 59.21 43.96
C VAL U 323 -2.55 59.03 45.28
N PHE U 324 -2.21 59.83 46.29
CA PHE U 324 -2.74 59.76 47.66
C PHE U 324 -2.49 58.40 48.29
N GLU U 325 -1.26 57.93 48.23
CA GLU U 325 -0.84 56.69 48.87
C GLU U 325 0.23 57.03 49.92
N PRO U 326 0.52 56.14 50.88
CA PRO U 326 1.31 56.55 52.06
C PRO U 326 2.74 57.04 51.82
N ASN U 327 3.30 56.93 50.61
CA ASN U 327 4.64 57.43 50.27
C ASN U 327 5.74 56.79 51.11
N ASN U 328 5.59 55.51 51.41
CA ASN U 328 6.63 54.79 52.12
C ASN U 328 7.54 54.12 51.10
N GLU U 329 8.39 53.20 51.54
CA GLU U 329 9.27 52.47 50.64
C GLU U 329 8.53 51.39 49.87
N LEU U 330 7.28 51.09 50.24
CA LEU U 330 6.52 50.05 49.59
C LEU U 330 5.90 50.54 48.29
N THR U 331 5.29 51.72 48.31
CA THR U 331 4.59 52.20 47.13
C THR U 331 5.51 52.77 46.07
N TRP U 332 6.83 52.74 46.28
CA TRP U 332 7.75 53.03 45.20
C TRP U 332 8.09 51.76 44.44
N MET U 333 8.25 50.66 45.16
CA MET U 333 8.52 49.38 44.52
C MET U 333 7.30 48.84 43.77
N LYS U 334 6.11 49.35 44.07
CA LYS U 334 4.95 49.04 43.23
C LYS U 334 4.85 49.98 42.04
N LEU U 335 5.60 51.08 42.06
CA LEU U 335 5.67 51.97 40.91
C LEU U 335 6.90 51.66 40.06
N LYS U 336 8.00 51.29 40.70
CA LYS U 336 9.20 50.88 39.96
C LYS U 336 9.00 49.52 39.33
N GLY U 337 8.02 48.74 39.81
CA GLY U 337 7.78 47.44 39.24
C GLY U 337 6.78 47.46 38.10
N GLN U 338 5.77 48.32 38.21
CA GLN U 338 4.74 48.36 37.18
C GLN U 338 5.20 49.13 35.95
N SER U 339 6.12 50.09 36.12
CA SER U 339 6.59 50.86 34.98
C SER U 339 7.77 50.17 34.31
N TYR U 340 8.56 49.40 35.06
CA TYR U 340 9.58 48.57 34.44
C TYR U 340 8.95 47.46 33.61
N ASN U 341 7.80 46.96 34.05
CA ASN U 341 7.16 45.86 33.34
C ASN U 341 6.45 46.34 32.09
N TRP U 342 6.13 47.63 32.02
CA TRP U 342 5.50 48.16 30.83
C TRP U 342 6.52 48.61 29.80
N LEU U 343 7.61 49.21 30.26
CA LEU U 343 8.65 49.64 29.34
C LEU U 343 9.38 48.46 28.73
N ARG U 344 9.49 47.35 29.46
CA ARG U 344 10.01 46.12 28.85
C ARG U 344 9.02 45.56 27.85
N GLN U 345 7.72 45.71 28.11
CA GLN U 345 6.72 45.24 27.16
C GLN U 345 6.71 46.10 25.90
N LEU U 346 7.08 47.38 26.01
CA LEU U 346 7.26 48.20 24.82
C LEU U 346 8.60 47.92 24.14
N TRP U 347 9.61 47.51 24.91
CA TRP U 347 10.90 47.24 24.32
C TRP U 347 10.89 45.94 23.52
N LEU U 348 10.12 44.95 23.96
CA LEU U 348 10.03 43.68 23.25
C LEU U 348 9.04 43.72 22.09
N GLN U 349 8.54 44.89 21.72
CA GLN U 349 7.79 45.07 20.48
C GLN U 349 8.63 45.73 19.41
N GLY U 350 9.91 45.91 19.65
CA GLY U 350 10.76 46.61 18.71
C GLY U 350 10.64 48.11 18.80
N GLY U 351 10.69 48.66 20.00
CA GLY U 351 10.39 50.07 20.18
C GLY U 351 11.47 50.96 20.76
N LEU U 352 12.55 50.42 21.31
CA LEU U 352 13.41 51.23 22.17
C LEU U 352 14.91 51.12 21.94
N TYR U 353 15.37 50.41 20.89
CA TYR U 353 16.79 50.36 20.48
C TYR U 353 17.69 49.82 21.60
N GLY U 354 17.54 48.54 21.85
CA GLY U 354 18.44 47.90 22.78
C GLY U 354 18.70 46.44 22.49
N SER U 355 19.93 45.99 22.70
CA SER U 355 20.21 44.57 22.60
C SER U 355 19.94 43.86 23.91
N GLN U 356 19.94 44.59 25.02
CA GLN U 356 19.54 44.09 26.32
C GLN U 356 18.77 45.19 27.03
N GLU U 357 18.04 44.81 28.09
CA GLU U 357 17.08 45.74 28.67
C GLU U 357 17.75 46.86 29.44
N ASP U 358 18.99 46.67 29.88
CA ASP U 358 19.72 47.76 30.53
C ASP U 358 20.34 48.71 29.51
N GLU U 359 20.28 48.36 28.24
CA GLU U 359 20.74 49.26 27.18
C GLU U 359 19.58 50.08 26.62
N ALA U 360 18.35 49.57 26.77
CA ALA U 360 17.20 50.26 26.18
C ALA U 360 16.70 51.36 27.08
N PHE U 361 16.53 51.09 28.37
CA PHE U 361 15.89 52.03 29.28
C PHE U 361 16.40 51.78 30.68
N ASN U 362 16.01 52.68 31.60
CA ASN U 362 16.40 52.60 33.00
C ASN U 362 15.49 53.53 33.79
N ILE U 363 15.08 53.10 34.97
CA ILE U 363 14.26 53.91 35.87
C ILE U 363 14.90 53.88 37.25
N LEU U 364 14.76 54.97 38.00
CA LEU U 364 15.28 55.06 39.35
C LEU U 364 14.28 55.83 40.21
N LEU U 365 14.11 55.41 41.45
CA LEU U 365 13.05 55.98 42.28
C LEU U 365 13.42 56.16 43.75
N GLY U 366 14.59 55.72 44.19
CA GLY U 366 14.85 55.59 45.62
C GLY U 366 14.95 56.90 46.35
N VAL U 367 15.01 56.79 47.67
CA VAL U 367 14.95 57.97 48.53
C VAL U 367 16.32 58.64 48.60
N ASN U 368 17.35 57.96 48.11
CA ASN U 368 18.66 58.57 48.04
C ASN U 368 19.18 58.68 46.62
N GLU U 369 18.34 58.39 45.63
CA GLU U 369 18.76 58.44 44.24
C GLU U 369 18.15 59.64 43.52
N THR U 370 16.83 59.79 43.60
CA THR U 370 16.15 60.87 42.93
C THR U 370 15.65 61.95 43.86
N MET U 371 15.10 61.60 45.01
CA MET U 371 14.44 62.56 45.88
C MET U 371 15.29 62.80 47.12
N THR U 372 15.03 63.93 47.78
CA THR U 372 15.67 64.21 49.05
C THR U 372 14.74 63.85 50.19
N GLU U 373 15.22 64.08 51.42
CA GLU U 373 14.40 63.79 52.58
C GLU U 373 13.31 64.83 52.79
N ASP U 374 13.46 66.02 52.19
CA ASP U 374 12.40 67.02 52.29
C ASP U 374 11.32 66.78 51.24
N ASP U 375 11.68 66.16 50.11
CA ASP U 375 10.68 65.89 49.09
C ASP U 375 9.75 64.76 49.50
N VAL U 376 10.17 63.90 50.42
CA VAL U 376 9.24 62.96 51.03
C VAL U 376 8.36 63.68 52.03
N ARG U 377 8.92 64.63 52.77
CA ARG U 377 8.14 65.41 53.72
C ARG U 377 7.19 66.36 53.01
N ALA U 378 7.55 66.84 51.82
CA ALA U 378 6.63 67.67 51.05
C ALA U 378 5.57 66.83 50.37
N GLY U 379 5.79 65.53 50.26
CA GLY U 379 4.83 64.63 49.68
C GLY U 379 4.93 64.42 48.19
N LYS U 380 6.13 64.27 47.64
CA LYS U 380 6.28 64.05 46.21
C LYS U 380 7.22 62.88 45.94
N MET U 381 6.89 62.14 44.87
CA MET U 381 7.77 61.11 44.33
C MET U 381 8.45 61.65 43.10
N ILE U 382 9.72 61.31 42.91
CA ILE U 382 10.49 61.73 41.75
C ILE U 382 10.94 60.47 41.04
N MET U 383 10.42 60.24 39.84
CA MET U 383 10.82 59.10 39.03
C MET U 383 11.63 59.59 37.84
N LYS U 384 12.75 58.92 37.57
CA LYS U 384 13.65 59.34 36.50
C LYS U 384 13.71 58.26 35.44
N VAL U 385 13.01 58.47 34.35
CA VAL U 385 12.90 57.50 33.27
C VAL U 385 13.82 57.97 32.16
N GLU U 386 14.84 57.19 31.85
CA GLU U 386 15.61 57.42 30.64
C GLU U 386 15.32 56.30 29.65
N LEU U 387 15.27 56.65 28.37
CA LEU U 387 14.91 55.66 27.37
C LEU U 387 15.58 56.02 26.05
N ALA U 388 16.08 55.01 25.36
CA ALA U 388 16.68 55.16 24.04
C ALA U 388 15.60 54.98 22.99
N VAL U 389 15.81 55.60 21.82
CA VAL U 389 14.89 55.50 20.70
C VAL U 389 15.66 55.11 19.46
N LEU U 390 14.94 54.92 18.38
CA LEU U 390 15.48 54.42 17.12
C LEU U 390 15.57 55.53 16.07
N PHE U 391 16.20 55.20 14.91
CA PHE U 391 16.44 56.11 13.80
C PHE U 391 15.72 55.63 12.54
N PRO U 392 15.27 56.53 11.67
CA PRO U 392 14.27 56.15 10.67
C PRO U 392 14.79 55.65 9.33
N ALA U 393 16.11 55.64 9.08
CA ALA U 393 16.72 55.22 7.81
C ALA U 393 16.21 56.03 6.62
N GLU U 394 16.58 57.31 6.62
CA GLU U 394 16.15 58.17 5.54
C GLU U 394 17.18 58.30 4.41
N PHE U 395 18.46 58.05 4.66
CA PHE U 395 19.46 58.01 3.61
C PHE U 395 20.02 56.60 3.50
N ILE U 396 20.31 56.16 2.28
CA ILE U 396 20.89 54.85 2.01
C ILE U 396 22.05 55.04 1.03
N GLU U 397 23.21 54.50 1.37
CA GLU U 397 24.43 54.73 0.60
C GLU U 397 25.03 53.42 0.13
N ILE U 398 25.09 53.21 -1.18
CA ILE U 398 25.66 52.01 -1.76
C ILE U 398 27.14 52.26 -2.00
N SER U 399 27.97 51.23 -1.90
CA SER U 399 29.40 51.45 -1.99
C SER U 399 30.06 50.81 -3.20
N LEU U 400 29.64 49.58 -3.57
CA LEU U 400 30.03 48.91 -4.82
C LEU U 400 31.54 48.70 -4.95
N VAL U 401 32.07 47.82 -4.11
CA VAL U 401 33.49 47.50 -4.19
C VAL U 401 33.66 46.13 -4.87
N PHE U 402 34.82 45.94 -5.49
CA PHE U 402 35.13 44.77 -6.30
C PHE U 402 36.10 43.87 -5.54
N ASN U 403 35.79 42.58 -5.45
CA ASN U 403 36.40 41.72 -4.45
C ASN U 403 36.85 40.37 -5.02
N THR U 404 37.62 40.40 -6.11
CA THR U 404 38.37 39.19 -6.45
C THR U 404 39.72 39.15 -5.75
N GLN U 405 40.00 40.13 -4.90
CA GLN U 405 41.24 40.12 -4.15
C GLN U 405 41.23 38.99 -3.12
N THR U 406 40.09 38.76 -2.47
CA THR U 406 40.04 37.91 -1.29
C THR U 406 39.46 36.52 -1.58
N GLU U 407 39.41 36.12 -2.86
CA GLU U 407 38.91 34.79 -3.19
C GLU U 407 39.89 33.71 -2.73
N ALA U 408 41.17 34.06 -2.60
CA ALA U 408 42.16 33.40 -1.75
C ALA U 408 42.55 32.00 -2.22
N LEU U 409 42.42 31.72 -3.52
CA LEU U 409 42.83 30.47 -4.18
C LEU U 409 42.21 29.23 -3.51
N SER U 410 40.88 29.26 -3.45
CA SER U 410 40.03 28.27 -2.76
C SER U 410 40.46 28.06 -1.31
N MET V 1 -64.09 -13.10 7.86
CA MET V 1 -64.61 -12.02 8.70
C MET V 1 -65.43 -12.51 9.90
N GLU V 2 -64.74 -13.22 10.79
CA GLU V 2 -65.34 -13.68 12.04
C GLU V 2 -64.78 -12.84 13.17
N ARG V 3 -65.66 -12.14 13.87
CA ARG V 3 -65.25 -11.05 14.75
C ARG V 3 -65.10 -11.50 16.20
N LEU V 4 -65.62 -12.67 16.54
CA LEU V 4 -65.56 -13.15 17.91
C LEU V 4 -64.44 -14.17 18.10
N GLN V 5 -64.09 -14.88 17.06
CA GLN V 5 -63.00 -15.85 17.08
C GLN V 5 -61.66 -15.10 17.10
N PRO V 6 -60.62 -15.68 17.70
CA PRO V 6 -59.33 -14.97 17.75
C PRO V 6 -58.67 -14.85 16.40
N GLY V 7 -58.21 -13.63 16.10
CA GLY V 7 -57.61 -13.36 14.82
C GLY V 7 -57.36 -11.87 14.66
N VAL V 8 -57.33 -11.44 13.40
CA VAL V 8 -57.07 -10.06 13.05
C VAL V 8 -58.33 -9.47 12.45
N THR V 9 -59.10 -8.76 13.27
CA THR V 9 -60.36 -8.18 12.84
C THR V 9 -60.22 -6.66 12.84
N LEU V 10 -60.40 -6.05 11.67
CA LEU V 10 -60.26 -4.61 11.57
C LEU V 10 -61.54 -3.92 12.05
N THR V 11 -61.36 -2.79 12.73
CA THR V 11 -62.46 -2.06 13.33
C THR V 11 -62.51 -0.64 12.78
N GLU V 12 -63.65 0.01 12.99
CA GLU V 12 -63.83 1.38 12.54
C GLU V 12 -63.51 2.38 13.63
N SER V 13 -63.32 1.90 14.87
CA SER V 13 -63.11 2.81 15.99
C SER V 13 -61.70 3.37 15.96
N ILE V 14 -61.59 4.69 16.09
CA ILE V 14 -60.31 5.40 16.00
C ILE V 14 -59.75 5.57 17.40
N ILE V 15 -58.58 5.02 17.63
CA ILE V 15 -57.89 5.16 18.91
C ILE V 15 -57.03 6.41 18.86
N THR V 16 -56.58 6.85 20.03
CA THR V 16 -55.93 8.14 20.14
C THR V 16 -54.47 8.09 19.70
N MET V 17 -53.98 9.22 19.19
CA MET V 17 -52.58 9.44 18.90
C MET V 17 -51.79 9.61 20.19
N GLY V 18 -50.50 9.27 20.13
CA GLY V 18 -49.61 9.50 21.25
C GLY V 18 -49.39 10.98 21.49
N GLN V 19 -49.95 11.51 22.56
CA GLN V 19 -49.89 12.94 22.86
C GLN V 19 -48.51 13.31 23.38
N GLN V 20 -48.07 14.54 23.06
CA GLN V 20 -46.75 14.99 23.49
C GLN V 20 -46.82 15.77 24.80
N GLU V 21 -48.00 16.32 25.12
CA GLU V 21 -48.29 17.07 26.35
C GLU V 21 -47.35 18.28 26.48
N ILE V 22 -47.61 19.25 25.60
CA ILE V 22 -47.01 20.57 25.73
C ILE V 22 -47.68 21.28 26.91
N PRO V 23 -46.94 21.65 27.94
CA PRO V 23 -47.60 22.12 29.17
C PRO V 23 -47.99 23.59 29.14
N SER V 24 -47.28 24.42 28.39
CA SER V 24 -47.42 25.87 28.49
C SER V 24 -48.30 26.47 27.41
N ALA V 25 -48.96 25.64 26.59
CA ALA V 25 -49.85 26.15 25.56
C ALA V 25 -50.97 25.14 25.36
N VAL V 26 -52.12 25.41 25.96
CA VAL V 26 -53.28 24.54 25.79
C VAL V 26 -54.55 25.37 25.85
N PRO V 27 -55.41 25.29 24.83
CA PRO V 27 -56.55 26.20 24.75
C PRO V 27 -57.84 25.65 25.31
N VAL V 28 -58.81 26.53 25.56
CA VAL V 28 -60.20 26.13 25.68
C VAL V 28 -60.98 26.68 24.50
N PHE V 29 -61.98 25.95 24.09
CA PHE V 29 -62.95 26.39 23.10
C PHE V 29 -64.27 26.57 23.84
N ILE V 30 -64.63 27.81 24.15
CA ILE V 30 -65.89 28.07 24.85
C ILE V 30 -66.92 28.50 23.81
N GLY V 31 -67.86 27.60 23.52
CA GLY V 31 -68.85 27.86 22.49
C GLY V 31 -70.07 27.01 22.66
N TYR V 32 -71.03 27.23 21.78
CA TYR V 32 -72.27 26.46 21.79
C TYR V 32 -72.06 25.12 21.09
N THR V 33 -72.47 24.04 21.74
CA THR V 33 -72.47 22.72 21.13
C THR V 33 -73.91 22.25 21.00
N VAL V 34 -74.11 21.25 20.14
CA VAL V 34 -75.45 20.77 19.87
C VAL V 34 -75.85 19.66 20.84
N ARG V 35 -74.91 18.84 21.29
CA ARG V 35 -75.24 17.69 22.11
C ARG V 35 -75.29 18.03 23.60
N TYR V 36 -74.17 18.50 24.14
CA TYR V 36 -73.95 18.66 25.57
C TYR V 36 -74.32 17.42 26.40
N PRO V 37 -73.58 16.30 26.23
CA PRO V 37 -73.98 15.09 26.96
C PRO V 37 -73.20 14.80 28.24
N GLU V 38 -72.13 15.54 28.49
CA GLU V 38 -71.20 15.16 29.55
C GLU V 38 -71.78 15.61 30.89
N GLN V 39 -71.94 14.68 31.83
CA GLN V 39 -72.65 14.96 33.07
C GLN V 39 -71.77 14.90 34.30
N SER V 40 -70.49 14.59 34.16
CA SER V 40 -69.63 14.46 35.34
C SER V 40 -68.96 15.77 35.67
N GLU V 41 -68.28 16.38 34.69
CA GLU V 41 -67.35 17.46 34.94
C GLU V 41 -67.86 18.75 34.33
N ALA V 42 -67.05 19.80 34.48
CA ALA V 42 -67.40 21.11 33.93
C ALA V 42 -66.82 21.29 32.54
N SER V 43 -65.50 21.27 32.43
CA SER V 43 -64.79 21.40 31.16
C SER V 43 -63.94 20.16 30.95
N VAL V 44 -64.07 19.55 29.77
CA VAL V 44 -63.45 18.25 29.52
C VAL V 44 -62.39 18.39 28.44
N ARG V 45 -61.45 17.46 28.46
CA ARG V 45 -60.32 17.48 27.55
C ARG V 45 -60.57 16.57 26.37
N ILE V 46 -60.35 17.08 25.17
CA ILE V 46 -60.49 16.27 23.97
C ILE V 46 -59.12 16.10 23.35
N ASP V 47 -58.98 15.07 22.54
CA ASP V 47 -57.73 14.78 21.88
C ASP V 47 -57.85 14.74 20.37
N SER V 48 -58.93 14.19 19.85
CA SER V 48 -59.11 14.13 18.42
C SER V 48 -60.51 14.60 18.08
N LEU V 49 -60.75 14.81 16.79
CA LEU V 49 -62.07 15.25 16.36
C LEU V 49 -63.08 14.11 16.46
N ALA V 50 -62.65 12.89 16.11
CA ALA V 50 -63.51 11.72 16.20
C ALA V 50 -63.88 11.39 17.64
N GLU V 51 -63.03 11.77 18.60
CA GLU V 51 -63.41 11.75 20.00
C GLU V 51 -64.34 12.92 20.34
N TYR V 52 -64.17 14.06 19.69
CA TYR V 52 -65.02 15.22 19.98
C TYR V 52 -66.43 15.04 19.41
N THR V 53 -66.54 14.48 18.20
CA THR V 53 -67.83 14.36 17.54
C THR V 53 -68.73 13.36 18.27
N SER V 54 -68.14 12.33 18.86
CA SER V 54 -68.90 11.42 19.70
C SER V 54 -69.27 12.08 21.02
N LEU V 55 -68.50 13.08 21.43
CA LEU V 55 -68.65 13.68 22.75
C LEU V 55 -69.34 15.04 22.72
N PHE V 56 -69.47 15.69 21.56
CA PHE V 56 -70.14 16.97 21.56
C PHE V 56 -71.01 17.21 20.33
N GLY V 57 -71.42 16.18 19.64
CA GLY V 57 -72.29 16.37 18.50
C GLY V 57 -71.53 16.72 17.23
N ASP V 58 -72.31 17.10 16.21
CA ASP V 58 -71.77 17.32 14.87
C ASP V 58 -72.44 18.51 14.22
N ASP V 59 -71.78 19.04 13.18
CA ASP V 59 -72.30 20.08 12.28
C ASP V 59 -72.69 21.35 13.02
N HIS V 60 -71.68 21.99 13.61
CA HIS V 60 -71.83 23.32 14.21
C HIS V 60 -70.56 24.11 13.96
N VAL V 61 -70.60 25.40 14.29
CA VAL V 61 -69.47 26.29 13.98
C VAL V 61 -68.29 26.00 14.89
N MET V 62 -68.55 25.50 16.09
CA MET V 62 -67.46 25.22 17.01
C MET V 62 -66.75 23.91 16.67
N MET V 63 -67.38 23.05 15.88
CA MET V 63 -66.70 21.82 15.46
C MET V 63 -65.65 22.13 14.40
N PHE V 64 -65.96 23.04 13.49
CA PHE V 64 -65.03 23.35 12.42
C PHE V 64 -63.83 24.14 12.91
N ALA V 65 -63.91 24.71 14.12
CA ALA V 65 -62.73 25.30 14.72
C ALA V 65 -61.86 24.26 15.38
N VAL V 66 -62.48 23.24 15.97
CA VAL V 66 -61.72 22.11 16.52
C VAL V 66 -61.10 21.30 15.39
N ARG V 67 -61.85 21.11 14.30
CA ARG V 67 -61.36 20.36 13.16
C ARG V 67 -60.20 21.06 12.47
N HIS V 68 -60.18 22.39 12.53
CA HIS V 68 -59.06 23.14 11.97
C HIS V 68 -57.94 23.31 12.98
N TYR V 69 -58.23 23.12 14.27
CA TYR V 69 -57.17 23.18 15.27
C TYR V 69 -56.35 21.90 15.25
N PHE V 70 -56.99 20.77 14.96
CA PHE V 70 -56.26 19.51 14.92
C PHE V 70 -55.60 19.28 13.57
N ASP V 71 -55.83 20.15 12.59
CA ASP V 71 -55.15 20.03 11.31
C ASP V 71 -53.86 20.83 11.31
N ASN V 72 -53.83 21.92 12.06
CA ASN V 72 -52.63 22.76 12.08
C ASN V 72 -51.57 22.25 13.03
N GLY V 73 -51.87 21.25 13.85
CA GLY V 73 -50.84 20.61 14.63
C GLY V 73 -51.04 20.61 16.12
N GLY V 74 -52.19 21.10 16.58
CA GLY V 74 -52.49 21.03 18.01
C GLY V 74 -52.85 19.61 18.39
N GLN V 75 -52.49 19.22 19.61
CA GLN V 75 -52.72 17.84 20.00
C GLN V 75 -53.57 17.67 21.25
N GLN V 76 -53.71 18.69 22.10
CA GLN V 76 -54.64 18.59 23.21
C GLN V 76 -55.33 19.92 23.43
N ALA V 77 -56.56 19.84 23.90
CA ALA V 77 -57.43 21.00 24.01
C ALA V 77 -58.55 20.68 24.96
N PHE V 78 -59.12 21.71 25.56
CA PHE V 78 -60.26 21.57 26.43
C PHE V 78 -61.47 22.22 25.78
N VAL V 79 -62.67 21.75 26.12
CA VAL V 79 -63.91 22.31 25.61
C VAL V 79 -64.82 22.58 26.80
N LEU V 80 -65.17 23.85 27.00
CA LEU V 80 -66.15 24.22 28.01
C LEU V 80 -67.40 24.71 27.28
N PRO V 81 -68.45 23.89 27.20
CA PRO V 81 -69.63 24.30 26.43
C PRO V 81 -70.50 25.27 27.20
N LEU V 82 -71.16 26.15 26.46
CA LEU V 82 -72.18 27.00 27.04
C LEU V 82 -73.50 26.23 27.13
N LYS V 83 -74.20 26.41 28.25
CA LYS V 83 -75.33 25.55 28.54
C LYS V 83 -76.60 25.98 27.82
N ASP V 84 -76.60 27.14 27.17
CA ASP V 84 -77.81 27.67 26.58
C ASP V 84 -78.07 27.02 25.23
N ASN V 85 -79.03 27.54 24.48
CA ASN V 85 -79.40 26.92 23.22
C ASN V 85 -78.46 27.34 22.10
N MET V 86 -78.32 26.47 21.11
CA MET V 86 -77.54 26.81 19.94
C MET V 86 -78.30 27.85 19.11
N PRO V 87 -77.62 28.90 18.64
CA PRO V 87 -78.33 29.99 17.95
C PRO V 87 -78.85 29.63 16.58
N SER V 88 -79.40 30.61 15.88
CA SER V 88 -79.96 30.40 14.55
C SER V 88 -78.84 30.36 13.51
N VAL V 89 -79.23 30.40 12.23
CA VAL V 89 -78.24 30.47 11.17
C VAL V 89 -77.53 31.81 11.20
N GLU V 90 -78.27 32.89 11.43
CA GLU V 90 -77.73 34.22 11.67
C GLU V 90 -78.06 34.62 13.11
N MET V 91 -77.20 35.44 13.69
CA MET V 91 -77.40 35.84 15.08
C MET V 91 -78.25 37.09 15.17
N THR V 92 -79.39 36.98 15.86
CA THR V 92 -80.22 38.13 16.14
C THR V 92 -79.65 38.91 17.32
N THR V 93 -80.00 40.20 17.38
CA THR V 93 -79.44 41.07 18.41
C THR V 93 -80.01 40.76 19.78
N ALA V 94 -81.19 40.14 19.84
CA ALA V 94 -81.73 39.66 21.10
C ALA V 94 -80.98 38.43 21.58
N GLU V 95 -80.35 37.70 20.68
CA GLU V 95 -79.67 36.48 21.05
C GLU V 95 -78.16 36.70 21.25
N ALA V 96 -77.60 37.69 20.56
CA ALA V 96 -76.16 37.94 20.67
C ALA V 96 -75.79 38.51 22.02
N GLU V 97 -76.74 39.15 22.71
CA GLU V 97 -76.48 39.57 24.08
C GLU V 97 -76.47 38.39 25.04
N ASN V 98 -77.19 37.31 24.69
CA ASN V 98 -77.23 36.13 25.54
C ASN V 98 -75.91 35.38 25.55
N LEU V 99 -75.10 35.56 24.52
CA LEU V 99 -73.76 34.97 24.53
C LEU V 99 -72.81 35.76 25.41
N ILE V 100 -72.81 37.08 25.27
CA ILE V 100 -71.83 37.88 26.02
C ILE V 100 -72.23 37.99 27.49
N ALA V 101 -73.51 37.83 27.82
CA ALA V 101 -73.90 37.75 29.22
C ALA V 101 -73.55 36.40 29.81
N ALA V 102 -73.41 35.37 28.97
CA ALA V 102 -72.94 34.08 29.44
C ALA V 102 -71.42 34.04 29.53
N LEU V 103 -70.73 34.99 28.89
CA LEU V 103 -69.28 35.06 29.04
C LEU V 103 -68.88 35.82 30.30
N ARG V 104 -69.75 36.69 30.80
CA ARG V 104 -69.49 37.34 32.08
C ARG V 104 -69.98 36.50 33.25
N SER V 105 -70.68 35.41 32.99
CA SER V 105 -71.26 34.62 34.07
C SER V 105 -70.20 33.85 34.82
N ALA V 106 -70.45 33.57 36.09
CA ALA V 106 -69.52 32.80 36.91
C ALA V 106 -69.62 31.31 36.66
N THR V 107 -70.57 30.87 35.81
CA THR V 107 -70.65 29.46 35.48
C THR V 107 -69.52 29.04 34.56
N VAL V 108 -69.05 29.96 33.72
CA VAL V 108 -67.90 29.68 32.87
C VAL V 108 -66.61 30.26 33.44
N SER V 109 -66.70 31.16 34.42
CA SER V 109 -65.50 31.68 35.04
C SER V 109 -64.94 30.74 36.10
N GLU V 110 -65.78 29.89 36.69
CA GLU V 110 -65.30 28.97 37.71
C GLU V 110 -64.67 27.73 37.10
N ALA V 111 -65.10 27.33 35.90
CA ALA V 111 -64.51 26.18 35.25
C ALA V 111 -63.12 26.48 34.72
N ILE V 112 -62.89 27.71 34.28
CA ILE V 112 -61.57 28.09 33.81
C ILE V 112 -60.64 28.33 35.00
N GLY V 113 -61.12 29.08 36.00
CA GLY V 113 -60.28 29.43 37.13
C GLY V 113 -60.05 28.30 38.10
N GLY V 114 -60.79 27.20 37.95
CA GLY V 114 -60.61 26.07 38.85
C GLY V 114 -59.72 24.98 38.31
N HIS V 115 -59.42 25.01 37.01
CA HIS V 115 -58.74 23.85 36.42
C HIS V 115 -57.23 23.96 36.46
N SER V 116 -56.69 25.17 36.24
CA SER V 116 -55.28 25.53 36.46
C SER V 116 -54.29 24.77 35.56
N GLN V 117 -54.78 24.25 34.43
CA GLN V 117 -53.92 23.68 33.41
C GLN V 117 -53.90 24.50 32.13
N ILE V 118 -54.98 25.23 31.85
CA ILE V 118 -55.15 26.02 30.64
C ILE V 118 -54.24 27.24 30.70
N THR V 119 -53.56 27.55 29.59
CA THR V 119 -52.73 28.74 29.55
C THR V 119 -53.24 29.81 28.60
N LEU V 120 -54.18 29.50 27.71
CA LEU V 120 -54.79 30.54 26.88
C LEU V 120 -56.22 30.15 26.54
N ILE V 121 -57.10 31.14 26.43
CA ILE V 121 -58.51 30.92 26.13
C ILE V 121 -58.83 31.54 24.80
N LEU V 122 -59.96 31.14 24.22
CA LEU V 122 -60.42 31.67 22.94
C LEU V 122 -61.88 31.30 22.73
N VAL V 123 -62.62 32.19 22.08
CA VAL V 123 -63.99 31.94 21.65
C VAL V 123 -63.99 31.84 20.13
N PRO V 124 -64.33 30.68 19.55
CA PRO V 124 -64.56 30.63 18.11
C PRO V 124 -65.98 31.00 17.71
N ASP V 125 -66.84 31.26 18.68
CA ASP V 125 -68.24 31.59 18.44
C ASP V 125 -68.48 33.09 18.33
N MET V 126 -67.44 33.91 18.48
CA MET V 126 -67.60 35.35 18.33
C MET V 126 -67.71 35.75 16.86
N ALA V 127 -67.15 34.96 15.95
CA ALA V 127 -67.31 35.27 14.53
C ALA V 127 -68.68 34.87 14.00
N ARG V 128 -69.51 34.23 14.81
CA ARG V 128 -70.87 33.91 14.40
C ARG V 128 -71.73 35.16 14.34
N LEU V 129 -71.39 36.19 15.11
CA LEU V 129 -72.13 37.45 15.09
C LEU V 129 -71.55 38.44 14.08
N ASN V 130 -70.80 37.96 13.10
CA ASN V 130 -70.22 38.86 12.12
C ASN V 130 -71.25 39.28 11.07
N ASP V 131 -72.38 38.58 10.98
CA ASP V 131 -73.44 38.89 10.04
C ASP V 131 -74.73 39.25 10.78
N SER V 132 -75.34 40.37 10.37
CA SER V 132 -76.69 40.79 10.80
C SER V 132 -76.78 41.01 12.31
N ASP V 133 -75.69 41.50 12.91
CA ASP V 133 -75.69 41.72 14.35
C ASP V 133 -76.40 43.02 14.75
N ILE V 134 -76.46 44.00 13.86
CA ILE V 134 -76.93 45.33 14.24
C ILE V 134 -78.34 45.56 13.74
N VAL V 141 -71.74 48.56 16.51
CA VAL V 141 -70.31 48.33 16.46
C VAL V 141 -69.83 47.98 17.87
N SER V 142 -70.45 48.63 18.87
CA SER V 142 -70.06 48.45 20.26
C SER V 142 -70.40 47.06 20.81
N LEU V 143 -71.18 46.26 20.09
CA LEU V 143 -71.45 44.89 20.52
C LEU V 143 -70.20 44.03 20.48
N TRP V 144 -69.27 44.31 19.56
CA TRP V 144 -68.00 43.60 19.54
C TRP V 144 -67.16 43.98 20.75
N SER V 145 -67.12 45.27 21.08
CA SER V 145 -66.35 45.74 22.22
C SER V 145 -66.93 45.27 23.54
N GLN V 146 -68.24 45.05 23.59
CA GLN V 146 -68.86 44.49 24.79
C GLN V 146 -68.49 43.02 24.96
N GLY V 147 -68.09 42.36 23.88
CA GLY V 147 -67.63 40.99 23.94
C GLY V 147 -66.15 40.88 24.24
N TRP V 148 -65.36 41.85 23.77
CA TRP V 148 -63.94 41.85 24.05
C TRP V 148 -63.66 42.23 25.51
N GLU V 149 -64.40 43.22 26.03
CA GLU V 149 -64.24 43.60 27.43
C GLU V 149 -64.71 42.51 28.37
N ALA V 150 -65.62 41.65 27.93
CA ALA V 150 -65.97 40.47 28.71
C ALA V 150 -64.85 39.45 28.68
N LEU V 151 -64.17 39.31 27.53
CA LEU V 151 -63.14 38.29 27.39
C LEU V 151 -61.86 38.65 28.11
N LEU V 152 -61.43 39.91 28.00
CA LEU V 152 -60.20 40.32 28.67
C LEU V 152 -60.37 40.35 30.18
N GLN V 153 -61.59 40.56 30.66
CA GLN V 153 -61.87 40.44 32.08
C GLN V 153 -61.82 38.99 32.53
N LEU V 154 -62.19 38.06 31.64
CA LEU V 154 -62.20 36.64 31.97
C LEU V 154 -60.78 36.10 32.15
N SER V 155 -59.80 36.74 31.53
CA SER V 155 -58.41 36.34 31.69
C SER V 155 -57.76 36.94 32.94
N GLN V 156 -58.53 37.36 33.92
CA GLN V 156 -58.01 37.89 35.18
C GLN V 156 -58.32 37.02 36.37
N VAL V 157 -58.86 35.82 36.17
CA VAL V 157 -59.30 35.04 37.31
C VAL V 157 -58.13 34.33 37.99
N ARG V 158 -57.03 34.12 37.26
CA ARG V 158 -55.93 33.31 37.75
C ARG V 158 -54.68 33.69 36.94
N PRO V 159 -53.47 33.32 37.39
CA PRO V 159 -52.24 33.85 36.76
C PRO V 159 -52.07 33.63 35.26
N ASN V 160 -51.85 32.40 34.80
CA ASN V 160 -51.43 32.18 33.42
C ASN V 160 -52.66 31.96 32.54
N LEU V 161 -53.18 33.06 32.00
CA LEU V 161 -54.25 33.01 31.02
C LEU V 161 -54.00 34.06 29.95
N PHE V 162 -54.31 33.71 28.72
CA PHE V 162 -54.22 34.61 27.58
C PHE V 162 -55.51 34.47 26.79
N VAL V 163 -55.81 35.44 25.95
CA VAL V 163 -57.03 35.36 25.16
C VAL V 163 -56.74 35.74 23.71
N LEU V 164 -56.96 34.80 22.81
CA LEU V 164 -56.93 35.05 21.38
C LEU V 164 -58.35 35.34 20.95
N LEU V 165 -58.56 36.44 20.24
CA LEU V 165 -59.92 36.91 20.02
C LEU V 165 -60.10 37.43 18.61
N ASP V 166 -61.33 37.35 18.11
CA ASP V 166 -61.63 37.64 16.72
C ASP V 166 -61.91 39.12 16.52
N ALA V 167 -61.45 39.63 15.39
CA ALA V 167 -61.72 40.99 14.99
C ALA V 167 -62.84 41.03 13.95
N PRO V 168 -63.62 42.10 13.87
CA PRO V 168 -64.68 42.16 12.87
C PRO V 168 -64.11 42.36 11.47
N ASP V 169 -64.81 41.80 10.49
CA ASP V 169 -64.28 41.78 9.13
C ASP V 169 -64.41 43.14 8.46
N ASN V 170 -65.39 43.93 8.88
CA ASN V 170 -65.59 45.24 8.29
C ASN V 170 -64.52 46.19 8.79
N VAL V 171 -63.93 46.96 7.88
CA VAL V 171 -62.72 47.70 8.20
C VAL V 171 -63.04 48.92 9.05
N GLU V 172 -64.21 49.53 8.83
CA GLU V 172 -64.61 50.67 9.66
C GLU V 172 -64.93 50.19 11.06
N GLN V 173 -65.54 49.02 11.15
CA GLN V 173 -65.91 48.44 12.44
C GLN V 173 -64.69 47.97 13.21
N ALA V 174 -63.63 47.61 12.49
CA ALA V 174 -62.42 47.18 13.17
C ALA V 174 -61.68 48.37 13.78
N GLN V 175 -61.57 49.48 13.04
CA GLN V 175 -60.89 50.66 13.57
C GLN V 175 -61.65 51.30 14.72
N LYS V 176 -62.99 51.19 14.73
CA LYS V 176 -63.74 51.75 15.84
C LYS V 176 -63.61 50.90 17.09
N CYS V 177 -63.59 49.57 16.93
CA CYS V 177 -63.49 48.71 18.10
C CYS V 177 -62.07 48.65 18.64
N MET V 178 -61.09 49.08 17.85
CA MET V 178 -59.76 49.24 18.38
C MET V 178 -59.65 50.48 19.25
N THR V 179 -60.30 51.57 18.83
CA THR V 179 -60.18 52.85 19.53
C THR V 179 -61.09 52.92 20.74
N THR V 180 -62.31 52.42 20.62
CA THR V 180 -63.31 52.54 21.67
C THR V 180 -63.37 51.30 22.56
N LEU V 181 -62.25 50.65 22.80
CA LEU V 181 -62.25 49.46 23.66
C LEU V 181 -62.27 49.89 25.12
N SER V 182 -61.21 50.57 25.57
CA SER V 182 -61.08 51.21 26.88
C SER V 182 -61.27 50.22 28.04
N SER V 183 -60.48 49.16 28.01
CA SER V 183 -60.30 48.30 29.16
C SER V 183 -58.91 48.50 29.74
N ASP V 184 -58.77 48.24 31.03
CA ASP V 184 -57.48 48.39 31.68
C ASP V 184 -56.64 47.12 31.61
N TYR V 185 -57.19 46.03 31.10
CA TYR V 185 -56.45 44.80 30.83
C TYR V 185 -56.50 44.58 29.34
N ARG V 186 -55.62 45.26 28.61
CA ARG V 186 -55.55 45.09 27.18
C ARG V 186 -54.39 44.21 26.74
N GLN V 187 -53.41 44.02 27.62
CA GLN V 187 -52.20 43.31 27.25
C GLN V 187 -52.39 41.80 27.26
N TRP V 188 -53.52 41.31 27.73
CA TRP V 188 -53.73 39.88 27.73
C TRP V 188 -54.41 39.39 26.46
N GLY V 189 -54.74 40.28 25.52
CA GLY V 189 -55.40 39.87 24.31
C GLY V 189 -54.56 40.07 23.07
N ALA V 190 -55.03 39.47 21.97
CA ALA V 190 -54.44 39.63 20.66
C ALA V 190 -55.50 39.33 19.63
N ALA V 191 -55.61 40.19 18.62
CA ALA V 191 -56.71 40.11 17.65
C ALA V 191 -56.13 39.82 16.27
N TYR V 192 -56.66 38.80 15.62
CA TYR V 192 -56.22 38.41 14.28
C TYR V 192 -57.35 38.67 13.29
N TRP V 193 -57.06 39.49 12.27
CA TRP V 193 -58.15 40.15 11.56
C TRP V 193 -58.99 39.28 10.62
N PRO V 194 -58.48 38.69 9.55
CA PRO V 194 -59.40 38.16 8.54
C PRO V 194 -59.92 36.78 8.90
N ARG V 195 -61.10 36.48 8.40
CA ARG V 195 -61.66 35.15 8.54
C ARG V 195 -61.13 34.27 7.43
N LEU V 196 -60.73 33.06 7.78
CA LEU V 196 -60.12 32.16 6.82
C LEU V 196 -61.18 31.37 6.08
N GLU V 197 -60.96 31.15 4.79
CA GLU V 197 -61.83 30.30 3.99
C GLU V 197 -61.17 28.95 3.87
N THR V 198 -61.55 28.03 4.75
CA THR V 198 -60.92 26.72 4.80
C THR V 198 -61.44 25.82 3.69
N THR V 199 -60.84 24.64 3.59
CA THR V 199 -61.22 23.65 2.57
C THR V 199 -62.17 22.61 3.14
N TYR V 200 -63.28 23.07 3.71
CA TYR V 200 -64.35 22.17 4.10
C TYR V 200 -65.63 22.62 3.40
N GLN V 201 -66.50 21.67 3.11
CA GLN V 201 -67.60 21.91 2.19
C GLN V 201 -68.67 22.80 2.81
N LYS V 202 -69.35 23.54 1.93
CA LYS V 202 -70.49 24.45 2.18
C LYS V 202 -70.38 25.34 3.42
N ILE V 214 -64.45 23.13 -1.48
CA ILE V 214 -63.47 23.73 -2.37
C ILE V 214 -64.11 24.80 -3.24
N PHE V 215 -65.43 24.70 -3.45
CA PHE V 215 -66.12 25.72 -4.23
C PHE V 215 -66.61 26.83 -3.32
N GLN V 216 -67.36 26.48 -2.28
CA GLN V 216 -67.73 27.41 -1.22
C GLN V 216 -67.17 26.80 0.06
N GLY V 217 -65.91 27.07 0.35
CA GLY V 217 -65.32 26.62 1.59
C GLY V 217 -65.91 27.39 2.76
N THR V 218 -66.00 26.72 3.90
CA THR V 218 -66.64 27.35 5.05
C THR V 218 -65.74 28.43 5.64
N VAL V 219 -66.34 29.59 5.87
CA VAL V 219 -65.62 30.73 6.41
C VAL V 219 -65.43 30.46 7.90
N LEU V 220 -64.23 30.73 8.40
CA LEU V 220 -63.82 30.26 9.72
C LEU V 220 -63.10 31.36 10.48
N SER V 221 -63.25 31.34 11.81
CA SER V 221 -62.45 32.13 12.73
C SER V 221 -60.97 31.83 12.54
N PRO V 222 -60.11 32.84 12.67
CA PRO V 222 -58.68 32.61 12.49
C PRO V 222 -57.98 32.14 13.74
N THR V 223 -58.55 32.35 14.93
CA THR V 223 -57.87 32.09 16.19
C THR V 223 -57.71 30.62 16.51
N ALA V 224 -58.47 29.74 15.87
CA ALA V 224 -58.31 28.31 16.12
C ALA V 224 -57.04 27.79 15.49
N ALA V 225 -56.57 28.44 14.43
CA ALA V 225 -55.33 28.03 13.77
C ALA V 225 -54.12 28.61 14.48
N VAL V 226 -54.24 29.83 15.01
CA VAL V 226 -53.13 30.47 15.72
C VAL V 226 -52.85 29.82 17.06
N ALA V 227 -53.86 29.23 17.71
CA ALA V 227 -53.62 28.53 18.96
C ALA V 227 -52.85 27.23 18.73
N ALA V 228 -52.92 26.68 17.53
CA ALA V 228 -52.12 25.50 17.23
C ALA V 228 -50.69 25.86 16.89
N VAL V 229 -50.46 27.04 16.28
CA VAL V 229 -49.10 27.42 15.97
C VAL V 229 -48.42 28.10 17.15
N ILE V 230 -49.18 28.61 18.12
CA ILE V 230 -48.60 28.99 19.39
C ILE V 230 -48.12 27.75 20.12
N GLN V 231 -48.90 26.68 20.10
CA GLN V 231 -48.51 25.40 20.64
C GLN V 231 -47.39 24.76 19.84
N ARG V 232 -47.31 25.07 18.55
CA ARG V 232 -46.30 24.45 17.69
C ARG V 232 -44.93 25.10 17.86
N THR V 233 -44.90 26.41 18.10
CA THR V 233 -43.64 27.09 18.33
C THR V 233 -43.20 27.02 19.79
N ASP V 234 -44.06 26.54 20.68
CA ASP V 234 -43.71 26.24 22.05
C ASP V 234 -42.97 24.91 22.17
N ASN V 235 -43.21 24.01 21.21
CA ASN V 235 -42.64 22.67 21.30
C ASN V 235 -41.14 22.68 21.01
N ASP V 236 -40.71 23.54 20.09
CA ASP V 236 -39.33 23.52 19.61
C ASP V 236 -38.53 24.74 20.04
N ALA V 237 -39.06 25.94 19.87
CA ALA V 237 -38.31 27.16 20.12
C ALA V 237 -38.74 27.86 21.41
N GLY V 238 -39.48 27.21 22.29
CA GLY V 238 -39.83 27.78 23.57
C GLY V 238 -40.88 28.88 23.48
N VAL V 239 -41.20 29.44 24.65
CA VAL V 239 -42.22 30.47 24.72
C VAL V 239 -41.65 31.81 24.26
N TRP V 240 -40.33 31.95 24.29
CA TRP V 240 -39.69 33.21 23.96
C TRP V 240 -39.72 33.54 22.46
N LYS V 241 -40.12 32.59 21.62
CA LYS V 241 -40.18 32.83 20.19
C LYS V 241 -41.56 33.34 19.80
N ALA V 242 -41.58 34.28 18.88
CA ALA V 242 -42.84 34.91 18.49
C ALA V 242 -43.62 34.00 17.55
N PRO V 243 -44.93 33.88 17.74
CA PRO V 243 -45.70 32.92 16.93
C PRO V 243 -46.07 33.40 15.53
N ALA V 244 -45.52 34.52 15.06
CA ALA V 244 -45.85 34.98 13.72
C ALA V 244 -44.98 34.29 12.70
N ASN V 245 -45.31 34.54 11.42
CA ASN V 245 -44.55 34.09 10.25
C ASN V 245 -44.43 32.57 10.19
N ILE V 246 -45.57 31.89 10.33
CA ILE V 246 -45.62 30.44 10.23
C ILE V 246 -46.87 30.06 9.44
N ALA V 247 -46.74 29.03 8.60
CA ALA V 247 -47.73 28.73 7.60
C ALA V 247 -48.96 28.05 8.21
N LEU V 248 -50.12 28.31 7.61
CA LEU V 248 -51.38 27.73 8.04
C LEU V 248 -51.83 26.69 7.02
N SER V 249 -52.41 25.59 7.53
CA SER V 249 -52.52 24.37 6.76
C SER V 249 -53.70 24.34 5.79
N GLN V 250 -54.93 24.36 6.33
CA GLN V 250 -56.08 24.00 5.53
C GLN V 250 -56.84 25.20 4.98
N VAL V 251 -56.18 26.33 4.76
CA VAL V 251 -56.91 27.52 4.35
C VAL V 251 -56.63 27.82 2.88
N ILE V 252 -57.66 28.35 2.21
CA ILE V 252 -57.51 28.78 0.83
C ILE V 252 -57.06 30.24 0.78
N ARG V 253 -57.81 31.13 1.44
CA ARG V 253 -57.56 32.55 1.35
C ARG V 253 -58.20 33.23 2.55
N PRO V 254 -57.65 34.35 2.99
CA PRO V 254 -58.43 35.26 3.83
C PRO V 254 -59.57 35.85 3.01
N VAL V 255 -60.76 35.93 3.61
CA VAL V 255 -61.93 36.32 2.86
C VAL V 255 -61.91 37.81 2.52
N LYS V 256 -61.19 38.60 3.32
CA LYS V 256 -60.91 39.97 2.93
C LYS V 256 -59.52 40.06 2.33
N SER V 257 -59.35 41.06 1.46
CA SER V 257 -58.05 41.29 0.84
C SER V 257 -57.05 41.77 1.88
N TYR V 258 -55.77 41.58 1.57
CA TYR V 258 -54.74 42.06 2.48
C TYR V 258 -54.58 43.57 2.40
N LEU V 259 -54.67 44.14 1.19
CA LEU V 259 -54.47 45.57 1.00
C LEU V 259 -55.60 46.40 1.60
N GLN V 260 -56.78 45.81 1.79
CA GLN V 260 -57.87 46.53 2.42
C GLN V 260 -57.63 46.73 3.91
N GLY V 261 -56.82 45.87 4.53
CA GLY V 261 -56.59 45.97 5.95
C GLY V 261 -55.24 46.54 6.33
N SER V 262 -54.67 47.36 5.44
CA SER V 262 -53.37 47.95 5.74
C SER V 262 -53.46 49.10 6.74
N VAL V 263 -54.68 49.54 7.08
CA VAL V 263 -54.86 50.58 8.08
C VAL V 263 -55.08 49.97 9.46
N LEU V 264 -55.08 48.64 9.55
CA LEU V 264 -55.27 47.99 10.84
C LEU V 264 -54.02 48.06 11.70
N PHE V 265 -52.85 48.06 11.09
CA PHE V 265 -51.60 48.17 11.83
C PHE V 265 -51.30 49.64 12.09
N ASN V 266 -51.09 49.99 13.36
CA ASN V 266 -50.69 51.34 13.76
C ASN V 266 -49.51 51.22 14.69
N SER V 267 -48.40 51.89 14.35
CA SER V 267 -47.20 51.77 15.17
C SER V 267 -47.28 52.62 16.42
N SER V 268 -48.21 53.58 16.47
CA SER V 268 -48.35 54.45 17.63
C SER V 268 -49.60 54.13 18.43
N GLY V 269 -50.66 53.67 17.76
CA GLY V 269 -51.88 53.32 18.43
C GLY V 269 -52.00 51.84 18.66
N THR V 270 -53.24 51.40 18.77
CA THR V 270 -53.53 49.98 18.89
C THR V 270 -53.42 49.27 17.55
N SER V 271 -52.56 48.26 17.49
CA SER V 271 -52.27 47.54 16.25
C SER V 271 -52.91 46.18 16.30
N LEU V 272 -53.48 45.77 15.18
CA LEU V 272 -54.22 44.52 15.08
C LEU V 272 -53.48 43.58 14.14
N ASN V 273 -53.32 42.33 14.56
CA ASN V 273 -52.51 41.39 13.80
C ASN V 273 -53.25 40.94 12.55
N VAL V 274 -52.52 40.88 11.44
CA VAL V 274 -53.12 40.62 10.14
C VAL V 274 -52.57 39.28 9.66
N ILE V 275 -53.36 38.62 8.82
CA ILE V 275 -52.99 37.34 8.23
C ILE V 275 -52.81 37.56 6.74
N ARG V 276 -51.58 37.38 6.27
CA ARG V 276 -51.18 37.77 4.93
C ARG V 276 -51.10 36.54 4.04
N SER V 277 -51.19 36.75 2.74
CA SER V 277 -51.06 35.69 1.76
C SER V 277 -49.82 35.96 0.92
N PHE V 278 -48.79 35.19 1.14
CA PHE V 278 -47.58 35.38 0.35
C PHE V 278 -47.59 34.44 -0.84
N PRO V 279 -47.31 34.93 -2.05
CA PRO V 279 -47.32 34.05 -3.23
C PRO V 279 -46.13 33.11 -3.23
N GLY V 280 -46.42 31.80 -3.23
CA GLY V 280 -45.39 30.79 -3.19
C GLY V 280 -44.95 30.39 -1.80
N LYS V 281 -45.46 31.07 -0.77
CA LYS V 281 -44.98 30.91 0.59
C LYS V 281 -46.10 30.59 1.57
N GLY V 282 -47.36 30.58 1.11
CA GLY V 282 -48.47 30.18 1.93
C GLY V 282 -49.18 31.31 2.63
N ILE V 283 -50.23 30.96 3.36
CA ILE V 283 -50.95 31.89 4.21
C ILE V 283 -50.25 31.94 5.56
N ARG V 284 -49.94 33.14 6.05
CA ARG V 284 -49.07 33.28 7.20
C ARG V 284 -49.66 34.26 8.20
N VAL V 285 -49.34 34.05 9.48
CA VAL V 285 -49.63 35.07 10.49
C VAL V 285 -48.57 36.15 10.39
N TRP V 286 -49.01 37.40 10.37
CA TRP V 286 -48.11 38.52 10.15
C TRP V 286 -48.35 39.57 11.23
N GLY V 287 -47.54 39.53 12.27
CA GLY V 287 -47.71 40.42 13.39
C GLY V 287 -47.91 39.69 14.70
N CYS V 288 -47.13 40.07 15.71
CA CYS V 288 -47.28 39.54 17.06
C CYS V 288 -47.40 40.73 18.00
N ARG V 289 -48.59 41.30 18.07
CA ARG V 289 -48.84 42.49 18.86
C ARG V 289 -50.02 42.23 19.77
N THR V 290 -49.97 42.74 20.98
CA THR V 290 -51.14 42.74 21.83
C THR V 290 -51.97 43.97 21.54
N LEU V 291 -53.18 44.00 22.06
CA LEU V 291 -53.99 45.20 22.03
C LEU V 291 -53.32 46.17 23.01
N GLU V 292 -52.75 47.26 22.50
CA GLU V 292 -51.94 48.11 23.36
C GLU V 292 -51.78 49.50 22.76
N ASN V 293 -51.82 50.51 23.62
CA ASN V 293 -51.53 51.88 23.24
C ASN V 293 -50.21 52.27 23.87
N THR V 294 -49.16 52.37 23.04
CA THR V 294 -47.79 52.39 23.54
C THR V 294 -47.44 53.73 24.20
N ASP V 295 -47.77 53.84 25.48
CA ASP V 295 -47.22 54.91 26.31
C ASP V 295 -46.21 54.23 27.23
N ASN V 296 -45.01 54.01 26.66
CA ASN V 296 -43.84 53.42 27.33
C ASN V 296 -44.12 52.01 27.87
N THR V 297 -45.03 51.30 27.22
CA THR V 297 -45.50 50.02 27.74
C THR V 297 -44.43 48.95 27.49
N GLN V 298 -44.36 47.98 28.40
CA GLN V 298 -43.36 46.93 28.26
C GLN V 298 -43.98 45.66 27.71
N TRP V 299 -45.29 45.50 27.87
CA TRP V 299 -45.99 44.32 27.36
C TRP V 299 -46.62 44.68 26.03
N ARG V 300 -45.76 45.03 25.07
CA ARG V 300 -46.21 45.40 23.74
C ARG V 300 -46.41 44.19 22.84
N TYR V 301 -45.47 43.25 22.86
CA TYR V 301 -45.58 42.09 21.98
C TYR V 301 -46.19 40.92 22.73
N LEU V 302 -46.73 39.98 21.95
CA LEU V 302 -47.39 38.81 22.51
C LEU V 302 -46.40 37.91 23.23
N GLN V 303 -45.17 37.85 22.73
CA GLN V 303 -44.19 36.95 23.29
C GLN V 303 -43.61 37.48 24.59
N THR V 304 -43.67 38.79 24.81
CA THR V 304 -43.19 39.35 26.06
C THR V 304 -44.19 39.09 27.18
N ARG V 305 -45.48 39.17 26.86
CA ARG V 305 -46.50 38.87 27.86
C ARG V 305 -46.54 37.39 28.18
N ARG V 306 -46.20 36.54 27.21
CA ARG V 306 -46.25 35.11 27.47
C ARG V 306 -44.96 34.59 28.10
N LEU V 307 -43.85 35.32 27.93
CA LEU V 307 -42.62 34.90 28.61
C LEU V 307 -42.65 35.31 30.07
N VAL V 308 -43.09 36.53 30.37
CA VAL V 308 -43.12 36.99 31.75
C VAL V 308 -44.19 36.26 32.54
N SER V 309 -45.23 35.77 31.88
CA SER V 309 -46.20 34.92 32.57
C SER V 309 -45.78 33.47 32.57
N TYR V 310 -44.74 33.12 31.83
CA TYR V 310 -44.16 31.79 31.93
C TYR V 310 -43.21 31.70 33.11
N VAL V 311 -42.62 32.82 33.51
CA VAL V 311 -41.66 32.79 34.61
C VAL V 311 -42.35 33.15 35.92
N THR V 312 -43.59 33.65 35.88
CA THR V 312 -44.37 33.63 37.10
C THR V 312 -44.89 32.25 37.39
N ALA V 313 -45.42 31.56 36.39
CA ALA V 313 -46.06 30.28 36.62
C ALA V 313 -45.06 29.14 36.76
N HIS V 314 -43.76 29.43 36.63
CA HIS V 314 -42.76 28.45 36.96
C HIS V 314 -41.89 28.87 38.14
N LEU V 315 -42.06 30.09 38.63
CA LEU V 315 -41.49 30.45 39.93
C LEU V 315 -42.48 30.22 41.06
N THR V 316 -43.78 30.21 40.75
CA THR V 316 -44.73 29.79 41.78
C THR V 316 -44.64 28.30 42.04
N GLN V 317 -44.24 27.52 41.05
CA GLN V 317 -44.08 26.09 41.27
C GLN V 317 -42.83 25.79 42.08
N LEU V 318 -41.88 26.74 42.11
CA LEU V 318 -40.72 26.59 42.97
C LEU V 318 -40.97 27.17 44.35
N ALA V 319 -41.81 28.20 44.43
CA ALA V 319 -42.06 28.85 45.71
C ALA V 319 -43.16 28.14 46.48
N ARG V 320 -43.97 27.33 45.80
CA ARG V 320 -44.95 26.54 46.53
C ARG V 320 -44.32 25.42 47.33
N MET V 321 -43.08 25.02 47.01
CA MET V 321 -42.54 23.78 47.56
C MET V 321 -42.15 23.95 49.02
N TYR V 322 -41.91 25.18 49.46
CA TYR V 322 -41.55 25.48 50.84
C TYR V 322 -42.38 26.65 51.36
N VAL V 323 -43.68 26.57 51.16
CA VAL V 323 -44.63 27.28 52.00
C VAL V 323 -44.68 26.50 53.31
N PHE V 324 -45.03 27.17 54.41
CA PHE V 324 -45.04 26.64 55.77
C PHE V 324 -43.66 26.15 56.19
N GLU V 325 -42.64 26.98 56.01
CA GLU V 325 -41.28 26.69 56.43
C GLU V 325 -40.88 27.75 57.46
N PRO V 326 -39.82 27.53 58.26
CA PRO V 326 -39.61 28.39 59.45
C PRO V 326 -39.34 29.87 59.20
N ASN V 327 -39.14 30.33 57.97
CA ASN V 327 -38.94 31.76 57.63
C ASN V 327 -37.72 32.35 58.31
N ASN V 328 -36.66 31.57 58.43
CA ASN V 328 -35.40 32.07 58.98
C ASN V 328 -34.53 32.56 57.82
N GLU V 329 -33.26 32.81 58.08
CA GLU V 329 -32.33 33.22 57.04
C GLU V 329 -31.90 32.05 56.16
N LEU V 330 -32.23 30.82 56.56
CA LEU V 330 -31.82 29.64 55.79
C LEU V 330 -32.74 29.40 54.62
N THR V 331 -34.05 29.48 54.84
CA THR V 331 -34.99 29.13 53.78
C THR V 331 -35.16 30.25 52.76
N TRP V 332 -34.44 31.36 52.90
CA TRP V 332 -34.39 32.35 51.82
C TRP V 332 -33.25 32.01 50.88
N MET V 333 -32.12 31.57 51.43
CA MET V 333 -31.00 31.17 50.58
C MET V 333 -31.27 29.87 49.84
N LYS V 334 -32.27 29.09 50.28
CA LYS V 334 -32.71 27.96 49.46
C LYS V 334 -33.73 28.38 48.42
N LEU V 335 -34.28 29.58 48.56
CA LEU V 335 -35.17 30.14 47.55
C LEU V 335 -34.42 31.06 46.60
N LYS V 336 -33.45 31.80 47.12
CA LYS V 336 -32.61 32.63 46.27
C LYS V 336 -31.65 31.78 45.46
N GLY V 337 -31.41 30.55 45.87
CA GLY V 337 -30.51 29.69 45.12
C GLY V 337 -31.21 28.88 44.07
N GLN V 338 -32.43 28.43 44.35
CA GLN V 338 -33.13 27.59 43.40
C GLN V 338 -33.75 28.41 42.27
N SER V 339 -34.08 29.68 42.53
CA SER V 339 -34.65 30.52 41.48
C SER V 339 -33.58 31.21 40.66
N TYR V 340 -32.42 31.47 41.25
CA TYR V 340 -31.28 31.95 40.46
C TYR V 340 -30.79 30.87 39.52
N ASN V 341 -30.87 29.61 39.94
CA ASN V 341 -30.37 28.52 39.12
C ASN V 341 -31.32 28.19 37.99
N TRP V 342 -32.59 28.57 38.12
CA TRP V 342 -33.53 28.31 37.05
C TRP V 342 -33.55 29.45 36.04
N LEU V 343 -33.44 30.69 36.52
CA LEU V 343 -33.43 31.83 35.62
C LEU V 343 -32.14 31.87 34.80
N ARG V 344 -31.04 31.39 35.36
CA ARG V 344 -29.83 31.23 34.56
C ARG V 344 -29.99 30.11 33.55
N GLN V 345 -30.73 29.07 33.89
CA GLN V 345 -30.99 28.00 32.94
C GLN V 345 -31.92 28.46 31.81
N LEU V 346 -32.80 29.41 32.09
CA LEU V 346 -33.58 30.03 31.02
C LEU V 346 -32.77 31.05 30.24
N TRP V 347 -31.81 31.69 30.89
CA TRP V 347 -30.99 32.68 30.20
C TRP V 347 -30.02 32.04 29.23
N LEU V 348 -29.50 30.86 29.56
CA LEU V 348 -28.59 30.16 28.67
C LEU V 348 -29.28 29.36 27.59
N GLN V 349 -30.59 29.53 27.41
CA GLN V 349 -31.30 29.01 26.26
C GLN V 349 -31.61 30.09 25.24
N GLY V 350 -31.06 31.28 25.43
CA GLY V 350 -31.38 32.40 24.56
C GLY V 350 -32.70 33.06 24.88
N GLY V 351 -32.97 33.34 26.15
CA GLY V 351 -34.29 33.79 26.53
C GLY V 351 -34.42 35.15 27.18
N LEU V 352 -33.33 35.80 27.58
CA LEU V 352 -33.45 36.92 28.51
C LEU V 352 -32.64 38.17 28.17
N TYR V 353 -31.97 38.24 27.02
CA TYR V 353 -31.27 39.44 26.53
C TYR V 353 -30.18 39.91 27.51
N GLY V 354 -29.13 39.13 27.58
CA GLY V 354 -28.00 39.56 28.37
C GLY V 354 -26.68 39.06 27.85
N SER V 355 -25.63 39.88 27.93
CA SER V 355 -24.29 39.39 27.62
C SER V 355 -23.63 38.77 28.83
N GLN V 356 -24.09 39.11 30.03
CA GLN V 356 -23.66 38.48 31.26
C GLN V 356 -24.88 38.36 32.17
N GLU V 357 -24.77 37.51 33.20
CA GLU V 357 -25.96 37.13 33.96
C GLU V 357 -26.46 38.26 34.85
N ASP V 358 -25.60 39.22 35.17
CA ASP V 358 -26.07 40.38 35.93
C ASP V 358 -26.72 41.41 35.04
N GLU V 359 -26.64 41.23 33.72
CA GLU V 359 -27.33 42.12 32.80
C GLU V 359 -28.69 41.54 32.41
N ALA V 360 -28.86 40.22 32.54
CA ALA V 360 -30.11 39.59 32.13
C ALA V 360 -31.18 39.70 33.21
N PHE V 361 -30.82 39.37 34.45
CA PHE V 361 -31.81 39.28 35.51
C PHE V 361 -31.14 39.56 36.85
N ASN V 362 -31.95 39.65 37.89
CA ASN V 362 -31.49 39.90 39.25
C ASN V 362 -32.62 39.57 40.20
N ILE V 363 -32.28 38.97 41.34
CA ILE V 363 -33.25 38.64 42.38
C ILE V 363 -32.70 39.15 43.71
N LEU V 364 -33.58 39.55 44.62
CA LEU V 364 -33.18 40.02 45.94
C LEU V 364 -34.21 39.53 46.94
N LEU V 365 -33.75 39.12 48.13
CA LEU V 365 -34.65 38.49 49.08
C LEU V 365 -34.40 38.85 50.54
N GLY V 366 -33.38 39.63 50.85
CA GLY V 366 -32.92 39.75 52.22
C GLY V 366 -33.88 40.48 53.14
N VAL V 367 -33.55 40.43 54.43
CA VAL V 367 -34.45 40.96 55.44
C VAL V 367 -34.32 42.47 55.54
N ASN V 368 -33.30 43.03 54.90
CA ASN V 368 -33.17 44.48 54.85
C ASN V 368 -33.21 45.01 53.43
N GLU V 369 -33.54 44.16 52.46
CA GLU V 369 -33.58 44.59 51.06
C GLU V 369 -35.01 44.70 50.56
N THR V 370 -35.79 43.64 50.73
CA THR V 370 -37.15 43.62 50.25
C THR V 370 -38.19 43.70 51.36
N MET V 371 -37.99 43.01 52.48
CA MET V 371 -39.01 42.92 53.50
C MET V 371 -38.60 43.74 54.72
N THR V 372 -39.59 44.06 55.55
CA THR V 372 -39.33 44.72 56.80
C THR V 372 -39.31 43.71 57.94
N GLU V 373 -39.07 44.21 59.15
CA GLU V 373 -39.07 43.33 60.31
C GLU V 373 -40.47 42.91 60.72
N ASP V 374 -41.50 43.65 60.29
CA ASP V 374 -42.87 43.25 60.58
C ASP V 374 -43.38 42.22 59.57
N ASP V 375 -42.84 42.24 58.35
CA ASP V 375 -43.26 41.27 57.34
C ASP V 375 -42.71 39.88 57.65
N VAL V 376 -41.63 39.79 58.41
CA VAL V 376 -41.20 38.50 58.92
C VAL V 376 -42.11 38.07 60.07
N ARG V 377 -42.52 39.03 60.91
CA ARG V 377 -43.44 38.72 61.99
C ARG V 377 -44.84 38.39 61.47
N ALA V 378 -45.23 38.98 60.35
CA ALA V 378 -46.52 38.63 59.77
C ALA V 378 -46.45 37.31 59.02
N GLY V 379 -45.25 36.85 58.71
CA GLY V 379 -45.06 35.58 58.06
C GLY V 379 -45.05 35.60 56.56
N LYS V 380 -44.39 36.57 55.93
CA LYS V 380 -44.34 36.62 54.48
C LYS V 380 -42.93 36.85 53.98
N MET V 381 -42.61 36.23 52.85
CA MET V 381 -41.38 36.47 52.12
C MET V 381 -41.69 37.37 50.94
N ILE V 382 -40.77 38.28 50.64
CA ILE V 382 -40.92 39.20 49.51
C ILE V 382 -39.72 38.97 48.60
N MET V 383 -39.97 38.44 47.42
CA MET V 383 -38.92 38.23 46.44
C MET V 383 -39.11 39.20 45.29
N LYS V 384 -38.02 39.84 44.86
CA LYS V 384 -38.08 40.86 43.82
C LYS V 384 -37.28 40.39 42.61
N VAL V 385 -37.99 39.92 41.59
CA VAL V 385 -37.38 39.36 40.40
C VAL V 385 -37.48 40.43 39.32
N GLU V 386 -36.35 40.91 38.84
CA GLU V 386 -36.33 41.72 37.64
C GLU V 386 -35.68 40.94 36.52
N LEU V 387 -36.20 41.11 35.31
CA LEU V 387 -35.68 40.33 34.19
C LEU V 387 -35.85 41.12 32.91
N ALA V 388 -34.83 41.05 32.06
CA ALA V 388 -34.88 41.68 30.75
C ALA V 388 -35.42 40.69 29.73
N VAL V 389 -36.02 41.22 28.66
CA VAL V 389 -36.56 40.40 27.59
C VAL V 389 -36.02 40.90 26.26
N LEU V 390 -36.38 40.21 25.20
CA LEU V 390 -35.88 40.45 23.85
C LEU V 390 -36.94 41.13 22.98
N PHE V 391 -36.51 41.54 21.75
CA PHE V 391 -37.33 42.24 20.77
C PHE V 391 -37.47 41.40 19.50
N PRO V 392 -38.60 41.50 18.79
CA PRO V 392 -38.93 40.47 17.79
C PRO V 392 -38.44 40.70 16.38
N ALA V 393 -37.80 41.84 16.06
CA ALA V 393 -37.33 42.19 14.71
C ALA V 393 -38.45 42.19 13.68
N GLU V 394 -39.36 43.16 13.84
CA GLU V 394 -40.47 43.25 12.91
C GLU V 394 -40.22 44.23 11.77
N PHE V 395 -39.34 45.20 11.92
CA PHE V 395 -38.95 46.08 10.81
C PHE V 395 -37.48 45.85 10.46
N ILE V 396 -37.15 45.91 9.18
CA ILE V 396 -35.79 45.75 8.70
C ILE V 396 -35.51 46.87 7.70
N GLU V 397 -34.40 47.59 7.89
CA GLU V 397 -34.10 48.78 7.10
C GLU V 397 -32.75 48.64 6.42
N ILE V 398 -32.74 48.62 5.10
CA ILE V 398 -31.52 48.52 4.32
C ILE V 398 -31.02 49.93 4.04
N SER V 399 -29.72 50.12 3.95
CA SER V 399 -29.19 51.47 3.82
C SER V 399 -28.50 51.74 2.49
N LEU V 400 -27.72 50.77 1.97
CA LEU V 400 -27.15 50.80 0.62
C LEU V 400 -26.22 51.99 0.38
N VAL V 401 -25.08 51.98 1.07
CA VAL V 401 -24.10 53.04 0.86
C VAL V 401 -22.96 52.52 -0.02
N PHE V 402 -22.30 53.44 -0.72
CA PHE V 402 -21.26 53.14 -1.70
C PHE V 402 -19.90 53.50 -1.13
N ASN V 403 -18.95 52.58 -1.22
CA ASN V 403 -17.75 52.64 -0.38
C ASN V 403 -16.48 52.36 -1.16
N THR V 404 -16.26 53.07 -2.27
CA THR V 404 -14.91 53.11 -2.82
C THR V 404 -14.09 54.22 -2.21
N GLN V 405 -14.66 54.95 -1.24
CA GLN V 405 -13.91 55.99 -0.56
C GLN V 405 -12.80 55.38 0.28
N THR V 406 -13.08 54.27 0.96
CA THR V 406 -12.22 53.76 2.01
C THR V 406 -11.38 52.57 1.54
N GLU V 407 -11.24 52.35 0.23
CA GLU V 407 -10.41 51.26 -0.26
C GLU V 407 -8.93 51.54 0.00
N ALA V 408 -8.57 52.82 0.09
CA ALA V 408 -7.38 53.32 0.80
C ALA V 408 -6.06 52.96 0.11
N LEU V 409 -6.08 52.73 -1.22
CA LEU V 409 -4.91 52.47 -2.06
C LEU V 409 -4.07 51.30 -1.55
N SER V 410 -4.75 50.16 -1.41
CA SER V 410 -4.24 48.91 -0.83
C SER V 410 -3.63 49.13 0.56
N MET W 1 -20.08 -62.12 9.30
CA MET W 1 -21.14 -62.03 10.30
C MET W 1 -20.96 -63.02 11.46
N GLU W 2 -19.88 -62.82 12.21
CA GLU W 2 -19.59 -63.61 13.41
C GLU W 2 -19.86 -62.72 14.63
N ARG W 3 -20.80 -63.15 15.47
CA ARG W 3 -21.39 -62.26 16.45
C ARG W 3 -20.71 -62.40 17.82
N LEU W 4 -19.94 -63.46 18.02
CA LEU W 4 -19.29 -63.68 19.30
C LEU W 4 -17.83 -63.24 19.28
N GLN W 5 -17.20 -63.27 18.13
CA GLN W 5 -15.82 -62.83 17.97
C GLN W 5 -15.77 -61.31 18.01
N PRO W 6 -14.67 -60.71 18.47
CA PRO W 6 -14.61 -59.25 18.56
C PRO W 6 -14.58 -58.58 17.19
N GLY W 7 -15.42 -57.56 17.06
CA GLY W 7 -15.55 -56.86 15.80
C GLY W 7 -16.70 -55.89 15.83
N VAL W 8 -17.24 -55.60 14.66
CA VAL W 8 -18.34 -54.66 14.48
C VAL W 8 -19.57 -55.44 14.05
N THR W 9 -20.43 -55.77 14.99
CA THR W 9 -21.64 -56.54 14.73
C THR W 9 -22.85 -55.65 14.93
N LEU W 10 -23.63 -55.46 13.87
CA LEU W 10 -24.81 -54.61 13.96
C LEU W 10 -25.97 -55.36 14.60
N THR W 11 -26.73 -54.66 15.43
CA THR W 11 -27.82 -55.26 16.18
C THR W 11 -29.13 -54.56 15.84
N GLU W 12 -30.23 -55.22 16.20
CA GLU W 12 -31.55 -54.66 15.96
C GLU W 12 -32.07 -53.90 17.17
N SER W 13 -31.39 -54.02 18.31
CA SER W 13 -31.88 -53.41 19.53
C SER W 13 -31.66 -51.90 19.51
N ILE W 14 -32.70 -51.14 19.83
CA ILE W 14 -32.67 -49.69 19.77
C ILE W 14 -32.32 -49.15 21.15
N ILE W 15 -31.22 -48.42 21.24
CA ILE W 15 -30.81 -47.81 22.49
C ILE W 15 -31.43 -46.41 22.57
N THR W 16 -31.41 -45.84 23.76
CA THR W 16 -32.16 -44.63 24.03
C THR W 16 -31.44 -43.39 23.51
N MET W 17 -32.23 -42.38 23.14
CA MET W 17 -31.76 -41.06 22.81
C MET W 17 -31.31 -40.32 24.07
N GLY W 18 -30.37 -39.38 23.89
CA GLY W 18 -29.95 -38.54 24.99
C GLY W 18 -31.06 -37.59 25.41
N GLN W 19 -31.63 -37.84 26.58
CA GLN W 19 -32.77 -37.07 27.08
C GLN W 19 -32.30 -35.70 27.57
N GLN W 20 -33.18 -34.70 27.41
CA GLN W 20 -32.83 -33.34 27.83
C GLN W 20 -33.33 -33.04 29.24
N GLU W 21 -34.36 -33.78 29.69
CA GLU W 21 -34.94 -33.69 31.03
C GLU W 21 -35.49 -32.27 31.28
N ILE W 22 -36.57 -31.97 30.57
CA ILE W 22 -37.37 -30.79 30.85
C ILE W 22 -38.13 -31.03 32.14
N PRO W 23 -37.92 -30.24 33.19
CA PRO W 23 -38.47 -30.60 34.50
C PRO W 23 -39.92 -30.19 34.71
N SER W 24 -40.37 -29.13 34.04
CA SER W 24 -41.66 -28.53 34.36
C SER W 24 -42.78 -28.94 33.41
N ALA W 25 -42.53 -29.91 32.52
CA ALA W 25 -43.57 -30.39 31.61
C ALA W 25 -43.31 -31.87 31.34
N VAL W 26 -44.04 -32.74 32.02
CA VAL W 26 -43.90 -34.17 31.81
C VAL W 26 -45.26 -34.84 32.04
N PRO W 27 -45.76 -35.59 31.07
CA PRO W 27 -47.12 -36.11 31.17
C PRO W 27 -47.23 -37.51 31.72
N VAL W 28 -48.43 -37.91 32.14
CA VAL W 28 -48.78 -39.32 32.28
C VAL W 28 -49.81 -39.67 31.23
N PHE W 29 -49.76 -40.90 30.76
CA PHE W 29 -50.78 -41.47 29.91
C PHE W 29 -51.49 -42.54 30.73
N ILE W 30 -52.67 -42.24 31.24
CA ILE W 30 -53.42 -43.21 32.03
C ILE W 30 -54.47 -43.85 31.12
N GLY W 31 -54.23 -45.10 30.75
CA GLY W 31 -55.10 -45.78 29.82
C GLY W 31 -54.97 -47.28 29.93
N TYR W 32 -55.78 -47.97 29.14
CA TYR W 32 -55.74 -49.42 29.11
C TYR W 32 -54.61 -49.91 28.22
N THR W 33 -53.80 -50.82 28.73
CA THR W 33 -52.78 -51.48 27.95
C THR W 33 -53.12 -52.95 27.82
N VAL W 34 -52.50 -53.61 26.84
CA VAL W 34 -52.81 -55.00 26.56
C VAL W 34 -51.93 -55.94 27.40
N ARG W 35 -50.68 -55.56 27.66
CA ARG W 35 -49.76 -56.45 28.33
C ARG W 35 -49.86 -56.36 29.85
N TYR W 36 -49.60 -55.17 30.40
CA TYR W 36 -49.41 -54.94 31.83
C TYR W 36 -48.42 -55.90 32.50
N PRO W 37 -47.12 -55.85 32.13
CA PRO W 37 -46.18 -56.83 32.70
C PRO W 37 -45.36 -56.33 33.88
N GLU W 38 -45.40 -55.04 34.17
CA GLU W 38 -44.46 -54.47 35.12
C GLU W 38 -44.94 -54.77 36.54
N GLN W 39 -44.09 -55.41 37.34
CA GLN W 39 -44.49 -55.91 38.65
C GLN W 39 -43.83 -55.22 39.81
N SER W 40 -42.93 -54.27 39.55
CA SER W 40 -42.20 -53.64 40.65
C SER W 40 -42.93 -52.39 41.14
N GLU W 41 -43.24 -51.47 40.22
CA GLU W 41 -43.65 -50.12 40.57
C GLU W 41 -45.10 -49.89 40.18
N ALA W 42 -45.56 -48.67 40.43
CA ALA W 42 -46.93 -48.29 40.10
C ALA W 42 -47.00 -47.66 38.72
N SER W 43 -46.33 -46.53 38.54
CA SER W 43 -46.28 -45.83 37.27
C SER W 43 -44.82 -45.71 36.82
N VAL W 44 -44.53 -46.10 35.60
CA VAL W 44 -43.16 -46.22 35.12
C VAL W 44 -42.91 -45.20 34.02
N ARG W 45 -41.62 -44.87 33.86
CA ARG W 45 -41.20 -43.86 32.91
C ARG W 45 -40.74 -44.52 31.62
N ILE W 46 -41.24 -44.03 30.50
CA ILE W 46 -40.80 -44.52 29.21
C ILE W 46 -40.05 -43.41 28.50
N ASP W 47 -39.23 -43.80 27.53
CA ASP W 47 -38.45 -42.85 26.79
C ASP W 47 -38.70 -42.93 25.29
N SER W 48 -38.87 -44.13 24.74
CA SER W 48 -39.11 -44.28 23.33
C SER W 48 -40.28 -45.23 23.14
N LEU W 49 -40.77 -45.30 21.91
CA LEU W 49 -41.87 -46.21 21.61
C LEU W 49 -41.39 -47.65 21.61
N ALA W 50 -40.20 -47.88 21.06
CA ALA W 50 -39.63 -49.23 21.03
C ALA W 50 -39.31 -49.74 22.43
N GLU W 51 -39.06 -48.85 23.38
CA GLU W 51 -39.03 -49.23 24.79
C GLU W 51 -40.44 -49.44 25.35
N TYR W 52 -41.43 -48.70 24.85
CA TYR W 52 -42.80 -48.85 25.34
C TYR W 52 -43.44 -50.14 24.83
N THR W 53 -43.21 -50.48 23.56
CA THR W 53 -43.86 -51.64 22.96
C THR W 53 -43.36 -52.94 23.58
N SER W 54 -42.10 -52.97 23.99
CA SER W 54 -41.58 -54.11 24.73
C SER W 54 -42.13 -54.13 26.15
N LEU W 55 -42.54 -52.97 26.66
CA LEU W 55 -42.92 -52.84 28.05
C LEU W 55 -44.42 -52.74 28.26
N PHE W 56 -45.21 -52.49 27.21
CA PHE W 56 -46.65 -52.41 27.43
C PHE W 56 -47.47 -53.01 26.29
N GLY W 57 -46.90 -53.87 25.47
CA GLY W 57 -47.68 -54.48 24.41
C GLY W 57 -47.78 -53.62 23.18
N ASP W 58 -48.65 -54.06 22.26
CA ASP W 58 -48.75 -53.45 20.95
C ASP W 58 -50.21 -53.41 20.50
N ASP W 59 -50.48 -52.54 19.52
CA ASP W 59 -51.76 -52.44 18.80
C ASP W 59 -52.93 -52.14 19.74
N HIS W 60 -52.87 -50.96 20.36
CA HIS W 60 -53.99 -50.44 21.14
C HIS W 60 -54.05 -48.93 20.94
N VAL W 61 -55.12 -48.31 21.46
CA VAL W 61 -55.35 -46.89 21.21
C VAL W 61 -54.37 -46.04 22.02
N MET W 62 -53.90 -46.56 23.14
CA MET W 62 -52.96 -45.79 23.96
C MET W 62 -51.56 -45.83 23.40
N MET W 63 -51.25 -46.79 22.53
CA MET W 63 -49.94 -46.81 21.91
C MET W 63 -49.81 -45.74 20.84
N PHE W 64 -50.89 -45.50 20.09
CA PHE W 64 -50.83 -44.51 19.02
C PHE W 64 -50.82 -43.09 19.56
N ALA W 65 -51.17 -42.91 20.83
CA ALA W 65 -51.00 -41.60 21.46
C ALA W 65 -49.56 -41.41 21.92
N VAL W 66 -48.92 -42.47 22.39
CA VAL W 66 -47.50 -42.41 22.73
C VAL W 66 -46.67 -42.26 21.46
N ARG W 67 -47.05 -42.98 20.40
CA ARG W 67 -46.33 -42.90 19.14
C ARG W 67 -46.44 -41.52 18.51
N HIS W 68 -47.55 -40.84 18.74
CA HIS W 68 -47.71 -39.48 18.25
C HIS W 68 -47.13 -38.45 19.21
N TYR W 69 -46.92 -38.82 20.46
CA TYR W 69 -46.28 -37.92 21.41
C TYR W 69 -44.78 -37.85 21.16
N PHE W 70 -44.19 -38.98 20.76
CA PHE W 70 -42.76 -39.00 20.49
C PHE W 70 -42.43 -38.50 19.09
N ASP W 71 -43.44 -38.24 18.27
CA ASP W 71 -43.17 -37.68 16.95
C ASP W 71 -43.21 -36.16 16.99
N ASN W 72 -44.01 -35.58 17.88
CA ASN W 72 -44.10 -34.14 17.95
C ASN W 72 -42.99 -33.50 18.78
N GLY W 73 -42.17 -34.30 19.46
CA GLY W 73 -41.00 -33.75 20.08
C GLY W 73 -40.87 -33.98 21.57
N GLY W 74 -41.80 -34.72 22.15
CA GLY W 74 -41.69 -35.06 23.56
C GLY W 74 -40.60 -36.10 23.76
N GLN W 75 -39.91 -36.02 24.90
CA GLN W 75 -38.79 -36.93 25.10
C GLN W 75 -38.90 -37.79 26.36
N GLN W 76 -39.70 -37.42 27.34
CA GLN W 76 -39.92 -38.30 28.47
C GLN W 76 -41.37 -38.21 28.91
N ALA W 77 -41.86 -39.33 29.44
CA ALA W 77 -43.28 -39.49 29.75
C ALA W 77 -43.42 -40.65 30.70
N PHE W 78 -44.50 -40.62 31.47
CA PHE W 78 -44.83 -41.70 32.37
C PHE W 78 -46.09 -42.39 31.87
N VAL W 79 -46.24 -43.67 32.22
CA VAL W 79 -47.42 -44.45 31.86
C VAL W 79 -47.94 -45.12 33.13
N LEU W 80 -49.16 -44.78 33.52
CA LEU W 80 -49.82 -45.47 34.62
C LEU W 80 -50.97 -46.28 34.04
N PRO W 81 -50.82 -47.59 33.90
CA PRO W 81 -51.88 -48.38 33.26
C PRO W 81 -53.03 -48.66 34.19
N LEU W 82 -54.23 -48.75 33.62
CA LEU W 82 -55.39 -49.22 34.37
C LEU W 82 -55.38 -50.74 34.42
N LYS W 83 -55.72 -51.28 35.59
CA LYS W 83 -55.53 -52.71 35.81
C LYS W 83 -56.65 -53.56 35.23
N ASP W 84 -57.72 -52.94 34.75
CA ASP W 84 -58.88 -53.71 34.31
C ASP W 84 -58.65 -54.23 32.89
N ASN W 85 -59.69 -54.78 32.27
CA ASN W 85 -59.54 -55.37 30.96
C ASN W 85 -59.58 -54.31 29.87
N MET W 86 -58.92 -54.61 28.75
CA MET W 86 -58.99 -53.74 27.59
C MET W 86 -60.38 -53.83 26.97
N PRO W 87 -61.00 -52.70 26.62
CA PRO W 87 -62.38 -52.74 26.13
C PRO W 87 -62.54 -53.34 24.74
N SER W 88 -63.77 -53.29 24.23
CA SER W 88 -64.08 -53.85 22.92
C SER W 88 -63.63 -52.87 21.83
N VAL W 89 -64.04 -53.14 20.59
CA VAL W 89 -63.77 -52.23 19.48
C VAL W 89 -64.54 -50.94 19.68
N GLU W 90 -65.80 -51.04 20.10
CA GLU W 90 -66.61 -49.90 20.50
C GLU W 90 -66.90 -50.02 21.98
N MET W 91 -67.09 -48.89 22.64
CA MET W 91 -67.31 -48.90 24.08
C MET W 91 -68.80 -48.99 24.39
N THR W 92 -69.17 -50.04 25.11
CA THR W 92 -70.53 -50.19 25.61
C THR W 92 -70.74 -49.32 26.84
N THR W 93 -71.99 -48.97 27.11
CA THR W 93 -72.29 -48.08 28.21
C THR W 93 -72.11 -48.77 29.56
N ALA W 94 -72.17 -50.09 29.58
CA ALA W 94 -71.86 -50.83 30.80
C ALA W 94 -70.36 -50.82 31.07
N GLU W 95 -69.56 -50.63 30.02
CA GLU W 95 -68.11 -50.68 30.19
C GLU W 95 -67.51 -49.27 30.33
N ALA W 96 -68.16 -48.26 29.76
CA ALA W 96 -67.63 -46.91 29.83
C ALA W 96 -67.73 -46.33 31.24
N GLU W 97 -68.66 -46.84 32.06
CA GLU W 97 -68.67 -46.44 33.46
C GLU W 97 -67.53 -47.07 34.23
N ASN W 98 -67.02 -48.22 33.77
CA ASN W 98 -65.92 -48.89 34.46
C ASN W 98 -64.61 -48.13 34.29
N LEU W 99 -64.51 -47.30 33.25
CA LEU W 99 -63.32 -46.45 33.10
C LEU W 99 -63.38 -45.26 34.04
N ILE W 100 -64.52 -44.58 34.09
CA ILE W 100 -64.60 -43.36 34.88
C ILE W 100 -64.67 -43.68 36.38
N ALA W 101 -65.13 -44.87 36.74
CA ALA W 101 -65.06 -45.28 38.13
C ALA W 101 -63.64 -45.69 38.52
N ALA W 102 -62.83 -46.07 37.53
CA ALA W 102 -61.42 -46.34 37.79
C ALA W 102 -60.61 -45.05 37.80
N LEU W 103 -61.16 -43.96 37.26
CA LEU W 103 -60.46 -42.68 37.34
C LEU W 103 -60.71 -41.99 38.67
N ARG W 104 -61.83 -42.30 39.33
CA ARG W 104 -62.04 -41.79 40.68
C ARG W 104 -61.41 -42.66 41.74
N SER W 105 -60.88 -43.82 41.37
CA SER W 105 -60.35 -44.75 42.36
C SER W 105 -59.04 -44.24 42.93
N ALA W 106 -58.74 -44.63 44.16
CA ALA W 106 -57.50 -44.26 44.81
C ALA W 106 -56.32 -45.10 44.36
N THR W 107 -56.55 -46.10 43.52
CA THR W 107 -55.45 -46.89 42.99
C THR W 107 -54.64 -46.10 41.96
N VAL W 108 -55.32 -45.20 41.23
CA VAL W 108 -54.63 -44.33 40.29
C VAL W 108 -54.38 -42.95 40.87
N SER W 109 -55.04 -42.60 41.97
CA SER W 109 -54.78 -41.31 42.59
C SER W 109 -53.54 -41.34 43.48
N GLU W 110 -53.17 -42.51 43.98
CA GLU W 110 -51.99 -42.59 44.84
C GLU W 110 -50.70 -42.66 44.02
N ALA W 111 -50.77 -43.20 42.80
CA ALA W 111 -49.58 -43.27 41.97
C ALA W 111 -49.21 -41.90 41.41
N ILE W 112 -50.21 -41.06 41.14
CA ILE W 112 -49.93 -39.71 40.67
C ILE W 112 -49.48 -38.83 41.83
N GLY W 113 -50.21 -38.88 42.95
CA GLY W 113 -49.92 -38.01 44.07
C GLY W 113 -48.69 -38.43 44.86
N GLY W 114 -48.16 -39.62 44.59
CA GLY W 114 -46.98 -40.06 45.30
C GLY W 114 -45.68 -39.84 44.57
N HIS W 115 -45.74 -39.52 43.28
CA HIS W 115 -44.51 -39.52 42.51
C HIS W 115 -43.83 -38.15 42.47
N SER W 116 -44.61 -37.07 42.39
CA SER W 116 -44.18 -35.67 42.58
C SER W 116 -43.16 -35.19 41.54
N GLN W 117 -43.13 -35.84 40.38
CA GLN W 117 -42.37 -35.38 39.23
C GLN W 117 -43.25 -34.90 38.09
N ILE W 118 -44.45 -35.45 37.97
CA ILE W 118 -45.39 -35.15 36.90
C ILE W 118 -45.95 -33.76 37.09
N THR W 119 -46.03 -32.99 36.00
CA THR W 119 -46.64 -31.66 36.08
C THR W 119 -47.95 -31.53 35.32
N LEU W 120 -48.29 -32.47 34.45
CA LEU W 120 -49.60 -32.45 33.82
C LEU W 120 -50.04 -33.86 33.49
N ILE W 121 -51.35 -34.12 33.57
CA ILE W 121 -51.92 -35.44 33.32
C ILE W 121 -52.81 -35.36 32.10
N LEU W 122 -53.13 -36.51 31.53
CA LEU W 122 -54.01 -36.61 30.36
C LEU W 122 -54.46 -38.05 30.18
N VAL W 123 -55.69 -38.22 29.70
CA VAL W 123 -56.23 -39.51 29.32
C VAL W 123 -56.37 -39.52 27.80
N PRO W 124 -55.65 -40.37 27.08
CA PRO W 124 -55.94 -40.57 25.66
C PRO W 124 -57.03 -41.59 25.40
N ASP W 125 -57.55 -42.23 26.43
CA ASP W 125 -58.56 -43.25 26.31
C ASP W 125 -59.97 -42.70 26.44
N MET W 126 -60.12 -41.39 26.64
CA MET W 126 -61.45 -40.80 26.70
C MET W 126 -62.07 -40.65 25.32
N ALA W 127 -61.25 -40.53 24.27
CA ALA W 127 -61.80 -40.48 22.93
C ALA W 127 -62.24 -41.84 22.41
N ARG W 128 -61.99 -42.90 23.17
CA ARG W 128 -62.47 -44.22 22.79
C ARG W 128 -63.98 -44.33 22.95
N LEU W 129 -64.57 -43.54 23.84
CA LEU W 129 -66.01 -43.53 24.04
C LEU W 129 -66.70 -42.50 23.15
N ASN W 130 -66.06 -42.07 22.08
CA ASN W 130 -66.68 -41.09 21.20
C ASN W 130 -67.72 -41.73 20.28
N ASP W 131 -67.70 -43.06 20.15
CA ASP W 131 -68.66 -43.78 19.32
C ASP W 131 -69.50 -44.74 20.17
N SER W 132 -70.82 -44.69 19.97
CA SER W 132 -71.79 -45.64 20.51
C SER W 132 -71.81 -45.64 22.04
N ASP W 133 -71.58 -44.48 22.65
CA ASP W 133 -71.55 -44.40 24.10
C ASP W 133 -72.95 -44.36 24.71
N ILE W 134 -73.95 -43.89 23.98
CA ILE W 134 -75.26 -43.63 24.56
C ILE W 134 -76.25 -44.72 24.18
N VAL W 141 -75.03 -37.59 26.99
CA VAL W 141 -74.11 -36.47 26.84
C VAL W 141 -73.38 -36.27 28.17
N SER W 142 -74.09 -36.52 29.27
CA SER W 142 -73.54 -36.30 30.61
C SER W 142 -72.45 -37.31 30.97
N LEU W 143 -72.27 -38.38 30.18
CA LEU W 143 -71.18 -39.32 30.43
C LEU W 143 -69.82 -38.68 30.20
N TRP W 144 -69.73 -37.71 29.28
CA TRP W 144 -68.48 -36.97 29.10
C TRP W 144 -68.19 -36.09 30.30
N SER W 145 -69.22 -35.40 30.81
CA SER W 145 -69.06 -34.53 31.97
C SER W 145 -68.77 -35.32 33.24
N GLN W 146 -69.23 -36.57 33.32
CA GLN W 146 -68.89 -37.41 34.46
C GLN W 146 -67.43 -37.84 34.39
N GLY W 147 -66.83 -37.81 33.21
CA GLY W 147 -65.42 -38.11 33.06
C GLY W 147 -64.53 -36.90 33.25
N TRP W 148 -65.02 -35.71 32.89
CA TRP W 148 -64.26 -34.48 33.10
C TRP W 148 -64.23 -34.10 34.57
N GLU W 149 -65.36 -34.25 35.27
CA GLU W 149 -65.41 -33.96 36.70
C GLU W 149 -64.57 -34.94 37.50
N ALA W 150 -64.37 -36.15 36.98
CA ALA W 150 -63.43 -37.07 37.61
C ALA W 150 -62.00 -36.62 37.37
N LEU W 151 -61.70 -36.08 36.19
CA LEU W 151 -60.34 -35.71 35.84
C LEU W 151 -59.90 -34.44 36.54
N LEU W 152 -60.76 -33.43 36.60
CA LEU W 152 -60.38 -32.18 37.24
C LEU W 152 -60.27 -32.35 38.75
N GLN W 153 -61.00 -33.31 39.32
CA GLN W 153 -60.82 -33.65 40.73
C GLN W 153 -59.50 -34.36 40.96
N LEU W 154 -59.03 -35.12 39.97
CA LEU W 154 -57.78 -35.86 40.09
C LEU W 154 -56.58 -34.92 40.12
N SER W 155 -56.71 -33.73 39.55
CA SER W 155 -55.65 -32.74 39.58
C SER W 155 -55.65 -31.91 40.85
N GLN W 156 -56.25 -32.40 41.94
CA GLN W 156 -56.25 -31.71 43.21
C GLN W 156 -55.49 -32.45 44.30
N VAL W 157 -54.78 -33.53 43.96
CA VAL W 157 -54.15 -34.33 44.99
C VAL W 157 -52.86 -33.71 45.50
N ARG W 158 -52.24 -32.84 44.70
CA ARG W 158 -50.91 -32.31 45.00
C ARG W 158 -50.74 -31.03 44.19
N PRO W 159 -49.73 -30.19 44.52
CA PRO W 159 -49.65 -28.84 43.91
C PRO W 159 -49.60 -28.77 42.39
N ASN W 160 -48.51 -29.19 41.74
CA ASN W 160 -48.33 -28.90 40.32
C ASN W 160 -48.89 -30.04 39.50
N LEU W 161 -50.17 -29.92 39.14
CA LEU W 161 -50.81 -30.84 38.22
C LEU W 161 -51.74 -30.06 37.30
N PHE W 162 -51.77 -30.47 36.05
CA PHE W 162 -52.66 -29.90 35.05
C PHE W 162 -53.32 -31.06 34.32
N VAL W 163 -54.42 -30.81 33.64
CA VAL W 163 -55.10 -31.87 32.91
C VAL W 163 -55.48 -31.39 31.51
N LEU W 164 -54.93 -32.04 30.50
CA LEU W 164 -55.33 -31.85 29.12
C LEU W 164 -56.37 -32.91 28.81
N LEU W 165 -57.52 -32.51 28.29
CA LEU W 165 -58.63 -33.43 28.20
C LEU W 165 -59.38 -33.27 26.89
N ASP W 166 -60.00 -34.37 26.46
CA ASP W 166 -60.60 -34.45 25.13
C ASP W 166 -62.04 -33.92 25.15
N ALA W 167 -62.41 -33.25 24.08
CA ALA W 167 -63.76 -32.76 23.90
C ALA W 167 -64.51 -33.68 22.94
N PRO W 168 -65.83 -33.81 23.06
CA PRO W 168 -66.58 -34.67 22.12
C PRO W 168 -66.66 -34.04 20.74
N ASP W 169 -66.68 -34.90 19.72
CA ASP W 169 -66.60 -34.40 18.35
C ASP W 169 -67.92 -33.81 17.90
N ASN W 170 -69.02 -34.26 18.47
CA ASN W 170 -70.32 -33.75 18.08
C ASN W 170 -70.51 -32.36 18.66
N VAL W 171 -71.00 -31.44 17.83
CA VAL W 171 -70.97 -30.03 18.20
C VAL W 171 -72.05 -29.71 19.23
N GLU W 172 -73.19 -30.40 19.16
CA GLU W 172 -74.23 -30.18 20.16
C GLU W 172 -73.79 -30.74 21.49
N GLN W 173 -73.08 -31.88 21.45
CA GLN W 173 -72.59 -32.53 22.65
C GLN W 173 -71.46 -31.73 23.28
N ALA W 174 -70.72 -30.98 22.47
CA ALA W 174 -69.64 -30.17 23.02
C ALA W 174 -70.19 -28.95 23.75
N GLN W 175 -71.18 -28.28 23.17
CA GLN W 175 -71.77 -27.11 23.83
C GLN W 175 -72.52 -27.47 25.09
N LYS W 176 -73.10 -28.67 25.16
CA LYS W 176 -73.80 -29.06 26.37
C LYS W 176 -72.83 -29.42 27.48
N CYS W 177 -71.71 -30.07 27.14
CA CYS W 177 -70.75 -30.46 28.16
C CYS W 177 -69.90 -29.29 28.61
N MET W 178 -69.89 -28.20 27.84
CA MET W 178 -69.26 -26.98 28.32
C MET W 178 -70.14 -26.28 29.35
N THR W 179 -71.45 -26.27 29.12
CA THR W 179 -72.38 -25.54 29.99
C THR W 179 -72.71 -26.32 31.25
N THR W 180 -72.92 -27.63 31.12
CA THR W 180 -73.38 -28.45 32.22
C THR W 180 -72.23 -29.16 32.93
N LEU W 181 -71.06 -28.52 33.02
CA LEU W 181 -69.94 -29.16 33.71
C LEU W 181 -70.10 -29.00 35.21
N SER W 182 -70.06 -27.75 35.69
CA SER W 182 -70.34 -27.35 37.07
C SER W 182 -69.42 -28.04 38.09
N SER W 183 -68.13 -27.90 37.87
CA SER W 183 -67.14 -28.23 38.87
C SER W 183 -66.52 -26.94 39.40
N ASP W 184 -66.04 -26.99 40.64
CA ASP W 184 -65.41 -25.81 41.22
C ASP W 184 -63.92 -25.74 40.93
N TYR W 185 -63.35 -26.76 40.31
CA TYR W 185 -61.96 -26.74 39.83
C TYR W 185 -62.03 -26.84 38.32
N ARG W 186 -62.27 -25.73 37.66
CA ARG W 186 -62.30 -25.71 36.20
C ARG W 186 -61.04 -25.15 35.60
N GLN W 187 -60.24 -24.43 36.38
CA GLN W 187 -59.07 -23.74 35.85
C GLN W 187 -57.89 -24.66 35.65
N TRP W 188 -57.99 -25.91 36.11
CA TRP W 188 -56.88 -26.82 35.91
C TRP W 188 -57.00 -27.61 34.63
N GLY W 189 -58.05 -27.41 33.85
CA GLY W 189 -58.21 -28.16 32.63
C GLY W 189 -58.15 -27.29 31.38
N ALA W 190 -58.04 -27.98 30.24
CA ALA W 190 -58.08 -27.35 28.94
C ALA W 190 -58.52 -28.39 27.93
N ALA W 191 -59.44 -28.02 27.06
CA ALA W 191 -60.07 -28.98 26.15
C ALA W 191 -59.75 -28.59 24.71
N TYR W 192 -59.24 -29.54 23.94
CA TYR W 192 -58.88 -29.33 22.55
C TYR W 192 -59.82 -30.14 21.67
N TRP W 193 -60.52 -29.45 20.75
CA TRP W 193 -61.75 -30.03 20.21
C TRP W 193 -61.57 -31.17 19.20
N PRO W 194 -60.97 -31.00 18.02
CA PRO W 194 -61.14 -32.03 17.00
C PRO W 194 -60.17 -33.19 17.19
N ARG W 195 -60.60 -34.35 16.72
CA ARG W 195 -59.73 -35.50 16.70
C ARG W 195 -58.88 -35.47 15.44
N LEU W 196 -57.60 -35.75 15.59
CA LEU W 196 -56.66 -35.65 14.49
C LEU W 196 -56.64 -36.95 13.70
N GLU W 197 -56.53 -36.83 12.38
CA GLU W 197 -56.37 -38.00 11.52
C GLU W 197 -54.90 -38.11 11.17
N THR W 198 -54.18 -38.93 11.93
CA THR W 198 -52.75 -39.06 11.76
C THR W 198 -52.41 -39.93 10.57
N THR W 199 -51.11 -40.01 10.26
CA THR W 199 -50.62 -40.81 9.14
C THR W 199 -50.14 -42.18 9.60
N TYR W 200 -51.01 -42.92 10.28
CA TYR W 200 -50.73 -44.31 10.60
C TYR W 200 -51.86 -45.15 10.04
N GLN W 201 -51.54 -46.38 9.66
CA GLN W 201 -52.43 -47.19 8.85
C GLN W 201 -53.64 -47.68 9.64
N LYS W 202 -54.75 -47.85 8.91
CA LYS W 202 -56.05 -48.37 9.35
C LYS W 202 -56.57 -47.86 10.69
N ILE W 214 -52.43 -43.75 5.22
CA ILE W 214 -52.57 -42.57 4.38
C ILE W 214 -53.94 -42.55 3.70
N PHE W 215 -54.54 -43.73 3.55
CA PHE W 215 -55.87 -43.79 2.97
C PHE W 215 -56.94 -43.67 4.05
N GLN W 216 -56.86 -44.52 5.06
CA GLN W 216 -57.68 -44.39 6.26
C GLN W 216 -56.69 -44.27 7.42
N GLY W 217 -56.24 -43.04 7.66
CA GLY W 217 -55.38 -42.81 8.80
C GLY W 217 -56.15 -42.94 10.10
N THR W 218 -55.46 -43.40 11.14
CA THR W 218 -56.13 -43.66 12.40
C THR W 218 -56.52 -42.36 13.08
N VAL W 219 -57.77 -42.29 13.51
CA VAL W 219 -58.30 -41.10 14.17
C VAL W 219 -57.74 -41.12 15.59
N LEU W 220 -57.29 -39.97 16.06
CA LEU W 220 -56.49 -39.89 17.27
C LEU W 220 -56.94 -38.73 18.14
N SER W 221 -56.82 -38.91 19.46
CA SER W 221 -56.94 -37.84 20.44
C SER W 221 -55.96 -36.72 20.14
N PRO W 222 -56.38 -35.46 20.36
CA PRO W 222 -55.47 -34.35 20.08
C PRO W 222 -54.53 -34.02 21.22
N THR W 223 -54.83 -34.44 22.45
CA THR W 223 -54.08 -34.01 23.62
C THR W 223 -52.70 -34.63 23.72
N ALA W 224 -52.43 -35.72 23.00
CA ALA W 224 -51.10 -36.32 23.04
C ALA W 224 -50.10 -35.46 22.27
N ALA W 225 -50.57 -34.70 21.29
CA ALA W 225 -49.71 -33.82 20.52
C ALA W 225 -49.47 -32.52 21.24
N VAL W 226 -50.49 -32.01 21.95
CA VAL W 226 -50.36 -30.75 22.68
C VAL W 226 -49.47 -30.88 23.90
N ALA W 227 -49.38 -32.06 24.51
CA ALA W 227 -48.47 -32.23 25.63
C ALA W 227 -47.02 -32.22 25.19
N ALA W 228 -46.77 -32.54 23.91
CA ALA W 228 -45.40 -32.45 23.41
C ALA W 228 -45.05 -31.02 23.06
N VAL W 229 -46.01 -30.21 22.60
CA VAL W 229 -45.69 -28.83 22.28
C VAL W 229 -45.75 -27.93 23.50
N ILE W 230 -46.42 -28.36 24.58
CA ILE W 230 -46.26 -27.70 25.86
C ILE W 230 -44.86 -27.94 26.39
N GLN W 231 -44.36 -29.15 26.24
CA GLN W 231 -42.98 -29.48 26.59
C GLN W 231 -42.00 -28.82 25.64
N ARG W 232 -42.40 -28.56 24.41
CA ARG W 232 -41.49 -27.99 23.42
C ARG W 232 -41.34 -26.48 23.60
N THR W 233 -42.39 -25.80 24.03
CA THR W 233 -42.30 -24.37 24.29
C THR W 233 -41.80 -24.07 25.70
N ASP W 234 -41.70 -25.09 26.55
CA ASP W 234 -41.06 -24.96 27.85
C ASP W 234 -39.55 -25.02 27.73
N ASN W 235 -39.04 -25.64 26.67
CA ASN W 235 -37.60 -25.84 26.53
C ASN W 235 -36.89 -24.54 26.19
N ASP W 236 -37.53 -23.71 25.36
CA ASP W 236 -36.89 -22.51 24.81
C ASP W 236 -37.46 -21.21 25.37
N ALA W 237 -38.77 -21.06 25.40
CA ALA W 237 -39.38 -19.80 25.79
C ALA W 237 -40.02 -19.84 27.18
N GLY W 238 -39.71 -20.84 27.99
CA GLY W 238 -40.18 -20.88 29.36
C GLY W 238 -41.65 -21.23 29.49
N VAL W 239 -42.11 -21.25 30.74
CA VAL W 239 -43.50 -21.61 31.01
C VAL W 239 -44.41 -20.42 30.71
N TRP W 240 -43.86 -19.21 30.69
CA TRP W 240 -44.66 -18.01 30.51
C TRP W 240 -45.18 -17.84 29.08
N LYS W 241 -44.70 -18.64 28.14
CA LYS W 241 -45.14 -18.53 26.76
C LYS W 241 -46.33 -19.44 26.51
N ALA W 242 -47.28 -18.95 25.74
CA ALA W 242 -48.51 -19.70 25.51
C ALA W 242 -48.27 -20.81 24.50
N PRO W 243 -48.81 -22.01 24.72
CA PRO W 243 -48.51 -23.15 23.84
C PRO W 243 -49.30 -23.16 22.54
N ALA W 244 -50.04 -22.12 22.21
CA ALA W 244 -50.81 -22.13 20.97
C ALA W 244 -49.93 -21.70 19.80
N ASN W 245 -50.50 -21.83 18.60
CA ASN W 245 -49.91 -21.37 17.33
C ASN W 245 -48.56 -22.04 17.06
N ILE W 246 -48.54 -23.37 17.16
CA ILE W 246 -47.35 -24.15 16.86
C ILE W 246 -47.78 -25.39 16.09
N ALA W 247 -46.96 -25.78 15.11
CA ALA W 247 -47.36 -26.77 14.12
C ALA W 247 -47.32 -28.18 14.69
N LEU W 248 -48.21 -29.03 14.19
CA LEU W 248 -48.30 -30.42 14.60
C LEU W 248 -47.79 -31.32 13.48
N SER W 249 -47.08 -32.38 13.86
CA SER W 249 -46.21 -33.07 12.91
C SER W 249 -46.92 -34.08 12.03
N GLN W 250 -47.48 -35.13 12.62
CA GLN W 250 -47.89 -36.30 11.84
C GLN W 250 -49.37 -36.31 11.51
N VAL W 251 -50.02 -35.18 11.42
CA VAL W 251 -51.46 -35.19 11.22
C VAL W 251 -51.80 -34.75 9.80
N ILE W 252 -52.87 -35.34 9.26
CA ILE W 252 -53.37 -34.96 7.95
C ILE W 252 -54.39 -33.84 8.09
N ARG W 253 -55.42 -34.05 8.90
CA ARG W 253 -56.51 -33.11 9.00
C ARG W 253 -57.24 -33.34 10.32
N PRO W 254 -57.85 -32.31 10.88
CA PRO W 254 -58.89 -32.55 11.88
C PRO W 254 -60.08 -33.20 11.22
N VAL W 255 -60.67 -34.20 11.89
CA VAL W 255 -61.72 -34.99 11.25
C VAL W 255 -63.01 -34.20 11.14
N LYS W 256 -63.19 -33.21 11.99
CA LYS W 256 -64.28 -32.26 11.80
C LYS W 256 -63.75 -31.01 11.13
N SER W 257 -64.63 -30.32 10.42
CA SER W 257 -64.26 -29.07 9.77
C SER W 257 -64.00 -27.99 10.81
N TYR W 258 -63.25 -26.97 10.41
CA TYR W 258 -62.99 -25.87 11.33
C TYR W 258 -64.21 -24.96 11.44
N LEU W 259 -64.92 -24.72 10.33
CA LEU W 259 -66.06 -23.82 10.35
C LEU W 259 -67.23 -24.38 11.12
N GLN W 260 -67.32 -25.70 11.28
CA GLN W 260 -68.39 -26.29 12.06
C GLN W 260 -68.21 -26.03 13.54
N GLY W 261 -66.98 -25.78 13.99
CA GLY W 261 -66.73 -25.58 15.40
C GLY W 261 -66.49 -24.14 15.79
N SER W 262 -67.01 -23.20 15.00
CA SER W 262 -66.82 -21.79 15.31
C SER W 262 -67.70 -21.32 16.47
N VAL W 263 -68.63 -22.15 16.92
CA VAL W 263 -69.45 -21.80 18.07
C VAL W 263 -68.85 -22.34 19.35
N LEU W 264 -67.70 -23.02 19.26
CA LEU W 264 -67.06 -23.55 20.46
C LEU W 264 -66.34 -22.46 21.25
N PHE W 265 -65.84 -21.43 20.58
CA PHE W 265 -65.20 -20.32 21.27
C PHE W 265 -66.26 -19.32 21.72
N ASN W 266 -66.26 -19.00 23.01
CA ASN W 266 -67.15 -17.98 23.57
C ASN W 266 -66.32 -17.05 24.43
N SER W 267 -66.37 -15.75 24.12
CA SER W 267 -65.54 -14.80 24.84
C SER W 267 -66.11 -14.47 26.21
N SER W 268 -67.39 -14.79 26.44
CA SER W 268 -68.03 -14.49 27.72
C SER W 268 -68.27 -15.75 28.53
N GLY W 269 -68.51 -16.87 27.86
CA GLY W 269 -68.74 -18.12 28.54
C GLY W 269 -67.50 -18.99 28.57
N THR W 270 -67.74 -20.29 28.66
CA THR W 270 -66.66 -21.25 28.61
C THR W 270 -66.21 -21.49 27.17
N SER W 271 -64.92 -21.27 26.92
CA SER W 271 -64.35 -21.34 25.59
C SER W 271 -63.51 -22.59 25.47
N LEU W 272 -63.62 -23.26 24.33
CA LEU W 272 -62.95 -24.52 24.10
C LEU W 272 -61.92 -24.34 22.99
N ASN W 273 -60.70 -24.85 23.22
CA ASN W 273 -59.61 -24.62 22.30
C ASN W 273 -59.79 -25.44 21.04
N VAL W 274 -59.54 -24.81 19.90
CA VAL W 274 -59.80 -25.43 18.61
C VAL W 274 -58.47 -25.62 17.90
N ILE W 275 -58.42 -26.62 17.02
CA ILE W 275 -57.24 -26.93 16.24
C ILE W 275 -57.55 -26.62 14.79
N ARG W 276 -56.85 -25.64 14.23
CA ARG W 276 -57.18 -25.06 12.95
C ARG W 276 -56.22 -25.59 11.89
N SER W 277 -56.66 -25.52 10.64
CA SER W 277 -55.82 -25.92 9.51
C SER W 277 -55.55 -24.69 8.65
N PHE W 278 -54.34 -24.21 8.70
CA PHE W 278 -54.02 -23.06 7.89
C PHE W 278 -53.39 -23.50 6.58
N PRO W 279 -53.84 -22.98 5.44
CA PRO W 279 -53.28 -23.40 4.15
C PRO W 279 -51.87 -22.86 3.96
N GLY W 280 -50.91 -23.77 3.78
CA GLY W 280 -49.53 -23.41 3.63
C GLY W 280 -48.76 -23.27 4.92
N LYS W 281 -49.44 -23.40 6.06
CA LYS W 281 -48.86 -23.09 7.36
C LYS W 281 -49.01 -24.25 8.34
N GLY W 282 -49.71 -25.32 7.95
CA GLY W 282 -49.80 -26.51 8.77
C GLY W 282 -51.03 -26.55 9.65
N ILE W 283 -51.15 -27.66 10.38
CA ILE W 283 -52.18 -27.83 11.40
C ILE W 283 -51.66 -27.24 12.70
N ARG W 284 -52.45 -26.38 13.33
CA ARG W 284 -51.97 -25.58 14.44
C ARG W 284 -52.94 -25.62 15.60
N VAL W 285 -52.42 -25.50 16.82
CA VAL W 285 -53.27 -25.25 17.97
C VAL W 285 -53.67 -23.79 17.98
N TRP W 286 -54.96 -23.53 18.16
CA TRP W 286 -55.49 -22.18 18.06
C TRP W 286 -56.34 -21.88 19.28
N GLY W 287 -55.74 -21.24 20.27
CA GLY W 287 -56.43 -20.95 21.51
C GLY W 287 -55.70 -21.54 22.70
N CYS W 288 -55.48 -20.71 23.71
CA CYS W 288 -54.89 -21.14 24.98
C CYS W 288 -55.84 -20.66 26.09
N ARG W 289 -56.91 -21.40 26.30
CA ARG W 289 -57.93 -21.03 27.26
C ARG W 289 -58.17 -22.21 28.18
N THR W 290 -58.40 -21.92 29.46
CA THR W 290 -58.86 -22.96 30.36
C THR W 290 -60.38 -23.03 30.29
N LEU W 291 -60.93 -24.09 30.87
CA LEU W 291 -62.38 -24.16 31.06
C LEU W 291 -62.70 -23.13 32.11
N GLU W 292 -63.42 -22.06 31.74
CA GLU W 292 -63.61 -20.96 32.67
C GLU W 292 -64.80 -20.11 32.27
N ASN W 293 -65.55 -19.65 33.27
CA ASN W 293 -66.62 -18.69 33.06
C ASN W 293 -66.19 -17.37 33.68
N THR W 294 -65.87 -16.40 32.82
CA THR W 294 -65.12 -15.21 33.25
C THR W 294 -65.98 -14.26 34.06
N ASP W 295 -66.05 -14.52 35.36
CA ASP W 295 -66.55 -13.53 36.31
C ASP W 295 -65.33 -13.02 37.07
N ASN W 296 -64.61 -12.09 36.41
CA ASN W 296 -63.42 -11.41 36.93
C ASN W 296 -62.29 -12.37 37.27
N THR W 297 -62.24 -13.51 36.58
CA THR W 297 -61.31 -14.56 36.94
C THR W 297 -59.91 -14.19 36.49
N GLN W 298 -58.91 -14.64 37.25
CA GLN W 298 -57.54 -14.32 36.90
C GLN W 298 -56.85 -15.48 36.22
N TRP W 299 -57.35 -16.70 36.42
CA TRP W 299 -56.78 -17.88 35.78
C TRP W 299 -57.60 -18.21 34.55
N ARG W 300 -57.61 -17.26 33.60
CA ARG W 300 -58.35 -17.42 32.36
C ARG W 300 -57.55 -18.18 31.31
N TYR W 301 -56.28 -17.85 31.14
CA TYR W 301 -55.48 -18.51 30.13
C TYR W 301 -54.68 -19.66 30.72
N LEU W 302 -54.27 -20.57 29.85
CA LEU W 302 -53.53 -21.75 30.27
C LEU W 302 -52.15 -21.39 30.80
N GLN W 303 -51.56 -20.34 30.24
CA GLN W 303 -50.21 -19.97 30.61
C GLN W 303 -50.17 -19.23 31.95
N THR W 304 -51.28 -18.63 32.35
CA THR W 304 -51.33 -17.96 33.64
C THR W 304 -51.45 -18.98 34.77
N ARG W 305 -52.22 -20.04 34.53
CA ARG W 305 -52.34 -21.11 35.52
C ARG W 305 -51.05 -21.90 35.63
N ARG W 306 -50.29 -22.01 34.53
CA ARG W 306 -49.07 -22.79 34.58
C ARG W 306 -47.89 -21.97 35.07
N LEU W 307 -47.96 -20.64 34.96
CA LEU W 307 -46.89 -19.80 35.50
C LEU W 307 -47.03 -19.67 37.01
N VAL W 308 -48.24 -19.43 37.50
CA VAL W 308 -48.45 -19.26 38.92
C VAL W 308 -48.25 -20.57 39.66
N SER W 309 -48.45 -21.70 39.00
CA SER W 309 -48.14 -22.98 39.62
C SER W 309 -46.68 -23.37 39.38
N TYR W 310 -45.97 -22.61 38.55
CA TYR W 310 -44.53 -22.80 38.43
C TYR W 310 -43.79 -22.06 39.53
N VAL W 311 -44.38 -20.99 40.05
CA VAL W 311 -43.71 -20.22 41.09
C VAL W 311 -44.18 -20.65 42.47
N THR W 312 -45.23 -21.47 42.56
CA THR W 312 -45.43 -22.18 43.81
C THR W 312 -44.47 -23.34 43.93
N ALA W 313 -44.31 -24.12 42.86
CA ALA W 313 -43.51 -25.34 42.95
C ALA W 313 -42.02 -25.06 42.86
N HIS W 314 -41.63 -23.79 42.71
CA HIS W 314 -40.23 -23.43 42.85
C HIS W 314 -39.98 -22.51 44.03
N LEU W 315 -41.03 -22.04 44.70
CA LEU W 315 -40.85 -21.41 46.00
C LEU W 315 -40.99 -22.40 47.12
N THR W 316 -41.68 -23.52 46.90
CA THR W 316 -41.66 -24.58 47.89
C THR W 316 -40.31 -25.26 47.94
N GLN W 317 -39.58 -25.29 46.82
CA GLN W 317 -38.26 -25.88 46.84
C GLN W 317 -37.25 -24.98 47.53
N LEU W 318 -37.57 -23.69 47.65
CA LEU W 318 -36.73 -22.78 48.42
C LEU W 318 -37.15 -22.75 49.87
N ALA W 319 -38.44 -22.94 50.14
CA ALA W 319 -38.92 -22.87 51.52
C ALA W 319 -38.75 -24.20 52.23
N ARG W 320 -38.58 -25.29 51.49
CA ARG W 320 -38.30 -26.56 52.14
C ARG W 320 -36.91 -26.60 52.75
N MET W 321 -35.99 -25.73 52.32
CA MET W 321 -34.58 -25.92 52.65
C MET W 321 -34.30 -25.53 54.10
N TYR W 322 -35.17 -24.71 54.69
CA TYR W 322 -35.04 -24.28 56.09
C TYR W 322 -36.38 -24.41 56.80
N VAL W 323 -37.00 -25.58 56.67
CA VAL W 323 -37.95 -26.06 57.64
C VAL W 323 -37.12 -26.53 58.82
N PHE W 324 -37.71 -26.52 60.02
CA PHE W 324 -37.06 -26.83 61.30
C PHE W 324 -35.88 -25.91 61.57
N GLU W 325 -36.09 -24.61 61.45
CA GLU W 325 -35.10 -23.59 61.77
C GLU W 325 -35.64 -22.73 62.91
N PRO W 326 -34.81 -21.96 63.62
CA PRO W 326 -35.24 -21.38 64.90
C PRO W 326 -36.40 -20.37 64.86
N ASN W 327 -36.88 -19.94 63.69
CA ASN W 327 -38.03 -19.03 63.54
C ASN W 327 -37.82 -17.69 64.24
N ASN W 328 -36.60 -17.19 64.19
CA ASN W 328 -36.31 -15.87 64.74
C ASN W 328 -36.45 -14.84 63.62
N GLU W 329 -35.98 -13.62 63.84
CA GLU W 329 -36.01 -12.59 62.82
C GLU W 329 -34.93 -12.78 61.77
N LEU W 330 -33.99 -13.70 62.01
CA LEU W 330 -32.90 -13.93 61.06
C LEU W 330 -33.34 -14.81 59.91
N THR W 331 -34.04 -15.91 60.21
CA THR W 331 -34.39 -16.87 59.16
C THR W 331 -35.57 -16.42 58.32
N TRP W 332 -36.13 -15.24 58.58
CA TRP W 332 -37.09 -14.66 57.65
C TRP W 332 -36.37 -13.82 56.61
N MET W 333 -35.34 -13.09 57.03
CA MET W 333 -34.56 -12.30 56.09
C MET W 333 -33.71 -13.18 55.18
N LYS W 334 -33.48 -14.45 55.55
CA LYS W 334 -32.87 -15.37 54.61
C LYS W 334 -33.90 -16.01 53.70
N LEU W 335 -35.18 -15.87 54.03
CA LEU W 335 -36.25 -16.34 53.15
C LEU W 335 -36.79 -15.20 52.30
N LYS W 336 -36.85 -14.01 52.88
CA LYS W 336 -37.26 -12.84 52.11
C LYS W 336 -36.18 -12.41 51.13
N GLY W 337 -34.94 -12.85 51.35
CA GLY W 337 -33.87 -12.48 50.46
C GLY W 337 -33.69 -13.47 49.33
N GLN W 338 -33.88 -14.76 49.61
CA GLN W 338 -33.68 -15.77 48.58
C GLN W 338 -34.86 -15.85 47.62
N SER W 339 -36.06 -15.49 48.06
CA SER W 339 -37.22 -15.53 47.18
C SER W 339 -37.37 -14.23 46.41
N TYR W 340 -36.92 -13.11 46.97
CA TYR W 340 -36.87 -11.88 46.20
C TYR W 340 -35.84 -11.98 45.10
N ASN W 341 -34.75 -12.69 45.34
CA ASN W 341 -33.69 -12.79 44.34
C ASN W 341 -34.06 -13.75 43.23
N TRP W 342 -35.01 -14.65 43.48
CA TRP W 342 -35.43 -15.57 42.43
C TRP W 342 -36.56 -14.98 41.60
N LEU W 343 -37.48 -14.26 42.24
CA LEU W 343 -38.57 -13.65 41.51
C LEU W 343 -38.09 -12.50 40.65
N ARG W 344 -37.03 -11.81 41.07
CA ARG W 344 -36.40 -10.83 40.20
C ARG W 344 -35.70 -11.50 39.04
N GLN W 345 -35.13 -12.68 39.27
CA GLN W 345 -34.49 -13.43 38.18
C GLN W 345 -35.51 -13.96 37.19
N LEU W 346 -36.73 -14.23 37.65
CA LEU W 346 -37.81 -14.57 36.73
C LEU W 346 -38.39 -13.33 36.06
N TRP W 347 -38.35 -12.19 36.73
CA TRP W 347 -38.88 -10.97 36.14
C TRP W 347 -37.98 -10.44 35.04
N LEU W 348 -36.67 -10.60 35.18
CA LEU W 348 -35.74 -10.14 34.15
C LEU W 348 -35.57 -11.11 33.01
N GLN W 349 -36.41 -12.14 32.93
CA GLN W 349 -36.50 -12.99 31.75
C GLN W 349 -37.72 -12.68 30.92
N GLY W 350 -38.44 -11.61 31.25
CA GLY W 350 -39.67 -11.30 30.56
C GLY W 350 -40.85 -12.10 31.03
N GLY W 351 -41.04 -12.23 32.34
CA GLY W 351 -42.03 -13.14 32.86
C GLY W 351 -43.16 -12.58 33.69
N LEU W 352 -43.09 -11.31 34.13
CA LEU W 352 -43.97 -10.89 35.21
C LEU W 352 -44.67 -9.54 35.02
N TYR W 353 -44.55 -8.89 33.85
CA TYR W 353 -45.30 -7.67 33.51
C TYR W 353 -45.01 -6.52 34.47
N GLY W 354 -43.80 -6.01 34.38
CA GLY W 354 -43.47 -4.84 35.16
C GLY W 354 -42.45 -3.94 34.51
N SER W 355 -42.61 -2.63 34.66
CA SER W 355 -41.57 -1.72 34.20
C SER W 355 -40.52 -1.50 35.28
N GLN W 356 -40.87 -1.75 36.53
CA GLN W 356 -39.93 -1.75 37.65
C GLN W 356 -40.30 -2.88 38.58
N GLU W 357 -39.38 -3.24 39.47
CA GLU W 357 -39.55 -4.48 40.23
C GLU W 357 -40.63 -4.36 41.29
N ASP W 358 -40.96 -3.14 41.72
CA ASP W 358 -42.06 -2.97 42.66
C ASP W 358 -43.41 -2.98 41.95
N GLU W 359 -43.41 -2.97 40.62
CA GLU W 359 -44.65 -3.10 39.86
C GLU W 359 -44.90 -4.55 39.48
N ALA W 360 -43.85 -5.36 39.43
CA ALA W 360 -44.02 -6.74 39.00
C ALA W 360 -44.48 -7.64 40.13
N PHE W 361 -43.84 -7.55 41.29
CA PHE W 361 -44.11 -8.47 42.39
C PHE W 361 -43.80 -7.78 43.70
N ASN W 362 -44.13 -8.46 44.79
CA ASN W 362 -43.92 -7.97 46.14
C ASN W 362 -44.06 -9.15 47.11
N ILE W 363 -43.21 -9.19 48.12
CA ILE W 363 -43.28 -10.21 49.16
C ILE W 363 -43.22 -9.51 50.51
N LEU W 364 -43.88 -10.10 51.51
CA LEU W 364 -43.87 -9.57 52.86
C LEU W 364 -43.83 -10.72 53.84
N LEU W 365 -43.08 -10.57 54.93
CA LEU W 365 -42.86 -11.69 55.83
C LEU W 365 -42.81 -11.33 57.31
N GLY W 366 -42.90 -10.06 57.67
CA GLY W 366 -42.57 -9.64 59.03
C GLY W 366 -43.55 -10.12 60.08
N VAL W 367 -43.16 -9.91 61.33
CA VAL W 367 -43.90 -10.43 62.46
C VAL W 367 -45.11 -9.55 62.76
N ASN W 368 -45.16 -8.37 62.16
CA ASN W 368 -46.33 -7.53 62.31
C ASN W 368 -47.01 -7.25 60.98
N GLU W 369 -46.61 -7.94 59.92
CA GLU W 369 -47.20 -7.71 58.60
C GLU W 369 -48.08 -8.88 58.19
N THR W 370 -47.55 -10.09 58.25
CA THR W 370 -48.30 -11.27 57.84
C THR W 370 -48.73 -12.14 59.00
N MET W 371 -47.88 -12.35 60.01
CA MET W 371 -48.17 -13.31 61.06
C MET W 371 -48.48 -12.58 62.35
N THR W 372 -49.12 -13.28 63.26
CA THR W 372 -49.36 -12.75 64.59
C THR W 372 -48.32 -13.28 65.57
N GLU W 373 -48.45 -12.86 66.82
CA GLU W 373 -47.53 -13.34 67.85
C GLU W 373 -47.83 -14.76 68.27
N ASP W 374 -49.04 -15.26 67.99
CA ASP W 374 -49.34 -16.66 68.30
C ASP W 374 -48.87 -17.57 67.19
N ASP W 375 -48.80 -17.08 65.95
CA ASP W 375 -48.35 -17.92 64.85
C ASP W 375 -46.84 -18.15 64.91
N VAL W 376 -46.11 -17.28 65.60
CA VAL W 376 -44.72 -17.59 65.90
C VAL W 376 -44.64 -18.62 67.01
N ARG W 377 -45.53 -18.52 68.00
CA ARG W 377 -45.58 -19.49 69.08
C ARG W 377 -46.08 -20.84 68.60
N ALA W 378 -46.96 -20.85 67.60
CA ALA W 378 -47.40 -22.12 67.03
C ALA W 378 -46.35 -22.72 66.10
N GLY W 379 -45.39 -21.90 65.66
CA GLY W 379 -44.32 -22.37 64.83
C GLY W 379 -44.55 -22.31 63.35
N LYS W 380 -45.13 -21.23 62.84
CA LYS W 380 -45.37 -21.13 61.41
C LYS W 380 -44.92 -19.77 60.87
N MET W 381 -44.40 -19.79 59.65
CA MET W 381 -44.09 -18.58 58.90
C MET W 381 -45.19 -18.36 57.87
N ILE W 382 -45.55 -17.10 57.66
CA ILE W 382 -46.57 -16.73 56.69
C ILE W 382 -45.90 -15.79 55.69
N MET W 383 -45.75 -16.24 54.46
CA MET W 383 -45.19 -15.42 53.40
C MET W 383 -46.28 -15.05 52.42
N LYS W 384 -46.34 -13.78 52.02
CA LYS W 384 -47.38 -13.29 51.14
C LYS W 384 -46.77 -12.80 49.84
N VAL W 385 -46.87 -13.62 48.80
CA VAL W 385 -46.26 -13.35 47.52
C VAL W 385 -47.38 -12.86 46.60
N GLU W 386 -47.29 -11.63 46.14
CA GLU W 386 -48.15 -11.16 45.07
C GLU W 386 -47.32 -10.98 43.81
N LEU W 387 -47.90 -11.30 42.66
CA LEU W 387 -47.15 -11.23 41.43
C LEU W 387 -48.10 -10.93 40.28
N ALA W 388 -47.65 -10.08 39.38
CA ALA W 388 -48.39 -9.75 38.18
C ALA W 388 -47.99 -10.69 37.05
N VAL W 389 -48.90 -10.90 36.11
CA VAL W 389 -48.64 -11.76 34.96
C VAL W 389 -49.00 -11.00 33.69
N LEU W 390 -48.75 -11.64 32.56
CA LEU W 390 -48.90 -11.05 31.24
C LEU W 390 -50.13 -11.59 30.52
N PHE W 391 -50.45 -10.97 29.35
CA PHE W 391 -51.60 -11.30 28.52
C PHE W 391 -51.15 -11.82 27.15
N PRO W 392 -51.92 -12.72 26.51
CA PRO W 392 -51.36 -13.50 25.41
C PRO W 392 -51.52 -12.92 24.01
N ALA W 393 -52.21 -11.78 23.83
CA ALA W 393 -52.46 -11.16 22.52
C ALA W 393 -53.19 -12.10 21.57
N GLU W 394 -54.44 -12.39 21.91
CA GLU W 394 -55.22 -13.27 21.06
C GLU W 394 -56.11 -12.53 20.05
N PHE W 395 -56.45 -11.28 20.29
CA PHE W 395 -57.17 -10.47 19.30
C PHE W 395 -56.28 -9.32 18.85
N ILE W 396 -56.36 -8.97 17.57
CA ILE W 396 -55.60 -7.85 17.00
C ILE W 396 -56.56 -7.02 16.16
N GLU W 397 -56.58 -5.71 16.39
CA GLU W 397 -57.56 -4.82 15.77
C GLU W 397 -56.86 -3.71 15.00
N ILE W 398 -57.04 -3.69 13.69
CA ILE W 398 -56.44 -2.66 12.84
C ILE W 398 -57.44 -1.50 12.74
N SER W 399 -56.94 -0.28 12.61
CA SER W 399 -57.85 0.86 12.64
C SER W 399 -57.92 1.63 11.34
N LEU W 400 -56.78 1.83 10.64
CA LEU W 400 -56.72 2.37 9.28
C LEU W 400 -57.29 3.79 9.17
N VAL W 401 -56.61 4.75 9.78
CA VAL W 401 -57.04 6.13 9.67
C VAL W 401 -56.16 6.87 8.67
N PHE W 402 -56.70 7.92 8.07
CA PHE W 402 -56.07 8.69 7.01
C PHE W 402 -55.60 10.02 7.56
N ASN W 403 -54.34 10.38 7.29
CA ASN W 403 -53.66 11.41 8.07
C ASN W 403 -52.90 12.40 7.19
N THR W 404 -53.56 12.97 6.18
CA THR W 404 -52.99 14.17 5.57
C THR W 404 -53.43 15.42 6.29
N GLN W 405 -54.19 15.28 7.38
CA GLN W 405 -54.59 16.44 8.16
C GLN W 405 -53.39 17.06 8.85
N THR W 406 -52.48 16.23 9.37
CA THR W 406 -51.46 16.69 10.30
C THR W 406 -50.08 16.82 9.62
N GLU W 407 -50.04 16.85 8.29
CA GLU W 407 -48.75 17.04 7.60
C GLU W 407 -48.21 18.44 7.82
N ALA W 408 -49.10 19.40 8.09
CA ALA W 408 -48.82 20.66 8.78
C ALA W 408 -47.94 21.62 7.98
N LEU W 409 -47.96 21.53 6.65
CA LEU W 409 -47.27 22.43 5.70
C LEU W 409 -45.77 22.55 6.01
N SER W 410 -45.13 21.38 6.01
CA SER W 410 -43.72 21.17 6.39
C SER W 410 -43.39 21.76 7.76
N MET X 1 44.14 -49.11 1.38
CA MET X 1 43.69 -50.00 2.45
C MET X 1 44.78 -50.37 3.44
N GLU X 2 45.28 -49.36 4.16
CA GLU X 2 46.27 -49.55 5.21
C GLU X 2 45.56 -49.36 6.55
N ARG X 3 45.57 -50.41 7.37
CA ARG X 3 44.67 -50.49 8.51
C ARG X 3 45.33 -50.02 9.80
N LEU X 4 46.66 -49.89 9.81
CA LEU X 4 47.37 -49.49 11.01
C LEU X 4 47.74 -48.01 10.98
N GLN X 5 47.91 -47.45 9.80
CA GLN X 5 48.20 -46.04 9.63
C GLN X 5 46.93 -45.22 9.89
N PRO X 6 47.05 -43.97 10.36
CA PRO X 6 45.86 -43.19 10.66
C PRO X 6 45.10 -42.79 9.41
N GLY X 7 43.78 -42.99 9.47
CA GLY X 7 42.94 -42.71 8.33
C GLY X 7 41.53 -43.21 8.56
N VAL X 8 40.85 -43.50 7.46
CA VAL X 8 39.46 -43.95 7.49
C VAL X 8 39.44 -45.39 7.01
N THR X 9 39.42 -46.33 7.94
CA THR X 9 39.43 -47.76 7.63
C THR X 9 38.08 -48.36 8.02
N LEU X 10 37.37 -48.90 7.04
CA LEU X 10 36.07 -49.48 7.32
C LEU X 10 36.23 -50.89 7.90
N THR X 11 35.36 -51.21 8.86
CA THR X 11 35.42 -52.47 9.58
C THR X 11 34.12 -53.24 9.41
N GLU X 12 34.19 -54.53 9.73
CA GLU X 12 33.00 -55.38 9.64
C GLU X 12 32.28 -55.48 10.97
N SER X 13 32.89 -54.97 12.05
CA SER X 13 32.30 -55.12 13.37
C SER X 13 31.14 -54.16 13.55
N ILE X 14 30.02 -54.68 14.03
CA ILE X 14 28.79 -53.91 14.17
C ILE X 14 28.71 -53.39 15.59
N ILE X 15 28.66 -52.08 15.73
CA ILE X 15 28.54 -51.44 17.03
C ILE X 15 27.05 -51.27 17.34
N THR X 16 26.76 -50.99 18.61
CA THR X 16 25.38 -51.03 19.09
C THR X 16 24.61 -49.77 18.70
N MET X 17 23.30 -49.93 18.53
CA MET X 17 22.37 -48.83 18.37
C MET X 17 22.16 -48.11 19.69
N GLY X 18 21.81 -46.82 19.60
CA GLY X 18 21.48 -46.06 20.78
C GLY X 18 20.17 -46.55 21.40
N GLN X 19 20.26 -47.20 22.55
CA GLN X 19 19.11 -47.80 23.21
C GLN X 19 18.25 -46.73 23.87
N GLN X 20 16.94 -46.95 23.89
CA GLN X 20 16.02 -45.98 24.49
C GLN X 20 15.72 -46.30 25.95
N GLU X 21 15.91 -47.56 26.34
CA GLU X 21 15.72 -48.07 27.72
C GLU X 21 14.28 -47.82 28.20
N ILE X 22 13.38 -48.59 27.59
CA ILE X 22 12.01 -48.68 28.08
C ILE X 22 12.03 -49.50 29.36
N PRO X 23 11.62 -48.94 30.49
CA PRO X 23 11.84 -49.63 31.77
C PRO X 23 10.80 -50.68 32.11
N SER X 24 9.57 -50.51 31.62
CA SER X 24 8.45 -51.32 32.09
C SER X 24 8.10 -52.48 31.16
N ALA X 25 8.90 -52.72 30.13
CA ALA X 25 8.65 -53.84 29.21
C ALA X 25 10.00 -54.35 28.72
N VAL X 26 10.47 -55.44 29.31
CA VAL X 26 11.73 -56.05 28.89
C VAL X 26 11.64 -57.56 29.09
N PRO X 27 11.89 -58.35 28.05
CA PRO X 27 11.65 -59.79 28.15
C PRO X 27 12.88 -60.61 28.50
N VAL X 28 12.67 -61.85 28.92
CA VAL X 28 13.71 -62.87 28.88
C VAL X 28 13.32 -63.91 27.85
N PHE X 29 14.33 -64.48 27.21
CA PHE X 29 14.17 -65.62 26.33
C PHE X 29 14.84 -66.80 27.03
N ILE X 30 14.07 -67.67 27.63
CA ILE X 30 14.62 -68.83 28.31
C ILE X 30 14.50 -70.04 27.38
N GLY X 31 15.63 -70.46 26.82
CA GLY X 31 15.63 -71.53 25.85
C GLY X 31 16.99 -72.18 25.75
N TYR X 32 17.05 -73.20 24.90
CA TYR X 32 18.30 -73.91 24.66
C TYR X 32 19.14 -73.15 23.66
N THR X 33 20.41 -72.94 23.99
CA THR X 33 21.37 -72.37 23.06
C THR X 33 22.43 -73.41 22.74
N VAL X 34 23.15 -73.18 21.65
CA VAL X 34 24.14 -74.15 21.20
C VAL X 34 25.50 -73.88 21.84
N ARG X 35 25.85 -72.62 22.09
CA ARG X 35 27.18 -72.30 22.58
C ARG X 35 27.28 -72.38 24.09
N TYR X 36 26.48 -71.57 24.80
CA TYR X 36 26.58 -71.33 26.22
C TYR X 36 28.01 -70.99 26.70
N PRO X 37 28.57 -69.82 26.27
CA PRO X 37 29.96 -69.53 26.65
C PRO X 37 30.13 -68.60 27.85
N GLU X 38 29.06 -67.99 28.32
CA GLU X 38 29.19 -66.92 29.29
C GLU X 38 29.41 -67.52 30.67
N GLN X 39 30.51 -67.13 31.33
CA GLN X 39 30.92 -67.78 32.57
C GLN X 39 30.85 -66.88 33.78
N SER X 40 30.46 -65.62 33.61
CA SER X 40 30.45 -64.71 34.75
C SER X 40 29.09 -64.71 35.45
N GLU X 41 28.02 -64.49 34.69
CA GLU X 41 26.72 -64.17 35.25
C GLU X 41 25.73 -65.29 34.97
N ALA X 42 24.49 -65.07 35.43
CA ALA X 42 23.44 -66.05 35.22
C ALA X 42 22.65 -65.75 33.95
N SER X 43 22.01 -64.60 33.90
CA SER X 43 21.25 -64.16 32.74
C SER X 43 21.82 -62.84 32.25
N VAL X 44 22.12 -62.75 30.96
CA VAL X 44 22.83 -61.63 30.40
C VAL X 44 21.93 -60.84 29.45
N ARG X 45 22.28 -59.58 29.26
CA ARG X 45 21.49 -58.67 28.44
C ARG X 45 22.08 -58.57 27.05
N ILE X 46 21.26 -58.73 26.04
CA ILE X 46 21.69 -58.56 24.67
C ILE X 46 21.03 -57.33 24.09
N ASP X 47 21.63 -56.80 23.04
CA ASP X 47 21.11 -55.62 22.39
C ASP X 47 20.83 -55.84 20.92
N SER X 48 21.67 -56.58 20.22
CA SER X 48 21.47 -56.82 18.80
C SER X 48 21.67 -58.30 18.54
N LEU X 49 21.28 -58.72 17.35
CA LEU X 49 21.45 -60.12 16.99
C LEU X 49 22.92 -60.45 16.75
N ALA X 50 23.64 -59.53 16.10
CA ALA X 50 25.06 -59.71 15.86
C ALA X 50 25.88 -59.75 17.14
N GLU X 51 25.38 -59.10 18.21
CA GLU X 51 25.92 -59.30 19.54
C GLU X 51 25.48 -60.64 20.13
N TYR X 52 24.28 -61.11 19.80
CA TYR X 52 23.79 -62.37 20.33
C TYR X 52 24.47 -63.56 19.68
N THR X 53 24.70 -63.50 18.36
CA THR X 53 25.27 -64.63 17.64
C THR X 53 26.72 -64.88 18.04
N SER X 54 27.44 -63.81 18.37
CA SER X 54 28.78 -63.97 18.91
C SER X 54 28.73 -64.49 20.35
N LEU X 55 27.62 -64.27 21.04
CA LEU X 55 27.51 -64.57 22.45
C LEU X 55 26.70 -65.82 22.75
N PHE X 56 25.93 -66.35 21.79
CA PHE X 56 25.17 -67.55 22.09
C PHE X 56 25.10 -68.53 20.93
N GLY X 57 26.00 -68.45 19.96
CA GLY X 57 25.96 -69.40 18.87
C GLY X 57 24.99 -69.03 17.78
N ASP X 58 24.79 -69.97 16.86
CA ASP X 58 24.02 -69.72 15.65
C ASP X 58 23.19 -70.93 15.30
N ASP X 59 22.16 -70.70 14.47
CA ASP X 59 21.33 -71.73 13.84
C ASP X 59 20.62 -72.61 14.87
N HIS X 60 19.75 -71.99 15.65
CA HIS X 60 18.85 -72.69 16.56
C HIS X 60 17.51 -71.97 16.58
N VAL X 61 16.52 -72.61 17.22
CA VAL X 61 15.16 -72.07 17.20
C VAL X 61 15.06 -70.81 18.06
N MET X 62 15.90 -70.70 19.09
CA MET X 62 15.84 -69.53 19.94
C MET X 62 16.51 -68.33 19.31
N MET X 63 17.34 -68.53 18.30
CA MET X 63 17.94 -67.39 17.61
C MET X 63 16.92 -66.71 16.71
N PHE X 64 16.07 -67.50 16.06
CA PHE X 64 15.09 -66.91 15.13
C PHE X 64 13.97 -66.20 15.88
N ALA X 65 13.83 -66.44 17.18
CA ALA X 65 12.90 -65.64 17.96
C ALA X 65 13.54 -64.32 18.38
N VAL X 66 14.84 -64.32 18.66
CA VAL X 66 15.55 -63.08 18.93
C VAL X 66 15.66 -62.25 17.65
N ARG X 67 15.91 -62.91 16.52
CA ARG X 67 16.02 -62.22 15.25
C ARG X 67 14.70 -61.60 14.82
N HIS X 68 13.59 -62.21 15.21
CA HIS X 68 12.28 -61.64 14.92
C HIS X 68 11.84 -60.65 15.99
N TYR X 69 12.45 -60.70 17.17
CA TYR X 69 12.15 -59.71 18.20
C TYR X 69 12.82 -58.38 17.88
N PHE X 70 14.01 -58.43 17.29
CA PHE X 70 14.71 -57.21 16.95
C PHE X 70 14.24 -56.63 15.62
N ASP X 71 13.38 -57.34 14.90
CA ASP X 71 12.84 -56.79 13.66
C ASP X 71 11.54 -56.05 13.92
N ASN X 72 10.79 -56.47 14.92
CA ASN X 72 9.52 -55.82 15.21
C ASN X 72 9.67 -54.56 16.05
N GLY X 73 10.86 -54.29 16.57
CA GLY X 73 11.07 -53.01 17.20
C GLY X 73 11.55 -53.05 18.63
N GLY X 74 11.82 -54.25 19.15
CA GLY X 74 12.37 -54.36 20.49
C GLY X 74 13.83 -53.97 20.49
N GLN X 75 14.28 -53.36 21.58
CA GLN X 75 15.65 -52.86 21.59
C GLN X 75 16.51 -53.42 22.72
N GLN X 76 15.94 -53.95 23.79
CA GLN X 76 16.75 -54.62 24.79
C GLN X 76 16.00 -55.84 25.31
N ALA X 77 16.79 -56.84 25.69
CA ALA X 77 16.26 -58.15 26.06
C ALA X 77 17.31 -58.89 26.85
N PHE X 78 16.86 -59.82 27.67
CA PHE X 78 17.75 -60.69 28.41
C PHE X 78 17.62 -62.10 27.89
N VAL X 79 18.67 -62.89 28.05
CA VAL X 79 18.68 -64.29 27.66
C VAL X 79 19.18 -65.11 28.83
N LEU X 80 18.34 -66.00 29.34
CA LEU X 80 18.75 -66.95 30.36
C LEU X 80 18.77 -68.34 29.73
N PRO X 81 19.95 -68.88 29.40
CA PRO X 81 19.98 -70.17 28.71
C PRO X 81 19.79 -71.33 29.66
N LEU X 82 19.18 -72.39 29.14
CA LEU X 82 19.10 -73.64 29.87
C LEU X 82 20.39 -74.42 29.70
N LYS X 83 20.85 -75.01 30.80
CA LYS X 83 22.20 -75.57 30.80
C LYS X 83 22.28 -76.96 30.17
N ASP X 84 21.13 -77.56 29.84
CA ASP X 84 21.13 -78.93 29.35
C ASP X 84 21.47 -78.95 27.87
N ASN X 85 21.32 -80.12 27.23
CA ASN X 85 21.71 -80.25 25.84
C ASN X 85 20.62 -79.72 24.91
N MET X 86 21.04 -79.28 23.74
CA MET X 86 20.09 -78.86 22.72
C MET X 86 19.38 -80.09 22.17
N PRO X 87 18.05 -80.03 22.01
CA PRO X 87 17.31 -81.23 21.60
C PRO X 87 17.53 -81.64 20.15
N SER X 88 16.79 -82.66 19.71
CA SER X 88 16.91 -83.16 18.35
C SER X 88 16.15 -82.26 17.39
N VAL X 89 15.98 -82.71 16.15
CA VAL X 89 15.18 -81.97 15.18
C VAL X 89 13.71 -81.99 15.59
N GLU X 90 13.24 -83.14 16.05
CA GLU X 90 11.91 -83.27 16.66
C GLU X 90 12.10 -83.63 18.13
N MET X 91 11.13 -83.23 18.94
CA MET X 91 11.25 -83.46 20.38
C MET X 91 10.62 -84.80 20.75
N THR X 92 11.43 -85.68 21.33
CA THR X 92 10.94 -86.93 21.87
C THR X 92 10.29 -86.70 23.22
N THR X 93 9.40 -87.63 23.60
CA THR X 93 8.65 -87.46 24.84
C THR X 93 9.53 -87.68 26.07
N ALA X 94 10.63 -88.41 25.90
CA ALA X 94 11.60 -88.55 26.99
C ALA X 94 12.39 -87.27 27.17
N GLU X 95 12.47 -86.44 26.12
CA GLU X 95 13.26 -85.23 26.21
C GLU X 95 12.40 -84.01 26.51
N ALA X 96 11.12 -84.04 26.12
CA ALA X 96 10.26 -82.89 26.37
C ALA X 96 9.93 -82.72 27.84
N GLU X 97 10.02 -83.80 28.62
CA GLU X 97 9.87 -83.65 30.07
C GLU X 97 11.11 -83.00 30.69
N ASN X 98 12.26 -83.14 30.03
CA ASN X 98 13.50 -82.55 30.56
C ASN X 98 13.49 -81.03 30.43
N LEU X 99 12.68 -80.49 29.52
CA LEU X 99 12.54 -79.04 29.43
C LEU X 99 11.63 -78.51 30.53
N ILE X 100 10.48 -79.15 30.74
CA ILE X 100 9.53 -78.62 31.71
C ILE X 100 9.99 -78.89 33.14
N ALA X 101 10.83 -79.90 33.35
CA ALA X 101 11.43 -80.08 34.67
C ALA X 101 12.54 -79.07 34.91
N ALA X 102 13.12 -78.54 33.84
CA ALA X 102 14.10 -77.47 33.98
C ALA X 102 13.42 -76.12 34.14
N LEU X 103 12.14 -76.02 33.79
CA LEU X 103 11.41 -74.78 34.01
C LEU X 103 10.90 -74.68 35.44
N ARG X 104 10.70 -75.81 36.11
CA ARG X 104 10.35 -75.77 37.52
C ARG X 104 11.58 -75.71 38.42
N SER X 105 12.77 -75.82 37.86
CA SER X 105 13.98 -75.87 38.67
C SER X 105 14.30 -74.49 39.23
N ALA X 106 14.96 -74.48 40.39
CA ALA X 106 15.37 -73.23 41.02
C ALA X 106 16.62 -72.63 40.38
N THR X 107 17.22 -73.31 39.42
CA THR X 107 18.38 -72.75 38.72
C THR X 107 17.95 -71.64 37.78
N VAL X 108 16.74 -71.73 37.22
CA VAL X 108 16.21 -70.67 36.38
C VAL X 108 15.24 -69.77 37.14
N SER X 109 14.78 -70.19 38.31
CA SER X 109 13.91 -69.34 39.11
C SER X 109 14.69 -68.31 39.91
N GLU X 110 15.96 -68.59 40.22
CA GLU X 110 16.75 -67.64 40.99
C GLU X 110 17.33 -66.54 40.10
N ALA X 111 17.58 -66.85 38.83
CA ALA X 111 18.11 -65.83 37.93
C ALA X 111 17.05 -64.80 37.56
N ILE X 112 15.79 -65.23 37.46
CA ILE X 112 14.72 -64.29 37.17
C ILE X 112 14.37 -63.49 38.42
N GLY X 113 14.22 -64.18 39.55
CA GLY X 113 13.79 -63.51 40.77
C GLY X 113 14.88 -62.69 41.43
N GLY X 114 16.12 -62.83 40.96
CA GLY X 114 17.20 -62.05 41.55
C GLY X 114 17.55 -60.80 40.79
N HIS X 115 17.07 -60.66 39.56
CA HIS X 115 17.57 -59.58 38.72
C HIS X 115 16.74 -58.29 38.85
N SER X 116 15.41 -58.42 38.97
CA SER X 116 14.48 -57.33 39.34
C SER X 116 14.43 -56.20 38.32
N GLN X 117 14.81 -56.47 37.08
CA GLN X 117 14.63 -55.54 35.97
C GLN X 117 13.61 -56.03 34.96
N ILE X 118 13.46 -57.34 34.83
CA ILE X 118 12.57 -57.96 33.86
C ILE X 118 11.13 -57.74 34.26
N THR X 119 10.27 -57.39 33.31
CA THR X 119 8.86 -57.25 33.61
C THR X 119 7.97 -58.29 32.94
N LEU X 120 8.47 -59.04 31.97
CA LEU X 120 7.68 -60.13 31.41
C LEU X 120 8.61 -61.23 30.92
N ILE X 121 8.18 -62.48 31.03
CA ILE X 121 8.98 -63.63 30.62
C ILE X 121 8.27 -64.33 29.48
N LEU X 122 9.02 -65.18 28.76
CA LEU X 122 8.47 -65.94 27.64
C LEU X 122 9.45 -67.07 27.28
N VAL X 123 8.89 -68.19 26.85
CA VAL X 123 9.66 -69.30 26.31
C VAL X 123 9.37 -69.39 24.82
N PRO X 124 10.36 -69.18 23.95
CA PRO X 124 10.16 -69.49 22.53
C PRO X 124 10.43 -70.94 22.18
N ASP X 125 10.87 -71.73 23.15
CA ASP X 125 11.21 -73.13 22.93
C ASP X 125 10.04 -74.07 23.20
N MET X 126 8.89 -73.54 23.61
CA MET X 126 7.72 -74.38 23.81
C MET X 126 7.07 -74.80 22.50
N ALA X 127 7.24 -74.01 21.44
CA ALA X 127 6.70 -74.42 20.15
C ALA X 127 7.56 -75.47 19.47
N ARG X 128 8.71 -75.83 20.06
CA ARG X 128 9.53 -76.89 19.51
C ARG X 128 8.88 -78.25 19.74
N LEU X 129 8.04 -78.37 20.77
CA LEU X 129 7.34 -79.62 21.03
C LEU X 129 5.98 -79.67 20.35
N ASN X 130 5.78 -78.88 19.31
CA ASN X 130 4.50 -78.89 18.61
C ASN X 130 4.39 -80.08 17.67
N ASP X 131 5.49 -80.74 17.36
CA ASP X 131 5.51 -81.91 16.47
C ASP X 131 6.01 -83.13 17.22
N SER X 132 5.28 -84.24 17.10
CA SER X 132 5.68 -85.57 17.56
C SER X 132 5.91 -85.63 19.07
N ASP X 133 5.12 -84.86 19.82
CA ASP X 133 5.28 -84.84 21.26
C ASP X 133 4.63 -86.04 21.96
N ILE X 134 3.63 -86.64 21.35
CA ILE X 134 2.84 -87.65 22.03
C ILE X 134 3.19 -89.05 21.55
N VAL X 141 -1.83 -84.46 25.28
CA VAL X 141 -2.34 -83.09 25.24
C VAL X 141 -1.94 -82.40 26.54
N SER X 142 -1.93 -83.16 27.64
CA SER X 142 -1.62 -82.61 28.95
C SER X 142 -0.16 -82.20 29.11
N LEU X 143 0.71 -82.56 28.18
CA LEU X 143 2.10 -82.11 28.23
C LEU X 143 2.21 -80.61 28.02
N TRP X 144 1.30 -80.01 27.25
CA TRP X 144 1.29 -78.56 27.11
C TRP X 144 0.85 -77.89 28.41
N SER X 145 -0.18 -78.45 29.05
CA SER X 145 -0.66 -77.91 30.32
C SER X 145 0.34 -78.07 31.44
N GLN X 146 1.19 -79.11 31.36
CA GLN X 146 2.24 -79.28 32.35
C GLN X 146 3.34 -78.24 32.16
N GLY X 147 3.44 -77.68 30.96
CA GLY X 147 4.38 -76.61 30.69
C GLY X 147 3.83 -75.23 31.02
N TRP X 148 2.52 -75.05 30.84
CA TRP X 148 1.90 -73.78 31.19
C TRP X 148 1.80 -73.59 32.70
N GLU X 149 1.47 -74.67 33.43
CA GLU X 149 1.40 -74.59 34.89
C GLU X 149 2.78 -74.40 35.50
N ALA X 150 3.84 -74.82 34.79
CA ALA X 150 5.18 -74.50 35.23
C ALA X 150 5.49 -73.03 34.99
N LEU X 151 5.01 -72.47 33.88
CA LEU X 151 5.33 -71.09 33.53
C LEU X 151 4.58 -70.09 34.37
N LEU X 152 3.29 -70.31 34.61
CA LEU X 152 2.51 -69.38 35.41
C LEU X 152 2.94 -69.41 36.87
N GLN X 153 3.48 -70.54 37.34
CA GLN X 153 4.06 -70.60 38.67
C GLN X 153 5.37 -69.82 38.72
N LEU X 154 6.11 -69.78 37.61
CA LEU X 154 7.39 -69.08 37.57
C LEU X 154 7.20 -67.57 37.66
N SER X 155 6.04 -67.07 37.27
CA SER X 155 5.74 -65.64 37.39
C SER X 155 5.23 -65.26 38.76
N GLN X 156 5.50 -66.05 39.80
CA GLN X 156 5.11 -65.74 41.16
C GLN X 156 6.28 -65.49 42.09
N VAL X 157 7.50 -65.41 41.56
CA VAL X 157 8.66 -65.32 42.44
C VAL X 157 8.85 -63.89 42.96
N ARG X 158 8.31 -62.90 42.26
CA ARG X 158 8.58 -61.51 42.56
C ARG X 158 7.46 -60.68 41.94
N PRO X 159 7.30 -59.40 42.33
CA PRO X 159 6.10 -58.62 41.91
C PRO X 159 5.84 -58.50 40.41
N ASN X 160 6.65 -57.76 39.66
CA ASN X 160 6.29 -57.41 38.29
C ASN X 160 6.85 -58.46 37.34
N LEU X 161 6.05 -59.49 37.07
CA LEU X 161 6.37 -60.48 36.06
C LEU X 161 5.09 -60.87 35.31
N PHE X 162 5.24 -61.07 34.02
CA PHE X 162 4.16 -61.52 33.16
C PHE X 162 4.70 -62.65 32.31
N VAL X 163 3.82 -63.45 31.73
CA VAL X 163 4.29 -64.55 30.89
C VAL X 163 3.46 -64.60 29.60
N LEU X 164 4.14 -64.43 28.48
CA LEU X 164 3.57 -64.64 27.17
C LEU X 164 3.91 -66.06 26.76
N LEU X 165 2.90 -66.83 26.36
CA LEU X 165 3.11 -68.26 26.20
C LEU X 165 2.41 -68.79 24.96
N ASP X 166 2.95 -69.87 24.42
CA ASP X 166 2.52 -70.39 23.13
C ASP X 166 1.35 -71.36 23.30
N ALA X 167 0.42 -71.29 22.36
CA ALA X 167 -0.70 -72.21 22.32
C ALA X 167 -0.43 -73.30 21.28
N PRO X 168 -0.98 -74.51 21.44
CA PRO X 168 -0.77 -75.55 20.44
C PRO X 168 -1.55 -75.28 19.17
N ASP X 169 -0.98 -75.70 18.04
CA ASP X 169 -1.57 -75.34 16.74
C ASP X 169 -2.81 -76.16 16.46
N ASN X 170 -2.89 -77.35 17.02
CA ASN X 170 -4.05 -78.21 16.77
C ASN X 170 -5.24 -77.69 17.56
N VAL X 171 -6.39 -77.62 16.89
CA VAL X 171 -7.52 -76.88 17.45
C VAL X 171 -8.18 -77.67 18.57
N GLU X 172 -8.17 -79.00 18.47
CA GLU X 172 -8.74 -79.82 19.54
C GLU X 172 -7.84 -79.76 20.76
N GLN X 173 -6.52 -79.73 20.51
CA GLN X 173 -5.55 -79.66 21.58
C GLN X 173 -5.56 -78.30 22.26
N ALA X 174 -5.95 -77.26 21.53
CA ALA X 174 -6.00 -75.94 22.13
C ALA X 174 -7.20 -75.81 23.05
N GLN X 175 -8.36 -76.31 22.63
CA GLN X 175 -9.55 -76.24 23.48
C GLN X 175 -9.45 -77.11 24.71
N LYS X 176 -8.71 -78.22 24.64
CA LYS X 176 -8.55 -79.05 25.82
C LYS X 176 -7.59 -78.42 26.81
N CYS X 177 -6.52 -77.78 26.33
CA CYS X 177 -5.55 -77.19 27.23
C CYS X 177 -6.06 -75.87 27.80
N MET X 178 -7.08 -75.29 27.19
CA MET X 178 -7.73 -74.14 27.80
C MET X 178 -8.62 -74.57 28.97
N THR X 179 -9.32 -75.69 28.81
CA THR X 179 -10.28 -76.13 29.82
C THR X 179 -9.59 -76.86 30.97
N THR X 180 -8.61 -77.70 30.67
CA THR X 180 -7.97 -78.54 31.67
C THR X 180 -6.68 -77.93 32.21
N LEU X 181 -6.62 -76.60 32.33
CA LEU X 181 -5.41 -75.97 32.85
C LEU X 181 -5.40 -76.07 34.37
N SER X 182 -6.37 -75.42 35.02
CA SER X 182 -6.65 -75.49 36.46
C SER X 182 -5.44 -75.09 37.31
N SER X 183 -4.94 -73.89 37.05
CA SER X 183 -4.00 -73.23 37.94
C SER X 183 -4.72 -72.06 38.61
N ASP X 184 -4.24 -71.71 39.81
CA ASP X 184 -4.84 -70.59 40.52
C ASP X 184 -4.19 -69.26 40.17
N TYR X 185 -3.13 -69.26 39.37
CA TYR X 185 -2.53 -68.04 38.83
C TYR X 185 -2.69 -68.12 37.33
N ARG X 186 -3.86 -67.75 36.84
CA ARG X 186 -4.11 -67.72 35.41
C ARG X 186 -4.03 -66.33 34.82
N GLN X 187 -4.13 -65.30 35.66
CA GLN X 187 -4.21 -63.94 35.17
C GLN X 187 -2.85 -63.38 34.78
N TRP X 188 -1.77 -64.09 35.06
CA TRP X 188 -0.47 -63.60 34.67
C TRP X 188 -0.05 -64.06 33.30
N GLY X 189 -0.87 -64.86 32.61
CA GLY X 189 -0.50 -65.34 31.31
C GLY X 189 -1.38 -64.81 30.20
N ALA X 190 -0.92 -65.04 28.97
CA ALA X 190 -1.67 -64.71 27.77
C ALA X 190 -1.15 -65.59 26.65
N ALA X 191 -2.07 -66.18 25.89
CA ALA X 191 -1.72 -67.17 24.89
C ALA X 191 -2.10 -66.67 23.51
N TYR X 192 -1.14 -66.69 22.59
CA TYR X 192 -1.35 -66.24 21.22
C TYR X 192 -1.26 -67.43 20.28
N TRP X 193 -2.34 -67.66 19.51
CA TRP X 193 -2.56 -68.99 18.95
C TRP X 193 -1.65 -69.39 17.79
N PRO X 194 -1.66 -68.76 16.61
CA PRO X 194 -1.02 -69.40 15.47
C PRO X 194 0.48 -69.15 15.43
N ARG X 195 1.18 -70.10 14.83
CA ARG X 195 2.60 -69.94 14.60
C ARG X 195 2.80 -69.16 13.31
N LEU X 196 3.71 -68.20 13.35
CA LEU X 196 3.94 -67.31 12.23
C LEU X 196 4.92 -67.93 11.27
N GLU X 197 4.69 -67.74 9.97
CA GLU X 197 5.64 -68.18 8.95
C GLU X 197 6.42 -66.96 8.50
N THR X 198 7.59 -66.77 9.09
CA THR X 198 8.41 -65.60 8.84
C THR X 198 9.14 -65.72 7.51
N THR X 199 9.81 -64.64 7.13
CA THR X 199 10.57 -64.58 5.89
C THR X 199 12.05 -64.88 6.12
N TYR X 200 12.34 -66.01 6.73
CA TYR X 200 13.70 -66.49 6.85
C TYR X 200 13.76 -67.88 6.22
N GLN X 201 14.92 -68.21 5.65
CA GLN X 201 15.03 -69.37 4.78
C GLN X 201 14.96 -70.69 5.56
N LYS X 202 14.43 -71.70 4.87
CA LYS X 202 14.29 -73.10 5.30
C LYS X 202 13.79 -73.33 6.73
N ILE X 214 11.57 -67.52 1.69
CA ILE X 214 10.38 -67.02 1.03
C ILE X 214 9.57 -68.18 0.44
N PHE X 215 10.24 -69.29 0.15
CA PHE X 215 9.52 -70.45 -0.36
C PHE X 215 9.05 -71.34 0.78
N GLN X 216 9.96 -71.72 1.66
CA GLN X 216 9.62 -72.40 2.90
C GLN X 216 10.19 -71.52 4.00
N GLY X 217 9.41 -70.52 4.41
CA GLY X 217 9.82 -69.68 5.51
C GLY X 217 9.74 -70.45 6.82
N THR X 218 10.63 -70.11 7.74
CA THR X 218 10.70 -70.87 8.99
C THR X 218 9.50 -70.55 9.88
N VAL X 219 8.87 -71.61 10.37
CA VAL X 219 7.70 -71.48 11.22
C VAL X 219 8.20 -71.04 12.59
N LEU X 220 7.52 -70.09 13.20
CA LEU X 220 8.04 -69.39 14.37
C LEU X 220 6.96 -69.22 15.42
N SER X 221 7.37 -69.23 16.69
CA SER X 221 6.55 -68.83 17.82
C SER X 221 6.04 -67.41 17.63
N PRO X 222 4.81 -67.13 18.04
CA PRO X 222 4.27 -65.77 17.88
C PRO X 222 4.64 -64.83 19.00
N THR X 223 5.03 -65.33 20.18
CA THR X 223 5.22 -64.50 21.35
C THR X 223 6.46 -63.63 21.29
N ALA X 224 7.41 -63.94 20.41
CA ALA X 224 8.59 -63.09 20.30
C ALA X 224 8.26 -61.78 19.61
N ALA X 225 7.22 -61.77 18.76
CA ALA X 225 6.81 -60.55 18.09
C ALA X 225 5.92 -59.71 18.97
N VAL X 226 5.09 -60.34 19.80
CA VAL X 226 4.18 -59.63 20.70
C VAL X 226 4.93 -58.95 21.84
N ALA X 227 6.06 -59.49 22.27
CA ALA X 227 6.84 -58.84 23.30
C ALA X 227 7.51 -57.57 22.79
N ALA X 228 7.71 -57.47 21.47
CA ALA X 228 8.24 -56.24 20.92
C ALA X 228 7.15 -55.19 20.75
N VAL X 229 5.92 -55.60 20.46
CA VAL X 229 4.86 -54.61 20.32
C VAL X 229 4.25 -54.24 21.66
N ILE X 230 4.43 -55.07 22.70
CA ILE X 230 4.15 -54.64 24.06
C ILE X 230 5.14 -53.56 24.47
N GLN X 231 6.40 -53.75 24.12
CA GLN X 231 7.42 -52.73 24.35
C GLN X 231 7.22 -51.52 23.45
N ARG X 232 6.61 -51.71 22.29
CA ARG X 232 6.43 -50.60 21.36
C ARG X 232 5.25 -49.71 21.74
N THR X 233 4.21 -50.28 22.31
CA THR X 233 3.07 -49.48 22.78
C THR X 233 3.29 -48.94 24.18
N ASP X 234 4.33 -49.39 24.87
CA ASP X 234 4.75 -48.82 26.13
C ASP X 234 5.54 -47.53 25.93
N ASN X 235 6.17 -47.38 24.77
CA ASN X 235 7.05 -46.25 24.53
C ASN X 235 6.24 -44.97 24.34
N ASP X 236 5.08 -45.07 23.67
CA ASP X 236 4.32 -43.90 23.28
C ASP X 236 3.01 -43.74 24.03
N ALA X 237 2.22 -44.80 24.16
CA ALA X 237 0.90 -44.70 24.75
C ALA X 237 0.82 -45.30 26.16
N GLY X 238 1.95 -45.56 26.79
CA GLY X 238 1.95 -46.03 28.17
C GLY X 238 1.51 -47.48 28.32
N VAL X 239 1.49 -47.91 29.58
CA VAL X 239 1.14 -49.30 29.88
C VAL X 239 -0.38 -49.47 29.79
N TRP X 240 -1.13 -48.38 29.92
CA TRP X 240 -2.59 -48.46 29.94
C TRP X 240 -3.20 -48.78 28.60
N LYS X 241 -2.43 -48.74 27.52
CA LYS X 241 -2.95 -49.03 26.19
C LYS X 241 -2.81 -50.52 25.88
N ALA X 242 -3.82 -51.07 25.24
CA ALA X 242 -3.83 -52.50 24.97
C ALA X 242 -2.92 -52.83 23.80
N PRO X 243 -2.14 -53.90 23.89
CA PRO X 243 -1.16 -54.20 22.82
C PRO X 243 -1.74 -54.86 21.58
N ALA X 244 -3.06 -54.96 21.44
CA ALA X 244 -3.62 -55.59 20.26
C ALA X 244 -3.71 -54.58 19.12
N ASN X 245 -4.08 -55.10 17.95
CA ASN X 245 -4.35 -54.33 16.73
C ASN X 245 -3.15 -53.50 16.29
N ILE X 246 -1.99 -54.16 16.19
CA ILE X 246 -0.77 -53.52 15.72
C ILE X 246 -0.05 -54.50 14.80
N ALA X 247 0.54 -53.96 13.74
CA ALA X 247 1.03 -54.78 12.65
C ALA X 247 2.34 -55.47 13.01
N LEU X 248 2.55 -56.66 12.43
CA LEU X 248 3.74 -57.46 12.64
C LEU X 248 4.60 -57.44 11.38
N SER X 249 5.91 -57.38 11.57
CA SER X 249 6.79 -56.96 10.49
C SER X 249 7.16 -58.06 9.51
N GLN X 250 7.86 -59.09 9.97
CA GLN X 250 8.52 -60.01 9.06
C GLN X 250 7.75 -61.28 8.80
N VAL X 251 6.43 -61.28 8.91
CA VAL X 251 5.68 -62.51 8.79
C VAL X 251 4.93 -62.54 7.46
N ILE X 252 4.81 -63.74 6.91
CA ILE X 252 4.03 -63.94 5.69
C ILE X 252 2.59 -64.25 6.04
N ARG X 253 2.37 -65.27 6.87
CA ARG X 253 1.03 -65.74 7.16
C ARG X 253 1.06 -66.52 8.47
N PRO X 254 -0.04 -66.54 9.21
CA PRO X 254 -0.22 -67.58 10.22
C PRO X 254 -0.36 -68.92 9.53
N VAL X 255 0.29 -69.95 10.08
CA VAL X 255 0.34 -71.24 9.39
C VAL X 255 -1.00 -71.95 9.47
N LYS X 256 -1.82 -71.62 10.46
CA LYS X 256 -3.20 -72.07 10.46
C LYS X 256 -4.10 -70.96 9.95
N SER X 257 -5.23 -71.36 9.39
CA SER X 257 -6.20 -70.38 8.91
C SER X 257 -6.83 -69.65 10.07
N TYR X 258 -7.38 -68.47 9.79
CA TYR X 258 -8.05 -67.72 10.84
C TYR X 258 -9.41 -68.30 11.15
N LEU X 259 -10.14 -68.76 10.13
CA LEU X 259 -11.49 -69.28 10.32
C LEU X 259 -11.49 -70.61 11.06
N GLN X 260 -10.38 -71.34 11.04
CA GLN X 260 -10.31 -72.59 11.79
C GLN X 260 -10.23 -72.35 13.29
N GLY X 261 -9.75 -71.18 13.69
CA GLY X 261 -9.58 -70.89 15.10
C GLY X 261 -10.62 -69.96 15.68
N SER X 262 -11.81 -69.92 15.06
CA SER X 262 -12.85 -69.04 15.56
C SER X 262 -13.52 -69.59 16.81
N VAL X 263 -13.22 -70.83 17.19
CA VAL X 263 -13.77 -71.40 18.43
C VAL X 263 -12.81 -71.18 19.59
N LEU X 264 -11.66 -70.54 19.34
CA LEU X 264 -10.72 -70.29 20.41
C LEU X 264 -11.15 -69.14 21.31
N PHE X 265 -11.88 -68.16 20.77
CA PHE X 265 -12.39 -67.07 21.57
C PHE X 265 -13.70 -67.49 22.22
N ASN X 266 -13.79 -67.35 23.54
CA ASN X 266 -15.01 -67.62 24.29
C ASN X 266 -15.26 -66.45 25.22
N SER X 267 -16.43 -65.82 25.11
CA SER X 267 -16.71 -64.65 25.91
C SER X 267 -17.08 -65.03 27.34
N SER X 268 -17.42 -66.28 27.59
CA SER X 268 -17.80 -66.72 28.93
C SER X 268 -16.73 -67.59 29.56
N GLY X 269 -16.01 -68.35 28.75
CA GLY X 269 -14.95 -69.19 29.26
C GLY X 269 -13.59 -68.58 29.09
N THR X 270 -12.59 -69.44 29.02
CA THR X 270 -11.23 -69.00 28.77
C THR X 270 -11.02 -68.69 27.29
N SER X 271 -10.60 -67.46 27.02
CA SER X 271 -10.45 -66.97 25.65
C SER X 271 -8.97 -66.88 25.31
N LEU X 272 -8.63 -67.28 24.10
CA LEU X 272 -7.26 -67.34 23.66
C LEU X 272 -7.05 -66.32 22.53
N ASN X 273 -5.98 -65.55 22.62
CA ASN X 273 -5.76 -64.46 21.68
C ASN X 273 -5.34 -65.00 20.33
N VAL X 274 -5.92 -64.43 19.27
CA VAL X 274 -5.72 -64.94 17.93
C VAL X 274 -4.99 -63.86 17.14
N ILE X 275 -4.25 -64.31 16.12
CA ILE X 275 -3.50 -63.43 15.24
C ILE X 275 -4.14 -63.50 13.87
N ARG X 276 -4.70 -62.38 13.43
CA ARG X 276 -5.55 -62.34 12.25
C ARG X 276 -4.78 -61.76 11.07
N SER X 277 -5.24 -62.05 9.87
CA SER X 277 -4.66 -61.52 8.65
C SER X 277 -5.68 -60.64 7.97
N PHE X 278 -5.48 -59.35 8.02
CA PHE X 278 -6.42 -58.46 7.37
C PHE X 278 -5.92 -58.12 5.98
N PRO X 279 -6.77 -58.20 4.95
CA PRO X 279 -6.32 -57.89 3.58
C PRO X 279 -6.08 -56.40 3.39
N GLY X 280 -4.85 -56.04 3.05
CA GLY X 280 -4.49 -54.65 2.87
C GLY X 280 -4.03 -53.96 4.13
N LYS X 281 -4.09 -54.64 5.28
CA LYS X 281 -3.86 -54.03 6.57
C LYS X 281 -2.81 -54.77 7.38
N GLY X 282 -2.31 -55.89 6.89
CA GLY X 282 -1.21 -56.61 7.52
C GLY X 282 -1.67 -57.72 8.45
N ILE X 283 -0.68 -58.39 9.02
CA ILE X 283 -0.90 -59.39 10.05
C ILE X 283 -0.95 -58.69 11.40
N ARG X 284 -1.99 -58.94 12.18
CA ARG X 284 -2.25 -58.15 13.38
C ARG X 284 -2.53 -59.05 14.57
N VAL X 285 -2.20 -58.56 15.76
CA VAL X 285 -2.67 -59.21 16.98
C VAL X 285 -4.11 -58.81 17.22
N TRP X 286 -4.96 -59.79 17.50
CA TRP X 286 -6.39 -59.56 17.62
C TRP X 286 -6.88 -60.17 18.92
N GLY X 287 -6.97 -59.36 19.95
CA GLY X 287 -7.38 -59.84 21.26
C GLY X 287 -6.34 -59.55 22.31
N CYS X 288 -6.78 -58.96 23.43
CA CYS X 288 -5.93 -58.72 24.59
C CYS X 288 -6.64 -59.30 25.80
N ARG X 289 -6.52 -60.62 25.95
CA ARG X 289 -7.21 -61.34 27.02
C ARG X 289 -6.19 -62.17 27.77
N THR X 290 -6.36 -62.25 29.08
CA THR X 290 -5.58 -63.20 29.84
C THR X 290 -6.28 -64.54 29.85
N LEU X 291 -5.59 -65.57 30.29
CA LEU X 291 -6.23 -66.85 30.55
C LEU X 291 -7.12 -66.64 31.75
N GLU X 292 -8.44 -66.71 31.58
CA GLU X 292 -9.33 -66.33 32.67
C GLU X 292 -10.72 -66.91 32.46
N ASN X 293 -11.34 -67.35 33.54
CA ASN X 293 -12.72 -67.79 33.54
C ASN X 293 -13.53 -66.76 34.31
N THR X 294 -14.32 -65.97 33.59
CA THR X 294 -14.88 -64.73 34.14
C THR X 294 -16.01 -65.02 35.13
N ASP X 295 -15.64 -65.23 36.38
CA ASP X 295 -16.59 -65.19 37.48
C ASP X 295 -16.29 -63.91 38.23
N ASN X 296 -16.82 -62.79 37.69
CA ASN X 296 -16.71 -61.44 38.23
C ASN X 296 -15.26 -60.97 38.38
N THR X 297 -14.38 -61.47 37.53
CA THR X 297 -12.96 -61.23 37.67
C THR X 297 -12.63 -59.81 37.21
N GLN X 298 -11.64 -59.21 37.84
CA GLN X 298 -11.27 -57.85 37.48
C GLN X 298 -10.04 -57.83 36.60
N TRP X 299 -9.23 -58.89 36.64
CA TRP X 299 -8.03 -58.98 35.83
C TRP X 299 -8.36 -59.82 34.60
N ARG X 300 -9.30 -59.31 33.81
CA ARG X 300 -9.72 -59.99 32.59
C ARG X 300 -8.83 -59.67 31.40
N TYR X 301 -8.49 -58.41 31.21
CA TYR X 301 -7.68 -58.02 30.07
C TYR X 301 -6.22 -57.94 30.46
N LEU X 302 -5.36 -58.02 29.44
CA LEU X 302 -3.92 -57.99 29.65
C LEU X 302 -3.46 -56.63 30.15
N GLN X 303 -4.14 -55.58 29.72
CA GLN X 303 -3.71 -54.23 30.07
C GLN X 303 -4.12 -53.87 31.48
N THR X 304 -5.13 -54.53 32.04
CA THR X 304 -5.53 -54.26 33.41
C THR X 304 -4.55 -54.92 34.37
N ARG X 305 -4.07 -56.11 34.03
CA ARG X 305 -3.08 -56.78 34.86
C ARG X 305 -1.74 -56.08 34.79
N ARG X 306 -1.42 -55.46 33.66
CA ARG X 306 -0.14 -54.79 33.54
C ARG X 306 -0.17 -53.38 34.07
N LEU X 307 -1.35 -52.76 34.15
CA LEU X 307 -1.44 -51.43 34.75
C LEU X 307 -1.40 -51.52 36.26
N VAL X 308 -2.13 -52.46 36.84
CA VAL X 308 -2.18 -52.57 38.29
C VAL X 308 -0.85 -53.10 38.82
N SER X 309 -0.09 -53.83 38.01
CA SER X 309 1.24 -54.23 38.42
C SER X 309 2.28 -53.16 38.06
N TYR X 310 1.88 -52.15 37.30
CA TYR X 310 2.75 -51.00 37.08
C TYR X 310 2.65 -50.01 38.24
N VAL X 311 1.52 -49.99 38.95
CA VAL X 311 1.35 -49.06 40.05
C VAL X 311 1.70 -49.71 41.36
N THR X 312 1.87 -51.03 41.39
CA THR X 312 2.57 -51.60 42.53
C THR X 312 4.06 -51.38 42.44
N ALA X 313 4.65 -51.60 41.26
CA ALA X 313 6.09 -51.53 41.13
C ALA X 313 6.58 -50.10 41.02
N HIS X 314 5.70 -49.12 41.02
CA HIS X 314 6.11 -47.73 41.14
C HIS X 314 5.63 -47.09 42.42
N LEU X 315 4.81 -47.77 43.20
CA LEU X 315 4.54 -47.33 44.57
C LEU X 315 5.50 -47.98 45.56
N THR X 316 6.07 -49.14 45.20
CA THR X 316 7.13 -49.70 46.05
C THR X 316 8.40 -48.87 45.91
N GLN X 317 8.62 -48.24 44.77
CA GLN X 317 9.79 -47.39 44.63
C GLN X 317 9.63 -46.09 45.39
N LEU X 318 8.39 -45.71 45.70
CA LEU X 318 8.17 -44.55 46.55
C LEU X 318 8.15 -44.93 48.01
N ALA X 319 7.70 -46.14 48.33
CA ALA X 319 7.60 -46.56 49.72
C ALA X 319 8.92 -47.12 50.23
N ARG X 320 9.82 -47.49 49.32
CA ARG X 320 11.15 -47.91 49.77
C ARG X 320 11.97 -46.75 50.30
N MET X 321 11.63 -45.52 49.94
CA MET X 321 12.54 -44.40 50.17
C MET X 321 12.58 -44.01 51.64
N TYR X 322 11.54 -44.35 52.39
CA TYR X 322 11.44 -44.06 53.82
C TYR X 322 10.98 -45.30 54.58
N VAL X 323 11.64 -46.42 54.32
CA VAL X 323 11.70 -47.52 55.26
C VAL X 323 12.71 -47.07 56.33
N PHE X 324 12.59 -47.60 57.54
CA PHE X 324 13.37 -47.24 58.72
C PHE X 324 13.23 -45.76 59.06
N GLU X 325 12.00 -45.27 59.14
CA GLU X 325 11.68 -43.92 59.54
C GLU X 325 10.85 -43.98 60.83
N PRO X 326 10.71 -42.89 61.59
CA PRO X 326 10.19 -43.00 62.96
C PRO X 326 8.75 -43.49 63.13
N ASN X 327 7.96 -43.65 62.05
CA ASN X 327 6.58 -44.18 62.10
C ASN X 327 5.66 -43.33 62.97
N ASN X 328 5.84 -42.03 62.94
CA ASN X 328 4.95 -41.12 63.65
C ASN X 328 3.84 -40.69 62.70
N GLU X 329 3.07 -39.68 63.07
CA GLU X 329 2.03 -39.15 62.21
C GLU X 329 2.58 -38.29 61.08
N LEU X 330 3.87 -37.95 61.13
CA LEU X 330 4.47 -37.10 60.11
C LEU X 330 4.83 -37.90 58.87
N THR X 331 5.46 -39.06 59.05
CA THR X 331 5.93 -39.82 57.90
C THR X 331 4.82 -40.59 57.19
N TRP X 332 3.58 -40.48 57.64
CA TRP X 332 2.46 -40.99 56.86
C TRP X 332 1.95 -39.92 55.91
N MET X 333 1.93 -38.67 56.38
CA MET X 333 1.51 -37.57 55.51
C MET X 333 2.55 -37.25 54.45
N LYS X 334 3.79 -37.71 54.62
CA LYS X 334 4.75 -37.63 53.53
C LYS X 334 4.63 -38.81 52.58
N LEU X 335 3.92 -39.85 53.00
CA LEU X 335 3.65 -40.99 52.13
C LEU X 335 2.28 -40.85 51.48
N LYS X 336 1.31 -40.32 52.22
CA LYS X 336 0.00 -40.06 51.65
C LYS X 336 0.03 -38.88 50.69
N GLY X 337 1.06 -38.05 50.78
CA GLY X 337 1.16 -36.91 49.89
C GLY X 337 1.92 -37.22 48.62
N GLN X 338 2.96 -38.05 48.72
CA GLN X 338 3.77 -38.36 47.56
C GLN X 338 3.10 -39.38 46.65
N SER X 339 2.26 -40.25 47.21
CA SER X 339 1.57 -41.24 46.39
C SER X 339 0.27 -40.71 45.82
N TYR X 340 -0.37 -39.76 46.51
CA TYR X 340 -1.50 -39.07 45.93
C TYR X 340 -1.06 -38.20 44.76
N ASN X 341 0.13 -37.64 44.84
CA ASN X 341 0.60 -36.75 43.79
C ASN X 341 1.06 -37.53 42.57
N TRP X 342 1.38 -38.80 42.74
CA TRP X 342 1.79 -39.60 41.60
C TRP X 342 0.60 -40.25 40.92
N LEU X 343 -0.37 -40.70 41.71
CA LEU X 343 -1.57 -41.31 41.12
C LEU X 343 -2.42 -40.28 40.40
N ARG X 344 -2.41 -39.04 40.87
CA ARG X 344 -3.06 -37.97 40.11
C ARG X 344 -2.30 -37.67 38.84
N GLN X 345 -0.97 -37.79 38.86
CA GLN X 345 -0.19 -37.58 37.66
C GLN X 345 -0.40 -38.71 36.66
N LEU X 346 -0.72 -39.92 37.13
CA LEU X 346 -1.11 -40.98 36.22
C LEU X 346 -2.56 -40.84 35.77
N TRP X 347 -3.41 -40.24 36.60
CA TRP X 347 -4.80 -40.06 36.22
C TRP X 347 -4.96 -38.99 35.16
N LEU X 348 -4.14 -37.94 35.21
CA LEU X 348 -4.22 -36.88 34.21
C LEU X 348 -3.48 -37.21 32.92
N GLN X 349 -3.03 -38.45 32.74
CA GLN X 349 -2.53 -38.92 31.47
C GLN X 349 -3.55 -39.79 30.75
N GLY X 350 -4.76 -39.88 31.27
CA GLY X 350 -5.76 -40.75 30.70
C GLY X 350 -5.60 -42.19 31.11
N GLY X 351 -5.38 -42.46 32.40
CA GLY X 351 -5.04 -43.78 32.83
C GLY X 351 -5.96 -44.50 33.80
N LEU X 352 -6.93 -43.81 34.41
CA LEU X 352 -7.59 -44.38 35.58
C LEU X 352 -9.11 -44.29 35.61
N TYR X 353 -9.77 -43.84 34.54
CA TYR X 353 -11.25 -43.85 34.43
C TYR X 353 -11.92 -43.04 35.53
N GLY X 354 -11.76 -41.73 35.45
CA GLY X 354 -12.48 -40.88 36.37
C GLY X 354 -12.81 -39.53 35.80
N SER X 355 -13.99 -39.00 36.14
CA SER X 355 -14.31 -37.63 35.77
C SER X 355 -13.80 -36.64 36.80
N GLN X 356 -13.58 -37.10 38.03
CA GLN X 356 -12.94 -36.32 39.08
C GLN X 356 -12.02 -37.25 39.86
N GLU X 357 -11.12 -36.67 40.64
CA GLU X 357 -10.03 -37.46 41.22
C GLU X 357 -10.52 -38.35 42.35
N ASP X 358 -11.66 -38.04 42.96
CA ASP X 358 -12.22 -38.93 43.97
C ASP X 358 -13.01 -40.06 43.34
N GLU X 359 -13.21 -40.02 42.03
CA GLU X 359 -13.84 -41.13 41.32
C GLU X 359 -12.80 -42.08 40.76
N ALA X 360 -11.58 -41.60 40.53
CA ALA X 360 -10.56 -42.42 39.92
C ALA X 360 -9.85 -43.30 40.93
N PHE X 361 -9.45 -42.74 42.06
CA PHE X 361 -8.63 -43.46 43.02
C PHE X 361 -8.86 -42.88 44.41
N ASN X 362 -8.29 -43.56 45.40
CA ASN X 362 -8.39 -43.15 46.80
C ASN X 362 -7.33 -43.90 47.58
N ILE X 363 -6.70 -43.22 48.54
CA ILE X 363 -5.71 -43.82 49.43
C ILE X 363 -6.08 -43.46 50.86
N LEU X 364 -5.75 -44.35 51.79
CA LEU X 364 -6.01 -44.11 53.21
C LEU X 364 -4.85 -44.69 54.01
N LEU X 365 -4.45 -43.99 55.07
CA LEU X 365 -3.24 -44.38 55.78
C LEU X 365 -3.30 -44.22 57.29
N GLY X 366 -4.38 -43.66 57.85
CA GLY X 366 -4.36 -43.19 59.22
C GLY X 366 -4.29 -44.32 60.24
N VAL X 367 -4.08 -43.89 61.50
CA VAL X 367 -3.85 -44.84 62.58
C VAL X 367 -5.16 -45.44 63.06
N ASN X 368 -6.28 -44.87 62.64
CA ASN X 368 -7.57 -45.45 62.96
C ASN X 368 -8.35 -45.86 61.73
N GLU X 369 -7.72 -45.84 60.56
CA GLU X 369 -8.41 -46.19 59.32
C GLU X 369 -7.93 -47.54 58.80
N THR X 370 -6.62 -47.70 58.66
CA THR X 370 -6.05 -48.92 58.13
C THR X 370 -5.35 -49.77 59.17
N MET X 371 -4.60 -49.17 60.08
CA MET X 371 -3.78 -49.93 61.01
C MET X 371 -4.36 -49.87 62.40
N THR X 372 -3.94 -50.80 63.24
CA THR X 372 -4.32 -50.78 64.64
C THR X 372 -3.20 -50.18 65.47
N GLU X 373 -3.43 -50.11 66.78
CA GLU X 373 -2.40 -49.59 67.67
C GLU X 373 -1.28 -50.58 67.90
N ASP X 374 -1.51 -51.86 67.63
CA ASP X 374 -0.44 -52.85 67.74
C ASP X 374 0.42 -52.88 66.48
N ASP X 375 -0.16 -52.52 65.34
CA ASP X 375 0.62 -52.52 64.09
C ASP X 375 1.58 -51.36 64.05
N VAL X 376 1.32 -50.30 64.81
CA VAL X 376 2.34 -49.26 65.00
C VAL X 376 3.41 -49.75 65.95
N ARG X 377 3.03 -50.50 66.99
CA ARG X 377 4.00 -51.06 67.92
C ARG X 377 4.81 -52.16 67.27
N ALA X 378 4.23 -52.90 66.32
CA ALA X 378 5.00 -53.91 65.60
C ALA X 378 5.89 -53.27 64.55
N GLY X 379 5.62 -52.03 64.18
CA GLY X 379 6.44 -51.32 63.24
C GLY X 379 6.04 -51.44 61.79
N LYS X 380 4.76 -51.39 61.47
CA LYS X 380 4.33 -51.51 60.09
C LYS X 380 3.34 -50.41 59.72
N MET X 381 3.43 -49.94 58.48
CA MET X 381 2.45 -49.04 57.90
C MET X 381 1.55 -49.84 56.98
N ILE X 382 0.26 -49.51 56.96
CA ILE X 382 -0.72 -50.17 56.11
C ILE X 382 -1.32 -49.10 55.22
N MET X 383 -1.04 -49.16 53.93
CA MET X 383 -1.62 -48.22 52.97
C MET X 383 -2.63 -48.95 52.12
N LYS X 384 -3.80 -48.35 51.91
CA LYS X 384 -4.89 -48.97 51.16
C LYS X 384 -5.18 -48.16 49.91
N VAL X 385 -4.69 -48.64 48.78
CA VAL X 385 -4.81 -47.94 47.51
C VAL X 385 -5.92 -48.64 46.74
N GLU X 386 -6.99 -47.92 46.46
CA GLU X 386 -7.98 -48.40 45.51
C GLU X 386 -7.91 -47.55 44.25
N LEU X 387 -8.10 -48.19 43.10
CA LEU X 387 -7.97 -47.46 41.84
C LEU X 387 -8.87 -48.10 40.80
N ALA X 388 -9.51 -47.26 40.01
CA ALA X 388 -10.35 -47.70 38.91
C ALA X 388 -9.50 -47.79 37.64
N VAL X 389 -9.92 -48.66 36.73
CA VAL X 389 -9.24 -48.84 35.46
C VAL X 389 -10.25 -48.72 34.33
N LEU X 390 -9.75 -48.80 33.10
CA LEU X 390 -10.53 -48.61 31.89
C LEU X 390 -10.80 -49.92 31.16
N PHE X 391 -11.66 -49.85 30.12
CA PHE X 391 -12.09 -50.98 29.31
C PHE X 391 -11.63 -50.82 27.86
N PRO X 392 -11.35 -51.91 27.14
CA PRO X 392 -10.57 -51.79 25.91
C PRO X 392 -11.35 -51.60 24.62
N ALA X 393 -12.69 -51.62 24.64
CA ALA X 393 -13.55 -51.47 23.45
C ALA X 393 -13.26 -52.56 22.40
N GLU X 394 -13.59 -53.80 22.76
CA GLU X 394 -13.37 -54.90 21.85
C GLU X 394 -14.59 -55.25 21.00
N PHE X 395 -15.80 -54.92 21.43
CA PHE X 395 -16.99 -55.09 20.61
C PHE X 395 -17.58 -53.73 20.29
N ILE X 396 -18.12 -53.59 19.08
CA ILE X 396 -18.77 -52.36 18.63
C ILE X 396 -20.08 -52.73 17.97
N GLU X 397 -21.18 -52.10 18.39
CA GLU X 397 -22.52 -52.48 17.95
C GLU X 397 -23.22 -51.28 17.31
N ILE X 398 -23.53 -51.39 16.03
CA ILE X 398 -24.23 -50.34 15.30
C ILE X 398 -25.73 -50.60 15.42
N SER X 399 -26.55 -49.55 15.45
CA SER X 399 -27.97 -49.75 15.69
C SER X 399 -28.85 -49.38 14.51
N LEU X 400 -28.54 -48.28 13.80
CA LEU X 400 -29.17 -47.92 12.52
C LEU X 400 -30.69 -47.70 12.64
N VAL X 401 -31.06 -46.63 13.35
CA VAL X 401 -32.48 -46.30 13.46
C VAL X 401 -32.80 -45.13 12.53
N PHE X 402 -34.07 -45.06 12.12
CA PHE X 402 -34.55 -44.09 11.15
C PHE X 402 -35.38 -43.02 11.85
N ASN X 403 -35.08 -41.76 11.57
CA ASN X 403 -35.50 -40.66 12.45
C ASN X 403 -36.08 -39.49 11.68
N THR X 404 -37.05 -39.73 10.81
CA THR X 404 -37.88 -38.62 10.34
C THR X 404 -39.06 -38.38 11.25
N GLN X 405 -39.16 -39.14 12.35
CA GLN X 405 -40.21 -38.92 13.31
C GLN X 405 -40.04 -37.59 14.02
N THR X 406 -38.80 -37.24 14.37
CA THR X 406 -38.53 -36.14 15.30
C THR X 406 -38.05 -34.88 14.57
N GLU X 407 -38.26 -34.79 13.26
CA GLU X 407 -37.87 -33.57 12.54
C GLU X 407 -38.75 -32.40 12.93
N ALA X 408 -39.98 -32.68 13.37
CA ALA X 408 -40.80 -31.82 14.22
C ALA X 408 -41.30 -30.55 13.52
N LEU X 409 -41.43 -30.58 12.19
CA LEU X 409 -41.98 -29.50 11.35
C LEU X 409 -41.28 -28.17 11.59
N SER X 410 -39.96 -28.21 11.40
CA SER X 410 -39.01 -27.10 11.66
C SER X 410 -39.15 -26.56 13.08
N LEU Y 3 46.35 6.26 19.63
CA LEU Y 3 47.71 5.75 19.65
C LEU Y 3 48.72 6.88 19.67
N ILE Y 4 48.78 7.63 18.56
CA ILE Y 4 49.70 8.76 18.47
C ILE Y 4 49.13 9.97 19.20
N GLU Y 5 47.90 10.34 18.87
CA GLU Y 5 47.29 11.51 19.47
C GLU Y 5 45.88 11.17 19.93
N ARG Y 6 45.19 12.18 20.44
CA ARG Y 6 43.84 12.03 20.96
C ARG Y 6 43.05 13.26 20.57
N GLY Y 7 42.33 13.19 19.46
CA GLY Y 7 41.54 14.33 18.99
C GLY Y 7 40.42 13.88 18.08
N LEU Y 8 39.34 14.65 18.03
CA LEU Y 8 38.18 14.25 17.24
C LEU Y 8 38.46 14.33 15.74
N ALA Y 9 38.21 13.24 15.05
CA ALA Y 9 38.06 13.24 13.61
C ALA Y 9 36.62 13.60 13.29
N LYS Y 10 36.44 14.49 12.32
CA LYS Y 10 35.10 14.98 12.04
C LYS Y 10 34.70 14.66 10.60
N LEU Y 11 33.39 14.57 10.40
CA LEU Y 11 32.82 14.20 9.12
C LEU Y 11 33.04 15.30 8.11
N THR Y 12 33.55 14.95 6.93
CA THR Y 12 33.71 15.88 5.84
C THR Y 12 33.04 15.31 4.61
N ILE Y 13 32.27 16.14 3.91
CA ILE Y 13 31.62 15.74 2.67
C ILE Y 13 32.22 16.58 1.55
N ASN Y 14 33.01 15.95 0.69
CA ASN Y 14 33.63 16.62 -0.43
C ASN Y 14 32.81 16.34 -1.68
N ALA Y 15 32.35 17.40 -2.34
CA ALA Y 15 31.57 17.28 -3.55
C ALA Y 15 32.50 17.37 -4.75
N TYR Y 16 32.39 16.42 -5.67
CA TYR Y 16 33.14 16.42 -6.89
C TYR Y 16 32.19 16.58 -8.06
N LYS Y 17 32.63 17.25 -9.13
CA LYS Y 17 31.76 17.47 -10.27
C LYS Y 17 31.67 16.22 -11.15
N ASP Y 18 32.71 15.39 -11.15
CA ASP Y 18 32.76 14.20 -11.97
C ASP Y 18 32.79 12.94 -11.12
N ARG Y 19 32.56 11.80 -11.76
CA ARG Y 19 32.54 10.54 -11.05
C ARG Y 19 33.92 10.09 -10.58
N GLU Y 20 34.97 10.39 -11.35
CA GLU Y 20 36.28 9.86 -11.05
C GLU Y 20 36.89 10.53 -9.84
N GLY Y 21 36.50 11.77 -9.55
CA GLY Y 21 37.02 12.48 -8.42
C GLY Y 21 38.13 13.45 -8.74
N LYS Y 22 38.09 14.11 -9.89
CA LYS Y 22 39.20 14.95 -10.32
C LYS Y 22 38.92 16.43 -10.09
N ILE Y 23 37.72 16.88 -10.39
CA ILE Y 23 37.30 18.25 -10.14
C ILE Y 23 36.69 18.34 -8.76
N ARG Y 24 36.98 19.42 -8.05
CA ARG Y 24 36.45 19.64 -6.71
C ARG Y 24 35.42 20.75 -6.73
N ALA Y 25 34.32 20.55 -6.01
CA ALA Y 25 33.24 21.52 -5.98
C ALA Y 25 33.05 22.18 -4.62
N GLY Y 26 33.73 21.71 -3.59
CA GLY Y 26 33.63 22.33 -2.29
C GLY Y 26 33.46 21.28 -1.21
N THR Y 27 33.82 21.68 0.01
CA THR Y 27 33.78 20.79 1.16
C THR Y 27 32.78 21.31 2.18
N LEU Y 28 32.47 20.45 3.15
CA LEU Y 28 31.68 20.84 4.30
C LEU Y 28 32.07 19.94 5.47
N GLN Y 29 32.64 20.51 6.52
CA GLN Y 29 32.98 19.74 7.71
C GLN Y 29 31.83 19.87 8.69
N ALA Y 30 31.47 18.75 9.32
CA ALA Y 30 30.34 18.76 10.24
C ALA Y 30 30.71 19.44 11.55
N MET Y 31 29.72 20.07 12.18
CA MET Y 31 29.94 20.65 13.51
C MET Y 31 30.10 19.56 14.56
N TYR Y 32 29.06 18.76 14.74
CA TYR Y 32 29.12 17.54 15.54
C TYR Y 32 28.93 16.34 14.63
N ASN Y 33 29.64 15.26 14.94
CA ASN Y 33 29.55 14.06 14.13
C ASN Y 33 28.17 13.41 14.28
N PRO Y 34 27.77 12.56 13.34
CA PRO Y 34 26.55 11.78 13.53
C PRO Y 34 26.70 10.78 14.66
N ASP Y 35 25.58 10.45 15.29
CA ASP Y 35 25.59 9.42 16.32
C ASP Y 35 25.75 8.04 15.70
N SER Y 36 25.03 7.77 14.61
CA SER Y 36 25.00 6.45 14.01
C SER Y 36 25.03 6.55 12.50
N LEU Y 37 25.58 5.52 11.87
CA LEU Y 37 25.65 5.43 10.42
C LEU Y 37 25.07 4.10 9.99
N GLN Y 38 24.04 4.14 9.15
CA GLN Y 38 23.32 2.94 8.74
C GLN Y 38 23.54 2.73 7.24
N LEU Y 39 24.15 1.60 6.89
CA LEU Y 39 24.38 1.21 5.51
C LEU Y 39 23.43 0.07 5.15
N ASP Y 40 22.68 0.23 4.07
CA ASP Y 40 21.68 -0.74 3.67
C ASP Y 40 22.01 -1.26 2.28
N TYR Y 41 22.25 -2.56 2.18
CA TYR Y 41 22.47 -3.22 0.90
C TYR Y 41 21.23 -4.02 0.54
N GLN Y 42 21.12 -4.39 -0.73
CA GLN Y 42 19.96 -5.14 -1.19
C GLN Y 42 20.29 -5.80 -2.53
N THR Y 43 19.79 -7.01 -2.73
CA THR Y 43 19.96 -7.75 -3.96
C THR Y 43 18.62 -8.37 -4.35
N ASP Y 44 18.33 -8.37 -5.65
CA ASP Y 44 17.07 -8.89 -6.16
C ASP Y 44 17.29 -10.27 -6.76
N TYR Y 45 16.47 -11.23 -6.35
CA TYR Y 45 16.53 -12.59 -6.86
C TYR Y 45 15.14 -12.97 -7.38
N GLN Y 46 15.09 -13.49 -8.59
CA GLN Y 46 13.84 -13.97 -9.15
C GLN Y 46 13.87 -15.49 -9.19
N GLN Y 47 12.78 -16.11 -8.74
CA GLN Y 47 12.73 -17.57 -8.70
C GLN Y 47 12.20 -18.11 -10.01
N SER Y 48 12.95 -19.05 -10.59
CA SER Y 48 12.61 -19.61 -11.89
C SER Y 48 11.45 -20.57 -11.76
N GLN Y 49 10.40 -20.35 -12.55
CA GLN Y 49 9.27 -21.26 -12.64
C GLN Y 49 9.44 -22.18 -13.83
N ALA Y 50 9.09 -23.44 -13.64
CA ALA Y 50 9.20 -24.44 -14.69
C ALA Y 50 8.07 -25.44 -14.52
N ILE Y 51 7.55 -25.92 -15.65
CA ILE Y 51 6.40 -26.80 -15.60
C ILE Y 51 6.81 -28.21 -15.16
N ASN Y 52 7.96 -28.67 -15.64
CA ASN Y 52 8.36 -30.06 -15.39
C ASN Y 52 8.80 -30.26 -13.95
N SER Y 53 9.87 -29.59 -13.54
CA SER Y 53 10.57 -29.90 -12.31
C SER Y 53 10.07 -29.03 -11.17
N GLU Y 54 10.43 -29.44 -9.95
CA GLU Y 54 10.14 -28.70 -8.73
C GLU Y 54 11.37 -28.34 -7.95
N LYS Y 55 12.50 -28.12 -8.62
CA LYS Y 55 13.71 -27.71 -7.93
C LYS Y 55 13.65 -26.23 -7.58
N GLN Y 56 13.95 -25.91 -6.33
CA GLN Y 56 13.93 -24.53 -5.85
C GLN Y 56 15.27 -23.89 -6.18
N SER Y 57 15.29 -23.02 -7.19
CA SER Y 57 16.52 -22.40 -7.65
C SER Y 57 16.21 -20.99 -8.11
N SER Y 58 16.66 -19.99 -7.37
CA SER Y 58 16.39 -18.59 -7.66
C SER Y 58 17.60 -17.98 -8.35
N ILE Y 59 17.35 -17.34 -9.49
CA ILE Y 59 18.41 -16.73 -10.28
C ILE Y 59 18.72 -15.34 -9.74
N TYR Y 60 19.81 -14.75 -10.20
CA TYR Y 60 20.26 -13.45 -9.75
C TYR Y 60 19.90 -12.40 -10.79
N VAL Y 61 19.27 -11.32 -10.35
CA VAL Y 61 18.79 -10.27 -11.25
C VAL Y 61 19.68 -9.04 -11.18
N GLN Y 62 19.77 -8.42 -10.02
CA GLN Y 62 20.50 -7.16 -9.89
C GLN Y 62 20.90 -6.94 -8.45
N ALA Y 63 22.06 -6.31 -8.27
CA ALA Y 63 22.54 -5.92 -6.95
C ALA Y 63 22.34 -4.43 -6.83
N LYS Y 64 21.36 -4.02 -6.03
CA LYS Y 64 21.05 -2.63 -5.84
C LYS Y 64 22.20 -1.92 -5.12
N PRO Y 65 22.42 -0.63 -5.40
CA PRO Y 65 23.54 0.06 -4.78
C PRO Y 65 23.30 0.32 -3.31
N ALA Y 66 24.40 0.59 -2.59
CA ALA Y 66 24.35 0.83 -1.17
C ALA Y 66 23.72 2.17 -0.87
N GLY Y 67 23.21 2.31 0.33
CA GLY Y 67 22.58 3.55 0.78
C GLY Y 67 22.99 3.89 2.19
N LEU Y 68 23.69 5.01 2.35
CA LEU Y 68 24.10 5.51 3.65
C LEU Y 68 23.10 6.53 4.13
N SER Y 69 22.76 6.46 5.41
CA SER Y 69 21.77 7.35 5.99
C SER Y 69 22.35 7.88 7.30
N LEU Y 70 22.66 9.15 7.34
CA LEU Y 70 23.22 9.80 8.51
C LEU Y 70 22.41 11.05 8.82
N GLU Y 71 22.37 11.42 10.09
CA GLU Y 71 21.77 12.68 10.49
C GLU Y 71 22.82 13.56 11.11
N LEU Y 72 22.68 14.87 10.93
CA LEU Y 72 23.57 15.84 11.51
C LEU Y 72 22.76 16.85 12.31
N ILE Y 73 23.44 17.61 13.15
CA ILE Y 73 22.81 18.74 13.82
C ILE Y 73 23.76 19.93 13.67
N PHE Y 74 23.17 21.11 13.47
CA PHE Y 74 23.91 22.36 13.44
C PHE Y 74 23.33 23.26 14.51
N ASP Y 75 24.17 24.09 15.11
CA ASP Y 75 23.74 24.87 16.25
C ASP Y 75 24.45 26.21 16.30
N ALA Y 76 23.77 27.22 16.81
CA ALA Y 76 24.38 28.50 17.11
C ALA Y 76 23.93 29.07 18.44
N THR Y 77 23.26 28.28 19.29
CA THR Y 77 22.85 28.77 20.59
C THR Y 77 24.04 28.88 21.53
N MET Y 78 24.90 27.87 21.51
CA MET Y 78 25.94 27.67 22.50
C MET Y 78 27.01 28.74 22.40
N PRO Y 79 27.76 28.98 23.47
CA PRO Y 79 28.81 30.00 23.39
C PRO Y 79 30.05 29.54 22.65
N GLY Y 80 30.26 28.23 22.49
CA GLY Y 80 31.47 27.75 21.86
C GLY Y 80 31.48 27.95 20.35
N ASN Y 81 30.32 27.91 19.72
CA ASN Y 81 30.21 27.93 18.27
C ASN Y 81 29.60 29.25 17.78
N LYS Y 82 30.17 29.79 16.72
CA LYS Y 82 29.77 31.10 16.21
C LYS Y 82 29.52 31.13 14.71
N THR Y 83 29.77 30.05 13.99
CA THR Y 83 29.46 30.02 12.57
C THR Y 83 27.96 29.93 12.38
N PRO Y 84 27.35 30.82 11.60
CA PRO Y 84 25.89 30.82 11.47
C PRO Y 84 25.40 29.65 10.63
N ILE Y 85 24.14 29.29 10.87
CA ILE Y 85 23.59 28.12 10.22
C ILE Y 85 23.12 28.44 8.80
N GLU Y 86 22.88 29.72 8.48
CA GLU Y 86 22.65 30.08 7.08
C GLU Y 86 23.88 29.85 6.23
N GLU Y 87 25.07 29.98 6.80
CA GLU Y 87 26.30 29.76 6.05
C GLU Y 87 26.51 28.27 5.80
N GLN Y 88 26.17 27.44 6.78
CA GLN Y 88 26.45 26.01 6.66
C GLN Y 88 25.36 25.29 5.88
N LEU Y 89 24.12 25.76 5.97
CA LEU Y 89 23.05 25.13 5.20
C LEU Y 89 23.09 25.56 3.75
N MET Y 90 23.67 26.72 3.46
CA MET Y 90 23.92 27.09 2.08
C MET Y 90 25.05 26.23 1.50
N GLN Y 91 26.02 25.87 2.34
CA GLN Y 91 27.12 25.04 1.89
C GLN Y 91 26.69 23.61 1.70
N LEU Y 92 25.70 23.16 2.47
CA LEU Y 92 25.25 21.77 2.37
C LEU Y 92 24.30 21.57 1.21
N LYS Y 93 23.44 22.55 0.92
CA LYS Y 93 22.54 22.42 -0.21
C LYS Y 93 23.27 22.58 -1.53
N GLN Y 94 24.44 23.21 -1.52
CA GLN Y 94 25.23 23.30 -2.74
C GLN Y 94 25.97 22.01 -3.06
N LEU Y 95 25.85 20.99 -2.21
CA LEU Y 95 26.39 19.68 -2.55
C LEU Y 95 25.29 18.77 -3.08
N CYS Y 96 24.06 18.95 -2.60
CA CYS Y 96 22.89 18.25 -3.14
C CYS Y 96 22.24 19.15 -4.18
N SER Y 97 22.99 19.46 -5.21
CA SER Y 97 22.57 20.49 -6.14
C SER Y 97 22.93 20.11 -7.56
N VAL Y 98 22.09 20.54 -8.50
CA VAL Y 98 22.31 20.26 -9.91
C VAL Y 98 23.46 21.14 -10.40
N ASP Y 99 24.57 20.51 -10.74
CA ASP Y 99 25.72 21.24 -11.23
C ASP Y 99 25.45 21.76 -12.63
N ALA Y 100 25.68 23.05 -12.86
CA ALA Y 100 25.39 23.62 -14.16
C ALA Y 100 26.42 23.26 -15.21
N THR Y 101 27.57 22.75 -14.81
CA THR Y 101 28.58 22.33 -15.78
C THR Y 101 28.20 21.01 -16.43
N SER Y 102 27.75 20.05 -15.63
CA SER Y 102 27.51 18.69 -16.09
C SER Y 102 26.03 18.33 -16.18
N ASN Y 103 25.14 19.24 -15.77
CA ASN Y 103 23.69 19.07 -15.77
C ASN Y 103 23.21 17.87 -14.93
N GLU Y 104 24.02 17.44 -13.97
CA GLU Y 104 23.63 16.39 -13.03
C GLU Y 104 23.87 16.91 -11.63
N THR Y 105 23.65 16.04 -10.65
CA THR Y 105 24.04 16.38 -9.29
C THR Y 105 25.53 16.09 -9.10
N ARG Y 106 26.06 16.54 -7.98
CA ARG Y 106 27.48 16.38 -7.70
C ARG Y 106 27.73 15.11 -6.92
N PHE Y 107 28.97 14.64 -6.99
CA PHE Y 107 29.36 13.36 -6.41
C PHE Y 107 29.98 13.61 -5.04
N LEU Y 108 29.39 13.06 -4.00
CA LEU Y 108 29.86 13.33 -2.66
C LEU Y 108 30.79 12.23 -2.20
N GLN Y 109 31.71 12.59 -1.31
CA GLN Y 109 32.63 11.63 -0.71
C GLN Y 109 32.67 11.89 0.78
N VAL Y 110 31.83 11.20 1.52
CA VAL Y 110 31.80 11.26 2.98
C VAL Y 110 32.97 10.46 3.50
N LYS Y 111 33.76 11.06 4.38
CA LYS Y 111 34.87 10.36 5.03
C LYS Y 111 35.12 10.98 6.37
N TRP Y 112 35.49 10.15 7.36
CA TRP Y 112 36.04 10.64 8.61
C TRP Y 112 36.82 9.56 9.34
N GLY Y 113 38.05 9.88 9.69
CA GLY Y 113 38.90 9.06 10.52
C GLY Y 113 39.33 7.78 9.83
N LYS Y 114 39.50 6.75 10.65
CA LYS Y 114 39.86 5.44 10.16
C LYS Y 114 38.66 4.57 9.89
N MET Y 115 37.54 5.16 9.51
CA MET Y 115 36.36 4.38 9.20
C MET Y 115 36.36 4.00 7.72
N ARG Y 116 36.60 2.73 7.44
CA ARG Y 116 36.48 2.20 6.10
C ARG Y 116 35.02 1.83 5.89
N TRP Y 117 34.47 2.25 4.75
CA TRP Y 117 33.05 1.98 4.45
C TRP Y 117 32.97 0.73 3.57
N GLU Y 118 33.39 -0.38 4.18
CA GLU Y 118 33.58 -1.68 3.53
C GLU Y 118 34.60 -1.57 2.38
N SER Y 119 35.85 -1.33 2.82
CA SER Y 119 37.08 -1.37 2.03
C SER Y 119 37.24 -0.17 1.10
N ARG Y 120 36.62 0.95 1.41
CA ARG Y 120 36.93 2.22 0.81
C ARG Y 120 37.06 3.25 1.93
N GLY Y 121 38.03 4.14 1.79
CA GLY Y 121 38.22 5.15 2.82
C GLY Y 121 37.13 6.20 2.84
N TYR Y 122 36.35 6.28 1.79
CA TYR Y 122 35.30 7.27 1.62
C TYR Y 122 34.01 6.57 1.22
N PHE Y 123 32.90 7.29 1.27
CA PHE Y 123 31.65 6.77 0.73
C PHE Y 123 31.29 7.60 -0.49
N ALA Y 124 31.66 7.13 -1.66
CA ALA Y 124 31.39 7.83 -2.90
C ALA Y 124 29.94 7.58 -3.27
N GLY Y 125 29.17 8.65 -3.42
CA GLY Y 125 27.78 8.53 -3.83
C GLY Y 125 27.13 9.90 -3.84
N ARG Y 126 25.94 9.95 -4.40
CA ARG Y 126 25.22 11.21 -4.48
C ARG Y 126 24.04 11.22 -3.52
N ALA Y 127 23.55 12.43 -3.23
CA ALA Y 127 22.50 12.64 -2.23
C ALA Y 127 21.15 12.32 -2.84
N LYS Y 128 20.44 11.38 -2.22
CA LYS Y 128 19.13 10.97 -2.72
C LYS Y 128 18.03 11.77 -2.05
N SER Y 129 18.25 12.22 -0.82
CA SER Y 129 17.28 13.00 -0.08
C SER Y 129 18.00 13.89 0.91
N LEU Y 130 17.25 14.82 1.50
CA LEU Y 130 17.80 15.80 2.42
C LEU Y 130 16.61 16.41 3.15
N SER Y 131 16.71 16.52 4.47
CA SER Y 131 15.52 16.84 5.24
C SER Y 131 15.89 17.78 6.37
N VAL Y 132 15.80 19.09 6.14
CA VAL Y 132 16.15 20.09 7.13
C VAL Y 132 14.94 20.28 8.03
N ASN Y 133 15.17 20.32 9.34
CA ASN Y 133 14.10 20.49 10.32
C ASN Y 133 14.52 21.61 11.26
N TYR Y 134 14.15 22.84 10.91
CA TYR Y 134 14.50 23.99 11.72
C TYR Y 134 13.70 24.00 13.00
N THR Y 135 14.39 24.12 14.12
CA THR Y 135 13.72 24.38 15.38
C THR Y 135 14.52 25.43 16.13
N LEU Y 136 13.84 26.10 17.06
CA LEU Y 136 14.43 27.05 18.00
C LEU Y 136 15.10 28.22 17.27
N PHE Y 137 14.25 29.04 16.67
CA PHE Y 137 14.73 30.28 16.08
C PHE Y 137 15.00 31.30 17.16
N ASP Y 138 15.85 32.26 16.84
CA ASP Y 138 15.91 33.48 17.63
C ASP Y 138 14.71 34.35 17.28
N ARG Y 139 14.51 35.42 18.06
CA ARG Y 139 13.43 36.34 17.71
C ARG Y 139 13.82 37.29 16.60
N ASP Y 140 15.04 37.21 16.13
CA ASP Y 140 15.49 37.80 14.89
C ASP Y 140 15.20 36.88 13.72
N ALA Y 141 14.61 35.71 14.00
CA ALA Y 141 14.30 34.61 13.11
C ALA Y 141 15.53 33.97 12.51
N THR Y 142 16.70 34.15 13.09
CA THR Y 142 17.83 33.30 12.74
C THR Y 142 17.67 31.95 13.42
N PRO Y 143 17.77 30.86 12.69
CA PRO Y 143 17.67 29.55 13.34
C PRO Y 143 18.90 29.24 14.15
N LEU Y 144 18.68 28.62 15.30
CA LEU Y 144 19.75 28.25 16.20
C LEU Y 144 19.90 26.75 16.35
N ARG Y 145 19.03 25.95 15.75
CA ARG Y 145 19.15 24.50 15.77
C ARG Y 145 18.54 23.95 14.49
N VAL Y 146 19.22 23.00 13.87
CA VAL Y 146 18.85 22.47 12.57
C VAL Y 146 19.22 21.00 12.59
N ARG Y 147 18.29 20.12 12.21
CA ARG Y 147 18.53 18.69 12.25
C ARG Y 147 18.36 18.10 10.85
N VAL Y 148 19.47 18.05 10.10
CA VAL Y 148 19.47 17.55 8.73
C VAL Y 148 19.50 16.03 8.76
N ILE Y 149 18.76 15.40 7.86
CA ILE Y 149 18.85 13.96 7.64
C ILE Y 149 19.24 13.72 6.20
N LEU Y 150 20.46 13.23 5.99
CA LEU Y 150 20.97 12.93 4.67
C LEU Y 150 20.68 11.49 4.31
N ALA Y 151 20.43 11.25 3.02
CA ALA Y 151 20.29 9.90 2.50
C ALA Y 151 21.04 9.85 1.19
N LEU Y 152 22.08 9.04 1.13
CA LEU Y 152 22.93 8.93 -0.05
C LEU Y 152 22.68 7.59 -0.70
N VAL Y 153 23.08 7.47 -1.96
CA VAL Y 153 23.05 6.21 -2.69
C VAL Y 153 24.38 6.08 -3.41
N ALA Y 154 24.92 4.87 -3.47
CA ALA Y 154 26.32 4.70 -3.84
C ALA Y 154 26.52 4.79 -5.35
N ASP Y 155 27.29 5.77 -5.78
CA ASP Y 155 27.77 5.87 -7.16
C ASP Y 155 29.29 5.91 -7.16
N GLU Y 156 29.91 4.77 -7.39
CA GLU Y 156 31.36 4.62 -7.30
C GLU Y 156 31.94 4.78 -8.71
N SER Y 157 33.23 5.11 -8.76
CA SER Y 157 33.89 5.32 -10.04
C SER Y 157 34.01 4.01 -10.81
N LEU Y 158 34.06 4.13 -12.14
CA LEU Y 158 34.11 2.95 -13.00
C LEU Y 158 35.53 2.46 -13.24
N VAL Y 159 36.52 3.36 -13.18
CA VAL Y 159 37.89 2.94 -13.41
C VAL Y 159 38.46 2.26 -12.16
N LEU Y 160 37.80 2.44 -11.01
CA LEU Y 160 38.12 1.62 -9.86
C LEU Y 160 37.52 0.23 -9.99
N GLN Y 161 36.27 0.13 -10.45
CA GLN Y 161 35.60 -1.15 -10.54
C GLN Y 161 36.03 -1.96 -11.75
N GLU Y 162 36.70 -1.32 -12.72
CA GLU Y 162 37.27 -2.09 -13.82
C GLU Y 162 38.46 -2.92 -13.34
N THR Y 163 39.21 -2.41 -12.37
CA THR Y 163 40.42 -3.10 -11.97
C THR Y 163 40.23 -3.99 -10.76
N GLU Y 164 39.05 -3.99 -10.14
CA GLU Y 164 38.80 -5.04 -9.15
C GLU Y 164 38.41 -6.33 -9.81
N GLN Y 165 37.79 -6.28 -10.99
CA GLN Y 165 37.45 -7.49 -11.71
C GLN Y 165 38.69 -8.18 -12.26
N ASN Y 166 39.72 -7.41 -12.58
CA ASN Y 166 40.90 -8.01 -13.19
C ASN Y 166 41.78 -8.68 -12.15
N LEU Y 167 41.76 -8.20 -10.92
CA LEU Y 167 42.53 -8.88 -9.88
C LEU Y 167 41.75 -10.06 -9.29
N GLN Y 168 40.44 -10.09 -9.48
CA GLN Y 168 39.65 -11.21 -8.98
C GLN Y 168 39.62 -12.35 -9.97
N SER Y 169 39.38 -12.05 -11.25
CA SER Y 169 39.40 -13.04 -12.33
C SER Y 169 40.31 -12.52 -13.43
N PRO Y 170 41.59 -12.85 -13.40
CA PRO Y 170 42.51 -12.33 -14.41
C PRO Y 170 42.36 -13.06 -15.72
N ALA Y 171 42.93 -12.47 -16.77
CA ALA Y 171 42.89 -13.11 -18.08
C ALA Y 171 43.92 -14.21 -18.19
N LYS Y 172 45.05 -14.08 -17.50
CA LYS Y 172 46.13 -15.05 -17.56
C LYS Y 172 46.51 -15.49 -16.15
N ILE Y 173 46.75 -16.78 -15.98
CA ILE Y 173 47.11 -17.38 -14.70
C ILE Y 173 48.43 -18.10 -14.89
N ALA Y 174 49.30 -18.03 -13.88
CA ALA Y 174 50.44 -18.92 -13.77
C ALA Y 174 50.26 -19.78 -12.53
N LEU Y 175 50.58 -21.07 -12.65
CA LEU Y 175 50.30 -22.05 -11.59
C LEU Y 175 51.57 -22.80 -11.27
N ARG Y 176 51.81 -23.05 -9.99
CA ARG Y 176 52.92 -23.89 -9.58
C ARG Y 176 52.43 -25.29 -9.28
N ILE Y 177 52.99 -26.29 -9.95
CA ILE Y 177 52.65 -27.69 -9.78
C ILE Y 177 53.21 -28.18 -8.45
N GLN Y 178 52.56 -29.18 -7.84
CA GLN Y 178 53.07 -29.78 -6.59
C GLN Y 178 52.79 -31.28 -6.52
N ASP Y 179 53.78 -32.07 -6.94
CA ASP Y 179 54.00 -33.47 -6.55
C ASP Y 179 52.81 -34.38 -6.88
N GLY Y 180 52.63 -34.61 -8.17
CA GLY Y 180 51.78 -35.71 -8.56
C GLY Y 180 50.31 -35.37 -8.58
N VAL Y 181 50.00 -34.09 -8.74
CA VAL Y 181 48.69 -33.67 -9.20
C VAL Y 181 48.70 -33.86 -10.71
N SER Y 182 47.64 -34.44 -11.24
CA SER Y 182 47.63 -34.71 -12.66
C SER Y 182 47.21 -33.47 -13.44
N LEU Y 183 47.34 -33.56 -14.76
CA LEU Y 183 46.88 -32.45 -15.59
C LEU Y 183 45.36 -32.39 -15.61
N ALA Y 184 44.69 -33.52 -15.42
CA ALA Y 184 43.24 -33.51 -15.28
C ALA Y 184 42.81 -32.88 -13.96
N LEU Y 185 43.64 -33.02 -12.93
CA LEU Y 185 43.34 -32.43 -11.64
C LEU Y 185 43.71 -30.96 -11.58
N MET Y 186 44.79 -30.58 -12.24
CA MET Y 186 45.26 -29.19 -12.22
C MET Y 186 44.40 -28.29 -13.08
N ALA Y 187 43.80 -28.82 -14.14
CA ALA Y 187 42.94 -28.00 -14.99
C ALA Y 187 41.56 -27.80 -14.38
N ALA Y 188 41.24 -28.56 -13.32
CA ALA Y 188 40.03 -28.26 -12.56
C ALA Y 188 40.27 -27.14 -11.57
N SER Y 189 41.50 -27.01 -11.08
CA SER Y 189 41.85 -25.92 -10.17
C SER Y 189 41.91 -24.56 -10.87
N THR Y 190 41.99 -24.55 -12.20
CA THR Y 190 41.92 -23.29 -12.92
C THR Y 190 40.51 -22.74 -12.94
N ALA Y 191 39.50 -23.59 -12.80
CA ALA Y 191 38.11 -23.16 -12.86
C ALA Y 191 37.68 -22.35 -11.65
N SER Y 192 38.53 -22.27 -10.62
CA SER Y 192 38.25 -21.38 -9.50
C SER Y 192 38.27 -19.92 -9.91
N THR Y 193 39.17 -19.56 -10.83
CA THR Y 193 39.39 -18.17 -11.19
C THR Y 193 39.60 -17.96 -12.70
N LEU Y 194 38.91 -18.74 -13.54
CA LEU Y 194 39.05 -18.52 -14.97
C LEU Y 194 37.71 -18.65 -15.71
N SER Y 195 36.58 -18.61 -14.99
CA SER Y 195 35.23 -18.59 -15.56
C SER Y 195 34.97 -19.80 -16.45
N GLY Y 196 35.10 -20.98 -15.86
CA GLY Y 196 35.07 -22.18 -16.63
C GLY Y 196 36.51 -22.52 -16.98
N GLY Y 197 37.04 -23.59 -16.39
CA GLY Y 197 38.45 -23.88 -16.52
C GLY Y 197 38.84 -24.29 -17.92
N VAL Y 198 40.12 -24.13 -18.23
CA VAL Y 198 40.64 -24.61 -19.50
C VAL Y 198 40.60 -26.13 -19.51
N ASP Y 199 40.30 -26.69 -20.68
CA ASP Y 199 40.31 -28.13 -20.83
C ASP Y 199 41.72 -28.67 -20.67
N TYR Y 200 41.82 -29.95 -20.30
CA TYR Y 200 43.12 -30.51 -19.99
C TYR Y 200 43.96 -30.73 -21.25
N LEU Y 201 43.34 -30.67 -22.43
CA LEU Y 201 44.11 -30.65 -23.66
C LEU Y 201 44.57 -29.25 -24.00
N THR Y 202 43.65 -28.29 -23.97
CA THR Y 202 43.97 -26.91 -24.29
C THR Y 202 44.83 -26.24 -23.23
N LEU Y 203 44.96 -26.85 -22.05
CA LEU Y 203 45.97 -26.40 -21.11
C LEU Y 203 47.34 -26.93 -21.52
N ALA Y 204 47.38 -28.17 -22.03
CA ALA Y 204 48.64 -28.76 -22.46
C ALA Y 204 49.14 -28.18 -23.78
N TRP Y 205 48.23 -27.67 -24.62
CA TRP Y 205 48.66 -27.08 -25.87
C TRP Y 205 49.27 -25.71 -25.67
N GLN Y 206 48.74 -24.94 -24.72
CA GLN Y 206 49.22 -23.57 -24.51
C GLN Y 206 50.59 -23.55 -23.88
N ASN Y 207 50.86 -24.46 -22.95
CA ASN Y 207 52.18 -24.56 -22.35
C ASN Y 207 53.19 -25.25 -23.24
N GLY Y 208 52.74 -25.86 -24.34
CA GLY Y 208 53.65 -26.58 -25.20
C GLY Y 208 54.13 -27.87 -24.59
N LEU Y 209 53.23 -28.62 -23.96
CA LEU Y 209 53.63 -29.84 -23.29
C LEU Y 209 53.93 -30.93 -24.30
N ASP Y 210 55.06 -31.62 -24.09
CA ASP Y 210 55.43 -32.72 -24.97
C ASP Y 210 54.56 -33.94 -24.70
N ASN Y 211 53.93 -33.99 -23.53
CA ASN Y 211 53.22 -35.14 -23.04
C ASN Y 211 52.12 -34.65 -22.11
N LEU Y 212 51.13 -35.50 -21.84
CA LEU Y 212 50.12 -35.07 -20.87
C LEU Y 212 50.65 -35.15 -19.46
N ASN Y 213 51.58 -36.05 -19.19
CA ASN Y 213 52.25 -36.14 -17.90
C ASN Y 213 53.69 -35.68 -17.99
N GLY Y 214 54.02 -34.89 -19.00
CA GLY Y 214 55.38 -34.44 -19.19
C GLY Y 214 55.70 -33.12 -18.53
N PHE Y 215 55.38 -33.01 -17.25
CA PHE Y 215 55.75 -31.85 -16.46
C PHE Y 215 56.48 -32.33 -15.21
N VAL Y 216 57.53 -31.62 -14.83
CA VAL Y 216 58.17 -31.88 -13.54
C VAL Y 216 57.38 -31.15 -12.45
N PRO Y 217 57.43 -31.57 -11.19
CA PRO Y 217 56.65 -30.86 -10.16
C PRO Y 217 57.16 -29.46 -9.86
N GLY Y 218 58.36 -29.10 -10.26
CA GLY Y 218 58.80 -27.74 -10.05
C GLY Y 218 58.33 -26.76 -11.11
N GLU Y 219 57.77 -27.24 -12.21
CA GLU Y 219 57.53 -26.40 -13.36
C GLU Y 219 56.31 -25.50 -13.16
N ILE Y 220 56.31 -24.34 -13.81
CA ILE Y 220 55.21 -23.40 -13.78
C ILE Y 220 54.42 -23.53 -15.08
N LEU Y 221 53.12 -23.76 -14.96
CA LEU Y 221 52.23 -23.82 -16.10
C LEU Y 221 51.51 -22.49 -16.25
N GLN Y 222 51.00 -22.23 -17.45
CA GLN Y 222 50.29 -21.00 -17.76
C GLN Y 222 48.94 -21.34 -18.36
N ALA Y 223 47.89 -20.68 -17.89
CA ALA Y 223 46.51 -21.00 -18.27
C ALA Y 223 45.80 -19.73 -18.71
N THR Y 224 45.89 -19.40 -19.98
CA THR Y 224 45.18 -18.25 -20.51
C THR Y 224 43.85 -18.68 -21.13
N ARG Y 225 42.96 -17.73 -21.30
CA ARG Y 225 41.67 -18.00 -21.92
C ARG Y 225 41.40 -17.09 -23.12
N LEU Z 3 21.01 42.57 17.85
CA LEU Z 3 22.14 43.49 17.73
C LEU Z 3 21.69 44.93 17.86
N ILE Z 4 20.91 45.39 16.87
CA ILE Z 4 20.42 46.75 16.89
C ILE Z 4 19.20 46.86 17.80
N GLU Z 5 18.22 46.00 17.61
CA GLU Z 5 17.00 46.06 18.40
C GLU Z 5 16.65 44.66 18.86
N ARG Z 6 15.52 44.55 19.57
CA ARG Z 6 15.05 43.29 20.13
C ARG Z 6 13.54 43.25 19.96
N GLY Z 7 13.06 42.62 18.88
CA GLY Z 7 11.64 42.55 18.62
C GLY Z 7 11.32 41.38 17.73
N LEU Z 8 10.11 40.83 17.83
CA LEU Z 8 9.75 39.66 17.05
C LEU Z 8 9.58 39.98 15.59
N ALA Z 9 10.29 39.22 14.76
CA ALA Z 9 9.99 39.14 13.34
C ALA Z 9 8.92 38.09 13.14
N LYS Z 10 7.92 38.39 12.33
CA LYS Z 10 6.79 37.51 12.18
C LYS Z 10 6.64 37.05 10.74
N LEU Z 11 6.03 35.87 10.61
CA LEU Z 11 5.86 35.23 9.31
C LEU Z 11 4.88 36.01 8.46
N THR Z 12 5.27 36.29 7.22
CA THR Z 12 4.38 36.94 6.26
C THR Z 12 4.36 36.10 5.01
N ILE Z 13 3.16 35.87 4.47
CA ILE Z 13 2.98 35.15 3.21
C ILE Z 13 2.40 36.13 2.19
N ASN Z 14 3.21 36.51 1.22
CA ASN Z 14 2.78 37.42 0.17
C ASN Z 14 2.42 36.61 -1.06
N ALA Z 15 1.18 36.77 -1.54
CA ALA Z 15 0.72 36.06 -2.71
C ALA Z 15 0.93 36.94 -3.93
N TYR Z 16 1.54 36.38 -4.96
CA TYR Z 16 1.74 37.07 -6.22
C TYR Z 16 0.95 36.36 -7.30
N LYS Z 17 0.44 37.12 -8.27
CA LYS Z 17 -0.34 36.49 -9.34
C LYS Z 17 0.53 35.82 -10.38
N ASP Z 18 1.75 36.30 -10.54
CA ASP Z 18 2.67 35.76 -11.53
C ASP Z 18 3.89 35.12 -10.87
N ARG Z 19 4.65 34.37 -11.66
CA ARG Z 19 5.82 33.68 -11.12
C ARG Z 19 6.96 34.63 -10.80
N GLU Z 20 7.12 35.70 -11.58
CA GLU Z 20 8.28 36.56 -11.42
C GLU Z 20 8.21 37.40 -10.16
N GLY Z 21 7.00 37.67 -9.69
CA GLY Z 21 6.82 38.46 -8.49
C GLY Z 21 6.50 39.92 -8.73
N LYS Z 22 5.75 40.25 -9.78
CA LYS Z 22 5.54 41.64 -10.12
C LYS Z 22 4.17 42.14 -9.68
N ILE Z 23 3.14 41.34 -9.84
CA ILE Z 23 1.80 41.67 -9.39
C ILE Z 23 1.63 41.14 -7.98
N ARG Z 24 0.95 41.93 -7.13
CA ARG Z 24 0.71 41.54 -5.76
C ARG Z 24 -0.77 41.22 -5.56
N ALA Z 25 -1.04 40.16 -4.82
CA ALA Z 25 -2.41 39.72 -4.59
C ALA Z 25 -2.86 39.85 -3.15
N GLY Z 26 -1.96 40.17 -2.23
CA GLY Z 26 -2.34 40.37 -0.84
C GLY Z 26 -1.39 39.65 0.08
N THR Z 27 -1.36 40.13 1.31
CA THR Z 27 -0.45 39.62 2.33
C THR Z 27 -1.24 38.99 3.46
N LEU Z 28 -0.53 38.26 4.32
CA LEU Z 28 -1.08 37.75 5.56
C LEU Z 28 0.06 37.59 6.55
N GLN Z 29 0.02 38.34 7.64
CA GLN Z 29 1.02 38.21 8.69
C GLN Z 29 0.48 37.26 9.75
N ALA Z 30 1.34 36.37 10.23
CA ALA Z 30 0.90 35.37 11.20
C ALA Z 30 0.71 36.00 12.58
N MET Z 31 -0.24 35.46 13.34
CA MET Z 31 -0.42 35.90 14.71
C MET Z 31 0.74 35.46 15.59
N TYR Z 32 0.93 34.14 15.71
CA TYR Z 32 2.11 33.57 16.33
C TYR Z 32 2.91 32.83 15.26
N ASN Z 33 4.22 32.87 15.38
CA ASN Z 33 5.08 32.20 14.41
C ASN Z 33 4.95 30.68 14.54
N PRO Z 34 5.33 29.93 13.51
CA PRO Z 34 5.41 28.49 13.67
C PRO Z 34 6.50 28.07 14.62
N ASP Z 35 6.31 26.92 15.26
CA ASP Z 35 7.35 26.37 16.12
C ASP Z 35 8.51 25.83 15.30
N SER Z 36 8.21 25.11 14.22
CA SER Z 36 9.24 24.43 13.45
C SER Z 36 8.93 24.56 11.98
N LEU Z 37 9.99 24.52 11.17
CA LEU Z 37 9.89 24.57 9.72
C LEU Z 37 10.67 23.41 9.13
N GLN Z 38 9.98 22.56 8.37
CA GLN Z 38 10.57 21.35 7.83
C GLN Z 38 10.64 21.46 6.31
N LEU Z 39 11.86 21.45 5.77
CA LEU Z 39 12.09 21.47 4.33
C LEU Z 39 12.54 20.09 3.87
N ASP Z 40 11.86 19.56 2.86
CA ASP Z 40 12.11 18.20 2.38
C ASP Z 40 12.52 18.27 0.91
N TYR Z 41 13.73 17.81 0.62
CA TYR Z 41 14.21 17.71 -0.75
C TYR Z 41 14.22 16.25 -1.16
N GLN Z 42 14.28 16.00 -2.46
CA GLN Z 42 14.27 14.63 -2.97
C GLN Z 42 14.78 14.62 -4.39
N THR Z 43 15.54 13.58 -4.74
CA THR Z 43 16.06 13.38 -6.07
C THR Z 43 15.86 11.93 -6.48
N ASP Z 44 15.52 11.71 -7.75
CA ASP Z 44 15.26 10.37 -8.26
C ASP Z 44 16.46 9.88 -9.06
N TYR Z 45 16.90 8.67 -8.75
CA TYR Z 45 18.02 8.04 -9.45
C TYR Z 45 17.56 6.69 -9.94
N GLN Z 46 17.79 6.40 -11.21
CA GLN Z 46 17.50 5.10 -11.77
C GLN Z 46 18.79 4.35 -12.03
N GLN Z 47 18.84 3.09 -11.61
CA GLN Z 47 20.06 2.31 -11.78
C GLN Z 47 20.06 1.60 -13.12
N SER Z 48 21.14 1.79 -13.87
CA SER Z 48 21.26 1.26 -15.21
C SER Z 48 21.50 -0.24 -15.16
N GLN Z 49 20.66 -1.01 -15.86
CA GLN Z 49 20.86 -2.44 -16.01
C GLN Z 49 21.55 -2.73 -17.33
N ALA Z 50 22.47 -3.67 -17.31
CA ALA Z 50 23.22 -4.06 -18.49
C ALA Z 50 23.53 -5.54 -18.41
N ILE Z 51 23.50 -6.21 -19.56
CA ILE Z 51 23.68 -7.65 -19.58
C ILE Z 51 25.14 -8.02 -19.37
N ASN Z 52 26.05 -7.25 -19.96
CA ASN Z 52 27.46 -7.61 -19.94
C ASN Z 52 28.08 -7.37 -18.57
N SER Z 53 28.11 -6.13 -18.13
CA SER Z 53 28.91 -5.71 -16.99
C SER Z 53 28.09 -5.73 -15.71
N GLU Z 54 28.80 -5.66 -14.59
CA GLU Z 54 28.20 -5.57 -13.26
C GLU Z 54 28.65 -4.34 -12.50
N LYS Z 55 28.92 -3.24 -13.18
CA LYS Z 55 29.29 -2.00 -12.52
C LYS Z 55 28.05 -1.33 -11.96
N GLN Z 56 28.12 -0.94 -10.69
CA GLN Z 56 27.01 -0.27 -10.02
C GLN Z 56 27.09 1.23 -10.31
N SER Z 57 26.21 1.71 -11.19
CA SER Z 57 26.24 3.10 -11.61
C SER Z 57 24.82 3.56 -11.87
N SER Z 58 24.31 4.43 -11.01
CA SER Z 58 22.93 4.91 -11.09
C SER Z 58 22.91 6.27 -11.74
N ILE Z 59 22.08 6.42 -12.77
CA ILE Z 59 21.97 7.66 -13.52
C ILE Z 59 21.03 8.62 -12.80
N TYR Z 60 21.01 9.87 -13.23
CA TYR Z 60 20.20 10.91 -12.63
C TYR Z 60 18.97 11.16 -13.48
N VAL Z 61 17.79 11.15 -12.86
CA VAL Z 61 16.53 11.30 -13.57
C VAL Z 61 15.94 12.68 -13.38
N GLN Z 62 15.63 13.05 -12.13
CA GLN Z 62 14.96 14.31 -11.88
C GLN Z 62 15.19 14.73 -10.45
N ALA Z 63 15.27 16.04 -10.24
CA ALA Z 63 15.37 16.62 -8.91
C ALA Z 63 14.02 17.20 -8.56
N LYS Z 64 13.30 16.53 -7.66
CA LYS Z 64 11.98 16.97 -7.26
C LYS Z 64 12.07 18.29 -6.50
N PRO Z 65 11.05 19.15 -6.61
CA PRO Z 65 11.12 20.46 -5.96
C PRO Z 65 10.99 20.34 -4.44
N ALA Z 66 11.43 21.40 -3.77
CA ALA Z 66 11.41 21.45 -2.32
C ALA Z 66 9.99 21.56 -1.80
N GLY Z 67 9.80 21.17 -0.56
CA GLY Z 67 8.49 21.24 0.08
C GLY Z 67 8.62 21.73 1.52
N LEU Z 68 8.05 22.89 1.79
CA LEU Z 68 8.03 23.47 3.12
C LEU Z 68 6.73 23.10 3.79
N SER Z 69 6.81 22.75 5.07
CA SER Z 69 5.64 22.33 5.82
C SER Z 69 5.68 23.04 7.16
N LEU Z 70 4.74 23.97 7.37
CA LEU Z 70 4.66 24.75 8.59
C LEU Z 70 3.24 24.67 9.11
N GLU Z 71 3.09 24.79 10.42
CA GLU Z 71 1.78 24.90 11.03
C GLU Z 71 1.66 26.24 11.72
N LEU Z 72 0.44 26.77 11.73
CA LEU Z 72 0.15 28.04 12.40
C LEU Z 72 -1.00 27.83 13.37
N ILE Z 73 -1.17 28.76 14.29
CA ILE Z 73 -2.35 28.79 15.13
C ILE Z 73 -2.91 30.20 15.11
N PHE Z 74 -4.23 30.30 15.11
CA PHE Z 74 -4.93 31.57 15.21
C PHE Z 74 -5.82 31.50 16.43
N ASP Z 75 -6.02 32.63 17.09
CA ASP Z 75 -6.73 32.62 18.36
C ASP Z 75 -7.50 33.92 18.55
N ALA Z 76 -8.63 33.82 19.24
CA ALA Z 76 -9.36 34.99 19.69
C ALA Z 76 -9.88 34.86 21.11
N THR Z 77 -9.42 33.86 21.87
CA THR Z 77 -9.85 33.71 23.25
C THR Z 77 -9.19 34.77 24.14
N MET Z 78 -7.91 35.01 23.92
CA MET Z 78 -7.07 35.76 24.82
C MET Z 78 -7.45 37.24 24.81
N PRO Z 79 -7.11 37.97 25.87
CA PRO Z 79 -7.46 39.40 25.87
C PRO Z 79 -6.55 40.25 25.02
N GLY Z 80 -5.36 39.76 24.66
CA GLY Z 80 -4.44 40.59 23.91
C GLY Z 80 -4.82 40.74 22.45
N ASN Z 81 -5.48 39.74 21.87
CA ASN Z 81 -5.77 39.70 20.45
C ASN Z 81 -7.26 39.84 20.20
N LYS Z 82 -7.59 40.65 19.18
CA LYS Z 82 -8.98 40.98 18.89
C LYS Z 82 -9.36 40.83 17.43
N THR Z 83 -8.43 40.51 16.55
CA THR Z 83 -8.76 40.27 15.15
C THR Z 83 -9.48 38.93 15.03
N PRO Z 84 -10.66 38.88 14.42
CA PRO Z 84 -11.42 37.63 14.36
C PRO Z 84 -10.80 36.63 13.41
N ILE Z 85 -11.09 35.36 13.65
CA ILE Z 85 -10.47 34.30 12.86
C ILE Z 85 -11.20 34.10 11.53
N GLU Z 86 -12.45 34.57 11.42
CA GLU Z 86 -13.08 34.58 10.09
C GLU Z 86 -12.38 35.54 9.15
N GLU Z 87 -11.82 36.62 9.68
CA GLU Z 87 -11.11 37.58 8.84
C GLU Z 87 -9.79 37.02 8.37
N GLN Z 88 -9.10 36.28 9.24
CA GLN Z 88 -7.77 35.80 8.90
C GLN Z 88 -7.82 34.51 8.08
N LEU Z 89 -8.82 33.67 8.31
CA LEU Z 89 -8.94 32.46 7.52
C LEU Z 89 -9.52 32.75 6.13
N MET Z 90 -10.24 33.85 5.98
CA MET Z 90 -10.63 34.29 4.65
C MET Z 90 -9.44 34.85 3.90
N GLN Z 91 -8.52 35.47 4.64
CA GLN Z 91 -7.32 36.02 4.01
C GLN Z 91 -6.34 34.92 3.64
N LEU Z 92 -6.34 33.82 4.39
CA LEU Z 92 -5.41 32.73 4.12
C LEU Z 92 -5.90 31.85 2.99
N LYS Z 93 -7.20 31.61 2.89
CA LYS Z 93 -7.72 30.79 1.81
C LYS Z 93 -7.69 31.54 0.48
N GLN Z 94 -7.63 32.88 0.52
CA GLN Z 94 -7.48 33.63 -0.72
C GLN Z 94 -6.06 33.61 -1.25
N LEU Z 95 -5.13 32.99 -0.55
CA LEU Z 95 -3.79 32.79 -1.11
C LEU Z 95 -3.65 31.39 -1.71
N CYS Z 96 -4.35 30.41 -1.14
CA CYS Z 96 -4.43 29.07 -1.71
C CYS Z 96 -5.69 28.98 -2.57
N SER Z 97 -5.72 29.83 -3.59
CA SER Z 97 -6.95 30.00 -4.34
C SER Z 97 -6.64 30.17 -5.82
N VAL Z 98 -7.57 29.69 -6.63
CA VAL Z 98 -7.45 29.77 -8.08
C VAL Z 98 -7.68 31.21 -8.50
N ASP Z 99 -6.63 31.86 -8.97
CA ASP Z 99 -6.76 33.24 -9.43
C ASP Z 99 -7.54 33.30 -10.72
N ALA Z 100 -8.56 34.17 -10.78
CA ALA Z 100 -9.39 34.24 -11.96
C ALA Z 100 -8.72 34.97 -13.11
N THR Z 101 -7.63 35.71 -12.85
CA THR Z 101 -6.91 36.38 -13.92
C THR Z 101 -6.08 35.39 -14.73
N SER Z 102 -5.37 34.51 -14.05
CA SER Z 102 -4.41 33.62 -14.69
C SER Z 102 -4.86 32.17 -14.75
N ASN Z 103 -6.03 31.85 -14.17
CA ASN Z 103 -6.62 30.51 -14.12
C ASN Z 103 -5.72 29.48 -13.44
N GLU Z 104 -4.79 29.92 -12.58
CA GLU Z 104 -3.95 29.04 -11.79
C GLU Z 104 -4.06 29.46 -10.34
N THR Z 105 -3.29 28.81 -9.48
CA THR Z 105 -3.17 29.27 -8.12
C THR Z 105 -2.15 30.40 -8.05
N ARG Z 106 -2.10 31.05 -6.90
CA ARG Z 106 -1.21 32.19 -6.73
C ARG Z 106 0.12 31.75 -6.15
N PHE Z 107 1.14 32.57 -6.35
CA PHE Z 107 2.51 32.25 -5.97
C PHE Z 107 2.81 32.88 -4.63
N LEU Z 108 3.13 32.05 -3.64
CA LEU Z 108 3.34 32.57 -2.31
C LEU Z 108 4.82 32.79 -2.04
N GLN Z 109 5.11 33.74 -1.17
CA GLN Z 109 6.48 34.04 -0.76
C GLN Z 109 6.51 34.17 0.75
N VAL Z 110 6.78 33.06 1.42
CA VAL Z 110 6.92 33.03 2.87
C VAL Z 110 8.28 33.62 3.21
N LYS Z 111 8.30 34.58 4.14
CA LYS Z 111 9.54 35.16 4.60
C LYS Z 111 9.35 35.66 6.02
N TRP Z 112 10.39 35.52 6.85
CA TRP Z 112 10.44 36.21 8.13
C TRP Z 112 11.86 36.32 8.65
N GLY Z 113 12.26 37.54 8.98
CA GLY Z 113 13.51 37.82 9.63
C GLY Z 113 14.71 37.56 8.76
N LYS Z 114 15.79 37.17 9.40
CA LYS Z 114 17.03 36.83 8.71
C LYS Z 114 17.12 35.36 8.38
N MET Z 115 15.99 34.70 8.16
CA MET Z 115 16.01 33.30 7.81
C MET Z 115 16.10 33.16 6.30
N ARG Z 116 17.27 32.72 5.82
CA ARG Z 116 17.45 32.38 4.42
C ARG Z 116 17.00 30.94 4.23
N TRP Z 117 16.20 30.71 3.20
CA TRP Z 117 15.66 29.37 2.93
C TRP Z 117 16.55 28.69 1.90
N GLU Z 118 17.81 28.46 2.31
CA GLU Z 118 18.91 27.99 1.48
C GLU Z 118 19.17 28.95 0.32
N SER Z 119 19.65 30.14 0.71
CA SER Z 119 20.18 31.21 -0.14
C SER Z 119 19.11 31.96 -0.90
N ARG Z 120 17.89 31.99 -0.39
CA ARG Z 120 16.87 32.93 -0.83
C ARG Z 120 16.24 33.53 0.41
N GLY Z 121 15.94 34.83 0.36
CA GLY Z 121 15.34 35.47 1.51
C GLY Z 121 13.90 35.07 1.74
N TYR Z 122 13.27 34.46 0.74
CA TYR Z 122 11.88 34.06 0.79
C TYR Z 122 11.76 32.61 0.34
N PHE Z 123 10.60 32.01 0.56
CA PHE Z 123 10.33 30.69 0.02
C PHE Z 123 9.26 30.83 -1.05
N ALA Z 124 9.67 30.95 -2.30
CA ALA Z 124 8.75 31.09 -3.41
C ALA Z 124 8.18 29.73 -3.73
N GLY Z 125 6.86 29.62 -3.68
CA GLY Z 125 6.19 28.38 -4.03
C GLY Z 125 4.71 28.51 -3.81
N ARG Z 126 3.98 27.51 -4.29
CA ARG Z 126 2.53 27.54 -4.16
C ARG Z 126 2.07 26.50 -3.15
N ALA Z 127 0.84 26.69 -2.67
CA ALA Z 127 0.28 25.86 -1.59
C ALA Z 127 -0.22 24.55 -2.17
N LYS Z 128 0.31 23.45 -1.65
CA LYS Z 128 -0.07 22.12 -2.13
C LYS Z 128 -1.22 21.55 -1.30
N SER Z 129 -1.29 21.95 -0.03
CA SER Z 129 -2.33 21.48 0.86
C SER Z 129 -2.59 22.53 1.93
N LEU Z 130 -3.66 22.34 2.69
CA LEU Z 130 -4.09 23.28 3.71
C LEU Z 130 -5.10 22.56 4.57
N SER Z 131 -4.94 22.66 5.89
CA SER Z 131 -5.70 21.78 6.76
C SER Z 131 -6.14 22.55 8.00
N VAL Z 132 -7.33 23.13 7.95
CA VAL Z 132 -7.86 23.91 9.06
C VAL Z 132 -8.50 22.94 10.05
N ASN Z 133 -8.22 23.13 11.33
CA ASN Z 133 -8.76 22.26 12.38
C ASN Z 133 -9.36 23.17 13.44
N TYR Z 134 -10.64 23.48 13.29
CA TYR Z 134 -11.33 24.34 14.24
C TYR Z 134 -11.54 23.62 15.55
N THR Z 135 -11.13 24.24 16.64
CA THR Z 135 -11.50 23.77 17.95
C THR Z 135 -11.88 24.97 18.80
N LEU Z 136 -12.66 24.70 19.85
CA LEU Z 136 -13.02 25.67 20.89
C LEU Z 136 -13.78 26.85 20.30
N PHE Z 137 -14.99 26.55 19.87
CA PHE Z 137 -15.90 27.60 19.44
C PHE Z 137 -16.48 28.33 20.63
N ASP Z 138 -16.91 29.56 20.41
CA ASP Z 138 -17.80 30.20 21.35
C ASP Z 138 -19.19 29.62 21.20
N ARG Z 139 -20.08 29.97 22.13
CA ARG Z 139 -21.47 29.52 21.98
C ARG Z 139 -22.25 30.35 20.99
N ASP Z 140 -21.63 31.39 20.46
CA ASP Z 140 -22.09 32.12 19.29
C ASP Z 140 -21.62 31.42 18.01
N ALA Z 141 -20.90 30.31 18.16
CA ALA Z 141 -20.24 29.51 17.14
C ALA Z 141 -19.17 30.27 16.39
N THR Z 142 -18.64 31.35 16.93
CA THR Z 142 -17.41 31.90 16.41
C THR Z 142 -16.24 31.07 16.88
N PRO Z 143 -15.37 30.61 16.01
CA PRO Z 143 -14.21 29.85 16.46
C PRO Z 143 -13.19 30.73 17.16
N LEU Z 144 -12.62 30.19 18.22
CA LEU Z 144 -11.62 30.90 18.99
C LEU Z 144 -10.25 30.27 18.92
N ARG Z 145 -10.10 29.13 18.26
CA ARG Z 145 -8.81 28.50 18.07
C ARG Z 145 -8.84 27.73 16.76
N VAL Z 146 -7.78 27.85 15.98
CA VAL Z 146 -7.70 27.29 14.64
C VAL Z 146 -6.27 26.86 14.43
N ARG Z 147 -6.05 25.63 13.98
CA ARG Z 147 -4.71 25.11 13.79
C ARG Z 147 -4.50 24.72 12.33
N VAL Z 148 -4.02 25.66 11.53
CA VAL Z 148 -3.79 25.44 10.10
C VAL Z 148 -2.48 24.69 9.92
N ILE Z 149 -2.45 23.76 8.98
CA ILE Z 149 -1.21 23.11 8.55
C ILE Z 149 -1.02 23.37 7.07
N LEU Z 150 -0.03 24.18 6.73
CA LEU Z 150 0.29 24.50 5.36
C LEU Z 150 1.32 23.53 4.80
N ALA Z 151 1.20 23.23 3.51
CA ALA Z 151 2.19 22.44 2.81
C ALA Z 151 2.43 23.10 1.47
N LEU Z 152 3.63 23.59 1.25
CA LEU Z 152 3.97 24.29 0.02
C LEU Z 152 4.90 23.41 -0.81
N VAL Z 153 5.01 23.74 -2.09
CA VAL Z 153 5.95 23.08 -2.99
C VAL Z 153 6.62 24.18 -3.79
N ALA Z 154 7.92 24.05 -4.04
CA ALA Z 154 8.72 25.17 -4.51
C ALA Z 154 8.51 25.43 -5.99
N ASP Z 155 8.01 26.60 -6.33
CA ASP Z 155 7.97 27.10 -7.70
C ASP Z 155 8.69 28.43 -7.77
N GLU Z 156 9.94 28.39 -8.19
CA GLU Z 156 10.81 29.56 -8.22
C GLU Z 156 10.76 30.18 -9.60
N SER Z 157 11.11 31.46 -9.68
CA SER Z 157 11.09 32.18 -10.95
C SER Z 157 12.14 31.64 -11.91
N LEU Z 158 11.87 31.78 -13.21
CA LEU Z 158 12.77 31.25 -14.22
C LEU Z 158 13.86 32.23 -14.60
N VAL Z 159 13.62 33.53 -14.47
CA VAL Z 159 14.63 34.50 -14.83
C VAL Z 159 15.67 34.61 -13.72
N LEU Z 160 15.36 34.11 -12.52
CA LEU Z 160 16.40 33.94 -11.52
C LEU Z 160 17.25 32.71 -11.82
N GLN Z 161 16.64 31.61 -12.21
CA GLN Z 161 17.37 30.38 -12.45
C GLN Z 161 18.10 30.38 -13.79
N GLU Z 162 17.75 31.30 -14.69
CA GLU Z 162 18.53 31.44 -15.91
C GLU Z 162 19.89 32.03 -15.63
N THR Z 163 19.99 32.91 -14.63
CA THR Z 163 21.26 33.58 -14.41
C THR Z 163 22.09 32.94 -13.33
N GLU Z 164 21.59 31.90 -12.65
CA GLU Z 164 22.50 31.14 -11.81
C GLU Z 164 23.31 30.15 -12.63
N GLN Z 165 22.77 29.69 -13.75
CA GLN Z 165 23.53 28.79 -14.61
C GLN Z 165 24.65 29.52 -15.33
N ASN Z 166 24.47 30.82 -15.58
CA ASN Z 166 25.47 31.55 -16.33
C ASN Z 166 26.66 31.94 -15.45
N LEU Z 167 26.42 32.12 -14.16
CA LEU Z 167 27.54 32.41 -13.28
C LEU Z 167 28.24 31.13 -12.81
N GLN Z 168 27.57 29.99 -12.93
CA GLN Z 168 28.20 28.72 -12.55
C GLN Z 168 29.01 28.14 -13.71
N SER Z 169 28.44 28.13 -14.91
CA SER Z 169 29.13 27.68 -16.11
C SER Z 169 28.98 28.75 -17.19
N PRO Z 170 29.92 29.69 -17.26
CA PRO Z 170 29.79 30.77 -18.24
C PRO Z 170 30.13 30.31 -19.63
N ALA Z 171 29.77 31.13 -20.61
CA ALA Z 171 30.09 30.80 -21.99
C ALA Z 171 31.54 31.14 -22.32
N LYS Z 172 32.10 32.16 -21.67
CA LYS Z 172 33.46 32.60 -21.93
C LYS Z 172 34.23 32.66 -20.63
N ILE Z 173 35.48 32.21 -20.66
CA ILE Z 173 36.36 32.18 -19.50
C ILE Z 173 37.61 32.96 -19.85
N ALA Z 174 38.14 33.72 -18.89
CA ALA Z 174 39.49 34.24 -18.96
C ALA Z 174 40.32 33.63 -17.85
N LEU Z 175 41.56 33.24 -18.17
CA LEU Z 175 42.40 32.48 -17.25
C LEU Z 175 43.73 33.18 -17.10
N ARG Z 176 44.25 33.22 -15.88
CA ARG Z 176 45.59 33.75 -15.66
C ARG Z 176 46.58 32.60 -15.53
N ILE Z 177 47.61 32.61 -16.37
CA ILE Z 177 48.65 31.59 -16.39
C ILE Z 177 49.55 31.79 -15.18
N GLN Z 178 50.17 30.72 -14.67
CA GLN Z 178 51.12 30.81 -13.56
C GLN Z 178 52.26 29.80 -13.68
N ASP Z 179 53.38 30.27 -14.26
CA ASP Z 179 54.74 29.74 -14.09
C ASP Z 179 54.86 28.25 -14.48
N GLY Z 180 54.77 28.03 -15.78
CA GLY Z 180 55.22 26.75 -16.28
C GLY Z 180 54.18 25.66 -16.17
N VAL Z 181 52.91 26.05 -16.14
CA VAL Z 181 51.82 25.13 -16.46
C VAL Z 181 51.77 25.09 -17.98
N SER Z 182 51.64 23.89 -18.53
CA SER Z 182 51.67 23.78 -19.97
C SER Z 182 50.28 24.08 -20.54
N LEU Z 183 50.22 24.18 -21.86
CA LEU Z 183 48.92 24.37 -22.50
C LEU Z 183 48.10 23.10 -22.43
N ALA Z 184 48.75 21.93 -22.37
CA ALA Z 184 48.03 20.69 -22.16
C ALA Z 184 47.48 20.60 -20.75
N LEU Z 185 48.16 21.22 -19.79
CA LEU Z 185 47.71 21.22 -18.41
C LEU Z 185 46.65 22.28 -18.16
N MET Z 186 46.77 23.43 -18.82
CA MET Z 186 45.84 24.53 -18.62
C MET Z 186 44.50 24.28 -19.30
N ALA Z 187 44.49 23.51 -20.39
CA ALA Z 187 43.23 23.21 -21.06
C ALA Z 187 42.47 22.11 -20.36
N ALA Z 188 43.10 21.43 -19.41
CA ALA Z 188 42.36 20.51 -18.55
C ALA Z 188 41.68 21.26 -17.42
N SER Z 189 42.25 22.37 -16.98
CA SER Z 189 41.64 23.20 -15.95
C SER Z 189 40.42 23.96 -16.46
N THR Z 190 40.25 24.06 -17.77
CA THR Z 190 39.03 24.67 -18.30
C THR Z 190 37.84 23.74 -18.17
N ALA Z 191 38.09 22.42 -18.10
CA ALA Z 191 37.00 21.45 -18.02
C ALA Z 191 36.27 21.46 -16.68
N SER Z 192 36.79 22.20 -15.70
CA SER Z 192 36.07 22.37 -14.44
C SER Z 192 34.78 23.16 -14.65
N THR Z 193 34.79 24.13 -15.56
CA THR Z 193 33.65 25.04 -15.73
C THR Z 193 33.37 25.37 -17.19
N LEU Z 194 33.55 24.41 -18.10
CA LEU Z 194 33.22 24.67 -19.49
C LEU Z 194 32.55 23.47 -20.17
N SER Z 195 32.05 22.50 -19.40
CA SER Z 195 31.26 21.35 -19.89
C SER Z 195 32.02 20.54 -20.93
N GLY Z 196 33.17 20.05 -20.51
CA GLY Z 196 34.08 19.43 -21.46
C GLY Z 196 35.03 20.50 -21.91
N GLY Z 197 36.31 20.39 -21.52
CA GLY Z 197 37.23 21.47 -21.76
C GLY Z 197 37.58 21.63 -23.22
N VAL Z 198 38.04 22.84 -23.57
CA VAL Z 198 38.52 23.08 -24.92
C VAL Z 198 39.78 22.27 -25.15
N ASP Z 199 39.95 21.76 -26.37
CA ASP Z 199 41.15 21.04 -26.72
C ASP Z 199 42.35 21.97 -26.72
N TYR Z 200 43.53 21.41 -26.53
CA TYR Z 200 44.72 22.23 -26.39
C TYR Z 200 45.14 22.87 -27.70
N LEU Z 201 44.60 22.40 -28.82
CA LEU Z 201 44.79 23.12 -30.08
C LEU Z 201 43.78 24.23 -30.23
N THR Z 202 42.49 23.92 -30.02
CA THR Z 202 41.44 24.92 -30.16
C THR Z 202 41.47 25.97 -29.07
N LEU Z 203 42.23 25.74 -27.99
CA LEU Z 203 42.50 26.82 -27.05
C LEU Z 203 43.59 27.72 -27.60
N ALA Z 204 44.58 27.15 -28.29
CA ALA Z 204 45.65 27.94 -28.86
C ALA Z 204 45.21 28.70 -30.10
N TRP Z 205 44.19 28.21 -30.81
CA TRP Z 205 43.72 28.91 -32.00
C TRP Z 205 42.90 30.13 -31.63
N GLN Z 206 42.10 30.03 -30.56
CA GLN Z 206 41.22 31.12 -30.18
C GLN Z 206 42.00 32.31 -29.63
N ASN Z 207 43.04 32.05 -28.85
CA ASN Z 207 43.88 33.12 -28.34
C ASN Z 207 44.85 33.66 -29.38
N GLY Z 208 44.97 33.00 -30.52
CA GLY Z 208 45.91 33.44 -31.53
C GLY Z 208 47.35 33.18 -31.13
N LEU Z 209 47.63 32.02 -30.56
CA LEU Z 209 48.96 31.71 -30.09
C LEU Z 209 49.90 31.46 -31.27
N ASP Z 210 51.08 32.07 -31.22
CA ASP Z 210 52.07 31.85 -32.26
C ASP Z 210 52.71 30.48 -32.13
N ASN Z 211 52.59 29.88 -30.95
CA ASN Z 211 53.30 28.66 -30.59
C ASN Z 211 52.46 27.95 -29.54
N LEU Z 212 52.72 26.66 -29.34
CA LEU Z 212 51.99 25.98 -28.27
C LEU Z 212 52.54 26.35 -26.91
N ASN Z 213 53.82 26.69 -26.82
CA ASN Z 213 54.42 27.18 -25.61
C ASN Z 213 54.75 28.66 -25.69
N GLY Z 214 54.09 29.38 -26.60
CA GLY Z 214 54.38 30.79 -26.80
C GLY Z 214 53.51 31.70 -25.97
N PHE Z 215 53.44 31.45 -24.67
CA PHE Z 215 52.76 32.35 -23.75
C PHE Z 215 53.73 32.70 -22.62
N VAL Z 216 53.70 33.95 -22.20
CA VAL Z 216 54.44 34.33 -20.99
C VAL Z 216 53.58 34.00 -19.77
N PRO Z 217 54.16 33.79 -18.59
CA PRO Z 217 53.32 33.45 -17.43
C PRO Z 217 52.43 34.58 -16.95
N GLY Z 218 52.67 35.81 -17.37
CA GLY Z 218 51.77 36.88 -16.99
C GLY Z 218 50.53 37.00 -17.86
N GLU Z 219 50.50 36.30 -18.99
CA GLU Z 219 49.49 36.56 -20.00
C GLU Z 219 48.14 35.94 -19.60
N ILE Z 220 47.06 36.56 -20.09
CA ILE Z 220 45.70 36.08 -19.86
C ILE Z 220 45.22 35.38 -21.12
N LEU Z 221 44.78 34.13 -20.97
CA LEU Z 221 44.21 33.37 -22.07
C LEU Z 221 42.70 33.43 -21.98
N GLN Z 222 42.04 33.15 -23.10
CA GLN Z 222 40.58 33.17 -23.19
C GLN Z 222 40.11 31.84 -23.77
N ALA Z 223 39.08 31.27 -23.15
CA ALA Z 223 38.60 29.93 -23.50
C ALA Z 223 37.10 29.97 -23.71
N THR Z 224 36.67 30.26 -24.94
CA THR Z 224 35.25 30.23 -25.26
C THR Z 224 34.86 28.89 -25.86
N ARG Z 225 33.57 28.61 -25.84
CA ARG Z 225 33.06 27.38 -26.43
C ARG Z 225 31.97 27.65 -27.46
N LEU AA 3 -22.92 39.20 22.62
CA LEU AA 3 -23.15 40.64 22.56
C LEU AA 3 -24.58 40.98 22.91
N ILE AA 4 -25.50 40.57 22.04
CA ILE AA 4 -26.92 40.83 22.28
C ILE AA 4 -27.48 39.82 23.28
N GLU AA 5 -27.28 38.53 23.00
CA GLU AA 5 -27.82 37.49 23.86
C GLU AA 5 -26.74 36.46 24.15
N ARG AA 6 -27.12 35.42 24.88
CA ARG AA 6 -26.20 34.36 25.27
C ARG AA 6 -26.96 33.04 25.18
N GLY AA 7 -26.82 32.35 24.06
CA GLY AA 7 -27.51 31.09 23.87
C GLY AA 7 -26.81 30.24 22.83
N LEU AA 8 -26.94 28.92 22.93
CA LEU AA 8 -26.24 28.03 22.00
C LEU AA 8 -26.83 28.11 20.60
N ALA AA 9 -25.95 28.35 19.64
CA ALA AA 9 -26.23 28.09 18.24
C ALA AA 9 -25.92 26.63 17.96
N LYS AA 10 -26.80 25.96 17.25
CA LYS AA 10 -26.64 24.53 17.04
C LYS AA 10 -26.54 24.21 15.55
N LEU AA 11 -25.87 23.09 15.28
CA LEU AA 11 -25.60 22.66 13.92
C LEU AA 11 -26.88 22.24 13.24
N THR AA 12 -27.12 22.74 12.04
CA THR AA 12 -28.26 22.34 11.23
C THR AA 12 -27.74 21.92 9.87
N ILE AA 13 -28.24 20.79 9.36
CA ILE AA 13 -27.90 20.30 8.03
C ILE AA 13 -29.17 20.32 7.19
N ASN AA 14 -29.24 21.24 6.24
CA ASN AA 14 -30.38 21.36 5.36
C ASN AA 14 -30.07 20.67 4.04
N ALA AA 15 -30.89 19.71 3.66
CA ALA AA 15 -30.71 18.98 2.43
C ALA AA 15 -31.53 19.63 1.34
N TYR AA 16 -30.90 19.91 0.21
CA TYR AA 16 -31.58 20.47 -0.95
C TYR AA 16 -31.52 19.45 -2.08
N LYS AA 17 -32.57 19.43 -2.91
CA LYS AA 17 -32.60 18.46 -4.00
C LYS AA 17 -31.73 18.90 -5.17
N ASP AA 18 -31.55 20.20 -5.34
CA ASP AA 18 -30.77 20.75 -6.44
C ASP AA 18 -29.52 21.44 -5.94
N ARG AA 19 -28.61 21.76 -6.86
CA ARG AA 19 -27.36 22.40 -6.50
C ARG AA 19 -27.55 23.85 -6.10
N GLU AA 20 -28.49 24.55 -6.73
CA GLU AA 20 -28.61 25.99 -6.51
C GLU AA 20 -29.17 26.30 -5.14
N GLY AA 21 -29.95 25.39 -4.57
CA GLY AA 21 -30.52 25.60 -3.26
C GLY AA 21 -31.96 26.08 -3.28
N LYS AA 22 -32.77 25.63 -4.22
CA LYS AA 22 -34.13 26.16 -4.36
C LYS AA 22 -35.17 25.22 -3.78
N ILE AA 23 -35.03 23.93 -3.99
CA ILE AA 23 -35.93 22.94 -3.43
C ILE AA 23 -35.35 22.48 -2.10
N ARG AA 24 -36.23 22.27 -1.12
CA ARG AA 24 -35.82 21.83 0.20
C ARG AA 24 -36.27 20.39 0.42
N ALA AA 25 -35.38 19.59 1.02
CA ALA AA 25 -35.67 18.18 1.25
C ALA AA 25 -35.79 17.82 2.72
N GLY AA 26 -35.48 18.74 3.63
CA GLY AA 26 -35.63 18.48 5.05
C GLY AA 26 -34.40 18.91 5.81
N THR AA 27 -34.61 19.14 7.09
CA THR AA 27 -33.56 19.63 7.97
C THR AA 27 -33.25 18.60 9.05
N LEU AA 28 -32.15 18.83 9.75
CA LEU AA 28 -31.81 18.06 10.94
C LEU AA 28 -30.95 18.93 11.84
N GLN AA 29 -31.45 19.24 13.02
CA GLN AA 29 -30.68 20.01 13.99
C GLN AA 29 -29.97 19.04 14.92
N ALA AA 30 -28.72 19.31 15.23
CA ALA AA 30 -27.94 18.40 16.07
C ALA AA 30 -28.37 18.52 17.53
N MET AA 31 -28.27 17.41 18.26
CA MET AA 31 -28.54 17.43 19.69
C MET AA 31 -27.44 18.18 20.43
N TYR AA 32 -26.21 17.68 20.35
CA TYR AA 32 -25.03 18.39 20.81
C TYR AA 32 -24.16 18.73 19.61
N ASN AA 33 -23.51 19.88 19.67
CA ASN AA 33 -22.65 20.31 18.57
C ASN AA 33 -21.41 19.43 18.49
N PRO AA 34 -20.74 19.40 17.34
CA PRO AA 34 -19.45 18.72 17.29
C PRO AA 34 -18.40 19.44 18.11
N ASP AA 35 -17.42 18.68 18.59
CA ASP AA 35 -16.31 19.26 19.31
C ASP AA 35 -15.37 20.01 18.36
N SER AA 36 -15.08 19.41 17.21
CA SER AA 36 -14.09 19.97 16.30
C SER AA 36 -14.57 19.82 14.87
N LEU AA 37 -14.13 20.73 14.01
CA LEU AA 37 -14.44 20.72 12.60
C LEU AA 37 -13.16 20.80 11.80
N GLN AA 38 -12.90 19.81 10.96
CA GLN AA 38 -11.65 19.72 10.22
C GLN AA 38 -11.93 19.89 8.74
N LEU AA 39 -11.38 20.93 8.14
CA LEU AA 39 -11.50 21.19 6.71
C LEU AA 39 -10.18 20.89 6.03
N ASP AA 40 -10.21 20.06 4.99
CA ASP AA 40 -9.01 19.61 4.32
C ASP AA 40 -9.08 20.04 2.86
N TYR AA 41 -8.11 20.85 2.43
CA TYR AA 41 -8.00 21.25 1.04
C TYR AA 41 -6.81 20.52 0.43
N GLN AA 42 -6.76 20.49 -0.90
CA GLN AA 42 -5.69 19.80 -1.59
C GLN AA 42 -5.61 20.27 -3.04
N THR AA 43 -4.41 20.40 -3.56
CA THR AA 43 -4.17 20.79 -4.93
C THR AA 43 -3.10 19.89 -5.53
N ASP AA 44 -3.27 19.53 -6.80
CA ASP AA 44 -2.35 18.63 -7.48
C ASP AA 44 -1.44 19.43 -8.40
N TYR AA 45 -0.14 19.21 -8.29
CA TYR AA 45 0.85 19.86 -9.14
C TYR AA 45 1.70 18.80 -9.79
N GLN AA 46 1.87 18.89 -11.11
CA GLN AA 46 2.74 17.98 -11.82
C GLN AA 46 4.00 18.73 -12.25
N GLN AA 47 5.15 18.13 -12.02
CA GLN AA 47 6.40 18.78 -12.36
C GLN AA 47 6.80 18.47 -13.79
N SER AA 48 7.07 19.51 -14.56
CA SER AA 48 7.38 19.37 -15.97
C SER AA 48 8.79 18.82 -16.15
N GLN AA 49 8.91 17.74 -16.90
CA GLN AA 49 10.21 17.19 -17.27
C GLN AA 49 10.60 17.67 -18.65
N ALA AA 50 11.88 17.97 -18.81
CA ALA AA 50 12.41 18.46 -20.07
C ALA AA 50 13.83 17.97 -20.22
N ILE AA 51 14.22 17.64 -21.45
CA ILE AA 51 15.53 17.06 -21.69
C ILE AA 51 16.62 18.13 -21.61
N ASN AA 52 16.33 19.33 -22.13
CA ASN AA 52 17.35 20.36 -22.23
C ASN AA 52 17.66 20.98 -20.88
N SER AA 53 16.69 21.61 -20.26
CA SER AA 53 16.91 22.49 -19.13
C SER AA 53 16.70 21.74 -17.82
N GLU AA 54 17.17 22.35 -16.74
CA GLU AA 54 17.00 21.85 -15.38
C GLU AA 54 16.28 22.83 -14.48
N LYS AA 55 15.39 23.65 -15.02
CA LYS AA 55 14.62 24.57 -14.20
C LYS AA 55 13.50 23.84 -13.48
N GLN AA 56 13.40 24.05 -12.17
CA GLN AA 56 12.36 23.41 -11.36
C GLN AA 56 11.09 24.25 -11.45
N SER AA 57 10.11 23.76 -12.20
CA SER AA 57 8.87 24.49 -12.42
C SER AA 57 7.73 23.52 -12.54
N SER AA 58 6.85 23.49 -11.53
CA SER AA 58 5.74 22.55 -11.46
C SER AA 58 4.48 23.24 -11.91
N ILE AA 59 3.77 22.63 -12.86
CA ILE AA 59 2.56 23.19 -13.42
C ILE AA 59 1.37 22.84 -12.54
N TYR AA 60 0.24 23.47 -12.78
CA TYR AA 60 -0.97 23.29 -11.98
C TYR AA 60 -1.92 22.37 -12.73
N VAL AA 61 -2.42 21.35 -12.05
CA VAL AA 61 -3.28 20.35 -12.67
C VAL AA 61 -4.73 20.54 -12.25
N GLN AA 62 -5.02 20.42 -10.96
CA GLN AA 62 -6.39 20.47 -10.48
C GLN AA 62 -6.42 20.84 -9.02
N ALA AA 63 -7.46 21.57 -8.63
CA ALA AA 63 -7.70 21.92 -7.24
C ALA AA 63 -8.83 21.03 -6.74
N LYS AA 64 -8.49 20.05 -5.92
CA LYS AA 64 -9.46 19.12 -5.39
C LYS AA 64 -10.43 19.86 -4.45
N PRO AA 65 -11.69 19.41 -4.39
CA PRO AA 65 -12.67 20.11 -3.55
C PRO AA 65 -12.40 19.91 -2.07
N ALA AA 66 -12.98 20.80 -1.28
CA ALA AA 66 -12.81 20.77 0.17
C ALA AA 66 -13.56 19.59 0.76
N GLY AA 67 -13.13 19.20 1.95
CA GLY AA 67 -13.76 18.09 2.67
C GLY AA 67 -13.89 18.41 4.14
N LEU AA 68 -15.13 18.49 4.61
CA LEU AA 68 -15.43 18.73 6.01
C LEU AA 68 -15.68 17.40 6.70
N SER AA 69 -15.14 17.26 7.89
CA SER AA 69 -15.27 16.01 8.64
C SER AA 69 -15.66 16.39 10.06
N LEU AA 70 -16.87 16.04 10.45
CA LEU AA 70 -17.40 16.33 11.77
C LEU AA 70 -17.98 15.05 12.35
N GLU AA 71 -17.96 14.95 13.67
CA GLU AA 71 -18.62 13.86 14.36
C GLU AA 71 -19.72 14.41 15.24
N LEU AA 72 -20.78 13.64 15.39
CA LEU AA 72 -21.91 14.01 16.25
C LEU AA 72 -22.16 12.88 17.23
N ILE AA 73 -22.91 13.19 18.28
CA ILE AA 73 -23.40 12.16 19.18
C ILE AA 73 -24.89 12.40 19.38
N PHE AA 74 -25.64 11.31 19.48
CA PHE AA 74 -27.06 11.35 19.79
C PHE AA 74 -27.26 10.50 21.04
N ASP AA 75 -28.22 10.89 21.87
CA ASP AA 75 -28.39 10.24 23.15
C ASP AA 75 -29.84 10.23 23.57
N ALA AA 76 -30.23 9.19 24.30
CA ALA AA 76 -31.53 9.14 24.94
C ALA AA 76 -31.47 8.58 26.36
N THR AA 77 -30.27 8.45 26.94
CA THR AA 77 -30.16 7.97 28.31
C THR AA 77 -30.59 9.05 29.29
N MET AA 78 -30.17 10.28 29.04
CA MET AA 78 -30.26 11.37 30.00
C MET AA 78 -31.71 11.77 30.23
N PRO AA 79 -32.01 12.41 31.36
CA PRO AA 79 -33.40 12.84 31.59
C PRO AA 79 -33.79 14.08 30.81
N GLY AA 80 -32.83 14.87 30.33
CA GLY AA 80 -33.18 16.10 29.65
C GLY AA 80 -33.72 15.89 28.26
N ASN AA 81 -33.28 14.83 27.58
CA ASN AA 81 -33.61 14.60 26.18
C ASN AA 81 -34.52 13.40 26.02
N LYS AA 82 -35.53 13.54 25.16
CA LYS AA 82 -36.55 12.52 24.99
C LYS AA 82 -36.83 12.15 23.54
N THR AA 83 -36.22 12.82 22.57
CA THR AA 83 -36.39 12.45 21.18
C THR AA 83 -35.63 11.15 20.90
N PRO AA 84 -36.28 10.14 20.36
CA PRO AA 84 -35.61 8.85 20.17
C PRO AA 84 -34.59 8.90 19.04
N ILE AA 85 -33.62 8.00 19.11
CA ILE AA 85 -32.52 8.02 18.16
C ILE AA 85 -32.93 7.33 16.85
N GLU AA 86 -33.96 6.49 16.86
CA GLU AA 86 -34.49 5.99 15.60
C GLU AA 86 -35.10 7.10 14.77
N GLU AA 87 -35.65 8.12 15.41
CA GLU AA 87 -36.24 9.24 14.68
C GLU AA 87 -35.16 10.10 14.07
N GLN AA 88 -34.06 10.30 14.78
CA GLN AA 88 -33.03 11.22 14.31
C GLN AA 88 -32.08 10.54 13.33
N LEU AA 89 -31.85 9.24 13.48
CA LEU AA 89 -30.99 8.54 12.52
C LEU AA 89 -31.73 8.24 11.23
N MET AA 90 -33.06 8.18 11.28
CA MET AA 90 -33.82 8.09 10.05
C MET AA 90 -33.81 9.43 9.33
N GLN AA 91 -33.77 10.52 10.08
CA GLN AA 91 -33.72 11.85 9.49
C GLN AA 91 -32.35 12.13 8.91
N LEU AA 92 -31.30 11.56 9.49
CA LEU AA 92 -29.95 11.82 9.03
C LEU AA 92 -29.61 10.98 7.81
N LYS AA 93 -30.08 9.74 7.75
CA LYS AA 93 -29.81 8.91 6.58
C LYS AA 93 -30.63 9.36 5.38
N GLN AA 94 -31.72 10.08 5.60
CA GLN AA 94 -32.48 10.62 4.48
C GLN AA 94 -31.83 11.85 3.88
N LEU AA 95 -30.72 12.32 4.43
CA LEU AA 95 -29.96 13.38 3.78
C LEU AA 95 -28.78 12.81 2.98
N CYS AA 96 -28.22 11.70 3.45
CA CYS AA 96 -27.20 10.97 2.69
C CYS AA 96 -27.90 9.87 1.89
N SER AA 97 -28.79 10.30 1.01
CA SER AA 97 -29.67 9.34 0.36
C SER AA 97 -29.87 9.72 -1.09
N VAL AA 98 -30.06 8.71 -1.92
CA VAL AA 98 -30.28 8.89 -3.34
C VAL AA 98 -31.68 9.44 -3.54
N ASP AA 99 -31.79 10.68 -3.97
CA ASP AA 99 -33.08 11.29 -4.22
C ASP AA 99 -33.73 10.68 -5.45
N ALA AA 100 -34.98 10.25 -5.33
CA ALA AA 100 -35.64 9.60 -6.45
C ALA AA 100 -36.10 10.58 -7.51
N THR AA 101 -36.13 11.87 -7.20
CA THR AA 101 -36.50 12.87 -8.21
C THR AA 101 -35.36 13.11 -9.19
N SER AA 102 -34.15 13.26 -8.68
CA SER AA 102 -33.01 13.65 -9.49
C SER AA 102 -32.01 12.53 -9.73
N ASN AA 103 -32.24 11.35 -9.15
CA ASN AA 103 -31.39 10.15 -9.25
C ASN AA 103 -29.95 10.39 -8.77
N GLU AA 104 -29.74 11.39 -7.91
CA GLU AA 104 -28.44 11.64 -7.30
C GLU AA 104 -28.65 11.72 -5.80
N THR AA 105 -27.57 12.03 -5.09
CA THR AA 105 -27.71 12.33 -3.68
C THR AA 105 -28.14 13.78 -3.51
N ARG AA 106 -28.50 14.13 -2.27
CA ARG AA 106 -28.98 15.46 -1.99
C ARG AA 106 -27.85 16.36 -1.55
N PHE AA 107 -28.07 17.67 -1.69
CA PHE AA 107 -27.04 18.67 -1.43
C PHE AA 107 -27.22 19.21 -0.03
N LEU AA 108 -26.22 19.04 0.81
CA LEU AA 108 -26.34 19.45 2.20
C LEU AA 108 -25.75 20.83 2.40
N GLN AA 109 -26.28 21.55 3.38
CA GLN AA 109 -25.78 22.85 3.77
C GLN AA 109 -25.65 22.91 5.27
N VAL AA 110 -24.47 22.57 5.77
CA VAL AA 110 -24.15 22.63 7.18
C VAL AA 110 -23.92 24.09 7.54
N LYS AA 111 -24.59 24.57 8.58
CA LYS AA 111 -24.38 25.93 9.06
C LYS AA 111 -24.69 25.97 10.54
N TRP AA 112 -23.93 26.78 11.28
CA TRP AA 112 -24.30 27.13 12.66
C TRP AA 112 -23.60 28.39 13.10
N GLY AA 113 -24.38 29.35 13.58
CA GLY AA 113 -23.89 30.55 14.20
C GLY AA 113 -23.20 31.48 13.24
N LYS AA 114 -22.22 32.20 13.77
CA LYS AA 114 -21.41 33.10 12.98
C LYS AA 114 -20.17 32.45 12.44
N MET AA 115 -20.21 31.14 12.18
CA MET AA 115 -19.06 30.47 11.62
C MET AA 115 -19.11 30.51 10.10
N ARG AA 116 -18.23 31.31 9.51
CA ARG AA 116 -18.05 31.34 8.07
C ARG AA 116 -17.10 30.22 7.71
N TRP AA 117 -17.45 29.44 6.69
CA TRP AA 117 -16.63 28.30 6.27
C TRP AA 117 -15.75 28.76 5.10
N GLU AA 118 -14.86 29.70 5.41
CA GLU AA 118 -14.03 30.45 4.46
C GLU AA 118 -14.90 31.18 3.43
N SER AA 119 -15.60 32.19 3.97
CA SER AA 119 -16.37 33.22 3.26
C SER AA 119 -17.67 32.69 2.67
N ARG AA 120 -18.22 31.64 3.23
CA ARG AA 120 -19.61 31.26 2.99
C ARG AA 120 -20.25 30.98 4.34
N GLY AA 121 -21.50 31.38 4.49
CA GLY AA 121 -22.19 31.16 5.75
C GLY AA 121 -22.54 29.71 5.99
N TYR AA 122 -22.48 28.88 4.95
CA TYR AA 122 -22.84 27.49 5.01
C TYR AA 122 -21.73 26.66 4.37
N PHE AA 123 -21.77 25.35 4.57
CA PHE AA 123 -20.87 24.46 3.85
C PHE AA 123 -21.70 23.63 2.87
N ALA AA 124 -21.77 24.09 1.63
CA ALA AA 124 -22.53 23.40 0.61
C ALA AA 124 -21.70 22.22 0.12
N GLY AA 125 -22.27 21.03 0.23
CA GLY AA 125 -21.60 19.84 -0.26
C GLY AA 125 -22.43 18.62 0.06
N ARG AA 126 -22.03 17.50 -0.53
CA ARG AA 126 -22.76 16.25 -0.32
C ARG AA 126 -21.96 15.30 0.57
N ALA AA 127 -22.67 14.32 1.13
CA ALA AA 127 -22.08 13.40 2.10
C ALA AA 127 -21.30 12.32 1.37
N LYS AA 128 -20.02 12.20 1.69
CA LYS AA 128 -19.17 11.21 1.06
C LYS AA 128 -19.14 9.92 1.85
N SER AA 129 -19.31 10.01 3.17
CA SER AA 129 -19.31 8.86 4.04
C SER AA 129 -20.17 9.14 5.26
N LEU AA 130 -20.44 8.10 6.03
CA LEU AA 130 -21.30 8.19 7.20
C LEU AA 130 -21.07 6.92 8.01
N SER AA 131 -20.87 7.07 9.31
CA SER AA 131 -20.38 5.95 10.09
C SER AA 131 -21.07 5.92 11.44
N VAL AA 132 -22.18 5.20 11.55
CA VAL AA 132 -22.94 5.11 12.78
C VAL AA 132 -22.29 4.03 13.64
N ASN AA 133 -22.12 4.33 14.92
CA ASN AA 133 -21.50 3.40 15.87
C ASN AA 133 -22.42 3.32 17.09
N TYR AA 134 -23.35 2.37 17.04
CA TYR AA 134 -24.29 2.19 18.14
C TYR AA 134 -23.59 1.61 19.35
N THR AA 135 -23.74 2.25 20.48
CA THR AA 135 -23.34 1.65 21.73
C THR AA 135 -24.42 1.91 22.77
N LEU AA 136 -24.41 1.07 23.81
CA LEU AA 136 -25.27 1.23 24.99
C LEU AA 136 -26.75 1.18 24.62
N PHE AA 137 -27.18 0.00 24.21
CA PHE AA 137 -28.58 -0.24 23.98
C PHE AA 137 -29.32 -0.40 25.30
N ASP AA 138 -30.62 -0.14 25.27
CA ASP AA 138 -31.47 -0.60 26.35
C ASP AA 138 -31.70 -2.10 26.20
N ARG AA 139 -32.31 -2.71 27.21
CA ARG AA 139 -32.65 -4.14 27.07
C ARG AA 139 -33.90 -4.35 26.26
N ASP AA 140 -34.55 -3.28 25.83
CA ASP AA 140 -35.57 -3.28 24.81
C ASP AA 140 -34.94 -3.19 23.43
N ALA AA 141 -33.61 -3.13 23.38
CA ALA AA 141 -32.75 -2.94 22.22
C ALA AA 141 -32.95 -1.61 21.52
N THR AA 142 -33.53 -0.63 22.18
CA THR AA 142 -33.46 0.73 21.67
C THR AA 142 -32.09 1.28 21.98
N PRO AA 143 -31.39 1.84 20.99
CA PRO AA 143 -30.09 2.44 21.28
C PRO AA 143 -30.23 3.74 22.04
N LEU AA 144 -29.32 3.93 22.98
CA LEU AA 144 -29.30 5.14 23.80
C LEU AA 144 -28.08 6.00 23.56
N ARG AA 145 -27.13 5.56 22.74
CA ARG AA 145 -25.98 6.36 22.39
C ARG AA 145 -25.53 5.98 20.99
N VAL AA 146 -25.22 6.99 20.18
CA VAL AA 146 -24.91 6.80 18.76
C VAL AA 146 -23.84 7.83 18.42
N ARG AA 147 -22.76 7.41 17.78
CA ARG AA 147 -21.65 8.30 17.46
C ARG AA 147 -21.44 8.32 15.95
N VAL AA 148 -22.11 9.23 15.26
CA VAL AA 148 -22.03 9.36 13.81
C VAL AA 148 -20.76 10.12 13.46
N ILE AA 149 -20.10 9.69 12.40
CA ILE AA 149 -18.99 10.44 11.81
C ILE AA 149 -19.33 10.78 10.37
N LEU AA 150 -19.55 12.05 10.10
CA LEU AA 150 -19.88 12.53 8.77
C LEU AA 150 -18.63 12.93 8.03
N ALA AA 151 -18.61 12.73 6.73
CA ALA AA 151 -17.55 13.20 5.86
C ALA AA 151 -18.20 13.76 4.62
N LEU AA 152 -18.03 15.06 4.41
CA LEU AA 152 -18.64 15.74 3.27
C LEU AA 152 -17.56 16.11 2.28
N VAL AA 153 -17.97 16.41 1.05
CA VAL AA 153 -17.07 16.92 0.02
C VAL AA 153 -17.79 18.08 -0.65
N ALA AA 154 -17.05 19.13 -0.98
CA ALA AA 154 -17.68 20.41 -1.32
C ALA AA 154 -18.21 20.39 -2.74
N ASP AA 155 -19.52 20.56 -2.88
CA ASP AA 155 -20.17 20.81 -4.17
C ASP AA 155 -20.95 22.12 -4.08
N GLU AA 156 -20.35 23.19 -4.57
CA GLU AA 156 -20.90 24.53 -4.46
C GLU AA 156 -21.65 24.83 -5.75
N SER AA 157 -22.58 25.80 -5.66
CA SER AA 157 -23.39 26.16 -6.82
C SER AA 157 -22.55 26.83 -7.89
N LEU AA 158 -22.99 26.69 -9.14
CA LEU AA 158 -22.24 27.23 -10.27
C LEU AA 158 -22.58 28.68 -10.57
N VAL AA 159 -23.80 29.13 -10.24
CA VAL AA 159 -24.17 30.50 -10.50
C VAL AA 159 -23.57 31.43 -9.45
N LEU AA 160 -23.12 30.87 -8.32
CA LEU AA 160 -22.29 31.65 -7.40
C LEU AA 160 -20.88 31.77 -7.91
N GLN AA 161 -20.30 30.69 -8.43
CA GLN AA 161 -18.91 30.71 -8.88
C GLN AA 161 -18.75 31.37 -10.24
N GLU AA 162 -19.84 31.56 -10.99
CA GLU AA 162 -19.75 32.34 -12.22
C GLU AA 162 -19.52 33.81 -11.92
N THR AA 163 -20.06 34.31 -10.81
CA THR AA 163 -19.98 35.74 -10.57
C THR AA 163 -18.84 36.10 -9.63
N GLU AA 164 -18.12 35.12 -9.08
CA GLU AA 164 -16.88 35.50 -8.41
C GLU AA 164 -15.75 35.71 -9.40
N GLN AA 165 -15.80 35.04 -10.56
CA GLN AA 165 -14.78 35.27 -11.57
C GLN AA 165 -14.94 36.63 -12.23
N ASN AA 166 -16.17 37.13 -12.29
CA ASN AA 166 -16.41 38.39 -12.98
C ASN AA 166 -16.00 39.58 -12.11
N LEU AA 167 -16.09 39.44 -10.79
CA LEU AA 167 -15.63 40.53 -9.95
C LEU AA 167 -14.13 40.46 -9.71
N GLN AA 168 -13.51 39.32 -9.96
CA GLN AA 168 -12.06 39.20 -9.80
C GLN AA 168 -11.33 39.63 -11.06
N SER AA 169 -11.79 39.17 -12.22
CA SER AA 169 -11.23 39.57 -13.51
C SER AA 169 -12.38 40.03 -14.41
N PRO AA 170 -12.72 41.31 -14.39
CA PRO AA 170 -13.85 41.77 -15.20
C PRO AA 170 -13.49 41.87 -16.66
N ALA AA 171 -14.52 42.00 -17.49
CA ALA AA 171 -14.28 42.15 -18.92
C ALA AA 171 -13.88 43.57 -19.27
N LYS AA 172 -14.37 44.56 -18.52
CA LYS AA 172 -14.11 45.96 -18.78
C LYS AA 172 -13.56 46.61 -17.53
N ILE AA 173 -12.55 47.46 -17.69
CA ILE AA 173 -11.92 48.18 -16.59
C ILE AA 173 -12.00 49.66 -16.89
N ALA AA 174 -12.23 50.47 -15.86
CA ALA AA 174 -12.02 51.90 -15.93
C ALA AA 174 -10.90 52.27 -14.96
N LEU AA 175 -10.00 53.16 -15.40
CA LEU AA 175 -8.79 53.47 -14.64
C LEU AA 175 -8.69 54.98 -14.47
N ARG AA 176 -8.29 55.41 -13.28
CA ARG AA 176 -8.03 56.82 -13.06
C ARG AA 176 -6.52 57.09 -13.15
N ILE AA 177 -6.13 58.00 -14.04
CA ILE AA 177 -4.75 58.39 -14.25
C ILE AA 177 -4.28 59.22 -13.06
N GLN AA 178 -2.97 59.19 -12.75
CA GLN AA 178 -2.42 60.03 -11.69
C GLN AA 178 -1.00 60.51 -12.02
N ASP AA 179 -0.92 61.72 -12.59
CA ASP AA 179 0.25 62.62 -12.56
C ASP AA 179 1.51 61.99 -13.16
N GLY AA 180 1.46 61.83 -14.47
CA GLY AA 180 2.70 61.59 -15.18
C GLY AA 180 3.12 60.13 -15.18
N VAL AA 181 2.16 59.24 -15.01
CA VAL AA 181 2.33 57.85 -15.41
C VAL AA 181 2.11 57.81 -16.91
N SER AA 182 2.99 57.12 -17.62
CA SER AA 182 2.87 57.12 -19.07
C SER AA 182 1.84 56.09 -19.51
N LEU AA 183 1.53 56.13 -20.80
CA LEU AA 183 0.62 55.12 -21.34
C LEU AA 183 1.29 53.76 -21.41
N ALA AA 184 2.62 53.74 -21.54
CA ALA AA 184 3.35 52.48 -21.48
C ALA AA 184 3.36 51.92 -20.06
N LEU AA 185 3.31 52.80 -19.06
CA LEU AA 185 3.29 52.37 -17.67
C LEU AA 185 1.89 52.00 -17.22
N MET AA 186 0.88 52.70 -17.72
CA MET AA 186 -0.49 52.44 -17.32
C MET AA 186 -1.06 51.19 -17.95
N ALA AA 187 -0.58 50.81 -19.14
CA ALA AA 187 -1.06 49.60 -19.78
C ALA AA 187 -0.40 48.35 -19.20
N ALA AA 188 0.65 48.53 -18.40
CA ALA AA 188 1.17 47.40 -17.64
C ALA AA 188 0.35 47.16 -16.37
N SER AA 189 -0.23 48.22 -15.81
CA SER AA 189 -1.08 48.08 -14.64
C SER AA 189 -2.42 47.42 -14.98
N THR AA 190 -2.80 47.37 -16.25
CA THR AA 190 -4.00 46.64 -16.62
C THR AA 190 -3.79 45.14 -16.55
N ALA AA 191 -2.54 44.68 -16.69
CA ALA AA 191 -2.26 43.25 -16.69
C ALA AA 191 -2.43 42.60 -15.34
N SER AA 192 -2.64 43.38 -14.28
CA SER AA 192 -2.97 42.81 -12.98
C SER AA 192 -4.32 42.11 -13.00
N THR AA 193 -5.27 42.64 -13.76
CA THR AA 193 -6.65 42.13 -13.75
C THR AA 193 -7.29 42.08 -15.13
N LEU AA 194 -6.52 41.77 -16.17
CA LEU AA 194 -7.11 41.66 -17.49
C LEU AA 194 -6.54 40.49 -18.30
N SER AA 195 -5.86 39.55 -17.65
CA SER AA 195 -5.35 38.30 -18.25
C SER AA 195 -4.43 38.58 -19.44
N GLY AA 196 -3.36 39.31 -19.15
CA GLY AA 196 -2.52 39.80 -20.23
C GLY AA 196 -3.02 41.18 -20.57
N GLY AA 197 -2.23 42.21 -20.27
CA GLY AA 197 -2.71 43.57 -20.39
C GLY AA 197 -2.90 43.98 -21.84
N VAL AA 198 -3.74 45.00 -22.04
CA VAL AA 198 -3.90 45.58 -23.36
C VAL AA 198 -2.60 46.26 -23.77
N ASP AA 199 -2.28 46.17 -25.05
CA ASP AA 199 -1.10 46.85 -25.57
C ASP AA 199 -1.30 48.36 -25.49
N TYR AA 200 -0.19 49.09 -25.46
CA TYR AA 200 -0.27 50.53 -25.25
C TYR AA 200 -0.80 51.24 -26.49
N LEU AA 201 -0.84 50.58 -27.63
CA LEU AA 201 -1.54 51.13 -28.79
C LEU AA 201 -3.02 50.82 -28.72
N THR AA 202 -3.37 49.57 -28.49
CA THR AA 202 -4.77 49.16 -28.44
C THR AA 202 -5.49 49.69 -27.20
N LEU AA 203 -4.75 50.20 -26.21
CA LEU AA 203 -5.38 50.95 -25.15
C LEU AA 203 -5.69 52.36 -25.62
N ALA AA 204 -4.81 52.94 -26.43
CA ALA AA 204 -5.03 54.29 -26.94
C ALA AA 204 -6.08 54.32 -28.04
N TRP AA 205 -6.27 53.22 -28.76
CA TRP AA 205 -7.29 53.21 -29.80
C TRP AA 205 -8.69 53.09 -29.22
N GLN AA 206 -8.84 52.34 -28.12
CA GLN AA 206 -10.16 52.12 -27.55
C GLN AA 206 -10.70 53.37 -26.88
N ASN AA 207 -9.83 54.12 -26.20
CA ASN AA 207 -10.24 55.37 -25.59
C ASN AA 207 -10.36 56.51 -26.58
N GLY AA 208 -9.92 56.31 -27.82
CA GLY AA 208 -9.97 57.38 -28.80
C GLY AA 208 -8.97 58.47 -28.52
N LEU AA 209 -7.74 58.10 -28.15
CA LEU AA 209 -6.74 59.08 -27.79
C LEU AA 209 -6.23 59.79 -29.04
N ASP AA 210 -6.15 61.12 -28.96
CA ASP AA 210 -5.61 61.89 -30.08
C ASP AA 210 -4.11 61.75 -30.17
N ASN AA 211 -3.48 61.31 -29.09
CA ASN AA 211 -2.04 61.29 -28.95
C ASN AA 211 -1.69 60.18 -27.97
N LEU AA 212 -0.44 59.74 -27.96
CA LEU AA 212 -0.06 58.74 -26.97
C LEU AA 212 0.09 59.37 -25.59
N ASN AA 213 0.47 60.64 -25.54
CA ASN AA 213 0.53 61.36 -24.28
C ASN AA 213 -0.57 62.41 -24.19
N GLY AA 214 -1.65 62.23 -24.94
CA GLY AA 214 -2.73 63.19 -24.95
C GLY AA 214 -3.82 62.89 -23.95
N PHE AA 215 -3.45 62.66 -22.70
CA PHE AA 215 -4.41 62.51 -21.62
C PHE AA 215 -4.05 63.49 -20.52
N VAL AA 216 -5.07 64.09 -19.92
CA VAL AA 216 -4.84 64.88 -18.71
C VAL AA 216 -4.80 63.94 -17.51
N PRO AA 217 -4.16 64.30 -16.40
CA PRO AA 217 -4.12 63.38 -15.26
C PRO AA 217 -5.47 63.17 -14.58
N GLY AA 218 -6.46 64.02 -14.83
CA GLY AA 218 -7.77 63.76 -14.25
C GLY AA 218 -8.61 62.79 -15.02
N GLU AA 219 -8.21 62.43 -16.25
CA GLU AA 219 -9.09 61.71 -17.16
C GLU AA 219 -9.19 60.24 -16.78
N ILE AA 220 -10.33 59.64 -17.11
CA ILE AA 220 -10.58 58.21 -16.89
C ILE AA 220 -10.40 57.47 -18.21
N LEU AA 221 -9.54 56.46 -18.21
CA LEU AA 221 -9.35 55.61 -19.36
C LEU AA 221 -10.15 54.33 -19.19
N GLN AA 222 -10.41 53.66 -20.31
CA GLN AA 222 -11.18 52.42 -20.32
C GLN AA 222 -10.38 51.36 -21.06
N ALA AA 223 -10.31 50.16 -20.48
CA ALA AA 223 -9.47 49.08 -21.00
C ALA AA 223 -10.30 47.81 -21.11
N THR AA 224 -10.94 47.61 -22.26
CA THR AA 224 -11.69 46.39 -22.50
C THR AA 224 -10.83 45.40 -23.27
N ARG AA 225 -11.24 44.14 -23.22
CA ARG AA 225 -10.54 43.09 -23.96
C ARG AA 225 -11.48 42.32 -24.88
N LEU BA 3 -41.52 -0.47 29.15
CA LEU BA 3 -42.87 0.07 29.31
C LEU BA 3 -43.82 -1.01 29.79
N ILE BA 4 -44.08 -1.98 28.92
CA ILE BA 4 -44.97 -3.08 29.28
C ILE BA 4 -44.24 -4.10 30.14
N GLU BA 5 -43.09 -4.56 29.68
CA GLU BA 5 -42.36 -5.59 30.40
C GLU BA 5 -40.90 -5.19 30.48
N ARG BA 6 -40.09 -6.07 31.07
CA ARG BA 6 -38.66 -5.82 31.26
C ARG BA 6 -37.94 -7.13 31.02
N GLY BA 7 -37.45 -7.33 29.80
CA GLY BA 7 -36.75 -8.57 29.47
C GLY BA 7 -35.83 -8.37 28.29
N LEU BA 8 -34.77 -9.15 28.19
CA LEU BA 8 -33.80 -8.97 27.13
C LEU BA 8 -34.35 -9.39 25.78
N ALA BA 9 -34.27 -8.49 24.82
CA ALA BA 9 -34.40 -8.84 23.42
C ALA BA 9 -33.05 -9.29 22.91
N LYS BA 10 -33.02 -10.38 22.16
CA LYS BA 10 -31.77 -10.95 21.73
C LYS BA 10 -31.66 -10.99 20.22
N LEU BA 11 -30.42 -10.97 19.75
CA LEU BA 11 -30.11 -10.92 18.33
C LEU BA 11 -30.51 -12.23 17.66
N THR BA 12 -31.24 -12.14 16.56
CA THR BA 12 -31.59 -13.30 15.77
C THR BA 12 -31.17 -13.03 14.33
N ILE BA 13 -30.55 -14.02 13.70
CA ILE BA 13 -30.16 -13.94 12.31
C ILE BA 13 -30.94 -14.99 11.55
N ASN BA 14 -31.90 -14.55 10.74
CA ASN BA 14 -32.71 -15.46 9.94
C ASN BA 14 -32.16 -15.50 8.53
N ALA BA 15 -31.81 -16.69 8.06
CA ALA BA 15 -31.28 -16.87 6.71
C ALA BA 15 -32.43 -17.21 5.78
N TYR BA 16 -32.52 -16.50 4.67
CA TYR BA 16 -33.49 -16.77 3.64
C TYR BA 16 -32.78 -17.21 2.37
N LYS BA 17 -33.41 -18.10 1.60
CA LYS BA 17 -32.77 -18.59 0.39
C LYS BA 17 -32.89 -17.59 -0.74
N ASP BA 18 -33.92 -16.76 -0.74
CA ASP BA 18 -34.16 -15.79 -1.79
C ASP BA 18 -34.04 -14.37 -1.26
N ARG BA 19 -33.99 -13.41 -2.18
CA ARG BA 19 -33.84 -12.01 -1.78
C ARG BA 19 -35.11 -11.45 -1.18
N GLU BA 20 -36.28 -11.89 -1.65
CA GLU BA 20 -37.53 -11.27 -1.22
C GLU BA 20 -37.88 -11.63 0.21
N GLY BA 21 -37.41 -12.77 0.68
CA GLY BA 21 -37.68 -13.20 2.03
C GLY BA 21 -38.81 -14.18 2.16
N LYS BA 22 -38.98 -15.09 1.21
CA LYS BA 22 -40.13 -15.99 1.22
C LYS BA 22 -39.78 -17.38 1.72
N ILE BA 23 -38.65 -17.91 1.30
CA ILE BA 23 -38.17 -19.19 1.77
C ILE BA 23 -37.29 -18.97 2.99
N ARG BA 24 -37.41 -19.86 3.97
CA ARG BA 24 -36.63 -19.78 5.20
C ARG BA 24 -35.60 -20.89 5.24
N ALA BA 25 -34.38 -20.55 5.67
CA ALA BA 25 -33.30 -21.52 5.70
C ALA BA 25 -32.83 -21.84 7.12
N GLY BA 26 -33.31 -21.14 8.12
CA GLY BA 26 -32.95 -21.44 9.49
C GLY BA 26 -32.59 -20.19 10.24
N THR BA 27 -32.70 -20.27 11.57
CA THR BA 27 -32.46 -19.15 12.44
C THR BA 27 -31.27 -19.43 13.34
N LEU BA 28 -30.79 -18.39 14.01
CA LEU BA 28 -29.78 -18.52 15.06
C LEU BA 28 -29.96 -17.36 16.02
N GLN BA 29 -30.31 -17.66 17.26
CA GLN BA 29 -30.42 -16.64 18.29
C GLN BA 29 -29.10 -16.56 19.04
N ALA BA 30 -28.64 -15.34 19.31
CA ALA BA 30 -27.36 -15.15 19.97
C ALA BA 30 -27.45 -15.50 21.45
N MET BA 31 -26.35 -15.99 22.01
CA MET BA 31 -26.29 -16.25 23.44
C MET BA 31 -26.27 -14.95 24.22
N TYR BA 32 -25.23 -14.14 24.00
CA TYR BA 32 -25.16 -12.78 24.50
C TYR BA 32 -25.19 -11.83 23.33
N ASN BA 33 -25.84 -10.68 23.50
CA ASN BA 33 -25.94 -9.70 22.44
C ASN BA 33 -24.58 -9.07 22.17
N PRO BA 34 -24.38 -8.48 20.99
CA PRO BA 34 -23.16 -7.71 20.77
C PRO BA 34 -23.12 -6.46 21.64
N ASP BA 35 -21.90 -6.03 21.94
CA ASP BA 35 -21.73 -4.77 22.68
C ASP BA 35 -22.04 -3.57 21.80
N SER BA 36 -21.55 -3.59 20.57
CA SER BA 36 -21.67 -2.43 19.69
C SER BA 36 -21.99 -2.89 18.28
N LEU BA 37 -22.67 -2.02 17.55
CA LEU BA 37 -23.04 -2.25 16.16
C LEU BA 37 -22.58 -1.08 15.32
N GLN BA 38 -21.73 -1.34 14.34
CA GLN BA 38 -21.13 -0.28 13.52
C GLN BA 38 -21.64 -0.41 12.10
N LEU BA 39 -22.34 0.62 11.62
CA LEU BA 39 -22.83 0.68 10.25
C LEU BA 39 -22.01 1.69 9.47
N ASP BA 40 -21.48 1.27 8.33
CA ASP BA 40 -20.59 2.09 7.53
C ASP BA 40 -21.20 2.29 6.15
N TYR BA 41 -21.48 3.54 5.80
CA TYR BA 41 -21.97 3.89 4.47
C TYR BA 41 -20.84 4.56 3.70
N GLN BA 42 -20.99 4.62 2.38
CA GLN BA 42 -19.96 5.22 1.54
C GLN BA 42 -20.55 5.56 0.18
N THR BA 43 -20.12 6.68 -0.39
CA THR BA 43 -20.55 7.12 -1.70
C THR BA 43 -19.33 7.60 -2.48
N ASP BA 44 -19.29 7.30 -3.77
CA ASP BA 44 -18.17 7.67 -4.62
C ASP BA 44 -18.53 8.87 -5.47
N TYR BA 45 -17.67 9.88 -5.46
CA TYR BA 45 -17.85 11.08 -6.25
C TYR BA 45 -16.62 11.30 -7.10
N GLN BA 46 -16.81 11.53 -8.38
CA GLN BA 46 -15.70 11.84 -9.28
C GLN BA 46 -15.77 13.31 -9.65
N GLN BA 47 -14.63 13.99 -9.58
CA GLN BA 47 -14.61 15.41 -9.89
C GLN BA 47 -14.36 15.63 -11.37
N SER BA 48 -15.22 16.42 -11.99
CA SER BA 48 -15.16 16.66 -13.42
C SER BA 48 -14.01 17.60 -13.75
N GLN BA 49 -13.13 17.18 -14.66
CA GLN BA 49 -12.07 18.02 -15.15
C GLN BA 49 -12.49 18.64 -16.48
N ALA BA 50 -12.13 19.91 -16.67
CA ALA BA 50 -12.46 20.64 -17.87
C ALA BA 50 -11.35 21.62 -18.16
N ILE BA 51 -11.06 21.82 -19.44
CA ILE BA 51 -9.95 22.67 -19.83
C ILE BA 51 -10.29 24.14 -19.66
N ASN BA 52 -11.53 24.51 -19.98
CA ASN BA 52 -11.91 25.91 -19.99
C ASN BA 52 -12.07 26.47 -18.58
N SER BA 53 -13.02 25.93 -17.83
CA SER BA 53 -13.47 26.53 -16.59
C SER BA 53 -12.75 25.93 -15.41
N GLU BA 54 -12.87 26.62 -14.27
CA GLU BA 54 -12.33 26.18 -13.00
C GLU BA 54 -13.39 26.04 -11.91
N LYS BA 55 -14.61 25.69 -12.29
CA LYS BA 55 -15.66 25.47 -11.31
C LYS BA 55 -15.49 24.12 -10.64
N GLN BA 56 -15.53 24.10 -9.32
CA GLN BA 56 -15.40 22.87 -8.55
C GLN BA 56 -16.76 22.19 -8.44
N SER BA 57 -16.95 21.13 -9.21
CA SER BA 57 -18.23 20.43 -9.25
C SER BA 57 -17.99 18.95 -9.45
N SER BA 58 -18.27 18.17 -8.41
CA SER BA 58 -18.01 16.73 -8.41
C SER BA 58 -19.31 16.00 -8.70
N ILE BA 59 -19.28 15.11 -9.69
CA ILE BA 59 -20.46 14.36 -10.10
C ILE BA 59 -20.63 13.14 -9.21
N TYR BA 60 -21.78 12.49 -9.30
CA TYR BA 60 -22.11 11.33 -8.47
C TYR BA 60 -21.92 10.07 -9.29
N VAL BA 61 -21.20 9.10 -8.74
CA VAL BA 61 -20.88 7.87 -9.46
C VAL BA 61 -21.71 6.70 -8.93
N GLN BA 62 -21.55 6.36 -7.65
CA GLN BA 62 -22.23 5.19 -7.12
C GLN BA 62 -22.33 5.32 -5.61
N ALA BA 63 -23.41 4.78 -5.07
CA ALA BA 63 -23.63 4.71 -3.63
C ALA BA 63 -23.37 3.27 -3.20
N LYS BA 64 -22.24 3.05 -2.54
CA LYS BA 64 -21.87 1.72 -2.11
C LYS BA 64 -22.83 1.23 -1.02
N PRO BA 65 -23.09 -0.07 -0.96
CA PRO BA 65 -24.05 -0.58 0.02
C PRO BA 65 -23.51 -0.51 1.44
N ALA BA 66 -24.45 -0.57 2.39
CA ALA BA 66 -24.13 -0.49 3.79
C ALA BA 66 -23.40 -1.74 4.26
N GLY BA 67 -22.68 -1.60 5.35
CA GLY BA 67 -21.95 -2.72 5.93
C GLY BA 67 -22.06 -2.72 7.44
N LEU BA 68 -22.69 -3.75 7.98
CA LEU BA 68 -22.83 -3.92 9.41
C LEU BA 68 -21.73 -4.84 9.92
N SER BA 69 -21.16 -4.48 11.05
CA SER BA 69 -20.05 -5.23 11.62
C SER BA 69 -20.34 -5.42 13.10
N LEU BA 70 -20.61 -6.66 13.49
CA LEU BA 70 -20.91 -7.00 14.87
C LEU BA 70 -20.04 -8.16 15.29
N GLU BA 71 -19.74 -8.24 16.58
CA GLU BA 71 -19.05 -9.38 17.14
C GLU BA 71 -19.94 -10.07 18.15
N LEU BA 72 -19.80 -11.38 18.24
CA LEU BA 72 -20.55 -12.18 19.19
C LEU BA 72 -19.57 -13.00 20.03
N ILE BA 73 -20.05 -13.52 21.14
CA ILE BA 73 -19.29 -14.49 21.92
C ILE BA 73 -20.21 -15.66 22.23
N PHE BA 74 -19.66 -16.86 22.20
CA PHE BA 74 -20.36 -18.06 22.60
C PHE BA 74 -19.56 -18.71 23.71
N ASP BA 75 -20.24 -19.37 24.63
CA ASP BA 75 -19.58 -19.86 25.82
C ASP BA 75 -20.25 -21.14 26.32
N ALA BA 76 -19.44 -22.02 26.91
CA ALA BA 76 -19.96 -23.19 27.61
C ALA BA 76 -19.24 -23.44 28.92
N THR BA 77 -18.44 -22.50 29.41
CA THR BA 77 -17.77 -22.68 30.70
C THR BA 77 -18.76 -22.54 31.84
N MET BA 78 -19.63 -21.54 31.75
CA MET BA 78 -20.45 -21.10 32.85
C MET BA 78 -21.50 -22.14 33.21
N PRO BA 79 -22.03 -22.11 34.44
CA PRO BA 79 -23.05 -23.09 34.79
C PRO BA 79 -24.43 -22.79 34.22
N GLY BA 80 -24.67 -21.55 33.82
CA GLY BA 80 -26.00 -21.20 33.34
C GLY BA 80 -26.31 -21.74 31.95
N ASN BA 81 -25.28 -21.88 31.12
CA ASN BA 81 -25.47 -22.24 29.72
C ASN BA 81 -24.93 -23.64 29.44
N LYS BA 82 -25.69 -24.40 28.66
CA LYS BA 82 -25.36 -25.80 28.40
C LYS BA 82 -25.41 -26.19 26.93
N THR BA 83 -25.81 -25.30 26.04
CA THR BA 83 -25.79 -25.60 24.61
C THR BA 83 -24.35 -25.59 24.12
N PRO BA 84 -23.89 -26.65 23.46
CA PRO BA 84 -22.49 -26.71 23.05
C PRO BA 84 -22.19 -25.77 21.90
N ILE BA 85 -20.91 -25.40 21.79
CA ILE BA 85 -20.52 -24.42 20.79
C ILE BA 85 -20.33 -25.08 19.43
N GLU BA 86 -20.14 -26.39 19.37
CA GLU BA 86 -20.18 -27.08 18.07
C GLU BA 86 -21.56 -27.01 17.44
N GLU BA 87 -22.61 -26.99 18.26
CA GLU BA 87 -23.96 -26.92 17.72
C GLU BA 87 -24.25 -25.52 17.18
N GLN BA 88 -23.75 -24.49 17.86
CA GLN BA 88 -24.08 -23.12 17.47
C GLN BA 88 -23.18 -22.63 16.36
N LEU BA 89 -21.93 -23.08 16.30
CA LEU BA 89 -21.05 -22.68 15.22
C LEU BA 89 -21.36 -23.44 13.93
N MET BA 90 -21.96 -24.61 14.05
CA MET BA 90 -22.47 -25.28 12.85
C MET BA 90 -23.70 -24.57 12.34
N GLN BA 91 -24.50 -24.00 13.24
CA GLN BA 91 -25.68 -23.27 12.83
C GLN BA 91 -25.33 -21.93 12.24
N LEU BA 92 -24.22 -21.34 12.67
CA LEU BA 92 -23.83 -20.02 12.17
C LEU BA 92 -23.13 -20.12 10.83
N LYS BA 93 -22.32 -21.16 10.62
CA LYS BA 93 -21.65 -21.31 9.34
C LYS BA 93 -22.63 -21.75 8.25
N GLN BA 94 -23.76 -22.34 8.64
CA GLN BA 94 -24.77 -22.68 7.65
C GLN BA 94 -25.58 -21.49 7.19
N LEU BA 95 -25.33 -20.30 7.74
CA LEU BA 95 -25.96 -19.09 7.22
C LEU BA 95 -25.00 -18.35 6.29
N CYS BA 96 -23.70 -18.44 6.55
CA CYS BA 96 -22.67 -17.92 5.65
C CYS BA 96 -22.21 -19.04 4.73
N SER BA 97 -23.15 -19.58 3.97
CA SER BA 97 -22.88 -20.80 3.24
C SER BA 97 -23.53 -20.74 1.87
N VAL BA 98 -22.88 -21.40 0.91
CA VAL BA 98 -23.36 -21.45 -0.46
C VAL BA 98 -24.56 -22.39 -0.50
N ASP BA 99 -25.74 -21.82 -0.75
CA ASP BA 99 -26.96 -22.63 -0.83
C ASP BA 99 -26.94 -23.46 -2.10
N ALA BA 100 -27.18 -24.76 -1.97
CA ALA BA 100 -27.13 -25.63 -3.13
C ALA BA 100 -28.36 -25.49 -4.02
N THR BA 101 -29.43 -24.88 -3.53
CA THR BA 101 -30.61 -24.67 -4.36
C THR BA 101 -30.39 -23.54 -5.36
N SER BA 102 -29.82 -22.43 -4.90
CA SER BA 102 -29.72 -21.23 -5.71
C SER BA 102 -28.29 -20.93 -6.16
N ASN BA 103 -27.31 -21.74 -5.73
CA ASN BA 103 -25.88 -21.61 -6.05
C ASN BA 103 -25.29 -20.27 -5.62
N GLU BA 104 -25.91 -19.60 -4.64
CA GLU BA 104 -25.37 -18.37 -4.07
C GLU BA 104 -25.32 -18.55 -2.56
N THR BA 105 -24.92 -17.48 -1.88
CA THR BA 105 -25.04 -17.49 -0.43
C THR BA 105 -26.47 -17.13 -0.03
N ARG BA 106 -26.76 -17.29 1.26
CA ARG BA 106 -28.09 -17.05 1.75
C ARG BA 106 -28.22 -15.62 2.26
N PHE BA 107 -29.47 -15.14 2.32
CA PHE BA 107 -29.76 -13.76 2.66
C PHE BA 107 -30.10 -13.68 4.14
N LEU BA 108 -29.33 -12.92 4.90
CA LEU BA 108 -29.52 -12.86 6.33
C LEU BA 108 -30.37 -11.66 6.70
N GLN BA 109 -31.09 -11.78 7.80
CA GLN BA 109 -31.90 -10.69 8.33
C GLN BA 109 -31.65 -10.59 9.82
N VAL BA 110 -30.69 -9.76 10.21
CA VAL BA 110 -30.37 -9.50 11.60
C VAL BA 110 -31.45 -8.57 12.14
N LYS BA 111 -32.03 -8.94 13.28
CA LYS BA 111 -33.00 -8.08 13.94
C LYS BA 111 -32.98 -8.37 15.42
N TRP BA 112 -33.17 -7.33 16.23
CA TRP BA 112 -33.46 -7.50 17.66
C TRP BA 112 -34.10 -6.26 18.24
N GLY BA 113 -35.24 -6.47 18.90
CA GLY BA 113 -35.92 -5.46 19.66
C GLY BA 113 -36.50 -4.36 18.79
N LYS BA 114 -36.54 -3.17 19.37
CA LYS BA 114 -37.02 -1.99 18.68
C LYS BA 114 -35.92 -1.24 17.98
N MET BA 115 -34.88 -1.93 17.55
CA MET BA 115 -33.79 -1.26 16.83
C MET BA 115 -34.10 -1.24 15.34
N ARG BA 116 -34.41 -0.06 14.82
CA ARG BA 116 -34.57 0.14 13.40
C ARG BA 116 -33.19 0.41 12.82
N TRP BA 117 -32.84 -0.26 11.73
CA TRP BA 117 -31.53 -0.11 11.11
C TRP BA 117 -31.65 0.90 9.97
N GLU BA 118 -31.97 2.14 10.37
CA GLU BA 118 -32.32 3.26 9.49
C GLU BA 118 -33.54 2.91 8.62
N SER BA 119 -34.67 2.80 9.34
CA SER BA 119 -36.03 2.68 8.82
C SER BA 119 -36.34 1.31 8.23
N ARG BA 120 -35.64 0.28 8.67
CA ARG BA 120 -36.04 -1.10 8.45
C ARG BA 120 -35.93 -1.83 9.77
N GLY BA 121 -36.88 -2.71 10.05
CA GLY BA 121 -36.85 -3.45 11.29
C GLY BA 121 -35.75 -4.48 11.35
N TYR BA 122 -35.18 -4.83 10.20
CA TYR BA 122 -34.16 -5.85 10.08
C TYR BA 122 -33.00 -5.30 9.27
N PHE BA 123 -31.88 -6.00 9.27
CA PHE BA 123 -30.77 -5.65 8.39
C PHE BA 123 -30.63 -6.76 7.36
N ALA BA 124 -31.24 -6.56 6.20
CA ALA BA 124 -31.19 -7.53 5.12
C ALA BA 124 -29.85 -7.41 4.43
N GLY BA 125 -29.11 -8.50 4.39
CA GLY BA 125 -27.82 -8.51 3.70
C GLY BA 125 -27.16 -9.85 3.89
N ARG BA 126 -26.09 -10.06 3.13
CA ARG BA 126 -25.38 -11.33 3.20
C ARG BA 126 -24.03 -11.14 3.89
N ALA BA 127 -23.47 -12.26 4.34
CA ALA BA 127 -22.24 -12.26 5.14
C ALA BA 127 -21.04 -12.12 4.22
N LYS BA 128 -20.25 -11.08 4.46
CA LYS BA 128 -19.07 -10.82 3.64
C LYS BA 128 -17.84 -11.48 4.25
N SER BA 129 -17.81 -11.62 5.57
CA SER BA 129 -16.69 -12.23 6.27
C SER BA 129 -17.19 -12.85 7.55
N LEU BA 130 -16.32 -13.63 8.18
CA LEU BA 130 -16.65 -14.36 9.40
C LEU BA 130 -15.33 -14.83 10.00
N SER BA 131 -15.18 -14.62 11.30
CA SER BA 131 -13.84 -14.79 11.88
C SER BA 131 -13.98 -15.42 13.24
N VAL BA 132 -13.90 -16.75 13.30
CA VAL BA 132 -14.02 -17.49 14.56
C VAL BA 132 -12.66 -17.50 15.22
N ASN BA 133 -12.63 -17.23 16.52
CA ASN BA 133 -11.38 -17.20 17.28
C ASN BA 133 -11.59 -18.06 18.52
N TYR BA 134 -11.27 -19.35 18.40
CA TYR BA 134 -11.42 -20.27 19.50
C TYR BA 134 -10.39 -20.00 20.57
N THR BA 135 -10.84 -19.84 21.80
CA THR BA 135 -9.94 -19.83 22.93
C THR BA 135 -10.55 -20.65 24.05
N LEU BA 136 -9.68 -21.11 24.95
CA LEU BA 136 -10.07 -21.80 26.19
C LEU BA 136 -10.84 -23.09 25.89
N PHE BA 137 -10.11 -24.04 25.34
CA PHE BA 137 -10.65 -25.37 25.15
C PHE BA 137 -10.69 -26.12 26.48
N ASP BA 138 -11.57 -27.11 26.55
CA ASP BA 138 -11.44 -28.11 27.60
C ASP BA 138 -10.30 -29.05 27.24
N ARG BA 139 -9.93 -29.92 28.19
CA ARG BA 139 -8.92 -30.92 27.86
C ARG BA 139 -9.49 -32.10 27.10
N ASP BA 140 -10.80 -32.10 26.86
CA ASP BA 140 -11.46 -32.96 25.91
C ASP BA 140 -11.43 -32.32 24.52
N ALA BA 141 -10.81 -31.15 24.41
CA ALA BA 141 -10.71 -30.28 23.25
C ALA BA 141 -12.06 -29.77 22.75
N THR BA 142 -13.08 -29.78 23.58
CA THR BA 142 -14.28 -29.02 23.27
C THR BA 142 -14.01 -27.56 23.58
N PRO BA 143 -14.29 -26.65 22.65
CA PRO BA 143 -14.09 -25.23 22.95
C PRO BA 143 -15.14 -24.72 23.89
N LEU BA 144 -14.72 -23.86 24.80
CA LEU BA 144 -15.60 -23.26 25.78
C LEU BA 144 -15.76 -21.76 25.60
N ARG BA 145 -15.03 -21.14 24.69
CA ARG BA 145 -15.18 -19.73 24.39
C ARG BA 145 -14.84 -19.50 22.93
N VAL BA 146 -15.66 -18.70 22.25
CA VAL BA 146 -15.56 -18.49 20.82
C VAL BA 146 -15.95 -17.05 20.56
N ARG BA 147 -15.13 -16.31 19.82
CA ARG BA 147 -15.39 -14.90 19.57
C ARG BA 147 -15.52 -14.65 18.07
N VAL BA 148 -16.74 -14.76 17.56
CA VAL BA 148 -17.03 -14.58 16.14
C VAL BA 148 -17.08 -13.10 15.83
N ILE BA 149 -16.54 -12.70 14.67
CA ILE BA 149 -16.70 -11.35 14.16
C ILE BA 149 -17.38 -11.44 12.80
N LEU BA 150 -18.63 -10.99 12.72
CA LEU BA 150 -19.39 -10.99 11.50
C LEU BA 150 -19.21 -9.67 10.76
N ALA BA 151 -19.22 -9.74 9.44
CA ALA BA 151 -19.21 -8.56 8.59
C ALA BA 151 -20.21 -8.79 7.47
N LEU BA 152 -21.26 -7.99 7.44
CA LEU BA 152 -22.32 -8.14 6.45
C LEU BA 152 -22.24 -6.99 5.47
N VAL BA 153 -22.88 -7.15 4.32
CA VAL BA 153 -23.01 -6.09 3.33
C VAL BA 153 -24.47 -6.12 2.86
N ALA BA 154 -25.04 -4.93 2.65
CA ALA BA 154 -26.48 -4.82 2.52
C ALA BA 154 -26.96 -5.25 1.15
N ASP BA 155 -27.79 -6.29 1.11
CA ASP BA 155 -28.52 -6.68 -0.09
C ASP BA 155 -30.01 -6.69 0.21
N GLU BA 156 -30.70 -5.61 -0.14
CA GLU BA 156 -32.09 -5.42 0.18
C GLU BA 156 -32.93 -5.88 -1.00
N SER BA 157 -34.20 -6.19 -0.74
CA SER BA 157 -35.10 -6.67 -1.77
C SER BA 157 -35.39 -5.57 -2.80
N LEU BA 158 -35.69 -6.00 -4.02
CA LEU BA 158 -35.94 -5.05 -5.09
C LEU BA 158 -37.39 -4.60 -5.16
N VAL BA 159 -38.33 -5.43 -4.71
CA VAL BA 159 -39.73 -5.04 -4.76
C VAL BA 159 -40.05 -4.09 -3.61
N LEU BA 160 -39.18 -4.01 -2.60
CA LEU BA 160 -39.30 -2.93 -1.63
C LEU BA 160 -38.75 -1.63 -2.19
N GLN BA 161 -37.62 -1.67 -2.89
CA GLN BA 161 -37.01 -0.45 -3.41
C GLN BA 161 -37.70 0.06 -4.66
N GLU BA 162 -38.52 -0.76 -5.31
CA GLU BA 162 -39.31 -0.26 -6.43
C GLU BA 162 -40.41 0.69 -5.93
N THR BA 163 -40.94 0.43 -4.74
CA THR BA 163 -42.07 1.22 -4.29
C THR BA 163 -41.66 2.36 -3.37
N GLU BA 164 -40.39 2.48 -3.01
CA GLU BA 164 -39.98 3.71 -2.36
C GLU BA 164 -39.75 4.82 -3.37
N GLN BA 165 -39.37 4.47 -4.60
CA GLN BA 165 -39.20 5.49 -5.63
C GLN BA 165 -40.54 6.06 -6.08
N ASN BA 166 -41.59 5.26 -5.99
CA ASN BA 166 -42.89 5.72 -6.48
C ASN BA 166 -43.57 6.63 -5.48
N LEU BA 167 -43.29 6.46 -4.19
CA LEU BA 167 -43.86 7.38 -3.21
C LEU BA 167 -43.02 8.64 -3.07
N GLN BA 168 -41.76 8.60 -3.52
CA GLN BA 168 -40.91 9.78 -3.45
C GLN BA 168 -41.10 10.66 -4.67
N SER BA 169 -41.11 10.07 -5.86
CA SER BA 169 -41.36 10.78 -7.11
C SER BA 169 -42.45 10.05 -7.87
N PRO BA 170 -43.72 10.40 -7.66
CA PRO BA 170 -44.81 9.69 -8.32
C PRO BA 170 -44.92 10.09 -9.78
N ALA BA 171 -45.68 9.29 -10.53
CA ALA BA 171 -45.90 9.61 -11.94
C ALA BA 171 -46.97 10.69 -12.10
N LYS BA 172 -47.94 10.74 -11.19
CA LYS BA 172 -49.03 11.69 -11.25
C LYS BA 172 -49.13 12.45 -9.95
N ILE BA 173 -49.36 13.75 -10.04
CA ILE BA 173 -49.48 14.64 -8.89
C ILE BA 173 -50.83 15.32 -8.97
N ALA BA 174 -51.48 15.51 -7.82
CA ALA BA 174 -52.61 16.42 -7.70
C ALA BA 174 -52.20 17.54 -6.75
N LEU BA 175 -52.57 18.78 -7.09
CA LEU BA 175 -52.11 19.96 -6.37
C LEU BA 175 -53.32 20.81 -5.99
N ARG BA 176 -53.31 21.35 -4.78
CA ARG BA 176 -54.33 22.28 -4.36
C ARG BA 176 -53.82 23.71 -4.49
N ILE BA 177 -54.53 24.53 -5.27
CA ILE BA 177 -54.20 25.93 -5.49
C ILE BA 177 -54.49 26.72 -4.22
N GLN BA 178 -53.77 27.82 -3.99
CA GLN BA 178 -54.03 28.70 -2.84
C GLN BA 178 -53.78 30.17 -3.18
N ASP BA 179 -54.85 30.87 -3.57
CA ASP BA 179 -55.02 32.33 -3.47
C ASP BA 179 -53.94 33.11 -4.24
N GLY BA 180 -54.02 33.03 -5.55
CA GLY BA 180 -53.29 34.00 -6.34
C GLY BA 180 -51.84 33.61 -6.57
N VAL BA 181 -51.54 32.32 -6.49
CA VAL BA 181 -50.34 31.79 -7.09
C VAL BA 181 -50.64 31.62 -8.57
N SER BA 182 -49.72 32.04 -9.41
CA SER BA 182 -49.99 31.98 -10.83
C SER BA 182 -49.71 30.59 -11.36
N LEU BA 183 -50.09 30.37 -12.62
CA LEU BA 183 -49.77 29.09 -13.25
C LEU BA 183 -48.28 28.98 -13.55
N ALA BA 184 -47.62 30.12 -13.75
CA ALA BA 184 -46.17 30.11 -13.91
C ALA BA 184 -45.48 29.79 -12.59
N LEU BA 185 -46.10 30.17 -11.48
CA LEU BA 185 -45.53 29.90 -10.16
C LEU BA 185 -45.85 28.49 -9.69
N MET BA 186 -47.04 27.98 -10.02
CA MET BA 186 -47.46 26.66 -9.59
C MET BA 186 -46.77 25.55 -10.38
N ALA BA 187 -46.39 25.82 -11.63
CA ALA BA 187 -45.69 24.80 -12.41
C ALA BA 187 -44.22 24.72 -12.05
N ALA BA 188 -43.71 25.69 -11.28
CA ALA BA 188 -42.38 25.55 -10.72
C ALA BA 188 -42.39 24.70 -9.47
N SER BA 189 -43.50 24.71 -8.73
CA SER BA 189 -43.64 23.87 -7.54
C SER BA 189 -43.81 22.39 -7.90
N THR BA 190 -44.14 22.07 -9.14
CA THR BA 190 -44.19 20.68 -9.55
C THR BA 190 -42.80 20.10 -9.72
N ALA BA 191 -41.79 20.94 -9.98
CA ALA BA 191 -40.44 20.47 -10.21
C ALA BA 191 -39.77 19.95 -8.95
N SER BA 192 -40.39 20.14 -7.78
CA SER BA 192 -39.87 19.53 -6.57
C SER BA 192 -39.95 18.01 -6.62
N THR BA 193 -41.00 17.47 -7.24
CA THR BA 193 -41.25 16.04 -7.22
C THR BA 193 -41.75 15.49 -8.56
N LEU BA 194 -41.26 16.03 -9.68
CA LEU BA 194 -41.65 15.49 -10.97
C LEU BA 194 -40.49 15.42 -11.96
N SER BA 195 -39.24 15.52 -11.49
CA SER BA 195 -38.02 15.34 -12.28
C SER BA 195 -37.97 16.31 -13.47
N GLY BA 196 -38.02 17.59 -13.15
CA GLY BA 196 -38.17 18.59 -14.17
C GLY BA 196 -39.64 18.87 -14.30
N GLY BA 197 -40.07 20.06 -13.88
CA GLY BA 197 -41.49 20.33 -13.79
C GLY BA 197 -42.15 20.42 -15.16
N VAL BA 198 -43.47 20.23 -15.15
CA VAL BA 198 -44.24 20.42 -16.38
C VAL BA 198 -44.23 21.88 -16.75
N ASP BA 199 -44.19 22.16 -18.04
CA ASP BA 199 -44.25 23.53 -18.52
C ASP BA 199 -45.62 24.12 -18.23
N TYR BA 200 -45.67 25.44 -18.14
CA TYR BA 200 -46.90 26.10 -17.72
C TYR BA 200 -47.97 26.04 -18.82
N LEU BA 201 -47.59 25.70 -20.04
CA LEU BA 201 -48.59 25.41 -21.06
C LEU BA 201 -49.06 23.98 -20.97
N THR BA 202 -48.13 23.03 -20.90
CA THR BA 202 -48.49 21.62 -20.83
C THR BA 202 -49.12 21.24 -19.50
N LEU BA 203 -49.03 22.10 -18.49
CA LEU BA 203 -49.83 21.91 -17.29
C LEU BA 203 -51.25 22.37 -17.53
N ALA BA 204 -51.42 23.45 -18.31
CA ALA BA 204 -52.76 23.96 -18.61
C ALA BA 204 -53.48 23.10 -19.63
N TRP BA 205 -52.75 22.39 -20.48
CA TRP BA 205 -53.40 21.53 -21.47
C TRP BA 205 -53.94 20.26 -20.84
N GLN BA 206 -53.20 19.72 -19.86
CA GLN BA 206 -53.60 18.45 -19.25
C GLN BA 206 -54.83 18.60 -18.38
N ASN BA 207 -54.92 19.71 -17.65
CA ASN BA 207 -56.11 19.97 -16.84
C ASN BA 207 -57.28 20.47 -17.66
N GLY BA 208 -57.08 20.79 -18.93
CA GLY BA 208 -58.15 21.32 -19.75
C GLY BA 208 -58.54 22.73 -19.36
N LEU BA 209 -57.55 23.58 -19.10
CA LEU BA 209 -57.84 24.93 -18.67
C LEU BA 209 -58.36 25.76 -19.83
N ASP BA 210 -59.43 26.51 -19.57
CA ASP BA 210 -59.99 27.39 -20.59
C ASP BA 210 -59.11 28.62 -20.79
N ASN BA 211 -58.27 28.90 -19.81
CA ASN BA 211 -57.50 30.14 -19.74
C ASN BA 211 -56.24 29.84 -18.95
N LEU BA 212 -55.23 30.70 -19.08
CA LEU BA 212 -54.04 30.49 -18.26
C LEU BA 212 -54.29 30.91 -16.82
N ASN BA 213 -55.17 31.87 -16.60
CA ASN BA 213 -55.57 32.26 -15.26
C ASN BA 213 -56.99 31.83 -14.95
N GLY BA 214 -57.50 30.84 -15.68
CA GLY BA 214 -58.87 30.39 -15.49
C GLY BA 214 -59.01 29.27 -14.49
N PHE BA 215 -58.44 29.44 -13.30
CA PHE BA 215 -58.64 28.50 -12.21
C PHE BA 215 -59.12 29.28 -10.99
N VAL BA 216 -60.05 28.70 -10.26
CA VAL BA 216 -60.43 29.26 -8.97
C VAL BA 216 -59.44 28.78 -7.91
N PRO BA 217 -59.25 29.49 -6.79
CA PRO BA 217 -58.27 29.02 -5.80
C PRO BA 217 -58.67 27.73 -5.09
N GLY BA 218 -59.92 27.32 -5.16
CA GLY BA 218 -60.28 26.06 -4.56
C GLY BA 218 -60.00 24.84 -5.43
N GLU BA 219 -59.67 25.04 -6.70
CA GLU BA 219 -59.65 23.96 -7.66
C GLU BA 219 -58.39 23.10 -7.49
N ILE BA 220 -58.50 21.83 -7.84
CA ILE BA 220 -57.39 20.89 -7.81
C ILE BA 220 -56.87 20.70 -9.23
N LEU BA 221 -55.57 20.93 -9.42
CA LEU BA 221 -54.93 20.70 -10.70
C LEU BA 221 -54.22 19.35 -10.68
N GLN BA 222 -53.94 18.81 -11.86
CA GLN BA 222 -53.28 17.53 -12.01
C GLN BA 222 -52.08 17.70 -12.93
N ALA BA 223 -50.95 17.12 -12.53
CA ALA BA 223 -49.68 17.32 -13.23
C ALA BA 223 -49.03 15.97 -13.49
N THR BA 224 -49.37 15.36 -14.62
CA THR BA 224 -48.74 14.09 -15.00
C THR BA 224 -47.58 14.35 -15.94
N ARG BA 225 -46.70 13.36 -16.05
CA ARG BA 225 -45.57 13.46 -16.97
C ARG BA 225 -45.52 12.28 -17.94
N LEU CA 3 -16.18 -36.80 30.93
CA LEU CA 3 -17.29 -37.69 31.24
C LEU CA 3 -16.79 -39.08 31.61
N ILE CA 4 -16.22 -39.77 30.62
CA ILE CA 4 -15.68 -41.10 30.86
C ILE CA 4 -14.32 -41.02 31.52
N GLU CA 5 -13.42 -40.25 30.95
CA GLU CA 5 -12.06 -40.15 31.48
C GLU CA 5 -11.65 -38.69 31.53
N ARG CA 6 -10.42 -38.46 31.96
CA ARG CA 6 -9.87 -37.11 32.10
C ARG CA 6 -8.42 -37.14 31.64
N GLY CA 7 -8.19 -36.79 30.39
CA GLY CA 7 -6.84 -36.80 29.84
C GLY CA 7 -6.72 -35.89 28.65
N LEU CA 8 -5.53 -35.35 28.39
CA LEU CA 8 -5.36 -34.40 27.31
C LEU CA 8 -5.48 -35.07 25.96
N ALA CA 9 -6.34 -34.50 25.12
CA ALA CA 9 -6.33 -34.76 23.70
C ALA CA 9 -5.33 -33.80 23.06
N LYS CA 10 -4.51 -34.32 22.16
CA LYS CA 10 -3.46 -33.50 21.59
C LYS CA 10 -3.59 -33.40 20.09
N LEU CA 11 -3.05 -32.31 19.56
CA LEU CA 11 -3.15 -31.97 18.15
C LEU CA 11 -2.35 -32.96 17.33
N THR CA 12 -2.95 -33.51 16.29
CA THR CA 12 -2.25 -34.38 15.36
C THR CA 12 -2.48 -33.85 13.95
N ILE CA 13 -1.42 -33.79 13.16
CA ILE CA 13 -1.50 -33.38 11.76
C ILE CA 13 -1.12 -34.57 10.90
N ASN CA 14 -2.09 -35.15 10.22
CA ASN CA 14 -1.86 -36.28 9.35
C ASN CA 14 -1.75 -35.79 7.91
N ALA CA 15 -0.64 -36.08 7.26
CA ALA CA 15 -0.42 -35.69 5.89
C ALA CA 15 -0.84 -36.82 4.97
N TYR CA 16 -1.65 -36.50 3.97
CA TYR CA 16 -2.08 -37.45 2.97
C TYR CA 16 -1.53 -37.03 1.62
N LYS CA 17 -1.21 -38.00 0.76
CA LYS CA 17 -0.64 -37.66 -0.54
C LYS CA 17 -1.73 -37.22 -1.51
N ASP CA 18 -2.95 -37.69 -1.32
CA ASP CA 18 -4.05 -37.37 -2.21
C ASP CA 18 -5.13 -36.58 -1.49
N ARG CA 19 -6.05 -36.01 -2.28
CA ARG CA 19 -7.11 -35.19 -1.69
C ARG CA 19 -8.13 -36.01 -0.95
N GLU CA 20 -8.42 -37.24 -1.41
CA GLU CA 20 -9.52 -38.00 -0.84
C GLU CA 20 -9.17 -38.53 0.55
N GLY CA 21 -7.89 -38.71 0.82
CA GLY CA 21 -7.46 -39.22 2.11
C GLY CA 21 -7.17 -40.69 2.16
N LYS CA 22 -6.62 -41.26 1.09
CA LYS CA 22 -6.45 -42.71 1.04
C LYS CA 22 -5.02 -43.13 1.31
N ILE CA 23 -4.06 -42.40 0.77
CA ILE CA 23 -2.65 -42.65 1.02
C ILE CA 23 -2.21 -41.83 2.22
N ARG CA 24 -1.37 -42.40 3.06
CA ARG CA 24 -0.87 -41.72 4.25
C ARG CA 24 0.60 -41.39 4.07
N ALA CA 25 1.00 -40.18 4.48
CA ALA CA 25 2.38 -39.74 4.33
C ALA CA 25 3.10 -39.54 5.65
N GLY CA 26 2.40 -39.63 6.77
CA GLY CA 26 3.04 -39.51 8.06
C GLY CA 26 2.27 -38.58 8.97
N THR CA 27 2.48 -38.76 10.26
CA THR CA 27 1.78 -38.00 11.28
C THR CA 27 2.76 -37.15 12.07
N LEU CA 28 2.22 -36.23 12.85
CA LEU CA 28 2.99 -35.45 13.82
C LEU CA 28 2.06 -35.04 14.95
N GLN CA 29 2.33 -35.53 16.15
CA GLN CA 29 1.56 -35.13 17.31
C GLN CA 29 2.26 -33.97 18.00
N ALA CA 30 1.49 -32.98 18.42
CA ALA CA 30 2.08 -31.80 19.02
C ALA CA 30 2.55 -32.10 20.44
N MET CA 31 3.61 -31.40 20.86
CA MET CA 31 4.08 -31.52 22.24
C MET CA 31 3.10 -30.86 23.20
N TYR CA 32 2.90 -29.56 23.05
CA TYR CA 32 1.85 -28.82 23.73
C TYR CA 32 0.85 -28.33 22.70
N ASN CA 33 -0.42 -28.32 23.08
CA ASN CA 33 -1.46 -27.87 22.17
C ASN CA 33 -1.35 -26.37 21.92
N PRO CA 34 -1.94 -25.87 20.83
CA PRO CA 34 -2.01 -24.42 20.66
C PRO CA 34 -2.91 -23.78 21.68
N ASP CA 35 -2.62 -22.51 21.98
CA ASP CA 35 -3.50 -21.75 22.89
C ASP CA 35 -4.80 -21.39 22.21
N SER CA 36 -4.72 -20.94 20.95
CA SER CA 36 -5.91 -20.44 20.26
C SER CA 36 -5.89 -20.90 18.83
N LEU CA 37 -7.09 -21.03 18.25
CA LEU CA 37 -7.27 -21.43 16.86
C LEU CA 37 -8.16 -20.41 16.18
N GLN CA 38 -7.66 -19.79 15.13
CA GLN CA 38 -8.37 -18.71 14.44
C GLN CA 38 -8.74 -19.17 13.04
N LEU CA 39 -10.03 -19.24 12.76
CA LEU CA 39 -10.54 -19.60 11.43
C LEU CA 39 -11.10 -18.35 10.77
N ASP CA 40 -10.65 -18.08 9.55
CA ASP CA 40 -11.01 -16.88 8.82
C ASP CA 40 -11.70 -17.27 7.52
N TYR CA 41 -12.96 -16.86 7.36
CA TYR CA 41 -13.69 -17.07 6.14
C TYR CA 41 -13.81 -15.74 5.40
N GLN CA 42 -14.14 -15.79 4.12
CA GLN CA 42 -14.25 -14.59 3.32
C GLN CA 42 -15.03 -14.88 2.05
N THR CA 43 -15.86 -13.93 1.64
CA THR CA 43 -16.64 -14.04 0.41
C THR CA 43 -16.55 -12.73 -0.34
N ASP CA 44 -16.48 -12.81 -1.67
CA ASP CA 44 -16.34 -11.64 -2.52
C ASP CA 44 -17.67 -11.32 -3.17
N TYR CA 45 -18.09 -10.06 -3.06
CA TYR CA 45 -19.33 -9.59 -3.65
C TYR CA 45 -19.01 -8.39 -4.52
N GLN CA 46 -19.49 -8.40 -5.76
CA GLN CA 46 -19.33 -7.26 -6.66
C GLN CA 46 -20.68 -6.56 -6.81
N GLN CA 47 -20.67 -5.24 -6.69
CA GLN CA 47 -21.92 -4.50 -6.80
C GLN CA 47 -22.19 -4.13 -8.25
N SER CA 48 -23.40 -4.45 -8.71
CA SER CA 48 -23.78 -4.24 -10.10
C SER CA 48 -24.05 -2.76 -10.35
N GLN CA 49 -23.38 -2.20 -11.35
CA GLN CA 49 -23.63 -0.84 -11.78
C GLN CA 49 -24.57 -0.85 -12.98
N ALA CA 50 -25.50 0.10 -13.00
CA ALA CA 50 -26.47 0.22 -14.07
C ALA CA 50 -26.79 1.68 -14.27
N ILE CA 51 -27.00 2.07 -15.52
CA ILE CA 51 -27.21 3.47 -15.85
C ILE CA 51 -28.61 3.91 -15.45
N ASN CA 52 -29.60 3.04 -15.65
CA ASN CA 52 -30.99 3.43 -15.44
C ASN CA 52 -31.33 3.53 -13.96
N SER CA 53 -31.24 2.42 -13.25
CA SER CA 53 -31.80 2.30 -11.92
C SER CA 53 -30.75 2.59 -10.86
N GLU CA 54 -31.21 2.80 -9.63
CA GLU CA 54 -30.38 3.01 -8.47
C GLU CA 54 -30.64 2.00 -7.36
N LYS CA 55 -31.01 0.78 -7.72
CA LYS CA 55 -31.22 -0.26 -6.72
C LYS CA 55 -29.88 -0.82 -6.27
N GLN CA 56 -29.68 -0.91 -4.96
CA GLN CA 56 -28.45 -1.43 -4.38
C GLN CA 56 -28.55 -2.95 -4.30
N SER CA 57 -27.85 -3.63 -5.20
CA SER CA 57 -27.92 -5.09 -5.27
C SER CA 57 -26.56 -5.63 -5.69
N SER CA 58 -25.88 -6.29 -4.76
CA SER CA 58 -24.54 -6.79 -4.98
C SER CA 58 -24.62 -8.28 -5.30
N ILE CA 59 -24.00 -8.69 -6.41
CA ILE CA 59 -24.02 -10.07 -6.86
C ILE CA 59 -22.92 -10.85 -6.14
N TYR CA 60 -22.96 -12.17 -6.26
CA TYR CA 60 -22.02 -13.06 -5.59
C TYR CA 60 -20.98 -13.52 -6.59
N VAL CA 61 -19.71 -13.40 -6.23
CA VAL CA 61 -18.60 -13.73 -7.13
C VAL CA 61 -17.95 -15.05 -6.73
N GLN CA 62 -17.40 -15.13 -5.52
CA GLN CA 62 -16.66 -16.32 -5.12
C GLN CA 62 -16.60 -16.38 -3.61
N ALA CA 63 -16.60 -17.60 -3.10
CA ALA CA 63 -16.44 -17.87 -1.67
C ALA CA 63 -15.03 -18.37 -1.47
N LYS CA 64 -14.17 -17.54 -0.91
CA LYS CA 64 -12.78 -17.90 -0.68
C LYS CA 64 -12.69 -19.01 0.37
N PRO CA 65 -11.70 -19.90 0.26
CA PRO CA 65 -11.60 -21.01 1.20
C PRO CA 65 -11.20 -20.55 2.60
N ALA CA 66 -11.47 -21.41 3.56
CA ALA CA 66 -11.17 -21.13 4.96
C ALA CA 66 -9.67 -21.15 5.20
N GLY CA 67 -9.25 -20.48 6.26
CA GLY CA 67 -7.85 -20.44 6.63
C GLY CA 67 -7.68 -20.58 8.13
N LEU CA 68 -7.03 -21.65 8.56
CA LEU CA 68 -6.75 -21.91 9.95
C LEU CA 68 -5.34 -21.44 10.26
N SER CA 69 -5.19 -20.79 11.41
CA SER CA 69 -3.90 -20.24 11.80
C SER CA 69 -3.67 -20.63 13.25
N LEU CA 70 -2.70 -21.49 13.48
CA LEU CA 70 -2.36 -21.97 14.81
C LEU CA 70 -0.86 -21.81 15.02
N GLU CA 71 -0.45 -21.63 16.26
CA GLU CA 71 0.96 -21.62 16.61
C GLU CA 71 1.24 -22.78 17.55
N LEU CA 72 2.44 -23.32 17.46
CA LEU CA 72 2.89 -24.40 18.32
C LEU CA 72 4.18 -23.99 18.98
N ILE CA 73 4.56 -24.70 20.03
CA ILE CA 73 5.87 -24.55 20.62
C ILE CA 73 6.46 -25.95 20.81
N PHE CA 74 7.76 -26.08 20.59
CA PHE CA 74 8.49 -27.30 20.84
C PHE CA 74 9.61 -26.98 21.80
N ASP CA 75 9.96 -27.92 22.66
CA ASP CA 75 10.90 -27.64 23.74
C ASP CA 75 11.71 -28.87 24.07
N ALA CA 76 12.96 -28.64 24.49
CA ALA CA 76 13.79 -29.70 25.04
C ALA CA 76 14.57 -29.25 26.26
N THR CA 77 14.24 -28.09 26.85
CA THR CA 77 14.92 -27.65 28.05
C THR CA 77 14.48 -28.45 29.25
N MET CA 78 13.18 -28.69 29.35
CA MET CA 78 12.55 -29.21 30.56
C MET CA 78 12.96 -30.65 30.82
N PRO CA 79 12.84 -31.12 32.06
CA PRO CA 79 13.23 -32.51 32.32
C PRO CA 79 12.18 -33.53 31.87
N GLY CA 80 10.93 -33.10 31.66
CA GLY CA 80 9.90 -34.05 31.30
C GLY CA 80 10.00 -34.55 29.87
N ASN CA 81 10.51 -33.72 28.98
CA ASN CA 81 10.51 -34.02 27.55
C ASN CA 81 11.93 -34.26 27.05
N LYS CA 82 12.09 -35.28 26.21
CA LYS CA 82 13.40 -35.70 25.74
C LYS CA 82 13.49 -35.89 24.23
N THR CA 83 12.38 -35.76 23.50
CA THR CA 83 12.44 -35.86 22.05
C THR CA 83 13.09 -34.60 21.48
N PRO CA 84 14.12 -34.72 20.66
CA PRO CA 84 14.82 -33.54 20.17
C PRO CA 84 14.01 -32.78 19.15
N ILE CA 85 14.31 -31.48 19.03
CA ILE CA 85 13.54 -30.63 18.15
C ILE CA 85 13.99 -30.76 16.71
N GLU CA 86 15.20 -31.26 16.45
CA GLU CA 86 15.56 -31.60 15.08
C GLU CA 86 14.72 -32.73 14.54
N GLU CA 87 14.29 -33.65 15.40
CA GLU CA 87 13.47 -34.76 14.95
C GLU CA 87 12.06 -34.30 14.63
N GLN CA 88 11.53 -33.35 15.42
CA GLN CA 88 10.15 -32.94 15.25
C GLN CA 88 10.01 -31.88 14.17
N LEU CA 89 11.02 -31.04 13.99
CA LEU CA 89 10.95 -30.04 12.92
C LEU CA 89 11.26 -30.65 11.57
N MET CA 90 11.97 -31.78 11.54
CA MET CA 90 12.10 -32.51 10.29
C MET CA 90 10.80 -33.20 9.94
N GLN CA 91 10.05 -33.62 10.96
CA GLN CA 91 8.76 -34.27 10.73
C GLN CA 91 7.72 -33.26 10.31
N LEU CA 92 7.83 -32.02 10.77
CA LEU CA 92 6.84 -31.01 10.44
C LEU CA 92 7.07 -30.41 9.06
N LYS CA 93 8.33 -30.24 8.67
CA LYS CA 93 8.61 -29.71 7.34
C LYS CA 93 8.33 -30.74 6.26
N GLN CA 94 8.32 -32.02 6.61
CA GLN CA 94 7.96 -33.05 5.63
C GLN CA 94 6.46 -33.12 5.40
N LEU CA 95 5.66 -32.32 6.10
CA LEU CA 95 4.24 -32.23 5.77
C LEU CA 95 3.95 -31.00 4.92
N CYS CA 96 4.73 -29.93 5.10
CA CYS CA 96 4.66 -28.76 4.23
C CYS CA 96 5.72 -28.91 3.14
N SER CA 97 5.58 -29.98 2.36
CA SER CA 97 6.65 -30.34 1.45
C SER CA 97 6.07 -30.83 0.14
N VAL CA 98 6.81 -30.58 -0.94
CA VAL CA 98 6.40 -30.98 -2.28
C VAL CA 98 6.59 -32.49 -2.38
N ASP CA 99 5.48 -33.22 -2.49
CA ASP CA 99 5.54 -34.66 -2.62
C ASP CA 99 6.07 -35.04 -4.00
N ALA CA 100 7.07 -35.91 -4.04
CA ALA CA 100 7.66 -36.28 -5.32
C ALA CA 100 6.79 -37.23 -6.11
N THR CA 101 5.80 -37.86 -5.48
CA THR CA 101 4.91 -38.75 -6.21
C THR CA 101 3.91 -37.97 -7.04
N SER CA 102 3.32 -36.92 -6.47
CA SER CA 102 2.23 -36.19 -7.10
C SER CA 102 2.63 -34.81 -7.57
N ASN CA 103 3.88 -34.39 -7.32
CA ASN CA 103 4.43 -33.08 -7.69
C ASN CA 103 3.66 -31.91 -7.11
N GLU CA 104 2.93 -32.12 -6.02
CA GLU CA 104 2.24 -31.05 -5.30
C GLU CA 104 2.65 -31.14 -3.84
N THR CA 105 2.03 -30.28 -3.03
CA THR CA 105 2.19 -30.42 -1.59
C THR CA 105 1.23 -31.48 -1.07
N ARG CA 106 1.42 -31.84 0.19
CA ARG CA 106 0.60 -32.88 0.79
C ARG CA 106 -0.60 -32.28 1.50
N PHE CA 107 -1.62 -33.12 1.70
CA PHE CA 107 -2.90 -32.68 2.25
C PHE CA 107 -2.91 -32.98 3.73
N LEU CA 108 -3.05 -31.95 4.54
CA LEU CA 108 -2.99 -32.13 5.97
C LEU CA 108 -4.39 -32.25 6.55
N GLN CA 109 -4.48 -32.97 7.67
CA GLN CA 109 -5.74 -33.12 8.40
C GLN CA 109 -5.47 -32.90 9.87
N VAL CA 110 -5.63 -31.66 10.31
CA VAL CA 110 -5.49 -31.30 11.71
C VAL CA 110 -6.74 -31.76 12.44
N LYS CA 111 -6.56 -32.48 13.54
CA LYS CA 111 -7.68 -32.91 14.36
C LYS CA 111 -7.20 -33.08 15.79
N TRP CA 112 -8.06 -32.73 16.75
CA TRP CA 112 -7.84 -33.10 18.15
C TRP CA 112 -9.13 -33.04 18.94
N GLY CA 113 -9.43 -34.16 19.61
CA GLY CA 113 -10.53 -34.25 20.54
C GLY CA 113 -11.88 -34.17 19.88
N LYS CA 114 -12.83 -33.61 20.61
CA LYS CA 114 -14.18 -33.41 20.12
C LYS CA 114 -14.36 -32.05 19.48
N MET CA 115 -13.32 -31.50 18.89
CA MET CA 115 -13.44 -30.21 18.24
C MET CA 115 -13.83 -30.42 16.78
N ARG CA 116 -15.07 -30.08 16.45
CA ARG CA 116 -15.54 -30.07 15.08
C ARG CA 116 -15.16 -28.73 14.48
N TRP CA 117 -14.58 -28.74 13.28
CA TRP CA 117 -14.13 -27.52 12.62
C TRP CA 117 -15.22 -27.07 11.65
N GLU CA 118 -16.38 -26.73 12.23
CA GLU CA 118 -17.64 -26.45 11.54
C GLU CA 118 -18.09 -27.65 10.71
N SER CA 119 -18.46 -28.70 11.44
CA SER CA 119 -19.12 -29.91 10.99
C SER CA 119 -18.20 -30.86 10.23
N ARG CA 120 -16.90 -30.79 10.48
CA ARG CA 120 -15.97 -31.82 10.09
C ARG CA 120 -15.10 -32.14 11.28
N GLY CA 121 -14.78 -33.41 11.47
CA GLY CA 121 -13.95 -33.80 12.61
C GLY CA 121 -12.51 -33.38 12.46
N TYR CA 122 -12.10 -33.03 11.25
CA TYR CA 122 -10.73 -32.68 10.93
C TYR CA 122 -10.74 -31.37 10.14
N PHE CA 123 -9.58 -30.75 9.99
CA PHE CA 123 -9.44 -29.60 9.11
C PHE CA 123 -8.59 -30.01 7.92
N ALA CA 124 -9.24 -30.40 6.84
CA ALA CA 124 -8.55 -30.83 5.63
C ALA CA 124 -8.07 -29.59 4.89
N GLY CA 125 -6.77 -29.49 4.66
CA GLY CA 125 -6.22 -28.38 3.91
C GLY CA 125 -4.72 -28.49 3.86
N ARG CA 126 -4.11 -27.66 3.04
CA ARG CA 126 -2.68 -27.68 2.89
C ARG CA 126 -2.04 -26.45 3.52
N ALA CA 127 -0.73 -26.55 3.79
CA ALA CA 127 -0.01 -25.51 4.51
C ALA CA 127 0.34 -24.38 3.56
N LYS CA 128 -0.10 -23.17 3.90
CA LYS CA 128 0.16 -22.01 3.06
C LYS CA 128 1.43 -21.29 3.51
N SER CA 129 1.76 -21.38 4.79
CA SER CA 129 2.94 -20.74 5.33
C SER CA 129 3.41 -21.52 6.54
N LEU CA 130 4.61 -21.19 7.01
CA LEU CA 130 5.25 -21.88 8.12
C LEU CA 130 6.39 -20.99 8.58
N SER CA 131 6.49 -20.78 9.89
CA SER CA 131 7.39 -19.75 10.37
C SER CA 131 8.07 -20.22 11.63
N VAL CA 132 9.25 -20.83 11.51
CA VAL CA 132 10.00 -21.34 12.64
C VAL CA 132 10.79 -20.19 13.22
N ASN CA 133 10.79 -20.06 14.54
CA ASN CA 133 11.49 -18.99 15.25
C ASN CA 133 12.30 -19.64 16.35
N TYR CA 134 13.54 -20.02 16.03
CA TYR CA 134 14.41 -20.64 16.99
C TYR CA 134 14.86 -19.65 18.04
N THR CA 135 14.68 -19.99 19.30
CA THR CA 135 15.29 -19.23 20.37
C THR CA 135 15.86 -20.21 21.39
N LEU CA 136 16.81 -19.72 22.18
CA LEU CA 136 17.39 -20.43 23.32
C LEU CA 136 18.06 -21.74 22.88
N PHE CA 137 19.15 -21.58 22.17
CA PHE CA 137 19.97 -22.72 21.82
C PHE CA 137 20.79 -23.16 23.02
N ASP CA 138 21.21 -24.42 23.00
CA ASP CA 138 22.27 -24.85 23.89
C ASP CA 138 23.60 -24.34 23.34
N ARG CA 139 24.66 -24.48 24.13
CA ARG CA 139 25.98 -24.12 23.61
C ARG CA 139 26.57 -25.18 22.72
N ASP CA 140 25.88 -26.30 22.56
CA ASP CA 140 26.13 -27.29 21.53
C ASP CA 140 25.41 -26.89 20.25
N ALA CA 141 24.70 -25.77 20.27
CA ALA CA 141 23.84 -25.21 19.24
C ALA CA 141 22.65 -26.09 18.90
N THR CA 142 22.27 -27.01 19.76
CA THR CA 142 20.97 -27.64 19.63
C THR CA 142 19.91 -26.68 20.13
N PRO CA 143 18.86 -26.43 19.35
CA PRO CA 143 17.80 -25.54 19.84
C PRO CA 143 16.96 -26.22 20.90
N LEU CA 144 16.58 -25.44 21.90
CA LEU CA 144 15.78 -25.93 23.00
C LEU CA 144 14.40 -25.31 23.05
N ARG CA 145 14.10 -24.34 22.19
CA ARG CA 145 12.78 -23.74 22.10
C ARG CA 145 12.54 -23.29 20.67
N VAL CA 146 11.36 -23.57 20.16
CA VAL CA 146 11.01 -23.34 18.76
C VAL CA 146 9.54 -22.93 18.74
N ARG CA 147 9.22 -21.84 18.07
CA ARG CA 147 7.85 -21.34 18.03
C ARG CA 147 7.35 -21.29 16.60
N VAL CA 148 6.74 -22.38 16.14
CA VAL CA 148 6.24 -22.50 14.78
C VAL CA 148 4.91 -21.79 14.68
N ILE CA 149 4.67 -21.09 13.57
CA ILE CA 149 3.36 -20.53 13.26
C ILE CA 149 2.90 -21.12 11.94
N LEU CA 150 1.87 -21.95 12.00
CA LEU CA 150 1.30 -22.58 10.82
C LEU CA 150 0.17 -21.74 10.27
N ALA CA 151 0.01 -21.75 8.95
CA ALA CA 151 -1.11 -21.12 8.29
C ALA CA 151 -1.57 -22.07 7.20
N LEU CA 152 -2.80 -22.56 7.33
CA LEU CA 152 -3.35 -23.52 6.40
C LEU CA 152 -4.43 -22.84 5.59
N VAL CA 153 -4.79 -23.45 4.46
CA VAL CA 153 -5.90 -23.00 3.64
C VAL CA 153 -6.69 -24.25 3.25
N ALA CA 154 -8.01 -24.13 3.24
CA ALA CA 154 -8.87 -25.32 3.20
C ALA CA 154 -8.94 -25.91 1.81
N ASP CA 155 -8.48 -27.15 1.66
CA ASP CA 155 -8.70 -27.95 0.46
C ASP CA 155 -9.40 -29.24 0.85
N GLU CA 156 -10.71 -29.27 0.68
CA GLU CA 156 -11.54 -30.39 1.09
C GLU CA 156 -11.74 -31.32 -0.09
N SER CA 157 -12.08 -32.57 0.19
CA SER CA 157 -12.28 -33.56 -0.86
C SER CA 157 -13.51 -33.24 -1.69
N LEU CA 158 -13.48 -33.67 -2.95
CA LEU CA 158 -14.58 -33.38 -3.86
C LEU CA 158 -15.70 -34.39 -3.79
N VAL CA 159 -15.40 -35.63 -3.41
CA VAL CA 159 -16.45 -36.64 -3.33
C VAL CA 159 -17.25 -36.47 -2.04
N LEU CA 160 -16.72 -35.71 -1.08
CA LEU CA 160 -17.55 -35.29 0.03
C LEU CA 160 -18.47 -34.15 -0.37
N GLN CA 161 -17.96 -33.18 -1.12
CA GLN CA 161 -18.77 -32.02 -1.49
C GLN CA 161 -19.74 -32.31 -2.62
N GLU CA 162 -19.56 -33.42 -3.34
CA GLU CA 162 -20.55 -33.82 -4.32
C GLU CA 162 -21.83 -34.30 -3.65
N THR CA 163 -21.71 -34.92 -2.47
CA THR CA 163 -22.89 -35.50 -1.86
C THR CA 163 -23.51 -34.60 -0.82
N GLU CA 164 -22.92 -33.45 -0.49
CA GLU CA 164 -23.65 -32.48 0.30
C GLU CA 164 -24.63 -31.70 -0.55
N GLN CA 165 -24.32 -31.52 -1.84
CA GLN CA 165 -25.26 -30.83 -2.72
C GLN CA 165 -26.49 -31.68 -3.02
N ASN CA 166 -26.33 -33.00 -2.99
CA ASN CA 166 -27.44 -33.86 -3.34
C ASN CA 166 -28.42 -34.01 -2.19
N LEU CA 167 -27.94 -33.90 -0.95
CA LEU CA 167 -28.86 -33.95 0.17
C LEU CA 167 -29.48 -32.59 0.45
N GLN CA 168 -28.88 -31.52 -0.06
CA GLN CA 168 -29.45 -30.19 0.13
C GLN CA 168 -30.48 -29.88 -0.94
N SER CA 169 -30.16 -30.15 -2.20
CA SER CA 169 -31.07 -29.97 -3.32
C SER CA 169 -31.12 -31.26 -4.12
N PRO CA 170 -32.03 -32.17 -3.80
CA PRO CA 170 -32.06 -33.46 -4.50
C PRO CA 170 -32.68 -33.32 -5.87
N ALA CA 171 -32.49 -34.35 -6.69
CA ALA CA 171 -33.09 -34.35 -8.02
C ALA CA 171 -34.56 -34.71 -7.97
N LYS CA 172 -34.96 -35.54 -7.01
CA LYS CA 172 -36.34 -36.00 -6.89
C LYS CA 172 -36.84 -35.74 -5.48
N ILE CA 173 -38.08 -35.28 -5.37
CA ILE CA 173 -38.71 -34.95 -4.10
C ILE CA 173 -40.00 -35.77 -4.02
N ALA CA 174 -40.30 -36.27 -2.83
CA ALA CA 174 -41.64 -36.78 -2.51
C ALA CA 174 -42.24 -35.90 -1.43
N LEU CA 175 -43.53 -35.57 -1.58
CA LEU CA 175 -44.20 -34.60 -0.72
C LEU CA 175 -45.47 -35.22 -0.16
N ARG CA 176 -45.73 -34.97 1.11
CA ARG CA 176 -47.00 -35.40 1.70
C ARG CA 176 -47.97 -34.23 1.75
N ILE CA 177 -49.14 -34.40 1.15
CA ILE CA 177 -50.19 -33.39 1.10
C ILE CA 177 -50.82 -33.27 2.49
N GLN CA 178 -51.35 -32.10 2.84
CA GLN CA 178 -52.06 -31.92 4.10
C GLN CA 178 -53.24 -30.94 3.97
N ASP CA 179 -54.44 -31.50 3.74
CA ASP CA 179 -55.74 -30.91 4.05
C ASP CA 179 -55.98 -29.57 3.36
N GLY CA 180 -56.15 -29.64 2.05
CA GLY CA 180 -56.71 -28.50 1.36
C GLY CA 180 -55.70 -27.44 1.02
N VAL CA 181 -54.44 -27.84 0.90
CA VAL CA 181 -53.46 -27.05 0.16
C VAL CA 181 -53.70 -27.36 -1.31
N SER CA 182 -53.71 -26.33 -2.14
CA SER CA 182 -54.02 -26.55 -3.54
C SER CA 182 -52.76 -27.01 -4.27
N LEU CA 183 -52.96 -27.41 -5.52
CA LEU CA 183 -51.80 -27.77 -6.34
C LEU CA 183 -51.00 -26.53 -6.73
N ALA CA 184 -51.67 -25.38 -6.81
CA ALA CA 184 -50.94 -24.14 -7.04
C ALA CA 184 -50.13 -23.73 -5.81
N LEU CA 185 -50.60 -24.11 -4.63
CA LEU CA 185 -49.88 -23.79 -3.40
C LEU CA 185 -48.78 -24.79 -3.12
N MET CA 186 -49.00 -26.06 -3.45
CA MET CA 186 -48.02 -27.10 -3.21
C MET CA 186 -46.85 -27.04 -4.17
N ALA CA 187 -47.07 -26.55 -5.39
CA ALA CA 187 -45.97 -26.45 -6.34
C ALA CA 187 -45.11 -25.23 -6.06
N ALA CA 188 -45.56 -24.33 -5.20
CA ALA CA 188 -44.69 -23.25 -4.74
C ALA CA 188 -43.77 -23.74 -3.62
N SER CA 189 -44.23 -24.71 -2.83
CA SER CA 189 -43.42 -25.29 -1.77
C SER CA 189 -42.30 -26.17 -2.32
N THR CA 190 -42.38 -26.59 -3.58
CA THR CA 190 -41.28 -27.32 -4.18
C THR CA 190 -40.11 -26.41 -4.50
N ALA CA 191 -40.36 -25.12 -4.69
CA ALA CA 191 -39.31 -24.18 -5.05
C ALA CA 191 -38.33 -23.89 -3.92
N SER CA 192 -38.63 -24.37 -2.71
CA SER CA 192 -37.67 -24.26 -1.61
C SER CA 192 -36.44 -25.10 -1.88
N THR CA 193 -36.60 -26.26 -2.52
CA THR CA 193 -35.50 -27.21 -2.69
C THR CA 193 -35.49 -27.88 -4.06
N LEU CA 194 -35.87 -27.14 -5.11
CA LEU CA 194 -35.80 -27.72 -6.45
C LEU CA 194 -35.30 -26.73 -7.50
N SER CA 195 -34.68 -25.63 -7.08
CA SER CA 195 -34.04 -24.64 -7.96
C SER CA 195 -35.01 -24.07 -8.99
N GLY CA 196 -36.06 -23.47 -8.50
CA GLY CA 196 -37.16 -23.07 -9.36
C GLY CA 196 -38.15 -24.19 -9.37
N GLY CA 197 -39.32 -23.96 -8.77
CA GLY CA 197 -40.25 -25.06 -8.56
C GLY CA 197 -40.88 -25.55 -9.86
N VAL CA 198 -41.37 -26.78 -9.82
CA VAL CA 198 -42.09 -27.31 -10.96
C VAL CA 198 -43.40 -26.55 -11.12
N ASP CA 199 -43.80 -26.33 -12.37
CA ASP CA 199 -45.07 -25.68 -12.64
C ASP CA 199 -46.21 -26.57 -12.18
N TYR CA 200 -47.36 -25.95 -11.92
CA TYR CA 200 -48.48 -26.69 -11.34
C TYR CA 200 -49.13 -27.61 -12.36
N LEU CA 201 -48.83 -27.42 -13.65
CA LEU CA 201 -49.24 -28.40 -14.66
C LEU CA 201 -48.25 -29.54 -14.74
N THR CA 202 -46.96 -29.22 -14.86
CA THR CA 202 -45.93 -30.24 -14.97
C THR CA 202 -45.72 -31.01 -13.68
N LEU CA 203 -46.26 -30.52 -12.56
CA LEU CA 203 -46.32 -31.35 -11.36
C LEU CA 203 -47.48 -32.34 -11.46
N ALA CA 204 -48.59 -31.91 -12.06
CA ALA CA 204 -49.74 -32.79 -12.22
C ALA CA 204 -49.52 -33.83 -13.31
N TRP CA 205 -48.69 -33.54 -14.30
CA TRP CA 205 -48.44 -34.50 -15.35
C TRP CA 205 -47.52 -35.62 -14.89
N GLN CA 206 -46.55 -35.30 -14.03
CA GLN CA 206 -45.58 -36.29 -13.59
C GLN CA 206 -46.20 -37.29 -12.64
N ASN CA 207 -47.08 -36.84 -11.76
CA ASN CA 207 -47.78 -37.75 -10.85
C ASN CA 207 -48.92 -38.48 -11.53
N GLY CA 208 -49.28 -38.11 -12.76
CA GLY CA 208 -50.39 -38.75 -13.43
C GLY CA 208 -51.72 -38.37 -12.83
N LEU CA 209 -51.91 -37.10 -12.52
CA LEU CA 209 -53.14 -36.67 -11.88
C LEU CA 209 -54.29 -36.66 -12.87
N ASP CA 210 -55.43 -37.23 -12.45
CA ASP CA 210 -56.61 -37.24 -13.31
C ASP CA 210 -57.23 -35.85 -13.37
N ASN CA 211 -56.91 -35.00 -12.41
CA ASN CA 211 -57.57 -33.72 -12.21
C ASN CA 211 -56.55 -32.80 -11.54
N LEU CA 212 -56.80 -31.49 -11.59
CA LEU CA 212 -55.89 -30.60 -10.88
C LEU CA 212 -56.16 -30.63 -9.38
N ASN CA 213 -57.39 -30.91 -8.98
CA ASN CA 213 -57.73 -31.10 -7.58
C ASN CA 213 -58.04 -32.55 -7.26
N GLY CA 214 -57.55 -33.47 -8.08
CA GLY CA 214 -57.83 -34.88 -7.90
C GLY CA 214 -56.80 -35.60 -7.06
N PHE CA 215 -56.49 -35.06 -5.89
CA PHE CA 215 -55.63 -35.73 -4.93
C PHE CA 215 -56.35 -35.79 -3.60
N VAL CA 216 -56.21 -36.91 -2.91
CA VAL CA 216 -56.69 -36.98 -1.52
C VAL CA 216 -55.62 -36.40 -0.61
N PRO CA 217 -55.96 -35.90 0.59
CA PRO CA 217 -54.93 -35.33 1.45
C PRO CA 217 -53.92 -36.34 1.98
N GLY CA 218 -54.22 -37.63 1.92
CA GLY CA 218 -53.24 -38.60 2.35
C GLY CA 218 -52.19 -38.95 1.32
N GLU CA 219 -52.39 -38.53 0.07
CA GLU CA 219 -51.59 -39.03 -1.04
C GLU CA 219 -50.21 -38.39 -1.06
N ILE CA 220 -49.23 -39.11 -1.57
CA ILE CA 220 -47.86 -38.63 -1.74
C ILE CA 220 -47.64 -38.24 -3.19
N LEU CA 221 -47.22 -37.01 -3.43
CA LEU CA 221 -46.89 -36.53 -4.75
C LEU CA 221 -45.38 -36.60 -4.95
N GLN CA 222 -44.97 -36.61 -6.22
CA GLN CA 222 -43.56 -36.69 -6.58
C GLN CA 222 -43.23 -35.54 -7.52
N ALA CA 223 -42.12 -34.86 -7.28
CA ALA CA 223 -41.74 -33.65 -8.01
C ALA CA 223 -40.31 -33.78 -8.49
N THR CA 224 -40.12 -34.34 -9.67
CA THR CA 224 -38.79 -34.43 -10.26
C THR CA 224 -38.56 -33.27 -11.23
N ARG CA 225 -37.29 -33.02 -11.52
CA ARG CA 225 -36.94 -31.97 -12.46
C ARG CA 225 -36.07 -32.50 -13.60
N LEU DA 3 27.75 -33.43 26.17
CA LEU DA 3 28.00 -34.84 26.41
C LEU DA 3 29.48 -35.11 26.55
N ILE DA 4 30.20 -34.94 25.45
CA ILE DA 4 31.64 -35.18 25.46
C ILE DA 4 32.37 -33.97 26.06
N GLU DA 5 32.07 -32.78 25.55
CA GLU DA 5 32.75 -31.58 26.02
C GLU DA 5 31.73 -30.50 26.26
N ARG DA 6 32.22 -29.33 26.65
CA ARG DA 6 31.37 -28.18 26.95
C ARG DA 6 32.07 -26.94 26.41
N GLY DA 7 31.69 -26.51 25.21
CA GLY DA 7 32.30 -25.35 24.60
C GLY DA 7 31.40 -24.75 23.55
N LEU DA 8 31.52 -23.45 23.31
CA LEU DA 8 30.63 -22.78 22.37
C LEU DA 8 30.93 -23.19 20.93
N ALA DA 9 29.89 -23.62 20.23
CA ALA DA 9 29.90 -23.70 18.79
C ALA DA 9 29.49 -22.35 18.25
N LYS DA 10 30.21 -21.87 17.24
CA LYS DA 10 29.98 -20.53 16.74
C LYS DA 10 29.58 -20.56 15.28
N LEU DA 11 28.85 -19.52 14.88
CA LEU DA 11 28.31 -19.40 13.55
C LEU DA 11 29.43 -19.18 12.55
N THR DA 12 29.44 -19.96 11.48
CA THR DA 12 30.39 -19.77 10.39
C THR DA 12 29.60 -19.67 9.09
N ILE DA 13 29.97 -18.69 8.26
CA ILE DA 13 29.38 -18.52 6.94
C ILE DA 13 30.45 -18.77 5.90
N ASN DA 14 30.36 -19.88 5.19
CA ASN DA 14 31.32 -20.23 4.16
C ASN DA 14 30.73 -19.85 2.81
N ALA DA 15 31.44 -19.03 2.06
CA ALA DA 15 31.01 -18.59 0.75
C ALA DA 15 31.62 -19.51 -0.30
N TYR DA 16 30.79 -20.02 -1.20
CA TYR DA 16 31.23 -20.84 -2.30
C TYR DA 16 30.95 -20.11 -3.60
N LYS DA 17 31.80 -20.31 -4.60
CA LYS DA 17 31.60 -19.62 -5.87
C LYS DA 17 30.54 -20.30 -6.71
N ASP DA 18 30.35 -21.60 -6.54
CA ASP DA 18 29.39 -22.37 -7.32
C ASP DA 18 28.28 -22.91 -6.42
N ARG DA 19 27.21 -23.40 -7.07
CA ARG DA 19 26.08 -23.90 -6.32
C ARG DA 19 26.36 -25.23 -5.65
N GLU DA 20 27.19 -26.08 -6.27
CA GLU DA 20 27.38 -27.43 -5.75
C GLU DA 20 28.21 -27.44 -4.47
N GLY DA 21 29.05 -26.43 -4.29
CA GLY DA 21 29.89 -26.35 -3.12
C GLY DA 21 31.29 -26.86 -3.29
N LYS DA 22 31.90 -26.65 -4.46
CA LYS DA 22 33.20 -27.23 -4.73
C LYS DA 22 34.32 -26.21 -4.59
N ILE DA 23 34.11 -25.00 -5.08
CA ILE DA 23 35.08 -23.92 -4.93
C ILE DA 23 34.77 -23.16 -3.66
N ARG DA 24 35.81 -22.74 -2.95
CA ARG DA 24 35.65 -22.00 -1.71
C ARG DA 24 36.10 -20.56 -1.91
N ALA DA 25 35.34 -19.62 -1.36
CA ALA DA 25 35.63 -18.20 -1.52
C ALA DA 25 36.02 -17.52 -0.22
N GLY DA 26 35.92 -18.19 0.91
CA GLY DA 26 36.33 -17.61 2.17
C GLY DA 26 35.29 -17.83 3.23
N THR DA 27 35.74 -17.77 4.48
CA THR DA 27 34.89 -18.02 5.64
C THR DA 27 34.79 -16.76 6.48
N LEU DA 28 33.84 -16.79 7.42
CA LEU DA 28 33.72 -15.75 8.43
C LEU DA 28 33.06 -16.38 9.66
N GLN DA 29 33.79 -16.43 10.76
CA GLN DA 29 33.24 -16.92 12.02
C GLN DA 29 32.72 -15.75 12.82
N ALA DA 30 31.54 -15.92 13.41
CA ALA DA 30 30.93 -14.83 14.15
C ALA DA 30 31.63 -14.61 15.48
N MET DA 31 31.64 -13.36 15.94
CA MET DA 31 32.18 -13.06 17.26
C MET DA 31 31.28 -13.59 18.36
N TYR DA 32 30.04 -13.10 18.41
CA TYR DA 32 28.99 -13.65 19.24
C TYR DA 32 27.92 -14.23 18.35
N ASN DA 33 27.31 -15.33 18.79
CA ASN DA 33 26.28 -15.98 18.01
C ASN DA 33 25.01 -15.12 17.97
N PRO DA 34 24.13 -15.33 17.00
CA PRO DA 34 22.84 -14.66 17.03
C PRO DA 34 21.99 -15.14 18.19
N ASP DA 35 21.10 -14.26 18.65
CA ASP DA 35 20.16 -14.64 19.70
C ASP DA 35 19.09 -15.57 19.15
N SER DA 36 18.55 -15.25 17.97
CA SER DA 36 17.43 -15.98 17.42
C SER DA 36 17.62 -16.17 15.94
N LEU DA 37 17.04 -17.25 15.41
CA LEU DA 37 17.07 -17.57 13.99
C LEU DA 37 15.65 -17.80 13.51
N GLN DA 38 15.22 -17.02 12.53
CA GLN DA 38 13.84 -17.08 12.05
C GLN DA 38 13.84 -17.59 10.61
N LEU DA 39 13.21 -18.74 10.39
CA LEU DA 39 13.04 -19.31 9.07
C LEU DA 39 11.61 -19.15 8.61
N ASP DA 40 11.44 -18.59 7.41
CA ASP DA 40 10.11 -18.27 6.89
C ASP DA 40 9.89 -19.03 5.59
N TYR DA 41 8.90 -19.89 5.55
CA TYR DA 41 8.51 -20.60 4.35
C TYR DA 41 7.22 -20.01 3.83
N GLN DA 42 6.91 -20.28 2.56
CA GLN DA 42 5.70 -19.75 1.95
C GLN DA 42 5.38 -20.54 0.70
N THR DA 43 4.08 -20.76 0.47
CA THR DA 43 3.60 -21.46 -0.71
C THR DA 43 2.41 -20.70 -1.28
N ASP DA 44 2.33 -20.63 -2.60
CA ASP DA 44 1.27 -19.91 -3.29
C ASP DA 44 0.22 -20.88 -3.81
N TYR DA 45 -1.05 -20.60 -3.50
CA TYR DA 45 -2.15 -21.41 -3.96
C TYR DA 45 -3.15 -20.50 -4.66
N GLN DA 46 -3.56 -20.89 -5.86
CA GLN DA 46 -4.58 -20.16 -6.60
C GLN DA 46 -5.87 -20.95 -6.58
N GLN DA 47 -6.98 -20.28 -6.27
CA GLN DA 47 -8.27 -20.97 -6.21
C GLN DA 47 -8.93 -20.98 -7.58
N SER DA 48 -9.33 -22.17 -8.01
CA SER DA 48 -9.91 -22.36 -9.33
C SER DA 48 -11.34 -21.83 -9.34
N GLN DA 49 -11.63 -20.94 -10.29
CA GLN DA 49 -12.99 -20.46 -10.51
C GLN DA 49 -13.63 -21.25 -11.65
N ALA DA 50 -14.90 -21.56 -11.49
CA ALA DA 50 -15.66 -22.30 -12.47
C ALA DA 50 -17.09 -21.83 -12.44
N ILE DA 51 -17.72 -21.79 -13.62
CA ILE DA 51 -19.06 -21.25 -13.73
C ILE DA 51 -20.07 -22.24 -13.19
N ASN DA 52 -19.87 -23.53 -13.47
CA ASN DA 52 -20.87 -24.54 -13.13
C ASN DA 52 -20.91 -24.81 -11.64
N SER DA 53 -19.81 -25.32 -11.09
CA SER DA 53 -19.79 -25.89 -9.76
C SER DA 53 -19.36 -24.87 -8.73
N GLU DA 54 -19.58 -25.21 -7.47
CA GLU DA 54 -19.18 -24.41 -6.33
C GLU DA 54 -18.27 -25.17 -5.37
N LYS DA 55 -17.48 -26.11 -5.88
CA LYS DA 55 -16.55 -26.84 -5.03
C LYS DA 55 -15.32 -25.98 -4.73
N GLN DA 56 -14.96 -25.88 -3.45
CA GLN DA 56 -13.80 -25.11 -3.02
C GLN DA 56 -12.55 -25.96 -3.17
N SER DA 57 -11.75 -25.69 -4.19
CA SER DA 57 -10.56 -26.48 -4.47
C SER DA 57 -9.48 -25.58 -5.02
N SER DA 58 -8.43 -25.35 -4.23
CA SER DA 58 -7.35 -24.44 -4.60
C SER DA 58 -6.18 -25.26 -5.13
N ILE DA 59 -5.69 -24.89 -6.30
CA ILE DA 59 -4.59 -25.60 -6.94
C ILE DA 59 -3.27 -25.08 -6.41
N TYR DA 60 -2.19 -25.77 -6.72
CA TYR DA 60 -0.86 -25.44 -6.23
C TYR DA 60 -0.09 -24.74 -7.34
N VAL DA 61 0.50 -23.59 -7.03
CA VAL DA 61 1.21 -22.79 -8.02
C VAL DA 61 2.72 -22.91 -7.86
N GLN DA 62 3.25 -22.50 -6.70
CA GLN DA 62 4.69 -22.48 -6.51
C GLN DA 62 5.01 -22.50 -5.02
N ALA DA 63 6.11 -23.14 -4.69
CA ALA DA 63 6.63 -23.16 -3.33
C ALA DA 63 7.82 -22.21 -3.28
N LYS DA 64 7.62 -21.06 -2.65
CA LYS DA 64 8.66 -20.06 -2.55
C LYS DA 64 9.81 -20.57 -1.68
N PRO DA 65 11.04 -20.16 -1.96
CA PRO DA 65 12.18 -20.67 -1.20
C PRO DA 65 12.21 -20.13 0.22
N ALA DA 66 12.95 -20.83 1.07
CA ALA DA 66 13.07 -20.45 2.47
C ALA DA 66 13.88 -19.18 2.63
N GLY DA 67 13.68 -18.51 3.75
CA GLY DA 67 14.41 -17.30 4.05
C GLY DA 67 14.84 -17.26 5.51
N LEU DA 68 16.14 -17.26 5.74
CA LEU DA 68 16.71 -17.18 7.07
C LEU DA 68 17.06 -15.74 7.36
N SER DA 69 16.77 -15.31 8.58
CA SER DA 69 17.00 -13.93 8.98
C SER DA 69 17.67 -13.96 10.35
N LEU DA 70 18.94 -13.57 10.40
CA LEU DA 70 19.71 -13.56 11.62
C LEU DA 70 20.36 -12.19 11.76
N GLU DA 71 20.59 -11.78 13.01
CA GLU DA 71 21.35 -10.58 13.27
C GLU DA 71 22.61 -10.94 14.03
N LEU DA 72 23.67 -10.18 13.80
CA LEU DA 72 24.94 -10.36 14.47
C LEU DA 72 25.35 -9.06 15.11
N ILE DA 73 26.29 -9.12 16.03
CA ILE DA 73 26.93 -7.93 16.57
C ILE DA 73 28.44 -8.14 16.52
N PHE DA 74 29.17 -7.08 16.21
CA PHE DA 74 30.61 -7.08 16.25
C PHE DA 74 31.05 -5.98 17.19
N ASP DA 75 32.15 -6.18 17.89
CA ASP DA 75 32.55 -5.26 18.93
C ASP DA 75 34.06 -5.18 19.06
N ALA DA 76 34.55 -4.01 19.44
CA ALA DA 76 35.96 -3.84 19.78
C ALA DA 76 36.15 -2.97 21.02
N THR DA 77 35.09 -2.68 21.77
CA THR DA 77 35.23 -1.90 22.99
C THR DA 77 35.88 -2.73 24.09
N MET DA 78 35.44 -3.98 24.22
CA MET DA 78 35.73 -4.81 25.37
C MET DA 78 37.21 -5.20 25.39
N PRO DA 79 37.74 -5.56 26.57
CA PRO DA 79 39.15 -5.96 26.60
C PRO DA 79 39.42 -7.35 26.08
N GLY DA 80 38.40 -8.19 25.98
CA GLY DA 80 38.64 -9.57 25.56
C GLY DA 80 38.90 -9.70 24.07
N ASN DA 81 38.31 -8.82 23.27
CA ASN DA 81 38.35 -8.91 21.81
C ASN DA 81 39.20 -7.80 21.21
N LYS DA 82 40.02 -8.16 20.23
CA LYS DA 82 40.96 -7.24 19.64
C LYS DA 82 40.94 -7.22 18.12
N THR DA 83 40.18 -8.08 17.47
CA THR DA 83 40.06 -8.04 16.02
C THR DA 83 39.24 -6.83 15.60
N PRO DA 84 39.75 -5.98 14.71
CA PRO DA 84 39.02 -4.76 14.37
C PRO DA 84 37.80 -5.05 13.51
N ILE DA 85 36.84 -4.13 13.56
CA ILE DA 85 35.58 -4.34 12.86
C ILE DA 85 35.71 -3.98 11.38
N GLU DA 86 36.71 -3.18 11.00
CA GLU DA 86 36.97 -3.01 9.57
C GLU DA 86 37.43 -4.29 8.91
N GLU DA 87 38.12 -5.15 9.65
CA GLU DA 87 38.59 -6.41 9.10
C GLU DA 87 37.43 -7.38 8.92
N GLN DA 88 36.49 -7.38 9.87
CA GLN DA 88 35.41 -8.35 9.84
C GLN DA 88 34.28 -7.91 8.91
N LEU DA 89 34.04 -6.60 8.81
CA LEU DA 89 33.00 -6.13 7.91
C LEU DA 89 33.47 -6.14 6.46
N MET DA 90 34.78 -6.09 6.24
CA MET DA 90 35.29 -6.32 4.89
C MET DA 90 35.16 -7.78 4.52
N GLN DA 91 35.30 -8.67 5.50
CA GLN DA 91 35.16 -10.10 5.25
C GLN DA 91 33.71 -10.48 5.03
N LEU DA 92 32.78 -9.76 5.66
CA LEU DA 92 31.38 -10.10 5.53
C LEU DA 92 30.78 -9.55 4.24
N LYS DA 93 31.21 -8.36 3.81
CA LYS DA 93 30.70 -7.83 2.56
C LYS DA 93 31.28 -8.56 1.36
N GLN DA 94 32.42 -9.23 1.52
CA GLN DA 94 32.95 -10.04 0.43
C GLN DA 94 32.22 -11.36 0.26
N LEU DA 95 31.25 -11.66 1.12
CA LEU DA 95 30.40 -12.82 0.88
C LEU DA 95 29.09 -12.43 0.23
N CYS DA 96 28.60 -11.22 0.52
CA CYS DA 96 27.44 -10.67 -0.17
C CYS DA 96 27.93 -9.80 -1.32
N SER DA 97 28.65 -10.44 -2.25
CA SER DA 97 29.37 -9.67 -3.25
C SER DA 97 29.30 -10.39 -4.59
N VAL DA 98 29.29 -9.59 -5.65
CA VAL DA 98 29.23 -10.11 -7.01
C VAL DA 98 30.59 -10.72 -7.34
N ASP DA 99 30.63 -12.03 -7.49
CA ASP DA 99 31.86 -12.71 -7.83
C ASP DA 99 32.25 -12.41 -9.27
N ALA DA 100 33.49 -11.99 -9.49
CA ALA DA 100 33.90 -11.63 -10.83
C ALA DA 100 34.17 -12.84 -11.72
N THR DA 101 34.29 -14.03 -11.13
CA THR DA 101 34.49 -15.24 -11.92
C THR DA 101 33.19 -15.68 -12.58
N SER DA 102 32.10 -15.67 -11.84
CA SER DA 102 30.83 -16.22 -12.30
C SER DA 102 29.79 -15.16 -12.59
N ASN DA 103 30.09 -13.88 -12.36
CA ASN DA 103 29.21 -12.72 -12.56
C ASN DA 103 27.91 -12.81 -11.77
N GLU DA 104 27.88 -13.58 -10.69
CA GLU DA 104 26.73 -13.66 -9.79
C GLU DA 104 27.22 -13.39 -8.38
N THR DA 105 26.31 -13.50 -7.42
CA THR DA 105 26.72 -13.47 -6.03
C THR DA 105 27.22 -14.85 -5.61
N ARG DA 106 27.81 -14.91 -4.43
CA ARG DA 106 28.37 -16.17 -3.95
C ARG DA 106 27.37 -16.91 -3.10
N PHE DA 107 27.59 -18.21 -2.96
CA PHE DA 107 26.65 -19.11 -2.30
C PHE DA 107 27.12 -19.32 -0.86
N LEU DA 108 26.29 -18.93 0.09
CA LEU DA 108 26.70 -19.01 1.48
C LEU DA 108 26.19 -20.30 2.11
N GLN DA 109 26.91 -20.77 3.11
CA GLN DA 109 26.53 -21.95 3.87
C GLN DA 109 26.68 -21.65 5.34
N VAL DA 110 25.62 -21.18 5.97
CA VAL DA 110 25.58 -20.90 7.40
C VAL DA 110 25.46 -22.23 8.11
N LYS DA 111 26.33 -22.47 9.09
CA LYS DA 111 26.24 -23.67 9.91
C LYS DA 111 26.85 -23.39 11.26
N TRP DA 112 26.26 -23.97 12.31
CA TRP DA 112 26.90 -24.02 13.63
C TRP DA 112 26.31 -25.12 14.48
N GLY DA 113 27.21 -25.95 15.01
CA GLY DA 113 26.87 -26.98 15.97
C GLY DA 113 26.03 -28.08 15.40
N LYS DA 114 25.18 -28.65 16.26
CA LYS DA 114 24.25 -29.69 15.86
C LYS DA 114 22.92 -29.14 15.44
N MET DA 115 22.88 -27.94 14.88
CA MET DA 115 21.63 -27.38 14.42
C MET DA 115 21.39 -27.78 12.98
N ARG DA 116 20.42 -28.67 12.76
CA ARG DA 116 19.98 -29.03 11.43
C ARG DA 116 18.93 -28.00 11.01
N TRP DA 117 19.06 -27.48 9.80
CA TRP DA 117 18.15 -26.46 9.30
C TRP DA 117 17.08 -27.14 8.45
N GLU DA 118 16.29 -27.98 9.15
CA GLU DA 118 15.31 -28.91 8.56
C GLU DA 118 15.98 -29.87 7.59
N SER DA 119 16.79 -30.75 8.19
CA SER DA 119 17.43 -31.92 7.60
C SER DA 119 18.58 -31.59 6.66
N ARG DA 120 19.21 -30.45 6.86
CA ARG DA 120 20.50 -30.15 6.27
C ARG DA 120 21.39 -29.59 7.36
N GLY DA 121 22.66 -29.98 7.35
CA GLY DA 121 23.57 -29.49 8.38
C GLY DA 121 23.92 -28.02 8.21
N TYR DA 122 23.66 -27.46 7.04
CA TYR DA 122 23.99 -26.09 6.70
C TYR DA 122 22.76 -25.41 6.12
N PHE DA 123 22.81 -24.10 5.99
CA PHE DA 123 21.76 -23.37 5.28
C PHE DA 123 22.36 -22.81 4.00
N ALA DA 124 22.20 -23.54 2.91
CA ALA DA 124 22.73 -23.13 1.62
C ALA DA 124 21.81 -22.08 1.04
N GLY DA 125 22.35 -20.90 0.76
CA GLY DA 125 21.57 -19.85 0.14
C GLY DA 125 22.41 -18.60 0.00
N ARG DA 126 21.89 -17.64 -0.74
CA ARG DA 126 22.62 -16.40 -0.96
C ARG DA 126 21.98 -15.25 -0.19
N ALA DA 127 22.76 -14.18 -0.01
CA ALA DA 127 22.35 -13.05 0.82
C ALA DA 127 21.42 -12.15 0.02
N LYS DA 128 20.23 -11.93 0.55
CA LYS DA 128 19.24 -11.09 -0.13
C LYS DA 128 19.34 -9.65 0.34
N SER DA 129 19.77 -9.45 1.58
CA SER DA 129 19.92 -8.11 2.16
C SER DA 129 21.00 -8.14 3.22
N LEU DA 130 21.39 -6.95 3.65
CA LEU DA 130 22.46 -6.78 4.63
C LEU DA 130 22.35 -5.36 5.15
N SER DA 131 22.43 -5.19 6.47
CA SER DA 131 22.06 -3.91 7.04
C SER DA 131 23.01 -3.60 8.19
N VAL DA 132 24.09 -2.89 7.90
CA VAL DA 132 25.08 -2.53 8.92
C VAL DA 132 24.59 -1.28 9.62
N ASN DA 133 24.67 -1.26 10.94
CA ASN DA 133 24.23 -0.13 11.75
C ASN DA 133 25.36 0.21 12.70
N TYR DA 134 26.25 1.10 12.27
CA TYR DA 134 27.37 1.50 13.09
C TYR DA 134 26.90 2.37 14.24
N THR DA 135 27.29 2.00 15.45
CA THR DA 135 27.12 2.89 16.58
C THR DA 135 28.39 2.85 17.41
N LEU DA 136 28.57 3.90 18.22
CA LEU DA 136 29.64 4.01 19.22
C LEU DA 136 31.02 3.92 18.55
N PHE DA 137 31.33 4.98 17.82
CA PHE DA 137 32.67 5.12 17.27
C PHE DA 137 33.63 5.57 18.34
N ASP DA 138 34.91 5.27 18.13
CA ASP DA 138 35.95 5.96 18.89
C ASP DA 138 36.10 7.36 18.34
N ARG DA 139 36.88 8.19 19.05
CA ARG DA 139 37.15 9.53 18.52
C ARG DA 139 38.22 9.52 17.45
N ASP DA 140 38.80 8.36 17.18
CA ASP DA 140 39.60 8.11 16.00
C ASP DA 140 38.72 7.72 14.82
N ALA DA 141 37.41 7.68 15.05
CA ALA DA 141 36.34 7.25 14.15
C ALA DA 141 36.45 5.79 13.76
N THR DA 142 37.16 4.97 14.50
CA THR DA 142 37.03 3.54 14.35
C THR DA 142 35.75 3.09 15.04
N PRO DA 143 34.89 2.34 14.36
CA PRO DA 143 33.67 1.86 15.02
C PRO DA 143 33.99 0.76 16.01
N LEU DA 144 33.28 0.81 17.14
CA LEU DA 144 33.45 -0.16 18.19
C LEU DA 144 32.23 -1.04 18.41
N ARG DA 145 31.13 -0.78 17.71
CA ARG DA 145 29.94 -1.61 17.78
C ARG DA 145 29.23 -1.55 16.44
N VAL DA 146 28.78 -2.70 15.96
CA VAL DA 146 28.20 -2.85 14.64
C VAL DA 146 27.12 -3.89 14.74
N ARG DA 147 25.92 -3.61 14.25
CA ARG DA 147 24.80 -4.53 14.36
C ARG DA 147 24.29 -4.89 12.98
N VAL DA 148 24.84 -5.96 12.40
CA VAL DA 148 24.48 -6.42 11.06
C VAL DA 148 23.19 -7.21 11.15
N ILE DA 149 22.31 -7.02 10.16
CA ILE DA 149 21.13 -7.85 10.00
C ILE DA 149 21.20 -8.53 8.63
N LEU DA 150 21.41 -9.83 8.63
CA LEU DA 150 21.48 -10.61 7.40
C LEU DA 150 20.11 -11.15 7.04
N ALA DA 151 19.84 -11.24 5.74
CA ALA DA 151 18.63 -11.88 5.24
C ALA DA 151 19.04 -12.72 4.05
N LEU DA 152 18.87 -14.03 4.18
CA LEU DA 152 19.27 -14.98 3.14
C LEU DA 152 18.02 -15.54 2.50
N VAL DA 153 18.18 -16.12 1.31
CA VAL DA 153 17.11 -16.83 0.62
C VAL DA 153 17.71 -18.13 0.11
N ALA DA 154 16.95 -19.21 0.18
CA ALA DA 154 17.53 -20.55 0.02
C ALA DA 154 17.78 -20.88 -1.43
N ASP DA 155 19.05 -21.11 -1.79
CA ASP DA 155 19.44 -21.66 -3.07
C ASP DA 155 20.24 -22.93 -2.84
N GLU DA 156 19.58 -24.08 -2.94
CA GLU DA 156 20.18 -25.36 -2.65
C GLU DA 156 20.69 -25.97 -3.94
N SER DA 157 21.62 -26.91 -3.82
CA SER DA 157 22.21 -27.56 -4.99
C SER DA 157 21.18 -28.43 -5.70
N LEU DA 158 21.38 -28.60 -7.01
CA LEU DA 158 20.44 -29.37 -7.81
C LEU DA 158 20.75 -30.85 -7.82
N VAL DA 159 22.01 -31.23 -7.64
CA VAL DA 159 22.35 -32.64 -7.65
C VAL DA 159 21.99 -33.28 -6.31
N LEU DA 160 21.75 -32.47 -5.28
CA LEU DA 160 21.14 -33.01 -4.08
C LEU DA 160 19.65 -33.21 -4.26
N GLN DA 161 18.97 -32.26 -4.89
CA GLN DA 161 17.53 -32.35 -5.05
C GLN DA 161 17.11 -33.31 -6.15
N GLU DA 162 18.03 -33.69 -7.03
CA GLU DA 162 17.73 -34.73 -8.01
C GLU DA 162 17.59 -36.08 -7.34
N THR DA 163 18.36 -36.33 -6.28
CA THR DA 163 18.34 -37.65 -5.69
C THR DA 163 17.42 -37.76 -4.49
N GLU DA 164 16.80 -36.67 -4.05
CA GLU DA 164 15.72 -36.84 -3.09
C GLU DA 164 14.43 -37.27 -3.77
N GLN DA 165 14.24 -36.89 -5.03
CA GLN DA 165 13.04 -37.31 -5.75
C GLN DA 165 13.11 -38.78 -6.11
N ASN DA 166 14.32 -39.32 -6.28
CA ASN DA 166 14.44 -40.71 -6.69
C ASN DA 166 14.23 -41.66 -5.51
N LEU DA 167 14.57 -41.22 -4.30
CA LEU DA 167 14.32 -42.07 -3.15
C LEU DA 167 12.89 -41.93 -2.65
N GLN DA 168 12.20 -40.85 -3.03
CA GLN DA 168 10.81 -40.66 -2.62
C GLN DA 168 9.87 -41.37 -3.58
N SER DA 169 10.08 -41.19 -4.88
CA SER DA 169 9.29 -41.87 -5.92
C SER DA 169 10.25 -42.53 -6.89
N PRO DA 170 10.61 -43.79 -6.65
CA PRO DA 170 11.58 -44.44 -7.52
C PRO DA 170 10.94 -44.87 -8.83
N ALA DA 171 11.80 -45.21 -9.80
CA ALA DA 171 11.30 -45.69 -11.08
C ALA DA 171 10.86 -47.15 -11.01
N LYS DA 172 11.51 -47.94 -10.16
CA LYS DA 172 11.23 -49.36 -10.03
C LYS DA 172 10.96 -49.70 -8.57
N ILE DA 173 9.96 -50.54 -8.33
CA ILE DA 173 9.56 -50.96 -7.00
C ILE DA 173 9.62 -52.48 -6.96
N ALA DA 174 10.06 -53.03 -5.84
CA ALA DA 174 9.87 -54.43 -5.52
C ALA DA 174 8.97 -54.55 -4.31
N LEU DA 175 8.03 -55.48 -4.34
CA LEU DA 175 6.99 -55.59 -3.32
C LEU DA 175 6.96 -57.01 -2.79
N ARG DA 176 6.80 -57.15 -1.48
CA ARG DA 176 6.62 -58.46 -0.88
C ARG DA 176 5.15 -58.71 -0.61
N ILE DA 177 4.61 -59.79 -1.18
CA ILE DA 177 3.21 -60.18 -1.02
C ILE DA 177 3.01 -60.72 0.39
N GLN DA 178 1.79 -60.59 0.93
CA GLN DA 178 1.47 -61.14 2.26
C GLN DA 178 0.03 -61.66 2.33
N ASP DA 179 -0.14 -62.97 2.08
CA ASP DA 179 -1.26 -63.80 2.54
C ASP DA 179 -2.63 -63.29 2.06
N GLY DA 180 -2.84 -63.44 0.76
CA GLY DA 180 -4.20 -63.34 0.27
C GLY DA 180 -4.64 -61.92 0.03
N VAL DA 181 -3.68 -61.03 -0.21
CA VAL DA 181 -3.97 -59.76 -0.87
C VAL DA 181 -4.04 -60.09 -2.36
N SER DA 182 -5.05 -59.56 -3.02
CA SER DA 182 -5.22 -59.89 -4.42
C SER DA 182 -4.32 -59.02 -5.28
N LEU DA 183 -4.26 -59.36 -6.57
CA LEU DA 183 -3.50 -58.53 -7.50
C LEU DA 183 -4.20 -57.20 -7.74
N ALA DA 184 -5.53 -57.18 -7.62
CA ALA DA 184 -6.26 -55.92 -7.70
C ALA DA 184 -6.01 -55.05 -6.49
N LEU DA 185 -5.75 -55.68 -5.33
CA LEU DA 185 -5.47 -54.94 -4.11
C LEU DA 185 -4.02 -54.50 -4.04
N MET DA 186 -3.11 -55.33 -4.55
CA MET DA 186 -1.68 -55.02 -4.49
C MET DA 186 -1.29 -53.96 -5.50
N ALA DA 187 -2.00 -53.85 -6.62
CA ALA DA 187 -1.67 -52.84 -7.61
C ALA DA 187 -2.23 -51.48 -7.21
N ALA DA 188 -3.09 -51.43 -6.20
CA ALA DA 188 -3.50 -50.15 -5.63
C ALA DA 188 -2.46 -49.64 -4.65
N SER DA 189 -1.75 -50.55 -3.98
CA SER DA 189 -0.68 -50.17 -3.07
C SER DA 189 0.54 -49.64 -3.79
N THR DA 190 0.67 -49.88 -5.09
CA THR DA 190 1.76 -49.29 -5.84
C THR DA 190 1.53 -47.81 -6.10
N ALA DA 191 0.26 -47.37 -6.08
CA ALA DA 191 -0.05 -45.97 -6.37
C ALA DA 191 0.37 -45.02 -5.25
N SER DA 192 0.81 -45.55 -4.11
CA SER DA 192 1.37 -44.71 -3.07
C SER DA 192 2.66 -44.06 -3.52
N THR DA 193 3.48 -44.77 -4.30
CA THR DA 193 4.80 -44.30 -4.66
C THR DA 193 5.17 -44.59 -6.12
N LEU DA 194 4.20 -44.51 -7.03
CA LEU DA 194 4.53 -44.72 -8.44
C LEU DA 194 3.79 -43.76 -9.36
N SER DA 195 3.21 -42.67 -8.82
CA SER DA 195 2.57 -41.59 -9.59
C SER DA 195 1.44 -42.11 -10.48
N GLY DA 196 0.47 -42.74 -9.84
CA GLY DA 196 -0.55 -43.44 -10.58
C GLY DA 196 -0.10 -44.87 -10.69
N GLY DA 197 -0.79 -45.79 -10.00
CA GLY DA 197 -0.30 -47.15 -9.91
C GLY DA 197 -0.40 -47.89 -11.23
N VAL DA 198 0.41 -48.94 -11.34
CA VAL DA 198 0.33 -49.80 -12.50
C VAL DA 198 -1.00 -50.54 -12.48
N ASP DA 199 -1.58 -50.74 -13.67
CA ASP DA 199 -2.82 -51.50 -13.78
C ASP DA 199 -2.57 -52.94 -13.39
N TYR DA 200 -3.64 -53.63 -12.97
CA TYR DA 200 -3.49 -54.98 -12.46
C TYR DA 200 -3.18 -55.98 -13.57
N LEU DA 201 -3.38 -55.59 -14.83
CA LEU DA 201 -2.91 -56.41 -15.93
C LEU DA 201 -1.45 -56.14 -16.24
N THR DA 202 -1.09 -54.86 -16.37
CA THR DA 202 0.28 -54.49 -16.68
C THR DA 202 1.23 -54.73 -15.52
N LEU DA 203 0.71 -54.98 -14.32
CA LEU DA 203 1.56 -55.49 -13.25
C LEU DA 203 1.81 -56.98 -13.43
N ALA DA 204 0.79 -57.70 -13.90
CA ALA DA 204 0.94 -59.14 -14.12
C ALA DA 204 1.76 -59.46 -15.36
N TRP DA 205 1.79 -58.54 -16.34
CA TRP DA 205 2.57 -58.80 -17.54
C TRP DA 205 4.06 -58.58 -17.28
N GLN DA 206 4.40 -57.61 -16.44
CA GLN DA 206 5.81 -57.29 -16.20
C GLN DA 206 6.49 -58.36 -15.38
N ASN DA 207 5.79 -58.92 -14.38
CA ASN DA 207 6.35 -60.00 -13.59
C ASN DA 207 6.29 -61.34 -14.31
N GLY DA 208 5.60 -61.42 -15.44
CA GLY DA 208 5.49 -62.69 -16.14
C GLY DA 208 4.59 -63.66 -15.42
N LEU DA 209 3.46 -63.19 -14.91
CA LEU DA 209 2.57 -64.05 -14.16
C LEU DA 209 1.84 -65.00 -15.08
N ASP DA 210 1.80 -66.28 -14.70
CA ASP DA 210 1.08 -67.28 -15.47
C ASP DA 210 -0.42 -67.12 -15.31
N ASN DA 211 -0.84 -66.43 -14.25
CA ASN DA 211 -2.22 -66.34 -13.83
C ASN DA 211 -2.40 -65.03 -13.09
N LEU DA 212 -3.64 -64.57 -12.95
CA LEU DA 212 -3.83 -63.36 -12.16
C LEU DA 212 -3.71 -63.65 -10.68
N ASN DA 213 -4.04 -64.86 -10.25
CA ASN DA 213 -3.84 -65.29 -8.88
C ASN DA 213 -2.71 -66.30 -8.75
N GLY DA 214 -1.81 -66.32 -9.73
CA GLY DA 214 -0.73 -67.28 -9.72
C GLY DA 214 0.53 -66.78 -9.06
N PHE DA 215 0.40 -66.26 -7.84
CA PHE DA 215 1.55 -65.89 -7.04
C PHE DA 215 1.44 -66.57 -5.69
N VAL DA 216 2.56 -67.05 -5.17
CA VAL DA 216 2.58 -67.54 -3.79
C VAL DA 216 2.77 -66.35 -2.85
N PRO DA 217 2.36 -66.42 -1.59
CA PRO DA 217 2.52 -65.26 -0.70
C PRO DA 217 3.96 -64.93 -0.37
N GLY DA 218 4.91 -65.83 -0.61
CA GLY DA 218 6.30 -65.48 -0.36
C GLY DA 218 6.95 -64.73 -1.50
N GLU DA 219 6.32 -64.65 -2.66
CA GLU DA 219 6.99 -64.20 -3.87
C GLU DA 219 7.13 -62.68 -3.86
N ILE DA 220 8.16 -62.19 -4.54
CA ILE DA 220 8.42 -60.76 -4.70
C ILE DA 220 7.97 -60.34 -6.09
N LEU DA 221 7.10 -59.34 -6.17
CA LEU DA 221 6.67 -58.78 -7.43
C LEU DA 221 7.47 -57.51 -7.72
N GLN DA 222 7.49 -57.12 -8.99
CA GLN DA 222 8.21 -55.93 -9.43
C GLN DA 222 7.26 -55.04 -10.22
N ALA DA 223 7.28 -53.74 -9.93
CA ALA DA 223 6.33 -52.80 -10.52
C ALA DA 223 7.09 -51.61 -11.09
N THR DA 224 7.49 -51.70 -12.34
CA THR DA 224 8.15 -50.59 -13.00
C THR DA 224 7.14 -49.78 -13.80
N ARG DA 225 7.52 -48.55 -14.12
CA ARG DA 225 6.66 -47.68 -14.93
C ARG DA 225 7.39 -47.17 -16.16
N THR EA 2 66.31 30.18 39.68
CA THR EA 2 65.78 31.27 40.48
C THR EA 2 66.01 32.61 39.77
N THR EA 3 64.92 33.32 39.49
CA THR EA 3 64.99 34.64 38.88
C THR EA 3 64.61 35.67 39.92
N VAL EA 4 65.26 36.84 39.87
CA VAL EA 4 64.90 37.92 40.76
C VAL EA 4 63.56 38.52 40.31
N THR EA 5 62.80 39.00 41.28
CA THR EA 5 61.45 39.49 41.03
C THR EA 5 61.43 41.00 41.22
N SER EA 6 60.98 41.72 40.20
CA SER EA 6 60.93 43.16 40.25
C SER EA 6 59.51 43.69 40.17
N TYR EA 7 58.73 43.26 39.20
CA TYR EA 7 57.38 43.75 39.01
C TYR EA 7 56.37 42.67 39.39
N PRO EA 8 55.24 43.04 39.97
CA PRO EA 8 54.22 42.04 40.31
C PRO EA 8 53.53 41.53 39.05
N GLY EA 9 53.65 40.22 38.81
CA GLY EA 9 53.06 39.65 37.62
C GLY EA 9 53.46 38.22 37.40
N VAL EA 10 53.59 37.82 36.14
CA VAL EA 10 53.88 36.44 35.78
C VAL EA 10 55.20 36.40 35.02
N TYR EA 11 56.02 35.40 35.34
CA TYR EA 11 57.34 35.22 34.73
C TYR EA 11 57.37 33.88 34.02
N ILE EA 12 57.87 33.87 32.79
CA ILE EA 12 57.70 32.70 31.93
C ILE EA 12 58.99 31.92 31.80
N GLU EA 13 59.88 32.04 32.79
CA GLU EA 13 61.23 31.51 32.65
C GLU EA 13 61.22 29.99 32.61
N GLU EA 14 61.97 29.42 31.67
CA GLU EA 14 62.02 27.98 31.48
C GLU EA 14 63.12 27.37 32.33
N LEU EA 15 63.00 26.09 32.62
CA LEU EA 15 64.09 25.34 33.24
C LEU EA 15 63.98 23.91 32.72
N ASN EA 16 64.83 23.58 31.76
CA ASN EA 16 64.81 22.29 31.09
C ASN EA 16 65.17 21.15 32.03
N SER EA 17 64.31 20.13 32.03
CA SER EA 17 64.59 18.79 32.52
C SER EA 17 64.97 18.77 34.00
N LEU EA 18 64.01 19.13 34.84
CA LEU EA 18 64.30 19.12 36.26
C LEU EA 18 64.13 17.73 36.86
N ALA EA 19 63.42 16.85 36.14
CA ALA EA 19 63.13 15.46 36.55
C ALA EA 19 62.45 15.42 37.91
N LEU EA 20 61.26 16.02 37.96
CA LEU EA 20 60.63 16.34 39.22
C LEU EA 20 59.78 15.20 39.74
N SER EA 21 59.92 14.92 41.05
CA SER EA 21 59.18 13.87 41.72
C SER EA 21 58.35 14.46 42.85
N VAL EA 22 57.34 13.69 43.28
CA VAL EA 22 56.36 14.13 44.26
C VAL EA 22 56.93 13.93 45.66
N SER EA 23 56.61 14.82 46.60
CA SER EA 23 57.01 14.67 47.98
C SER EA 23 56.15 13.61 48.67
N ASN EA 24 56.78 12.84 49.55
CA ASN EA 24 56.15 11.69 50.19
C ASN EA 24 56.41 11.73 51.69
N SER EA 25 55.48 11.17 52.45
CA SER EA 25 55.59 11.10 53.91
C SER EA 25 55.38 9.68 54.37
N ALA EA 26 56.34 9.17 55.15
CA ALA EA 26 56.28 7.80 55.68
C ALA EA 26 57.13 7.76 56.93
N THR EA 27 57.29 6.57 57.50
CA THR EA 27 58.15 6.39 58.67
C THR EA 27 59.18 5.32 58.30
N ALA EA 28 60.22 5.76 57.60
CA ALA EA 28 61.40 4.97 57.28
C ALA EA 28 62.45 5.97 56.80
N VAL EA 29 63.58 6.04 57.50
CA VAL EA 29 64.52 7.14 57.37
C VAL EA 29 65.91 6.65 57.00
N PRO EA 30 66.23 6.56 55.73
CA PRO EA 30 67.52 5.98 55.32
C PRO EA 30 68.72 6.89 55.50
N VAL EA 31 69.59 6.55 56.45
CA VAL EA 31 70.92 7.13 56.46
C VAL EA 31 71.68 6.67 55.22
N PHE EA 32 72.02 7.61 54.35
CA PHE EA 32 72.75 7.32 53.13
C PHE EA 32 74.24 7.53 53.36
N ALA EA 33 75.02 6.48 53.17
CA ALA EA 33 76.46 6.59 53.22
C ALA EA 33 76.94 7.35 51.99
N VAL EA 34 77.90 8.26 52.18
CA VAL EA 34 78.39 9.13 51.12
C VAL EA 34 79.89 8.95 51.02
N ASP EA 35 80.36 8.67 49.81
CA ASP EA 35 81.78 8.54 49.53
C ASP EA 35 82.51 9.85 49.78
N GLU EA 36 83.77 9.75 50.21
CA GLU EA 36 84.51 10.90 50.71
C GLU EA 36 84.91 11.89 49.63
N GLN EA 37 84.87 11.50 48.36
CA GLN EA 37 85.25 12.42 47.30
C GLN EA 37 84.09 13.32 46.86
N ASN EA 38 82.92 13.20 47.48
CA ASN EA 38 81.82 14.11 47.22
C ASN EA 38 82.11 15.47 47.84
N GLN EA 39 81.78 16.53 47.11
CA GLN EA 39 82.11 17.88 47.55
C GLN EA 39 80.97 18.59 48.27
N TYR EA 40 79.71 18.32 47.91
CA TYR EA 40 78.62 19.03 48.55
C TYR EA 40 78.15 18.33 49.81
N ILE EA 41 79.09 17.90 50.65
CA ILE EA 41 78.84 17.29 51.96
C ILE EA 41 80.02 17.75 52.80
N SER EA 42 79.78 18.04 54.08
CA SER EA 42 80.86 18.23 55.03
C SER EA 42 80.82 17.10 56.05
N GLU EA 43 82.00 16.63 56.44
CA GLU EA 43 82.05 15.52 57.38
C GLU EA 43 81.87 16.02 58.81
N ASP EA 44 81.57 15.07 59.72
CA ASP EA 44 81.07 15.33 61.07
C ASP EA 44 79.83 16.23 61.03
N ASN EA 45 79.00 16.03 60.00
CA ASN EA 45 77.78 16.77 59.76
C ASN EA 45 76.83 15.87 58.99
N ALA EA 46 75.55 15.92 59.32
CA ALA EA 46 74.52 15.16 58.62
C ALA EA 46 73.49 16.13 58.07
N ILE EA 47 73.52 16.35 56.79
CA ILE EA 47 72.52 17.21 56.17
C ILE EA 47 71.28 16.38 55.88
N ARG EA 48 70.14 17.05 55.77
CA ARG EA 48 68.85 16.39 55.66
C ARG EA 48 68.22 16.77 54.33
N ILE EA 49 67.64 15.78 53.66
CA ILE EA 49 67.04 15.96 52.34
C ILE EA 49 65.56 15.62 52.46
N ASN EA 50 64.71 16.63 52.36
CA ASN EA 50 63.28 16.44 52.61
C ASN EA 50 62.54 15.99 51.37
N SER EA 51 63.01 16.37 50.18
CA SER EA 51 62.43 15.93 48.93
C SER EA 51 63.49 16.01 47.85
N TRP EA 52 63.11 15.61 46.63
CA TRP EA 52 64.07 15.60 45.53
C TRP EA 52 64.45 17.00 45.10
N MET EA 53 63.56 17.97 45.28
CA MET EA 53 63.89 19.36 45.03
C MET EA 53 64.87 19.91 46.05
N ASP EA 54 64.92 19.34 47.24
CA ASP EA 54 65.86 19.85 48.24
C ASP EA 54 67.26 19.30 48.03
N TYR EA 55 67.37 18.09 47.48
CA TYR EA 55 68.66 17.58 47.05
C TYR EA 55 69.15 18.33 45.83
N LEU EA 56 68.23 18.69 44.94
CA LEU EA 56 68.59 19.33 43.69
C LEU EA 56 68.91 20.81 43.92
N ASN EA 57 68.42 21.36 45.03
CA ASN EA 57 68.86 22.67 45.50
C ASN EA 57 70.31 22.60 45.99
N LEU EA 58 70.71 21.48 46.59
CA LEU EA 58 72.04 21.35 47.16
C LEU EA 58 73.09 21.20 46.07
N ILE EA 59 72.95 20.18 45.21
CA ILE EA 59 73.97 19.91 44.19
C ILE EA 59 73.90 20.85 43.01
N GLY EA 60 72.83 21.60 42.85
CA GLY EA 60 72.69 22.50 41.73
C GLY EA 60 72.03 21.87 40.52
N ASN EA 61 72.76 21.02 39.80
CA ASN EA 61 72.21 20.36 38.63
C ASN EA 61 72.57 18.88 38.66
N PHE EA 62 71.79 18.10 37.94
CA PHE EA 62 71.85 16.64 38.00
C PHE EA 62 72.75 16.10 36.91
N ASN EA 63 73.61 15.15 37.28
CA ASN EA 63 74.41 14.44 36.32
C ASN EA 63 74.39 12.95 36.67
N ASN EA 64 74.33 12.13 35.64
CA ASN EA 64 74.21 10.68 35.79
C ASN EA 64 75.54 9.98 35.97
N GLU EA 65 76.63 10.70 36.25
CA GLU EA 65 77.90 10.05 36.48
C GLU EA 65 78.09 9.66 37.94
N ASP EA 66 77.57 10.46 38.85
CA ASP EA 66 77.84 10.28 40.28
C ASP EA 66 77.07 9.08 40.82
N LYS EA 67 77.77 8.28 41.63
CA LYS EA 67 77.14 7.10 42.22
C LYS EA 67 76.12 7.47 43.29
N LEU EA 68 76.20 8.69 43.82
CA LEU EA 68 75.19 9.17 44.76
C LEU EA 68 74.01 9.79 44.03
N ASP EA 69 74.26 10.50 42.92
CA ASP EA 69 73.19 11.24 42.25
C ASP EA 69 72.16 10.30 41.63
N VAL EA 70 72.60 9.19 41.06
CA VAL EA 70 71.66 8.19 40.57
C VAL EA 70 71.07 7.36 41.70
N SER EA 71 71.65 7.44 42.89
CA SER EA 71 71.17 6.69 44.03
C SER EA 71 69.94 7.34 44.65
N VAL EA 72 70.01 8.65 44.94
CA VAL EA 72 68.87 9.31 45.59
C VAL EA 72 67.74 9.62 44.64
N ARG EA 73 67.97 9.60 43.33
CA ARG EA 73 66.84 9.73 42.41
C ARG EA 73 65.98 8.49 42.44
N ALA EA 74 66.61 7.30 42.42
CA ALA EA 74 65.86 6.06 42.49
C ALA EA 74 65.22 5.85 43.85
N TYR EA 75 65.74 6.51 44.89
CA TYR EA 75 65.09 6.44 46.18
C TYR EA 75 63.81 7.25 46.20
N PHE EA 76 63.86 8.49 45.72
CA PHE EA 76 62.67 9.32 45.74
C PHE EA 76 61.69 9.00 44.63
N ALA EA 77 62.11 8.26 43.61
CA ALA EA 77 61.18 7.82 42.59
C ALA EA 77 60.28 6.71 43.08
N ASN EA 78 60.74 5.91 44.05
CA ASN EA 78 59.98 4.77 44.52
C ASN EA 78 59.24 5.06 45.82
N GLY EA 79 59.94 5.38 46.89
CA GLY EA 79 59.28 5.51 48.16
C GLY EA 79 59.23 6.90 48.75
N GLY EA 80 60.32 7.64 48.62
CA GLY EA 80 60.38 8.95 49.22
C GLY EA 80 60.61 8.89 50.71
N GLY EA 81 60.33 10.02 51.35
CA GLY EA 81 60.61 10.19 52.76
C GLY EA 81 61.96 10.86 52.98
N TYR EA 82 62.07 11.57 54.10
CA TYR EA 82 63.25 12.37 54.36
C TYR EA 82 64.42 11.50 54.78
N CYS EA 83 65.58 11.77 54.20
CA CYS EA 83 66.76 10.95 54.37
C CYS EA 83 67.93 11.79 54.86
N TYR EA 84 68.87 11.12 55.52
CA TYR EA 84 70.05 11.77 56.07
C TYR EA 84 71.28 11.35 55.27
N LEU EA 85 71.99 12.33 54.72
CA LEU EA 85 73.19 12.09 53.93
C LEU EA 85 74.41 12.27 54.82
N VAL EA 86 75.01 11.16 55.22
CA VAL EA 86 76.15 11.16 56.13
C VAL EA 86 77.36 10.62 55.38
N LYS EA 87 78.48 11.30 55.50
CA LYS EA 87 79.71 10.79 54.90
C LYS EA 87 80.21 9.57 55.67
N THR EA 88 80.90 8.69 54.96
CA THR EA 88 81.22 7.37 55.48
C THR EA 88 82.25 7.43 56.61
N THR EA 89 83.27 8.27 56.50
CA THR EA 89 84.36 8.31 57.47
C THR EA 89 83.94 8.87 58.82
N SER EA 90 82.77 9.48 58.92
CA SER EA 90 82.25 9.97 60.19
C SER EA 90 80.90 9.34 60.52
N LEU EA 91 80.55 8.23 59.87
CA LEU EA 91 79.25 7.61 60.06
C LEU EA 91 79.15 6.90 61.41
N GLU EA 92 80.27 6.55 62.03
CA GLU EA 92 80.23 5.89 63.32
C GLU EA 92 79.95 6.85 64.46
N LYS EA 93 80.10 8.16 64.25
CA LYS EA 93 79.82 9.13 65.30
C LYS EA 93 78.43 9.73 65.17
N ILE EA 94 77.87 9.76 63.97
CA ILE EA 94 76.66 10.55 63.70
C ILE EA 94 75.41 9.71 63.87
N ILE EA 95 75.45 8.41 63.57
CA ILE EA 95 74.27 7.57 63.70
C ILE EA 95 73.86 7.33 65.16
N PRO EA 96 74.77 7.06 66.12
CA PRO EA 96 74.32 7.10 67.53
C PRO EA 96 73.82 8.45 67.99
N THR EA 97 74.37 9.53 67.43
CA THR EA 97 73.85 10.87 67.66
C THR EA 97 72.44 11.03 67.13
N LEU EA 98 72.17 10.54 65.93
CA LEU EA 98 70.90 10.81 65.27
C LEU EA 98 69.80 9.94 65.84
N ASP EA 99 68.72 10.59 66.25
CA ASP EA 99 67.43 9.93 66.38
C ASP EA 99 66.74 9.96 65.02
N ASP EA 100 65.63 9.23 64.90
CA ASP EA 100 64.98 8.89 63.64
C ASP EA 100 65.99 8.27 62.67
N VAL EA 101 66.46 7.08 63.06
CA VAL EA 101 67.28 6.25 62.20
C VAL EA 101 66.72 4.84 62.33
N THR EA 102 66.15 4.31 61.25
CA THR EA 102 65.64 2.96 61.30
C THR EA 102 66.32 2.01 60.34
N LEU EA 103 67.01 2.52 59.33
CA LEU EA 103 67.73 1.68 58.38
C LEU EA 103 68.89 2.45 57.78
N LEU EA 104 70.04 1.80 57.71
CA LEU EA 104 71.28 2.40 57.24
C LEU EA 104 71.59 1.84 55.86
N VAL EA 105 71.68 2.72 54.86
CA VAL EA 105 71.84 2.32 53.48
C VAL EA 105 73.28 2.54 53.08
N ALA EA 106 73.97 1.46 52.76
CA ALA EA 106 75.16 1.57 51.93
C ALA EA 106 74.70 2.01 50.56
N ALA EA 107 75.00 3.26 50.19
CA ALA EA 107 74.59 3.74 48.88
C ALA EA 107 75.37 2.99 47.82
N GLY EA 108 76.66 3.23 47.73
CA GLY EA 108 77.47 2.46 46.81
C GLY EA 108 78.81 2.10 47.42
N GLU EA 109 78.87 2.12 48.75
CA GLU EA 109 80.13 2.02 49.46
C GLU EA 109 80.12 0.78 50.35
N ASP EA 110 81.29 0.50 50.92
CA ASP EA 110 81.51 -0.68 51.73
C ASP EA 110 81.45 -0.32 53.21
N ILE EA 111 80.43 -0.82 53.89
CA ILE EA 111 80.14 -0.45 55.27
C ILE EA 111 80.31 -1.64 56.22
N LYS EA 112 80.71 -2.81 55.71
CA LYS EA 112 80.82 -4.06 56.47
C LYS EA 112 81.68 -3.99 57.73
N THR EA 113 82.63 -3.05 57.79
CA THR EA 113 83.39 -2.84 59.01
C THR EA 113 82.63 -2.00 60.03
N THR EA 114 81.70 -1.17 59.59
CA THR EA 114 80.97 -0.27 60.48
C THR EA 114 79.78 -0.94 61.14
N VAL EA 115 79.02 -1.74 60.39
CA VAL EA 115 77.82 -2.42 60.87
C VAL EA 115 78.13 -3.39 62.02
N ASP EA 116 79.34 -3.94 62.06
CA ASP EA 116 79.71 -4.86 63.15
C ASP EA 116 79.78 -4.15 64.49
N VAL EA 117 80.16 -2.86 64.51
CA VAL EA 117 80.20 -2.12 65.76
C VAL EA 117 78.95 -1.28 65.97
N LEU EA 118 78.27 -0.90 64.90
CA LEU EA 118 77.15 0.02 64.98
C LEU EA 118 75.87 -0.73 65.30
N CYS EA 119 75.53 -1.71 64.48
CA CYS EA 119 74.31 -2.48 64.66
C CYS EA 119 74.49 -3.45 65.82
N GLN EA 120 73.67 -3.29 66.84
CA GLN EA 120 73.70 -4.02 68.10
C GLN EA 120 72.29 -4.49 68.38
N PRO EA 121 72.12 -5.44 69.30
CA PRO EA 121 70.76 -5.78 69.74
C PRO EA 121 70.06 -4.63 70.46
N GLY EA 122 70.82 -3.76 71.15
CA GLY EA 122 70.20 -2.68 71.88
C GLY EA 122 69.69 -1.56 71.00
N LYS EA 123 70.33 -1.34 69.86
CA LYS EA 123 69.96 -0.25 68.97
C LYS EA 123 68.70 -0.58 68.19
N GLY EA 124 68.37 0.30 67.25
CA GLY EA 124 67.17 0.12 66.47
C GLY EA 124 67.38 0.21 64.97
N LEU EA 125 68.58 -0.16 64.51
CA LEU EA 125 68.89 -0.08 63.09
C LEU EA 125 68.66 -1.42 62.41
N PHE EA 126 68.54 -1.36 61.09
CA PHE EA 126 68.53 -2.53 60.23
C PHE EA 126 69.22 -2.11 58.95
N ALA EA 127 70.51 -2.39 58.84
CA ALA EA 127 71.26 -1.96 57.67
C ALA EA 127 70.86 -2.77 56.44
N VAL EA 128 71.08 -2.19 55.27
CA VAL EA 128 70.96 -2.89 54.01
C VAL EA 128 72.17 -2.54 53.16
N PHE EA 129 72.76 -3.55 52.52
CA PHE EA 129 73.83 -3.25 51.59
C PHE EA 129 73.73 -4.14 50.37
N ASP EA 130 74.70 -3.99 49.50
CA ASP EA 130 74.63 -4.46 48.14
C ASP EA 130 75.37 -5.77 47.97
N GLY EA 131 74.91 -6.57 47.01
CA GLY EA 131 75.66 -7.70 46.56
C GLY EA 131 76.81 -7.28 45.68
N PRO EA 132 77.49 -8.27 45.12
CA PRO EA 132 78.57 -7.97 44.18
C PRO EA 132 78.02 -7.41 42.88
N GLU EA 133 78.81 -6.52 42.28
CA GLU EA 133 78.42 -5.92 41.01
C GLU EA 133 78.88 -6.72 39.80
N THR EA 134 79.70 -7.74 40.00
CA THR EA 134 80.00 -8.70 38.96
C THR EA 134 78.98 -9.82 38.97
N GLU EA 135 78.93 -10.56 37.87
CA GLU EA 135 78.08 -11.75 37.80
C GLU EA 135 78.63 -12.82 38.73
N LEU EA 136 77.75 -13.52 39.42
CA LEU EA 136 78.15 -14.62 40.27
C LEU EA 136 77.27 -15.83 39.93
N THR EA 137 77.87 -17.01 39.97
CA THR EA 137 77.25 -18.23 39.44
C THR EA 137 76.95 -19.20 40.58
N ILE EA 138 76.57 -20.42 40.20
CA ILE EA 138 76.40 -21.50 41.17
C ILE EA 138 77.73 -21.93 41.75
N ASN EA 139 78.80 -21.83 40.96
CA ASN EA 139 80.10 -22.34 41.40
C ASN EA 139 80.72 -21.42 42.44
N GLY EA 140 80.43 -20.13 42.36
CA GLY EA 140 80.99 -19.18 43.31
C GLY EA 140 80.05 -18.88 44.44
N ALA EA 141 79.26 -19.88 44.83
CA ALA EA 141 78.26 -19.65 45.88
C ALA EA 141 78.88 -19.69 47.26
N GLU EA 142 80.01 -20.36 47.42
CA GLU EA 142 80.64 -20.40 48.72
C GLU EA 142 81.61 -19.24 48.94
N GLU EA 143 82.00 -18.54 47.87
CA GLU EA 143 83.03 -17.51 48.06
C GLU EA 143 82.42 -16.17 48.41
N ALA EA 144 81.40 -15.74 47.66
CA ALA EA 144 80.81 -14.44 47.90
C ALA EA 144 79.80 -14.44 49.05
N LYS EA 145 79.38 -15.63 49.49
CA LYS EA 145 78.45 -15.70 50.60
C LYS EA 145 79.12 -15.35 51.92
N GLN EA 146 80.37 -15.78 52.09
CA GLN EA 146 81.12 -15.51 53.31
C GLN EA 146 81.84 -14.17 53.28
N ALA EA 147 81.65 -13.38 52.24
CA ALA EA 147 82.20 -12.03 52.20
C ALA EA 147 81.45 -11.07 53.12
N TYR EA 148 80.26 -11.44 53.57
CA TYR EA 148 79.48 -10.66 54.52
C TYR EA 148 79.46 -11.35 55.88
N THR EA 149 79.19 -10.56 56.90
CA THR EA 149 79.05 -11.10 58.23
C THR EA 149 77.69 -11.76 58.40
N ALA EA 150 77.51 -12.48 59.50
CA ALA EA 150 76.29 -13.25 59.74
C ALA EA 150 75.38 -12.58 60.77
N THR EA 151 75.34 -11.28 60.77
CA THR EA 151 74.46 -10.62 61.72
C THR EA 151 73.02 -10.60 61.20
N PRO EA 152 72.03 -10.76 62.08
CA PRO EA 152 70.63 -10.75 61.64
C PRO EA 152 70.06 -9.38 61.36
N PHE EA 153 70.86 -8.32 61.39
CA PHE EA 153 70.38 -6.96 61.19
C PHE EA 153 70.75 -6.42 59.82
N ALA EA 154 70.90 -7.26 58.81
CA ALA EA 154 71.30 -6.81 57.50
C ALA EA 154 70.67 -7.66 56.41
N ALA EA 155 70.44 -7.06 55.25
CA ALA EA 155 69.93 -7.74 54.09
C ALA EA 155 70.74 -7.36 52.86
N VAL EA 156 70.93 -8.32 51.96
CA VAL EA 156 71.79 -8.16 50.80
C VAL EA 156 70.95 -8.37 49.55
N TYR EA 157 71.00 -7.42 48.61
CA TYR EA 157 70.30 -7.54 47.34
C TYR EA 157 71.35 -7.54 46.23
N TYR EA 158 71.38 -8.63 45.46
CA TYR EA 158 72.48 -8.78 44.51
C TYR EA 158 72.36 -7.95 43.24
N PRO EA 159 71.32 -8.05 42.40
CA PRO EA 159 71.50 -7.57 41.02
C PRO EA 159 71.43 -6.06 40.95
N TRP EA 160 72.54 -5.44 40.56
CA TRP EA 160 72.60 -3.99 40.46
C TRP EA 160 71.69 -3.52 39.34
N LEU EA 161 71.19 -2.30 39.48
CA LEU EA 161 70.16 -1.84 38.58
C LEU EA 161 70.77 -1.08 37.42
N LYS EA 162 69.99 -0.93 36.36
CA LYS EA 162 70.31 -0.03 35.27
C LYS EA 162 69.04 0.69 34.83
N ALA EA 163 69.19 1.95 34.45
CA ALA EA 163 68.05 2.74 34.02
C ALA EA 163 68.42 3.51 32.77
N ASP EA 164 67.38 3.98 32.08
CA ASP EA 164 67.61 4.65 30.82
C ASP EA 164 68.12 6.06 31.04
N TRP EA 165 67.79 6.66 32.19
CA TRP EA 165 68.22 8.02 32.50
C TRP EA 165 69.58 8.08 33.17
N ALA EA 166 70.22 6.95 33.45
CA ALA EA 166 71.52 6.91 34.11
C ALA EA 166 72.56 6.23 33.22
N ASN EA 167 73.83 6.50 33.52
CA ASN EA 167 74.95 5.88 32.81
C ASN EA 167 75.67 4.85 33.67
N ILE EA 168 76.03 5.22 34.91
CA ILE EA 168 76.61 4.25 35.84
C ILE EA 168 75.50 3.33 36.32
N ASP EA 169 75.85 2.09 36.67
CA ASP EA 169 74.87 1.17 37.24
C ASP EA 169 74.37 1.66 38.58
N ILE EA 170 73.10 1.39 38.86
CA ILE EA 170 72.42 1.92 40.03
C ILE EA 170 72.42 0.87 41.13
N PRO EA 171 72.92 1.18 42.31
CA PRO EA 171 73.04 0.17 43.35
C PRO EA 171 71.69 -0.14 43.98
N PRO EA 172 71.43 -1.40 44.35
CA PRO EA 172 70.07 -1.79 44.73
C PRO EA 172 69.67 -1.40 46.14
N SER EA 173 70.58 -0.95 47.00
CA SER EA 173 70.16 -0.46 48.31
C SER EA 173 69.56 0.93 48.22
N ALA EA 174 69.72 1.61 47.09
CA ALA EA 174 69.01 2.86 46.86
C ALA EA 174 67.53 2.62 46.73
N VAL EA 175 67.15 1.72 45.82
CA VAL EA 175 65.74 1.50 45.55
C VAL EA 175 65.09 0.70 46.68
N MET EA 176 65.85 -0.16 47.35
CA MET EA 176 65.28 -0.97 48.43
C MET EA 176 65.02 -0.19 49.71
N ALA EA 177 65.55 1.01 49.84
CA ALA EA 177 65.09 1.87 50.92
C ALA EA 177 63.81 2.60 50.54
N GLY EA 178 63.57 2.75 49.24
CA GLY EA 178 62.31 3.30 48.79
C GLY EA 178 61.23 2.26 48.91
N VAL EA 179 61.58 1.00 48.64
CA VAL EA 179 60.62 -0.08 48.71
C VAL EA 179 60.23 -0.36 50.15
N TYR EA 180 61.19 -0.27 51.08
CA TYR EA 180 60.89 -0.45 52.49
C TYR EA 180 59.99 0.66 53.03
N ALA EA 181 60.05 1.85 52.45
CA ALA EA 181 59.22 2.95 52.87
C ALA EA 181 57.90 3.02 52.13
N SER EA 182 57.80 2.36 50.98
CA SER EA 182 56.55 2.38 50.23
C SER EA 182 55.64 1.23 50.64
N VAL EA 183 56.23 0.15 51.16
CA VAL EA 183 55.44 -0.99 51.61
C VAL EA 183 54.93 -0.81 53.03
N ASP EA 184 55.69 -0.11 53.89
CA ASP EA 184 55.25 0.10 55.26
C ASP EA 184 54.05 1.02 55.34
N LEU EA 185 53.91 1.91 54.36
CA LEU EA 185 52.73 2.77 54.31
C LEU EA 185 51.53 2.02 53.79
N SER EA 186 51.72 1.18 52.77
CA SER EA 186 50.59 0.50 52.15
C SER EA 186 50.15 -0.70 52.96
N ARG EA 187 51.02 -1.70 53.10
CA ARG EA 187 50.64 -2.98 53.70
C ARG EA 187 51.12 -3.14 55.13
N GLY EA 188 51.73 -2.12 55.70
CA GLY EA 188 52.29 -2.24 57.03
C GLY EA 188 53.66 -2.88 57.03
N VAL EA 189 54.26 -2.91 58.22
CA VAL EA 189 55.64 -3.37 58.37
C VAL EA 189 55.72 -4.88 58.26
N TRP EA 190 54.73 -5.58 58.79
CA TRP EA 190 54.77 -7.04 58.92
C TRP EA 190 54.67 -7.78 57.59
N LYS EA 191 54.21 -7.13 56.52
CA LYS EA 191 54.22 -7.78 55.23
C LYS EA 191 55.63 -7.71 54.64
N ALA EA 192 55.97 -8.71 53.84
CA ALA EA 192 57.31 -8.80 53.29
C ALA EA 192 57.55 -7.74 52.22
N PRO EA 193 58.72 -7.09 52.21
CA PRO EA 193 59.02 -6.12 51.15
C PRO EA 193 59.44 -6.74 49.84
N ALA EA 194 59.27 -8.04 49.66
CA ALA EA 194 59.43 -8.64 48.36
C ALA EA 194 58.10 -8.67 47.62
N ASN EA 195 58.14 -9.20 46.39
CA ASN EA 195 56.98 -9.34 45.49
C ASN EA 195 56.32 -8.00 45.18
N VAL EA 196 57.11 -6.94 45.11
CA VAL EA 196 56.60 -5.60 44.81
C VAL EA 196 57.37 -5.05 43.61
N ALA EA 197 56.70 -4.22 42.81
CA ALA EA 197 57.29 -3.73 41.58
C ALA EA 197 58.26 -2.59 41.87
N LEU EA 198 59.11 -2.32 40.89
CA LEU EA 198 60.04 -1.20 40.95
C LEU EA 198 59.58 -0.12 39.98
N LYS EA 199 59.42 1.10 40.48
CA LYS EA 199 59.03 2.20 39.63
C LYS EA 199 60.26 3.00 39.22
N GLY EA 200 60.04 4.02 38.40
CA GLY EA 200 61.11 4.88 37.95
C GLY EA 200 61.89 4.38 36.76
N GLY EA 201 61.44 3.31 36.11
CA GLY EA 201 62.14 2.77 34.96
C GLY EA 201 63.41 2.03 35.32
N LEU EA 202 63.45 1.42 36.50
CA LEU EA 202 64.63 0.68 36.94
C LEU EA 202 64.59 -0.72 36.37
N GLU EA 203 65.75 -1.22 35.95
CA GLU EA 203 65.84 -2.54 35.34
C GLU EA 203 67.10 -3.24 35.85
N PRO EA 204 67.04 -4.54 36.09
CA PRO EA 204 68.22 -5.25 36.58
C PRO EA 204 69.28 -5.44 35.51
N LYS EA 205 70.54 -5.42 35.95
CA LYS EA 205 71.66 -5.54 35.02
C LYS EA 205 71.83 -6.98 34.54
N PHE EA 206 71.74 -7.94 35.46
CA PHE EA 206 72.06 -9.33 35.17
C PHE EA 206 70.83 -10.20 35.37
N LEU EA 207 70.54 -11.03 34.37
CA LEU EA 207 69.41 -11.96 34.46
C LEU EA 207 69.75 -13.09 35.41
N VAL EA 208 68.81 -13.41 36.30
CA VAL EA 208 68.99 -14.42 37.33
C VAL EA 208 68.03 -15.57 37.05
N THR EA 209 68.56 -16.79 37.06
CA THR EA 209 67.71 -17.97 36.96
C THR EA 209 67.25 -18.41 38.34
N ASP EA 210 66.30 -19.34 38.36
CA ASP EA 210 65.83 -19.86 39.63
C ASP EA 210 66.82 -20.86 40.21
N GLU EA 211 67.54 -21.57 39.35
CA GLU EA 211 68.52 -22.54 39.82
C GLU EA 211 69.76 -21.84 40.35
N LEU EA 212 69.97 -20.58 39.95
CA LEU EA 212 71.00 -19.76 40.58
C LEU EA 212 70.58 -19.31 41.97
N GLN EA 213 69.31 -18.95 42.13
CA GLN EA 213 68.83 -18.44 43.41
C GLN EA 213 68.65 -19.55 44.45
N GLY EA 214 68.67 -20.82 44.04
CA GLY EA 214 68.56 -21.90 45.01
C GLY EA 214 69.76 -22.05 45.91
N GLU EA 215 70.91 -21.51 45.52
CA GLU EA 215 72.12 -21.61 46.32
C GLU EA 215 72.39 -20.36 47.16
N TYR EA 216 71.81 -19.23 46.79
CA TYR EA 216 72.00 -17.98 47.53
C TYR EA 216 70.83 -17.67 48.46
N ASN EA 217 69.97 -18.64 48.72
CA ASN EA 217 68.91 -18.47 49.70
C ASN EA 217 69.20 -19.20 50.99
N THR EA 218 70.17 -20.10 50.99
CA THR EA 218 70.47 -20.92 52.16
C THR EA 218 71.65 -20.33 52.93
N GLY EA 219 71.53 -20.27 54.25
CA GLY EA 219 72.60 -19.77 55.07
C GLY EA 219 72.65 -18.26 55.09
N ARG EA 220 73.82 -17.68 54.80
CA ARG EA 220 73.93 -16.23 54.68
C ARG EA 220 73.29 -15.82 53.35
N ALA EA 221 71.98 -15.59 53.39
CA ALA EA 221 71.19 -15.47 52.18
C ALA EA 221 71.46 -14.17 51.46
N ILE EA 222 71.35 -14.21 50.14
CA ILE EA 222 71.45 -13.03 49.29
C ILE EA 222 70.13 -12.94 48.52
N ASN EA 223 69.28 -12.00 48.92
CA ASN EA 223 68.05 -11.74 48.19
C ASN EA 223 68.36 -11.20 46.81
N MET EA 224 67.46 -11.43 45.88
CA MET EA 224 67.71 -11.07 44.48
C MET EA 224 66.45 -10.48 43.89
N ILE EA 225 66.63 -9.53 42.98
CA ILE EA 225 65.52 -8.97 42.24
C ILE EA 225 65.63 -9.44 40.79
N ARG EA 226 64.49 -9.67 40.16
CA ARG EA 226 64.50 -10.21 38.81
C ARG EA 226 63.16 -9.93 38.16
N ASN EA 227 63.18 -9.82 36.85
CA ASN EA 227 61.96 -9.50 36.13
C ASN EA 227 61.24 -10.76 35.68
N PHE EA 228 59.92 -10.64 35.58
CA PHE EA 228 59.05 -11.71 35.18
C PHE EA 228 58.26 -11.27 33.96
N SER EA 229 57.55 -12.23 33.35
CA SER EA 229 56.83 -11.94 32.13
C SER EA 229 55.53 -11.18 32.40
N ASN EA 230 54.90 -11.42 33.54
CA ASN EA 230 53.59 -10.85 33.77
C ASN EA 230 53.66 -9.39 34.21
N THR EA 231 54.54 -9.08 35.17
CA THR EA 231 54.51 -7.79 35.84
C THR EA 231 55.71 -6.90 35.55
N GLY EA 232 56.86 -7.47 35.23
CA GLY EA 232 58.05 -6.67 35.07
C GLY EA 232 59.05 -6.97 36.15
N THR EA 233 59.91 -6.00 36.48
CA THR EA 233 60.92 -6.25 37.50
C THR EA 233 60.30 -6.14 38.89
N THR EA 234 60.78 -6.99 39.79
CA THR EA 234 60.23 -7.04 41.14
C THR EA 234 61.28 -7.57 42.09
N VAL EA 235 61.05 -7.32 43.37
CA VAL EA 235 61.92 -7.87 44.41
C VAL EA 235 61.50 -9.30 44.71
N TRP EA 236 62.48 -10.18 44.87
CA TRP EA 236 62.19 -11.58 45.09
C TRP EA 236 62.98 -12.17 46.25
N GLY EA 237 63.12 -11.47 47.35
CA GLY EA 237 63.76 -12.04 48.52
C GLY EA 237 63.26 -11.35 49.78
N ALA EA 238 63.13 -12.15 50.83
CA ALA EA 238 62.73 -11.61 52.12
C ALA EA 238 63.47 -12.30 53.24
N ARG EA 239 64.76 -12.58 53.05
CA ARG EA 239 65.56 -13.26 54.05
C ARG EA 239 66.69 -12.34 54.50
N THR EA 240 66.98 -12.35 55.80
CA THR EA 240 68.11 -11.60 56.32
C THR EA 240 69.35 -12.49 56.24
N LEU EA 241 70.45 -12.06 56.88
CA LEU EA 241 71.68 -12.81 56.75
C LEU EA 241 71.73 -14.03 57.68
N GLU EA 242 71.21 -13.90 58.90
CA GLU EA 242 71.22 -15.02 59.82
C GLU EA 242 70.14 -16.02 59.45
N ASP EA 243 70.45 -17.32 59.58
CA ASP EA 243 69.51 -18.37 59.22
C ASP EA 243 69.07 -19.19 60.44
N LYS EA 244 68.88 -18.54 61.57
CA LYS EA 244 68.13 -19.16 62.66
C LYS EA 244 66.67 -18.74 62.57
N ASP EA 245 65.79 -19.55 63.15
CA ASP EA 245 64.36 -19.35 62.98
C ASP EA 245 63.83 -18.14 63.73
N ASN EA 246 64.61 -17.59 64.68
CA ASN EA 246 64.16 -16.40 65.39
C ASN EA 246 64.20 -15.18 64.47
N TRP EA 247 65.33 -14.93 63.81
CA TRP EA 247 65.46 -13.83 62.86
C TRP EA 247 65.95 -14.42 61.56
N ARG EA 248 65.02 -14.93 60.77
CA ARG EA 248 65.32 -15.42 59.43
C ARG EA 248 64.75 -14.51 58.36
N TYR EA 249 63.56 -13.99 58.58
CA TYR EA 249 62.92 -13.12 57.61
C TYR EA 249 63.05 -11.69 58.06
N VAL EA 250 63.32 -10.80 57.12
CA VAL EA 250 63.31 -9.36 57.40
C VAL EA 250 61.99 -8.83 57.98
N PRO EA 251 60.78 -9.26 57.55
CA PRO EA 251 59.57 -8.74 58.23
C PRO EA 251 59.48 -9.05 59.71
N VAL EA 252 60.11 -10.14 60.17
CA VAL EA 252 60.18 -10.40 61.60
C VAL EA 252 61.16 -9.44 62.26
N ARG EA 253 62.33 -9.24 61.66
CA ARG EA 253 63.32 -8.35 62.24
C ARG EA 253 62.91 -6.90 62.14
N ARG EA 254 62.20 -6.54 61.08
CA ARG EA 254 61.80 -5.15 60.91
C ARG EA 254 60.56 -4.80 61.74
N LEU EA 255 59.72 -5.79 62.08
CA LEU EA 255 58.60 -5.51 62.98
C LEU EA 255 59.09 -5.29 64.41
N PHE EA 256 59.94 -6.18 64.90
CA PHE EA 256 60.50 -6.05 66.24
C PHE EA 256 61.34 -4.78 66.39
N ASN EA 257 61.92 -4.29 65.31
CA ASN EA 257 62.58 -2.99 65.34
C ASN EA 257 61.60 -1.84 65.19
N SER EA 258 60.45 -2.06 64.55
CA SER EA 258 59.45 -1.00 64.48
C SER EA 258 58.56 -1.01 65.71
N VAL EA 259 58.55 -2.11 66.45
CA VAL EA 259 57.83 -2.15 67.72
C VAL EA 259 58.59 -1.36 68.78
N GLU EA 260 59.89 -1.64 68.92
CA GLU EA 260 60.69 -1.07 70.01
C GLU EA 260 60.83 0.43 69.90
N ARG EA 261 60.84 0.96 68.68
CA ARG EA 261 60.97 2.41 68.53
C ARG EA 261 59.64 3.09 68.82
N ASP EA 262 58.55 2.35 68.79
CA ASP EA 262 57.25 2.88 69.12
C ASP EA 262 56.73 2.44 70.46
N ILE EA 263 57.40 1.51 71.15
CA ILE EA 263 57.13 1.31 72.56
C ILE EA 263 57.88 2.35 73.38
N LYS EA 264 59.16 2.58 73.05
CA LYS EA 264 60.00 3.45 73.88
C LYS EA 264 59.60 4.91 73.75
N ARG EA 265 58.81 5.27 72.75
CA ARG EA 265 58.21 6.59 72.74
C ARG EA 265 56.79 6.58 73.30
N ALA EA 266 56.19 5.40 73.45
CA ALA EA 266 54.85 5.32 74.01
C ALA EA 266 54.89 5.41 75.53
N MET EA 267 55.92 4.86 76.15
CA MET EA 267 56.09 4.91 77.59
C MET EA 267 57.33 5.67 78.01
N SER EA 268 57.71 6.68 77.24
CA SER EA 268 58.81 7.56 77.64
C SER EA 268 58.40 8.55 78.72
N PHE EA 269 57.13 8.59 79.12
CA PHE EA 269 56.71 9.40 80.25
C PHE EA 269 57.23 8.86 81.56
N ALA EA 270 57.61 7.58 81.61
CA ALA EA 270 57.98 6.94 82.86
C ALA EA 270 59.35 7.33 83.37
N MET EA 271 60.10 8.12 82.60
CA MET EA 271 61.43 8.55 83.02
C MET EA 271 61.36 9.52 84.18
N PHE EA 272 62.15 9.20 85.21
CA PHE EA 272 62.34 10.03 86.40
C PHE EA 272 61.03 10.28 87.15
N GLU EA 273 60.17 9.29 87.12
CA GLU EA 273 58.93 9.21 87.85
C GLU EA 273 59.17 8.45 89.15
N PRO EA 274 58.35 8.65 90.18
CA PRO EA 274 58.51 7.88 91.42
C PRO EA 274 58.33 6.39 91.18
N ASN EA 275 59.39 5.63 91.44
CA ASN EA 275 59.46 4.21 91.11
C ASN EA 275 58.76 3.44 92.21
N ASN EA 276 57.45 3.29 92.09
CA ASN EA 276 56.66 2.48 92.98
C ASN EA 276 55.69 1.68 92.12
N GLN EA 277 54.63 1.16 92.74
CA GLN EA 277 53.66 0.39 91.99
C GLN EA 277 52.73 1.19 91.06
N PRO EA 278 52.19 2.38 91.40
CA PRO EA 278 51.33 3.06 90.43
C PRO EA 278 52.04 3.58 89.20
N THR EA 279 53.37 3.63 89.20
CA THR EA 279 54.08 3.86 87.95
C THR EA 279 54.07 2.62 87.09
N TRP EA 280 54.04 1.42 87.70
CA TRP EA 280 54.18 0.21 86.92
C TRP EA 280 52.92 -0.12 86.13
N GLU EA 281 51.75 -0.06 86.76
CA GLU EA 281 50.53 -0.37 86.02
C GLU EA 281 50.17 0.72 85.02
N ARG EA 282 50.69 1.93 85.21
CA ARG EA 282 50.57 2.94 84.17
C ARG EA 282 51.52 2.65 83.02
N VAL EA 283 52.59 1.89 83.26
CA VAL EA 283 53.47 1.43 82.20
C VAL EA 283 52.94 0.19 81.50
N ARG EA 284 52.43 -0.82 82.23
CA ARG EA 284 51.93 -2.02 81.56
C ARG EA 284 50.65 -1.75 80.78
N ALA EA 285 49.95 -0.66 81.07
CA ALA EA 285 48.75 -0.31 80.31
C ALA EA 285 49.08 0.58 79.13
N ALA EA 286 50.19 1.32 79.20
CA ALA EA 286 50.61 2.09 78.03
C ALA EA 286 51.20 1.21 76.96
N ILE EA 287 51.74 0.05 77.32
CA ILE EA 287 52.21 -0.91 76.34
C ILE EA 287 51.06 -1.74 75.79
N SER EA 288 50.12 -2.12 76.67
CA SER EA 288 49.12 -3.12 76.29
C SER EA 288 48.07 -2.58 75.33
N ASN EA 289 47.75 -1.29 75.40
CA ASN EA 289 46.87 -0.78 74.35
C ASN EA 289 47.64 -0.14 73.21
N TYR EA 290 48.96 -0.31 73.16
CA TYR EA 290 49.64 -0.19 71.88
C TYR EA 290 49.63 -1.51 71.15
N LEU EA 291 49.93 -2.60 71.86
CA LEU EA 291 50.05 -3.91 71.22
C LEU EA 291 48.70 -4.42 70.79
N TYR EA 292 47.64 -4.04 71.50
CA TYR EA 292 46.28 -4.38 71.03
C TYR EA 292 45.94 -3.65 69.75
N SER EA 293 46.35 -2.39 69.62
CA SER EA 293 46.10 -1.66 68.37
C SER EA 293 46.96 -2.20 67.24
N LEU EA 294 48.12 -2.76 67.56
CA LEU EA 294 48.90 -3.51 66.58
C LEU EA 294 48.31 -4.89 66.33
N TRP EA 295 47.62 -5.45 67.32
CA TRP EA 295 46.99 -6.76 67.16
C TRP EA 295 45.81 -6.73 66.20
N GLN EA 296 45.02 -5.66 66.24
CA GLN EA 296 43.81 -5.63 65.45
C GLN EA 296 44.08 -5.38 63.97
N GLN EA 297 45.23 -4.81 63.63
CA GLN EA 297 45.59 -4.55 62.25
C GLN EA 297 46.21 -5.75 61.57
N GLY EA 298 46.32 -6.88 62.26
CA GLY EA 298 46.87 -8.06 61.65
C GLY EA 298 48.37 -8.18 61.72
N GLY EA 299 49.03 -7.43 62.62
CA GLY EA 299 50.48 -7.46 62.72
C GLY EA 299 51.04 -8.66 63.45
N LEU EA 300 50.28 -9.27 64.34
CA LEU EA 300 50.77 -10.42 65.06
C LEU EA 300 49.97 -11.64 64.67
N ALA EA 301 50.51 -12.83 64.87
CA ALA EA 301 49.84 -14.05 64.51
C ALA EA 301 48.98 -14.50 65.68
N GLY EA 302 48.21 -15.56 65.48
CA GLY EA 302 47.33 -16.00 66.55
C GLY EA 302 45.90 -15.59 66.27
N SER EA 303 45.05 -15.85 67.27
CA SER EA 303 43.63 -15.55 67.17
C SER EA 303 43.07 -14.82 68.40
N LYS EA 304 43.65 -15.01 69.59
CA LYS EA 304 43.20 -14.33 70.79
C LYS EA 304 44.19 -13.24 71.13
N GLU EA 305 43.87 -12.43 72.13
CA GLU EA 305 44.85 -11.47 72.61
C GLU EA 305 45.77 -12.05 73.67
N GLU EA 306 45.64 -13.33 74.02
CA GLU EA 306 46.50 -13.92 75.03
C GLU EA 306 47.47 -14.95 74.46
N ASP EA 307 47.31 -15.29 73.20
CA ASP EA 307 48.32 -15.98 72.42
C ASP EA 307 49.14 -15.03 71.58
N ALA EA 308 48.74 -13.77 71.55
CA ALA EA 308 49.38 -12.80 70.69
C ALA EA 308 50.56 -12.13 71.36
N TYR EA 309 50.37 -11.66 72.59
CA TYR EA 309 51.41 -10.92 73.30
C TYR EA 309 51.21 -11.08 74.80
N PHE EA 310 52.18 -10.59 75.56
CA PHE EA 310 52.03 -10.52 77.00
C PHE EA 310 52.96 -9.43 77.52
N VAL EA 311 52.48 -8.69 78.52
CA VAL EA 311 53.26 -7.69 79.21
C VAL EA 311 53.19 -8.06 80.68
N GLN EA 312 54.32 -8.38 81.28
CA GLN EA 312 54.35 -8.76 82.68
C GLN EA 312 55.47 -8.02 83.40
N ILE EA 313 55.08 -7.12 84.31
CA ILE EA 313 56.01 -6.45 85.21
C ILE EA 313 55.47 -6.57 86.62
N GLY EA 314 56.32 -6.25 87.58
CA GLY EA 314 55.95 -6.32 88.98
C GLY EA 314 57.14 -6.67 89.83
N LYS EA 315 57.09 -6.34 91.11
CA LYS EA 315 58.18 -6.68 92.01
C LYS EA 315 58.15 -8.17 92.27
N GLY EA 316 59.24 -8.84 91.95
CA GLY EA 316 59.34 -10.27 92.11
C GLY EA 316 58.93 -11.07 90.90
N ILE EA 317 58.00 -10.56 90.09
CA ILE EA 317 57.70 -11.19 88.82
C ILE EA 317 58.87 -11.05 87.85
N THR EA 318 59.43 -9.87 87.76
CA THR EA 318 60.55 -9.67 86.84
C THR EA 318 61.71 -8.86 87.42
N MET EA 319 61.49 -8.09 88.48
CA MET EA 319 62.53 -7.27 89.06
C MET EA 319 62.68 -7.60 90.54
N THR EA 320 63.93 -7.61 91.00
CA THR EA 320 64.19 -7.90 92.41
C THR EA 320 64.12 -6.61 93.20
N GLN EA 321 64.22 -6.75 94.53
CA GLN EA 321 64.21 -5.58 95.39
C GLN EA 321 65.49 -4.77 95.27
N GLU EA 322 66.61 -5.43 94.98
CA GLU EA 322 67.86 -4.71 94.74
C GLU EA 322 67.84 -3.98 93.40
N GLN EA 323 66.94 -4.34 92.49
CA GLN EA 323 66.75 -3.60 91.26
C GLN EA 323 65.86 -2.39 91.43
N ILE EA 324 65.16 -2.27 92.56
CA ILE EA 324 64.28 -1.12 92.78
C ILE EA 324 65.09 0.09 93.22
N ASP EA 325 65.99 -0.10 94.18
CA ASP EA 325 66.79 1.00 94.68
C ASP EA 325 68.05 1.25 93.84
N ALA EA 326 68.26 0.49 92.78
CA ALA EA 326 69.22 0.87 91.76
C ALA EA 326 68.59 1.70 90.66
N GLY EA 327 67.27 1.87 90.70
CA GLY EA 327 66.58 2.67 89.70
C GLY EA 327 66.34 1.96 88.40
N GLN EA 328 65.86 0.72 88.44
CA GLN EA 328 65.66 -0.08 87.24
C GLN EA 328 64.25 -0.66 87.20
N MET EA 329 63.58 -0.47 86.08
CA MET EA 329 62.31 -1.09 85.79
C MET EA 329 62.49 -2.08 84.65
N ILE EA 330 62.51 -3.37 84.97
CA ILE EA 330 62.68 -4.41 83.97
C ILE EA 330 61.31 -4.77 83.44
N VAL EA 331 61.14 -4.74 82.13
CA VAL EA 331 59.87 -5.03 81.48
C VAL EA 331 60.07 -6.21 80.54
N LYS EA 332 59.18 -7.20 80.62
CA LYS EA 332 59.22 -8.34 79.72
C LYS EA 332 58.00 -8.30 78.80
N VAL EA 333 58.24 -8.21 77.50
CA VAL EA 333 57.19 -8.16 76.49
C VAL EA 333 57.49 -9.25 75.45
N GLY EA 334 56.47 -10.00 75.06
CA GLY EA 334 56.62 -11.04 74.04
C GLY EA 334 55.69 -10.79 72.87
N LEU EA 335 56.10 -11.23 71.70
CA LEU EA 335 55.34 -11.03 70.47
C LEU EA 335 55.34 -12.31 69.66
N ALA EA 336 54.38 -12.42 68.74
CA ALA EA 336 54.28 -13.57 67.85
C ALA EA 336 53.91 -13.06 66.46
N ALA EA 337 54.92 -12.76 65.65
CA ALA EA 337 54.72 -12.15 64.35
C ALA EA 337 54.35 -13.21 63.32
N VAL EA 338 54.12 -12.76 62.09
CA VAL EA 338 53.66 -13.61 60.99
C VAL EA 338 54.87 -14.03 60.17
N ARG EA 339 54.81 -15.22 59.62
CA ARG EA 339 55.88 -15.64 58.72
C ARG EA 339 55.35 -15.71 57.31
N PRO EA 340 56.13 -15.33 56.30
CA PRO EA 340 55.63 -15.38 54.93
C PRO EA 340 55.74 -16.78 54.34
N ALA EA 341 55.02 -16.97 53.24
CA ALA EA 341 55.00 -18.23 52.51
C ALA EA 341 55.98 -18.13 51.35
N GLU EA 342 57.15 -18.76 51.51
CA GLU EA 342 58.18 -18.64 50.50
C GLU EA 342 57.94 -19.58 49.32
N PHE EA 343 57.43 -20.77 49.58
CA PHE EA 343 57.33 -21.81 48.56
C PHE EA 343 55.87 -22.16 48.34
N ILE EA 344 55.51 -22.45 47.10
CA ILE EA 344 54.18 -22.93 46.73
C ILE EA 344 54.37 -24.02 45.71
N ILE EA 345 54.03 -25.26 46.06
CA ILE EA 345 54.28 -26.32 45.09
C ILE EA 345 52.94 -26.76 44.52
N LEU EA 346 52.97 -27.18 43.26
CA LEU EA 346 51.78 -27.43 42.46
C LEU EA 346 51.82 -28.85 41.94
N GLN EA 347 50.92 -29.70 42.41
CA GLN EA 347 50.94 -31.12 42.10
C GLN EA 347 49.92 -31.39 40.99
N PHE EA 348 50.41 -31.92 39.87
CA PHE EA 348 49.58 -32.05 38.68
C PHE EA 348 49.24 -33.52 38.46
N THR EA 349 48.10 -33.94 38.97
CA THR EA 349 47.53 -35.23 38.65
C THR EA 349 46.90 -35.13 37.26
N GLN EA 350 46.91 -36.24 36.53
CA GLN EA 350 46.33 -36.25 35.19
C GLN EA 350 44.96 -36.92 35.21
N ASP EA 351 44.74 -37.83 36.14
CA ASP EA 351 43.51 -38.60 36.20
C ASP EA 351 42.58 -38.01 37.25
N VAL EA 352 41.49 -37.41 36.79
CA VAL EA 352 40.50 -36.82 37.69
C VAL EA 352 39.56 -37.92 38.18
N GLU EA 353 39.24 -37.89 39.47
CA GLU EA 353 38.30 -38.84 40.04
C GLU EA 353 36.88 -38.32 39.86
N THR FA 2 13.74 71.29 40.09
CA THR FA 2 12.65 71.37 41.06
C THR FA 2 11.52 72.26 40.55
N THR FA 3 10.33 71.68 40.43
CA THR FA 3 9.16 72.43 40.02
C THR FA 3 8.24 72.59 41.22
N VAL FA 4 7.56 73.75 41.29
CA VAL FA 4 6.60 73.96 42.35
C VAL FA 4 5.36 73.12 42.07
N THR FA 5 4.70 72.68 43.13
CA THR FA 5 3.56 71.79 43.02
C THR FA 5 2.30 72.52 43.44
N SER FA 6 1.31 72.53 42.56
CA SER FA 6 0.06 73.22 42.81
C SER FA 6 -1.11 72.26 42.89
N TYR FA 7 -1.29 71.39 41.90
CA TYR FA 7 -2.41 70.48 41.86
C TYR FA 7 -1.95 69.06 42.14
N PRO FA 8 -2.75 68.25 42.82
CA PRO FA 8 -2.36 66.85 43.06
C PRO FA 8 -2.46 66.04 41.78
N GLY FA 9 -1.34 65.50 41.34
CA GLY FA 9 -1.32 64.72 40.12
C GLY FA 9 0.07 64.35 39.67
N VAL FA 10 0.28 64.29 38.35
CA VAL FA 10 1.55 63.86 37.80
C VAL FA 10 2.13 65.00 36.96
N TYR FA 11 3.44 65.20 37.10
CA TYR FA 11 4.17 66.26 36.41
C TYR FA 11 5.21 65.61 35.50
N ILE FA 12 5.30 66.08 34.25
CA ILE FA 12 6.06 65.36 33.25
C ILE FA 12 7.37 66.09 32.94
N GLU FA 13 7.86 66.88 33.89
CA GLU FA 13 8.97 67.78 33.61
C GLU FA 13 10.26 67.01 33.35
N GLU FA 14 10.98 67.38 32.30
CA GLU FA 14 12.19 66.70 31.91
C GLU FA 14 13.40 67.32 32.58
N LEU FA 15 14.47 66.56 32.70
CA LEU FA 15 15.75 67.10 33.16
C LEU FA 15 16.83 66.30 32.44
N ASN FA 16 17.39 66.90 31.39
CA ASN FA 16 18.38 66.24 30.55
C ASN FA 16 19.67 65.94 31.30
N SER FA 17 20.10 64.69 31.20
CA SER FA 17 21.47 64.24 31.46
C SER FA 17 21.89 64.52 32.90
N LEU FA 18 21.23 63.84 33.84
CA LEU FA 18 21.61 64.06 35.23
C LEU FA 18 22.78 63.18 35.62
N ALA FA 19 23.07 62.15 34.83
CA ALA FA 19 24.16 61.18 35.04
C ALA FA 19 24.06 60.53 36.42
N LEU FA 20 22.96 59.81 36.61
CA LEU FA 20 22.55 59.40 37.95
C LEU FA 20 23.17 58.07 38.35
N SER FA 21 23.67 58.01 39.58
CA SER FA 21 24.31 56.83 40.13
C SER FA 21 23.55 56.37 41.37
N VAL FA 22 23.76 55.11 41.74
CA VAL FA 22 23.05 54.46 42.83
C VAL FA 22 23.71 54.81 44.15
N SER FA 23 22.93 54.95 45.22
CA SER FA 23 23.48 55.18 46.55
C SER FA 23 24.04 53.89 47.12
N ASN FA 24 25.15 54.01 47.85
CA ASN FA 24 25.91 52.87 48.35
C ASN FA 24 26.24 53.08 49.82
N SER FA 25 26.35 51.96 50.55
CA SER FA 25 26.68 52.00 51.97
C SER FA 25 27.85 51.08 52.24
N ALA FA 26 28.89 51.62 52.87
CA ALA FA 26 30.10 50.87 53.20
C ALA FA 26 30.75 51.54 54.39
N THR FA 27 31.93 51.06 54.78
CA THR FA 27 32.70 51.67 55.86
C THR FA 27 34.07 52.03 55.29
N ALA FA 28 34.12 53.17 54.61
CA ALA FA 28 35.33 53.80 54.11
C ALA FA 28 34.95 55.22 53.72
N VAL FA 29 35.56 56.20 54.37
CA VAL FA 29 35.08 57.58 54.34
C VAL FA 29 36.15 58.54 53.84
N PRO FA 30 36.19 58.80 52.55
CA PRO FA 30 37.28 59.63 52.00
C PRO FA 30 37.13 61.12 52.24
N VAL FA 31 38.00 61.68 53.08
CA VAL FA 31 38.18 63.12 53.11
C VAL FA 31 38.78 63.57 51.78
N PHE FA 32 38.01 64.37 51.04
CA PHE FA 32 38.44 64.89 49.75
C PHE FA 32 39.05 66.26 49.94
N ALA FA 33 40.31 66.41 49.55
CA ALA FA 33 40.96 67.71 49.54
C ALA FA 33 40.36 68.54 48.41
N VAL FA 34 40.10 69.81 48.68
CA VAL FA 34 39.44 70.71 47.73
C VAL FA 34 40.34 71.93 47.52
N ASP FA 35 40.64 72.21 46.26
CA ASP FA 35 41.43 73.38 45.89
C ASP FA 35 40.70 74.66 46.28
N GLU FA 36 41.49 75.69 46.63
CA GLU FA 36 40.97 76.89 47.25
C GLU FA 36 40.16 77.77 46.31
N GLN FA 37 40.28 77.58 45.00
CA GLN FA 37 39.53 78.40 44.06
C GLN FA 37 38.11 77.87 43.82
N ASN FA 38 37.73 76.79 44.48
CA ASN FA 38 36.35 76.31 44.40
C ASN FA 38 35.44 77.22 45.20
N GLN FA 39 34.26 77.50 44.65
CA GLN FA 39 33.35 78.45 45.27
C GLN FA 39 32.29 77.81 46.14
N TYR FA 40 31.82 76.60 45.81
CA TYR FA 40 30.75 76.01 46.60
C TYR FA 40 31.30 75.20 47.77
N ILE FA 41 32.28 75.76 48.49
CA ILE FA 41 32.86 75.21 49.71
C ILE FA 41 33.19 76.43 50.55
N SER FA 42 33.03 76.34 51.86
CA SER FA 42 33.55 77.35 52.77
C SER FA 42 34.64 76.72 53.62
N GLU FA 43 35.70 77.48 53.88
CA GLU FA 43 36.80 76.93 54.64
C GLU FA 43 36.50 77.00 56.13
N ASP FA 44 37.29 76.23 56.91
CA ASP FA 44 37.02 75.89 58.31
C ASP FA 44 35.63 75.27 58.46
N ASN FA 45 35.23 74.48 57.46
CA ASN FA 45 33.95 73.81 57.40
C ASN FA 45 34.12 72.57 56.55
N ALA FA 46 33.47 71.48 56.96
CA ALA FA 46 33.50 70.23 56.21
C ALA FA 46 32.07 69.84 55.86
N ILE FA 47 31.70 70.01 54.62
CA ILE FA 47 30.37 69.61 54.20
C ILE FA 47 30.41 68.13 53.85
N ARG FA 48 29.26 67.49 53.90
CA ARG FA 48 29.14 66.05 53.76
C ARG FA 48 28.30 65.72 52.53
N ILE FA 49 28.75 64.75 51.75
CA ILE FA 49 28.10 64.36 50.52
C ILE FA 49 27.66 62.92 50.66
N ASN FA 50 26.35 62.70 50.75
CA ASN FA 50 25.83 61.37 51.05
C ASN FA 50 25.66 60.52 49.79
N SER FA 51 25.40 61.16 48.66
CA SER FA 51 25.27 60.46 47.39
C SER FA 51 25.58 61.45 46.27
N TRP FA 52 25.55 60.97 45.03
CA TRP FA 52 25.88 61.81 43.89
C TRP FA 52 24.81 62.86 43.65
N MET FA 53 23.56 62.58 44.02
CA MET FA 53 22.51 63.58 43.94
C MET FA 53 22.70 64.68 44.98
N ASP FA 54 23.38 64.40 46.07
CA ASP FA 54 23.58 65.43 47.09
C ASP FA 54 24.72 66.36 46.72
N TYR FA 55 25.72 65.85 46.01
CA TYR FA 55 26.74 66.72 45.44
C TYR FA 55 26.16 67.56 44.31
N LEU FA 56 25.26 66.97 43.53
CA LEU FA 56 24.71 67.65 42.37
C LEU FA 56 23.65 68.66 42.79
N ASN FA 57 23.09 68.49 43.99
CA ASN FA 57 22.29 69.52 44.63
C ASN FA 57 23.14 70.72 45.03
N LEU FA 58 24.38 70.48 45.44
CA LEU FA 58 25.26 71.55 45.90
C LEU FA 58 25.75 72.41 44.75
N ILE FA 59 26.41 71.80 43.77
CA ILE FA 59 27.01 72.56 42.68
C ILE FA 59 26.00 73.02 41.64
N GLY FA 60 24.79 72.48 41.65
CA GLY FA 60 23.78 72.84 40.68
C GLY FA 60 23.81 71.98 39.42
N ASN FA 61 24.80 72.20 38.56
CA ASN FA 61 24.89 71.43 37.32
C ASN FA 61 26.33 70.98 37.13
N PHE FA 62 26.50 69.94 36.34
CA PHE FA 62 27.78 69.25 36.19
C PHE FA 62 28.53 69.78 34.99
N ASN FA 63 29.82 70.03 35.18
CA ASN FA 63 30.70 70.39 34.07
C ASN FA 63 31.99 69.61 34.20
N ASN FA 64 32.52 69.17 33.07
CA ASN FA 64 33.70 68.32 33.02
C ASN FA 64 35.00 69.11 33.03
N GLU FA 65 34.97 70.40 33.35
CA GLU FA 65 36.21 71.17 33.42
C GLU FA 65 36.86 71.09 34.79
N ASP FA 66 36.05 71.02 35.84
CA ASP FA 66 36.55 71.12 37.20
C ASP FA 66 37.26 69.84 37.61
N LYS FA 67 38.42 70.01 38.26
CA LYS FA 67 39.19 68.85 38.71
C LYS FA 67 38.52 68.14 39.86
N LEU FA 68 37.62 68.81 40.56
CA LEU FA 68 36.84 68.16 41.60
C LEU FA 68 35.60 67.48 41.05
N ASP FA 69 34.96 68.07 40.04
CA ASP FA 69 33.69 67.55 39.54
C ASP FA 69 33.87 66.21 38.85
N VAL FA 70 34.96 66.04 38.09
CA VAL FA 70 35.25 64.73 37.51
C VAL FA 70 35.83 63.78 38.54
N SER FA 71 36.24 64.28 39.70
CA SER FA 71 36.80 63.45 40.75
C SER FA 71 35.72 62.70 41.52
N VAL FA 72 34.69 63.42 41.98
CA VAL FA 72 33.66 62.77 42.79
C VAL FA 72 32.67 61.97 41.96
N ARG FA 73 32.61 62.19 40.65
CA ARG FA 73 31.80 61.32 39.82
C ARG FA 73 32.42 59.93 39.71
N ALA FA 74 33.73 59.88 39.48
CA ALA FA 74 34.43 58.59 39.41
C ALA FA 74 34.49 57.92 40.76
N TYR FA 75 34.34 58.66 41.85
CA TYR FA 75 34.27 58.04 43.17
C TYR FA 75 32.94 57.34 43.36
N PHE FA 76 31.84 58.03 43.06
CA PHE FA 76 30.53 57.42 43.27
C PHE FA 76 30.15 56.44 42.17
N ALA FA 77 30.84 56.46 41.03
CA ALA FA 77 30.58 55.47 40.01
C ALA FA 77 31.15 54.10 40.39
N ASN FA 78 32.20 54.07 41.20
CA ASN FA 78 32.87 52.83 41.55
C ASN FA 78 32.44 52.30 42.91
N GLY FA 79 32.70 53.04 43.98
CA GLY FA 79 32.43 52.50 45.29
C GLY FA 79 31.31 53.15 46.08
N GLY FA 80 31.21 54.45 45.99
CA GLY FA 80 30.21 55.16 46.76
C GLY FA 80 30.61 55.29 48.23
N GLY FA 81 29.61 55.59 49.04
CA GLY FA 81 29.81 55.88 50.44
C GLY FA 81 29.97 57.38 50.68
N TYR FA 82 29.59 57.80 51.88
CA TYR FA 82 29.53 59.22 52.19
C TYR FA 82 30.93 59.77 52.42
N CYS FA 83 31.20 60.92 51.82
CA CYS FA 83 32.52 61.52 51.81
C CYS FA 83 32.47 62.94 52.36
N TYR FA 84 33.60 63.40 52.86
CA TYR FA 84 33.74 64.73 53.43
C TYR FA 84 34.59 65.59 52.52
N LEU FA 85 34.04 66.72 52.08
CA LEU FA 85 34.73 67.65 51.20
C LEU FA 85 35.32 68.77 52.04
N VAL FA 86 36.63 68.72 52.25
CA VAL FA 86 37.35 69.67 53.09
C VAL FA 86 38.30 70.45 52.21
N LYS FA 87 38.31 71.77 52.36
CA LYS FA 87 39.27 72.60 51.63
C LYS FA 87 40.67 72.36 52.19
N THR FA 88 41.67 72.55 51.32
CA THR FA 88 43.03 72.14 51.64
C THR FA 88 43.67 73.03 52.70
N THR FA 89 43.44 74.34 52.65
CA THR FA 89 44.11 75.26 53.56
C THR FA 89 43.63 75.16 55.01
N SER FA 90 42.54 74.44 55.26
CA SER FA 90 42.06 74.21 56.61
C SER FA 90 41.96 72.72 56.92
N LEU FA 91 42.63 71.88 56.12
CA LEU FA 91 42.52 70.44 56.30
C LEU FA 91 43.28 69.95 57.53
N GLU FA 92 44.23 70.73 58.03
CA GLU FA 92 44.97 70.32 59.22
C GLU FA 92 44.18 70.52 60.50
N LYS FA 93 43.12 71.33 60.48
CA LYS FA 93 42.30 71.55 61.66
C LYS FA 93 41.07 70.66 61.69
N ILE FA 94 40.58 70.24 60.54
CA ILE FA 94 39.27 69.59 60.46
C ILE FA 94 39.38 68.08 60.56
N ILE FA 95 40.45 67.47 60.08
CA ILE FA 95 40.60 66.02 60.15
C ILE FA 95 40.81 65.51 61.58
N PRO FA 96 41.64 66.13 62.45
CA PRO FA 96 41.60 65.71 63.86
C PRO FA 96 40.26 65.96 64.53
N THR FA 97 39.54 67.00 64.12
CA THR FA 97 38.16 67.23 64.56
C THR FA 97 37.24 66.10 64.14
N LEU FA 98 37.34 65.66 62.89
CA LEU FA 98 36.38 64.72 62.34
C LEU FA 98 36.64 63.31 62.84
N ASP FA 99 35.60 62.69 63.40
CA ASP FA 99 35.53 61.25 63.50
C ASP FA 99 34.95 60.71 62.19
N ASP FA 100 35.00 59.38 62.04
CA ASP FA 100 34.77 58.69 60.77
C ASP FA 100 35.67 59.27 59.67
N VAL FA 101 36.96 59.07 59.86
CA VAL FA 101 37.96 59.37 58.84
C VAL FA 101 38.89 58.17 58.80
N THR FA 102 38.89 57.45 57.68
CA THR FA 102 39.79 56.31 57.57
C THR FA 102 40.80 56.46 56.45
N LEU FA 103 40.56 57.33 55.48
CA LEU FA 103 41.50 57.55 54.40
C LEU FA 103 41.33 58.96 53.85
N LEU FA 104 42.45 59.63 53.62
CA LEU FA 104 42.51 61.01 53.17
C LEU FA 104 42.93 61.04 51.72
N VAL FA 105 42.07 61.57 50.86
CA VAL FA 105 42.29 61.55 49.42
C VAL FA 105 42.75 62.92 48.97
N ALA FA 106 43.98 62.98 48.47
CA ALA FA 106 44.36 64.08 47.60
C ALA FA 106 43.54 63.94 46.34
N ALA FA 107 42.57 64.84 46.14
CA ALA FA 107 41.76 64.77 44.94
C ALA FA 107 42.64 65.09 43.74
N GLY FA 108 43.08 66.33 43.62
CA GLY FA 108 44.00 66.66 42.56
C GLY FA 108 45.07 67.61 43.04
N GLU FA 109 45.29 67.64 44.35
CA GLU FA 109 46.11 68.66 44.98
C GLU FA 109 47.30 68.01 45.67
N ASP FA 110 48.21 68.85 46.13
CA ASP FA 110 49.46 68.40 46.75
C ASP FA 110 49.34 68.51 48.27
N ILE FA 111 49.35 67.35 48.93
CA ILE FA 111 49.10 67.25 50.35
C ILE FA 111 50.34 66.77 51.11
N LYS FA 112 51.45 66.53 50.42
CA LYS FA 112 52.69 65.98 50.97
C LYS FA 112 53.25 66.72 52.19
N THR FA 113 52.95 68.01 52.33
CA THR FA 113 53.34 68.75 53.54
C THR FA 113 52.40 68.48 54.70
N THR FA 114 51.15 68.12 54.44
CA THR FA 114 50.14 67.91 55.48
C THR FA 114 50.22 66.53 56.10
N VAL FA 115 50.40 65.49 55.28
CA VAL FA 115 50.46 64.09 55.72
C VAL FA 115 51.60 63.83 56.70
N ASP FA 116 52.68 64.61 56.61
CA ASP FA 116 53.81 64.43 57.52
C ASP FA 116 53.45 64.81 58.95
N VAL FA 117 52.55 65.78 59.13
CA VAL FA 117 52.13 66.17 60.48
C VAL FA 117 50.82 65.50 60.87
N LEU FA 118 49.99 65.15 59.90
CA LEU FA 118 48.66 64.64 60.17
C LEU FA 118 48.70 63.15 60.45
N CYS FA 119 49.24 62.38 59.51
CA CYS FA 119 49.30 60.93 59.65
C CYS FA 119 50.40 60.58 60.64
N GLN FA 120 49.99 59.92 61.72
CA GLN FA 120 50.81 59.54 62.85
C GLN FA 120 50.54 58.08 63.14
N PRO FA 121 51.42 57.42 63.92
CA PRO FA 121 51.07 56.06 64.38
C PRO FA 121 49.86 56.02 65.29
N GLY FA 122 49.60 57.10 66.05
CA GLY FA 122 48.48 57.09 66.97
C GLY FA 122 47.14 57.25 66.29
N LYS FA 123 47.10 57.94 65.16
CA LYS FA 123 45.85 58.20 64.46
C LYS FA 123 45.39 56.97 63.70
N GLY FA 124 44.33 57.15 62.92
CA GLY FA 124 43.75 56.06 62.17
C GLY FA 124 43.57 56.33 60.70
N LEU FA 125 44.40 57.18 60.13
CA LEU FA 125 44.29 57.53 58.73
C LEU FA 125 45.20 56.66 57.88
N PHE FA 126 44.89 56.63 56.59
CA PHE FA 126 45.75 56.05 55.56
C PHE FA 126 45.55 56.90 54.32
N ALA FA 127 46.43 57.87 54.10
CA ALA FA 127 46.26 58.77 52.97
C ALA FA 127 46.57 58.05 51.67
N VAL FA 128 46.01 58.56 50.58
CA VAL FA 128 46.36 58.13 49.23
C VAL FA 128 46.53 59.38 48.38
N PHE FA 129 47.59 59.40 47.58
CA PHE FA 129 47.73 60.50 46.64
C PHE FA 129 48.26 59.99 45.32
N ASP FA 130 48.47 60.94 44.42
CA ASP FA 130 48.65 60.66 43.01
C ASP FA 130 50.12 60.64 42.62
N GLY FA 131 50.41 59.87 41.59
CA GLY FA 131 51.70 59.96 40.95
C GLY FA 131 51.78 61.18 40.07
N PRO FA 132 52.88 61.29 39.34
CA PRO FA 132 53.03 62.40 38.39
C PRO FA 132 52.07 62.25 37.23
N GLU FA 133 51.63 63.39 36.70
CA GLU FA 133 50.72 63.40 35.57
C GLU FA 133 51.45 63.43 34.24
N THR FA 134 52.76 63.61 34.24
CA THR FA 134 53.57 63.41 33.06
C THR FA 134 54.01 61.95 32.95
N GLU FA 135 54.45 61.56 31.76
CA GLU FA 135 55.03 60.24 31.57
C GLU FA 135 56.36 60.15 32.30
N LEU FA 136 56.61 59.02 32.93
CA LEU FA 136 57.88 58.78 33.59
C LEU FA 136 58.40 57.43 33.14
N THR FA 137 59.72 57.33 32.97
CA THR FA 137 60.36 56.20 32.31
C THR FA 137 61.20 55.41 33.31
N ILE FA 138 62.00 54.48 32.77
CA ILE FA 138 62.97 53.75 33.58
C ILE FA 138 64.09 54.67 34.02
N ASN FA 139 64.43 55.67 33.20
CA ASN FA 139 65.58 56.51 33.49
C ASN FA 139 65.28 57.48 34.62
N GLY FA 140 64.03 57.89 34.75
CA GLY FA 140 63.64 58.83 35.78
C GLY FA 140 63.08 58.14 37.00
N ALA FA 141 63.59 56.94 37.29
CA ALA FA 141 63.05 56.17 38.40
C ALA FA 141 63.60 56.64 39.73
N GLU FA 142 64.77 57.28 39.74
CA GLU FA 142 65.32 57.76 40.99
C GLU FA 142 64.85 59.18 41.31
N GLU FA 143 64.29 59.90 40.34
CA GLU FA 143 63.97 61.29 40.60
C GLU FA 143 62.57 61.43 41.19
N ALA FA 144 61.58 60.80 40.57
CA ALA FA 144 60.21 60.94 41.02
C ALA FA 144 59.88 60.05 42.20
N LYS FA 145 60.73 59.08 42.50
CA LYS FA 145 60.49 58.20 43.63
C LYS FA 145 60.75 58.91 44.95
N GLN FA 146 61.76 59.78 44.99
CA GLN FA 146 62.10 60.52 46.20
C GLN FA 146 61.32 61.83 46.32
N ALA FA 147 60.38 62.08 45.41
CA ALA FA 147 59.53 63.25 45.55
C ALA FA 147 58.46 63.06 46.62
N TYR FA 148 58.24 61.83 47.08
CA TYR FA 148 57.34 61.54 48.18
C TYR FA 148 58.11 61.12 49.41
N THR FA 149 57.45 61.27 50.55
CA THR FA 149 58.04 60.83 51.81
C THR FA 149 57.95 59.32 51.94
N ALA FA 150 58.64 58.78 52.95
CA ALA FA 150 58.71 57.34 53.13
C ALA FA 150 57.84 56.86 54.28
N THR FA 151 56.71 57.47 54.49
CA THR FA 151 55.84 57.02 55.57
C THR FA 151 55.03 55.81 55.12
N PRO FA 152 54.80 54.85 56.03
CA PRO FA 152 54.02 53.66 55.67
C PRO FA 152 52.51 53.87 55.62
N PHE FA 153 52.03 55.10 55.76
CA PHE FA 153 50.60 55.37 55.77
C PHE FA 153 50.12 56.01 54.48
N ALA FA 154 50.76 55.73 53.36
CA ALA FA 154 50.37 56.35 52.10
C ALA FA 154 50.63 55.40 50.94
N ALA FA 155 49.81 55.55 49.89
CA ALA FA 155 49.96 54.78 48.67
C ALA FA 155 49.86 55.72 47.48
N VAL FA 156 50.64 55.42 46.44
CA VAL FA 156 50.76 56.28 45.26
C VAL FA 156 50.33 55.47 44.04
N TYR FA 157 49.41 56.03 43.26
CA TYR FA 157 48.95 55.41 42.02
C TYR FA 157 49.33 56.33 40.86
N TYR FA 158 50.15 55.83 39.94
CA TYR FA 158 50.68 56.74 38.92
C TYR FA 158 49.72 57.09 37.79
N PRO FA 159 49.16 56.16 37.00
CA PRO FA 159 48.63 56.60 35.70
C PRO FA 159 47.31 57.31 35.86
N TRP FA 160 47.29 58.59 35.49
CA TRP FA 160 46.07 59.38 35.61
C TRP FA 160 45.03 58.86 34.62
N LEU FA 161 43.77 59.05 34.95
CA LEU FA 161 42.72 58.42 34.19
C LEU FA 161 42.21 59.36 33.12
N LYS FA 162 41.53 58.79 32.13
CA LYS FA 162 40.76 59.56 31.17
C LYS FA 162 39.45 58.84 30.90
N ALA FA 163 38.39 59.61 30.70
CA ALA FA 163 37.08 59.04 30.46
C ALA FA 163 36.42 59.79 29.31
N ASP FA 164 35.39 59.16 28.75
CA ASP FA 164 34.75 59.72 27.58
C ASP FA 164 33.84 60.88 27.99
N TRP FA 165 33.34 60.86 29.23
CA TRP FA 165 32.45 61.90 29.71
C TRP FA 165 33.18 63.10 30.30
N ALA FA 166 34.51 63.07 30.38
CA ALA FA 166 35.31 64.14 30.96
C ALA FA 166 36.27 64.72 29.94
N ASN FA 167 36.72 65.95 30.19
CA ASN FA 167 37.71 66.61 29.36
C ASN FA 167 39.08 66.69 30.02
N ILE FA 168 39.13 67.15 31.27
CA ILE FA 168 40.38 67.14 32.01
C ILE FA 168 40.68 65.69 32.43
N ASP FA 169 41.97 65.36 32.57
CA ASP FA 169 42.34 64.04 33.05
C ASP FA 169 41.86 63.82 34.48
N ILE FA 170 41.51 62.58 34.78
CA ILE FA 170 40.88 62.23 36.05
C ILE FA 170 41.95 61.67 36.98
N PRO FA 171 42.11 62.21 38.16
CA PRO FA 171 43.19 61.78 39.05
C PRO FA 171 42.86 60.45 39.69
N PRO FA 172 43.85 59.58 39.88
CA PRO FA 172 43.56 58.20 40.27
C PRO FA 172 43.25 58.00 41.74
N SER FA 173 43.45 59.00 42.61
CA SER FA 173 43.01 58.84 44.00
C SER FA 173 41.52 59.03 44.15
N ALA FA 174 40.86 59.56 43.12
CA ALA FA 174 39.40 59.58 43.11
C ALA FA 174 38.83 58.18 43.02
N VAL FA 175 39.26 57.43 42.02
CA VAL FA 175 38.71 56.11 41.79
C VAL FA 175 39.22 55.10 42.83
N MET FA 176 40.44 55.31 43.33
CA MET FA 176 41.01 54.37 44.30
C MET FA 176 40.41 54.51 45.69
N ALA FA 177 39.67 55.58 45.97
CA ALA FA 177 38.87 55.57 47.19
C ALA FA 177 37.55 54.86 46.97
N GLY FA 178 37.10 54.76 45.73
CA GLY FA 178 35.93 53.97 45.44
C GLY FA 178 36.29 52.50 45.45
N VAL FA 179 37.49 52.18 44.99
CA VAL FA 179 37.94 50.80 44.96
C VAL FA 179 38.21 50.28 46.37
N TYR FA 180 38.74 51.14 47.23
CA TYR FA 180 38.95 50.75 48.63
C TYR FA 180 37.65 50.52 49.36
N ALA FA 181 36.58 51.19 48.95
CA ALA FA 181 35.28 51.02 49.58
C ALA FA 181 34.45 49.94 48.92
N SER FA 182 34.79 49.54 47.69
CA SER FA 182 34.03 48.50 47.02
C SER FA 182 34.61 47.13 47.31
N VAL FA 183 35.90 47.07 47.64
CA VAL FA 183 36.54 45.80 47.96
C VAL FA 183 36.33 45.41 49.41
N ASP FA 184 36.25 46.39 50.33
CA ASP FA 184 36.08 46.09 51.74
C ASP FA 184 34.69 45.51 52.00
N LEU FA 185 33.71 45.88 51.18
CA LEU FA 185 32.39 45.30 51.31
C LEU FA 185 32.34 43.88 50.75
N SER FA 186 33.00 43.65 49.62
CA SER FA 186 32.90 42.36 48.96
C SER FA 186 33.83 41.34 49.62
N ARG FA 187 35.14 41.59 49.57
CA ARG FA 187 36.12 40.59 49.98
C ARG FA 187 36.72 40.89 51.36
N GLY FA 188 36.24 41.92 52.03
CA GLY FA 188 36.83 42.30 53.31
C GLY FA 188 38.06 43.15 53.14
N VAL FA 189 38.57 43.63 54.28
CA VAL FA 189 39.68 44.57 54.29
C VAL FA 189 40.99 43.89 53.95
N TRP FA 190 41.17 42.65 54.43
CA TRP FA 190 42.45 41.94 54.35
C TRP FA 190 42.82 41.52 52.93
N LYS FA 191 41.88 41.49 51.99
CA LYS FA 191 42.24 41.22 50.61
C LYS FA 191 42.80 42.47 49.98
N ALA FA 192 43.70 42.28 49.02
CA ALA FA 192 44.38 43.41 48.40
C ALA FA 192 43.44 44.18 47.48
N PRO FA 193 43.47 45.51 47.50
CA PRO FA 193 42.64 46.29 46.59
C PRO FA 193 43.17 46.37 45.17
N ALA FA 194 44.17 45.58 44.81
CA ALA FA 194 44.57 45.46 43.42
C ALA FA 194 43.80 44.31 42.77
N ASN FA 195 44.09 44.11 41.47
CA ASN FA 195 43.50 43.06 40.63
C ASN FA 195 41.97 43.18 40.55
N VAL FA 196 41.45 44.40 40.59
CA VAL FA 196 40.02 44.66 40.51
C VAL FA 196 39.75 45.63 39.38
N ALA FA 197 38.59 45.49 38.74
CA ALA FA 197 38.29 46.29 37.56
C ALA FA 197 37.85 47.69 37.96
N LEU FA 198 37.91 48.59 36.98
CA LEU FA 198 37.43 49.95 37.15
C LEU FA 198 36.13 50.13 36.37
N LYS FA 199 35.10 50.59 37.05
CA LYS FA 199 33.82 50.84 36.38
C LYS FA 199 33.71 52.32 36.04
N GLY FA 200 32.60 52.68 35.39
CA GLY FA 200 32.35 54.05 35.01
C GLY FA 200 32.99 54.50 33.72
N GLY FA 201 33.58 53.58 32.95
CA GLY FA 201 34.21 53.95 31.70
C GLY FA 201 35.54 54.65 31.88
N LEU FA 202 36.25 54.35 32.95
CA LEU FA 202 37.54 54.97 33.23
C LEU FA 202 38.63 54.25 32.46
N GLU FA 203 39.57 55.00 31.91
CA GLU FA 203 40.65 54.43 31.11
C GLU FA 203 41.95 55.14 31.45
N PRO FA 204 43.08 54.42 31.50
CA PRO FA 204 44.35 55.07 31.82
C PRO FA 204 44.87 55.92 30.68
N LYS FA 205 45.56 57.01 31.05
CA LYS FA 205 46.09 57.93 30.06
C LYS FA 205 47.32 57.36 29.38
N PHE FA 206 48.23 56.77 30.14
CA PHE FA 206 49.53 56.35 29.64
C PHE FA 206 49.67 54.85 29.77
N LEU FA 207 50.10 54.20 28.68
CA LEU FA 207 50.32 52.76 28.70
C LEU FA 207 51.60 52.45 29.46
N VAL FA 208 51.54 51.45 30.33
CA VAL FA 208 52.64 51.07 31.20
C VAL FA 208 53.09 49.67 30.81
N THR FA 209 54.39 49.50 30.61
CA THR FA 209 54.96 48.18 30.39
C THR FA 209 55.30 47.53 31.72
N ASP FA 210 55.63 46.23 31.65
CA ASP FA 210 56.02 45.52 32.85
C ASP FA 210 57.45 45.86 33.23
N GLU FA 211 58.29 46.14 32.24
CA GLU FA 211 59.67 46.47 32.51
C GLU FA 211 59.79 47.89 33.07
N LEU FA 212 58.77 48.72 32.84
CA LEU FA 212 58.69 50.01 33.53
C LEU FA 212 58.31 49.82 35.00
N GLN FA 213 57.37 48.91 35.28
CA GLN FA 213 56.90 48.72 36.64
C GLN FA 213 57.90 47.98 37.52
N GLY FA 214 58.93 47.37 36.93
CA GLY FA 214 59.94 46.70 37.73
C GLY FA 214 60.80 47.62 38.54
N GLU FA 215 60.87 48.90 38.17
CA GLU FA 215 61.68 49.87 38.89
C GLU FA 215 60.88 50.71 39.88
N TYR FA 216 59.57 50.79 39.70
CA TYR FA 216 58.72 51.57 40.61
C TYR FA 216 58.02 50.70 41.63
N ASN FA 217 58.43 49.45 41.80
CA ASN FA 217 57.91 48.61 42.85
C ASN FA 217 58.87 48.44 44.01
N THR FA 218 60.13 48.82 43.83
CA THR FA 218 61.14 48.63 44.84
C THR FA 218 61.37 49.92 45.62
N GLY FA 219 61.44 49.81 46.94
CA GLY FA 219 61.69 50.98 47.77
C GLY FA 219 60.42 51.79 48.00
N ARG FA 220 60.49 53.09 47.74
CA ARG FA 220 59.28 53.92 47.82
C ARG FA 220 58.41 53.61 46.61
N ALA FA 221 57.57 52.60 46.74
CA ALA FA 221 56.88 52.01 45.60
C ALA FA 221 55.80 52.93 45.07
N ILE FA 222 55.58 52.85 43.76
CA ILE FA 222 54.50 53.55 43.09
C ILE FA 222 53.65 52.49 42.42
N ASN FA 223 52.48 52.22 42.98
CA ASN FA 223 51.53 51.32 42.37
C ASN FA 223 51.01 51.90 41.07
N MET FA 224 50.62 51.03 40.15
CA MET FA 224 50.23 51.46 38.82
C MET FA 224 48.99 50.70 38.39
N ILE FA 225 48.14 51.36 37.61
CA ILE FA 225 46.99 50.70 37.02
C ILE FA 225 47.22 50.61 35.52
N ARG FA 226 46.76 49.51 34.92
CA ARG FA 226 47.01 49.29 33.51
C ARG FA 226 46.01 48.30 32.98
N ASN FA 227 45.72 48.40 31.70
CA ASN FA 227 44.73 47.54 31.10
C ASN FA 227 45.36 46.29 30.49
N PHE FA 228 44.59 45.22 30.50
CA PHE FA 228 44.99 43.93 29.99
C PHE FA 228 44.04 43.51 28.89
N SER FA 229 44.41 42.44 28.19
CA SER FA 229 43.61 41.99 27.06
C SER FA 229 42.35 41.25 27.49
N ASN FA 230 42.40 40.56 28.63
CA ASN FA 230 41.29 39.70 29.01
C ASN FA 230 40.16 40.49 29.65
N THR FA 231 40.48 41.37 30.60
CA THR FA 231 39.46 41.98 31.45
C THR FA 231 39.28 43.48 31.23
N GLY FA 232 40.29 44.19 30.76
CA GLY FA 232 40.18 45.64 30.65
C GLY FA 232 41.11 46.32 31.64
N THR FA 233 40.78 47.53 32.05
CA THR FA 233 41.64 48.24 32.97
C THR FA 233 41.46 47.73 34.39
N THR FA 234 42.55 47.70 35.14
CA THR FA 234 42.52 47.16 36.49
C THR FA 234 43.65 47.76 37.29
N VAL FA 235 43.51 47.66 38.61
CA VAL FA 235 44.57 48.10 39.51
C VAL FA 235 45.62 47.00 39.62
N TRP FA 236 46.88 47.40 39.59
CA TRP FA 236 47.96 46.43 39.64
C TRP FA 236 49.04 46.78 40.65
N GLY FA 237 48.68 47.23 41.83
CA GLY FA 237 49.66 47.46 42.88
C GLY FA 237 49.02 47.35 44.24
N ALA FA 238 49.78 46.79 45.18
CA ALA FA 238 49.32 46.68 46.55
C ALA FA 238 50.46 46.94 47.52
N ARG FA 239 51.30 47.91 47.22
CA ARG FA 239 52.44 48.24 48.07
C ARG FA 239 52.31 49.67 48.58
N THR FA 240 52.64 49.87 49.85
CA THR FA 240 52.66 51.21 50.42
C THR FA 240 54.03 51.84 50.16
N LEU FA 241 54.32 52.97 50.78
CA LEU FA 241 55.57 53.66 50.48
C LEU FA 241 56.76 53.06 51.22
N GLU FA 242 56.57 52.64 52.47
CA GLU FA 242 57.67 52.06 53.22
C GLU FA 242 57.92 50.62 52.76
N ASP FA 243 59.19 50.24 52.69
CA ASP FA 243 59.57 48.91 52.23
C ASP FA 243 60.22 48.08 53.34
N LYS FA 244 59.74 48.20 54.56
CA LYS FA 244 60.05 47.22 55.59
C LYS FA 244 58.95 46.18 55.64
N ASP FA 245 59.28 44.99 56.14
CA ASP FA 245 58.36 43.86 56.07
C ASP FA 245 57.18 43.99 57.03
N ASN FA 246 57.25 44.91 57.99
CA ASN FA 246 56.12 45.12 58.89
C ASN FA 246 54.96 45.80 58.16
N TRP FA 247 55.22 46.92 57.49
CA TRP FA 247 54.20 47.60 56.70
C TRP FA 247 54.76 47.77 55.30
N ARG FA 248 54.61 46.74 54.50
CA ARG FA 248 54.97 46.78 53.09
C ARG FA 248 53.75 46.78 52.19
N TYR FA 249 52.75 46.02 52.54
CA TYR FA 249 51.54 45.92 51.74
C TYR FA 249 50.44 46.76 52.39
N VAL FA 250 49.68 47.47 51.58
CA VAL FA 250 48.50 48.18 52.07
C VAL FA 250 47.46 47.29 52.77
N PRO FA 251 47.15 46.03 52.37
CA PRO FA 251 46.21 45.24 53.17
C PRO FA 251 46.66 44.97 54.59
N VAL FA 252 47.95 44.94 54.85
CA VAL FA 252 48.44 44.84 56.22
C VAL FA 252 48.20 46.15 56.97
N ARG FA 253 48.54 47.27 56.33
CA ARG FA 253 48.39 48.56 56.99
C ARG FA 253 46.92 48.94 57.12
N ARG FA 254 46.10 48.55 56.16
CA ARG FA 254 44.68 48.91 56.22
C ARG FA 254 43.89 47.99 57.15
N LEU FA 255 44.35 46.77 57.39
CA LEU FA 255 43.69 45.91 58.38
C LEU FA 255 43.96 46.40 59.79
N PHE FA 256 45.23 46.67 60.11
CA PHE FA 256 45.60 47.19 61.42
C PHE FA 256 44.97 48.55 61.70
N ASN FA 257 44.67 49.33 60.68
CA ASN FA 257 43.91 50.55 60.85
C ASN FA 257 42.42 50.29 60.93
N SER FA 258 41.93 49.22 60.33
CA SER FA 258 40.52 48.88 60.47
C SER FA 258 40.26 48.08 61.73
N VAL FA 259 41.31 47.49 62.30
CA VAL FA 259 41.17 46.82 63.59
C VAL FA 259 41.04 47.85 64.71
N GLU FA 260 41.96 48.82 64.74
CA GLU FA 260 42.03 49.76 65.86
C GLU FA 260 40.81 50.65 65.96
N ARG FA 261 40.18 50.97 64.83
CA ARG FA 261 38.99 51.81 64.88
C ARG FA 261 37.79 51.00 65.34
N ASP FA 262 37.87 49.68 65.25
CA ASP FA 262 36.80 48.82 65.72
C ASP FA 262 37.12 48.11 67.02
N ILE FA 263 38.35 48.20 67.51
CA ILE FA 263 38.60 47.84 68.91
C ILE FA 263 38.21 48.99 69.82
N LYS FA 264 38.61 50.21 69.47
CA LYS FA 264 38.43 51.34 70.36
C LYS FA 264 36.96 51.75 70.48
N ARG FA 265 36.11 51.27 69.57
CA ARG FA 265 34.68 51.43 69.79
C ARG FA 265 34.06 50.19 70.40
N ALA FA 266 34.79 49.06 70.41
CA ALA FA 266 34.26 47.85 71.04
C ALA FA 266 34.43 47.89 72.55
N MET FA 267 35.51 48.49 73.03
CA MET FA 267 35.77 48.62 74.45
C MET FA 267 35.82 50.07 74.91
N SER FA 268 35.03 50.92 74.27
CA SER FA 268 34.90 52.30 74.74
C SER FA 268 34.02 52.43 75.97
N PHE FA 269 33.40 51.33 76.44
CA PHE FA 269 32.67 51.36 77.69
C PHE FA 269 33.59 51.49 78.89
N ALA FA 270 34.88 51.17 78.73
CA ALA FA 270 35.79 51.12 79.86
C ALA FA 270 36.23 52.50 80.33
N MET FA 271 35.83 53.57 79.65
CA MET FA 271 36.19 54.91 80.06
C MET FA 271 35.52 55.31 81.35
N PHE FA 272 36.34 55.81 82.28
CA PHE FA 272 35.90 56.36 83.58
C PHE FA 272 35.15 55.33 84.41
N GLU FA 273 35.56 54.09 84.28
CA GLU FA 273 35.11 52.96 85.06
C GLU FA 273 36.06 52.75 86.22
N PRO FA 274 35.63 52.11 87.31
CA PRO FA 274 36.56 51.83 88.42
C PRO FA 274 37.70 50.92 87.97
N ASN FA 275 38.91 51.44 88.06
CA ASN FA 275 40.10 50.79 87.53
C ASN FA 275 40.58 49.76 88.55
N ASN FA 276 40.02 48.57 88.47
CA ASN FA 276 40.44 47.44 89.28
C ASN FA 276 40.51 46.23 88.36
N GLN FA 277 40.51 45.04 88.96
CA GLN FA 277 40.57 43.84 88.15
C GLN FA 277 39.28 43.47 87.40
N PRO FA 278 38.05 43.59 87.94
CA PRO FA 278 36.88 43.22 87.12
C PRO FA 278 36.61 44.14 85.94
N THR FA 279 37.24 45.30 85.88
CA THR FA 279 37.22 46.07 84.64
C THR FA 279 38.14 45.45 83.60
N TRP FA 280 39.23 44.81 84.05
CA TRP FA 280 40.22 44.34 83.09
C TRP FA 280 39.74 43.10 82.34
N GLU FA 281 39.19 42.11 83.02
CA GLU FA 281 38.73 40.91 82.31
C GLU FA 281 37.47 41.19 81.50
N ARG FA 282 36.73 42.24 81.83
CA ARG FA 282 35.66 42.69 80.96
C ARG FA 282 36.21 43.39 79.73
N VAL FA 283 37.43 43.91 79.81
CA VAL FA 283 38.10 44.47 78.64
C VAL FA 283 38.79 43.40 77.79
N ARG FA 284 39.50 42.44 78.41
CA ARG FA 284 40.16 41.42 77.60
C ARG FA 284 39.17 40.48 76.93
N ALA FA 285 37.93 40.41 77.41
CA ALA FA 285 36.92 39.58 76.78
C ALA FA 285 36.15 40.35 75.72
N ALA FA 286 36.09 41.67 75.82
CA ALA FA 286 35.47 42.45 74.77
C ALA FA 286 36.36 42.56 73.55
N ILE FA 287 37.67 42.42 73.72
CA ILE FA 287 38.57 42.37 72.57
C ILE FA 287 38.62 40.97 71.98
N SER FA 288 38.59 39.93 72.84
CA SER FA 288 38.89 38.58 72.37
C SER FA 288 37.75 37.99 71.56
N ASN FA 289 36.51 38.35 71.82
CA ASN FA 289 35.47 37.89 70.92
C ASN FA 289 35.14 38.90 69.83
N TYR FA 290 35.94 39.95 69.69
CA TYR FA 290 35.98 40.64 68.41
C TYR FA 290 37.01 39.98 67.49
N LEU FA 291 38.19 39.67 68.03
CA LEU FA 291 39.25 39.13 67.20
C LEU FA 291 38.94 37.71 66.77
N TYR FA 292 38.19 36.97 67.58
CA TYR FA 292 37.74 35.66 67.14
C TYR FA 292 36.75 35.76 66.00
N SER FA 293 35.85 36.75 66.03
CA SER FA 293 34.93 36.94 64.92
C SER FA 293 35.65 37.43 63.68
N LEU FA 294 36.76 38.14 63.85
CA LEU FA 294 37.64 38.46 62.73
C LEU FA 294 38.47 37.27 62.32
N TRP FA 295 38.76 36.36 63.26
CA TRP FA 295 39.52 35.16 62.94
C TRP FA 295 38.76 34.19 62.06
N GLN FA 296 37.47 34.04 62.29
CA GLN FA 296 36.70 33.03 61.58
C GLN FA 296 36.41 33.45 60.14
N GLN FA 297 36.45 34.74 59.83
CA GLN FA 297 36.20 35.22 58.47
C GLN FA 297 37.43 35.15 57.60
N GLY FA 298 38.54 34.67 58.12
CA GLY FA 298 39.73 34.55 57.32
C GLY FA 298 40.60 35.78 57.29
N GLY FA 299 40.45 36.71 58.24
CA GLY FA 299 41.21 37.93 58.26
C GLY FA 299 42.63 37.79 58.78
N LEU FA 300 42.89 36.80 59.62
CA LEU FA 300 44.23 36.63 60.14
C LEU FA 300 44.80 35.32 59.61
N ALA FA 301 46.11 35.18 59.62
CA ALA FA 301 46.77 33.99 59.11
C ALA FA 301 46.89 32.99 60.26
N GLY FA 302 47.37 31.81 59.96
CA GLY FA 302 47.45 30.79 61.00
C GLY FA 302 46.35 29.77 60.85
N SER FA 303 46.29 28.88 61.85
CA SER FA 303 45.30 27.81 61.87
C SER FA 303 44.58 27.67 63.20
N LYS FA 304 45.22 28.03 64.32
CA LYS FA 304 44.59 27.95 65.64
C LYS FA 304 44.22 29.35 66.07
N GLU FA 305 43.51 29.45 67.19
CA GLU FA 305 43.27 30.78 67.76
C GLU FA 305 44.39 31.25 68.67
N GLU FA 306 45.46 30.47 68.84
CA GLU FA 306 46.55 30.89 69.71
C GLU FA 306 47.83 31.22 68.96
N ASP FA 307 47.85 30.95 67.66
CA ASP FA 307 48.83 31.48 66.74
C ASP FA 307 48.32 32.69 66.00
N ALA FA 308 47.03 32.99 66.17
CA ALA FA 308 46.39 34.07 65.43
C ALA FA 308 46.53 35.40 66.13
N TYR FA 309 46.22 35.43 67.42
CA TYR FA 309 46.23 36.68 68.17
C TYR FA 309 46.47 36.39 69.64
N PHE FA 310 46.67 37.46 70.42
CA PHE FA 310 46.74 37.33 71.85
C PHE FA 310 46.37 38.66 72.48
N VAL FA 311 45.64 38.60 73.59
CA VAL FA 311 45.29 39.75 74.39
C VAL FA 311 45.79 39.46 75.79
N GLN FA 312 46.73 40.26 76.27
CA GLN FA 312 47.29 40.05 77.60
C GLN FA 312 47.32 41.37 78.36
N ILE FA 313 46.51 41.46 79.40
CA ILE FA 313 46.55 42.58 80.34
C ILE FA 313 46.58 42.02 81.74
N GLY FA 314 46.89 42.88 82.70
CA GLY FA 314 46.96 42.49 84.09
C GLY FA 314 47.99 43.32 84.82
N LYS FA 315 47.87 43.40 86.14
CA LYS FA 315 48.85 44.14 86.91
C LYS FA 315 50.15 43.35 86.96
N GLY FA 316 51.22 43.96 86.48
CA GLY FA 316 52.51 43.32 86.44
C GLY FA 316 52.79 42.59 85.15
N ILE FA 317 51.77 42.08 84.47
CA ILE FA 317 51.96 41.54 83.14
C ILE FA 317 52.29 42.64 82.15
N THR FA 318 51.56 43.73 82.19
CA THR FA 318 51.80 44.81 81.25
C THR FA 318 51.80 46.20 81.88
N MET FA 319 51.20 46.37 83.05
CA MET FA 319 51.11 47.68 83.69
C MET FA 319 51.69 47.60 85.09
N THR FA 320 52.39 48.66 85.49
CA THR FA 320 52.98 48.69 86.82
C THR FA 320 51.98 49.27 87.80
N GLN FA 321 52.35 49.25 89.08
CA GLN FA 321 51.47 49.81 90.10
C GLN FA 321 51.41 51.32 90.02
N GLU FA 322 52.50 51.97 89.59
CA GLU FA 322 52.47 53.40 89.39
C GLU FA 322 51.64 53.80 88.18
N GLN FA 323 51.37 52.87 87.27
CA GLN FA 323 50.46 53.12 86.17
C GLN FA 323 48.99 52.95 86.56
N ILE FA 324 48.71 52.38 87.72
CA ILE FA 324 47.33 52.20 88.16
C ILE FA 324 46.77 53.50 88.71
N ASP FA 325 47.53 54.15 89.60
CA ASP FA 325 47.08 55.38 90.20
C ASP FA 325 47.37 56.61 89.35
N ALA FA 326 47.97 56.44 88.18
CA ALA FA 326 47.97 57.49 87.17
C ALA FA 326 46.78 57.40 86.25
N GLY FA 327 45.97 56.35 86.37
CA GLY FA 327 44.80 56.19 85.54
C GLY FA 327 45.09 55.65 84.16
N GLN FA 328 45.91 54.60 84.06
CA GLN FA 328 46.31 54.06 82.77
C GLN FA 328 46.08 52.56 82.72
N MET FA 329 45.41 52.12 81.67
CA MET FA 329 45.25 50.71 81.35
C MET FA 329 46.01 50.39 80.08
N ILE FA 330 47.17 49.76 80.20
CA ILE FA 330 47.98 49.40 79.06
C ILE FA 330 47.52 48.05 78.56
N VAL FA 331 47.20 47.96 77.28
CA VAL FA 331 46.71 46.74 76.66
C VAL FA 331 47.68 46.34 75.55
N LYS FA 332 48.08 45.07 75.53
CA LYS FA 332 48.93 44.54 74.47
C LYS FA 332 48.14 43.54 73.65
N VAL FA 333 48.00 43.83 72.35
CA VAL FA 333 47.27 42.98 71.41
C VAL FA 333 48.19 42.71 70.23
N GLY FA 334 48.25 41.47 69.78
CA GLY FA 334 49.05 41.10 68.62
C GLY FA 334 48.20 40.45 67.54
N LEU FA 335 48.62 40.61 66.30
CA LEU FA 335 47.86 40.10 65.16
C LEU FA 335 48.83 39.47 64.17
N ALA FA 336 48.30 38.61 63.30
CA ALA FA 336 49.10 37.97 62.26
C ALA FA 336 48.26 37.96 60.98
N ALA FA 337 48.41 38.99 60.17
CA ALA FA 337 47.58 39.16 58.99
C ALA FA 337 48.14 38.34 57.82
N VAL FA 338 47.46 38.40 56.69
CA VAL FA 338 47.79 37.61 55.50
C VAL FA 338 48.63 38.46 54.57
N ARG FA 339 49.53 37.82 53.86
CA ARG FA 339 50.28 38.55 52.85
C ARG FA 339 49.86 38.10 51.47
N PRO FA 340 49.79 38.99 50.50
CA PRO FA 340 49.37 38.58 49.16
C PRO FA 340 50.51 37.98 48.37
N ALA FA 341 50.15 37.29 47.28
CA ALA FA 341 51.11 36.65 46.38
C ALA FA 341 51.34 37.59 45.21
N GLU FA 342 52.48 38.27 45.22
CA GLU FA 342 52.76 39.25 44.17
C GLU FA 342 53.26 38.60 42.88
N PHE FA 343 54.05 37.55 43.00
CA PHE FA 343 54.72 36.97 41.85
C PHE FA 343 54.25 35.53 41.65
N ILE FA 344 54.14 35.12 40.40
CA ILE FA 344 53.82 33.73 40.05
C ILE FA 344 54.69 33.37 38.87
N ILE FA 345 55.62 32.45 39.05
CA ILE FA 345 56.50 32.15 37.93
C ILE FA 345 56.11 30.78 37.36
N LEU FA 346 56.29 30.64 36.07
CA LEU FA 346 55.79 29.50 35.30
C LEU FA 346 56.94 28.84 34.58
N GLN FA 347 57.27 27.62 34.97
CA GLN FA 347 58.44 26.92 34.45
C GLN FA 347 57.99 25.94 33.38
N PHE FA 348 58.52 26.12 32.17
CA PHE FA 348 58.04 25.37 31.01
C PHE FA 348 59.06 24.34 30.60
N THR FA 349 58.93 23.13 31.11
CA THR FA 349 59.70 21.99 30.63
C THR FA 349 59.09 21.54 29.31
N GLN FA 350 59.92 21.01 28.43
CA GLN FA 350 59.43 20.54 27.14
C GLN FA 350 59.32 19.02 27.11
N ASP FA 351 60.12 18.34 27.92
CA ASP FA 351 60.17 16.88 27.94
C ASP FA 351 59.34 16.37 29.11
N VAL FA 352 58.21 15.74 28.81
CA VAL FA 352 57.35 15.16 29.83
C VAL FA 352 57.88 13.78 30.19
N GLU FA 353 57.89 13.47 31.49
CA GLU FA 353 58.32 12.17 31.97
C GLU FA 353 57.14 11.22 31.95
N THR GA 2 -47.58 46.77 49.02
CA THR GA 2 -48.04 45.84 50.03
C THR GA 2 -49.44 45.33 49.72
N THR GA 3 -49.57 44.02 49.57
CA THR GA 3 -50.85 43.39 49.34
C THR GA 3 -51.27 42.64 50.59
N VAL GA 4 -52.58 42.64 50.86
CA VAL GA 4 -53.09 41.88 51.99
C VAL GA 4 -53.04 40.40 51.66
N THR GA 5 -52.84 39.58 52.68
CA THR GA 5 -52.66 38.16 52.49
C THR GA 5 -53.85 37.42 53.08
N SER GA 6 -54.49 36.59 52.26
CA SER GA 6 -55.66 35.86 52.68
C SER GA 6 -55.42 34.35 52.68
N TYR GA 7 -54.92 33.79 51.58
CA TYR GA 7 -54.72 32.36 51.48
C TYR GA 7 -53.23 32.04 51.52
N PRO GA 8 -52.84 30.93 52.12
CA PRO GA 8 -51.42 30.55 52.14
C PRO GA 8 -50.97 30.09 50.76
N GLY GA 9 -50.00 30.80 50.19
CA GLY GA 9 -49.52 30.46 48.88
C GLY GA 9 -48.57 31.48 48.30
N VAL GA 10 -48.61 31.67 46.99
CA VAL GA 10 -47.69 32.56 46.31
C VAL GA 10 -48.49 33.67 45.62
N TYR GA 11 -47.98 34.89 45.71
CA TYR GA 11 -48.63 36.07 45.15
C TYR GA 11 -47.70 36.68 44.10
N ILE GA 12 -48.24 37.02 42.93
CA ILE GA 12 -47.39 37.36 41.79
C ILE GA 12 -47.40 38.85 41.53
N GLU GA 13 -47.69 39.65 42.56
CA GLU GA 13 -47.94 41.06 42.34
C GLU GA 13 -46.67 41.80 41.91
N GLU GA 14 -46.80 42.64 40.89
CA GLU GA 14 -45.66 43.36 40.34
C GLU GA 14 -45.49 44.69 41.04
N LEU GA 15 -44.28 45.23 40.99
CA LEU GA 15 -44.03 46.59 41.44
C LEU GA 15 -42.91 47.14 40.57
N ASN GA 16 -43.30 47.95 39.59
CA ASN GA 16 -42.37 48.51 38.61
C ASN GA 16 -41.36 49.45 39.24
N SER GA 17 -40.09 49.19 38.94
CA SER GA 17 -38.98 50.13 39.06
C SER GA 17 -38.79 50.61 40.51
N LEU GA 18 -38.41 49.67 41.37
CA LEU GA 18 -38.19 50.06 42.76
C LEU GA 18 -36.80 50.63 42.97
N ALA GA 19 -35.89 50.38 42.02
CA ALA GA 19 -34.49 50.83 42.03
C ALA GA 19 -33.78 50.37 43.31
N LEU GA 20 -33.68 49.05 43.45
CA LEU GA 20 -33.35 48.46 44.73
C LEU GA 20 -31.84 48.31 44.90
N SER GA 21 -31.35 48.69 46.09
CA SER GA 21 -29.94 48.62 46.43
C SER GA 21 -29.75 47.71 47.63
N VAL GA 22 -28.51 47.25 47.81
CA VAL GA 22 -28.16 46.27 48.82
C VAL GA 22 -27.91 46.98 50.15
N SER GA 23 -28.27 46.35 51.27
CA SER GA 23 -27.99 46.90 52.58
C SER GA 23 -26.52 46.72 52.93
N ASN GA 24 -25.97 47.73 53.61
CA ASN GA 24 -24.54 47.78 53.91
C ASN GA 24 -24.33 48.13 55.37
N SER GA 25 -23.22 47.66 55.93
CA SER GA 25 -22.86 47.91 57.32
C SER GA 25 -21.45 48.46 57.39
N ALA GA 26 -21.30 49.61 58.04
CA ALA GA 26 -20.00 50.27 58.19
C ALA GA 26 -20.07 51.14 59.44
N THR GA 27 -19.02 51.91 59.69
CA THR GA 27 -19.00 52.85 60.81
C THR GA 27 -18.69 54.23 60.22
N ALA GA 28 -19.74 54.85 59.70
CA ALA GA 28 -19.74 56.24 59.24
C ALA GA 28 -21.20 56.62 59.09
N VAL GA 29 -21.64 57.63 59.83
CA VAL GA 29 -23.06 57.91 60.03
C VAL GA 29 -23.42 59.33 59.60
N PRO GA 30 -23.81 59.54 58.37
CA PRO GA 30 -24.06 60.91 57.89
C PRO GA 30 -25.37 61.53 58.35
N VAL GA 31 -25.27 62.53 59.22
CA VAL GA 31 -26.41 63.41 59.44
C VAL GA 31 -26.69 64.18 58.16
N PHE GA 32 -27.87 63.95 57.58
CA PHE GA 32 -28.29 64.61 56.36
C PHE GA 32 -29.13 65.83 56.70
N ALA GA 33 -28.68 67.01 56.28
CA ALA GA 33 -29.47 68.21 56.42
C ALA GA 33 -30.65 68.16 55.45
N VAL GA 34 -31.82 68.56 55.93
CA VAL GA 34 -33.05 68.47 55.15
C VAL GA 34 -33.67 69.86 55.07
N ASP GA 35 -33.96 70.31 53.85
CA ASP GA 35 -34.62 71.58 53.61
C ASP GA 35 -36.01 71.59 54.21
N GLU GA 36 -36.44 72.78 54.66
CA GLU GA 36 -37.63 72.92 55.48
C GLU GA 36 -38.92 72.69 54.72
N GLN GA 37 -38.89 72.72 53.38
CA GLN GA 37 -40.12 72.51 52.62
C GLN GA 37 -40.41 71.04 52.38
N ASN GA 38 -39.58 70.13 52.89
CA ASN GA 38 -39.87 68.70 52.81
C ASN GA 38 -40.99 68.36 53.78
N GLN GA 39 -41.89 67.49 53.34
CA GLN GA 39 -43.07 67.17 54.13
C GLN GA 39 -42.93 65.90 54.95
N TYR GA 40 -42.18 64.91 54.48
CA TYR GA 40 -42.09 63.65 55.24
C TYR GA 40 -40.95 63.70 56.24
N ILE GA 41 -40.84 64.80 56.99
CA ILE GA 41 -39.89 65.00 58.09
C ILE GA 41 -40.64 65.87 59.07
N SER GA 42 -40.45 65.64 60.36
CA SER GA 42 -40.91 66.58 61.38
C SER GA 42 -39.69 67.18 62.07
N GLU GA 43 -39.78 68.47 62.38
CA GLU GA 43 -38.64 69.14 63.00
C GLU GA 43 -38.63 68.86 64.50
N ASP GA 44 -37.46 69.14 65.11
CA ASP GA 44 -37.10 68.69 66.47
C ASP GA 44 -37.24 67.17 66.60
N ASN GA 45 -36.93 66.46 65.52
CA ASN GA 45 -37.00 65.01 65.43
C ASN GA 45 -35.98 64.56 64.41
N ALA GA 46 -35.32 63.44 64.68
CA ALA GA 46 -34.35 62.86 63.76
C ALA GA 46 -34.79 61.44 63.44
N ILE GA 47 -35.31 61.25 62.26
CA ILE GA 47 -35.70 59.91 61.85
C ILE GA 47 -34.47 59.20 61.29
N ARG GA 48 -34.50 57.88 61.31
CA ARG GA 48 -33.34 57.06 60.97
C ARG GA 48 -33.67 56.21 59.76
N ILE GA 49 -32.73 56.13 58.82
CA ILE GA 49 -32.91 55.39 57.58
C ILE GA 49 -31.88 54.29 57.54
N ASN GA 50 -32.33 53.04 57.66
CA ASN GA 50 -31.42 51.92 57.78
C ASN GA 50 -30.97 51.39 56.44
N SER GA 51 -31.81 51.50 55.42
CA SER GA 51 -31.47 51.08 54.07
C SER GA 51 -32.33 51.88 53.09
N TRP GA 52 -32.12 51.64 51.80
CA TRP GA 52 -32.84 52.38 50.78
C TRP GA 52 -34.31 52.00 50.75
N MET GA 53 -34.64 50.76 51.14
CA MET GA 53 -36.02 50.35 51.25
C MET GA 53 -36.72 51.04 52.42
N ASP GA 54 -35.97 51.47 53.44
CA ASP GA 54 -36.60 52.13 54.58
C ASP GA 54 -36.88 53.59 54.28
N TYR GA 55 -36.05 54.22 53.46
CA TYR GA 55 -36.37 55.55 52.97
C TYR GA 55 -37.54 55.51 52.00
N LEU GA 56 -37.60 54.46 51.20
CA LEU GA 56 -38.64 54.34 50.18
C LEU GA 56 -39.96 53.94 50.79
N ASN GA 57 -39.91 53.34 51.98
CA ASN GA 57 -41.11 53.14 52.79
C ASN GA 57 -41.63 54.47 53.31
N LEU GA 58 -40.74 55.41 53.62
CA LEU GA 58 -41.15 56.69 54.20
C LEU GA 58 -41.81 57.58 53.16
N ILE GA 59 -41.10 57.87 52.06
CA ILE GA 59 -41.62 58.80 51.05
C ILE GA 59 -42.67 58.19 50.14
N GLY GA 60 -42.81 56.86 50.14
CA GLY GA 60 -43.77 56.21 49.28
C GLY GA 60 -43.23 55.84 47.93
N ASN GA 61 -43.04 56.82 47.04
CA ASN GA 61 -42.52 56.55 45.72
C ASN GA 61 -41.45 57.59 45.38
N PHE GA 62 -40.59 57.21 44.44
CA PHE GA 62 -39.39 57.98 44.14
C PHE GA 62 -39.64 58.93 42.98
N ASN GA 63 -39.17 60.17 43.14
CA ASN GA 63 -39.21 61.13 42.06
C ASN GA 63 -37.87 61.85 42.00
N ASN GA 64 -37.41 62.12 40.79
CA ASN GA 64 -36.10 62.71 40.57
C ASN GA 64 -36.11 64.23 40.62
N GLU GA 65 -37.18 64.85 41.12
CA GLU GA 65 -37.20 66.30 41.24
C GLU GA 65 -36.61 66.78 42.54
N ASP GA 66 -36.80 66.02 43.62
CA ASP GA 66 -36.43 66.47 44.94
C ASP GA 66 -34.92 66.43 45.12
N LYS GA 67 -34.38 67.50 45.73
CA LYS GA 67 -32.94 67.57 45.98
C LYS GA 67 -32.50 66.59 47.05
N LEU GA 68 -33.42 66.13 47.88
CA LEU GA 68 -33.10 65.11 48.86
C LEU GA 68 -33.23 63.71 48.27
N ASP GA 69 -34.20 63.49 47.39
CA ASP GA 69 -34.47 62.14 46.89
C ASP GA 69 -33.33 61.63 46.01
N VAL GA 70 -32.77 62.51 45.18
CA VAL GA 70 -31.58 62.12 44.41
C VAL GA 70 -30.32 62.11 45.26
N SER GA 71 -30.39 62.69 46.46
CA SER GA 71 -29.22 62.73 47.34
C SER GA 71 -29.03 61.40 48.06
N VAL GA 72 -30.09 60.85 48.67
CA VAL GA 72 -29.92 59.61 49.42
C VAL GA 72 -29.86 58.39 48.54
N ARG GA 73 -30.27 58.48 47.27
CA ARG GA 73 -30.06 57.35 46.37
C ARG GA 73 -28.58 57.20 46.04
N ALA GA 74 -27.91 58.32 45.74
CA ALA GA 74 -26.49 58.28 45.45
C ALA GA 74 -25.67 57.94 46.69
N TYR GA 75 -26.23 58.17 47.88
CA TYR GA 75 -25.53 57.76 49.08
C TYR GA 75 -25.57 56.24 49.25
N PHE GA 76 -26.75 55.65 49.11
CA PHE GA 76 -26.86 54.20 49.29
C PHE GA 76 -26.38 53.41 48.09
N ALA GA 77 -26.22 54.06 46.94
CA ALA GA 77 -25.65 53.36 45.80
C ALA GA 77 -24.15 53.16 45.94
N ASN GA 78 -23.47 54.04 46.68
CA ASN GA 78 -22.03 53.96 46.82
C ASN GA 78 -21.59 53.29 48.11
N GLY GA 79 -21.94 53.85 49.26
CA GLY GA 79 -21.41 53.32 50.49
C GLY GA 79 -22.40 52.66 51.42
N GLY GA 80 -23.59 53.23 51.53
CA GLY GA 80 -24.56 52.71 52.45
C GLY GA 80 -24.27 53.07 53.88
N GLY GA 81 -24.91 52.34 54.78
CA GLY GA 81 -24.84 52.62 56.20
C GLY GA 81 -26.00 53.50 56.64
N TYR GA 82 -26.36 53.35 57.91
CA TYR GA 82 -27.56 54.01 58.42
C TYR GA 82 -27.30 55.48 58.65
N CYS GA 83 -28.24 56.31 58.21
CA CYS GA 83 -28.08 57.76 58.23
C CYS GA 83 -29.23 58.41 58.96
N TYR GA 84 -28.98 59.61 59.48
CA TYR GA 84 -29.96 60.38 60.22
C TYR GA 84 -30.41 61.58 59.40
N LEU GA 85 -31.70 61.68 59.16
CA LEU GA 85 -32.29 62.76 58.38
C LEU GA 85 -32.82 63.82 59.34
N VAL GA 86 -32.09 64.92 59.48
CA VAL GA 86 -32.42 65.99 60.41
C VAL GA 86 -32.74 67.23 59.58
N LYS GA 87 -33.84 67.90 59.94
CA LYS GA 87 -34.16 69.16 59.28
C LYS GA 87 -33.19 70.24 59.73
N THR GA 88 -32.97 71.22 58.84
CA THR GA 88 -31.89 72.18 59.03
C THR GA 88 -32.17 73.15 60.17
N THR GA 89 -33.40 73.62 60.32
CA THR GA 89 -33.72 74.63 61.33
C THR GA 89 -33.66 74.12 62.76
N SER GA 90 -33.56 72.80 62.96
CA SER GA 90 -33.40 72.23 64.29
C SER GA 90 -32.13 71.40 64.37
N LEU GA 91 -31.20 71.58 63.44
CA LEU GA 91 -30.00 70.76 63.42
C LEU GA 91 -29.01 71.13 64.52
N GLU GA 92 -29.13 72.33 65.09
CA GLU GA 92 -28.23 72.73 66.16
C GLU GA 92 -28.61 72.11 67.50
N LYS GA 93 -29.83 71.61 67.64
CA LYS GA 93 -30.25 70.98 68.88
C LYS GA 93 -30.10 69.46 68.85
N ILE GA 94 -30.16 68.86 67.68
CA ILE GA 94 -30.29 67.41 67.58
C ILE GA 94 -28.92 66.73 67.45
N ILE GA 95 -27.94 67.37 66.83
CA ILE GA 95 -26.62 66.76 66.68
C ILE GA 95 -25.86 66.65 68.02
N PRO GA 96 -25.85 67.65 68.92
CA PRO GA 96 -25.30 67.38 70.26
C PRO GA 96 -26.08 66.33 71.03
N THR GA 97 -27.39 66.23 70.81
CA THR GA 97 -28.21 65.16 71.35
C THR GA 97 -27.77 63.79 70.82
N LEU GA 98 -27.53 63.70 69.51
CA LEU GA 98 -27.30 62.41 68.89
C LEU GA 98 -25.88 61.91 69.17
N ASP GA 99 -25.80 60.69 69.68
CA ASP GA 99 -24.59 59.90 69.58
C ASP GA 99 -24.62 59.16 68.24
N ASP GA 100 -23.49 58.54 67.89
CA ASP GA 100 -23.20 58.03 66.55
C ASP GA 100 -23.40 59.12 65.51
N VAL GA 101 -22.56 60.14 65.60
CA VAL GA 101 -22.46 61.18 64.57
C VAL GA 101 -20.99 61.38 64.31
N THR GA 102 -20.53 61.05 63.12
CA THR GA 102 -19.13 61.25 62.79
C THR GA 102 -18.92 62.23 61.65
N LEU GA 103 -19.94 62.49 60.83
CA LEU GA 103 -19.81 63.45 59.74
C LEU GA 103 -21.18 64.02 59.41
N LEU GA 104 -21.21 65.33 59.22
CA LEU GA 104 -22.44 66.08 58.98
C LEU GA 104 -22.47 66.50 57.52
N VAL GA 105 -23.48 66.05 56.79
CA VAL GA 105 -23.57 66.27 55.36
C VAL GA 105 -24.56 67.37 55.09
N ALA GA 106 -24.07 68.48 54.54
CA ALA GA 106 -24.95 69.38 53.82
C ALA GA 106 -25.45 68.64 52.59
N ALA GA 107 -26.72 68.27 52.57
CA ALA GA 107 -27.25 67.57 51.41
C ALA GA 107 -27.26 68.51 50.23
N GLY GA 108 -28.11 69.52 50.26
CA GLY GA 108 -28.10 70.52 49.21
C GLY GA 108 -28.31 71.90 49.77
N GLU GA 109 -28.01 72.08 51.05
CA GLU GA 109 -28.37 73.28 51.78
C GLU GA 109 -27.11 73.95 52.31
N ASP GA 110 -27.31 75.16 52.85
CA ASP GA 110 -26.22 75.99 53.33
C ASP GA 110 -26.14 75.90 54.84
N ILE GA 111 -25.05 75.31 55.33
CA ILE GA 111 -24.87 74.99 56.74
C ILE GA 111 -23.72 75.80 57.36
N LYS GA 112 -23.07 76.67 56.59
CA LYS GA 112 -21.90 77.45 57.00
C LYS GA 112 -22.06 78.27 58.27
N THR GA 113 -23.30 78.65 58.61
CA THR GA 113 -23.55 79.32 59.88
C THR GA 113 -23.62 78.35 61.05
N THR GA 114 -23.97 77.09 60.80
CA THR GA 114 -24.15 76.09 61.85
C THR GA 114 -22.84 75.44 62.26
N VAL GA 115 -21.98 75.09 61.29
CA VAL GA 115 -20.71 74.43 61.53
C VAL GA 115 -19.76 75.27 62.40
N ASP GA 116 -19.89 76.59 62.36
CA ASP GA 116 -19.03 77.46 63.18
C ASP GA 116 -19.32 77.29 64.67
N VAL GA 117 -20.58 77.00 65.03
CA VAL GA 117 -20.92 76.79 66.44
C VAL GA 117 -20.94 75.32 66.80
N LEU GA 118 -21.21 74.44 65.83
CA LEU GA 118 -21.40 73.03 66.10
C LEU GA 118 -20.07 72.30 66.16
N CYS GA 119 -19.28 72.42 65.09
CA CYS GA 119 -18.00 71.74 65.02
C CYS GA 119 -16.99 72.48 65.89
N GLN GA 120 -16.48 71.77 66.89
CA GLN GA 120 -15.57 72.26 67.90
C GLN GA 120 -14.41 71.28 67.99
N PRO GA 121 -13.30 71.68 68.62
CA PRO GA 121 -12.25 70.68 68.91
C PRO GA 121 -12.69 69.60 69.86
N GLY GA 122 -13.61 69.89 70.78
CA GLY GA 122 -14.04 68.90 71.75
C GLY GA 122 -14.94 67.83 71.16
N LYS GA 123 -15.72 68.18 70.15
CA LYS GA 123 -16.68 67.25 69.55
C LYS GA 123 -15.97 66.25 68.65
N GLY GA 124 -16.78 65.45 67.97
CA GLY GA 124 -16.24 64.42 67.10
C GLY GA 124 -16.78 64.44 65.70
N LEU GA 125 -17.19 65.60 65.22
CA LEU GA 125 -17.74 65.73 63.88
C LEU GA 125 -16.68 66.09 62.86
N PHE GA 126 -17.00 65.85 61.60
CA PHE GA 126 -16.22 66.33 60.46
C PHE GA 126 -17.24 66.61 59.36
N ALA GA 127 -17.66 67.87 59.25
CA ALA GA 127 -18.68 68.21 58.27
C ALA GA 127 -18.10 68.14 56.86
N VAL GA 128 -18.99 67.95 55.89
CA VAL GA 128 -18.64 68.07 54.47
C VAL GA 128 -19.75 68.87 53.80
N PHE GA 129 -19.35 69.82 52.96
CA PHE GA 129 -20.36 70.52 52.18
C PHE GA 129 -19.86 70.76 50.78
N ASP GA 130 -20.69 71.45 50.01
CA ASP GA 130 -20.58 71.50 48.56
C ASP GA 130 -19.89 72.77 48.10
N GLY GA 131 -19.24 72.66 46.96
CA GLY GA 131 -18.77 73.83 46.27
C GLY GA 131 -19.90 74.55 45.57
N PRO GA 132 -19.54 75.57 44.80
CA PRO GA 132 -20.56 76.28 44.03
C PRO GA 132 -21.09 75.41 42.90
N GLU GA 133 -22.36 75.62 42.57
CA GLU GA 133 -22.98 74.87 41.49
C GLU GA 133 -22.86 75.55 40.14
N THR GA 134 -22.35 76.78 40.11
CA THR GA 134 -21.95 77.41 38.86
C THR GA 134 -20.50 77.06 38.54
N GLU GA 135 -20.13 77.27 37.27
CA GLU GA 135 -18.74 77.11 36.86
C GLU GA 135 -17.88 78.20 37.51
N LEU GA 136 -16.70 77.82 37.96
CA LEU GA 136 -15.76 78.78 38.51
C LEU GA 136 -14.41 78.57 37.84
N THR GA 137 -13.70 79.66 37.59
CA THR GA 137 -12.51 79.66 36.74
C THR GA 137 -11.27 79.97 37.57
N ILE GA 138 -10.16 80.19 36.87
CA ILE GA 138 -8.92 80.65 37.52
C ILE GA 138 -9.08 82.08 38.03
N ASN GA 139 -9.89 82.89 37.33
CA ASN GA 139 -9.98 84.30 37.69
C ASN GA 139 -10.79 84.49 38.96
N GLY GA 140 -11.75 83.62 39.20
CA GLY GA 140 -12.59 83.73 40.39
C GLY GA 140 -12.10 82.86 41.52
N ALA GA 141 -10.78 82.69 41.60
CA ALA GA 141 -10.22 81.81 42.62
C ALA GA 141 -10.15 82.48 43.97
N GLU GA 142 -10.10 83.81 44.00
CA GLU GA 142 -10.06 84.50 45.28
C GLU GA 142 -11.44 84.79 45.83
N GLU GA 143 -12.49 84.70 45.02
CA GLU GA 143 -13.81 85.12 45.49
C GLU GA 143 -14.53 83.97 46.16
N ALA GA 144 -14.59 82.80 45.50
CA ALA GA 144 -15.33 81.68 46.04
C ALA GA 144 -14.55 80.92 47.09
N LYS GA 145 -13.24 81.16 47.21
CA LYS GA 145 -12.45 80.47 48.22
C LYS GA 145 -12.74 81.01 49.61
N GLN GA 146 -12.95 82.32 49.72
CA GLN GA 146 -13.25 82.96 51.00
C GLN GA 146 -14.73 82.94 51.35
N ALA GA 147 -15.56 82.29 50.53
CA ALA GA 147 -16.95 82.12 50.88
C ALA GA 147 -17.17 81.07 51.97
N TYR GA 148 -16.16 80.26 52.26
CA TYR GA 148 -16.20 79.29 53.35
C TYR GA 148 -15.27 79.73 54.47
N THR GA 149 -15.55 79.20 55.65
CA THR GA 149 -14.70 79.46 56.80
C THR GA 149 -13.44 78.61 56.72
N ALA GA 150 -12.48 78.91 57.60
CA ALA GA 150 -11.19 78.23 57.57
C ALA GA 150 -11.05 77.21 58.69
N THR GA 151 -12.11 76.53 59.04
CA THR GA 151 -12.00 75.54 60.08
C THR GA 151 -11.43 74.23 59.52
N PRO GA 152 -10.60 73.52 60.28
CA PRO GA 152 -10.03 72.26 59.79
C PRO GA 152 -10.96 71.07 59.86
N PHE GA 153 -12.24 71.26 60.20
CA PHE GA 153 -13.19 70.18 60.32
C PHE GA 153 -14.17 70.11 59.16
N ALA GA 154 -13.78 70.55 57.98
CA ALA GA 154 -14.68 70.57 56.84
C ALA GA 154 -13.92 70.34 55.55
N ALA GA 155 -14.61 69.75 54.58
CA ALA GA 155 -14.07 69.52 53.25
C ALA GA 155 -15.10 69.93 52.21
N VAL GA 156 -14.61 70.49 51.10
CA VAL GA 156 -15.45 71.05 50.05
C VAL GA 156 -15.17 70.31 48.76
N TYR GA 157 -16.22 69.82 48.11
CA TYR GA 157 -16.10 69.14 46.82
C TYR GA 157 -16.87 69.96 45.79
N TYR GA 158 -16.18 70.45 44.77
CA TYR GA 158 -16.82 71.40 43.86
C TYR GA 158 -17.78 70.78 42.84
N PRO GA 159 -17.39 69.84 41.96
CA PRO GA 159 -18.21 69.64 40.76
C PRO GA 159 -19.47 68.85 41.09
N TRP GA 160 -20.62 69.49 40.90
CA TRP GA 160 -21.88 68.83 41.20
C TRP GA 160 -22.11 67.71 40.20
N LEU GA 161 -22.86 66.70 40.63
CA LEU GA 161 -22.95 65.49 39.83
C LEU GA 161 -24.18 65.55 38.93
N LYS GA 162 -24.18 64.70 37.92
CA LYS GA 162 -25.36 64.45 37.11
C LYS GA 162 -25.44 62.97 36.81
N ALA GA 163 -26.67 62.45 36.78
CA ALA GA 163 -26.88 61.03 36.52
C ALA GA 163 -28.02 60.87 35.53
N ASP GA 164 -28.07 59.68 34.94
CA ASP GA 164 -29.05 59.45 33.90
C ASP GA 164 -30.43 59.23 34.51
N TRP GA 165 -30.48 58.75 35.76
CA TRP GA 165 -31.75 58.49 36.44
C TRP GA 165 -32.31 59.72 37.15
N ALA GA 166 -31.60 60.84 37.16
CA ALA GA 166 -32.05 62.05 37.85
C ALA GA 166 -32.20 63.21 36.87
N ASN GA 167 -32.98 64.21 37.27
CA ASN GA 167 -33.18 65.42 36.49
C ASN GA 167 -32.47 66.63 37.09
N ILE GA 168 -32.63 66.86 38.38
CA ILE GA 168 -31.89 67.91 39.05
C ILE GA 168 -30.45 67.43 39.24
N ASP GA 169 -29.51 68.38 39.28
CA ASP GA 169 -28.12 68.03 39.52
C ASP GA 169 -27.94 67.47 40.93
N ILE GA 170 -27.03 66.52 41.07
CA ILE GA 170 -26.85 65.76 42.31
C ILE GA 170 -25.70 66.38 43.09
N PRO GA 171 -25.91 66.77 44.34
CA PRO GA 171 -24.86 67.45 45.09
C PRO GA 171 -23.80 66.47 45.55
N PRO GA 172 -22.52 66.90 45.56
CA PRO GA 172 -21.44 65.94 45.78
C PRO GA 172 -21.22 65.53 47.22
N SER GA 173 -21.83 66.18 48.20
CA SER GA 173 -21.70 65.68 49.57
C SER GA 173 -22.60 64.50 49.83
N ALA GA 174 -23.53 64.21 48.92
CA ALA GA 174 -24.28 62.96 48.99
C ALA GA 174 -23.39 61.77 48.73
N VAL GA 175 -22.68 61.79 47.60
CA VAL GA 175 -21.86 60.65 47.22
C VAL GA 175 -20.59 60.57 48.08
N MET GA 176 -20.08 61.70 48.54
CA MET GA 176 -18.85 61.70 49.34
C MET GA 176 -19.06 61.21 50.75
N ALA GA 177 -20.30 61.10 51.23
CA ALA GA 177 -20.52 60.38 52.47
C ALA GA 177 -20.61 58.88 52.23
N GLY GA 178 -20.94 58.48 51.01
CA GLY GA 178 -20.89 57.08 50.66
C GLY GA 178 -19.46 56.65 50.45
N VAL GA 179 -18.65 57.55 49.88
CA VAL GA 179 -17.25 57.23 49.63
C VAL GA 179 -16.47 57.16 50.94
N TYR GA 180 -16.80 58.03 51.90
CA TYR GA 180 -16.15 57.99 53.20
C TYR GA 180 -16.50 56.71 53.96
N ALA GA 181 -17.67 56.15 53.70
CA ALA GA 181 -18.07 54.92 54.37
C ALA GA 181 -17.66 53.68 53.61
N SER GA 182 -17.35 53.80 52.32
CA SER GA 182 -16.94 52.63 51.55
C SER GA 182 -15.44 52.45 51.60
N VAL GA 183 -14.69 53.51 51.86
CA VAL GA 183 -13.24 53.43 51.96
C VAL GA 183 -12.80 53.01 53.35
N ASP GA 184 -13.54 53.41 54.40
CA ASP GA 184 -13.16 53.06 55.76
C ASP GA 184 -13.32 51.57 56.01
N LEU GA 185 -14.25 50.93 55.30
CA LEU GA 185 -14.39 49.49 55.41
C LEU GA 185 -13.30 48.76 54.66
N SER GA 186 -12.95 49.24 53.48
CA SER GA 186 -11.98 48.54 52.64
C SER GA 186 -10.55 48.79 53.10
N ARG GA 187 -10.12 50.05 53.02
CA ARG GA 187 -8.71 50.39 53.23
C ARG GA 187 -8.46 51.01 54.60
N GLY GA 188 -9.47 51.11 55.45
CA GLY GA 188 -9.32 51.76 56.72
C GLY GA 188 -9.44 53.27 56.62
N VAL GA 189 -9.43 53.91 57.79
CA VAL GA 189 -9.68 55.34 57.87
C VAL GA 189 -8.48 56.14 57.37
N TRP GA 190 -7.27 55.66 57.67
CA TRP GA 190 -6.05 56.40 57.42
C TRP GA 190 -5.71 56.56 55.94
N LYS GA 191 -6.29 55.76 55.05
CA LYS GA 191 -6.08 55.97 53.63
C LYS GA 191 -6.97 57.11 53.15
N ALA GA 192 -6.51 57.81 52.14
CA ALA GA 192 -7.21 58.98 51.64
C ALA GA 192 -8.47 58.58 50.90
N PRO GA 193 -9.59 59.28 51.10
CA PRO GA 193 -10.81 58.98 50.35
C PRO GA 193 -10.83 59.52 48.94
N ALA GA 194 -9.71 59.99 48.42
CA ALA GA 194 -9.60 60.31 47.01
C ALA GA 194 -9.11 59.09 46.23
N ASN GA 195 -8.99 59.27 44.92
CA ASN GA 195 -8.52 58.26 43.97
C ASN GA 195 -9.39 57.00 43.98
N VAL GA 196 -10.69 57.17 44.22
CA VAL GA 196 -11.64 56.06 44.25
C VAL GA 196 -12.77 56.35 43.28
N ALA GA 197 -13.32 55.30 42.69
CA ALA GA 197 -14.34 55.46 41.66
C ALA GA 197 -15.69 55.78 42.28
N LEU GA 198 -16.58 56.31 41.44
CA LEU GA 198 -17.96 56.58 41.82
C LEU GA 198 -18.87 55.57 41.14
N LYS GA 199 -19.68 54.88 41.93
CA LYS GA 199 -20.63 53.93 41.38
C LYS GA 199 -22.00 54.59 41.24
N GLY GA 200 -22.95 53.83 40.72
CA GLY GA 200 -24.32 54.31 40.56
C GLY GA 200 -24.56 55.12 39.30
N GLY GA 201 -23.60 55.20 38.39
CA GLY GA 201 -23.79 55.96 37.17
C GLY GA 201 -23.69 57.46 37.38
N LEU GA 202 -22.92 57.89 38.36
CA LEU GA 202 -22.76 59.30 38.66
C LEU GA 202 -21.72 59.91 37.74
N GLU GA 203 -21.97 61.12 37.26
CA GLU GA 203 -21.06 61.78 36.32
C GLU GA 203 -20.96 63.26 36.70
N PRO GA 204 -19.78 63.87 36.58
CA PRO GA 204 -19.64 65.28 36.93
C PRO GA 204 -20.27 66.19 35.90
N LYS GA 205 -20.80 67.32 36.38
CA LYS GA 205 -21.48 68.27 35.51
C LYS GA 205 -20.47 69.08 34.68
N PHE GA 206 -19.40 69.53 35.31
CA PHE GA 206 -18.47 70.46 34.69
C PHE GA 206 -17.09 69.83 34.59
N LEU GA 207 -16.49 69.89 33.40
CA LEU GA 207 -15.15 69.36 33.20
C LEU GA 207 -14.13 70.30 33.85
N VAL GA 208 -13.18 69.71 34.57
CA VAL GA 208 -12.18 70.45 35.31
C VAL GA 208 -10.81 70.14 34.70
N THR GA 209 -10.05 71.19 34.41
CA THR GA 209 -8.68 71.01 33.97
C THR GA 209 -7.74 70.94 35.18
N ASP GA 210 -6.49 70.58 34.91
CA ASP GA 210 -5.50 70.53 35.98
C ASP GA 210 -5.01 71.92 36.33
N GLU GA 211 -4.98 72.81 35.34
CA GLU GA 211 -4.53 74.17 35.60
C GLU GA 211 -5.60 74.96 36.35
N LEU GA 212 -6.85 74.51 36.28
CA LEU GA 212 -7.89 75.07 37.15
C LEU GA 212 -7.71 74.61 38.59
N GLN GA 213 -7.35 73.34 38.79
CA GLN GA 213 -7.22 72.79 40.13
C GLN GA 213 -5.96 73.26 40.84
N GLY GA 214 -5.01 73.86 40.12
CA GLY GA 214 -3.81 74.37 40.76
C GLY GA 214 -4.05 75.57 41.66
N GLU GA 215 -5.16 76.27 41.47
CA GLU GA 215 -5.47 77.44 42.27
C GLU GA 215 -6.44 77.15 43.41
N TYR GA 216 -7.19 76.06 43.32
CA TYR GA 216 -8.14 75.69 44.37
C TYR GA 216 -7.61 74.62 45.29
N ASN GA 217 -6.31 74.34 45.25
CA ASN GA 217 -5.69 73.43 46.20
C ASN GA 217 -4.90 74.15 47.27
N THR GA 218 -4.62 75.43 47.08
CA THR GA 218 -3.79 76.19 48.00
C THR GA 218 -4.67 77.01 48.96
N GLY GA 219 -4.34 76.98 50.24
CA GLY GA 219 -5.08 77.75 51.22
C GLY GA 219 -6.36 77.07 51.63
N ARG GA 220 -7.49 77.78 51.54
CA ARG GA 220 -8.79 77.16 51.80
C ARG GA 220 -9.14 76.29 50.61
N ALA GA 221 -8.69 75.04 50.64
CA ALA GA 221 -8.69 74.19 49.46
C ALA GA 221 -10.10 73.73 49.12
N ILE GA 222 -10.33 73.54 47.83
CA ILE GA 222 -11.58 72.97 47.33
C ILE GA 222 -11.21 71.72 46.55
N ASN GA 223 -11.48 70.56 47.14
CA ASN GA 223 -11.27 69.30 46.44
C ASN GA 223 -12.23 69.18 45.27
N MET GA 224 -11.82 68.43 44.26
CA MET GA 224 -12.58 68.34 43.02
C MET GA 224 -12.60 66.91 42.55
N ILE GA 225 -13.72 66.52 41.94
CA ILE GA 225 -13.81 65.23 41.30
C ILE GA 225 -13.85 65.42 39.79
N ARG GA 226 -13.24 64.48 39.07
CA ARG GA 226 -13.13 64.63 37.64
C ARG GA 226 -12.86 63.27 37.02
N ASN GA 227 -13.29 63.11 35.78
CA ASN GA 227 -13.14 61.83 35.12
C ASN GA 227 -11.85 61.78 34.32
N PHE GA 228 -11.33 60.57 34.20
CA PHE GA 228 -10.10 60.29 33.49
C PHE GA 228 -10.38 59.28 32.39
N SER GA 229 -9.39 59.07 31.53
CA SER GA 229 -9.58 58.20 30.39
C SER GA 229 -9.52 56.72 30.78
N ASN GA 230 -8.72 56.39 31.80
CA ASN GA 230 -8.50 54.98 32.11
C ASN GA 230 -9.65 54.38 32.92
N THR GA 231 -10.10 55.07 33.96
CA THR GA 231 -11.00 54.49 34.94
C THR GA 231 -12.40 55.08 34.94
N GLY GA 232 -12.57 56.34 34.54
CA GLY GA 232 -13.86 56.97 34.64
C GLY GA 232 -13.83 58.08 35.66
N THR GA 233 -14.98 58.40 36.26
CA THR GA 233 -15.02 59.47 37.23
C THR GA 233 -14.46 59.01 38.57
N THR GA 234 -13.77 59.93 39.25
CA THR GA 234 -13.12 59.58 40.50
C THR GA 234 -12.95 60.84 41.33
N VAL GA 235 -12.73 60.64 42.62
CA VAL GA 235 -12.44 61.75 43.52
C VAL GA 235 -10.97 62.10 43.42
N TRP GA 236 -10.67 63.40 43.39
CA TRP GA 236 -9.30 63.84 43.23
C TRP GA 236 -8.91 64.91 44.23
N GLY GA 237 -9.29 64.80 45.48
CA GLY GA 237 -8.84 65.72 46.49
C GLY GA 237 -8.86 65.09 47.87
N ALA GA 238 -7.87 65.44 48.67
CA ALA GA 238 -7.80 64.95 50.02
C ALA GA 238 -7.31 66.03 50.97
N ARG GA 239 -7.75 67.26 50.77
CA ARG GA 239 -7.34 68.38 51.59
C ARG GA 239 -8.54 68.97 52.31
N THR GA 240 -8.36 69.33 53.58
CA THR GA 240 -9.41 70.01 54.33
C THR GA 240 -9.29 71.50 54.08
N LEU GA 241 -10.03 72.31 54.85
CA LEU GA 241 -10.03 73.75 54.59
C LEU GA 241 -8.80 74.44 55.17
N GLU GA 242 -8.36 74.05 56.36
CA GLU GA 242 -7.20 74.68 56.96
C GLU GA 242 -5.92 74.18 56.28
N ASP GA 243 -4.96 75.09 56.09
CA ASP GA 243 -3.71 74.76 55.44
C ASP GA 243 -2.51 74.88 56.37
N LYS GA 244 -2.67 74.49 57.63
CA LYS GA 244 -1.52 74.25 58.48
C LYS GA 244 -1.19 72.76 58.44
N ASP GA 245 0.07 72.44 58.75
CA ASP GA 245 0.55 71.07 58.57
C ASP GA 245 -0.01 70.09 59.59
N ASN GA 246 -0.61 70.59 60.68
CA ASN GA 246 -1.21 69.69 61.65
C ASN GA 246 -2.48 69.06 61.09
N TRP GA 247 -3.41 69.87 60.57
CA TRP GA 247 -4.62 69.35 59.94
C TRP GA 247 -4.69 69.95 58.55
N ARG GA 248 -4.01 69.32 57.61
CA ARG GA 248 -4.07 69.70 56.22
C ARG GA 248 -4.82 68.67 55.39
N TYR GA 249 -4.62 67.40 55.67
CA TYR GA 249 -5.26 66.33 54.93
C TYR GA 249 -6.42 65.80 55.76
N VAL GA 250 -7.53 65.51 55.09
CA VAL GA 250 -8.66 64.84 55.74
C VAL GA 250 -8.32 63.49 56.37
N PRO GA 251 -7.47 62.59 55.79
CA PRO GA 251 -7.15 61.35 56.53
C PRO GA 251 -6.47 61.56 57.87
N VAL GA 252 -5.76 62.66 58.07
CA VAL GA 252 -5.22 62.98 59.38
C VAL GA 252 -6.34 63.43 60.31
N ARG GA 253 -7.23 64.30 59.82
CA ARG GA 253 -8.31 64.80 60.67
C ARG GA 253 -9.35 63.72 60.93
N ARG GA 254 -9.57 62.83 59.96
CA ARG GA 254 -10.57 61.79 60.14
C ARG GA 254 -10.05 60.63 60.98
N LEU GA 255 -8.74 60.41 61.02
CA LEU GA 255 -8.20 59.37 61.90
C LEU GA 255 -8.27 59.81 63.35
N PHE GA 256 -7.81 61.04 63.64
CA PHE GA 256 -7.88 61.58 64.99
C PHE GA 256 -9.30 61.71 65.50
N ASN GA 257 -10.27 61.88 64.62
CA ASN GA 257 -11.67 61.82 65.00
C ASN GA 257 -12.19 60.41 65.12
N SER GA 258 -11.61 59.46 64.39
CA SER GA 258 -12.01 58.07 64.56
C SER GA 258 -11.26 57.41 65.70
N VAL GA 259 -10.15 57.99 66.13
CA VAL GA 259 -9.46 57.50 67.31
C VAL GA 259 -10.23 57.88 68.57
N GLU GA 260 -10.59 59.16 68.69
CA GLU GA 260 -11.19 59.67 69.93
C GLU GA 260 -12.55 59.06 70.21
N ARG GA 261 -13.30 58.70 69.18
CA ARG GA 261 -14.61 58.10 69.41
C ARG GA 261 -14.46 56.64 69.82
N ASP GA 262 -13.30 56.05 69.53
CA ASP GA 262 -13.04 54.68 69.93
C ASP GA 262 -12.07 54.57 71.09
N ILE GA 263 -11.46 55.66 71.54
CA ILE GA 263 -10.82 55.64 72.84
C ILE GA 263 -11.85 55.86 73.93
N LYS GA 264 -12.74 56.83 73.73
CA LYS GA 264 -13.67 57.23 74.79
C LYS GA 264 -14.74 56.16 75.04
N ARG GA 265 -14.90 55.21 74.12
CA ARG GA 265 -15.71 54.05 74.43
C ARG GA 265 -14.87 52.87 74.90
N ALA GA 266 -13.55 52.94 74.71
CA ALA GA 266 -12.68 51.86 75.18
C ALA GA 266 -12.40 51.98 76.66
N MET GA 267 -12.31 53.19 77.18
CA MET GA 267 -12.06 53.44 78.58
C MET GA 267 -13.21 54.20 79.24
N SER GA 268 -14.44 53.97 78.78
CA SER GA 268 -15.60 54.53 79.44
C SER GA 268 -15.97 53.80 80.72
N PHE GA 269 -15.27 52.72 81.05
CA PHE GA 269 -15.48 52.05 82.33
C PHE GA 269 -14.94 52.88 83.49
N ALA GA 270 -14.05 53.84 83.22
CA ALA GA 270 -13.38 54.58 84.28
C ALA GA 270 -14.26 55.63 84.93
N MET GA 271 -15.47 55.84 84.43
CA MET GA 271 -16.38 56.83 85.00
C MET GA 271 -16.86 56.40 86.38
N PHE GA 272 -16.74 57.34 87.33
CA PHE GA 272 -17.24 57.21 88.70
C PHE GA 272 -16.62 56.02 89.41
N GLU GA 273 -15.37 55.74 89.10
CA GLU GA 273 -14.51 54.76 89.73
C GLU GA 273 -13.68 55.46 90.79
N PRO GA 274 -13.19 54.73 91.81
CA PRO GA 274 -12.31 55.35 92.80
C PRO GA 274 -11.04 55.89 92.17
N ASN GA 275 -10.86 57.20 92.27
CA ASN GA 275 -9.79 57.92 91.60
C ASN GA 275 -8.52 57.78 92.43
N ASN GA 276 -7.80 56.70 92.21
CA ASN GA 276 -6.50 56.48 92.83
C ASN GA 276 -5.58 55.95 91.75
N GLN GA 277 -4.48 55.34 92.16
CA GLN GA 277 -3.54 54.81 91.18
C GLN GA 277 -3.99 53.53 90.46
N PRO GA 278 -4.62 52.51 91.08
CA PRO GA 278 -5.01 51.34 90.27
C PRO GA 278 -6.11 51.59 89.26
N THR GA 279 -6.79 52.73 89.33
CA THR GA 279 -7.64 53.13 88.22
C THR GA 279 -6.81 53.64 87.05
N TRP GA 280 -5.66 54.24 87.34
CA TRP GA 280 -4.90 54.90 86.28
C TRP GA 280 -4.20 53.89 85.38
N GLU GA 281 -3.52 52.88 85.95
CA GLU GA 281 -2.85 51.90 85.09
C GLU GA 281 -3.83 50.98 84.40
N ARG GA 282 -5.05 50.87 84.92
CA ARG GA 282 -6.09 50.18 84.17
C ARG GA 282 -6.61 51.04 83.03
N VAL GA 283 -6.42 52.36 83.12
CA VAL GA 283 -6.74 53.25 82.01
C VAL GA 283 -5.61 53.34 80.99
N ARG GA 284 -4.34 53.45 81.42
CA ARG GA 284 -3.26 53.53 80.44
C ARG GA 284 -3.05 52.22 79.69
N ALA GA 285 -3.54 51.10 80.22
CA ALA GA 285 -3.44 49.83 79.53
C ALA GA 285 -4.64 49.57 78.64
N ALA GA 286 -5.78 50.19 78.93
CA ALA GA 286 -6.92 50.07 78.03
C ALA GA 286 -6.74 50.93 76.79
N ILE GA 287 -5.94 51.98 76.87
CA ILE GA 287 -5.61 52.78 75.69
C ILE GA 287 -4.49 52.12 74.90
N SER GA 288 -3.50 51.56 75.60
CA SER GA 288 -2.27 51.15 74.94
C SER GA 288 -2.44 49.89 74.10
N ASN GA 289 -3.35 48.99 74.48
CA ASN GA 289 -3.60 47.89 73.57
C ASN GA 289 -4.80 48.14 72.67
N TYR GA 290 -5.31 49.37 72.64
CA TYR GA 290 -6.06 49.79 71.46
C TYR GA 290 -5.13 50.36 70.41
N LEU GA 291 -4.20 51.20 70.83
CA LEU GA 291 -3.32 51.88 69.88
C LEU GA 291 -2.33 50.91 69.26
N TYR GA 292 -1.95 49.87 70.00
CA TYR GA 292 -1.13 48.83 69.41
C TYR GA 292 -1.88 48.05 68.34
N SER GA 293 -3.17 47.78 68.55
CA SER GA 293 -3.96 47.11 67.54
C SER GA 293 -4.21 48.01 66.34
N LEU GA 294 -4.23 49.33 66.56
CA LEU GA 294 -4.22 50.27 65.45
C LEU GA 294 -2.86 50.40 64.82
N TRP GA 295 -1.79 50.17 65.61
CA TRP GA 295 -0.43 50.24 65.08
C TRP GA 295 -0.13 49.11 64.11
N GLN GA 296 -0.62 47.91 64.39
CA GLN GA 296 -0.25 46.76 63.58
C GLN GA 296 -0.96 46.76 62.23
N GLN GA 297 -2.08 47.45 62.11
CA GLN GA 297 -2.82 47.52 60.86
C GLN GA 297 -2.28 48.58 59.91
N GLY GA 298 -1.23 49.27 60.30
CA GLY GA 298 -0.65 50.26 59.43
C GLY GA 298 -1.27 51.64 59.54
N GLY GA 299 -1.99 51.94 60.62
CA GLY GA 299 -2.65 53.22 60.78
C GLY GA 299 -1.75 54.35 61.19
N LEU GA 300 -0.65 54.05 61.86
CA LEU GA 300 0.26 55.13 62.29
C LEU GA 300 1.58 54.96 61.55
N ALA GA 301 2.35 56.03 61.47
CA ALA GA 301 3.62 56.00 60.77
C ALA GA 301 4.70 55.58 61.74
N GLY GA 302 5.91 55.40 61.25
CA GLY GA 302 6.97 54.94 62.13
C GLY GA 302 7.27 53.48 61.90
N SER GA 303 8.15 52.95 62.75
CA SER GA 303 8.57 51.56 62.67
C SER GA 303 8.53 50.83 64.02
N LYS GA 304 8.70 51.52 65.13
CA LYS GA 304 8.65 50.91 66.46
C LYS GA 304 7.33 51.28 67.11
N GLU GA 305 7.06 50.70 68.28
CA GLU GA 305 5.89 51.14 69.03
C GLU GA 305 6.20 52.32 69.94
N GLU GA 306 7.41 52.84 69.94
CA GLU GA 306 7.74 53.96 70.81
C GLU GA 306 7.99 55.26 70.03
N ASP GA 307 8.03 55.17 68.72
CA ASP GA 307 7.93 56.32 67.83
C ASP GA 307 6.53 56.50 67.31
N ALA GA 308 5.66 55.54 67.59
CA ALA GA 308 4.31 55.56 67.04
C ALA GA 308 3.35 56.31 67.91
N TYR GA 309 3.35 56.03 69.21
CA TYR GA 309 2.40 56.64 70.13
C TYR GA 309 3.01 56.68 71.53
N PHE GA 310 2.31 57.35 72.43
CA PHE GA 310 2.67 57.33 73.84
C PHE GA 310 1.43 57.64 74.66
N VAL GA 311 1.29 56.95 75.79
CA VAL GA 311 0.26 57.22 76.76
C VAL GA 311 0.96 57.46 78.08
N GLN GA 312 0.81 58.66 78.62
CA GLN GA 312 1.48 59.00 79.88
C GLN GA 312 0.48 59.67 80.81
N ILE GA 313 0.15 58.98 81.90
CA ILE GA 313 -0.64 59.55 82.98
C ILE GA 313 0.07 59.26 84.29
N GLY GA 314 -0.37 59.94 85.34
CA GLY GA 314 0.20 59.77 86.65
C GLY GA 314 0.13 61.05 87.44
N LYS GA 315 0.20 60.96 88.76
CA LYS GA 315 0.16 62.15 89.59
C LYS GA 315 1.49 62.88 89.46
N GLY GA 316 1.44 64.12 89.01
CA GLY GA 316 2.63 64.91 88.81
C GLY GA 316 3.20 64.83 87.41
N ILE GA 317 3.03 63.70 86.73
CA ILE GA 317 3.39 63.63 85.31
C ILE GA 317 2.46 64.50 84.48
N THR GA 318 1.16 64.41 84.72
CA THR GA 318 0.23 65.20 83.93
C THR GA 318 -0.87 65.87 84.74
N MET GA 319 -1.14 65.40 85.96
CA MET GA 319 -2.19 65.97 86.78
C MET GA 319 -1.62 66.39 88.14
N THR GA 320 -2.12 67.52 88.64
CA THR GA 320 -1.66 68.01 89.92
C THR GA 320 -2.51 67.41 91.03
N GLN GA 321 -2.12 67.68 92.27
CA GLN GA 321 -2.87 67.17 93.41
C GLN GA 321 -4.21 67.89 93.56
N GLU GA 322 -4.27 69.16 93.16
CA GLU GA 322 -5.54 69.87 93.17
C GLU GA 322 -6.48 69.38 92.07
N GLN GA 323 -5.95 68.71 91.05
CA GLN GA 323 -6.79 68.07 90.05
C GLN GA 323 -7.33 66.72 90.48
N ILE GA 324 -6.80 66.15 91.57
CA ILE GA 324 -7.28 64.84 92.05
C ILE GA 324 -8.58 65.01 92.81
N ASP GA 325 -8.62 65.98 93.74
CA ASP GA 325 -9.81 66.19 94.54
C ASP GA 325 -10.85 67.07 93.86
N ALA GA 326 -10.57 67.54 92.64
CA ALA GA 326 -11.61 68.11 91.80
C ALA GA 326 -12.27 67.04 90.94
N GLY GA 327 -11.76 65.82 90.95
CA GLY GA 327 -12.33 64.75 90.16
C GLY GA 327 -11.93 64.77 88.70
N GLN GA 328 -10.65 64.95 88.40
CA GLN GA 328 -10.19 65.06 87.04
C GLN GA 328 -9.02 64.10 86.78
N MET GA 329 -9.14 63.33 85.71
CA MET GA 329 -8.05 62.49 85.22
C MET GA 329 -7.60 63.03 83.88
N ILE GA 330 -6.47 63.71 83.84
CA ILE GA 330 -5.93 64.26 82.62
C ILE GA 330 -5.07 63.19 81.96
N VAL GA 331 -5.35 62.91 80.69
CA VAL GA 331 -4.65 61.89 79.93
C VAL GA 331 -3.99 62.55 78.73
N LYS GA 332 -2.71 62.26 78.50
CA LYS GA 332 -1.99 62.76 77.34
C LYS GA 332 -1.66 61.60 76.42
N VAL GA 333 -2.17 61.65 75.19
CA VAL GA 333 -1.96 60.63 74.18
C VAL GA 333 -1.44 61.33 72.92
N GLY GA 334 -0.42 60.76 72.29
CA GLY GA 334 0.13 61.30 71.06
C GLY GA 334 0.09 60.27 69.95
N LEU GA 335 -0.03 60.73 68.71
CA LEU GA 335 -0.13 59.86 67.55
C LEU GA 335 0.74 60.41 66.43
N ALA GA 336 1.07 59.54 65.49
CA ALA GA 336 1.86 59.94 64.32
C ALA GA 336 1.27 59.24 63.11
N ALA GA 337 0.33 59.92 62.44
CA ALA GA 337 -0.40 59.32 61.33
C ALA GA 337 0.41 59.42 60.04
N VAL GA 338 -0.16 58.89 58.96
CA VAL GA 338 0.50 58.81 57.67
C VAL GA 338 0.06 59.99 56.81
N ARG GA 339 0.95 60.47 55.97
CA ARG GA 339 0.55 61.51 55.05
C ARG GA 339 0.52 60.96 53.64
N PRO GA 340 -0.42 61.37 52.80
CA PRO GA 340 -0.48 60.84 51.44
C PRO GA 340 0.48 61.55 50.52
N ALA GA 341 0.72 60.92 49.37
CA ALA GA 341 1.62 61.45 48.34
C ALA GA 341 0.76 62.16 47.30
N GLU GA 342 0.76 63.49 47.33
CA GLU GA 342 -0.10 64.24 46.44
C GLU GA 342 0.51 64.38 45.05
N PHE GA 343 1.82 64.54 44.97
CA PHE GA 343 2.49 64.86 43.71
C PHE GA 343 3.44 63.73 43.34
N ILE GA 344 3.55 63.46 42.05
CA ILE GA 344 4.51 62.50 41.51
C ILE GA 344 5.09 63.10 40.25
N ILE GA 345 6.37 63.43 40.26
CA ILE GA 345 6.90 64.07 39.06
C ILE GA 345 7.78 63.07 38.33
N LEU GA 346 7.80 63.19 37.01
CA LEU GA 346 8.39 62.20 36.12
C LEU GA 346 9.44 62.88 35.24
N GLN GA 347 10.70 62.54 35.45
CA GLN GA 347 11.80 63.22 34.78
C GLN GA 347 12.25 62.37 33.60
N PHE GA 348 12.18 62.94 32.40
CA PHE GA 348 12.41 62.17 31.18
C PHE GA 348 13.74 62.57 30.56
N THR GA 349 14.78 61.83 30.90
CA THR GA 349 16.06 61.94 30.23
C THR GA 349 15.95 61.21 28.89
N GLN GA 350 16.68 61.69 27.90
CA GLN GA 350 16.64 61.06 26.58
C GLN GA 350 17.87 60.20 26.36
N ASP GA 351 18.98 60.54 27.00
CA ASP GA 351 20.25 59.85 26.81
C ASP GA 351 20.46 58.84 27.94
N VAL GA 352 20.37 57.55 27.60
CA VAL GA 352 20.59 56.49 28.58
C VAL GA 352 22.09 56.25 28.72
N GLU GA 353 22.54 56.06 29.95
CA GLU GA 353 23.94 55.76 30.23
C GLU GA 353 24.16 54.25 30.12
N THR HA 2 -56.48 -18.69 57.70
CA THR HA 2 -55.76 -19.58 58.62
C THR HA 2 -56.09 -21.04 58.30
N THR HA 3 -55.06 -21.82 57.98
CA THR HA 3 -55.21 -23.24 57.73
C THR HA 3 -54.61 -24.01 58.89
N VAL HA 4 -55.23 -25.14 59.23
CA VAL HA 4 -54.67 -25.99 60.27
C VAL HA 4 -53.43 -26.70 59.72
N THR HA 5 -52.48 -26.96 60.61
CA THR HA 5 -51.20 -27.53 60.23
C THR HA 5 -51.10 -28.95 60.76
N SER HA 6 -50.84 -29.90 59.88
CA SER HA 6 -50.75 -31.29 60.24
C SER HA 6 -49.35 -31.84 60.02
N TYR HA 7 -48.78 -31.67 58.84
CA TYR HA 7 -47.48 -32.22 58.52
C TYR HA 7 -46.45 -31.10 58.44
N PRO HA 8 -45.21 -31.35 58.85
CA PRO HA 8 -44.17 -30.32 58.74
C PRO HA 8 -43.76 -30.13 57.29
N GLY HA 9 -43.96 -28.92 56.78
CA GLY HA 9 -43.61 -28.65 55.40
C GLY HA 9 -44.09 -27.30 54.92
N VAL HA 10 -44.46 -27.21 53.65
CA VAL HA 10 -44.86 -25.95 53.06
C VAL HA 10 -46.31 -26.06 52.57
N TYR HA 11 -47.07 -25.00 52.80
CA TYR HA 11 -48.48 -24.94 52.44
C TYR HA 11 -48.69 -23.80 51.44
N ILE HA 12 -49.42 -24.07 50.36
CA ILE HA 12 -49.44 -23.13 49.24
C ILE HA 12 -50.76 -22.38 49.19
N GLU HA 13 -51.44 -22.25 50.33
CA GLU HA 13 -52.80 -21.74 50.33
C GLU HA 13 -52.84 -20.26 49.94
N GLU HA 14 -53.77 -19.92 49.06
CA GLU HA 14 -53.89 -18.56 48.55
C GLU HA 14 -54.82 -17.75 49.41
N LEU HA 15 -54.69 -16.44 49.38
CA LEU HA 15 -55.65 -15.55 50.00
C LEU HA 15 -55.68 -14.28 49.16
N ASN HA 16 -56.71 -14.18 48.32
CA ASN HA 16 -56.86 -13.08 47.37
C ASN HA 16 -57.04 -11.74 48.08
N SER HA 17 -56.22 -10.77 47.67
CA SER HA 17 -56.45 -9.34 47.87
C SER HA 17 -56.55 -8.97 49.36
N LEU HA 18 -55.43 -9.14 50.05
CA LEU HA 18 -55.45 -8.79 51.47
C LEU HA 18 -55.19 -7.31 51.68
N ALA HA 19 -54.66 -6.63 50.65
CA ALA HA 19 -54.33 -5.19 50.65
C ALA HA 19 -53.41 -4.85 51.81
N LEU HA 20 -52.21 -5.43 51.76
CA LEU HA 20 -51.34 -5.48 52.93
C LEU HA 20 -50.43 -4.25 53.00
N SER HA 21 -50.32 -3.68 54.19
CA SER HA 21 -49.51 -2.51 54.45
C SER HA 21 -48.45 -2.84 55.50
N VAL HA 22 -47.41 -2.01 55.54
CA VAL HA 22 -46.24 -2.23 56.39
C VAL HA 22 -46.54 -1.69 57.78
N SER HA 23 -46.01 -2.34 58.82
CA SER HA 23 -46.14 -1.86 60.18
C SER HA 23 -45.20 -0.69 60.42
N ASN HA 24 -45.67 0.28 61.21
CA ASN HA 24 -44.95 1.53 61.42
C ASN HA 24 -44.93 1.85 62.91
N SER HA 25 -43.88 2.56 63.34
CA SER HA 25 -43.72 2.96 64.72
C SER HA 25 -43.46 4.46 64.79
N ALA HA 26 -44.26 5.16 65.59
CA ALA HA 26 -44.13 6.60 65.77
C ALA HA 26 -44.73 6.95 67.12
N THR HA 27 -44.81 8.25 67.42
CA THR HA 27 -45.43 8.72 68.65
C THR HA 27 -46.54 9.69 68.25
N ALA HA 28 -47.68 9.12 67.88
CA ALA HA 28 -48.93 9.83 67.62
C ALA HA 28 -50.01 8.78 67.60
N VAL HA 29 -50.98 8.90 68.50
CA VAL HA 29 -51.91 7.81 68.81
C VAL HA 29 -53.36 8.24 68.62
N PRO HA 30 -53.92 8.03 67.44
CA PRO HA 30 -55.27 8.52 67.17
C PRO HA 30 -56.39 7.70 67.79
N VAL HA 31 -57.07 8.26 68.78
CA VAL HA 31 -58.36 7.73 69.18
C VAL HA 31 -59.36 7.91 68.04
N PHE HA 32 -59.83 6.81 67.50
CA PHE HA 32 -60.79 6.80 66.41
C PHE HA 32 -62.20 6.69 66.97
N ALA HA 33 -63.03 7.69 66.69
CA ALA HA 33 -64.44 7.61 67.04
C ALA HA 33 -65.12 6.60 66.14
N VAL HA 34 -66.00 5.77 66.72
CA VAL HA 34 -66.66 4.70 66.00
C VAL HA 34 -68.17 4.86 66.15
N ASP HA 35 -68.86 4.88 65.03
CA ASP HA 35 -70.31 4.97 65.01
C ASP HA 35 -70.95 3.75 65.68
N GLU HA 36 -72.10 3.98 66.31
CA GLU HA 36 -72.70 3.00 67.21
C GLU HA 36 -73.27 1.79 66.49
N GLN HA 37 -73.49 1.87 65.18
CA GLN HA 37 -74.03 0.73 64.46
C GLN HA 37 -72.97 -0.26 64.03
N ASN HA 38 -71.70 -0.03 64.37
CA ASN HA 38 -70.65 -0.99 64.11
C ASN HA 38 -70.78 -2.17 65.08
N GLN HA 39 -70.57 -3.37 64.57
CA GLN HA 39 -70.77 -4.57 65.37
C GLN HA 39 -69.50 -5.11 66.00
N TYR HA 40 -68.34 -4.96 65.35
CA TYR HA 40 -67.13 -5.53 65.92
C TYR HA 40 -66.43 -4.56 66.86
N ILE HA 41 -67.21 -3.91 67.74
CA ILE HA 41 -66.73 -3.03 68.80
C ILE HA 41 -67.70 -3.26 69.94
N SER HA 42 -67.23 -3.24 71.18
CA SER HA 42 -68.10 -3.19 72.34
C SER HA 42 -67.90 -1.85 73.03
N GLU HA 43 -68.99 -1.27 73.53
CA GLU HA 43 -68.88 0.03 74.17
C GLU HA 43 -68.42 -0.13 75.61
N ASP HA 44 -67.98 0.99 76.20
CA ASP HA 44 -67.22 1.05 77.46
C ASP HA 44 -65.99 0.14 77.38
N ASN HA 45 -65.38 0.09 76.20
CA ASN HA 45 -64.20 -0.72 75.91
C ASN HA 45 -63.45 -0.04 74.78
N ALA HA 46 -62.12 -0.05 74.86
CA ALA HA 46 -61.27 0.51 73.82
C ALA HA 46 -60.34 -0.58 73.32
N ILE HA 47 -60.61 -1.09 72.15
CA ILE HA 47 -59.73 -2.10 71.58
C ILE HA 47 -58.59 -1.39 70.86
N ARG HA 48 -57.47 -2.09 70.69
CA ARG HA 48 -56.24 -1.50 70.19
C ARG HA 48 -55.87 -2.18 68.88
N ILE HA 49 -55.47 -1.40 67.90
CA ILE HA 49 -55.11 -1.89 66.58
C ILE HA 49 -53.65 -1.56 66.32
N ASN HA 50 -52.81 -2.59 66.30
CA ASN HA 50 -51.37 -2.38 66.22
C ASN HA 50 -50.89 -2.23 64.78
N SER HA 51 -51.58 -2.87 63.84
CA SER HA 51 -51.25 -2.75 62.43
C SER HA 51 -52.49 -3.07 61.62
N TRP HA 52 -52.37 -2.97 60.29
CA TRP HA 52 -53.52 -3.19 59.43
C TRP HA 52 -53.94 -4.65 59.42
N MET HA 53 -53.00 -5.58 59.65
CA MET HA 53 -53.34 -6.98 59.79
C MET HA 53 -54.10 -7.26 61.08
N ASP HA 54 -53.94 -6.42 62.10
CA ASP HA 54 -54.65 -6.65 63.35
C ASP HA 54 -56.08 -6.14 63.28
N TYR HA 55 -56.31 -5.09 62.51
CA TYR HA 55 -57.68 -4.67 62.22
C TYR HA 55 -58.38 -5.67 61.33
N LEU HA 56 -57.64 -6.26 60.39
CA LEU HA 56 -58.22 -7.17 59.43
C LEU HA 56 -58.44 -8.54 60.05
N ASN HA 57 -57.74 -8.83 61.13
CA ASN HA 57 -58.05 -9.98 61.98
C ASN HA 57 -59.37 -9.77 62.71
N LEU HA 58 -59.67 -8.53 63.10
CA LEU HA 58 -60.88 -8.25 63.87
C LEU HA 58 -62.13 -8.33 63.00
N ILE HA 59 -62.18 -7.55 61.92
CA ILE HA 59 -63.38 -7.50 61.08
C ILE HA 59 -63.53 -8.68 60.15
N GLY HA 60 -62.47 -9.49 59.97
CA GLY HA 60 -62.53 -10.62 59.09
C GLY HA 60 -62.14 -10.31 57.66
N ASN HA 61 -63.01 -9.63 56.91
CA ASN HA 61 -62.71 -9.28 55.54
C ASN HA 61 -63.09 -7.83 55.29
N PHE HA 62 -62.49 -7.25 54.27
CA PHE HA 62 -62.57 -5.82 54.00
C PHE HA 62 -63.68 -5.52 53.01
N ASN HA 63 -64.48 -4.50 53.31
CA ASN HA 63 -65.48 -4.02 52.38
C ASN HA 63 -65.42 -2.50 52.36
N ASN HA 64 -65.59 -1.94 51.17
CA ASN HA 64 -65.47 -0.50 50.96
C ASN HA 64 -66.76 0.26 51.22
N GLU HA 65 -67.75 -0.36 51.86
CA GLU HA 65 -68.97 0.35 52.18
C GLU HA 65 -68.89 1.08 53.50
N ASP HA 66 -68.18 0.51 54.47
CA ASP HA 66 -68.17 1.02 55.83
C ASP HA 66 -67.36 2.29 55.92
N LYS HA 67 -67.90 3.28 56.64
CA LYS HA 67 -67.20 4.55 56.81
C LYS HA 67 -65.99 4.42 57.71
N LEU HA 68 -65.93 3.37 58.52
CA LEU HA 68 -64.75 3.10 59.33
C LEU HA 68 -63.72 2.29 58.56
N ASP HA 69 -64.15 1.36 57.71
CA ASP HA 69 -63.21 0.46 57.04
C ASP HA 69 -62.34 1.20 56.03
N VAL HA 70 -62.92 2.16 55.31
CA VAL HA 70 -62.12 2.99 54.42
C VAL HA 70 -61.34 4.06 55.19
N SER HA 71 -61.68 4.27 56.47
CA SER HA 71 -60.99 5.26 57.28
C SER HA 71 -59.66 4.73 57.79
N VAL HA 72 -59.64 3.53 58.38
CA VAL HA 72 -58.38 3.02 58.95
C VAL HA 72 -57.45 2.47 57.89
N ARG HA 73 -57.92 2.21 56.68
CA ARG HA 73 -57.00 1.84 55.62
C ARG HA 73 -56.17 3.03 55.18
N ALA HA 74 -56.82 4.18 55.01
CA ALA HA 74 -56.10 5.40 54.65
C ALA HA 74 -55.23 5.90 55.77
N TYR HA 75 -55.52 5.51 57.01
CA TYR HA 75 -54.64 5.88 58.11
C TYR HA 75 -53.35 5.07 58.06
N PHE HA 76 -53.47 3.75 57.91
CA PHE HA 76 -52.27 2.91 57.89
C PHE HA 76 -51.54 2.96 56.56
N ALA HA 77 -52.18 3.45 55.51
CA ALA HA 77 -51.45 3.61 54.24
C ALA HA 77 -50.51 4.79 54.28
N ASN HA 78 -50.79 5.80 55.10
CA ASN HA 78 -49.99 7.01 55.14
C ASN HA 78 -49.01 7.01 56.31
N GLY HA 79 -49.48 6.97 57.53
CA GLY HA 79 -48.58 7.12 58.65
C GLY HA 79 -48.39 5.91 59.54
N GLY HA 80 -49.45 5.18 59.78
CA GLY HA 80 -49.37 4.05 60.67
C GLY HA 80 -49.31 4.46 62.13
N GLY HA 81 -48.88 3.51 62.95
CA GLY HA 81 -48.88 3.67 64.38
C GLY HA 81 -50.15 3.12 65.02
N TYR HA 82 -50.02 2.69 66.26
CA TYR HA 82 -51.11 1.99 66.93
C TYR HA 82 -52.20 2.96 67.34
N CYS HA 83 -53.44 2.59 67.09
CA CYS HA 83 -54.58 3.46 67.28
C CYS HA 83 -55.61 2.78 68.17
N TYR HA 84 -56.43 3.59 68.82
CA TYR HA 84 -57.47 3.12 69.72
C TYR HA 84 -58.83 3.36 69.11
N LEU HA 85 -59.61 2.30 68.95
CA LEU HA 85 -60.95 2.37 68.36
C LEU HA 85 -61.97 2.42 69.49
N VAL HA 86 -62.51 3.61 69.74
CA VAL HA 86 -63.45 3.85 70.83
C VAL HA 86 -64.78 4.22 70.21
N LYS HA 87 -65.86 3.62 70.71
CA LYS HA 87 -67.18 3.99 70.26
C LYS HA 87 -67.56 5.37 70.79
N THR HA 88 -68.40 6.07 70.04
CA THR HA 88 -68.65 7.48 70.29
C THR HA 88 -69.44 7.71 71.58
N THR HA 89 -70.43 6.88 71.87
CA THR HA 89 -71.32 7.10 73.01
C THR HA 89 -70.64 6.85 74.35
N SER HA 90 -69.44 6.27 74.37
CA SER HA 90 -68.68 6.10 75.59
C SER HA 90 -67.31 6.75 75.50
N LEU HA 91 -67.13 7.66 74.54
CA LEU HA 91 -65.83 8.28 74.33
C LEU HA 91 -65.49 9.30 75.42
N GLU HA 92 -66.48 9.79 76.16
CA GLU HA 92 -66.21 10.74 77.23
C GLU HA 92 -65.68 10.06 78.49
N LYS HA 93 -65.85 8.76 78.62
CA LYS HA 93 -65.34 8.05 79.78
C LYS HA 93 -63.98 7.40 79.54
N ILE HA 94 -63.67 7.07 78.30
CA ILE HA 94 -62.52 6.23 78.00
C ILE HA 94 -61.27 7.06 77.71
N ILE HA 95 -61.41 8.24 77.13
CA ILE HA 95 -60.25 9.08 76.83
C ILE HA 95 -59.58 9.65 78.08
N PRO HA 96 -60.28 10.15 79.13
CA PRO HA 96 -59.57 10.44 80.38
C PRO HA 96 -58.96 9.22 81.04
N THR HA 97 -59.57 8.05 80.87
CA THR HA 97 -58.99 6.79 81.30
C THR HA 97 -57.70 6.48 80.56
N LEU HA 98 -57.68 6.67 79.25
CA LEU HA 98 -56.56 6.24 78.44
C LEU HA 98 -55.38 7.18 78.56
N ASP HA 99 -54.22 6.63 78.90
CA ASP HA 99 -52.96 7.26 78.62
C ASP HA 99 -52.54 6.90 77.19
N ASP HA 100 -51.49 7.57 76.71
CA ASP HA 100 -51.11 7.59 75.29
C ASP HA 100 -52.30 8.00 74.42
N VAL HA 101 -52.72 9.24 74.60
CA VAL HA 101 -53.70 9.87 73.74
C VAL HA 101 -53.17 11.25 73.42
N THR HA 102 -52.84 11.51 72.17
CA THR HA 102 -52.35 12.82 71.80
C THR HA 102 -53.24 13.54 70.79
N LEU HA 103 -54.10 12.81 70.07
CA LEU HA 103 -55.01 13.42 69.13
C LEU HA 103 -56.24 12.54 68.96
N LEU HA 104 -57.40 13.19 68.96
CA LEU HA 104 -58.69 12.52 68.88
C LEU HA 104 -59.28 12.75 67.51
N VAL HA 105 -59.52 11.67 66.78
CA VAL HA 105 -59.96 11.73 65.39
C VAL HA 105 -61.44 11.45 65.34
N ALA HA 106 -62.22 12.44 64.92
CA ALA HA 106 -63.54 12.16 64.39
C ALA HA 106 -63.33 11.40 63.09
N ALA HA 107 -63.67 10.10 63.09
CA ALA HA 107 -63.50 9.33 61.87
C ALA HA 107 -64.49 9.82 60.83
N GLY HA 108 -65.77 9.60 61.06
CA GLY HA 108 -66.76 10.15 60.16
C GLY HA 108 -67.97 10.65 60.92
N GLU HA 109 -67.78 10.96 62.19
CA GLU HA 109 -68.87 11.25 63.10
C GLU HA 109 -68.73 12.66 63.65
N ASP HA 110 -69.77 13.09 64.35
CA ASP HA 110 -69.86 14.44 64.89
C ASP HA 110 -69.51 14.43 66.37
N ILE HA 111 -68.39 15.06 66.71
CA ILE HA 111 -67.82 15.01 68.05
C ILE HA 111 -67.84 16.39 68.71
N LYS HA 112 -68.36 17.42 68.04
CA LYS HA 112 -68.36 18.81 68.48
C LYS HA 112 -68.96 19.06 69.87
N THR HA 113 -69.86 18.18 70.32
CA THR HA 113 -70.36 18.27 71.69
C THR HA 113 -69.40 17.68 72.71
N THR HA 114 -68.55 16.75 72.30
CA THR HA 114 -67.64 16.07 73.22
C THR HA 114 -66.36 16.87 73.46
N VAL HA 115 -65.78 17.44 72.41
CA VAL HA 115 -64.53 18.19 72.47
C VAL HA 115 -64.63 19.41 73.40
N ASP HA 116 -65.83 19.98 73.56
CA ASP HA 116 -66.01 21.13 74.45
C ASP HA 116 -65.79 20.75 75.91
N VAL HA 117 -66.14 19.52 76.29
CA VAL HA 117 -65.92 19.09 77.68
C VAL HA 117 -64.63 18.31 77.82
N LEU HA 118 -64.16 17.66 76.76
CA LEU HA 118 -63.01 16.78 76.84
C LEU HA 118 -61.72 17.55 76.72
N CYS HA 119 -61.57 18.31 75.64
CA CYS HA 119 -60.36 19.07 75.41
C CYS HA 119 -60.34 20.30 76.31
N GLN HA 120 -59.34 20.35 77.17
CA GLN HA 120 -59.15 21.36 78.19
C GLN HA 120 -57.72 21.85 78.09
N PRO HA 121 -57.40 22.99 78.71
CA PRO HA 121 -55.98 23.39 78.79
C PRO HA 121 -55.13 22.44 79.61
N GLY HA 122 -55.72 21.77 80.61
CA GLY HA 122 -54.94 20.87 81.45
C GLY HA 122 -54.58 19.57 80.76
N LYS HA 123 -55.42 19.10 79.85
CA LYS HA 123 -55.21 17.82 79.19
C LYS HA 123 -54.13 17.94 78.12
N GLY HA 124 -53.96 16.85 77.37
CA GLY HA 124 -52.94 16.82 76.34
C GLY HA 124 -53.44 16.38 74.99
N LEU HA 125 -54.71 16.66 74.70
CA LEU HA 125 -55.28 16.26 73.42
C LEU HA 125 -55.21 17.40 72.41
N PHE HA 126 -55.35 17.02 71.15
CA PHE HA 126 -55.54 17.96 70.05
C PHE HA 126 -56.45 17.27 69.06
N ALA HA 127 -57.75 17.54 69.14
CA ALA HA 127 -58.70 16.86 68.27
C ALA HA 127 -58.56 17.35 66.84
N VAL HA 128 -58.99 16.52 65.90
CA VAL HA 128 -59.13 16.91 64.50
C VAL HA 128 -60.47 16.38 64.01
N PHE HA 129 -61.20 17.22 63.28
CA PHE HA 129 -62.42 16.74 62.67
C PHE HA 129 -62.57 17.32 61.28
N ASP HA 130 -63.69 16.98 60.68
CA ASP HA 130 -63.89 17.13 59.24
C ASP HA 130 -64.69 18.38 58.93
N GLY HA 131 -64.44 18.91 57.75
CA GLY HA 131 -65.30 19.93 57.20
C GLY HA 131 -66.58 19.34 56.68
N PRO HA 132 -67.39 20.19 56.04
CA PRO HA 132 -68.63 19.69 55.42
C PRO HA 132 -68.31 18.82 54.22
N GLU HA 133 -69.18 17.83 54.00
CA GLU HA 133 -69.02 16.94 52.86
C GLU HA 133 -69.74 17.44 51.61
N THR HA 134 -70.52 18.50 51.71
CA THR HA 134 -71.05 19.19 50.55
C THR HA 134 -70.06 20.27 50.10
N GLU HA 135 -70.24 20.74 48.87
CA GLU HA 135 -69.47 21.86 48.36
C GLU HA 135 -69.86 23.11 49.10
N LEU HA 136 -68.88 23.95 49.43
CA LEU HA 136 -69.14 25.23 50.06
C LEU HA 136 -68.37 26.29 49.29
N THR HA 137 -68.97 27.47 49.16
CA THR HA 137 -68.50 28.51 48.25
C THR HA 137 -68.01 29.72 49.05
N ILE HA 138 -67.74 30.81 48.33
CA ILE HA 138 -67.41 32.08 48.97
C ILE HA 138 -68.62 32.66 49.68
N ASN HA 139 -69.82 32.40 49.15
CA ASN HA 139 -71.03 33.02 49.70
C ASN HA 139 -71.41 32.40 51.04
N GLY HA 140 -71.11 31.11 51.20
CA GLY HA 140 -71.46 30.43 52.43
C GLY HA 140 -70.30 30.38 53.40
N ALA HA 141 -69.48 31.42 53.39
CA ALA HA 141 -68.29 31.42 54.24
C ALA HA 141 -68.63 31.80 55.67
N GLU HA 142 -69.73 32.51 55.89
CA GLU HA 142 -70.11 32.87 57.25
C GLU HA 142 -70.97 31.81 57.90
N GLU HA 143 -71.55 30.89 57.14
CA GLU HA 143 -72.49 29.96 57.74
C GLU HA 143 -71.79 28.73 58.28
N ALA HA 144 -70.93 28.11 57.47
CA ALA HA 144 -70.26 26.88 57.89
C ALA HA 144 -69.07 27.14 58.78
N LYS HA 145 -68.59 28.38 58.85
CA LYS HA 145 -67.46 28.70 59.70
C LYS HA 145 -67.87 28.69 61.17
N GLN HA 146 -69.06 29.16 61.49
CA GLN HA 146 -69.56 29.21 62.85
C GLN HA 146 -70.25 27.92 63.27
N ALA HA 147 -70.23 26.89 62.43
CA ALA HA 147 -70.75 25.59 62.83
C ALA HA 147 -69.81 24.85 63.76
N TYR HA 148 -68.56 25.29 63.89
CA TYR HA 148 -67.60 24.75 64.83
C TYR HA 148 -67.33 25.74 65.94
N THR HA 149 -66.85 25.20 67.06
CA THR HA 149 -66.47 26.04 68.18
C THR HA 149 -65.12 26.69 67.91
N ALA HA 150 -64.75 27.65 68.77
CA ALA HA 150 -63.54 28.41 68.58
C ALA HA 150 -62.43 28.00 69.54
N THR HA 151 -62.34 26.73 69.84
CA THR HA 151 -61.28 26.29 70.73
C THR HA 151 -59.97 26.13 69.96
N PRO HA 152 -58.83 26.46 70.57
CA PRO HA 152 -57.54 26.32 69.88
C PRO HA 152 -57.00 24.91 69.83
N PHE HA 153 -57.76 23.91 70.26
CA PHE HA 153 -57.29 22.53 70.28
C PHE HA 153 -57.90 21.69 69.18
N ALA HA 154 -58.26 22.28 68.05
CA ALA HA 154 -58.89 21.53 66.98
C ALA HA 154 -58.50 22.10 65.63
N ALA HA 155 -58.50 21.23 64.63
CA ALA HA 155 -58.22 21.61 63.25
C ALA HA 155 -59.25 20.96 62.33
N VAL HA 156 -59.64 21.70 61.28
CA VAL HA 156 -60.69 21.28 60.38
C VAL HA 156 -60.12 21.18 58.97
N TYR HA 157 -60.33 20.04 58.32
CA TYR HA 157 -59.89 19.83 56.95
C TYR HA 157 -61.13 19.60 56.08
N TYR HA 158 -61.34 20.47 55.10
CA TYR HA 158 -62.60 20.42 54.37
C TYR HA 158 -62.71 19.31 53.33
N PRO HA 159 -61.85 19.19 52.31
CA PRO HA 159 -62.28 18.41 51.14
C PRO HA 159 -62.19 16.92 51.42
N TRP HA 160 -63.33 16.26 51.40
CA TRP HA 160 -63.37 14.83 51.66
C TRP HA 160 -62.69 14.08 50.53
N LEU HA 161 -62.14 12.92 50.84
CA LEU HA 161 -61.29 12.24 49.90
C LEU HA 161 -62.09 11.25 49.08
N LYS HA 162 -61.52 10.84 47.96
CA LYS HA 162 -62.03 9.71 47.20
C LYS HA 162 -60.84 8.89 46.70
N ALA HA 163 -61.02 7.58 46.66
CA ALA HA 163 -59.97 6.69 46.22
C ALA HA 163 -60.56 5.64 45.28
N ASP HA 164 -59.66 5.01 44.53
CA ASP HA 164 -60.10 4.06 43.52
C ASP HA 164 -60.53 2.75 44.18
N TRP HA 165 -59.97 2.44 45.34
CA TRP HA 165 -60.29 1.20 46.05
C TRP HA 165 -61.51 1.32 46.95
N ALA HA 166 -62.10 2.51 47.08
CA ALA HA 166 -63.25 2.72 47.95
C ALA HA 166 -64.46 3.20 47.15
N ASN HA 167 -65.65 3.03 47.74
CA ASN HA 167 -66.89 3.49 47.14
C ASN HA 167 -67.47 4.70 47.86
N ILE HA 168 -67.56 4.64 49.18
CA ILE HA 168 -67.97 5.80 49.96
C ILE HA 168 -66.82 6.80 49.99
N ASP HA 169 -67.13 8.09 50.11
CA ASP HA 169 -66.09 9.09 50.23
C ASP HA 169 -65.32 8.92 51.54
N ILE HA 170 -64.04 9.24 51.50
CA ILE HA 170 -63.12 8.97 52.60
C ILE HA 170 -62.95 10.26 53.39
N PRO HA 171 -63.19 10.24 54.69
CA PRO HA 171 -63.13 11.47 55.47
C PRO HA 171 -61.71 11.88 55.74
N PRO HA 172 -61.41 13.18 55.74
CA PRO HA 172 -60.02 13.64 55.76
C PRO HA 172 -59.34 13.58 57.11
N SER HA 173 -60.07 13.36 58.21
CA SER HA 173 -59.38 13.18 59.48
C SER HA 173 -58.78 11.80 59.63
N ALA HA 174 -59.13 10.88 58.74
CA ALA HA 174 -58.46 9.59 58.67
C ALA HA 174 -57.03 9.77 58.20
N VAL HA 175 -56.85 10.41 57.05
CA VAL HA 175 -55.52 10.54 56.47
C VAL HA 175 -54.69 11.57 57.24
N MET HA 176 -55.32 12.59 57.82
CA MET HA 176 -54.59 13.61 58.54
C MET HA 176 -54.06 13.15 59.89
N ALA HA 177 -54.52 12.02 60.41
CA ALA HA 177 -53.84 11.44 61.55
C ALA HA 177 -52.65 10.60 61.10
N GLY HA 178 -52.65 10.15 59.86
CA GLY HA 178 -51.49 9.48 59.32
C GLY HA 178 -50.43 10.50 58.97
N VAL HA 179 -50.86 11.67 58.49
CA VAL HA 179 -49.92 12.71 58.12
C VAL HA 179 -49.28 13.32 59.36
N TYR HA 180 -50.05 13.46 60.45
CA TYR HA 180 -49.48 13.95 61.70
C TYR HA 180 -48.47 12.99 62.29
N ALA HA 181 -48.61 11.71 62.02
CA ALA HA 181 -47.67 10.71 62.53
C ALA HA 181 -46.53 10.45 61.59
N SER HA 182 -46.67 10.82 60.31
CA SER HA 182 -45.59 10.60 59.36
C SER HA 182 -44.65 11.79 59.31
N VAL HA 183 -45.15 12.97 59.66
CA VAL HA 183 -44.32 14.18 59.67
C VAL HA 183 -43.54 14.31 60.96
N ASP HA 184 -44.09 13.86 62.10
CA ASP HA 184 -43.40 13.97 63.37
C ASP HA 184 -42.18 13.07 63.42
N LEU HA 185 -42.22 11.96 62.68
CA LEU HA 185 -41.06 11.10 62.61
C LEU HA 185 -39.98 11.69 61.69
N SER HA 186 -40.39 12.27 60.57
CA SER HA 186 -39.43 12.76 59.60
C SER HA 186 -38.86 14.11 60.01
N ARG HA 187 -39.71 15.13 60.08
CA ARG HA 187 -39.26 16.50 60.27
C ARG HA 187 -39.46 17.00 61.69
N GLY HA 188 -39.93 16.16 62.59
CA GLY HA 188 -40.22 16.60 63.94
C GLY HA 188 -41.57 17.25 64.05
N VAL HA 189 -41.94 17.57 65.30
CA VAL HA 189 -43.27 18.07 65.59
C VAL HA 189 -43.41 19.52 65.14
N TRP HA 190 -42.36 20.31 65.30
CA TRP HA 190 -42.40 21.76 65.09
C TRP HA 190 -42.59 22.16 63.64
N LYS HA 191 -42.33 21.28 62.68
CA LYS HA 191 -42.61 21.60 61.29
C LYS HA 191 -44.10 21.41 61.02
N ALA HA 192 -44.62 22.20 60.09
CA ALA HA 192 -46.04 22.20 59.81
C ALA HA 192 -46.45 20.93 59.08
N PRO HA 193 -47.58 20.32 59.45
CA PRO HA 193 -48.05 19.12 58.73
C PRO HA 193 -48.72 19.43 57.41
N ALA HA 194 -48.64 20.65 56.90
CA ALA HA 194 -49.07 20.93 55.55
C ALA HA 194 -47.90 20.75 54.59
N ASN HA 195 -48.18 20.98 53.30
CA ASN HA 195 -47.22 20.89 52.18
C ASN HA 195 -46.60 19.50 52.07
N VAL HA 196 -47.36 18.46 52.40
CA VAL HA 196 -46.89 17.08 52.34
C VAL HA 196 -47.85 16.28 51.48
N ALA HA 197 -47.33 15.28 50.77
CA ALA HA 197 -48.14 14.52 49.84
C ALA HA 197 -49.00 13.50 50.56
N LEU HA 198 -50.02 13.02 49.86
CA LEU HA 198 -50.89 11.96 50.36
C LEU HA 198 -50.60 10.68 49.59
N LYS HA 199 -50.31 9.62 50.31
CA LYS HA 199 -50.06 8.33 49.69
C LYS HA 199 -51.33 7.48 49.72
N GLY HA 200 -51.25 6.30 49.15
CA GLY HA 200 -52.37 5.38 49.13
C GLY HA 200 -53.36 5.60 48.01
N GLY HA 201 -53.08 6.49 47.07
CA GLY HA 201 -54.00 6.74 45.98
C GLY HA 201 -55.19 7.58 46.39
N LEU HA 202 -55.02 8.45 47.39
CA LEU HA 202 -56.10 9.29 47.86
C LEU HA 202 -56.21 10.52 46.99
N GLU HA 203 -57.45 10.94 46.70
CA GLU HA 203 -57.69 12.07 45.82
C GLU HA 203 -58.84 12.90 46.38
N PRO HA 204 -58.78 14.22 46.29
CA PRO HA 204 -59.86 15.05 46.82
C PRO HA 204 -61.10 15.00 45.96
N LYS HA 205 -62.26 15.11 46.63
CA LYS HA 205 -63.54 15.04 45.92
C LYS HA 205 -63.83 16.33 45.17
N PHE HA 206 -63.59 17.47 45.80
CA PHE HA 206 -64.00 18.76 45.26
C PHE HA 206 -62.78 19.62 45.00
N LEU HA 207 -62.70 20.20 43.82
CA LEU HA 207 -61.61 21.09 43.46
C LEU HA 207 -61.79 22.43 44.17
N VAL HA 208 -60.70 22.93 44.75
CA VAL HA 208 -60.71 24.15 45.54
C VAL HA 208 -59.85 25.18 44.81
N THR HA 209 -60.40 26.38 44.64
CA THR HA 209 -59.61 27.49 44.10
C THR HA 209 -58.91 28.23 45.23
N ASP HA 210 -58.01 29.11 44.84
CA ASP HA 210 -57.31 29.92 45.84
C ASP HA 210 -58.20 31.03 46.36
N GLU HA 211 -59.08 31.55 45.50
CA GLU HA 211 -59.97 32.62 45.92
C GLU HA 211 -61.07 32.09 46.83
N LEU HA 212 -61.33 30.78 46.78
CA LEU HA 212 -62.20 30.15 47.77
C LEU HA 212 -61.50 30.03 49.12
N GLN HA 213 -60.21 29.69 49.11
CA GLN HA 213 -59.49 29.49 50.36
C GLN HA 213 -59.14 30.80 51.06
N GLY HA 214 -59.27 31.94 50.37
CA GLY HA 214 -59.01 33.21 51.02
C GLY HA 214 -60.01 33.60 52.08
N GLU HA 215 -61.20 33.00 52.06
CA GLU HA 215 -62.23 33.31 53.03
C GLU HA 215 -62.30 32.31 54.16
N TYR HA 216 -61.77 31.10 53.97
CA TYR HA 216 -61.79 30.07 55.00
C TYR HA 216 -60.47 29.97 55.74
N ASN HA 217 -59.58 30.94 55.59
CA ASN HA 217 -58.36 30.98 56.37
C ASN HA 217 -58.40 32.02 57.48
N THR HA 218 -59.38 32.91 57.45
CA THR HA 218 -59.47 33.98 58.44
C THR HA 218 -60.47 33.62 59.53
N GLY HA 219 -60.09 33.85 60.78
CA GLY HA 219 -60.98 33.59 61.89
C GLY HA 219 -60.99 32.12 62.27
N ARG HA 220 -62.17 31.52 62.36
CA ARG HA 220 -62.26 30.08 62.60
C ARG HA 220 -61.87 29.36 61.31
N ALA HA 221 -60.58 29.12 61.14
CA ALA HA 221 -60.04 28.70 59.86
C ALA HA 221 -60.40 27.26 59.53
N ILE HA 222 -60.55 27.00 58.25
CA ILE HA 222 -60.78 25.66 57.73
C ILE HA 222 -59.64 25.36 56.77
N ASN HA 223 -58.70 24.53 57.20
CA ASN HA 223 -57.63 24.07 56.33
C ASN HA 223 -58.18 23.23 55.21
N MET HA 224 -57.49 23.22 54.08
CA MET HA 224 -57.99 22.55 52.89
C MET HA 224 -56.85 21.80 52.22
N ILE HA 225 -57.19 20.67 51.62
CA ILE HA 225 -56.21 19.94 50.82
C ILE HA 225 -56.61 20.05 49.36
N ARG HA 226 -55.62 20.11 48.48
CA ARG HA 226 -55.90 20.31 47.07
C ARG HA 226 -54.71 19.87 46.26
N ASN HA 227 -54.98 19.45 45.03
CA ASN HA 227 -53.91 18.95 44.18
C ASN HA 227 -53.33 20.04 43.32
N PHE HA 228 -52.06 19.88 43.01
CA PHE HA 228 -51.30 20.82 42.21
C PHE HA 228 -50.74 20.08 40.99
N SER HA 229 -50.20 20.86 40.06
CA SER HA 229 -49.71 20.27 38.81
C SER HA 229 -48.37 19.57 39.00
N ASN HA 230 -47.54 20.06 39.91
CA ASN HA 230 -46.18 19.54 40.01
C ASN HA 230 -46.14 18.23 40.79
N THR HA 231 -46.80 18.16 41.94
CA THR HA 231 -46.62 17.06 42.87
C THR HA 231 -47.82 16.17 43.04
N GLY HA 232 -49.04 16.66 42.82
CA GLY HA 232 -50.21 15.87 43.08
C GLY HA 232 -50.98 16.43 44.24
N THR HA 233 -51.75 15.59 44.94
CA THR HA 233 -52.54 16.08 46.06
C THR HA 233 -51.67 16.30 47.28
N THR HA 234 -51.98 17.33 48.04
CA THR HA 234 -51.19 17.69 49.20
C THR HA 234 -52.05 18.46 50.19
N VAL HA 235 -51.57 18.51 51.42
CA VAL HA 235 -52.24 19.31 52.44
C VAL HA 235 -51.81 20.76 52.32
N TRP HA 236 -52.76 21.66 52.45
CA TRP HA 236 -52.47 23.08 52.28
C TRP HA 236 -53.03 23.94 53.39
N GLY HA 237 -52.94 23.52 54.65
CA GLY HA 237 -53.36 24.36 55.75
C GLY HA 237 -52.62 23.98 57.02
N ALA HA 238 -52.30 25.00 57.80
CA ALA HA 238 -51.65 24.77 59.08
C ALA HA 238 -52.18 25.72 60.13
N ARG HA 239 -53.49 25.97 60.13
CA ARG HA 239 -54.11 26.88 61.08
C ARG HA 239 -55.10 26.11 61.94
N THR HA 240 -55.13 26.43 63.23
CA THR HA 240 -56.12 25.84 64.13
C THR HA 240 -57.38 26.71 64.09
N LEU HA 241 -58.31 26.48 65.00
CA LEU HA 241 -59.58 27.20 64.94
C LEU HA 241 -59.47 28.60 65.54
N GLU HA 242 -58.73 28.75 66.63
CA GLU HA 242 -58.59 30.06 67.25
C GLU HA 242 -57.62 30.92 66.46
N ASP HA 243 -57.93 32.22 66.34
CA ASP HA 243 -57.10 33.14 65.57
C ASP HA 243 -56.47 34.22 66.45
N LYS HA 244 -56.04 33.85 67.64
CA LYS HA 244 -55.11 34.68 68.40
C LYS HA 244 -53.69 34.22 68.13
N ASP HA 245 -52.74 35.13 68.32
CA ASP HA 245 -51.36 34.86 67.92
C ASP HA 245 -50.66 33.86 68.83
N ASN HA 246 -51.23 33.57 70.00
CA ASN HA 246 -50.63 32.56 70.87
C ASN HA 246 -50.81 31.16 70.30
N TRP HA 247 -52.04 30.79 69.95
CA TRP HA 247 -52.31 29.50 69.33
C TRP HA 247 -53.06 29.78 68.03
N ARG HA 248 -52.32 30.06 66.98
CA ARG HA 248 -52.89 30.24 65.66
C ARG HA 248 -52.51 29.09 64.74
N TYR HA 249 -51.29 28.61 64.83
CA TYR HA 249 -50.81 27.53 63.99
C TYR HA 249 -50.82 26.24 64.79
N VAL HA 250 -51.24 25.16 64.15
CA VAL HA 250 -51.14 23.83 64.75
C VAL HA 250 -49.72 23.42 65.17
N PRO HA 251 -48.62 23.71 64.44
CA PRO HA 251 -47.30 23.34 64.96
C PRO HA 251 -46.94 23.99 66.29
N VAL HA 252 -47.48 25.16 66.59
CA VAL HA 252 -47.28 25.76 67.91
C VAL HA 252 -48.10 25.00 68.95
N ARG HA 253 -49.36 24.69 68.64
CA ARG HA 253 -50.20 23.99 69.60
C ARG HA 253 -49.77 22.54 69.77
N ARG HA 254 -49.27 21.92 68.70
CA ARG HA 254 -48.87 20.53 68.79
C ARG HA 254 -47.49 20.36 69.42
N LEU HA 255 -46.63 21.38 69.36
CA LEU HA 255 -45.35 21.30 70.06
C LEU HA 255 -45.54 21.43 71.55
N PHE HA 256 -46.31 22.43 71.99
CA PHE HA 256 -46.61 22.62 73.41
C PHE HA 256 -47.36 21.46 74.01
N ASN HA 257 -48.13 20.72 73.21
CA ASN HA 257 -48.73 19.48 73.66
C ASN HA 257 -47.77 18.31 73.60
N SER HA 258 -46.78 18.35 72.72
CA SER HA 258 -45.77 17.29 72.71
C SER HA 258 -44.67 17.57 73.71
N VAL HA 259 -44.54 18.82 74.15
CA VAL HA 259 -43.60 19.14 75.21
C VAL HA 259 -44.13 18.63 76.55
N GLU HA 260 -45.39 18.96 76.88
CA GLU HA 260 -45.94 18.68 78.20
C GLU HA 260 -46.06 17.20 78.48
N ARG HA 261 -46.28 16.39 77.44
CA ARG HA 261 -46.39 14.95 77.66
C ARG HA 261 -45.02 14.34 77.84
N ASP HA 262 -43.98 15.03 77.42
CA ASP HA 262 -42.63 14.55 77.60
C ASP HA 262 -41.86 15.29 78.69
N ILE HA 263 -42.42 16.37 79.25
CA ILE HA 263 -41.89 16.89 80.50
C ILE HA 263 -42.44 16.08 81.66
N LYS HA 264 -43.75 15.81 81.65
CA LYS HA 264 -44.39 15.19 82.81
C LYS HA 264 -43.99 13.72 82.96
N ARG HA 265 -43.39 13.12 81.93
CA ARG HA 265 -42.78 11.82 82.12
C ARG HA 265 -41.28 11.94 82.37
N ALA HA 266 -40.68 13.11 82.11
CA ALA HA 266 -39.27 13.30 82.38
C ALA HA 266 -39.01 13.56 83.86
N MET HA 267 -39.93 14.25 84.52
CA MET HA 267 -39.80 14.55 85.93
C MET HA 267 -40.92 13.93 86.75
N SER HA 268 -41.41 12.78 86.33
CA SER HA 268 -42.39 12.05 87.12
C SER HA 268 -41.76 11.32 88.31
N PHE HA 269 -40.44 11.36 88.45
CA PHE HA 269 -39.79 10.82 89.64
C PHE HA 269 -40.06 11.67 90.86
N ALA HA 270 -40.46 12.92 90.68
CA ALA HA 270 -40.59 13.86 91.80
C ALA HA 270 -41.84 13.62 92.63
N MET HA 271 -42.70 12.69 92.24
CA MET HA 271 -43.91 12.40 92.99
C MET HA 271 -43.58 11.73 94.32
N PHE HA 272 -44.18 12.29 95.38
CA PHE HA 272 -44.11 11.77 96.75
C PHE HA 272 -42.68 11.67 97.25
N GLU HA 273 -41.87 12.62 96.84
CA GLU HA 273 -40.52 12.84 97.28
C GLU HA 273 -40.52 13.88 98.38
N PRO HA 274 -39.50 13.91 99.24
CA PRO HA 274 -39.44 14.96 100.28
C PRO HA 274 -39.35 16.35 99.66
N ASN HA 275 -40.37 17.16 99.94
CA ASN HA 275 -40.53 18.47 99.30
C ASN HA 275 -39.64 19.47 100.04
N ASN HA 276 -38.39 19.55 99.63
CA ASN HA 276 -37.46 20.55 100.14
C ASN HA 276 -36.70 21.09 98.95
N GLN HA 277 -35.56 21.73 99.21
CA GLN HA 277 -34.77 22.27 98.12
C GLN HA 277 -34.03 21.26 97.25
N PRO HA 278 -33.39 20.18 97.76
CA PRO HA 278 -32.72 19.27 96.81
C PRO HA 278 -33.64 18.49 95.91
N THR HA 279 -34.94 18.47 96.18
CA THR HA 279 -35.87 17.96 95.18
C THR HA 279 -36.06 18.97 94.05
N TRP HA 280 -35.95 20.27 94.36
CA TRP HA 280 -36.27 21.28 93.36
C TRP HA 280 -35.19 21.39 92.29
N GLU HA 281 -33.91 21.45 92.67
CA GLU HA 281 -32.87 21.54 91.65
C GLU HA 281 -32.68 20.24 90.89
N ARG HA 282 -33.12 19.13 91.46
CA ARG HA 282 -33.19 17.90 90.68
C ARG HA 282 -34.34 17.92 89.70
N VAL HA 283 -35.36 18.75 89.96
CA VAL HA 283 -36.44 18.97 89.01
C VAL HA 283 -36.09 20.00 87.95
N ARG HA 284 -35.48 21.14 88.32
CA ARG HA 284 -35.15 22.13 87.30
C ARG HA 284 -34.03 21.66 86.37
N ALA HA 285 -33.26 20.65 86.77
CA ALA HA 285 -32.22 20.11 85.89
C ALA HA 285 -32.75 18.97 85.04
N ALA HA 286 -33.80 18.30 85.48
CA ALA HA 286 -34.41 17.28 84.64
C ALA HA 286 -35.24 17.90 83.52
N ILE HA 287 -35.71 19.13 83.70
CA ILE HA 287 -36.40 19.83 82.63
C ILE HA 287 -35.39 20.49 81.70
N SER HA 288 -34.31 21.04 82.25
CA SER HA 288 -33.43 21.91 81.48
C SER HA 288 -32.57 21.14 80.48
N ASN HA 289 -32.21 19.90 80.78
CA ASN HA 289 -31.53 19.13 79.74
C ASN HA 289 -32.49 18.26 78.95
N TYR HA 290 -33.80 18.45 79.11
CA TYR HA 290 -34.71 18.04 78.05
C TYR HA 290 -34.88 19.15 77.05
N LEU HA 291 -35.07 20.38 77.53
CA LEU HA 291 -35.33 21.50 76.63
C LEU HA 291 -34.10 21.87 75.84
N TYR HA 292 -32.91 21.65 76.40
CA TYR HA 292 -31.70 21.85 75.62
C TYR HA 292 -31.58 20.83 74.50
N SER HA 293 -31.97 19.57 74.75
CA SER HA 293 -31.95 18.57 73.69
C SER HA 293 -33.02 18.85 72.64
N LEU HA 294 -34.11 19.50 73.05
CA LEU HA 294 -35.09 20.01 72.09
C LEU HA 294 -34.60 21.27 71.41
N TRP HA 295 -33.74 22.05 72.09
CA TRP HA 295 -33.19 23.26 71.51
C TRP HA 295 -32.22 22.98 70.37
N GLN HA 296 -31.41 21.94 70.51
CA GLN HA 296 -30.37 21.69 69.52
C GLN HA 296 -30.92 21.12 68.23
N GLN HA 297 -32.10 20.50 68.27
CA GLN HA 297 -32.71 19.93 67.08
C GLN HA 297 -33.47 20.95 66.26
N GLY HA 298 -33.47 22.21 66.68
CA GLY HA 298 -34.17 23.22 65.93
C GLY HA 298 -35.63 23.38 66.26
N GLY HA 299 -36.09 22.89 67.42
CA GLY HA 299 -37.49 22.97 67.79
C GLY HA 299 -37.93 24.32 68.30
N LEU HA 300 -37.02 25.10 68.87
CA LEU HA 300 -37.40 26.40 69.38
C LEU HA 300 -36.71 27.48 68.56
N ALA HA 301 -37.24 28.69 68.59
CA ALA HA 301 -36.68 29.78 67.82
C ALA HA 301 -35.62 30.48 68.67
N GLY HA 302 -34.95 31.44 68.09
CA GLY HA 302 -33.88 32.10 68.84
C GLY HA 302 -32.52 31.62 68.39
N SER HA 303 -31.49 32.09 69.11
CA SER HA 303 -30.12 31.73 68.81
C SER HA 303 -29.32 31.30 70.04
N LYS HA 304 -29.65 31.77 71.24
CA LYS HA 304 -28.97 31.39 72.46
C LYS HA 304 -29.86 30.43 73.23
N GLU HA 305 -29.32 29.87 74.32
CA GLU HA 305 -30.17 29.07 75.19
C GLU HA 305 -30.89 29.91 76.24
N GLU HA 306 -30.71 31.23 76.24
CA GLU HA 306 -31.38 32.06 77.24
C GLU HA 306 -32.46 32.94 76.65
N ASP HA 307 -32.56 32.97 75.33
CA ASP HA 307 -33.72 33.48 74.62
C ASP HA 307 -34.66 32.38 74.20
N ALA HA 308 -34.25 31.14 74.39
CA ALA HA 308 -35.02 30.00 73.93
C ALA HA 308 -36.03 29.54 74.94
N TYR HA 309 -35.59 29.37 76.19
CA TYR HA 309 -36.46 28.83 77.23
C TYR HA 309 -35.97 29.33 78.59
N PHE HA 310 -36.76 29.05 79.62
CA PHE HA 310 -36.35 29.32 80.98
C PHE HA 310 -37.12 28.40 81.91
N VAL HA 311 -36.44 27.91 82.94
CA VAL HA 311 -37.04 27.12 83.98
C VAL HA 311 -36.70 27.82 85.28
N GLN HA 312 -37.71 28.30 86.00
CA GLN HA 312 -37.48 29.00 87.25
C GLN HA 312 -38.42 28.47 88.32
N ILE HA 313 -37.84 27.80 89.32
CA ILE HA 313 -38.56 27.38 90.51
C ILE HA 313 -37.76 27.81 91.73
N GLY HA 314 -38.40 27.75 92.88
CA GLY HA 314 -37.77 28.13 94.13
C GLY HA 314 -38.79 28.69 95.09
N LYS HA 315 -38.48 28.68 96.38
CA LYS HA 315 -39.38 29.24 97.37
C LYS HA 315 -39.34 30.75 97.27
N GLY HA 316 -40.49 31.36 97.00
CA GLY HA 316 -40.59 32.78 96.85
C GLY HA 316 -40.44 33.26 95.42
N ILE HA 317 -39.68 32.56 94.60
CA ILE HA 317 -39.65 32.86 93.17
C ILE HA 317 -40.97 32.54 92.52
N THR HA 318 -41.52 31.37 92.82
CA THR HA 318 -42.78 30.98 92.20
C THR HA 318 -43.78 30.36 93.15
N MET HA 319 -43.35 29.86 94.31
CA MET HA 319 -44.23 29.22 95.26
C MET HA 319 -44.11 29.89 96.62
N THR HA 320 -45.24 30.03 97.30
CA THR HA 320 -45.23 30.64 98.61
C THR HA 320 -44.99 29.58 99.67
N GLN HA 321 -44.84 30.02 100.91
CA GLN HA 321 -44.62 29.09 102.01
C GLN HA 321 -45.88 28.29 102.32
N GLU HA 322 -47.05 28.89 102.12
CA GLU HA 322 -48.30 28.16 102.30
C GLU HA 322 -48.52 27.14 101.20
N GLN HA 323 -47.83 27.27 100.07
CA GLN HA 323 -47.86 26.25 99.03
C GLN HA 323 -46.92 25.09 99.30
N ILE HA 324 -46.01 25.23 100.27
CA ILE HA 324 -45.08 24.14 100.58
C ILE HA 324 -45.76 23.08 101.43
N ASP HA 325 -46.46 23.52 102.48
CA ASP HA 325 -47.12 22.58 103.37
C ASP HA 325 -48.50 22.16 102.87
N ALA HA 326 -48.94 22.66 101.73
CA ALA HA 326 -50.07 22.07 101.03
C ALA HA 326 -49.64 20.98 100.06
N GLY HA 327 -48.33 20.81 99.87
CA GLY HA 327 -47.83 19.78 98.98
C GLY HA 327 -47.86 20.17 97.52
N GLN HA 328 -47.41 21.38 97.18
CA GLN HA 328 -47.47 21.86 95.82
C GLN HA 328 -46.11 22.39 95.37
N MET HA 329 -45.66 21.92 94.21
CA MET HA 329 -44.48 22.44 93.54
C MET HA 329 -44.91 23.13 92.26
N ILE HA 330 -44.91 24.46 92.27
CA ILE HA 330 -45.29 25.24 91.10
C ILE HA 330 -44.05 25.44 90.25
N VAL HA 331 -44.13 25.09 88.97
CA VAL HA 331 -43.02 25.19 88.04
C VAL HA 331 -43.43 26.13 86.92
N LYS HA 332 -42.58 27.09 86.59
CA LYS HA 332 -42.81 27.99 85.46
C LYS HA 332 -41.78 27.71 84.37
N VAL HA 333 -42.27 27.33 83.19
CA VAL HA 333 -41.44 27.01 82.03
C VAL HA 333 -41.96 27.84 80.86
N GLY HA 334 -41.05 28.45 80.10
CA GLY HA 334 -41.42 29.23 78.92
C GLY HA 334 -40.73 28.69 77.68
N LEU HA 335 -41.37 28.86 76.53
CA LEU HA 335 -40.85 28.35 75.28
C LEU HA 335 -41.04 29.41 74.20
N ALA HA 336 -40.28 29.28 73.12
CA ALA HA 336 -40.38 30.19 71.98
C ALA HA 336 -40.28 29.35 70.71
N ALA HA 337 -41.42 28.90 70.20
CA ALA HA 337 -41.44 28.00 69.06
C ALA HA 337 -41.31 28.77 67.76
N VAL HA 338 -41.31 28.05 66.65
CA VAL HA 338 -41.10 28.61 65.32
C VAL HA 338 -42.45 28.85 64.66
N ARG HA 339 -42.53 29.88 63.85
CA ARG HA 339 -43.76 30.09 63.10
C ARG HA 339 -43.52 29.82 61.64
N PRO HA 340 -44.47 29.23 60.92
CA PRO HA 340 -44.23 28.94 59.51
C PRO HA 340 -44.50 30.16 58.64
N ALA HA 341 -44.01 30.08 57.40
CA ALA HA 341 -44.16 31.13 56.41
C ALA HA 341 -45.34 30.78 55.52
N GLU HA 342 -46.47 31.46 55.75
CA GLU HA 342 -47.68 31.13 55.02
C GLU HA 342 -47.69 31.75 53.63
N PHE HA 343 -47.18 32.97 53.49
CA PHE HA 343 -47.30 33.73 52.26
C PHE HA 343 -45.92 33.98 51.69
N ILE HA 344 -45.82 33.97 50.37
CA ILE HA 344 -44.59 34.33 49.65
C ILE HA 344 -45.00 35.15 48.46
N ILE HA 345 -44.64 36.43 48.43
CA ILE HA 345 -45.09 37.24 47.31
C ILE HA 345 -43.90 37.50 46.40
N LEU HA 346 -44.19 37.62 45.11
CA LEU HA 346 -43.18 37.65 44.05
C LEU HA 346 -43.36 38.91 43.23
N GLN HA 347 -42.40 39.82 43.32
CA GLN HA 347 -42.51 41.13 42.68
C GLN HA 347 -41.74 41.11 41.38
N PHE HA 348 -42.44 41.38 40.28
CA PHE HA 348 -41.85 41.21 38.95
C PHE HA 348 -41.61 42.57 38.33
N THR HA 349 -40.40 43.09 38.50
CA THR HA 349 -39.94 44.26 37.77
C THR HA 349 -39.59 43.82 36.36
N GLN HA 350 -39.77 44.73 35.40
CA GLN HA 350 -39.44 44.40 34.02
C GLN HA 350 -38.13 45.04 33.60
N ASP HA 351 -37.75 46.13 34.24
CA ASP HA 351 -36.55 46.88 33.89
C ASP HA 351 -35.43 46.52 34.84
N VAL HA 352 -34.43 45.81 34.34
CA VAL HA 352 -33.27 45.42 35.14
C VAL HA 352 -32.28 46.59 35.17
N GLU HA 353 -31.72 46.86 36.33
CA GLU HA 353 -30.71 47.90 36.47
C GLU HA 353 -29.34 47.33 36.15
N THR IA 2 -3.98 -59.75 57.27
CA THR IA 2 -2.73 -59.62 57.99
C THR IA 2 -1.70 -60.63 57.49
N THR IA 3 -0.57 -60.12 57.01
CA THR IA 3 0.53 -60.97 56.56
C THR IA 3 1.66 -60.87 57.56
N VAL IA 4 2.37 -61.99 57.77
CA VAL IA 4 3.52 -61.97 58.64
C VAL IA 4 4.67 -61.25 57.94
N THR IA 5 5.50 -60.59 58.72
CA THR IA 5 6.57 -59.76 58.19
C THR IA 5 7.91 -60.41 58.51
N SER IA 6 8.71 -60.64 57.47
CA SER IA 6 10.00 -61.29 57.63
C SER IA 6 11.14 -60.35 57.26
N TYR IA 7 11.10 -59.75 56.08
CA TYR IA 7 12.18 -58.89 55.62
C TYR IA 7 11.74 -57.44 55.64
N PRO IA 8 12.64 -56.50 55.95
CA PRO IA 8 12.27 -55.09 55.93
C PRO IA 8 12.10 -54.59 54.50
N GLY IA 9 10.89 -54.14 54.18
CA GLY IA 9 10.63 -53.67 52.84
C GLY IA 9 9.17 -53.38 52.59
N VAL IA 10 8.70 -53.63 51.37
CA VAL IA 10 7.34 -53.31 50.98
C VAL IA 10 6.64 -54.59 50.57
N TYR IA 11 5.38 -54.73 50.99
CA TYR IA 11 4.56 -55.90 50.72
C TYR IA 11 3.34 -55.47 49.92
N ILE IA 12 3.02 -56.21 48.85
CA ILE IA 12 2.06 -55.72 47.88
C ILE IA 12 0.74 -56.48 48.01
N GLU IA 13 0.46 -57.02 49.19
CA GLU IA 13 -0.66 -57.94 49.34
C GLU IA 13 -1.99 -57.22 49.16
N GLU IA 14 -2.89 -57.81 48.39
CA GLU IA 14 -4.18 -57.21 48.10
C GLU IA 14 -5.21 -57.64 49.13
N LEU IA 15 -6.26 -56.85 49.26
CA LEU IA 15 -7.41 -57.24 50.07
C LEU IA 15 -8.63 -56.60 49.42
N ASN IA 16 -9.36 -57.41 48.65
CA ASN IA 16 -10.52 -56.96 47.90
C ASN IA 16 -11.64 -56.46 48.80
N SER IA 17 -12.12 -55.25 48.49
CA SER IA 17 -13.42 -54.72 48.91
C SER IA 17 -13.54 -54.66 50.43
N LEU IA 18 -12.73 -53.80 51.04
CA LEU IA 18 -12.83 -53.68 52.48
C LEU IA 18 -13.92 -52.71 52.89
N ALA IA 19 -14.39 -51.88 51.95
CA ALA IA 19 -15.44 -50.87 52.14
C ALA IA 19 -15.08 -49.92 53.28
N LEU IA 20 -14.00 -49.19 53.09
CA LEU IA 20 -13.34 -48.50 54.19
C LEU IA 20 -13.91 -47.09 54.37
N SER IA 21 -14.16 -46.74 55.64
CA SER IA 21 -14.71 -45.45 56.02
C SER IA 21 -13.73 -44.74 56.95
N VAL IA 22 -13.91 -43.42 57.05
CA VAL IA 22 -13.00 -42.55 57.79
C VAL IA 22 -13.39 -42.56 59.27
N SER IA 23 -12.41 -42.48 60.16
CA SER IA 23 -12.69 -42.38 61.59
C SER IA 23 -13.16 -40.98 61.95
N ASN IA 24 -14.11 -40.92 62.89
CA ASN IA 24 -14.77 -39.67 63.24
C ASN IA 24 -14.81 -39.52 64.76
N SER IA 25 -14.81 -38.27 65.22
CA SER IA 25 -14.86 -37.97 66.64
C SER IA 25 -15.98 -36.98 66.92
N ALA IA 26 -16.86 -37.34 67.85
CA ALA IA 26 -18.00 -36.51 68.23
C ALA IA 26 -18.39 -36.87 69.64
N THR IA 27 -19.48 -36.29 70.13
CA THR IA 27 -20.01 -36.62 71.45
C THR IA 27 -21.46 -37.07 71.26
N ALA IA 28 -21.60 -38.34 70.87
CA ALA IA 28 -22.88 -39.04 70.78
C ALA IA 28 -22.53 -40.51 70.68
N VAL IA 29 -22.99 -41.32 71.63
CA VAL IA 29 -22.49 -42.67 71.83
C VAL IA 29 -23.62 -43.70 71.78
N PRO IA 30 -23.90 -44.25 70.62
CA PRO IA 30 -25.04 -45.16 70.51
C PRO IA 30 -24.81 -46.55 71.05
N VAL IA 31 -25.49 -46.88 72.15
CA VAL IA 31 -25.63 -48.28 72.53
C VAL IA 31 -26.45 -49.01 71.48
N PHE IA 32 -25.84 -49.97 70.82
CA PHE IA 32 -26.49 -50.77 69.79
C PHE IA 32 -27.02 -52.06 70.40
N ALA IA 33 -28.33 -52.26 70.32
CA ALA IA 33 -28.92 -53.51 70.73
C ALA IA 33 -28.55 -54.59 69.73
N VAL IA 34 -28.20 -55.77 70.24
CA VAL IA 34 -27.72 -56.87 69.41
C VAL IA 34 -28.61 -58.09 69.67
N ASP IA 35 -29.14 -58.66 68.59
CA ASP IA 35 -29.95 -59.86 68.66
C ASP IA 35 -29.14 -61.04 69.20
N GLU IA 36 -29.82 -61.93 69.91
CA GLU IA 36 -29.16 -62.98 70.68
C GLU IA 36 -28.53 -64.06 69.83
N GLN IA 37 -28.90 -64.17 68.56
CA GLN IA 37 -28.32 -65.20 67.71
C GLN IA 37 -27.00 -64.78 67.08
N ASN IA 38 -26.51 -63.57 67.38
CA ASN IA 38 -25.19 -63.15 66.93
C ASN IA 38 -24.12 -63.88 67.73
N GLN IA 39 -23.07 -64.30 67.04
CA GLN IA 39 -22.03 -65.10 67.67
C GLN IA 39 -20.84 -64.30 68.14
N TYR IA 40 -20.47 -63.21 67.46
CA TYR IA 40 -19.29 -62.47 67.86
C TYR IA 40 -19.62 -61.41 68.90
N ILE IA 41 -20.42 -61.76 69.91
CA ILE IA 41 -20.77 -60.94 71.06
C ILE IA 41 -20.90 -61.93 72.21
N SER IA 42 -20.49 -61.53 73.41
CA SER IA 42 -20.79 -62.29 74.61
C SER IA 42 -21.72 -61.45 75.47
N GLU IA 43 -22.68 -62.12 76.10
CA GLU IA 43 -23.64 -61.38 76.93
C GLU IA 43 -23.05 -61.10 78.31
N ASP IA 44 -23.69 -60.17 79.02
CA ASP IA 44 -23.17 -59.51 80.22
C ASP IA 44 -21.78 -58.91 79.95
N ASN IA 45 -21.61 -58.38 78.74
CA ASN IA 45 -20.37 -57.77 78.27
C ASN IA 45 -20.73 -56.75 77.22
N ALA IA 46 -20.06 -55.62 77.23
CA ALA IA 46 -20.26 -54.57 76.22
C ALA IA 46 -18.94 -54.30 75.52
N ILE IA 47 -18.81 -54.77 74.32
CA ILE IA 47 -17.60 -54.51 73.55
C ILE IA 47 -17.74 -53.15 72.89
N ARG IA 48 -16.61 -52.53 72.56
CA ARG IA 48 -16.58 -51.16 72.08
C ARG IA 48 -15.99 -51.15 70.67
N ILE IA 49 -16.61 -50.38 69.79
CA ILE IA 49 -16.21 -50.29 68.39
C ILE IA 49 -15.79 -48.86 68.11
N ASN IA 50 -14.50 -48.66 67.89
CA ASN IA 50 -13.96 -47.30 67.77
C ASN IA 50 -14.06 -46.78 66.34
N SER IA 51 -14.00 -47.66 65.35
CA SER IA 51 -14.15 -47.28 63.96
C SER IA 51 -14.64 -48.50 63.18
N TRP IA 52 -14.86 -48.32 61.89
CA TRP IA 52 -15.39 -49.39 61.05
C TRP IA 52 -14.35 -50.49 60.86
N MET IA 53 -13.08 -50.15 60.90
CA MET IA 53 -12.03 -51.16 60.86
C MET IA 53 -11.99 -52.00 62.13
N ASP IA 54 -12.46 -51.45 63.25
CA ASP IA 54 -12.43 -52.22 64.49
C ASP IA 54 -13.59 -53.19 64.57
N TYR IA 55 -14.72 -52.83 63.97
CA TYR IA 55 -15.81 -53.80 63.83
C TYR IA 55 -15.45 -54.89 62.84
N LEU IA 56 -14.72 -54.51 61.78
CA LEU IA 56 -14.38 -55.46 60.73
C LEU IA 56 -13.24 -56.35 61.16
N ASN IA 57 -12.48 -55.93 62.15
CA ASN IA 57 -11.53 -56.80 62.83
C ASN IA 57 -12.26 -57.85 63.65
N LEU IA 58 -13.40 -57.49 64.24
CA LEU IA 58 -14.14 -58.41 65.10
C LEU IA 58 -14.83 -59.51 64.30
N ILE IA 59 -15.68 -59.12 63.36
CA ILE IA 59 -16.46 -60.10 62.60
C ILE IA 59 -15.67 -60.81 61.52
N GLY IA 60 -14.49 -60.31 61.17
CA GLY IA 60 -13.68 -60.91 60.13
C GLY IA 60 -13.97 -60.37 58.74
N ASN IA 61 -15.10 -60.76 58.16
CA ASN IA 61 -15.45 -60.29 56.83
C ASN IA 61 -16.92 -59.88 56.82
N PHE IA 62 -17.26 -59.04 55.85
CA PHE IA 62 -18.56 -58.37 55.80
C PHE IA 62 -19.52 -59.16 54.93
N ASN IA 63 -20.75 -59.32 55.42
CA ASN IA 63 -21.80 -59.91 54.62
C ASN IA 63 -23.07 -59.09 54.82
N ASN IA 64 -23.82 -58.92 53.74
CA ASN IA 64 -25.01 -58.08 53.73
C ASN IA 64 -26.26 -58.82 54.17
N GLU IA 65 -26.14 -60.01 54.76
CA GLU IA 65 -27.32 -60.70 55.25
C GLU IA 65 -27.69 -60.30 56.66
N ASP IA 66 -26.70 -60.01 57.49
CA ASP IA 66 -26.92 -59.77 58.91
C ASP IA 66 -27.58 -58.42 59.14
N LYS IA 67 -28.57 -58.41 60.03
CA LYS IA 67 -29.28 -57.16 60.33
C LYS IA 67 -28.41 -56.22 61.14
N LEU IA 68 -27.37 -56.72 61.78
CA LEU IA 68 -26.42 -55.87 62.48
C LEU IA 68 -25.33 -55.36 61.55
N ASP IA 69 -24.89 -56.19 60.59
CA ASP IA 69 -23.75 -55.82 59.76
C ASP IA 69 -24.10 -54.66 58.82
N VAL IA 70 -25.31 -54.65 58.27
CA VAL IA 70 -25.75 -53.52 57.48
C VAL IA 70 -26.14 -52.33 58.35
N SER IA 71 -26.30 -52.55 59.65
CA SER IA 71 -26.68 -51.49 60.57
C SER IA 71 -25.48 -50.60 60.92
N VAL IA 72 -24.36 -51.22 61.33
CA VAL IA 72 -23.21 -50.41 61.74
C VAL IA 72 -22.42 -49.85 60.57
N ARG IA 73 -22.61 -50.37 59.36
CA ARG IA 73 -22.00 -49.73 58.21
C ARG IA 73 -22.66 -48.40 57.91
N ALA IA 74 -23.99 -48.37 57.94
CA ALA IA 74 -24.72 -47.13 57.71
C ALA IA 74 -24.54 -46.15 58.85
N TYR IA 75 -24.16 -46.63 60.04
CA TYR IA 75 -23.86 -45.72 61.12
C TYR IA 75 -22.53 -45.02 60.89
N PHE IA 76 -21.49 -45.77 60.55
CA PHE IA 76 -20.18 -45.17 60.35
C PHE IA 76 -20.05 -44.49 59.00
N ALA IA 77 -20.95 -44.74 58.06
CA ALA IA 77 -20.91 -44.02 56.81
C ALA IA 77 -21.43 -42.60 56.96
N ASN IA 78 -22.31 -42.36 57.93
CA ASN IA 78 -22.93 -41.05 58.10
C ASN IA 78 -22.25 -40.23 59.20
N GLY IA 79 -22.27 -40.70 60.44
CA GLY IA 79 -21.77 -39.88 61.51
C GLY IA 79 -20.52 -40.34 62.20
N GLY IA 80 -20.39 -41.64 62.39
CA GLY IA 80 -19.26 -42.17 63.10
C GLY IA 80 -19.34 -41.94 64.60
N GLY IA 81 -18.20 -42.08 65.25
CA GLY IA 81 -18.13 -42.04 66.70
C GLY IA 81 -18.19 -43.43 67.30
N TYR IA 82 -17.58 -43.57 68.46
CA TYR IA 82 -17.43 -44.88 69.08
C TYR IA 82 -18.74 -45.33 69.70
N CYS IA 83 -19.09 -46.58 69.45
CA CYS IA 83 -20.37 -47.14 69.83
C CYS IA 83 -20.18 -48.40 70.67
N TYR IA 84 -21.19 -48.70 71.48
CA TYR IA 84 -21.17 -49.86 72.36
C TYR IA 84 -22.16 -50.89 71.86
N LEU IA 85 -21.68 -52.10 71.59
CA LEU IA 85 -22.51 -53.20 71.09
C LEU IA 85 -22.90 -54.08 72.28
N VAL IA 86 -24.14 -53.95 72.72
CA VAL IA 86 -24.65 -54.67 73.88
C VAL IA 86 -25.74 -55.61 73.39
N LYS IA 87 -25.69 -56.87 73.86
CA LYS IA 87 -26.75 -57.81 73.54
C LYS IA 87 -28.02 -57.44 74.29
N THR IA 88 -29.16 -57.79 73.69
CA THR IA 88 -30.45 -57.29 74.17
C THR IA 88 -30.84 -57.89 75.51
N THR IA 89 -30.60 -59.18 75.72
CA THR IA 89 -31.05 -59.85 76.94
C THR IA 89 -30.30 -59.43 78.19
N SER IA 90 -29.19 -58.71 78.05
CA SER IA 90 -28.47 -58.17 79.19
C SER IA 90 -28.36 -56.66 79.12
N LEU IA 91 -29.19 -56.00 78.30
CA LEU IA 91 -29.09 -54.57 78.12
C LEU IA 91 -29.60 -53.79 79.32
N GLU IA 92 -30.42 -54.41 80.18
CA GLU IA 92 -30.92 -53.72 81.35
C GLU IA 92 -29.89 -53.64 82.47
N LYS IA 93 -28.84 -54.46 82.42
CA LYS IA 93 -27.80 -54.41 83.44
C LYS IA 93 -26.61 -53.56 83.03
N ILE IA 94 -26.36 -53.42 81.73
CA ILE IA 94 -25.11 -52.85 81.26
C ILE IA 94 -25.23 -51.35 81.02
N ILE IA 95 -26.39 -50.85 80.63
CA ILE IA 95 -26.56 -49.42 80.39
C ILE IA 95 -26.51 -48.59 81.68
N PRO IA 96 -27.13 -48.97 82.81
CA PRO IA 96 -26.83 -48.24 84.06
C PRO IA 96 -25.39 -48.35 84.50
N THR IA 97 -24.73 -49.47 84.20
CA THR IA 97 -23.30 -49.62 84.41
C THR IA 97 -22.49 -48.64 83.55
N LEU IA 98 -22.84 -48.50 82.29
CA LEU IA 98 -22.03 -47.73 81.37
C LEU IA 98 -22.23 -46.23 81.56
N ASP IA 99 -21.12 -45.53 81.75
CA ASP IA 99 -21.06 -44.10 81.49
C ASP IA 99 -20.76 -43.90 80.02
N ASP IA 100 -20.87 -42.64 79.57
CA ASP IA 100 -20.91 -42.27 78.15
C ASP IA 100 -21.99 -43.06 77.42
N VAL IA 101 -23.23 -42.80 77.80
CA VAL IA 101 -24.40 -43.30 77.09
C VAL IA 101 -25.35 -42.14 76.96
N THR IA 102 -25.59 -41.69 75.73
CA THR IA 102 -26.52 -40.59 75.53
C THR IA 102 -27.72 -40.96 74.69
N LEU IA 103 -27.65 -42.05 73.93
CA LEU IA 103 -28.77 -42.49 73.12
C LEU IA 103 -28.68 -43.99 72.89
N LEU IA 104 -29.81 -44.67 73.05
CA LEU IA 104 -29.91 -46.12 72.95
C LEU IA 104 -30.60 -46.47 71.66
N VAL IA 105 -29.92 -47.21 70.80
CA VAL IA 105 -30.40 -47.52 69.46
C VAL IA 105 -30.93 -48.94 69.44
N ALA IA 106 -32.22 -49.09 69.21
CA ALA IA 106 -32.73 -50.36 68.72
C ALA IA 106 -32.18 -50.54 67.33
N ALA IA 107 -31.25 -51.48 67.15
CA ALA IA 107 -30.70 -51.70 65.83
C ALA IA 107 -31.77 -52.27 64.93
N GLY IA 108 -32.20 -53.50 65.19
CA GLY IA 108 -33.30 -54.05 64.43
C GLY IA 108 -34.23 -54.84 65.32
N GLU IA 109 -34.19 -54.55 66.61
CA GLU IA 109 -34.85 -55.37 67.61
C GLU IA 109 -35.89 -54.55 68.35
N ASP IA 110 -36.68 -55.25 69.17
CA ASP IA 110 -37.80 -54.66 69.90
C ASP IA 110 -37.38 -54.41 71.34
N ILE IA 111 -37.30 -53.12 71.70
CA ILE IA 111 -36.77 -52.70 72.99
C ILE IA 111 -37.84 -52.03 73.85
N LYS IA 112 -39.08 -51.94 73.36
CA LYS IA 112 -40.20 -51.25 73.99
C LYS IA 112 -40.50 -51.68 75.43
N THR IA 113 -40.13 -52.91 75.80
CA THR IA 113 -40.27 -53.33 77.19
C THR IA 113 -39.12 -52.83 78.07
N THR IA 114 -37.96 -52.56 77.49
CA THR IA 114 -36.78 -52.14 78.23
C THR IA 114 -36.77 -50.64 78.53
N VAL IA 115 -37.13 -49.82 77.54
CA VAL IA 115 -37.13 -48.36 77.65
C VAL IA 115 -38.07 -47.86 78.74
N ASP IA 116 -39.14 -48.60 79.05
CA ASP IA 116 -40.07 -48.21 80.10
C ASP IA 116 -39.43 -48.25 81.48
N VAL IA 117 -38.49 -49.18 81.69
CA VAL IA 117 -37.80 -49.25 82.99
C VAL IA 117 -36.46 -48.54 82.96
N LEU IA 118 -35.83 -48.43 81.78
CA LEU IA 118 -34.49 -47.90 81.66
C LEU IA 118 -34.51 -46.38 81.60
N CYS IA 119 -35.25 -45.85 80.62
CA CYS IA 119 -35.33 -44.41 80.43
C CYS IA 119 -36.21 -43.80 81.51
N GLN IA 120 -35.62 -42.93 82.31
CA GLN IA 120 -36.22 -42.28 83.47
C GLN IA 120 -35.94 -40.79 83.35
N PRO IA 121 -36.65 -39.95 84.11
CA PRO IA 121 -36.26 -38.54 84.17
C PRO IA 121 -34.90 -38.31 84.80
N GLY IA 122 -34.47 -39.18 85.71
CA GLY IA 122 -33.19 -38.99 86.37
C GLY IA 122 -32.00 -39.33 85.49
N LYS IA 123 -32.17 -40.26 84.57
CA LYS IA 123 -31.08 -40.70 83.72
C LYS IA 123 -30.79 -39.69 82.61
N GLY IA 124 -29.91 -40.08 81.71
CA GLY IA 124 -29.51 -39.19 80.63
C GLY IA 124 -29.61 -39.80 79.26
N LEU IA 125 -30.51 -40.75 79.08
CA LEU IA 125 -30.67 -41.42 77.79
C LEU IA 125 -31.75 -40.75 76.95
N PHE IA 126 -31.70 -41.03 75.66
CA PHE IA 126 -32.76 -40.68 74.72
C PHE IA 126 -32.78 -41.79 73.69
N ALA IA 127 -33.65 -42.77 73.88
CA ALA IA 127 -33.69 -43.91 72.99
C ALA IA 127 -34.26 -43.50 71.63
N VAL IA 128 -33.91 -44.26 70.60
CA VAL IA 128 -34.53 -44.16 69.28
C VAL IA 128 -34.83 -45.56 68.80
N PHE IA 129 -36.02 -45.74 68.24
CA PHE IA 129 -36.32 -47.03 67.63
C PHE IA 129 -37.10 -46.83 66.35
N ASP IA 130 -37.47 -47.94 65.76
CA ASP IA 130 -37.92 -48.00 64.39
C ASP IA 130 -39.43 -48.04 64.30
N GLY IA 131 -39.95 -47.53 63.19
CA GLY IA 131 -41.32 -47.73 62.84
C GLY IA 131 -41.55 -49.13 62.31
N PRO IA 132 -42.77 -49.38 61.85
CA PRO IA 132 -43.07 -50.67 61.24
C PRO IA 132 -42.36 -50.82 59.90
N GLU IA 133 -42.00 -52.06 59.59
CA GLU IA 133 -41.33 -52.34 58.33
C GLU IA 133 -42.30 -52.68 57.21
N THR IA 134 -43.59 -52.82 57.51
CA THR IA 134 -44.62 -52.88 56.48
C THR IA 134 -45.10 -51.47 56.14
N GLU IA 135 -45.77 -51.37 55.00
CA GLU IA 135 -46.41 -50.11 54.62
C GLU IA 135 -47.57 -49.83 55.55
N LEU IA 136 -47.72 -48.57 55.95
CA LEU IA 136 -48.84 -48.15 56.77
C LEU IA 136 -49.48 -46.94 56.12
N THR IA 137 -50.80 -46.85 56.20
CA THR IA 137 -51.60 -45.89 55.43
C THR IA 137 -52.24 -44.88 56.36
N ILE IA 138 -53.15 -44.08 55.79
CA ILE IA 138 -53.97 -43.17 56.59
C ILE IA 138 -54.97 -43.94 57.44
N ASN IA 139 -55.43 -45.09 56.96
CA ASN IA 139 -56.48 -45.82 57.65
C ASN IA 139 -55.93 -46.51 58.90
N GLY IA 140 -54.67 -46.91 58.86
CA GLY IA 140 -54.07 -47.58 59.99
C GLY IA 140 -53.30 -46.64 60.89
N ALA IA 141 -53.77 -45.40 60.98
CA ALA IA 141 -53.05 -44.40 61.76
C ALA IA 141 -53.32 -44.54 63.24
N GLU IA 142 -54.45 -45.13 63.61
CA GLU IA 142 -54.74 -45.30 65.03
C GLU IA 142 -54.17 -46.61 65.58
N GLU IA 143 -53.80 -47.55 64.72
CA GLU IA 143 -53.40 -48.86 65.23
C GLU IA 143 -51.91 -48.89 65.54
N ALA IA 144 -51.08 -48.44 64.60
CA ALA IA 144 -49.63 -48.50 64.81
C ALA IA 144 -49.10 -47.36 65.65
N LYS IA 145 -49.92 -46.32 65.89
CA LYS IA 145 -49.48 -45.21 66.71
C LYS IA 145 -49.45 -45.60 68.18
N GLN IA 146 -50.41 -46.41 68.63
CA GLN IA 146 -50.50 -46.85 70.01
C GLN IA 146 -49.68 -48.11 70.27
N ALA IA 147 -48.92 -48.59 69.28
CA ALA IA 147 -48.02 -49.71 69.52
C ALA IA 147 -46.78 -49.29 70.29
N TYR IA 148 -46.51 -48.00 70.41
CA TYR IA 148 -45.41 -47.48 71.20
C TYR IA 148 -45.95 -46.78 72.44
N THR IA 149 -45.08 -46.66 73.43
CA THR IA 149 -45.42 -45.94 74.64
C THR IA 149 -45.34 -44.44 74.40
N ALA IA 150 -45.83 -43.66 75.37
CA ALA IA 150 -45.90 -42.22 75.22
C ALA IA 150 -44.84 -41.50 76.04
N THR IA 151 -43.67 -42.08 76.16
CA THR IA 151 -42.63 -41.41 76.91
C THR IA 151 -41.95 -40.34 76.05
N PRO IA 152 -41.57 -39.21 76.64
CA PRO IA 152 -40.90 -38.16 75.87
C PRO IA 152 -39.43 -38.39 75.59
N PHE IA 153 -38.90 -39.57 75.91
CA PHE IA 153 -37.50 -39.87 75.71
C PHE IA 153 -37.24 -40.79 74.54
N ALA IA 154 -38.10 -40.78 73.52
CA ALA IA 154 -37.95 -41.67 72.39
C ALA IA 154 -38.45 -41.01 71.11
N ALA IA 155 -37.85 -41.42 70.00
CA ALA IA 155 -38.26 -40.95 68.68
C ALA IA 155 -38.37 -42.14 67.74
N VAL IA 156 -39.34 -42.08 66.83
CA VAL IA 156 -39.65 -43.18 65.92
C VAL IA 156 -39.49 -42.69 64.49
N TYR IA 157 -38.74 -43.43 63.70
CA TYR IA 157 -38.55 -43.12 62.28
C TYR IA 157 -39.11 -44.28 61.48
N TYR IA 158 -40.11 -43.99 60.64
CA TYR IA 158 -40.81 -45.09 59.98
C TYR IA 158 -40.07 -45.72 58.80
N PRO IA 159 -39.69 -45.01 57.72
CA PRO IA 159 -39.43 -45.74 56.47
C PRO IA 159 -38.08 -46.43 56.53
N TRP IA 160 -38.09 -47.75 56.47
CA TRP IA 160 -36.86 -48.52 56.53
C TRP IA 160 -36.06 -48.28 55.26
N LEU IA 161 -34.74 -48.41 55.38
CA LEU IA 161 -33.88 -47.99 54.30
C LEU IA 161 -33.56 -49.16 53.40
N LYS IA 162 -33.10 -48.84 52.19
CA LYS IA 162 -32.51 -49.83 51.31
C LYS IA 162 -31.29 -49.22 50.63
N ALA IA 163 -30.27 -50.04 50.41
CA ALA IA 163 -29.05 -49.58 49.79
C ALA IA 163 -28.61 -50.58 48.74
N ASP IA 164 -27.73 -50.12 47.86
CA ASP IA 164 -27.31 -50.95 46.76
C ASP IA 164 -26.31 -52.00 47.23
N TRP IA 165 -25.58 -51.70 48.30
CA TRP IA 165 -24.59 -52.62 48.84
C TRP IA 165 -25.17 -53.64 49.82
N ALA IA 166 -26.45 -53.55 50.15
CA ALA IA 166 -27.08 -54.46 51.10
C ALA IA 166 -28.21 -55.23 50.45
N ASN IA 167 -28.58 -56.36 51.06
CA ASN IA 167 -29.70 -57.18 50.61
C ASN IA 167 -30.91 -57.08 51.53
N ILE IA 168 -30.71 -57.23 52.83
CA ILE IA 168 -31.78 -57.01 53.80
C ILE IA 168 -32.03 -55.51 53.91
N ASP IA 169 -33.27 -55.14 54.23
CA ASP IA 169 -33.58 -53.73 54.44
C ASP IA 169 -32.84 -53.19 55.65
N ILE IA 170 -32.47 -51.92 55.59
CA ILE IA 170 -31.61 -51.30 56.59
C ILE IA 170 -32.49 -50.52 57.56
N PRO IA 171 -32.41 -50.78 58.86
CA PRO IA 171 -33.30 -50.12 59.80
C PRO IA 171 -32.89 -48.68 60.04
N PRO IA 172 -33.85 -47.78 60.21
CA PRO IA 172 -33.52 -46.34 60.22
C PRO IA 172 -32.93 -45.83 61.51
N SER IA 173 -32.94 -46.59 62.60
CA SER IA 173 -32.25 -46.12 63.81
C SER IA 173 -30.74 -46.31 63.71
N ALA IA 174 -30.28 -47.06 62.72
CA ALA IA 174 -28.86 -47.12 62.43
C ALA IA 174 -28.36 -45.79 61.90
N VAL IA 175 -28.99 -45.27 60.86
CA VAL IA 175 -28.52 -44.05 60.23
C VAL IA 175 -28.85 -42.84 61.09
N MET IA 176 -29.95 -42.89 61.85
CA MET IA 176 -30.34 -41.76 62.68
C MET IA 176 -29.47 -41.58 63.91
N ALA IA 177 -28.67 -42.56 64.28
CA ALA IA 177 -27.65 -42.30 65.29
C ALA IA 177 -26.42 -41.67 64.66
N GLY IA 178 -26.22 -41.88 63.36
CA GLY IA 178 -25.15 -41.21 62.67
C GLY IA 178 -25.52 -39.77 62.43
N VAL IA 179 -26.82 -39.53 62.14
CA VAL IA 179 -27.28 -38.18 61.87
C VAL IA 179 -27.28 -37.35 63.15
N TYR IA 180 -27.62 -37.98 64.29
CA TYR IA 180 -27.57 -37.27 65.56
C TYR IA 180 -26.15 -36.90 65.95
N ALA IA 181 -25.16 -37.67 65.50
CA ALA IA 181 -23.78 -37.38 65.82
C ALA IA 181 -23.12 -36.50 64.78
N SER IA 182 -23.70 -36.40 63.58
CA SER IA 182 -23.11 -35.55 62.56
C SER IA 182 -23.66 -34.15 62.62
N VAL IA 183 -24.86 -33.97 63.17
CA VAL IA 183 -25.46 -32.66 63.31
C VAL IA 183 -24.98 -31.94 64.56
N ASP IA 184 -24.70 -32.69 65.65
CA ASP IA 184 -24.25 -32.07 66.89
C ASP IA 184 -22.86 -31.48 66.74
N LEU IA 185 -22.06 -32.05 65.84
CA LEU IA 185 -20.74 -31.48 65.58
C LEU IA 185 -20.84 -30.24 64.71
N SER IA 186 -21.71 -30.26 63.71
CA SER IA 186 -21.79 -29.16 62.77
C SER IA 186 -22.59 -28.00 63.33
N ARG IA 187 -23.87 -28.21 63.60
CA ARG IA 187 -24.79 -27.13 63.96
C ARG IA 187 -25.09 -27.08 65.45
N GLY IA 188 -24.48 -27.95 66.25
CA GLY IA 188 -24.79 -28.00 67.65
C GLY IA 188 -26.01 -28.86 67.93
N VAL IA 189 -26.27 -29.04 69.23
CA VAL IA 189 -27.34 -29.94 69.67
C VAL IA 189 -28.70 -29.31 69.44
N TRP IA 190 -28.82 -28.00 69.65
CA TRP IA 190 -30.10 -27.31 69.65
C TRP IA 190 -30.75 -27.22 68.28
N LYS IA 191 -30.02 -27.42 67.20
CA LYS IA 191 -30.65 -27.46 65.89
C LYS IA 191 -31.29 -28.83 65.68
N ALA IA 192 -32.36 -28.84 64.90
CA ALA IA 192 -33.12 -30.07 64.70
C ALA IA 192 -32.36 -31.04 63.82
N PRO IA 193 -32.35 -32.34 64.16
CA PRO IA 193 -31.69 -33.33 63.30
C PRO IA 193 -32.49 -33.72 62.08
N ALA IA 194 -33.56 -33.01 61.75
CA ALA IA 194 -34.22 -33.20 60.47
C ALA IA 194 -33.62 -32.27 59.43
N ASN IA 195 -34.16 -32.35 58.21
CA ASN IA 195 -33.77 -31.55 57.05
C ASN IA 195 -32.29 -31.71 56.70
N VAL IA 196 -31.74 -32.91 56.92
CA VAL IA 196 -30.34 -33.20 56.62
C VAL IA 196 -30.28 -34.41 55.71
N ALA IA 197 -29.27 -34.44 54.84
CA ALA IA 197 -29.18 -35.50 53.86
C ALA IA 197 -28.64 -36.78 54.47
N LEU IA 198 -28.86 -37.88 53.76
CA LEU IA 198 -28.32 -39.18 54.14
C LEU IA 198 -27.20 -39.56 53.18
N LYS IA 199 -26.04 -39.87 53.73
CA LYS IA 199 -24.92 -40.30 52.91
C LYS IA 199 -24.83 -41.81 52.90
N GLY IA 200 -23.87 -42.35 52.15
CA GLY IA 200 -23.66 -43.77 52.05
C GLY IA 200 -24.53 -44.48 51.05
N GLY IA 201 -25.27 -43.76 50.23
CA GLY IA 201 -26.13 -44.39 49.23
C GLY IA 201 -27.38 -45.00 49.83
N LEU IA 202 -27.87 -44.45 50.92
CA LEU IA 202 -29.07 -44.96 51.57
C LEU IA 202 -30.30 -44.41 50.89
N GLU IA 203 -31.32 -45.26 50.73
CA GLU IA 203 -32.54 -44.86 50.05
C GLU IA 203 -33.73 -45.45 50.78
N PRO IA 204 -34.85 -44.73 50.89
CA PRO IA 204 -36.02 -45.25 51.59
C PRO IA 204 -36.73 -46.33 50.80
N LYS IA 205 -37.30 -47.28 51.53
CA LYS IA 205 -37.99 -48.40 50.90
C LYS IA 205 -39.35 -47.99 50.36
N PHE IA 206 -40.11 -47.21 51.14
CA PHE IA 206 -41.49 -46.89 50.81
C PHE IA 206 -41.64 -45.39 50.62
N LEU IA 207 -42.28 -45.01 49.51
CA LEU IA 207 -42.54 -43.60 49.24
C LEU IA 207 -43.66 -43.09 50.15
N VAL IA 208 -43.45 -41.93 50.74
CA VAL IA 208 -44.37 -41.33 51.68
C VAL IA 208 -44.92 -40.04 51.08
N THR IA 209 -46.24 -39.90 51.10
CA THR IA 209 -46.86 -38.66 50.69
C THR IA 209 -46.96 -37.70 51.87
N ASP IA 210 -47.32 -36.46 51.58
CA ASP IA 210 -47.50 -35.47 52.64
C ASP IA 210 -48.82 -35.69 53.36
N GLU IA 211 -49.83 -36.17 52.63
CA GLU IA 211 -51.13 -36.41 53.25
C GLU IA 211 -51.10 -37.65 54.13
N LEU IA 212 -50.11 -38.53 53.90
CA LEU IA 212 -49.88 -39.63 54.84
C LEU IA 212 -49.21 -39.12 56.12
N GLN IA 213 -48.27 -38.18 56.00
CA GLN IA 213 -47.55 -37.69 57.16
C GLN IA 213 -48.37 -36.74 58.02
N GLY IA 214 -49.51 -36.26 57.52
CA GLY IA 214 -50.37 -35.41 58.33
C GLY IA 214 -51.04 -36.11 59.49
N GLU IA 215 -51.13 -37.44 59.43
CA GLU IA 215 -51.77 -38.19 60.50
C GLU IA 215 -50.78 -38.80 61.48
N TYR IA 216 -49.52 -38.95 61.08
CA TYR IA 216 -48.50 -39.50 61.95
C TYR IA 216 -47.62 -38.44 62.59
N ASN IA 217 -48.03 -37.18 62.54
CA ASN IA 217 -47.33 -36.12 63.25
C ASN IA 217 -48.06 -35.67 64.50
N THR IA 218 -49.32 -36.06 64.65
CA THR IA 218 -50.12 -35.62 65.78
C THR IA 218 -50.15 -36.69 66.86
N GLY IA 219 -49.97 -36.28 68.11
CA GLY IA 219 -50.02 -37.21 69.22
C GLY IA 219 -48.72 -37.97 69.38
N ARG IA 220 -48.79 -39.30 69.45
CA ARG IA 220 -47.58 -40.12 69.48
C ARG IA 220 -46.97 -40.11 68.09
N ALA IA 221 -46.14 -39.11 67.82
CA ALA IA 221 -45.71 -38.83 66.45
C ALA IA 221 -44.72 -39.85 65.95
N ILE IA 222 -44.77 -40.10 64.65
CA ILE IA 222 -43.82 -40.95 63.96
C ILE IA 222 -43.14 -40.09 62.91
N ASN IA 223 -41.89 -39.73 63.16
CA ASN IA 223 -41.10 -39.00 62.17
C ASN IA 223 -40.83 -39.88 60.96
N MET IA 224 -40.64 -39.26 59.82
CA MET IA 224 -40.51 -39.99 58.57
C MET IA 224 -39.40 -39.38 57.74
N ILE IA 225 -38.70 -40.22 57.00
CA ILE IA 225 -37.71 -39.73 56.04
C ILE IA 225 -38.23 -39.99 54.64
N ARG IA 226 -37.91 -39.08 53.73
CA ARG IA 226 -38.44 -39.18 52.39
C ARG IA 226 -37.58 -38.35 51.46
N ASN IA 227 -37.56 -38.76 50.20
CA ASN IA 227 -36.71 -38.08 49.23
C ASN IA 227 -37.49 -37.00 48.50
N PHE IA 228 -36.76 -35.98 48.10
CA PHE IA 228 -37.29 -34.83 47.40
C PHE IA 228 -36.57 -34.69 46.07
N SER IA 229 -37.10 -33.80 45.22
CA SER IA 229 -36.54 -33.64 43.88
C SER IA 229 -35.25 -32.85 43.88
N ASN IA 230 -35.09 -31.90 44.82
CA ASN IA 230 -33.95 -31.01 44.76
C ASN IA 230 -32.69 -31.65 45.34
N THR IA 231 -32.79 -32.29 46.50
CA THR IA 231 -31.63 -32.70 47.26
C THR IA 231 -31.45 -34.21 47.35
N GLY IA 232 -32.52 -34.99 47.28
CA GLY IA 232 -32.40 -36.43 47.49
C GLY IA 232 -33.09 -36.83 48.77
N THR IA 233 -32.66 -37.93 49.37
CA THR IA 233 -33.31 -38.40 50.58
C THR IA 233 -32.86 -37.58 51.78
N THR IA 234 -33.79 -37.35 52.70
CA THR IA 234 -33.51 -36.51 53.85
C THR IA 234 -34.44 -36.89 54.98
N VAL IA 235 -34.06 -36.48 56.19
CA VAL IA 235 -34.92 -36.68 57.35
C VAL IA 235 -35.96 -35.56 57.41
N TRP IA 236 -37.18 -35.94 57.73
CA TRP IA 236 -38.26 -34.96 57.75
C TRP IA 236 -39.11 -35.04 59.00
N GLY IA 237 -38.52 -35.20 60.17
CA GLY IA 237 -39.27 -35.17 61.41
C GLY IA 237 -38.38 -34.76 62.56
N ALA IA 238 -38.96 -33.99 63.46
CA ALA IA 238 -38.25 -33.57 64.66
C ALA IA 238 -39.16 -33.58 65.87
N ARG IA 239 -40.03 -34.57 65.97
CA ARG IA 239 -40.98 -34.67 67.07
C ARG IA 239 -40.70 -35.94 67.87
N THR IA 240 -40.77 -35.84 69.19
CA THR IA 240 -40.65 -37.01 70.05
C THR IA 240 -42.03 -37.65 70.20
N LEU IA 241 -42.16 -38.61 71.12
CA LEU IA 241 -43.43 -39.32 71.23
C LEU IA 241 -44.46 -38.53 72.02
N GLU IA 242 -44.05 -37.86 73.08
CA GLU IA 242 -45.00 -37.08 73.89
C GLU IA 242 -45.37 -35.80 73.16
N ASP IA 243 -46.64 -35.40 73.25
CA ASP IA 243 -47.12 -34.20 72.58
C ASP IA 243 -47.58 -33.13 73.57
N LYS IA 244 -46.86 -32.97 74.68
CA LYS IA 244 -47.00 -31.78 75.49
C LYS IA 244 -45.93 -30.78 75.09
N ASP IA 245 -46.19 -29.49 75.35
CA ASP IA 245 -45.33 -28.44 74.84
C ASP IA 245 -43.98 -28.38 75.56
N ASN IA 246 -43.84 -29.04 76.71
CA ASN IA 246 -42.55 -29.06 77.39
C ASN IA 246 -41.54 -29.91 76.62
N TRP IA 247 -41.90 -31.15 76.30
CA TRP IA 247 -41.04 -32.02 75.51
C TRP IA 247 -41.85 -32.49 74.31
N ARG IA 248 -41.88 -31.68 73.27
CA ARG IA 248 -42.51 -32.04 72.02
C ARG IA 248 -41.49 -32.27 70.93
N TYR IA 249 -40.45 -31.47 70.88
CA TYR IA 249 -39.43 -31.59 69.86
C TYR IA 249 -38.21 -32.27 70.47
N VAL IA 250 -37.60 -33.16 69.70
CA VAL IA 250 -36.33 -33.77 70.11
C VAL IA 250 -35.20 -32.77 70.37
N PRO IA 251 -35.00 -31.65 69.63
CA PRO IA 251 -33.93 -30.70 70.03
C PRO IA 251 -34.11 -30.11 71.42
N VAL IA 252 -35.33 -29.99 71.91
CA VAL IA 252 -35.54 -29.56 73.28
C VAL IA 252 -35.14 -30.67 74.25
N ARG IA 253 -35.56 -31.90 73.97
CA ARG IA 253 -35.25 -33.01 74.87
C ARG IA 253 -33.77 -33.38 74.79
N ARG IA 254 -33.16 -33.23 73.62
CA ARG IA 254 -31.76 -33.60 73.49
C ARG IA 254 -30.82 -32.52 74.01
N LEU IA 255 -31.26 -31.25 74.05
CA LEU IA 255 -30.45 -30.21 74.66
C LEU IA 255 -30.42 -30.34 76.17
N PHE IA 256 -31.60 -30.52 76.79
CA PHE IA 256 -31.69 -30.71 78.23
C PHE IA 256 -30.99 -31.97 78.69
N ASN IA 257 -30.88 -32.98 77.84
CA ASN IA 257 -30.06 -34.14 78.14
C ASN IA 257 -28.58 -33.91 77.86
N SER IA 258 -28.25 -33.00 76.94
CA SER IA 258 -26.85 -32.68 76.73
C SER IA 258 -26.37 -31.60 77.70
N VAL IA 259 -27.31 -30.89 78.30
CA VAL IA 259 -26.93 -29.93 79.34
C VAL IA 259 -26.57 -30.68 80.62
N GLU IA 260 -27.43 -31.60 81.06
CA GLU IA 260 -27.27 -32.26 82.35
C GLU IA 260 -26.03 -33.13 82.41
N ARG IA 261 -25.62 -33.70 81.29
CA ARG IA 261 -24.42 -34.54 81.30
C ARG IA 261 -23.17 -33.67 81.33
N ASP IA 262 -23.31 -32.41 80.95
CA ASP IA 262 -22.17 -31.49 80.99
C ASP IA 262 -22.27 -30.49 82.12
N ILE IA 263 -23.38 -30.43 82.86
CA ILE IA 263 -23.35 -29.74 84.15
C ILE IA 263 -22.77 -30.66 85.21
N LYS IA 264 -23.21 -31.92 85.23
CA LYS IA 264 -22.82 -32.83 86.32
C LYS IA 264 -21.35 -33.23 86.23
N ARG IA 265 -20.70 -33.00 85.09
CA ARG IA 265 -19.25 -33.12 85.06
C ARG IA 265 -18.56 -31.78 85.24
N ALA IA 266 -19.29 -30.67 85.13
CA ALA IA 266 -18.69 -29.36 85.34
C ALA IA 266 -18.56 -29.04 86.82
N MET IA 267 -19.51 -29.50 87.63
CA MET IA 267 -19.49 -29.28 89.06
C MET IA 267 -19.40 -30.58 89.84
N SER IA 268 -18.73 -31.58 89.28
CA SER IA 268 -18.48 -32.81 90.02
C SER IA 268 -17.37 -32.67 91.05
N PHE IA 269 -16.71 -31.52 91.11
CA PHE IA 269 -15.75 -31.27 92.18
C PHE IA 269 -16.42 -31.09 93.53
N ALA IA 270 -17.72 -30.80 93.56
CA ALA IA 270 -18.40 -30.47 94.80
C ALA IA 270 -18.70 -31.68 95.66
N MET IA 271 -18.40 -32.89 95.18
CA MET IA 271 -18.66 -34.10 95.94
C MET IA 271 -17.73 -34.20 97.14
N PHE IA 272 -18.34 -34.45 98.30
CA PHE IA 272 -17.65 -34.70 99.58
C PHE IA 272 -16.77 -33.53 99.99
N GLU IA 273 -17.23 -32.33 99.66
CA GLU IA 273 -16.66 -31.07 100.05
C GLU IA 273 -17.38 -30.58 101.30
N PRO IA 274 -16.76 -29.71 102.11
CA PRO IA 274 -17.46 -29.15 103.27
C PRO IA 274 -18.69 -28.36 102.86
N ASN IA 275 -19.85 -28.81 103.30
CA ASN IA 275 -21.14 -28.28 102.88
C ASN IA 275 -21.44 -27.03 103.70
N ASN IA 276 -20.93 -25.90 103.24
CA ASN IA 276 -21.22 -24.61 103.84
C ASN IA 276 -21.49 -23.64 102.70
N GLN IA 277 -21.41 -22.34 102.99
CA GLN IA 277 -21.64 -21.36 101.95
C GLN IA 277 -20.54 -21.21 100.90
N PRO IA 278 -19.22 -21.23 101.21
CA PRO IA 278 -18.24 -21.08 100.11
C PRO IA 278 -18.19 -22.24 99.15
N THR IA 279 -18.79 -23.39 99.48
CA THR IA 279 -18.99 -24.42 98.47
C THR IA 279 -20.11 -24.04 97.52
N TRP IA 280 -21.11 -23.29 98.00
CA TRP IA 280 -22.28 -23.03 97.18
C TRP IA 280 -21.99 -22.01 96.08
N GLU IA 281 -21.34 -20.89 96.40
CA GLU IA 281 -21.05 -19.91 95.35
C GLU IA 281 -19.97 -20.39 94.40
N ARG IA 282 -19.15 -21.35 94.82
CA ARG IA 282 -18.26 -22.01 93.88
C ARG IA 282 -19.01 -22.97 92.97
N VAL IA 283 -20.19 -23.43 93.41
CA VAL IA 283 -21.07 -24.23 92.56
C VAL IA 283 -21.93 -23.37 91.63
N ARG IA 284 -22.53 -22.28 92.14
CA ARG IA 284 -23.36 -21.46 91.25
C ARG IA 284 -22.54 -20.72 90.21
N ALA IA 285 -21.23 -20.57 90.41
CA ALA IA 285 -20.39 -19.93 89.41
C ALA IA 285 -19.81 -20.94 88.43
N ALA IA 286 -19.71 -22.20 88.83
CA ALA IA 286 -19.28 -23.22 87.89
C ALA IA 286 -20.39 -23.58 86.92
N ILE IA 287 -21.64 -23.38 87.30
CA ILE IA 287 -22.76 -23.58 86.37
C ILE IA 287 -22.96 -22.35 85.50
N SER IA 288 -22.78 -21.15 86.07
CA SER IA 288 -23.19 -19.94 85.37
C SER IA 288 -22.26 -19.57 84.24
N ASN IA 289 -20.98 -19.89 84.33
CA ASN IA 289 -20.15 -19.67 83.16
C ASN IA 289 -20.01 -20.91 82.30
N TYR IA 290 -20.80 -21.96 82.56
CA TYR IA 290 -21.07 -22.92 81.50
C TYR IA 290 -22.26 -22.46 80.68
N LEU IA 291 -23.32 -22.02 81.35
CA LEU IA 291 -24.55 -21.66 80.64
C LEU IA 291 -24.37 -20.39 79.84
N TYR IA 292 -23.49 -19.49 80.30
CA TYR IA 292 -23.16 -18.32 79.49
C TYR IA 292 -22.41 -18.71 78.23
N SER IA 293 -21.50 -19.68 78.31
CA SER IA 293 -20.80 -20.15 77.12
C SER IA 293 -21.74 -20.90 76.19
N LEU IA 294 -22.78 -21.53 76.73
CA LEU IA 294 -23.85 -22.08 75.91
C LEU IA 294 -24.78 -20.99 75.40
N TRP IA 295 -24.90 -19.89 76.14
CA TRP IA 295 -25.75 -18.78 75.71
C TRP IA 295 -25.19 -18.06 74.50
N GLN IA 296 -23.87 -17.88 74.44
CA GLN IA 296 -23.29 -17.09 73.38
C GLN IA 296 -23.27 -17.83 72.04
N GLN IA 297 -23.34 -19.16 72.05
CA GLN IA 297 -23.35 -19.94 70.82
C GLN IA 297 -24.73 -20.05 70.22
N GLY IA 298 -25.73 -19.43 70.81
CA GLY IA 298 -27.05 -19.48 70.26
C GLY IA 298 -27.88 -20.67 70.68
N GLY IA 299 -27.51 -21.35 71.78
CA GLY IA 299 -28.24 -22.52 72.23
C GLY IA 299 -29.52 -22.23 72.96
N LEU IA 300 -29.64 -21.07 73.59
CA LEU IA 300 -30.87 -20.76 74.30
C LEU IA 300 -31.55 -19.59 73.60
N ALA IA 301 -32.85 -19.43 73.83
CA ALA IA 301 -33.61 -18.38 73.21
C ALA IA 301 -33.54 -17.14 74.08
N GLY IA 302 -34.10 -16.04 73.62
CA GLY IA 302 -34.01 -14.81 74.39
C GLY IA 302 -32.97 -13.88 73.80
N SER IA 303 -32.75 -12.78 74.53
CA SER IA 303 -31.80 -11.76 74.11
C SER IA 303 -30.84 -11.33 75.22
N LYS IA 304 -31.23 -11.41 76.49
CA LYS IA 304 -30.37 -11.04 77.60
C LYS IA 304 -29.88 -12.31 78.27
N GLU IA 305 -28.97 -12.16 79.23
CA GLU IA 305 -28.59 -13.33 80.02
C GLU IA 305 -29.50 -13.55 81.23
N GLU IA 306 -30.54 -12.73 81.41
CA GLU IA 306 -31.42 -12.91 82.55
C GLU IA 306 -32.81 -13.38 82.15
N ASP IA 307 -33.09 -13.41 80.86
CA ASP IA 307 -34.22 -14.13 80.29
C ASP IA 307 -33.83 -15.48 79.78
N ALA IA 308 -32.53 -15.77 79.76
CA ALA IA 308 -32.02 -17.00 79.18
C ALA IA 308 -31.98 -18.13 80.18
N TYR IA 309 -31.43 -17.88 81.36
CA TYR IA 309 -31.26 -18.92 82.36
C TYR IA 309 -31.23 -18.28 83.74
N PHE IA 310 -31.23 -19.13 84.76
CA PHE IA 310 -31.04 -18.68 86.12
C PHE IA 310 -30.51 -19.83 86.95
N VAL IA 311 -29.59 -19.53 87.86
CA VAL IA 311 -29.06 -20.47 88.81
C VAL IA 311 -29.28 -19.85 90.17
N GLN IA 312 -30.09 -20.50 91.01
CA GLN IA 312 -30.38 -19.98 92.33
C GLN IA 312 -30.24 -21.09 93.36
N ILE IA 313 -29.23 -20.96 94.22
CA ILE IA 313 -29.06 -21.82 95.38
C ILE IA 313 -28.84 -20.95 96.60
N GLY IA 314 -28.93 -21.57 97.77
CA GLY IA 314 -28.74 -20.86 99.02
C GLY IA 314 -29.59 -21.47 100.11
N LYS IA 315 -29.22 -21.25 101.36
CA LYS IA 315 -30.00 -21.77 102.46
C LYS IA 315 -31.29 -20.97 102.58
N GLY IA 316 -32.42 -21.65 102.47
CA GLY IA 316 -33.71 -21.01 102.53
C GLY IA 316 -34.26 -20.59 101.19
N ILE IA 317 -33.40 -20.26 100.22
CA ILE IA 317 -33.86 -20.05 98.86
C ILE IA 317 -34.34 -21.34 98.24
N THR IA 318 -33.59 -22.41 98.39
CA THR IA 318 -33.98 -23.67 97.79
C THR IA 318 -33.82 -24.89 98.71
N MET IA 319 -33.00 -24.80 99.75
CA MET IA 319 -32.76 -25.90 100.64
C MET IA 319 -33.05 -25.50 102.07
N THR IA 320 -33.64 -26.42 102.84
CA THR IA 320 -33.96 -26.14 104.22
C THR IA 320 -32.77 -26.50 105.10
N GLN IA 321 -32.89 -26.17 106.38
CA GLN IA 321 -31.82 -26.49 107.32
C GLN IA 321 -31.73 -27.98 107.59
N GLU IA 322 -32.86 -28.69 107.53
CA GLU IA 322 -32.84 -30.13 107.67
C GLU IA 322 -32.25 -30.82 106.44
N GLN IA 323 -32.19 -30.12 105.30
CA GLN IA 323 -31.50 -30.64 104.13
C GLN IA 323 -29.99 -30.43 104.18
N ILE IA 324 -29.50 -29.60 105.11
CA ILE IA 324 -28.06 -29.35 105.21
C ILE IA 324 -27.38 -30.50 105.94
N ASP IA 325 -27.94 -30.91 107.07
CA ASP IA 325 -27.34 -31.99 107.85
C ASP IA 325 -27.75 -33.37 107.37
N ALA IA 326 -28.58 -33.46 106.33
CA ALA IA 326 -28.76 -34.71 105.62
C ALA IA 326 -27.77 -34.87 104.49
N GLY IA 327 -26.98 -33.83 104.20
CA GLY IA 327 -26.00 -33.89 103.14
C GLY IA 327 -26.56 -33.68 101.76
N GLN IA 328 -27.42 -32.67 101.57
CA GLN IA 328 -28.07 -32.44 100.30
C GLN IA 328 -27.89 -30.99 99.86
N MET IA 329 -27.44 -30.82 98.62
CA MET IA 329 -27.39 -29.51 97.98
C MET IA 329 -28.39 -29.49 96.84
N ILE IA 330 -29.52 -28.82 97.03
CA ILE IA 330 -30.54 -28.73 96.02
C ILE IA 330 -30.23 -27.53 95.14
N VAL IA 331 -30.17 -27.75 93.84
CA VAL IA 331 -29.83 -26.71 92.86
C VAL IA 331 -31.00 -26.56 91.91
N LYS IA 332 -31.44 -25.32 91.67
CA LYS IA 332 -32.49 -25.03 90.71
C LYS IA 332 -31.90 -24.27 89.54
N VAL IA 333 -32.01 -24.85 88.34
CA VAL IA 333 -31.50 -24.26 87.11
C VAL IA 333 -32.63 -24.26 86.10
N GLY IA 334 -32.81 -23.15 85.39
CA GLY IA 334 -33.84 -23.04 84.35
C GLY IA 334 -33.22 -22.68 83.02
N LEU IA 335 -33.86 -23.12 81.94
CA LEU IA 335 -33.36 -22.89 80.60
C LEU IA 335 -34.52 -22.49 79.69
N ALA IA 336 -34.19 -21.87 78.56
CA ALA IA 336 -35.19 -21.47 77.57
C ALA IA 336 -34.62 -21.77 76.20
N ALA IA 337 -34.90 -22.96 75.69
CA ALA IA 337 -34.31 -23.41 74.44
C ALA IA 337 -35.10 -22.88 73.25
N VAL IA 338 -34.66 -23.22 72.05
CA VAL IA 338 -35.22 -22.71 70.80
C VAL IA 338 -36.21 -23.73 70.26
N ARG IA 339 -37.25 -23.26 69.62
CA ARG IA 339 -38.17 -24.20 68.97
C ARG IA 339 -38.04 -24.08 67.48
N PRO IA 340 -38.13 -25.18 66.74
CA PRO IA 340 -37.98 -25.08 65.29
C PRO IA 340 -39.27 -24.66 64.62
N ALA IA 341 -39.15 -24.26 63.35
CA ALA IA 341 -40.28 -23.82 62.53
C ALA IA 341 -40.72 -25.00 61.67
N GLU IA 342 -41.82 -25.64 62.06
CA GLU IA 342 -42.26 -26.82 61.34
C GLU IA 342 -43.01 -26.48 60.07
N PHE IA 343 -43.80 -25.42 60.08
CA PHE IA 343 -44.70 -25.10 58.98
C PHE IA 343 -44.31 -23.77 58.38
N ILE IA 344 -44.44 -23.65 57.07
CA ILE IA 344 -44.24 -22.40 56.34
C ILE IA 344 -45.33 -22.30 55.30
N ILE IA 345 -46.23 -21.34 55.45
CA ILE IA 345 -47.32 -21.28 54.48
C ILE IA 345 -47.08 -20.10 53.56
N LEU IA 346 -47.52 -20.25 52.31
CA LEU IA 346 -47.20 -19.33 51.22
C LEU IA 346 -48.48 -18.83 50.60
N GLN IA 347 -48.77 -17.55 50.77
CA GLN IA 347 -50.03 -16.96 50.34
C GLN IA 347 -49.82 -16.26 49.00
N PHE IA 348 -50.57 -16.70 48.00
CA PHE IA 348 -50.34 -16.25 46.63
C PHE IA 348 -51.46 -15.33 46.19
N THR IA 349 -51.26 -14.04 46.37
CA THR IA 349 -52.13 -13.02 45.80
C THR IA 349 -51.80 -12.91 44.32
N GLN IA 350 -52.80 -12.58 43.51
CA GLN IA 350 -52.58 -12.43 42.09
C GLN IA 350 -52.51 -10.96 41.69
N ASP IA 351 -53.17 -10.10 42.46
CA ASP IA 351 -53.25 -8.68 42.15
C ASP IA 351 -52.22 -7.91 42.98
N VAL IA 352 -51.18 -7.40 42.33
CA VAL IA 352 -50.15 -6.62 43.00
C VAL IA 352 -50.64 -5.18 43.14
N GLU IA 353 -50.41 -4.58 44.30
CA GLU IA 353 -50.76 -3.19 44.55
C GLU IA 353 -49.62 -2.30 44.07
N THR JA 2 57.36 -35.41 48.34
CA THR JA 2 58.00 -34.29 49.01
C THR JA 2 59.30 -33.90 48.31
N THR JA 3 59.38 -32.66 47.84
CA THR JA 3 60.58 -32.14 47.23
C THR JA 3 61.22 -31.14 48.17
N VAL JA 4 62.56 -31.11 48.18
CA VAL JA 4 63.26 -30.13 48.98
C VAL JA 4 63.13 -28.76 48.32
N THR JA 5 63.10 -27.72 49.16
CA THR JA 5 62.86 -26.37 48.69
C THR JA 5 64.14 -25.56 48.84
N SER JA 6 64.59 -24.96 47.74
CA SER JA 6 65.81 -24.17 47.74
C SER JA 6 65.55 -22.71 47.44
N TYR JA 7 64.83 -22.40 46.36
CA TYR JA 7 64.58 -21.03 45.97
C TYR JA 7 63.13 -20.68 46.23
N PRO JA 8 62.83 -19.43 46.61
CA PRO JA 8 61.44 -19.02 46.81
C PRO JA 8 60.72 -18.89 45.48
N GLY JA 9 59.69 -19.68 45.30
CA GLY JA 9 58.95 -19.63 44.06
C GLY JA 9 57.92 -20.74 43.93
N VAL JA 10 57.71 -21.23 42.71
CA VAL JA 10 56.69 -22.23 42.45
C VAL JA 10 57.37 -23.48 41.89
N TYR JA 11 56.91 -24.64 42.36
CA TYR JA 11 57.44 -25.93 41.97
C TYR JA 11 56.34 -26.74 41.29
N ILE JA 12 56.65 -27.36 40.16
CA ILE JA 12 55.60 -27.92 39.31
C ILE JA 12 55.59 -29.43 39.41
N GLU JA 13 56.09 -29.98 40.51
CA GLU JA 13 56.32 -31.42 40.59
C GLU JA 13 55.00 -32.19 40.59
N GLU JA 14 54.94 -33.24 39.79
CA GLU JA 14 53.74 -34.04 39.65
C GLU JA 14 53.73 -35.17 40.67
N LEU JA 15 52.54 -35.68 40.97
CA LEU JA 15 52.41 -36.89 41.77
C LEU JA 15 51.15 -37.59 41.28
N ASN JA 16 51.35 -38.62 40.45
CA ASN JA 16 50.26 -39.36 39.83
C ASN JA 16 49.42 -40.10 40.85
N SER JA 17 48.10 -39.89 40.75
CA SER JA 17 47.06 -40.75 41.30
C SER JA 17 47.16 -40.87 42.82
N LEU JA 18 46.94 -39.75 43.51
CA LEU JA 18 47.01 -39.80 44.96
C LEU JA 18 45.69 -40.27 45.56
N ALA JA 19 44.61 -40.22 44.77
CA ALA JA 19 43.25 -40.62 45.15
C ALA JA 19 42.80 -39.85 46.40
N LEU JA 20 42.70 -38.55 46.26
CA LEU JA 20 42.61 -37.65 47.40
C LEU JA 20 41.15 -37.44 47.82
N SER JA 21 40.92 -37.50 49.13
CA SER JA 21 39.60 -37.33 49.72
C SER JA 21 39.63 -36.15 50.69
N VAL JA 22 38.44 -35.63 50.99
CA VAL JA 22 38.28 -34.43 51.79
C VAL JA 22 38.30 -34.82 53.27
N SER JA 23 38.87 -33.95 54.13
CA SER JA 23 38.86 -34.17 55.56
C SER JA 23 37.48 -33.88 56.14
N ASN JA 24 37.09 -34.69 57.12
CA ASN JA 24 35.75 -34.64 57.70
C ASN JA 24 35.83 -34.63 59.21
N SER JA 25 34.84 -34.01 59.85
CA SER JA 25 34.77 -33.93 61.30
C SER JA 25 33.40 -34.41 61.77
N ALA JA 26 33.40 -35.37 62.69
CA ALA JA 26 32.18 -35.94 63.24
C ALA JA 26 32.50 -36.49 64.61
N THR JA 27 31.52 -37.15 65.23
CA THR JA 27 31.74 -37.81 66.52
C THR JA 27 31.36 -39.28 66.34
N ALA JA 28 32.30 -40.05 65.79
CA ALA JA 28 32.24 -41.50 65.67
C ALA JA 28 33.65 -41.95 65.34
N VAL JA 29 34.23 -42.77 66.18
CA VAL JA 29 35.66 -43.03 66.16
C VAL JA 29 35.96 -44.53 66.03
N PRO JA 30 36.11 -45.02 64.82
CA PRO JA 30 36.29 -46.47 64.63
C PRO JA 30 37.67 -46.99 64.96
N VAL JA 31 37.77 -47.77 66.04
CA VAL JA 31 38.94 -48.61 66.23
C VAL JA 31 38.99 -49.67 65.13
N PHE JA 32 40.02 -49.60 64.30
CA PHE JA 32 40.20 -50.55 63.21
C PHE JA 32 41.12 -51.67 63.66
N ALA JA 33 40.62 -52.90 63.61
CA ALA JA 33 41.45 -54.06 63.88
C ALA JA 33 42.40 -54.26 62.72
N VAL JA 34 43.66 -54.58 63.02
CA VAL JA 34 44.71 -54.70 62.02
C VAL JA 34 45.33 -56.09 62.16
N ASP JA 35 45.38 -56.81 61.03
CA ASP JA 35 46.00 -58.12 60.97
C ASP JA 35 47.49 -58.04 61.29
N GLU JA 36 48.01 -59.09 61.91
CA GLU JA 36 49.35 -59.07 62.48
C GLU JA 36 50.46 -59.06 61.45
N GLN JA 37 50.18 -59.41 60.21
CA GLN JA 37 51.22 -59.41 59.18
C GLN JA 37 51.43 -58.04 58.55
N ASN JA 38 50.70 -57.02 59.00
CA ASN JA 38 50.95 -55.66 58.54
C ASN JA 38 52.23 -55.13 59.16
N GLN JA 39 53.01 -54.41 58.37
CA GLN JA 39 54.32 -53.95 58.82
C GLN JA 39 54.32 -52.52 59.34
N TYR JA 40 53.47 -51.65 58.80
CA TYR JA 40 53.50 -50.26 59.25
C TYR JA 40 52.58 -50.02 60.44
N ILE JA 41 52.64 -50.93 61.43
CA ILE JA 41 51.93 -50.84 62.70
C ILE JA 41 52.87 -51.49 63.70
N SER JA 42 52.93 -50.96 64.91
CA SER JA 42 53.59 -51.64 66.01
C SER JA 42 52.55 -52.03 67.04
N GLU JA 43 52.71 -53.22 67.62
CA GLU JA 43 51.74 -53.69 68.59
C GLU JA 43 52.00 -53.08 69.96
N ASP JA 44 50.99 -53.17 70.83
CA ASP JA 44 50.88 -52.43 72.09
C ASP JA 44 51.03 -50.92 71.84
N ASN JA 45 50.49 -50.46 70.70
CA ASN JA 45 50.53 -49.08 70.26
C ASN JA 45 49.32 -48.85 69.38
N ALA JA 46 48.70 -47.68 69.51
CA ALA JA 46 47.55 -47.30 68.69
C ALA JA 46 47.90 -46.01 67.96
N ILE JA 47 48.18 -46.10 66.70
CA ILE JA 47 48.45 -44.90 65.92
C ILE JA 47 47.13 -44.31 65.46
N ARG JA 48 47.14 -43.02 65.17
CA ARG JA 48 45.92 -42.27 64.88
C ARG JA 48 45.99 -41.73 63.46
N ILE JA 49 44.88 -41.84 62.73
CA ILE JA 49 44.81 -41.43 61.34
C ILE JA 49 43.76 -40.33 61.25
N ASN JA 50 44.21 -39.09 60.99
CA ASN JA 50 43.32 -37.95 61.03
C ASN JA 50 42.61 -37.73 59.70
N SER JA 51 43.24 -38.11 58.60
CA SER JA 51 42.64 -38.00 57.28
C SER JA 51 43.30 -39.02 56.36
N TRP JA 52 42.83 -39.08 55.12
CA TRP JA 52 43.36 -40.06 54.17
C TRP JA 52 44.79 -39.73 53.77
N MET JA 53 45.16 -38.45 53.79
CA MET JA 53 46.54 -38.07 53.55
C MET JA 53 47.46 -38.49 54.68
N ASP JA 54 46.92 -38.65 55.90
CA ASP JA 54 47.77 -39.04 57.01
C ASP JA 54 48.03 -40.54 57.01
N TYR JA 55 47.06 -41.32 56.53
CA TYR JA 55 47.30 -42.74 56.31
C TYR JA 55 48.25 -42.95 55.15
N LEU JA 56 48.15 -42.11 54.13
CA LEU JA 56 48.96 -42.27 52.94
C LEU JA 56 50.38 -41.76 53.17
N ASN JA 57 50.55 -40.91 54.17
CA ASN JA 57 51.86 -40.56 54.67
C ASN JA 57 52.51 -41.75 55.38
N LEU JA 58 51.72 -42.57 56.06
CA LEU JA 58 52.26 -43.69 56.82
C LEU JA 58 52.71 -44.82 55.91
N ILE JA 59 51.81 -45.33 55.07
CA ILE JA 59 52.14 -46.48 54.22
C ILE JA 59 52.98 -46.13 53.01
N GLY JA 60 53.09 -44.84 52.68
CA GLY JA 60 53.86 -44.43 51.52
C GLY JA 60 53.05 -44.37 50.25
N ASN JA 61 52.72 -45.52 49.67
CA ASN JA 61 51.93 -45.55 48.45
C ASN JA 61 50.85 -46.60 48.57
N PHE JA 62 49.81 -46.44 47.75
CA PHE JA 62 48.59 -47.22 47.87
C PHE JA 62 48.62 -48.41 46.95
N ASN JA 63 48.22 -49.57 47.47
CA ASN JA 63 48.07 -50.75 46.65
C ASN JA 63 46.77 -51.44 47.03
N ASN JA 64 46.08 -51.96 46.03
CA ASN JA 64 44.76 -52.56 46.20
C ASN JA 64 44.81 -54.02 46.60
N GLU JA 65 45.97 -54.53 47.01
CA GLU JA 65 46.04 -55.92 47.45
C GLU JA 65 45.72 -56.07 48.93
N ASP JA 66 46.10 -55.09 49.74
CA ASP JA 66 46.00 -55.21 51.19
C ASP JA 66 44.55 -55.09 51.64
N LYS JA 67 44.17 -55.96 52.57
CA LYS JA 67 42.81 -55.95 53.09
C LYS JA 67 42.56 -54.74 53.98
N LEU JA 68 43.62 -54.12 54.49
CA LEU JA 68 43.47 -52.88 55.24
C LEU JA 68 43.46 -51.67 54.34
N ASP JA 69 44.23 -51.68 53.25
CA ASP JA 69 44.37 -50.49 52.42
C ASP JA 69 43.09 -50.17 51.67
N VAL JA 70 42.37 -51.20 51.20
CA VAL JA 70 41.07 -50.97 50.60
C VAL JA 70 39.99 -50.74 51.66
N SER JA 71 40.29 -51.01 52.92
CA SER JA 71 39.34 -50.82 53.99
C SER JA 71 39.25 -49.36 54.40
N VAL JA 72 40.40 -48.71 54.66
CA VAL JA 72 40.36 -47.32 55.13
C VAL JA 72 40.11 -46.33 54.00
N ARG JA 73 40.27 -46.73 52.75
CA ARG JA 73 39.86 -45.84 51.67
C ARG JA 73 38.35 -45.73 51.60
N ALA JA 74 37.66 -46.86 51.70
CA ALA JA 74 36.20 -46.85 51.69
C ALA JA 74 35.63 -46.21 52.95
N TYR JA 75 36.41 -46.18 54.03
CA TYR JA 75 35.96 -45.48 55.22
C TYR JA 75 36.00 -43.97 55.02
N PHE JA 76 37.12 -43.46 54.51
CA PHE JA 76 37.24 -42.01 54.33
C PHE JA 76 36.52 -41.51 53.10
N ALA JA 77 36.15 -42.39 52.18
CA ALA JA 77 35.36 -41.96 51.04
C ALA JA 77 33.91 -41.69 51.43
N ASN JA 78 33.41 -42.35 52.47
CA ASN JA 78 32.01 -42.22 52.85
C ASN JA 78 31.82 -41.24 54.02
N GLY JA 79 32.40 -41.54 55.17
CA GLY JA 79 32.11 -40.71 56.33
C GLY JA 79 33.25 -39.89 56.86
N GLY JA 80 34.45 -40.46 56.87
CA GLY JA 80 35.58 -39.76 57.44
C GLY JA 80 35.56 -39.77 58.95
N GLY JA 81 36.35 -38.87 59.51
CA GLY JA 81 36.57 -38.82 60.94
C GLY JA 81 37.81 -39.60 61.35
N TYR JA 82 38.41 -39.17 62.45
CA TYR JA 82 39.70 -39.73 62.85
C TYR JA 82 39.51 -41.11 63.47
N CYS JA 83 40.36 -42.04 63.07
CA CYS JA 83 40.23 -43.44 63.44
C CYS JA 83 41.52 -43.93 64.08
N TYR JA 84 41.39 -44.98 64.89
CA TYR JA 84 42.51 -45.58 65.58
C TYR JA 84 42.81 -46.94 65.00
N LEU JA 85 44.04 -47.14 64.53
CA LEU JA 85 44.49 -48.39 63.93
C LEU JA 85 45.22 -49.21 65.00
N VAL JA 86 44.54 -50.22 65.52
CA VAL JA 86 45.07 -51.06 66.59
C VAL JA 86 45.25 -52.46 66.04
N LYS JA 87 46.40 -53.07 66.31
CA LYS JA 87 46.62 -54.45 65.91
C LYS JA 87 45.76 -55.37 66.77
N THR JA 88 45.40 -56.52 66.21
CA THR JA 88 44.40 -57.39 66.80
C THR JA 88 44.91 -58.07 68.08
N THR JA 89 46.15 -58.53 68.09
CA THR JA 89 46.67 -59.29 69.21
C THR JA 89 46.89 -58.46 70.47
N SER JA 90 46.81 -57.13 70.38
CA SER JA 90 46.89 -56.28 71.54
C SER JA 90 45.66 -55.40 71.68
N LEU JA 91 44.56 -55.76 71.02
CA LEU JA 91 43.36 -54.94 71.03
C LEU JA 91 42.63 -55.02 72.36
N GLU JA 92 42.87 -56.06 73.15
CA GLU JA 92 42.20 -56.17 74.45
C GLU JA 92 42.83 -55.28 75.50
N LYS JA 93 44.04 -54.78 75.28
CA LYS JA 93 44.69 -53.89 76.25
C LYS JA 93 44.50 -52.43 75.90
N ILE JA 94 44.32 -52.11 74.63
CA ILE JA 94 44.39 -50.73 74.16
C ILE JA 94 43.03 -50.06 74.16
N ILE JA 95 41.96 -50.80 73.90
CA ILE JA 95 40.62 -50.21 73.88
C ILE JA 95 40.13 -49.77 75.27
N PRO JA 96 40.31 -50.53 76.36
CA PRO JA 96 40.02 -49.93 77.69
C PRO JA 96 40.93 -48.76 78.03
N THR JA 97 42.16 -48.76 77.53
CA THR JA 97 43.04 -47.61 77.64
C THR JA 97 42.50 -46.39 76.90
N LEU JA 98 42.01 -46.60 75.69
CA LEU JA 98 41.63 -45.48 74.84
C LEU JA 98 40.30 -44.89 75.25
N ASP JA 99 40.28 -43.58 75.49
CA ASP JA 99 39.06 -42.80 75.43
C ASP JA 99 38.82 -42.40 73.98
N ASP JA 100 37.63 -41.84 73.73
CA ASP JA 100 37.07 -41.64 72.39
C ASP JA 100 37.09 -42.95 71.60
N VAL JA 101 36.30 -43.91 72.08
CA VAL JA 101 36.03 -45.14 71.38
C VAL JA 101 34.53 -45.36 71.46
N THR JA 102 33.85 -45.30 70.33
CA THR JA 102 32.42 -45.54 70.33
C THR JA 102 31.99 -46.74 69.51
N LEU JA 103 32.84 -47.22 68.60
CA LEU JA 103 32.53 -48.39 67.80
C LEU JA 103 33.81 -49.07 67.35
N LEU JA 104 33.83 -50.39 67.48
CA LEU JA 104 35.01 -51.20 67.18
C LEU JA 104 34.75 -51.95 65.88
N VAL JA 105 35.61 -51.71 64.89
CA VAL JA 105 35.41 -52.25 63.56
C VAL JA 105 36.36 -53.42 63.36
N ALA JA 106 35.79 -54.60 63.18
CA ALA JA 106 36.53 -55.68 62.53
C ALA JA 106 36.75 -55.26 61.10
N ALA JA 107 38.00 -54.93 60.74
CA ALA JA 107 38.28 -54.52 59.38
C ALA JA 107 38.08 -55.72 58.47
N GLY JA 108 38.93 -56.72 58.57
CA GLY JA 108 38.73 -57.92 57.81
C GLY JA 108 39.07 -59.16 58.62
N GLU JA 109 39.03 -59.01 59.94
CA GLU JA 109 39.55 -60.03 60.84
C GLU JA 109 38.44 -60.52 61.75
N ASP JA 110 38.75 -61.58 62.50
CA ASP JA 110 37.80 -62.24 63.36
C ASP JA 110 38.01 -61.81 64.79
N ILE JA 111 37.02 -61.09 65.33
CA ILE JA 111 37.12 -60.45 66.64
C ILE JA 111 36.13 -61.07 67.64
N LYS JA 112 35.35 -62.07 67.23
CA LYS JA 112 34.30 -62.70 68.03
C LYS JA 112 34.73 -63.21 69.40
N THR JA 113 36.01 -63.53 69.58
CA THR JA 113 36.50 -63.90 70.90
C THR JA 113 36.80 -62.69 71.77
N THR JA 114 37.07 -61.53 71.17
CA THR JA 114 37.41 -60.33 71.90
C THR JA 114 36.20 -59.56 72.41
N VAL JA 115 35.17 -59.43 71.56
CA VAL JA 115 33.95 -58.69 71.88
C VAL JA 115 33.21 -59.28 73.08
N ASP JA 116 33.35 -60.58 73.34
CA ASP JA 116 32.69 -61.20 74.49
C ASP JA 116 33.27 -60.71 75.81
N VAL JA 117 34.56 -60.38 75.83
CA VAL JA 117 35.17 -59.86 77.07
C VAL JA 117 35.23 -58.34 77.06
N LEU JA 118 35.29 -57.72 75.89
CA LEU JA 118 35.50 -56.29 75.77
C LEU JA 118 34.19 -55.54 75.92
N CYS JA 119 33.22 -55.87 75.08
CA CYS JA 119 31.93 -55.19 75.11
C CYS JA 119 31.13 -55.67 76.31
N GLN JA 120 30.81 -54.75 77.18
CA GLN JA 120 30.12 -54.97 78.45
C GLN JA 120 28.99 -53.96 78.53
N PRO JA 121 28.03 -54.17 79.44
CA PRO JA 121 27.03 -53.11 79.69
C PRO JA 121 27.62 -51.84 80.26
N GLY JA 122 28.71 -51.94 81.02
CA GLY JA 122 29.31 -50.76 81.62
C GLY JA 122 30.06 -49.89 80.65
N LYS JA 123 30.63 -50.48 79.61
CA LYS JA 123 31.43 -49.75 78.65
C LYS JA 123 30.55 -48.96 77.69
N GLY JA 124 31.19 -48.37 76.69
CA GLY JA 124 30.47 -47.55 75.74
C GLY JA 124 30.74 -47.90 74.29
N LEU JA 125 31.05 -49.16 74.02
CA LEU JA 125 31.35 -49.60 72.67
C LEU JA 125 30.11 -50.16 72.00
N PHE JA 126 30.18 -50.22 70.67
CA PHE JA 126 29.21 -50.93 69.85
C PHE JA 126 29.99 -51.49 68.68
N ALA JA 127 30.41 -52.74 68.78
CA ALA JA 127 31.21 -53.33 67.72
C ALA JA 127 30.37 -53.58 66.47
N VAL JA 128 31.05 -53.64 65.33
CA VAL JA 128 30.44 -54.08 64.08
C VAL JA 128 31.41 -55.04 63.41
N PHE JA 129 30.87 -56.14 62.90
CA PHE JA 129 31.72 -57.03 62.13
C PHE JA 129 30.96 -57.57 60.94
N ASP JA 130 31.64 -58.44 60.21
CA ASP JA 130 31.26 -58.82 58.87
C ASP JA 130 30.51 -60.15 58.85
N GLY JA 131 29.65 -60.29 57.86
CA GLY JA 131 29.07 -61.57 57.57
C GLY JA 131 30.06 -62.46 56.85
N PRO JA 132 29.59 -63.63 56.42
CA PRO JA 132 30.44 -64.52 55.66
C PRO JA 132 30.72 -63.95 54.27
N GLU JA 133 31.91 -64.26 53.76
CA GLU JA 133 32.31 -63.81 52.44
C GLU JA 133 31.92 -64.78 51.34
N THR JA 134 31.44 -65.96 51.69
CA THR JA 134 30.82 -66.85 50.72
C THR JA 134 29.33 -66.55 50.61
N GLU JA 135 28.72 -67.04 49.53
CA GLU JA 135 27.27 -66.94 49.36
C GLU JA 135 26.59 -67.82 50.40
N LEU JA 136 25.50 -67.32 50.97
CA LEU JA 136 24.70 -68.09 51.90
C LEU JA 136 23.25 -68.00 51.47
N THR JA 137 22.52 -69.11 51.63
CA THR JA 137 21.19 -69.27 51.04
C THR JA 137 20.13 -69.35 52.15
N ILE JA 138 18.91 -69.70 51.75
CA ILE JA 138 17.84 -69.95 52.71
C ILE JA 138 18.12 -71.23 53.49
N ASN JA 139 18.79 -72.21 52.87
CA ASN JA 139 18.98 -73.49 53.51
C ASN JA 139 20.02 -73.41 54.62
N GLY JA 140 21.00 -72.53 54.46
CA GLY JA 140 22.05 -72.39 55.44
C GLY JA 140 21.77 -71.27 56.42
N ALA JA 141 20.50 -71.05 56.73
CA ALA JA 141 20.12 -69.93 57.59
C ALA JA 141 20.33 -70.27 59.06
N GLU JA 142 20.32 -71.56 59.40
CA GLU JA 142 20.54 -71.93 60.79
C GLU JA 142 22.01 -72.13 61.12
N GLU JA 143 22.87 -72.26 60.11
CA GLU JA 143 24.26 -72.60 60.40
C GLU JA 143 25.09 -71.34 60.63
N ALA JA 144 24.99 -70.37 59.73
CA ALA JA 144 25.80 -69.17 59.84
C ALA JA 144 25.23 -68.16 60.81
N LYS JA 145 23.97 -68.33 61.23
CA LYS JA 145 23.38 -67.41 62.18
C LYS JA 145 23.94 -67.63 63.58
N GLN JA 146 24.20 -68.87 63.95
CA GLN JA 146 24.74 -69.20 65.26
C GLN JA 146 26.27 -69.15 65.30
N ALA JA 147 26.91 -68.73 64.21
CA ALA JA 147 28.35 -68.52 64.24
C ALA JA 147 28.74 -67.26 64.99
N TYR JA 148 27.80 -66.37 65.27
CA TYR JA 148 28.04 -65.19 66.08
C TYR JA 148 27.35 -65.32 67.43
N THR JA 149 27.84 -64.54 68.38
CA THR JA 149 27.24 -64.51 69.70
C THR JA 149 25.97 -63.66 69.67
N ALA JA 150 25.21 -63.72 70.76
CA ALA JA 150 23.92 -63.04 70.83
C ALA JA 150 23.98 -61.78 71.69
N THR JA 151 25.08 -61.07 71.65
CA THR JA 151 25.15 -59.86 72.45
C THR JA 151 24.46 -58.71 71.71
N PRO JA 152 23.79 -57.81 72.44
CA PRO JA 152 23.11 -56.68 71.79
C PRO JA 152 24.02 -55.54 71.40
N PHE JA 153 25.33 -55.69 71.52
CA PHE JA 153 26.27 -54.62 71.20
C PHE JA 153 27.00 -54.85 69.89
N ALA JA 154 26.39 -55.55 68.94
CA ALA JA 154 27.06 -55.85 67.68
C ALA JA 154 26.06 -55.90 66.54
N ALA JA 155 26.54 -55.57 65.34
CA ALA JA 155 25.74 -55.64 64.14
C ALA JA 155 26.56 -56.31 63.04
N VAL JA 156 25.87 -57.09 62.20
CA VAL JA 156 26.50 -57.91 61.17
C VAL JA 156 25.96 -57.48 59.82
N TYR JA 157 26.86 -57.18 58.89
CA TYR JA 157 26.49 -56.82 57.52
C TYR JA 157 27.05 -57.88 56.58
N TYR JA 158 26.19 -58.56 55.86
CA TYR JA 158 26.66 -59.71 55.09
C TYR JA 158 27.38 -59.37 53.78
N PRO JA 159 26.81 -58.65 52.80
CA PRO JA 159 27.38 -58.76 51.45
C PRO JA 159 28.66 -57.95 51.34
N TRP JA 160 29.77 -58.63 51.09
CA TRP JA 160 31.05 -57.96 50.97
C TRP JA 160 31.06 -57.11 49.72
N LEU JA 161 31.86 -56.06 49.74
CA LEU JA 161 31.78 -55.07 48.69
C LEU JA 161 32.81 -55.36 47.61
N LYS JA 162 32.59 -54.77 46.44
CA LYS JA 162 33.59 -54.75 45.39
C LYS JA 162 33.58 -53.38 44.75
N ALA JA 163 34.76 -52.90 44.36
CA ALA JA 163 34.90 -51.60 43.75
C ALA JA 163 35.81 -51.70 42.55
N ASP JA 164 35.74 -50.69 41.70
CA ASP JA 164 36.50 -50.72 40.46
C ASP JA 164 37.95 -50.40 40.72
N TRP JA 165 38.24 -49.66 41.78
CA TRP JA 165 39.61 -49.29 42.13
C TRP JA 165 40.32 -50.32 42.98
N ALA JA 166 39.65 -51.40 43.38
CA ALA JA 166 40.24 -52.42 44.24
C ALA JA 166 40.22 -53.79 43.54
N ASN JA 167 41.09 -54.68 44.01
CA ASN JA 167 41.15 -56.05 43.50
C ASN JA 167 40.58 -57.06 44.49
N ILE JA 168 41.01 -57.00 45.75
CA ILE JA 168 40.43 -57.84 46.78
C ILE JA 168 39.04 -57.30 47.12
N ASP JA 169 38.14 -58.18 47.55
CA ASP JA 169 36.82 -57.74 47.99
C ASP JA 169 36.92 -56.87 49.23
N ILE JA 170 36.03 -55.90 49.33
CA ILE JA 170 36.08 -54.86 50.36
C ILE JA 170 35.12 -55.25 51.47
N PRO JA 171 35.57 -55.35 52.72
CA PRO JA 171 34.70 -55.81 53.79
C PRO JA 171 33.73 -54.73 54.21
N PRO JA 172 32.50 -55.10 54.56
CA PRO JA 172 31.45 -54.08 54.76
C PRO JA 172 31.51 -53.35 56.08
N SER JA 173 32.30 -53.77 57.04
CA SER JA 173 32.45 -52.97 58.26
C SER JA 173 33.35 -51.78 58.06
N ALA JA 174 34.08 -51.73 56.95
CA ALA JA 174 34.81 -50.53 56.58
C ALA JA 174 33.86 -49.40 56.22
N VAL JA 175 32.94 -49.67 55.30
CA VAL JA 175 32.04 -48.62 54.82
C VAL JA 175 30.98 -48.31 55.86
N MET JA 176 30.57 -49.29 56.67
CA MET JA 176 29.54 -49.07 57.66
C MET JA 176 30.01 -48.27 58.87
N ALA JA 177 31.31 -48.09 59.05
CA ALA JA 177 31.75 -47.11 60.03
C ALA JA 177 31.76 -45.71 59.43
N GLY JA 178 31.83 -45.62 58.11
CA GLY JA 178 31.70 -44.33 57.46
C GLY JA 178 30.25 -43.92 57.45
N VAL JA 179 29.36 -44.89 57.27
CA VAL JA 179 27.93 -44.61 57.22
C VAL JA 179 27.42 -44.22 58.59
N TYR JA 180 27.95 -44.85 59.65
CA TYR JA 180 27.57 -44.49 61.01
C TYR JA 180 28.03 -43.09 61.37
N ALA JA 181 29.12 -42.62 60.77
CA ALA JA 181 29.61 -41.29 61.04
C ALA JA 181 29.05 -40.24 60.11
N SER JA 182 28.50 -40.66 58.97
CA SER JA 182 27.92 -39.69 58.05
C SER JA 182 26.45 -39.45 58.35
N VAL JA 183 25.79 -40.41 58.98
CA VAL JA 183 24.38 -40.26 59.34
C VAL JA 183 24.22 -39.53 60.65
N ASP JA 184 25.14 -39.70 61.59
CA ASP JA 184 25.03 -39.03 62.89
C ASP JA 184 25.22 -37.52 62.74
N LEU JA 185 25.97 -37.10 61.74
CA LEU JA 185 26.12 -35.67 61.49
C LEU JA 185 24.89 -35.10 60.81
N SER JA 186 24.31 -35.84 59.86
CA SER JA 186 23.19 -35.31 59.09
C SER JA 186 21.89 -35.42 59.86
N ARG JA 187 21.47 -36.64 60.17
CA ARG JA 187 20.14 -36.89 60.72
C ARG JA 187 20.16 -37.17 62.22
N GLY JA 188 21.32 -37.10 62.85
CA GLY JA 188 21.44 -37.44 64.25
C GLY JA 188 21.57 -38.93 64.48
N VAL JA 189 21.79 -39.28 65.74
CA VAL JA 189 22.08 -40.67 66.11
C VAL JA 189 20.82 -41.51 66.04
N TRP JA 190 19.68 -40.96 66.44
CA TRP JA 190 18.44 -41.70 66.61
C TRP JA 190 17.83 -42.18 65.31
N LYS JA 191 18.22 -41.63 64.17
CA LYS JA 191 17.73 -42.15 62.90
C LYS JA 191 18.54 -43.39 62.53
N ALA JA 192 17.89 -44.30 61.81
CA ALA JA 192 18.51 -45.57 61.49
C ALA JA 192 19.60 -45.39 60.44
N PRO JA 193 20.75 -46.05 60.58
CA PRO JA 193 21.80 -45.96 59.56
C PRO JA 193 21.55 -46.82 58.34
N ALA JA 194 20.35 -47.37 58.17
CA ALA JA 194 19.98 -48.00 56.91
C ALA JA 194 19.34 -46.98 55.99
N ASN JA 195 18.96 -47.46 54.80
CA ASN JA 195 18.29 -46.68 53.75
C ASN JA 195 19.13 -45.48 53.30
N VAL JA 196 20.45 -45.62 53.32
CA VAL JA 196 21.37 -44.56 52.91
C VAL JA 196 22.30 -45.10 51.83
N ALA JA 197 22.70 -44.22 50.92
CA ALA JA 197 23.49 -44.65 49.77
C ALA JA 197 24.94 -44.86 50.17
N LEU JA 198 25.67 -45.59 49.33
CA LEU JA 198 27.10 -45.80 49.49
C LEU JA 198 27.84 -45.01 48.44
N LYS JA 199 28.78 -44.18 48.87
CA LYS JA 199 29.58 -43.40 47.94
C LYS JA 199 30.91 -44.11 47.70
N GLY JA 200 31.74 -43.52 46.83
CA GLY JA 200 33.05 -44.06 46.52
C GLY JA 200 33.06 -45.15 45.47
N GLY JA 201 31.94 -45.40 44.80
CA GLY JA 201 31.90 -46.44 43.78
C GLY JA 201 31.88 -47.84 44.34
N LEU JA 202 31.32 -48.01 45.53
CA LEU JA 202 31.24 -49.31 46.17
C LEU JA 202 30.05 -50.08 45.64
N GLU JA 203 30.23 -51.38 45.41
CA GLU JA 203 29.17 -52.22 44.85
C GLU JA 203 29.17 -53.56 45.57
N PRO JA 204 28.00 -54.15 45.83
CA PRO JA 204 27.96 -55.43 46.52
C PRO JA 204 28.39 -56.59 45.62
N LYS JA 205 29.02 -57.58 46.24
CA LYS JA 205 29.53 -58.72 45.50
C LYS JA 205 28.40 -59.67 45.09
N PHE JA 206 27.49 -59.94 46.01
CA PHE JA 206 26.46 -60.96 45.80
C PHE JA 206 25.08 -60.33 45.84
N LEU JA 207 24.26 -60.64 44.83
CA LEU JA 207 22.90 -60.15 44.78
C LEU JA 207 22.04 -60.87 45.81
N VAL JA 208 21.25 -60.12 46.54
CA VAL JA 208 20.41 -60.63 47.62
C VAL JA 208 18.96 -60.44 47.23
N THR JA 209 18.16 -61.49 47.35
CA THR JA 209 16.74 -61.39 47.15
C THR JA 209 16.05 -61.02 48.46
N ASP JA 210 14.76 -60.69 48.36
CA ASP JA 210 14.00 -60.37 49.56
C ASP JA 210 13.61 -61.64 50.30
N GLU JA 211 13.41 -62.73 49.58
CA GLU JA 211 13.04 -63.98 50.22
C GLU JA 211 14.25 -64.61 50.92
N LEU JA 212 15.45 -64.21 50.52
CA LEU JA 212 16.65 -64.58 51.27
C LEU JA 212 16.74 -63.80 52.57
N GLN JA 213 16.41 -62.51 52.53
CA GLN JA 213 16.54 -61.66 53.71
C GLN JA 213 15.44 -61.91 54.74
N GLY JA 214 14.38 -62.64 54.37
CA GLY JA 214 13.34 -62.96 55.33
C GLY JA 214 13.77 -63.93 56.42
N GLU JA 215 14.84 -64.68 56.19
CA GLU JA 215 15.32 -65.64 57.18
C GLU JA 215 16.48 -65.12 58.00
N TYR JA 216 17.19 -64.10 57.52
CA TYR JA 216 18.31 -63.53 58.24
C TYR JA 216 17.95 -62.25 58.98
N ASN JA 217 16.66 -61.96 59.13
CA ASN JA 217 16.23 -60.83 59.94
C ASN JA 217 15.67 -61.27 61.28
N THR JA 218 15.38 -62.56 61.45
CA THR JA 218 14.77 -63.06 62.67
C THR JA 218 15.83 -63.65 63.59
N GLY JA 219 15.75 -63.33 64.87
CA GLY JA 219 16.69 -63.86 65.84
C GLY JA 219 18.02 -63.14 65.82
N ARG JA 220 19.11 -63.88 65.69
CA ARG JA 220 20.42 -63.27 65.55
C ARG JA 220 20.52 -62.70 64.14
N ALA JA 221 20.05 -61.47 63.96
CA ALA JA 221 19.82 -60.92 62.65
C ALA JA 221 21.13 -60.58 61.94
N ILE JA 222 21.10 -60.69 60.62
CA ILE JA 222 22.22 -60.30 59.77
C ILE JA 222 21.67 -59.25 58.81
N ASN JA 223 22.03 -57.99 59.05
CA ASN JA 223 21.67 -56.92 58.14
C ASN JA 223 22.37 -57.11 56.80
N MET JA 224 21.77 -56.59 55.75
CA MET JA 224 22.27 -56.81 54.40
C MET JA 224 22.18 -55.53 53.61
N ILE JA 225 23.14 -55.33 52.72
CA ILE JA 225 23.09 -54.21 51.80
C ILE JA 225 22.83 -54.75 50.40
N ARG JA 226 22.08 -53.98 49.61
CA ARG JA 226 21.70 -54.46 48.29
C ARG JA 226 21.29 -53.28 47.44
N ASN JA 227 21.46 -53.43 46.15
CA ASN JA 227 21.17 -52.33 45.24
C ASN JA 227 19.75 -52.42 44.71
N PHE JA 228 19.19 -51.26 44.43
CA PHE JA 228 17.85 -51.11 43.93
C PHE JA 228 17.89 -50.39 42.59
N SER JA 229 16.74 -50.37 41.91
CA SER JA 229 16.69 -49.78 40.58
C SER JA 229 16.67 -48.25 40.63
N ASN JA 230 16.09 -47.67 41.68
CA ASN JA 230 15.90 -46.22 41.69
C ASN JA 230 17.17 -45.49 42.10
N THR JA 231 17.83 -45.93 43.16
CA THR JA 231 18.90 -45.16 43.79
C THR JA 231 20.28 -45.78 43.66
N GLY JA 232 20.39 -47.09 43.53
CA GLY JA 232 21.69 -47.72 43.53
C GLY JA 232 21.88 -48.57 44.76
N THR JA 233 23.12 -48.77 45.19
CA THR JA 233 23.37 -49.59 46.35
C THR JA 233 23.08 -48.82 47.63
N THR JA 234 22.55 -49.53 48.61
CA THR JA 234 22.15 -48.89 49.86
C THR JA 234 22.17 -49.92 50.98
N VAL JA 235 22.20 -49.43 52.21
CA VAL JA 235 22.11 -50.29 53.36
C VAL JA 235 20.65 -50.61 53.64
N TRP JA 236 20.39 -51.86 53.96
CA TRP JA 236 19.01 -52.29 54.19
C TRP JA 236 18.84 -53.10 55.47
N GLY JA 237 19.46 -52.71 56.56
CA GLY JA 237 19.24 -53.37 57.83
C GLY JA 237 19.50 -52.43 58.98
N ALA JA 238 18.70 -52.56 60.02
CA ALA JA 238 18.89 -51.76 61.21
C ALA JA 238 18.61 -52.59 62.46
N ARG JA 239 19.02 -53.85 62.47
CA ARG JA 239 18.80 -54.74 63.60
C ARG JA 239 20.13 -55.17 64.18
N THR JA 240 20.21 -55.22 65.51
CA THR JA 240 21.39 -55.74 66.18
C THR JA 240 21.26 -57.25 66.31
N LEU JA 241 22.14 -57.87 67.09
CA LEU JA 241 22.12 -59.33 67.17
C LEU JA 241 21.05 -59.84 68.13
N GLU JA 242 20.84 -59.16 69.25
CA GLU JA 242 19.82 -59.61 70.19
C GLU JA 242 18.43 -59.25 69.68
N ASP JA 243 17.47 -60.15 69.90
CA ASP JA 243 16.10 -59.94 69.44
C ASP JA 243 15.11 -59.82 70.59
N LYS JA 244 15.52 -59.15 71.67
CA LYS JA 244 14.55 -58.68 72.65
C LYS JA 244 14.18 -57.24 72.32
N ASP JA 245 13.01 -56.82 72.78
CA ASP JA 245 12.47 -55.52 72.39
C ASP JA 245 13.20 -54.35 73.04
N ASN JA 246 14.00 -54.60 74.07
CA ASN JA 246 14.78 -53.52 74.67
C ASN JA 246 15.89 -53.06 73.74
N TRP JA 247 16.72 -53.99 73.25
CA TRP JA 247 17.78 -53.67 72.30
C TRP JA 247 17.58 -54.58 71.10
N ARG JA 248 16.72 -54.15 70.20
CA ARG JA 248 16.52 -54.85 68.94
C ARG JA 248 17.07 -54.07 67.77
N TYR JA 249 16.91 -52.76 67.78
CA TYR JA 249 17.39 -51.91 66.71
C TYR JA 249 18.67 -51.22 67.14
N VAL JA 250 19.62 -51.14 66.23
CA VAL JA 250 20.84 -50.36 66.47
C VAL JA 250 20.60 -48.89 66.81
N PRO JA 251 19.64 -48.13 66.23
CA PRO JA 251 19.43 -46.74 66.71
C PRO JA 251 19.05 -46.62 68.17
N VAL JA 252 18.41 -47.63 68.73
CA VAL JA 252 18.14 -47.63 70.17
C VAL JA 252 19.43 -47.87 70.95
N ARG JA 253 20.22 -48.86 70.51
CA ARG JA 253 21.45 -49.17 71.22
C ARG JA 253 22.50 -48.10 71.02
N ARG JA 254 22.52 -47.46 69.85
CA ARG JA 254 23.52 -46.44 69.59
C ARG JA 254 23.14 -45.10 70.22
N LEU JA 255 21.86 -44.83 70.46
CA LEU JA 255 21.48 -43.61 71.16
C LEU JA 255 21.84 -43.71 72.63
N PHE JA 256 21.47 -44.82 73.29
CA PHE JA 256 21.81 -45.04 74.69
C PHE JA 256 23.31 -45.09 74.93
N ASN JA 257 24.09 -45.49 73.94
CA ASN JA 257 25.53 -45.38 74.01
C ASN JA 257 26.04 -43.98 73.70
N SER JA 258 25.31 -43.21 72.90
CA SER JA 258 25.71 -41.84 72.66
C SER JA 258 25.19 -40.90 73.74
N VAL JA 259 24.19 -41.35 74.50
CA VAL JA 259 23.74 -40.58 75.65
C VAL JA 259 24.75 -40.67 76.78
N GLU JA 260 25.16 -41.90 77.13
CA GLU JA 260 25.99 -42.14 78.31
C GLU JA 260 27.35 -41.50 78.18
N ARG JA 261 27.89 -41.42 76.96
CA ARG JA 261 29.20 -40.82 76.79
C ARG JA 261 29.11 -39.30 76.87
N ASP JA 262 27.91 -38.76 76.69
CA ASP JA 262 27.70 -37.32 76.79
C ASP JA 262 26.99 -36.92 78.07
N ILE JA 263 26.49 -37.87 78.86
CA ILE JA 263 26.10 -37.53 80.23
C ILE JA 263 27.34 -37.53 81.12
N LYS JA 264 28.20 -38.54 80.98
CA LYS JA 264 29.32 -38.69 81.90
C LYS JA 264 30.39 -37.64 81.68
N ARG JA 265 30.35 -36.93 80.55
CA ARG JA 265 31.19 -35.75 80.43
C ARG JA 265 30.43 -34.48 80.76
N ALA JA 266 29.10 -34.54 80.85
CA ALA JA 266 28.32 -33.36 81.21
C ALA JA 266 28.34 -33.13 82.72
N MET JA 267 28.37 -34.19 83.50
CA MET JA 267 28.41 -34.10 84.95
C MET JA 267 29.67 -34.71 85.53
N SER JA 268 30.79 -34.62 84.80
CA SER JA 268 32.06 -35.06 85.33
C SER JA 268 32.66 -34.07 86.32
N PHE JA 269 32.02 -32.91 86.51
CA PHE JA 269 32.46 -31.98 87.55
C PHE JA 269 32.17 -32.50 88.94
N ALA JA 270 31.28 -33.47 89.07
CA ALA JA 270 30.83 -33.93 90.39
C ALA JA 270 31.84 -34.83 91.08
N MET JA 271 32.94 -35.18 90.42
CA MET JA 271 33.96 -36.03 91.01
C MET JA 271 34.69 -35.32 92.13
N PHE JA 272 34.77 -36.00 93.28
CA PHE JA 272 35.52 -35.57 94.46
C PHE JA 272 35.03 -34.22 94.99
N GLU JA 273 33.74 -34.01 94.86
CA GLU JA 273 33.01 -32.88 95.40
C GLU JA 273 32.41 -33.28 96.74
N PRO JA 274 32.11 -32.33 97.63
CA PRO JA 274 31.46 -32.69 98.90
C PRO JA 274 30.09 -33.31 98.66
N ASN JA 275 29.96 -34.56 99.10
CA ASN JA 275 28.79 -35.39 98.84
C ASN JA 275 27.71 -35.03 99.84
N ASN JA 276 26.93 -34.00 99.51
CA ASN JA 276 25.78 -33.62 100.31
C ASN JA 276 24.66 -33.32 99.34
N GLN JA 277 23.64 -32.60 99.81
CA GLN JA 277 22.52 -32.27 98.93
C GLN JA 277 22.80 -31.22 97.86
N PRO JA 278 23.53 -30.10 98.09
CA PRO JA 278 23.74 -29.16 96.97
C PRO JA 278 24.61 -29.68 95.84
N THR JA 279 25.32 -30.79 96.05
CA THR JA 279 25.95 -31.44 94.92
C THR JA 279 24.92 -32.20 94.09
N TRP JA 280 23.85 -32.69 94.73
CA TRP JA 280 22.91 -33.54 94.01
C TRP JA 280 22.03 -32.75 93.05
N GLU JA 281 21.45 -31.62 93.49
CA GLU JA 281 20.60 -30.85 92.59
C GLU JA 281 21.42 -30.13 91.51
N ARG JA 282 22.72 -29.94 91.74
CA ARG JA 282 23.59 -29.47 90.68
C ARG JA 282 23.88 -30.60 89.69
N VAL JA 283 23.74 -31.85 90.12
CA VAL JA 283 23.86 -32.99 89.21
C VAL JA 283 22.54 -33.26 88.46
N ARG JA 284 21.39 -33.24 89.15
CA ARG JA 284 20.14 -33.51 88.43
C ARG JA 284 19.77 -32.40 87.47
N ALA JA 285 20.34 -31.21 87.62
CA ALA JA 285 20.08 -30.13 86.67
C ALA JA 285 21.06 -30.12 85.53
N ALA JA 286 22.25 -30.68 85.74
CA ALA JA 286 23.20 -30.81 84.63
C ALA JA 286 22.80 -31.92 83.68
N ILE JA 287 22.04 -32.91 84.16
CA ILE JA 287 21.51 -33.94 83.28
C ILE JA 287 20.24 -33.46 82.60
N SER JA 288 19.39 -32.72 83.33
CA SER JA 288 18.05 -32.44 82.83
C SER JA 288 18.04 -31.41 81.71
N ASN JA 289 18.98 -30.47 81.69
CA ASN JA 289 19.03 -29.61 80.51
C ASN JA 289 20.03 -30.11 79.48
N TYR JA 290 20.55 -31.33 79.64
CA TYR JA 290 21.07 -32.02 78.47
C TYR JA 290 19.96 -32.79 77.78
N LEU JA 291 19.14 -33.50 78.55
CA LEU JA 291 18.11 -34.35 77.98
C LEU JA 291 17.00 -33.53 77.36
N TYR JA 292 16.75 -32.32 77.89
CA TYR JA 292 15.82 -31.42 77.24
C TYR JA 292 16.34 -30.94 75.90
N SER JA 293 17.63 -30.66 75.80
CA SER JA 293 18.20 -30.27 74.51
C SER JA 293 18.22 -31.43 73.53
N LEU JA 294 18.31 -32.66 74.04
CA LEU JA 294 18.11 -33.83 73.21
C LEU JA 294 16.65 -34.07 72.91
N TRP JA 295 15.75 -33.62 73.81
CA TRP JA 295 14.32 -33.78 73.58
C TRP JA 295 13.81 -32.90 72.46
N GLN JA 296 14.32 -31.68 72.35
CA GLN JA 296 13.78 -30.74 71.38
C GLN JA 296 14.22 -31.07 69.96
N GLN JA 297 15.31 -31.80 69.79
CA GLN JA 297 15.78 -32.17 68.46
C GLN JA 297 15.09 -33.41 67.92
N GLY JA 298 14.15 -33.96 68.64
CA GLY JA 298 13.44 -35.12 68.16
C GLY JA 298 14.08 -36.45 68.46
N GLY JA 299 15.01 -36.50 69.42
CA GLY JA 299 15.71 -37.73 69.74
C GLY JA 299 14.93 -38.72 70.57
N LEU JA 300 13.97 -38.24 71.36
CA LEU JA 300 13.19 -39.15 72.18
C LEU JA 300 11.75 -39.14 71.70
N ALA JA 301 11.00 -40.17 72.02
CA ALA JA 301 9.62 -40.28 71.59
C ALA JA 301 8.73 -39.60 72.63
N GLY JA 302 7.46 -39.52 72.35
CA GLY JA 302 6.56 -38.83 73.29
C GLY JA 302 6.21 -37.45 72.79
N SER JA 303 5.51 -36.72 73.65
CA SER JA 303 5.05 -35.38 73.33
C SER JA 303 5.34 -34.35 74.43
N LYS JA 304 5.39 -34.77 75.70
CA LYS JA 304 5.69 -33.87 76.81
C LYS JA 304 7.12 -34.11 77.26
N GLU JA 305 7.60 -33.28 78.18
CA GLU JA 305 8.90 -33.57 78.78
C GLU JA 305 8.81 -34.49 79.98
N GLU JA 306 7.61 -34.97 80.34
CA GLU JA 306 7.49 -35.86 81.49
C GLU JA 306 7.12 -37.28 81.10
N ASP JA 307 6.81 -37.51 79.83
CA ASP JA 307 6.77 -38.82 79.23
C ASP JA 307 8.04 -39.17 78.51
N ALA JA 308 8.93 -38.19 78.37
CA ALA JA 308 10.15 -38.36 77.59
C ALA JA 308 11.28 -38.94 78.42
N TYR JA 309 11.52 -38.36 79.59
CA TYR JA 309 12.64 -38.77 80.43
C TYR JA 309 12.32 -38.46 81.88
N PHE JA 310 13.20 -38.92 82.77
CA PHE JA 310 13.11 -38.56 84.16
C PHE JA 310 14.48 -38.72 84.79
N VAL JA 311 14.82 -37.79 85.68
CA VAL JA 311 16.05 -37.85 86.46
C VAL JA 311 15.61 -37.77 87.91
N GLN JA 312 15.87 -38.81 88.68
CA GLN JA 312 15.49 -38.83 90.08
C GLN JA 312 16.65 -39.30 90.94
N ILE JA 313 17.18 -38.38 91.75
CA ILE JA 313 18.18 -38.71 92.76
C ILE JA 313 17.73 -38.11 94.08
N GLY JA 314 18.38 -38.54 95.16
CA GLY JA 314 18.07 -38.05 96.48
C GLY JA 314 18.32 -39.12 97.51
N LYS JA 315 18.50 -38.73 98.76
CA LYS JA 315 18.72 -39.69 99.82
C LYS JA 315 17.40 -40.39 100.12
N GLY JA 316 17.39 -41.71 99.98
CA GLY JA 316 16.20 -42.48 100.20
C GLY JA 316 15.37 -42.71 98.95
N ILE JA 317 15.38 -41.78 98.01
CA ILE JA 317 14.75 -42.03 96.71
C ILE JA 317 15.51 -43.09 95.95
N THR JA 318 16.83 -42.98 95.90
CA THR JA 318 17.62 -43.95 95.15
C THR JA 318 18.86 -44.45 95.87
N MET JA 319 19.35 -43.73 96.86
CA MET JA 319 20.56 -44.12 97.58
C MET JA 319 20.27 -44.20 99.08
N THR JA 320 20.87 -45.20 99.72
CA THR JA 320 20.68 -45.37 101.15
C THR JA 320 21.72 -44.55 101.90
N GLN JA 321 21.58 -44.52 103.22
CA GLN JA 321 22.53 -43.78 104.04
C GLN JA 321 23.88 -44.47 104.09
N GLU JA 322 23.89 -45.81 104.00
CA GLU JA 322 25.15 -46.53 103.92
C GLU JA 322 25.85 -46.34 102.58
N GLN JA 323 25.12 -45.90 101.56
CA GLN JA 323 25.74 -45.53 100.29
C GLN JA 323 26.32 -44.13 100.29
N ILE JA 324 26.01 -43.31 101.29
CA ILE JA 324 26.54 -41.95 101.35
C ILE JA 324 27.98 -41.97 101.87
N ASP JA 325 28.21 -42.69 102.96
CA ASP JA 325 29.54 -42.75 103.55
C ASP JA 325 30.43 -43.80 102.90
N ALA JA 326 29.94 -44.52 101.91
CA ALA JA 326 30.81 -45.29 101.03
C ALA JA 326 31.27 -44.48 99.83
N GLY JA 327 30.74 -43.27 99.67
CA GLY JA 327 31.13 -42.43 98.55
C GLY JA 327 30.46 -42.77 97.25
N GLN JA 328 29.15 -42.99 97.25
CA GLN JA 328 28.43 -43.40 96.06
C GLN JA 328 27.23 -42.50 95.83
N MET JA 329 27.11 -41.98 94.60
CA MET JA 329 25.94 -41.26 94.15
C MET JA 329 25.25 -42.08 93.08
N ILE JA 330 24.13 -42.71 93.43
CA ILE JA 330 23.38 -43.53 92.49
C ILE JA 330 22.39 -42.61 91.78
N VAL JA 331 22.42 -42.64 90.44
CA VAL JA 331 21.55 -41.79 89.63
C VAL JA 331 20.69 -42.70 88.76
N LYS JA 332 19.38 -42.44 88.72
CA LYS JA 332 18.46 -43.18 87.87
C LYS JA 332 17.94 -42.25 86.79
N VAL JA 333 18.20 -42.59 85.53
CA VAL JA 333 17.77 -41.82 84.37
C VAL JA 333 17.04 -42.78 83.43
N GLY JA 334 15.90 -42.34 82.90
CA GLY JA 334 15.13 -43.14 81.96
C GLY JA 334 14.94 -42.40 80.64
N LEU JA 335 14.82 -43.14 79.56
CA LEU JA 335 14.68 -42.56 78.23
C LEU JA 335 13.62 -43.33 77.45
N ALA JA 336 13.10 -42.69 76.42
CA ALA JA 336 12.10 -43.33 75.55
C ALA JA 336 12.44 -42.95 74.12
N ALA JA 337 13.23 -43.78 73.46
CA ALA JA 337 13.73 -43.47 72.12
C ALA JA 337 12.68 -43.85 71.07
N VAL JA 338 13.01 -43.60 69.80
CA VAL JA 338 12.12 -43.80 68.68
C VAL JA 338 12.41 -45.16 68.05
N ARG JA 339 11.38 -45.80 67.53
CA ARG JA 339 11.61 -47.04 66.82
C ARG JA 339 11.35 -46.83 65.34
N PRO JA 340 12.13 -47.44 64.46
CA PRO JA 340 11.91 -47.24 63.03
C PRO JA 340 10.79 -48.12 62.49
N ALA JA 341 10.32 -47.77 61.31
CA ALA JA 341 9.26 -48.49 60.62
C ALA JA 341 9.90 -49.44 59.62
N GLU JA 342 9.95 -50.72 59.97
CA GLU JA 342 10.62 -51.70 59.12
C GLU JA 342 9.76 -52.13 57.94
N PHE JA 343 8.45 -52.27 58.16
CA PHE JA 343 7.56 -52.85 57.16
C PHE JA 343 6.54 -51.82 56.74
N ILE JA 344 6.17 -51.84 55.46
CA ILE JA 344 5.11 -51.00 54.91
C ILE JA 344 4.31 -51.87 53.96
N ILE JA 345 3.07 -52.16 54.29
CA ILE JA 345 2.32 -53.04 53.40
C ILE JA 345 1.30 -52.21 52.64
N LEU JA 346 1.02 -52.63 51.42
CA LEU JA 346 0.25 -51.86 50.45
C LEU JA 346 -0.93 -52.70 49.98
N GLN JA 347 -2.14 -52.27 50.34
CA GLN JA 347 -3.34 -53.06 50.07
C GLN JA 347 -4.02 -52.49 48.83
N PHE JA 348 -4.18 -53.33 47.81
CA PHE JA 348 -4.65 -52.87 46.52
C PHE JA 348 -6.07 -53.35 46.27
N THR JA 349 -7.04 -52.52 46.63
CA THR JA 349 -8.42 -52.74 46.25
C THR JA 349 -8.59 -52.35 44.79
N GLN JA 350 -9.49 -53.03 44.09
CA GLN JA 350 -9.72 -52.72 42.69
C GLN JA 350 -10.99 -51.90 42.51
N ASP JA 351 -11.93 -52.05 43.43
CA ASP JA 351 -13.23 -51.39 43.33
C ASP JA 351 -13.23 -50.14 44.20
N VAL JA 352 -13.24 -48.97 43.58
CA VAL JA 352 -13.29 -47.71 44.29
C VAL JA 352 -14.73 -47.40 44.66
N GLU JA 353 -14.94 -46.92 45.89
CA GLU JA 353 -16.27 -46.53 46.34
C GLU JA 353 -16.52 -45.08 45.93
N TYR KA 5 42.89 4.74 54.82
CA TYR KA 5 43.22 5.20 56.16
C TYR KA 5 41.89 5.57 56.86
N THR KA 6 41.77 6.78 57.41
CA THR KA 6 40.57 7.15 58.15
C THR KA 6 39.68 8.02 57.28
N PRO KA 7 38.36 7.89 57.37
CA PRO KA 7 37.46 8.63 56.49
C PRO KA 7 37.33 10.09 56.90
N VAL KA 8 36.72 10.89 56.04
CA VAL KA 8 36.59 12.32 56.25
C VAL KA 8 35.11 12.67 56.37
N VAL KA 9 34.84 13.86 56.89
CA VAL KA 9 33.49 14.28 57.19
C VAL KA 9 32.99 15.18 56.07
N SER KA 10 31.67 15.33 56.01
CA SER KA 10 31.01 15.95 54.87
C SER KA 10 30.27 17.24 55.24
N HIS KA 11 30.89 18.10 56.05
CA HIS KA 11 30.30 19.40 56.34
C HIS KA 11 31.32 20.52 56.32
N ARG KA 12 32.42 20.34 55.59
CA ARG KA 12 33.30 21.43 55.18
C ARG KA 12 33.49 21.35 53.69
N PHE KA 13 33.05 22.39 52.99
CA PHE KA 13 33.15 22.41 51.55
C PHE KA 13 33.00 23.85 51.11
N MET KA 14 33.58 24.17 49.96
CA MET KA 14 33.34 25.45 49.34
C MET KA 14 33.29 25.20 47.85
N ALA KA 15 32.49 25.99 47.15
CA ALA KA 15 32.37 25.87 45.71
C ALA KA 15 32.49 27.24 45.09
N SER KA 16 33.49 27.42 44.24
CA SER KA 16 33.74 28.69 43.59
C SER KA 16 33.49 28.54 42.10
N PHE KA 17 33.01 29.61 41.49
CA PHE KA 17 32.60 29.59 40.10
C PHE KA 17 33.61 30.36 39.26
N ILE KA 18 33.67 30.03 37.98
CA ILE KA 18 34.60 30.65 37.04
C ILE KA 18 33.77 31.18 35.88
N PHE KA 19 33.52 32.48 35.86
CA PHE KA 19 32.70 33.09 34.82
C PHE KA 19 33.62 33.65 33.73
N ASN KA 20 33.75 32.90 32.63
CA ASN KA 20 34.55 33.27 31.46
C ASN KA 20 36.01 33.52 31.84
N ARG KA 21 36.59 32.52 32.50
CA ARG KA 21 37.95 32.49 33.02
C ARG KA 21 38.25 33.64 33.98
N ILE KA 22 37.22 34.16 34.64
CA ILE KA 22 37.35 35.16 35.69
C ILE KA 22 36.76 34.53 36.95
N PRO KA 23 37.55 34.30 37.99
CA PRO KA 23 37.03 33.57 39.16
C PRO KA 23 36.06 34.42 39.96
N ASP KA 24 35.23 33.72 40.74
CA ASP KA 24 34.14 34.32 41.49
C ASP KA 24 34.30 33.92 42.95
N PRO KA 25 35.04 34.71 43.72
CA PRO KA 25 35.31 34.35 45.12
C PRO KA 25 34.32 34.92 46.13
N LEU KA 26 33.18 35.41 45.70
CA LEU KA 26 32.18 35.95 46.61
C LEU KA 26 31.13 34.95 47.04
N ASP KA 27 31.08 33.78 46.40
CA ASP KA 27 29.92 32.91 46.47
C ASP KA 27 30.33 31.50 46.87
N ILE KA 28 31.06 31.39 47.97
CA ILE KA 28 31.52 30.09 48.44
C ILE KA 28 30.68 29.53 49.58
N ARG KA 29 29.65 30.24 50.04
CA ARG KA 29 28.85 29.76 51.16
C ARG KA 29 27.60 29.05 50.66
N PHE KA 30 27.56 27.73 50.78
CA PHE KA 30 26.42 26.95 50.33
C PHE KA 30 25.94 26.04 51.46
N GLN KA 31 24.64 25.76 51.45
CA GLN KA 31 24.02 24.88 52.44
C GLN KA 31 24.36 23.42 52.15
N ARG KA 32 24.17 22.99 50.90
CA ARG KA 32 24.50 21.62 50.54
C ARG KA 32 24.83 21.57 49.05
N ILE KA 33 25.59 20.56 48.66
CA ILE KA 33 25.98 20.29 47.29
C ILE KA 33 25.68 18.82 47.02
N SER KA 34 25.20 18.52 45.81
CA SER KA 34 24.51 17.26 45.52
C SER KA 34 25.39 16.02 45.57
N GLY KA 35 26.70 16.14 45.44
CA GLY KA 35 27.49 14.93 45.37
C GLY KA 35 27.53 14.40 43.96
N LEU KA 36 28.71 14.11 43.46
CA LEU KA 36 28.96 14.01 42.03
C LEU KA 36 29.01 12.55 41.60
N SER KA 37 28.05 12.15 40.77
CA SER KA 37 27.94 10.79 40.28
C SER KA 37 28.18 10.77 38.79
N ARG KA 38 28.86 9.73 38.31
CA ARG KA 38 28.95 9.44 36.89
C ARG KA 38 28.74 7.96 36.68
N GLU KA 39 28.19 7.61 35.53
CA GLU KA 39 27.71 6.25 35.28
C GLU KA 39 28.04 5.86 33.86
N LEU KA 40 28.61 4.67 33.68
CA LEU KA 40 28.84 4.13 32.34
C LEU KA 40 27.61 3.34 31.94
N GLN KA 41 26.92 3.81 30.91
CA GLN KA 41 25.74 3.12 30.42
C GLN KA 41 26.15 1.80 29.79
N VAL KA 42 25.31 0.79 29.94
CA VAL KA 42 25.67 -0.59 29.64
C VAL KA 42 24.51 -1.22 28.88
N THR KA 43 24.80 -1.81 27.73
CA THR KA 43 23.82 -2.57 26.97
C THR KA 43 24.12 -4.06 27.16
N GLN KA 44 23.20 -4.78 27.77
CA GLN KA 44 23.39 -6.21 27.96
C GLN KA 44 23.03 -6.94 26.67
N TYR KA 45 23.96 -7.76 26.18
CA TYR KA 45 23.74 -8.55 24.98
C TYR KA 45 23.81 -10.02 25.35
N SER KA 46 22.67 -10.69 25.29
CA SER KA 46 22.59 -12.12 25.52
C SER KA 46 22.64 -12.83 24.17
N GLU KA 47 23.34 -13.96 24.10
CA GLU KA 47 23.65 -14.52 22.80
C GLU KA 47 23.68 -16.03 22.84
N GLY KA 48 23.11 -16.62 21.78
CA GLY KA 48 23.45 -17.96 21.33
C GLY KA 48 23.20 -19.04 22.34
N GLY KA 49 24.19 -19.89 22.53
CA GLY KA 49 24.07 -20.93 23.52
C GLY KA 49 24.55 -20.54 24.88
N GLU KA 50 25.08 -19.33 25.03
CA GLU KA 50 25.56 -18.87 26.32
C GLU KA 50 24.38 -18.32 27.10
N ASN KA 51 23.66 -19.21 27.78
CA ASN KA 51 22.55 -18.84 28.63
C ASN KA 51 22.81 -19.21 30.09
N ALA KA 52 24.03 -18.97 30.57
CA ALA KA 52 24.35 -19.13 31.97
C ALA KA 52 25.23 -18.01 32.50
N ARG KA 53 25.64 -17.07 31.67
CA ARG KA 53 26.41 -15.93 32.15
C ARG KA 53 26.13 -14.75 31.23
N ASN KA 54 26.00 -13.58 31.83
CA ASN KA 54 25.65 -12.38 31.08
C ASN KA 54 26.86 -11.87 30.29
N ASN KA 55 26.61 -10.85 29.49
CA ASN KA 55 27.65 -10.28 28.65
C ASN KA 55 27.30 -8.83 28.40
N TYR KA 56 28.00 -7.93 29.08
CA TYR KA 56 27.65 -6.52 29.11
C TYR KA 56 28.57 -5.74 28.19
N LEU KA 57 27.98 -4.91 27.35
CA LEU KA 57 28.71 -4.09 26.38
C LEU KA 57 28.65 -2.65 26.83
N ALA KA 58 29.81 -1.99 26.89
CA ALA KA 58 29.93 -0.63 27.37
C ALA KA 58 29.29 0.35 26.39
N GLU KA 59 29.04 1.56 26.87
CA GLU KA 59 28.42 2.57 26.04
C GLU KA 59 28.97 3.92 26.54
N LYS KA 60 28.27 5.00 26.23
CA LYS KA 60 28.72 6.33 26.62
C LYS KA 60 28.54 6.52 28.12
N ILE KA 61 29.29 7.47 28.66
CA ILE KA 61 29.28 7.79 30.08
C ILE KA 61 28.26 8.89 30.32
N GLN KA 62 27.43 8.71 31.35
CA GLN KA 62 26.35 9.63 31.67
C GLN KA 62 26.69 10.33 32.98
N HIS KA 63 27.03 11.61 32.90
CA HIS KA 63 27.37 12.37 34.10
C HIS KA 63 26.11 12.82 34.83
N GLY KA 64 26.25 13.02 36.12
CA GLY KA 64 25.12 13.42 36.95
C GLY KA 64 24.76 14.88 36.77
N THR KA 65 23.86 15.33 37.63
CA THR KA 65 23.40 16.72 37.62
C THR KA 65 23.68 17.32 38.99
N LEU KA 66 24.33 18.48 38.99
CA LEU KA 66 24.82 19.09 40.21
C LEU KA 66 23.79 20.09 40.73
N THR KA 67 23.20 19.79 41.89
CA THR KA 67 22.31 20.71 42.55
C THR KA 67 23.03 21.27 43.75
N LEU KA 68 22.76 22.52 44.08
CA LEU KA 68 23.37 23.12 45.25
C LEU KA 68 22.50 24.27 45.70
N GLU KA 69 22.15 24.28 46.98
CA GLU KA 69 21.24 25.28 47.50
C GLU KA 69 21.95 26.12 48.55
N ARG KA 70 21.50 27.36 48.66
CA ARG KA 70 22.08 28.30 49.60
C ARG KA 70 20.94 29.16 50.13
N GLY KA 71 21.17 29.78 51.29
CA GLY KA 71 20.25 30.79 51.75
C GLY KA 71 20.26 31.98 50.81
N VAL KA 72 19.12 32.65 50.69
CA VAL KA 72 19.06 33.77 49.76
C VAL KA 72 19.74 34.98 50.39
N MET KA 73 20.66 35.58 49.63
CA MET KA 73 21.54 36.59 50.18
C MET KA 73 21.44 37.82 49.31
N THR KA 74 22.31 38.80 49.56
CA THR KA 74 22.41 39.98 48.72
C THR KA 74 22.87 39.56 47.31
N VAL KA 75 22.46 40.33 46.31
CA VAL KA 75 22.69 39.96 44.93
C VAL KA 75 24.19 40.02 44.63
N SER KA 76 24.67 39.05 43.87
CA SER KA 76 26.07 38.69 43.71
C SER KA 76 26.34 38.36 42.25
N PRO KA 77 27.62 38.24 41.85
CA PRO KA 77 27.90 37.80 40.47
C PRO KA 77 27.43 36.39 40.14
N LEU KA 78 27.14 35.55 41.13
CA LEU KA 78 26.53 34.26 40.83
C LEU KA 78 25.09 34.45 40.41
N THR KA 79 24.34 35.28 41.15
CA THR KA 79 22.93 35.49 40.89
C THR KA 79 22.70 36.26 39.61
N TRP KA 80 23.60 37.19 39.27
CA TRP KA 80 23.49 37.89 38.00
C TRP KA 80 23.79 36.97 36.82
N MET KA 81 24.48 35.85 37.05
CA MET KA 81 24.74 34.91 35.97
C MET KA 81 23.51 34.07 35.67
N PHE KA 82 22.88 33.49 36.70
CA PHE KA 82 21.67 32.70 36.51
C PHE KA 82 20.52 33.54 35.97
N ASP KA 83 20.38 34.78 36.45
CA ASP KA 83 19.32 35.64 35.97
C ASP KA 83 19.54 36.05 34.52
N ARG KA 84 20.80 36.10 34.08
CA ARG KA 84 21.07 36.46 32.69
C ARG KA 84 20.74 35.32 31.75
N VAL KA 85 21.00 34.08 32.14
CA VAL KA 85 20.75 32.95 31.25
C VAL KA 85 19.31 32.44 31.34
N LEU KA 86 18.65 32.60 32.47
CA LEU KA 86 17.27 32.14 32.61
C LEU KA 86 16.25 33.22 32.30
N SER KA 87 16.68 34.38 31.80
CA SER KA 87 15.79 35.35 31.20
C SER KA 87 15.98 35.40 29.69
N GLY KA 88 16.66 34.41 29.13
CA GLY KA 88 16.82 34.27 27.71
C GLY KA 88 17.77 35.23 27.05
N GLU KA 89 18.61 35.92 27.83
CA GLU KA 89 19.57 36.83 27.21
C GLU KA 89 20.70 36.08 26.54
N LYS KA 90 21.49 35.35 27.33
CA LYS KA 90 22.76 34.79 26.87
C LYS KA 90 22.92 33.41 27.45
N ILE KA 91 23.16 32.43 26.60
CA ILE KA 91 23.46 31.06 27.03
C ILE KA 91 24.97 31.01 27.20
N ALA KA 92 25.43 31.07 28.43
CA ALA KA 92 26.85 31.08 28.72
C ALA KA 92 27.21 29.96 29.67
N TYR KA 93 28.47 29.56 29.63
CA TYR KA 93 28.99 28.47 30.43
C TYR KA 93 29.73 29.03 31.64
N ALA KA 94 29.80 28.22 32.69
CA ALA KA 94 30.49 28.61 33.91
C ALA KA 94 31.12 27.37 34.52
N ASP KA 95 32.38 27.45 34.88
CA ASP KA 95 33.09 26.32 35.45
C ASP KA 95 33.03 26.38 36.97
N VAL KA 96 32.82 25.22 37.59
CA VAL KA 96 32.61 25.13 39.03
C VAL KA 96 33.75 24.32 39.63
N VAL KA 97 34.32 24.82 40.72
CA VAL KA 97 35.37 24.11 41.44
C VAL KA 97 34.86 23.82 42.85
N VAL KA 98 34.53 22.56 43.11
CA VAL KA 98 33.98 22.13 44.38
C VAL KA 98 35.07 21.41 45.15
N MET KA 99 35.41 21.92 46.34
CA MET KA 99 36.49 21.28 47.07
C MET KA 99 36.06 20.99 48.49
N LEU KA 100 36.55 19.87 49.00
CA LEU KA 100 36.49 19.54 50.43
C LEU KA 100 37.47 20.43 51.17
N LEU KA 101 37.40 20.44 52.49
CA LEU KA 101 38.32 21.26 53.27
C LEU KA 101 38.83 20.46 54.45
N ASN KA 102 40.03 20.80 54.88
CA ASN KA 102 40.68 20.17 56.02
C ASN KA 102 40.29 20.91 57.29
N GLU KA 103 41.00 20.58 58.37
CA GLU KA 103 40.78 21.29 59.63
C GLU KA 103 41.46 22.64 59.61
N ASN KA 104 42.60 22.74 58.93
CA ASN KA 104 43.33 23.99 58.76
C ASN KA 104 42.84 24.79 57.56
N SER KA 105 41.64 24.47 57.06
CA SER KA 105 41.03 25.06 55.87
C SER KA 105 41.94 24.93 54.64
N LEU KA 106 42.52 23.75 54.48
CA LEU KA 106 43.25 23.39 53.29
C LEU KA 106 42.42 22.41 52.48
N PRO KA 107 42.52 22.39 51.16
CA PRO KA 107 41.66 21.49 50.39
C PRO KA 107 42.23 20.07 50.40
N LEU KA 108 41.34 19.10 50.61
CA LEU KA 108 41.74 17.71 50.45
C LEU KA 108 41.69 17.30 48.99
N SER KA 109 40.49 17.28 48.41
CA SER KA 109 40.28 16.99 47.01
C SER KA 109 39.36 18.04 46.42
N SER KA 110 39.51 18.29 45.12
CA SER KA 110 38.67 19.26 44.42
C SER KA 110 38.14 18.64 43.14
N TRP KA 111 36.89 18.92 42.83
CA TRP KA 111 36.28 18.49 41.57
C TRP KA 111 36.07 19.71 40.69
N THR KA 112 36.67 19.71 39.51
CA THR KA 112 36.48 20.79 38.56
C THR KA 112 35.45 20.34 37.53
N LEU KA 113 34.42 21.14 37.35
CA LEU KA 113 33.23 20.75 36.59
C LEU KA 113 33.14 21.67 35.38
N SER KA 114 33.78 21.26 34.29
CA SER KA 114 33.98 22.15 33.16
C SER KA 114 32.70 22.36 32.38
N ASN KA 115 32.46 23.62 32.00
CA ASN KA 115 31.38 24.04 31.11
C ASN KA 115 30.01 23.65 31.66
N ALA KA 116 29.73 24.07 32.88
CA ALA KA 116 28.48 23.72 33.52
C ALA KA 116 27.40 24.71 33.12
N LEU KA 117 26.34 24.20 32.49
CA LEU KA 117 25.26 25.04 32.00
C LEU KA 117 24.21 25.20 33.06
N PRO KA 118 23.87 26.42 33.47
CA PRO KA 118 22.83 26.61 34.49
C PRO KA 118 21.44 26.27 33.96
N VAL KA 119 20.87 25.21 34.50
CA VAL KA 119 19.61 24.69 33.98
C VAL KA 119 18.42 25.31 34.70
N ARG KA 120 18.29 25.12 36.01
CA ARG KA 120 17.10 25.58 36.72
C ARG KA 120 17.49 26.30 38.00
N TRP KA 121 16.51 26.98 38.58
CA TRP KA 121 16.72 27.89 39.70
C TRP KA 121 15.39 28.03 40.40
N GLN KA 122 15.32 27.60 41.66
CA GLN KA 122 14.07 27.46 42.36
C GLN KA 122 14.22 27.93 43.80
N THR KA 123 13.39 28.86 44.23
CA THR KA 123 13.39 29.27 45.61
C THR KA 123 12.46 28.39 46.44
N SER KA 124 12.67 28.42 47.74
CA SER KA 124 11.73 27.75 48.63
C SER KA 124 10.44 28.55 48.72
N ASP KA 125 9.40 27.91 49.21
CA ASP KA 125 8.12 28.58 49.27
C ASP KA 125 7.99 29.46 50.50
N PHE KA 126 7.32 30.59 50.33
CA PHE KA 126 6.89 31.36 51.48
C PHE KA 126 5.80 30.60 52.19
N ASP KA 127 5.79 30.70 53.52
CA ASP KA 127 4.64 30.28 54.30
C ASP KA 127 4.67 31.03 55.61
N ALA KA 128 3.52 31.51 56.03
CA ALA KA 128 3.43 32.29 57.25
C ALA KA 128 3.46 31.44 58.51
N ASN KA 129 3.25 30.15 58.37
CA ASN KA 129 2.97 29.30 59.51
C ASN KA 129 4.21 28.66 60.10
N SER KA 130 5.31 28.63 59.36
CA SER KA 130 6.52 27.99 59.83
C SER KA 130 7.73 28.88 59.61
N ASN KA 131 8.71 28.73 60.49
CA ASN KA 131 9.92 29.54 60.51
C ASN KA 131 11.09 28.78 59.90
N ALA KA 132 11.52 29.21 58.72
CA ALA KA 132 12.65 28.61 58.06
C ALA KA 132 13.28 29.61 57.12
N ILE KA 133 14.52 29.36 56.76
CA ILE KA 133 15.26 30.21 55.84
C ILE KA 133 14.76 29.98 54.43
N LEU KA 134 14.53 31.08 53.71
CA LEU KA 134 14.35 30.99 52.27
C LEU KA 134 15.64 30.53 51.62
N VAL KA 135 15.57 29.44 50.85
CA VAL KA 135 16.75 28.90 50.19
C VAL KA 135 16.57 29.02 48.69
N ASN KA 136 17.66 28.85 47.96
CA ASN KA 136 17.72 28.98 46.52
C ASN KA 136 18.21 27.66 45.92
N THR KA 137 17.30 26.73 45.70
CA THR KA 137 17.68 25.45 45.13
C THR KA 137 17.98 25.65 43.65
N LEU KA 138 19.25 25.85 43.31
CA LEU KA 138 19.66 26.13 41.94
C LEU KA 138 20.55 25.02 41.43
N GLU KA 139 20.22 24.52 40.24
CA GLU KA 139 20.70 23.24 39.73
C GLU KA 139 21.26 23.44 38.34
N LEU KA 140 22.48 22.95 38.11
CA LEU KA 140 23.18 23.23 36.87
C LEU KA 140 23.85 21.98 36.34
N ARG KA 141 23.83 21.81 35.02
CA ARG KA 141 24.28 20.60 34.36
C ARG KA 141 25.67 20.79 33.77
N TYR KA 142 26.61 19.97 34.23
CA TYR KA 142 27.99 20.03 33.79
C TYR KA 142 28.21 18.97 32.73
N GLN KA 143 29.23 19.15 31.91
CA GLN KA 143 29.47 18.21 30.83
C GLN KA 143 30.77 17.45 30.96
N ASP KA 144 31.60 17.77 31.94
CA ASP KA 144 32.76 16.95 32.26
C ASP KA 144 33.14 17.18 33.70
N MET KA 145 33.81 16.21 34.30
CA MET KA 145 34.24 16.31 35.69
C MET KA 145 35.63 15.72 35.83
N ARG KA 146 36.55 16.53 36.34
CA ARG KA 146 37.95 16.14 36.48
C ARG KA 146 38.32 16.23 37.95
N TRP KA 147 38.27 15.10 38.62
CA TRP KA 147 38.70 14.99 40.01
C TRP KA 147 40.19 15.31 40.14
N LEU KA 148 40.54 16.08 41.15
CA LEU KA 148 41.94 16.44 41.40
C LEU KA 148 42.19 16.45 42.90
N GLY KA 149 43.13 15.59 43.34
CA GLY KA 149 43.96 15.79 44.55
C GLY KA 149 44.25 14.49 45.26
N VAL KA 150 44.32 14.57 46.58
CA VAL KA 150 44.44 13.40 47.44
C VAL KA 150 43.12 13.26 48.19
N LYS KA 151 42.85 12.04 48.65
CA LYS KA 151 41.64 11.70 49.41
C LYS KA 151 40.36 12.06 48.65
N ILE KA 152 40.15 11.36 47.53
CA ILE KA 152 39.11 11.64 46.52
C ILE KA 152 37.71 11.98 47.02
N TYR LA 5 25.76 37.86 52.62
CA TYR LA 5 25.73 38.34 53.99
C TYR LA 5 24.86 37.36 54.81
N THR LA 6 23.85 37.84 55.53
CA THR LA 6 23.04 36.99 56.37
C THR LA 6 21.71 36.69 55.69
N PRO LA 7 21.18 35.48 55.84
CA PRO LA 7 19.97 35.11 55.11
C PRO LA 7 18.73 35.72 55.74
N VAL LA 8 17.60 35.61 55.03
CA VAL LA 8 16.35 36.21 55.46
C VAL LA 8 15.34 35.12 55.70
N VAL LA 9 14.27 35.48 56.40
CA VAL LA 9 13.27 34.52 56.84
C VAL LA 9 12.08 34.56 55.88
N SER LA 10 11.27 33.51 55.92
CA SER LA 10 10.25 33.28 54.91
C SER LA 10 8.85 33.29 55.49
N HIS LA 11 8.53 34.24 56.38
CA HIS LA 11 7.18 34.37 56.89
C HIS LA 11 6.74 35.83 56.96
N ARG LA 12 7.34 36.70 56.16
CA ARG LA 12 6.79 38.01 55.88
C ARG LA 12 6.72 38.18 54.38
N PHE LA 13 5.52 38.35 53.86
CA PHE LA 13 5.32 38.49 52.44
C PHE LA 13 3.97 39.10 52.22
N MET LA 14 3.82 39.80 51.10
CA MET LA 14 2.52 40.26 50.68
C MET LA 14 2.47 40.12 49.17
N ALA LA 15 1.29 39.86 48.65
CA ALA LA 15 1.12 39.73 47.21
C ALA LA 15 -0.08 40.56 46.79
N SER LA 16 0.14 41.51 45.92
CA SER LA 16 -0.91 42.39 45.44
C SER LA 16 -1.14 42.14 43.97
N PHE LA 17 -2.38 42.29 43.54
CA PHE LA 17 -2.78 41.97 42.19
C PHE LA 17 -3.06 43.26 41.41
N ILE LA 18 -2.93 43.18 40.09
CA ILE LA 18 -3.13 44.32 39.21
C ILE LA 18 -4.16 43.90 38.19
N PHE LA 19 -5.41 44.34 38.36
CA PHE LA 19 -6.50 43.97 37.46
C PHE LA 19 -6.67 45.08 36.43
N ASN LA 20 -6.13 44.85 35.23
CA ASN LA 20 -6.23 45.75 34.07
C ASN LA 20 -5.65 47.13 34.40
N ARG LA 21 -4.39 47.10 34.89
CA ARG LA 21 -3.61 48.26 35.32
C ARG LA 21 -4.29 49.06 36.43
N ILE LA 22 -5.15 48.42 37.20
CA ILE LA 22 -5.78 49.00 38.38
C ILE LA 22 -5.35 48.15 39.57
N PRO LA 23 -4.60 48.68 40.52
CA PRO LA 23 -4.07 47.83 41.59
C PRO LA 23 -5.16 47.41 42.57
N ASP LA 24 -4.87 46.31 43.27
CA ASP LA 24 -5.81 45.65 44.17
C ASP LA 24 -5.18 45.55 45.53
N PRO LA 25 -5.35 46.56 46.38
CA PRO LA 25 -4.70 46.58 47.69
C PRO LA 25 -5.52 45.98 48.82
N LEU LA 26 -6.60 45.25 48.52
CA LEU LA 26 -7.42 44.65 49.55
C LEU LA 26 -7.02 43.22 49.89
N ASP LA 27 -6.16 42.61 49.09
CA ASP LA 27 -5.99 41.16 49.11
C ASP LA 27 -4.53 40.79 49.27
N ILE LA 28 -3.89 41.33 50.31
CA ILE LA 28 -2.50 41.06 50.55
C ILE LA 28 -2.26 40.01 51.64
N ARG LA 29 -3.31 39.47 52.26
CA ARG LA 29 -3.14 38.51 53.34
C ARG LA 29 -3.25 37.08 52.80
N PHE LA 30 -2.12 36.39 52.73
CA PHE LA 30 -2.10 35.02 52.24
C PHE LA 30 -1.40 34.11 53.25
N GLN LA 31 -1.82 32.85 53.27
CA GLN LA 31 -1.23 31.85 54.15
C GLN LA 31 0.13 31.40 53.64
N ARG LA 32 0.23 31.07 52.36
CA ARG LA 32 1.50 30.66 51.77
C ARG LA 32 1.47 30.96 50.29
N ILE LA 33 2.67 31.11 49.72
CA ILE LA 33 2.88 31.36 48.29
C ILE LA 33 3.94 30.37 47.83
N SER LA 34 3.78 29.83 46.62
CA SER LA 34 4.46 28.61 46.20
C SER LA 34 5.96 28.73 46.01
N GLY LA 35 6.50 29.93 45.85
CA GLY LA 35 7.92 30.00 45.56
C GLY LA 35 8.18 29.80 44.08
N LEU LA 36 8.94 30.70 43.48
CA LEU LA 36 8.94 30.90 42.04
C LEU LA 36 10.14 30.21 41.41
N SER LA 37 9.88 29.21 40.59
CA SER LA 37 10.90 28.44 39.90
C SER LA 37 10.81 28.68 38.41
N ARG LA 38 11.96 28.75 37.75
CA ARG LA 38 12.04 28.72 36.30
C ARG LA 38 13.17 27.79 35.90
N GLU LA 39 13.02 27.17 34.74
CA GLU LA 39 13.89 26.09 34.33
C GLU LA 39 14.18 26.21 32.84
N LEU LA 40 15.45 26.10 32.46
CA LEU LA 40 15.83 26.06 31.06
C LEU LA 40 15.82 24.62 30.61
N GLN LA 41 14.91 24.29 29.69
CA GLN LA 41 14.83 22.94 29.17
C GLN LA 41 16.06 22.64 28.34
N VAL LA 42 16.52 21.40 28.39
CA VAL LA 42 17.83 21.02 27.87
C VAL LA 42 17.67 19.72 27.10
N THR LA 43 18.14 19.71 25.86
CA THR LA 43 18.19 18.50 25.04
C THR LA 43 19.62 18.01 25.00
N GLN LA 44 19.87 16.83 25.56
CA GLN LA 44 21.20 16.27 25.51
C GLN LA 44 21.46 15.62 24.16
N TYR LA 45 22.54 16.02 23.51
CA TYR LA 45 22.93 15.47 22.23
C TYR LA 45 24.26 14.77 22.37
N SER LA 46 24.27 13.45 22.28
CA SER LA 46 25.47 12.65 22.29
C SER LA 46 25.90 12.37 20.87
N GLU LA 47 27.20 12.41 20.60
CA GLU LA 47 27.63 12.42 19.21
C GLU LA 47 28.95 11.68 19.02
N GLY LA 48 29.00 10.93 17.93
CA GLY LA 48 30.24 10.56 17.27
C GLY LA 48 31.17 9.76 18.13
N GLY LA 49 32.43 10.19 18.15
CA GLY LA 49 33.41 9.53 18.98
C GLY LA 49 33.52 10.10 20.36
N GLU LA 50 32.77 11.16 20.65
CA GLU LA 50 32.83 11.78 21.97
C GLU LA 50 31.87 11.02 22.89
N ASN LA 51 32.38 9.92 23.46
CA ASN LA 51 31.64 9.13 24.42
C ASN LA 51 32.29 9.13 25.79
N ALA LA 52 32.78 10.28 26.23
CA ALA LA 52 33.29 10.44 27.57
C ALA LA 52 32.86 11.75 28.22
N ARG LA 53 32.14 12.61 27.50
CA ARG LA 53 31.63 13.82 28.10
C ARG LA 53 30.35 14.21 27.38
N ASN LA 54 29.38 14.68 28.15
CA ASN LA 54 28.08 15.00 27.59
C ASN LA 54 28.12 16.32 26.84
N ASN LA 55 27.01 16.65 26.20
CA ASN LA 55 26.93 17.86 25.40
C ASN LA 55 25.48 18.29 25.38
N TYR LA 56 25.16 19.34 26.14
CA TYR LA 56 23.80 19.74 26.38
C TYR LA 56 23.46 20.96 25.55
N LEU LA 57 22.32 20.89 24.86
CA LEU LA 57 21.86 21.97 23.99
C LEU LA 57 20.66 22.63 24.64
N ALA LA 58 20.70 23.96 24.73
CA ALA LA 58 19.67 24.74 25.40
C ALA LA 58 18.37 24.71 24.60
N GLU LA 59 17.29 25.09 25.27
CA GLU LA 59 15.99 25.10 24.63
C GLU LA 59 15.19 26.23 25.29
N LYS LA 60 13.87 26.19 25.17
CA LYS LA 60 13.04 27.23 25.73
C LYS LA 60 12.99 27.14 27.24
N ILE LA 61 12.65 28.25 27.87
CA ILE LA 61 12.59 28.37 29.32
C ILE LA 61 11.18 28.04 29.77
N GLN LA 62 11.06 27.19 30.79
CA GLN LA 62 9.78 26.72 31.31
C GLN LA 62 9.56 27.33 32.69
N HIS LA 63 8.63 28.28 32.78
CA HIS LA 63 8.33 28.92 34.05
C HIS LA 63 7.43 28.04 34.90
N GLY LA 64 7.53 28.22 36.20
CA GLY LA 64 6.74 27.43 37.13
C GLY LA 64 5.29 27.86 37.19
N THR LA 65 4.58 27.29 38.14
CA THR LA 65 3.17 27.60 38.37
C THR LA 65 3.00 28.11 39.78
N LEU LA 66 2.34 29.25 39.91
CA LEU LA 66 2.25 29.94 41.19
C LEU LA 66 0.97 29.55 41.91
N THR LA 67 1.10 28.86 43.03
CA THR LA 67 -0.04 28.54 43.87
C THR LA 67 0.03 29.40 45.10
N LEU LA 68 -1.11 29.80 45.62
CA LEU LA 68 -1.15 30.59 46.83
C LEU LA 68 -2.50 30.42 47.48
N GLU LA 69 -2.49 30.09 48.76
CA GLU LA 69 -3.72 29.79 49.48
C GLU LA 69 -3.92 30.79 50.59
N ARG LA 70 -5.19 31.04 50.90
CA ARG LA 70 -5.55 31.98 51.94
C ARG LA 70 -6.77 31.43 52.65
N GLY LA 71 -7.01 31.90 53.87
CA GLY LA 71 -8.27 31.60 54.51
C GLY LA 71 -9.41 32.24 53.76
N VAL LA 72 -10.57 31.60 53.80
CA VAL LA 72 -11.70 32.13 53.05
C VAL LA 72 -12.29 33.32 53.80
N MET LA 73 -12.44 34.43 53.09
CA MET LA 73 -12.78 35.69 53.73
C MET LA 73 -14.02 36.26 53.05
N THR LA 74 -14.37 37.49 53.40
CA THR LA 74 -15.44 38.20 52.72
C THR LA 74 -15.07 38.42 51.26
N VAL LA 75 -16.08 38.48 50.40
CA VAL LA 75 -15.86 38.53 48.96
C VAL LA 75 -15.20 39.86 48.60
N SER LA 76 -14.24 39.80 47.68
CA SER LA 76 -13.27 40.84 47.40
C SER LA 76 -13.05 40.95 45.90
N PRO LA 77 -12.37 42.00 45.41
CA PRO LA 77 -12.07 42.06 43.97
C PRO LA 77 -11.15 40.96 43.47
N LEU LA 78 -10.44 40.24 44.34
CA LEU LA 78 -9.71 39.07 43.89
C LEU LA 78 -10.65 37.93 43.58
N THR LA 79 -11.61 37.70 44.47
CA THR LA 79 -12.54 36.60 44.33
C THR LA 79 -13.51 36.82 43.17
N TRP LA 80 -13.90 38.08 42.93
CA TRP LA 80 -14.73 38.37 41.77
C TRP LA 80 -13.98 38.20 40.47
N MET LA 81 -12.65 38.23 40.50
CA MET LA 81 -11.88 38.00 39.28
C MET LA 81 -11.83 36.52 38.92
N PHE LA 82 -11.50 35.65 39.89
CA PHE LA 82 -11.47 34.21 39.66
C PHE LA 82 -12.84 33.67 39.31
N ASP LA 83 -13.90 34.16 39.96
CA ASP LA 83 -15.23 33.70 39.66
C ASP LA 83 -15.68 34.13 38.28
N ARG LA 84 -15.16 35.26 37.78
CA ARG LA 84 -15.54 35.71 36.45
C ARG LA 84 -14.88 34.87 35.37
N VAL LA 85 -13.64 34.46 35.57
CA VAL LA 85 -12.93 33.71 34.54
C VAL LA 85 -13.21 32.21 34.63
N LEU LA 86 -13.51 31.67 35.81
CA LEU LA 86 -13.79 30.25 35.94
C LEU LA 86 -15.27 29.93 35.85
N SER LA 87 -16.11 30.89 35.51
CA SER LA 87 -17.47 30.64 35.10
C SER LA 87 -17.65 30.86 33.60
N GLY LA 88 -16.55 30.97 32.87
CA GLY LA 88 -16.57 31.06 31.44
C GLY LA 88 -17.00 32.40 30.88
N GLU LA 89 -17.06 33.45 31.70
CA GLU LA 89 -17.44 34.75 31.18
C GLU LA 89 -16.33 35.37 30.35
N LYS LA 90 -15.19 35.66 30.98
CA LYS LA 90 -14.15 36.48 30.37
C LYS LA 90 -12.79 35.91 30.74
N ILE LA 91 -11.97 35.64 29.74
CA ILE LA 91 -10.61 35.20 29.96
C ILE LA 91 -9.77 36.47 30.04
N ALA LA 92 -9.40 36.86 31.24
CA ALA LA 92 -8.65 38.09 31.45
C ALA LA 92 -7.37 37.80 32.22
N TYR LA 93 -6.40 38.68 32.05
CA TYR LA 93 -5.10 38.57 32.66
C TYR LA 93 -5.01 39.45 33.89
N ALA LA 94 -4.14 39.08 34.81
CA ALA LA 94 -3.93 39.82 36.04
C ALA LA 94 -2.47 39.73 36.43
N ASP LA 95 -1.85 40.85 36.73
CA ASP LA 95 -0.44 40.87 37.10
C ASP LA 95 -0.30 40.80 38.61
N VAL LA 96 0.67 40.02 39.07
CA VAL LA 96 0.87 39.74 40.48
C VAL LA 96 2.22 40.32 40.89
N VAL LA 97 2.25 41.02 42.02
CA VAL LA 97 3.49 41.56 42.58
C VAL LA 97 3.69 40.91 43.95
N VAL LA 98 4.64 39.99 44.04
CA VAL LA 98 4.91 39.26 45.28
C VAL LA 98 6.19 39.82 45.87
N MET LA 99 6.11 40.34 47.09
CA MET LA 99 7.30 40.92 47.67
C MET LA 99 7.55 40.38 49.06
N LEU LA 100 8.83 40.21 49.38
CA LEU LA 100 9.29 39.95 50.74
C LEU LA 100 9.13 41.23 51.56
N LEU LA 101 9.29 41.13 52.87
CA LEU LA 101 9.17 42.32 53.70
C LEU LA 101 10.29 42.32 54.72
N ASN LA 102 10.67 43.52 55.14
CA ASN LA 102 11.70 43.73 56.13
C ASN LA 102 11.08 43.72 57.52
N GLU LA 103 11.87 44.14 58.51
CA GLU LA 103 11.35 44.28 59.87
C GLU LA 103 10.54 45.55 60.00
N ASN LA 104 10.93 46.60 59.28
CA ASN LA 104 10.21 47.87 59.26
C ASN LA 104 9.10 47.88 58.22
N SER LA 105 8.69 46.69 57.74
CA SER LA 105 7.69 46.51 56.68
C SER LA 105 8.09 47.26 55.40
N LEU LA 106 9.35 47.16 55.03
CA LEU LA 106 9.85 47.65 53.77
C LEU LA 106 10.14 46.44 52.87
N PRO LA 107 10.02 46.57 51.55
CA PRO LA 107 10.24 45.39 50.71
C PRO LA 107 11.72 45.17 50.49
N LEU LA 108 12.14 43.91 50.61
CA LEU LA 108 13.49 43.55 50.23
C LEU LA 108 13.60 43.34 48.73
N SER LA 109 12.92 42.31 48.22
CA SER LA 109 12.86 42.03 46.80
C SER LA 109 11.41 41.77 46.42
N SER LA 110 11.08 42.07 45.16
CA SER LA 110 9.73 41.86 44.65
C SER LA 110 9.80 41.13 43.33
N TRP LA 111 8.87 40.20 43.12
CA TRP LA 111 8.74 39.48 41.85
C TRP LA 111 7.46 39.95 41.17
N THR LA 112 7.60 40.50 39.97
CA THR LA 112 6.43 40.90 39.19
C THR LA 112 6.15 39.82 38.16
N LEU LA 113 4.92 39.34 38.16
CA LEU LA 113 4.53 38.14 37.41
C LEU LA 113 3.53 38.57 36.36
N SER LA 114 4.03 38.94 35.18
CA SER LA 114 3.21 39.59 34.18
C SER LA 114 2.27 38.62 33.51
N ASN LA 115 1.02 39.05 33.32
CA ASN LA 115 -0.03 38.36 32.57
C ASN LA 115 -0.30 36.97 33.12
N ALA LA 116 -0.61 36.90 34.41
CA ALA LA 116 -0.84 35.63 35.05
C ALA LA 116 -2.29 35.21 34.86
N LEU LA 117 -2.48 34.06 34.23
CA LEU LA 117 -3.82 33.57 33.91
C LEU LA 117 -4.33 32.70 35.04
N PRO LA 118 -5.47 33.02 35.64
CA PRO LA 118 -6.01 32.20 36.72
C PRO LA 118 -6.50 30.84 36.22
N VAL LA 119 -5.80 29.79 36.63
CA VAL LA 119 -6.07 28.46 36.12
C VAL LA 119 -7.10 27.73 36.97
N ARG LA 120 -6.79 27.48 38.25
CA ARG LA 120 -7.68 26.67 39.07
C ARG LA 120 -7.90 27.33 40.43
N TRP LA 121 -8.88 26.82 41.15
CA TRP LA 121 -9.39 27.43 42.38
C TRP LA 121 -10.07 26.33 43.16
N GLN LA 122 -9.55 26.02 44.34
CA GLN LA 122 -9.96 24.84 45.09
C GLN LA 122 -10.07 25.18 46.56
N THR LA 123 -11.22 24.91 47.17
CA THR LA 123 -11.35 25.10 48.59
C THR LA 123 -10.95 23.82 49.32
N SER LA 124 -10.67 23.97 50.61
CA SER LA 124 -10.44 22.80 51.45
C SER LA 124 -11.76 22.10 51.71
N ASP LA 125 -11.67 20.86 52.16
CA ASP LA 125 -12.88 20.09 52.38
C ASP LA 125 -13.49 20.40 53.73
N PHE LA 126 -14.82 20.39 53.76
CA PHE LA 126 -15.52 20.38 55.03
C PHE LA 126 -15.32 19.04 55.68
N ASP LA 127 -15.21 19.03 57.00
CA ASP LA 127 -15.31 17.82 57.78
C ASP LA 127 -15.73 18.18 59.19
N ALA LA 128 -16.67 17.42 59.73
CA ALA LA 128 -17.19 17.71 61.05
C ALA LA 128 -16.26 17.26 62.16
N ASN LA 129 -15.29 16.43 61.85
CA ASN LA 129 -14.54 15.73 62.87
C ASN LA 129 -13.27 16.46 63.29
N SER LA 130 -12.81 17.41 62.51
CA SER LA 130 -11.58 18.13 62.82
C SER LA 130 -11.77 19.63 62.67
N ASN LA 131 -11.01 20.37 63.46
CA ASN LA 131 -11.09 21.82 63.54
C ASN LA 131 -9.94 22.46 62.76
N ALA LA 132 -10.27 23.07 61.63
CA ALA LA 132 -9.28 23.77 60.84
C ALA LA 132 -9.97 24.84 60.01
N ILE LA 133 -9.18 25.81 59.57
CA ILE LA 133 -9.66 26.90 58.74
C ILE LA 133 -9.94 26.38 57.34
N LEU LA 134 -11.10 26.75 56.79
CA LEU LA 134 -11.33 26.61 55.36
C LEU LA 134 -10.38 27.51 54.59
N VAL LA 135 -9.61 26.90 53.68
CA VAL LA 135 -8.66 27.67 52.89
C VAL LA 135 -9.08 27.62 51.43
N ASN LA 136 -8.48 28.50 50.63
CA ASN LA 136 -8.79 28.65 49.21
C ASN LA 136 -7.51 28.44 48.42
N THR LA 137 -7.20 27.18 48.11
CA THR LA 137 -6.01 26.87 47.34
C THR LA 137 -6.26 27.27 45.89
N LEU LA 138 -5.83 28.48 45.52
CA LEU LA 138 -6.08 29.02 44.19
C LEU LA 138 -4.76 29.23 43.46
N GLU LA 139 -4.68 28.73 42.24
CA GLU LA 139 -3.43 28.50 41.53
C GLU LA 139 -3.53 29.13 40.16
N LEU LA 140 -2.52 29.94 39.79
CA LEU LA 140 -2.60 30.72 38.57
C LEU LA 140 -1.27 30.68 37.84
N ARG LA 141 -1.34 30.62 36.51
CA ARG LA 141 -0.18 30.41 35.65
C ARG LA 141 0.28 31.72 35.03
N TYR LA 142 1.50 32.11 35.32
CA TYR LA 142 2.09 33.34 34.81
C TYR LA 142 2.94 33.02 33.60
N GLN LA 143 3.17 34.02 32.76
CA GLN LA 143 3.93 33.77 31.55
C GLN LA 143 5.25 34.51 31.51
N ASP LA 144 5.55 35.37 32.48
CA ASP LA 144 6.88 35.94 32.60
C ASP LA 144 7.09 36.34 34.05
N MET LA 145 8.36 36.42 34.46
CA MET LA 145 8.68 36.78 35.82
C MET LA 145 9.90 37.68 35.82
N ARG LA 146 9.75 38.88 36.38
CA ARG LA 146 10.81 39.88 36.39
C ARG LA 146 11.14 40.20 37.84
N TRP LA 147 12.19 39.57 38.34
CA TRP LA 147 12.70 39.85 39.67
C TRP LA 147 13.21 41.29 39.77
N LEU LA 148 12.88 41.96 40.87
CA LEU LA 148 13.32 43.32 41.10
C LEU LA 148 13.65 43.51 42.56
N GLY LA 149 14.93 43.87 42.83
CA GLY LA 149 15.35 44.66 44.01
C GLY LA 149 16.72 44.23 44.51
N VAL LA 150 16.88 44.30 45.82
CA VAL LA 150 18.06 43.79 46.49
C VAL LA 150 17.64 42.56 47.29
N LYS LA 151 18.59 41.68 47.57
CA LYS LA 151 18.40 40.45 48.34
C LYS LA 151 17.33 39.55 47.71
N ILE LA 152 17.66 39.05 46.51
CA ILE LA 152 16.74 38.33 45.61
C ILE LA 152 15.83 37.28 46.22
N TYR MA 5 -11.30 39.96 56.05
CA TYR MA 5 -11.52 40.14 57.48
C TYR MA 5 -11.01 38.88 58.19
N THR MA 6 -11.81 38.23 59.03
CA THR MA 6 -11.37 37.08 59.79
C THR MA 6 -11.88 35.80 59.13
N PRO MA 7 -11.11 34.72 59.13
CA PRO MA 7 -11.51 33.50 58.42
C PRO MA 7 -12.57 32.74 59.20
N VAL MA 8 -13.15 31.73 58.54
CA VAL MA 8 -14.23 30.95 59.11
C VAL MA 8 -13.77 29.51 59.26
N VAL MA 9 -14.51 28.75 60.05
CA VAL MA 9 -14.13 27.39 60.40
C VAL MA 9 -14.91 26.42 59.53
N SER MA 10 -14.42 25.19 59.45
CA SER MA 10 -14.90 24.22 58.48
C SER MA 10 -15.53 22.99 59.13
N HIS MA 11 -16.36 23.18 60.15
CA HIS MA 11 -17.08 22.07 60.75
C HIS MA 11 -18.52 22.43 61.07
N ARG MA 12 -19.09 23.41 60.37
CA ARG MA 12 -20.52 23.61 60.30
C ARG MA 12 -20.93 23.68 58.85
N PHE MA 13 -21.76 22.74 58.41
CA PHE MA 13 -22.17 22.68 57.04
C PHE MA 13 -23.42 21.83 56.99
N MET MA 14 -24.25 22.09 55.99
CA MET MA 14 -25.37 21.20 55.70
C MET MA 14 -25.51 21.14 54.20
N ALA MA 15 -25.95 20.00 53.70
CA ALA MA 15 -26.14 19.84 52.27
C ALA MA 15 -27.51 19.22 52.04
N SER MA 16 -28.34 19.94 51.29
CA SER MA 16 -29.70 19.49 51.02
C SER MA 16 -29.82 19.20 49.54
N PHE MA 17 -30.63 18.21 49.20
CA PHE MA 17 -30.77 17.75 47.83
C PHE MA 17 -32.11 18.18 47.27
N ILE MA 18 -32.19 18.29 45.95
CA ILE MA 18 -33.38 18.72 45.25
C ILE MA 18 -33.71 17.64 44.23
N PHE MA 19 -34.68 16.79 44.53
CA PHE MA 19 -35.05 15.69 43.64
C PHE MA 19 -36.24 16.12 42.78
N ASN MA 20 -35.95 16.50 41.54
CA ASN MA 20 -36.93 16.92 40.53
C ASN MA 20 -37.76 18.11 41.03
N ARG MA 21 -37.04 19.15 41.43
CA ARG MA 21 -37.56 20.40 41.99
C ARG MA 21 -38.42 20.20 43.24
N ILE MA 22 -38.19 19.10 43.95
CA ILE MA 22 -38.83 18.83 45.23
C ILE MA 22 -37.72 18.72 46.26
N PRO MA 23 -37.64 19.62 47.25
CA PRO MA 23 -36.50 19.62 48.15
C PRO MA 23 -36.53 18.44 49.11
N ASP MA 24 -35.35 18.12 49.63
CA ASP MA 24 -35.13 16.94 50.47
C ASP MA 24 -34.52 17.40 51.78
N PRO MA 25 -35.34 17.74 52.76
CA PRO MA 25 -34.82 18.27 54.03
C PRO MA 25 -34.57 17.23 55.11
N LEU MA 26 -34.54 15.95 54.76
CA LEU MA 26 -34.28 14.91 55.75
C LEU MA 26 -32.82 14.51 55.85
N ASP MA 27 -31.98 14.96 54.93
CA ASP MA 27 -30.67 14.38 54.72
C ASP MA 27 -29.59 15.45 54.75
N ILE MA 28 -29.57 16.24 55.82
CA ILE MA 28 -28.59 17.30 55.95
C ILE MA 28 -27.42 16.94 56.87
N ARG MA 29 -27.40 15.74 57.45
CA ARG MA 29 -26.34 15.37 58.38
C ARG MA 29 -25.26 14.57 57.64
N PHE MA 30 -24.11 15.20 57.42
CA PHE MA 30 -23.00 14.53 56.75
C PHE MA 30 -21.74 14.65 57.57
N GLN MA 31 -20.87 13.65 57.43
CA GLN MA 31 -19.59 13.63 58.12
C GLN MA 31 -18.60 14.59 57.49
N ARG MA 32 -18.46 14.52 56.16
CA ARG MA 32 -17.56 15.43 55.46
C ARG MA 32 -18.05 15.61 54.04
N ILE MA 33 -17.66 16.73 53.44
CA ILE MA 33 -17.97 17.08 52.05
C ILE MA 33 -16.66 17.50 51.40
N SER MA 34 -16.47 17.11 50.14
CA SER MA 34 -15.15 17.10 49.50
C SER MA 34 -14.53 18.46 49.26
N GLY MA 35 -15.29 19.54 49.24
CA GLY MA 35 -14.69 20.80 48.89
C GLY MA 35 -14.60 20.96 47.38
N LEU MA 36 -15.07 22.09 46.88
CA LEU MA 36 -15.46 22.23 45.49
C LEU MA 36 -14.37 22.94 44.71
N SER MA 37 -13.77 22.22 43.76
CA SER MA 37 -12.70 22.73 42.92
C SER MA 37 -13.17 22.83 41.48
N ARG MA 38 -12.75 23.87 40.78
CA ARG MA 38 -12.91 23.96 39.35
C ARG MA 38 -11.61 24.47 38.75
N GLU MA 39 -11.33 24.06 37.52
CA GLU MA 39 -10.02 24.27 36.91
C GLU MA 39 -10.20 24.62 35.44
N LEU MA 40 -9.54 25.67 34.99
CA LEU MA 40 -9.52 26.03 33.58
C LEU MA 40 -8.36 25.28 32.93
N GLN MA 41 -8.68 24.36 32.02
CA GLN MA 41 -7.65 23.62 31.32
C GLN MA 41 -6.90 24.56 30.39
N VAL MA 42 -5.60 24.32 30.24
CA VAL MA 42 -4.70 25.27 29.60
C VAL MA 42 -3.79 24.49 28.66
N THR MA 43 -3.73 24.93 27.41
CA THR MA 43 -2.80 24.37 26.43
C THR MA 43 -1.66 25.37 26.24
N GLN MA 44 -0.45 24.96 26.60
CA GLN MA 44 0.70 25.83 26.42
C GLN MA 44 1.17 25.76 24.97
N TYR MA 45 1.28 26.92 24.33
CA TYR MA 45 1.75 27.00 22.96
C TYR MA 45 3.04 27.80 22.94
N SER MA 46 4.15 27.13 22.65
CA SER MA 46 5.44 27.77 22.49
C SER MA 46 5.68 28.02 21.02
N GLU MA 47 6.26 29.17 20.69
CA GLU MA 47 6.25 29.59 19.30
C GLU MA 47 7.52 30.35 18.94
N GLY MA 48 8.02 30.05 17.74
CA GLY MA 48 8.87 30.95 16.98
C GLY MA 48 10.16 31.33 17.67
N GLY MA 49 10.43 32.63 17.68
CA GLY MA 49 11.61 33.11 18.35
C GLY MA 49 11.38 33.46 19.79
N GLU MA 50 10.14 33.35 20.27
CA GLU MA 50 9.86 33.67 21.66
C GLU MA 50 10.15 32.44 22.50
N ASN MA 51 11.42 32.31 22.89
CA ASN MA 51 11.87 31.23 23.76
C ASN MA 51 12.41 31.76 25.08
N ALA MA 52 11.74 32.75 25.66
CA ALA MA 52 12.06 33.24 26.98
C ALA MA 52 10.82 33.51 27.83
N ARG MA 53 9.63 33.35 27.28
CA ARG MA 53 8.42 33.51 28.07
C ARG MA 53 7.35 32.62 27.49
N ASN MA 54 6.57 32.00 28.36
CA ASN MA 54 5.55 31.05 27.93
C ASN MA 54 4.34 31.79 27.37
N ASN MA 55 3.40 31.01 26.84
CA ASN MA 55 2.21 31.58 26.23
C ASN MA 55 1.11 30.54 26.35
N TYR MA 56 0.17 30.78 27.26
CA TYR MA 56 -0.83 29.80 27.64
C TYR MA 56 -2.15 30.15 27.00
N LEU MA 57 -2.78 29.15 26.37
CA LEU MA 57 -4.05 29.32 25.69
C LEU MA 57 -5.12 28.62 26.49
N ALA MA 58 -6.21 29.32 26.77
CA ALA MA 58 -7.30 28.80 27.60
C ALA MA 58 -8.05 27.69 26.87
N GLU MA 59 -8.82 26.94 27.64
CA GLU MA 59 -9.58 25.84 27.08
C GLU MA 59 -10.85 25.71 27.93
N LYS MA 60 -11.50 24.56 27.88
CA LYS MA 60 -12.72 24.35 28.62
C LYS MA 60 -12.44 24.22 30.11
N ILE MA 61 -13.46 24.47 30.91
CA ILE MA 61 -13.37 24.44 32.36
C ILE MA 61 -13.74 23.04 32.83
N GLN MA 62 -12.93 22.49 33.74
CA GLN MA 62 -13.09 21.13 34.24
C GLN MA 62 -13.52 21.21 35.70
N HIS MA 63 -14.77 20.89 35.97
CA HIS MA 63 -15.29 20.92 37.34
C HIS MA 63 -14.86 19.68 38.10
N GLY MA 64 -14.78 19.81 39.41
CA GLY MA 64 -14.37 18.72 40.26
C GLY MA 64 -15.46 17.69 40.45
N THR MA 65 -15.18 16.75 41.35
CA THR MA 65 -16.11 15.69 41.69
C THR MA 65 -16.43 15.76 43.17
N LEU MA 66 -17.71 15.76 43.50
CA LEU MA 66 -18.16 16.01 44.86
C LEU MA 66 -18.36 14.69 45.58
N THR MA 67 -17.54 14.42 46.59
CA THR MA 67 -17.72 13.25 47.43
C THR MA 67 -18.23 13.72 48.77
N LEU MA 68 -19.06 12.92 49.39
CA LEU MA 68 -19.58 13.25 50.71
C LEU MA 68 -20.01 11.98 51.40
N GLU MA 69 -19.53 11.79 52.62
CA GLU MA 69 -19.79 10.57 53.34
C GLU MA 69 -20.58 10.87 54.60
N ARG MA 70 -21.38 9.89 55.01
CA ARG MA 70 -22.21 10.02 56.19
C ARG MA 70 -22.26 8.67 56.88
N GLY MA 71 -22.59 8.68 58.16
CA GLY MA 71 -22.88 7.42 58.82
C GLY MA 71 -24.12 6.78 58.23
N VAL MA 72 -24.15 5.46 58.24
CA VAL MA 72 -25.28 4.77 57.63
C VAL MA 72 -26.48 4.85 58.58
N MET MA 73 -27.60 5.30 58.04
CA MET MA 73 -28.75 5.62 58.87
C MET MA 73 -29.96 4.87 58.35
N THR MA 74 -31.13 5.18 58.88
CA THR MA 74 -32.38 4.63 58.37
C THR MA 74 -32.59 5.11 56.94
N VAL MA 75 -33.29 4.29 56.15
CA VAL MA 75 -33.44 4.55 54.72
C VAL MA 75 -34.29 5.80 54.52
N SER MA 76 -33.89 6.61 53.55
CA SER MA 76 -34.31 7.99 53.38
C SER MA 76 -34.54 8.27 51.89
N PRO MA 77 -35.15 9.41 51.54
CA PRO MA 77 -35.27 9.74 50.10
C PRO MA 77 -33.94 9.99 49.39
N LEU MA 78 -32.84 10.21 50.12
CA LEU MA 78 -31.55 10.26 49.47
C LEU MA 78 -31.10 8.87 49.05
N THR MA 79 -31.26 7.91 49.95
CA THR MA 79 -30.80 6.54 49.69
C THR MA 79 -31.67 5.87 48.63
N TRP MA 80 -32.96 6.17 48.59
CA TRP MA 80 -33.81 5.63 47.54
C TRP MA 80 -33.47 6.23 46.18
N MET MA 81 -32.82 7.39 46.15
CA MET MA 81 -32.42 7.97 44.88
C MET MA 81 -31.19 7.27 44.30
N PHE MA 82 -30.15 7.09 45.12
CA PHE MA 82 -28.94 6.39 44.68
C PHE MA 82 -29.22 4.94 44.33
N ASP MA 83 -30.07 4.28 45.11
CA ASP MA 83 -30.40 2.89 44.81
C ASP MA 83 -31.20 2.76 43.53
N ARG MA 84 -31.98 3.79 43.17
CA ARG MA 84 -32.75 3.74 41.95
C ARG MA 84 -31.87 3.90 40.72
N VAL MA 85 -30.85 4.76 40.79
CA VAL MA 85 -30.02 5.02 39.63
C VAL MA 85 -28.86 4.01 39.52
N LEU MA 86 -28.39 3.45 40.62
CA LEU MA 86 -27.30 2.49 40.57
C LEU MA 86 -27.78 1.05 40.51
N SER MA 87 -29.09 0.83 40.35
CA SER MA 87 -29.62 -0.47 39.98
C SER MA 87 -30.12 -0.47 38.54
N GLY MA 88 -29.76 0.56 37.78
CA GLY MA 88 -30.07 0.63 36.38
C GLY MA 88 -31.51 0.95 36.04
N GLU MA 89 -32.31 1.42 37.00
CA GLU MA 89 -33.69 1.76 36.69
C GLU MA 89 -33.77 3.05 35.90
N LYS MA 90 -33.34 4.16 36.51
CA LYS MA 90 -33.61 5.49 35.97
C LYS MA 90 -32.39 6.35 36.18
N ILE MA 91 -31.89 6.96 35.11
CA ILE MA 91 -30.80 7.90 35.19
C ILE MA 91 -31.44 9.27 35.41
N ALA MA 92 -31.41 9.75 36.64
CA ALA MA 92 -32.04 11.01 36.98
C ALA MA 92 -31.04 11.94 37.63
N TYR MA 93 -31.32 13.23 37.53
CA TYR MA 93 -30.47 14.28 38.06
C TYR MA 93 -31.00 14.77 39.39
N ALA MA 94 -30.10 15.31 40.21
CA ALA MA 94 -30.44 15.83 41.52
C ALA MA 94 -29.56 17.03 41.80
N ASP MA 95 -30.16 18.13 42.23
CA ASP MA 95 -29.42 19.34 42.52
C ASP MA 95 -29.06 19.39 43.99
N VAL MA 96 -27.84 19.82 44.29
CA VAL MA 96 -27.29 19.81 45.64
C VAL MA 96 -27.03 21.24 46.06
N VAL MA 97 -27.45 21.60 47.27
CA VAL MA 97 -27.19 22.92 47.83
C VAL MA 97 -26.34 22.73 49.09
N VAL MA 98 -25.07 23.07 48.99
CA VAL MA 98 -24.12 22.92 50.09
C VAL MA 98 -23.87 24.28 50.69
N MET MA 99 -24.16 24.44 51.98
CA MET MA 99 -23.97 25.75 52.57
C MET MA 99 -23.16 25.65 53.85
N LEU MA 100 -22.33 26.65 54.08
CA LEU MA 100 -21.68 26.89 55.36
C LEU MA 100 -22.72 27.38 56.35
N LEU MA 101 -22.37 27.43 57.63
CA LEU MA 101 -23.30 27.90 58.63
C LEU MA 101 -22.59 28.84 59.59
N ASN MA 102 -23.35 29.77 60.15
CA ASN MA 102 -22.86 30.73 61.11
C ASN MA 102 -22.97 30.15 62.51
N GLU MA 103 -22.77 31.03 63.50
CA GLU MA 103 -22.95 30.61 64.89
C GLU MA 103 -24.42 30.55 65.25
N ASN MA 104 -25.22 31.44 64.67
CA ASN MA 104 -26.67 31.45 64.86
C ASN MA 104 -27.40 30.54 63.89
N SER MA 105 -26.67 29.60 63.27
CA SER MA 105 -27.17 28.67 62.25
C SER MA 105 -27.80 29.42 61.08
N LEU MA 106 -27.14 30.48 60.63
CA LEU MA 106 -27.48 31.19 59.42
C LEU MA 106 -26.45 30.86 58.35
N PRO MA 107 -26.81 30.84 57.08
CA PRO MA 107 -25.84 30.46 56.05
C PRO MA 107 -24.92 31.64 55.73
N LEU MA 108 -23.62 31.35 55.64
CA LEU MA 108 -22.69 32.35 55.14
C LEU MA 108 -22.69 32.37 53.62
N SER MA 109 -22.23 31.28 53.02
CA SER MA 109 -22.23 31.12 51.57
C SER MA 109 -22.81 29.76 51.23
N SER MA 110 -23.41 29.65 50.06
CA SER MA 110 -23.98 28.39 49.60
C SER MA 110 -23.53 28.12 48.18
N TRP MA 111 -23.24 26.86 47.88
CA TRP MA 111 -22.89 26.42 46.55
C TRP MA 111 -24.03 25.58 46.00
N THR MA 112 -24.61 26.00 44.88
CA THR MA 112 -25.66 25.23 44.23
C THR MA 112 -25.04 24.46 43.09
N LEU MA 113 -25.25 23.15 43.07
CA LEU MA 113 -24.53 22.23 42.19
C LEU MA 113 -25.57 21.61 41.25
N SER MA 114 -25.80 22.26 40.11
CA SER MA 114 -26.92 21.91 39.26
C SER MA 114 -26.67 20.63 38.51
N ASN MA 115 -27.71 19.78 38.46
CA ASN MA 115 -27.74 18.55 37.67
C ASN MA 115 -26.62 17.59 38.02
N ALA MA 116 -26.53 17.25 39.31
CA ALA MA 116 -25.47 16.39 39.77
C ALA MA 116 -25.88 14.94 39.60
N LEU MA 117 -25.09 14.20 38.82
CA LEU MA 117 -25.39 12.82 38.51
C LEU MA 117 -24.75 11.91 39.53
N PRO MA 118 -25.51 11.06 40.22
CA PRO MA 118 -24.92 10.16 41.20
C PRO MA 118 -24.09 9.07 40.54
N VAL MA 119 -22.77 9.13 40.77
CA VAL MA 119 -21.85 8.23 40.08
C VAL MA 119 -21.62 6.95 40.87
N ARG MA 120 -21.07 7.05 42.08
CA ARG MA 120 -20.71 5.85 42.82
C ARG MA 120 -21.18 5.96 44.26
N TRP MA 121 -21.13 4.83 44.97
CA TRP MA 121 -21.72 4.68 46.29
C TRP MA 121 -21.01 3.51 46.94
N GLN MA 122 -20.30 3.77 48.04
CA GLN MA 122 -19.40 2.79 48.63
C GLN MA 122 -19.52 2.84 50.14
N THR MA 123 -19.79 1.69 50.76
CA THR MA 123 -19.79 1.63 52.21
C THR MA 123 -18.41 1.31 52.72
N SER MA 124 -18.19 1.60 54.01
CA SER MA 124 -16.96 1.17 54.65
C SER MA 124 -16.99 -0.32 54.87
N ASP MA 125 -15.81 -0.89 55.15
CA ASP MA 125 -15.74 -2.32 55.31
C ASP MA 125 -16.11 -2.73 56.73
N PHE MA 126 -16.77 -3.88 56.83
CA PHE MA 126 -16.93 -4.52 58.11
C PHE MA 126 -15.58 -5.05 58.55
N ASP MA 127 -15.33 -4.99 59.85
CA ASP MA 127 -14.23 -5.73 60.45
C ASP MA 127 -14.54 -5.94 61.92
N ALA MA 128 -14.28 -7.14 62.39
CA ALA MA 128 -14.59 -7.48 63.77
C ALA MA 128 -13.58 -6.94 64.76
N ASN MA 129 -12.42 -6.51 64.28
CA ASN MA 129 -11.30 -6.26 65.15
C ASN MA 129 -11.22 -4.81 65.61
N SER MA 130 -11.91 -3.90 64.94
CA SER MA 130 -11.85 -2.49 65.27
C SER MA 130 -13.25 -1.89 65.35
N ASN MA 131 -13.37 -0.88 66.20
CA ASN MA 131 -14.63 -0.21 66.49
C ASN MA 131 -14.71 1.12 65.76
N ALA MA 132 -15.57 1.18 64.74
CA ALA MA 132 -15.79 2.41 64.00
C ALA MA 132 -17.17 2.38 63.38
N ILE MA 133 -17.65 3.56 63.04
CA ILE MA 133 -18.95 3.72 62.40
C ILE MA 133 -18.86 3.26 60.95
N LEU MA 134 -19.85 2.47 60.53
CA LEU MA 134 -20.05 2.23 59.11
C LEU MA 134 -20.45 3.52 58.42
N VAL MA 135 -19.69 3.91 57.40
CA VAL MA 135 -19.98 5.13 56.68
C VAL MA 135 -20.36 4.80 55.25
N ASN MA 136 -20.93 5.77 54.55
CA ASN MA 136 -21.43 5.62 53.19
C ASN MA 136 -20.72 6.63 52.30
N THR MA 137 -19.54 6.27 51.81
CA THR MA 137 -18.79 7.17 50.94
C THR MA 137 -19.47 7.21 49.57
N LEU MA 138 -20.34 8.18 49.36
CA LEU MA 138 -21.12 8.29 48.13
C LEU MA 138 -20.74 9.55 47.39
N GLU MA 139 -20.46 9.39 46.09
CA GLU MA 139 -19.75 10.38 45.29
C GLU MA 139 -20.53 10.65 44.03
N LEU MA 140 -20.77 11.93 43.73
CA LEU MA 140 -21.66 12.30 42.64
C LEU MA 140 -21.06 13.44 41.84
N ARG MA 141 -21.24 13.39 40.52
CA ARG MA 141 -20.61 14.30 39.59
C ARG MA 141 -21.58 15.37 39.13
N TYR MA 142 -21.25 16.63 39.41
CA TYR MA 142 -22.08 17.76 39.05
C TYR MA 142 -21.55 18.37 37.76
N GLN MA 143 -22.41 19.10 37.07
CA GLN MA 143 -21.99 19.66 35.79
C GLN MA 143 -21.97 21.18 35.78
N ASP MA 144 -22.40 21.84 36.85
CA ASP MA 144 -22.19 23.27 36.99
C ASP MA 144 -22.21 23.62 38.47
N MET MA 145 -21.58 24.73 38.81
CA MET MA 145 -21.52 25.17 40.20
C MET MA 145 -21.68 26.68 40.25
N ARG MA 146 -22.68 27.13 41.00
CA ARG MA 146 -22.99 28.55 41.08
C ARG MA 146 -22.88 28.96 42.54
N TRP MA 147 -21.74 29.53 42.90
CA TRP MA 147 -21.52 30.08 44.23
C TRP MA 147 -22.48 31.24 44.50
N LEU MA 148 -23.05 31.26 45.70
CA LEU MA 148 -23.95 32.34 46.09
C LEU MA 148 -23.72 32.67 47.56
N GLY MA 149 -23.35 33.94 47.80
CA GLY MA 149 -23.62 34.68 49.05
C GLY MA 149 -22.50 35.62 49.42
N VAL MA 150 -22.28 35.77 50.71
CA VAL MA 150 -21.14 36.50 51.24
C VAL MA 150 -20.20 35.50 51.88
N LYS MA 151 -18.92 35.87 51.99
CA LYS MA 151 -17.86 35.05 52.59
C LYS MA 151 -17.73 33.70 51.88
N ILE MA 152 -17.32 33.76 50.61
CA ILE MA 152 -17.30 32.62 49.67
C ILE MA 152 -16.78 31.28 50.16
N TYR NA 5 -31.22 9.04 61.71
CA TYR NA 5 -31.27 8.91 63.16
C TYR NA 5 -29.83 8.69 63.66
N THR NA 6 -29.56 7.64 64.44
CA THR NA 6 -28.24 7.42 64.99
C THR NA 6 -27.52 6.34 64.19
N PRO NA 7 -26.21 6.46 63.99
CA PRO NA 7 -25.49 5.52 63.14
C PRO NA 7 -25.25 4.19 63.86
N VAL NA 8 -24.79 3.20 63.09
CA VAL NA 8 -24.59 1.87 63.60
C VAL NA 8 -23.11 1.52 63.51
N VAL NA 9 -22.72 0.48 64.23
CA VAL NA 9 -21.32 0.10 64.35
C VAL NA 9 -21.02 -1.04 63.39
N SER NA 10 -19.74 -1.24 63.12
CA SER NA 10 -19.30 -2.12 62.04
C SER NA 10 -18.49 -3.30 62.55
N HIS NA 11 -18.90 -3.94 63.63
CA HIS NA 11 -18.24 -5.15 64.10
C HIS NA 11 -19.22 -6.21 64.53
N ARG NA 12 -20.44 -6.19 64.01
CA ARG NA 12 -21.35 -7.32 64.06
C ARG NA 12 -21.84 -7.59 62.66
N PHE NA 13 -21.52 -8.77 62.15
CA PHE NA 13 -21.89 -9.13 60.79
C PHE NA 13 -21.81 -10.64 60.69
N MET NA 14 -22.60 -11.19 59.79
CA MET NA 14 -22.45 -12.59 59.43
C MET NA 14 -22.71 -12.69 57.95
N ALA NA 15 -22.04 -13.65 57.32
CA ALA NA 15 -22.21 -13.86 55.90
C ALA NA 15 -22.41 -15.35 55.65
N SER NA 16 -23.55 -15.69 55.07
CA SER NA 16 -23.91 -17.07 54.80
C SER NA 16 -23.95 -17.28 53.30
N PHE NA 17 -23.57 -18.48 52.88
CA PHE NA 17 -23.45 -18.79 51.46
C PHE NA 17 -24.59 -19.72 51.05
N ILE NA 18 -24.91 -19.69 49.76
CA ILE NA 18 -25.99 -20.48 49.19
C ILE NA 18 -25.39 -21.29 48.05
N PHE NA 19 -25.11 -22.56 48.28
CA PHE NA 19 -24.51 -23.42 47.27
C PHE NA 19 -25.60 -24.20 46.55
N ASN NA 20 -25.98 -23.72 45.36
CA ASN NA 20 -26.97 -24.34 44.48
C ASN NA 20 -28.33 -24.46 45.18
N ARG NA 21 -28.79 -23.32 45.70
CA ARG NA 21 -30.03 -23.14 46.46
C ARG NA 21 -30.11 -24.01 47.70
N ILE NA 22 -28.95 -24.40 48.24
CA ILE NA 22 -28.84 -25.12 49.50
C ILE NA 22 -28.04 -24.23 50.44
N PRO NA 23 -28.61 -23.74 51.53
CA PRO NA 23 -27.89 -22.78 52.37
C PRO NA 23 -26.75 -23.43 53.14
N ASP NA 24 -25.80 -22.60 53.54
CA ASP NA 24 -24.57 -23.03 54.20
C ASP NA 24 -24.45 -22.29 55.52
N PRO NA 25 -25.01 -22.86 56.59
CA PRO NA 25 -25.00 -22.18 57.89
C PRO NA 25 -23.82 -22.51 58.78
N LEU NA 26 -22.78 -23.13 58.26
CA LEU NA 26 -21.61 -23.47 59.07
C LEU NA 26 -20.52 -22.41 59.03
N ASP NA 27 -20.62 -21.43 58.14
CA ASP NA 27 -19.49 -20.60 57.78
C ASP NA 27 -19.84 -19.12 57.90
N ILE NA 28 -20.34 -18.74 59.08
CA ILE NA 28 -20.73 -17.36 59.30
C ILE NA 28 -19.70 -16.56 60.10
N ARG NA 29 -18.59 -17.17 60.49
CA ARG NA 29 -17.58 -16.46 61.29
C ARG NA 29 -16.48 -15.91 60.40
N PHE NA 30 -16.46 -14.60 60.20
CA PHE NA 30 -15.44 -13.97 59.38
C PHE NA 30 -14.77 -12.84 60.14
N GLN NA 31 -13.50 -12.60 59.81
CA GLN NA 31 -12.73 -11.53 60.42
C GLN NA 31 -13.15 -10.16 59.87
N ARG NA 32 -13.22 -10.04 58.55
CA ARG NA 32 -13.65 -8.79 57.94
C ARG NA 32 -14.26 -9.08 56.59
N ILE NA 33 -15.11 -8.17 56.13
CA ILE NA 33 -15.77 -8.22 54.84
C ILE NA 33 -15.57 -6.86 54.18
N SER NA 34 -15.34 -6.86 52.86
CA SER NA 34 -14.75 -5.72 52.15
C SER NA 34 -15.63 -4.48 52.08
N GLY NA 35 -16.94 -4.60 52.26
CA GLY NA 35 -17.76 -3.42 52.06
C GLY NA 35 -18.08 -3.23 50.59
N LEU NA 36 -19.35 -3.05 50.29
CA LEU NA 36 -19.88 -3.27 48.95
C LEU NA 36 -20.05 -1.96 48.21
N SER NA 37 -19.28 -1.78 47.15
CA SER NA 37 -19.30 -0.58 46.34
C SER NA 37 -19.83 -0.90 44.95
N ARG NA 38 -20.62 0.02 44.39
CA ARG NA 38 -20.99 -0.03 42.99
C ARG NA 38 -20.86 1.36 42.41
N GLU NA 39 -20.55 1.42 41.12
CA GLU NA 39 -20.17 2.67 40.48
C GLU NA 39 -20.78 2.72 39.08
N LEU NA 40 -21.41 3.85 38.75
CA LEU NA 40 -21.91 4.08 37.40
C LEU NA 40 -20.80 4.71 36.59
N GLN NA 41 -20.32 4.00 35.59
CA GLN NA 41 -19.27 4.53 34.72
C GLN NA 41 -19.83 5.68 33.89
N VAL NA 42 -19.00 6.68 33.63
CA VAL NA 42 -19.44 7.95 33.09
C VAL NA 42 -18.47 8.36 32.00
N THR NA 43 -19.00 8.68 30.82
CA THR NA 43 -18.21 9.22 29.73
C THR NA 43 -18.50 10.70 29.63
N GLN NA 44 -17.49 11.53 29.86
CA GLN NA 44 -17.68 12.97 29.73
C GLN NA 44 -17.60 13.37 28.28
N TYR NA 45 -18.62 14.07 27.80
CA TYR NA 45 -18.66 14.56 26.43
C TYR NA 45 -18.70 16.07 26.45
N SER NA 46 -17.61 16.69 26.01
CA SER NA 46 -17.51 18.14 25.88
C SER NA 46 -17.84 18.51 24.44
N GLU NA 47 -18.58 19.61 24.26
CA GLU NA 47 -19.15 19.85 22.94
C GLU NA 47 -19.21 21.33 22.62
N GLY NA 48 -18.87 21.64 21.38
CA GLY NA 48 -19.33 22.85 20.69
C GLY NA 48 -18.90 24.13 21.37
N GLY NA 49 -19.86 25.03 21.54
CA GLY NA 49 -19.58 26.28 22.21
C GLY NA 49 -19.77 26.21 23.71
N GLU NA 50 -20.22 25.08 24.22
CA GLU NA 50 -20.43 24.96 25.66
C GLU NA 50 -19.11 24.56 26.31
N ASN NA 51 -18.29 25.57 26.59
CA ASN NA 51 -17.02 25.39 27.28
C ASN NA 51 -17.00 26.09 28.63
N ALA NA 52 -18.09 26.00 29.37
CA ALA NA 52 -18.13 26.50 30.74
C ALA NA 52 -18.86 25.55 31.68
N ARG NA 53 -19.42 24.45 31.19
CA ARG NA 53 -20.04 23.47 32.05
C ARG NA 53 -19.92 22.10 31.40
N ASN NA 54 -19.65 21.10 32.22
CA ASN NA 54 -19.43 19.76 31.72
C ASN NA 54 -20.74 19.10 31.33
N ASN NA 55 -20.65 17.91 30.76
CA ASN NA 55 -21.82 17.19 30.29
C ASN NA 55 -21.48 15.72 30.33
N TYR NA 56 -22.01 15.01 31.32
CA TYR NA 56 -21.64 13.64 31.60
C TYR NA 56 -22.70 12.69 31.09
N LEU NA 57 -22.26 11.66 30.36
CA LEU NA 57 -23.15 10.67 29.79
C LEU NA 57 -22.97 9.37 30.54
N ALA NA 58 -24.08 8.78 30.96
CA ALA NA 58 -24.07 7.56 31.77
C ALA NA 58 -23.61 6.36 30.94
N GLU NA 59 -23.23 5.30 31.63
CA GLU NA 59 -22.77 4.10 30.96
C GLU NA 59 -23.18 2.92 31.85
N LYS NA 60 -22.54 1.78 31.67
CA LYS NA 60 -22.86 0.60 32.44
C LYS NA 60 -22.39 0.75 33.88
N ILE NA 61 -23.00 -0.03 34.76
CA ILE NA 61 -22.70 -0.01 36.19
C ILE NA 61 -21.62 -1.04 36.47
N GLN NA 62 -20.61 -0.65 37.24
CA GLN NA 62 -19.46 -1.49 37.55
C GLN NA 62 -19.52 -1.86 39.02
N HIS NA 63 -19.84 -3.11 39.31
CA HIS NA 63 -19.92 -3.57 40.69
C HIS NA 63 -18.54 -3.86 41.25
N GLY NA 64 -18.40 -3.75 42.57
CA GLY NA 64 -17.14 -3.97 43.22
C GLY NA 64 -16.78 -5.44 43.31
N THR NA 65 -15.71 -5.70 44.06
CA THR NA 65 -15.23 -7.06 44.28
C THR NA 65 -15.22 -7.33 45.78
N LEU NA 66 -15.83 -8.45 46.18
CA LEU NA 66 -16.05 -8.75 47.58
C LEU NA 66 -14.92 -9.61 48.12
N THR NA 67 -14.12 -9.06 49.02
CA THR NA 67 -13.10 -9.83 49.69
C THR NA 67 -13.55 -10.06 51.12
N LEU NA 68 -13.19 -11.21 51.66
CA LEU NA 68 -13.54 -11.51 53.04
C LEU NA 68 -12.58 -12.55 53.56
N GLU NA 69 -11.99 -12.27 54.72
CA GLU NA 69 -10.96 -13.12 55.27
C GLU NA 69 -11.42 -13.70 56.60
N ARG NA 70 -10.94 -14.89 56.90
CA ARG NA 70 -11.30 -15.57 58.13
C ARG NA 70 -10.06 -16.30 58.62
N GLY NA 71 -10.04 -16.62 59.90
CA GLY NA 71 -9.02 -17.52 60.40
C GLY NA 71 -9.18 -18.90 59.78
N VAL NA 72 -8.09 -19.60 59.60
CA VAL NA 72 -8.16 -20.91 58.97
C VAL NA 72 -8.69 -21.92 59.98
N MET NA 73 -9.72 -22.65 59.58
CA MET NA 73 -10.46 -23.50 60.51
C MET NA 73 -10.50 -24.91 59.95
N THR NA 74 -11.28 -25.78 60.58
CA THR NA 74 -11.52 -27.12 60.08
C THR NA 74 -12.25 -27.01 58.74
N VAL NA 75 -12.03 -28.01 57.89
CA VAL NA 75 -12.54 -27.96 56.52
C VAL NA 75 -14.06 -28.06 56.55
N SER NA 76 -14.70 -27.28 55.69
CA SER NA 76 -16.11 -26.95 55.73
C SER NA 76 -16.70 -26.96 54.32
N PRO NA 77 -18.02 -26.89 54.16
CA PRO NA 77 -18.58 -26.79 52.80
C PRO NA 77 -18.23 -25.51 52.06
N LEU NA 78 -17.76 -24.46 52.75
CA LEU NA 78 -17.24 -23.30 52.05
C LEU NA 78 -15.90 -23.61 51.41
N THR NA 79 -15.02 -24.26 52.16
CA THR NA 79 -13.67 -24.56 51.68
C THR NA 79 -13.69 -25.62 50.60
N TRP NA 80 -14.62 -26.58 50.67
CA TRP NA 80 -14.74 -27.55 49.59
C TRP NA 80 -15.28 -26.92 48.32
N MET NA 81 -15.95 -25.77 48.42
CA MET NA 81 -16.44 -25.11 47.23
C MET NA 81 -15.31 -24.38 46.49
N PHE NA 82 -14.50 -23.60 47.22
CA PHE NA 82 -13.36 -22.91 46.61
C PHE NA 82 -12.32 -23.87 46.07
N ASP NA 83 -12.07 -24.96 46.79
CA ASP NA 83 -11.11 -25.94 46.31
C ASP NA 83 -11.60 -26.66 45.08
N ARG NA 84 -12.92 -26.79 44.91
CA ARG NA 84 -13.45 -27.47 43.74
C ARG NA 84 -13.33 -26.59 42.50
N VAL NA 85 -13.54 -25.28 42.64
CA VAL NA 85 -13.51 -24.39 41.49
C VAL NA 85 -12.09 -23.91 41.16
N LEU NA 86 -11.21 -23.82 42.14
CA LEU NA 86 -9.85 -23.37 41.89
C LEU NA 86 -8.87 -24.51 41.65
N SER NA 87 -9.37 -25.74 41.54
CA SER NA 87 -8.59 -26.85 41.01
C SER NA 87 -9.07 -27.24 39.62
N GLY NA 88 -9.88 -26.39 39.00
CA GLY NA 88 -10.31 -26.59 37.63
C GLY NA 88 -11.36 -27.65 37.43
N GLU NA 89 -12.01 -28.12 38.49
CA GLU NA 89 -13.05 -29.13 38.31
C GLU NA 89 -14.31 -28.53 37.71
N LYS NA 90 -14.94 -27.62 38.45
CA LYS NA 90 -16.28 -27.16 38.13
C LYS NA 90 -16.37 -25.67 38.40
N ILE NA 91 -16.79 -24.91 37.40
CA ILE NA 91 -17.04 -23.48 37.56
C ILE NA 91 -18.48 -23.35 38.00
N ALA NA 92 -18.68 -23.11 39.29
CA ALA NA 92 -20.02 -23.03 39.84
C ALA NA 92 -20.22 -21.70 40.56
N TYR NA 93 -21.47 -21.30 40.67
CA TYR NA 93 -21.85 -20.03 41.29
C TYR NA 93 -22.33 -20.29 42.71
N ALA NA 94 -22.20 -19.25 43.54
CA ALA NA 94 -22.63 -19.32 44.93
C ALA NA 94 -23.15 -17.96 45.34
N ASP NA 95 -24.32 -17.93 45.95
CA ASP NA 95 -24.93 -16.68 46.37
C ASP NA 95 -24.57 -16.38 47.82
N VAL NA 96 -24.26 -15.12 48.10
CA VAL NA 96 -23.78 -14.69 49.40
C VAL NA 96 -24.81 -13.75 50.01
N VAL NA 97 -25.13 -13.96 51.28
CA VAL NA 97 -26.04 -13.09 52.02
C VAL NA 97 -25.26 -12.48 53.17
N VAL NA 98 -24.92 -11.20 53.07
CA VAL NA 98 -24.13 -10.50 54.07
C VAL NA 98 -25.07 -9.60 54.85
N MET NA 99 -25.16 -9.80 56.17
CA MET NA 99 -26.09 -9.00 56.93
C MET NA 99 -25.39 -8.39 58.14
N LEU NA 100 -25.81 -7.16 58.46
CA LEU NA 100 -25.47 -6.52 59.71
C LEU NA 100 -26.26 -7.19 60.83
N LEU NA 101 -25.93 -6.89 62.08
CA LEU NA 101 -26.66 -7.49 63.18
C LEU NA 101 -26.95 -6.42 64.23
N ASN NA 102 -28.03 -6.63 64.96
CA ASN NA 102 -28.46 -5.73 66.02
C ASN NA 102 -27.80 -6.16 67.33
N GLU NA 103 -28.29 -5.57 68.42
CA GLU NA 103 -27.82 -5.97 69.74
C GLU NA 103 -28.46 -7.28 70.17
N ASN NA 104 -29.71 -7.51 69.77
CA ASN NA 104 -30.42 -8.74 70.05
C ASN NA 104 -30.16 -9.81 69.00
N SER NA 105 -29.09 -9.65 68.20
CA SER NA 105 -28.72 -10.52 67.09
C SER NA 105 -29.85 -10.65 66.07
N LEU NA 106 -30.47 -9.54 65.75
CA LEU NA 106 -31.44 -9.44 64.68
C LEU NA 106 -30.80 -8.69 63.51
N PRO NA 107 -31.17 -8.98 62.27
CA PRO NA 107 -30.51 -8.29 61.15
C PRO NA 107 -31.09 -6.91 60.95
N LEU NA 108 -30.20 -5.93 60.75
CA LEU NA 108 -30.66 -4.61 60.36
C LEU NA 108 -30.90 -4.56 58.86
N SER NA 109 -29.84 -4.70 58.07
CA SER NA 109 -29.92 -4.75 56.62
C SER NA 109 -29.11 -5.92 56.12
N SER NA 110 -29.50 -6.47 54.98
CA SER NA 110 -28.79 -7.58 54.37
C SER NA 110 -28.55 -7.30 52.91
N TRP NA 111 -27.37 -7.69 52.42
CA TRP NA 111 -27.03 -7.57 51.01
C TRP NA 111 -26.97 -8.97 50.41
N THR NA 112 -27.79 -9.22 49.41
CA THR NA 112 -27.77 -10.50 48.71
C THR NA 112 -26.98 -10.33 47.42
N LEU NA 113 -25.97 -11.17 47.23
CA LEU NA 113 -24.97 -11.00 46.19
C LEU NA 113 -25.11 -12.18 45.23
N SER NA 114 -25.95 -12.03 44.22
CA SER NA 114 -26.36 -13.14 43.39
C SER NA 114 -25.24 -13.56 42.44
N ASN NA 115 -25.06 -14.88 42.33
CA ASN NA 115 -24.16 -15.51 41.37
C ASN NA 115 -22.71 -15.05 41.53
N ALA NA 116 -22.19 -15.17 42.75
CA ALA NA 116 -20.85 -14.71 43.01
C ALA NA 116 -19.85 -15.79 42.66
N LEU NA 117 -18.95 -15.47 41.74
CA LEU NA 117 -17.97 -16.42 41.24
C LEU NA 117 -16.71 -16.35 42.09
N PRO NA 118 -16.28 -17.45 42.69
CA PRO NA 118 -15.06 -17.43 43.50
C PRO NA 118 -13.81 -17.25 42.65
N VAL NA 119 -13.16 -16.10 42.80
CA VAL NA 119 -12.04 -15.75 41.94
C VAL NA 119 -10.72 -16.21 42.52
N ARG NA 120 -10.34 -15.72 43.70
CA ARG NA 120 -9.03 -16.04 44.24
C ARG NA 120 -9.14 -16.42 45.72
N TRP NA 121 -8.05 -16.98 46.23
CA TRP NA 121 -8.01 -17.60 47.56
C TRP NA 121 -6.56 -17.60 48.00
N GLN NA 122 -6.26 -16.89 49.08
CA GLN NA 122 -4.89 -16.61 49.47
C GLN NA 122 -4.75 -16.74 50.98
N THR NA 123 -3.82 -17.56 51.43
CA THR NA 123 -3.55 -17.64 52.85
C THR NA 123 -2.50 -16.61 53.25
N SER NA 124 -2.44 -16.32 54.54
CA SER NA 124 -1.36 -15.49 55.04
C SER NA 124 -0.06 -16.28 55.05
N ASP NA 125 1.05 -15.57 55.17
CA ASP NA 125 2.33 -16.24 55.13
C ASP NA 125 2.71 -16.81 56.49
N PHE NA 126 3.36 -17.95 56.46
CA PHE NA 126 4.03 -18.45 57.64
C PHE NA 126 5.22 -17.57 57.93
N ASP NA 127 5.50 -17.35 59.21
CA ASP NA 127 6.77 -16.79 59.62
C ASP NA 127 7.01 -17.21 61.07
N ALA NA 128 8.23 -17.61 61.35
CA ALA NA 128 8.58 -18.10 62.67
C ALA NA 128 8.78 -16.98 63.66
N ASN NA 129 8.93 -15.75 63.20
CA ASN NA 129 9.41 -14.66 64.03
C ASN NA 129 8.30 -13.88 64.69
N SER NA 130 7.07 -13.99 64.20
CA SER NA 130 5.95 -13.23 64.74
C SER NA 130 4.76 -14.13 64.97
N ASN NA 131 3.96 -13.74 65.97
CA ASN NA 131 2.80 -14.50 66.41
C ASN NA 131 1.51 -13.88 65.88
N ALA NA 132 0.88 -14.56 64.94
CA ALA NA 132 -0.39 -14.10 64.41
C ALA NA 132 -1.16 -15.29 63.86
N ILE NA 133 -2.46 -15.10 63.72
CA ILE NA 133 -3.35 -16.12 63.18
C ILE NA 133 -3.14 -16.24 61.68
N LEU NA 134 -3.02 -17.47 61.20
CA LEU NA 134 -3.14 -17.73 59.78
C LEU NA 134 -4.54 -17.40 59.30
N VAL NA 135 -4.63 -16.53 58.30
CA VAL NA 135 -5.94 -16.13 57.79
C VAL NA 135 -6.06 -16.60 56.35
N ASN NA 136 -7.28 -16.58 55.83
CA ASN NA 136 -7.62 -17.04 54.49
C ASN NA 136 -8.25 -15.90 53.72
N THR NA 137 -7.42 -15.05 53.12
CA THR NA 137 -7.95 -13.94 52.34
C THR NA 137 -8.52 -14.46 51.04
N LEU NA 138 -9.83 -14.71 51.02
CA LEU NA 138 -10.49 -15.30 49.86
C LEU NA 138 -11.49 -14.31 49.28
N GLU NA 139 -11.41 -14.10 47.97
CA GLU NA 139 -12.01 -12.98 47.28
C GLU NA 139 -12.84 -13.49 46.12
N LEU NA 140 -14.08 -13.03 46.02
CA LEU NA 140 -15.01 -13.58 45.04
C LEU NA 140 -15.80 -12.46 44.38
N ARG NA 141 -16.05 -12.61 43.09
CA ARG NA 141 -16.65 -11.58 42.26
C ARG NA 141 -18.12 -11.86 42.02
N TYR NA 142 -18.97 -10.94 42.46
CA TYR NA 142 -20.40 -11.08 42.32
C TYR NA 142 -20.86 -10.28 41.10
N GLN NA 143 -22.02 -10.63 40.56
CA GLN NA 143 -22.47 -9.96 39.36
C GLN NA 143 -23.75 -9.16 39.57
N ASP NA 144 -24.36 -9.22 40.74
CA ASP NA 144 -25.46 -8.32 41.08
C ASP NA 144 -25.54 -8.20 42.59
N MET NA 145 -26.11 -7.10 43.06
CA MET NA 145 -26.24 -6.86 44.48
C MET NA 145 -27.60 -6.23 44.76
N ARG NA 146 -28.38 -6.88 45.62
CA ARG NA 146 -29.72 -6.43 45.93
C ARG NA 146 -29.80 -6.17 47.42
N TRP NA 147 -29.65 -4.91 47.80
CA TRP NA 147 -29.80 -4.48 49.17
C TRP NA 147 -31.23 -4.72 49.66
N LEU NA 148 -31.36 -5.22 50.89
CA LEU NA 148 -32.66 -5.47 51.48
C LEU NA 148 -32.61 -5.14 52.95
N GLY NA 149 -33.46 -4.18 53.36
CA GLY NA 149 -34.04 -4.08 54.72
C GLY NA 149 -34.21 -2.64 55.15
N VAL NA 150 -34.03 -2.41 56.45
CA VAL NA 150 -34.00 -1.06 57.01
C VAL NA 150 -32.56 -0.78 57.44
N LYS NA 151 -32.22 0.51 57.53
CA LYS NA 151 -30.90 0.99 57.95
C LYS NA 151 -29.78 0.43 57.05
N ILE NA 152 -29.82 0.84 55.78
CA ILE NA 152 -29.01 0.31 54.68
C ILE NA 152 -27.52 0.07 54.95
N TYR OA 5 -14.22 -24.07 63.91
CA TYR OA 5 -13.91 -24.22 65.33
C TYR OA 5 -12.91 -23.10 65.70
N THR OA 6 -11.78 -23.43 66.31
CA THR OA 6 -10.84 -22.43 66.76
C THR OA 6 -9.68 -22.31 65.78
N PRO OA 7 -9.15 -21.11 65.54
CA PRO OA 7 -8.10 -20.95 64.52
C PRO OA 7 -6.75 -21.43 65.02
N VAL OA 8 -5.81 -21.52 64.10
CA VAL OA 8 -4.48 -22.04 64.40
C VAL OA 8 -3.45 -20.93 64.19
N VAL OA 9 -2.27 -21.14 64.73
CA VAL OA 9 -1.22 -20.14 64.73
C VAL OA 9 -0.25 -20.43 63.60
N SER OA 10 0.53 -19.41 63.23
CA SER OA 10 1.35 -19.45 62.02
C SER OA 10 2.83 -19.36 62.31
N HIS OA 11 3.32 -20.07 63.32
CA HIS OA 11 4.76 -20.12 63.56
C HIS OA 11 5.24 -21.52 63.90
N ARG OA 12 4.52 -22.55 63.45
CA ARG OA 12 5.03 -23.91 63.38
C ARG OA 12 4.80 -24.41 61.97
N PHE OA 13 5.89 -24.73 61.29
CA PHE OA 13 5.81 -25.19 59.91
C PHE OA 13 7.12 -25.87 59.59
N MET OA 14 7.06 -26.81 58.65
CA MET OA 14 8.27 -27.38 58.11
C MET OA 14 8.01 -27.61 56.63
N ALA OA 15 9.06 -27.50 55.84
CA ALA OA 15 8.95 -27.71 54.41
C ALA OA 15 10.06 -28.63 53.96
N SER OA 16 9.69 -29.77 53.39
CA SER OA 16 10.65 -30.76 52.95
C SER OA 16 10.59 -30.86 51.44
N PHE OA 17 11.73 -31.13 50.82
CA PHE OA 17 11.84 -31.14 49.37
C PHE OA 17 12.00 -32.57 48.89
N ILE OA 18 11.62 -32.79 47.64
CA ILE OA 18 11.66 -34.11 47.02
C ILE OA 18 12.48 -33.96 45.74
N PHE OA 19 13.74 -34.38 45.76
CA PHE OA 19 14.62 -34.27 44.61
C PHE OA 19 14.62 -35.58 43.84
N ASN OA 20 13.85 -35.61 42.75
CA ASN OA 20 13.74 -36.77 41.85
C ASN OA 20 13.27 -38.01 42.60
N ARG OA 21 12.14 -37.85 43.29
CA ARG OA 21 11.48 -38.85 44.13
C ARG OA 21 12.37 -39.40 45.23
N ILE OA 22 13.36 -38.61 45.65
CA ILE OA 22 14.22 -38.92 46.79
C ILE OA 22 14.01 -37.81 47.80
N PRO OA 23 13.47 -38.08 48.99
CA PRO OA 23 13.14 -37.01 49.92
C PRO OA 23 14.38 -36.38 50.53
N ASP OA 24 14.20 -35.15 51.01
CA ASP OA 24 15.29 -34.33 51.52
C ASP OA 24 14.92 -33.90 52.93
N PRO OA 25 15.29 -34.68 53.93
CA PRO OA 25 14.91 -34.38 55.31
C PRO OA 25 15.92 -33.56 56.09
N LEU OA 26 16.90 -32.96 55.44
CA LEU OA 26 17.88 -32.14 56.13
C LEU OA 26 17.54 -30.67 56.19
N ASP OA 27 16.52 -30.23 55.46
CA ASP OA 27 16.32 -28.83 55.16
C ASP OA 27 14.91 -28.39 55.51
N ILE OA 28 14.51 -28.66 56.76
CA ILE OA 28 13.16 -28.30 57.20
C ILE OA 28 13.13 -27.03 58.04
N ARG OA 29 14.27 -26.39 58.29
CA ARG OA 29 14.29 -25.20 59.13
C ARG OA 29 14.26 -23.95 58.28
N PHE OA 30 13.11 -23.25 58.27
CA PHE OA 30 12.98 -22.03 57.49
C PHE OA 30 12.46 -20.91 58.37
N GLN OA 31 12.85 -19.68 58.03
CA GLN OA 31 12.42 -18.49 58.75
C GLN OA 31 10.97 -18.14 58.43
N ARG OA 32 10.62 -18.10 57.14
CA ARG OA 32 9.26 -17.83 56.74
C ARG OA 32 8.99 -18.46 55.38
N ILE OA 33 7.72 -18.70 55.11
CA ILE OA 33 7.23 -19.28 53.85
C ILE OA 33 6.08 -18.39 53.38
N SER OA 34 6.00 -18.15 52.07
CA SER OA 34 5.22 -17.05 51.51
C SER OA 34 3.71 -17.17 51.66
N GLY OA 35 3.18 -18.36 51.89
CA GLY OA 35 1.74 -18.48 51.89
C GLY OA 35 1.19 -18.60 50.49
N LEU OA 36 0.35 -19.60 50.28
CA LEU OA 36 0.08 -20.13 48.95
C LEU OA 36 -1.24 -19.59 48.42
N SER OA 37 -1.16 -18.80 47.35
CA SER OA 37 -2.32 -18.18 46.73
C SER OA 37 -2.52 -18.77 45.34
N ARG OA 38 -3.78 -18.96 44.96
CA ARG OA 38 -4.13 -19.27 43.58
C ARG OA 38 -5.33 -18.43 43.20
N GLU OA 39 -5.43 -18.09 41.91
CA GLU OA 39 -6.40 -17.12 41.45
C GLU OA 39 -6.95 -17.57 40.11
N LEU OA 40 -8.27 -17.53 39.97
CA LEU OA 40 -8.93 -17.81 38.71
C LEU OA 40 -9.03 -16.50 37.93
N GLN OA 41 -8.33 -16.41 36.81
CA GLN OA 41 -8.38 -15.22 35.99
C GLN OA 41 -9.76 -15.10 35.36
N VAL OA 42 -10.23 -13.87 35.21
CA VAL OA 42 -11.62 -13.59 34.88
C VAL OA 42 -11.64 -12.51 33.81
N THR OA 43 -12.35 -12.77 32.72
CA THR OA 43 -12.57 -11.78 31.68
C THR OA 43 -14.00 -11.28 31.80
N GLN OA 44 -14.16 -9.99 32.11
CA GLN OA 44 -15.50 -9.43 32.19
C GLN OA 44 -16.02 -9.10 30.80
N TYR OA 45 -17.20 -9.62 30.49
CA TYR OA 45 -17.84 -9.37 29.21
C TYR OA 45 -19.14 -8.63 29.45
N SER OA 46 -19.19 -7.37 29.05
CA SER OA 46 -20.38 -6.56 29.12
C SER OA 46 -21.08 -6.60 27.77
N GLU OA 47 -22.41 -6.67 27.78
CA GLU OA 47 -23.11 -7.00 26.55
C GLU OA 47 -24.44 -6.30 26.45
N GLY OA 48 -24.73 -5.82 25.24
CA GLY OA 48 -26.08 -5.58 24.76
C GLY OA 48 -26.85 -4.58 25.59
N GLY OA 49 -28.08 -4.96 25.94
CA GLY OA 49 -28.89 -4.10 26.77
C GLY OA 49 -28.72 -4.35 28.25
N GLU OA 50 -27.91 -5.33 28.62
CA GLU OA 50 -27.68 -5.61 30.03
C GLU OA 50 -26.59 -4.69 30.55
N ASN OA 51 -27.00 -3.49 30.94
CA ASN OA 51 -26.10 -2.50 31.53
C ASN OA 51 -26.48 -2.16 32.96
N ALA OA 52 -26.84 -3.18 33.73
CA ALA OA 52 -27.07 -3.01 35.15
C ALA OA 52 -26.51 -4.15 35.99
N ARG OA 53 -25.92 -5.16 35.36
CA ARG OA 53 -25.28 -6.22 36.11
C ARG OA 53 -24.15 -6.79 35.27
N ASN OA 54 -23.04 -7.09 35.92
CA ASN OA 54 -21.86 -7.56 35.22
C ASN OA 54 -22.02 -9.03 34.81
N ASN OA 55 -21.05 -9.51 34.06
CA ASN OA 55 -21.09 -10.88 33.56
C ASN OA 55 -19.66 -11.34 33.36
N TYR OA 56 -19.18 -12.18 34.26
CA TYR OA 56 -17.78 -12.56 34.33
C TYR OA 56 -17.59 -13.94 33.75
N LEU OA 57 -16.61 -14.06 32.85
CA LEU OA 57 -16.29 -15.31 32.18
C LEU OA 57 -14.98 -15.84 32.73
N ALA OA 58 -14.98 -17.11 33.12
CA ALA OA 58 -13.81 -17.73 33.74
C ALA OA 58 -12.70 -17.92 32.73
N GLU OA 59 -11.50 -18.16 33.23
CA GLU OA 59 -10.34 -18.35 32.37
C GLU OA 59 -9.42 -19.31 33.10
N LYS OA 60 -8.14 -19.34 32.73
CA LYS OA 60 -7.18 -20.24 33.34
C LYS OA 60 -6.86 -19.80 34.76
N ILE OA 61 -6.38 -20.74 35.55
CA ILE OA 61 -6.03 -20.52 36.95
C ILE OA 61 -4.56 -20.12 37.03
N GLN OA 62 -4.28 -19.07 37.79
CA GLN OA 62 -2.93 -18.52 37.92
C GLN OA 62 -2.43 -18.81 39.32
N HIS OA 63 -1.48 -19.72 39.46
CA HIS OA 63 -0.93 -20.07 40.75
C HIS OA 63 0.10 -19.03 41.18
N GLY OA 64 0.27 -18.91 42.50
CA GLY OA 64 1.20 -17.95 43.04
C GLY OA 64 2.64 -18.38 42.92
N THR OA 65 3.52 -17.62 43.56
CA THR OA 65 4.95 -17.89 43.56
C THR OA 65 5.41 -18.07 45.01
N LEU OA 66 6.10 -19.16 45.27
CA LEU OA 66 6.45 -19.56 46.63
C LEU OA 66 7.84 -19.03 46.97
N THR OA 67 7.91 -18.09 47.91
CA THR OA 67 9.19 -17.62 48.40
C THR OA 67 9.36 -18.17 49.81
N LEU OA 68 10.59 -18.46 50.16
CA LEU OA 68 10.88 -18.96 51.49
C LEU OA 68 12.34 -18.66 51.81
N GLU OA 69 12.57 -18.05 52.96
CA GLU OA 69 13.89 -17.62 53.34
C GLU OA 69 14.35 -18.34 54.59
N ARG OA 70 15.65 -18.54 54.70
CA ARG OA 70 16.23 -19.22 55.84
C ARG OA 70 17.55 -18.55 56.14
N GLY OA 71 18.03 -18.73 57.37
CA GLY OA 71 19.39 -18.33 57.67
C GLY OA 71 20.38 -19.15 56.87
N VAL OA 72 21.50 -18.55 56.54
CA VAL OA 72 22.48 -19.26 55.73
C VAL OA 72 23.23 -20.26 56.61
N MET OA 73 23.27 -21.50 56.17
CA MET OA 73 23.76 -22.59 56.98
C MET OA 73 24.85 -23.33 56.24
N THR OA 74 25.29 -24.46 56.78
CA THR OA 74 26.23 -25.33 56.10
C THR OA 74 25.57 -25.86 54.82
N VAL OA 75 26.41 -26.15 53.82
CA VAL OA 75 25.91 -26.52 52.51
C VAL OA 75 25.22 -27.88 52.60
N SER OA 76 24.11 -28.02 51.89
CA SER OA 76 23.11 -29.06 52.06
C SER OA 76 22.63 -29.52 50.69
N PRO OA 77 21.89 -30.64 50.60
CA PRO OA 77 21.31 -31.02 49.30
C PRO OA 77 20.28 -30.04 48.75
N LEU OA 78 19.74 -29.13 49.56
CA LEU OA 78 18.90 -28.08 48.99
C LEU OA 78 19.75 -27.07 48.25
N THR OA 79 20.85 -26.65 48.86
CA THR OA 79 21.72 -25.63 48.28
C THR OA 79 22.45 -26.15 47.05
N TRP OA 80 22.81 -27.44 47.03
CA TRP OA 80 23.41 -28.00 45.84
C TRP OA 80 22.42 -28.11 44.70
N MET OA 81 21.11 -28.11 44.99
CA MET OA 81 20.12 -28.15 43.93
C MET OA 81 19.97 -26.79 43.26
N PHE OA 82 19.82 -25.72 44.04
CA PHE OA 82 19.71 -24.37 43.48
C PHE OA 82 20.97 -23.95 42.76
N ASP OA 83 22.14 -24.31 43.30
CA ASP OA 83 23.39 -23.95 42.64
C ASP OA 83 23.57 -24.71 41.35
N ARG OA 84 22.99 -25.90 41.23
CA ARG OA 84 23.11 -26.66 39.99
C ARG OA 84 22.24 -26.08 38.89
N VAL OA 85 21.05 -25.60 39.22
CA VAL OA 85 20.13 -25.09 38.21
C VAL OA 85 20.39 -23.61 37.89
N LEU OA 86 20.90 -22.84 38.84
CA LEU OA 86 21.17 -21.44 38.59
C LEU OA 86 22.60 -21.17 38.13
N SER OA 87 23.38 -22.21 37.86
CA SER OA 87 24.64 -22.09 37.15
C SER OA 87 24.52 -22.66 35.75
N GLY OA 88 23.30 -22.89 35.29
CA GLY OA 88 23.05 -23.33 33.93
C GLY OA 88 23.38 -24.76 33.63
N GLU OA 89 23.62 -25.60 34.64
CA GLU OA 89 23.92 -26.99 34.37
C GLU OA 89 22.68 -27.76 33.93
N LYS OA 90 21.71 -27.87 34.82
CA LYS OA 90 20.58 -28.78 34.64
C LYS OA 90 19.32 -28.11 35.13
N ILE OA 91 18.31 -28.05 34.27
CA ILE OA 91 17.00 -27.55 34.65
C ILE OA 91 16.22 -28.75 35.17
N ALA OA 92 16.11 -28.84 36.49
CA ALA OA 92 15.44 -29.97 37.11
C ALA OA 92 14.33 -29.49 38.02
N TYR OA 93 13.37 -30.36 38.24
CA TYR OA 93 12.20 -30.07 39.06
C TYR OA 93 12.37 -30.65 40.46
N ALA OA 94 11.69 -30.05 41.42
CA ALA OA 94 11.74 -30.50 42.80
C ALA OA 94 10.38 -30.27 43.43
N ASP OA 95 9.85 -31.28 44.10
CA ASP OA 95 8.55 -31.18 44.73
C ASP OA 95 8.69 -30.78 46.18
N VAL OA 96 7.81 -29.87 46.62
CA VAL OA 96 7.89 -29.28 47.95
C VAL OA 96 6.66 -29.70 48.73
N VAL OA 97 6.86 -30.13 49.98
CA VAL OA 97 5.77 -30.49 50.87
C VAL OA 97 5.82 -29.56 52.07
N VAL OA 98 4.90 -28.61 52.13
CA VAL OA 98 4.84 -27.61 53.18
C VAL OA 98 3.72 -27.99 54.14
N MET OA 99 4.05 -28.20 55.40
CA MET OA 99 3.01 -28.62 56.33
C MET OA 99 3.01 -27.75 57.57
N LEU OA 100 1.82 -27.50 58.08
CA LEU OA 100 1.63 -26.92 59.40
C LEU OA 100 1.97 -27.98 60.45
N LEU OA 101 2.06 -27.58 61.71
CA LEU OA 101 2.37 -28.53 62.75
C LEU OA 101 1.47 -28.28 63.95
N ASN OA 102 1.20 -29.34 64.70
CA ASN OA 102 0.39 -29.29 65.89
C ASN OA 102 1.27 -28.98 67.09
N GLU OA 103 0.70 -29.14 68.28
CA GLU OA 103 1.47 -28.98 69.50
C GLU OA 103 2.32 -30.20 69.78
N ASN OA 104 1.83 -31.38 69.41
CA ASN OA 104 2.56 -32.63 69.53
C ASN OA 104 3.45 -32.91 68.32
N SER OA 105 3.72 -31.88 67.52
CA SER OA 105 4.49 -31.97 66.27
C SER OA 105 3.88 -32.98 65.30
N LEU OA 106 2.56 -32.93 65.18
CA LEU OA 106 1.83 -33.69 64.18
C LEU OA 106 1.35 -32.73 63.11
N PRO OA 107 1.22 -33.16 61.86
CA PRO OA 107 0.81 -32.20 60.82
C PRO OA 107 -0.69 -32.00 60.85
N LEU OA 108 -1.10 -30.74 60.74
CA LEU OA 108 -2.52 -30.45 60.57
C LEU OA 108 -2.91 -30.58 59.11
N SER OA 109 -2.37 -29.72 58.25
CA SER OA 109 -2.59 -29.77 56.82
C SER OA 109 -1.26 -29.65 56.11
N SER OA 110 -1.16 -30.22 54.92
CA SER OA 110 0.06 -30.16 54.13
C SER OA 110 -0.28 -29.76 52.71
N TRP OA 111 0.57 -28.93 52.11
CA TRP OA 111 0.43 -28.53 50.72
C TRP OA 111 1.55 -29.17 49.93
N THR OA 112 1.21 -29.97 48.93
CA THR OA 112 2.20 -30.58 48.07
C THR OA 112 2.27 -29.77 46.78
N LEU OA 113 3.47 -29.33 46.42
CA LEU OA 113 3.67 -28.34 45.36
C LEU OA 113 4.45 -29.03 44.25
N SER OA 114 3.75 -29.65 43.32
CA SER OA 114 4.38 -30.54 42.36
C SER OA 114 5.14 -29.76 41.30
N ASN OA 115 6.34 -30.25 40.99
CA ASN OA 115 7.20 -29.78 39.91
C ASN OA 115 7.55 -28.30 40.06
N ALA OA 116 8.11 -27.95 41.21
CA ALA OA 116 8.43 -26.57 41.49
C ALA OA 116 9.80 -26.24 40.92
N LEU OA 117 9.84 -25.27 40.01
CA LEU OA 117 11.07 -24.90 39.34
C LEU OA 117 11.76 -23.81 40.12
N PRO OA 118 13.02 -24.01 40.54
CA PRO OA 118 13.73 -22.97 41.29
C PRO OA 118 14.08 -21.78 40.40
N VAL OA 119 13.46 -20.64 40.69
CA VAL OA 119 13.59 -19.47 39.84
C VAL OA 119 14.74 -18.58 40.27
N ARG OA 120 14.69 -18.04 41.49
CA ARG OA 120 15.70 -17.09 41.93
C ARG OA 120 16.19 -17.43 43.32
N TRP OA 121 17.30 -16.78 43.70
CA TRP OA 121 18.03 -17.10 44.91
C TRP OA 121 18.83 -15.86 45.28
N GLN OA 122 18.55 -15.28 46.44
CA GLN OA 122 19.07 -13.97 46.80
C GLN OA 122 19.46 -13.97 48.26
N THR OA 123 20.70 -13.59 48.55
CA THR OA 123 21.12 -13.44 49.93
C THR OA 123 20.83 -12.03 50.41
N SER OA 124 20.81 -11.86 51.73
CA SER OA 124 20.72 -10.53 52.30
C SER OA 124 22.05 -9.81 52.12
N ASP OA 125 22.02 -8.50 52.29
CA ASP OA 125 23.23 -7.73 52.09
C ASP OA 125 24.10 -7.74 53.33
N PHE OA 126 25.41 -7.75 53.10
CA PHE OA 126 26.34 -7.46 54.17
C PHE OA 126 26.23 -5.99 54.51
N ASP OA 127 26.38 -5.69 55.80
CA ASP OA 127 26.60 -4.33 56.23
C ASP OA 127 27.30 -4.37 57.58
N ALA OA 128 28.30 -3.52 57.75
CA ALA OA 128 29.08 -3.50 58.96
C ALA OA 128 28.39 -2.80 60.10
N ASN OA 129 27.34 -2.04 59.80
CA ASN OA 129 26.79 -1.10 60.76
C ASN OA 129 25.65 -1.69 61.58
N SER OA 130 25.06 -2.79 61.14
CA SER OA 130 23.93 -3.37 61.84
C SER OA 130 24.13 -4.88 62.01
N ASN OA 131 23.55 -5.39 63.08
CA ASN OA 131 23.67 -6.80 63.47
C ASN OA 131 22.41 -7.57 63.10
N ALA OA 132 22.53 -8.44 62.10
CA ALA OA 132 21.42 -9.27 61.69
C ALA OA 132 21.96 -10.52 61.03
N ILE OA 133 21.13 -11.54 60.98
CA ILE OA 133 21.46 -12.80 60.35
C ILE OA 133 21.45 -12.65 58.83
N LEU OA 134 22.49 -13.16 58.18
CA LEU OA 134 22.43 -13.34 56.74
C LEU OA 134 21.37 -14.37 56.39
N VAL OA 135 20.43 -13.98 55.54
CA VAL OA 135 19.37 -14.89 55.14
C VAL OA 135 19.49 -15.18 53.66
N ASN OA 136 18.77 -16.21 53.21
CA ASN OA 136 18.80 -16.70 51.84
C ASN OA 136 17.38 -16.64 51.28
N THR OA 137 17.00 -15.48 50.75
CA THR OA 137 15.67 -15.33 50.17
C THR OA 137 15.64 -16.06 48.84
N LEU OA 138 15.19 -17.31 48.84
CA LEU OA 138 15.18 -18.15 47.66
C LEU OA 138 13.75 -18.49 47.27
N GLU OA 139 13.42 -18.28 46.01
CA GLU OA 139 12.05 -18.21 45.52
C GLU OA 139 11.89 -19.14 44.33
N LEU OA 140 10.87 -19.98 44.36
CA LEU OA 140 10.71 -21.03 43.36
C LEU OA 140 9.26 -21.12 42.91
N ARG OA 141 9.07 -21.37 41.62
CA ARG OA 141 7.77 -21.34 40.98
C ARG OA 141 7.23 -22.74 40.78
N TYR OA 142 6.09 -23.03 41.39
CA TYR OA 142 5.46 -24.33 41.29
C TYR OA 142 4.37 -24.27 40.24
N GLN OA 143 4.00 -25.44 39.71
CA GLN OA 143 3.02 -25.46 38.65
C GLN OA 143 1.73 -26.16 39.02
N ASP OA 144 1.65 -26.76 40.20
CA ASP OA 144 0.38 -27.25 40.72
C ASP OA 144 0.46 -27.30 42.24
N MET OA 145 -0.69 -27.25 42.88
CA MET OA 145 -0.75 -27.29 44.34
C MET OA 145 -1.92 -28.15 44.78
N ARG OA 146 -1.64 -29.18 45.56
CA ARG OA 146 -2.66 -30.12 46.01
C ARG OA 146 -2.70 -30.10 47.51
N TRP OA 147 -3.63 -29.34 48.05
CA TRP OA 147 -3.88 -29.30 49.49
C TRP OA 147 -4.31 -30.66 50.01
N LEU OA 148 -3.76 -31.06 51.15
CA LEU OA 148 -4.12 -32.34 51.77
C LEU OA 148 -4.16 -32.18 53.28
N GLY OA 149 -5.35 -32.44 53.85
CA GLY OA 149 -5.52 -32.92 55.24
C GLY OA 149 -6.77 -32.36 55.89
N VAL OA 150 -6.68 -32.11 57.19
CA VAL OA 150 -7.72 -31.43 57.94
C VAL OA 150 -7.16 -30.06 58.34
N LYS OA 151 -8.08 -29.12 58.59
CA LYS OA 151 -7.76 -27.74 59.00
C LYS OA 151 -6.86 -27.05 57.99
N ILE OA 152 -7.42 -26.83 56.78
CA ILE OA 152 -6.71 -26.35 55.58
C ILE OA 152 -5.72 -25.21 55.75
N TYR PA 5 22.84 -26.18 60.48
CA TYR PA 5 23.34 -26.03 61.84
C TYR PA 5 22.95 -24.63 62.32
N THR PA 6 23.88 -23.82 62.81
CA THR PA 6 23.57 -22.52 63.36
C THR PA 6 23.92 -21.44 62.35
N PRO PA 7 23.13 -20.37 62.25
CA PRO PA 7 23.36 -19.35 61.20
C PRO PA 7 24.52 -18.45 61.57
N VAL PA 8 24.94 -17.65 60.59
CA VAL PA 8 26.10 -16.77 60.75
C VAL PA 8 25.64 -15.33 60.64
N VAL PA 9 26.50 -14.43 61.08
CA VAL PA 9 26.18 -13.02 61.17
C VAL PA 9 26.74 -12.29 59.96
N SER PA 10 26.22 -11.10 59.70
CA SER PA 10 26.48 -10.38 58.46
C SER PA 10 27.20 -9.06 58.68
N HIS PA 11 28.21 -9.03 59.54
CA HIS PA 11 29.01 -7.83 59.71
C HIS PA 11 30.50 -8.13 59.81
N ARG PA 12 30.94 -9.26 59.26
CA ARG PA 12 32.34 -9.51 58.97
C ARG PA 12 32.44 -9.91 57.52
N PHE PA 13 33.16 -9.13 56.74
CA PHE PA 13 33.30 -9.39 55.32
C PHE PA 13 34.50 -8.60 54.83
N MET PA 14 35.12 -9.10 53.78
CA MET PA 14 36.14 -8.33 53.09
C MET PA 14 35.98 -8.63 51.61
N ALA PA 15 36.30 -7.64 50.79
CA ALA PA 15 36.21 -7.82 49.35
C ALA PA 15 37.49 -7.31 48.73
N SER PA 16 38.18 -8.18 48.01
CA SER PA 16 39.44 -7.85 47.38
C SER PA 16 39.26 -7.92 45.88
N PHE PA 17 39.98 -7.05 45.17
CA PHE PA 17 39.83 -6.92 43.74
C PHE PA 17 41.05 -7.50 43.04
N ILE PA 18 40.86 -7.91 41.79
CA ILE PA 18 41.92 -8.52 40.99
C ILE PA 18 42.01 -7.71 39.70
N PHE PA 19 43.00 -6.83 39.61
CA PHE PA 19 43.18 -5.98 38.44
C PHE PA 19 44.18 -6.63 37.50
N ASN PA 20 43.66 -7.28 36.44
CA ASN PA 20 44.45 -7.94 35.39
C ASN PA 20 45.38 -8.99 35.98
N ARG PA 21 44.78 -9.91 36.75
CA ARG PA 21 45.42 -11.01 37.47
C ARG PA 21 46.50 -10.54 38.44
N ILE PA 22 46.40 -9.30 38.91
CA ILE PA 22 47.26 -8.75 39.95
C ILE PA 22 46.36 -8.39 41.12
N PRO PA 23 46.49 -9.03 42.28
CA PRO PA 23 45.55 -8.80 43.37
C PRO PA 23 45.74 -7.43 44.01
N ASP PA 24 44.68 -6.97 44.65
CA ASP PA 24 44.61 -5.62 45.23
C ASP PA 24 44.26 -5.76 46.70
N PRO PA 25 45.27 -5.87 47.56
CA PRO PA 25 45.03 -6.09 48.99
C PRO PA 25 44.96 -4.81 49.82
N LEU PA 26 44.83 -3.65 49.20
CA LEU PA 26 44.75 -2.41 49.94
C LEU PA 26 43.33 -1.97 50.24
N ASP PA 27 42.33 -2.60 49.63
CA ASP PA 27 40.98 -2.05 49.55
C ASP PA 27 39.97 -3.05 50.04
N ILE PA 28 40.18 -3.57 51.24
CA ILE PA 28 39.26 -4.56 51.81
C ILE PA 28 38.29 -3.96 52.82
N ARG PA 29 38.36 -2.67 53.10
CA ARG PA 29 37.48 -2.07 54.10
C ARG PA 29 36.26 -1.44 53.43
N PHE PA 30 35.09 -2.07 53.58
CA PHE PA 30 33.87 -1.55 53.00
C PHE PA 30 32.79 -1.44 54.05
N GLN PA 31 31.89 -0.48 53.87
CA GLN PA 31 30.77 -0.27 54.77
C GLN PA 31 29.70 -1.34 54.58
N ARG PA 32 29.29 -1.58 53.33
CA ARG PA 32 28.30 -2.61 53.05
C ARG PA 32 28.51 -3.12 51.63
N ILE PA 33 28.03 -4.34 51.40
CA ILE PA 33 28.09 -5.00 50.09
C ILE PA 33 26.68 -5.53 49.82
N SER PA 34 26.24 -5.45 48.56
CA SER PA 34 24.83 -5.54 48.20
C SER PA 34 24.20 -6.90 48.42
N GLY PA 35 24.96 -7.97 48.49
CA GLY PA 35 24.33 -9.28 48.56
C GLY PA 35 23.97 -9.77 47.18
N LEU PA 36 24.36 -11.00 46.88
CA LEU PA 36 24.46 -11.47 45.51
C LEU PA 36 23.25 -12.31 45.13
N SER PA 37 22.48 -11.82 44.18
CA SER PA 37 21.27 -12.48 43.71
C SER PA 37 21.46 -12.92 42.27
N ARG PA 38 20.93 -14.09 41.93
CA ARG PA 38 20.81 -14.52 40.55
C ARG PA 38 19.44 -15.11 40.35
N GLU PA 39 18.91 -14.98 39.13
CA GLU PA 39 17.53 -15.31 38.85
C GLU PA 39 17.43 -15.99 37.51
N LEU PA 40 16.70 -17.10 37.45
CA LEU PA 40 16.42 -17.77 36.19
C LEU PA 40 15.14 -17.18 35.62
N GLN PA 41 15.26 -16.50 34.48
CA GLN PA 41 14.09 -15.92 33.83
C GLN PA 41 13.19 -17.02 33.30
N VAL PA 42 11.90 -16.80 33.35
CA VAL PA 42 10.90 -17.85 33.14
C VAL PA 42 9.81 -17.29 32.24
N THR PA 43 9.51 -18.00 31.16
CA THR PA 43 8.40 -17.67 30.28
C THR PA 43 7.27 -18.65 30.56
N GLN PA 44 6.15 -18.15 31.05
CA GLN PA 44 5.01 -19.01 31.28
C GLN PA 44 4.26 -19.25 29.99
N TYR PA 45 4.06 -20.52 29.66
CA TYR PA 45 3.33 -20.92 28.47
C TYR PA 45 2.08 -21.67 28.88
N SER PA 46 0.93 -21.06 28.66
CA SER PA 46 -0.37 -21.68 28.91
C SER PA 46 -0.88 -22.28 27.61
N GLU PA 47 -1.49 -23.45 27.68
CA GLU PA 47 -1.74 -24.18 26.45
C GLU PA 47 -3.03 -24.98 26.52
N GLY PA 48 -3.77 -24.94 25.42
CA GLY PA 48 -4.72 -25.97 25.06
C GLY PA 48 -5.83 -26.16 26.05
N GLY PA 49 -6.08 -27.42 26.41
CA GLY PA 49 -7.10 -27.70 27.39
C GLY PA 49 -6.59 -27.71 28.81
N GLU PA 50 -5.28 -27.52 28.99
CA GLU PA 50 -4.72 -27.52 30.34
C GLU PA 50 -4.87 -26.11 30.92
N ASN PA 51 -6.04 -25.87 31.50
CA ASN PA 51 -6.34 -24.61 32.17
C ASN PA 51 -6.60 -24.81 33.66
N ALA PA 52 -5.80 -25.66 34.31
CA ALA PA 52 -5.86 -25.81 35.75
C ALA PA 52 -4.48 -25.91 36.37
N ARG PA 53 -3.41 -25.91 35.58
CA ARG PA 53 -2.07 -25.91 36.14
C ARG PA 53 -1.15 -25.21 35.16
N ASN PA 54 -0.22 -24.42 35.70
CA ASN PA 54 0.65 -23.62 34.88
C ASN PA 54 1.76 -24.49 34.28
N ASN PA 55 2.56 -23.88 33.42
CA ASN PA 55 3.62 -24.60 32.73
C ASN PA 55 4.70 -23.59 32.39
N TYR PA 56 5.79 -23.63 33.14
CA TYR PA 56 6.83 -22.62 33.08
C TYR PA 56 8.02 -23.13 32.28
N LEU PA 57 8.48 -22.33 31.34
CA LEU PA 57 9.60 -22.68 30.48
C LEU PA 57 10.79 -21.83 30.88
N ALA PA 58 11.94 -22.48 31.09
CA ALA PA 58 13.14 -21.81 31.55
C ALA PA 58 13.72 -20.91 30.46
N GLU PA 59 14.60 -20.01 30.86
CA GLU PA 59 15.22 -19.10 29.93
C GLU PA 59 16.62 -18.81 30.46
N LYS PA 60 17.22 -17.71 30.02
CA LYS PA 60 18.56 -17.36 30.44
C LYS PA 60 18.56 -16.89 31.89
N ILE PA 61 19.74 -16.97 32.52
CA ILE PA 61 19.93 -16.59 33.91
C ILE PA 61 20.34 -15.15 33.97
N GLN PA 62 19.71 -14.38 34.85
CA GLN PA 62 19.94 -12.95 34.98
C GLN PA 62 20.64 -12.70 36.31
N HIS PA 63 21.92 -12.35 36.27
CA HIS PA 63 22.68 -12.07 37.46
C HIS PA 63 22.39 -10.68 37.98
N GLY PA 64 22.56 -10.51 39.29
CA GLY PA 64 22.29 -9.23 39.92
C GLY PA 64 23.38 -8.21 39.66
N THR PA 65 23.26 -7.09 40.36
CA THR PA 65 24.22 -5.99 40.24
C THR PA 65 24.82 -5.72 41.62
N LEU PA 66 26.14 -5.69 41.69
CA LEU PA 66 26.85 -5.62 42.95
C LEU PA 66 27.16 -4.17 43.30
N THR PA 67 26.54 -3.66 44.35
CA THR PA 67 26.85 -2.33 44.84
C THR PA 67 27.62 -2.50 46.13
N LEU PA 68 28.55 -1.59 46.39
CA LEU PA 68 29.31 -1.63 47.61
C LEU PA 68 29.84 -0.24 47.90
N GLU PA 69 29.61 0.24 49.11
CA GLU PA 69 29.97 1.60 49.47
C GLU PA 69 31.00 1.58 50.58
N ARG PA 70 31.84 2.60 50.59
CA ARG PA 70 32.88 2.72 51.59
C ARG PA 70 33.03 4.19 51.92
N GLY PA 71 33.61 4.48 53.08
CA GLY PA 71 33.99 5.85 53.37
C GLY PA 71 35.07 6.30 52.40
N VAL PA 72 35.07 7.60 52.10
CA VAL PA 72 36.05 8.09 51.14
C VAL PA 72 37.41 8.21 51.84
N MET PA 73 38.42 7.63 51.22
CA MET PA 73 39.71 7.47 51.86
C MET PA 73 40.78 8.05 50.95
N THR PA 74 42.05 7.85 51.31
CA THR PA 74 43.16 8.24 50.45
C THR PA 74 43.10 7.44 49.16
N VAL PA 75 43.61 8.04 48.07
CA VAL PA 75 43.47 7.45 46.75
C VAL PA 75 44.30 6.16 46.68
N SER PA 76 43.75 5.16 46.02
CA SER PA 76 44.16 3.78 46.08
C SER PA 76 44.10 3.15 44.70
N PRO PA 77 44.66 1.95 44.49
CA PRO PA 77 44.49 1.30 43.18
C PRO PA 77 43.07 0.93 42.83
N LEU PA 78 42.14 0.89 43.78
CA LEU PA 78 40.74 0.72 43.43
C LEU PA 78 40.19 1.98 42.78
N THR PA 79 40.49 3.14 43.39
CA THR PA 79 39.97 4.41 42.91
C THR PA 79 40.60 4.81 41.59
N TRP PA 80 41.86 4.46 41.37
CA TRP PA 80 42.48 4.73 40.08
C TRP PA 80 41.90 3.85 38.98
N MET PA 81 41.28 2.72 39.34
CA MET PA 81 40.66 1.87 38.34
C MET PA 81 39.32 2.44 37.88
N PHE PA 82 38.46 2.84 38.82
CA PHE PA 82 37.17 3.44 38.46
C PHE PA 82 37.35 4.77 37.74
N ASP PA 83 38.31 5.57 38.17
CA ASP PA 83 38.54 6.84 37.50
C ASP PA 83 39.09 6.66 36.10
N ARG PA 84 39.79 5.56 35.84
CA ARG PA 84 40.31 5.31 34.51
C ARG PA 84 39.22 4.88 33.55
N VAL PA 85 38.26 4.09 34.01
CA VAL PA 85 37.21 3.58 33.13
C VAL PA 85 36.03 4.57 33.01
N LEU PA 86 35.78 5.38 34.03
CA LEU PA 86 34.68 6.33 33.96
C LEU PA 86 35.11 7.70 33.48
N SER PA 87 36.35 7.85 33.02
CA SER PA 87 36.76 9.02 32.27
C SER PA 87 36.99 8.67 30.81
N GLY PA 88 36.50 7.50 30.39
CA GLY PA 88 36.54 7.11 28.99
C GLY PA 88 37.89 6.67 28.47
N GLU PA 89 38.86 6.43 29.35
CA GLU PA 89 40.17 5.99 28.86
C GLU PA 89 40.13 4.55 28.38
N LYS PA 90 39.86 3.62 29.30
CA LYS PA 90 40.03 2.21 29.05
C LYS PA 90 38.90 1.43 29.69
N ILE PA 91 38.22 0.62 28.90
CA ILE PA 91 37.18 -0.27 29.42
C ILE PA 91 37.89 -1.56 29.80
N ALA PA 92 38.10 -1.74 31.10
CA ALA PA 92 38.82 -2.90 31.59
C ALA PA 92 37.99 -3.63 32.62
N TYR PA 93 38.28 -4.92 32.76
CA TYR PA 93 37.57 -5.81 33.68
C TYR PA 93 38.36 -5.97 34.96
N ALA PA 94 37.64 -6.29 36.03
CA ALA PA 94 38.25 -6.51 37.33
C ALA PA 94 37.47 -7.58 38.06
N ASP PA 95 38.16 -8.56 38.61
CA ASP PA 95 37.51 -9.66 39.31
C ASP PA 95 37.45 -9.36 40.80
N VAL PA 96 36.31 -9.69 41.41
CA VAL PA 96 36.04 -9.35 42.80
C VAL PA 96 35.90 -10.64 43.58
N VAL PA 97 36.55 -10.72 44.74
CA VAL PA 97 36.45 -11.86 45.63
C VAL PA 97 35.85 -11.38 46.94
N VAL PA 98 34.59 -11.70 47.18
CA VAL PA 98 33.87 -11.27 48.37
C VAL PA 98 33.76 -12.45 49.32
N MET PA 99 34.30 -12.31 50.52
CA MET PA 99 34.27 -13.45 51.43
C MET PA 99 33.72 -13.03 52.78
N LEU PA 100 32.97 -13.95 53.39
CA LEU PA 100 32.58 -13.86 54.79
C LEU PA 100 33.81 -14.14 55.66
N LEU PA 101 33.71 -13.88 56.95
CA LEU PA 101 34.83 -14.13 57.83
C LEU PA 101 34.34 -14.81 59.09
N ASN PA 102 35.23 -15.59 59.69
CA ASN PA 102 34.95 -16.30 60.93
C ASN PA 102 35.31 -15.42 62.11
N GLU PA 103 35.33 -16.03 63.30
CA GLU PA 103 35.76 -15.31 64.49
C GLU PA 103 37.27 -15.20 64.53
N ASN PA 104 37.97 -16.22 64.03
CA ASN PA 104 39.42 -16.22 63.95
C ASN PA 104 39.92 -15.57 62.67
N SER PA 105 39.08 -14.77 62.00
CA SER PA 105 39.34 -14.14 60.70
C SER PA 105 39.75 -15.15 59.64
N LEU PA 106 39.03 -16.26 59.59
CA LEU PA 106 39.16 -17.24 58.54
C LEU PA 106 37.94 -17.14 57.63
N PRO PA 107 38.05 -17.43 56.34
CA PRO PA 107 36.88 -17.28 55.48
C PRO PA 107 35.95 -18.47 55.61
N LEU PA 108 34.65 -18.18 55.72
CA LEU PA 108 33.66 -19.24 55.66
C LEU PA 108 33.37 -19.62 54.21
N SER PA 109 32.78 -18.69 53.46
CA SER PA 109 32.49 -18.86 52.06
C SER PA 109 32.96 -17.63 51.30
N SER PA 110 33.32 -17.81 50.04
CA SER PA 110 33.76 -16.71 49.20
C SER PA 110 33.03 -16.76 47.87
N TRP PA 111 32.67 -15.59 47.35
CA TRP PA 111 32.06 -15.47 46.04
C TRP PA 111 33.04 -14.81 45.11
N THR PA 112 33.41 -15.48 44.03
CA THR PA 112 34.29 -14.90 43.03
C THR PA 112 33.45 -14.40 41.87
N LEU PA 113 33.62 -13.14 41.51
CA LEU PA 113 32.73 -12.44 40.60
C LEU PA 113 33.54 -12.08 39.37
N SER PA 114 33.57 -12.97 38.39
CA SER PA 114 34.50 -12.86 37.28
C SER PA 114 34.07 -11.78 36.31
N ASN PA 115 35.06 -10.99 35.86
CA ASN PA 115 34.92 -9.98 34.82
C ASN PA 115 33.86 -8.94 35.16
N ALA PA 116 34.01 -8.32 36.32
CA ALA PA 116 33.04 -7.33 36.77
C ALA PA 116 33.37 -5.98 36.19
N LEU PA 117 32.44 -5.42 35.42
CA LEU PA 117 32.64 -4.16 34.75
C LEU PA 117 32.18 -3.02 35.64
N PRO PA 118 33.04 -2.06 35.96
CA PRO PA 118 32.63 -0.93 36.81
C PRO PA 118 31.66 0.00 36.08
N VAL PA 119 30.42 0.03 36.56
CA VAL PA 119 29.37 0.76 35.88
C VAL PA 119 29.26 2.18 36.38
N ARG PA 120 28.96 2.38 37.66
CA ARG PA 120 28.73 3.73 38.17
C ARG PA 120 29.46 3.94 39.48
N TRP PA 121 29.53 5.20 39.89
CA TRP PA 121 30.35 5.65 41.00
C TRP PA 121 29.76 6.96 41.50
N GLN PA 122 29.29 6.97 42.74
CA GLN PA 122 28.50 8.08 43.25
C GLN PA 122 28.91 8.38 44.67
N THR PA 123 29.26 9.62 44.95
CA THR PA 123 29.55 10.02 46.32
C THR PA 123 28.27 10.48 47.01
N SER PA 124 28.32 10.51 48.34
CA SER PA 124 27.23 11.09 49.10
C SER PA 124 27.26 12.60 48.95
N ASP PA 125 26.16 13.24 49.30
CA ASP PA 125 26.08 14.68 49.15
C ASP PA 125 26.71 15.40 50.34
N PHE PA 126 27.35 16.53 50.04
CA PHE PA 126 27.74 17.44 51.08
C PHE PA 126 26.49 18.09 51.64
N ASP PA 127 26.49 18.33 52.95
CA ASP PA 127 25.52 19.21 53.56
C ASP PA 127 26.10 19.74 54.84
N ALA PA 128 25.91 21.03 55.07
CA ALA PA 128 26.48 21.68 56.24
C ALA PA 128 25.69 21.40 57.50
N ASN PA 129 24.48 20.90 57.37
CA ASN PA 129 23.54 20.87 58.48
C ASN PA 129 23.58 19.58 59.27
N SER PA 130 24.15 18.52 58.70
CA SER PA 130 24.19 17.22 59.37
C SER PA 130 25.59 16.63 59.31
N ASN PA 131 25.90 15.84 60.33
CA ASN PA 131 27.22 15.23 60.51
C ASN PA 131 27.18 13.76 60.11
N ALA PA 132 27.83 13.46 58.98
CA ALA PA 132 27.93 12.08 58.52
C ALA PA 132 29.16 11.93 57.66
N ILE PA 133 29.59 10.69 57.50
CA ILE PA 133 30.74 10.36 56.68
C ILE PA 133 30.37 10.48 55.21
N LEU PA 134 31.23 11.13 54.43
CA LEU PA 134 31.15 11.03 52.98
C LEU PA 134 31.43 9.60 52.55
N VAL PA 135 30.49 9.01 51.82
CA VAL PA 135 30.67 7.64 51.36
C VAL PA 135 30.77 7.64 49.84
N ASN PA 136 31.21 6.51 49.29
CA ASN PA 136 31.43 6.32 47.86
C ASN PA 136 30.58 5.15 47.39
N THR PA 137 29.33 5.42 47.05
CA THR PA 137 28.45 4.36 46.57
C THR PA 137 28.85 4.01 45.16
N LEU PA 138 29.68 2.98 45.00
CA LEU PA 138 30.21 2.59 43.71
C LEU PA 138 29.73 1.18 43.36
N GLU PA 139 29.20 1.04 42.16
CA GLU PA 139 28.36 -0.08 41.75
C GLU PA 139 28.90 -0.66 40.45
N LEU PA 140 29.09 -1.97 40.43
CA LEU PA 140 29.76 -2.60 39.29
C LEU PA 140 29.05 -3.89 38.91
N ARG PA 141 28.98 -4.14 37.61
CA ARG PA 141 28.19 -5.24 37.05
C ARG PA 141 29.08 -6.41 36.68
N TYR PA 142 28.84 -7.55 37.30
CA TYR PA 142 29.61 -8.76 37.05
C TYR PA 142 28.86 -9.63 36.07
N GLN PA 143 29.59 -10.53 35.41
CA GLN PA 143 28.94 -11.35 34.41
C GLN PA 143 28.94 -12.83 34.74
N ASP PA 144 29.58 -13.24 35.83
CA ASP PA 144 29.45 -14.60 36.34
C ASP PA 144 29.76 -14.59 37.83
N MET PA 145 29.22 -15.58 38.53
CA MET PA 145 29.45 -15.68 39.97
C MET PA 145 29.65 -17.13 40.34
N ARG PA 146 30.79 -17.44 40.96
CA ARG PA 146 31.14 -18.81 41.31
C ARG PA 146 31.33 -18.87 42.82
N TRP PA 147 30.29 -19.31 43.51
CA TRP PA 147 30.35 -19.53 44.94
C TRP PA 147 31.37 -20.62 45.28
N LEU PA 148 32.15 -20.38 46.33
CA LEU PA 148 33.15 -21.34 46.77
C LEU PA 148 33.22 -21.34 48.29
N GLY PA 149 32.92 -22.51 48.89
CA GLY PA 149 33.46 -22.94 50.21
C GLY PA 149 32.44 -23.75 50.99
N VAL PA 150 32.48 -23.58 52.30
CA VAL PA 150 31.48 -24.16 53.20
C VAL PA 150 30.66 -23.00 53.75
N LYS PA 151 29.42 -23.31 54.18
CA LYS PA 151 28.49 -22.36 54.77
C LYS PA 151 28.19 -21.19 53.82
N ILE PA 152 27.55 -21.54 52.69
CA ILE PA 152 27.32 -20.66 51.54
C ILE PA 152 26.88 -19.22 51.80
N SER QA 2 2.05 -23.69 119.88
CA SER QA 2 3.42 -24.15 120.08
C SER QA 2 3.88 -25.01 118.92
N THR QA 3 4.18 -24.38 117.79
CA THR QA 3 4.65 -25.12 116.62
C THR QA 3 6.11 -25.53 116.81
N SER QA 4 6.47 -26.68 116.25
CA SER QA 4 7.83 -27.17 116.33
C SER QA 4 8.63 -26.65 115.13
N THR QA 5 9.94 -26.94 115.14
CA THR QA 5 10.81 -26.52 114.06
C THR QA 5 10.73 -27.42 112.84
N SER QA 6 9.97 -28.50 112.89
CA SER QA 6 9.72 -29.33 111.73
C SER QA 6 8.42 -28.98 111.02
N GLN QA 7 7.50 -28.31 111.70
CA GLN QA 7 6.34 -27.77 111.01
C GLN QA 7 6.65 -26.46 110.32
N ILE QA 8 7.61 -25.70 110.85
CA ILE QA 8 8.03 -24.45 110.22
C ILE QA 8 8.71 -24.74 108.89
N ALA QA 9 9.45 -25.84 108.81
CA ALA QA 9 10.16 -26.20 107.60
C ALA QA 9 9.27 -26.81 106.52
N VAL QA 10 7.97 -26.93 106.75
CA VAL QA 10 7.09 -27.52 105.75
C VAL QA 10 5.85 -26.65 105.50
N GLU QA 11 5.57 -25.71 106.40
CA GLU QA 11 4.43 -24.81 106.24
C GLU QA 11 4.85 -23.37 105.97
N TYR QA 12 5.84 -22.87 106.71
CA TYR QA 12 6.17 -21.46 106.65
C TYR QA 12 6.94 -21.17 105.36
N PRO QA 13 6.78 -19.97 104.79
CA PRO QA 13 7.43 -19.68 103.51
C PRO QA 13 8.92 -19.41 103.68
N ILE QA 14 9.64 -19.26 102.59
CA ILE QA 14 11.10 -19.21 102.69
C ILE QA 14 11.60 -17.83 102.29
N PRO QA 15 12.60 -17.29 102.99
CA PRO QA 15 13.04 -15.92 102.73
C PRO QA 15 14.16 -15.84 101.70
N VAL QA 16 14.28 -14.65 101.10
CA VAL QA 16 15.19 -14.43 99.98
C VAL QA 16 16.65 -14.30 100.36
N TYR QA 17 16.97 -14.01 101.61
CA TYR QA 17 18.31 -13.53 101.91
C TYR QA 17 19.36 -14.64 102.03
N ARG QA 18 19.07 -15.86 101.60
CA ARG QA 18 20.05 -16.93 101.72
C ARG QA 18 19.92 -17.85 100.53
N PHE QA 19 20.82 -17.69 99.56
CA PHE QA 19 20.76 -18.43 98.32
C PHE QA 19 22.18 -18.62 97.81
N ILE QA 20 22.38 -19.64 96.98
CA ILE QA 20 23.67 -19.88 96.36
C ILE QA 20 23.46 -19.93 94.86
N VAL QA 21 24.44 -19.41 94.11
CA VAL QA 21 24.40 -19.38 92.65
C VAL QA 21 25.55 -20.23 92.14
N SER QA 22 25.29 -21.05 91.14
CA SER QA 22 26.32 -21.90 90.55
C SER QA 22 26.40 -21.61 89.06
N VAL QA 23 27.46 -20.92 88.66
CA VAL QA 23 27.67 -20.53 87.26
C VAL QA 23 28.49 -21.62 86.58
N GLY QA 24 27.84 -22.42 85.74
CA GLY QA 24 28.51 -23.52 85.10
C GLY QA 24 28.88 -24.61 86.08
N ASP QA 25 30.18 -24.73 86.37
CA ASP QA 25 30.67 -25.64 87.39
C ASP QA 25 31.27 -24.92 88.58
N GLU QA 26 31.27 -23.59 88.57
CA GLU QA 26 31.82 -22.77 89.65
C GLU QA 26 30.74 -22.35 90.62
N LYS QA 27 31.14 -21.96 91.81
CA LYS QA 27 30.26 -21.34 92.79
C LYS QA 27 30.79 -19.95 93.10
N ILE QA 28 30.10 -18.92 92.61
CA ILE QA 28 30.48 -17.54 92.82
C ILE QA 28 29.45 -16.92 93.76
N PRO QA 29 29.86 -16.30 94.86
CA PRO QA 29 28.90 -15.71 95.80
C PRO QA 29 28.47 -14.32 95.35
N PHE QA 30 27.21 -14.20 94.92
CA PHE QA 30 26.68 -12.94 94.44
C PHE QA 30 25.91 -12.24 95.53
N ASN QA 31 25.51 -10.99 95.24
CA ASN QA 31 24.80 -10.17 96.21
C ASN QA 31 23.31 -10.13 95.93
N SER QA 32 22.94 -9.98 94.66
CA SER QA 32 21.54 -9.81 94.29
C SER QA 32 21.33 -10.36 92.90
N VAL QA 33 20.50 -11.39 92.78
CA VAL QA 33 20.12 -11.95 91.49
C VAL QA 33 18.66 -11.60 91.26
N SER QA 34 18.36 -11.03 90.10
CA SER QA 34 17.02 -10.54 89.83
C SER QA 34 16.77 -10.55 88.34
N GLY QA 35 15.50 -10.68 87.97
CA GLY QA 35 15.06 -10.49 86.62
C GLY QA 35 14.76 -11.74 85.83
N LEU QA 36 14.68 -12.89 86.47
CA LEU QA 36 14.35 -14.13 85.77
C LEU QA 36 12.85 -14.36 85.85
N ASP QA 37 12.26 -14.73 84.72
CA ASP QA 37 10.82 -14.89 84.60
C ASP QA 37 10.52 -15.72 83.36
N ILE QA 38 9.24 -16.05 83.20
CA ILE QA 38 8.75 -16.85 82.08
C ILE QA 38 7.57 -16.09 81.49
N SER QA 39 7.78 -15.44 80.35
CA SER QA 39 6.73 -14.61 79.77
C SER QA 39 6.28 -15.15 78.42
N TYR QA 40 5.03 -14.86 78.06
CA TYR QA 40 4.46 -15.23 76.78
C TYR QA 40 3.65 -14.07 76.22
N ASP QA 41 3.60 -13.96 74.91
CA ASP QA 41 2.73 -12.98 74.29
C ASP QA 41 1.39 -13.63 73.94
N THR QA 42 0.40 -12.81 73.64
CA THR QA 42 -0.97 -13.30 73.45
C THR QA 42 -1.44 -12.97 72.05
N ILE QA 43 -2.22 -13.88 71.48
CA ILE QA 43 -2.81 -13.71 70.17
C ILE QA 43 -4.32 -13.66 70.35
N GLU QA 44 -4.95 -12.61 69.84
CA GLU QA 44 -6.40 -12.50 69.87
C GLU QA 44 -6.96 -12.65 68.47
N TYR QA 45 -8.15 -13.25 68.39
CA TYR QA 45 -8.85 -13.42 67.13
C TYR QA 45 -10.32 -13.21 67.38
N ARG QA 46 -10.90 -12.21 66.73
CA ARG QA 46 -12.32 -11.93 66.87
C ARG QA 46 -12.96 -11.96 65.50
N ASP QA 47 -14.19 -12.49 65.43
CA ASP QA 47 -14.84 -12.72 64.15
C ASP QA 47 -16.34 -12.51 64.23
N GLY QA 48 -16.84 -11.53 63.50
CA GLY QA 48 -18.23 -11.46 63.09
C GLY QA 48 -19.28 -11.45 64.19
N VAL QA 49 -19.92 -12.61 64.36
CA VAL QA 49 -20.97 -12.81 65.35
C VAL QA 49 -20.46 -12.59 66.78
N GLY QA 50 -19.15 -12.71 66.98
CA GLY QA 50 -18.50 -12.29 68.19
C GLY QA 50 -17.97 -13.46 68.98
N ASN QA 51 -16.70 -13.78 68.75
CA ASN QA 51 -16.00 -14.83 69.46
C ASN QA 51 -14.60 -14.32 69.74
N TRP QA 52 -14.28 -14.13 71.00
CA TRP QA 52 -13.06 -13.45 71.41
C TRP QA 52 -12.09 -14.55 71.84
N PHE QA 53 -11.43 -15.16 70.86
CA PHE QA 53 -10.51 -16.26 71.11
C PHE QA 53 -9.18 -15.70 71.55
N LYS QA 54 -8.67 -16.20 72.66
CA LYS QA 54 -7.36 -15.82 73.15
C LYS QA 54 -6.48 -17.04 73.31
N MET QA 55 -5.30 -16.98 72.71
CA MET QA 55 -4.33 -18.04 72.72
C MET QA 55 -3.02 -17.41 73.13
N PRO QA 56 -2.19 -18.09 73.91
CA PRO QA 56 -0.85 -17.55 74.16
C PRO QA 56 0.07 -17.93 73.01
N GLY QA 57 0.92 -16.98 72.63
CA GLY QA 57 1.70 -17.19 71.44
C GLY QA 57 3.15 -17.44 71.72
N GLN QA 58 3.96 -16.51 71.24
CA GLN QA 58 5.40 -16.68 71.25
C GLN QA 58 5.96 -16.52 72.66
N SER QA 59 6.93 -17.37 73.00
CA SER QA 59 7.68 -17.21 74.24
C SER QA 59 8.56 -15.97 74.17
N GLN QA 60 8.55 -15.17 75.22
CA GLN QA 60 9.27 -13.90 75.23
C GLN QA 60 10.64 -14.10 75.88
N SER QA 61 11.57 -13.20 75.55
CA SER QA 61 12.99 -13.40 75.90
C SER QA 61 13.24 -13.21 77.39
N THR QA 62 14.36 -13.77 77.85
CA THR QA 62 14.73 -13.80 79.26
C THR QA 62 16.14 -13.26 79.43
N ASN QA 63 16.28 -12.15 80.16
CA ASN QA 63 17.59 -11.63 80.52
C ASN QA 63 17.59 -11.34 82.02
N ILE QA 64 18.46 -12.00 82.76
CA ILE QA 64 18.49 -11.85 84.20
C ILE QA 64 19.71 -11.01 84.55
N THR QA 65 19.68 -10.42 85.74
CA THR QA 65 20.64 -9.39 86.12
C THR QA 65 21.15 -9.70 87.51
N LEU QA 66 22.38 -10.15 87.61
CA LEU QA 66 22.90 -10.68 88.87
C LEU QA 66 24.18 -9.96 89.26
N ARG QA 67 24.25 -9.54 90.52
CA ARG QA 67 25.09 -8.42 90.97
C ARG QA 67 26.09 -8.86 92.03
N LYS QA 68 27.31 -8.34 91.96
CA LYS QA 68 28.42 -8.85 92.78
C LYS QA 68 29.41 -7.73 93.10
N GLY QA 69 29.86 -7.65 94.34
CA GLY QA 69 30.93 -6.75 94.66
C GLY QA 69 32.26 -7.25 94.12
N VAL QA 70 33.17 -6.35 93.83
CA VAL QA 70 34.46 -6.76 93.30
C VAL QA 70 35.35 -7.16 94.46
N PHE QA 71 36.33 -7.99 94.17
CA PHE QA 71 37.24 -8.58 95.14
C PHE QA 71 38.66 -8.41 94.65
N PRO QA 72 39.65 -8.32 95.55
CA PRO QA 72 40.99 -7.86 95.12
C PRO QA 72 41.73 -8.81 94.21
N GLY QA 73 41.49 -10.11 94.28
CA GLY QA 73 42.15 -11.02 93.38
C GLY QA 73 41.21 -11.58 92.34
N LYS QA 74 39.97 -11.80 92.73
CA LYS QA 74 39.00 -12.47 91.88
C LYS QA 74 38.51 -11.54 90.77
N THR QA 75 38.75 -11.94 89.53
CA THR QA 75 38.20 -11.27 88.34
C THR QA 75 37.47 -12.36 87.56
N GLU QA 76 36.22 -12.63 87.91
CA GLU QA 76 35.51 -13.72 87.29
C GLU QA 76 34.47 -13.29 86.27
N LEU QA 77 33.72 -12.21 86.53
CA LEU QA 77 32.67 -11.81 85.60
C LEU QA 77 33.25 -11.12 84.36
N PHE QA 78 34.41 -10.48 84.48
CA PHE QA 78 34.98 -9.81 83.32
C PHE QA 78 35.53 -10.78 82.30
N ASP QA 79 36.19 -11.85 82.72
CA ASP QA 79 36.75 -12.81 81.77
C ASP QA 79 35.68 -13.65 81.07
N TRP QA 80 34.43 -13.54 81.48
CA TRP QA 80 33.29 -14.03 80.72
C TRP QA 80 32.78 -13.03 79.69
N ILE QA 81 32.76 -11.73 80.01
CA ILE QA 81 32.41 -10.70 79.05
C ILE QA 81 33.60 -10.30 78.18
N ASN QA 82 34.80 -10.76 78.52
CA ASN QA 82 35.94 -10.59 77.64
C ASN QA 82 36.15 -11.77 76.72
N SER QA 83 35.59 -12.93 77.05
CA SER QA 83 35.78 -14.14 76.26
C SER QA 83 35.09 -14.10 74.92
N ILE QA 84 34.14 -13.19 74.74
CA ILE QA 84 33.39 -13.10 73.49
C ILE QA 84 34.23 -12.45 72.39
N GLN QA 85 34.57 -13.24 71.39
CA GLN QA 85 34.87 -12.74 70.06
C GLN QA 85 33.60 -12.92 69.24
N LEU QA 86 33.67 -12.55 67.96
CA LEU QA 86 32.58 -12.05 67.13
C LEU QA 86 31.18 -12.59 67.38
N ASN QA 87 31.04 -13.92 67.43
CA ASN QA 87 29.74 -14.54 67.33
C ASN QA 87 29.39 -15.43 68.50
N GLN QA 88 30.37 -15.96 69.21
CA GLN QA 88 30.04 -16.96 70.23
C GLN QA 88 30.75 -16.66 71.54
N VAL QA 89 30.09 -17.03 72.63
CA VAL QA 89 30.64 -17.00 73.98
C VAL QA 89 30.63 -18.46 74.42
N GLU QA 90 31.39 -18.76 75.47
CA GLU QA 90 31.20 -20.04 76.14
C GLU QA 90 29.97 -19.93 77.03
N LYS QA 91 28.83 -20.39 76.54
CA LYS QA 91 27.57 -20.30 77.25
C LYS QA 91 27.57 -21.26 78.43
N LYS QA 92 27.14 -20.77 79.58
CA LYS QA 92 27.07 -21.57 80.80
C LYS QA 92 25.62 -21.71 81.23
N ASP QA 93 25.41 -22.46 82.31
CA ASP QA 93 24.09 -22.60 82.90
C ASP QA 93 24.13 -22.16 84.34
N ILE QA 94 23.06 -21.50 84.78
CA ILE QA 94 22.98 -20.89 86.09
C ILE QA 94 21.94 -21.65 86.90
N THR QA 95 22.30 -22.05 88.12
CA THR QA 95 21.35 -22.63 89.05
C THR QA 95 21.30 -21.77 90.30
N ILE QA 96 20.12 -21.25 90.61
CA ILE QA 96 19.89 -20.45 91.80
C ILE QA 96 19.06 -21.30 92.74
N SER QA 97 19.35 -21.23 94.04
CA SER QA 97 18.65 -22.12 94.97
C SER QA 97 18.63 -21.54 96.36
N LEU QA 98 17.44 -21.36 96.91
CA LEU QA 98 17.29 -20.94 98.29
C LEU QA 98 17.70 -22.08 99.21
N THR QA 99 18.51 -21.78 100.22
CA THR QA 99 19.15 -22.83 101.00
C THR QA 99 18.71 -22.80 102.46
N ASN QA 100 19.41 -23.60 103.25
CA ASN QA 100 19.35 -23.59 104.70
C ASN QA 100 20.29 -22.50 105.21
N ASP QA 101 20.60 -22.49 106.50
CA ASP QA 101 21.51 -21.48 107.03
C ASP QA 101 22.93 -21.72 106.55
N ALA QA 102 23.50 -22.86 106.92
CA ALA QA 102 24.64 -23.36 106.16
C ALA QA 102 24.14 -24.10 104.94
N GLY QA 103 24.92 -24.05 103.87
CA GLY QA 103 24.49 -24.63 102.60
C GLY QA 103 24.50 -26.14 102.57
N THR QA 104 23.72 -26.78 103.44
CA THR QA 104 23.66 -28.23 103.48
C THR QA 104 22.38 -28.75 102.84
N GLU QA 105 21.41 -27.87 102.62
CA GLU QA 105 20.14 -28.25 102.01
C GLU QA 105 19.71 -27.22 100.98
N LEU QA 106 19.06 -27.68 99.92
CA LEU QA 106 18.38 -26.79 99.00
C LEU QA 106 16.89 -26.88 99.23
N LEU QA 107 16.21 -25.75 99.06
CA LEU QA 107 14.80 -25.65 99.38
C LEU QA 107 13.92 -25.43 98.16
N MET QA 108 14.39 -24.65 97.18
CA MET QA 108 13.74 -24.53 95.89
C MET QA 108 14.77 -24.00 94.90
N THR QA 109 14.79 -24.57 93.70
CA THR QA 109 15.89 -24.35 92.77
C THR QA 109 15.37 -23.82 91.44
N TRP QA 110 16.07 -22.83 90.89
CA TRP QA 110 15.78 -22.27 89.59
C TRP QA 110 16.93 -22.58 88.65
N ASN QA 111 16.63 -23.20 87.51
CA ASN QA 111 17.66 -23.58 86.54
C ASN QA 111 17.51 -22.73 85.28
N VAL QA 112 18.62 -22.22 84.79
CA VAL QA 112 18.67 -21.37 83.61
C VAL QA 112 19.54 -22.05 82.57
N SER QA 113 19.05 -22.17 81.34
CA SER QA 113 19.55 -23.20 80.44
C SER QA 113 20.87 -22.82 79.76
N ASN QA 114 20.85 -21.78 78.92
CA ASN QA 114 22.02 -21.43 78.12
C ASN QA 114 22.23 -19.92 78.24
N ALA QA 115 23.15 -19.52 79.10
CA ALA QA 115 23.31 -18.13 79.48
C ALA QA 115 24.63 -17.57 78.94
N PHE QA 116 24.54 -16.45 78.25
CA PHE QA 116 25.71 -15.73 77.78
C PHE QA 116 25.61 -14.29 78.25
N PRO QA 117 26.72 -13.66 78.60
CA PRO QA 117 26.64 -12.33 79.22
C PRO QA 117 26.58 -11.18 78.22
N THR QA 118 25.77 -10.19 78.57
CA THR QA 118 25.81 -8.86 77.99
C THR QA 118 25.89 -7.86 79.13
N SER QA 119 26.45 -6.69 78.85
CA SER QA 119 26.33 -5.48 79.68
C SER QA 119 26.89 -5.67 81.09
N LEU QA 120 28.20 -5.89 81.16
CA LEU QA 120 28.89 -5.82 82.44
C LEU QA 120 29.05 -4.35 82.80
N THR QA 121 28.56 -3.95 83.96
CA THR QA 121 28.63 -2.57 84.39
C THR QA 121 29.72 -2.43 85.46
N SER QA 122 30.76 -1.67 85.13
CA SER QA 122 31.82 -1.38 86.09
C SER QA 122 31.28 -0.46 87.19
N PRO QA 123 31.90 -0.46 88.38
CA PRO QA 123 31.32 0.28 89.51
C PRO QA 123 31.36 1.79 89.32
N SER QA 124 30.53 2.46 90.11
CA SER QA 124 30.42 3.91 90.06
C SER QA 124 31.24 4.50 91.18
N PHE QA 125 32.38 5.10 90.83
CA PHE QA 125 33.29 5.70 91.79
C PHE QA 125 32.78 7.08 92.15
N ASP QA 126 32.78 7.39 93.45
CA ASP QA 126 32.59 8.74 93.94
C ASP QA 126 33.20 8.84 95.32
N ALA QA 127 33.88 9.94 95.59
CA ALA QA 127 34.63 10.05 96.83
C ALA QA 127 33.79 10.44 98.02
N THR QA 128 32.47 10.48 97.89
CA THR QA 128 31.60 10.90 98.97
C THR QA 128 30.70 9.77 99.48
N SER QA 129 30.94 8.54 99.03
CA SER QA 129 30.05 7.42 99.35
C SER QA 129 30.81 6.33 100.07
N ASN QA 130 30.15 5.69 101.02
CA ASN QA 130 30.72 4.58 101.77
C ASN QA 130 30.41 3.22 101.16
N ASP QA 131 30.20 3.14 99.86
CA ASP QA 131 29.71 1.91 99.27
C ASP QA 131 30.88 0.94 99.07
N ILE QA 132 30.53 -0.30 98.74
CA ILE QA 132 31.48 -1.29 98.25
C ILE QA 132 31.41 -1.27 96.74
N ALA QA 133 32.57 -1.40 96.09
CA ALA QA 133 32.65 -1.37 94.63
C ALA QA 133 31.93 -2.59 94.07
N VAL QA 134 30.76 -2.36 93.50
CA VAL QA 134 29.81 -3.39 93.13
C VAL QA 134 29.59 -3.33 91.63
N GLN QA 135 29.72 -4.46 90.96
CA GLN QA 135 29.49 -4.56 89.53
C GLN QA 135 28.37 -5.54 89.24
N GLU QA 136 27.75 -5.40 88.08
CA GLU QA 136 26.63 -6.25 87.72
C GLU QA 136 26.80 -6.78 86.31
N ILE QA 137 26.11 -7.87 86.03
CA ILE QA 137 26.18 -8.53 84.73
C ILE QA 137 24.77 -8.92 84.32
N THR QA 138 24.41 -8.62 83.07
CA THR QA 138 23.04 -8.77 82.60
C THR QA 138 23.02 -9.81 81.48
N LEU QA 139 22.96 -11.08 81.86
CA LEU QA 139 23.12 -12.15 80.90
C LEU QA 139 21.77 -12.60 80.36
N MET QA 140 21.68 -12.74 79.03
CA MET QA 140 20.47 -13.15 78.35
C MET QA 140 20.49 -14.66 78.17
N ALA QA 141 19.34 -15.30 78.34
CA ALA QA 141 19.29 -16.75 78.29
C ALA QA 141 17.90 -17.18 77.88
N ASP QA 142 17.61 -18.47 78.08
CA ASP QA 142 16.32 -19.03 77.75
C ASP QA 142 16.01 -20.15 78.72
N ARG QA 143 14.71 -20.45 78.85
CA ARG QA 143 14.17 -21.59 79.59
C ARG QA 143 14.59 -21.56 81.06
N VAL QA 144 14.04 -20.59 81.78
CA VAL QA 144 14.08 -20.63 83.23
C VAL QA 144 13.02 -21.62 83.71
N ILE QA 145 13.44 -22.65 84.42
CA ILE QA 145 12.53 -23.60 85.04
C ILE QA 145 12.71 -23.55 86.55
N MET QA 146 11.67 -23.89 87.28
CA MET QA 146 11.67 -23.83 88.73
C MET QA 146 11.46 -25.23 89.29
N GLN QA 147 12.45 -25.72 90.02
CA GLN QA 147 12.47 -27.10 90.48
C GLN QA 147 12.35 -27.12 91.99
N ALA QA 148 11.41 -27.90 92.50
CA ALA QA 148 11.31 -28.09 93.94
C ALA QA 148 12.42 -29.01 94.43
N VAL QA 149 12.73 -28.86 95.72
CA VAL QA 149 13.82 -29.52 96.48
C VAL QA 149 15.13 -29.71 95.72
N SER RA 2 -25.71 3.33 119.42
CA SER RA 2 -25.43 1.95 119.84
C SER RA 2 -25.88 0.97 118.79
N THR RA 3 -25.12 0.88 117.70
CA THR RA 3 -25.46 -0.07 116.64
C THR RA 3 -25.08 -1.49 117.05
N SER RA 4 -25.87 -2.45 116.58
CA SER RA 4 -25.59 -3.85 116.87
C SER RA 4 -24.69 -4.44 115.80
N THR RA 5 -24.28 -5.69 116.01
CA THR RA 5 -23.42 -6.38 115.06
C THR RA 5 -24.16 -6.94 113.87
N SER RA 6 -25.49 -6.84 113.84
CA SER RA 6 -26.27 -7.21 112.66
C SER RA 6 -26.58 -6.03 111.76
N GLN RA 7 -26.51 -4.80 112.28
CA GLN RA 7 -26.60 -3.64 111.41
C GLN RA 7 -25.26 -3.35 110.74
N ILE RA 8 -24.16 -3.70 111.40
CA ILE RA 8 -22.83 -3.51 110.79
C ILE RA 8 -22.67 -4.43 109.59
N ALA RA 9 -23.25 -5.62 109.67
CA ALA RA 9 -23.13 -6.59 108.58
C ALA RA 9 -24.03 -6.29 107.39
N VAL RA 10 -24.82 -5.21 107.43
CA VAL RA 10 -25.72 -4.90 106.31
C VAL RA 10 -25.58 -3.45 105.87
N GLU RA 11 -24.97 -2.60 106.69
CA GLU RA 11 -24.75 -1.20 106.35
C GLU RA 11 -23.28 -0.87 106.10
N TYR RA 12 -22.40 -1.35 106.95
CA TYR RA 12 -21.01 -0.93 106.92
C TYR RA 12 -20.29 -1.61 105.75
N PRO RA 13 -19.32 -0.95 105.13
CA PRO RA 13 -18.67 -1.53 103.96
C PRO RA 13 -17.70 -2.63 104.34
N ILE RA 14 -17.15 -3.34 103.37
CA ILE RA 14 -16.37 -4.53 103.67
C ILE RA 14 -14.90 -4.32 103.33
N PRO RA 15 -13.96 -4.80 104.15
CA PRO RA 15 -12.55 -4.52 103.92
C PRO RA 15 -11.86 -5.57 103.08
N VAL RA 16 -10.74 -5.15 102.47
CA VAL RA 16 -10.04 -5.97 101.49
C VAL RA 16 -9.21 -7.10 102.07
N TYR RA 17 -8.86 -7.05 103.36
CA TYR RA 17 -7.79 -7.91 103.85
C TYR RA 17 -8.23 -9.33 104.14
N ARG RA 18 -9.40 -9.77 103.70
CA ARG RA 18 -9.83 -11.13 104.01
C ARG RA 18 -10.63 -11.65 102.82
N PHE RA 19 -9.99 -12.48 102.00
CA PHE RA 19 -10.58 -12.97 100.78
C PHE RA 19 -10.01 -14.35 100.50
N ILE RA 20 -10.74 -15.16 99.74
CA ILE RA 20 -10.26 -16.47 99.32
C ILE RA 20 -10.33 -16.54 97.81
N VAL RA 21 -9.35 -17.20 97.20
CA VAL RA 21 -9.27 -17.36 95.75
C VAL RA 21 -9.39 -18.85 95.45
N SER RA 22 -10.17 -19.18 94.43
CA SER RA 22 -10.37 -20.56 94.02
C SER RA 22 -9.98 -20.70 92.56
N VAL RA 23 -8.83 -21.31 92.30
CA VAL RA 23 -8.32 -21.49 90.95
C VAL RA 23 -8.81 -22.84 90.43
N GLY RA 24 -9.78 -22.80 89.52
CA GLY RA 24 -10.36 -24.03 89.00
C GLY RA 24 -11.16 -24.75 90.06
N ASP RA 25 -10.62 -25.88 90.54
CA ASP RA 25 -11.21 -26.62 91.65
C ASP RA 25 -10.35 -26.59 92.90
N GLU RA 26 -9.21 -25.91 92.85
CA GLU RA 26 -8.29 -25.82 93.98
C GLU RA 26 -8.52 -24.53 94.76
N LYS RA 27 -8.05 -24.53 96.01
CA LYS RA 27 -8.00 -23.31 96.81
C LYS RA 27 -6.55 -23.02 97.17
N ILE RA 28 -5.99 -21.98 96.55
CA ILE RA 28 -4.62 -21.57 96.78
C ILE RA 28 -4.65 -20.25 97.54
N PRO RA 29 -3.97 -20.13 98.67
CA PRO RA 29 -3.99 -18.87 99.44
C PRO RA 29 -2.99 -17.87 98.89
N PHE RA 30 -3.50 -16.81 98.27
CA PHE RA 30 -2.66 -15.78 97.70
C PHE RA 30 -2.50 -14.61 98.64
N ASN RA 31 -1.62 -13.69 98.27
CA ASN RA 31 -1.31 -12.53 99.09
C ASN RA 31 -2.02 -11.28 98.59
N SER RA 32 -2.02 -11.07 97.28
CA SER RA 32 -2.55 -9.85 96.70
C SER RA 32 -3.05 -10.14 95.31
N VAL RA 33 -4.36 -9.98 95.09
CA VAL RA 33 -4.96 -10.12 93.77
C VAL RA 33 -5.39 -8.73 93.32
N SER RA 34 -4.98 -8.36 92.11
CA SER RA 34 -5.22 -7.01 91.63
C SER RA 34 -5.27 -7.00 90.12
N GLY RA 35 -6.01 -6.04 89.57
CA GLY RA 35 -5.98 -5.77 88.16
C GLY RA 35 -7.17 -6.26 87.36
N LEU RA 36 -8.25 -6.68 88.01
CA LEU RA 36 -9.45 -7.13 87.32
C LEU RA 36 -10.40 -5.96 87.16
N ASP RA 37 -10.95 -5.80 85.96
CA ASP RA 37 -11.82 -4.67 85.64
C ASP RA 37 -12.61 -5.01 84.40
N ILE RA 38 -13.54 -4.12 84.05
CA ILE RA 38 -14.42 -4.27 82.90
C ILE RA 38 -14.33 -2.96 82.12
N SER RA 39 -13.60 -2.97 81.00
CA SER RA 39 -13.38 -1.75 80.25
C SER RA 39 -14.00 -1.83 78.86
N TYR RA 40 -14.36 -0.67 78.32
CA TYR RA 40 -14.90 -0.55 76.97
C TYR RA 40 -14.28 0.65 76.27
N ASP RA 41 -14.15 0.56 74.97
CA ASP RA 41 -13.70 1.70 74.19
C ASP RA 41 -14.92 2.46 73.67
N THR RA 42 -14.69 3.68 73.20
CA THR RA 42 -15.79 4.56 72.82
C THR RA 42 -15.67 4.93 71.35
N ILE RA 43 -16.82 5.06 70.70
CA ILE RA 43 -16.90 5.45 69.32
C ILE RA 43 -17.62 6.79 69.27
N GLU RA 44 -17.02 7.79 68.65
CA GLU RA 44 -17.65 9.08 68.45
C GLU RA 44 -18.00 9.28 66.98
N TYR RA 45 -19.10 9.99 66.74
CA TYR RA 45 -19.54 10.31 65.39
C TYR RA 45 -20.11 11.70 65.42
N ARG RA 46 -19.51 12.61 64.67
CA ARG RA 46 -19.99 13.97 64.59
C ARG RA 46 -20.27 14.33 63.14
N ASP RA 47 -21.34 15.08 62.90
CA ASP RA 47 -21.79 15.34 61.54
C ASP RA 47 -22.38 16.72 61.39
N GLY RA 48 -21.73 17.55 60.56
CA GLY RA 48 -22.37 18.71 59.95
C GLY RA 48 -22.95 19.76 60.88
N VAL RA 49 -24.28 19.73 60.98
CA VAL RA 49 -25.03 20.68 61.82
C VAL RA 49 -24.66 20.56 63.29
N GLY RA 50 -24.11 19.41 63.69
CA GLY RA 50 -23.49 19.24 64.98
C GLY RA 50 -24.27 18.30 65.87
N ASN RA 51 -23.90 17.03 65.84
CA ASN RA 51 -24.49 16.00 66.68
C ASN RA 51 -23.36 15.12 67.13
N TRP RA 52 -23.09 15.12 68.43
CA TRP RA 52 -21.92 14.48 69.00
C TRP RA 52 -22.40 13.16 69.60
N PHE RA 53 -22.54 12.16 68.74
CA PHE RA 53 -23.03 10.85 69.16
C PHE RA 53 -21.91 10.06 69.78
N LYS RA 54 -22.14 9.53 70.96
CA LYS RA 54 -21.17 8.68 71.64
C LYS RA 54 -21.80 7.33 71.96
N MET RA 55 -21.11 6.28 71.54
CA MET RA 55 -21.54 4.92 71.72
C MET RA 55 -20.35 4.18 72.31
N PRO RA 56 -20.56 3.24 73.22
CA PRO RA 56 -19.43 2.41 73.65
C PRO RA 56 -19.23 1.27 72.66
N GLY RA 57 -17.98 0.97 72.39
CA GLY RA 57 -17.70 0.04 71.33
C GLY RA 57 -17.19 -1.28 71.84
N GLN RA 58 -15.96 -1.58 71.46
CA GLN RA 58 -15.38 -2.87 71.69
C GLN RA 58 -15.03 -3.07 73.16
N SER RA 59 -15.29 -4.28 73.67
CA SER RA 59 -14.85 -4.65 75.00
C SER RA 59 -13.33 -4.79 75.02
N GLN RA 60 -12.70 -4.22 76.04
CA GLN RA 60 -11.24 -4.19 76.13
C GLN RA 60 -10.75 -5.37 76.98
N SER RA 61 -9.49 -5.76 76.77
CA SER RA 61 -8.98 -7.00 77.33
C SER RA 61 -8.77 -6.90 78.84
N THR RA 62 -8.70 -8.07 79.47
CA THR RA 62 -8.62 -8.21 80.93
C THR RA 62 -7.45 -9.11 81.29
N ASN RA 63 -6.47 -8.57 82.00
CA ASN RA 63 -5.37 -9.37 82.54
C ASN RA 63 -5.20 -9.01 84.01
N ILE RA 64 -5.37 -9.98 84.89
CA ILE RA 64 -5.30 -9.72 86.32
C ILE RA 64 -3.99 -10.28 86.82
N THR RA 65 -3.55 -9.79 87.98
CA THR RA 65 -2.20 -10.02 88.47
C THR RA 65 -2.29 -10.41 89.93
N LEU RA 66 -2.06 -11.68 90.23
CA LEU RA 66 -2.33 -12.20 91.56
C LEU RA 66 -1.07 -12.87 92.12
N ARG RA 67 -0.74 -12.54 93.37
CA ARG RA 67 0.62 -12.63 93.90
C ARG RA 67 0.68 -13.55 95.12
N LYS RA 68 1.76 -14.35 95.22
CA LYS RA 68 1.84 -15.42 96.20
C LYS RA 68 3.28 -15.65 96.64
N GLY RA 69 3.51 -15.81 97.94
CA GLY RA 69 4.82 -16.23 98.38
C GLY RA 69 5.07 -17.70 98.07
N VAL RA 70 6.33 -18.05 97.89
CA VAL RA 70 6.66 -19.43 97.57
C VAL RA 70 6.69 -20.22 98.86
N PHE RA 71 6.48 -21.52 98.74
CA PHE RA 71 6.39 -22.44 99.85
C PHE RA 71 7.28 -23.64 99.57
N PRO RA 72 7.81 -24.32 100.60
CA PRO RA 72 8.90 -25.28 100.37
C PRO RA 72 8.50 -26.53 99.60
N GLY RA 73 7.25 -26.96 99.68
CA GLY RA 73 6.86 -28.12 98.91
C GLY RA 73 5.95 -27.75 97.75
N LYS RA 74 5.11 -26.75 97.97
CA LYS RA 74 4.10 -26.37 96.99
C LYS RA 74 4.72 -25.65 95.80
N THR RA 75 4.56 -26.23 94.61
CA THR RA 75 4.91 -25.59 93.35
C THR RA 75 3.65 -25.64 92.50
N GLU RA 76 2.77 -24.65 92.65
CA GLU RA 76 1.50 -24.71 91.96
C GLU RA 76 1.40 -23.74 90.79
N LEU RA 77 1.94 -22.52 90.90
CA LEU RA 77 1.81 -21.57 89.81
C LEU RA 77 2.76 -21.87 88.67
N PHE RA 78 3.89 -22.52 88.94
CA PHE RA 78 4.83 -22.82 87.86
C PHE RA 78 4.33 -23.94 86.95
N ASP RA 79 3.70 -24.99 87.50
CA ASP RA 79 3.21 -26.07 86.66
C ASP RA 79 1.98 -25.69 85.84
N TRP RA 80 1.42 -24.51 86.05
CA TRP RA 80 0.47 -23.90 85.14
C TRP RA 80 1.13 -23.11 84.03
N ILE RA 81 2.22 -22.39 84.31
CA ILE RA 81 2.98 -21.70 83.27
C ILE RA 81 3.97 -22.63 82.59
N ASN RA 82 4.16 -23.84 83.11
CA ASN RA 82 4.94 -24.85 82.41
C ASN RA 82 4.08 -25.76 81.56
N SER RA 83 2.77 -25.82 81.83
CA SER RA 83 1.87 -26.71 81.12
C SER RA 83 1.63 -26.30 79.68
N ILE RA 84 1.94 -25.05 79.33
CA ILE RA 84 1.71 -24.55 77.99
C ILE RA 84 2.75 -25.09 77.02
N GLN RA 85 2.29 -25.92 76.09
CA GLN RA 85 2.95 -26.11 74.81
C GLN RA 85 2.21 -25.23 73.81
N LEU RA 86 2.63 -25.29 72.55
CA LEU RA 86 2.55 -24.22 71.55
C LEU RA 86 1.35 -23.28 71.61
N ASN RA 87 0.14 -23.82 71.67
CA ASN RA 87 -1.05 -23.04 71.39
C ASN RA 87 -2.06 -23.03 72.52
N GLN RA 88 -2.06 -24.03 73.40
CA GLN RA 88 -3.13 -24.11 74.36
C GLN RA 88 -2.59 -24.37 75.76
N VAL RA 89 -3.30 -23.85 76.75
CA VAL RA 89 -3.07 -24.11 78.16
C VAL RA 89 -4.34 -24.78 78.65
N GLU RA 90 -4.29 -25.42 79.80
CA GLU RA 90 -5.52 -25.81 80.47
C GLU RA 90 -6.09 -24.59 81.16
N LYS RA 91 -7.04 -23.93 80.52
CA LYS RA 91 -7.64 -22.70 81.03
C LYS RA 91 -8.53 -23.03 82.22
N LYS RA 92 -8.38 -22.26 83.28
CA LYS RA 92 -9.17 -22.43 84.49
C LYS RA 92 -10.05 -21.20 84.71
N ASP RA 93 -10.86 -21.24 85.77
CA ASP RA 93 -11.67 -20.11 86.14
C ASP RA 93 -11.35 -19.71 87.57
N ILE RA 94 -11.35 -18.41 87.82
CA ILE RA 94 -10.93 -17.85 89.10
C ILE RA 94 -12.15 -17.24 89.76
N THR RA 95 -12.38 -17.57 91.03
CA THR RA 95 -13.42 -16.93 91.81
C THR RA 95 -12.76 -16.27 93.03
N ILE RA 96 -12.92 -14.96 93.14
CA ILE RA 96 -12.42 -14.19 94.26
C ILE RA 96 -13.62 -13.77 95.09
N SER RA 97 -13.49 -13.80 96.42
CA SER RA 97 -14.65 -13.52 97.24
C SER RA 97 -14.24 -13.02 98.61
N LEU RA 98 -14.71 -11.83 98.97
CA LEU RA 98 -14.49 -11.30 100.30
C LEU RA 98 -15.33 -12.09 101.30
N THR RA 99 -14.72 -12.49 102.41
CA THR RA 99 -15.33 -13.46 103.31
C THR RA 99 -15.62 -12.87 104.68
N ASN RA 100 -15.99 -13.75 105.60
CA ASN RA 100 -16.08 -13.49 107.02
C ASN RA 100 -14.70 -13.65 107.62
N ASP RA 101 -14.61 -13.73 108.95
CA ASP RA 101 -13.30 -13.92 109.59
C ASP RA 101 -12.77 -15.33 109.33
N ALA RA 102 -13.48 -16.34 109.81
CA ALA RA 102 -13.29 -17.66 109.24
C ALA RA 102 -14.13 -17.79 107.98
N GLY RA 103 -13.63 -18.57 107.04
CA GLY RA 103 -14.28 -18.69 105.74
C GLY RA 103 -15.57 -19.46 105.75
N THR RA 104 -16.56 -19.00 106.51
CA THR RA 104 -17.85 -19.67 106.57
C THR RA 104 -18.91 -18.94 105.76
N GLU RA 105 -18.63 -17.70 105.37
CA GLU RA 105 -19.56 -16.91 104.59
C GLU RA 105 -18.83 -16.16 103.48
N LEU RA 106 -19.50 -15.99 102.35
CA LEU RA 106 -19.02 -15.10 101.32
C LEU RA 106 -19.87 -13.83 101.33
N LEU RA 107 -19.23 -12.72 101.03
CA LEU RA 107 -19.87 -11.41 101.13
C LEU RA 107 -20.05 -10.73 99.78
N MET RA 108 -19.10 -10.87 98.88
CA MET RA 108 -19.26 -10.44 97.50
C MET RA 108 -18.23 -11.19 96.65
N THR RA 109 -18.64 -11.68 95.49
CA THR RA 109 -17.85 -12.63 94.73
C THR RA 109 -17.58 -12.11 93.33
N TRP RA 110 -16.34 -12.27 92.86
CA TRP RA 110 -15.93 -11.93 91.51
C TRP RA 110 -15.59 -13.20 90.76
N ASN RA 111 -16.20 -13.41 89.61
CA ASN RA 111 -15.95 -14.61 88.82
C ASN RA 111 -15.24 -14.24 87.53
N VAL RA 112 -14.20 -15.01 87.19
CA VAL RA 112 -13.39 -14.77 86.01
C VAL RA 112 -13.48 -16.01 85.14
N SER RA 113 -13.77 -15.83 83.85
CA SER RA 113 -14.35 -16.92 83.06
C SER RA 113 -13.31 -17.92 82.57
N ASN RA 114 -12.39 -17.51 81.71
CA ASN RA 114 -11.45 -18.43 81.08
C ASN RA 114 -10.05 -17.83 81.20
N ALA RA 115 -9.30 -18.28 82.18
CA ALA RA 115 -8.03 -17.67 82.53
C ALA RA 115 -6.86 -18.58 82.19
N PHE RA 116 -5.89 -18.04 81.46
CA PHE RA 116 -4.66 -18.74 81.16
C PHE RA 116 -3.49 -17.85 81.56
N PRO RA 117 -2.40 -18.43 82.06
CA PRO RA 117 -1.34 -17.60 82.62
C PRO RA 117 -0.33 -17.11 81.60
N THR RA 118 0.09 -15.87 81.80
CA THR RA 118 1.30 -15.32 81.20
C THR RA 118 2.14 -14.72 82.31
N SER RA 119 3.45 -14.63 82.08
CA SER RA 119 4.38 -13.80 82.85
C SER RA 119 4.42 -14.18 84.34
N LEU RA 120 4.88 -15.39 84.61
CA LEU RA 120 5.23 -15.75 85.98
C LEU RA 120 6.57 -15.10 86.31
N THR RA 121 6.60 -14.32 87.39
CA THR RA 121 7.80 -13.62 87.78
C THR RA 121 8.41 -14.31 88.99
N SER RA 122 9.61 -14.86 88.81
CA SER RA 122 10.34 -15.48 89.90
C SER RA 122 10.81 -14.40 90.89
N PRO RA 123 11.05 -14.76 92.16
CA PRO RA 123 11.33 -13.73 93.16
C PRO RA 123 12.66 -13.03 92.95
N SER RA 124 12.79 -11.86 93.58
CA SER RA 124 13.98 -11.04 93.48
C SER RA 124 14.85 -11.28 94.70
N PHE RA 125 15.95 -12.00 94.50
CA PHE RA 125 16.88 -12.33 95.57
C PHE RA 125 17.79 -11.14 95.83
N ASP RA 126 17.98 -10.80 97.09
CA ASP RA 126 19.04 -9.90 97.52
C ASP RA 126 19.34 -10.17 98.98
N ALA RA 127 20.63 -10.15 99.31
CA ALA RA 127 21.04 -10.57 100.64
C ALA RA 127 20.88 -9.47 101.69
N THR RA 128 20.26 -8.34 101.36
CA THR RA 128 20.11 -7.24 102.29
C THR RA 128 18.67 -6.98 102.68
N SER RA 129 17.75 -7.86 102.30
CA SER RA 129 16.33 -7.63 102.51
C SER RA 129 15.73 -8.74 103.38
N ASN RA 130 14.79 -8.36 104.22
CA ASN RA 130 14.08 -9.30 105.08
C ASN RA 130 12.79 -9.82 104.47
N ASP RA 131 12.69 -9.86 103.15
CA ASP RA 131 11.41 -10.15 102.53
C ASP RA 131 11.16 -11.66 102.54
N ILE RA 132 9.94 -12.04 102.18
CA ILE RA 132 9.59 -13.42 101.88
C ILE RA 132 9.66 -13.57 100.36
N ALA RA 133 10.17 -14.71 99.90
CA ALA RA 133 10.30 -14.97 98.48
C ALA RA 133 8.92 -15.06 97.84
N VAL RA 134 8.57 -14.02 97.09
CA VAL RA 134 7.22 -13.80 96.62
C VAL RA 134 7.23 -13.78 95.10
N GLN RA 135 6.36 -14.56 94.48
CA GLN RA 135 6.24 -14.63 93.03
C GLN RA 135 4.84 -14.21 92.62
N GLU RA 136 4.72 -13.78 91.36
CA GLU RA 136 3.43 -13.30 90.88
C GLU RA 136 3.14 -13.91 89.52
N ILE RA 137 1.86 -13.92 89.16
CA ILE RA 137 1.41 -14.51 87.90
C ILE RA 137 0.38 -13.57 87.30
N THR RA 138 0.53 -13.28 86.00
CA THR RA 138 -0.27 -12.26 85.33
C THR RA 138 -1.12 -12.92 84.25
N LEU RA 139 -2.26 -13.45 84.65
CA LEU RA 139 -3.06 -14.28 83.76
C LEU RA 139 -4.10 -13.43 83.03
N MET RA 140 -4.19 -13.62 81.72
CA MET RA 140 -5.12 -12.89 80.86
C MET RA 140 -6.40 -13.70 80.73
N ALA RA 141 -7.53 -13.02 80.74
CA ALA RA 141 -8.81 -13.72 80.72
C ALA RA 141 -9.86 -12.81 80.13
N ASP RA 142 -11.13 -13.20 80.31
CA ASP RA 142 -12.24 -12.42 79.80
C ASP RA 142 -13.42 -12.59 80.75
N ARG RA 143 -14.33 -11.62 80.68
CA ARG RA 143 -15.62 -11.64 81.37
C ARG RA 143 -15.46 -11.77 82.89
N VAL RA 144 -14.95 -10.70 83.49
CA VAL RA 144 -15.05 -10.56 84.93
C VAL RA 144 -16.45 -10.09 85.27
N ILE RA 145 -17.18 -10.87 86.07
CA ILE RA 145 -18.49 -10.49 86.56
C ILE RA 145 -18.42 -10.40 88.08
N MET RA 146 -19.29 -9.59 88.65
CA MET RA 146 -19.31 -9.34 90.08
C MET RA 146 -20.64 -9.80 90.64
N GLN RA 147 -20.61 -10.78 91.53
CA GLN RA 147 -21.81 -11.43 92.03
C GLN RA 147 -21.98 -11.13 93.51
N ALA RA 148 -23.15 -10.66 93.89
CA ALA RA 148 -23.45 -10.45 95.29
C ALA RA 148 -23.70 -11.79 95.97
N VAL RA 149 -23.49 -11.80 97.30
CA VAL RA 149 -23.55 -12.96 98.22
C VAL RA 149 -23.01 -14.27 97.66
N SER SA 2 -16.39 40.55 114.13
CA SER SA 2 -17.45 39.67 114.62
C SER SA 2 -18.48 39.41 113.54
N THR SA 3 -18.12 38.57 112.57
CA THR SA 3 -19.05 38.22 111.51
C THR SA 3 -20.10 37.24 112.00
N SER SA 4 -21.30 37.35 111.45
CA SER SA 4 -22.38 36.45 111.82
C SER SA 4 -22.38 35.23 110.91
N THR SA 5 -23.26 34.28 111.21
CA THR SA 5 -23.38 33.06 110.43
C THR SA 5 -24.17 33.25 109.15
N SER SA 6 -24.75 34.42 108.91
CA SER SA 6 -25.39 34.72 107.66
C SER SA 6 -24.50 35.46 106.68
N GLN SA 7 -23.43 36.09 107.17
CA GLN SA 7 -22.43 36.64 106.27
C GLN SA 7 -21.46 35.56 105.79
N ILE SA 8 -21.23 34.53 106.61
CA ILE SA 8 -20.38 33.41 106.21
C ILE SA 8 -21.03 32.64 105.07
N ALA SA 9 -22.36 32.54 105.08
CA ALA SA 9 -23.07 31.80 104.06
C ALA SA 9 -23.20 32.55 102.74
N VAL SA 10 -22.67 33.77 102.63
CA VAL SA 10 -22.81 34.53 101.39
C VAL SA 10 -21.46 35.08 100.93
N GLU SA 11 -20.45 35.10 101.81
CA GLU SA 11 -19.13 35.58 101.46
C GLU SA 11 -18.09 34.47 101.43
N TYR SA 12 -18.10 33.59 102.42
CA TYR SA 12 -17.04 32.62 102.57
C TYR SA 12 -17.20 31.51 101.55
N PRO SA 13 -16.10 30.92 101.06
CA PRO SA 13 -16.22 29.90 100.01
C PRO SA 13 -16.70 28.58 100.57
N ILE SA 14 -16.97 27.61 99.70
CA ILE SA 14 -17.63 26.39 100.16
C ILE SA 14 -16.68 25.20 100.03
N PRO SA 15 -16.67 24.28 100.98
CA PRO SA 15 -15.70 23.19 100.97
C PRO SA 15 -16.22 21.94 100.26
N VAL SA 16 -15.26 21.12 99.82
CA VAL SA 16 -15.56 19.97 98.98
C VAL SA 16 -16.14 18.77 99.71
N TYR SA 17 -15.99 18.69 101.03
CA TYR SA 17 -16.21 17.41 101.70
C TYR SA 17 -17.67 17.10 101.96
N ARG SA 18 -18.62 17.81 101.37
CA ARG SA 18 -20.03 17.54 101.64
C ARG SA 18 -20.82 17.78 100.36
N PHE SA 19 -21.16 16.70 99.67
CA PHE SA 19 -21.83 16.78 98.39
C PHE SA 19 -22.71 15.55 98.24
N ILE SA 20 -23.74 15.66 97.39
CA ILE SA 20 -24.60 14.53 97.10
C ILE SA 20 -24.61 14.33 95.58
N VAL SA 21 -24.66 13.08 95.15
CA VAL SA 21 -24.68 12.72 93.74
C VAL SA 21 -26.00 12.03 93.46
N SER SA 22 -26.64 12.38 92.35
CA SER SA 22 -27.90 11.78 91.95
C SER SA 22 -27.75 11.18 90.56
N VAL SA 23 -27.68 9.85 90.50
CA VAL SA 23 -27.52 9.14 89.24
C VAL SA 23 -28.89 8.80 88.69
N GLY SA 24 -29.30 9.52 87.65
CA GLY SA 24 -30.62 9.32 87.09
C GLY SA 24 -31.71 9.78 88.03
N ASP SA 25 -32.44 8.82 88.62
CA ASP SA 25 -33.42 9.11 89.65
C ASP SA 25 -33.03 8.56 91.01
N GLU SA 26 -31.87 7.93 91.12
CA GLU SA 26 -31.38 7.34 92.36
C GLU SA 26 -30.43 8.30 93.07
N LYS SA 27 -30.24 8.09 94.36
CA LYS SA 27 -29.22 8.78 95.14
C LYS SA 27 -28.25 7.75 95.69
N ILE SA 28 -27.05 7.71 95.14
CA ILE SA 28 -26.01 6.78 95.56
C ILE SA 28 -24.94 7.59 96.27
N PRO SA 29 -24.54 7.23 97.49
CA PRO SA 29 -23.51 7.99 98.21
C PRO SA 29 -22.11 7.58 97.78
N PHE SA 30 -21.43 8.46 97.07
CA PHE SA 30 -20.08 8.18 96.59
C PHE SA 30 -19.04 8.78 97.52
N ASN SA 31 -17.79 8.44 97.25
CA ASN SA 31 -16.67 8.88 98.08
C ASN SA 31 -15.92 10.04 97.44
N SER SA 32 -15.68 9.96 96.14
CA SER SA 32 -14.86 10.95 95.46
C SER SA 32 -15.30 11.04 94.02
N VAL SA 33 -15.81 12.20 93.61
CA VAL SA 33 -16.16 12.46 92.21
C VAL SA 33 -15.16 13.45 91.66
N SER SA 34 -14.57 13.12 90.52
CA SER SA 34 -13.51 13.94 89.97
C SER SA 34 -13.45 13.79 88.47
N GLY SA 35 -12.96 14.82 87.80
CA GLY SA 35 -12.64 14.74 86.39
C GLY SA 35 -13.62 15.38 85.44
N LEU SA 36 -14.56 16.18 85.94
CA LEU SA 36 -15.52 16.87 85.09
C LEU SA 36 -14.99 18.26 84.76
N ASP SA 37 -15.08 18.63 83.49
CA ASP SA 37 -14.52 19.89 83.02
C ASP SA 37 -15.14 20.23 81.67
N ILE SA 38 -14.83 21.42 81.17
CA ILE SA 38 -15.34 21.92 79.90
C ILE SA 38 -14.13 22.39 79.11
N SER SA 39 -13.71 21.61 78.12
CA SER SA 39 -12.50 21.93 77.37
C SER SA 39 -12.82 22.23 75.91
N TYR SA 40 -11.97 23.05 75.29
CA TYR SA 40 -12.07 23.37 73.87
C TYR SA 40 -10.69 23.35 73.24
N ASP SA 41 -10.64 23.01 71.96
CA ASP SA 41 -9.39 23.11 71.23
C ASP SA 41 -9.32 24.45 70.52
N THR SA 42 -8.13 24.81 70.05
CA THR SA 42 -7.90 26.13 69.49
C THR SA 42 -7.45 26.01 68.04
N ILE SA 43 -7.89 26.96 67.23
CA ILE SA 43 -7.52 27.03 65.83
C ILE SA 43 -6.74 28.33 65.64
N GLU SA 44 -5.54 28.22 65.09
CA GLU SA 44 -4.74 29.39 64.76
C GLU SA 44 -4.65 29.58 63.27
N TYR SA 45 -4.60 30.84 62.84
CA TYR SA 45 -4.46 31.18 61.44
C TYR SA 45 -3.56 32.39 61.34
N ARG SA 46 -2.44 32.22 60.66
CA ARG SA 46 -1.50 33.31 60.47
C ARG SA 46 -1.26 33.52 58.98
N ASP SA 47 -1.14 34.77 58.57
CA ASP SA 47 -1.08 35.11 57.15
C ASP SA 47 -0.16 36.28 56.88
N GLY SA 48 0.91 36.04 56.13
CA GLY SA 48 1.63 37.07 55.40
C GLY SA 48 2.18 38.23 56.20
N VAL SA 49 1.49 39.36 56.11
CA VAL SA 49 1.87 40.60 56.79
C VAL SA 49 1.88 40.43 58.31
N GLY SA 50 1.15 39.45 58.82
CA GLY SA 50 1.24 39.00 60.19
C GLY SA 50 0.00 39.32 60.97
N ASN SA 51 -0.90 38.36 61.03
CA ASN SA 51 -2.13 38.46 61.80
C ASN SA 51 -2.35 37.11 62.46
N TRP SA 52 -2.27 37.07 63.77
CA TRP SA 52 -2.27 35.83 64.53
C TRP SA 52 -3.67 35.65 65.09
N PHE SA 53 -4.56 35.15 64.25
CA PHE SA 53 -5.96 34.96 64.62
C PHE SA 53 -6.11 33.70 65.42
N LYS SA 54 -6.74 33.79 66.58
CA LYS SA 54 -7.02 32.63 67.41
C LYS SA 54 -8.50 32.52 67.67
N MET SA 55 -9.06 31.34 67.39
CA MET SA 55 -10.45 31.05 67.54
C MET SA 55 -10.51 29.75 68.32
N PRO SA 56 -11.48 29.57 69.21
CA PRO SA 56 -11.66 28.26 69.83
C PRO SA 56 -12.47 27.37 68.92
N GLY SA 57 -12.08 26.11 68.84
CA GLY SA 57 -12.69 25.25 67.86
C GLY SA 57 -13.60 24.22 68.47
N GLN SA 58 -13.21 22.98 68.28
CA GLN SA 58 -14.05 21.86 68.64
C GLN SA 58 -14.12 21.67 70.15
N SER SA 59 -15.31 21.35 70.64
CA SER SA 59 -15.48 20.97 72.04
C SER SA 59 -14.84 19.62 72.29
N GLN SA 60 -14.08 19.51 73.37
CA GLN SA 60 -13.32 18.30 73.68
C GLN SA 60 -14.13 17.41 74.62
N SER SA 61 -13.82 16.11 74.62
CA SER SA 61 -14.65 15.12 75.28
C SER SA 61 -14.55 15.20 76.80
N THR SA 62 -15.56 14.65 77.47
CA THR SA 62 -15.70 14.71 78.92
C THR SA 62 -15.91 13.31 79.48
N ASN SA 63 -14.98 12.85 80.31
CA ASN SA 63 -15.15 11.60 81.03
C ASN SA 63 -14.82 11.84 82.50
N ILE SA 64 -15.79 11.62 83.37
CA ILE SA 64 -15.61 11.89 84.79
C ILE SA 64 -15.44 10.56 85.50
N THR SA 65 -14.87 10.60 86.69
CA THR SA 65 -14.41 9.41 87.38
C THR SA 65 -14.86 9.49 88.82
N LEU SA 66 -15.86 8.70 89.19
CA LEU SA 66 -16.52 8.84 90.48
C LEU SA 66 -16.48 7.52 91.23
N ARG SA 67 -16.10 7.58 92.51
CA ARG SA 67 -15.52 6.45 93.23
C ARG SA 67 -16.33 6.11 94.48
N LYS SA 68 -16.48 4.81 94.76
CA LYS SA 68 -17.42 4.34 95.78
C LYS SA 68 -16.91 3.06 96.41
N GLY SA 69 -17.01 2.96 97.74
CA GLY SA 69 -16.73 1.69 98.40
C GLY SA 69 -17.84 0.69 98.16
N VAL SA 70 -17.51 -0.58 98.18
CA VAL SA 70 -18.52 -1.60 97.95
C VAL SA 70 -19.24 -1.86 99.25
N PHE SA 71 -20.46 -2.36 99.14
CA PHE SA 71 -21.36 -2.59 100.26
C PHE SA 71 -21.93 -3.99 100.13
N PRO SA 72 -22.30 -4.63 101.26
CA PRO SA 72 -22.56 -6.08 101.21
C PRO SA 72 -23.79 -6.49 100.43
N GLY SA 73 -24.81 -5.64 100.33
CA GLY SA 73 -25.96 -5.99 99.55
C GLY SA 73 -26.04 -5.20 98.26
N LYS SA 74 -25.62 -3.94 98.32
CA LYS SA 74 -25.76 -3.04 97.19
C LYS SA 74 -24.75 -3.36 96.09
N THR SA 75 -25.28 -3.69 94.91
CA THR SA 75 -24.48 -3.84 93.69
C THR SA 75 -25.12 -2.92 92.67
N GLU SA 76 -24.72 -1.66 92.67
CA GLU SA 76 -25.36 -0.69 91.79
C GLU SA 76 -24.53 -0.29 90.60
N LEU SA 77 -23.21 -0.11 90.76
CA LEU SA 77 -22.40 0.33 89.62
C LEU SA 77 -22.12 -0.80 88.64
N PHE SA 78 -22.13 -2.05 89.10
CA PHE SA 78 -21.86 -3.15 88.18
C PHE SA 78 -23.03 -3.41 87.23
N ASP SA 79 -24.26 -3.34 87.71
CA ASP SA 79 -25.41 -3.59 86.84
C ASP SA 79 -25.66 -2.47 85.83
N TRP SA 80 -24.93 -1.37 85.94
CA TRP SA 80 -24.85 -0.38 84.87
C TRP SA 80 -23.77 -0.69 83.85
N ILE SA 81 -22.62 -1.21 84.27
CA ILE SA 81 -21.58 -1.66 83.34
C ILE SA 81 -21.85 -3.08 82.84
N ASN SA 82 -22.82 -3.77 83.41
CA ASN SA 82 -23.27 -5.04 82.87
C ASN SA 82 -24.45 -4.89 81.92
N SER SA 83 -25.17 -3.77 81.99
CA SER SA 83 -26.36 -3.56 81.19
C SER SA 83 -26.03 -3.35 79.72
N ILE SA 84 -24.79 -3.03 79.39
CA ILE SA 84 -24.41 -2.77 78.01
C ILE SA 84 -24.29 -4.06 77.22
N GLN SA 85 -25.19 -4.23 76.25
CA GLN SA 85 -24.96 -5.06 75.09
C GLN SA 85 -24.53 -4.13 73.97
N LEU SA 86 -24.30 -4.70 72.79
CA LEU SA 86 -23.38 -4.23 71.75
C LEU SA 86 -23.16 -2.72 71.61
N ASN SA 87 -24.25 -1.96 71.51
CA ASN SA 87 -24.16 -0.60 71.03
C ASN SA 87 -24.72 0.42 71.99
N GLN SA 88 -25.63 0.05 72.89
CA GLN SA 88 -26.29 1.05 73.68
C GLN SA 88 -26.32 0.65 75.15
N VAL SA 89 -26.27 1.67 76.02
CA VAL SA 89 -26.45 1.55 77.45
C VAL SA 89 -27.70 2.35 77.76
N GLU SA 90 -28.29 2.14 78.93
CA GLU SA 90 -29.28 3.09 79.41
C GLU SA 90 -28.55 4.29 79.99
N LYS SA 91 -28.42 5.34 79.18
CA LYS SA 91 -27.70 6.54 79.58
C LYS SA 91 -28.49 7.30 80.63
N LYS SA 92 -27.81 7.73 81.68
CA LYS SA 92 -28.41 8.48 82.76
C LYS SA 92 -27.81 9.87 82.82
N ASP SA 93 -28.32 10.69 83.73
CA ASP SA 93 -27.77 12.02 83.96
C ASP SA 93 -27.34 12.14 85.41
N ILE SA 94 -26.22 12.84 85.62
CA ILE SA 94 -25.59 12.95 86.92
C ILE SA 94 -25.73 14.39 87.38
N THR SA 95 -26.19 14.58 88.61
CA THR SA 95 -26.21 15.91 89.22
C THR SA 95 -25.37 15.86 90.49
N ILE SA 96 -24.33 16.68 90.54
CA ILE SA 96 -23.45 16.80 91.72
C ILE SA 96 -23.76 18.15 92.35
N SER SA 97 -23.79 18.21 93.67
CA SER SA 97 -24.18 19.46 94.31
C SER SA 97 -23.60 19.56 95.70
N LEU SA 98 -22.84 20.61 95.96
CA LEU SA 98 -22.34 20.89 97.29
C LEU SA 98 -23.49 21.33 98.17
N THR SA 99 -23.59 20.77 99.37
CA THR SA 99 -24.77 20.93 100.20
C THR SA 99 -24.48 21.67 101.49
N ASN SA 100 -25.48 21.66 102.37
CA ASN SA 100 -25.37 22.08 103.76
C ASN SA 100 -24.85 20.90 104.56
N ASP SA 101 -24.93 20.97 105.89
CA ASP SA 101 -24.47 19.86 106.72
C ASP SA 101 -25.40 18.66 106.58
N ALA SA 102 -26.65 18.82 106.98
CA ALA SA 102 -27.67 17.91 106.49
C ALA SA 102 -28.13 18.38 105.12
N GLY SA 103 -28.51 17.42 104.28
CA GLY SA 103 -28.87 17.73 102.91
C GLY SA 103 -30.19 18.43 102.73
N THR SA 104 -30.33 19.63 103.32
CA THR SA 104 -31.57 20.38 103.23
C THR SA 104 -31.43 21.53 102.25
N GLU SA 105 -30.21 21.87 101.87
CA GLU SA 105 -29.94 22.96 100.94
C GLU SA 105 -28.88 22.55 99.93
N LEU SA 106 -29.02 23.05 98.70
CA LEU SA 106 -27.95 22.96 97.73
C LEU SA 106 -27.28 24.31 97.58
N LEU SA 107 -25.98 24.30 97.34
CA LEU SA 107 -25.20 25.52 97.31
C LEU SA 107 -24.63 25.82 95.94
N MET SA 108 -24.22 24.81 95.18
CA MET SA 108 -23.85 24.97 93.78
C MET SA 108 -23.94 23.59 93.12
N THR SA 109 -24.50 23.54 91.92
CA THR SA 109 -24.89 22.28 91.32
C THR SA 109 -24.23 22.11 89.96
N TRP SA 110 -23.72 20.92 89.69
CA TRP SA 110 -23.15 20.55 88.40
C TRP SA 110 -24.03 19.50 87.75
N ASN SA 111 -24.47 19.75 86.52
CA ASN SA 111 -25.34 18.82 85.81
C ASN SA 111 -24.59 18.22 84.64
N VAL SA 112 -24.70 16.90 84.48
CA VAL SA 112 -24.03 16.15 83.42
C VAL SA 112 -25.10 15.48 82.57
N SER SA 113 -25.02 15.64 81.25
CA SER SA 113 -26.21 15.46 80.43
C SER SA 113 -26.53 14.01 80.13
N ASN SA 114 -25.67 13.31 79.40
CA ASN SA 114 -25.95 11.96 78.94
C ASN SA 114 -24.74 11.09 79.24
N ALA SA 115 -24.79 10.35 80.34
CA ALA SA 115 -23.64 9.64 80.86
C ALA SA 115 -23.81 8.14 80.72
N PHE SA 116 -22.82 7.49 80.13
CA PHE SA 116 -22.79 6.04 80.03
C PHE SA 116 -21.46 5.55 80.57
N PRO SA 117 -21.42 4.41 81.25
CA PRO SA 117 -20.20 4.00 81.94
C PRO SA 117 -19.22 3.25 81.07
N THR SA 118 -17.94 3.54 81.29
CA THR SA 118 -16.83 2.71 80.85
C THR SA 118 -15.95 2.47 82.07
N SER SA 119 -15.20 1.36 82.03
CA SER SA 119 -14.05 1.10 82.91
C SER SA 119 -14.44 1.08 84.39
N LEU SA 120 -15.25 0.11 84.76
CA LEU SA 120 -15.47 -0.17 86.18
C LEU SA 120 -14.25 -0.92 86.69
N THR SA 121 -13.61 -0.41 87.74
CA THR SA 121 -12.41 -1.02 88.29
C THR SA 121 -12.77 -1.72 89.59
N SER SA 122 -12.63 -3.04 89.61
CA SER SA 122 -12.85 -3.83 90.82
C SER SA 122 -11.74 -3.53 91.82
N PRO SA 123 -11.98 -3.75 93.13
CA PRO SA 123 -11.00 -3.31 94.13
C PRO SA 123 -9.71 -4.12 94.10
N SER SA 124 -8.69 -3.54 94.71
CA SER SA 124 -7.37 -4.15 94.76
C SER SA 124 -7.21 -4.85 96.10
N PHE SA 125 -7.25 -6.17 96.09
CA PHE SA 125 -7.13 -6.98 97.30
C PHE SA 125 -5.66 -7.12 97.65
N ASP SA 126 -5.33 -6.92 98.93
CA ASP SA 126 -4.03 -7.30 99.47
C ASP SA 126 -4.19 -7.50 100.97
N ALA SA 127 -3.54 -8.53 101.49
CA ALA SA 127 -3.76 -8.90 102.88
C ALA SA 127 -2.95 -8.07 103.85
N THR SA 128 -2.28 -7.01 103.41
CA THR SA 128 -1.46 -6.20 104.27
C THR SA 128 -1.99 -4.78 104.44
N SER SA 129 -3.19 -4.50 103.96
CA SER SA 129 -3.72 -3.14 103.94
C SER SA 129 -5.01 -3.07 104.74
N ASN SA 130 -5.21 -1.96 105.43
CA ASN SA 130 -6.42 -1.71 106.20
C ASN SA 130 -7.49 -0.96 105.42
N ASP SA 131 -7.51 -1.08 104.11
CA ASP SA 131 -8.37 -0.23 103.31
C ASP SA 131 -9.80 -0.79 103.32
N ILE SA 132 -10.72 0.01 102.80
CA ILE SA 132 -12.07 -0.44 102.48
C ILE SA 132 -12.08 -0.79 100.99
N ALA SA 133 -12.79 -1.87 100.65
CA ALA SA 133 -12.87 -2.31 99.26
C ALA SA 133 -13.61 -1.27 98.43
N VAL SA 134 -12.87 -0.55 97.61
CA VAL SA 134 -13.32 0.64 96.93
C VAL SA 134 -13.22 0.42 95.44
N GLN SA 135 -14.31 0.68 94.72
CA GLN SA 135 -14.35 0.54 93.28
C GLN SA 135 -14.67 1.88 92.64
N GLU SA 136 -14.30 2.04 91.37
CA GLU SA 136 -14.51 3.30 90.68
C GLU SA 136 -15.11 3.04 89.32
N ILE SA 137 -15.75 4.07 88.77
CA ILE SA 137 -16.42 3.98 87.48
C ILE SA 137 -16.09 5.24 86.70
N THR SA 138 -15.71 5.09 85.44
CA THR SA 138 -15.20 6.19 84.63
C THR SA 138 -16.14 6.41 83.46
N LEU SA 139 -17.20 7.17 83.69
CA LEU SA 139 -18.26 7.31 82.71
C LEU SA 139 -18.02 8.51 81.82
N MET SA 140 -18.16 8.31 80.51
CA MET SA 140 -17.97 9.35 79.51
C MET SA 140 -19.30 10.01 79.21
N ALA SA 141 -19.29 11.32 79.04
CA ALA SA 141 -20.53 12.04 78.84
C ALA SA 141 -20.25 13.33 78.07
N ASP SA 142 -21.23 14.22 78.08
CA ASP SA 142 -21.11 15.49 77.39
C ASP SA 142 -21.90 16.55 78.15
N ARG SA 143 -21.52 17.81 77.93
CA ARG SA 143 -22.21 19.00 78.42
C ARG SA 143 -22.33 19.01 79.95
N VAL SA 144 -21.18 19.19 80.58
CA VAL SA 144 -21.18 19.55 82.00
C VAL SA 144 -21.50 21.04 82.11
N ILE SA 145 -22.58 21.36 82.81
CA ILE SA 145 -22.94 22.74 83.09
C ILE SA 145 -22.91 22.95 84.60
N MET SA 146 -22.68 24.18 85.01
CA MET SA 146 -22.55 24.52 86.42
C MET SA 146 -23.65 25.51 86.78
N GLN SA 147 -24.52 25.11 87.69
CA GLN SA 147 -25.72 25.87 88.02
C GLN SA 147 -25.62 26.37 89.45
N ALA SA 148 -25.83 27.66 89.64
CA ALA SA 148 -25.88 28.22 90.99
C ALA SA 148 -27.19 27.85 91.66
N VAL SA 149 -27.16 27.84 92.99
CA VAL SA 149 -28.23 27.45 93.93
C VAL SA 149 -29.07 26.25 93.50
N SER TA 2 20.64 50.77 109.23
CA SER TA 2 19.34 51.29 109.58
C SER TA 2 18.64 51.88 108.36
N THR TA 3 18.15 51.02 107.49
CA THR TA 3 17.44 51.47 106.30
C THR TA 3 16.03 51.94 106.66
N SER TA 4 15.55 52.94 105.93
CA SER TA 4 14.22 53.46 106.16
C SER TA 4 13.21 52.71 105.30
N THR TA 5 11.93 53.02 105.48
CA THR TA 5 10.86 52.38 104.72
C THR TA 5 10.69 52.96 103.34
N SER TA 6 11.42 54.03 103.00
CA SER TA 6 11.42 54.55 101.64
C SER TA 6 12.57 54.03 100.80
N GLN TA 7 13.62 53.50 101.42
CA GLN TA 7 14.64 52.80 100.66
C GLN TA 7 14.22 51.37 100.36
N ILE TA 8 13.41 50.76 101.24
CA ILE TA 8 12.90 49.41 101.00
C ILE TA 8 11.97 49.42 99.79
N ALA TA 9 11.21 50.49 99.62
CA ALA TA 9 10.26 50.58 98.52
C ALA TA 9 10.91 50.88 97.18
N VAL TA 10 12.23 51.03 97.11
CA VAL TA 10 12.89 51.35 95.85
C VAL TA 10 14.08 50.42 95.57
N GLU TA 11 14.55 49.70 96.59
CA GLU TA 11 15.65 48.77 96.43
C GLU TA 11 15.23 47.32 96.59
N TYR TA 12 14.41 47.03 97.59
CA TYR TA 12 14.10 45.64 97.92
C TYR TA 12 13.11 45.08 96.92
N PRO TA 13 13.19 43.78 96.62
CA PRO TA 13 12.30 43.21 95.60
C PRO TA 13 10.89 43.03 96.11
N ILE TA 14 9.96 42.65 95.24
CA ILE TA 14 8.56 42.65 95.62
C ILE TA 14 8.01 41.22 95.67
N PRO TA 15 7.18 40.89 96.64
CA PRO TA 15 6.73 39.50 96.80
C PRO TA 15 5.44 39.21 96.06
N VAL TA 16 5.22 37.92 95.79
CA VAL TA 16 4.13 37.47 94.94
C VAL TA 16 2.77 37.46 95.61
N TYR TA 17 2.71 37.48 96.94
CA TYR TA 17 1.46 37.11 97.61
C TYR TA 17 0.44 38.23 97.66
N ARG TA 18 0.60 39.32 96.91
CA ARG TA 18 -0.36 40.41 96.97
C ARG TA 18 -0.49 41.03 95.59
N PHE TA 19 -1.55 40.68 94.88
CA PHE TA 19 -1.75 41.09 93.51
C PHE TA 19 -3.25 41.20 93.27
N ILE TA 20 -3.62 42.00 92.27
CA ILE TA 20 -5.02 42.13 91.87
C ILE TA 20 -5.11 41.82 90.39
N VAL TA 21 -6.19 41.17 89.98
CA VAL TA 21 -6.44 40.80 88.61
C VAL TA 21 -7.68 41.54 88.15
N SER TA 22 -7.64 42.10 86.94
CA SER TA 22 -8.78 42.81 86.37
C SER TA 22 -9.15 42.17 85.04
N VAL TA 23 -10.26 41.44 85.02
CA VAL TA 23 -10.72 40.76 83.82
C VAL TA 23 -11.68 41.66 83.08
N GLY TA 24 -11.21 42.24 81.97
CA GLY TA 24 -12.03 43.18 81.23
C GLY TA 24 -12.23 44.47 81.99
N ASP TA 25 -13.44 44.68 82.49
CA ASP TA 25 -13.76 45.82 83.34
C ASP TA 25 -14.10 45.40 84.76
N GLU TA 26 -14.07 44.11 85.07
CA GLU TA 26 -14.38 43.58 86.38
C GLU TA 26 -13.11 43.35 87.19
N LYS TA 27 -13.27 43.27 88.50
CA LYS TA 27 -12.20 42.86 89.41
C LYS TA 27 -12.63 41.60 90.13
N ILE TA 28 -12.03 40.48 89.76
CA ILE TA 28 -12.33 39.18 90.36
C ILE TA 28 -11.13 38.78 91.20
N PRO TA 29 -11.30 38.44 92.47
CA PRO TA 29 -10.16 38.04 93.32
C PRO TA 29 -9.79 36.58 93.12
N PHE TA 30 -8.64 36.35 92.50
CA PHE TA 30 -8.18 35.00 92.23
C PHE TA 30 -7.20 34.55 93.29
N ASN TA 31 -6.83 33.27 93.23
CA ASN TA 31 -5.94 32.67 94.19
C ASN TA 31 -4.52 32.53 93.64
N SER TA 32 -4.40 32.09 92.40
CA SER TA 32 -3.10 31.81 91.82
C SER TA 32 -3.17 32.01 90.32
N VAL TA 33 -2.41 32.97 89.81
CA VAL TA 33 -2.29 33.21 88.38
C VAL TA 33 -0.90 32.78 87.96
N SER TA 34 -0.82 31.96 86.93
CA SER TA 34 0.45 31.38 86.53
C SER TA 34 0.42 31.04 85.05
N GLY TA 35 1.59 31.05 84.43
CA GLY TA 35 1.76 30.54 83.09
C GLY TA 35 1.86 31.56 81.98
N LEU TA 36 2.06 32.83 82.31
CA LEU TA 36 2.21 33.87 81.31
C LEU TA 36 3.69 34.08 81.03
N ASP TA 37 4.04 34.16 79.75
CA ASP TA 37 5.43 34.26 79.33
C ASP TA 37 5.47 34.77 77.90
N ILE TA 38 6.68 35.03 77.41
CA ILE TA 38 6.93 35.53 76.07
C ILE TA 38 7.99 34.64 75.45
N SER TA 39 7.58 33.74 74.56
CA SER TA 39 8.51 32.77 74.00
C SER TA 39 8.67 32.98 72.50
N TYR TA 40 9.84 32.58 71.98
CA TYR TA 40 10.15 32.64 70.56
C TYR TA 40 10.86 31.36 70.15
N ASP TA 41 10.67 30.95 68.90
CA ASP TA 41 11.41 29.83 68.36
C ASP TA 41 12.64 30.36 67.63
N THR TA 42 13.58 29.46 67.34
CA THR TA 42 14.87 29.86 66.78
C THR TA 42 15.06 29.21 65.43
N ILE TA 43 15.70 29.94 64.53
CA ILE TA 43 16.03 29.46 63.20
C ILE TA 43 17.54 29.43 63.09
N GLU TA 44 18.10 28.27 62.73
CA GLU TA 44 19.52 28.14 62.51
C GLU TA 44 19.79 27.95 61.02
N TYR TA 45 20.93 28.48 60.58
CA TYR TA 45 21.37 28.34 59.20
C TYR TA 45 22.88 28.17 59.20
N ARG TA 46 23.33 27.03 58.71
CA ARG TA 46 24.76 26.75 58.63
C ARG TA 46 25.13 26.45 57.19
N ASP TA 47 26.30 26.92 56.77
CA ASP TA 47 26.69 26.84 55.37
C ASP TA 47 28.18 26.62 55.21
N GLY TA 48 28.55 25.47 54.63
CA GLY TA 48 29.84 25.29 53.99
C GLY TA 48 31.07 25.50 54.83
N VAL TA 49 31.71 26.66 54.61
CA VAL TA 49 32.93 27.06 55.31
C VAL TA 49 32.71 27.19 56.81
N GLY TA 50 31.47 27.38 57.23
CA GLY TA 50 31.06 27.27 58.61
C GLY TA 50 30.67 28.61 59.19
N ASN TA 51 29.38 28.89 59.14
CA ASN TA 51 28.80 30.10 59.72
C ASN TA 51 27.50 29.70 60.37
N TRP TA 52 27.43 29.80 61.67
CA TRP TA 52 26.33 29.28 62.46
C TRP TA 52 25.43 30.45 62.81
N PHE TA 53 24.59 30.84 61.85
CA PHE TA 53 23.71 31.99 62.02
C PHE TA 53 22.50 31.58 62.82
N LYS TA 54 22.20 32.34 63.87
CA LYS TA 54 21.02 32.10 64.68
C LYS TA 54 20.15 33.35 64.72
N MET TA 55 18.89 33.18 64.39
CA MET TA 55 17.91 34.24 64.34
C MET TA 55 16.72 33.74 65.14
N PRO TA 56 16.04 34.61 65.88
CA PRO TA 56 14.79 34.17 66.50
C PRO TA 56 13.65 34.29 65.50
N GLY TA 57 12.77 33.30 65.52
CA GLY TA 57 11.77 33.25 64.48
C GLY TA 57 10.40 33.58 64.98
N GLN TA 58 9.53 32.60 64.88
CA GLN TA 58 8.12 32.79 65.14
C GLN TA 58 7.84 32.98 66.62
N SER TA 59 6.94 33.90 66.95
CA SER TA 59 6.45 34.05 68.31
C SER TA 59 5.61 32.85 68.69
N GLN TA 60 5.84 32.31 69.88
CA GLN TA 60 5.15 31.10 70.32
C GLN TA 60 3.93 31.47 71.16
N SER TA 61 2.97 30.55 71.24
CA SER TA 61 1.65 30.85 71.80
C SER TA 61 1.70 31.02 73.31
N THR TA 62 0.67 31.69 73.84
CA THR TA 62 0.59 32.05 75.25
C THR TA 62 -0.76 31.60 75.80
N ASN TA 63 -0.73 30.70 76.78
CA ASN TA 63 -1.92 30.31 77.51
C ASN TA 63 -1.63 30.36 78.99
N ILE TA 64 -2.36 31.20 79.71
CA ILE TA 64 -2.10 31.38 81.13
C ILE TA 64 -3.21 30.67 81.89
N THR TA 65 -2.94 30.37 83.17
CA THR TA 65 -3.78 29.48 83.95
C THR TA 65 -4.01 30.11 85.31
N LEU TA 66 -5.22 30.61 85.54
CA LEU TA 66 -5.49 31.42 86.72
C LEU TA 66 -6.65 30.84 87.50
N ARG TA 67 -6.48 30.73 88.81
CA ARG TA 67 -7.19 29.76 89.65
C ARG TA 67 -7.97 30.46 90.77
N LYS TA 68 -9.18 29.97 91.06
CA LYS TA 68 -10.11 30.68 91.93
C LYS TA 68 -10.99 29.68 92.68
N GLY TA 69 -11.19 29.91 93.98
CA GLY TA 69 -12.18 29.12 94.70
C GLY TA 69 -13.59 29.53 94.32
N VAL TA 70 -14.51 28.59 94.43
CA VAL TA 70 -15.90 28.90 94.08
C VAL TA 70 -16.55 29.58 95.26
N PHE TA 71 -17.59 30.35 94.98
CA PHE TA 71 -18.29 31.16 95.95
C PHE TA 71 -19.79 30.91 95.79
N PRO TA 72 -20.59 31.06 96.86
CA PRO TA 72 -21.97 30.54 96.82
C PRO TA 72 -22.90 31.28 95.88
N GLY TA 73 -22.67 32.55 95.60
CA GLY TA 73 -23.51 33.24 94.65
C GLY TA 73 -22.81 33.53 93.34
N LYS TA 74 -21.52 33.81 93.44
CA LYS TA 74 -20.74 34.23 92.28
C LYS TA 74 -20.46 33.05 91.35
N THR TA 75 -20.95 33.16 90.11
CA THR TA 75 -20.61 32.23 89.03
C THR TA 75 -20.08 33.10 87.89
N GLU TA 76 -18.79 33.40 87.92
CA GLU TA 76 -18.24 34.31 86.94
C GLU TA 76 -17.41 33.63 85.87
N LEU TA 77 -16.60 32.62 86.22
CA LEU TA 77 -15.76 31.99 85.22
C LEU TA 77 -16.53 31.05 84.31
N PHE TA 78 -17.64 30.48 84.79
CA PHE TA 78 -18.40 29.57 83.96
C PHE TA 78 -19.16 30.29 82.86
N ASP TA 79 -19.75 31.45 83.14
CA ASP TA 79 -20.50 32.17 82.12
C ASP TA 79 -19.61 32.80 81.05
N TRP TA 80 -18.30 32.76 81.23
CA TRP TA 80 -17.35 33.04 80.17
C TRP TA 80 -17.02 31.82 79.33
N ILE TA 81 -16.90 30.63 79.93
CA ILE TA 81 -16.72 29.40 79.18
C ILE TA 81 -18.05 28.83 78.68
N ASN TA 82 -19.17 29.39 79.13
CA ASN TA 82 -20.46 29.04 78.55
C ASN TA 82 -20.87 29.98 77.43
N SER TA 83 -20.28 31.17 77.38
CA SER TA 83 -20.65 32.17 76.38
C SER TA 83 -20.24 31.80 74.98
N ILE TA 84 -19.32 30.86 74.83
CA ILE TA 84 -18.82 30.47 73.52
C ILE TA 84 -19.84 29.60 72.78
N GLN TA 85 -20.39 30.14 71.71
CA GLN TA 85 -20.92 29.35 70.61
C GLN TA 85 -19.84 29.30 69.55
N LEU TA 86 -20.16 28.66 68.42
CA LEU TA 86 -19.23 27.95 67.53
C LEU TA 86 -17.82 28.51 67.38
N ASN TA 87 -17.70 29.80 67.09
CA ASN TA 87 -16.46 30.36 66.60
C ASN TA 87 -15.91 31.49 67.44
N GLN TA 88 -16.75 32.19 68.19
CA GLN TA 88 -16.25 33.39 68.86
C GLN TA 88 -16.69 33.41 70.32
N VAL TA 89 -15.83 34.01 71.15
CA VAL TA 89 -16.12 34.31 72.54
C VAL TA 89 -16.06 35.83 72.63
N GLU TA 90 -16.60 36.38 73.71
CA GLU TA 90 -16.31 37.77 74.02
C GLU TA 90 -14.93 37.85 74.65
N LYS TA 91 -13.92 38.16 73.85
CA LYS TA 91 -12.54 38.21 74.31
C LYS TA 91 -12.34 39.41 75.21
N LYS TA 92 -11.69 39.19 76.34
CA LYS TA 92 -11.40 40.25 77.30
C LYS TA 92 -9.90 40.45 77.40
N ASP TA 93 -9.50 41.42 78.22
CA ASP TA 93 -8.09 41.66 78.49
C ASP TA 93 -7.84 41.57 79.98
N ILE TA 94 -6.69 41.01 80.34
CA ILE TA 94 -6.34 40.71 81.72
C ILE TA 94 -5.19 41.63 82.11
N THR TA 95 -5.32 42.30 83.25
CA THR TA 95 -4.22 43.06 83.82
C THR TA 95 -3.91 42.51 85.20
N ILE TA 96 -2.69 42.04 85.38
CA ILE TA 96 -2.21 41.54 86.66
C ILE TA 96 -1.23 42.57 87.21
N SER TA 97 -1.26 42.81 88.51
CA SER TA 97 -0.41 43.87 89.05
C SER TA 97 -0.10 43.62 90.52
N LEU TA 98 1.17 43.55 90.84
CA LEU TA 98 1.59 43.46 92.24
C LEU TA 98 1.35 44.79 92.93
N THR TA 99 0.76 44.75 94.11
CA THR TA 99 0.24 45.96 94.74
C THR TA 99 0.96 46.26 96.05
N ASN TA 100 0.41 47.24 96.76
CA ASN TA 100 0.74 47.56 98.13
C ASN TA 100 -0.05 46.64 99.05
N ASP TA 101 -0.10 46.94 100.34
CA ASP TA 101 -0.87 46.10 101.26
C ASP TA 101 -2.36 46.27 101.02
N ALA TA 102 -2.88 47.46 101.22
CA ALA TA 102 -4.16 47.80 100.60
C ALA TA 102 -3.91 48.23 99.16
N GLY TA 103 -4.88 47.95 98.31
CA GLY TA 103 -4.72 48.20 96.89
C GLY TA 103 -4.78 49.67 96.51
N THR TA 104 -3.85 50.48 97.04
CA THR TA 104 -3.82 51.89 96.73
C THR TA 104 -2.70 52.22 95.75
N GLU TA 105 -1.77 51.29 95.55
CA GLU TA 105 -0.66 51.49 94.64
C GLU TA 105 -0.42 50.23 93.81
N LEU TA 106 0.01 50.43 92.57
CA LEU TA 106 0.52 49.34 91.77
C LEU TA 106 2.03 49.44 91.68
N LEU TA 107 2.68 48.28 91.64
CA LEU TA 107 4.14 48.23 91.70
C LEU TA 107 4.76 47.71 90.42
N MET TA 108 4.13 46.74 89.76
CA MET TA 108 4.53 46.31 88.42
C MET TA 108 3.34 45.59 87.81
N THR TA 109 3.07 45.87 86.54
CA THR TA 109 1.82 45.47 85.91
C THR TA 109 2.08 44.63 84.67
N TRP TA 110 1.32 43.56 84.51
CA TRP TA 110 1.36 42.69 83.34
C TRP TA 110 0.04 42.82 82.59
N ASN TA 111 0.10 43.15 81.30
CA ASN TA 111 -1.10 43.31 80.49
C ASN TA 111 -1.19 42.21 79.46
N VAL TA 112 -2.36 41.62 79.32
CA VAL TA 112 -2.61 40.51 78.40
C VAL TA 112 -3.68 40.96 77.43
N SER TA 113 -3.44 40.78 76.13
CA SER TA 113 -4.15 41.58 75.13
C SER TA 113 -5.54 41.08 74.82
N ASN TA 114 -5.67 39.89 74.26
CA ASN TA 114 -6.97 39.37 73.80
C ASN TA 114 -7.11 37.94 74.31
N ALA TA 115 -7.84 37.77 75.40
CA ALA TA 115 -7.90 36.51 76.11
C ALA TA 115 -9.27 35.87 75.99
N PHE TA 116 -9.30 34.62 75.56
CA PHE TA 116 -10.52 33.84 75.52
C PHE TA 116 -10.29 32.54 76.27
N PRO TA 117 -11.31 32.03 76.97
CA PRO TA 117 -11.07 30.88 77.85
C PRO TA 117 -11.18 29.54 77.15
N THR TA 118 -10.30 28.63 77.56
CA THR TA 118 -10.43 27.21 77.32
C THR TA 118 -10.26 26.51 78.66
N SER TA 119 -10.83 25.31 78.76
CA SER TA 119 -10.52 24.32 79.81
C SER TA 119 -10.81 24.86 81.22
N LEU TA 120 -12.08 25.12 81.49
CA LEU TA 120 -12.50 25.35 82.87
C LEU TA 120 -12.57 24.01 83.57
N THR TA 121 -11.85 23.89 84.68
CA THR TA 121 -11.80 22.63 85.43
C THR TA 121 -12.65 22.76 86.68
N SER TA 122 -13.72 21.98 86.76
CA SER TA 122 -14.57 21.94 87.93
C SER TA 122 -13.81 21.29 89.09
N PRO TA 123 -14.18 21.57 90.35
CA PRO TA 123 -13.37 21.10 91.48
C PRO TA 123 -13.42 19.60 91.66
N SER TA 124 -12.43 19.11 92.40
CA SER TA 124 -12.30 17.68 92.67
C SER TA 124 -12.89 17.39 94.04
N PHE TA 125 -14.05 16.75 94.06
CA PHE TA 125 -14.74 16.40 95.29
C PHE TA 125 -14.14 15.13 95.87
N ASP TA 126 -13.88 15.13 97.17
CA ASP TA 126 -13.57 13.93 97.90
C ASP TA 126 -13.91 14.17 99.37
N ALA TA 127 -14.50 13.18 100.01
CA ALA TA 127 -15.00 13.38 101.36
C ALA TA 127 -13.92 13.25 102.43
N THR TA 128 -12.66 13.15 102.05
CA THR TA 128 -11.58 12.98 103.02
C THR TA 128 -10.63 14.17 103.07
N SER TA 129 -10.97 15.26 102.40
CA SER TA 129 -10.07 16.41 102.26
C SER TA 129 -10.70 17.66 102.86
N ASN TA 130 -9.88 18.49 103.47
CA ASN TA 130 -10.32 19.74 104.05
C ASN TA 130 -10.17 20.92 103.09
N ASP TA 131 -10.21 20.69 101.80
CA ASP TA 131 -9.88 21.74 100.86
C ASP TA 131 -11.08 22.67 100.67
N ILE TA 132 -10.83 23.79 100.00
CA ILE TA 132 -11.88 24.66 99.49
C ILE TA 132 -12.11 24.28 98.03
N ALA TA 133 -13.37 24.29 97.61
CA ALA TA 133 -13.72 23.93 96.24
C ALA TA 133 -13.17 24.97 95.28
N VAL TA 134 -12.12 24.58 94.57
CA VAL TA 134 -11.29 25.48 93.79
C VAL TA 134 -11.35 25.06 92.33
N GLN TA 135 -11.64 26.02 91.46
CA GLN TA 135 -11.70 25.77 90.02
C GLN TA 135 -10.67 26.64 89.31
N GLU TA 136 -10.29 26.22 88.11
CA GLU TA 136 -9.27 26.94 87.37
C GLU TA 136 -9.72 27.13 85.93
N ILE TA 137 -9.13 28.11 85.27
CA ILE TA 137 -9.47 28.45 83.90
C ILE TA 137 -8.18 28.71 83.14
N THR TA 138 -8.06 28.12 81.95
CA THR TA 138 -6.81 28.13 81.20
C THR TA 138 -7.02 28.87 79.89
N LEU TA 139 -6.92 30.19 79.94
CA LEU TA 139 -7.29 31.02 78.81
C LEU TA 139 -6.08 31.30 77.93
N MET TA 140 -6.26 31.14 76.63
CA MET TA 140 -5.20 31.34 75.64
C MET TA 140 -5.30 32.77 75.12
N ALA TA 141 -4.14 33.41 74.91
CA ALA TA 141 -4.15 34.80 74.52
C ALA TA 141 -2.87 35.10 73.76
N ASP TA 142 -2.58 36.39 73.60
CA ASP TA 142 -1.39 36.82 72.90
C ASP TA 142 -0.92 38.14 73.51
N ARG TA 143 0.37 38.42 73.31
CA ARG TA 143 1.02 39.69 73.66
C ARG TA 143 0.89 40.01 75.15
N VAL TA 144 1.60 39.22 75.94
CA VAL TA 144 1.83 39.61 77.33
C VAL TA 144 2.93 40.65 77.34
N ILE TA 145 2.64 41.83 77.88
CA ILE TA 145 3.64 42.88 78.06
C ILE TA 145 3.75 43.18 79.54
N MET TA 146 4.90 43.66 79.96
CA MET TA 146 5.18 43.92 81.36
C MET TA 146 5.47 45.41 81.53
N GLN TA 147 4.62 46.08 82.31
CA GLN TA 147 4.67 47.52 82.43
C GLN TA 147 5.07 47.90 83.84
N ALA TA 148 6.07 48.76 83.97
CA ALA TA 148 6.45 49.28 85.27
C ALA TA 148 5.44 50.30 85.75
N VAL TA 149 5.38 50.47 87.08
CA VAL TA 149 4.44 51.31 87.85
C VAL TA 149 3.01 51.35 87.33
N SER UA 2 48.49 23.69 109.72
CA SER UA 2 48.27 25.13 109.85
C SER UA 2 48.49 25.84 108.53
N THR UA 3 47.53 25.70 107.61
CA THR UA 3 47.64 26.36 106.32
C THR UA 3 47.32 27.84 106.46
N SER UA 4 47.97 28.66 105.64
CA SER UA 4 47.73 30.09 105.64
C SER UA 4 46.63 30.44 104.66
N THR UA 5 46.24 31.72 104.65
CA THR UA 5 45.19 32.19 103.75
C THR UA 5 45.68 32.44 102.33
N SER UA 6 46.98 32.30 102.08
CA SER UA 6 47.50 32.37 100.72
C SER UA 6 47.67 31.01 100.08
N GLN UA 7 47.72 29.94 100.87
CA GLN UA 7 47.67 28.60 100.29
C GLN UA 7 46.23 28.19 99.98
N ILE UA 8 45.26 28.71 100.73
CA ILE UA 8 43.86 28.42 100.46
C ILE UA 8 43.45 29.04 99.13
N ALA UA 9 44.00 30.21 98.81
CA ALA UA 9 43.65 30.90 97.58
C ALA UA 9 44.32 30.30 96.34
N VAL UA 10 45.12 29.25 96.47
CA VAL UA 10 45.79 28.67 95.31
C VAL UA 10 45.59 27.15 95.25
N GLU UA 11 45.17 26.53 96.34
CA GLU UA 11 44.92 25.10 96.38
C GLU UA 11 43.45 24.75 96.50
N TYR UA 12 42.73 25.44 97.38
CA TYR UA 12 41.37 25.06 97.70
C TYR UA 12 40.43 25.47 96.58
N PRO UA 13 39.37 24.70 96.33
CA PRO UA 13 38.49 25.02 95.20
C PRO UA 13 37.59 26.20 95.50
N ILE UA 14 36.85 26.68 94.50
CA ILE UA 14 36.11 27.93 94.68
C ILE UA 14 34.61 27.67 94.68
N PRO UA 15 33.85 28.35 95.53
CA PRO UA 15 32.41 28.06 95.66
C PRO UA 15 31.56 28.91 94.73
N VAL UA 16 30.35 28.39 94.47
CA VAL UA 16 29.45 28.98 93.48
C VAL UA 16 28.73 30.23 93.95
N TYR UA 17 28.64 30.48 95.24
CA TYR UA 17 27.67 31.45 95.72
C TYR UA 17 28.12 32.90 95.58
N ARG UA 18 29.18 33.20 94.84
CA ARG UA 18 29.63 34.58 94.73
C ARG UA 18 30.17 34.80 93.32
N PHE UA 19 29.37 35.42 92.48
CA PHE UA 19 29.70 35.61 91.08
C PHE UA 19 29.05 36.90 90.60
N ILE UA 20 29.60 37.49 89.55
CA ILE UA 20 29.04 38.68 88.94
C ILE UA 20 28.80 38.39 87.47
N VAL UA 21 27.71 38.92 86.93
CA VAL UA 21 27.34 38.75 85.53
C VAL UA 21 27.37 40.11 84.87
N SER UA 22 27.94 40.18 83.67
CA SER UA 22 28.01 41.43 82.92
C SER UA 22 27.35 41.24 81.57
N VAL UA 23 26.16 41.80 81.40
CA VAL UA 23 25.40 41.67 80.16
C VAL UA 23 25.74 42.85 79.26
N GLY UA 24 26.52 42.59 78.22
CA GLY UA 24 26.97 43.65 77.34
C GLY UA 24 27.94 44.57 78.02
N ASP UA 25 27.49 45.79 78.33
CA ASP UA 25 28.27 46.75 79.10
C ASP UA 25 27.65 47.04 80.46
N GLU UA 26 26.54 46.39 80.80
CA GLU UA 26 25.85 46.59 82.07
C GLU UA 26 26.27 45.52 83.06
N LYS UA 27 26.03 45.80 84.34
CA LYS UA 27 26.18 44.81 85.40
C LYS UA 27 24.84 44.64 86.08
N ILE UA 28 24.19 43.51 85.85
CA ILE UA 28 22.89 43.19 86.43
C ILE UA 28 23.10 42.09 87.45
N PRO UA 29 22.66 42.25 88.69
CA PRO UA 29 22.85 41.20 89.70
C PRO UA 29 21.78 40.11 89.61
N PHE UA 30 22.19 38.93 89.17
CA PHE UA 30 21.28 37.82 89.01
C PHE UA 30 21.33 36.90 90.22
N ASN UA 31 20.40 35.95 90.25
CA ASN UA 31 20.29 35.01 91.35
C ASN UA 31 20.91 33.66 91.03
N SER UA 32 20.66 33.15 89.84
CA SER UA 32 21.10 31.82 89.47
C SER UA 32 21.32 31.77 87.96
N VAL UA 33 22.56 31.54 87.55
CA VAL UA 33 22.89 31.34 86.15
C VAL UA 33 23.25 29.89 85.95
N SER UA 34 22.63 29.25 84.96
CA SER UA 34 22.80 27.82 84.77
C SER UA 34 22.56 27.46 83.32
N GLY UA 35 23.20 26.38 82.88
CA GLY UA 35 22.90 25.79 81.60
C GLY UA 35 23.91 26.06 80.50
N LEU UA 36 25.08 26.59 80.82
CA LEU UA 36 26.11 26.84 79.81
C LEU UA 36 27.04 25.64 79.76
N ASP UA 37 27.36 25.20 78.55
CA ASP UA 37 28.16 24.01 78.33
C ASP UA 37 28.70 24.02 76.90
N ILE UA 38 29.56 23.05 76.61
CA ILE UA 38 30.19 22.91 75.31
C ILE UA 38 29.98 21.47 74.87
N SER UA 39 29.05 21.23 73.96
CA SER UA 39 28.71 19.88 73.56
C SER UA 39 29.05 19.61 72.11
N TYR UA 40 29.33 18.36 71.79
CA TYR UA 40 29.60 17.91 70.42
C TYR UA 40 28.88 16.60 70.15
N ASP UA 41 28.49 16.40 68.90
CA ASP UA 41 27.93 15.11 68.51
C ASP UA 41 29.04 14.22 67.96
N THR UA 42 28.76 12.93 67.84
CA THR UA 42 29.79 11.96 67.48
C THR UA 42 29.39 11.27 66.18
N ILE UA 43 30.39 10.97 65.37
CA ILE UA 43 30.21 10.25 64.13
C ILE UA 43 30.95 8.93 64.24
N GLU UA 44 30.25 7.83 64.00
CA GLU UA 44 30.86 6.51 63.99
C GLU UA 44 30.92 5.97 62.57
N TYR UA 45 31.97 5.21 62.29
CA TYR UA 45 32.15 4.56 61.01
C TYR UA 45 32.75 3.20 61.24
N ARG UA 46 32.02 2.16 60.85
CA ARG UA 46 32.51 0.80 60.99
C ARG UA 46 32.50 0.12 59.63
N ASP UA 47 33.53 -0.69 59.38
CA ASP UA 47 33.73 -1.27 58.06
C ASP UA 47 34.30 -2.67 58.13
N GLY UA 48 33.52 -3.65 57.64
CA GLY UA 48 34.05 -4.93 57.20
C GLY UA 48 34.81 -5.75 58.22
N VAL UA 49 36.14 -5.74 58.06
CA VAL UA 49 37.07 -6.47 58.93
C VAL UA 49 36.99 -6.00 60.37
N GLY UA 50 36.51 -4.79 60.60
CA GLY UA 50 36.13 -4.30 61.91
C GLY UA 50 37.06 -3.21 62.38
N ASN UA 51 36.65 -1.98 62.13
CA ASN UA 51 37.37 -0.80 62.58
C ASN UA 51 36.33 0.20 63.04
N TRP UA 52 36.32 0.50 64.32
CA TRP UA 52 35.27 1.28 64.95
C TRP UA 52 35.82 2.69 65.12
N PHE UA 53 35.78 3.47 64.04
CA PHE UA 53 36.32 4.83 64.03
C PHE UA 53 35.31 5.76 64.67
N LYS UA 54 35.76 6.55 65.63
CA LYS UA 54 34.93 7.55 66.25
C LYS UA 54 35.57 8.92 66.13
N MET UA 55 34.79 9.87 65.62
CA MET UA 55 35.22 11.23 65.41
C MET UA 55 34.14 12.10 66.02
N PRO UA 56 34.51 13.23 66.63
CA PRO UA 56 33.47 14.17 67.06
C PRO UA 56 33.06 15.04 65.90
N GLY UA 57 31.77 15.30 65.81
CA GLY UA 57 31.27 15.97 64.64
C GLY UA 57 30.83 17.38 64.91
N GLN UA 58 29.55 17.61 64.72
CA GLN UA 58 29.01 18.94 64.76
C GLN UA 58 28.94 19.49 66.18
N SER UA 59 29.27 20.77 66.33
CA SER UA 59 29.08 21.45 67.60
C SER UA 59 27.59 21.63 67.89
N GLN UA 60 27.19 21.33 69.11
CA GLN UA 60 25.77 21.35 69.48
C GLN UA 60 25.43 22.70 70.11
N SER UA 61 24.15 23.06 70.07
CA SER UA 61 23.72 24.41 70.41
C SER UA 61 23.81 24.68 71.91
N THR UA 62 23.85 25.97 72.26
CA THR UA 62 24.04 26.43 73.63
C THR UA 62 22.95 27.42 74.00
N ASN UA 63 22.13 27.08 74.99
CA ASN UA 63 21.15 28.01 75.53
C ASN UA 63 21.26 28.00 77.04
N ILE UA 64 21.58 29.14 77.63
CA ILE UA 64 21.79 29.23 79.06
C ILE UA 64 20.59 29.92 79.67
N THR UA 65 20.40 29.72 80.97
CA THR UA 65 19.17 30.09 81.65
C THR UA 65 19.52 30.81 82.93
N LEU UA 66 19.33 32.12 82.97
CA LEU UA 66 19.84 32.93 84.07
C LEU UA 66 18.70 33.74 84.68
N ARG UA 67 18.62 33.72 86.01
CA ARG UA 67 17.39 33.96 86.76
C ARG UA 67 17.54 35.13 87.73
N LYS UA 68 16.50 35.95 87.84
CA LYS UA 68 16.58 37.23 88.54
C LYS UA 68 15.25 37.59 89.18
N GLY UA 69 15.27 38.06 90.43
CA GLY UA 69 14.06 38.60 91.01
C GLY UA 69 13.72 39.95 90.42
N VAL UA 70 12.44 40.28 90.42
CA VAL UA 70 12.03 41.56 89.85
C VAL UA 70 12.23 42.63 90.91
N PHE UA 71 12.38 43.86 90.44
CA PHE UA 71 12.67 45.02 91.28
C PHE UA 71 11.71 46.14 90.90
N PRO UA 72 11.39 47.04 91.84
CA PRO UA 72 10.25 47.95 91.60
C PRO UA 72 10.46 48.98 90.50
N GLY UA 73 11.69 49.40 90.23
CA GLY UA 73 11.91 50.32 89.15
C GLY UA 73 12.58 49.68 87.97
N LYS UA 74 13.47 48.74 88.23
CA LYS UA 74 14.28 48.12 87.19
C LYS UA 74 13.46 47.16 86.34
N THR UA 75 13.37 47.45 85.05
CA THR UA 75 12.79 46.54 84.07
C THR UA 75 13.87 46.36 83.00
N GLU UA 76 14.77 45.41 83.20
CA GLU UA 76 15.89 45.26 82.29
C GLU UA 76 15.78 44.06 81.37
N LEU UA 77 15.30 42.92 81.88
CA LEU UA 77 15.24 41.73 81.02
C LEU UA 77 14.08 41.79 80.05
N PHE UA 78 13.01 42.52 80.37
CA PHE UA 78 11.88 42.58 79.45
C PHE UA 78 12.17 43.44 78.23
N ASP UA 79 12.85 44.56 78.39
CA ASP UA 79 13.16 45.42 77.25
C ASP UA 79 14.21 44.83 76.32
N TRP UA 80 14.83 43.71 76.68
CA TRP UA 80 15.60 42.89 75.77
C TRP UA 80 14.76 41.87 75.02
N ILE UA 81 13.76 41.27 75.67
CA ILE UA 81 12.82 40.38 74.99
C ILE UA 81 11.70 41.15 74.31
N ASN UA 82 11.59 42.45 74.56
CA ASN UA 82 10.67 43.29 73.81
C ASN UA 82 11.34 43.96 72.63
N SER UA 83 12.67 44.05 72.62
CA SER UA 83 13.40 44.73 71.56
C SER UA 83 13.36 43.98 70.24
N ILE UA 84 13.01 42.71 70.25
CA ILE UA 84 12.99 41.89 69.04
C ILE UA 84 11.77 42.22 68.18
N GLN UA 85 12.02 42.80 67.03
CA GLN UA 85 11.13 42.70 65.89
C GLN UA 85 11.69 41.61 65.00
N LEU UA 86 11.03 41.38 63.86
CA LEU UA 86 10.93 40.11 63.13
C LEU UA 86 12.13 39.17 63.19
N ASN UA 87 13.32 39.69 62.89
CA ASN UA 87 14.45 38.84 62.56
C ASN UA 87 15.66 39.07 63.45
N GLN UA 88 15.81 40.24 64.05
CA GLN UA 88 17.05 40.52 64.75
C GLN UA 88 16.77 41.11 66.12
N VAL UA 89 17.68 40.80 67.05
CA VAL UA 89 17.72 41.38 68.38
C VAL UA 89 19.05 42.13 68.44
N GLU UA 90 19.21 43.02 69.41
CA GLU UA 90 20.53 43.52 69.71
C GLU UA 90 21.25 42.48 70.55
N LYS UA 91 22.07 41.66 69.90
CA LYS UA 91 22.79 40.58 70.56
C LYS UA 91 23.89 41.14 71.45
N LYS UA 92 23.97 40.64 72.68
CA LYS UA 92 24.97 41.07 73.63
C LYS UA 92 25.89 39.91 73.96
N ASP UA 93 26.88 40.18 74.80
CA ASP UA 93 27.80 39.14 75.26
C ASP UA 93 27.76 39.09 76.77
N ILE UA 94 27.83 37.88 77.32
CA ILE UA 94 27.69 37.63 78.74
C ILE UA 94 29.02 37.17 79.28
N THR UA 95 29.47 37.78 80.37
CA THR UA 95 30.66 37.32 81.08
C THR UA 95 30.27 36.97 82.50
N ILE UA 96 30.47 35.72 82.88
CA ILE UA 96 30.21 35.24 84.23
C ILE UA 96 31.56 35.00 84.89
N SER UA 97 31.69 35.34 86.17
CA SER UA 97 33.00 35.23 86.80
C SER UA 97 32.87 35.06 88.30
N LEU UA 98 33.43 33.98 88.82
CA LEU UA 98 33.49 33.77 90.26
C LEU UA 98 34.47 34.75 90.87
N THR UA 99 34.09 35.42 91.95
CA THR UA 99 34.84 36.55 92.46
C THR UA 99 35.39 36.28 93.85
N ASN UA 100 35.92 37.34 94.45
CA ASN UA 100 36.29 37.41 95.85
C ASN UA 100 35.04 37.75 96.65
N ASP UA 101 35.20 38.14 97.92
CA ASP UA 101 34.05 38.50 98.73
C ASP UA 101 33.45 39.82 98.26
N ALA UA 102 34.22 40.89 98.35
CA ALA UA 102 33.89 42.06 97.55
C ALA UA 102 34.47 41.87 96.15
N GLY UA 103 33.77 42.42 95.16
CA GLY UA 103 34.16 42.22 93.78
C GLY UA 103 35.42 42.95 93.36
N THR UA 104 36.54 42.65 93.99
CA THR UA 104 37.80 43.29 93.65
C THR UA 104 38.69 42.36 92.84
N GLU UA 105 38.38 41.08 92.82
CA GLU UA 105 39.16 40.10 92.08
C GLU UA 105 38.24 39.14 91.33
N LEU UA 106 38.69 38.70 90.17
CA LEU UA 106 38.04 37.59 89.48
C LEU UA 106 38.89 36.35 89.61
N LEU UA 107 38.23 35.20 89.70
CA LEU UA 107 38.91 33.95 89.98
C LEU UA 107 38.85 32.96 88.82
N MET UA 108 37.73 32.92 88.10
CA MET UA 108 37.62 32.18 86.85
C MET UA 108 36.44 32.74 86.08
N THR UA 109 36.61 32.92 84.78
CA THR UA 109 35.67 33.69 83.98
C THR UA 109 35.14 32.88 82.82
N TRP UA 110 33.83 32.95 82.58
CA TRP UA 110 33.19 32.31 81.45
C TRP UA 110 32.67 33.39 80.51
N ASN UA 111 33.04 33.32 79.24
CA ASN UA 111 32.63 34.31 78.25
C ASN UA 111 31.69 33.67 77.26
N VAL UA 112 30.59 34.36 76.95
CA VAL UA 112 29.55 33.88 76.04
C VAL UA 112 29.46 34.88 74.90
N SER UA 113 29.49 34.39 73.66
CA SER UA 113 29.88 35.25 72.55
C SER UA 113 28.76 36.14 72.05
N ASN UA 114 27.70 35.56 71.50
CA ASN UA 114 26.63 36.35 70.87
C ASN UA 114 25.30 35.82 71.38
N ALA UA 115 24.72 36.51 72.36
CA ALA UA 115 23.57 36.02 73.09
C ALA UA 115 22.34 36.85 72.77
N PHE UA 116 21.26 36.18 72.39
CA PHE UA 116 19.97 36.83 72.18
C PHE UA 116 18.92 36.08 73.00
N PRO UA 117 17.94 36.79 73.55
CA PRO UA 117 17.02 36.14 74.48
C PRO UA 117 15.85 35.45 73.81
N THR UA 118 15.50 34.30 74.38
CA THR UA 118 14.21 33.65 74.16
C THR UA 118 13.62 33.34 75.53
N SER UA 119 12.28 33.24 75.57
CA SER UA 119 11.54 32.63 76.68
C SER UA 119 11.78 33.34 78.02
N LEU UA 120 11.35 34.59 78.08
CA LEU UA 120 11.27 35.27 79.38
C LEU UA 120 10.04 34.75 80.10
N THR UA 121 10.23 34.24 81.31
CA THR UA 121 9.14 33.67 82.08
C THR UA 121 8.76 34.64 83.19
N SER UA 122 7.54 35.17 83.13
CA SER UA 122 7.01 36.04 84.17
C SER UA 122 6.78 35.23 85.44
N PRO UA 123 6.77 35.87 86.62
CA PRO UA 123 6.71 35.11 87.87
C PRO UA 123 5.38 34.41 88.09
N SER UA 124 5.41 33.43 88.98
CA SER UA 124 4.24 32.63 89.31
C SER UA 124 3.61 33.18 90.58
N PHE UA 125 2.48 33.85 90.44
CA PHE UA 125 1.77 34.45 91.56
C PHE UA 125 0.94 33.38 92.25
N ASP UA 126 1.01 33.34 93.58
CA ASP UA 126 0.09 32.58 94.39
C ASP UA 126 0.06 33.18 95.78
N ALA UA 127 -1.14 33.27 96.36
CA ALA UA 127 -1.29 33.99 97.60
C ALA UA 127 -0.91 33.17 98.82
N THR UA 128 -0.35 31.99 98.66
CA THR UA 128 0.00 31.12 99.77
C THR UA 128 1.51 30.93 99.92
N SER UA 129 2.31 31.67 99.19
CA SER UA 129 3.76 31.47 99.16
C SER UA 129 4.48 32.72 99.61
N ASN UA 130 5.58 32.53 100.33
CA ASN UA 130 6.42 33.62 100.80
C ASN UA 130 7.55 33.96 99.84
N ASP UA 131 7.40 33.68 98.56
CA ASP UA 131 8.52 33.80 97.65
C ASP UA 131 8.73 35.27 97.26
N ILE UA 132 9.86 35.52 96.60
CA ILE UA 132 10.11 36.78 95.92
C ILE UA 132 9.75 36.58 94.45
N ALA UA 133 9.13 37.59 93.84
CA ALA UA 133 8.73 37.52 92.45
C ALA UA 133 9.95 37.43 91.56
N VAL UA 134 10.18 36.24 91.02
CA VAL UA 134 11.42 35.87 90.35
C VAL UA 134 11.10 35.51 88.92
N GLN UA 135 11.82 36.11 87.98
CA GLN UA 135 11.67 35.83 86.56
C GLN UA 135 12.96 35.29 85.99
N GLU UA 136 12.86 34.59 84.87
CA GLU UA 136 14.03 33.97 84.27
C GLU UA 136 14.04 34.24 82.78
N ILE UA 137 15.22 34.14 82.18
CA ILE UA 137 15.42 34.41 80.77
C ILE UA 137 16.33 33.33 80.20
N THR UA 138 15.94 32.77 79.07
CA THR UA 138 16.62 31.59 78.51
C THR UA 138 17.22 31.97 77.16
N LEU UA 139 18.41 32.54 77.19
CA LEU UA 139 19.00 33.12 75.99
C LEU UA 139 19.90 32.11 75.30
N MET UA 140 19.73 31.99 73.99
CA MET UA 140 20.49 31.05 73.16
C MET UA 140 21.70 31.78 72.60
N ALA UA 141 22.84 31.09 72.55
CA ALA UA 141 24.07 31.74 72.12
C ALA UA 141 25.01 30.69 71.56
N ASP UA 142 26.27 31.08 71.40
CA ASP UA 142 27.28 30.18 70.88
C ASP UA 142 28.62 30.53 71.52
N ARG UA 143 29.52 29.56 71.51
CA ARG UA 143 30.92 29.70 71.91
C ARG UA 143 31.05 30.18 73.36
N VAL UA 144 30.69 29.29 74.27
CA VAL UA 144 31.07 29.49 75.67
C VAL UA 144 32.53 29.07 75.83
N ILE UA 145 33.37 30.01 76.27
CA ILE UA 145 34.76 29.71 76.57
C ILE UA 145 34.99 29.98 78.04
N MET UA 146 35.97 29.29 78.62
CA MET UA 146 36.27 29.40 80.03
C MET UA 146 37.68 29.93 80.20
N GLN UA 147 37.80 31.09 80.83
CA GLN UA 147 39.06 31.81 80.92
C GLN UA 147 39.51 31.85 82.37
N ALA UA 148 40.75 31.46 82.62
CA ALA UA 148 41.32 31.57 83.95
C ALA UA 148 41.66 33.02 84.24
N VAL UA 149 41.71 33.35 85.54
CA VAL UA 149 41.92 34.69 86.14
C VAL UA 149 41.27 35.85 85.41
N LEU VA 5 74.77 -0.14 80.67
CA LEU VA 5 73.87 0.80 81.30
C LEU VA 5 74.48 2.20 81.33
N LYS VA 6 74.65 2.73 82.53
CA LYS VA 6 75.35 3.98 82.87
C LYS VA 6 74.68 5.24 82.35
N ALA VA 7 73.55 5.14 81.65
CA ALA VA 7 72.91 6.33 81.11
C ALA VA 7 71.41 6.14 81.18
N PRO VA 8 70.64 7.17 81.50
CA PRO VA 8 69.19 6.99 81.62
C PRO VA 8 68.53 6.79 80.27
N GLY VA 9 67.39 6.12 80.30
CA GLY VA 9 66.62 5.89 79.10
C GLY VA 9 66.26 4.42 78.95
N VAL VA 10 65.60 4.14 77.84
CA VAL VA 10 65.12 2.81 77.54
C VAL VA 10 66.29 1.95 77.06
N TYR VA 11 66.25 0.66 77.36
CA TYR VA 11 67.28 -0.29 76.92
C TYR VA 11 66.57 -1.52 76.39
N ILE VA 12 66.34 -1.55 75.08
CA ILE VA 12 65.72 -2.71 74.46
C ILE VA 12 66.74 -3.85 74.44
N GLU VA 13 66.31 -5.04 74.85
CA GLU VA 13 67.14 -6.23 74.71
C GLU VA 13 66.27 -7.41 74.30
N GLU VA 14 66.83 -8.27 73.45
CA GLU VA 14 66.11 -9.43 72.93
C GLU VA 14 66.48 -10.69 73.69
N ASP VA 15 65.93 -11.81 73.19
CA ASP VA 15 66.05 -13.19 73.68
C ASP VA 15 65.99 -13.28 75.21
N ALA VA 16 64.87 -12.78 75.73
CA ALA VA 16 64.66 -12.69 77.15
C ALA VA 16 64.38 -14.06 77.75
N SER VA 17 64.26 -14.10 79.07
CA SER VA 17 63.96 -15.29 79.83
C SER VA 17 62.46 -15.42 80.02
N LEU VA 18 62.06 -16.45 80.76
CA LEU VA 18 60.65 -16.73 81.03
C LEU VA 18 60.38 -16.41 82.50
N ALA VA 19 59.26 -15.73 82.75
CA ALA VA 19 58.84 -15.38 84.10
C ALA VA 19 57.43 -15.92 84.34
N LEU VA 20 57.12 -16.15 85.61
CA LEU VA 20 55.86 -16.77 86.01
C LEU VA 20 55.16 -15.88 87.02
N SER VA 21 54.08 -16.41 87.62
CA SER VA 21 53.32 -15.71 88.62
C SER VA 21 53.83 -16.05 90.02
N VAL VA 22 53.47 -15.21 90.99
CA VAL VA 22 53.98 -15.37 92.34
C VAL VA 22 53.08 -16.31 93.15
N SER VA 23 51.77 -16.02 93.20
CA SER VA 23 50.71 -16.86 93.76
C SER VA 23 51.00 -17.30 95.20
N ASN VA 24 51.10 -16.32 96.08
CA ASN VA 24 51.47 -16.57 97.46
C ASN VA 24 50.35 -17.26 98.25
N SER VA 25 50.74 -18.21 99.09
CA SER VA 25 49.85 -18.94 99.97
C SER VA 25 50.67 -19.58 101.07
N ALA VA 26 50.35 -19.27 102.32
CA ALA VA 26 51.11 -19.72 103.48
C ALA VA 26 50.50 -20.93 104.17
N THR VA 27 49.68 -21.71 103.47
CA THR VA 27 49.03 -22.86 104.10
C THR VA 27 49.58 -24.19 103.61
N ALA VA 28 49.97 -24.29 102.34
CA ALA VA 28 50.56 -25.50 101.78
C ALA VA 28 51.93 -25.12 101.25
N VAL VA 29 52.93 -25.12 102.12
CA VAL VA 29 54.30 -24.74 101.78
C VAL VA 29 55.10 -26.03 101.58
N PRO VA 30 55.47 -26.37 100.34
CA PRO VA 30 56.23 -27.60 100.12
C PRO VA 30 57.72 -27.37 100.34
N VAL VA 31 58.47 -28.46 100.34
CA VAL VA 31 59.92 -28.43 100.40
C VAL VA 31 60.46 -29.39 99.35
N PHE VA 32 61.42 -28.93 98.56
CA PHE VA 32 61.88 -29.69 97.41
C PHE VA 32 63.28 -30.21 97.71
N ILE VA 33 63.35 -31.50 98.03
CA ILE VA 33 64.63 -32.16 98.32
C ILE VA 33 65.08 -32.83 97.04
N GLY VA 34 66.19 -32.38 96.49
CA GLY VA 34 66.66 -32.96 95.26
C GLY VA 34 68.05 -32.51 94.90
N LYS VA 35 68.42 -32.76 93.64
CA LYS VA 35 69.74 -32.44 93.12
C LYS VA 35 69.72 -31.02 92.57
N PHE VA 36 70.05 -30.05 93.43
CA PHE VA 36 70.22 -28.68 93.02
C PHE VA 36 71.66 -28.25 93.28
N THR VA 37 72.15 -27.30 92.51
CA THR VA 37 73.47 -26.71 92.73
C THR VA 37 73.33 -25.22 92.97
N PRO VA 38 73.75 -24.71 94.13
CA PRO VA 38 73.77 -23.26 94.33
C PRO VA 38 74.92 -22.61 93.55
N THR VA 39 74.69 -21.37 93.11
CA THR VA 39 75.68 -20.64 92.33
C THR VA 39 76.17 -19.36 92.97
N VAL VA 40 75.45 -18.76 93.90
CA VAL VA 40 75.75 -17.41 94.35
C VAL VA 40 76.49 -17.40 95.69
N VAL VA 41 76.22 -18.37 96.56
CA VAL VA 41 76.86 -18.40 97.88
C VAL VA 41 77.67 -19.68 98.09
N ASP VA 42 77.15 -20.83 97.64
CA ASP VA 42 77.81 -22.14 97.59
C ASP VA 42 78.26 -22.72 98.93
N SER VA 43 77.98 -22.05 100.05
CA SER VA 43 78.72 -22.36 101.27
C SER VA 43 77.89 -22.91 102.41
N ILE VA 44 76.94 -22.15 102.94
CA ILE VA 44 76.50 -22.32 104.32
C ILE VA 44 75.00 -22.60 104.43
N GLN VA 45 74.18 -21.92 103.62
CA GLN VA 45 72.73 -22.05 103.75
C GLN VA 45 72.31 -23.43 103.23
N VAL VA 46 71.99 -24.31 104.18
CA VAL VA 46 71.73 -25.72 103.87
C VAL VA 46 70.40 -25.86 103.11
N CYS VA 47 69.44 -24.99 103.39
CA CYS VA 47 68.24 -24.90 102.56
C CYS VA 47 67.78 -23.45 102.51
N THR VA 48 67.32 -23.01 101.34
CA THR VA 48 66.99 -21.62 101.08
C THR VA 48 65.49 -21.45 100.88
N ARG VA 49 64.96 -20.36 101.41
CA ARG VA 49 63.57 -19.98 101.19
C ARG VA 49 63.49 -19.14 99.93
N ILE VA 50 62.82 -19.66 98.91
CA ILE VA 50 62.49 -18.89 97.73
C ILE VA 50 61.02 -18.53 97.80
N SER VA 51 60.63 -17.48 97.09
CA SER VA 51 59.25 -17.01 97.12
C SER VA 51 58.57 -17.05 95.77
N ASN VA 52 59.35 -17.08 94.68
CA ASN VA 52 58.80 -17.14 93.34
C ASN VA 52 59.91 -17.65 92.42
N TRP VA 53 59.71 -17.48 91.11
CA TRP VA 53 60.68 -17.96 90.15
C TRP VA 53 61.93 -17.10 90.12
N LEU VA 54 61.83 -15.84 90.54
CA LEU VA 54 62.96 -14.94 90.40
C LEU VA 54 63.98 -15.13 91.50
N GLU VA 55 63.54 -15.45 92.72
CA GLU VA 55 64.48 -15.76 93.78
C GLU VA 55 65.15 -17.11 93.56
N PHE VA 56 64.55 -17.97 92.74
CA PHE VA 56 65.23 -19.20 92.35
C PHE VA 56 66.35 -18.91 91.35
N THR VA 57 66.09 -18.07 90.36
CA THR VA 57 67.11 -17.75 89.37
C THR VA 57 68.22 -16.90 89.99
N SER VA 58 67.89 -16.09 90.99
CA SER VA 58 68.90 -15.30 91.67
C SER VA 58 69.72 -16.10 92.67
N SER VA 59 69.43 -17.39 92.86
CA SER VA 59 70.15 -18.20 93.83
C SER VA 59 70.58 -19.56 93.28
N PHE VA 60 69.95 -20.05 92.23
CA PHE VA 60 70.23 -21.40 91.77
C PHE VA 60 70.61 -21.38 90.28
N SER VA 61 70.66 -22.57 89.69
CA SER VA 61 71.51 -22.80 88.52
C SER VA 61 70.80 -22.67 87.18
N LEU VA 62 69.53 -23.09 87.09
CA LEU VA 62 68.83 -23.35 85.82
C LEU VA 62 69.60 -24.31 84.94
N ALA VA 63 70.27 -25.29 85.55
CA ALA VA 63 71.13 -26.23 84.83
C ALA VA 63 70.94 -27.63 85.41
N PRO VA 64 70.62 -28.63 84.59
CA PRO VA 64 70.45 -29.98 85.12
C PRO VA 64 71.79 -30.62 85.48
N THR VA 65 71.83 -31.28 86.62
CA THR VA 65 73.09 -31.84 87.13
C THR VA 65 73.36 -33.13 86.38
N VAL VA 66 74.27 -33.05 85.42
CA VAL VA 66 74.58 -34.17 84.54
C VAL VA 66 75.37 -35.21 85.33
N GLU VA 67 75.07 -36.48 85.12
CA GLU VA 67 75.68 -37.56 85.89
C GLU VA 67 75.93 -38.72 84.93
N ILE VA 68 77.21 -39.06 84.73
CA ILE VA 68 77.64 -40.03 83.73
C ILE VA 68 78.21 -41.26 84.41
N VAL VA 69 77.86 -42.44 83.91
CA VAL VA 69 78.44 -43.70 84.33
C VAL VA 69 79.04 -44.40 83.12
N VAL VA 70 80.34 -44.70 83.18
CA VAL VA 70 81.00 -45.42 82.09
C VAL VA 70 80.51 -46.87 82.02
N ILE VA 86 80.69 -47.45 75.82
CA ILE VA 86 79.57 -48.03 76.54
C ILE VA 86 79.31 -47.27 77.83
N GLU VA 87 78.32 -46.37 77.79
CA GLU VA 87 78.02 -45.51 78.92
C GLU VA 87 76.52 -45.26 79.00
N THR VA 88 75.97 -45.33 80.20
CA THR VA 88 74.57 -45.02 80.47
C THR VA 88 74.52 -43.80 81.37
N ILE VA 89 73.77 -42.78 80.95
CA ILE VA 89 73.84 -41.45 81.56
C ILE VA 89 72.51 -41.14 82.24
N ASN VA 90 72.53 -40.08 83.05
CA ASN VA 90 71.37 -39.65 83.83
C ASN VA 90 71.34 -38.13 83.92
N LEU VA 91 70.19 -37.54 83.63
CA LEU VA 91 69.99 -36.09 83.72
C LEU VA 91 68.92 -35.81 84.77
N SER VA 92 69.20 -34.87 85.66
CA SER VA 92 68.31 -34.61 86.79
C SER VA 92 67.29 -33.55 86.42
N PRO VA 93 66.00 -33.85 86.47
CA PRO VA 93 64.96 -32.86 86.15
C PRO VA 93 64.49 -32.00 87.31
N ALA VA 94 65.27 -31.88 88.38
CA ALA VA 94 64.84 -31.12 89.56
C ALA VA 94 64.64 -29.65 89.27
N VAL VA 95 65.40 -29.09 88.33
CA VAL VA 95 65.20 -27.69 87.96
C VAL VA 95 63.95 -27.53 87.09
N GLU VA 96 63.71 -28.48 86.20
CA GLU VA 96 62.51 -28.47 85.38
C GLU VA 96 61.25 -28.82 86.14
N ALA VA 97 61.32 -29.76 87.08
CA ALA VA 97 60.14 -30.14 87.85
C ALA VA 97 59.66 -29.02 88.77
N LEU VA 98 60.55 -28.11 89.14
CA LEU VA 98 60.16 -26.94 89.92
C LEU VA 98 59.60 -25.83 89.06
N ARG VA 99 59.88 -25.83 87.75
CA ARG VA 99 59.21 -24.87 86.88
C ARG VA 99 57.75 -25.22 86.71
N LEU VA 100 57.42 -26.51 86.70
CA LEU VA 100 56.04 -26.94 86.56
C LEU VA 100 55.26 -26.77 87.86
N TYR VA 101 55.94 -26.66 88.99
CA TYR VA 101 55.26 -26.35 90.23
C TYR VA 101 54.77 -24.91 90.22
N PHE VA 102 55.56 -23.99 89.67
CA PHE VA 102 55.15 -22.60 89.59
C PHE VA 102 54.19 -22.35 88.45
N GLN VA 103 54.04 -23.30 87.54
CA GLN VA 103 53.14 -23.12 86.41
C GLN VA 103 51.74 -23.61 86.72
N ASN VA 104 51.61 -24.70 87.47
CA ASN VA 104 50.29 -25.16 87.89
C ASN VA 104 49.75 -24.32 89.03
N GLY VA 105 50.45 -24.33 90.16
CA GLY VA 105 50.10 -23.47 91.27
C GLY VA 105 51.19 -22.48 91.56
N GLY VA 106 51.43 -22.21 92.84
CA GLY VA 106 52.49 -21.31 93.23
C GLY VA 106 52.85 -21.57 94.67
N GLY VA 107 53.58 -20.63 95.25
CA GLY VA 107 53.90 -20.74 96.66
C GLY VA 107 55.33 -20.34 96.89
N ALA VA 108 55.74 -20.43 98.15
CA ALA VA 108 57.08 -20.07 98.57
C ALA VA 108 57.71 -21.31 99.20
N CYS VA 109 58.26 -22.18 98.35
CA CYS VA 109 58.81 -23.44 98.81
C CYS VA 109 60.21 -23.25 99.34
N TYR VA 110 60.55 -23.98 100.40
CA TYR VA 110 61.95 -24.12 100.80
C TYR VA 110 62.59 -25.10 99.83
N ILE VA 111 63.83 -24.85 99.46
CA ILE VA 111 64.55 -25.76 98.57
C ILE VA 111 65.73 -26.32 99.34
N TYR VA 112 65.76 -27.64 99.47
CA TYR VA 112 66.82 -28.34 100.18
C TYR VA 112 67.69 -29.06 99.15
N PRO VA 113 68.81 -28.47 98.72
CA PRO VA 113 69.66 -29.18 97.77
C PRO VA 113 70.41 -30.30 98.46
N LEU VA 114 70.37 -31.46 97.84
CA LEU VA 114 70.99 -32.66 98.41
C LEU VA 114 71.52 -33.47 97.23
N ASN VA 115 72.83 -33.49 97.09
CA ASN VA 115 73.43 -34.15 95.93
C ASN VA 115 73.95 -35.55 96.25
N ASP VA 116 74.28 -35.82 97.51
CA ASP VA 116 74.93 -37.09 97.86
C ASP VA 116 73.94 -38.23 98.02
N ALA VA 117 73.04 -38.11 99.01
CA ALA VA 117 72.08 -39.12 99.46
C ALA VA 117 72.72 -40.43 99.88
N GLU VA 118 73.99 -40.43 100.26
CA GLU VA 118 74.61 -41.58 100.90
C GLU VA 118 75.40 -41.24 102.14
N ASP VA 119 75.64 -39.96 102.42
CA ASP VA 119 76.26 -39.58 103.67
C ASP VA 119 75.25 -39.65 104.80
N GLU VA 120 75.49 -40.55 105.75
CA GLU VA 120 74.56 -40.78 106.85
C GLU VA 120 74.51 -39.60 107.81
N LEU VA 121 75.58 -38.80 107.86
CA LEU VA 121 75.63 -37.67 108.79
C LEU VA 121 74.82 -36.47 108.30
N VAL VA 122 74.59 -36.37 107.00
CA VAL VA 122 73.78 -35.29 106.43
C VAL VA 122 72.33 -35.70 106.26
N LEU VA 123 72.10 -36.93 105.78
CA LEU VA 123 70.75 -37.41 105.49
C LEU VA 123 69.90 -37.57 106.73
N ALA VA 124 70.51 -37.94 107.86
CA ALA VA 124 69.76 -38.11 109.09
C ALA VA 124 69.41 -36.78 109.75
N ALA VA 125 70.02 -35.69 109.31
CA ALA VA 125 69.73 -34.37 109.84
C ALA VA 125 68.74 -33.60 108.99
N ILE VA 126 68.13 -34.25 107.99
CA ILE VA 126 66.99 -33.68 107.27
C ILE VA 126 65.81 -33.39 108.20
N PRO VA 127 65.34 -34.29 109.09
CA PRO VA 127 64.24 -33.89 109.99
C PRO VA 127 64.63 -32.90 111.05
N GLU VA 128 65.92 -32.80 111.39
CA GLU VA 128 66.34 -31.86 112.42
C GLU VA 128 66.37 -30.43 111.92
N VAL VA 129 66.51 -30.22 110.61
CA VAL VA 129 66.50 -28.87 110.08
C VAL VA 129 65.13 -28.50 109.52
N ILE VA 130 64.30 -29.49 109.22
CA ILE VA 130 63.00 -29.20 108.61
C ILE VA 130 61.92 -29.02 109.66
N GLU VA 131 62.18 -29.40 110.91
CA GLU VA 131 61.32 -28.99 112.00
C GLU VA 131 61.75 -27.66 112.59
N GLN VA 132 62.96 -27.21 112.27
CA GLN VA 132 63.45 -25.96 112.83
C GLN VA 132 62.80 -24.75 112.18
N LYS VA 133 62.24 -24.92 110.99
CA LYS VA 133 61.71 -23.77 110.27
C LYS VA 133 60.20 -23.59 110.47
N GLY VA 134 59.48 -24.68 110.73
CA GLY VA 134 58.12 -24.58 111.24
C GLY VA 134 57.08 -24.02 110.30
N ASP VA 135 57.29 -24.15 109.00
CA ASP VA 135 56.36 -23.63 108.01
C ASP VA 135 55.99 -24.66 106.96
N ILE VA 136 56.55 -25.87 107.03
CA ILE VA 136 56.41 -26.85 105.96
C ILE VA 136 55.16 -27.69 106.19
N THR VA 137 54.43 -27.94 105.10
CA THR VA 137 53.31 -28.86 105.16
C THR VA 137 53.47 -30.02 104.19
N LEU VA 138 54.11 -29.79 103.06
CA LEU VA 138 54.28 -30.82 102.04
C LEU VA 138 55.74 -31.20 101.89
N LEU VA 139 55.96 -32.44 101.45
CA LEU VA 139 57.31 -33.02 101.40
C LEU VA 139 57.43 -33.73 100.06
N VAL VA 140 58.18 -33.15 99.13
CA VAL VA 140 58.24 -33.70 97.78
C VAL VA 140 59.67 -34.15 97.47
N CYS VA 141 59.79 -34.95 96.41
CA CYS VA 141 61.08 -35.41 95.89
C CYS VA 141 60.96 -35.50 94.37
N PRO VA 142 61.54 -34.57 93.63
CA PRO VA 142 61.32 -34.54 92.18
C PRO VA 142 62.24 -35.42 91.33
N GLU VA 143 62.82 -36.48 91.86
CA GLU VA 143 63.81 -37.25 91.11
C GLU VA 143 63.27 -38.57 90.57
N LEU VA 144 63.96 -39.09 89.55
CA LEU VA 144 63.57 -40.35 88.92
C LEU VA 144 64.19 -41.57 89.59
N ASP VA 145 65.40 -41.43 90.13
CA ASP VA 145 66.23 -42.56 90.54
C ASP VA 145 65.67 -43.20 91.80
N LEU VA 146 65.46 -44.52 91.75
CA LEU VA 146 64.96 -45.26 92.91
C LEU VA 146 65.97 -45.28 94.04
N ASP VA 147 67.27 -45.43 93.74
CA ASP VA 147 68.25 -45.53 94.81
C ASP VA 147 68.54 -44.16 95.43
N TYR VA 148 68.18 -43.09 94.72
CA TYR VA 148 68.23 -41.76 95.33
C TYR VA 148 66.99 -41.50 96.17
N LYS VA 149 65.81 -41.74 95.58
CA LYS VA 149 64.55 -41.36 96.19
C LYS VA 149 64.19 -42.18 97.40
N THR VA 150 64.38 -43.50 97.36
CA THR VA 150 64.02 -44.35 98.49
C THR VA 150 64.96 -44.21 99.66
N LYS VA 151 66.13 -43.61 99.47
CA LYS VA 151 67.00 -43.29 100.61
C LYS VA 151 66.51 -42.07 101.36
N ILE VA 152 65.74 -41.20 100.72
CA ILE VA 152 65.28 -39.98 101.37
C ILE VA 152 64.02 -40.25 102.18
N TYR VA 153 63.09 -41.03 101.62
CA TYR VA 153 61.82 -41.33 102.25
C TYR VA 153 61.98 -42.04 103.60
N GLY VA 154 63.05 -42.81 103.78
CA GLY VA 154 63.32 -43.40 105.08
C GLY VA 154 63.73 -42.39 106.13
N ALA VA 155 64.47 -41.35 105.74
CA ALA VA 155 64.85 -40.29 106.67
C ALA VA 155 63.70 -39.34 106.96
N VAL VA 156 62.89 -39.04 105.95
CA VAL VA 156 61.74 -38.14 106.08
C VAL VA 156 60.61 -38.78 106.89
N SER VA 157 60.58 -40.12 106.99
CA SER VA 157 59.46 -40.83 107.60
C SER VA 157 59.34 -40.62 109.10
N SER VA 158 60.31 -40.00 109.75
CA SER VA 158 60.16 -39.63 111.15
C SER VA 158 59.17 -38.49 111.35
N LEU VA 159 58.93 -37.69 110.31
CA LEU VA 159 57.95 -36.63 110.39
C LEU VA 159 56.51 -37.14 110.32
N LEU VA 160 56.31 -38.37 109.87
CA LEU VA 160 54.99 -38.96 109.75
C LEU VA 160 54.54 -39.68 111.02
N ASN VA 161 55.23 -39.48 112.14
CA ASN VA 161 54.81 -40.04 113.41
C ASN VA 161 53.68 -39.22 114.00
N ASP VA 162 53.16 -39.66 115.15
CA ASP VA 162 52.11 -38.90 115.80
C ASP VA 162 52.66 -37.79 116.69
N ASN VA 163 53.97 -37.79 116.94
CA ASN VA 163 54.58 -36.75 117.77
C ASN VA 163 54.64 -35.40 117.05
N LYS VA 164 54.59 -35.41 115.73
CA LYS VA 164 54.64 -34.19 114.92
C LYS VA 164 53.31 -33.98 114.20
N VAL VA 165 53.08 -32.76 113.73
CA VAL VA 165 51.81 -32.34 113.13
C VAL VA 165 52.09 -31.80 111.73
N GLY VA 166 51.07 -31.76 110.90
CA GLY VA 166 51.25 -31.39 109.51
C GLY VA 166 51.97 -32.50 108.77
N TYR VA 167 52.87 -32.11 107.86
CA TYR VA 167 53.84 -32.97 107.20
C TYR VA 167 53.18 -34.10 106.41
N PHE VA 168 52.45 -33.70 105.38
CA PHE VA 168 51.85 -34.65 104.45
C PHE VA 168 52.84 -34.96 103.34
N LEU VA 169 53.33 -36.19 103.31
CA LEU VA 169 54.36 -36.61 102.34
C LEU VA 169 53.67 -37.02 101.05
N ILE VA 170 53.72 -36.15 100.06
CA ILE VA 170 53.22 -36.50 98.73
C ILE VA 170 54.35 -37.17 97.94
N ALA VA 171 54.14 -38.44 97.59
CA ALA VA 171 55.19 -39.31 97.10
C ALA VA 171 54.91 -39.73 95.67
N ASP VA 172 55.70 -40.68 95.19
CA ASP VA 172 55.58 -41.22 93.84
C ASP VA 172 55.99 -42.68 93.85
N SER VA 173 55.28 -43.47 93.05
CA SER VA 173 55.65 -44.85 92.74
C SER VA 173 56.03 -44.92 91.27
N ASN VA 174 57.17 -45.56 90.99
CA ASN VA 174 57.65 -45.60 89.60
C ASN VA 174 56.87 -46.61 88.79
N ASP VA 175 56.34 -47.64 89.44
CA ASP VA 175 55.45 -48.60 88.79
C ASP VA 175 54.11 -48.58 89.52
N GLY VA 176 53.22 -49.50 89.14
CA GLY VA 176 51.92 -49.55 89.78
C GLY VA 176 51.93 -50.09 91.20
N GLU VA 177 53.05 -50.66 91.63
CA GLU VA 177 53.14 -51.25 92.96
C GLU VA 177 53.46 -50.17 93.99
N SER VA 178 53.15 -50.50 95.23
CA SER VA 178 53.27 -49.54 96.31
C SER VA 178 54.73 -49.30 96.68
N VAL VA 179 54.97 -48.12 97.27
CA VAL VA 179 56.32 -47.76 97.70
C VAL VA 179 56.76 -48.62 98.87
N SER VA 180 55.80 -49.01 99.73
CA SER VA 180 55.88 -50.13 100.68
C SER VA 180 57.07 -49.97 101.64
N GLY VA 181 56.97 -48.96 102.48
CA GLY VA 181 57.98 -48.72 103.49
C GLY VA 181 57.37 -48.59 104.87
N VAL VA 182 58.14 -47.97 105.76
CA VAL VA 182 57.62 -47.65 107.09
C VAL VA 182 56.84 -46.34 107.04
N TRP VA 183 56.90 -45.65 105.90
CA TRP VA 183 56.08 -44.48 105.61
C TRP VA 183 54.73 -44.86 105.02
N ASN VA 184 54.20 -46.03 105.38
CA ASN VA 184 52.90 -46.50 104.95
C ASN VA 184 51.78 -45.91 105.82
N SER VA 185 52.06 -44.86 106.59
CA SER VA 185 51.09 -44.27 107.49
C SER VA 185 50.08 -43.44 106.68
N ALA VA 186 49.10 -42.89 107.39
CA ALA VA 186 48.01 -42.15 106.79
C ALA VA 186 48.42 -40.81 106.20
N LYS VA 187 49.64 -40.36 106.43
CA LYS VA 187 50.13 -39.06 105.98
C LYS VA 187 50.88 -39.14 104.67
N ALA VA 188 50.51 -40.04 103.77
CA ALA VA 188 51.24 -40.25 102.54
C ALA VA 188 50.28 -40.38 101.36
N ALA VA 189 50.70 -39.91 100.19
CA ALA VA 189 49.93 -40.09 98.98
C ALA VA 189 50.88 -40.31 97.81
N ALA VA 190 50.53 -41.22 96.92
CA ALA VA 190 51.38 -41.60 95.80
C ALA VA 190 50.63 -41.39 94.50
N TYR VA 191 51.34 -40.92 93.47
CA TYR VA 191 50.74 -40.54 92.21
C TYR VA 191 51.49 -41.22 91.07
N TYR VA 192 50.84 -42.15 90.38
CA TYR VA 192 51.56 -43.12 89.56
C TYR VA 192 52.19 -42.61 88.26
N PRO VA 193 51.46 -42.07 87.27
CA PRO VA 193 52.04 -41.94 85.93
C PRO VA 193 53.02 -40.78 85.87
N GLN VA 194 54.22 -41.05 85.39
CA GLN VA 194 55.20 -39.99 85.26
C GLN VA 194 54.84 -39.09 84.07
N LEU VA 195 55.01 -37.80 84.25
CA LEU VA 195 54.62 -36.88 83.19
C LEU VA 195 55.76 -36.75 82.18
N GLU VA 196 55.46 -36.13 81.04
CA GLU VA 196 56.45 -35.89 79.99
C GLU VA 196 56.25 -34.45 79.53
N THR VA 197 56.96 -33.54 80.17
CA THR VA 197 56.78 -32.11 79.92
C THR VA 197 57.33 -31.72 78.55
N ASN VA 198 56.78 -30.64 78.00
CA ASN VA 198 57.16 -30.20 76.67
C ASN VA 198 58.35 -29.25 76.65
N LEU VA 199 58.96 -28.97 77.79
CA LEU VA 199 60.12 -28.08 77.79
C LEU VA 199 61.37 -28.88 77.46
N LYS VA 200 62.47 -28.16 77.23
CA LYS VA 200 63.75 -28.76 76.88
C LYS VA 200 64.84 -28.25 77.81
N PHE VA 201 66.02 -28.82 77.67
CA PHE VA 201 67.16 -28.49 78.51
C PHE VA 201 68.01 -27.39 77.88
N SER VA 202 68.98 -26.92 78.67
CA SER VA 202 70.11 -26.12 78.19
C SER VA 202 71.28 -26.50 79.10
N THR VA 203 72.16 -27.37 78.59
CA THR VA 203 72.97 -28.26 79.42
C THR VA 203 74.06 -27.52 80.17
N LEU VA 204 74.78 -28.27 81.00
CA LEU VA 204 75.79 -27.73 81.91
C LEU VA 204 77.00 -27.20 81.15
N PRO VA 224 81.10 -38.48 85.82
CA PRO VA 224 82.10 -39.37 86.40
C PRO VA 224 83.41 -38.62 86.66
N LYS VA 225 83.54 -38.12 87.89
CA LYS VA 225 84.71 -37.40 88.45
C LYS VA 225 85.28 -36.34 87.49
N ASN VA 226 84.46 -35.30 87.28
CA ASN VA 226 84.90 -34.04 86.70
C ASN VA 226 85.44 -34.17 85.28
N LEU VA 227 84.54 -34.31 84.29
CA LEU VA 227 84.86 -34.50 82.86
C LEU VA 227 85.98 -33.61 82.31
N ASP VA 228 86.18 -32.41 82.87
CA ASP VA 228 87.34 -31.60 82.48
C ASP VA 228 88.66 -32.26 82.83
N GLU VA 229 88.70 -33.14 83.85
CA GLU VA 229 89.89 -33.95 84.07
C GLU VA 229 90.06 -34.97 82.95
N LEU VA 230 88.97 -35.63 82.56
CA LEU VA 230 88.98 -36.61 81.49
C LEU VA 230 89.12 -35.98 80.10
N ARG VA 231 89.02 -34.64 80.01
CA ARG VA 231 89.29 -33.94 78.77
C ARG VA 231 90.77 -34.03 78.39
N THR VA 232 91.63 -34.25 79.39
CA THR VA 232 93.07 -34.37 79.17
C THR VA 232 93.52 -35.81 78.97
N ILE VA 233 92.92 -36.77 79.68
CA ILE VA 233 93.44 -38.13 79.68
C ILE VA 233 92.98 -38.88 78.43
N ASN VA 234 91.68 -39.08 78.28
CA ASN VA 234 91.12 -39.89 77.21
C ASN VA 234 90.52 -38.94 76.17
N GLU VA 235 91.23 -38.77 75.04
CA GLU VA 235 90.71 -37.98 73.95
C GLU VA 235 89.55 -38.65 73.24
N ALA VA 236 89.45 -39.98 73.31
CA ALA VA 236 88.41 -40.68 72.58
C ALA VA 236 87.08 -40.64 73.33
N LEU VA 237 87.11 -40.68 74.67
CA LEU VA 237 85.87 -40.64 75.42
C LEU VA 237 85.29 -39.22 75.46
N ALA VA 238 86.15 -38.20 75.38
CA ALA VA 238 85.70 -36.82 75.47
C ALA VA 238 84.83 -36.42 74.29
N GLN VA 239 85.20 -36.80 73.07
CA GLN VA 239 84.36 -36.58 71.91
C GLN VA 239 83.16 -37.50 71.88
N ASP VA 240 83.18 -38.59 72.63
CA ASP VA 240 82.06 -39.52 72.73
C ASP VA 240 80.98 -39.00 73.67
N ILE VA 241 81.38 -38.39 74.78
CA ILE VA 241 80.41 -37.92 75.76
C ILE VA 241 79.85 -36.56 75.35
N ASP VA 242 80.62 -35.76 74.61
CA ASP VA 242 80.16 -34.46 74.13
C ASP VA 242 79.09 -34.59 73.06
N ALA VA 243 79.07 -35.71 72.34
CA ALA VA 243 78.02 -35.94 71.34
C ALA VA 243 76.72 -36.38 71.99
N ARG VA 244 76.79 -37.10 73.11
CA ARG VA 244 75.57 -37.59 73.74
C ARG VA 244 74.88 -36.50 74.54
N LEU VA 245 75.63 -35.51 75.03
CA LEU VA 245 75.02 -34.37 75.69
C LEU VA 245 74.18 -33.53 74.74
N LEU VA 246 74.63 -33.36 73.51
CA LEU VA 246 73.82 -32.70 72.50
C LEU VA 246 72.65 -33.57 72.05
N GLU VA 247 72.79 -34.90 72.15
CA GLU VA 247 71.71 -35.80 71.81
C GLU VA 247 70.57 -35.74 72.82
N GLU VA 248 70.88 -35.81 74.12
CA GLU VA 248 69.84 -35.74 75.14
C GLU VA 248 69.35 -34.32 75.41
N LYS VA 249 69.94 -33.32 74.75
CA LYS VA 249 69.43 -31.95 74.83
C LYS VA 249 68.15 -31.79 74.03
N GLN VA 250 67.94 -32.61 73.00
CA GLN VA 250 66.81 -32.42 72.11
C GLN VA 250 65.55 -33.12 72.61
N ARG VA 251 65.70 -34.13 73.46
CA ARG VA 251 64.54 -34.90 73.91
C ARG VA 251 63.82 -34.17 75.04
N ALA VA 252 62.49 -34.20 75.00
CA ALA VA 252 61.66 -33.66 76.07
C ALA VA 252 61.88 -34.46 77.34
N VAL VA 253 62.01 -33.76 78.46
CA VAL VA 253 62.35 -34.41 79.72
C VAL VA 253 61.09 -34.97 80.37
N ILE VA 254 61.24 -36.15 80.97
CA ILE VA 254 60.17 -36.73 81.79
C ILE VA 254 60.48 -36.40 83.24
N ILE VA 255 59.43 -36.10 83.98
CA ILE VA 255 59.55 -35.74 85.40
C ILE VA 255 58.61 -36.66 86.18
N PRO VA 256 58.78 -36.74 87.49
CA PRO VA 256 57.75 -37.37 88.31
C PRO VA 256 56.62 -36.40 88.59
N PRO VA 257 55.41 -36.90 88.89
CA PRO VA 257 54.34 -35.99 89.27
C PRO VA 257 54.35 -35.60 90.74
N SER VA 258 55.39 -35.96 91.50
CA SER VA 258 55.49 -35.50 92.88
C SER VA 258 55.79 -34.01 92.99
N ALA VA 259 56.13 -33.36 91.90
CA ALA VA 259 56.33 -31.91 91.89
C ALA VA 259 55.15 -31.15 91.30
N ALA VA 260 54.49 -31.70 90.29
CA ALA VA 260 53.38 -30.98 89.67
C ALA VA 260 52.15 -30.95 90.56
N ILE VA 261 51.87 -32.03 91.28
CA ILE VA 261 50.72 -32.05 92.20
C ILE VA 261 50.98 -31.21 93.44
N ALA VA 262 52.24 -30.86 93.72
CA ALA VA 262 52.52 -29.92 94.79
C ALA VA 262 52.00 -28.53 94.49
N GLY VA 263 51.83 -28.19 93.20
CA GLY VA 263 51.13 -26.96 92.86
C GLY VA 263 49.63 -27.15 92.79
N ILE VA 264 49.18 -28.37 92.48
CA ILE VA 264 47.75 -28.67 92.49
C ILE VA 264 47.21 -28.63 93.91
N TYR VA 265 48.02 -29.06 94.88
CA TYR VA 265 47.63 -28.97 96.29
C TYR VA 265 47.51 -27.53 96.76
N CYS VA 266 48.21 -26.60 96.12
CA CYS VA 266 48.10 -25.19 96.45
C CYS VA 266 47.01 -24.49 95.66
N GLN VA 267 46.77 -24.91 94.42
CA GLN VA 267 45.79 -24.22 93.58
C GLN VA 267 44.37 -24.44 94.08
N THR VA 268 44.03 -25.67 94.47
CA THR VA 268 42.73 -25.90 95.07
C THR VA 268 42.67 -25.50 96.53
N ASP VA 269 43.73 -24.90 97.08
CA ASP VA 269 43.62 -24.35 98.42
C ASP VA 269 43.28 -22.87 98.42
N ASN VA 270 43.59 -22.15 97.34
CA ASN VA 270 43.13 -20.78 97.21
C ASN VA 270 41.70 -20.72 96.71
N ARG VA 271 41.31 -21.67 95.87
CA ARG VA 271 39.98 -21.65 95.26
C ARG VA 271 38.94 -22.19 96.22
N ARG VA 272 39.15 -23.38 96.77
CA ARG VA 272 38.14 -24.06 97.57
C ARG VA 272 38.63 -24.47 98.96
N GLY VA 273 39.81 -24.06 99.37
CA GLY VA 273 40.27 -24.38 100.71
C GLY VA 273 40.81 -25.79 100.81
N VAL VA 274 41.19 -26.14 102.05
CA VAL VA 274 41.81 -27.44 102.30
C VAL VA 274 40.80 -28.56 102.16
N TRP VA 275 39.56 -28.34 102.62
CA TRP VA 275 38.55 -29.36 102.77
C TRP VA 275 38.02 -29.92 101.45
N LYS VA 276 38.41 -29.38 100.31
CA LYS VA 276 38.08 -29.96 99.02
C LYS VA 276 39.19 -30.89 98.57
N ALA VA 277 38.83 -31.90 97.79
CA ALA VA 277 39.80 -32.90 97.36
C ALA VA 277 40.66 -32.37 96.23
N PRO VA 278 41.99 -32.47 96.32
CA PRO VA 278 42.85 -32.05 95.22
C PRO VA 278 42.81 -33.00 94.02
N ALA VA 279 41.63 -33.13 93.40
CA ALA VA 279 41.44 -34.00 92.26
C ALA VA 279 40.36 -33.39 91.38
N ASN VA 280 40.11 -34.03 90.24
CA ASN VA 280 39.23 -33.53 89.17
C ASN VA 280 39.64 -32.14 88.71
N VAL VA 281 40.94 -31.90 88.59
CA VAL VA 281 41.47 -30.62 88.15
C VAL VA 281 42.62 -30.88 87.18
N ALA VA 282 42.61 -30.14 86.08
CA ALA VA 282 43.54 -30.38 84.98
C ALA VA 282 44.95 -29.90 85.32
N LEU VA 283 45.94 -30.72 84.99
CA LEU VA 283 47.31 -30.27 84.99
C LEU VA 283 47.59 -29.42 83.77
N THR VA 284 48.46 -28.42 83.93
CA THR VA 284 48.79 -27.50 82.86
C THR VA 284 50.26 -27.65 82.48
N GLY VA 285 50.56 -27.44 81.21
CA GLY VA 285 51.92 -27.34 80.77
C GLY VA 285 52.62 -28.65 80.49
N ILE VA 286 51.96 -29.79 80.68
CA ILE VA 286 52.58 -31.06 80.41
C ILE VA 286 52.21 -31.50 79.00
N GLY VA 287 53.04 -32.38 78.44
CA GLY VA 287 52.73 -32.98 77.15
C GLY VA 287 51.90 -34.22 77.35
N SER VA 288 52.30 -35.33 76.73
CA SER VA 288 51.60 -36.59 76.96
C SER VA 288 52.01 -37.18 78.31
N LEU VA 289 51.32 -38.24 78.69
CA LEU VA 289 51.76 -39.03 79.83
C LEU VA 289 52.77 -40.07 79.38
N LEU VA 290 53.41 -40.71 80.35
CA LEU VA 290 54.29 -41.84 80.06
C LEU VA 290 53.54 -43.16 80.04
N ASP VA 291 52.52 -43.30 80.88
CA ASP VA 291 51.68 -44.49 80.89
C ASP VA 291 50.25 -44.08 80.59
N LYS VA 292 49.47 -45.05 80.11
CA LYS VA 292 48.11 -44.80 79.65
C LYS VA 292 47.15 -45.74 80.37
N VAL VA 293 47.22 -45.74 81.70
CA VAL VA 293 46.49 -46.70 82.52
C VAL VA 293 44.98 -46.48 82.40
N ASP VA 294 44.27 -47.59 82.24
CA ASP VA 294 42.85 -47.68 82.01
C ASP VA 294 42.08 -47.79 83.32
N ASP VA 295 40.82 -48.23 83.25
CA ASP VA 295 39.97 -48.36 84.42
C ASP VA 295 40.20 -49.66 85.18
N GLU VA 296 40.52 -50.76 84.50
CA GLU VA 296 40.56 -52.04 85.20
C GLU VA 296 41.89 -52.23 85.93
N ARG VA 297 42.94 -51.53 85.51
CA ARG VA 297 44.20 -51.56 86.24
C ARG VA 297 44.17 -50.63 87.43
N GLN VA 298 43.37 -49.55 87.32
CA GLN VA 298 43.27 -48.54 88.36
C GLN VA 298 42.54 -49.07 89.60
N GLY VA 299 41.69 -50.08 89.43
CA GLY VA 299 40.91 -50.61 90.53
C GLY VA 299 41.71 -51.28 91.62
N GLU VA 300 42.95 -51.68 91.33
CA GLU VA 300 43.82 -52.20 92.37
C GLU VA 300 44.73 -51.11 92.94
N MET VA 301 45.19 -50.19 92.10
CA MET VA 301 46.10 -49.14 92.54
C MET VA 301 45.41 -48.16 93.49
N ASN VA 302 44.14 -47.85 93.23
CA ASN VA 302 43.45 -46.88 94.07
C ASN VA 302 43.10 -47.48 95.42
N ASP VA 303 42.68 -48.74 95.45
CA ASP VA 303 42.48 -49.44 96.71
C ASP VA 303 43.79 -49.66 97.44
N LYS VA 304 44.90 -49.78 96.70
CA LYS VA 304 46.21 -49.83 97.32
C LYS VA 304 46.57 -48.50 97.98
N GLY VA 305 46.12 -47.39 97.38
CA GLY VA 305 46.40 -46.09 97.93
C GLY VA 305 47.25 -45.24 97.00
N ILE VA 306 47.32 -45.63 95.73
CA ILE VA 306 48.10 -44.91 94.73
C ILE VA 306 47.13 -44.18 93.82
N ASN VA 307 47.17 -42.85 93.85
CA ASN VA 307 46.35 -42.07 92.96
C ASN VA 307 46.96 -42.02 91.58
N VAL VA 308 46.21 -41.48 90.63
CA VAL VA 308 46.58 -41.61 89.23
C VAL VA 308 46.15 -40.37 88.46
N ILE VA 309 47.07 -39.84 87.65
CA ILE VA 309 46.74 -38.79 86.69
C ILE VA 309 46.23 -39.49 85.43
N ARG VA 310 44.97 -39.26 85.09
CA ARG VA 310 44.31 -39.97 84.02
C ARG VA 310 43.91 -38.99 82.93
N SER VA 311 44.13 -39.38 81.68
CA SER VA 311 44.00 -38.47 80.54
C SER VA 311 42.65 -38.65 79.87
N PHE VA 312 41.82 -37.63 79.94
CA PHE VA 312 40.61 -37.52 79.14
C PHE VA 312 40.85 -36.47 78.07
N THR VA 313 40.39 -36.73 76.85
CA THR VA 313 40.73 -35.87 75.72
C THR VA 313 39.98 -34.55 75.79
N ASP VA 314 38.69 -34.60 76.09
CA ASP VA 314 37.86 -33.40 76.05
C ASP VA 314 38.10 -32.49 77.24
N ARG VA 315 38.81 -32.94 78.27
CA ARG VA 315 39.07 -32.11 79.45
C ARG VA 315 40.54 -31.91 79.74
N GLY VA 316 41.40 -32.86 79.43
CA GLY VA 316 42.82 -32.73 79.68
C GLY VA 316 43.33 -33.76 80.66
N PHE VA 317 44.49 -33.46 81.25
CA PHE VA 317 45.16 -34.37 82.16
C PHE VA 317 44.70 -34.07 83.57
N MET VA 318 43.63 -34.72 84.00
CA MET VA 318 43.01 -34.46 85.29
C MET VA 318 43.59 -35.38 86.35
N VAL VA 319 43.83 -34.83 87.54
CA VAL VA 319 44.21 -35.65 88.68
C VAL VA 319 42.98 -36.44 89.12
N TRP VA 320 43.12 -37.77 89.21
CA TRP VA 320 41.99 -38.66 89.38
C TRP VA 320 42.24 -39.54 90.60
N GLY VA 321 41.74 -39.13 91.75
CA GLY VA 321 41.99 -39.92 92.93
C GLY VA 321 42.36 -39.03 94.10
N ALA VA 322 41.74 -39.28 95.24
CA ALA VA 322 41.96 -38.47 96.44
C ALA VA 322 42.12 -39.34 97.68
N ARG VA 323 42.56 -40.58 97.50
CA ARG VA 323 42.86 -41.45 98.61
C ARG VA 323 44.29 -41.26 99.07
N THR VA 324 44.63 -41.91 100.17
CA THR VA 324 45.95 -41.83 100.77
C THR VA 324 46.53 -43.23 100.91
N CYS VA 325 47.84 -43.31 101.10
CA CYS VA 325 48.50 -44.60 101.29
C CYS VA 325 48.26 -45.11 102.70
N VAL VA 326 47.06 -45.65 102.95
CA VAL VA 326 46.66 -46.13 104.26
C VAL VA 326 46.16 -47.55 104.10
N ASP VA 327 46.05 -48.27 105.21
CA ASP VA 327 45.38 -49.57 105.20
C ASP VA 327 43.91 -49.37 104.88
N ALA VA 328 43.38 -50.20 103.97
CA ALA VA 328 42.04 -50.00 103.44
C ALA VA 328 40.94 -50.27 104.45
N ALA VA 329 41.25 -50.90 105.58
CA ALA VA 329 40.26 -51.08 106.64
C ALA VA 329 39.99 -49.79 107.40
N ASN VA 330 40.99 -48.92 107.52
CA ASN VA 330 40.83 -47.65 108.24
C ASN VA 330 40.07 -46.69 107.35
N ILE VA 331 38.74 -46.65 107.51
CA ILE VA 331 37.90 -45.80 106.67
C ILE VA 331 37.80 -44.38 107.19
N SER VA 332 38.41 -44.07 108.34
CA SER VA 332 38.35 -42.72 108.87
C SER VA 332 39.26 -41.78 108.10
N TRP VA 333 40.55 -42.09 108.02
CA TRP VA 333 41.51 -41.27 107.30
C TRP VA 333 41.68 -41.70 105.85
N ARG VA 334 40.64 -42.28 105.26
CA ARG VA 334 40.77 -42.93 103.95
C ARG VA 334 40.85 -41.95 102.80
N TYR VA 335 40.81 -40.65 103.05
CA TYR VA 335 40.89 -39.65 102.00
C TYR VA 335 42.01 -38.66 102.27
N ILE VA 336 42.42 -37.96 101.22
CA ILE VA 336 43.37 -36.86 101.37
C ILE VA 336 42.84 -35.71 102.25
N PRO VA 337 41.67 -35.11 101.95
CA PRO VA 337 41.32 -33.90 102.73
C PRO VA 337 40.93 -34.19 104.16
N VAL VA 338 40.39 -35.39 104.44
CA VAL VA 338 40.10 -35.77 105.81
C VAL VA 338 41.40 -35.91 106.60
N ARG VA 339 42.50 -36.26 105.94
CA ARG VA 339 43.79 -36.25 106.61
C ARG VA 339 44.40 -34.86 106.59
N ARG VA 340 44.20 -34.12 105.51
CA ARG VA 340 44.89 -32.86 105.32
C ARG VA 340 44.20 -31.69 106.03
N LEU VA 341 42.88 -31.76 106.23
CA LEU VA 341 42.22 -30.74 107.04
C LEU VA 341 42.62 -30.88 108.51
N PHE VA 342 42.63 -32.11 109.03
CA PHE VA 342 43.05 -32.34 110.40
C PHE VA 342 44.51 -32.00 110.64
N ASN VA 343 45.34 -32.05 109.60
CA ASN VA 343 46.67 -31.47 109.69
C ASN VA 343 46.59 -29.96 109.84
N SER VA 344 45.74 -29.33 109.02
CA SER VA 344 45.70 -27.87 108.96
C SER VA 344 44.96 -27.23 110.12
N VAL VA 345 44.03 -27.96 110.75
CA VAL VA 345 43.33 -27.42 111.91
C VAL VA 345 44.26 -27.37 113.11
N GLU VA 346 44.96 -28.47 113.40
CA GLU VA 346 45.83 -28.47 114.56
C GLU VA 346 47.10 -27.65 114.34
N ARG VA 347 47.45 -27.37 113.10
CA ARG VA 347 48.56 -26.47 112.82
C ARG VA 347 48.21 -25.03 113.10
N ASP VA 348 46.94 -24.66 112.97
CA ASP VA 348 46.50 -23.32 113.28
C ASP VA 348 45.90 -23.20 114.67
N ILE VA 349 45.61 -24.32 115.33
CA ILE VA 349 45.24 -24.28 116.74
C ILE VA 349 46.46 -24.07 117.62
N ARG VA 350 47.59 -24.71 117.29
CA ARG VA 350 48.84 -24.42 117.99
C ARG VA 350 49.27 -22.97 117.83
N GLN VA 351 49.01 -22.39 116.65
CA GLN VA 351 49.29 -20.97 116.46
C GLN VA 351 48.36 -20.11 117.32
N ALA VA 352 47.11 -20.54 117.46
CA ALA VA 352 46.15 -19.78 118.26
C ALA VA 352 46.28 -20.02 119.76
N LEU VA 353 46.80 -21.17 120.19
CA LEU VA 353 46.95 -21.45 121.60
C LEU VA 353 48.24 -20.91 122.21
N ARG VA 354 49.10 -20.25 121.43
CA ARG VA 354 50.37 -19.83 121.98
C ARG VA 354 50.24 -18.62 122.92
N ALA VA 355 49.10 -17.94 122.93
CA ALA VA 355 48.84 -16.87 123.87
C ALA VA 355 48.29 -17.37 125.21
N VAL VA 356 48.45 -18.67 125.49
CA VAL VA 356 47.86 -19.28 126.67
C VAL VA 356 48.94 -19.86 127.59
N LEU VA 357 50.11 -20.24 127.05
CA LEU VA 357 51.02 -21.23 127.64
C LEU VA 357 51.52 -20.82 129.02
N PHE VA 358 52.25 -19.71 129.10
CA PHE VA 358 52.89 -19.34 130.35
C PHE VA 358 52.05 -18.39 131.18
N GLU VA 359 50.74 -18.36 130.94
CA GLU VA 359 49.82 -17.78 131.90
C GLU VA 359 49.58 -18.77 133.04
N THR VA 360 48.96 -18.29 134.10
CA THR VA 360 48.76 -19.13 135.28
C THR VA 360 47.72 -20.21 135.01
N ASN VA 361 47.79 -21.28 135.80
CA ASN VA 361 46.97 -22.46 135.56
C ASN VA 361 45.83 -22.46 136.57
N SER VA 362 44.66 -22.03 136.10
CA SER VA 362 43.45 -21.95 136.91
C SER VA 362 42.26 -21.90 135.96
N GLN VA 363 41.09 -21.62 136.51
CA GLN VA 363 39.83 -21.62 135.76
C GLN VA 363 39.69 -20.51 134.71
N PRO VA 364 40.08 -19.25 134.93
CA PRO VA 364 39.97 -18.27 133.83
C PRO VA 364 40.96 -18.46 132.69
N THR VA 365 41.97 -19.32 132.84
CA THR VA 365 42.84 -19.58 131.71
C THR VA 365 42.20 -20.56 130.73
N TRP VA 366 41.40 -21.49 131.24
CA TRP VA 366 40.77 -22.47 130.37
C TRP VA 366 39.63 -21.86 129.57
N VAL VA 367 38.87 -20.94 130.20
CA VAL VA 367 37.74 -20.32 129.51
C VAL VA 367 38.18 -19.33 128.44
N ARG VA 368 39.45 -18.92 128.42
CA ARG VA 368 39.98 -18.18 127.29
C ARG VA 368 40.52 -19.12 126.23
N ALA VA 369 41.08 -20.25 126.63
CA ALA VA 369 41.58 -21.22 125.66
C ALA VA 369 40.44 -21.98 125.00
N LYS VA 370 39.35 -22.19 125.72
CA LYS VA 370 38.18 -22.84 125.13
C LYS VA 370 37.51 -21.93 124.11
N ALA VA 371 37.47 -20.63 124.40
CA ALA VA 371 36.88 -19.67 123.48
C ALA VA 371 37.72 -19.46 122.23
N ALA VA 372 39.04 -19.66 122.32
CA ALA VA 372 39.90 -19.44 121.15
C ALA VA 372 39.71 -20.51 120.10
N VAL VA 373 39.57 -21.77 120.49
CA VAL VA 373 39.26 -22.83 119.53
C VAL VA 373 37.80 -22.84 119.13
N ASP VA 374 36.91 -22.33 119.99
CA ASP VA 374 35.51 -22.22 119.60
C ASP VA 374 35.32 -21.13 118.56
N GLN VA 375 36.05 -20.02 118.69
CA GLN VA 375 35.96 -18.95 117.70
C GLN VA 375 36.72 -19.30 116.43
N TYR VA 376 37.63 -20.28 116.49
CA TYR VA 376 38.29 -20.73 115.27
C TYR VA 376 37.43 -21.73 114.52
N LEU VA 377 36.87 -22.70 115.22
CA LEU VA 377 36.07 -23.74 114.58
C LEU VA 377 34.75 -23.21 114.06
N TYR VA 378 34.26 -22.10 114.60
CA TYR VA 378 33.03 -21.52 114.08
C TYR VA 378 33.22 -20.95 112.68
N THR VA 379 34.41 -20.44 112.38
CA THR VA 379 34.68 -19.95 111.03
C THR VA 379 34.81 -21.10 110.04
N LEU VA 380 35.31 -22.26 110.49
CA LEU VA 380 35.34 -23.43 109.62
C LEU VA 380 33.96 -23.98 109.39
N TRP VA 381 33.07 -23.87 110.38
CA TRP VA 381 31.68 -24.22 110.16
C TRP VA 381 30.99 -23.25 109.21
N GLN VA 382 31.44 -21.99 109.20
CA GLN VA 382 30.88 -20.99 108.29
C GLN VA 382 31.18 -21.33 106.84
N LYS VA 383 32.42 -21.71 106.54
CA LYS VA 383 32.86 -21.92 105.17
C LYS VA 383 32.59 -23.33 104.67
N ASN VA 384 31.68 -24.07 105.33
CA ASN VA 384 31.24 -25.39 104.93
C ASN VA 384 32.38 -26.41 104.90
N ALA VA 385 33.29 -26.30 105.87
CA ALA VA 385 34.35 -27.29 106.00
C ALA VA 385 33.92 -28.50 106.79
N LEU VA 386 32.88 -28.35 107.62
CA LEU VA 386 32.40 -29.42 108.49
C LEU VA 386 30.93 -29.64 108.19
N MET VA 387 30.54 -30.90 108.01
CA MET VA 387 29.19 -31.22 107.63
C MET VA 387 28.29 -31.20 108.87
N GLY VA 388 27.04 -30.80 108.68
CA GLY VA 388 26.16 -30.57 109.79
C GLY VA 388 25.21 -29.45 109.45
N ALA VA 389 24.26 -29.24 110.35
CA ALA VA 389 23.21 -28.24 110.17
C ALA VA 389 23.24 -27.17 111.23
N ARG VA 390 23.66 -27.50 112.44
CA ARG VA 390 23.73 -26.57 113.54
C ARG VA 390 25.05 -26.77 114.28
N PRO VA 391 25.76 -25.70 114.64
CA PRO VA 391 27.18 -25.85 114.98
C PRO VA 391 27.52 -26.44 116.34
N GLU VA 392 26.60 -27.07 117.04
CA GLU VA 392 27.03 -27.92 118.14
C GLU VA 392 27.30 -29.34 117.69
N GLU VA 393 26.89 -29.69 116.47
CA GLU VA 393 27.16 -30.99 115.89
C GLU VA 393 28.51 -31.05 115.21
N ALA VA 394 28.94 -29.95 114.60
CA ALA VA 394 30.15 -29.97 113.78
C ALA VA 394 31.42 -29.97 114.61
N TYR VA 395 31.34 -29.54 115.86
CA TYR VA 395 32.50 -29.53 116.74
C TYR VA 395 32.07 -29.60 118.20
N PHE VA 396 33.03 -29.92 119.06
CA PHE VA 396 32.84 -29.84 120.50
C PHE VA 396 34.20 -29.74 121.18
N VAL VA 397 34.31 -28.86 122.17
CA VAL VA 397 35.50 -28.68 122.98
C VAL VA 397 35.12 -28.87 124.43
N GLN VA 398 35.81 -29.76 125.13
CA GLN VA 398 35.50 -30.07 126.52
C GLN VA 398 36.77 -29.91 127.34
N ILE VA 399 36.76 -28.96 128.26
CA ILE VA 399 37.92 -28.70 129.10
C ILE VA 399 37.41 -28.29 130.48
N GLY VA 400 38.10 -28.73 131.54
CA GLY VA 400 37.65 -28.38 132.87
C GLY VA 400 38.50 -29.04 133.94
N GLN VA 401 38.07 -28.82 135.19
CA GLN VA 401 38.79 -29.34 136.34
C GLN VA 401 38.64 -30.85 136.45
N ASP VA 402 37.40 -31.34 136.44
CA ASP VA 402 37.14 -32.76 136.50
C ASP VA 402 36.58 -33.34 135.22
N ILE VA 403 36.38 -32.52 134.19
CA ILE VA 403 35.88 -33.04 132.92
C ILE VA 403 36.98 -33.78 132.18
N THR VA 404 38.20 -33.23 132.19
CA THR VA 404 39.32 -33.81 131.47
C THR VA 404 40.60 -33.96 132.30
N MET VA 405 40.70 -33.29 133.45
CA MET VA 405 41.95 -33.28 134.19
C MET VA 405 41.76 -33.84 135.59
N SER VA 406 42.87 -33.88 136.32
CA SER VA 406 42.91 -34.22 137.73
C SER VA 406 43.63 -33.13 138.49
N GLU VA 407 43.64 -33.28 139.81
CA GLU VA 407 44.42 -32.39 140.65
C GLU VA 407 45.92 -32.62 140.47
N ALA VA 408 46.34 -33.87 140.34
CA ALA VA 408 47.75 -34.13 140.05
C ALA VA 408 48.11 -33.80 138.61
N ASP VA 409 47.11 -33.67 137.74
CA ASP VA 409 47.37 -33.22 136.37
C ASP VA 409 47.68 -31.73 136.31
N ILE VA 410 46.88 -30.89 136.95
CA ILE VA 410 47.12 -29.45 136.98
C ILE VA 410 48.33 -29.07 137.84
N LYS VA 411 48.59 -29.82 138.92
CA LYS VA 411 49.74 -29.53 139.77
C LYS VA 411 51.06 -29.78 139.05
N GLN VA 412 51.08 -30.70 138.08
CA GLN VA 412 52.24 -30.83 137.22
C GLN VA 412 52.38 -29.63 136.29
N GLY VA 413 51.26 -29.01 135.91
CA GLY VA 413 51.30 -27.82 135.11
C GLY VA 413 50.90 -27.97 133.66
N LYS VA 414 50.12 -28.99 133.31
CA LYS VA 414 49.69 -29.19 131.94
C LYS VA 414 48.17 -29.16 131.86
N MET VA 415 47.67 -28.82 130.66
CA MET VA 415 46.25 -28.61 130.41
C MET VA 415 45.84 -29.44 129.21
N ILE VA 416 44.80 -30.25 129.39
CA ILE VA 416 44.32 -31.16 128.35
C ILE VA 416 42.87 -30.81 128.02
N MET VA 417 42.60 -30.60 126.74
CA MET VA 417 41.26 -30.41 126.21
C MET VA 417 41.05 -31.40 125.08
N THR VA 418 39.78 -31.67 124.78
CA THR VA 418 39.42 -32.67 123.76
C THR VA 418 38.66 -31.97 122.64
N VAL VA 419 39.34 -31.71 121.54
CA VAL VA 419 38.71 -31.18 120.35
C VAL VA 419 38.27 -32.37 119.51
N GLY VA 420 37.14 -32.22 118.83
CA GLY VA 420 36.63 -33.24 117.93
C GLY VA 420 35.71 -32.62 116.90
N LEU VA 421 35.90 -32.97 115.62
CA LEU VA 421 35.21 -32.28 114.55
C LEU VA 421 34.92 -33.24 113.41
N ALA VA 422 33.77 -33.06 112.76
CA ALA VA 422 33.29 -33.98 111.74
C ALA VA 422 33.49 -33.35 110.36
N ALA VA 423 34.30 -33.99 109.54
CA ALA VA 423 34.63 -33.48 108.22
C ALA VA 423 33.68 -34.02 107.16
N VAL VA 424 33.79 -33.47 105.97
CA VAL VA 424 32.94 -33.85 104.84
C VAL VA 424 33.70 -34.83 103.97
N ARG VA 425 33.05 -35.93 103.60
CA ARG VA 425 33.70 -36.97 102.82
C ARG VA 425 33.28 -36.83 101.37
N PRO VA 426 34.21 -36.78 100.42
CA PRO VA 426 33.84 -36.57 99.02
C PRO VA 426 33.27 -37.84 98.39
N ALA VA 427 32.75 -37.66 97.19
CA ALA VA 427 32.08 -38.73 96.45
C ALA VA 427 33.02 -39.24 95.36
N GLU VA 428 33.60 -40.42 95.59
CA GLU VA 428 34.47 -40.99 94.57
C GLU VA 428 33.66 -41.61 93.44
N PHE VA 429 32.86 -42.62 93.75
CA PHE VA 429 32.16 -43.38 92.73
C PHE VA 429 30.78 -42.76 92.53
N ILE VA 430 30.31 -42.76 91.29
CA ILE VA 430 28.91 -42.50 90.98
C ILE VA 430 28.41 -43.63 90.12
N ILE VA 431 27.11 -43.89 90.18
CA ILE VA 431 26.50 -44.96 89.42
C ILE VA 431 25.29 -44.39 88.69
N LEU VA 432 25.31 -44.50 87.38
CA LEU VA 432 24.20 -44.05 86.56
C LEU VA 432 23.43 -45.27 86.10
N GLN VA 433 22.14 -45.28 86.38
CA GLN VA 433 21.32 -46.47 86.19
C GLN VA 433 20.31 -46.16 85.09
N PHE VA 434 20.68 -46.49 83.85
CA PHE VA 434 19.87 -46.12 82.70
C PHE VA 434 18.78 -47.15 82.48
N THR VA 435 17.57 -46.84 82.91
CA THR VA 435 16.43 -47.66 82.59
C THR VA 435 15.79 -47.16 81.31
N GLN VA 436 14.72 -47.84 80.91
CA GLN VA 436 14.09 -47.61 79.63
C GLN VA 436 12.59 -47.48 79.72
N ASP VA 437 11.97 -48.01 80.77
CA ASP VA 437 10.52 -47.92 80.96
C ASP VA 437 10.26 -46.66 81.76
N VAL VA 438 9.88 -45.60 81.05
CA VAL VA 438 9.68 -44.29 81.69
C VAL VA 438 8.41 -44.28 82.51
N VAL VA 439 7.30 -44.66 81.90
CA VAL VA 439 6.00 -44.63 82.58
C VAL VA 439 5.89 -45.78 83.57
N LEU WA 5 33.41 -52.13 90.89
CA LEU WA 5 33.74 -50.79 91.35
C LEU WA 5 35.24 -50.58 91.43
N LYS WA 6 35.73 -50.30 92.64
CA LYS WA 6 37.13 -50.21 93.04
C LYS WA 6 37.91 -49.07 92.39
N ALA WA 7 37.30 -48.26 91.52
CA ALA WA 7 38.02 -47.20 90.87
C ALA WA 7 37.09 -46.01 90.72
N PRO WA 8 37.58 -44.79 90.89
CA PRO WA 8 36.69 -43.63 90.80
C PRO WA 8 36.25 -43.37 89.37
N GLY WA 9 35.10 -42.73 89.24
CA GLY WA 9 34.57 -42.36 87.96
C GLY WA 9 33.13 -42.81 87.79
N VAL WA 10 32.62 -42.56 86.60
CA VAL WA 10 31.24 -42.87 86.27
C VAL WA 10 31.12 -44.37 85.99
N TYR WA 11 29.97 -44.94 86.31
CA TYR WA 11 29.70 -46.36 86.07
C TYR WA 11 28.31 -46.47 85.47
N ILE WA 12 28.23 -46.47 84.15
CA ILE WA 12 26.95 -46.64 83.46
C ILE WA 12 26.49 -48.07 83.63
N GLU WA 13 25.23 -48.26 84.01
CA GLU WA 13 24.62 -49.58 84.02
C GLU WA 13 23.19 -49.50 83.52
N GLU WA 14 22.77 -50.53 82.80
CA GLU WA 14 21.45 -50.58 82.21
C GLU WA 14 20.50 -51.43 83.04
N ASP WA 15 19.29 -51.60 82.49
CA ASP WA 15 18.13 -52.33 83.04
C ASP WA 15 17.94 -52.10 84.55
N ALA WA 16 17.80 -50.83 84.87
CA ALA WA 16 17.68 -50.40 86.24
C ALA WA 16 16.32 -50.77 86.84
N SER WA 17 16.17 -50.50 88.12
CA SER WA 17 14.94 -50.74 88.86
C SER WA 17 14.06 -49.50 88.82
N LEU WA 18 12.93 -49.58 89.52
CA LEU WA 18 11.98 -48.48 89.60
C LEU WA 18 12.03 -47.88 90.99
N ALA WA 19 12.04 -46.55 91.05
CA ALA WA 19 12.05 -45.81 92.31
C ALA WA 19 10.87 -44.86 92.35
N LEU WA 20 10.45 -44.52 93.56
CA LEU WA 20 9.26 -43.71 93.79
C LEU WA 20 9.61 -42.51 94.66
N SER WA 21 8.58 -41.80 95.10
CA SER WA 21 8.75 -40.64 95.96
C SER WA 21 8.64 -41.05 97.43
N VAL WA 22 9.13 -40.18 98.30
CA VAL WA 22 9.17 -40.51 99.72
C VAL WA 22 7.87 -40.09 100.41
N SER WA 23 7.46 -38.82 100.27
CA SER WA 23 6.16 -38.27 100.67
C SER WA 23 5.86 -38.54 102.15
N ASN WA 24 6.72 -37.99 103.01
CA ASN WA 24 6.60 -38.23 104.44
C ASN WA 24 5.41 -37.52 105.06
N SER WA 25 4.75 -38.22 105.99
CA SER WA 25 3.62 -37.70 106.75
C SER WA 25 3.42 -38.57 107.97
N ALA WA 26 3.46 -37.95 109.15
CA ALA WA 26 3.40 -38.67 110.42
C ALA WA 26 2.01 -38.66 111.05
N THR WA 27 0.96 -38.46 110.26
CA THR WA 27 -0.38 -38.40 110.81
C THR WA 27 -1.24 -39.61 110.45
N ALA WA 28 -1.06 -40.17 109.25
CA ALA WA 28 -1.77 -41.38 108.82
C ALA WA 28 -0.72 -42.42 108.49
N VAL WA 29 -0.27 -43.15 109.51
CA VAL WA 29 0.77 -44.16 109.36
C VAL WA 29 0.08 -45.53 109.31
N PRO WA 30 0.03 -46.20 108.17
CA PRO WA 30 -0.63 -47.50 108.10
C PRO WA 30 0.32 -48.61 108.53
N VAL WA 31 -0.25 -49.80 108.66
CA VAL WA 31 0.51 -51.02 108.94
C VAL WA 31 0.01 -52.10 108.02
N PHE WA 32 0.93 -52.81 107.37
CA PHE WA 32 0.57 -53.74 106.32
C PHE WA 32 0.80 -55.16 106.85
N ILE WA 33 -0.28 -55.83 107.21
CA ILE WA 33 -0.22 -57.20 107.70
C ILE WA 33 -0.51 -58.11 106.54
N GLY WA 34 0.47 -58.90 106.14
CA GLY WA 34 0.27 -59.78 105.01
C GLY WA 34 1.39 -60.78 104.84
N LYS WA 35 1.42 -61.40 103.67
CA LYS WA 35 2.39 -62.44 103.35
C LYS WA 35 3.63 -61.78 102.75
N PHE WA 36 4.59 -61.45 103.62
CA PHE WA 36 5.88 -60.94 103.21
C PHE WA 36 6.96 -61.92 103.67
N THR WA 37 8.07 -61.97 102.95
CA THR WA 37 9.23 -62.76 103.37
C THR WA 37 10.44 -61.85 103.53
N PRO WA 38 11.03 -61.77 104.72
CA PRO WA 38 12.28 -61.04 104.88
C PRO WA 38 13.44 -61.79 104.27
N THR WA 39 14.42 -61.03 103.77
CA THR WA 39 15.60 -61.61 103.13
C THR WA 39 16.92 -61.29 103.80
N VAL WA 40 17.02 -60.24 104.58
CA VAL WA 40 18.31 -59.74 105.04
C VAL WA 40 18.63 -60.17 106.48
N VAL WA 41 17.61 -60.31 107.33
CA VAL WA 41 17.83 -60.67 108.72
C VAL WA 41 17.13 -61.98 109.09
N ASP WA 42 15.89 -62.19 108.60
CA ASP WA 42 15.11 -63.43 108.68
C ASP WA 42 14.76 -63.90 110.09
N SER WA 43 15.13 -63.17 111.14
CA SER WA 43 15.19 -63.79 112.46
C SER WA 43 14.23 -63.20 113.49
N ILE WA 44 14.38 -61.93 113.84
CA ILE WA 44 13.94 -61.43 115.15
C ILE WA 44 12.94 -60.29 115.03
N GLN WA 45 13.14 -59.36 114.09
CA GLN WA 45 12.29 -58.18 114.01
C GLN WA 45 10.92 -58.59 113.47
N VAL WA 46 9.95 -58.64 114.38
CA VAL WA 46 8.63 -59.17 114.07
C VAL WA 46 7.88 -58.22 113.14
N CYS WA 47 8.11 -56.92 113.24
CA CYS WA 47 7.65 -55.98 112.23
C CYS WA 47 8.65 -54.86 112.08
N THR WA 48 8.86 -54.42 110.85
CA THR WA 48 9.90 -53.47 110.50
C THR WA 48 9.31 -52.13 110.07
N ARG WA 49 9.96 -51.05 110.48
CA ARG WA 49 9.58 -49.72 110.05
C ARG WA 49 10.33 -49.40 108.76
N ILE WA 50 9.60 -49.24 107.67
CA ILE WA 50 10.17 -48.74 106.42
C ILE WA 50 9.73 -47.29 106.27
N SER WA 51 10.46 -46.53 105.47
CA SER WA 51 10.18 -45.13 105.30
C SER WA 51 9.87 -44.77 103.85
N ASN WA 52 10.29 -45.58 102.90
CA ASN WA 52 10.03 -45.36 101.48
C ASN WA 52 10.20 -46.69 100.76
N TRP WA 53 10.32 -46.61 99.44
CA TRP WA 53 10.44 -47.83 98.65
C TRP WA 53 11.82 -48.45 98.78
N LEU WA 54 12.83 -47.67 99.14
CA LEU WA 54 14.19 -48.19 99.14
C LEU WA 54 14.48 -49.00 100.40
N GLU WA 55 13.92 -48.61 101.54
CA GLU WA 55 14.08 -49.42 102.74
C GLU WA 55 13.25 -50.70 102.66
N PHE WA 56 12.25 -50.75 101.79
CA PHE WA 56 11.56 -51.99 101.53
C PHE WA 56 12.42 -52.95 100.71
N THR WA 57 13.07 -52.44 99.66
CA THR WA 57 13.92 -53.29 98.84
C THR WA 57 15.17 -53.71 99.58
N SER WA 58 15.66 -52.88 100.50
CA SER WA 58 16.82 -53.23 101.31
C SER WA 58 16.48 -54.19 102.44
N SER WA 59 15.22 -54.57 102.62
CA SER WA 59 14.82 -55.46 103.71
C SER WA 59 13.90 -56.59 103.28
N PHE WA 60 13.22 -56.46 102.15
CA PHE WA 60 12.22 -57.45 101.76
C PHE WA 60 12.51 -57.98 100.36
N SER WA 61 11.54 -58.71 99.81
CA SER WA 61 11.84 -59.71 98.79
C SER WA 61 11.66 -59.24 97.36
N LEU WA 62 10.67 -58.38 97.09
CA LEU WA 62 10.15 -58.10 95.74
C LEU WA 62 9.75 -59.37 95.01
N ALA WA 63 9.22 -60.35 95.74
CA ALA WA 63 8.88 -61.66 95.19
C ALA WA 63 7.55 -62.13 95.77
N PRO WA 64 6.58 -62.48 94.95
CA PRO WA 64 5.29 -62.95 95.47
C PRO WA 64 5.40 -64.35 96.04
N THR WA 65 4.79 -64.57 97.21
CA THR WA 65 4.92 -65.84 97.92
C THR WA 65 3.98 -66.83 97.25
N VAL WA 66 4.56 -67.70 96.43
CA VAL WA 66 3.80 -68.66 95.64
C VAL WA 66 3.27 -69.74 96.57
N GLU WA 67 2.03 -70.17 96.35
CA GLU WA 67 1.36 -71.12 97.23
C GLU WA 67 0.54 -72.07 96.36
N ILE WA 68 0.90 -73.35 96.37
CA ILE WA 68 0.34 -74.35 95.46
C ILE WA 68 -0.47 -75.36 96.26
N VAL WA 69 -1.64 -75.74 95.74
CA VAL WA 69 -2.46 -76.80 96.28
C VAL WA 69 -2.68 -77.84 95.19
N VAL WA 70 -2.30 -79.08 95.45
CA VAL WA 70 -2.53 -80.17 94.50
C VAL WA 70 -4.01 -80.50 94.40
N ILE WA 86 -4.09 -81.85 88.31
CA ILE WA 86 -5.20 -81.07 88.86
C ILE WA 86 -4.74 -80.28 90.08
N GLU WA 87 -4.46 -79.00 89.88
CA GLU WA 87 -3.93 -78.13 90.93
C GLU WA 87 -4.48 -76.72 90.77
N THR WA 88 -4.89 -76.12 91.88
CA THR WA 88 -5.34 -74.73 91.92
C THR WA 88 -4.36 -73.94 92.77
N ILE WA 89 -3.84 -72.85 92.21
CA ILE WA 89 -2.69 -72.15 92.78
C ILE WA 89 -3.13 -70.77 93.25
N ASN WA 90 -2.25 -70.12 94.02
CA ASN WA 90 -2.50 -68.81 94.61
C ASN WA 90 -1.22 -68.01 94.65
N LEU WA 91 -1.27 -66.77 94.18
CA LEU WA 91 -0.14 -65.85 94.20
C LEU WA 91 -0.48 -64.64 95.05
N SER WA 92 0.42 -64.28 95.96
CA SER WA 92 0.14 -63.23 96.93
C SER WA 92 0.56 -61.88 96.39
N PRO WA 93 -0.36 -60.93 96.25
CA PRO WA 93 -0.02 -59.60 95.74
C PRO WA 93 0.43 -58.58 96.79
N ALA WA 94 0.88 -59.03 97.97
CA ALA WA 94 1.24 -58.11 99.05
C ALA WA 94 2.43 -57.24 98.69
N VAL WA 95 3.35 -57.73 97.86
CA VAL WA 95 4.46 -56.92 97.42
C VAL WA 95 4.01 -55.91 96.39
N GLU WA 96 3.13 -56.30 95.48
CA GLU WA 96 2.57 -55.38 94.49
C GLU WA 96 1.59 -54.39 95.07
N ALA WA 97 0.76 -54.78 96.03
CA ALA WA 97 -0.20 -53.86 96.62
C ALA WA 97 0.47 -52.76 97.43
N LEU WA 98 1.69 -53.00 97.90
CA LEU WA 98 2.47 -51.98 98.58
C LEU WA 98 3.18 -51.05 97.61
N ARG WA 99 3.39 -51.48 96.37
CA ARG WA 99 3.92 -50.55 95.38
C ARG WA 99 2.89 -49.50 95.00
N LEU WA 100 1.62 -49.88 94.98
CA LEU WA 100 0.56 -48.94 94.65
C LEU WA 100 0.24 -48.01 95.81
N TYR WA 101 0.62 -48.37 97.02
CA TYR WA 101 0.48 -47.45 98.14
C TYR WA 101 1.47 -46.31 98.02
N PHE WA 102 2.69 -46.60 97.57
CA PHE WA 102 3.68 -45.56 97.39
C PHE WA 102 3.48 -44.78 96.11
N GLN WA 103 2.63 -45.25 95.21
CA GLN WA 103 2.39 -44.57 93.95
C GLN WA 103 1.25 -43.58 94.06
N ASN WA 104 0.20 -43.91 94.81
CA ASN WA 104 -0.89 -42.97 95.04
C ASN WA 104 -0.49 -41.92 96.07
N GLY WA 105 -0.21 -42.36 97.29
CA GLY WA 105 0.29 -41.46 98.30
C GLY WA 105 1.69 -41.84 98.73
N GLY WA 106 1.97 -41.73 100.02
CA GLY WA 106 3.26 -42.12 100.55
C GLY WA 106 3.14 -42.35 102.03
N GLY WA 107 4.29 -42.40 102.68
CA GLY WA 107 4.29 -42.53 104.13
C GLY WA 107 5.34 -43.51 104.56
N ALA WA 108 5.40 -43.72 105.88
CA ALA WA 108 6.36 -44.63 106.48
C ALA WA 108 5.58 -45.70 107.23
N CYS WA 109 5.16 -46.72 106.50
CA CYS WA 109 4.32 -47.77 107.07
C CYS WA 109 5.17 -48.79 107.80
N TYR WA 110 4.66 -49.29 108.92
CA TYR WA 110 5.21 -50.49 109.53
C TYR WA 110 4.75 -51.67 108.69
N ILE WA 111 5.61 -52.65 108.50
CA ILE WA 111 5.24 -53.85 107.77
C ILE WA 111 5.31 -55.03 108.72
N TYR WA 112 4.18 -55.71 108.89
CA TYR WA 112 4.07 -56.86 109.77
C TYR WA 112 3.96 -58.10 108.89
N PRO WA 113 5.05 -58.82 108.63
CA PRO WA 113 4.92 -60.04 107.83
C PRO WA 113 4.31 -61.16 108.65
N LEU WA 114 3.30 -61.79 108.07
CA LEU WA 114 2.56 -62.84 108.76
C LEU WA 114 2.19 -63.88 107.71
N ASN WA 115 2.84 -65.03 107.76
CA ASN WA 115 2.63 -66.03 106.73
C ASN WA 115 1.69 -67.14 107.16
N ASP WA 116 1.54 -67.38 108.47
CA ASP WA 116 0.77 -68.52 108.93
C ASP WA 116 -0.73 -68.23 108.98
N ALA WA 117 -1.13 -67.27 109.82
CA ALA WA 117 -2.52 -66.90 110.14
C ALA WA 117 -3.35 -68.04 110.70
N GLU WA 118 -2.72 -69.08 111.27
CA GLU WA 118 -3.44 -70.09 112.02
C GLU WA 118 -2.79 -70.41 113.36
N ASP WA 119 -1.60 -69.92 113.64
CA ASP WA 119 -1.01 -70.09 114.95
C ASP WA 119 -1.65 -69.09 115.91
N GLU WA 120 -2.36 -69.62 116.91
CA GLU WA 120 -3.07 -68.78 117.87
C GLU WA 120 -2.14 -68.01 118.77
N LEU WA 121 -0.91 -68.49 118.97
CA LEU WA 121 0.04 -67.84 119.86
C LEU WA 121 0.69 -66.62 119.23
N VAL WA 122 0.73 -66.55 117.89
CA VAL WA 122 1.29 -65.40 117.19
C VAL WA 122 0.20 -64.40 116.81
N LEU WA 123 -0.95 -64.90 116.34
CA LEU WA 123 -2.02 -64.04 115.86
C LEU WA 123 -2.66 -63.23 116.97
N ALA WA 124 -2.73 -63.77 118.18
CA ALA WA 124 -3.32 -63.02 119.28
C ALA WA 124 -2.38 -61.96 119.84
N ALA WA 125 -1.11 -62.00 119.47
CA ALA WA 125 -0.14 -61.00 119.91
C ALA WA 125 0.06 -59.89 118.90
N ILE WA 126 -0.76 -59.85 117.86
CA ILE WA 126 -0.80 -58.70 116.94
C ILE WA 126 -1.21 -57.41 117.68
N PRO WA 127 -2.27 -57.34 118.52
CA PRO WA 127 -2.52 -56.07 119.22
C PRO WA 127 -1.52 -55.75 120.31
N GLU WA 128 -0.81 -56.74 120.84
CA GLU WA 128 0.17 -56.47 121.89
C GLU WA 128 1.44 -55.84 121.35
N VAL WA 129 1.75 -56.04 120.08
CA VAL WA 129 2.94 -55.43 119.52
C VAL WA 129 2.60 -54.16 118.75
N ILE WA 130 1.34 -54.00 118.35
CA ILE WA 130 0.97 -52.84 117.55
C ILE WA 130 0.52 -51.68 118.41
N GLU WA 131 0.26 -51.91 119.70
CA GLU WA 131 0.12 -50.82 120.65
C GLU WA 131 1.45 -50.42 121.26
N GLN WA 132 2.48 -51.26 121.10
CA GLN WA 132 3.76 -50.97 121.70
C GLN WA 132 4.51 -49.90 120.92
N LYS WA 133 4.15 -49.68 119.66
CA LYS WA 133 4.91 -48.74 118.83
C LYS WA 133 4.29 -47.35 118.80
N GLY WA 134 2.97 -47.25 118.98
CA GLY WA 134 2.34 -45.98 119.29
C GLY WA 134 2.35 -44.94 118.18
N ASP WA 135 2.42 -45.37 116.93
CA ASP WA 135 2.45 -44.46 115.80
C ASP WA 135 1.41 -44.82 114.74
N ILE WA 136 0.66 -45.90 114.92
CA ILE WA 136 -0.19 -46.43 113.87
C ILE WA 136 -1.57 -45.76 113.92
N THR WA 137 -2.09 -45.42 112.75
CA THR WA 137 -3.46 -44.93 112.68
C THR WA 137 -4.32 -45.80 111.77
N LEU WA 138 -3.74 -46.38 110.74
CA LEU WA 138 -4.49 -47.19 109.79
C LEU WA 138 -4.07 -48.65 109.87
N LEU WA 139 -5.00 -49.53 109.51
CA LEU WA 139 -4.82 -50.97 109.67
C LEU WA 139 -5.30 -51.62 108.39
N VAL WA 140 -4.37 -52.12 107.56
CA VAL WA 140 -4.76 -52.64 106.25
C VAL WA 140 -4.40 -54.12 106.18
N CYS WA 141 -4.96 -54.78 105.17
CA CYS WA 141 -4.68 -56.18 104.86
C CYS WA 141 -4.75 -56.35 103.35
N PRO WA 142 -3.61 -56.47 102.67
CA PRO WA 142 -3.62 -56.48 101.21
C PRO WA 142 -3.87 -57.83 100.53
N GLU WA 143 -4.52 -58.79 101.17
CA GLU WA 143 -4.64 -60.13 100.61
C GLU WA 143 -6.02 -60.41 100.02
N LEU WA 144 -6.07 -61.41 99.14
CA LEU WA 144 -7.32 -61.81 98.48
C LEU WA 144 -8.08 -62.85 99.28
N ASP WA 145 -7.38 -63.73 99.99
CA ASP WA 145 -7.96 -64.95 100.55
C ASP WA 145 -8.87 -64.63 101.73
N LEU WA 146 -10.10 -65.13 101.69
CA LEU WA 146 -11.06 -64.91 102.77
C LEU WA 146 -10.62 -65.61 104.04
N ASP WA 147 -10.08 -66.82 103.94
CA ASP WA 147 -9.72 -67.56 105.15
C ASP WA 147 -8.43 -67.03 105.77
N TYR WA 148 -7.65 -66.28 104.98
CA TYR WA 148 -6.52 -65.57 105.56
C TYR WA 148 -6.96 -64.25 106.19
N LYS WA 149 -7.73 -63.46 105.45
CA LYS WA 149 -8.07 -62.10 105.85
C LYS WA 149 -9.04 -62.04 107.02
N THR WA 150 -10.06 -62.88 107.04
CA THR WA 150 -11.03 -62.83 108.12
C THR WA 150 -10.51 -63.41 109.43
N LYS WA 151 -9.38 -64.13 109.39
CA LYS WA 151 -8.73 -64.53 110.63
C LYS WA 151 -7.97 -63.40 111.27
N ILE WA 152 -7.57 -62.39 110.48
CA ILE WA 152 -6.79 -61.29 111.03
C ILE WA 152 -7.70 -60.24 111.65
N TYR WA 153 -8.81 -59.92 110.97
CA TYR WA 153 -9.75 -58.90 111.43
C TYR WA 153 -10.35 -59.20 112.80
N GLY WA 154 -10.48 -60.47 113.16
CA GLY WA 154 -10.92 -60.82 114.51
C GLY WA 154 -9.90 -60.51 115.57
N ALA WA 155 -8.61 -60.66 115.27
CA ALA WA 155 -7.56 -60.31 116.21
C ALA WA 155 -7.33 -58.81 116.30
N VAL WA 156 -7.43 -58.11 115.17
CA VAL WA 156 -7.25 -56.66 115.11
C VAL WA 156 -8.41 -55.91 115.75
N SER WA 157 -9.57 -56.54 115.88
CA SER WA 157 -10.79 -55.87 116.34
C SER WA 157 -10.75 -55.45 117.80
N SER WA 158 -9.75 -55.87 118.57
CA SER WA 158 -9.59 -55.35 119.92
C SER WA 158 -9.12 -53.90 119.93
N LEU WA 159 -8.49 -53.44 118.85
CA LEU WA 159 -8.07 -52.05 118.75
C LEU WA 159 -9.24 -51.11 118.48
N LEU WA 160 -10.38 -51.62 118.04
CA LEU WA 160 -11.55 -50.81 117.74
C LEU WA 160 -12.46 -50.62 118.95
N ASN WA 161 -12.00 -50.95 120.15
CA ASN WA 161 -12.76 -50.69 121.36
C ASN WA 161 -12.65 -49.22 121.75
N ASP WA 162 -13.36 -48.84 122.81
CA ASP WA 162 -13.26 -47.47 123.29
C ASP WA 162 -12.08 -47.24 124.22
N ASN WA 163 -11.42 -48.32 124.65
CA ASN WA 163 -10.27 -48.19 125.54
C ASN WA 163 -9.05 -47.66 124.81
N LYS WA 164 -9.00 -47.81 123.48
CA LYS WA 164 -7.88 -47.36 122.66
C LYS WA 164 -8.34 -46.23 121.75
N VAL WA 165 -7.37 -45.47 121.22
CA VAL WA 165 -7.62 -44.28 120.42
C VAL WA 165 -6.95 -44.44 119.07
N GLY WA 166 -7.39 -43.66 118.09
CA GLY WA 166 -6.90 -43.85 116.72
C GLY WA 166 -7.46 -45.12 116.14
N TYR WA 167 -6.61 -45.81 115.36
CA TYR WA 167 -6.83 -47.17 114.87
C TYR WA 167 -8.10 -47.29 114.03
N PHE WA 168 -8.07 -46.61 112.89
CA PHE WA 168 -9.14 -46.71 111.91
C PHE WA 168 -8.85 -47.88 110.97
N LEU WA 169 -9.65 -48.93 111.05
CA LEU WA 169 -9.45 -50.15 110.27
C LEU WA 169 -10.08 -49.96 108.89
N ILE WA 170 -9.25 -49.70 107.89
CA ILE WA 170 -9.74 -49.65 106.51
C ILE WA 170 -9.71 -51.06 105.93
N ALA WA 171 -10.89 -51.57 105.59
CA ALA WA 171 -11.08 -52.98 105.28
C ALA WA 171 -11.51 -53.16 103.83
N ASP WA 172 -11.91 -54.39 103.51
CA ASP WA 172 -12.36 -54.74 102.17
C ASP WA 172 -13.41 -55.83 102.27
N SER WA 173 -14.42 -55.74 101.40
CA SER WA 173 -15.39 -56.80 101.20
C SER WA 173 -15.19 -57.38 99.81
N ASN WA 174 -15.14 -58.72 99.71
CA ASN WA 174 -14.87 -59.34 98.42
C ASN WA 174 -16.09 -59.31 97.52
N ASP WA 175 -17.29 -59.28 98.11
CA ASP WA 175 -18.52 -59.10 97.37
C ASP WA 175 -19.22 -57.85 97.88
N GLY WA 176 -20.44 -57.61 97.40
CA GLY WA 176 -21.18 -56.44 97.84
C GLY WA 176 -21.70 -56.53 99.25
N GLU WA 177 -21.65 -57.70 99.86
CA GLU WA 177 -22.18 -57.88 101.20
C GLU WA 177 -21.15 -57.47 102.24
N SER WA 178 -21.65 -57.19 103.44
CA SER WA 178 -20.82 -56.64 104.50
C SER WA 178 -19.90 -57.71 105.08
N VAL WA 179 -18.80 -57.25 105.66
CA VAL WA 179 -17.82 -58.14 106.28
C VAL WA 179 -18.41 -58.78 107.53
N SER WA 180 -19.27 -58.04 108.25
CA SER WA 180 -20.24 -58.54 109.22
C SER WA 180 -19.56 -59.33 110.35
N GLY WA 181 -18.78 -58.61 111.14
CA GLY WA 181 -18.12 -59.21 112.27
C GLY WA 181 -18.38 -58.42 113.54
N VAL WA 182 -17.51 -58.63 114.53
CA VAL WA 182 -17.56 -57.83 115.75
C VAL WA 182 -16.83 -56.52 115.54
N TRP WA 183 -16.13 -56.38 114.42
CA TRP WA 183 -15.54 -55.14 113.97
C TRP WA 183 -16.51 -54.27 113.19
N ASN WA 184 -17.81 -54.37 113.50
CA ASN WA 184 -18.85 -53.55 112.90
C ASN WA 184 -18.95 -52.18 113.57
N SER WA 185 -17.94 -51.78 114.35
CA SER WA 185 -17.97 -50.52 115.06
C SER WA 185 -17.72 -49.36 114.10
N ALA WA 186 -17.78 -48.13 114.64
CA ALA WA 186 -17.67 -46.92 113.85
C ALA WA 186 -16.27 -46.68 113.29
N LYS WA 187 -15.28 -47.46 113.70
CA LYS WA 187 -13.90 -47.27 113.29
C LYS WA 187 -13.51 -48.15 112.10
N ALA WA 188 -14.43 -48.42 111.19
CA ALA WA 188 -14.17 -49.32 110.08
C ALA WA 188 -14.71 -48.74 108.79
N ALA WA 189 -14.04 -49.03 107.68
CA ALA WA 189 -14.51 -48.63 106.37
C ALA WA 189 -14.15 -49.73 105.36
N ALA WA 190 -15.08 -50.02 104.45
CA ALA WA 190 -14.92 -51.09 103.48
C ALA WA 190 -15.04 -50.53 102.08
N TYR WA 191 -14.22 -51.05 101.16
CA TYR WA 191 -14.13 -50.52 99.80
C TYR WA 191 -14.27 -51.67 98.82
N TYR WA 192 -15.37 -51.69 98.06
CA TYR WA 192 -15.80 -52.92 97.39
C TYR WA 192 -14.98 -53.38 96.18
N PRO WA 193 -14.83 -52.62 95.08
CA PRO WA 193 -14.35 -53.24 93.84
C PRO WA 193 -12.86 -53.49 93.90
N GLN WA 194 -12.45 -54.72 93.61
CA GLN WA 194 -11.04 -55.04 93.60
C GLN WA 194 -10.39 -54.45 92.35
N LEU WA 195 -9.19 -53.91 92.51
CA LEU WA 195 -8.54 -53.27 91.38
C LEU WA 195 -7.81 -54.31 90.55
N GLU WA 196 -7.36 -53.90 89.36
CA GLU WA 196 -6.61 -54.77 88.46
C GLU WA 196 -5.44 -53.93 87.93
N THR WA 197 -4.32 -53.99 88.65
CA THR WA 197 -3.18 -53.15 88.34
C THR WA 197 -2.50 -53.62 87.06
N ASN WA 198 -1.81 -52.69 86.40
CA ASN WA 198 -1.17 -52.97 85.13
C ASN WA 198 0.25 -53.50 85.26
N LEU WA 199 0.74 -53.72 86.48
CA LEU WA 199 2.09 -54.26 86.63
C LEU WA 199 2.06 -55.78 86.52
N LYS WA 200 3.24 -56.37 86.42
CA LYS WA 200 3.39 -57.81 86.29
C LYS WA 200 4.33 -58.34 87.36
N PHE WA 201 4.44 -59.66 87.41
CA PHE WA 201 5.27 -60.34 88.41
C PHE WA 201 6.67 -60.59 87.88
N SER WA 202 7.52 -61.06 88.79
CA SER WA 202 8.80 -61.69 88.47
C SER WA 202 9.02 -62.75 89.55
N THR WA 203 8.75 -64.01 89.20
CA THR WA 203 8.34 -65.02 90.16
C THR WA 203 9.50 -65.47 91.05
N LEU WA 204 9.17 -66.34 92.01
CA LEU WA 204 10.10 -66.80 93.03
C LEU WA 204 11.20 -67.68 92.46
N PRO WA 224 3.32 -76.20 98.01
CA PRO WA 224 3.02 -77.42 98.75
C PRO WA 224 4.30 -78.12 99.19
N LYS WA 225 4.75 -77.79 100.41
CA LYS WA 225 5.92 -78.34 101.13
C LYS WA 225 7.17 -78.43 100.22
N ASN WA 226 7.68 -77.23 99.87
CA ASN WA 226 9.01 -77.05 99.32
C ASN WA 226 9.25 -77.78 98.00
N LEU WA 227 8.71 -77.24 96.89
CA LEU WA 227 8.79 -77.81 95.54
C LEU WA 227 10.16 -78.39 95.14
N ASP WA 228 11.26 -77.87 95.68
CA ASP WA 228 12.56 -78.49 95.46
C ASP WA 228 12.65 -79.91 96.02
N GLU WA 229 11.85 -80.23 97.05
CA GLU WA 229 11.75 -81.62 97.47
C GLU WA 229 11.02 -82.45 96.41
N LEU WA 230 9.92 -81.92 95.88
CA LEU WA 230 9.13 -82.58 94.85
C LEU WA 230 9.82 -82.57 93.49
N ARG WA 231 10.93 -81.82 93.36
CA ARG WA 231 11.73 -81.88 92.15
C ARG WA 231 12.42 -83.22 92.00
N THR WA 232 12.62 -83.94 93.12
CA THR WA 232 13.24 -85.25 93.11
C THR WA 232 12.24 -86.39 93.02
N ILE WA 233 11.08 -86.26 93.67
CA ILE WA 233 10.17 -87.39 93.78
C ILE WA 233 9.35 -87.57 92.50
N ASN WA 234 8.54 -86.58 92.17
CA ASN WA 234 7.62 -86.67 91.05
C ASN WA 234 8.18 -85.83 89.90
N GLU WA 235 8.73 -86.51 88.89
CA GLU WA 235 9.22 -85.82 87.71
C GLU WA 235 8.10 -85.27 86.86
N ALA WA 236 6.90 -85.86 86.94
CA ALA WA 236 5.80 -85.43 86.09
C ALA WA 236 5.13 -84.17 86.63
N LEU WA 237 5.03 -84.03 87.95
CA LEU WA 237 4.40 -82.84 88.50
C LEU WA 237 5.33 -81.63 88.42
N ALA WA 238 6.65 -81.85 88.45
CA ALA WA 238 7.62 -80.76 88.42
C ALA WA 238 7.57 -79.99 87.11
N GLN WA 239 7.50 -80.67 85.98
CA GLN WA 239 7.33 -80.00 84.70
C GLN WA 239 5.92 -79.45 84.51
N ASP WA 240 4.95 -79.92 85.30
CA ASP WA 240 3.59 -79.42 85.25
C ASP WA 240 3.44 -78.10 85.99
N ILE WA 241 4.10 -77.98 87.14
CA ILE WA 241 3.97 -76.77 87.95
C ILE WA 241 4.88 -75.66 87.41
N ASP WA 242 6.01 -76.03 86.78
CA ASP WA 242 6.91 -75.04 86.21
C ASP WA 242 6.32 -74.36 84.98
N ALA WA 243 5.37 -75.00 84.30
CA ALA WA 243 4.71 -74.37 83.17
C ALA WA 243 3.64 -73.40 83.62
N ARG WA 244 2.99 -73.67 84.76
CA ARG WA 244 1.92 -72.79 85.21
C ARG WA 244 2.47 -71.53 85.87
N LEU WA 245 3.68 -71.59 86.45
CA LEU WA 245 4.32 -70.40 86.97
C LEU WA 245 4.66 -69.40 85.88
N LEU WA 246 5.11 -69.89 84.72
CA LEU WA 246 5.31 -69.01 83.58
C LEU WA 246 4.00 -68.51 82.99
N GLU WA 247 2.93 -69.28 83.15
CA GLU WA 247 1.62 -68.88 82.68
C GLU WA 247 1.04 -67.73 83.50
N GLU WA 248 1.06 -67.84 84.82
CA GLU WA 248 0.54 -66.78 85.68
C GLU WA 248 1.50 -65.61 85.83
N LYS WA 249 2.70 -65.69 85.25
CA LYS WA 249 3.61 -64.55 85.21
C LYS WA 249 3.16 -63.50 84.21
N GLN WA 250 2.39 -63.88 83.20
CA GLN WA 250 2.03 -62.95 82.15
C GLN WA 250 0.77 -62.17 82.46
N ARG WA 251 -0.07 -62.68 83.36
CA ARG WA 251 -1.34 -62.03 83.65
C ARG WA 251 -1.14 -60.88 84.63
N ALA WA 252 -1.84 -59.78 84.39
CA ALA WA 252 -1.85 -58.65 85.31
C ALA WA 252 -2.49 -59.05 86.63
N VAL WA 253 -1.88 -58.64 87.73
CA VAL WA 253 -2.32 -59.08 89.04
C VAL WA 253 -3.49 -58.20 89.51
N ILE WA 254 -4.47 -58.84 90.16
CA ILE WA 254 -5.53 -58.11 90.82
C ILE WA 254 -5.18 -58.00 92.29
N ILE WA 255 -5.49 -56.84 92.87
CA ILE WA 255 -5.19 -56.55 94.27
C ILE WA 255 -6.49 -56.11 94.92
N PRO WA 256 -6.55 -56.11 96.25
CA PRO WA 256 -7.66 -55.43 96.93
C PRO WA 256 -7.41 -53.94 97.00
N PRO WA 257 -8.46 -53.13 97.13
CA PRO WA 257 -8.24 -51.70 97.33
C PRO WA 257 -7.98 -51.30 98.77
N SER WA 258 -7.80 -52.26 99.68
CA SER WA 258 -7.43 -51.91 101.05
C SER WA 258 -6.01 -51.40 101.17
N ALA WA 259 -5.20 -51.51 100.11
CA ALA WA 259 -3.86 -50.95 100.09
C ALA WA 259 -3.77 -49.64 99.31
N ALA WA 260 -4.53 -49.50 98.23
CA ALA WA 260 -4.44 -48.28 97.44
C ALA WA 260 -5.08 -47.10 98.13
N ILE WA 261 -6.18 -47.31 98.83
CA ILE WA 261 -6.84 -46.21 99.56
C ILE WA 261 -6.04 -45.83 100.81
N ALA WA 262 -5.12 -46.67 101.26
CA ALA WA 262 -4.23 -46.28 102.34
C ALA WA 262 -3.26 -45.18 101.91
N GLY WA 263 -3.00 -45.05 100.61
CA GLY WA 263 -2.28 -43.88 100.13
C GLY WA 263 -3.18 -42.71 99.84
N ILE WA 264 -4.45 -42.99 99.51
CA ILE WA 264 -5.43 -41.93 99.31
C ILE WA 264 -5.74 -41.25 100.63
N TYR WA 265 -5.75 -42.01 101.72
CA TYR WA 265 -5.95 -41.43 103.05
C TYR WA 265 -4.80 -40.53 103.46
N CYS WA 266 -3.61 -40.75 102.91
CA CYS WA 266 -2.47 -39.88 103.18
C CYS WA 266 -2.37 -38.72 102.21
N GLN WA 267 -2.78 -38.91 100.96
CA GLN WA 267 -2.65 -37.85 99.97
C GLN WA 267 -3.57 -36.68 100.26
N THR WA 268 -4.83 -36.96 100.61
CA THR WA 268 -5.72 -35.89 101.02
C THR WA 268 -5.48 -35.43 102.45
N ASP WA 269 -4.46 -35.93 103.13
CA ASP WA 269 -4.10 -35.38 104.43
C ASP WA 269 -3.00 -34.34 104.33
N ASN WA 270 -2.18 -34.40 103.29
CA ASN WA 270 -1.22 -33.32 103.06
C ASN WA 270 -1.87 -32.15 102.35
N ARG WA 271 -2.84 -32.42 101.48
CA ARG WA 271 -3.45 -31.37 100.69
C ARG WA 271 -4.50 -30.61 101.48
N ARG WA 272 -5.44 -31.33 102.10
CA ARG WA 272 -6.58 -30.70 102.76
C ARG WA 272 -6.76 -31.12 104.21
N GLY WA 273 -5.83 -31.85 104.79
CA GLY WA 273 -5.95 -32.21 106.18
C GLY WA 273 -6.89 -33.38 106.41
N VAL WA 274 -7.07 -33.70 107.69
CA VAL WA 274 -7.89 -34.84 108.07
C VAL WA 274 -9.36 -34.57 107.82
N TRP WA 275 -9.80 -33.35 108.07
CA TRP WA 275 -11.22 -32.97 108.10
C TRP WA 275 -11.90 -32.99 106.74
N LYS WA 276 -11.17 -33.24 105.65
CA LYS WA 276 -11.78 -33.42 104.34
C LYS WA 276 -11.99 -34.90 104.09
N ALA WA 277 -13.00 -35.22 103.30
CA ALA WA 277 -13.35 -36.60 103.04
C ALA WA 277 -12.40 -37.24 102.04
N PRO WA 278 -11.82 -38.41 102.33
CA PRO WA 278 -10.96 -39.09 101.36
C PRO WA 278 -11.74 -39.69 100.20
N ALA WA 279 -12.41 -38.86 99.41
CA ALA WA 279 -13.20 -39.30 98.27
C ALA WA 279 -13.17 -38.20 97.23
N ASN WA 280 -13.79 -38.48 96.08
CA ASN WA 280 -13.75 -37.63 94.88
C ASN WA 280 -12.31 -37.33 94.45
N VAL WA 281 -11.45 -38.34 94.53
CA VAL WA 281 -10.06 -38.21 94.13
C VAL WA 281 -9.65 -39.45 93.35
N ALA WA 282 -8.95 -39.23 92.24
CA ALA WA 282 -8.64 -40.29 91.30
C ALA WA 282 -7.53 -41.19 91.83
N LEU WA 283 -7.72 -42.51 91.67
CA LEU WA 283 -6.64 -43.45 91.88
C LEU WA 283 -5.69 -43.42 90.68
N THR WA 284 -4.41 -43.63 90.95
CA THR WA 284 -3.39 -43.60 89.92
C THR WA 284 -2.76 -44.98 89.77
N GLY WA 285 -2.36 -45.31 88.54
CA GLY WA 285 -1.57 -46.48 88.31
C GLY WA 285 -2.33 -47.78 88.18
N ILE WA 286 -3.65 -47.77 88.30
CA ILE WA 286 -4.43 -48.99 88.17
C ILE WA 286 -4.91 -49.09 86.73
N GLY WA 287 -5.22 -50.31 86.32
CA GLY WA 287 -5.83 -50.55 85.02
C GLY WA 287 -7.33 -50.45 85.14
N SER WA 288 -8.04 -51.42 84.61
CA SER WA 288 -9.49 -51.44 84.76
C SER WA 288 -9.87 -51.89 86.18
N LEU WA 289 -11.16 -51.80 86.48
CA LEU WA 289 -11.67 -52.41 87.68
C LEU WA 289 -12.03 -53.87 87.43
N LEU WA 290 -12.31 -54.59 88.50
CA LEU WA 290 -12.82 -55.94 88.38
C LEU WA 290 -14.34 -55.97 88.28
N ASP WA 291 -15.02 -55.07 88.96
CA ASP WA 291 -16.47 -54.95 88.87
C ASP WA 291 -16.82 -53.58 88.34
N LYS WA 292 -18.02 -53.48 87.79
CA LYS WA 292 -18.47 -52.26 87.13
C LYS WA 292 -19.80 -51.81 87.72
N VAL WA 293 -19.83 -51.68 89.04
CA VAL WA 293 -21.08 -51.43 89.76
C VAL WA 293 -21.65 -50.05 89.42
N ASP WA 294 -22.94 -50.03 89.19
CA ASP WA 294 -23.74 -48.90 88.74
C ASP WA 294 -24.29 -48.13 89.93
N ASP WA 295 -25.29 -47.28 89.67
CA ASP WA 295 -25.90 -46.46 90.71
C ASP WA 295 -26.94 -47.21 91.54
N GLU WA 296 -27.70 -48.13 90.93
CA GLU WA 296 -28.81 -48.72 91.68
C GLU WA 296 -28.35 -49.83 92.60
N ARG WA 297 -27.18 -50.43 92.33
CA ARG WA 297 -26.62 -51.42 93.24
C ARG WA 297 -25.89 -50.74 94.38
N GLN WA 298 -25.36 -49.55 94.13
CA GLN WA 298 -24.60 -48.79 95.11
C GLN WA 298 -25.48 -48.26 96.23
N GLY WA 299 -26.78 -48.07 95.96
CA GLY WA 299 -27.69 -47.52 96.95
C GLY WA 299 -27.92 -48.39 98.17
N GLU WA 300 -27.62 -49.68 98.08
CA GLU WA 300 -27.68 -50.53 99.26
C GLU WA 300 -26.31 -50.66 99.93
N MET WA 301 -25.24 -50.71 99.13
CA MET WA 301 -23.90 -50.90 99.69
C MET WA 301 -23.46 -49.67 100.49
N ASN WA 302 -23.82 -48.48 100.03
CA ASN WA 302 -23.38 -47.28 100.72
C ASN WA 302 -24.13 -47.09 102.03
N ASP WA 303 -25.43 -47.37 102.02
CA ASP WA 303 -26.20 -47.37 103.26
C ASP WA 303 -25.78 -48.50 104.19
N LYS WA 304 -25.28 -49.60 103.63
CA LYS WA 304 -24.69 -50.65 104.44
C LYS WA 304 -23.41 -50.19 105.10
N GLY WA 305 -22.64 -49.33 104.42
CA GLY WA 305 -21.40 -48.83 104.96
C GLY WA 305 -20.20 -49.26 104.15
N ILE WA 306 -20.43 -49.70 102.92
CA ILE WA 306 -19.37 -50.13 102.03
C ILE WA 306 -19.17 -49.08 100.95
N ASN WA 307 -18.02 -48.44 100.96
CA ASN WA 307 -17.71 -47.45 99.94
C ASN WA 307 -17.29 -48.16 98.66
N VAL WA 308 -17.15 -47.39 97.59
CA VAL WA 308 -17.00 -47.97 96.27
C VAL WA 308 -16.11 -47.08 95.41
N ILE WA 309 -15.14 -47.71 94.74
CA ILE WA 309 -14.35 -47.03 93.71
C ILE WA 309 -15.15 -47.14 92.41
N ARG WA 310 -15.57 -46.00 91.87
CA ARG WA 310 -16.47 -45.96 90.73
C ARG WA 310 -15.77 -45.27 89.57
N SER WA 311 -15.92 -45.84 88.38
CA SER WA 311 -15.15 -45.43 87.21
C SER WA 311 -15.95 -44.47 86.35
N PHE WA 312 -15.48 -43.23 86.27
CA PHE WA 312 -15.96 -42.27 85.29
C PHE WA 312 -14.87 -42.09 84.24
N THR WA 313 -15.28 -42.01 82.97
CA THR WA 313 -14.30 -42.03 81.88
C THR WA 313 -13.54 -40.71 81.80
N ASP WA 314 -14.26 -39.59 81.90
CA ASP WA 314 -13.64 -38.29 81.71
C ASP WA 314 -12.80 -37.85 82.90
N ARG WA 315 -12.87 -38.54 84.03
CA ARG WA 315 -12.10 -38.16 85.21
C ARG WA 315 -11.19 -39.28 85.72
N GLY WA 316 -11.56 -40.53 85.57
CA GLY WA 316 -10.75 -41.63 86.02
C GLY WA 316 -11.43 -42.45 87.10
N PHE WA 317 -10.61 -43.20 87.83
CA PHE WA 317 -11.11 -44.10 88.87
C PHE WA 317 -11.15 -43.35 90.19
N MET WA 318 -12.28 -42.71 90.46
CA MET WA 318 -12.43 -41.87 91.64
C MET WA 318 -12.99 -42.68 92.80
N VAL WA 319 -12.46 -42.43 94.00
CA VAL WA 319 -13.04 -43.00 95.21
C VAL WA 319 -14.36 -42.30 95.48
N TRP WA 320 -15.43 -43.08 95.62
CA TRP WA 320 -16.78 -42.54 95.65
C TRP WA 320 -17.49 -43.03 96.91
N GLY WA 321 -17.44 -42.23 97.96
CA GLY WA 321 -18.07 -42.67 99.20
C GLY WA 321 -17.17 -42.37 100.38
N ALA WA 322 -17.76 -41.80 101.42
CA ALA WA 322 -17.01 -41.40 102.60
C ALA WA 322 -17.74 -41.82 103.88
N ARG WA 323 -18.57 -42.84 103.81
CA ARG WA 323 -19.23 -43.37 104.98
C ARG WA 323 -18.37 -44.43 105.64
N THR WA 324 -18.81 -44.88 106.81
CA THR WA 324 -18.11 -45.89 107.58
C THR WA 324 -19.04 -47.06 107.86
N CYS WA 325 -18.45 -48.19 108.24
CA CYS WA 325 -19.24 -49.37 108.56
C CYS WA 325 -19.88 -49.22 109.94
N VAL WA 326 -20.95 -48.44 110.02
CA VAL WA 326 -21.64 -48.16 111.27
C VAL WA 326 -23.12 -48.47 111.06
N ASP WA 327 -23.85 -48.59 112.17
CA ASP WA 327 -25.30 -48.68 112.10
C ASP WA 327 -25.86 -47.37 111.55
N ALA WA 328 -26.79 -47.48 110.60
CA ALA WA 328 -27.27 -46.32 109.86
C ALA WA 328 -28.12 -45.38 110.70
N ALA WA 329 -28.57 -45.79 111.89
CA ALA WA 329 -29.27 -44.89 112.78
C ALA WA 329 -28.33 -43.90 113.46
N ASN WA 330 -27.08 -44.29 113.72
CA ASN WA 330 -26.10 -43.41 114.37
C ASN WA 330 -25.61 -42.40 113.34
N ILE WA 331 -26.26 -41.23 113.30
CA ILE WA 331 -25.91 -40.20 112.32
C ILE WA 331 -24.76 -39.32 112.78
N SER WA 332 -24.25 -39.52 114.00
CA SER WA 332 -23.14 -38.70 114.48
C SER WA 332 -21.83 -39.11 113.82
N TRP WA 333 -21.45 -40.38 113.94
CA TRP WA 333 -20.22 -40.88 113.35
C TRP WA 333 -20.43 -41.46 111.97
N ARG WA 334 -21.42 -40.96 111.24
CA ARG WA 334 -21.84 -41.57 109.98
C ARG WA 334 -20.89 -41.31 108.83
N TYR WA 335 -19.80 -40.58 109.03
CA TYR WA 335 -18.85 -40.30 107.98
C TYR WA 335 -17.46 -40.71 108.39
N ILE WA 336 -16.59 -40.86 107.39
CA ILE WA 336 -15.16 -41.08 107.65
C ILE WA 336 -14.50 -39.92 108.40
N PRO WA 337 -14.55 -38.66 107.91
CA PRO WA 337 -13.73 -37.64 108.60
C PRO WA 337 -14.26 -37.25 109.97
N VAL WA 338 -15.56 -37.36 110.19
CA VAL WA 338 -16.11 -37.12 111.52
C VAL WA 338 -15.62 -38.17 112.51
N ARG WA 339 -15.34 -39.38 112.02
CA ARG WA 339 -14.71 -40.38 112.88
C ARG WA 339 -13.20 -40.20 112.91
N ARG WA 340 -12.61 -39.79 111.79
CA ARG WA 340 -11.16 -39.77 111.68
C ARG WA 340 -10.55 -38.50 112.23
N LEU WA 341 -11.27 -37.38 112.24
CA LEU WA 341 -10.77 -36.19 112.92
C LEU WA 341 -10.77 -36.39 114.42
N PHE WA 342 -11.85 -36.95 114.97
CA PHE WA 342 -11.92 -37.23 116.40
C PHE WA 342 -10.89 -38.25 116.84
N ASN WA 343 -10.46 -39.14 115.94
CA ASN WA 343 -9.30 -39.95 116.23
C ASN WA 343 -8.04 -39.10 116.31
N SER WA 344 -7.88 -38.18 115.36
CA SER WA 344 -6.64 -37.42 115.26
C SER WA 344 -6.54 -36.29 116.27
N VAL WA 345 -7.66 -35.78 116.78
CA VAL WA 345 -7.61 -34.75 117.80
C VAL WA 345 -7.15 -35.34 119.12
N GLU WA 346 -7.76 -36.44 119.55
CA GLU WA 346 -7.39 -37.02 120.83
C GLU WA 346 -6.03 -37.71 120.78
N ARG WA 347 -5.55 -38.05 119.59
CA ARG WA 347 -4.20 -38.58 119.47
C ARG WA 347 -3.15 -37.50 119.64
N ASP WA 348 -3.47 -36.26 119.31
CA ASP WA 348 -2.54 -35.16 119.51
C ASP WA 348 -2.82 -34.39 120.80
N ILE WA 349 -3.96 -34.62 121.43
CA ILE WA 349 -4.19 -34.09 122.76
C ILE WA 349 -3.44 -34.89 123.81
N ARG WA 350 -3.41 -36.23 123.68
CA ARG WA 350 -2.56 -37.04 124.56
C ARG WA 350 -1.08 -36.68 124.42
N GLN WA 351 -0.65 -36.34 123.20
CA GLN WA 351 0.72 -35.88 123.01
C GLN WA 351 0.94 -34.54 123.69
N ALA WA 352 -0.06 -33.67 123.66
CA ALA WA 352 0.06 -32.35 124.29
C ALA WA 352 -0.16 -32.38 125.79
N LEU WA 353 -0.90 -33.34 126.33
CA LEU WA 353 -1.15 -33.41 127.76
C LEU WA 353 -0.07 -34.14 128.53
N ARG WA 354 0.99 -34.64 127.87
CA ARG WA 354 1.96 -35.43 128.60
C ARG WA 354 2.88 -34.57 129.47
N ALA WA 355 2.88 -33.26 129.28
CA ALA WA 355 3.63 -32.36 130.16
C ALA WA 355 2.85 -31.96 131.40
N VAL WA 356 1.80 -32.70 131.74
CA VAL WA 356 0.91 -32.35 132.84
C VAL WA 356 0.91 -33.42 133.93
N LEU WA 357 1.20 -34.69 133.58
CA LEU WA 357 0.78 -35.88 134.34
C LEU WA 357 1.32 -35.90 135.75
N PHE WA 358 2.63 -35.95 135.91
CA PHE WA 358 3.21 -36.12 137.23
C PHE WA 358 3.56 -34.81 137.90
N GLU WA 359 2.94 -33.72 137.47
CA GLU WA 359 2.93 -32.50 138.26
C GLU WA 359 1.89 -32.64 139.38
N THR WA 360 1.93 -31.72 140.33
CA THR WA 360 1.05 -31.80 141.48
C THR WA 360 -0.39 -31.50 141.09
N ASN WA 361 -1.32 -31.98 141.90
CA ASN WA 361 -2.74 -31.92 141.58
C ASN WA 361 -3.37 -30.81 142.40
N SER WA 362 -3.57 -29.67 141.75
CA SER WA 362 -4.14 -28.48 142.37
C SER WA 362 -4.66 -27.58 141.25
N GLN WA 363 -5.04 -26.36 141.61
CA GLN WA 363 -5.63 -25.40 140.67
C GLN WA 363 -4.69 -24.87 139.59
N PRO WA 364 -3.41 -24.53 139.82
CA PRO WA 364 -2.57 -24.10 138.70
C PRO WA 364 -2.18 -25.20 137.74
N THR WA 365 -2.42 -26.47 138.04
CA THR WA 365 -2.15 -27.52 137.07
C THR WA 365 -3.26 -27.61 136.03
N TRP WA 366 -4.49 -27.33 136.44
CA TRP WA 366 -5.61 -27.41 135.52
C TRP WA 366 -5.61 -26.25 134.54
N VAL WA 367 -5.24 -25.05 135.02
CA VAL WA 367 -5.23 -23.87 134.15
C VAL WA 367 -4.11 -23.89 133.13
N ARG WA 368 -3.11 -24.76 133.30
CA ARG WA 368 -2.15 -25.00 132.24
C ARG WA 368 -2.63 -26.09 131.29
N ALA WA 369 -3.34 -27.08 131.81
CA ALA WA 369 -3.87 -28.14 130.96
C ALA WA 369 -5.06 -27.64 130.15
N LYS WA 370 -5.85 -26.72 130.70
CA LYS WA 370 -6.96 -26.15 129.96
C LYS WA 370 -6.46 -25.26 128.83
N ALA WA 371 -5.37 -24.52 129.07
CA ALA WA 371 -4.80 -23.68 128.04
C ALA WA 371 -4.12 -24.46 126.93
N ALA WA 372 -3.64 -25.66 127.22
CA ALA WA 372 -2.95 -26.46 126.21
C ALA WA 372 -3.91 -26.99 125.15
N VAL WA 373 -5.10 -27.45 125.55
CA VAL WA 373 -6.10 -27.87 124.59
C VAL WA 373 -6.83 -26.68 123.99
N ASP WA 374 -6.90 -25.54 124.68
CA ASP WA 374 -7.47 -24.35 124.08
C ASP WA 374 -6.58 -23.79 122.99
N GLN WA 375 -5.26 -23.82 123.20
CA GLN WA 375 -4.33 -23.36 122.18
C GLN WA 375 -4.19 -24.36 121.04
N TYR WA 376 -4.57 -25.62 121.27
CA TYR WA 376 -4.57 -26.58 120.18
C TYR WA 376 -5.82 -26.47 119.33
N LEU WA 377 -6.99 -26.39 119.97
CA LEU WA 377 -8.25 -26.32 119.24
C LEU WA 377 -8.43 -25.01 118.51
N TYR WA 378 -7.75 -23.95 118.94
CA TYR WA 378 -7.84 -22.68 118.23
C TYR WA 378 -7.18 -22.77 116.86
N THR WA 379 -6.12 -23.55 116.73
CA THR WA 379 -5.50 -23.73 115.42
C THR WA 379 -6.38 -24.57 114.49
N LEU WA 380 -7.13 -25.51 115.04
CA LEU WA 380 -8.08 -26.26 114.22
C LEU WA 380 -9.25 -25.40 113.80
N TRP WA 381 -9.64 -24.44 114.64
CA TRP WA 381 -10.65 -23.47 114.23
C TRP WA 381 -10.11 -22.54 113.16
N GLN WA 382 -8.79 -22.27 113.18
CA GLN WA 382 -8.17 -21.42 112.17
C GLN WA 382 -8.23 -22.06 110.79
N LYS WA 383 -7.92 -23.35 110.70
CA LYS WA 383 -7.81 -24.02 109.41
C LYS WA 383 -9.13 -24.58 108.91
N ASN WA 384 -10.25 -24.09 109.45
CA ASN WA 384 -11.61 -24.44 109.03
C ASN WA 384 -11.89 -25.94 109.19
N ALA WA 385 -11.40 -26.51 110.28
CA ALA WA 385 -11.72 -27.90 110.60
C ALA WA 385 -13.03 -28.02 111.35
N LEU WA 386 -13.47 -26.96 112.01
CA LEU WA 386 -14.66 -26.95 112.82
C LEU WA 386 -15.59 -25.87 112.32
N MET WA 387 -16.85 -26.20 112.11
CA MET WA 387 -17.81 -25.26 111.55
C MET WA 387 -18.30 -24.32 112.63
N GLY WA 388 -18.58 -23.08 112.25
CA GLY WA 388 -18.88 -22.05 113.21
C GLY WA 388 -18.38 -20.73 112.70
N ALA WA 389 -18.73 -19.68 113.44
CA ALA WA 389 -18.39 -18.32 113.07
C ALA WA 389 -17.51 -17.64 114.09
N ARG WA 390 -17.64 -17.99 115.36
CA ARG WA 390 -16.87 -17.42 116.44
C ARG WA 390 -16.41 -18.55 117.37
N PRO WA 391 -15.15 -18.55 117.80
CA PRO WA 391 -14.57 -19.79 118.35
C PRO WA 391 -14.98 -20.17 119.76
N GLU WA 392 -16.03 -19.60 120.35
CA GLU WA 392 -16.60 -20.25 121.52
C GLU WA 392 -17.66 -21.26 121.15
N GLU WA 393 -18.11 -21.26 119.89
CA GLU WA 393 -19.07 -22.24 119.40
C GLU WA 393 -18.40 -23.52 118.93
N ALA WA 394 -17.19 -23.42 118.36
CA ALA WA 394 -16.56 -24.57 117.73
C ALA WA 394 -15.96 -25.53 118.75
N TYR WA 395 -15.70 -25.05 119.97
CA TYR WA 395 -15.15 -25.92 121.00
C TYR WA 395 -15.51 -25.37 122.37
N PHE WA 396 -15.33 -26.23 123.39
CA PHE WA 396 -15.44 -25.82 124.78
C PHE WA 396 -14.70 -26.84 125.66
N VAL WA 397 -13.94 -26.33 126.61
CA VAL WA 397 -13.23 -27.14 127.60
C VAL WA 397 -13.66 -26.70 128.99
N GLN WA 398 -14.12 -27.64 129.80
CA GLN WA 398 -14.62 -27.34 131.13
C GLN WA 398 -13.87 -28.21 132.12
N ILE WA 399 -13.10 -27.59 133.01
CA ILE WA 399 -12.34 -28.32 134.01
C ILE WA 399 -12.33 -27.49 135.29
N GLY WA 400 -12.41 -28.15 136.44
CA GLY WA 400 -12.40 -27.40 137.69
C GLY WA 400 -12.59 -28.30 138.89
N GLN WA 401 -12.69 -27.64 140.05
CA GLN WA 401 -12.84 -28.36 141.31
C GLN WA 401 -14.22 -28.97 141.44
N ASP WA 402 -15.26 -28.17 141.26
CA ASP WA 402 -16.64 -28.66 141.32
C ASP WA 402 -17.34 -28.66 139.98
N ILE WA 403 -16.68 -28.22 138.91
CA ILE WA 403 -17.30 -28.24 137.59
C ILE WA 403 -17.35 -29.66 137.05
N THR WA 404 -16.26 -30.42 137.23
CA THR WA 404 -16.15 -31.77 136.70
C THR WA 404 -15.70 -32.80 137.72
N MET WA 405 -15.13 -32.40 138.85
CA MET WA 405 -14.53 -33.34 139.77
C MET WA 405 -15.17 -33.26 141.15
N SER WA 406 -14.68 -34.12 142.04
CA SER WA 406 -15.04 -34.12 143.44
C SER WA 406 -13.77 -34.07 144.28
N GLU WA 407 -13.97 -33.97 145.59
CA GLU WA 407 -12.84 -34.06 146.51
C GLU WA 407 -12.28 -35.48 146.55
N ALA WA 408 -13.13 -36.49 146.52
CA ALA WA 408 -12.63 -37.86 146.46
C ALA WA 408 -12.10 -38.20 145.09
N ASP WA 409 -12.44 -37.42 144.07
CA ASP WA 409 -11.85 -37.60 142.74
C ASP WA 409 -10.40 -37.12 142.69
N ILE WA 410 -10.11 -35.92 143.17
CA ILE WA 410 -8.76 -35.40 143.20
C ILE WA 410 -7.87 -36.10 144.23
N LYS WA 411 -8.43 -36.54 145.35
CA LYS WA 411 -7.65 -37.26 146.35
C LYS WA 411 -7.16 -38.61 145.85
N GLN WA 412 -7.89 -39.23 144.92
CA GLN WA 412 -7.37 -40.41 144.25
C GLN WA 412 -6.22 -40.06 143.32
N GLY WA 413 -6.23 -38.85 142.76
CA GLY WA 413 -5.14 -38.38 141.93
C GLY WA 413 -5.41 -38.33 140.45
N LYS WA 414 -6.66 -38.24 140.02
CA LYS WA 414 -6.97 -38.16 138.60
C LYS WA 414 -7.71 -36.87 138.28
N MET WA 415 -7.61 -36.44 137.03
CA MET WA 415 -8.13 -35.18 136.55
C MET WA 415 -8.99 -35.40 135.33
N ILE WA 416 -10.22 -34.91 135.36
CA ILE WA 416 -11.19 -35.11 134.30
C ILE WA 416 -11.60 -33.76 133.74
N MET WA 417 -11.50 -33.61 132.43
CA MET WA 417 -11.99 -32.44 131.70
C MET WA 417 -12.88 -32.93 130.58
N THR WA 418 -13.75 -32.04 130.10
CA THR WA 418 -14.73 -32.38 129.07
C THR WA 418 -14.45 -31.54 127.83
N VAL WA 419 -13.83 -32.15 126.83
CA VAL WA 419 -13.63 -31.52 125.56
C VAL WA 419 -14.83 -31.86 124.68
N GLY WA 420 -15.24 -30.91 123.83
CA GLY WA 420 -16.31 -31.14 122.89
C GLY WA 420 -16.20 -30.19 121.73
N LEU WA 421 -16.34 -30.70 120.51
CA LEU WA 421 -16.04 -29.93 119.32
C LEU WA 421 -16.96 -30.33 118.18
N ALA WA 422 -17.34 -29.36 117.36
CA ALA WA 422 -18.32 -29.55 116.30
C ALA WA 422 -17.61 -29.61 114.96
N ALA WA 423 -17.70 -30.75 114.27
CA ALA WA 423 -17.02 -30.96 113.01
C ALA WA 423 -17.93 -30.58 111.84
N VAL WA 424 -17.32 -30.55 110.65
CA VAL WA 424 -18.02 -30.18 109.42
C VAL WA 424 -18.44 -31.46 108.71
N ARG WA 425 -19.71 -31.52 108.28
CA ARG WA 425 -20.23 -32.71 107.63
C ARG WA 425 -20.24 -32.49 106.13
N PRO WA 426 -19.67 -33.39 105.33
CA PRO WA 426 -19.61 -33.18 103.89
C PRO WA 426 -20.94 -33.42 103.21
N ALA WA 427 -21.00 -33.06 101.94
CA ALA WA 427 -22.22 -33.14 101.14
C ALA WA 427 -22.13 -34.35 100.22
N GLU WA 428 -22.86 -35.41 100.57
CA GLU WA 428 -22.86 -36.59 99.72
C GLU WA 428 -23.74 -36.38 98.50
N PHE WA 429 -25.04 -36.17 98.70
CA PHE WA 429 -25.99 -36.09 97.62
C PHE WA 429 -26.14 -34.64 97.19
N ILE WA 430 -26.32 -34.42 95.89
CA ILE WA 430 -26.78 -33.13 95.37
C ILE WA 430 -27.96 -33.41 94.47
N ILE WA 431 -28.85 -32.44 94.35
CA ILE WA 431 -30.04 -32.57 93.53
C ILE WA 431 -30.12 -31.36 92.62
N LEU WA 432 -30.13 -31.61 91.32
CA LEU WA 432 -30.27 -30.57 90.32
C LEU WA 432 -31.68 -30.59 89.80
N GLN WA 433 -32.36 -29.46 89.88
CA GLN WA 433 -33.79 -29.39 89.60
C GLN WA 433 -33.96 -28.54 88.36
N PHE WA 434 -34.00 -29.19 87.20
CA PHE WA 434 -34.03 -28.49 85.93
C PHE WA 434 -35.46 -28.12 85.57
N THR WA 435 -35.83 -26.87 85.81
CA THR WA 435 -37.10 -26.35 85.35
C THR WA 435 -36.92 -25.75 83.97
N GLN WA 436 -38.02 -25.24 83.43
CA GLN WA 436 -38.07 -24.77 82.06
C GLN WA 436 -38.73 -23.41 81.92
N ASP WA 437 -39.55 -23.02 82.88
CA ASP WA 437 -40.21 -21.71 82.86
C ASP WA 437 -39.30 -20.72 83.57
N VAL WA 438 -38.53 -19.97 82.78
CA VAL WA 438 -37.55 -19.05 83.34
C VAL WA 438 -38.23 -17.85 83.96
N VAL WA 439 -39.08 -17.17 83.20
CA VAL WA 439 -39.74 -15.97 83.68
C VAL WA 439 -40.85 -16.32 84.67
N LEU XA 5 -32.87 -41.83 96.30
CA LEU XA 5 -31.58 -41.35 96.77
C LEU XA 5 -30.65 -42.53 97.07
N LYS XA 6 -30.22 -42.62 98.33
CA LYS XA 6 -29.46 -43.71 98.94
C LYS XA 6 -28.05 -43.89 98.37
N ALA XA 7 -27.62 -43.07 97.41
CA ALA XA 7 -26.29 -43.26 96.83
C ALA XA 7 -25.74 -41.88 96.52
N PRO XA 8 -24.45 -41.64 96.73
CA PRO XA 8 -23.88 -40.32 96.48
C PRO XA 8 -23.81 -40.02 94.99
N GLY XA 9 -23.83 -38.73 94.68
CA GLY XA 9 -23.71 -38.27 93.32
C GLY XA 9 -24.82 -37.31 92.95
N VAL XA 10 -24.80 -36.91 91.68
CA VAL XA 10 -25.75 -35.94 91.17
C VAL XA 10 -27.08 -36.64 90.91
N TYR XA 11 -28.17 -35.91 91.07
CA TYR XA 11 -29.52 -36.43 90.83
C TYR XA 11 -30.27 -35.39 90.02
N ILE XA 12 -30.25 -35.52 88.70
CA ILE XA 12 -31.00 -34.60 87.85
C ILE XA 12 -32.48 -34.92 87.98
N GLU XA 13 -33.29 -33.88 88.16
CA GLU XA 13 -34.73 -34.04 88.12
C GLU XA 13 -35.37 -32.85 87.41
N GLU XA 14 -36.42 -33.12 86.65
CA GLU XA 14 -37.10 -32.10 85.87
C GLU XA 14 -38.36 -31.61 86.59
N ASP XA 15 -39.08 -30.75 85.87
CA ASP XA 15 -40.33 -30.05 86.24
C ASP XA 15 -40.30 -29.57 87.70
N ALA XA 16 -39.31 -28.75 87.97
CA ALA XA 16 -39.07 -28.24 89.30
C ALA XA 16 -40.11 -27.18 89.69
N SER XA 17 -40.02 -26.73 90.93
CA SER XA 17 -40.89 -25.71 91.48
C SER XA 17 -40.26 -24.34 91.29
N LEU XA 18 -40.93 -23.32 91.80
CA LEU XA 18 -40.48 -21.94 91.70
C LEU XA 18 -40.00 -21.47 93.08
N ALA XA 19 -38.86 -20.80 93.11
CA ALA XA 19 -38.28 -20.26 94.32
C ALA XA 19 -38.06 -18.77 94.16
N LEU XA 20 -38.05 -18.06 95.29
CA LEU XA 20 -37.97 -16.61 95.32
C LEU XA 20 -36.81 -16.18 96.20
N SER XA 21 -36.73 -14.88 96.46
CA SER XA 21 -35.69 -14.32 97.31
C SER XA 21 -36.18 -14.23 98.74
N VAL XA 22 -35.23 -14.07 99.66
CA VAL XA 22 -35.56 -14.07 101.08
C VAL XA 22 -35.90 -12.65 101.55
N SER XA 23 -35.01 -11.68 101.32
CA SER XA 23 -35.20 -10.24 101.51
C SER XA 23 -35.67 -9.91 102.94
N ASN XA 24 -34.82 -10.23 103.90
CA ASN XA 24 -35.16 -10.06 105.30
C ASN XA 24 -35.18 -8.59 105.72
N SER XA 25 -36.16 -8.25 106.55
CA SER XA 25 -36.33 -6.92 107.12
C SER XA 25 -37.25 -7.03 108.33
N ALA XA 26 -36.75 -6.57 109.48
CA ALA XA 26 -37.48 -6.70 110.74
C ALA XA 26 -38.21 -5.43 111.15
N THR XA 27 -38.51 -4.55 110.20
CA THR XA 27 -39.17 -3.29 110.55
C THR XA 27 -40.63 -3.23 110.10
N ALA XA 28 -40.96 -3.84 108.96
CA ALA XA 28 -42.32 -3.91 108.45
C ALA XA 28 -42.68 -5.38 108.31
N VAL XA 29 -43.13 -5.98 109.40
CA VAL XA 29 -43.48 -7.40 109.44
C VAL XA 29 -45.00 -7.51 109.32
N PRO XA 30 -45.53 -7.98 108.21
CA PRO XA 30 -46.99 -8.09 108.07
C PRO XA 30 -47.49 -9.39 108.66
N VAL XA 31 -48.81 -9.49 108.74
CA VAL XA 31 -49.49 -10.71 109.17
C VAL XA 31 -50.63 -10.97 108.20
N PHE XA 32 -50.74 -12.19 107.72
CA PHE XA 32 -51.66 -12.53 106.65
C PHE XA 32 -52.79 -13.36 107.24
N ILE XA 33 -53.94 -12.73 107.46
CA ILE XA 33 -55.11 -13.40 107.99
C ILE XA 33 -55.99 -13.79 106.81
N GLY XA 34 -56.16 -15.08 106.59
CA GLY XA 34 -56.95 -15.51 105.47
C GLY XA 34 -57.24 -16.99 105.50
N LYS XA 35 -57.69 -17.50 104.36
CA LYS XA 35 -58.08 -18.89 104.22
C LYS XA 35 -56.85 -19.71 103.80
N PHE XA 36 -56.14 -20.22 104.79
CA PHE XA 36 -55.02 -21.13 104.56
C PHE XA 36 -55.35 -22.48 105.21
N THR XA 37 -54.79 -23.55 104.67
CA THR XA 37 -54.90 -24.88 105.27
C THR XA 37 -53.52 -25.42 105.59
N PRO XA 38 -53.23 -25.70 106.85
CA PRO XA 38 -51.96 -26.37 107.19
C PRO XA 38 -52.00 -27.83 106.77
N THR XA 39 -50.82 -28.36 106.41
CA THR XA 39 -50.69 -29.74 105.95
C THR XA 39 -49.79 -30.61 106.80
N VAL XA 40 -48.87 -30.05 107.58
CA VAL XA 40 -47.82 -30.83 108.21
C VAL XA 40 -48.10 -31.10 109.69
N VAL XA 41 -48.79 -30.19 110.38
CA VAL XA 41 -49.06 -30.36 111.79
C VAL XA 41 -50.57 -30.38 112.10
N ASP XA 42 -51.34 -29.51 111.42
CA ASP XA 42 -52.81 -29.45 111.42
C ASP XA 42 -53.47 -29.19 112.78
N SER XA 43 -52.70 -28.99 113.85
CA SER XA 43 -53.29 -29.17 115.18
C SER XA 43 -53.31 -27.91 116.03
N ILE XA 44 -52.16 -27.34 116.38
CA ILE XA 44 -52.02 -26.53 117.58
C ILE XA 44 -51.55 -25.11 117.29
N GLN XA 45 -50.59 -24.95 116.36
CA GLN XA 45 -50.00 -23.64 116.12
C GLN XA 45 -51.02 -22.76 115.41
N VAL XA 46 -51.59 -21.82 116.15
CA VAL XA 46 -52.70 -21.01 115.66
C VAL XA 46 -52.22 -20.02 114.61
N CYS XA 47 -50.98 -19.56 114.71
CA CYS XA 47 -50.35 -18.83 113.61
C CYS XA 47 -48.86 -19.14 113.59
N THR XA 48 -48.31 -19.27 112.39
CA THR XA 48 -46.95 -19.73 112.18
C THR XA 48 -46.08 -18.61 111.63
N ARG XA 49 -44.85 -18.54 112.10
CA ARG XA 49 -43.86 -17.62 111.58
C ARG XA 49 -43.13 -18.28 110.41
N ILE XA 50 -43.31 -17.72 109.22
CA ILE XA 50 -42.52 -18.13 108.07
C ILE XA 50 -41.49 -17.05 107.82
N SER XA 51 -40.42 -17.40 107.12
CA SER XA 51 -39.33 -16.47 106.86
C SER XA 51 -39.11 -16.23 105.38
N ASN XA 52 -39.54 -17.14 104.52
CA ASN XA 52 -39.40 -17.01 103.08
C ASN XA 52 -40.43 -17.92 102.42
N TRP XA 53 -40.24 -18.17 101.13
CA TRP XA 53 -41.17 -19.01 100.40
C TRP XA 53 -41.02 -20.48 100.75
N LEU XA 54 -39.85 -20.89 101.24
CA LEU XA 54 -39.63 -22.31 101.47
C LEU XA 54 -40.25 -22.79 102.77
N GLU XA 55 -40.25 -21.94 103.80
CA GLU XA 55 -40.94 -22.32 105.03
C GLU XA 55 -42.45 -22.29 104.86
N PHE XA 56 -42.94 -21.59 103.84
CA PHE XA 56 -44.36 -21.66 103.52
C PHE XA 56 -44.70 -22.99 102.87
N THR XA 57 -43.88 -23.44 101.91
CA THR XA 57 -44.14 -24.72 101.25
C THR XA 57 -43.91 -25.89 102.18
N SER XA 58 -43.00 -25.74 103.15
CA SER XA 58 -42.76 -26.79 104.13
C SER XA 58 -43.82 -26.84 105.22
N SER XA 59 -44.79 -25.92 105.22
CA SER XA 59 -45.82 -25.88 106.26
C SER XA 59 -47.22 -25.73 105.72
N PHE XA 60 -47.40 -25.25 104.51
CA PHE XA 60 -48.74 -24.95 104.00
C PHE XA 60 -48.97 -25.66 102.67
N SER XA 61 -50.06 -25.30 101.99
CA SER XA 61 -50.72 -26.19 101.05
C SER XA 61 -50.32 -26.01 99.61
N LEU XA 62 -50.07 -24.77 99.17
CA LEU XA 62 -50.02 -24.37 97.75
C LEU XA 62 -51.28 -24.80 97.00
N ALA XA 63 -52.43 -24.73 97.66
CA ALA XA 63 -53.70 -25.19 97.10
C ALA XA 63 -54.80 -24.22 97.49
N PRO XA 64 -55.55 -23.66 96.54
CA PRO XA 64 -56.63 -22.74 96.88
C PRO XA 64 -57.81 -23.47 97.50
N THR XA 65 -58.37 -22.89 98.57
CA THR XA 65 -59.44 -23.54 99.31
C THR XA 65 -60.73 -23.35 98.53
N VAL XA 66 -61.15 -24.39 97.84
CA VAL XA 66 -62.31 -24.34 96.98
C VAL XA 66 -63.57 -24.31 97.83
N GLU XA 67 -64.55 -23.50 97.44
CA GLU XA 67 -65.75 -23.30 98.24
C GLU XA 67 -66.93 -23.21 97.28
N ILE XA 68 -67.86 -24.16 97.37
CA ILE XA 68 -68.95 -24.32 96.43
C ILE XA 68 -70.28 -24.02 97.12
N VAL XA 69 -71.16 -23.30 96.43
CA VAL XA 69 -72.53 -23.06 96.88
C VAL XA 69 -73.47 -23.55 95.79
N VAL XA 70 -74.36 -24.48 96.14
CA VAL XA 70 -75.36 -24.96 95.20
C VAL XA 70 -76.39 -23.88 94.88
N ILE XA 86 -77.26 -25.37 88.89
CA ILE XA 86 -77.19 -23.95 89.25
C ILE XA 86 -76.33 -23.77 90.50
N GLU XA 87 -75.08 -23.39 90.30
CA GLU XA 87 -74.12 -23.25 91.39
C GLU XA 87 -73.18 -22.10 91.11
N THR XA 88 -72.93 -21.27 92.13
CA THR XA 88 -71.95 -20.19 92.08
C THR XA 88 -70.83 -20.50 93.04
N ILE XA 89 -69.59 -20.48 92.55
CA ILE XA 89 -68.45 -21.01 93.26
C ILE XA 89 -67.50 -19.87 93.62
N ASN XA 90 -66.54 -20.17 94.50
CA ASN XA 90 -65.57 -19.21 95.01
C ASN XA 90 -64.24 -19.89 95.22
N LEU XA 91 -63.16 -19.29 94.71
CA LEU XA 91 -61.80 -19.78 94.88
C LEU XA 91 -60.98 -18.75 95.65
N SER XA 92 -60.26 -19.21 96.66
CA SER XA 92 -59.56 -18.30 97.56
C SER XA 92 -58.15 -18.05 97.05
N PRO XA 93 -57.78 -16.80 96.75
CA PRO XA 93 -56.44 -16.49 96.26
C PRO XA 93 -55.40 -16.21 97.34
N ALA XA 94 -55.62 -16.65 98.59
CA ALA XA 94 -54.70 -16.34 99.67
C ALA XA 94 -53.32 -16.96 99.48
N VAL XA 95 -53.25 -18.11 98.82
CA VAL XA 95 -51.96 -18.70 98.53
C VAL XA 95 -51.26 -17.96 97.41
N GLU XA 96 -51.99 -17.53 96.39
CA GLU XA 96 -51.43 -16.74 95.31
C GLU XA 96 -51.09 -15.32 95.71
N ALA XA 97 -51.92 -14.68 96.54
CA ALA XA 97 -51.64 -13.31 96.96
C ALA XA 97 -50.39 -13.21 97.83
N LEU XA 98 -50.00 -14.29 98.48
CA LEU XA 98 -48.78 -14.34 99.25
C LEU XA 98 -47.56 -14.61 98.37
N ARG XA 99 -47.75 -15.19 97.18
CA ARG XA 99 -46.64 -15.31 96.25
C ARG XA 99 -46.24 -13.96 95.70
N LEU XA 100 -47.19 -13.07 95.50
CA LEU XA 100 -46.91 -11.74 94.99
C LEU XA 100 -46.33 -10.83 96.06
N TYR XA 101 -46.51 -11.17 97.34
CA TYR XA 101 -45.85 -10.42 98.39
C TYR XA 101 -44.36 -10.70 98.40
N PHE XA 102 -43.97 -11.94 98.14
CA PHE XA 102 -42.56 -12.30 98.08
C PHE XA 102 -41.92 -11.90 96.77
N GLN XA 103 -42.71 -11.56 95.76
CA GLN XA 103 -42.17 -11.18 94.46
C GLN XA 103 -41.91 -9.69 94.37
N ASN XA 104 -42.76 -8.86 94.97
CA ASN XA 104 -42.51 -7.43 95.00
C ASN XA 104 -41.46 -7.09 96.05
N GLY XA 105 -41.76 -7.37 97.31
CA GLY XA 105 -40.79 -7.21 98.37
C GLY XA 105 -40.44 -8.52 99.02
N GLY XA 106 -40.27 -8.52 100.32
CA GLY XA 106 -39.98 -9.74 101.05
C GLY XA 106 -40.31 -9.54 102.50
N GLY XA 107 -39.83 -10.45 103.33
CA GLY XA 107 -40.01 -10.32 104.76
C GLY XA 107 -40.35 -11.64 105.37
N ALA XA 108 -40.56 -11.61 106.68
CA ALA XA 108 -40.90 -12.80 107.44
C ALA XA 108 -42.26 -12.57 108.09
N CYS XA 109 -43.31 -12.84 107.34
CA CYS XA 109 -44.66 -12.57 107.81
C CYS XA 109 -45.15 -13.71 108.68
N TYR XA 110 -45.90 -13.37 109.72
CA TYR XA 110 -46.69 -14.36 110.43
C TYR XA 110 -47.90 -14.68 109.57
N ILE XA 111 -48.30 -15.94 109.54
CA ILE XA 111 -49.48 -16.34 108.79
C ILE XA 111 -50.52 -16.86 109.76
N TYR XA 112 -51.67 -16.22 109.79
CA TYR XA 112 -52.78 -16.59 110.66
C TYR XA 112 -53.86 -17.25 109.83
N PRO XA 113 -53.91 -18.58 109.74
CA PRO XA 113 -54.98 -19.20 108.97
C PRO XA 113 -56.30 -19.12 109.71
N LEU XA 114 -57.32 -18.67 109.00
CA LEU XA 114 -58.64 -18.47 109.60
C LEU XA 114 -59.66 -18.83 108.53
N ASN XA 115 -60.33 -19.97 108.71
CA ASN XA 115 -61.24 -20.44 107.68
C ASN XA 115 -62.69 -20.13 108.00
N ASP XA 116 -63.04 -19.95 109.27
CA ASP XA 116 -64.44 -19.81 109.65
C ASP XA 116 -64.95 -18.38 109.46
N ALA XA 117 -64.37 -17.42 110.20
CA ALA XA 117 -64.77 -16.02 110.30
C ALA XA 117 -66.21 -15.81 110.76
N GLU XA 118 -66.81 -16.79 111.44
CA GLU XA 118 -68.08 -16.59 112.10
C GLU XA 118 -68.11 -17.10 113.53
N ASP XA 119 -67.10 -17.84 113.97
CA ASP XA 119 -67.01 -18.23 115.37
C ASP XA 119 -66.54 -17.04 116.20
N GLU XA 120 -67.40 -16.57 117.10
CA GLU XA 120 -67.10 -15.39 117.91
C GLU XA 120 -66.00 -15.67 118.93
N LEU XA 121 -65.81 -16.93 119.31
CA LEU XA 121 -64.82 -17.28 120.32
C LEU XA 121 -63.40 -17.31 119.76
N VAL XA 122 -63.25 -17.50 118.45
CA VAL XA 122 -61.94 -17.49 117.80
C VAL XA 122 -61.61 -16.11 117.25
N LEU XA 123 -62.59 -15.45 116.61
CA LEU XA 123 -62.36 -14.18 115.95
C LEU XA 123 -62.04 -13.06 116.93
N ALA XA 124 -62.62 -13.10 118.14
CA ALA XA 124 -62.33 -12.07 119.12
C ALA XA 124 -60.98 -12.24 119.79
N ALA XA 125 -60.34 -13.40 119.62
CA ALA XA 125 -59.02 -13.65 120.18
C ALA XA 125 -57.90 -13.40 119.17
N ILE XA 126 -58.22 -12.83 118.00
CA ILE XA 126 -57.20 -12.35 117.08
C ILE XA 126 -56.34 -11.25 117.71
N PRO XA 127 -56.86 -10.19 118.37
CA PRO XA 127 -55.93 -9.23 118.99
C PRO XA 127 -55.21 -9.77 120.22
N GLU XA 128 -55.73 -10.80 120.87
CA GLU XA 128 -55.07 -11.33 122.05
C GLU XA 128 -53.86 -12.17 121.69
N VAL XA 129 -53.80 -12.73 120.49
CA VAL XA 129 -52.64 -13.51 120.09
C VAL XA 129 -51.68 -12.68 119.25
N ILE XA 130 -52.16 -11.58 118.67
CA ILE XA 130 -51.30 -10.79 117.79
C ILE XA 130 -50.57 -9.70 118.55
N GLU XA 131 -50.97 -9.41 119.79
CA GLU XA 131 -50.15 -8.62 120.67
C GLU XA 131 -49.17 -9.46 121.46
N GLN XA 132 -49.38 -10.77 121.49
CA GLN XA 132 -48.50 -11.64 122.26
C GLN XA 132 -47.16 -11.84 121.58
N LYS XA 133 -47.08 -11.60 120.27
CA LYS XA 133 -45.85 -11.89 119.54
C LYS XA 133 -44.96 -10.66 119.38
N GLY XA 134 -45.55 -9.47 119.35
CA GLY XA 134 -44.78 -8.24 119.53
C GLY XA 134 -43.83 -7.89 118.41
N ASP XA 135 -44.10 -8.34 117.20
CA ASP XA 135 -43.24 -8.05 116.06
C ASP XA 135 -44.00 -7.52 114.87
N ILE XA 136 -45.33 -7.40 114.97
CA ILE XA 136 -46.16 -7.09 113.81
C ILE XA 136 -46.28 -5.57 113.64
N THR XA 137 -46.18 -5.12 112.39
CA THR XA 137 -46.45 -3.72 112.11
C THR XA 137 -47.58 -3.56 111.11
N LEU XA 138 -47.74 -4.50 110.18
CA LEU XA 138 -48.76 -4.41 109.15
C LEU XA 138 -49.82 -5.49 109.33
N LEU XA 139 -51.02 -5.20 108.86
CA LEU XA 139 -52.18 -6.05 109.09
C LEU XA 139 -52.92 -6.17 107.76
N VAL XA 140 -52.83 -7.32 107.09
CA VAL XA 140 -53.39 -7.44 105.76
C VAL XA 140 -54.49 -8.50 105.77
N CYS XA 141 -55.28 -8.50 104.70
CA CYS XA 141 -56.34 -9.49 104.48
C CYS XA 141 -56.44 -9.75 102.98
N PRO XA 142 -55.93 -10.87 102.49
CA PRO XA 142 -55.86 -11.08 101.04
C PRO XA 142 -57.11 -11.65 100.37
N GLU XA 143 -58.30 -11.48 100.94
CA GLU XA 143 -59.49 -12.15 100.38
C GLU XA 143 -60.39 -11.19 99.61
N LEU XA 144 -61.24 -11.78 98.76
CA LEU XA 144 -62.17 -11.02 97.92
C LEU XA 144 -63.51 -10.78 98.63
N ASP XA 145 -63.95 -11.73 99.46
CA ASP XA 145 -65.32 -11.77 99.96
C ASP XA 145 -65.56 -10.67 100.98
N LEU XA 146 -66.61 -9.88 100.76
CA LEU XA 146 -66.97 -8.80 101.68
C LEU XA 146 -67.42 -9.34 103.03
N ASP XA 147 -68.19 -10.43 103.05
CA ASP XA 147 -68.71 -10.95 104.31
C ASP XA 147 -67.63 -11.68 105.09
N TYR XA 148 -66.54 -12.08 104.42
CA TYR XA 148 -65.39 -12.60 105.14
C TYR XA 148 -64.52 -11.46 105.67
N LYS XA 149 -64.18 -10.51 104.79
CA LYS XA 149 -63.20 -9.47 105.10
C LYS XA 149 -63.70 -8.46 106.11
N THR XA 150 -64.95 -8.01 106.00
CA THR XA 150 -65.46 -7.00 106.92
C THR XA 150 -65.75 -7.55 108.30
N LYS XA 151 -65.80 -8.87 108.46
CA LYS XA 151 -65.89 -9.46 109.80
C LYS XA 151 -64.55 -9.45 110.51
N ILE XA 152 -63.45 -9.39 109.77
CA ILE XA 152 -62.13 -9.42 110.40
C ILE XA 152 -61.72 -8.03 110.84
N TYR XA 153 -61.98 -7.01 110.00
CA TYR XA 153 -61.59 -5.63 110.28
C TYR XA 153 -62.23 -5.08 111.56
N GLY XA 154 -63.41 -5.56 111.93
CA GLY XA 154 -64.00 -5.17 113.20
C GLY XA 154 -63.27 -5.73 114.40
N ALA XA 155 -62.74 -6.95 114.30
CA ALA XA 155 -61.96 -7.53 115.38
C ALA XA 155 -60.56 -6.94 115.47
N VAL XA 156 -59.95 -6.67 114.32
CA VAL XA 156 -58.61 -6.10 114.24
C VAL XA 156 -58.57 -4.64 114.68
N SER XA 157 -59.72 -3.95 114.65
CA SER XA 157 -59.78 -2.52 114.91
C SER XA 157 -59.47 -2.11 116.35
N SER XA 158 -59.37 -3.07 117.27
CA SER XA 158 -58.91 -2.76 118.61
C SER XA 158 -57.43 -2.42 118.66
N LEU XA 159 -56.66 -2.87 117.66
CA LEU XA 159 -55.25 -2.54 117.60
C LEU XA 159 -55.00 -1.11 117.13
N LEU XA 160 -56.00 -0.46 116.53
CA LEU XA 160 -55.87 0.90 116.04
C LEU XA 160 -56.24 1.94 117.09
N ASN XA 161 -56.35 1.55 118.35
CA ASN XA 161 -56.57 2.50 119.44
C ASN XA 161 -55.28 3.21 119.80
N ASP XA 162 -55.36 4.16 120.73
CA ASP XA 162 -54.16 4.84 121.18
C ASP XA 162 -53.41 4.08 122.27
N ASN XA 163 -54.04 3.04 122.83
CA ASN XA 163 -53.40 2.25 123.87
C ASN XA 163 -52.29 1.37 123.32
N LYS XA 164 -52.31 1.07 122.03
CA LYS XA 164 -51.31 0.24 121.37
C LYS XA 164 -50.52 1.07 120.36
N VAL XA 165 -49.35 0.55 119.96
CA VAL XA 165 -48.40 1.25 119.11
C VAL XA 165 -48.13 0.40 117.88
N GLY XA 166 -47.64 1.04 116.82
CA GLY XA 166 -47.47 0.34 115.55
C GLY XA 166 -48.81 0.07 114.93
N TYR XA 167 -48.94 -1.10 114.30
CA TYR XA 167 -50.21 -1.68 113.83
C TYR XA 167 -50.91 -0.78 112.81
N PHE XA 168 -50.24 -0.62 111.66
CA PHE XA 168 -50.82 0.09 110.53
C PHE XA 168 -51.62 -0.88 109.68
N LEU XA 169 -52.94 -0.71 109.66
CA LEU XA 169 -53.84 -1.62 108.95
C LEU XA 169 -53.92 -1.18 107.50
N ILE XA 170 -53.24 -1.89 106.61
CA ILE XA 170 -53.35 -1.65 105.19
C ILE XA 170 -54.51 -2.48 104.64
N ALA XA 171 -55.54 -1.78 104.15
CA ALA XA 171 -56.84 -2.38 103.85
C ALA XA 171 -57.13 -2.31 102.36
N ASP XA 172 -58.37 -2.64 102.02
CA ASP XA 172 -58.84 -2.63 100.64
C ASP XA 172 -60.31 -2.28 100.60
N SER XA 173 -60.69 -1.49 99.60
CA SER XA 173 -62.08 -1.23 99.27
C SER XA 173 -62.40 -1.90 97.94
N ASN XA 174 -63.52 -2.62 97.89
CA ASN XA 174 -63.85 -3.36 96.67
C ASN XA 174 -64.40 -2.43 95.59
N ASP XA 175 -65.01 -1.32 96.00
CA ASP XA 175 -65.44 -0.28 95.08
C ASP XA 175 -64.74 1.02 95.44
N GLY XA 176 -65.12 2.11 94.78
CA GLY XA 176 -64.51 3.39 95.07
C GLY XA 176 -64.92 4.00 96.39
N GLU XA 177 -65.95 3.44 97.03
CA GLU XA 177 -66.44 4.00 98.28
C GLU XA 177 -65.62 3.47 99.46
N SER XA 178 -65.69 4.22 100.56
CA SER XA 178 -64.86 3.94 101.72
C SER XA 178 -65.35 2.69 102.46
N VAL XA 179 -64.42 2.08 103.18
CA VAL XA 179 -64.73 0.89 103.96
C VAL XA 179 -65.65 1.23 105.13
N SER XA 180 -65.49 2.44 105.69
CA SER XA 180 -66.46 3.15 106.52
C SER XA 180 -66.85 2.34 107.75
N GLY XA 181 -65.88 2.15 108.64
CA GLY XA 181 -66.13 1.44 109.87
C GLY XA 181 -65.65 2.25 111.06
N VAL XA 182 -65.46 1.55 112.18
CA VAL XA 182 -64.86 2.17 113.35
C VAL XA 182 -63.33 2.18 113.23
N TRP XA 183 -62.81 1.49 112.21
CA TRP XA 183 -61.41 1.56 111.83
C TRP XA 183 -61.11 2.71 110.89
N ASN XA 184 -61.86 3.81 111.00
CA ASN XA 184 -61.65 5.03 110.23
C ASN XA 184 -60.56 5.91 110.85
N SER XA 185 -59.75 5.35 111.76
CA SER XA 185 -58.71 6.13 112.42
C SER XA 185 -57.54 6.36 111.48
N ALA XA 186 -56.55 7.10 111.97
CA ALA XA 186 -55.40 7.52 111.17
C ALA XA 186 -54.46 6.37 110.84
N LYS XA 187 -54.65 5.19 111.40
CA LYS XA 187 -53.77 4.05 111.19
C LYS XA 187 -54.25 3.11 110.11
N ALA XA 188 -54.91 3.63 109.07
CA ALA XA 188 -55.50 2.79 108.05
C ALA XA 188 -55.20 3.36 106.66
N ALA XA 189 -55.05 2.48 105.68
CA ALA XA 189 -54.88 2.90 104.30
C ALA XA 189 -55.59 1.90 103.39
N ALA XA 190 -56.25 2.41 102.36
CA ALA XA 190 -57.03 1.58 101.46
C ALA XA 190 -56.55 1.77 100.03
N TYR XA 191 -56.52 0.69 99.26
CA TYR XA 191 -55.96 0.68 97.92
C TYR XA 191 -56.97 0.09 96.96
N TYR XA 192 -57.50 0.90 96.04
CA TYR XA 192 -58.74 0.55 95.35
C TYR XA 192 -58.65 -0.56 94.28
N PRO XA 193 -57.86 -0.46 93.20
CA PRO XA 193 -58.09 -1.36 92.07
C PRO XA 193 -57.56 -2.75 92.35
N GLN XA 194 -58.39 -3.75 92.16
CA GLN XA 194 -57.95 -5.12 92.37
C GLN XA 194 -57.05 -5.55 91.22
N LEU XA 195 -55.99 -6.27 91.54
CA LEU XA 195 -55.05 -6.66 90.50
C LEU XA 195 -55.53 -7.94 89.82
N GLU XA 196 -54.89 -8.28 88.70
CA GLU XA 196 -55.21 -9.49 87.96
C GLU XA 196 -53.87 -10.13 87.59
N THR XA 197 -53.39 -11.00 88.46
CA THR XA 197 -52.08 -11.60 88.31
C THR XA 197 -52.07 -12.59 87.15
N ASN XA 198 -50.88 -12.81 86.58
CA ASN XA 198 -50.73 -13.67 85.43
C ASN XA 198 -50.48 -15.13 85.79
N LEU XA 199 -50.49 -15.48 87.07
CA LEU XA 199 -50.28 -16.87 87.43
C LEU XA 199 -51.60 -17.64 87.35
N LYS XA 200 -51.51 -18.96 87.46
CA LYS XA 200 -52.66 -19.84 87.38
C LYS XA 200 -52.71 -20.75 88.60
N PHE XA 201 -53.79 -21.52 88.70
CA PHE XA 201 -54.01 -22.41 89.82
C PHE XA 201 -53.50 -23.81 89.53
N SER XA 202 -53.52 -24.65 90.57
CA SER XA 202 -53.40 -26.09 90.46
C SER XA 202 -54.25 -26.66 91.58
N THR XA 203 -55.46 -27.11 91.24
CA THR XA 203 -56.59 -27.15 92.15
C THR XA 203 -56.45 -28.23 93.22
N LEU XA 204 -57.42 -28.27 94.13
CA LEU XA 204 -57.40 -29.13 95.29
C LEU XA 204 -57.56 -30.59 94.92
N PRO XA 224 -69.19 -27.41 99.44
CA PRO XA 224 -70.42 -27.68 100.16
C PRO XA 224 -70.41 -29.07 100.80
N LYS XA 225 -69.97 -29.11 102.06
CA LYS XA 225 -69.88 -30.28 102.96
C LYS XA 225 -69.28 -31.50 102.27
N ASN XA 226 -67.97 -31.38 101.96
CA ASN XA 226 -67.12 -32.52 101.61
C ASN XA 226 -67.55 -33.26 100.36
N LEU XA 227 -67.29 -32.70 99.17
CA LEU XA 227 -67.67 -33.24 97.86
C LEU XA 227 -67.47 -34.75 97.69
N ASP XA 228 -66.49 -35.35 98.38
CA ASP XA 228 -66.36 -36.81 98.36
C ASP XA 228 -67.56 -37.51 98.97
N GLU XA 229 -68.30 -36.85 99.88
CA GLU XA 229 -69.58 -37.41 100.31
C GLU XA 229 -70.60 -37.35 99.17
N LEU XA 230 -70.67 -36.23 98.47
CA LEU XA 230 -71.58 -36.04 97.36
C LEU XA 230 -71.14 -36.82 96.11
N ARG XA 231 -69.94 -37.40 96.13
CA ARG XA 231 -69.51 -38.29 95.05
C ARG XA 231 -70.32 -39.58 95.05
N THR XA 232 -70.90 -39.94 96.20
CA THR XA 232 -71.71 -41.14 96.32
C THR XA 232 -73.19 -40.89 96.12
N ILE XA 233 -73.71 -39.74 96.57
CA ILE XA 233 -75.14 -39.52 96.57
C ILE XA 233 -75.63 -39.11 95.20
N ASN XA 234 -75.17 -37.95 94.72
CA ASN XA 234 -75.65 -37.37 93.46
C ASN XA 234 -74.60 -37.59 92.41
N GLU XA 235 -74.84 -38.56 91.51
CA GLU XA 235 -73.93 -38.79 90.40
C GLU XA 235 -73.98 -37.67 89.36
N ALA XA 236 -75.09 -36.94 89.28
CA ALA XA 236 -75.24 -35.90 88.26
C ALA XA 236 -74.52 -34.62 88.66
N LEU XA 237 -74.52 -34.29 89.95
CA LEU XA 237 -73.84 -33.07 90.38
C LEU XA 237 -72.33 -33.25 90.40
N ALA XA 238 -71.86 -34.48 90.63
CA ALA XA 238 -70.43 -34.75 90.72
C ALA XA 238 -69.70 -34.51 89.41
N GLN XA 239 -70.28 -34.96 88.30
CA GLN XA 239 -69.72 -34.66 86.98
C GLN XA 239 -69.94 -33.21 86.57
N ASP XA 240 -70.87 -32.52 87.22
CA ASP XA 240 -71.13 -31.11 86.94
C ASP XA 240 -70.11 -30.21 87.63
N ILE XA 241 -69.73 -30.55 88.85
CA ILE XA 241 -68.81 -29.71 89.60
C ILE XA 241 -67.35 -29.99 89.19
N ASP XA 242 -67.07 -31.22 88.74
CA ASP XA 242 -65.74 -31.58 88.28
C ASP XA 242 -65.38 -30.90 86.97
N ALA XA 243 -66.37 -30.52 86.16
CA ALA XA 243 -66.10 -29.79 84.93
C ALA XA 243 -65.83 -28.32 85.19
N ARG XA 244 -66.44 -27.75 86.22
CA ARG XA 244 -66.26 -26.33 86.49
C ARG XA 244 -64.93 -26.06 87.19
N LEU XA 245 -64.42 -27.04 87.94
CA LEU XA 245 -63.09 -26.91 88.53
C LEU XA 245 -61.99 -26.85 87.48
N LEU XA 246 -62.13 -27.63 86.41
CA LEU XA 246 -61.19 -27.53 85.29
C LEU XA 246 -61.40 -26.25 84.49
N GLU XA 247 -62.62 -25.70 84.51
CA GLU XA 247 -62.90 -24.44 83.83
C GLU XA 247 -62.26 -23.26 84.54
N GLU XA 248 -62.40 -23.15 85.85
CA GLU XA 248 -61.80 -22.05 86.60
C GLU XA 248 -60.31 -22.25 86.86
N LYS XA 249 -59.75 -23.39 86.45
CA LYS XA 249 -58.31 -23.59 86.53
C LYS XA 249 -57.57 -22.82 85.46
N GLN XA 250 -58.24 -22.52 84.33
CA GLN XA 250 -57.56 -21.88 83.22
C GLN XA 250 -57.54 -20.36 83.32
N ARG XA 251 -58.45 -19.77 84.09
CA ARG XA 251 -58.54 -18.33 84.17
C ARG XA 251 -57.51 -17.78 85.15
N ALA XA 252 -56.90 -16.65 84.77
CA ALA XA 252 -55.97 -15.95 85.65
C ALA XA 252 -56.72 -15.42 86.86
N VAL XA 253 -56.12 -15.58 88.04
CA VAL XA 253 -56.79 -15.22 89.28
C VAL XA 253 -56.65 -13.72 89.54
N ILE XA 254 -57.73 -13.13 90.05
CA ILE XA 254 -57.68 -11.75 90.53
C ILE XA 254 -57.48 -11.79 92.04
N ILE XA 255 -56.67 -10.86 92.52
CA ILE XA 255 -56.35 -10.77 93.95
C ILE XA 255 -56.66 -9.34 94.40
N PRO XA 256 -56.76 -9.10 95.69
CA PRO XA 256 -56.77 -7.72 96.18
C PRO XA 256 -55.36 -7.17 96.25
N PRO XA 257 -55.20 -5.84 96.20
CA PRO XA 257 -53.87 -5.28 96.38
C PRO XA 257 -53.47 -5.09 97.84
N SER XA 258 -54.26 -5.60 98.80
CA SER XA 258 -53.84 -5.55 100.20
C SER XA 258 -52.68 -6.47 100.50
N ALA XA 259 -52.32 -7.36 99.59
CA ALA XA 259 -51.16 -8.22 99.76
C ALA XA 259 -49.95 -7.76 98.97
N ALA XA 260 -50.15 -7.19 97.78
CA ALA XA 260 -49.01 -6.76 96.98
C ALA XA 260 -48.34 -5.52 97.53
N ILE XA 261 -49.13 -4.58 98.07
CA ILE XA 261 -48.55 -3.38 98.67
C ILE XA 261 -47.88 -3.67 100.00
N ALA XA 262 -48.17 -4.82 100.61
CA ALA XA 262 -47.44 -5.23 101.80
C ALA XA 262 -45.98 -5.55 101.50
N GLY XA 263 -45.67 -5.90 100.26
CA GLY XA 263 -44.28 -5.99 99.86
C GLY XA 263 -43.71 -4.66 99.40
N ILE XA 264 -44.57 -3.78 98.88
CA ILE XA 264 -44.14 -2.43 98.51
C ILE XA 264 -43.77 -1.63 99.76
N TYR XA 265 -44.50 -1.85 100.86
CA TYR XA 265 -44.17 -1.20 102.12
C TYR XA 265 -42.84 -1.66 102.68
N CYS XA 266 -42.39 -2.86 102.31
CA CYS XA 266 -41.09 -3.36 102.74
C CYS XA 266 -39.99 -3.00 101.76
N GLN XA 267 -40.29 -2.91 100.46
CA GLN XA 267 -39.25 -2.64 99.48
C GLN XA 267 -38.73 -1.22 99.59
N THR XA 268 -39.62 -0.24 99.77
CA THR XA 268 -39.17 1.12 100.01
C THR XA 268 -38.73 1.36 101.44
N ASP XA 269 -38.69 0.33 102.29
CA ASP XA 269 -38.10 0.49 103.60
C ASP XA 269 -36.64 0.07 103.64
N ASN XA 270 -36.22 -0.81 102.74
CA ASN XA 270 -34.80 -1.12 102.63
C ASN XA 270 -34.08 -0.07 101.80
N ARG XA 271 -34.76 0.49 100.81
CA ARG XA 271 -34.12 1.44 99.90
C ARG XA 271 -34.03 2.82 100.51
N ARG XA 272 -35.16 3.35 100.99
CA ARG XA 272 -35.22 4.74 101.46
C ARG XA 272 -35.76 4.88 102.88
N GLY XA 273 -35.95 3.79 103.61
CA GLY XA 273 -36.40 3.92 104.97
C GLY XA 273 -37.89 4.16 105.09
N VAL XA 274 -38.32 4.33 106.34
CA VAL XA 274 -39.75 4.50 106.63
C VAL XA 274 -40.23 5.85 106.14
N TRP XA 275 -39.42 6.90 106.30
CA TRP XA 275 -39.82 8.29 106.10
C TRP XA 275 -40.10 8.65 104.65
N LYS XA 276 -39.88 7.76 103.69
CA LYS XA 276 -40.28 8.00 102.32
C LYS XA 276 -41.65 7.39 102.07
N ALA XA 277 -42.39 7.98 101.14
CA ALA XA 277 -43.75 7.53 100.88
C ALA XA 277 -43.76 6.26 100.05
N PRO XA 278 -44.49 5.21 100.45
CA PRO XA 278 -44.59 4.00 99.64
C PRO XA 278 -45.45 4.19 98.38
N ALA XA 279 -45.02 5.08 97.49
CA ALA XA 279 -45.73 5.36 96.26
C ALA XA 279 -44.71 5.74 95.20
N ASN XA 280 -45.21 5.97 93.98
CA ASN XA 280 -44.39 6.19 92.78
C ASN XA 280 -43.39 5.05 92.56
N VAL XA 281 -43.82 3.82 92.78
CA VAL XA 281 -42.98 2.66 92.60
C VAL XA 281 -43.80 1.56 91.92
N ALA XA 282 -43.21 0.92 90.93
CA ALA XA 282 -43.91 -0.02 90.08
C ALA XA 282 -44.16 -1.34 90.79
N LEU XA 283 -45.37 -1.87 90.64
CA LEU XA 283 -45.65 -3.23 91.03
C LEU XA 283 -45.08 -4.20 89.99
N THR XA 284 -44.64 -5.36 90.46
CA THR XA 284 -44.04 -6.35 89.58
C THR XA 284 -44.91 -7.60 89.57
N GLY XA 285 -44.91 -8.28 88.42
CA GLY XA 285 -45.52 -9.60 88.34
C GLY XA 285 -47.01 -9.62 88.13
N ILE XA 286 -47.67 -8.47 88.06
CA ILE XA 286 -49.10 -8.45 87.84
C ILE XA 286 -49.36 -8.29 86.35
N GLY XA 287 -50.56 -8.71 85.93
CA GLY XA 287 -50.99 -8.51 84.56
C GLY XA 287 -51.67 -7.16 84.45
N SER XA 288 -52.84 -7.12 83.83
CA SER XA 288 -53.60 -5.88 83.78
C SER XA 288 -54.25 -5.58 85.12
N LEU XA 289 -54.83 -4.39 85.22
CA LEU XA 289 -55.68 -4.09 86.36
C LEU XA 289 -57.11 -4.56 86.09
N LEU XA 290 -57.93 -4.54 87.13
CA LEU XA 290 -59.36 -4.80 86.96
C LEU XA 290 -60.14 -3.55 86.64
N ASP XA 291 -59.73 -2.41 87.18
CA ASP XA 291 -60.37 -1.14 86.88
C ASP XA 291 -59.33 -0.21 86.27
N LYS XA 292 -59.81 0.78 85.54
CA LYS XA 292 -58.96 1.68 84.78
C LYS XA 292 -59.28 3.12 85.15
N VAL XA 293 -59.25 3.41 86.46
CA VAL XA 293 -59.70 4.70 86.98
C VAL XA 293 -58.79 5.83 86.52
N ASP XA 294 -59.41 6.92 86.09
CA ASP XA 294 -58.81 8.09 85.50
C ASP XA 294 -58.48 9.12 86.58
N ASP XA 295 -58.25 10.37 86.14
CA ASP XA 295 -57.90 11.45 87.06
C ASP XA 295 -59.12 12.07 87.74
N GLU XA 296 -60.26 12.16 87.05
CA GLU XA 296 -61.37 12.92 87.63
C GLU XA 296 -62.16 12.09 88.64
N ARG XA 297 -62.06 10.76 88.57
CA ARG XA 297 -62.68 9.91 89.57
C ARG XA 297 -61.79 9.79 90.80
N GLN XA 298 -60.47 9.92 90.60
CA GLN XA 298 -59.49 9.79 91.67
C GLN XA 298 -59.54 10.97 92.62
N GLY XA 299 -60.02 12.12 92.16
CA GLY XA 299 -60.06 13.33 92.98
C GLY XA 299 -60.98 13.25 94.18
N GLU XA 300 -61.94 12.33 94.17
CA GLU XA 300 -62.76 12.11 95.34
C GLU XA 300 -62.24 10.98 96.21
N MET XA 301 -61.70 9.93 95.59
CA MET XA 301 -61.20 8.78 96.35
C MET XA 301 -59.97 9.13 97.17
N ASN XA 302 -59.10 9.99 96.63
CA ASN XA 302 -57.88 10.32 97.35
C ASN XA 302 -58.17 11.24 98.53
N ASP XA 303 -59.07 12.21 98.33
CA ASP XA 303 -59.52 13.04 99.44
C ASP XA 303 -60.32 12.23 100.45
N LYS XA 304 -61.00 11.17 99.99
CA LYS XA 304 -61.65 10.25 100.92
C LYS XA 304 -60.63 9.50 101.75
N GLY XA 305 -59.47 9.18 101.18
CA GLY XA 305 -58.45 8.45 101.88
C GLY XA 305 -58.17 7.11 101.27
N ILE XA 306 -58.59 6.90 100.03
CA ILE XA 306 -58.39 5.65 99.32
C ILE XA 306 -57.32 5.87 98.26
N ASN XA 307 -56.19 5.21 98.42
CA ASN XA 307 -55.13 5.29 97.43
C ASN XA 307 -55.45 4.41 96.24
N VAL XA 308 -54.65 4.53 95.20
CA VAL XA 308 -55.01 3.91 93.92
C VAL XA 308 -53.76 3.48 93.18
N ILE XA 309 -53.76 2.24 92.69
CA ILE XA 309 -52.73 1.77 91.77
C ILE XA 309 -53.15 2.20 90.37
N ARG XA 310 -52.35 3.06 89.75
CA ARG XA 310 -52.71 3.69 88.49
C ARG XA 310 -51.71 3.28 87.43
N SER XA 311 -52.21 2.95 86.24
CA SER XA 311 -51.40 2.33 85.19
C SER XA 311 -50.93 3.37 84.19
N PHE XA 312 -49.63 3.60 84.14
CA PHE XA 312 -48.98 4.35 83.08
C PHE XA 312 -48.22 3.37 82.20
N THR XA 313 -48.30 3.57 80.89
CA THR XA 313 -47.75 2.57 79.96
C THR XA 313 -46.23 2.59 79.96
N ASP XA 314 -45.63 3.78 79.92
CA ASP XA 314 -44.19 3.88 79.79
C ASP XA 314 -43.45 3.56 81.08
N ARG XA 315 -44.15 3.44 82.21
CA ARG XA 315 -43.50 3.13 83.48
C ARG XA 315 -44.01 1.87 84.15
N GLY XA 316 -45.29 1.53 83.97
CA GLY XA 316 -45.85 0.34 84.57
C GLY XA 316 -46.96 0.66 85.55
N PHE XA 317 -47.22 -0.30 86.43
CA PHE XA 317 -48.31 -0.19 87.40
C PHE XA 317 -47.76 0.41 88.68
N MET XA 318 -47.79 1.73 88.77
CA MET XA 318 -47.20 2.46 89.88
C MET XA 318 -48.24 2.69 90.97
N VAL XA 319 -47.82 2.54 92.23
CA VAL XA 319 -48.68 2.91 93.34
C VAL XA 319 -48.76 4.43 93.39
N TRP XA 320 -49.97 4.96 93.40
CA TRP XA 320 -50.20 6.40 93.21
C TRP XA 320 -51.03 6.92 94.37
N GLY XA 321 -50.38 7.43 95.38
CA GLY XA 321 -51.14 7.92 96.52
C GLY XA 321 -50.49 7.48 97.82
N ALA XA 322 -50.36 8.42 98.74
CA ALA XA 322 -49.71 8.15 100.02
C ALA XA 322 -50.49 8.74 101.18
N ARG XA 323 -51.79 8.93 101.00
CA ARG XA 323 -52.65 9.38 102.09
C ARG XA 323 -53.17 8.20 102.88
N THR XA 324 -53.85 8.52 103.99
CA THR XA 324 -54.39 7.52 104.89
C THR XA 324 -55.89 7.76 105.05
N CYS XA 325 -56.59 6.74 105.55
CA CYS XA 325 -58.02 6.85 105.78
C CYS XA 325 -58.30 7.67 107.03
N VAL XA 326 -58.16 9.00 106.93
CA VAL XA 326 -58.33 9.90 108.06
C VAL XA 326 -59.34 10.97 107.64
N ASP XA 327 -59.86 11.69 108.63
CA ASP XA 327 -60.67 12.87 108.34
C ASP XA 327 -59.81 13.93 107.69
N ALA XA 328 -60.30 14.53 106.60
CA ALA XA 328 -59.50 15.42 105.78
C ALA XA 328 -59.17 16.73 106.46
N ALA XA 329 -59.82 17.07 107.57
CA ALA XA 329 -59.44 18.25 108.33
C ALA XA 329 -58.16 18.06 109.11
N ASN XA 330 -57.87 16.84 109.55
CA ASN XA 330 -56.66 16.55 110.33
C ASN XA 330 -55.48 16.49 109.36
N ILE XA 331 -54.80 17.62 109.19
CA ILE XA 331 -53.68 17.71 108.26
C ILE XA 331 -52.37 17.24 108.85
N SER XA 332 -52.34 16.88 110.13
CA SER XA 332 -51.12 16.43 110.76
C SER XA 332 -50.77 15.01 110.32
N TRP XA 333 -51.68 14.07 110.53
CA TRP XA 333 -51.45 12.67 110.15
C TRP XA 333 -51.98 12.37 108.76
N ARG XA 334 -52.00 13.36 107.87
CA ARG XA 334 -52.69 13.22 106.59
C ARG XA 334 -51.92 12.38 105.59
N TYR XA 335 -50.75 11.86 105.92
CA TYR XA 335 -49.98 11.05 105.02
C TYR XA 335 -49.65 9.70 105.66
N ILE XA 336 -49.28 8.75 104.80
CA ILE XA 336 -48.77 7.46 105.28
C ILE XA 336 -47.47 7.60 106.09
N PRO XA 337 -46.39 8.20 105.57
CA PRO XA 337 -45.13 8.13 106.35
C PRO XA 337 -45.14 8.96 107.60
N VAL XA 338 -45.90 10.05 107.63
CA VAL XA 338 -46.04 10.83 108.85
C VAL XA 338 -46.76 10.02 109.93
N ARG XA 339 -47.62 9.10 109.52
CA ARG XA 339 -48.21 8.18 110.49
C ARG XA 339 -47.30 7.00 110.74
N ARG XA 340 -46.60 6.53 109.72
CA ARG XA 340 -45.84 5.29 109.82
C ARG XA 340 -44.45 5.50 110.43
N LEU XA 341 -43.87 6.69 110.30
CA LEU XA 341 -42.63 6.96 111.01
C LEU XA 341 -42.88 7.06 112.51
N PHE XA 342 -43.93 7.79 112.90
CA PHE XA 342 -44.28 7.91 114.31
C PHE XA 342 -44.67 6.57 114.93
N ASN XA 343 -45.17 5.64 114.13
CA ASN XA 343 -45.30 4.26 114.60
C ASN XA 343 -43.93 3.65 114.85
N SER XA 344 -43.01 3.84 113.91
CA SER XA 344 -41.72 3.16 113.98
C SER XA 344 -40.75 3.78 114.96
N VAL XA 345 -40.91 5.07 115.28
CA VAL XA 345 -40.05 5.70 116.28
C VAL XA 345 -40.40 5.20 117.67
N GLU XA 346 -41.68 5.22 118.02
CA GLU XA 346 -42.05 4.79 119.37
C GLU XA 346 -41.97 3.28 119.54
N ARG XA 347 -41.95 2.53 118.44
CA ARG XA 347 -41.72 1.09 118.53
C ARG XA 347 -40.27 0.77 118.83
N ASP XA 348 -39.34 1.62 118.43
CA ASP XA 348 -37.94 1.43 118.74
C ASP XA 348 -37.48 2.23 119.94
N ILE XA 349 -38.29 3.18 120.41
CA ILE XA 349 -38.02 3.84 121.68
C ILE XA 349 -38.39 2.93 122.85
N ARG XA 350 -39.51 2.21 122.76
CA ARG XA 350 -39.84 1.21 123.78
C ARG XA 350 -38.78 0.12 123.84
N GLN XA 351 -38.20 -0.25 122.70
CA GLN XA 351 -37.11 -1.21 122.71
C GLN XA 351 -35.87 -0.63 123.38
N ALA XA 352 -35.63 0.66 123.18
CA ALA XA 352 -34.47 1.31 123.77
C ALA XA 352 -34.68 1.70 125.23
N LEU XA 353 -35.91 1.93 125.67
CA LEU XA 353 -36.18 2.30 127.06
C LEU XA 353 -36.30 1.12 128.00
N ARG XA 354 -36.17 -0.11 127.52
CA ARG XA 354 -36.39 -1.25 128.40
C ARG XA 354 -35.24 -1.48 129.38
N ALA XA 355 -34.09 -0.83 129.17
CA ALA XA 355 -32.99 -0.89 130.12
C ALA XA 355 -33.10 0.15 131.22
N VAL XA 356 -34.29 0.72 131.41
CA VAL XA 356 -34.50 1.80 132.36
C VAL XA 356 -35.49 1.42 133.46
N LEU XA 357 -36.41 0.48 133.19
CA LEU XA 357 -37.68 0.35 133.91
C LEU XA 357 -37.51 0.09 135.40
N PHE XA 358 -36.89 -1.03 135.74
CA PHE XA 358 -36.83 -1.44 137.14
C PHE XA 358 -35.55 -0.96 137.83
N GLU XA 359 -34.90 0.06 137.28
CA GLU XA 359 -33.91 0.80 138.02
C GLU XA 359 -34.61 1.77 138.97
N THR XA 360 -33.84 2.33 139.89
CA THR XA 360 -34.42 3.21 140.91
C THR XA 360 -34.87 4.53 140.29
N ASN XA 361 -35.80 5.18 140.97
CA ASN XA 361 -36.45 6.38 140.45
C ASN XA 361 -35.84 7.60 141.12
N SER XA 362 -34.92 8.25 140.42
CA SER XA 362 -34.23 9.44 140.92
C SER XA 362 -33.65 10.17 139.71
N GLN XA 363 -32.81 11.16 139.98
CA GLN XA 363 -32.23 12.01 138.94
C GLN XA 363 -31.25 11.33 137.99
N PRO XA 364 -30.32 10.45 138.41
CA PRO XA 364 -29.47 9.79 137.41
C PRO XA 364 -30.16 8.76 136.55
N THR XA 365 -31.39 8.37 136.85
CA THR XA 365 -32.10 7.46 135.95
C THR XA 365 -32.69 8.21 134.77
N TRP XA 366 -33.08 9.47 134.97
CA TRP XA 366 -33.67 10.24 133.90
C TRP XA 366 -32.62 10.69 132.91
N VAL XA 367 -31.42 11.06 133.40
CA VAL XA 367 -30.36 11.52 132.51
C VAL XA 367 -29.75 10.41 131.67
N ARG XA 368 -30.02 9.14 132.02
CA ARG XA 368 -29.68 8.05 131.11
C ARG XA 368 -30.81 7.78 130.13
N ALA XA 369 -32.05 7.96 130.57
CA ALA XA 369 -33.18 7.75 129.67
C ALA XA 369 -33.31 8.89 128.68
N LYS XA 370 -32.94 10.11 129.08
CA LYS XA 370 -32.96 11.23 128.16
C LYS XA 370 -31.89 11.10 127.10
N ALA XA 371 -30.73 10.59 127.48
CA ALA XA 371 -29.65 10.38 126.53
C ALA XA 371 -29.92 9.25 125.56
N ALA XA 372 -30.73 8.26 125.95
CA ALA XA 372 -31.01 7.14 125.07
C ALA XA 372 -31.90 7.53 123.89
N VAL XA 373 -32.91 8.36 124.13
CA VAL XA 373 -33.73 8.87 123.04
C VAL XA 373 -33.04 10.01 122.30
N ASP XA 374 -32.13 10.73 122.94
CA ASP XA 374 -31.36 11.75 122.23
C ASP XA 374 -30.36 11.11 121.27
N GLN XA 375 -29.74 10.01 121.68
CA GLN XA 375 -28.82 9.31 120.80
C GLN XA 375 -29.55 8.51 119.73
N TYR XA 376 -30.84 8.23 119.92
CA TYR XA 376 -31.61 7.59 118.87
C TYR XA 376 -32.09 8.59 117.84
N LEU XA 377 -32.65 9.71 118.30
CA LEU XA 377 -33.19 10.72 117.39
C LEU XA 377 -32.11 11.44 116.60
N TYR XA 378 -30.88 11.45 117.11
CA TYR XA 378 -29.79 12.06 116.35
C TYR XA 378 -29.45 11.27 115.10
N THR XA 379 -29.59 9.95 115.14
CA THR XA 379 -29.36 9.14 113.95
C THR XA 379 -30.47 9.33 112.93
N LEU XA 380 -31.71 9.58 113.38
CA LEU XA 380 -32.78 9.89 112.46
C LEU XA 380 -32.61 11.26 111.84
N TRP XA 381 -32.02 12.20 112.58
CA TRP XA 381 -31.67 13.49 112.01
C TRP XA 381 -30.53 13.35 111.00
N GLN XA 382 -29.65 12.37 111.21
CA GLN XA 382 -28.55 12.13 110.28
C GLN XA 382 -29.05 11.66 108.93
N LYS XA 383 -29.99 10.72 108.91
CA LYS XA 383 -30.46 10.10 107.68
C LYS XA 383 -31.58 10.87 107.00
N ASN XA 384 -31.74 12.15 107.34
CA ASN XA 384 -32.71 13.07 106.73
C ASN XA 384 -34.15 12.59 106.89
N ALA XA 385 -34.45 12.03 108.06
CA ALA XA 385 -35.83 11.64 108.37
C ALA XA 385 -36.64 12.79 108.92
N LEU XA 386 -35.98 13.79 109.47
CA LEU XA 386 -36.63 14.93 110.10
C LEU XA 386 -36.13 16.20 109.44
N MET XA 387 -37.04 17.08 109.05
CA MET XA 387 -36.69 18.28 108.32
C MET XA 387 -36.17 19.33 109.29
N GLY XA 388 -35.23 20.13 108.84
CA GLY XA 388 -34.55 21.06 109.72
C GLY XA 388 -33.12 21.24 109.25
N ALA XA 389 -32.44 22.17 109.90
CA ALA XA 389 -31.08 22.52 109.56
C ALA XA 389 -30.09 22.25 110.68
N ARG XA 390 -30.54 22.36 111.93
CA ARG XA 390 -29.71 22.15 113.09
C ARG XA 390 -30.50 21.33 114.11
N PRO XA 391 -29.89 20.31 114.73
CA PRO XA 391 -30.70 19.29 115.39
C PRO XA 391 -31.32 19.63 116.74
N GLU XA 392 -31.39 20.89 117.13
CA GLU XA 392 -32.30 21.21 118.23
C GLU XA 392 -33.69 21.56 117.73
N GLU XA 393 -33.84 21.75 116.41
CA GLU XA 393 -35.14 22.00 115.82
C GLU XA 393 -35.88 20.72 115.48
N ALA XA 394 -35.14 19.67 115.10
CA ALA XA 394 -35.78 18.45 114.60
C ALA XA 394 -36.37 17.62 115.72
N TYR XA 395 -35.89 17.80 116.94
CA TYR XA 395 -36.41 17.04 118.08
C TYR XA 395 -36.21 17.82 119.37
N PHE XA 396 -36.91 17.38 120.41
CA PHE XA 396 -36.69 17.87 121.77
C PHE XA 396 -37.24 16.86 122.76
N VAL XA 397 -36.46 16.61 123.82
CA VAL XA 397 -36.85 15.72 124.91
C VAL XA 397 -36.76 16.51 126.21
N GLN XA 398 -37.86 16.53 126.97
CA GLN XA 398 -37.92 17.32 128.21
C GLN XA 398 -38.35 16.38 129.32
N ILE XA 399 -37.48 16.16 130.30
CA ILE XA 399 -37.78 15.29 131.42
C ILE XA 399 -37.12 15.87 132.66
N GLY XA 400 -37.80 15.79 133.80
CA GLY XA 400 -37.21 16.33 135.02
C GLY XA 400 -38.14 16.21 136.20
N GLN XA 401 -37.70 16.80 137.32
CA GLN XA 401 -38.45 16.74 138.56
C GLN XA 401 -39.68 17.62 138.50
N ASP XA 402 -39.51 18.88 138.14
CA ASP XA 402 -40.63 19.81 138.01
C ASP XA 402 -40.92 20.22 136.57
N ILE XA 403 -40.15 19.73 135.60
CA ILE XA 403 -40.40 20.06 134.21
C ILE XA 403 -41.62 19.31 133.69
N THR XA 404 -41.73 18.03 134.07
CA THR XA 404 -42.82 17.17 133.60
C THR XA 404 -43.53 16.40 134.70
N MET XA 405 -42.95 16.29 135.88
CA MET XA 405 -43.52 15.42 136.92
C MET XA 405 -43.84 16.21 138.18
N SER XA 406 -44.39 15.49 139.15
CA SER XA 406 -44.65 15.98 140.49
C SER XA 406 -44.01 15.05 141.50
N GLU XA 407 -44.09 15.46 142.76
CA GLU XA 407 -43.65 14.60 143.84
C GLU XA 407 -44.58 13.40 144.02
N ALA XA 408 -45.90 13.62 143.88
CA ALA XA 408 -46.82 12.48 143.93
C ALA XA 408 -46.77 11.65 142.66
N ASP XA 409 -46.21 12.20 141.58
CA ASP XA 409 -46.00 11.42 140.36
C ASP XA 409 -44.85 10.42 140.51
N ILE XA 410 -43.70 10.85 141.01
CA ILE XA 410 -42.56 9.96 141.22
C ILE XA 410 -42.78 9.00 142.38
N LYS XA 411 -43.51 9.42 143.43
CA LYS XA 411 -43.78 8.53 144.55
C LYS XA 411 -44.66 7.35 144.16
N GLN XA 412 -45.52 7.53 143.15
CA GLN XA 412 -46.24 6.40 142.60
C GLN XA 412 -45.30 5.47 141.84
N GLY XA 413 -44.23 6.01 141.25
CA GLY XA 413 -43.24 5.20 140.59
C GLY XA 413 -43.26 5.24 139.08
N LYS XA 414 -43.78 6.30 138.47
CA LYS XA 414 -43.79 6.40 137.02
C LYS XA 414 -43.03 7.63 136.55
N MET XA 415 -42.56 7.57 135.32
CA MET XA 415 -41.69 8.59 134.75
C MET XA 415 -42.26 9.04 133.40
N ILE XA 416 -42.46 10.34 133.25
CA ILE XA 416 -43.06 10.91 132.05
C ILE XA 416 -42.07 11.87 131.41
N MET XA 417 -41.81 11.67 130.12
CA MET XA 417 -41.03 12.57 129.30
C MET XA 417 -41.83 12.93 128.06
N THR XA 418 -41.47 14.04 127.44
CA THR XA 418 -42.20 14.55 126.28
C THR XA 418 -41.27 14.57 125.07
N VAL XA 419 -41.43 13.59 124.20
CA VAL XA 419 -40.72 13.56 122.95
C VAL XA 419 -41.57 14.29 121.92
N GLY XA 420 -40.92 14.99 120.99
CA GLY XA 420 -41.61 15.65 119.91
C GLY XA 420 -40.67 15.87 118.75
N LEU XA 421 -41.12 15.56 117.53
CA LEU XA 421 -40.23 15.52 116.39
C LEU XA 421 -40.99 15.94 115.13
N ALA XA 422 -40.29 16.64 114.24
CA ALA XA 422 -40.89 17.22 113.05
C ALA XA 422 -40.52 16.39 111.83
N ALA XA 423 -41.51 15.81 111.17
CA ALA XA 423 -41.28 14.95 110.02
C ALA XA 423 -41.34 15.74 108.72
N VAL XA 424 -40.95 15.06 107.64
CA VAL XA 424 -40.92 15.67 106.32
C VAL XA 424 -42.19 15.28 105.58
N ARG XA 425 -42.85 16.26 104.97
CA ARG XA 425 -44.11 16.01 104.27
C ARG XA 425 -43.84 15.91 102.79
N PRO XA 426 -44.29 14.86 102.11
CA PRO XA 426 -44.00 14.72 100.69
C PRO XA 426 -44.84 15.64 99.82
N ALA XA 427 -44.49 15.68 98.55
CA ALA XA 427 -45.13 16.56 97.58
C ALA XA 427 -46.08 15.74 96.72
N GLU XA 428 -47.38 15.87 96.97
CA GLU XA 428 -48.35 15.16 96.16
C GLU XA 428 -48.54 15.83 94.81
N PHE XA 429 -49.03 17.07 94.82
CA PHE XA 429 -49.39 17.77 93.60
C PHE XA 429 -48.20 18.57 93.12
N ILE XA 430 -48.02 18.65 91.80
CA ILE XA 430 -47.12 19.61 91.19
C ILE XA 430 -47.91 20.36 90.13
N ILE XA 431 -47.51 21.58 89.85
CA ILE XA 431 -48.18 22.42 88.87
C ILE XA 431 -47.12 22.97 87.92
N LEU XA 432 -47.28 22.66 86.65
CA LEU XA 432 -46.39 23.17 85.61
C LEU XA 432 -47.10 24.28 84.87
N GLN XA 433 -46.47 25.44 84.83
CA GLN XA 433 -47.12 26.64 84.33
C GLN XA 433 -46.40 27.05 83.06
N PHE XA 434 -46.92 26.59 81.93
CA PHE XA 434 -46.26 26.79 80.64
C PHE XA 434 -46.64 28.15 80.07
N THR XA 435 -45.76 29.11 80.22
CA THR XA 435 -45.94 30.39 79.56
C THR XA 435 -45.26 30.36 78.20
N GLN XA 436 -45.35 31.47 77.49
CA GLN XA 436 -44.89 31.55 76.12
C GLN XA 436 -44.03 32.78 75.85
N ASP XA 437 -44.16 33.82 76.66
CA ASP XA 437 -43.38 35.04 76.50
C ASP XA 437 -42.11 34.86 77.31
N VAL XA 438 -41.02 34.49 76.63
CA VAL XA 438 -39.77 34.19 77.31
C VAL XA 438 -39.11 35.47 77.79
N VAL XA 439 -38.91 36.43 76.89
CA VAL XA 439 -38.23 37.67 77.23
C VAL XA 439 -39.14 38.57 78.06
N LEU YA 5 -57.72 20.48 91.38
CA LEU YA 5 -56.69 19.68 92.02
C LEU YA 5 -57.25 18.34 92.49
N LYS YA 6 -57.18 18.11 93.80
CA LYS YA 6 -57.77 16.99 94.55
C LYS YA 6 -57.18 15.63 94.20
N ALA YA 7 -56.21 15.53 93.29
CA ALA YA 7 -55.66 14.24 92.94
C ALA YA 7 -54.18 14.41 92.67
N PRO YA 8 -53.34 13.46 93.06
CA PRO YA 8 -51.89 13.63 92.86
C PRO YA 8 -51.52 13.50 91.39
N GLY YA 9 -50.41 14.13 91.04
CA GLY YA 9 -49.89 14.06 89.70
C GLY YA 9 -49.60 15.44 89.15
N VAL YA 10 -49.17 15.44 87.90
CA VAL YA 10 -48.79 16.67 87.21
C VAL YA 10 -50.05 17.41 86.78
N TYR YA 11 -49.98 18.74 86.75
CA TYR YA 11 -51.10 19.58 86.33
C TYR YA 11 -50.54 20.64 85.39
N ILE YA 12 -50.57 20.36 84.10
CA ILE YA 12 -50.11 21.33 83.11
C ILE YA 12 -51.14 22.46 83.03
N GLU YA 13 -50.66 23.71 83.06
CA GLU YA 13 -51.53 24.84 82.81
C GLU YA 13 -50.78 25.88 81.98
N GLU YA 14 -51.51 26.54 81.08
CA GLU YA 14 -50.94 27.52 80.18
C GLU YA 14 -51.20 28.93 80.68
N ASP YA 15 -50.77 29.89 79.84
CA ASP YA 15 -50.82 31.35 80.01
C ASP YA 15 -50.46 31.78 81.44
N ALA YA 16 -49.25 31.39 81.82
CA ALA YA 16 -48.77 31.64 83.16
C ALA YA 16 -48.41 33.10 83.37
N SER YA 17 -48.04 33.44 84.60
CA SER YA 17 -47.62 34.77 84.98
C SER YA 17 -46.12 34.90 84.84
N LEU YA 18 -45.61 36.07 85.23
CA LEU YA 18 -44.19 36.36 85.16
C LEU YA 18 -43.62 36.40 86.57
N ALA YA 19 -42.47 35.76 86.76
CA ALA YA 19 -41.78 35.73 88.04
C ALA YA 19 -40.36 36.27 87.87
N LEU YA 20 -39.81 36.78 88.97
CA LEU YA 20 -38.52 37.45 88.96
C LEU YA 20 -37.61 36.80 90.00
N SER YA 21 -36.46 37.43 90.23
CA SER YA 21 -35.50 36.95 91.20
C SER YA 21 -35.73 37.62 92.55
N VAL YA 22 -35.17 37.03 93.60
CA VAL YA 22 -35.41 37.51 94.95
C VAL YA 22 -34.40 38.59 95.33
N SER YA 23 -33.10 38.28 95.20
CA SER YA 23 -31.97 39.21 95.33
C SER YA 23 -31.99 39.98 96.66
N ASN YA 24 -31.88 39.22 97.74
CA ASN YA 24 -31.99 39.80 99.08
C ASN YA 24 -30.75 40.62 99.45
N SER YA 25 -31.00 41.76 100.12
CA SER YA 25 -29.97 42.64 100.62
C SER YA 25 -30.58 43.55 101.66
N ALA YA 26 -30.01 43.52 102.87
CA ALA YA 26 -30.55 44.25 104.02
C ALA YA 26 -29.84 45.56 104.28
N THR YA 27 -29.19 46.15 103.27
CA THR YA 27 -28.45 47.39 103.48
C THR YA 27 -29.12 48.59 102.81
N ALA YA 28 -29.75 48.41 101.65
CA ALA YA 28 -30.46 49.46 100.95
C ALA YA 28 -31.91 49.00 100.80
N VAL YA 29 -32.72 49.23 101.83
CA VAL YA 29 -34.12 48.81 101.86
C VAL YA 29 -34.97 50.03 101.51
N PRO YA 30 -35.58 50.09 100.34
CA PRO YA 30 -36.40 51.25 99.99
C PRO YA 30 -37.81 51.10 100.54
N VAL YA 31 -38.57 52.19 100.42
CA VAL YA 31 -39.98 52.21 100.78
C VAL YA 31 -40.73 52.91 99.65
N PHE YA 32 -41.81 52.31 99.20
CA PHE YA 32 -42.51 52.79 98.01
C PHE YA 32 -43.83 53.40 98.45
N ILE YA 33 -43.88 54.73 98.48
CA ILE YA 33 -45.08 55.45 98.84
C ILE YA 33 -45.79 55.83 97.56
N GLY YA 34 -46.98 55.30 97.35
CA GLY YA 34 -47.70 55.58 96.13
C GLY YA 34 -49.11 55.09 96.17
N LYS YA 35 -49.72 55.05 94.98
CA LYS YA 35 -51.11 54.65 94.82
C LYS YA 35 -51.17 53.14 94.62
N PHE YA 36 -51.30 52.41 95.71
CA PHE YA 36 -51.51 50.97 95.68
C PHE YA 36 -52.87 50.66 96.30
N THR YA 37 -53.48 49.56 95.88
CA THR YA 37 -54.72 49.08 96.49
C THR YA 37 -54.50 47.68 97.03
N PRO YA 38 -54.67 47.46 98.33
CA PRO YA 38 -54.62 46.09 98.87
C PRO YA 38 -55.88 45.31 98.49
N THR YA 39 -55.71 44.00 98.33
CA THR YA 39 -56.82 43.13 97.93
C THR YA 39 -57.15 42.04 98.93
N VAL YA 40 -56.24 41.65 99.82
CA VAL YA 40 -56.42 40.44 100.63
C VAL YA 40 -56.88 40.76 102.04
N VAL YA 41 -56.48 41.91 102.61
CA VAL YA 41 -56.84 42.25 103.97
C VAL YA 41 -57.63 43.56 104.04
N ASP YA 42 -57.24 44.57 103.24
CA ASP YA 42 -57.93 45.85 103.01
C ASP YA 42 -58.12 46.73 104.24
N SER YA 43 -57.61 46.34 105.42
CA SER YA 43 -58.12 46.93 106.65
C SER YA 43 -57.09 47.72 107.45
N ILE YA 44 -56.03 47.07 107.95
CA ILE YA 44 -55.33 47.55 109.14
C ILE YA 44 -53.85 47.81 108.89
N GLN YA 45 -53.19 46.95 108.11
CA GLN YA 45 -51.75 47.07 107.92
C GLN YA 45 -51.47 48.29 107.04
N VAL YA 46 -50.99 49.36 107.67
CA VAL YA 46 -50.82 50.63 106.99
C VAL YA 46 -49.67 50.58 105.99
N CYS YA 47 -48.66 49.77 106.27
CA CYS YA 47 -47.65 49.46 105.26
C CYS YA 47 -47.16 48.04 105.47
N THR YA 48 -46.93 47.32 104.37
CA THR YA 48 -46.63 45.91 104.37
C THR YA 48 -45.19 45.66 103.93
N ARG YA 49 -44.54 44.70 104.58
CA ARG YA 49 -43.22 44.26 104.19
C ARG YA 49 -43.36 43.14 103.16
N ILE YA 50 -42.90 43.41 101.94
CA ILE YA 50 -42.80 42.37 100.93
C ILE YA 50 -41.34 42.00 100.81
N SER YA 51 -41.06 40.81 100.29
CA SER YA 51 -39.69 40.33 100.17
C SER YA 51 -39.30 40.04 98.72
N ASN YA 52 -40.26 39.83 97.84
CA ASN YA 52 -40.00 39.57 96.44
C ASN YA 52 -41.27 39.88 95.66
N TRP YA 53 -41.32 39.41 94.42
CA TRP YA 53 -42.48 39.67 93.57
C TRP YA 53 -43.68 38.85 93.99
N LEU YA 54 -43.48 37.73 94.66
CA LEU YA 54 -44.59 36.84 94.94
C LEU YA 54 -45.38 37.31 96.16
N GLU YA 55 -44.72 37.89 97.16
CA GLU YA 55 -45.45 38.46 98.28
C GLU YA 55 -46.18 39.74 97.88
N PHE YA 56 -45.77 40.37 96.79
CA PHE YA 56 -46.53 41.50 96.25
C PHE YA 56 -47.82 41.01 95.60
N THR YA 57 -47.74 39.96 94.79
CA THR YA 57 -48.92 39.44 94.12
C THR YA 57 -49.88 38.78 95.12
N SER YA 58 -49.34 38.22 96.19
CA SER YA 58 -50.17 37.62 97.23
C SER YA 58 -50.81 38.65 98.16
N SER YA 59 -50.51 39.94 97.99
CA SER YA 59 -51.05 40.98 98.86
C SER YA 59 -51.61 42.17 98.11
N PHE YA 60 -51.21 42.40 96.87
CA PHE YA 60 -51.60 43.61 96.16
C PHE YA 60 -52.26 43.26 94.83
N SER YA 61 -52.46 44.28 93.99
CA SER YA 61 -53.52 44.24 92.99
C SER YA 61 -53.08 43.81 91.61
N LEU YA 62 -51.87 44.15 91.19
CA LEU YA 62 -51.43 44.10 89.78
C LEU YA 62 -52.38 44.86 88.86
N ALA YA 63 -52.95 45.96 89.34
CA ALA YA 63 -53.95 46.73 88.62
C ALA YA 63 -53.68 48.22 88.80
N PRO YA 64 -53.54 49.00 87.73
CA PRO YA 64 -53.31 50.43 87.89
C PRO YA 64 -54.56 51.15 88.35
N THR YA 65 -54.40 52.07 89.30
CA THR YA 65 -55.55 52.76 89.90
C THR YA 65 -55.98 53.85 88.93
N VAL YA 66 -57.06 53.57 88.21
CA VAL YA 66 -57.56 54.46 87.17
C VAL YA 66 -58.21 55.67 87.84
N GLU YA 67 -57.99 56.85 87.29
CA GLU YA 67 -58.46 58.10 87.88
C GLU YA 67 -58.93 59.01 86.76
N ILE YA 68 -60.22 59.33 86.74
CA ILE YA 68 -60.86 60.05 85.64
C ILE YA 68 -61.32 61.42 86.12
N VAL YA 69 -61.09 62.44 85.28
CA VAL YA 69 -61.61 63.78 85.52
C VAL YA 69 -62.45 64.19 84.31
N VAL YA 70 -63.71 64.52 84.55
CA VAL YA 70 -64.59 64.99 83.48
C VAL YA 70 -64.16 66.37 82.99
N ILE YA 86 -65.55 65.50 76.97
CA ILE YA 86 -64.32 66.21 77.31
C ILE YA 86 -63.80 65.75 78.66
N GLU YA 87 -62.82 64.85 78.64
CA GLU YA 87 -62.28 64.27 79.86
C GLU YA 87 -60.80 64.01 79.70
N THR YA 88 -60.02 64.35 80.72
CA THR YA 88 -58.59 64.08 80.78
C THR YA 88 -58.33 63.09 81.91
N ILE YA 89 -57.67 61.98 81.60
CA ILE YA 89 -57.58 60.84 82.50
C ILE YA 89 -56.15 60.66 82.97
N ASN YA 90 -55.97 59.81 83.98
CA ASN YA 90 -54.68 59.56 84.61
C ASN YA 90 -54.60 58.10 85.04
N LEU YA 91 -53.51 57.43 84.67
CA LEU YA 91 -53.26 56.04 85.05
C LEU YA 91 -52.00 55.98 85.91
N SER YA 92 -52.09 55.27 87.03
CA SER YA 92 -50.99 55.27 87.99
C SER YA 92 -50.03 54.12 87.70
N PRO YA 93 -48.76 54.40 87.43
CA PRO YA 93 -47.80 53.34 87.14
C PRO YA 93 -47.08 52.76 88.35
N ALA YA 94 -47.64 52.89 89.56
CA ALA YA 94 -46.96 52.43 90.77
C ALA YA 94 -46.79 50.93 90.79
N VAL YA 95 -47.70 50.18 90.18
CA VAL YA 95 -47.55 48.74 90.11
C VAL YA 95 -46.49 48.36 89.08
N GLU YA 96 -46.45 49.06 87.95
CA GLU YA 96 -45.43 48.83 86.95
C GLU YA 96 -44.05 49.32 87.35
N ALA YA 97 -43.96 50.46 88.04
CA ALA YA 97 -42.67 50.98 88.46
C ALA YA 97 -42.00 50.09 89.50
N LEU YA 98 -42.77 49.30 90.23
CA LEU YA 98 -42.22 48.34 91.17
C LEU YA 98 -41.80 47.05 90.49
N ARG YA 99 -42.34 46.75 89.32
CA ARG YA 99 -41.82 45.61 88.56
C ARG YA 99 -40.42 45.87 88.04
N LEU YA 100 -40.14 47.12 87.67
CA LEU YA 100 -38.82 47.47 87.17
C LEU YA 100 -37.80 47.60 88.30
N TYR YA 101 -38.25 47.76 89.54
CA TYR YA 101 -37.33 47.72 90.66
C TYR YA 101 -36.82 46.31 90.90
N PHE YA 102 -37.69 45.32 90.74
CA PHE YA 102 -37.27 43.94 90.90
C PHE YA 102 -36.54 43.39 89.69
N GLN YA 103 -36.58 44.10 88.56
CA GLN YA 103 -35.92 43.65 87.35
C GLN YA 103 -34.49 44.16 87.26
N ASN YA 104 -34.25 45.40 87.69
CA ASN YA 104 -32.88 45.92 87.73
C ASN YA 104 -32.12 45.35 88.91
N GLY YA 105 -32.58 45.63 90.12
CA GLY YA 105 -32.00 45.05 91.31
C GLY YA 105 -32.99 44.18 92.03
N GLY YA 106 -32.98 44.22 93.35
CA GLY YA 106 -33.92 43.45 94.14
C GLY YA 106 -34.00 44.05 95.53
N GLY YA 107 -34.58 43.29 96.43
CA GLY YA 107 -34.62 43.72 97.82
C GLY YA 107 -35.98 43.43 98.41
N ALA YA 108 -36.12 43.81 99.67
CA ALA YA 108 -37.36 43.59 100.41
C ALA YA 108 -37.88 44.96 100.84
N CYS YA 109 -38.61 45.62 99.95
CA CYS YA 109 -39.08 46.96 100.20
C CYS YA 109 -40.35 46.93 101.02
N TYR YA 110 -40.50 47.90 101.93
CA TYR YA 110 -41.78 48.16 102.54
C TYR YA 110 -42.63 48.90 101.52
N ILE YA 111 -43.91 48.60 101.46
CA ILE YA 111 -44.82 49.29 100.55
C ILE YA 111 -45.83 50.05 101.38
N TYR YA 112 -45.87 51.36 101.21
CA TYR YA 112 -46.79 52.24 101.93
C TYR YA 112 -47.85 52.70 100.95
N PRO YA 113 -49.02 52.06 100.89
CA PRO YA 113 -50.06 52.54 99.98
C PRO YA 113 -50.69 53.81 100.52
N LEU YA 114 -50.79 54.81 99.66
CA LEU YA 114 -51.32 56.12 100.05
C LEU YA 114 -52.08 56.64 98.84
N ASN YA 115 -53.41 56.66 98.95
CA ASN YA 115 -54.23 57.05 97.82
C ASN YA 115 -54.71 58.49 97.90
N ASP YA 116 -54.79 59.06 99.10
CA ASP YA 116 -55.39 60.38 99.26
C ASP YA 116 -54.41 61.51 98.96
N ALA YA 117 -53.34 61.60 99.75
CA ALA YA 117 -52.33 62.66 99.76
C ALA YA 117 -52.91 64.06 99.99
N GLU YA 118 -54.08 64.18 100.60
CA GLU YA 118 -54.59 65.45 101.06
C GLU YA 118 -55.12 65.42 102.48
N ASP YA 119 -55.27 64.25 103.09
CA ASP YA 119 -55.63 64.18 104.49
C ASP YA 119 -54.42 64.49 105.35
N GLU YA 120 -54.49 65.60 106.09
CA GLU YA 120 -53.36 66.04 106.91
C GLU YA 120 -53.11 65.11 108.09
N LEU YA 121 -54.12 64.37 108.54
CA LEU YA 121 -53.97 63.49 109.69
C LEU YA 121 -53.25 62.20 109.35
N VAL YA 122 -53.27 61.80 108.08
CA VAL YA 122 -52.57 60.59 107.64
C VAL YA 122 -51.18 60.92 107.10
N LEU YA 123 -51.08 62.00 106.31
CA LEU YA 123 -49.82 62.37 105.65
C LEU YA 123 -48.75 62.79 106.64
N ALA YA 124 -49.14 63.43 107.74
CA ALA YA 124 -48.17 63.86 108.74
C ALA YA 124 -47.67 62.70 109.59
N ALA YA 125 -48.33 61.56 109.55
CA ALA YA 125 -47.91 60.38 110.31
C ALA YA 125 -47.08 59.42 109.48
N ILE YA 126 -46.69 59.81 108.27
CA ILE YA 126 -45.70 59.06 107.48
C ILE YA 126 -44.36 58.97 108.21
N PRO YA 127 -43.75 60.05 108.76
CA PRO YA 127 -42.48 59.83 109.49
C PRO YA 127 -42.64 59.12 110.81
N GLU YA 128 -43.83 59.13 111.41
CA GLU YA 128 -44.02 58.46 112.69
C GLU YA 128 -44.11 56.95 112.54
N VAL YA 129 -44.49 56.46 111.37
CA VAL YA 129 -44.57 55.02 111.19
C VAL YA 129 -43.32 54.51 110.47
N ILE YA 130 -42.58 55.39 109.79
CA ILE YA 130 -41.43 54.93 109.02
C ILE YA 130 -40.16 54.97 109.85
N GLU YA 131 -40.18 55.63 111.01
CA GLU YA 131 -39.12 55.47 111.99
C GLU YA 131 -39.39 54.31 112.94
N GLN YA 132 -40.63 53.83 112.97
CA GLN YA 132 -40.98 52.76 113.89
C GLN YA 132 -40.44 51.42 113.42
N LYS YA 133 -40.13 51.29 112.13
CA LYS YA 133 -39.71 50.00 111.61
C LYS YA 133 -38.20 49.84 111.54
N GLY YA 134 -37.46 50.94 111.40
CA GLY YA 134 -36.03 50.93 111.65
C GLY YA 134 -35.18 50.14 110.68
N ASP YA 135 -35.64 49.97 109.45
CA ASP YA 135 -34.90 49.22 108.45
C ASP YA 135 -34.76 49.97 107.15
N ILE YA 136 -35.33 51.17 107.04
CA ILE YA 136 -35.42 51.87 105.76
C ILE YA 136 -34.17 52.71 105.54
N THR YA 137 -33.67 52.69 104.30
CA THR YA 137 -32.58 53.57 103.94
C THR YA 137 -32.96 54.49 102.78
N LEU YA 138 -33.80 54.01 101.87
CA LEU YA 138 -34.19 54.78 100.69
C LEU YA 138 -35.65 55.15 100.74
N LEU YA 139 -35.99 56.26 100.09
CA LEU YA 139 -37.32 56.85 100.16
C LEU YA 139 -37.72 57.22 98.75
N VAL YA 140 -38.63 56.47 98.13
CA VAL YA 140 -38.96 56.70 96.73
C VAL YA 140 -40.43 57.09 96.61
N CYS YA 141 -40.77 57.62 95.44
CA CYS YA 141 -42.15 57.98 95.08
C CYS YA 141 -42.33 57.72 93.60
N PRO YA 142 -43.02 56.65 93.21
CA PRO YA 142 -43.08 56.28 91.80
C PRO YA 142 -44.17 56.96 90.96
N GLU YA 143 -44.66 58.14 91.34
CA GLU YA 143 -45.81 58.73 90.64
C GLU YA 143 -45.40 59.88 89.71
N LEU YA 144 -46.29 60.17 88.76
CA LEU YA 144 -46.06 61.23 87.78
C LEU YA 144 -46.56 62.58 88.26
N ASP YA 145 -47.65 62.60 89.04
CA ASP YA 145 -48.41 63.82 89.33
C ASP YA 145 -47.62 64.72 90.29
N LEU YA 146 -47.46 65.99 89.89
CA LEU YA 146 -46.76 66.97 90.71
C LEU YA 146 -47.53 67.27 92.00
N ASP YA 147 -48.86 67.37 91.93
CA ASP YA 147 -49.62 67.73 93.10
C ASP YA 147 -49.76 66.55 94.07
N TYR YA 148 -49.52 65.35 93.58
CA TYR YA 148 -49.42 64.20 94.47
C TYR YA 148 -48.03 64.11 95.08
N LYS YA 149 -47.00 64.18 94.25
CA LYS YA 149 -45.63 63.92 94.67
C LYS YA 149 -45.06 64.99 95.57
N THR YA 150 -45.29 66.26 95.26
CA THR YA 150 -44.73 67.35 96.07
C THR YA 150 -45.43 67.51 97.41
N LYS YA 151 -46.60 66.91 97.60
CA LYS YA 151 -47.22 66.88 98.91
C LYS YA 151 -46.57 65.85 99.82
N ILE YA 152 -45.92 64.84 99.25
CA ILE YA 152 -45.31 63.79 100.06
C ILE YA 152 -43.93 64.21 100.53
N TYR YA 153 -43.15 64.82 99.64
CA TYR YA 153 -41.78 65.23 99.94
C TYR YA 153 -41.69 66.22 101.09
N GLY YA 154 -42.72 67.04 101.28
CA GLY YA 154 -42.74 67.92 102.44
C GLY YA 154 -42.92 67.20 103.75
N ALA YA 155 -43.70 66.11 103.77
CA ALA YA 155 -43.87 65.30 104.96
C ALA YA 155 -42.66 64.43 105.24
N VAL YA 156 -42.05 63.87 104.19
CA VAL YA 156 -40.88 63.01 104.30
C VAL YA 156 -39.63 63.79 104.70
N SER YA 157 -39.61 65.11 104.48
CA SER YA 157 -38.42 65.92 104.68
C SER YA 157 -38.00 66.07 106.14
N SER YA 158 -38.82 65.63 107.09
CA SER YA 158 -38.39 65.60 108.48
C SER YA 158 -37.36 64.51 108.74
N LEU YA 159 -37.29 63.48 107.89
CA LEU YA 159 -36.29 62.44 108.03
C LEU YA 159 -34.92 62.90 107.57
N LEU YA 160 -34.83 63.98 106.80
CA LEU YA 160 -33.57 64.50 106.30
C LEU YA 160 -32.91 65.48 107.25
N ASN YA 161 -33.36 65.56 108.50
CA ASN YA 161 -32.72 66.39 109.50
C ASN YA 161 -31.47 65.70 110.05
N ASP YA 162 -30.75 66.38 110.93
CA ASP YA 162 -29.57 65.76 111.53
C ASP YA 162 -29.91 64.91 112.74
N ASN YA 163 -31.15 64.99 113.23
CA ASN YA 163 -31.56 64.19 114.38
C ASN YA 163 -31.73 62.72 114.02
N LYS YA 164 -31.94 62.41 112.74
CA LYS YA 164 -32.11 61.04 112.27
C LYS YA 164 -30.94 60.65 111.37
N VAL YA 165 -30.78 59.34 111.17
CA VAL YA 165 -29.65 58.77 110.45
C VAL YA 165 -30.18 57.93 109.28
N GLY YA 166 -29.33 57.67 108.30
CA GLY YA 166 -29.78 57.00 107.10
C GLY YA 166 -30.66 57.92 106.27
N TYR YA 167 -31.70 57.34 105.67
CA TYR YA 167 -32.81 58.06 105.03
C TYR YA 167 -32.33 58.95 103.89
N PHE YA 168 -31.81 58.31 102.85
CA PHE YA 168 -31.42 59.01 101.64
C PHE YA 168 -32.62 59.07 100.70
N LEU YA 169 -33.14 60.28 100.47
CA LEU YA 169 -34.33 60.48 99.66
C LEU YA 169 -33.92 60.57 98.20
N ILE YA 170 -34.13 59.49 97.46
CA ILE YA 170 -33.92 59.52 96.02
C ILE YA 170 -35.19 60.01 95.34
N ALA YA 171 -35.08 61.16 94.66
CA ALA YA 171 -36.23 61.92 94.20
C ALA YA 171 -36.25 61.99 92.68
N ASP YA 172 -37.13 62.83 92.16
CA ASP YA 172 -37.28 63.04 90.73
C ASP YA 172 -37.71 64.46 90.47
N SER YA 173 -37.20 65.04 89.39
CA SER YA 173 -37.65 66.31 88.86
C SER YA 173 -38.31 66.06 87.51
N ASN YA 174 -39.50 66.63 87.31
CA ASN YA 174 -40.24 66.37 86.08
C ASN YA 174 -39.65 67.14 84.91
N ASP YA 175 -39.03 68.28 85.19
CA ASP YA 175 -38.31 69.05 84.18
C ASP YA 175 -36.85 69.17 84.61
N GLY YA 176 -36.07 69.95 83.87
CA GLY YA 176 -34.67 70.12 84.21
C GLY YA 176 -34.43 70.96 85.45
N GLU YA 177 -35.45 71.64 85.94
CA GLU YA 177 -35.29 72.52 87.09
C GLU YA 177 -35.39 71.73 88.39
N SER YA 178 -34.84 72.32 89.44
CA SER YA 178 -34.73 71.64 90.72
C SER YA 178 -36.09 71.53 91.41
N VAL YA 179 -36.19 70.53 92.28
CA VAL YA 179 -37.41 70.29 93.04
C VAL YA 179 -37.64 71.42 94.05
N SER YA 180 -36.54 71.98 94.58
CA SER YA 180 -36.46 73.29 95.25
C SER YA 180 -37.43 73.38 96.43
N GLY YA 181 -37.14 72.58 97.44
CA GLY YA 181 -37.94 72.61 98.65
C GLY YA 181 -37.08 72.79 99.88
N VAL YA 182 -37.64 72.42 101.03
CA VAL YA 182 -36.86 72.39 102.26
C VAL YA 182 -36.08 71.09 102.37
N TRP YA 183 -36.35 70.16 101.47
CA TRP YA 183 -35.57 68.94 101.29
C TRP YA 183 -34.37 69.14 100.38
N ASN YA 184 -33.81 70.35 100.34
CA ASN YA 184 -32.62 70.67 99.59
C ASN YA 184 -31.34 70.27 100.34
N SER YA 185 -31.45 69.44 101.36
CA SER YA 185 -30.31 69.05 102.16
C SER YA 185 -29.45 68.03 101.40
N ALA YA 186 -28.34 67.64 102.01
CA ALA YA 186 -27.37 66.75 101.38
C ALA YA 186 -27.86 65.33 101.22
N LYS YA 187 -29.01 64.97 101.78
CA LYS YA 187 -29.53 63.62 101.75
C LYS YA 187 -30.53 63.40 100.62
N ALA YA 188 -30.36 64.07 99.49
CA ALA YA 188 -31.32 63.99 98.40
C ALA YA 188 -30.62 63.84 97.07
N ALA YA 189 -31.24 63.12 96.15
CA ALA YA 189 -30.73 62.99 94.78
C ALA YA 189 -31.89 62.96 93.81
N ALA YA 190 -31.74 63.64 92.68
CA ALA YA 190 -32.79 63.76 91.69
C ALA YA 190 -32.31 63.24 90.35
N TYR YA 191 -33.19 62.55 89.63
CA TYR YA 191 -32.84 61.88 88.39
C TYR YA 191 -33.82 62.30 87.30
N TYR YA 192 -33.33 63.03 86.29
CA TYR YA 192 -34.22 63.81 85.43
C TYR YA 192 -35.08 63.02 84.43
N PRO YA 193 -34.53 62.24 83.47
CA PRO YA 193 -35.37 61.83 82.33
C PRO YA 193 -36.31 60.70 82.73
N GLN YA 194 -37.59 60.88 82.44
CA GLN YA 194 -38.55 59.84 82.76
C GLN YA 194 -38.41 58.69 81.77
N LEU YA 195 -38.51 57.47 82.26
CA LEU YA 195 -38.32 56.33 81.39
C LEU YA 195 -39.62 56.00 80.68
N GLU YA 196 -39.53 55.12 79.67
CA GLU YA 196 -40.70 54.67 78.92
C GLU YA 196 -40.56 53.16 78.77
N THR YA 197 -41.12 52.43 79.73
CA THR YA 197 -40.95 50.98 79.80
C THR YA 197 -41.75 50.30 78.68
N ASN YA 198 -41.29 49.12 78.31
CA ASN YA 198 -41.91 48.38 77.20
C ASN YA 198 -43.05 47.48 77.65
N LEU YA 199 -43.43 47.49 78.92
CA LEU YA 199 -44.55 46.65 79.34
C LEU YA 199 -45.86 47.38 79.09
N LYS YA 200 -46.96 46.65 79.23
CA LYS YA 200 -48.30 47.19 79.01
C LYS YA 200 -49.17 46.92 80.23
N PHE YA 201 -50.38 47.48 80.19
CA PHE YA 201 -51.32 47.37 81.29
C PHE YA 201 -52.26 46.18 81.12
N SER YA 202 -53.03 45.92 82.17
CA SER YA 202 -54.22 45.06 82.11
C SER YA 202 -55.20 45.67 83.11
N THR YA 203 -56.18 46.42 82.60
CA THR YA 203 -56.83 47.49 83.33
C THR YA 203 -57.75 46.97 84.45
N LEU YA 204 -58.31 47.91 85.20
CA LEU YA 204 -59.12 47.62 86.38
C LEU YA 204 -60.44 46.96 86.02
N PRO YA 224 -63.81 59.10 88.66
CA PRO YA 224 -64.69 60.13 89.20
C PRO YA 224 -65.91 59.49 89.87
N LYS YA 225 -65.80 59.28 91.18
CA LYS YA 225 -66.81 58.74 92.12
C LYS YA 225 -67.53 57.51 91.56
N ASN YA 226 -66.75 56.42 91.45
CA ASN YA 226 -67.27 55.07 91.26
C ASN YA 226 -68.07 54.88 89.98
N LEU YA 227 -67.38 54.77 88.83
CA LEU YA 227 -67.98 54.64 87.49
C LEU YA 227 -69.16 53.67 87.39
N ASP YA 228 -69.23 52.63 88.23
CA ASP YA 228 -70.41 51.78 88.28
C ASP YA 228 -71.67 52.53 88.72
N GLU YA 229 -71.52 53.62 89.49
CA GLU YA 229 -72.67 54.49 89.73
C GLU YA 229 -73.07 55.23 88.47
N LEU YA 230 -72.10 55.75 87.73
CA LEU YA 230 -72.34 56.46 86.48
C LEU YA 230 -72.72 55.53 85.34
N ARG YA 231 -72.61 54.21 85.55
CA ARG YA 231 -73.10 53.25 84.58
C ARG YA 231 -74.63 53.28 84.48
N THR YA 232 -75.29 53.75 85.55
CA THR YA 232 -76.75 53.85 85.58
C THR YA 232 -77.26 55.21 85.14
N ILE YA 233 -76.55 56.29 85.49
CA ILE YA 233 -77.09 57.62 85.28
C ILE YA 233 -76.91 58.05 83.82
N ASN YA 234 -75.66 58.18 83.39
CA ASN YA 234 -75.34 58.70 82.07
C ASN YA 234 -74.93 57.54 81.18
N GLU YA 235 -75.84 57.13 80.28
CA GLU YA 235 -75.52 56.09 79.32
C GLU YA 235 -74.53 56.55 78.27
N ALA YA 236 -74.45 57.85 78.01
CA ALA YA 236 -73.59 58.35 76.95
C ALA YA 236 -72.14 58.45 77.41
N LEU YA 237 -71.92 58.81 78.67
CA LEU YA 237 -70.55 58.90 79.16
C LEU YA 237 -69.94 57.53 79.43
N ALA YA 238 -70.78 56.54 79.75
CA ALA YA 238 -70.30 55.20 80.06
C ALA YA 238 -69.66 54.52 78.87
N GLN YA 239 -70.27 54.61 77.69
CA GLN YA 239 -69.65 54.11 76.47
C GLN YA 239 -68.50 54.97 76.00
N ASP YA 240 -68.41 56.21 76.47
CA ASP YA 240 -67.32 57.11 76.13
C ASP YA 240 -66.06 56.80 76.92
N ILE YA 241 -66.22 56.48 78.21
CA ILE YA 241 -65.07 56.21 79.07
C ILE YA 241 -64.56 54.78 78.88
N ASP YA 242 -65.45 53.85 78.51
CA ASP YA 242 -65.06 52.47 78.27
C ASP YA 242 -64.22 52.32 77.00
N ALA YA 243 -64.36 53.24 76.05
CA ALA YA 243 -63.54 53.21 74.85
C ALA YA 243 -62.14 53.76 75.11
N ARG YA 244 -62.01 54.72 76.02
CA ARG YA 244 -60.71 55.31 76.27
C ARG YA 244 -59.84 54.42 77.16
N LEU YA 245 -60.47 53.60 78.00
CA LEU YA 245 -59.71 52.61 78.78
C LEU YA 245 -59.06 51.57 77.90
N LEU YA 246 -59.74 51.13 76.85
CA LEU YA 246 -59.13 50.23 75.88
C LEU YA 246 -58.09 50.95 75.03
N GLU YA 247 -58.23 52.27 74.85
CA GLU YA 247 -57.25 53.04 74.10
C GLU YA 247 -55.94 53.20 74.86
N GLU YA 248 -55.99 53.55 76.14
CA GLU YA 248 -54.78 53.70 76.93
C GLU YA 248 -54.21 52.38 77.41
N LYS YA 249 -54.89 51.27 77.14
CA LYS YA 249 -54.34 49.95 77.43
C LYS YA 249 -53.25 49.57 76.46
N GLN YA 250 -53.25 50.13 75.25
CA GLN YA 250 -52.31 49.71 74.22
C GLN YA 250 -50.99 50.48 74.28
N ARG YA 251 -50.99 51.66 74.89
CA ARG YA 251 -49.79 52.49 74.93
C ARG YA 251 -48.86 52.02 76.03
N ALA YA 252 -47.56 52.01 75.71
CA ALA YA 252 -46.52 51.71 76.70
C ALA YA 252 -46.52 52.79 77.79
N VAL YA 253 -46.40 52.37 79.04
CA VAL YA 253 -46.51 53.30 80.14
C VAL YA 253 -45.16 53.97 80.40
N ILE YA 254 -45.22 55.26 80.72
CA ILE YA 254 -44.03 55.98 81.16
C ILE YA 254 -44.04 56.01 82.68
N ILE YA 255 -42.86 55.87 83.26
CA ILE YA 255 -42.69 55.85 84.71
C ILE YA 255 -41.65 56.89 85.06
N PRO YA 256 -41.55 57.29 86.33
CA PRO YA 256 -40.40 58.06 86.77
C PRO YA 256 -39.21 57.16 87.03
N PRO YA 257 -37.99 57.68 86.97
CA PRO YA 257 -36.83 56.87 87.34
C PRO YA 257 -36.55 56.83 88.83
N SER YA 258 -37.44 57.37 89.67
CA SER YA 258 -37.25 57.24 91.11
C SER YA 258 -37.50 55.84 91.63
N ALA YA 259 -38.02 54.94 90.79
CA ALA YA 259 -38.19 53.55 91.16
C ALA YA 259 -37.13 52.64 90.55
N ALA YA 260 -36.68 52.92 89.32
CA ALA YA 260 -35.69 52.06 88.69
C ALA YA 260 -34.32 52.20 89.30
N ILE YA 261 -33.94 53.42 89.70
CA ILE YA 261 -32.63 53.63 90.33
C ILE YA 261 -32.62 53.10 91.76
N ALA YA 262 -33.80 52.85 92.35
CA ALA YA 262 -33.84 52.19 93.66
C ALA YA 262 -33.36 50.75 93.58
N GLY YA 263 -33.43 50.13 92.41
CA GLY YA 263 -32.79 48.84 92.22
C GLY YA 263 -31.34 48.97 91.82
N ILE YA 264 -30.98 50.08 91.17
CA ILE YA 264 -29.58 50.34 90.83
C ILE YA 264 -28.78 50.61 92.08
N TYR YA 265 -29.39 51.26 93.06
CA TYR YA 265 -28.74 51.50 94.35
C TYR YA 265 -28.49 50.21 95.11
N CYS YA 266 -29.28 49.18 94.85
CA CYS YA 266 -29.07 47.87 95.48
C CYS YA 266 -28.14 46.98 94.66
N GLN YA 267 -28.15 47.09 93.33
CA GLN YA 267 -27.34 46.21 92.51
C GLN YA 267 -25.86 46.51 92.66
N THR YA 268 -25.49 47.79 92.67
CA THR YA 268 -24.10 48.13 92.95
C THR YA 268 -23.75 48.08 94.43
N ASP YA 269 -24.66 47.63 95.29
CA ASP YA 269 -24.29 47.41 96.67
C ASP YA 269 -23.91 45.96 96.94
N ASN YA 270 -24.41 45.02 96.14
CA ASN YA 270 -23.96 43.64 96.25
C ASN YA 270 -22.65 43.44 95.51
N ARG YA 271 -22.45 44.16 94.41
CA ARG YA 271 -21.27 43.97 93.59
C ARG YA 271 -20.06 44.68 94.16
N ARG YA 272 -20.20 45.99 94.46
CA ARG YA 272 -19.07 46.80 94.87
C ARG YA 272 -19.29 47.54 96.19
N GLY YA 273 -20.36 47.25 96.91
CA GLY YA 273 -20.55 47.89 98.19
C GLY YA 273 -21.09 49.30 98.08
N VAL YA 274 -21.24 49.94 99.24
CA VAL YA 274 -21.83 51.26 99.31
C VAL YA 274 -20.89 52.31 98.73
N TRP YA 275 -19.58 52.16 98.97
CA TRP YA 275 -18.57 53.16 98.68
C TRP YA 275 -18.33 53.40 97.19
N LYS YA 276 -18.93 52.62 96.30
CA LYS YA 276 -18.85 52.88 94.87
C LYS YA 276 -20.06 53.70 94.44
N ALA YA 277 -19.88 54.50 93.40
CA ALA YA 277 -20.93 55.39 92.94
C ALA YA 277 -21.99 54.63 92.15
N PRO YA 278 -23.27 54.78 92.49
CA PRO YA 278 -24.32 54.14 91.69
C PRO YA 278 -24.53 54.78 90.33
N ALA YA 279 -23.51 54.75 89.47
CA ALA YA 279 -23.56 55.32 88.14
C ALA YA 279 -22.67 54.50 87.24
N ASN YA 280 -22.65 54.85 85.95
CA ASN YA 280 -21.98 54.10 84.88
C ASN YA 280 -22.44 52.64 84.86
N VAL YA 281 -23.74 52.42 85.04
CA VAL YA 281 -24.31 51.09 85.02
C VAL YA 281 -25.63 51.15 84.26
N ALA YA 282 -25.82 50.17 83.37
CA ALA YA 282 -26.95 50.17 82.45
C ALA YA 282 -28.25 49.81 83.16
N LEU YA 283 -29.30 50.55 82.84
CA LEU YA 283 -30.65 50.15 83.22
C LEU YA 283 -31.13 49.04 82.30
N THR YA 284 -31.93 48.14 82.86
CA THR YA 284 -32.44 47.00 82.11
C THR YA 284 -33.96 47.09 82.00
N GLY YA 285 -34.49 46.59 80.89
CA GLY YA 285 -35.92 46.43 80.75
C GLY YA 285 -36.68 47.66 80.33
N ILE YA 286 -36.03 48.79 80.12
CA ILE YA 286 -36.72 49.99 79.69
C ILE YA 286 -36.63 50.07 78.17
N GLY YA 287 -37.57 50.81 77.59
CA GLY YA 287 -37.54 51.10 76.16
C GLY YA 287 -36.71 52.34 75.92
N SER YA 288 -37.24 53.27 75.14
CA SER YA 288 -36.55 54.54 74.93
C SER YA 288 -36.70 55.43 76.17
N LEU YA 289 -35.97 56.54 76.14
CA LEU YA 289 -36.20 57.58 77.13
C LEU YA 289 -37.31 58.51 76.65
N LEU YA 290 -37.77 59.38 77.57
CA LEU YA 290 -38.71 60.43 77.19
C LEU YA 290 -38.00 61.68 76.72
N ASP YA 291 -36.85 62.00 77.29
CA ASP YA 291 -36.05 63.13 76.87
C ASP YA 291 -34.70 62.64 76.39
N LYS YA 292 -34.05 63.45 75.56
CA LYS YA 292 -32.80 63.06 74.92
C LYS YA 292 -31.74 64.12 75.20
N VAL YA 293 -31.55 64.43 76.49
CA VAL YA 293 -30.69 65.54 76.90
C VAL YA 293 -29.23 65.27 76.55
N ASP YA 294 -28.59 66.29 76.00
CA ASP YA 294 -27.24 66.29 75.48
C ASP YA 294 -26.24 66.68 76.57
N ASP YA 295 -25.03 67.05 76.14
CA ASP YA 295 -23.97 67.44 77.06
C ASP YA 295 -24.08 68.89 77.53
N GLU YA 296 -24.54 69.81 76.69
CA GLU YA 296 -24.48 71.22 77.07
C GLU YA 296 -25.65 71.60 77.98
N ARG YA 297 -26.75 70.84 77.96
CA ARG YA 297 -27.84 71.08 78.88
C ARG YA 297 -27.55 70.43 80.23
N GLN YA 298 -26.77 69.35 80.22
CA GLN YA 298 -26.44 68.61 81.43
C GLN YA 298 -25.50 69.39 82.34
N GLY YA 299 -24.73 70.31 81.78
CA GLY YA 299 -23.75 71.06 82.55
C GLY YA 299 -24.35 71.99 83.60
N GLU YA 300 -25.63 72.34 83.47
CA GLU YA 300 -26.29 73.10 84.51
C GLU YA 300 -27.04 72.20 85.48
N MET YA 301 -27.65 71.11 84.98
CA MET YA 301 -28.43 70.22 85.83
C MET YA 301 -27.54 69.47 86.81
N ASN YA 302 -26.34 69.08 86.39
CA ASN YA 302 -25.48 68.31 87.28
C ASN YA 302 -24.88 69.19 88.37
N ASP YA 303 -24.50 70.42 88.02
CA ASP YA 303 -24.07 71.39 89.02
C ASP YA 303 -25.22 71.81 89.92
N LYS YA 304 -26.45 71.77 89.40
CA LYS YA 304 -27.62 72.00 90.24
C LYS YA 304 -27.81 70.86 91.24
N GLY YA 305 -27.47 69.64 90.84
CA GLY YA 305 -27.60 68.50 91.72
C GLY YA 305 -28.60 67.48 91.19
N ILE YA 306 -28.92 67.56 89.91
CA ILE YA 306 -29.86 66.66 89.28
C ILE YA 306 -29.07 65.71 88.38
N ASN YA 307 -29.08 64.43 88.72
CA ASN YA 307 -28.42 63.44 87.91
C ASN YA 307 -29.28 63.10 86.71
N VAL YA 308 -28.73 62.33 85.78
CA VAL YA 308 -29.37 62.14 84.49
C VAL YA 308 -29.06 60.75 83.96
N ILE YA 309 -30.10 60.06 83.50
CA ILE YA 309 -29.94 58.82 82.75
C ILE YA 309 -29.72 59.19 81.30
N ARG YA 310 -28.54 58.87 80.79
CA ARG YA 310 -28.11 59.29 79.46
C ARG YA 310 -27.91 58.08 78.57
N SER YA 311 -28.37 58.17 77.33
CA SER YA 311 -28.44 57.03 76.44
C SER YA 311 -27.25 57.01 75.50
N PHE YA 312 -26.40 56.01 75.64
CA PHE YA 312 -25.37 55.69 74.66
C PHE YA 312 -25.79 54.42 73.94
N THR YA 313 -25.58 54.39 72.62
CA THR YA 313 -26.12 53.30 71.81
C THR YA 313 -25.34 52.02 72.03
N ASP YA 314 -24.01 52.11 72.05
CA ASP YA 314 -23.18 50.91 72.14
C ASP YA 314 -23.15 50.30 73.54
N ARG YA 315 -23.67 51.00 74.55
CA ARG YA 315 -23.67 50.47 75.91
C ARG YA 315 -25.05 50.37 76.53
N GLY YA 316 -25.98 51.25 76.17
CA GLY YA 316 -27.32 51.21 76.72
C GLY YA 316 -27.66 52.46 77.51
N PHE YA 317 -28.67 52.32 78.36
CA PHE YA 317 -29.18 53.43 79.16
C PHE YA 317 -28.44 53.46 80.49
N MET YA 318 -27.33 54.16 80.53
CA MET YA 318 -26.46 54.20 81.70
C MET YA 318 -26.85 55.35 82.62
N VAL YA 319 -26.84 55.10 83.92
CA VAL YA 319 -27.00 56.16 84.89
C VAL YA 319 -25.73 57.01 84.89
N TRP YA 320 -25.89 58.31 84.69
CA TRP YA 320 -24.76 59.20 84.43
C TRP YA 320 -24.79 60.35 85.43
N GLY YA 321 -24.08 60.20 86.53
CA GLY YA 321 -24.10 61.25 87.53
C GLY YA 321 -24.22 60.65 88.91
N ALA YA 322 -23.39 61.15 89.83
CA ALA YA 322 -23.36 60.65 91.19
C ALA YA 322 -23.30 61.78 92.21
N ARG YA 323 -23.79 62.95 91.83
CA ARG YA 323 -23.88 64.06 92.76
C ARG YA 323 -25.21 64.02 93.51
N THR YA 324 -25.34 64.92 94.49
CA THR YA 324 -26.52 65.01 95.32
C THR YA 324 -27.09 66.42 95.24
N CYS YA 325 -28.34 66.57 95.66
CA CYS YA 325 -28.98 67.88 95.68
C CYS YA 325 -28.48 68.70 96.85
N VAL YA 326 -27.27 69.24 96.74
CA VAL YA 326 -26.63 70.00 97.81
C VAL YA 326 -26.20 71.35 97.21
N ASP YA 327 -25.90 72.30 98.09
CA ASP YA 327 -25.28 73.54 97.65
C ASP YA 327 -23.89 73.25 97.10
N ALA YA 328 -23.57 73.83 95.94
CA ALA YA 328 -22.35 73.49 95.22
C ALA YA 328 -21.08 73.96 95.91
N ALA YA 329 -21.18 74.84 96.91
CA ALA YA 329 -20.01 75.22 97.68
C ALA YA 329 -19.57 74.14 98.65
N ASN YA 330 -20.50 73.34 99.16
CA ASN YA 330 -20.18 72.28 100.12
C ASN YA 330 -19.58 71.12 99.33
N ILE YA 331 -18.25 71.09 99.24
CA ILE YA 331 -17.57 70.05 98.47
C ILE YA 331 -17.33 68.77 99.28
N SER YA 332 -17.70 68.76 100.56
CA SER YA 332 -17.51 67.58 101.37
C SER YA 332 -18.52 66.49 101.02
N TRP YA 333 -19.82 66.82 101.13
CA TRP YA 333 -20.88 65.86 100.82
C TRP YA 333 -21.33 65.96 99.38
N ARG YA 334 -20.45 66.36 98.47
CA ARG YA 334 -20.84 66.69 97.10
C ARG YA 334 -21.12 65.46 96.24
N TYR YA 335 -21.00 64.26 96.78
CA TYR YA 335 -21.26 63.05 96.01
C TYR YA 335 -22.29 62.18 96.73
N ILE YA 336 -22.87 61.27 95.97
CA ILE YA 336 -23.76 60.25 96.54
C ILE YA 336 -23.03 59.33 97.54
N PRO YA 337 -21.93 58.64 97.17
CA PRO YA 337 -21.40 57.64 98.13
C PRO YA 337 -20.75 58.25 99.34
N VAL YA 338 -20.20 59.45 99.23
CA VAL YA 338 -19.66 60.15 100.40
C VAL YA 338 -20.78 60.50 101.37
N ARG YA 339 -22.00 60.71 100.87
CA ARG YA 339 -23.14 60.88 101.76
C ARG YA 339 -23.71 59.54 102.19
N ARG YA 340 -23.70 58.56 101.28
CA ARG YA 340 -24.39 57.31 101.54
C ARG YA 340 -23.55 56.32 102.34
N LEU YA 341 -22.21 56.40 102.27
CA LEU YA 341 -21.39 55.59 103.15
C LEU YA 341 -21.50 56.07 104.58
N PHE YA 342 -21.43 57.39 104.80
CA PHE YA 342 -21.59 57.94 106.13
C PHE YA 342 -22.96 57.69 106.72
N ASN YA 343 -23.98 57.52 105.88
CA ASN YA 343 -25.26 57.01 106.36
C ASN YA 343 -25.10 55.57 106.83
N SER YA 344 -24.42 54.74 106.04
CA SER YA 344 -24.36 53.32 106.32
C SER YA 344 -23.38 52.95 107.42
N VAL YA 345 -22.38 53.78 107.67
CA VAL YA 345 -21.46 53.51 108.77
C VAL YA 345 -22.13 53.74 110.10
N GLU YA 346 -22.78 54.90 110.26
CA GLU YA 346 -23.42 55.19 111.55
C GLU YA 346 -24.69 54.38 111.77
N ARG YA 347 -25.26 53.82 110.71
CA ARG YA 347 -26.38 52.92 110.86
C ARG YA 347 -25.95 51.56 111.41
N ASP YA 348 -24.72 51.15 111.11
CA ASP YA 348 -24.20 49.90 111.63
C ASP YA 348 -23.35 50.10 112.87
N ILE YA 349 -22.96 51.33 113.18
CA ILE YA 349 -22.32 51.61 114.46
C ILE YA 349 -23.34 51.63 115.59
N ARG YA 350 -24.53 52.22 115.36
CA ARG YA 350 -25.62 52.12 116.34
C ARG YA 350 -26.03 50.68 116.59
N GLN YA 351 -25.99 49.83 115.56
CA GLN YA 351 -26.27 48.42 115.76
C GLN YA 351 -25.17 47.76 116.59
N ALA YA 352 -23.93 48.19 116.39
CA ALA YA 352 -22.82 47.61 117.14
C ALA YA 352 -22.65 48.19 118.53
N LEU YA 353 -23.11 49.42 118.78
CA LEU YA 353 -22.99 50.03 120.10
C LEU YA 353 -24.12 49.67 121.04
N ARG YA 354 -25.10 48.86 120.62
CA ARG YA 354 -26.23 48.60 121.49
C ARG YA 354 -25.90 47.65 122.63
N ALA YA 355 -24.75 46.97 122.58
CA ALA YA 355 -24.30 46.14 123.68
C ALA YA 355 -23.52 46.92 124.73
N VAL YA 356 -23.64 48.24 124.72
CA VAL YA 356 -22.86 49.11 125.60
C VAL YA 356 -23.74 49.91 126.55
N LEU YA 357 -25.01 50.18 126.17
CA LEU YA 357 -25.80 51.30 126.69
C LEU YA 357 -26.02 51.23 128.20
N PHE YA 358 -26.69 50.19 128.67
CA PHE YA 358 -27.07 50.12 130.06
C PHE YA 358 -26.06 49.37 130.92
N GLU YA 359 -24.83 49.26 130.45
CA GLU YA 359 -23.73 48.90 131.31
C GLU YA 359 -23.30 50.12 132.12
N THR YA 360 -22.47 49.88 133.13
CA THR YA 360 -22.06 50.97 134.02
C THR YA 360 -21.12 51.93 133.31
N ASN YA 361 -21.05 53.15 133.82
CA ASN YA 361 -20.33 54.23 133.18
C ASN YA 361 -19.00 54.43 133.90
N SER YA 362 -17.94 53.88 133.33
CA SER YA 362 -16.60 53.96 133.89
C SER YA 362 -15.61 53.66 132.77
N GLN YA 363 -14.35 53.50 133.13
CA GLN YA 363 -13.27 53.29 132.16
C GLN YA 363 -13.31 51.97 131.39
N PRO YA 364 -13.61 50.80 131.97
CA PRO YA 364 -13.70 49.59 131.14
C PRO YA 364 -14.90 49.53 130.20
N THR YA 365 -15.86 50.43 130.32
CA THR YA 365 -16.96 50.45 129.36
C THR YA 365 -16.55 51.16 128.08
N TRP YA 366 -15.68 52.16 128.19
CA TRP YA 366 -15.25 52.90 127.01
C TRP YA 366 -14.27 52.09 126.17
N VAL YA 367 -13.39 51.33 126.83
CA VAL YA 367 -12.40 50.53 126.10
C VAL YA 367 -13.01 49.33 125.39
N ARG YA 368 -14.26 48.97 125.73
CA ARG YA 368 -14.98 48.00 124.92
C ARG YA 368 -15.73 48.67 123.79
N ALA YA 369 -16.23 49.88 124.03
CA ALA YA 369 -16.93 50.61 122.98
C ALA YA 369 -15.95 51.16 121.95
N LYS YA 370 -14.74 51.52 122.37
CA LYS YA 370 -13.74 51.99 121.43
C LYS YA 370 -13.25 50.85 120.54
N ALA YA 371 -13.13 49.65 121.11
CA ALA YA 371 -12.71 48.49 120.33
C ALA YA 371 -13.77 48.02 119.36
N ALA YA 372 -15.05 48.26 119.65
CA ALA YA 372 -16.12 47.81 118.77
C ALA YA 372 -16.16 48.59 117.47
N VAL YA 373 -15.97 49.91 117.52
CA VAL YA 373 -15.89 50.71 116.31
C VAL YA 373 -14.53 50.59 115.65
N ASP YA 374 -13.47 50.28 116.40
CA ASP YA 374 -12.17 50.03 115.79
C ASP YA 374 -12.16 48.73 115.01
N GLN YA 375 -12.83 47.70 115.53
CA GLN YA 375 -12.91 46.43 114.82
C GLN YA 375 -13.91 46.49 113.68
N TYR YA 376 -14.81 47.48 113.68
CA TYR YA 376 -15.71 47.66 112.54
C TYR YA 376 -15.03 48.44 111.42
N LEU YA 377 -14.37 49.53 111.76
CA LEU YA 377 -13.73 50.37 110.76
C LEU YA 377 -12.53 49.71 110.12
N TYR YA 378 -11.91 48.74 110.80
CA TYR YA 378 -10.80 48.03 110.20
C TYR YA 378 -11.24 47.16 109.04
N THR YA 379 -12.46 46.62 109.10
CA THR YA 379 -12.97 45.84 107.97
C THR YA 379 -13.31 46.73 106.80
N LEU YA 380 -13.74 47.97 107.06
CA LEU YA 380 -13.97 48.90 105.96
C LEU YA 380 -12.67 49.37 105.34
N TRP YA 381 -11.61 49.45 106.14
CA TRP YA 381 -10.29 49.73 105.59
C TRP YA 381 -9.78 48.54 104.77
N GLN YA 382 -10.20 47.32 105.13
CA GLN YA 382 -9.80 46.13 104.39
C GLN YA 382 -10.38 46.13 102.99
N LYS YA 383 -11.66 46.45 102.85
CA LYS YA 383 -12.36 46.36 101.59
C LYS YA 383 -12.23 47.61 100.73
N ASN YA 384 -11.23 48.45 101.01
CA ASN YA 384 -10.89 49.65 100.23
C ASN YA 384 -12.05 50.64 100.19
N ALA YA 385 -12.75 50.79 101.32
CA ALA YA 385 -13.79 51.80 101.42
C ALA YA 385 -13.23 53.15 101.81
N LEU YA 386 -12.06 53.18 102.44
CA LEU YA 386 -11.44 54.40 102.92
C LEU YA 386 -10.06 54.52 102.31
N MET YA 387 -9.75 55.69 101.76
CA MET YA 387 -8.50 55.88 101.07
C MET YA 387 -7.39 56.13 102.08
N GLY YA 388 -6.19 55.67 101.75
CA GLY YA 388 -5.10 55.68 102.69
C GLY YA 388 -4.20 54.49 102.45
N ALA YA 389 -3.09 54.48 103.17
CA ALA YA 389 -2.08 53.44 103.02
C ALA YA 389 -1.87 52.63 104.28
N ARG YA 390 -2.07 53.25 105.44
CA ARG YA 390 -1.90 52.61 106.72
C ARG YA 390 -3.06 53.00 107.63
N PRO YA 391 -3.65 52.05 108.36
CA PRO YA 391 -4.98 52.32 108.92
C PRO YA 391 -5.07 53.21 110.15
N GLU YA 392 -4.04 53.96 110.50
CA GLU YA 392 -4.28 55.06 111.43
C GLU YA 392 -4.66 56.34 110.72
N GLU YA 393 -4.50 56.39 109.41
CA GLU YA 393 -4.90 57.54 108.60
C GLU YA 393 -6.36 57.45 108.20
N ALA YA 394 -6.88 56.25 107.96
CA ALA YA 394 -8.22 56.11 107.40
C ALA YA 394 -9.31 56.34 108.44
N TYR YA 395 -8.98 56.20 109.73
CA TYR YA 395 -9.95 56.42 110.78
C TYR YA 395 -9.24 56.82 112.07
N PHE YA 396 -10.03 57.35 113.01
CA PHE YA 396 -9.56 57.60 114.37
C PHE YA 396 -10.76 57.70 115.30
N VAL YA 397 -10.65 57.06 116.46
CA VAL YA 397 -11.66 57.11 117.51
C VAL YA 397 -11.00 57.61 118.79
N GLN YA 398 -11.57 58.66 119.37
CA GLN YA 398 -10.99 59.28 120.57
C GLN YA 398 -12.08 59.33 121.63
N ILE YA 399 -11.88 58.63 122.73
CA ILE YA 399 -12.85 58.60 123.83
C ILE YA 399 -12.07 58.51 125.13
N GLY YA 400 -12.55 59.20 126.16
CA GLY YA 400 -11.85 59.16 127.43
C GLY YA 400 -12.48 60.05 128.46
N GLN YA 401 -11.82 60.13 129.61
CA GLN YA 401 -12.31 60.91 130.73
C GLN YA 401 -12.18 62.40 130.46
N ASP YA 402 -10.98 62.85 130.10
CA ASP YA 402 -10.74 64.24 129.78
C ASP YA 402 -10.45 64.50 128.31
N ILE YA 403 -10.44 63.46 127.48
CA ILE YA 403 -10.20 63.64 126.05
C ILE YA 403 -11.44 64.22 125.39
N THR YA 404 -12.63 63.72 125.77
CA THR YA 404 -13.88 64.15 125.16
C THR YA 404 -14.96 64.52 126.17
N MET YA 405 -14.83 64.14 127.43
CA MET YA 405 -15.91 64.32 128.39
C MET YA 405 -15.47 65.18 129.57
N SER YA 406 -16.42 65.42 130.46
CA SER YA 406 -16.20 66.08 131.73
C SER YA 406 -16.72 65.21 132.86
N GLU YA 407 -16.48 65.66 134.09
CA GLU YA 407 -17.07 65.00 135.23
C GLU YA 407 -18.57 65.22 135.30
N ALA YA 408 -19.05 66.42 134.97
CA ALA YA 408 -20.49 66.64 134.91
C ALA YA 408 -21.11 66.00 133.68
N ASP YA 409 -20.30 65.64 132.68
CA ASP YA 409 -20.79 64.89 131.54
C ASP YA 409 -21.09 63.44 131.88
N ILE YA 410 -20.16 62.75 132.53
CA ILE YA 410 -20.36 61.36 132.94
C ILE YA 410 -21.35 61.22 134.08
N LYS YA 411 -21.43 62.19 134.99
CA LYS YA 411 -22.39 62.14 136.08
C LYS YA 411 -23.83 62.25 135.59
N GLN YA 412 -24.06 62.92 134.46
CA GLN YA 412 -25.37 62.87 133.84
C GLN YA 412 -25.66 61.50 133.25
N GLY YA 413 -24.62 60.78 132.82
CA GLY YA 413 -24.78 59.43 132.34
C GLY YA 413 -24.68 59.24 130.84
N LYS YA 414 -23.99 60.14 130.13
CA LYS YA 414 -23.84 60.00 128.69
C LYS YA 414 -22.37 59.91 128.32
N MET YA 415 -22.11 59.30 127.17
CA MET YA 415 -20.76 59.00 126.70
C MET YA 415 -20.59 59.52 125.28
N ILE YA 416 -19.57 60.33 125.07
CA ILE YA 416 -19.32 60.95 123.77
C ILE YA 416 -17.96 60.51 123.26
N MET YA 417 -17.94 60.01 122.03
CA MET YA 417 -16.72 59.67 121.31
C MET YA 417 -16.75 60.36 119.96
N THR YA 418 -15.58 60.53 119.36
CA THR YA 418 -15.44 61.25 118.10
C THR YA 418 -14.89 60.30 117.05
N VAL YA 419 -15.77 59.82 116.18
CA VAL YA 419 -15.37 59.01 115.05
C VAL YA 419 -15.13 59.95 113.88
N GLY YA 420 -14.15 59.63 113.06
CA GLY YA 420 -13.86 60.40 111.86
C GLY YA 420 -13.14 59.54 110.84
N LEU YA 421 -13.56 59.59 109.59
CA LEU YA 421 -13.09 58.65 108.58
C LEU YA 421 -13.05 59.32 107.23
N ALA YA 422 -12.04 58.97 106.43
CA ALA YA 422 -11.78 59.61 105.14
C ALA YA 422 -12.24 58.69 104.01
N ALA YA 423 -13.21 59.14 103.24
CA ALA YA 423 -13.77 58.34 102.16
C ALA YA 423 -13.07 58.61 100.85
N VAL YA 424 -13.38 57.79 99.85
CA VAL YA 424 -12.78 57.88 98.53
C VAL YA 424 -13.72 58.66 97.62
N ARG YA 425 -13.18 59.63 96.89
CA ARG YA 425 -13.99 60.47 96.02
C ARG YA 425 -13.86 60.00 94.59
N PRO YA 426 -14.96 59.74 93.89
CA PRO YA 426 -14.86 59.21 92.52
C PRO YA 426 -14.44 60.28 91.53
N ALA YA 427 -14.16 59.82 90.31
CA ALA YA 427 -13.67 60.67 89.23
C ALA YA 427 -14.82 60.94 88.27
N GLU YA 428 -15.37 62.15 88.32
CA GLU YA 428 -16.44 62.50 87.40
C GLU YA 428 -15.88 62.82 86.01
N PHE YA 429 -15.06 63.86 85.91
CA PHE YA 429 -14.58 64.34 84.64
C PHE YA 429 -13.25 63.66 84.31
N ILE YA 430 -13.03 63.37 83.04
CA ILE YA 430 -11.71 63.01 82.54
C ILE YA 430 -11.42 63.89 81.35
N ILE YA 431 -10.14 64.13 81.10
CA ILE YA 431 -9.70 64.99 80.02
C ILE YA 431 -8.66 64.23 79.22
N LEU YA 432 -8.92 64.04 77.94
CA LEU YA 432 -7.99 63.39 77.04
C LEU YA 432 -7.35 64.45 76.17
N GLN YA 433 -6.03 64.50 76.19
CA GLN YA 433 -5.29 65.59 75.57
C GLN YA 433 -4.52 65.00 74.40
N PHE YA 434 -5.12 65.05 73.22
CA PHE YA 434 -4.54 64.40 72.05
C PHE YA 434 -3.54 65.33 71.39
N THR YA 435 -2.25 65.10 71.64
CA THR YA 435 -1.21 65.80 70.92
C THR YA 435 -0.82 65.01 69.69
N GLN YA 436 0.13 65.55 68.95
CA GLN YA 436 0.49 65.01 67.66
C GLN YA 436 2.00 64.87 67.49
N ASP YA 437 2.79 65.62 68.24
CA ASP YA 437 4.25 65.55 68.17
C ASP YA 437 4.70 64.49 69.17
N VAL YA 438 4.94 63.28 68.66
CA VAL YA 438 5.29 62.16 69.53
C VAL YA 438 6.71 62.31 70.07
N VAL YA 439 7.68 62.50 69.19
CA VAL YA 439 9.07 62.61 69.59
C VAL YA 439 9.35 63.96 70.25
N LEU ZA 5 -16.31 72.48 81.14
CA LEU ZA 5 -16.51 71.28 81.95
C LEU ZA 5 -17.97 71.14 82.37
N LYS ZA 6 -18.21 71.16 83.68
CA LYS ZA 6 -19.50 71.20 84.36
C LYS ZA 6 -20.37 69.96 84.14
N ALA ZA 7 -19.92 68.96 83.39
CA ALA ZA 7 -20.73 67.79 83.15
C ALA ZA 7 -19.83 66.57 83.11
N PRO ZA 8 -20.23 65.43 83.65
CA PRO ZA 8 -19.35 64.26 83.66
C PRO ZA 8 -19.20 63.67 82.27
N GLY ZA 9 -18.08 62.99 82.08
CA GLY ZA 9 -17.80 62.33 80.83
C GLY ZA 9 -16.44 62.69 80.29
N VAL ZA 10 -16.16 62.16 79.11
CA VAL ZA 10 -14.87 62.36 78.46
C VAL ZA 10 -14.84 63.74 77.82
N TYR ZA 11 -13.67 64.35 77.77
CA TYR ZA 11 -13.48 65.66 77.17
C TYR ZA 11 -12.24 65.58 76.29
N ILE ZA 12 -12.42 65.29 75.01
CA ILE ZA 12 -11.30 65.25 74.08
C ILE ZA 12 -10.84 66.69 73.81
N GLU ZA 13 -9.53 66.91 73.88
CA GLU ZA 13 -8.98 68.19 73.47
C GLU ZA 13 -7.67 67.97 72.73
N GLU ZA 14 -7.42 68.78 71.72
CA GLU ZA 14 -6.24 68.67 70.89
C GLU ZA 14 -5.17 69.67 71.30
N ASP ZA 15 -4.09 69.68 70.52
CA ASP ZA 15 -2.86 70.49 70.63
C ASP ZA 15 -2.39 70.61 72.09
N ALA ZA 16 -2.14 69.44 72.66
CA ALA ZA 16 -1.76 69.34 74.05
C ALA ZA 16 -0.32 69.81 74.27
N SER ZA 17 0.10 69.84 75.53
CA SER ZA 17 1.43 70.22 75.94
C SER ZA 17 2.32 68.98 76.02
N LEU ZA 18 3.56 69.20 76.44
CA LEU ZA 18 4.54 68.13 76.58
C LEU ZA 18 4.77 67.86 78.06
N ALA ZA 19 4.80 66.59 78.43
CA ALA ZA 19 5.05 66.16 79.80
C ALA ZA 19 6.24 65.21 79.84
N LEU ZA 20 6.90 65.15 80.99
CA LEU ZA 20 8.12 64.39 81.15
C LEU ZA 20 7.98 63.44 82.34
N SER ZA 21 9.09 62.82 82.72
CA SER ZA 21 9.11 61.90 83.84
C SER ZA 21 9.49 62.64 85.12
N VAL ZA 22 9.21 62.00 86.25
CA VAL ZA 22 9.43 62.65 87.54
C VAL ZA 22 10.86 62.38 88.04
N SER ZA 23 11.26 61.10 88.11
CA SER ZA 23 12.63 60.63 88.39
C SER ZA 23 13.20 61.23 89.67
N ASN ZA 24 12.54 60.91 90.78
CA ASN ZA 24 12.92 61.48 92.07
C ASN ZA 24 14.23 60.90 92.60
N SER ZA 25 15.05 61.78 93.18
CA SER ZA 25 16.31 61.42 93.80
C SER ZA 25 16.72 62.55 94.73
N ALA ZA 26 16.92 62.22 96.01
CA ALA ZA 26 17.23 63.21 97.03
C ALA ZA 26 18.71 63.32 97.37
N THR ZA 27 19.58 62.92 96.45
CA THR ZA 27 21.01 62.95 96.73
C THR ZA 27 21.75 64.03 95.94
N ALA ZA 28 21.33 64.31 94.72
CA ALA ZA 28 21.92 65.35 93.88
C ALA ZA 28 20.81 66.32 93.52
N VAL ZA 29 20.53 67.27 94.41
CA VAL ZA 29 19.47 68.25 94.24
C VAL ZA 29 20.11 69.55 93.74
N PRO ZA 30 19.91 69.93 92.49
CA PRO ZA 30 20.51 71.16 91.99
C PRO ZA 30 19.65 72.37 92.32
N VAL ZA 31 20.21 73.55 92.08
CA VAL ZA 31 19.50 74.80 92.21
C VAL ZA 31 19.77 75.64 90.97
N PHE ZA 32 18.74 76.19 90.37
CA PHE ZA 32 18.85 76.86 89.08
C PHE ZA 32 18.70 78.35 89.30
N ILE ZA 33 19.82 79.07 89.29
CA ILE ZA 33 19.82 80.51 89.45
C ILE ZA 33 19.86 81.13 88.06
N GLY ZA 34 18.80 81.83 87.68
CA GLY ZA 34 18.75 82.41 86.37
C GLY ZA 34 17.61 83.38 86.20
N LYS ZA 35 17.33 83.69 84.94
CA LYS ZA 35 16.29 84.65 84.58
C LYS ZA 35 14.98 83.92 84.42
N PHE ZA 36 14.22 83.81 85.50
CA PHE ZA 36 12.87 83.26 85.47
C PHE ZA 36 11.89 84.34 85.91
N THR ZA 37 10.66 84.24 85.41
CA THR ZA 37 9.59 85.13 85.85
C THR ZA 37 8.45 84.32 86.46
N PRO ZA 38 8.11 84.54 87.73
CA PRO ZA 38 6.93 83.89 88.29
C PRO ZA 38 5.65 84.51 87.76
N THR ZA 39 4.61 83.67 87.65
CA THR ZA 39 3.32 84.11 87.13
C THR ZA 39 2.16 83.99 88.10
N VAL ZA 40 2.24 83.15 89.12
CA VAL ZA 40 1.07 82.81 89.92
C VAL ZA 40 1.04 83.56 91.24
N VAL ZA 41 2.20 83.88 91.82
CA VAL ZA 41 2.24 84.55 93.11
C VAL ZA 41 2.97 85.89 93.02
N ASP ZA 42 4.07 85.96 92.27
CA ASP ZA 42 4.83 87.16 91.91
C ASP ZA 42 5.44 87.95 93.07
N SER ZA 43 5.30 87.49 94.31
CA SER ZA 43 5.49 88.39 95.44
C SER ZA 43 6.64 88.03 96.36
N ILE ZA 44 6.59 86.88 97.03
CA ILE ZA 44 7.28 86.69 98.30
C ILE ZA 44 8.28 85.54 98.27
N GLN ZA 45 7.91 84.42 97.63
CA GLN ZA 45 8.76 83.23 97.65
C GLN ZA 45 9.98 83.48 96.78
N VAL ZA 46 11.12 83.70 97.44
CA VAL ZA 46 12.35 84.12 96.77
C VAL ZA 46 12.93 82.97 95.95
N CYS ZA 47 12.73 81.73 96.40
CA CYS ZA 47 13.02 80.57 95.57
C CYS ZA 47 12.02 79.47 95.88
N THR ZA 48 11.58 78.76 94.84
CA THR ZA 48 10.52 77.77 94.93
C THR ZA 48 11.05 76.37 94.72
N ARG ZA 49 10.52 75.43 95.49
CA ARG ZA 49 10.83 74.02 95.32
C ARG ZA 49 9.85 73.43 94.31
N ILE ZA 50 10.37 73.00 93.17
CA ILE ZA 50 9.58 72.24 92.21
C ILE ZA 50 10.01 70.79 92.32
N SER ZA 51 9.15 69.89 91.87
CA SER ZA 51 9.43 68.46 91.97
C SER ZA 51 9.46 67.77 90.62
N ASN ZA 52 8.84 68.35 89.61
CA ASN ZA 52 8.82 67.80 88.26
C ASN ZA 52 8.49 68.93 87.29
N TRP ZA 53 8.12 68.55 86.06
CA TRP ZA 53 7.81 69.55 85.06
C TRP ZA 53 6.48 70.22 85.30
N LEU ZA 54 5.57 69.57 86.02
CA LEU ZA 54 4.22 70.11 86.18
C LEU ZA 54 4.17 71.19 87.25
N GLU ZA 55 4.95 71.06 88.31
CA GLU ZA 55 5.02 72.14 89.30
C GLU ZA 55 5.77 73.35 88.77
N PHE ZA 56 6.58 73.17 87.73
CA PHE ZA 56 7.19 74.30 87.05
C PHE ZA 56 6.16 75.06 86.22
N THR ZA 57 5.34 74.34 85.46
CA THR ZA 57 4.32 74.99 84.65
C THR ZA 57 3.22 75.60 85.50
N SER ZA 58 2.95 75.02 86.66
CA SER ZA 58 1.96 75.58 87.58
C SER ZA 58 2.49 76.77 88.37
N SER ZA 59 3.76 77.14 88.21
CA SER ZA 59 4.34 78.25 88.95
C SER ZA 59 5.13 79.23 88.11
N PHE ZA 60 5.58 78.83 86.93
CA PHE ZA 60 6.46 79.67 86.15
C PHE ZA 60 5.90 79.86 84.73
N SER ZA 61 6.71 80.43 83.86
CA SER ZA 61 6.21 81.17 82.71
C SER ZA 61 6.12 80.38 81.41
N LEU ZA 62 7.05 79.46 81.17
CA LEU ZA 62 7.31 78.85 79.85
C LEU ZA 62 7.52 79.92 78.78
N ALA ZA 63 8.16 81.03 79.14
CA ALA ZA 63 8.36 82.16 78.25
C ALA ZA 63 9.76 82.72 78.44
N PRO ZA 64 10.56 82.85 77.37
CA PRO ZA 64 11.91 83.40 77.53
C PRO ZA 64 11.87 84.90 77.77
N THR ZA 65 12.70 85.36 78.70
CA THR ZA 65 12.68 86.76 79.11
C THR ZA 65 13.45 87.56 78.06
N VAL ZA 66 12.70 88.23 77.19
CA VAL ZA 66 13.27 88.96 76.07
C VAL ZA 66 13.95 90.21 76.60
N GLU ZA 67 15.12 90.54 76.05
CA GLU ZA 67 15.92 91.66 76.54
C GLU ZA 67 16.53 92.36 75.32
N ILE ZA 68 16.15 93.62 75.11
CA ILE ZA 68 16.51 94.36 73.90
C ILE ZA 68 17.42 95.52 74.27
N VAL ZA 69 18.46 95.72 73.46
CA VAL ZA 69 19.35 96.88 73.57
C VAL ZA 69 19.33 97.62 72.25
N VAL ZA 70 18.98 98.91 72.28
CA VAL ZA 70 18.99 99.73 71.08
C VAL ZA 70 20.42 100.00 70.61
N ILE ZA 86 19.29 99.88 64.48
CA ILE ZA 86 20.50 99.24 64.98
C ILE ZA 86 20.30 98.76 66.41
N GLU ZA 87 20.02 97.47 66.56
CA GLU ZA 87 19.72 96.89 67.86
C GLU ZA 87 20.26 95.47 67.94
N THR ZA 88 20.89 95.13 69.06
CA THR ZA 88 21.37 93.78 69.33
C THR ZA 88 20.59 93.23 70.51
N ILE ZA 89 20.00 92.05 70.34
CA ILE ZA 89 19.01 91.53 71.27
C ILE ZA 89 19.55 90.28 71.95
N ASN ZA 90 18.85 89.86 73.01
CA ASN ZA 90 19.25 88.72 73.82
C ASN ZA 90 18.01 87.97 74.31
N LEU ZA 91 18.01 86.66 74.12
CA LEU ZA 91 16.92 85.79 74.57
C LEU ZA 91 17.45 84.82 75.61
N SER ZA 92 16.74 84.69 76.72
CA SER ZA 92 17.24 83.89 77.84
C SER ZA 92 16.75 82.46 77.72
N PRO ZA 93 17.65 81.48 77.64
CA PRO ZA 93 17.24 80.07 77.52
C PRO ZA 93 17.03 79.35 78.84
N ALA ZA 94 16.81 80.06 79.95
CA ALA ZA 94 16.68 79.43 81.27
C ALA ZA 94 15.47 78.52 81.36
N VAL ZA 95 14.40 78.83 80.63
CA VAL ZA 95 13.24 77.96 80.62
C VAL ZA 95 13.50 76.72 79.78
N GLU ZA 96 14.19 76.88 78.66
CA GLU ZA 96 14.56 75.75 77.82
C GLU ZA 96 15.65 74.89 78.41
N ALA ZA 97 16.64 75.49 79.07
CA ALA ZA 97 17.73 74.70 79.67
C ALA ZA 97 17.24 73.83 80.81
N LEU ZA 98 16.13 74.20 81.44
CA LEU ZA 98 15.54 73.39 82.49
C LEU ZA 98 14.67 72.27 81.92
N ARG ZA 99 14.21 72.40 80.67
CA ARG ZA 99 13.51 71.29 80.04
C ARG ZA 99 14.47 70.15 79.73
N LEU ZA 100 15.71 70.49 79.37
CA LEU ZA 100 16.71 69.47 79.07
C LEU ZA 100 17.27 68.83 80.33
N TYR ZA 101 17.13 69.48 81.48
CA TYR ZA 101 17.50 68.84 82.73
C TYR ZA 101 16.53 67.71 83.07
N PHE ZA 102 15.24 67.92 82.81
CA PHE ZA 102 14.24 66.90 83.07
C PHE ZA 102 14.22 65.83 82.00
N GLN ZA 103 14.87 66.07 80.86
CA GLN ZA 103 14.87 65.10 79.78
C GLN ZA 103 16.04 64.13 79.89
N ASN ZA 104 17.21 64.62 80.33
CA ASN ZA 104 18.34 63.72 80.55
C ASN ZA 104 18.17 62.95 81.85
N GLY ZA 105 18.13 63.66 82.97
CA GLY ZA 105 17.85 63.04 84.24
C GLY ZA 105 16.55 63.54 84.83
N GLY ZA 106 16.53 63.74 86.14
CA GLY ZA 106 15.36 64.27 86.80
C GLY ZA 106 15.76 64.83 88.14
N GLY ZA 107 14.76 65.07 88.97
CA GLY ZA 107 15.03 65.53 90.32
C GLY ZA 107 14.07 66.61 90.71
N ALA ZA 108 14.26 67.11 91.92
CA ALA ZA 108 13.41 68.16 92.48
C ALA ZA 108 14.31 69.36 92.78
N CYS ZA 109 14.55 70.17 91.77
CA CYS ZA 109 15.46 71.31 91.91
C CYS ZA 109 14.74 72.49 92.54
N TYR ZA 110 15.45 73.22 93.39
CA TYR ZA 110 15.00 74.55 93.79
C TYR ZA 110 15.27 75.49 92.63
N ILE ZA 111 14.37 76.42 92.39
CA ILE ZA 111 14.56 77.40 91.34
C ILE ZA 111 14.64 78.78 91.99
N TYR ZA 112 15.77 79.45 91.78
CA TYR ZA 112 16.02 80.77 92.32
C TYR ZA 112 15.93 81.77 91.18
N PRO ZA 113 14.79 82.44 90.97
CA PRO ZA 113 14.74 83.43 89.90
C PRO ZA 113 15.48 84.70 90.30
N LEU ZA 114 16.34 85.16 89.41
CA LEU ZA 114 17.17 86.32 89.68
C LEU ZA 114 17.30 87.07 88.36
N ASN ZA 115 16.65 88.22 88.26
CA ASN ZA 115 16.63 88.95 87.02
C ASN ZA 115 17.62 90.10 86.98
N ASP ZA 116 18.01 90.63 88.15
CA ASP ZA 116 18.83 91.84 88.18
C ASP ZA 116 20.31 91.53 88.00
N ALA ZA 117 20.90 90.78 88.94
CA ALA ZA 117 22.33 90.46 89.07
C ALA ZA 117 23.22 91.69 89.16
N GLU ZA 118 22.70 92.83 89.59
CA GLU ZA 118 23.52 93.98 89.94
C GLU ZA 118 23.15 94.61 91.26
N ASP ZA 119 22.03 94.23 91.87
CA ASP ZA 119 21.72 94.71 93.21
C ASP ZA 119 22.56 93.96 94.22
N GLU ZA 120 23.43 94.68 94.92
CA GLU ZA 120 24.34 94.07 95.89
C GLU ZA 120 23.60 93.55 97.11
N LEU ZA 121 22.44 94.10 97.43
CA LEU ZA 121 21.69 93.69 98.61
C LEU ZA 121 20.96 92.38 98.42
N VAL ZA 122 20.66 92.00 97.17
CA VAL ZA 122 20.01 90.73 96.87
C VAL ZA 122 21.03 89.65 96.54
N LEU ZA 123 22.04 90.00 95.75
CA LEU ZA 123 23.02 89.01 95.27
C LEU ZA 123 23.88 88.46 96.40
N ALA ZA 124 24.17 89.28 97.41
CA ALA ZA 124 24.98 88.80 98.52
C ALA ZA 124 24.20 87.92 99.48
N ALA ZA 125 22.87 87.89 99.37
CA ALA ZA 125 22.04 87.05 100.21
C ALA ZA 125 21.67 85.74 99.54
N ILE ZA 126 22.26 85.43 98.40
CA ILE ZA 126 22.16 84.11 97.79
C ILE ZA 126 22.72 83.01 98.71
N PRO ZA 127 23.93 83.12 99.32
CA PRO ZA 127 24.34 82.04 100.23
C PRO ZA 127 23.58 82.01 101.54
N GLU ZA 128 22.96 83.11 101.95
CA GLU ZA 128 22.22 83.12 103.20
C GLU ZA 128 20.88 82.41 103.09
N VAL ZA 129 20.32 82.32 101.89
CA VAL ZA 129 19.05 81.62 101.73
C VAL ZA 129 19.28 80.20 101.23
N ILE ZA 130 20.45 79.92 100.64
CA ILE ZA 130 20.67 78.59 100.06
C ILE ZA 130 21.31 77.66 101.07
N GLU ZA 131 21.81 78.18 102.20
CA GLU ZA 131 22.15 77.33 103.32
C GLU ZA 131 20.98 77.11 104.26
N GLN ZA 132 19.92 77.92 104.11
CA GLN ZA 132 18.78 77.81 105.00
C GLN ZA 132 17.92 76.60 104.65
N LYS ZA 133 18.03 76.09 103.42
CA LYS ZA 133 17.15 75.01 103.01
C LYS ZA 133 17.79 73.63 103.18
N GLY ZA 134 19.11 73.53 103.11
CA GLY ZA 134 19.82 72.35 103.59
C GLY ZA 134 19.61 71.09 102.78
N ASP ZA 135 19.30 71.22 101.50
CA ASP ZA 135 19.08 70.07 100.63
C ASP ZA 135 19.86 70.15 99.34
N ILE ZA 136 20.62 71.22 99.12
CA ILE ZA 136 21.24 71.47 97.83
C ILE ZA 136 22.61 70.80 97.77
N THR ZA 137 22.90 70.19 96.62
CA THR ZA 137 24.24 69.66 96.41
C THR ZA 137 24.89 70.28 95.17
N LEU ZA 138 24.11 70.62 94.16
CA LEU ZA 138 24.63 71.16 92.92
C LEU ZA 138 24.21 72.61 92.74
N LEU ZA 139 25.03 73.36 92.01
CA LEU ZA 139 24.86 74.81 91.87
C LEU ZA 139 25.06 75.14 90.40
N VAL ZA 140 23.99 75.44 89.68
CA VAL ZA 140 24.08 75.64 88.24
C VAL ZA 140 23.70 77.06 87.88
N CYS ZA 141 24.03 77.46 86.66
CA CYS ZA 141 23.67 78.75 86.10
C CYS ZA 141 23.43 78.57 84.61
N PRO ZA 142 22.19 78.56 84.15
CA PRO ZA 142 21.91 78.22 82.75
C PRO ZA 142 21.99 79.38 81.75
N GLU ZA 143 22.73 80.44 82.01
CA GLU ZA 143 22.71 81.61 81.14
C GLU ZA 143 23.94 81.71 80.25
N LEU ZA 144 23.80 82.49 79.17
CA LEU ZA 144 24.88 82.69 78.21
C LEU ZA 144 25.77 83.88 78.56
N ASP ZA 145 25.20 84.91 79.18
CA ASP ZA 145 25.84 86.21 79.31
C ASP ZA 145 26.96 86.14 80.34
N LEU ZA 146 28.16 86.60 79.94
CA LEU ZA 146 29.31 86.62 80.84
C LEU ZA 146 29.13 87.60 81.98
N ASP ZA 147 28.54 88.78 81.71
CA ASP ZA 147 28.40 89.78 82.76
C ASP ZA 147 27.28 89.42 83.72
N TYR ZA 148 26.37 88.54 83.30
CA TYR ZA 148 25.39 88.01 84.24
C TYR ZA 148 25.98 86.87 85.05
N LYS ZA 149 26.61 85.91 84.38
CA LYS ZA 149 27.05 84.66 85.00
C LYS ZA 149 28.22 84.85 85.95
N THR ZA 150 29.22 85.66 85.57
CA THR ZA 150 30.38 85.84 86.43
C THR ZA 150 30.10 86.71 87.64
N LYS ZA 151 28.98 87.43 87.66
CA LYS ZA 151 28.58 88.13 88.87
C LYS ZA 151 27.97 87.18 89.90
N ILE ZA 152 27.46 86.04 89.46
CA ILE ZA 152 26.82 85.11 90.39
C ILE ZA 152 27.86 84.21 91.05
N TYR ZA 153 28.82 83.73 90.26
CA TYR ZA 153 29.85 82.80 90.74
C TYR ZA 153 30.70 83.40 91.86
N GLY ZA 154 30.87 84.73 91.89
CA GLY ZA 154 31.55 85.36 93.00
C GLY ZA 154 30.77 85.33 94.29
N ALA ZA 155 29.44 85.44 94.22
CA ALA ZA 155 28.59 85.34 95.40
C ALA ZA 155 28.44 83.91 95.88
N VAL ZA 156 28.33 82.96 94.95
CA VAL ZA 156 28.16 81.55 95.26
C VAL ZA 156 29.44 80.93 95.82
N SER ZA 157 30.60 81.56 95.57
CA SER ZA 157 31.90 80.99 95.92
C SER ZA 157 32.16 80.91 97.43
N SER ZA 158 31.31 81.52 98.26
CA SER ZA 158 31.43 81.33 99.69
C SER ZA 158 31.00 79.94 100.13
N LEU ZA 159 30.19 79.26 99.33
CA LEU ZA 159 29.79 77.89 99.64
C LEU ZA 159 30.90 76.88 99.37
N LEU ZA 160 31.92 77.25 98.61
CA LEU ZA 160 33.03 76.37 98.29
C LEU ZA 160 34.16 76.44 99.30
N ASN ZA 161 33.94 77.05 100.46
CA ASN ZA 161 34.93 77.06 101.53
C ASN ZA 161 34.92 75.73 102.27
N ASP ZA 162 35.84 75.59 103.24
CA ASP ZA 162 35.86 74.36 104.02
C ASP ZA 162 34.89 74.39 105.18
N ASN ZA 163 34.31 75.56 105.48
CA ASN ZA 163 33.35 75.67 106.58
C ASN ZA 163 32.01 75.01 106.23
N LYS ZA 164 31.71 74.85 104.96
CA LYS ZA 164 30.47 74.23 104.49
C LYS ZA 164 30.77 72.91 103.80
N VAL ZA 165 29.73 72.09 103.66
CA VAL ZA 165 29.85 70.73 103.13
C VAL ZA 165 28.92 70.59 101.92
N GLY ZA 166 29.19 69.59 101.08
CA GLY ZA 166 28.43 69.46 99.85
C GLY ZA 166 28.83 70.56 98.88
N TYR ZA 167 27.84 71.07 98.14
CA TYR ZA 167 27.92 72.28 97.32
C TYR ZA 167 29.01 72.17 96.24
N PHE ZA 168 28.78 71.25 95.31
CA PHE ZA 168 29.63 71.09 94.15
C PHE ZA 168 29.13 72.01 93.04
N LEU ZA 169 29.92 73.03 92.71
CA LEU ZA 169 29.53 74.03 91.72
C LEU ZA 169 29.89 73.53 90.34
N ILE ZA 170 28.89 73.06 89.60
CA ILE ZA 170 29.09 72.68 88.21
C ILE ZA 170 28.92 73.90 87.32
N ALA ZA 171 30.00 74.30 86.65
CA ALA ZA 171 30.10 75.60 85.99
C ALA ZA 171 30.23 75.42 84.50
N ASP ZA 172 30.53 76.54 83.83
CA ASP ZA 172 30.71 76.56 82.38
C ASP ZA 172 31.74 77.62 82.02
N SER ZA 173 32.55 77.30 81.02
CA SER ZA 173 33.44 78.27 80.38
C SER ZA 173 32.96 78.51 78.96
N ASN ZA 174 32.86 79.78 78.58
CA ASN ZA 174 32.33 80.10 77.25
C ASN ZA 174 33.36 79.83 76.17
N ASP ZA 175 34.64 79.91 76.49
CA ASP ZA 175 35.71 79.54 75.59
C ASP ZA 175 36.53 78.42 76.23
N GLY ZA 176 37.64 78.05 75.60
CA GLY ZA 176 38.47 76.99 76.14
C GLY ZA 176 39.26 77.39 77.37
N GLU ZA 177 39.29 78.68 77.69
CA GLU ZA 177 40.08 79.15 78.82
C GLU ZA 177 39.28 79.02 80.11
N SER ZA 178 40.01 79.01 81.22
CA SER ZA 178 39.41 78.75 82.51
C SER ZA 178 38.60 79.95 83.00
N VAL ZA 179 37.64 79.65 83.88
CA VAL ZA 179 36.78 80.68 84.45
C VAL ZA 179 37.58 81.59 85.37
N SER ZA 180 38.59 81.01 86.06
CA SER ZA 180 39.71 81.70 86.69
C SER ZA 180 39.25 82.75 87.70
N GLY ZA 181 38.65 82.25 88.78
CA GLY ZA 181 38.22 83.11 89.85
C GLY ZA 181 38.74 82.63 91.19
N VAL ZA 182 38.08 83.08 92.25
CA VAL ZA 182 38.38 82.60 93.58
C VAL ZA 182 37.64 81.29 93.84
N TRP ZA 183 36.75 80.90 92.93
CA TRP ZA 183 36.11 79.60 92.92
C TRP ZA 183 36.94 78.56 92.18
N ASN ZA 184 38.25 78.69 92.20
CA ASN ZA 184 39.19 77.73 91.62
C ASN ZA 184 39.44 76.55 92.56
N SER ZA 185 38.62 76.37 93.59
CA SER ZA 185 38.81 75.30 94.56
C SER ZA 185 38.40 73.96 93.96
N ALA ZA 186 38.60 72.91 94.74
CA ALA ZA 186 38.36 71.53 94.29
C ALA ZA 186 36.89 71.20 94.10
N LYS ZA 187 35.97 72.09 94.49
CA LYS ZA 187 34.54 71.84 94.41
C LYS ZA 187 33.91 72.42 93.16
N ALA ZA 188 34.64 72.45 92.04
CA ALA ZA 188 34.14 73.08 90.83
C ALA ZA 188 34.44 72.20 89.62
N ALA ZA 189 33.55 72.25 88.63
CA ALA ZA 189 33.77 71.55 87.37
C ALA ZA 189 33.20 72.38 86.24
N ALA ZA 190 33.92 72.42 85.12
CA ALA ZA 190 33.55 73.25 83.99
C ALA ZA 190 33.41 72.38 82.75
N TYR ZA 191 32.42 72.69 81.91
CA TYR ZA 191 32.07 71.86 80.77
C TYR ZA 191 32.00 72.74 79.53
N TYR ZA 192 32.93 72.56 78.59
CA TYR ZA 192 33.19 73.59 77.58
C TYR ZA 192 32.14 73.77 76.49
N PRO ZA 193 31.79 72.78 75.64
CA PRO ZA 193 31.08 73.12 74.40
C PRO ZA 193 29.61 73.40 74.69
N GLN ZA 194 29.13 74.54 74.21
CA GLN ZA 194 27.73 74.88 74.40
C GLN ZA 194 26.88 74.04 73.48
N LEU ZA 195 25.74 73.58 73.98
CA LEU ZA 195 24.91 72.71 73.18
C LEU ZA 195 23.99 73.55 72.29
N GLU ZA 196 23.34 72.88 71.33
CA GLU ZA 196 22.40 73.54 70.43
C GLU ZA 196 21.16 72.63 70.34
N THR ZA 197 20.21 72.88 71.23
CA THR ZA 197 19.05 72.01 71.36
C THR ZA 197 18.12 72.19 70.16
N ASN ZA 198 17.34 71.15 69.89
CA ASN ZA 198 16.46 71.14 68.73
C ASN ZA 198 15.08 71.72 69.01
N LEU ZA 199 14.83 72.22 70.21
CA LEU ZA 199 13.52 72.81 70.48
C LEU ZA 199 13.50 74.26 70.02
N LYS ZA 200 12.31 74.85 70.03
CA LYS ZA 200 12.10 76.22 69.59
C LYS ZA 200 11.37 77.01 70.68
N PHE ZA 201 11.24 78.31 70.43
CA PHE ZA 201 10.62 79.21 71.39
C PHE ZA 201 9.12 79.38 71.11
N SER ZA 202 8.46 80.06 72.03
CA SER ZA 202 7.12 80.63 71.82
C SER ZA 202 7.11 81.91 72.66
N THR ZA 203 7.28 83.04 71.98
CA THR ZA 203 7.84 84.25 72.58
C THR ZA 203 6.86 84.92 73.55
N LEU ZA 204 7.35 85.98 74.18
CA LEU ZA 204 6.64 86.69 75.24
C LEU ZA 204 5.42 87.44 74.70
N PRO ZA 224 14.03 96.83 76.48
CA PRO ZA 224 14.45 98.18 76.84
C PRO ZA 224 13.25 98.99 77.34
N LYS ZA 225 13.06 98.97 78.67
CA LYS ZA 225 12.03 99.68 79.45
C LYS ZA 225 10.64 99.59 78.82
N ASN ZA 226 10.10 98.37 78.86
CA ASN ZA 226 8.69 98.10 78.64
C ASN ZA 226 8.19 98.50 77.25
N LEU ZA 227 8.50 97.70 76.22
CA LEU ZA 227 8.15 97.94 74.81
C LEU ZA 227 6.73 98.45 74.56
N ASP ZA 228 5.76 98.09 75.42
CA ASP ZA 228 4.42 98.68 75.31
C ASP ZA 228 4.42 100.18 75.54
N GLU ZA 229 5.39 100.72 76.29
CA GLU ZA 229 5.55 102.17 76.33
C GLU ZA 229 6.04 102.71 75.01
N LEU ZA 230 7.03 102.04 74.41
CA LEU ZA 230 7.58 102.42 73.12
C LEU ZA 230 6.64 102.12 71.96
N ARG ZA 231 5.55 101.38 72.22
CA ARG ZA 231 4.52 101.18 71.21
C ARG ZA 231 3.78 102.48 70.89
N THR ZA 232 3.79 103.43 71.83
CA THR ZA 232 3.15 104.72 71.64
C THR ZA 232 4.08 105.79 71.09
N ILE ZA 233 5.35 105.78 71.51
CA ILE ZA 233 6.25 106.89 71.18
C ILE ZA 233 6.78 106.74 69.76
N ASN ZA 234 7.55 105.68 69.52
CA ASN ZA 234 8.23 105.49 68.25
C ASN ZA 234 7.48 104.43 67.46
N GLU ZA 235 6.71 104.86 66.45
CA GLU ZA 235 6.02 103.92 65.58
C GLU ZA 235 6.97 103.17 64.66
N ALA ZA 236 8.15 103.72 64.38
CA ALA ZA 236 9.07 103.09 63.45
C ALA ZA 236 9.87 101.97 64.13
N LEU ZA 237 10.22 102.14 65.40
CA LEU ZA 237 10.97 101.10 66.09
C LEU ZA 237 10.08 99.92 66.47
N ALA ZA 238 8.78 100.18 66.70
CA ALA ZA 238 7.86 99.14 67.11
C ALA ZA 238 7.66 98.08 66.04
N GLN ZA 239 7.49 98.48 64.79
CA GLN ZA 239 7.43 97.52 63.69
C GLN ZA 239 8.78 96.91 63.37
N ASP ZA 240 9.87 97.53 63.82
CA ASP ZA 240 11.21 97.00 63.62
C ASP ZA 240 11.53 95.89 64.60
N ILE ZA 241 11.11 96.04 65.86
CA ILE ZA 241 11.42 95.06 66.89
C ILE ZA 241 10.45 93.88 66.81
N ASP ZA 242 9.22 94.12 66.34
CA ASP ZA 242 8.24 93.04 66.20
C ASP ZA 242 8.60 92.08 65.07
N ALA ZA 243 9.38 92.53 64.09
CA ALA ZA 243 9.82 91.64 63.03
C ALA ZA 243 10.98 90.77 63.48
N ARG ZA 244 11.84 91.27 64.37
CA ARG ZA 244 13.00 90.51 64.80
C ARG ZA 244 12.62 89.44 65.82
N LEU ZA 245 11.54 89.67 66.59
CA LEU ZA 245 11.04 88.65 67.50
C LEU ZA 245 10.52 87.43 66.76
N LEU ZA 246 9.84 87.64 65.62
CA LEU ZA 246 9.43 86.53 64.79
C LEU ZA 246 10.62 85.88 64.09
N GLU ZA 247 11.69 86.64 63.85
CA GLU ZA 247 12.89 86.09 63.23
C GLU ZA 247 13.64 85.17 64.17
N GLU ZA 248 13.87 85.58 65.42
CA GLU ZA 248 14.57 84.74 66.38
C GLU ZA 248 13.68 83.66 66.98
N LYS ZA 249 12.39 83.62 66.64
CA LYS ZA 249 11.52 82.54 67.04
C LYS ZA 249 11.80 81.26 66.26
N GLN ZA 250 12.33 81.39 65.04
CA GLN ZA 250 12.51 80.22 64.18
C GLN ZA 250 13.83 79.51 64.42
N ARG ZA 251 14.82 80.20 64.99
CA ARG ZA 251 16.13 79.60 65.18
C ARG ZA 251 16.14 78.71 66.42
N ALA ZA 252 16.82 77.57 66.31
CA ALA ZA 252 17.02 76.68 67.44
C ALA ZA 252 17.90 77.37 68.49
N VAL ZA 253 17.53 77.25 69.75
CA VAL ZA 253 18.22 77.96 70.81
C VAL ZA 253 19.47 77.20 71.24
N ILE ZA 254 20.53 77.94 71.51
CA ILE ZA 254 21.73 77.36 72.11
C ILE ZA 254 21.67 77.60 73.61
N ILE ZA 255 22.11 76.60 74.37
CA ILE ZA 255 22.10 76.66 75.82
C ILE ZA 255 23.51 76.35 76.30
N PRO ZA 256 23.82 76.65 77.56
CA PRO ZA 256 25.06 76.12 78.14
C PRO ZA 256 24.87 74.70 78.60
N PRO ZA 257 25.94 73.91 78.70
CA PRO ZA 257 25.79 72.57 79.27
C PRO ZA 257 25.84 72.53 80.78
N SER ZA 258 25.80 73.67 81.47
CA SER ZA 258 25.72 73.66 82.93
C SER ZA 258 24.35 73.21 83.43
N ALA ZA 259 23.36 73.10 82.56
CA ALA ZA 259 22.05 72.58 82.93
C ALA ZA 259 21.84 71.15 82.51
N ALA ZA 260 22.38 70.73 81.36
CA ALA ZA 260 22.16 69.36 80.90
C ALA ZA 260 22.95 68.35 81.72
N ILE ZA 261 24.17 68.69 82.13
CA ILE ZA 261 24.97 67.79 82.95
C ILE ZA 261 24.45 67.71 84.37
N ALA ZA 262 23.61 68.67 84.79
CA ALA ZA 262 22.95 68.56 86.09
C ALA ZA 262 21.95 67.41 86.12
N GLY ZA 263 21.44 66.98 84.97
CA GLY ZA 263 20.67 65.76 84.92
C GLY ZA 263 21.53 64.54 84.73
N ILE ZA 264 22.70 64.70 84.11
CA ILE ZA 264 23.65 63.59 83.98
C ILE ZA 264 24.23 63.23 85.34
N TYR ZA 265 24.42 64.23 86.19
CA TYR ZA 265 24.90 63.97 87.55
C TYR ZA 265 23.87 63.22 88.38
N CYS ZA 266 22.59 63.32 88.03
CA CYS ZA 266 21.55 62.57 88.72
C CYS ZA 266 21.28 61.22 88.08
N GLN ZA 267 21.44 61.10 86.77
CA GLN ZA 267 21.13 59.85 86.09
C GLN ZA 267 22.13 58.76 86.45
N THR ZA 268 23.41 59.08 86.49
CA THR ZA 268 24.40 58.12 86.96
C THR ZA 268 24.46 58.01 88.47
N ASP ZA 269 23.58 58.68 89.20
CA ASP ZA 269 23.49 58.45 90.63
C ASP ZA 269 22.41 57.44 90.99
N ASN ZA 270 21.40 57.27 90.16
CA ASN ZA 270 20.44 56.20 90.37
C ASN ZA 270 20.96 54.87 89.84
N ARG ZA 271 21.75 54.92 88.76
CA ARG ZA 271 22.21 53.69 88.12
C ARG ZA 271 23.41 53.12 88.86
N ARG ZA 272 24.44 53.93 89.10
CA ARG ZA 272 25.69 53.45 89.65
C ARG ZA 272 26.14 54.19 90.89
N GLY ZA 273 25.33 55.06 91.46
CA GLY ZA 273 25.71 55.73 92.68
C GLY ZA 273 26.65 56.89 92.44
N VAL ZA 274 27.07 57.50 93.56
CA VAL ZA 274 27.91 58.69 93.49
C VAL ZA 274 29.32 58.32 93.03
N TRP ZA 275 29.84 57.17 93.47
CA TRP ZA 275 31.23 56.79 93.31
C TRP ZA 275 31.63 56.48 91.87
N LYS ZA 276 30.71 56.47 90.92
CA LYS ZA 276 31.04 56.34 89.52
C LYS ZA 276 31.17 57.72 88.88
N ALA ZA 277 31.99 57.82 87.86
CA ALA ZA 277 32.26 59.10 87.23
C ALA ZA 277 31.11 59.50 86.32
N PRO ZA 278 30.58 60.72 86.44
CA PRO ZA 278 29.53 61.17 85.51
C PRO ZA 278 30.05 61.48 84.12
N ALA ZA 279 30.58 60.47 83.43
CA ALA ZA 279 31.12 60.61 82.09
C ALA ZA 279 30.91 59.30 81.36
N ASN ZA 280 31.29 59.29 80.07
CA ASN ZA 280 31.04 58.19 79.14
C ASN ZA 280 29.55 57.83 79.08
N VAL ZA 281 28.70 58.85 79.08
CA VAL ZA 281 27.26 58.66 79.01
C VAL ZA 281 26.68 59.70 78.06
N ALA ZA 282 25.79 59.25 77.17
CA ALA ZA 282 25.27 60.07 76.10
C ALA ZA 282 24.26 61.09 76.61
N LEU ZA 283 24.39 62.33 76.12
CA LEU ZA 283 23.35 63.31 76.31
C LEU ZA 283 22.19 63.03 75.36
N THR ZA 284 20.98 63.34 75.81
CA THR ZA 284 19.78 63.09 75.03
C THR ZA 284 19.10 64.41 74.69
N GLY ZA 285 18.46 64.45 73.53
CA GLY ZA 285 17.61 65.56 73.18
C GLY ZA 285 18.30 66.78 72.62
N ILE ZA 286 19.63 66.76 72.48
CA ILE ZA 286 20.33 67.89 71.91
C ILE ZA 286 20.52 67.65 70.42
N GLY ZA 287 20.72 68.74 69.68
CA GLY ZA 287 21.05 68.65 68.28
C GLY ZA 287 22.55 68.54 68.12
N SER ZA 288 23.14 69.35 67.25
CA SER ZA 288 24.58 69.38 67.11
C SER ZA 288 25.21 70.13 68.28
N LEU ZA 289 26.54 70.07 68.34
CA LEU ZA 289 27.26 70.94 69.25
C LEU ZA 289 27.53 72.29 68.59
N LEU ZA 290 28.00 73.24 69.39
CA LEU ZA 290 28.45 74.51 68.86
C LEU ZA 290 29.92 74.48 68.47
N ASP ZA 291 30.74 73.74 69.19
CA ASP ZA 291 32.14 73.58 68.86
C ASP ZA 291 32.42 72.11 68.61
N LYS ZA 292 33.49 71.85 67.87
CA LYS ZA 292 33.83 70.50 67.43
C LYS ZA 292 35.26 70.18 67.84
N VAL ZA 293 35.55 70.36 69.13
CA VAL ZA 293 36.91 70.24 69.63
C VAL ZA 293 37.45 68.82 69.51
N ASP ZA 294 38.67 68.72 69.04
CA ASP ZA 294 39.38 67.49 68.72
C ASP ZA 294 40.17 67.00 69.94
N ASP ZA 295 41.13 66.10 69.68
CA ASP ZA 295 41.94 65.52 70.75
C ASP ZA 295 43.11 66.41 71.16
N GLU ZA 296 43.70 67.15 70.22
CA GLU ZA 296 44.93 67.87 70.57
C GLU ZA 296 44.64 69.18 71.29
N ARG ZA 297 43.43 69.73 71.12
CA ARG ZA 297 43.02 70.91 71.86
C ARG ZA 297 42.55 70.54 73.26
N GLN ZA 298 42.01 69.33 73.39
CA GLN ZA 298 41.47 68.84 74.66
C GLN ZA 298 42.57 68.56 75.67
N GLY ZA 299 43.79 68.29 75.21
CA GLY ZA 299 44.89 67.95 76.10
C GLY ZA 299 45.33 69.08 77.02
N GLU ZA 300 44.98 70.32 76.69
CA GLU ZA 300 45.25 71.42 77.60
C GLU ZA 300 44.05 71.74 78.47
N MET ZA 301 42.84 71.64 77.91
CA MET ZA 301 41.63 71.97 78.66
C MET ZA 301 41.37 70.98 79.80
N ASN ZA 302 41.67 69.70 79.56
CA ASN ZA 302 41.39 68.70 80.59
C ASN ZA 302 42.39 68.80 81.73
N ASP ZA 303 43.67 69.04 81.41
CA ASP ZA 303 44.67 69.31 82.44
C ASP ZA 303 44.39 70.64 83.14
N LYS ZA 304 43.78 71.59 82.45
CA LYS ZA 304 43.33 72.82 83.10
C LYS ZA 304 42.21 72.54 84.08
N GLY ZA 305 41.35 71.58 83.79
CA GLY ZA 305 40.25 71.24 84.65
C GLY ZA 305 38.90 71.49 84.02
N ILE ZA 306 38.88 71.63 82.70
CA ILE ZA 306 37.65 71.88 81.95
C ILE ZA 306 37.28 70.60 81.22
N ASN ZA 307 36.16 70.01 81.59
CA ASN ZA 307 35.68 68.83 80.90
C ASN ZA 307 35.01 69.22 79.59
N VAL ZA 308 34.67 68.22 78.79
CA VAL ZA 308 34.26 68.49 77.43
C VAL ZA 308 33.24 67.44 76.98
N ILE ZA 309 32.15 67.92 76.39
CA ILE ZA 309 31.19 67.05 75.72
C ILE ZA 309 31.71 66.83 74.29
N ARG ZA 310 32.05 65.58 73.97
CA ARG ZA 310 32.71 65.26 72.72
C ARG ZA 310 31.81 64.34 71.91
N SER ZA 311 31.72 64.61 70.61
CA SER ZA 311 30.74 63.96 69.74
C SER ZA 311 31.38 62.81 68.99
N PHE ZA 312 30.94 61.59 69.29
CA PHE ZA 312 31.23 60.42 68.48
C PHE ZA 312 29.96 60.03 67.73
N THR ZA 313 30.11 59.65 66.47
CA THR ZA 313 28.95 59.43 65.62
C THR ZA 313 28.22 58.15 65.99
N ASP ZA 314 28.97 57.07 66.21
CA ASP ZA 314 28.35 55.77 66.46
C ASP ZA 314 27.77 55.64 67.85
N ARG ZA 315 28.05 56.58 68.76
CA ARG ZA 315 27.53 56.51 70.11
C ARG ZA 315 26.71 57.72 70.53
N GLY ZA 316 27.02 58.90 70.01
CA GLY ZA 316 26.28 60.10 70.35
C GLY ZA 316 27.14 61.13 71.05
N PHE ZA 317 26.47 62.04 71.74
CA PHE ZA 317 27.13 63.16 72.42
C PHE ZA 317 27.44 62.73 73.85
N MET ZA 318 28.62 62.14 74.03
CA MET ZA 318 29.03 61.59 75.32
C MET ZA 318 29.77 62.64 76.13
N VAL ZA 319 29.50 62.68 77.43
CA VAL ZA 319 30.29 63.51 78.34
C VAL ZA 319 31.65 62.85 78.51
N TRP ZA 320 32.70 63.62 78.25
CA TRP ZA 320 34.05 63.07 78.14
C TRP ZA 320 34.98 63.82 79.09
N GLY ZA 321 35.16 63.30 80.29
CA GLY ZA 321 36.00 63.99 81.24
C GLY ZA 321 35.34 63.99 82.61
N ALA ZA 322 36.15 63.67 83.62
CA ALA ZA 322 35.66 63.57 84.99
C ALA ZA 322 36.60 64.25 85.96
N ARG ZA 323 37.39 65.21 85.50
CA ARG ZA 323 38.25 65.99 86.36
C ARG ZA 323 37.51 67.20 86.91
N THR ZA 324 38.16 67.89 87.83
CA THR ZA 324 37.60 69.07 88.48
C THR ZA 324 38.54 70.25 88.28
N CYS ZA 325 38.00 71.45 88.50
CA CYS ZA 325 38.81 72.66 88.38
C CYS ZA 325 39.71 72.82 89.60
N VAL ZA 326 40.80 72.05 89.65
CA VAL ZA 326 41.72 72.05 90.78
C VAL ZA 326 43.13 72.27 90.22
N ASP ZA 327 44.06 72.62 91.10
CA ASP ZA 327 45.46 72.66 90.73
C ASP ZA 327 45.95 71.25 90.40
N ALA ZA 328 46.66 71.11 89.28
CA ALA ZA 328 47.02 69.80 88.77
C ALA ZA 328 48.02 69.05 89.63
N ALA ZA 329 48.69 69.73 90.57
CA ALA ZA 329 49.57 69.04 91.50
C ALA ZA 329 48.81 68.26 92.56
N ASN ZA 330 47.62 68.72 92.94
CA ASN ZA 330 46.82 68.05 93.96
C ASN ZA 330 46.16 66.84 93.31
N ILE ZA 331 46.81 65.68 93.41
CA ILE ZA 331 46.29 64.46 92.80
C ILE ZA 331 45.27 63.74 93.65
N SER ZA 332 45.01 64.21 94.87
CA SER ZA 332 44.04 63.56 95.74
C SER ZA 332 42.62 63.84 95.27
N TRP ZA 333 42.23 65.11 95.17
CA TRP ZA 333 40.90 65.49 94.73
C TRP ZA 333 40.83 65.72 93.23
N ARG ZA 334 41.67 65.04 92.46
CA ARG ZA 334 41.82 65.35 91.04
C ARG ZA 334 40.67 64.85 90.18
N TYR ZA 335 39.66 64.19 90.76
CA TYR ZA 335 38.53 63.70 90.01
C TYR ZA 335 37.23 64.24 90.58
N ILE ZA 336 36.18 64.16 89.76
CA ILE ZA 336 34.84 64.48 90.23
C ILE ZA 336 34.35 63.54 91.35
N PRO ZA 337 34.33 62.20 91.17
CA PRO ZA 337 33.69 61.38 92.22
C PRO ZA 337 34.48 61.32 93.50
N VAL ZA 338 35.80 61.44 93.44
CA VAL ZA 338 36.60 61.50 94.66
C VAL ZA 338 36.29 62.77 95.44
N ARG ZA 339 35.89 63.84 94.75
CA ARG ZA 339 35.41 65.02 95.46
C ARG ZA 339 33.95 64.89 95.82
N ARG ZA 340 33.16 64.25 94.97
CA ARG ZA 340 31.72 64.23 95.14
C ARG ZA 340 31.25 63.14 96.10
N LEU ZA 341 32.00 62.04 96.22
CA LEU ZA 341 31.66 61.05 97.24
C LEU ZA 341 31.94 61.60 98.63
N PHE ZA 342 33.10 62.24 98.81
CA PHE ZA 342 33.44 62.84 100.09
C PHE ZA 342 32.49 63.96 100.48
N ASN ZA 343 31.88 64.63 99.50
CA ASN ZA 343 30.76 65.52 99.80
C ASN ZA 343 29.58 64.72 100.32
N SER ZA 344 29.25 63.61 99.67
CA SER ZA 344 28.04 62.88 99.99
C SER ZA 344 28.15 62.03 101.24
N VAL ZA 345 29.37 61.62 101.61
CA VAL ZA 345 29.54 60.85 102.84
C VAL ZA 345 29.33 61.75 104.06
N GLU ZA 346 30.00 62.90 104.08
CA GLU ZA 346 29.86 63.78 105.25
C GLU ZA 346 28.51 64.47 105.30
N ARG ZA 347 27.79 64.53 104.18
CA ARG ZA 347 26.44 65.05 104.20
C ARG ZA 347 25.46 64.07 104.83
N ASP ZA 348 25.73 62.77 104.73
CA ASP ZA 348 24.89 61.78 105.36
C ASP ZA 348 25.43 61.31 106.70
N ILE ZA 349 26.67 61.66 107.04
CA ILE ZA 349 27.17 61.44 108.39
C ILE ZA 349 26.62 62.48 109.35
N ARG ZA 350 26.53 63.76 108.93
CA ARG ZA 350 25.85 64.76 109.74
C ARG ZA 350 24.39 64.43 109.96
N GLN ZA 351 23.73 63.82 108.98
CA GLN ZA 351 22.37 63.36 109.16
C GLN ZA 351 22.30 62.22 110.18
N ALA ZA 352 23.31 61.34 110.15
CA ALA ZA 352 23.34 60.22 111.07
C ALA ZA 352 23.85 60.58 112.45
N LEU ZA 353 24.66 61.62 112.60
CA LEU ZA 353 25.18 62.01 113.90
C LEU ZA 353 24.25 62.93 114.67
N ARG ZA 354 23.08 63.29 114.14
CA ARG ZA 354 22.24 64.25 114.84
C ARG ZA 354 21.53 63.65 116.04
N ALA ZA 355 21.52 62.32 116.17
CA ALA ZA 355 20.97 61.67 117.35
C ALA ZA 355 21.99 61.55 118.49
N VAL ZA 356 23.06 62.32 118.44
CA VAL ZA 356 24.16 62.22 119.39
C VAL ZA 356 24.35 63.52 120.18
N LEU ZA 357 23.97 64.67 119.61
CA LEU ZA 357 24.50 65.99 119.96
C LEU ZA 357 24.25 66.36 121.42
N PHE ZA 358 23.00 66.47 121.82
CA PHE ZA 358 22.68 66.97 123.15
C PHE ZA 358 22.49 65.84 124.16
N GLU ZA 359 23.05 64.67 123.88
CA GLU ZA 359 23.24 63.67 124.92
C GLU ZA 359 24.47 64.04 125.74
N THR ZA 360 24.64 63.36 126.87
CA THR ZA 360 25.72 63.70 127.77
C THR ZA 360 27.07 63.27 127.18
N ASN ZA 361 28.12 63.92 127.68
CA ASN ZA 361 29.46 63.76 127.11
C ASN ZA 361 30.26 62.84 128.02
N SER ZA 362 30.35 61.57 127.64
CA SER ZA 362 31.07 60.55 128.39
C SER ZA 362 31.37 59.40 127.43
N GLN ZA 363 31.84 58.28 127.98
CA GLN ZA 363 32.26 57.12 127.19
C GLN ZA 363 31.15 56.38 126.46
N PRO ZA 364 29.95 56.14 127.02
CA PRO ZA 364 28.91 55.47 126.21
C PRO ZA 364 28.31 56.33 125.11
N THR ZA 365 28.58 57.62 125.07
CA THR ZA 365 28.10 58.42 123.95
C THR ZA 365 28.98 58.25 122.73
N TRP ZA 366 30.28 58.04 122.94
CA TRP ZA 366 31.20 57.88 121.82
C TRP ZA 366 31.03 56.51 121.17
N VAL ZA 367 30.79 55.48 121.96
CA VAL ZA 367 30.64 54.13 121.42
C VAL ZA 367 29.33 53.94 120.66
N ARG ZA 368 28.37 54.86 120.81
CA ARG ZA 368 27.22 54.87 119.93
C ARG ZA 368 27.48 55.68 118.67
N ALA ZA 369 28.26 56.76 118.80
CA ALA ZA 369 28.59 57.58 117.64
C ALA ZA 369 29.61 56.88 116.75
N LYS ZA 370 30.50 56.09 117.35
CA LYS ZA 370 31.46 55.34 116.55
C LYS ZA 370 30.77 54.22 115.78
N ALA ZA 371 29.77 53.59 116.39
CA ALA ZA 371 29.03 52.53 115.72
C ALA ZA 371 28.13 53.06 114.62
N ALA ZA 372 27.68 54.31 114.70
CA ALA ZA 372 26.80 54.85 113.68
C ALA ZA 372 27.52 55.11 112.37
N VAL ZA 373 28.74 55.63 112.42
CA VAL ZA 373 29.54 55.78 111.21
C VAL ZA 373 30.16 54.46 110.76
N ASP ZA 374 30.39 53.52 111.67
CA ASP ZA 374 30.87 52.21 111.27
C ASP ZA 374 29.79 51.42 110.54
N GLN ZA 375 28.54 51.54 110.98
CA GLN ZA 375 27.44 50.87 110.30
C GLN ZA 375 27.05 51.59 109.01
N TYR ZA 376 27.45 52.86 108.86
CA TYR ZA 376 27.21 53.54 107.60
C TYR ZA 376 28.27 53.21 106.57
N LEU ZA 377 29.54 53.24 106.98
CA LEU ZA 377 30.63 52.98 106.05
C LEU ZA 377 30.71 51.54 105.63
N TYR ZA 378 30.14 50.62 106.41
CA TYR ZA 378 30.13 49.22 106.01
C TYR ZA 378 29.21 49.00 104.81
N THR ZA 379 28.12 49.76 104.71
CA THR ZA 379 27.26 49.64 103.54
C THR ZA 379 27.92 50.22 102.30
N LEU ZA 380 28.74 51.25 102.46
CA LEU ZA 380 29.50 51.76 101.32
C LEU ZA 380 30.59 50.80 100.88
N TRP ZA 381 31.16 50.05 101.83
CA TRP ZA 381 32.09 48.99 101.47
C TRP ZA 381 31.36 47.84 100.77
N GLN ZA 382 30.09 47.63 101.10
CA GLN ZA 382 29.30 46.58 100.46
C GLN ZA 382 29.07 46.88 98.99
N LYS ZA 383 28.72 48.11 98.66
CA LYS ZA 383 28.34 48.47 97.30
C LYS ZA 383 29.53 48.87 96.44
N ASN ZA 384 30.75 48.49 96.85
CA ASN ZA 384 31.99 48.70 96.09
C ASN ZA 384 32.27 50.18 95.85
N ALA ZA 385 31.98 51.01 96.85
CA ALA ZA 385 32.32 52.42 96.77
C ALA ZA 385 33.75 52.69 97.21
N LEU ZA 386 34.33 51.80 98.00
CA LEU ZA 386 35.67 51.97 98.54
C LEU ZA 386 36.50 50.76 98.13
N MET ZA 387 37.70 51.01 97.61
CA MET ZA 387 38.53 49.94 97.11
C MET ZA 387 39.25 49.27 98.27
N GLY ZA 388 39.48 47.97 98.13
CA GLY ZA 388 39.99 47.18 99.22
C GLY ZA 388 39.44 45.78 99.15
N ALA ZA 389 39.95 44.93 100.03
CA ALA ZA 389 39.57 43.52 100.06
C ALA ZA 389 38.91 43.12 101.36
N ARG ZA 390 39.28 43.76 102.46
CA ARG ZA 390 38.74 43.48 103.77
C ARG ZA 390 38.45 44.79 104.48
N PRO ZA 391 37.30 44.92 105.14
CA PRO ZA 391 36.82 46.27 105.49
C PRO ZA 391 37.48 46.97 106.67
N GLU ZA 392 38.64 46.52 107.15
CA GLU ZA 392 39.41 47.41 108.00
C GLU ZA 392 40.36 48.29 107.21
N GLU ZA 393 40.55 47.98 105.93
CA GLU ZA 393 41.38 48.79 105.05
C GLU ZA 393 40.59 49.95 104.43
N ALA ZA 394 39.31 49.74 104.15
CA ALA ZA 394 38.54 50.72 103.40
C ALA ZA 394 38.13 51.91 104.27
N TYR ZA 395 38.11 51.74 105.59
CA TYR ZA 395 37.76 52.83 106.47
C TYR ZA 395 38.39 52.62 107.84
N PHE ZA 396 38.40 53.69 108.64
CA PHE ZA 396 38.78 53.61 110.04
C PHE ZA 396 38.20 54.82 110.78
N VAL ZA 397 37.65 54.56 111.97
CA VAL ZA 397 37.13 55.60 112.85
C VAL ZA 397 37.83 55.48 114.20
N GLN ZA 398 38.41 56.57 114.66
CA GLN ZA 398 39.17 56.57 115.91
C GLN ZA 398 38.62 57.67 116.80
N ILE ZA 399 38.05 57.30 117.94
CA ILE ZA 399 37.49 58.26 118.87
C ILE ZA 399 37.73 57.75 120.28
N GLY ZA 400 38.03 58.66 121.21
CA GLY ZA 400 38.28 58.22 122.57
C GLY ZA 400 38.68 59.36 123.47
N GLN ZA 401 39.01 58.99 124.71
CA GLN ZA 401 39.39 59.98 125.72
C GLN ZA 401 40.75 60.57 125.43
N ASP ZA 402 41.77 59.73 125.24
CA ASP ZA 402 43.10 60.19 124.92
C ASP ZA 402 43.53 59.86 123.51
N ILE ZA 403 42.69 59.20 122.72
CA ILE ZA 403 43.05 58.89 121.33
C ILE ZA 403 42.96 60.15 120.47
N THR ZA 404 41.91 60.95 120.69
CA THR ZA 404 41.67 62.15 119.89
C THR ZA 404 41.39 63.41 120.71
N MET ZA 405 41.07 63.28 121.99
CA MET ZA 405 40.63 64.43 122.77
C MET ZA 405 41.53 64.66 123.97
N SER ZA 406 41.21 65.71 124.70
CA SER ZA 406 41.83 66.03 125.98
C SER ZA 406 40.75 66.20 127.03
N GLU ZA 407 41.21 66.40 128.27
CA GLU ZA 407 40.28 66.73 129.34
C GLU ZA 407 39.70 68.13 129.17
N ALA ZA 408 40.52 69.09 128.73
CA ALA ZA 408 39.98 70.43 128.46
C ALA ZA 408 39.17 70.45 127.17
N ASP ZA 409 39.33 69.43 126.31
CA ASP ZA 409 38.49 69.32 125.12
C ASP ZA 409 37.07 68.88 125.46
N ILE ZA 410 36.91 67.83 126.27
CA ILE ZA 410 35.59 67.36 126.68
C ILE ZA 410 34.91 68.30 127.65
N LYS ZA 411 35.67 68.98 128.52
CA LYS ZA 411 35.07 69.93 129.46
C LYS ZA 411 34.47 71.14 128.76
N GLN ZA 412 34.99 71.51 127.59
CA GLN ZA 412 34.32 72.51 126.78
C GLN ZA 412 33.02 71.97 126.19
N GLY ZA 413 32.95 70.67 125.94
CA GLY ZA 413 31.74 70.05 125.48
C GLY ZA 413 31.71 69.65 124.02
N LYS ZA 414 32.85 69.43 123.39
CA LYS ZA 414 32.88 69.02 121.99
C LYS ZA 414 33.58 67.67 121.85
N MET ZA 415 33.24 66.97 120.77
CA MET ZA 415 33.69 65.62 120.51
C MET ZA 415 34.29 65.53 119.13
N ILE ZA 416 35.52 65.03 119.04
CA ILE ZA 416 36.25 64.96 117.79
C ILE ZA 416 36.58 63.50 117.49
N MET ZA 417 36.23 63.05 116.30
CA MET ZA 417 36.59 61.75 115.78
C MET ZA 417 37.24 61.93 114.42
N THR ZA 418 38.02 60.93 114.00
CA THR ZA 418 38.77 61.00 112.74
C THR ZA 418 38.27 59.90 111.82
N VAL ZA 419 37.45 60.28 110.85
CA VAL ZA 419 37.02 59.38 109.81
C VAL ZA 419 38.03 59.48 108.67
N GLY ZA 420 38.29 58.35 108.01
CA GLY ZA 420 39.16 58.33 106.85
C GLY ZA 420 38.84 57.13 105.97
N LEU ZA 421 38.73 57.35 104.66
CA LEU ZA 421 38.21 56.32 103.77
C LEU ZA 421 38.88 56.43 102.41
N ALA ZA 422 39.12 55.29 101.79
CA ALA ZA 422 39.87 55.20 100.54
C ALA ZA 422 38.91 54.96 99.38
N ALA ZA 423 38.85 55.91 98.45
CA ALA ZA 423 37.93 55.84 97.33
C ALA ZA 423 38.60 55.18 96.12
N VAL ZA 424 37.77 54.89 95.12
CA VAL ZA 424 38.23 54.23 93.90
C VAL ZA 424 38.47 55.30 92.84
N ARG ZA 425 39.62 55.22 92.17
CA ARG ZA 425 39.98 56.21 91.17
C ARG ZA 425 39.70 55.65 89.79
N PRO ZA 426 38.97 56.36 88.93
CA PRO ZA 426 38.64 55.81 87.62
C PRO ZA 426 39.82 55.86 86.66
N ALA ZA 427 39.63 55.21 85.52
CA ALA ZA 427 40.66 55.08 84.50
C ALA ZA 427 40.37 56.05 83.36
N GLU ZA 428 41.13 57.14 83.31
CA GLU ZA 428 40.95 58.08 82.21
C GLU ZA 428 41.56 57.58 80.93
N PHE ZA 429 42.88 57.40 80.93
CA PHE ZA 429 43.61 57.04 79.72
C PHE ZA 429 43.70 55.53 79.62
N ILE ZA 430 43.63 55.01 78.41
CA ILE ZA 430 44.01 53.63 78.12
C ILE ZA 430 45.00 53.66 76.96
N ILE ZA 431 45.86 52.66 76.90
CA ILE ZA 431 46.87 52.57 75.86
C ILE ZA 431 46.79 51.18 75.26
N LEU ZA 432 46.55 51.12 73.96
CA LEU ZA 432 46.51 49.88 73.22
C LEU ZA 432 47.80 49.74 72.43
N GLN ZA 433 48.51 48.65 72.65
CA GLN ZA 433 49.85 48.48 72.13
C GLN ZA 433 49.79 47.36 71.10
N PHE ZA 434 49.60 47.73 69.84
CA PHE ZA 434 49.39 46.74 68.79
C PHE ZA 434 50.74 46.26 68.25
N THR ZA 435 51.16 45.10 68.70
CA THR ZA 435 52.34 44.46 68.14
C THR ZA 435 51.91 43.55 66.99
N GLN ZA 436 52.89 42.91 66.39
CA GLN ZA 436 52.68 42.14 65.18
C GLN ZA 436 53.33 40.77 65.24
N ASP ZA 437 54.34 40.58 66.08
CA ASP ZA 437 55.01 39.30 66.23
C ASP ZA 437 54.28 38.52 67.31
N VAL ZA 438 53.39 37.63 66.89
CA VAL ZA 438 52.55 36.89 67.83
C VAL ZA 438 53.37 35.84 68.57
N VAL ZA 439 54.07 34.99 67.83
CA VAL ZA 439 54.85 33.91 68.44
C VAL ZA 439 56.11 34.46 69.10
N LEU AB 5 49.94 62.16 75.78
CA LEU AB 5 48.77 61.84 76.58
C LEU AB 5 47.88 63.07 76.79
N LYS AB 6 47.71 63.46 78.04
CA LYS AB 6 47.05 64.68 78.52
C LYS AB 6 45.56 64.77 78.21
N ALA AB 7 44.96 63.76 77.56
CA ALA AB 7 43.55 63.82 77.24
C ALA AB 7 42.97 62.43 77.36
N PRO AB 8 41.75 62.28 77.86
CA PRO AB 8 41.18 60.94 78.04
C PRO AB 8 40.83 60.31 76.71
N GLY AB 9 40.82 58.99 76.71
CA GLY AB 9 40.45 58.23 75.53
C GLY AB 9 41.49 57.19 75.18
N VAL AB 10 41.22 56.50 74.09
CA VAL AB 10 42.09 55.42 73.62
C VAL AB 10 43.33 56.01 72.97
N TYR AB 11 44.45 55.31 73.07
CA TYR AB 11 45.70 55.73 72.46
C TYR AB 11 46.31 54.51 71.79
N ILE AB 12 46.03 54.34 70.51
CA ILE AB 12 46.61 53.23 69.75
C ILE AB 12 48.09 53.52 69.52
N GLU AB 13 48.95 52.54 69.77
CA GLU AB 13 50.36 52.66 69.43
C GLU AB 13 50.85 51.32 68.90
N GLU AB 14 51.74 51.39 67.91
CA GLU AB 14 52.29 50.21 67.27
C GLU AB 14 53.66 49.86 67.81
N ASP AB 15 54.26 48.83 67.18
CA ASP AB 15 55.56 48.22 67.47
C ASP AB 15 55.84 48.08 68.97
N ALA AB 16 54.93 47.36 69.61
CA ALA AB 16 54.96 47.18 71.04
C ALA AB 16 56.08 46.23 71.45
N SER AB 17 56.24 46.08 72.77
CA SER AB 17 57.22 45.19 73.36
C SER AB 17 56.60 43.82 73.61
N LEU AB 18 57.39 42.94 74.21
CA LEU AB 18 56.95 41.58 74.51
C LEU AB 18 56.77 41.45 76.02
N ALA AB 19 55.66 40.84 76.43
CA ALA AB 19 55.35 40.60 77.83
C ALA AB 19 55.14 39.12 78.07
N LEU AB 20 55.36 38.70 79.30
CA LEU AB 20 55.31 37.29 79.68
C LEU AB 20 54.35 37.10 80.85
N SER AB 21 54.36 35.90 81.41
CA SER AB 21 53.52 35.57 82.55
C SER AB 21 54.28 35.80 83.85
N VAL AB 22 53.53 35.88 84.95
CA VAL AB 22 54.13 36.20 86.23
C VAL AB 22 54.59 34.92 86.95
N SER AB 23 53.69 33.96 87.11
CA SER AB 23 53.96 32.59 87.60
C SER AB 23 54.69 32.59 88.94
N ASN AB 24 54.03 33.15 89.95
CA ASN AB 24 54.65 33.30 91.25
C ASN AB 24 54.78 31.96 91.99
N SER AB 25 55.91 31.79 92.67
CA SER AB 25 56.22 30.63 93.49
C SER AB 25 57.35 30.99 94.44
N ALA AB 26 57.10 30.83 95.73
CA ALA AB 26 58.04 31.22 96.77
C ALA AB 26 58.87 30.06 97.31
N THR AB 27 59.01 28.98 96.55
CA THR AB 27 59.75 27.82 97.04
C THR AB 27 61.09 27.64 96.34
N ALA AB 28 61.18 27.96 95.05
CA ALA AB 28 62.42 27.87 94.29
C ALA AB 28 62.72 29.26 93.74
N VAL AB 29 63.36 30.09 94.56
CA VAL AB 29 63.67 31.47 94.21
C VAL AB 29 65.13 31.51 93.78
N PRO AB 30 65.44 31.70 92.50
CA PRO AB 30 66.83 31.74 92.06
C PRO AB 30 67.41 33.13 92.22
N VAL AB 31 68.72 33.21 92.03
CA VAL AB 31 69.43 34.49 92.03
C VAL AB 31 70.37 34.49 90.81
N PHE AB 32 70.34 35.57 90.06
CA PHE AB 32 71.04 35.62 88.78
C PHE AB 32 72.24 36.54 88.93
N ILE AB 33 73.42 35.96 89.07
CA ILE AB 33 74.66 36.71 89.18
C ILE AB 33 75.28 36.78 87.80
N GLY AB 34 75.37 37.99 87.26
CA GLY AB 34 75.92 38.13 85.93
C GLY AB 34 76.18 39.58 85.56
N LYS AB 35 76.38 39.79 84.27
CA LYS AB 35 76.71 41.11 83.74
C LYS AB 35 75.42 41.83 83.40
N PHE AB 36 74.88 42.58 84.36
CA PHE AB 36 73.73 43.44 84.14
C PHE AB 36 74.15 44.88 84.40
N THR AB 37 73.46 45.82 83.73
CA THR AB 37 73.66 47.24 83.98
C THR AB 37 72.37 47.88 84.43
N PRO AB 38 72.31 48.46 85.62
CA PRO AB 38 71.12 49.20 86.03
C PRO AB 38 71.03 50.54 85.29
N THR AB 39 69.80 50.98 85.05
CA THR AB 39 69.56 52.22 84.33
C THR AB 39 68.81 53.29 85.12
N VAL AB 40 68.08 52.94 86.16
CA VAL AB 40 67.15 53.88 86.78
C VAL AB 40 67.71 54.47 88.07
N VAL AB 41 68.54 53.74 88.80
CA VAL AB 41 69.08 54.23 90.07
C VAL AB 41 70.60 54.28 90.05
N ASP AB 42 71.26 53.25 89.46
CA ASP AB 42 72.69 53.17 89.19
C ASP AB 42 73.62 53.22 90.42
N SER AB 43 73.08 53.28 91.64
CA SER AB 43 73.90 53.75 92.74
C SER AB 43 74.12 52.71 93.85
N ILE AB 44 73.07 52.26 94.53
CA ILE AB 44 73.20 51.76 95.89
C ILE AB 44 72.70 50.31 96.04
N GLN AB 45 71.59 49.98 95.38
CA GLN AB 45 70.98 48.66 95.57
C GLN AB 45 71.86 47.62 94.89
N VAL AB 46 72.60 46.86 95.70
CA VAL AB 46 73.61 45.93 95.20
C VAL AB 46 72.95 44.74 94.52
N CYS AB 47 71.76 44.35 94.97
CA CYS AB 47 70.95 43.39 94.22
C CYS AB 47 69.49 43.72 94.41
N THR AB 48 68.71 43.58 93.34
CA THR AB 48 67.32 44.00 93.29
C THR AB 48 66.39 42.81 93.19
N ARG AB 49 65.27 42.89 93.91
CA ARG AB 49 64.21 41.90 93.82
C ARG AB 49 63.27 42.28 92.70
N ILE AB 50 63.22 41.46 91.65
CA ILE AB 50 62.22 41.60 90.60
C ILE AB 50 61.18 40.52 90.81
N SER AB 51 59.99 40.74 90.28
CA SER AB 51 58.90 39.78 90.45
C SER AB 51 58.39 39.22 89.14
N ASN AB 52 58.64 39.91 88.03
CA ASN AB 52 58.21 39.44 86.71
C ASN AB 52 59.07 40.15 85.67
N TRP AB 53 58.63 40.10 84.42
CA TRP AB 53 59.39 40.73 83.35
C TRP AB 53 59.27 42.24 83.37
N LEU AB 54 58.21 42.78 83.97
CA LEU AB 54 58.00 44.22 83.90
C LEU AB 54 58.85 44.97 84.91
N GLU AB 55 59.07 44.39 86.09
CA GLU AB 55 59.98 45.02 87.05
C GLU AB 55 61.42 44.92 86.61
N PHE AB 56 61.74 43.99 85.70
CA PHE AB 56 63.06 43.95 85.09
C PHE AB 56 63.23 45.09 84.10
N THR AB 57 62.24 45.32 83.25
CA THR AB 57 62.33 46.41 82.26
C THR AB 57 62.27 47.77 82.94
N SER AB 58 61.56 47.86 84.06
CA SER AB 58 61.50 49.12 84.80
C SER AB 58 62.74 49.39 85.63
N SER AB 59 63.71 48.47 85.65
CA SER AB 59 64.92 48.65 86.45
C SER AB 59 66.21 48.36 85.70
N PHE AB 60 66.15 47.60 84.62
CA PHE AB 60 67.37 47.17 83.95
C PHE AB 60 67.32 47.55 82.46
N SER AB 61 68.28 47.01 81.69
CA SER AB 61 68.71 47.65 80.47
C SER AB 61 68.05 47.14 79.20
N LEU AB 62 67.75 45.84 79.12
CA LEU AB 62 67.43 45.13 77.87
C LEU AB 62 68.51 45.34 76.81
N ALA AB 63 69.77 45.40 77.24
CA ALA AB 63 70.89 45.69 76.36
C ALA AB 63 72.07 44.80 76.73
N PRO AB 64 72.63 44.04 75.80
CA PRO AB 64 73.78 43.19 76.14
C PRO AB 64 75.05 44.01 76.34
N THR AB 65 75.80 43.68 77.37
CA THR AB 65 76.99 44.46 77.73
C THR AB 65 78.11 44.06 76.79
N VAL AB 66 78.36 44.92 75.79
CA VAL AB 66 79.34 44.63 74.76
C VAL AB 66 80.73 44.78 75.35
N GLU AB 67 81.64 43.87 74.96
CA GLU AB 67 82.98 43.83 75.54
C GLU AB 67 83.95 43.49 74.41
N ILE AB 68 84.85 44.43 74.11
CA ILE AB 68 85.74 44.33 72.95
C ILE AB 68 87.18 44.18 73.42
N VAL AB 69 87.93 43.29 72.77
CA VAL AB 69 89.36 43.14 72.98
C VAL AB 69 90.07 43.34 71.65
N VAL AB 70 90.99 44.29 71.60
CA VAL AB 70 91.77 44.53 70.39
C VAL AB 70 92.75 43.38 70.13
N ILE AB 86 92.41 43.42 63.91
CA ILE AB 86 92.44 42.14 64.59
C ILE AB 86 91.85 42.26 65.99
N GLU AB 87 90.59 41.87 66.15
CA GLU AB 87 89.86 42.01 67.40
C GLU AB 87 88.91 40.85 67.59
N THR AB 88 88.88 40.29 68.80
CA THR AB 88 87.94 39.24 69.18
C THR AB 88 87.01 39.79 70.25
N ILE AB 89 85.71 39.68 70.01
CA ILE AB 89 84.71 40.40 70.80
C ILE AB 89 83.87 39.39 71.59
N ASN AB 90 83.10 39.92 72.54
CA ASN AB 90 82.27 39.11 73.44
C ASN AB 90 80.98 39.86 73.75
N LEU AB 91 79.85 39.17 73.60
CA LEU AB 91 78.53 39.72 73.91
C LEU AB 91 77.90 38.92 75.04
N SER AB 92 77.38 39.62 76.04
CA SER AB 92 76.88 38.95 77.24
C SER AB 92 75.41 38.62 77.09
N PRO AB 93 75.02 37.36 77.17
CA PRO AB 93 73.61 36.97 77.03
C PRO AB 93 72.81 36.97 78.32
N ALA AB 94 73.26 37.68 79.37
CA ALA AB 94 72.57 37.65 80.66
C ALA AB 94 71.18 38.24 80.59
N VAL AB 95 70.95 39.21 79.71
CA VAL AB 95 69.61 39.74 79.55
C VAL AB 95 68.72 38.78 78.79
N GLU AB 96 69.26 38.11 77.78
CA GLU AB 96 68.52 37.11 77.03
C GLU AB 96 68.30 35.82 77.80
N ALA AB 97 69.27 35.38 78.59
CA ALA AB 97 69.12 34.15 79.37
C ALA AB 97 68.07 34.28 80.45
N LEU AB 98 67.78 35.50 80.90
CA LEU AB 98 66.72 35.75 81.85
C LEU AB 98 65.36 35.83 81.20
N ARG AB 99 65.30 36.11 79.90
CA ARG AB 99 64.02 36.05 79.19
C ARG AB 99 63.55 34.61 79.06
N LEU AB 100 64.49 33.68 78.88
CA LEU AB 100 64.13 32.28 78.76
C LEU AB 100 63.79 31.65 80.11
N TYR AB 101 64.21 32.26 81.21
CA TYR AB 101 63.78 31.80 82.52
C TYR AB 101 62.31 32.10 82.74
N PHE AB 102 61.85 33.27 82.29
CA PHE AB 102 60.45 33.63 82.42
C PHE AB 102 59.58 32.96 81.39
N GLN AB 103 60.17 32.36 80.35
CA GLN AB 103 59.40 31.72 79.31
C GLN AB 103 59.15 30.26 79.61
N ASN AB 104 60.12 29.56 80.20
CA ASN AB 104 59.92 28.18 80.63
C ASN AB 104 59.10 28.13 81.91
N GLY AB 105 59.63 28.68 82.99
CA GLY AB 105 58.89 28.78 84.22
C GLY AB 105 58.64 30.22 84.59
N GLY AB 106 58.73 30.53 85.88
CA GLY AB 106 58.55 31.89 86.34
C GLY AB 106 59.17 32.03 87.71
N GLY AB 107 58.83 33.11 88.38
CA GLY AB 107 59.29 33.30 89.74
C GLY AB 107 59.72 34.73 89.94
N ALA AB 108 60.18 34.99 91.16
CA ALA AB 108 60.62 36.32 91.56
C ALA AB 108 62.09 36.22 91.96
N CYS AB 109 62.97 36.27 90.98
CA CYS AB 109 64.40 36.10 91.22
C CYS AB 109 65.01 37.40 91.70
N TYR AB 110 65.97 37.28 92.62
CA TYR AB 110 66.86 38.40 92.92
C TYR AB 110 67.87 38.48 91.79
N ILE AB 111 68.22 39.68 91.39
CA ILE AB 111 69.23 39.88 90.35
C ILE AB 111 70.42 40.58 90.97
N TYR AB 112 71.58 39.94 90.91
CA TYR AB 112 72.81 40.48 91.46
C TYR AB 112 73.70 40.90 90.29
N PRO AB 113 73.70 42.17 89.88
CA PRO AB 113 74.59 42.57 88.80
C PRO AB 113 76.03 42.64 89.27
N LEU AB 114 76.91 42.01 88.50
CA LEU AB 114 78.31 41.93 88.87
C LEU AB 114 79.10 42.01 87.56
N ASN AB 115 79.77 43.13 87.34
CA ASN AB 115 80.44 43.35 86.08
C ASN AB 115 81.94 43.08 86.17
N ASP AB 116 82.53 43.19 87.36
CA ASP AB 116 83.99 43.10 87.48
C ASP AB 116 84.48 41.66 87.53
N ALA AB 117 84.07 40.92 88.57
CA ALA AB 117 84.52 39.57 88.92
C ALA AB 117 86.02 39.44 89.12
N GLU AB 118 86.72 40.53 89.42
CA GLU AB 118 88.11 40.46 89.86
C GLU AB 118 88.39 41.28 91.10
N ASP AB 119 87.47 42.13 91.54
CA ASP AB 119 87.65 42.83 92.80
C ASP AB 119 87.37 41.88 93.95
N GLU AB 120 88.41 41.60 94.76
CA GLU AB 120 88.28 40.66 95.86
C GLU AB 120 87.40 41.20 96.98
N LEU AB 121 87.26 42.52 97.10
CA LEU AB 121 86.48 43.10 98.17
C LEU AB 121 84.98 43.03 97.90
N VAL AB 122 84.58 42.92 96.64
CA VAL AB 122 83.16 42.79 96.28
C VAL AB 122 82.77 41.32 96.13
N LEU AB 123 83.62 40.52 95.49
CA LEU AB 123 83.30 39.13 95.19
C LEU AB 123 83.20 38.28 96.45
N ALA AB 124 83.99 38.58 97.47
CA ALA AB 124 83.93 37.81 98.70
C ALA AB 124 82.72 38.17 99.56
N ALA AB 125 82.04 39.27 99.26
CA ALA AB 125 80.85 39.67 99.98
C ALA AB 125 79.57 39.23 99.30
N ILE AB 126 79.66 38.40 98.27
CA ILE AB 126 78.50 37.72 97.68
C ILE AB 126 77.79 36.83 98.71
N PRO AB 127 78.46 35.94 99.49
CA PRO AB 127 77.70 35.17 100.48
C PRO AB 127 77.21 35.99 101.66
N GLU AB 128 77.83 37.14 101.95
CA GLU AB 128 77.39 37.95 103.07
C GLU AB 128 76.10 38.71 102.77
N VAL AB 129 75.81 38.97 101.51
CA VAL AB 129 74.58 39.67 101.18
C VAL AB 129 73.50 38.68 100.76
N ILE AB 130 73.87 37.47 100.36
CA ILE AB 130 72.88 36.53 99.86
C ILE AB 130 72.33 35.65 100.98
N GLU AB 131 72.98 35.65 102.15
CA GLU AB 131 72.36 35.09 103.34
C GLU AB 131 71.53 36.11 104.09
N GLN AB 132 71.70 37.40 103.77
CA GLN AB 132 70.98 38.45 104.48
C GLN AB 132 69.52 38.51 104.04
N LYS AB 133 69.21 37.97 102.86
CA LYS AB 133 67.86 38.11 102.35
C LYS AB 133 66.98 36.91 102.65
N GLY AB 134 67.57 35.72 102.78
CA GLY AB 134 66.88 34.59 103.38
C GLY AB 134 65.74 34.00 102.59
N ASP AB 135 65.76 34.15 101.27
CA ASP AB 135 64.69 33.64 100.42
C ASP AB 135 65.24 32.83 99.25
N ILE AB 136 66.56 32.70 99.12
CA ILE AB 136 67.15 32.11 97.93
C ILE AB 136 67.27 30.60 98.09
N THR AB 137 66.94 29.88 97.02
CA THR AB 137 67.17 28.44 97.02
C THR AB 137 68.10 28.02 95.89
N LEU AB 138 68.06 28.72 94.76
CA LEU AB 138 68.86 28.37 93.59
C LEU AB 138 69.91 29.44 93.31
N LEU AB 139 71.00 29.02 92.70
CA LEU AB 139 72.17 29.87 92.49
C LEU AB 139 72.63 29.66 91.06
N VAL AB 140 72.38 30.63 90.18
CA VAL AB 140 72.68 30.43 88.76
C VAL AB 140 73.73 31.45 88.32
N CYS AB 141 74.31 31.18 87.15
CA CYS AB 141 75.27 32.06 86.50
C CYS AB 141 75.07 31.96 85.00
N PRO AB 142 74.45 32.95 84.36
CA PRO AB 142 74.10 32.82 82.95
C PRO AB 142 75.19 33.19 81.93
N GLU AB 143 76.46 33.14 82.28
CA GLU AB 143 77.51 33.62 81.38
C GLU AB 143 78.27 32.50 80.68
N LEU AB 144 78.92 32.85 79.57
CA LEU AB 144 79.69 31.90 78.78
C LEU AB 144 81.13 31.80 79.23
N ASP AB 145 81.71 32.91 79.72
CA ASP AB 145 83.15 33.02 79.92
C ASP AB 145 83.61 32.19 81.11
N LEU AB 146 84.62 31.35 80.88
CA LEU AB 146 85.16 30.50 81.94
C LEU AB 146 85.86 31.33 83.01
N ASP AB 147 86.59 32.37 82.62
CA ASP AB 147 87.34 33.15 83.61
C ASP AB 147 86.41 34.07 84.40
N TYR AB 148 85.21 34.32 83.87
CA TYR AB 148 84.21 35.03 84.67
C TYR AB 148 83.47 34.07 85.59
N LYS AB 149 83.01 32.95 85.05
CA LYS AB 149 82.12 32.03 85.76
C LYS AB 149 82.83 31.26 86.88
N THR AB 150 84.05 30.77 86.63
CA THR AB 150 84.74 30.00 87.64
C THR AB 150 85.29 30.85 88.77
N LYS AB 151 85.34 32.17 88.61
CA LYS AB 151 85.67 33.04 89.73
C LYS AB 151 84.50 33.22 90.67
N ILE AB 152 83.27 33.02 90.20
CA ILE AB 152 82.11 33.22 91.04
C ILE AB 152 81.82 31.98 91.87
N TYR AB 153 81.93 30.79 91.25
CA TYR AB 153 81.64 29.52 91.91
C TYR AB 153 82.52 29.27 93.12
N GLY AB 154 83.74 29.79 93.14
CA GLY AB 154 84.57 29.70 94.33
C GLY AB 154 84.08 30.53 95.48
N ALA AB 155 83.51 31.70 95.21
CA ALA AB 155 82.94 32.54 96.26
C ALA AB 155 81.60 32.03 96.74
N VAL AB 156 80.78 31.51 95.84
CA VAL AB 156 79.46 30.97 96.15
C VAL AB 156 79.55 29.64 96.92
N SER AB 157 80.69 28.94 96.83
CA SER AB 157 80.83 27.61 97.38
C SER AB 157 80.81 27.56 98.91
N SER AB 158 80.87 28.70 99.59
CA SER AB 158 80.69 28.71 101.03
C SER AB 158 79.25 28.43 101.44
N LEU AB 159 78.29 28.67 100.55
CA LEU AB 159 76.90 28.36 100.82
C LEU AB 159 76.61 26.87 100.75
N LEU AB 160 77.48 26.08 100.14
CA LEU AB 160 77.29 24.64 100.02
C LEU AB 160 77.88 23.86 101.19
N ASN AB 161 78.22 24.52 102.29
CA ASN AB 161 78.68 23.84 103.49
C ASN AB 161 77.49 23.27 104.25
N ASP AB 162 77.77 22.56 105.35
CA ASP AB 162 76.69 22.02 106.16
C ASP AB 162 76.17 23.04 107.16
N ASN AB 163 76.86 24.17 107.34
CA ASN AB 163 76.41 25.19 108.28
C ASN AB 163 75.20 25.94 107.75
N LYS AB 164 74.97 25.93 106.45
CA LYS AB 164 73.84 26.61 105.82
C LYS AB 164 72.88 25.59 105.22
N VAL AB 165 71.66 26.04 104.95
CA VAL AB 165 70.57 25.17 104.48
C VAL AB 165 70.05 25.72 103.15
N GLY AB 166 69.36 24.87 102.39
CA GLY AB 166 68.95 25.27 101.06
C GLY AB 166 70.14 25.35 100.13
N TYR AB 167 70.12 26.34 99.23
CA TYR AB 167 71.25 26.76 98.40
C TYR AB 167 71.76 25.63 97.51
N PHE AB 168 70.88 25.24 96.58
CA PHE AB 168 71.25 24.26 95.56
C PHE AB 168 71.85 24.99 94.37
N LEU AB 169 73.14 24.79 94.13
CA LEU AB 169 73.87 25.50 93.06
C LEU AB 169 73.67 24.73 91.77
N ILE AB 170 72.81 25.24 90.90
CA ILE AB 170 72.66 24.67 89.57
C ILE AB 170 73.67 25.31 88.63
N ALA AB 171 74.60 24.51 88.12
CA ALA AB 171 75.80 24.99 87.46
C ALA AB 171 75.79 24.57 85.99
N ASP AB 172 76.94 24.78 85.35
CA ASP AB 172 77.13 24.45 83.94
C ASP AB 172 78.58 24.05 83.71
N SER AB 173 78.77 23.06 82.85
CA SER AB 173 80.09 22.69 82.33
C SER AB 173 80.13 23.02 80.85
N ASN AB 174 81.19 23.70 80.42
CA ASN AB 174 81.28 24.12 79.01
C ASN AB 174 81.61 22.96 78.11
N ASP AB 175 82.31 21.96 78.63
CA ASP AB 175 82.58 20.73 77.90
C ASP AB 175 82.00 19.56 78.68
N GLY AB 176 82.26 18.34 78.23
CA GLY AB 176 81.76 17.17 78.93
C GLY AB 176 82.43 16.88 80.25
N GLU AB 177 83.55 17.55 80.54
CA GLU AB 177 84.28 17.28 81.75
C GLU AB 177 83.70 18.07 82.91
N SER AB 178 84.00 17.61 84.12
CA SER AB 178 83.40 18.16 85.32
C SER AB 178 84.00 19.53 85.64
N VAL AB 179 83.21 20.33 86.37
CA VAL AB 179 83.64 21.65 86.78
C VAL AB 179 84.77 21.57 87.79
N SER AB 180 84.75 20.52 88.64
CA SER AB 180 85.88 20.00 89.41
C SER AB 180 86.49 21.08 90.32
N GLY AB 181 85.70 21.48 91.30
CA GLY AB 181 86.17 22.44 92.27
C GLY AB 181 85.95 21.94 93.68
N VAL AB 182 85.95 22.90 94.62
CA VAL AB 182 85.61 22.58 96.01
C VAL AB 182 84.10 22.58 96.19
N TRP AB 183 83.37 23.01 95.16
CA TRP AB 183 81.92 22.90 95.08
C TRP AB 183 81.48 21.56 94.50
N ASN AB 184 82.26 20.50 94.72
CA ASN AB 184 81.93 19.14 94.31
C ASN AB 184 80.99 18.46 95.31
N SER AB 185 80.36 19.22 96.21
CA SER AB 185 79.49 18.65 97.22
C SER AB 185 78.17 18.23 96.60
N ALA AB 186 77.31 17.64 97.44
CA ALA AB 186 76.04 17.08 97.00
C ALA AB 186 75.02 18.14 96.59
N LYS AB 187 75.29 19.42 96.82
CA LYS AB 187 74.36 20.49 96.53
C LYS AB 187 74.61 21.15 95.18
N ALA AB 188 75.06 20.39 94.19
CA ALA AB 188 75.42 20.96 92.90
C ALA AB 188 74.87 20.09 91.77
N ALA AB 189 74.51 20.73 90.66
CA ALA AB 189 74.09 20.01 89.47
C ALA AB 189 74.58 20.75 88.24
N ALA AB 190 75.04 20.00 87.24
CA ALA AB 190 75.62 20.57 86.04
C ALA AB 190 74.87 20.08 84.82
N TYR AB 191 74.68 20.95 83.85
CA TYR AB 191 73.86 20.66 82.68
C TYR AB 191 74.65 21.00 81.42
N TYR AB 192 75.01 19.98 80.63
CA TYR AB 192 76.08 20.14 79.65
C TYR AB 192 75.76 20.97 78.41
N PRO AB 193 74.78 20.64 77.54
CA PRO AB 193 74.77 21.24 76.20
C PRO AB 193 74.27 22.68 76.26
N GLN AB 194 75.03 23.59 75.68
CA GLN AB 194 74.60 24.98 75.65
C GLN AB 194 73.49 25.14 74.64
N LEU AB 195 72.50 25.95 74.97
CA LEU AB 195 71.36 26.11 74.09
C LEU AB 195 71.67 27.18 73.05
N GLU AB 196 70.83 27.26 72.02
CA GLU AB 196 70.96 28.27 70.97
C GLU AB 196 69.56 28.84 70.72
N THR AB 197 69.24 29.90 71.45
CA THR AB 197 67.91 30.48 71.42
C THR AB 197 67.65 31.18 70.10
N ASN AB 198 66.38 31.28 69.74
CA ASN AB 198 65.99 31.86 68.45
C ASN AB 198 65.77 33.37 68.52
N LEU AB 199 66.02 34.00 69.65
CA LEU AB 199 65.85 35.44 69.71
C LEU AB 199 67.12 36.13 69.21
N LYS AB 200 67.02 37.45 69.03
CA LYS AB 200 68.12 38.25 68.53
C LYS AB 200 68.37 39.43 69.46
N PHE AB 201 69.44 40.17 69.17
CA PHE AB 201 69.85 41.28 69.99
C PHE AB 201 69.25 42.61 69.49
N SER AB 202 69.46 43.65 70.29
CA SER AB 202 69.28 45.04 69.87
C SER AB 202 70.34 45.82 70.65
N THR AB 203 71.44 46.16 69.98
CA THR AB 203 72.73 46.38 70.62
C THR AB 203 72.77 47.68 71.41
N LEU AB 204 73.89 47.91 72.09
CA LEU AB 204 74.08 49.02 73.00
C LEU AB 204 74.13 50.34 72.27
N PRO AB 224 86.48 48.04 75.06
CA PRO AB 224 87.83 48.43 75.45
C PRO AB 224 87.91 49.92 75.74
N LYS AB 225 87.72 50.27 77.02
CA LYS AB 225 87.78 51.61 77.63
C LYS AB 225 87.03 52.67 76.80
N ASN AB 226 85.69 52.50 76.79
CA ASN AB 226 84.76 53.54 76.36
C ASN AB 226 84.93 53.98 74.91
N LEU AB 227 84.45 53.16 73.96
CA LEU AB 227 84.55 53.37 72.51
C LEU AB 227 84.29 54.80 72.03
N ASP AB 228 83.45 55.58 72.74
CA ASP AB 228 83.29 56.99 72.42
C ASP AB 228 84.57 57.78 72.60
N GLU AB 229 85.48 57.34 73.47
CA GLU AB 229 86.81 57.96 73.50
C GLU AB 229 87.59 57.62 72.25
N LEU AB 230 87.55 56.35 71.83
CA LEU AB 230 88.22 55.89 70.62
C LEU AB 230 87.54 56.37 69.35
N ARG AB 231 86.35 56.97 69.45
CA ARG AB 231 85.70 57.59 68.31
C ARG AB 231 86.47 58.82 67.85
N THR AB 232 87.25 59.43 68.75
CA THR AB 232 88.04 60.61 68.43
C THR AB 232 89.46 60.28 68.00
N ILE AB 233 90.07 59.26 68.61
CA ILE AB 233 91.49 59.02 68.39
C ILE AB 233 91.71 58.28 67.07
N ASN AB 234 91.20 57.05 66.97
CA ASN AB 234 91.45 56.20 65.82
C ASN AB 234 90.20 56.18 64.96
N GLU AB 235 90.24 56.91 63.83
CA GLU AB 235 89.13 56.90 62.89
C GLU AB 235 89.00 55.57 62.15
N ALA AB 236 90.09 54.81 62.03
CA ALA AB 236 90.06 53.58 61.27
C ALA AB 236 89.47 52.43 62.09
N LEU AB 237 89.72 52.41 63.40
CA LEU AB 237 89.17 51.33 64.22
C LEU AB 237 87.68 51.55 64.49
N ALA AB 238 87.24 52.81 64.52
CA ALA AB 238 85.84 53.13 64.82
C ALA AB 238 84.89 52.61 63.76
N GLN AB 239 85.22 52.77 62.48
CA GLN AB 239 84.43 52.19 61.41
C GLN AB 239 84.59 50.68 61.32
N ASP AB 240 85.66 50.14 61.90
CA ASP AB 240 85.89 48.70 61.93
C ASP AB 240 85.04 48.00 62.97
N ILE AB 241 84.90 48.62 64.15
CA ILE AB 241 84.16 48.00 65.24
C ILE AB 241 82.65 48.22 65.05
N ASP AB 242 82.25 49.31 64.39
CA ASP AB 242 80.84 49.58 64.14
C ASP AB 242 80.25 48.63 63.10
N ALA AB 243 81.08 48.06 62.24
CA ALA AB 243 80.60 47.07 61.28
C ALA AB 243 80.41 45.70 61.93
N ARG AB 244 81.23 45.38 62.91
CA ARG AB 244 81.13 44.06 63.54
C ARG AB 244 79.97 43.98 64.52
N LEU AB 245 79.58 45.13 65.11
CA LEU AB 245 78.40 45.17 65.96
C LEU AB 245 77.13 44.89 65.18
N LEU AB 246 77.03 45.41 63.96
CA LEU AB 246 75.90 45.06 63.10
C LEU AB 246 75.99 43.64 62.60
N GLU AB 247 77.20 43.08 62.50
CA GLU AB 247 77.36 41.69 62.09
C GLU AB 247 76.89 40.71 63.16
N GLU AB 248 77.29 40.90 64.41
CA GLU AB 248 76.87 40.02 65.49
C GLU AB 248 75.46 40.31 65.98
N LYS AB 249 74.80 41.34 65.45
CA LYS AB 249 73.39 41.59 65.75
C LYS AB 249 72.49 40.60 65.05
N GLN AB 250 72.93 40.03 63.92
CA GLN AB 250 72.06 39.17 63.13
C GLN AB 250 72.10 37.72 63.58
N ARG AB 251 73.15 37.31 64.28
CA ARG AB 251 73.30 35.91 64.68
C ARG AB 251 72.48 35.63 65.93
N ALA AB 252 71.83 34.46 65.95
CA ALA AB 252 71.11 34.00 67.13
C ALA AB 252 72.09 33.75 68.27
N VAL AB 253 71.73 34.19 69.47
CA VAL AB 253 72.65 34.12 70.59
C VAL AB 253 72.58 32.72 71.22
N ILE AB 254 73.75 32.23 71.64
CA ILE AB 254 73.82 31.01 72.42
C ILE AB 254 73.92 31.40 73.89
N ILE AB 255 73.25 30.62 74.73
CA ILE AB 255 73.21 30.87 76.16
C ILE AB 255 73.63 29.58 76.86
N PRO AB 256 73.99 29.64 78.14
CA PRO AB 256 74.13 28.42 78.91
C PRO AB 256 72.77 27.92 79.38
N PRO AB 257 72.63 26.63 79.67
CA PRO AB 257 71.38 26.14 80.24
C PRO AB 257 71.28 26.31 81.74
N SER AB 258 72.21 27.01 82.38
CA SER AB 258 72.08 27.29 83.81
C SER AB 258 70.98 28.30 84.11
N ALA AB 259 70.43 28.96 83.11
CA ALA AB 259 69.30 29.85 83.30
C ALA AB 259 67.97 29.26 82.89
N ALA AB 260 67.95 28.42 81.84
CA ALA AB 260 66.69 27.85 81.40
C ALA AB 260 66.18 26.78 82.34
N ILE AB 261 67.07 25.97 82.93
CA ILE AB 261 66.64 24.95 83.88
C ILE AB 261 66.24 25.56 85.21
N ALA AB 262 66.61 26.82 85.47
CA ALA AB 262 66.12 27.50 86.66
C ALA AB 262 64.63 27.77 86.58
N GLY AB 263 64.07 27.83 85.37
CA GLY AB 263 62.62 27.86 85.24
C GLY AB 263 62.01 26.48 85.22
N ILE AB 264 62.77 25.48 84.78
CA ILE AB 264 62.31 24.10 84.81
C ILE AB 264 62.22 23.61 86.25
N TYR AB 265 63.12 24.07 87.10
CA TYR AB 265 63.07 23.73 88.53
C TYR AB 265 61.86 24.34 89.21
N CYS AB 266 61.32 25.44 88.67
CA CYS AB 266 60.12 26.04 89.21
C CYS AB 266 58.86 25.49 88.58
N GLN AB 267 58.90 25.10 87.30
CA GLN AB 267 57.69 24.64 86.62
C GLN AB 267 57.25 23.28 87.16
N THR AB 268 58.17 22.36 87.38
CA THR AB 268 57.82 21.10 88.02
C THR AB 268 57.67 21.22 89.53
N ASP AB 269 57.76 22.41 90.10
CA ASP AB 269 57.44 22.57 91.51
C ASP AB 269 56.01 23.02 91.73
N ASN AB 270 55.40 23.69 90.76
CA ASN AB 270 53.98 23.99 90.84
C ASN AB 270 53.13 22.80 90.43
N ARG AB 271 53.62 22.00 89.49
CA ARG AB 271 52.83 20.89 88.97
C ARG AB 271 52.91 19.68 89.89
N ARG AB 272 54.11 19.25 90.25
CA ARG AB 272 54.30 18.02 91.00
C ARG AB 272 55.10 18.19 92.28
N GLY AB 273 55.41 19.40 92.69
CA GLY AB 273 56.11 19.59 93.93
C GLY AB 273 57.60 19.35 93.82
N VAL AB 274 58.28 19.46 94.96
CA VAL AB 274 59.73 19.33 94.99
C VAL AB 274 60.15 17.89 94.76
N TRP AB 275 59.40 16.93 95.30
CA TRP AB 275 59.78 15.53 95.36
C TRP AB 275 59.80 14.83 94.00
N LYS AB 276 59.37 15.47 92.92
CA LYS AB 276 59.49 14.92 91.59
C LYS AB 276 60.78 15.42 90.95
N ALA AB 277 61.34 14.62 90.06
CA ALA AB 277 62.61 14.96 89.44
C ALA AB 277 62.43 16.01 88.35
N PRO AB 278 63.20 17.09 88.36
CA PRO AB 278 63.12 18.08 87.28
C PRO AB 278 63.72 17.60 85.97
N ALA AB 279 63.14 16.54 85.39
CA ALA AB 279 63.61 15.96 84.15
C ALA AB 279 62.42 15.37 83.43
N ASN AB 280 62.67 14.86 82.22
CA ASN AB 280 61.64 14.38 81.28
C ASN AB 280 60.59 15.46 81.02
N VAL AB 281 61.04 16.69 80.86
CA VAL AB 281 60.14 17.81 80.58
C VAL AB 281 60.80 18.69 79.52
N ALA AB 282 60.00 19.10 78.53
CA ALA AB 282 60.51 19.80 77.36
C ALA AB 282 60.86 21.25 77.69
N LEU AB 283 62.01 21.69 77.19
CA LEU AB 283 62.32 23.12 77.20
C LEU AB 283 61.56 23.82 76.09
N THR AB 284 61.17 25.06 76.35
CA THR AB 284 60.40 25.84 75.41
C THR AB 284 61.21 27.05 74.93
N GLY AB 285 60.98 27.44 73.69
CA GLY AB 285 61.52 28.69 73.19
C GLY AB 285 62.95 28.63 72.70
N ILE AB 286 63.61 27.48 72.76
CA ILE AB 286 64.97 27.37 72.27
C ILE AB 286 64.95 26.86 70.84
N GLY AB 287 66.02 27.15 70.11
CA GLY AB 287 66.19 26.62 68.77
C GLY AB 287 66.86 25.28 68.84
N SER AB 288 67.90 25.06 68.05
CA SER AB 288 68.65 23.82 68.13
C SER AB 288 69.56 23.83 69.35
N LEU AB 289 70.18 22.69 69.62
CA LEU AB 289 71.24 22.63 70.60
C LEU AB 289 72.57 23.00 69.95
N LEU AB 290 73.59 23.20 70.79
CA LEU AB 290 74.94 23.39 70.30
C LEU AB 290 75.68 22.08 70.13
N ASP AB 291 75.41 21.09 70.99
CA ASP AB 291 76.00 19.78 70.87
C ASP AB 291 74.89 18.76 70.71
N LYS AB 292 75.25 17.61 70.14
CA LYS AB 292 74.28 16.58 69.79
C LYS AB 292 74.70 15.25 70.42
N VAL AB 293 74.93 15.27 71.73
CA VAL AB 293 75.50 14.14 72.44
C VAL AB 293 74.54 12.95 72.44
N ASP AB 294 75.09 11.79 72.16
CA ASP AB 294 74.41 10.52 71.99
C ASP AB 294 74.33 9.77 73.32
N ASP AB 295 74.04 8.47 73.24
CA ASP AB 295 73.90 7.63 74.43
C ASP AB 295 75.24 7.16 74.98
N GLU AB 296 76.24 6.88 74.13
CA GLU AB 296 77.45 6.26 74.65
C GLU AB 296 78.39 7.28 75.27
N ARG AB 297 78.26 8.56 74.90
CA ARG AB 297 79.05 9.60 75.54
C ARG AB 297 78.41 10.02 76.86
N GLN AB 298 77.08 9.88 76.95
CA GLN AB 298 76.32 10.28 78.13
C GLN AB 298 76.58 9.34 79.30
N GLY AB 299 76.99 8.10 79.04
CA GLY AB 299 77.21 7.13 80.09
C GLY AB 299 78.35 7.45 81.03
N GLU AB 300 79.26 8.33 80.63
CA GLU AB 300 80.30 8.79 81.54
C GLU AB 300 79.93 10.10 82.20
N MET AB 301 79.25 10.99 81.48
CA MET AB 301 78.88 12.30 82.03
C MET AB 301 77.85 12.17 83.13
N ASN AB 302 76.90 11.24 82.98
CA ASN AB 302 75.85 11.11 83.98
C ASN AB 302 76.39 10.48 85.26
N ASP AB 303 77.24 9.47 85.12
CA ASP AB 303 77.94 8.91 86.28
C ASP AB 303 78.90 9.91 86.91
N LYS AB 304 79.44 10.82 86.10
CA LYS AB 304 80.25 11.91 86.64
C LYS AB 304 79.38 12.87 87.45
N GLY AB 305 78.14 13.07 87.06
CA GLY AB 305 77.25 13.96 87.77
C GLY AB 305 76.82 15.14 86.92
N ILE AB 306 76.99 15.04 85.61
CA ILE AB 306 76.62 16.10 84.68
C ILE AB 306 75.37 15.66 83.94
N ASN AB 307 74.28 16.37 84.16
CA ASN AB 307 73.06 16.08 83.43
C ASN AB 307 73.12 16.66 82.04
N VAL AB 308 72.14 16.33 81.22
CA VAL AB 308 72.23 16.61 79.80
C VAL AB 308 70.85 16.90 79.23
N ILE AB 309 70.73 17.98 78.47
CA ILE AB 309 69.53 18.25 77.69
C ILE AB 309 69.68 17.50 76.37
N ARG AB 310 68.80 16.53 76.13
CA ARG AB 310 68.91 15.62 75.00
C ARG AB 310 67.71 15.81 74.09
N SER AB 311 67.97 15.85 72.78
CA SER AB 311 66.96 16.21 71.80
C SER AB 311 66.32 14.99 71.18
N PHE AB 312 65.04 14.79 71.45
CA PHE AB 312 64.22 13.83 70.72
C PHE AB 312 63.28 14.60 69.80
N THR AB 313 63.11 14.10 68.58
CA THR AB 313 62.37 14.85 67.58
C THR AB 313 60.87 14.88 67.87
N ASP AB 314 60.31 13.73 68.23
CA ASP AB 314 58.88 13.63 68.41
C ASP AB 314 58.39 14.26 69.71
N ARG AB 315 59.29 14.63 70.62
CA ARG AB 315 58.90 15.22 71.88
C ARG AB 315 59.50 16.59 72.14
N GLY AB 316 60.71 16.86 71.64
CA GLY AB 316 61.34 18.14 71.83
C GLY AB 316 62.64 18.04 72.63
N PHE AB 317 63.04 19.16 73.18
CA PHE AB 317 64.30 19.26 73.93
C PHE AB 317 64.02 18.98 75.39
N MET AB 318 64.10 17.71 75.77
CA MET AB 318 63.76 17.27 77.12
C MET AB 318 64.99 17.28 78.00
N VAL AB 319 64.82 17.73 79.25
CA VAL AB 319 65.88 17.60 80.24
C VAL AB 319 66.01 16.14 80.62
N TRP AB 320 67.20 15.59 80.51
CA TRP AB 320 67.42 14.15 80.62
C TRP AB 320 68.49 13.88 81.68
N GLY AB 321 68.06 13.63 82.90
CA GLY AB 321 69.03 13.41 83.94
C GLY AB 321 68.63 14.15 85.20
N ALA AB 322 68.70 13.46 86.34
CA ALA AB 322 68.31 14.03 87.62
C ALA AB 322 69.31 13.70 88.71
N ARG AB 323 70.56 13.45 88.33
CA ARG AB 323 71.62 13.24 89.29
C ARG AB 323 72.26 14.56 89.69
N THR AB 324 73.14 14.49 90.67
CA THR AB 324 73.83 15.65 91.21
C THR AB 324 75.33 15.43 91.11
N CYS AB 325 76.09 16.52 91.22
CA CYS AB 325 77.54 16.43 91.19
C CYS AB 325 78.08 15.92 92.52
N VAL AB 326 77.96 14.61 92.76
CA VAL AB 326 78.36 13.98 94.01
C VAL AB 326 79.29 12.83 93.66
N ASP AB 327 80.01 12.34 94.67
CA ASP AB 327 80.77 11.11 94.50
C ASP AB 327 79.83 9.95 94.30
N ALA AB 328 80.12 9.10 93.31
CA ALA AB 328 79.20 8.06 92.88
C ALA AB 328 79.02 6.94 93.90
N ALA AB 329 79.89 6.86 94.91
CA ALA AB 329 79.69 5.89 95.99
C ALA AB 329 78.58 6.30 96.93
N ASN AB 330 78.36 7.59 97.13
CA ASN AB 330 77.31 8.08 98.03
C ASN AB 330 75.97 7.93 97.32
N ILE AB 331 75.30 6.81 97.56
CA ILE AB 331 74.02 6.54 96.90
C ILE AB 331 72.84 7.16 97.62
N SER AB 332 73.06 7.80 98.76
CA SER AB 332 71.96 8.43 99.49
C SER AB 332 71.50 9.70 98.81
N TRP AB 333 72.41 10.66 98.62
CA TRP AB 333 72.08 11.93 97.97
C TRP AB 333 72.33 11.89 96.47
N ARG AB 334 72.20 10.72 95.86
CA ARG AB 334 72.62 10.54 94.47
C ARG AB 334 71.66 11.14 93.46
N TYR AB 335 70.56 11.75 93.90
CA TYR AB 335 69.60 12.36 93.00
C TYR AB 335 69.37 13.82 93.35
N ILE AB 336 68.83 14.55 92.39
CA ILE AB 336 68.39 15.93 92.64
C ILE AB 336 67.28 16.02 93.70
N PRO AB 337 66.12 15.34 93.56
CA PRO AB 337 65.04 15.62 94.52
C PRO AB 337 65.31 15.10 95.91
N VAL AB 338 66.09 14.02 96.04
CA VAL AB 338 66.49 13.54 97.36
C VAL AB 338 67.37 14.56 98.06
N ARG AB 339 68.13 15.34 97.29
CA ARG AB 339 68.87 16.44 97.89
C ARG AB 339 67.99 17.68 98.03
N ARG AB 340 67.10 17.91 97.08
CA ARG AB 340 66.34 19.15 97.04
C ARG AB 340 65.12 19.13 97.94
N LEU AB 341 64.53 17.95 98.20
CA LEU AB 341 63.46 17.88 99.19
C LEU AB 341 64.01 18.12 100.59
N PHE AB 342 65.12 17.49 100.93
CA PHE AB 342 65.75 17.69 102.23
C PHE AB 342 66.22 19.12 102.44
N ASN AB 343 66.53 19.84 101.36
CA ASN AB 343 66.73 21.27 101.47
C ASN AB 343 65.42 21.96 101.83
N SER AB 344 64.33 21.58 101.16
CA SER AB 344 63.06 22.28 101.32
C SER AB 344 62.32 21.93 102.58
N VAL AB 345 62.57 20.74 103.15
CA VAL AB 345 61.93 20.39 104.41
C VAL AB 345 62.53 21.19 105.56
N GLU AB 346 63.86 21.21 105.65
CA GLU AB 346 64.48 21.94 106.76
C GLU AB 346 64.39 23.45 106.59
N ARG AB 347 64.14 23.93 105.37
CA ARG AB 347 63.90 25.35 105.18
C ARG AB 347 62.53 25.77 105.68
N ASP AB 348 61.56 24.87 105.66
CA ASP AB 348 60.24 25.16 106.18
C ASP AB 348 60.04 24.66 107.61
N ILE AB 349 60.95 23.83 108.11
CA ILE AB 349 60.94 23.49 109.53
C ILE AB 349 61.51 24.63 110.37
N ARG AB 350 62.58 25.28 109.90
CA ARG AB 350 63.07 26.50 110.57
C ARG AB 350 62.02 27.59 110.59
N GLN AB 351 61.22 27.70 109.53
CA GLN AB 351 60.13 28.67 109.52
C GLN AB 351 59.06 28.27 110.53
N ALA AB 352 58.81 26.97 110.69
CA ALA AB 352 57.81 26.51 111.64
C ALA AB 352 58.31 26.46 113.07
N LEU AB 353 59.61 26.33 113.30
CA LEU AB 353 60.14 26.27 114.66
C LEU AB 353 60.42 27.63 115.26
N ARG AB 354 60.16 28.73 114.54
CA ARG AB 354 60.53 30.03 115.08
C ARG AB 354 59.58 30.50 116.18
N ALA AB 355 58.43 29.85 116.35
CA ALA AB 355 57.54 30.15 117.46
C ALA AB 355 57.89 29.39 118.73
N VAL AB 356 59.10 28.86 118.82
CA VAL AB 356 59.51 28.01 119.93
C VAL AB 356 60.69 28.62 120.70
N LEU AB 357 61.52 29.44 120.05
CA LEU AB 357 62.90 29.72 120.45
C LEU AB 357 63.01 30.32 121.84
N PHE AB 358 62.45 31.50 122.04
CA PHE AB 358 62.65 32.22 123.29
C PHE AB 358 61.54 31.95 124.29
N GLU AB 359 60.82 30.85 124.13
CA GLU AB 359 60.01 30.31 125.21
C GLU AB 359 60.90 29.58 126.20
N THR AB 360 60.34 29.26 127.36
CA THR AB 360 61.12 28.63 128.41
C THR AB 360 61.48 27.20 128.04
N ASN AB 361 62.53 26.69 128.66
CA ASN AB 361 63.09 25.39 128.31
C ASN AB 361 62.66 24.38 129.36
N SER AB 362 61.65 23.60 129.02
CA SER AB 362 61.08 22.58 129.90
C SER AB 362 60.30 21.60 129.03
N GLN AB 363 59.55 20.72 129.67
CA GLN AB 363 58.81 19.66 128.99
C GLN AB 363 57.63 20.12 128.12
N PRO AB 364 56.79 21.11 128.51
CA PRO AB 364 55.74 21.53 127.57
C PRO AB 364 56.22 22.32 126.36
N THR AB 365 57.48 22.74 126.33
CA THR AB 365 57.99 23.39 125.13
C THR AB 365 58.35 22.38 124.06
N TRP AB 366 58.81 21.20 124.46
CA TRP AB 366 59.19 20.18 123.50
C TRP AB 366 57.98 19.54 122.87
N VAL AB 367 56.91 19.33 123.64
CA VAL AB 367 55.70 18.69 123.12
C VAL AB 367 54.92 19.60 122.18
N ARG AB 368 55.22 20.90 122.16
CA ARG AB 368 54.69 21.76 121.11
C ARG AB 368 55.59 21.78 119.89
N ALA AB 369 56.90 21.68 120.11
CA ALA AB 369 57.83 21.65 118.99
C ALA AB 369 57.80 20.30 118.28
N LYS AB 370 57.54 19.22 119.02
CA LYS AB 370 57.42 17.91 118.40
C LYS AB 370 56.14 17.83 117.56
N ALA AB 371 55.07 18.44 118.03
CA ALA AB 371 53.82 18.44 117.30
C ALA AB 371 53.87 19.31 116.05
N ALA AB 372 54.72 20.34 116.03
CA ALA AB 372 54.80 21.23 114.88
C ALA AB 372 55.45 20.55 113.68
N VAL AB 373 56.51 19.77 113.90
CA VAL AB 373 57.11 19.01 112.83
C VAL AB 373 56.32 17.75 112.51
N ASP AB 374 55.57 17.21 113.46
CA ASP AB 374 54.70 16.08 113.18
C ASP AB 374 53.53 16.50 112.31
N GLN AB 375 52.97 17.69 112.56
CA GLN AB 375 51.88 18.18 111.73
C GLN AB 375 52.36 18.69 110.39
N TYR AB 376 53.66 18.97 110.27
CA TYR AB 376 54.19 19.34 108.97
C TYR AB 376 54.50 18.11 108.12
N LEU AB 377 55.15 17.11 108.70
CA LEU AB 377 55.53 15.93 107.96
C LEU AB 377 54.34 15.06 107.59
N TYR AB 378 53.23 15.19 108.31
CA TYR AB 378 52.03 14.45 107.94
C TYR AB 378 51.45 14.94 106.63
N THR AB 379 51.56 16.23 106.35
CA THR AB 379 51.07 16.75 105.07
C THR AB 379 51.97 16.30 103.92
N LEU AB 380 53.27 16.14 104.18
CA LEU AB 380 54.15 15.60 103.15
C LEU AB 380 53.89 14.12 102.91
N TRP AB 381 53.49 13.39 103.94
CA TRP AB 381 53.06 12.02 103.76
C TRP AB 381 51.75 11.95 102.99
N GLN AB 382 50.90 12.97 103.14
CA GLN AB 382 49.63 13.02 102.42
C GLN AB 382 49.85 13.15 100.91
N LYS AB 383 50.75 14.03 100.51
CA LYS AB 383 50.95 14.34 99.09
C LYS AB 383 51.94 13.40 98.41
N ASN AB 384 52.20 12.23 99.01
CA ASN AB 384 53.05 11.18 98.44
C ASN AB 384 54.49 11.66 98.20
N ALA AB 385 55.00 12.47 99.13
CA ALA AB 385 56.39 12.88 99.06
C ALA AB 385 57.32 11.87 99.70
N LEU AB 386 56.80 11.03 100.59
CA LEU AB 386 57.59 10.06 101.32
C LEU AB 386 56.99 8.68 101.08
N MET AB 387 57.85 7.72 100.73
CA MET AB 387 57.37 6.39 100.39
C MET AB 387 57.09 5.59 101.67
N GLY AB 388 56.09 4.73 101.59
CA GLY AB 388 55.62 4.06 102.77
C GLY AB 388 54.13 3.81 102.66
N ALA AB 389 53.62 3.07 103.62
CA ALA AB 389 52.21 2.68 103.64
C ALA AB 389 51.45 3.22 104.83
N ARG AB 390 52.14 3.39 105.96
CA ARG AB 390 51.55 3.88 107.18
C ARG AB 390 52.51 4.90 107.81
N PRO AB 391 52.00 6.05 108.28
CA PRO AB 391 52.90 7.19 108.52
C PRO AB 391 53.77 7.14 109.76
N GLU AB 392 53.95 6.00 110.42
CA GLU AB 392 55.06 5.92 111.36
C GLU AB 392 56.33 5.44 110.69
N GLU AB 393 56.23 4.95 109.47
CA GLU AB 393 57.40 4.53 108.69
C GLU AB 393 58.02 5.69 107.94
N ALA AB 394 57.21 6.64 107.47
CA ALA AB 394 57.71 7.68 106.59
C ALA AB 394 58.48 8.75 107.35
N TYR AB 395 58.26 8.88 108.66
CA TYR AB 395 58.97 9.86 109.45
C TYR AB 395 59.03 9.41 110.91
N PHE AB 396 59.92 10.05 111.66
CA PHE AB 396 59.97 9.89 113.11
C PHE AB 396 60.68 11.09 113.72
N VAL AB 397 60.12 11.60 114.82
CA VAL AB 397 60.70 12.70 115.58
C VAL AB 397 60.88 12.24 117.03
N GLN AB 398 62.10 12.36 117.54
CA GLN AB 398 62.42 11.89 118.89
C GLN AB 398 63.03 13.05 119.65
N ILE AB 399 62.37 13.50 120.71
CA ILE AB 399 62.85 14.61 121.52
C ILE AB 399 62.47 14.34 122.97
N GLY AB 400 63.34 14.68 123.90
CA GLY AB 400 63.02 14.44 125.30
C GLY AB 400 64.16 14.80 126.21
N GLN AB 401 63.95 14.51 127.49
CA GLN AB 401 64.92 14.84 128.52
C GLN AB 401 66.15 13.94 128.42
N ASP AB 402 65.94 12.62 128.41
CA ASP AB 402 67.03 11.67 128.28
C ASP AB 402 67.04 10.93 126.96
N ILE AB 403 66.10 11.20 126.07
CA ILE AB 403 66.08 10.55 124.77
C ILE AB 403 67.16 11.13 123.87
N THR AB 404 67.32 12.47 123.90
CA THR AB 404 68.27 13.17 123.04
C THR AB 404 69.16 14.15 123.78
N MET AB 405 68.82 14.55 125.00
CA MET AB 405 69.55 15.61 125.67
C MET AB 405 70.14 15.13 126.99
N SER AB 406 70.85 16.05 127.64
CA SER AB 406 71.37 15.87 128.98
C SER AB 406 70.92 17.02 129.85
N GLU AB 407 71.25 16.92 131.15
CA GLU AB 407 71.01 18.03 132.05
C GLU AB 407 71.93 19.19 131.76
N ALA AB 408 73.20 18.94 131.42
CA ALA AB 408 74.08 20.02 131.04
C ALA AB 408 73.76 20.54 129.64
N ASP AB 409 73.02 19.76 128.85
CA ASP AB 409 72.56 20.25 127.55
C ASP AB 409 71.44 21.28 127.68
N ILE AB 410 70.42 21.00 128.48
CA ILE AB 410 69.32 21.94 128.70
C ILE AB 410 69.74 23.14 129.54
N LYS AB 411 70.67 22.97 130.49
CA LYS AB 411 71.13 24.08 131.30
C LYS AB 411 71.90 25.11 130.49
N GLN AB 412 72.55 24.69 129.40
CA GLN AB 412 73.12 25.64 128.47
C GLN AB 412 72.03 26.39 127.71
N GLY AB 413 70.89 25.76 127.49
CA GLY AB 413 69.76 26.41 126.86
C GLY AB 413 69.48 26.03 125.43
N LYS AB 414 69.90 24.85 124.99
CA LYS AB 414 69.63 24.42 123.62
C LYS AB 414 68.83 23.12 123.62
N MET AB 415 68.12 22.90 122.52
CA MET AB 415 67.18 21.80 122.37
C MET AB 415 67.49 21.05 121.10
N ILE AB 416 67.70 19.74 121.20
CA ILE AB 416 68.06 18.89 120.08
C ILE AB 416 66.98 17.83 119.88
N MET AB 417 66.48 17.74 118.65
CA MET AB 417 65.57 16.69 118.23
C MET AB 417 66.13 16.04 116.98
N THR AB 418 65.68 14.82 116.71
CA THR AB 418 66.18 14.03 115.58
C THR AB 418 65.05 13.77 114.62
N VAL AB 419 65.01 14.51 113.53
CA VAL AB 419 64.06 14.27 112.46
C VAL AB 419 64.72 13.31 111.48
N GLY AB 420 63.91 12.42 110.90
CA GLY AB 420 64.39 11.51 109.88
C GLY AB 420 63.25 11.05 109.00
N LEU AB 421 63.44 11.06 107.68
CA LEU AB 421 62.35 10.85 106.75
C LEU AB 421 62.85 10.14 105.50
N ALA AB 422 62.02 9.27 104.96
CA ALA AB 422 62.40 8.42 103.84
C ALA AB 422 61.77 8.94 102.56
N ALA AB 423 62.60 9.35 101.61
CA ALA AB 423 62.13 9.92 100.36
C ALA AB 423 61.96 8.86 99.28
N VAL AB 424 61.35 9.26 98.18
CA VAL AB 424 61.07 8.37 97.06
C VAL AB 424 62.18 8.56 96.01
N ARG AB 425 62.73 7.44 95.52
CA ARG AB 425 63.81 7.49 94.57
C ARG AB 425 63.27 7.24 93.18
N PRO AB 426 63.55 8.10 92.20
CA PRO AB 426 62.98 7.92 90.87
C PRO AB 426 63.66 6.81 90.09
N ALA AB 427 63.08 6.48 88.96
CA ALA AB 427 63.53 5.39 88.11
C ALA AB 427 64.28 5.97 86.91
N GLU AB 428 65.61 5.87 86.95
CA GLU AB 428 66.39 6.35 85.81
C GLU AB 428 66.33 5.37 84.65
N PHE AB 429 66.84 4.16 84.85
CA PHE AB 429 66.97 3.19 83.77
C PHE AB 429 65.72 2.33 83.73
N ILE AB 430 65.30 1.96 82.53
CA ILE AB 430 64.32 0.90 82.34
C ILE AB 430 64.90 -0.09 81.35
N ILE AB 431 64.48 -1.34 81.44
CA ILE AB 431 64.97 -2.39 80.57
C ILE AB 431 63.76 -3.12 80.00
N LEU AB 432 63.66 -3.12 78.68
CA LEU AB 432 62.60 -3.83 77.99
C LEU AB 432 63.18 -5.10 77.39
N GLN AB 433 62.58 -6.23 77.75
CA GLN AB 433 63.15 -7.53 77.43
C GLN AB 433 62.21 -8.20 76.44
N PHE AB 434 62.48 -8.02 75.16
CA PHE AB 434 61.59 -8.50 74.11
C PHE AB 434 61.89 -9.96 73.80
N THR AB 435 61.08 -10.85 74.34
CA THR AB 435 61.15 -12.26 73.97
C THR AB 435 60.22 -12.52 72.80
N GLN AB 436 60.19 -13.77 72.37
CA GLN AB 436 59.49 -14.15 71.16
C GLN AB 436 58.63 -15.39 71.35
N ASP AB 437 58.93 -16.22 72.34
CA ASP AB 437 58.16 -17.42 72.63
C ASP AB 437 57.06 -17.04 73.61
N VAL AB 438 55.86 -16.79 73.08
CA VAL AB 438 54.75 -16.32 73.90
C VAL AB 438 54.23 -17.44 74.79
N VAL AB 439 53.88 -18.58 74.18
CA VAL AB 439 53.31 -19.69 74.93
C VAL AB 439 54.38 -20.40 75.76
N SER BB 2 39.10 -13.49 115.01
CA SER BB 2 40.21 -12.55 115.07
C SER BB 2 41.01 -12.57 113.78
N THR BB 3 40.45 -11.96 112.73
CA THR BB 3 41.14 -11.89 111.45
C THR BB 3 42.25 -10.85 111.50
N SER BB 4 43.33 -11.11 110.76
CA SER BB 4 44.44 -10.19 110.70
C SER BB 4 44.24 -9.20 109.55
N THR BB 5 45.14 -8.23 109.44
CA THR BB 5 45.06 -7.22 108.39
C THR BB 5 45.60 -7.71 107.06
N SER BB 6 46.15 -8.93 107.00
CA SER BB 6 46.55 -9.52 105.74
C SER BB 6 45.50 -10.45 105.17
N GLN BB 7 44.56 -10.93 105.99
CA GLN BB 7 43.41 -11.64 105.43
C GLN BB 7 42.35 -10.68 104.92
N ILE BB 8 42.26 -9.49 105.51
CA ILE BB 8 41.32 -8.48 105.04
C ILE BB 8 41.72 -7.99 103.64
N ALA BB 9 43.01 -7.92 103.38
CA ALA BB 9 43.50 -7.45 102.09
C ALA BB 9 43.40 -8.50 100.99
N VAL BB 10 42.89 -9.69 101.26
CA VAL BB 10 42.79 -10.71 100.23
C VAL BB 10 41.39 -11.33 100.17
N GLU BB 11 40.58 -11.14 101.21
CA GLU BB 11 39.23 -11.64 101.25
C GLU BB 11 38.17 -10.55 101.16
N TYR BB 12 38.35 -9.46 101.90
CA TYR BB 12 37.32 -8.46 102.03
C TYR BB 12 37.25 -7.61 100.76
N PRO BB 13 36.08 -7.14 100.38
CA PRO BB 13 35.96 -6.38 99.12
C PRO BB 13 36.51 -4.98 99.25
N ILE BB 14 36.60 -4.25 98.14
CA ILE BB 14 37.29 -2.96 98.18
C ILE BB 14 36.32 -1.82 97.96
N PRO BB 15 36.46 -0.71 98.67
CA PRO BB 15 35.49 0.38 98.58
C PRO BB 15 35.82 1.41 97.52
N VAL BB 16 34.78 2.14 97.09
CA VAL BB 16 34.89 3.06 95.96
C VAL BB 16 35.58 4.37 96.27
N TYR BB 17 35.67 4.76 97.54
CA TYR BB 17 36.00 6.15 97.84
C TYR BB 17 37.48 6.48 97.75
N ARG BB 18 38.31 5.63 97.15
CA ARG BB 18 39.74 5.93 97.07
C ARG BB 18 40.27 5.38 95.77
N PHE BB 19 40.45 6.26 94.79
CA PHE BB 19 40.86 5.87 93.45
C PHE BB 19 41.67 7.01 92.86
N ILE BB 20 42.50 6.69 91.88
CA ILE BB 20 43.28 7.69 91.16
C ILE BB 20 42.98 7.54 89.68
N VAL BB 21 42.92 8.66 88.97
CA VAL BB 21 42.67 8.68 87.53
C VAL BB 21 43.89 9.25 86.85
N SER BB 22 44.31 8.64 85.75
CA SER BB 22 45.46 9.10 84.98
C SER BB 22 45.03 9.37 83.55
N VAL BB 23 44.92 10.64 83.19
CA VAL BB 23 44.49 11.06 81.87
C VAL BB 23 45.73 11.23 81.00
N GLY BB 24 45.94 10.28 80.09
CA GLY BB 24 47.14 10.31 79.25
C GLY BB 24 48.39 10.06 80.05
N ASP BB 25 49.19 11.11 80.24
CA ASP BB 25 50.36 11.04 81.10
C ASP BB 25 50.23 11.91 82.35
N GLU BB 26 49.09 12.57 82.53
CA GLU BB 26 48.84 13.43 83.68
C GLU BB 26 48.08 12.68 84.75
N LYS BB 27 48.14 13.20 85.98
CA LYS BB 27 47.29 12.73 87.07
C LYS BB 27 46.44 13.88 87.56
N ILE BB 28 45.14 13.82 87.26
CA ILE BB 28 44.18 14.84 87.63
C ILE BB 28 43.29 14.25 88.70
N PRO BB 29 43.13 14.89 89.87
CA PRO BB 29 42.28 14.33 90.92
C PRO BB 29 40.81 14.68 90.70
N PHE BB 30 40.02 13.67 90.35
CA PHE BB 30 38.61 13.87 90.09
C PHE BB 30 37.78 13.52 91.32
N ASN BB 31 36.48 13.82 91.23
CA ASN BB 31 35.56 13.60 92.33
C ASN BB 31 34.74 12.35 92.14
N SER BB 32 34.23 12.12 90.94
CA SER BB 32 33.33 11.02 90.66
C SER BB 32 33.48 10.59 89.22
N VAL BB 33 33.92 9.37 89.01
CA VAL BB 33 34.01 8.78 87.67
C VAL BB 33 32.93 7.72 87.57
N SER BB 34 32.14 7.78 86.52
CA SER BB 34 31.00 6.88 86.39
C SER BB 34 30.65 6.70 84.93
N GLY BB 35 30.07 5.55 84.62
CA GLY BB 35 29.48 5.31 83.32
C GLY BB 35 30.27 4.45 82.37
N LEU BB 36 31.30 3.76 82.85
CA LEU BB 36 32.09 2.87 82.01
C LEU BB 36 31.54 1.45 82.13
N ASP BB 37 31.39 0.79 80.98
CA ASP BB 37 30.78 -0.53 80.93
C ASP BB 37 31.15 -1.18 79.60
N ILE BB 38 30.76 -2.45 79.46
CA ILE BB 38 31.02 -3.24 78.27
C ILE BB 38 29.70 -3.86 77.86
N SER BB 39 29.08 -3.32 76.81
CA SER BB 39 27.75 -3.77 76.41
C SER BB 39 27.78 -4.41 75.03
N TYR BB 40 26.85 -5.33 74.78
CA TYR BB 40 26.68 -5.97 73.49
C TYR BB 40 25.20 -6.06 73.15
N ASP BB 41 24.89 -6.02 71.86
CA ASP BB 41 23.54 -6.25 71.43
C ASP BB 41 23.35 -7.73 71.07
N THR BB 42 22.11 -8.16 70.94
CA THR BB 42 21.81 -9.56 70.75
C THR BB 42 21.09 -9.77 69.43
N ILE BB 43 21.38 -10.89 68.80
CA ILE BB 43 20.74 -11.28 67.55
C ILE BB 43 19.96 -12.56 67.82
N GLU BB 44 18.67 -12.55 67.50
CA GLU BB 44 17.85 -13.75 67.61
C GLU BB 44 17.49 -14.28 66.24
N TYR BB 45 17.38 -15.59 66.14
CA TYR BB 45 16.99 -16.26 64.91
C TYR BB 45 16.10 -17.43 65.27
N ARG BB 46 14.87 -17.40 64.79
CA ARG BB 46 13.93 -18.48 65.05
C ARG BB 46 13.42 -19.01 63.72
N ASP BB 47 13.24 -20.33 63.65
CA ASP BB 47 12.92 -20.98 62.38
C ASP BB 47 12.00 -22.18 62.57
N GLY BB 48 10.79 -22.08 62.02
CA GLY BB 48 9.97 -23.24 61.69
C GLY BB 48 9.61 -24.17 62.82
N VAL BB 49 10.29 -25.31 62.87
CA VAL BB 49 10.08 -26.34 63.88
C VAL BB 49 10.37 -25.82 65.29
N GLY BB 50 11.16 -24.77 65.40
CA GLY BB 50 11.31 -24.02 66.64
C GLY BB 50 12.70 -24.18 67.21
N ASN BB 51 13.57 -23.25 66.88
CA ASN BB 51 14.93 -23.20 67.39
C ASN BB 51 15.23 -21.74 67.66
N TRP BB 52 15.42 -21.39 68.92
CA TRP BB 52 15.53 -20.01 69.35
C TRP BB 52 17.01 -19.75 69.58
N PHE BB 53 17.72 -19.47 68.49
CA PHE BB 53 19.15 -19.24 68.52
C PHE BB 53 19.42 -17.81 68.97
N LYS BB 54 20.27 -17.66 69.97
CA LYS BB 54 20.67 -16.36 70.44
C LYS BB 54 22.19 -16.21 70.38
N MET BB 55 22.64 -15.15 69.73
CA MET BB 55 24.04 -14.85 69.54
C MET BB 55 24.22 -13.41 69.97
N PRO BB 56 25.33 -13.06 70.60
CA PRO BB 56 25.60 -11.65 70.85
C PRO BB 56 26.20 -11.01 69.61
N GLY BB 57 25.78 -9.80 69.33
CA GLY BB 57 26.17 -9.20 68.07
C GLY BB 57 27.16 -8.07 68.25
N GLN BB 58 26.70 -6.90 67.85
CA GLN BB 58 27.57 -5.75 67.77
C GLN BB 58 27.94 -5.22 69.15
N SER BB 59 29.19 -4.82 69.32
CA SER BB 59 29.62 -4.14 70.53
C SER BB 59 29.01 -2.75 70.58
N GLN BB 60 28.47 -2.38 71.74
CA GLN BB 60 27.76 -1.11 71.89
C GLN BB 60 28.72 -0.04 72.43
N SER BB 61 28.38 1.23 72.19
CA SER BB 61 29.31 2.33 72.43
C SER BB 61 29.50 2.60 73.92
N THR BB 62 30.60 3.27 74.23
CA THR BB 62 31.04 3.53 75.61
C THR BB 62 31.31 5.01 75.77
N ASN BB 63 30.56 5.68 76.63
CA ASN BB 63 30.83 7.07 77.01
C ASN BB 63 30.79 7.18 78.52
N ILE BB 64 31.91 7.57 79.11
CA ILE BB 64 32.01 7.63 80.56
C ILE BB 64 31.96 9.10 80.96
N THR BB 65 31.63 9.34 82.22
CA THR BB 65 31.28 10.68 82.70
C THR BB 65 32.02 10.92 84.00
N LEU BB 66 33.05 11.75 83.98
CA LEU BB 66 33.93 11.89 85.12
C LEU BB 66 34.03 13.35 85.53
N ARG BB 67 33.90 13.60 86.83
CA ARG BB 67 33.44 14.88 87.38
C ARG BB 67 34.47 15.48 88.33
N LYS BB 68 34.65 16.81 88.27
CA LYS BB 68 35.76 17.47 88.95
C LYS BB 68 35.35 18.88 89.36
N GLY BB 69 35.70 19.28 90.58
CA GLY BB 69 35.53 20.66 90.97
C GLY BB 69 36.55 21.55 90.29
N VAL BB 70 36.19 22.81 90.09
CA VAL BB 70 37.11 23.73 89.43
C VAL BB 70 38.08 24.26 90.48
N PHE BB 71 39.24 24.69 90.02
CA PHE BB 71 40.34 25.15 90.86
C PHE BB 71 40.83 26.47 90.31
N PRO BB 72 41.40 27.35 91.16
CA PRO BB 72 41.61 28.74 90.73
C PRO BB 72 42.66 28.93 89.65
N GLY BB 73 43.66 28.05 89.56
CA GLY BB 73 44.63 28.19 88.50
C GLY BB 73 44.48 27.12 87.44
N LYS BB 74 44.10 25.93 87.87
CA LYS BB 74 44.04 24.78 86.98
C LYS BB 74 42.84 24.86 86.05
N THR BB 75 43.11 24.90 84.74
CA THR BB 75 42.09 24.79 83.70
C THR BB 75 42.54 23.63 82.80
N GLU BB 76 42.17 22.41 83.18
CA GLU BB 76 42.66 21.25 82.44
C GLU BB 76 41.61 20.60 81.55
N LEU BB 77 40.35 20.51 82.00
CA LEU BB 77 39.36 19.84 81.19
C LEU BB 77 38.86 20.71 80.04
N PHE BB 78 38.94 22.03 80.19
CA PHE BB 78 38.47 22.90 79.10
C PHE BB 78 39.42 22.91 77.93
N ASP BB 79 40.73 22.92 78.16
CA ASP BB 79 41.68 22.94 77.05
C ASP BB 79 41.76 21.62 76.30
N TRP BB 80 41.09 20.57 76.78
CA TRP BB 80 40.82 19.37 76.02
C TRP BB 80 39.56 19.47 75.18
N ILE BB 81 38.49 20.10 75.69
CA ILE BB 81 37.29 20.34 74.89
C ILE BB 81 37.43 21.59 74.04
N ASN BB 82 38.48 22.39 74.24
CA ASN BB 82 38.77 23.49 73.34
C ASN BB 82 39.75 23.09 72.24
N SER BB 83 40.49 22.01 72.43
CA SER BB 83 41.51 21.58 71.48
C SER BB 83 40.92 21.04 70.19
N ILE BB 84 39.65 20.69 70.18
CA ILE BB 84 39.00 20.13 69.01
C ILE BB 84 38.71 21.20 67.97
N GLN BB 85 39.40 21.13 66.85
CA GLN BB 85 38.92 21.67 65.58
C GLN BB 85 38.31 20.51 64.82
N LEU BB 86 37.84 20.80 63.60
CA LEU BB 86 36.74 20.12 62.91
C LEU BB 86 36.55 18.63 63.15
N ASN BB 87 37.60 17.84 63.03
CA ASN BB 87 37.46 16.41 62.90
C ASN BB 87 38.22 15.62 63.95
N GLN BB 88 39.27 16.17 64.54
CA GLN BB 88 40.10 15.37 65.40
C GLN BB 88 40.40 16.10 66.70
N VAL BB 89 40.54 15.30 67.77
CA VAL BB 89 40.99 15.75 69.07
C VAL BB 89 42.30 15.01 69.32
N GLU BB 90 43.10 15.47 70.26
CA GLU BB 90 44.18 14.64 70.75
C GLU BB 90 43.60 13.62 71.72
N LYS BB 91 43.35 12.41 71.22
CA LYS BB 91 42.74 11.35 72.01
C LYS BB 91 43.73 10.83 73.04
N LYS BB 92 43.28 10.68 74.27
CA LYS BB 92 44.10 10.18 75.35
C LYS BB 92 43.55 8.85 75.85
N ASP BB 93 44.25 8.26 76.82
CA ASP BB 93 43.78 7.03 77.44
C ASP BB 93 43.64 7.26 78.93
N ILE BB 94 42.60 6.65 79.51
CA ILE BB 94 42.24 6.86 80.91
C ILE BB 94 42.50 5.57 81.65
N THR BB 95 43.19 5.65 82.78
CA THR BB 95 43.35 4.49 83.66
C THR BB 95 42.77 4.86 85.03
N ILE BB 96 41.79 4.10 85.47
CA ILE BB 96 41.16 4.28 86.78
C ILE BB 96 41.61 3.10 87.63
N SER BB 97 41.90 3.35 88.91
CA SER BB 97 42.43 2.26 89.72
C SER BB 97 42.13 2.51 91.19
N LEU BB 98 41.46 1.56 91.82
CA LEU BB 98 41.23 1.61 93.26
C LEU BB 98 42.55 1.35 93.98
N THR BB 99 42.85 2.18 94.97
CA THR BB 99 44.19 2.19 95.57
C THR BB 99 44.16 1.78 97.03
N ASN BB 100 45.32 1.96 97.67
CA ASN BB 100 45.49 1.87 99.11
C ASN BB 100 45.10 3.22 99.71
N ASP BB 101 45.45 3.45 100.98
CA ASP BB 101 45.13 4.74 101.60
C ASP BB 101 45.99 5.85 101.01
N ALA BB 102 47.30 5.76 101.18
CA ALA BB 102 48.18 6.50 100.31
C ALA BB 102 48.38 5.72 99.01
N GLY BB 103 48.57 6.45 97.92
CA GLY BB 103 48.66 5.83 96.62
C GLY BB 103 49.95 5.07 96.36
N THR BB 104 50.22 4.05 97.17
CA THR BB 104 51.42 3.26 97.01
C THR BB 104 51.13 1.91 96.37
N GLU BB 105 49.86 1.52 96.33
CA GLU BB 105 49.45 0.26 95.74
C GLU BB 105 48.21 0.45 94.89
N LEU BB 106 48.11 -0.33 93.82
CA LEU BB 106 46.87 -0.43 93.07
C LEU BB 106 46.22 -1.77 93.36
N LEU BB 107 44.90 -1.78 93.38
CA LEU BB 107 44.14 -2.95 93.79
C LEU BB 107 43.33 -3.56 92.67
N MET BB 108 42.75 -2.74 91.79
CA MET BB 108 42.13 -3.21 90.56
C MET BB 108 42.06 -2.03 89.61
N THR BB 109 42.38 -2.26 88.34
CA THR BB 109 42.61 -1.18 87.39
C THR BB 109 41.70 -1.32 86.18
N TRP BB 110 41.12 -0.20 85.74
CA TRP BB 110 40.30 -0.13 84.55
C TRP BB 110 41.02 0.72 83.52
N ASN BB 111 41.21 0.19 82.32
CA ASN BB 111 41.90 0.90 81.25
C ASN BB 111 40.93 1.24 80.14
N VAL BB 112 40.99 2.48 79.66
CA VAL BB 112 40.10 2.97 78.62
C VAL BB 112 40.98 3.41 77.45
N SER BB 113 40.64 2.95 76.24
CA SER BB 113 41.64 2.90 75.17
C SER BB 113 41.86 4.24 74.49
N ASN BB 114 40.86 4.77 73.81
CA ASN BB 114 41.03 5.98 73.00
C ASN BB 114 39.87 6.92 73.32
N ALA BB 115 40.12 7.89 74.18
CA ALA BB 115 39.08 8.73 74.74
C ALA BB 115 39.19 10.15 74.23
N PHE BB 116 38.08 10.67 73.70
CA PHE BB 116 38.00 12.07 73.29
C PHE BB 116 36.79 12.70 73.95
N PRO BB 117 36.86 13.96 74.33
CA PRO BB 117 35.79 14.54 75.14
C PRO BB 117 34.64 15.10 74.31
N THR BB 118 33.44 14.89 74.84
CA THR BB 118 32.25 15.62 74.46
C THR BB 118 31.61 16.17 75.73
N SER BB 119 30.84 17.25 75.58
CA SER BB 119 29.88 17.74 76.58
C SER BB 119 30.54 18.09 77.92
N LEU BB 120 31.40 19.10 77.89
CA LEU BB 120 31.87 19.70 79.14
C LEU BB 120 30.76 20.57 79.68
N THR BB 121 30.35 20.33 80.91
CA THR BB 121 29.27 21.07 81.53
C THR BB 121 29.85 22.05 82.55
N SER BB 122 29.70 23.34 82.28
CA SER BB 122 30.12 24.37 83.21
C SER BB 122 29.24 24.35 84.46
N PRO BB 123 29.72 24.86 85.60
CA PRO BB 123 28.97 24.69 86.85
C PRO BB 123 27.68 25.50 86.88
N SER BB 124 26.81 25.10 87.80
CA SER BB 124 25.51 25.74 87.97
C SER BB 124 25.60 26.73 89.11
N PHE BB 125 25.61 28.01 88.79
CA PHE BB 125 25.69 29.07 89.77
C PHE BB 125 24.32 29.33 90.36
N ASP BB 126 24.25 29.45 91.68
CA ASP BB 126 23.08 29.96 92.37
C ASP BB 126 23.52 30.50 93.72
N ALA BB 127 22.96 31.63 94.11
CA ALA BB 127 23.44 32.31 95.30
C ALA BB 127 22.85 31.75 96.59
N THR BB 128 22.13 30.63 96.53
CA THR BB 128 21.50 30.07 97.71
C THR BB 128 22.08 28.71 98.09
N SER BB 129 23.18 28.29 97.47
CA SER BB 129 23.74 26.96 97.66
C SER BB 129 25.15 27.04 98.18
N ASN BB 130 25.50 26.11 99.06
CA ASN BB 130 26.84 26.02 99.62
C ASN BB 130 27.76 25.09 98.84
N ASP BB 131 27.52 24.90 97.55
CA ASP BB 131 28.23 23.87 96.82
C ASP BB 131 29.62 24.38 96.42
N ILE BB 132 30.45 23.47 95.94
CA ILE BB 132 31.70 23.80 95.26
C ILE BB 132 31.41 23.79 93.77
N ALA BB 133 32.02 24.74 93.05
CA ALA BB 133 31.82 24.86 91.61
C ALA BB 133 32.41 23.64 90.92
N VAL BB 134 31.53 22.76 90.45
CA VAL BB 134 31.87 21.44 89.99
C VAL BB 134 31.48 21.31 88.53
N GLN BB 135 32.40 20.87 87.70
CA GLN BB 135 32.16 20.67 86.28
C GLN BB 135 32.39 19.21 85.92
N GLU BB 136 31.79 18.77 84.82
CA GLU BB 136 31.88 17.38 84.42
C GLU BB 136 32.21 17.30 82.94
N ILE BB 137 32.75 16.16 82.53
CA ILE BB 137 33.16 15.93 81.15
C ILE BB 137 32.71 14.53 80.76
N THR BB 138 32.09 14.41 79.59
CA THR BB 138 31.45 13.16 79.17
C THR BB 138 32.15 12.64 77.93
N LEU BB 139 33.25 11.93 78.12
CA LEU BB 139 34.11 11.55 77.00
C LEU BB 139 33.73 10.17 76.49
N MET BB 140 33.61 10.07 75.16
CA MET BB 140 33.24 8.84 74.49
C MET BB 140 34.50 8.09 74.10
N ALA BB 141 34.50 6.77 74.23
CA ALA BB 141 35.69 6.00 73.98
C ALA BB 141 35.30 4.59 73.59
N ASP BB 142 36.29 3.68 73.61
CA ASP BB 142 36.05 2.30 73.28
C ASP BB 142 37.00 1.43 74.10
N ARG BB 143 36.61 0.16 74.25
CA ARG BB 143 37.42 -0.91 74.85
C ARG BB 143 37.82 -0.56 76.29
N VAL BB 144 36.83 -0.57 77.16
CA VAL BB 144 37.11 -0.60 78.59
C VAL BB 144 37.48 -2.02 78.97
N ILE BB 145 38.68 -2.20 79.51
CA ILE BB 145 39.12 -3.49 80.04
C ILE BB 145 39.39 -3.34 81.52
N MET BB 146 39.26 -4.44 82.25
CA MET BB 146 39.42 -4.44 83.69
C MET BB 146 40.59 -5.34 84.06
N GLN BB 147 41.62 -4.76 84.65
CA GLN BB 147 42.86 -5.46 84.92
C GLN BB 147 43.05 -5.61 86.41
N ALA BB 148 43.33 -6.83 86.85
CA ALA BB 148 43.65 -7.06 88.26
C ALA BB 148 45.05 -6.58 88.55
N VAL BB 149 45.29 -6.27 89.83
CA VAL BB 149 46.50 -5.68 90.43
C VAL BB 149 47.22 -4.63 89.58
#